data_9EOK
#
_entry.id   9EOK
#
loop_
_entity.id
_entity.type
_entity.pdbx_description
1 polymer 'Tubulin alpha chain'
2 polymer 'Tubulin beta-4 chain'
3 non-polymer "GUANOSINE-5'-TRIPHOSPHATE"
4 non-polymer 'MAGNESIUM ION'
5 non-polymer "GUANOSINE-5'-DIPHOSPHATE"
6 non-polymer TAXOL
#
loop_
_entity_poly.entity_id
_entity_poly.type
_entity_poly.pdbx_seq_one_letter_code
_entity_poly.pdbx_strand_id
1 'polypeptide(L)'
;MRECISVHVGQAGVQIGNSCWELYCLEHGLQPDGTMPSEKSATMVDSSFGTFFSETGSGKHVPRAVFVDLEQTVIGEIRN
GPYRSLFHPEQLITGKEDAANNYARGHYTIGKELIDSVLDRVRKMADQCSGLQGFLVFHSFGGGTGSGFTSLLMERLSVD
YGKKSKLEFSVYPAPRISTAVVEPYNSILTTHTTLEHSDCAFMVDNEAIYDICNRNLDIERPSYTNLNRLIAQIVSSITA
SLRFDGALNVDLTEFQTNLVPYPRIHFPLVTYSPIISAEKAYHEQLSVPEITNACFEYSNQMVKCDPRRGKYMACCLLYR
GDVVPKDVNAAIAAIKTRRSIQFVDWCPTGFKVGINYQPPTAVPGGDVAKVLRAVCMLSNTTAIAEAWARLDHKFDLMYS
KRAFVHWYVGEGMEEGEFSEAREDMAALEKDYEEVGTESGDGGEDEEDEY
;
A,C,D,E,G,H,I,J,K,L,M,N,O,P,c,d,e,f,g,h,i,j,k
2 'polypeptide(L)'
;MREIVHLQAGQCGNQIGAKFWEVISDEHGIDPTGAYHGDSDLQLERINVYYNEATGGKYVPRAVLVDLEPGTMDSVRSGP
FGQIFRPDNFVFGQSGAGNNWAKGHYTEGAELVDSVLDVVRKEAESCDCLQGFQLTHSLGGGTGSGMGTLLISKIREEYP
DRIMNTFSVVPSPKVSDTVVEPYNATLSVHQLVENTDETYCIDNEALYDICFRTLKLTTPTYGDLNHLVSATMSGVTTCL
RFPGQLNADLRKLAVNMVPFPRLHFFMPGFAPLTSRGSQQYRALTVPELTQQMFDAKNMMAACDPRHGRYLTVAAIFRGR
MSMKEVDEQMLNVQNKNSSYFVEWIPNNVKTAVCDIPPRGLKMSATFIGNSTAIQELFKRISEQFTAMFRRKAFLHWYTG
EGMDEMEFTEAESNMNDLVSEYQQYQDATAEEEGEFEEGEEEENA
;
B,F,Q,R,S,T,U,V,W,X,Y,Z,a,b,o,p,q,r,s
#
# COMPACT_ATOMS: atom_id res chain seq x y z
N MET A 1 0.71 146.27 13.35
CA MET A 1 1.60 147.20 14.04
C MET A 1 2.94 146.53 14.27
N ARG A 2 4.04 147.21 13.91
CA ARG A 2 5.44 146.79 14.13
C ARG A 2 5.91 145.59 13.32
N GLU A 3 5.36 145.36 12.14
CA GLU A 3 5.80 144.29 11.25
C GLU A 3 7.20 144.53 10.64
N CYS A 4 7.92 143.47 10.25
CA CYS A 4 9.10 143.54 9.37
C CYS A 4 9.03 142.47 8.29
N ILE A 5 9.24 142.84 7.03
CA ILE A 5 9.37 141.88 5.92
C ILE A 5 10.85 141.53 5.75
N SER A 6 11.19 140.27 5.95
CA SER A 6 12.58 139.78 5.85
C SER A 6 12.83 139.13 4.49
N VAL A 7 13.72 139.68 3.67
CA VAL A 7 14.00 139.13 2.33
C VAL A 7 15.39 138.52 2.30
N HIS A 8 15.44 137.22 2.04
CA HIS A 8 16.62 136.37 2.06
C HIS A 8 17.05 135.99 0.64
N VAL A 9 18.16 136.54 0.16
CA VAL A 9 18.57 136.48 -1.26
C VAL A 9 19.86 135.69 -1.47
N GLY A 10 19.87 134.84 -2.50
CA GLY A 10 21.01 133.99 -2.85
C GLY A 10 21.27 132.90 -1.81
N GLN A 11 22.39 132.17 -1.88
CA GLN A 11 22.69 131.09 -0.93
C GLN A 11 23.00 131.61 0.47
N ALA A 12 23.87 132.61 0.62
CA ALA A 12 24.18 133.20 1.91
C ALA A 12 22.96 133.78 2.63
N GLY A 13 22.12 134.57 1.96
CA GLY A 13 20.94 135.16 2.55
C GLY A 13 19.91 134.12 2.97
N VAL A 14 19.68 133.10 2.14
CA VAL A 14 18.78 131.97 2.44
C VAL A 14 19.31 131.14 3.58
N GLN A 15 20.61 130.86 3.67
CA GLN A 15 21.19 130.05 4.74
C GLN A 15 21.28 130.81 6.08
N ILE A 16 21.53 132.11 6.05
CA ILE A 16 21.34 132.98 7.21
C ILE A 16 19.87 132.99 7.62
N GLY A 17 18.95 133.07 6.66
CA GLY A 17 17.51 132.97 6.88
C GLY A 17 17.10 131.66 7.55
N ASN A 18 17.64 130.54 7.12
CA ASN A 18 17.41 129.24 7.74
C ASN A 18 17.94 129.14 9.19
N SER A 19 18.83 130.06 9.61
CA SER A 19 19.22 130.27 11.01
C SER A 19 18.37 131.32 11.73
N CYS A 20 17.99 132.42 11.05
CA CYS A 20 17.10 133.44 11.59
C CYS A 20 15.76 132.84 11.98
N TRP A 21 15.13 132.12 11.06
CA TRP A 21 13.82 131.49 11.30
C TRP A 21 13.89 130.28 12.23
N GLU A 22 15.05 129.62 12.34
CA GLU A 22 15.30 128.64 13.39
C GLU A 22 15.26 129.30 14.77
N LEU A 23 15.89 130.46 14.92
CA LEU A 23 15.90 131.24 16.16
C LEU A 23 14.52 131.82 16.47
N TYR A 24 13.91 132.58 15.56
CA TYR A 24 12.64 133.27 15.83
C TYR A 24 11.54 132.29 16.24
N CYS A 25 11.51 131.09 15.66
CA CYS A 25 10.58 130.06 16.06
C CYS A 25 10.79 129.61 17.50
N LEU A 26 12.04 129.40 17.95
CA LEU A 26 12.32 129.05 19.34
C LEU A 26 11.97 130.19 20.30
N GLU A 27 12.31 131.41 19.92
CA GLU A 27 12.19 132.59 20.77
C GLU A 27 10.72 132.97 21.03
N HIS A 28 9.83 132.75 20.05
CA HIS A 28 8.38 132.94 20.15
C HIS A 28 7.60 131.66 20.47
N GLY A 29 8.26 130.51 20.59
CA GLY A 29 7.64 129.24 20.91
C GLY A 29 6.73 128.68 19.83
N LEU A 30 7.10 128.89 18.57
CA LEU A 30 6.43 128.36 17.38
C LEU A 30 7.12 127.06 16.96
N GLN A 31 6.35 125.99 16.78
CA GLN A 31 6.81 124.70 16.28
C GLN A 31 7.33 124.85 14.84
N PRO A 32 8.19 123.94 14.33
CA PRO A 32 8.64 124.01 12.95
C PRO A 32 7.54 123.76 11.91
N ASP A 33 6.33 123.29 12.31
CA ASP A 33 5.13 123.26 11.45
C ASP A 33 4.29 124.53 11.51
N GLY A 34 4.78 125.59 12.16
CA GLY A 34 4.12 126.88 12.33
C GLY A 34 3.07 126.95 13.43
N THR A 35 2.72 125.87 14.12
CA THR A 35 1.74 125.91 15.22
C THR A 35 2.34 126.40 16.54
N MET A 36 1.53 126.83 17.51
CA MET A 36 1.99 127.39 18.79
C MET A 36 1.20 126.83 19.98
N PRO A 37 1.75 125.90 20.78
CA PRO A 37 1.07 125.35 21.96
C PRO A 37 1.04 126.35 23.13
N SER A 38 0.26 126.06 24.16
CA SER A 38 0.15 126.84 25.40
C SER A 38 -0.09 125.96 26.62
N ASP A 46 -0.48 137.27 23.22
CA ASP A 46 0.38 138.31 23.69
C ASP A 46 0.95 139.20 22.56
N SER A 47 0.78 138.78 21.30
CA SER A 47 1.21 139.44 20.06
C SER A 47 2.70 139.77 19.94
N SER A 48 3.57 139.15 20.73
CA SER A 48 5.02 139.34 20.61
C SER A 48 5.59 138.84 19.27
N PHE A 49 5.05 137.73 18.74
CA PHE A 49 5.37 137.16 17.44
C PHE A 49 4.99 138.05 16.26
N GLY A 50 4.11 139.06 16.41
CA GLY A 50 3.48 139.73 15.29
C GLY A 50 4.47 140.44 14.35
N THR A 51 5.64 140.84 14.85
CA THR A 51 6.65 141.51 14.02
C THR A 51 7.13 140.61 12.89
N PHE A 52 7.26 139.32 13.16
CA PHE A 52 7.82 138.33 12.26
C PHE A 52 6.82 137.32 11.73
N PHE A 53 5.64 137.13 12.33
CA PHE A 53 4.70 136.12 11.88
C PHE A 53 3.28 136.68 11.72
N SER A 54 2.69 136.44 10.56
CA SER A 54 1.25 136.55 10.32
C SER A 54 0.53 135.34 10.96
N GLU A 55 -0.61 135.50 11.61
CA GLU A 55 -1.37 134.39 12.22
C GLU A 55 -2.64 134.11 11.43
N THR A 56 -2.83 132.86 10.97
CA THR A 56 -4.06 132.42 10.30
C THR A 56 -5.03 131.75 11.28
N GLY A 57 -6.32 131.71 10.97
CA GLY A 57 -7.39 131.28 11.88
C GLY A 57 -7.29 129.84 12.40
N SER A 58 -6.54 128.97 11.73
CA SER A 58 -6.21 127.64 12.20
C SER A 58 -5.30 127.63 13.44
N GLY A 59 -4.71 128.77 13.82
CA GLY A 59 -3.68 128.89 14.85
C GLY A 59 -2.28 128.57 14.33
N LYS A 60 -2.05 128.80 13.05
CA LYS A 60 -0.78 128.63 12.34
C LYS A 60 -0.14 130.00 12.13
N HIS A 61 1.10 130.15 12.57
CA HIS A 61 1.91 131.35 12.42
C HIS A 61 2.84 131.18 11.24
N VAL A 62 2.67 132.02 10.22
CA VAL A 62 3.36 131.98 8.93
C VAL A 62 4.34 133.15 8.88
N PRO A 63 5.62 132.94 8.58
CA PRO A 63 6.62 133.99 8.65
C PRO A 63 6.44 135.08 7.59
N ARG A 64 6.70 136.32 7.97
CA ARG A 64 6.78 137.50 7.10
C ARG A 64 8.14 137.55 6.39
N ALA A 65 8.41 136.54 5.58
CA ALA A 65 9.66 136.34 4.89
C ALA A 65 9.48 136.00 3.43
N VAL A 66 10.41 136.44 2.59
CA VAL A 66 10.53 135.99 1.20
C VAL A 66 11.91 135.40 1.03
N PHE A 67 12.00 134.20 0.45
CA PHE A 67 13.28 133.55 0.13
C PHE A 67 13.42 133.55 -1.38
N VAL A 68 14.52 134.09 -1.92
CA VAL A 68 14.74 134.22 -3.36
C VAL A 68 16.11 133.72 -3.75
N ASP A 69 16.17 132.85 -4.74
CA ASP A 69 17.41 132.36 -5.32
C ASP A 69 17.18 132.14 -6.81
N LEU A 70 18.15 132.42 -7.66
CA LEU A 70 17.98 132.27 -9.10
C LEU A 70 18.11 130.81 -9.56
N GLU A 71 18.70 129.94 -8.73
CA GLU A 71 18.80 128.49 -8.89
C GLU A 71 18.00 127.73 -7.81
N GLN A 72 17.60 126.46 -8.05
CA GLN A 72 16.66 125.77 -7.18
C GLN A 72 17.29 125.17 -5.92
N THR A 73 18.60 124.91 -5.86
CA THR A 73 19.17 123.88 -4.96
C THR A 73 18.97 124.15 -3.47
N VAL A 74 19.24 125.37 -3.03
CA VAL A 74 19.20 125.77 -1.61
C VAL A 74 17.77 125.95 -1.11
N ILE A 75 16.88 126.54 -1.90
CA ILE A 75 15.47 126.67 -1.53
C ILE A 75 14.72 125.34 -1.65
N GLY A 76 15.04 124.44 -2.59
CA GLY A 76 14.50 123.08 -2.60
C GLY A 76 14.87 122.29 -1.34
N GLU A 77 15.97 122.64 -0.68
CA GLU A 77 16.35 122.06 0.60
C GLU A 77 15.50 122.64 1.75
N ILE A 78 15.18 123.93 1.72
CA ILE A 78 14.22 124.58 2.64
C ILE A 78 12.82 124.00 2.46
N ARG A 79 12.38 123.76 1.21
CA ARG A 79 11.12 123.06 0.85
C ARG A 79 11.07 121.57 1.22
N ASN A 80 12.12 120.98 1.79
CA ASN A 80 12.21 119.54 2.08
C ASN A 80 12.61 119.23 3.53
N GLY A 81 13.38 120.12 4.17
CA GLY A 81 13.82 120.00 5.55
C GLY A 81 12.75 120.31 6.59
N PRO A 82 13.12 120.42 7.86
CA PRO A 82 12.18 120.58 8.98
C PRO A 82 11.25 121.78 8.89
N TYR A 83 11.62 122.82 8.14
CA TYR A 83 10.80 124.02 7.96
C TYR A 83 9.91 124.01 6.71
N ARG A 84 9.75 122.87 6.01
CA ARG A 84 8.87 122.76 4.82
C ARG A 84 7.42 123.20 5.07
N SER A 85 6.91 123.02 6.29
CA SER A 85 5.57 123.39 6.72
C SER A 85 5.47 124.79 7.35
N LEU A 86 6.58 125.49 7.57
CA LEU A 86 6.56 126.83 8.15
C LEU A 86 6.13 127.88 7.12
N PHE A 87 6.82 127.91 5.99
CA PHE A 87 6.68 128.95 4.98
C PHE A 87 5.49 128.70 4.06
N HIS A 88 4.88 129.80 3.58
CA HIS A 88 3.94 129.76 2.47
C HIS A 88 4.66 129.29 1.20
N PRO A 89 4.15 128.31 0.45
CA PRO A 89 4.90 127.67 -0.63
C PRO A 89 5.27 128.60 -1.79
N GLU A 90 4.50 129.67 -2.04
CA GLU A 90 4.82 130.64 -3.12
C GLU A 90 5.68 131.83 -2.67
N GLN A 91 6.12 131.91 -1.41
CA GLN A 91 7.12 132.90 -0.97
C GLN A 91 8.53 132.30 -0.81
N LEU A 92 8.68 131.01 -1.11
CA LEU A 92 9.94 130.37 -1.44
C LEU A 92 10.09 130.38 -2.97
N ILE A 93 10.84 131.31 -3.54
CA ILE A 93 10.83 131.65 -4.97
C ILE A 93 12.13 131.21 -5.63
N THR A 94 12.04 130.46 -6.74
CA THR A 94 13.20 129.94 -7.46
C THR A 94 13.09 130.14 -8.96
N GLY A 95 14.23 130.39 -9.61
CA GLY A 95 14.41 130.27 -11.05
C GLY A 95 14.98 128.91 -11.49
N LYS A 96 15.25 128.79 -12.79
CA LYS A 96 15.93 127.64 -13.42
C LYS A 96 17.45 127.76 -13.43
N GLU A 97 17.99 128.97 -13.56
CA GLU A 97 19.37 129.26 -13.96
C GLU A 97 20.16 130.00 -12.88
N ASP A 98 21.27 129.44 -12.47
CA ASP A 98 22.25 130.05 -11.56
C ASP A 98 22.79 131.40 -12.13
N ALA A 99 23.08 132.37 -11.26
CA ALA A 99 23.69 133.64 -11.61
C ALA A 99 25.23 133.62 -11.81
N ALA A 100 25.88 132.50 -11.56
CA ALA A 100 27.25 132.18 -11.91
C ALA A 100 28.32 133.10 -11.30
N ASN A 101 28.08 133.69 -10.13
CA ASN A 101 28.91 134.72 -9.53
C ASN A 101 29.15 135.90 -10.46
N ASN A 102 28.19 136.18 -11.33
CA ASN A 102 28.23 137.27 -12.28
C ASN A 102 27.12 138.27 -11.94
N TYR A 103 27.48 139.48 -11.48
CA TYR A 103 26.52 140.55 -11.17
C TYR A 103 25.51 140.78 -12.28
N ALA A 104 25.95 140.75 -13.54
CA ALA A 104 25.13 141.09 -14.67
C ALA A 104 24.07 140.04 -14.97
N ARG A 105 24.29 138.77 -14.66
CA ARG A 105 23.22 137.75 -14.72
C ARG A 105 22.18 138.00 -13.65
N GLY A 106 22.60 138.35 -12.44
CA GLY A 106 21.66 138.66 -11.36
C GLY A 106 20.78 139.88 -11.66
N HIS A 107 21.41 140.95 -12.13
CA HIS A 107 20.76 142.24 -12.35
C HIS A 107 20.05 142.39 -13.71
N TYR A 108 20.67 142.01 -14.82
CA TYR A 108 20.21 142.37 -16.17
C TYR A 108 19.51 141.23 -16.94
N THR A 109 19.91 139.97 -16.74
CA THR A 109 19.59 138.88 -17.66
C THR A 109 18.69 137.79 -17.05
N ILE A 110 19.04 137.25 -15.90
CA ILE A 110 18.30 136.14 -15.26
C ILE A 110 17.32 136.64 -14.20
N GLY A 111 17.75 137.53 -13.32
CA GLY A 111 16.89 138.10 -12.27
C GLY A 111 15.80 139.02 -12.81
N LYS A 112 16.02 139.61 -13.99
CA LYS A 112 15.03 140.32 -14.82
C LYS A 112 13.74 139.55 -15.04
N GLU A 113 13.78 138.22 -15.00
CA GLU A 113 12.58 137.38 -15.15
C GLU A 113 11.83 137.09 -13.85
N LEU A 114 12.52 136.87 -12.73
CA LEU A 114 11.89 136.53 -11.45
C LEU A 114 11.42 137.76 -10.65
N ILE A 115 11.94 138.97 -10.93
CA ILE A 115 11.71 140.16 -10.13
C ILE A 115 10.24 140.53 -9.93
N ASP A 116 9.42 140.50 -10.97
CA ASP A 116 8.01 140.90 -10.89
C ASP A 116 7.13 139.87 -10.14
N SER A 117 7.65 138.65 -9.92
CA SER A 117 7.09 137.65 -9.02
C SER A 117 7.56 137.86 -7.58
N VAL A 118 8.83 138.26 -7.38
CA VAL A 118 9.36 138.60 -6.05
C VAL A 118 8.62 139.80 -5.46
N LEU A 119 8.39 140.83 -6.25
CA LEU A 119 7.62 142.00 -5.84
C LEU A 119 6.17 141.68 -5.48
N ASP A 120 5.54 140.74 -6.19
CA ASP A 120 4.15 140.37 -5.97
C ASP A 120 3.94 139.71 -4.60
N ARG A 121 4.87 138.88 -4.17
CA ARG A 121 4.93 138.37 -2.79
C ARG A 121 5.18 139.45 -1.76
N VAL A 122 6.10 140.37 -2.00
CA VAL A 122 6.37 141.45 -1.05
C VAL A 122 5.14 142.36 -0.92
N ARG A 123 4.43 142.66 -2.00
CA ARG A 123 3.13 143.35 -1.99
C ARG A 123 2.08 142.60 -1.15
N LYS A 124 1.90 141.30 -1.38
CA LYS A 124 0.97 140.47 -0.59
C LYS A 124 1.36 140.32 0.88
N MET A 125 2.62 140.54 1.27
CA MET A 125 3.04 140.62 2.67
C MET A 125 2.80 142.00 3.28
N ALA A 126 3.14 143.08 2.56
CA ALA A 126 2.95 144.44 3.02
C ALA A 126 1.48 144.77 3.21
N ASP A 127 0.59 144.30 2.33
CA ASP A 127 -0.86 144.44 2.48
C ASP A 127 -1.46 143.69 3.71
N GLN A 128 -0.73 142.75 4.31
CA GLN A 128 -1.07 142.12 5.59
C GLN A 128 -0.49 142.83 6.82
N CYS A 129 0.41 143.80 6.63
CA CYS A 129 0.95 144.65 7.70
C CYS A 129 0.03 145.84 7.98
N SER A 130 0.17 146.42 9.15
CA SER A 130 -0.52 147.64 9.60
C SER A 130 0.49 148.52 10.32
N GLY A 131 1.10 149.47 9.64
CA GLY A 131 2.30 150.12 10.15
C GLY A 131 3.52 149.18 10.10
N LEU A 132 3.87 148.74 8.89
CA LEU A 132 5.11 148.05 8.56
C LEU A 132 6.31 148.89 8.99
N GLN A 133 7.23 148.34 9.78
CA GLN A 133 8.34 149.07 10.37
C GLN A 133 9.49 149.26 9.39
N GLY A 134 9.75 148.27 8.55
CA GLY A 134 10.80 148.27 7.55
C GLY A 134 11.02 146.91 6.89
N PHE A 135 12.11 146.79 6.15
CA PHE A 135 12.59 145.58 5.49
C PHE A 135 13.91 145.11 6.12
N LEU A 136 14.10 143.81 6.27
CA LEU A 136 15.37 143.23 6.68
C LEU A 136 15.91 142.40 5.51
N VAL A 137 16.90 142.91 4.78
CA VAL A 137 17.40 142.27 3.54
C VAL A 137 18.75 141.57 3.75
N PHE A 138 18.78 140.24 3.58
CA PHE A 138 19.95 139.39 3.84
C PHE A 138 20.59 138.88 2.55
N HIS A 139 21.89 139.08 2.39
CA HIS A 139 22.58 138.72 1.14
C HIS A 139 24.11 138.63 1.27
N SER A 140 24.75 138.09 0.25
CA SER A 140 26.19 138.09 0.03
C SER A 140 26.57 139.22 -0.92
N PHE A 141 27.62 139.98 -0.59
CA PHE A 141 28.20 140.97 -1.50
C PHE A 141 28.96 140.33 -2.66
N GLY A 142 29.46 139.11 -2.48
CA GLY A 142 30.31 138.43 -3.45
C GLY A 142 29.55 137.59 -4.50
N GLY A 143 28.32 137.21 -4.20
CA GLY A 143 27.47 136.43 -5.09
C GLY A 143 26.97 137.17 -6.33
N GLY A 144 26.59 136.44 -7.37
CA GLY A 144 25.88 136.98 -8.52
C GLY A 144 24.43 137.30 -8.19
N THR A 145 23.70 136.40 -7.52
CA THR A 145 22.35 136.68 -7.01
C THR A 145 22.42 137.66 -5.84
N GLY A 146 23.32 137.44 -4.89
CA GLY A 146 23.61 138.33 -3.78
C GLY A 146 23.79 139.80 -4.15
N SER A 147 24.65 140.14 -5.11
CA SER A 147 24.87 141.51 -5.56
C SER A 147 23.85 141.99 -6.62
N GLY A 148 23.70 141.26 -7.71
CA GLY A 148 22.90 141.65 -8.85
C GLY A 148 21.40 141.56 -8.63
N PHE A 149 20.91 140.52 -7.95
CA PHE A 149 19.48 140.44 -7.70
C PHE A 149 19.05 141.36 -6.55
N THR A 150 19.83 141.47 -5.48
CA THR A 150 19.52 142.43 -4.40
C THR A 150 19.49 143.85 -4.94
N SER A 151 20.42 144.21 -5.82
CA SER A 151 20.46 145.55 -6.40
C SER A 151 19.32 145.82 -7.39
N LEU A 152 18.82 144.79 -8.07
CA LEU A 152 17.59 144.87 -8.87
C LEU A 152 16.36 145.05 -7.97
N LEU A 153 16.23 144.23 -6.93
CA LEU A 153 15.13 144.31 -5.99
C LEU A 153 15.09 145.64 -5.22
N MET A 154 16.19 146.08 -4.63
CA MET A 154 16.23 147.33 -3.86
C MET A 154 15.84 148.55 -4.68
N GLU A 155 16.21 148.61 -5.96
CA GLU A 155 15.83 149.72 -6.83
C GLU A 155 14.32 149.81 -6.99
N ARG A 156 13.62 148.67 -7.04
CA ARG A 156 12.16 148.59 -7.08
C ARG A 156 11.52 148.94 -5.73
N LEU A 157 11.99 148.35 -4.64
CA LEU A 157 11.46 148.65 -3.31
C LEU A 157 11.67 150.12 -2.92
N SER A 158 12.69 150.80 -3.45
CA SER A 158 12.96 152.21 -3.13
C SER A 158 12.12 153.20 -3.92
N VAL A 159 11.39 152.78 -4.96
CA VAL A 159 10.30 153.54 -5.60
C VAL A 159 8.93 153.07 -5.10
N ASP A 160 8.73 151.79 -4.84
CA ASP A 160 7.46 151.26 -4.36
C ASP A 160 7.15 151.57 -2.88
N TYR A 161 8.16 151.59 -2.01
CA TYR A 161 8.03 151.78 -0.56
C TYR A 161 9.01 152.86 -0.06
N GLY A 162 9.04 154.02 -0.70
CA GLY A 162 10.10 155.01 -0.49
C GLY A 162 10.33 155.48 0.95
N LYS A 163 9.28 155.58 1.77
CA LYS A 163 9.38 156.00 3.18
C LYS A 163 9.97 154.94 4.11
N LYS A 164 9.73 153.66 3.84
CA LYS A 164 10.01 152.53 4.75
C LYS A 164 11.50 152.25 4.90
N SER A 165 11.99 152.06 6.13
CA SER A 165 13.41 151.81 6.41
C SER A 165 13.89 150.48 5.88
N LYS A 166 14.97 150.48 5.09
CA LYS A 166 15.57 149.27 4.51
C LYS A 166 16.88 148.98 5.21
N LEU A 167 16.85 148.01 6.12
CA LEU A 167 18.00 147.51 6.87
C LEU A 167 18.58 146.34 6.11
N GLU A 168 19.90 146.26 6.03
CA GLU A 168 20.52 145.33 5.10
C GLU A 168 21.73 144.64 5.72
N PHE A 169 21.71 143.31 5.73
CA PHE A 169 22.74 142.49 6.37
C PHE A 169 23.56 141.79 5.30
N SER A 170 24.83 142.16 5.19
CA SER A 170 25.68 141.79 4.08
C SER A 170 26.87 140.97 4.52
N VAL A 171 27.03 139.78 3.98
CA VAL A 171 28.30 139.06 4.07
C VAL A 171 29.27 139.60 3.02
N TYR A 172 30.33 140.25 3.48
CA TYR A 172 31.26 141.08 2.74
C TYR A 172 32.62 140.39 2.57
N PRO A 173 33.34 140.56 1.45
CA PRO A 173 34.66 139.93 1.28
C PRO A 173 35.73 140.26 2.34
N ALA A 174 36.53 139.26 2.69
CA ALA A 174 37.53 139.32 3.75
C ALA A 174 38.91 139.84 3.28
N PRO A 175 39.86 140.13 4.19
CA PRO A 175 41.24 140.41 3.82
C PRO A 175 41.90 139.26 3.06
N ARG A 176 41.79 138.00 3.52
CA ARG A 176 42.48 136.85 2.93
C ARG A 176 41.53 135.73 2.46
N ILE A 177 40.54 135.36 3.28
CA ILE A 177 39.52 134.35 2.95
C ILE A 177 38.64 134.83 1.80
N SER A 178 38.53 134.01 0.77
CA SER A 178 37.67 134.27 -0.38
C SER A 178 37.26 132.94 -1.02
N THR A 179 36.10 132.90 -1.66
CA THR A 179 35.54 131.70 -2.28
C THR A 179 35.46 131.78 -3.80
N ALA A 180 35.76 132.94 -4.37
CA ALA A 180 35.57 133.30 -5.76
C ALA A 180 36.70 134.21 -6.22
N VAL A 181 36.99 134.19 -7.50
CA VAL A 181 37.97 135.07 -8.12
C VAL A 181 37.37 136.46 -8.36
N VAL A 182 36.08 136.52 -8.68
CA VAL A 182 35.35 137.74 -9.08
C VAL A 182 34.57 138.43 -7.94
N GLU A 183 34.76 137.98 -6.69
CA GLU A 183 34.20 138.59 -5.46
C GLU A 183 34.44 140.13 -5.35
N PRO A 184 35.62 140.69 -5.72
CA PRO A 184 35.84 142.14 -5.76
C PRO A 184 34.98 142.90 -6.79
N TYR A 185 34.72 142.32 -7.95
CA TYR A 185 33.87 142.92 -8.97
C TYR A 185 32.42 143.00 -8.53
N ASN A 186 31.87 141.93 -7.95
CA ASN A 186 30.48 141.92 -7.51
C ASN A 186 30.23 142.87 -6.33
N SER A 187 31.19 142.97 -5.43
CA SER A 187 31.11 143.84 -4.27
C SER A 187 31.15 145.32 -4.63
N ILE A 188 32.06 145.74 -5.49
CA ILE A 188 32.18 147.13 -5.94
C ILE A 188 30.94 147.55 -6.75
N LEU A 189 30.44 146.71 -7.64
CA LEU A 189 29.18 146.96 -8.37
C LEU A 189 27.96 147.09 -7.43
N THR A 190 27.99 146.48 -6.25
CA THR A 190 26.93 146.61 -5.23
C THR A 190 26.94 147.96 -4.51
N THR A 191 28.05 148.70 -4.46
CA THR A 191 28.18 149.94 -3.66
C THR A 191 27.18 151.05 -4.00
N HIS A 192 26.61 151.07 -5.21
CA HIS A 192 25.49 151.96 -5.55
C HIS A 192 24.20 151.59 -4.82
N THR A 193 23.98 150.29 -4.60
CA THR A 193 22.78 149.78 -3.95
C THR A 193 22.74 150.25 -2.52
N THR A 194 23.80 149.97 -1.77
CA THR A 194 23.90 150.37 -0.38
C THR A 194 23.91 151.89 -0.23
N LEU A 195 24.64 152.64 -1.04
CA LEU A 195 24.61 154.10 -0.96
C LEU A 195 23.24 154.72 -1.24
N GLU A 196 22.55 154.33 -2.32
CA GLU A 196 21.36 155.05 -2.78
C GLU A 196 20.03 154.42 -2.30
N HIS A 197 19.96 153.10 -2.12
CA HIS A 197 18.72 152.34 -1.90
C HIS A 197 18.72 151.51 -0.61
N SER A 198 19.43 151.96 0.41
CA SER A 198 19.50 151.34 1.73
C SER A 198 19.55 152.41 2.80
N ASP A 199 19.12 152.13 4.02
CA ASP A 199 19.08 153.12 5.11
C ASP A 199 20.04 152.80 6.25
N CYS A 200 20.38 151.53 6.46
CA CYS A 200 21.41 151.12 7.40
C CYS A 200 21.96 149.75 7.00
N ALA A 201 23.25 149.68 6.66
CA ALA A 201 23.85 148.51 6.05
C ALA A 201 24.92 147.87 6.94
N PHE A 202 24.61 146.71 7.51
CA PHE A 202 25.46 145.94 8.41
C PHE A 202 26.36 144.99 7.63
N MET A 203 27.57 145.43 7.37
CA MET A 203 28.63 144.59 6.82
C MET A 203 29.09 143.58 7.86
N VAL A 204 29.27 142.34 7.44
CA VAL A 204 29.80 141.21 8.22
C VAL A 204 30.84 140.48 7.40
N ASP A 205 31.82 139.84 8.02
CA ASP A 205 32.95 139.18 7.38
C ASP A 205 33.10 137.73 7.87
N ASN A 206 33.23 136.78 6.94
CA ASN A 206 33.44 135.37 7.27
C ASN A 206 34.72 135.15 8.08
N GLU A 207 35.81 135.85 7.78
CA GLU A 207 37.10 135.61 8.42
C GLU A 207 37.16 136.12 9.87
N ALA A 208 36.44 137.19 10.16
CA ALA A 208 36.31 137.74 11.50
C ALA A 208 35.48 136.83 12.40
N ILE A 209 34.34 136.31 11.90
CA ILE A 209 33.58 135.34 12.67
C ILE A 209 34.35 134.03 12.82
N TYR A 210 35.09 133.57 11.81
CA TYR A 210 35.94 132.39 11.99
C TYR A 210 36.95 132.57 13.13
N ASP A 211 37.49 133.75 13.33
CA ASP A 211 38.43 134.03 14.42
C ASP A 211 37.74 134.17 15.78
N ILE A 212 36.57 134.80 15.82
CA ILE A 212 35.68 134.81 17.01
C ILE A 212 35.35 133.38 17.42
N CYS A 213 34.99 132.51 16.49
CA CYS A 213 34.69 131.12 16.80
C CYS A 213 35.88 130.40 17.44
N ASN A 214 37.08 130.61 16.91
CA ASN A 214 38.31 130.00 17.39
C ASN A 214 38.68 130.45 18.80
N ARG A 215 38.54 131.74 19.10
CA ARG A 215 38.99 132.37 20.37
C ARG A 215 37.99 132.35 21.51
N ASN A 216 36.69 132.38 21.22
CA ASN A 216 35.63 132.53 22.21
C ASN A 216 34.75 131.29 22.38
N LEU A 217 34.41 130.59 21.29
CA LEU A 217 33.65 129.34 21.34
C LEU A 217 34.58 128.12 21.48
N ASP A 218 35.86 128.31 21.21
CA ASP A 218 36.92 127.30 21.16
C ASP A 218 36.66 126.15 20.17
N ILE A 219 35.76 126.35 19.20
CA ILE A 219 35.58 125.43 18.08
C ILE A 219 36.71 125.65 17.09
N GLU A 220 37.49 124.61 16.82
CA GLU A 220 38.75 124.72 16.07
C GLU A 220 38.53 124.90 14.56
N ARG A 221 37.45 124.30 14.03
CA ARG A 221 37.11 124.17 12.60
C ARG A 221 35.59 124.36 12.33
N PRO A 222 35.04 125.58 12.34
CA PRO A 222 33.62 125.81 12.12
C PRO A 222 33.16 125.73 10.65
N SER A 223 31.89 125.38 10.47
CA SER A 223 31.14 125.41 9.22
C SER A 223 30.44 126.77 9.04
N TYR A 224 29.62 126.91 8.01
CA TYR A 224 28.71 128.05 7.93
C TYR A 224 27.55 128.00 8.92
N THR A 225 27.13 126.83 9.41
CA THR A 225 26.04 126.81 10.41
C THR A 225 26.45 127.56 11.66
N ASN A 226 27.73 127.51 12.05
CA ASN A 226 28.25 128.25 13.19
C ASN A 226 28.26 129.76 12.96
N LEU A 227 28.52 130.23 11.74
CA LEU A 227 28.50 131.65 11.41
C LEU A 227 27.08 132.19 11.40
N ASN A 228 26.17 131.50 10.73
CA ASN A 228 24.80 131.95 10.58
C ASN A 228 24.09 132.01 11.93
N ARG A 229 24.41 131.11 12.86
CA ARG A 229 23.92 131.18 14.23
C ARG A 229 24.44 132.36 15.04
N LEU A 230 25.51 133.03 14.64
CA LEU A 230 25.92 134.34 15.20
C LEU A 230 25.26 135.52 14.48
N ILE A 231 25.12 135.45 13.16
CA ILE A 231 24.54 136.53 12.36
C ILE A 231 23.05 136.70 12.63
N ALA A 232 22.33 135.60 12.85
CA ALA A 232 20.92 135.65 13.25
C ALA A 232 20.75 136.22 14.66
N GLN A 233 21.65 135.90 15.59
CA GLN A 233 21.59 136.36 16.97
C GLN A 233 21.65 137.89 17.06
N ILE A 234 22.44 138.54 16.20
CA ILE A 234 22.46 140.01 16.11
C ILE A 234 21.12 140.56 15.66
N VAL A 235 20.47 139.98 14.64
CA VAL A 235 19.17 140.50 14.17
C VAL A 235 18.05 140.26 15.16
N SER A 236 18.08 139.15 15.90
CA SER A 236 17.17 138.98 17.02
C SER A 236 17.31 140.12 18.02
N SER A 237 18.54 140.56 18.29
CA SER A 237 18.83 141.63 19.25
C SER A 237 18.51 143.03 18.71
N ILE A 238 18.66 143.29 17.41
CA ILE A 238 18.17 144.51 16.76
C ILE A 238 16.66 144.57 16.83
N THR A 239 15.97 143.46 16.57
CA THR A 239 14.51 143.41 16.59
C THR A 239 13.91 143.20 17.97
N ALA A 240 14.68 142.88 19.02
CA ALA A 240 14.10 142.54 20.32
C ALA A 240 13.22 143.65 20.90
N SER A 241 13.59 144.92 20.75
CA SER A 241 12.76 146.06 21.18
C SER A 241 11.45 146.23 20.41
N LEU A 242 11.35 145.64 19.23
CA LEU A 242 10.14 145.63 18.42
C LEU A 242 9.17 144.53 18.89
N ARG A 243 9.72 143.47 19.50
CA ARG A 243 9.08 142.21 19.85
C ARG A 243 8.71 142.08 21.33
N PHE A 244 9.37 142.78 22.24
CA PHE A 244 9.35 142.50 23.68
C PHE A 244 9.27 143.75 24.59
N ASP A 245 8.95 143.55 25.86
CA ASP A 245 9.04 144.62 26.87
C ASP A 245 10.49 144.88 27.30
N GLY A 246 10.78 146.13 27.64
CA GLY A 246 12.10 146.58 28.07
C GLY A 246 12.04 147.84 28.92
N ALA A 247 13.16 148.20 29.56
CA ALA A 247 13.27 149.43 30.33
C ALA A 247 13.42 150.65 29.41
N LEU A 248 14.10 150.47 28.27
CA LEU A 248 14.42 151.48 27.28
C LEU A 248 14.31 150.86 25.88
N ASN A 249 13.10 150.53 25.43
CA ASN A 249 12.90 149.96 24.09
C ASN A 249 13.30 150.96 22.99
N VAL A 250 13.89 150.45 21.90
CA VAL A 250 14.38 151.25 20.77
C VAL A 250 13.58 150.94 19.50
N ASP A 251 12.93 151.94 18.92
CA ASP A 251 12.24 151.84 17.64
C ASP A 251 13.23 151.70 16.46
N LEU A 252 12.83 151.08 15.37
CA LEU A 252 13.72 150.86 14.22
C LEU A 252 14.22 152.16 13.55
N THR A 253 13.50 153.28 13.68
CA THR A 253 13.92 154.64 13.27
C THR A 253 14.61 155.44 14.37
N GLU A 254 14.28 155.19 15.63
CA GLU A 254 15.02 155.71 16.78
C GLU A 254 16.47 155.24 16.77
N PHE A 255 16.67 153.99 16.40
CA PHE A 255 17.96 153.37 16.13
C PHE A 255 18.76 154.16 15.09
N GLN A 256 18.18 154.43 13.92
CA GLN A 256 18.80 155.17 12.83
C GLN A 256 19.07 156.63 13.18
N THR A 257 18.19 157.31 13.92
CA THR A 257 18.39 158.72 14.34
C THR A 257 19.60 158.90 15.26
N ASN A 258 20.07 157.85 15.94
CA ASN A 258 21.27 157.85 16.75
C ASN A 258 22.49 157.22 16.08
N LEU A 259 22.32 156.23 15.20
CA LEU A 259 23.41 155.62 14.45
C LEU A 259 23.95 156.51 13.33
N VAL A 260 23.10 157.17 12.58
CA VAL A 260 23.43 157.77 11.29
C VAL A 260 23.62 159.29 11.44
N PRO A 261 24.85 159.82 11.47
CA PRO A 261 25.10 161.25 11.60
C PRO A 261 24.86 162.05 10.32
N TYR A 262 25.05 161.44 9.16
CA TYR A 262 24.96 162.08 7.85
C TYR A 262 24.31 161.13 6.86
N PRO A 263 23.61 161.61 5.82
CA PRO A 263 22.79 160.77 4.96
C PRO A 263 23.52 159.54 4.40
N ARG A 264 24.81 159.63 4.06
CA ARG A 264 25.53 158.52 3.42
C ARG A 264 26.37 157.69 4.39
N ILE A 265 26.38 158.05 5.67
CA ILE A 265 27.25 157.48 6.71
C ILE A 265 26.44 156.54 7.59
N HIS A 266 26.02 155.44 6.96
CA HIS A 266 25.05 154.50 7.50
C HIS A 266 25.56 153.06 7.43
N PHE A 267 26.89 152.89 7.48
CA PHE A 267 27.58 151.61 7.51
C PHE A 267 28.19 151.34 8.89
N PRO A 268 27.39 151.00 9.91
CA PRO A 268 27.92 150.63 11.20
C PRO A 268 28.59 149.25 11.17
N LEU A 269 29.60 149.08 12.02
CA LEU A 269 30.00 147.77 12.50
C LEU A 269 28.92 147.21 13.42
N VAL A 270 28.96 145.90 13.62
CA VAL A 270 28.17 145.20 14.60
C VAL A 270 29.06 144.23 15.38
N THR A 271 28.73 143.97 16.63
CA THR A 271 29.37 142.99 17.49
C THR A 271 28.38 142.51 18.55
N TYR A 272 28.62 141.35 19.15
CA TYR A 272 27.75 140.73 20.13
C TYR A 272 28.59 140.24 21.29
N SER A 273 28.11 140.36 22.52
CA SER A 273 28.78 139.81 23.68
C SER A 273 27.77 139.31 24.71
N PRO A 274 28.11 138.27 25.48
CA PRO A 274 29.30 137.46 25.35
C PRO A 274 29.12 136.36 24.29
N ILE A 275 30.01 136.26 23.31
CA ILE A 275 30.16 134.99 22.61
C ILE A 275 30.92 134.06 23.52
N ILE A 276 30.34 132.94 23.93
CA ILE A 276 30.96 132.09 24.95
C ILE A 276 30.47 130.63 24.85
N SER A 277 31.32 129.66 25.16
CA SER A 277 30.93 128.24 25.23
C SER A 277 30.55 127.83 26.65
N ALA A 278 29.91 126.68 26.79
CA ALA A 278 29.57 126.10 28.09
C ALA A 278 30.80 125.69 28.93
N GLU A 279 32.00 125.62 28.36
CA GLU A 279 33.23 125.33 29.10
C GLU A 279 33.64 126.50 30.00
N LYS A 280 33.32 127.73 29.60
CA LYS A 280 33.80 128.98 30.23
C LYS A 280 32.68 129.81 30.86
N ALA A 281 31.45 129.72 30.37
CA ALA A 281 30.35 130.55 30.85
C ALA A 281 30.05 130.38 32.34
N TYR A 282 30.38 129.23 32.94
CA TYR A 282 30.24 128.97 34.38
C TYR A 282 31.43 129.46 35.23
N HIS A 283 32.49 130.04 34.64
CA HIS A 283 33.65 130.56 35.38
C HIS A 283 33.89 132.05 35.20
N GLU A 284 33.51 132.62 34.06
CA GLU A 284 33.44 134.08 33.86
C GLU A 284 32.32 134.69 34.71
N GLN A 285 32.44 135.95 35.15
CA GLN A 285 31.32 136.62 35.80
C GLN A 285 30.21 137.02 34.82
N LEU A 286 30.55 137.47 33.60
CA LEU A 286 29.57 138.00 32.65
C LEU A 286 28.71 139.10 33.28
N SER A 287 29.31 139.92 34.13
CA SER A 287 28.73 141.16 34.64
C SER A 287 28.53 142.16 33.50
N VAL A 288 27.65 143.14 33.69
CA VAL A 288 27.38 144.15 32.67
C VAL A 288 28.63 144.93 32.27
N PRO A 289 29.55 145.19 33.20
CA PRO A 289 30.81 145.85 32.90
C PRO A 289 31.66 145.06 31.89
N GLU A 290 31.76 143.73 32.05
CA GLU A 290 32.60 142.90 31.18
C GLU A 290 32.04 142.78 29.76
N ILE A 291 30.75 142.48 29.63
CA ILE A 291 30.13 142.33 28.31
C ILE A 291 30.00 143.66 27.57
N THR A 292 30.00 144.81 28.27
CA THR A 292 30.14 146.11 27.63
C THR A 292 31.55 146.29 27.08
N ASN A 293 32.58 146.07 27.90
CA ASN A 293 33.97 146.21 27.49
C ASN A 293 34.37 145.25 26.36
N ALA A 294 33.81 144.04 26.32
CA ALA A 294 34.06 143.10 25.24
C ALA A 294 33.69 143.65 23.86
N CYS A 295 32.70 144.53 23.75
CA CYS A 295 32.30 145.11 22.47
C CYS A 295 33.32 146.10 21.90
N PHE A 296 34.24 146.61 22.71
CA PHE A 296 35.28 147.54 22.24
C PHE A 296 36.61 146.85 21.95
N GLU A 297 36.73 145.55 22.16
CA GLU A 297 37.91 144.78 21.77
C GLU A 297 37.92 144.59 20.24
N TYR A 298 39.03 144.83 19.53
CA TYR A 298 39.22 144.43 18.13
C TYR A 298 38.93 142.94 17.90
N SER A 299 39.20 142.12 18.91
CA SER A 299 38.93 140.69 18.94
C SER A 299 37.46 140.30 18.70
N ASN A 300 36.48 141.17 18.92
CA ASN A 300 35.07 140.80 18.76
C ASN A 300 34.35 141.52 17.61
N GLN A 301 35.05 142.35 16.84
CA GLN A 301 34.47 143.00 15.67
C GLN A 301 34.28 141.99 14.54
N MET A 302 33.10 141.97 13.91
CA MET A 302 32.75 141.02 12.86
C MET A 302 33.07 141.54 11.44
N VAL A 303 34.01 142.46 11.31
CA VAL A 303 34.71 142.86 10.08
C VAL A 303 36.19 142.98 10.44
N LYS A 304 37.11 142.41 9.67
CA LYS A 304 38.55 142.50 9.97
C LYS A 304 39.12 143.88 9.66
N CYS A 305 38.83 144.81 10.54
CA CYS A 305 39.40 146.15 10.64
C CYS A 305 39.57 146.50 12.13
N ASP A 306 40.50 147.40 12.47
CA ASP A 306 40.80 147.74 13.86
C ASP A 306 40.10 149.06 14.23
N PRO A 307 39.15 149.09 15.18
CA PRO A 307 38.46 150.33 15.57
C PRO A 307 39.38 151.42 16.11
N ARG A 308 40.57 151.07 16.60
CA ARG A 308 41.57 152.01 17.11
C ARG A 308 42.24 152.80 16.01
N ARG A 309 42.22 152.31 14.77
CA ARG A 309 42.62 153.07 13.59
C ARG A 309 41.51 154.02 13.09
N GLY A 310 40.38 154.11 13.79
CA GLY A 310 39.29 155.04 13.49
C GLY A 310 38.96 156.00 14.63
N LYS A 311 37.85 156.71 14.47
CA LYS A 311 37.10 157.35 15.56
C LYS A 311 35.64 156.93 15.51
N TYR A 312 35.06 156.69 16.66
CA TYR A 312 33.64 156.43 16.81
C TYR A 312 32.83 157.69 16.58
N MET A 313 31.77 157.57 15.79
CA MET A 313 30.77 158.60 15.60
C MET A 313 29.61 158.39 16.55
N ALA A 314 29.02 157.19 16.60
CA ALA A 314 27.97 156.83 17.53
C ALA A 314 27.93 155.32 17.81
N CYS A 315 27.55 154.92 19.01
CA CYS A 315 27.32 153.54 19.39
C CYS A 315 25.90 153.34 19.88
N CYS A 316 25.19 152.34 19.38
CA CYS A 316 23.98 151.79 19.98
C CYS A 316 24.35 150.55 20.79
N LEU A 317 24.31 150.63 22.11
CA LEU A 317 24.43 149.48 22.99
C LEU A 317 23.04 148.93 23.26
N LEU A 318 22.64 147.87 22.56
CA LEU A 318 21.34 147.22 22.70
C LEU A 318 21.43 146.03 23.67
N TYR A 319 21.27 146.29 24.96
CA TYR A 319 21.27 145.21 25.97
C TYR A 319 19.96 144.45 26.00
N ARG A 320 20.06 143.18 26.37
CA ARG A 320 18.92 142.32 26.58
C ARG A 320 19.15 141.33 27.70
N GLY A 321 18.07 140.90 28.36
CA GLY A 321 18.14 140.07 29.54
C GLY A 321 18.23 140.87 30.83
N ASP A 322 18.83 140.30 31.87
CA ASP A 322 18.84 140.85 33.22
C ASP A 322 19.86 141.99 33.39
N VAL A 323 19.52 143.22 32.99
CA VAL A 323 20.36 144.42 33.19
C VAL A 323 19.56 145.60 33.71
N VAL A 324 20.23 146.56 34.35
CA VAL A 324 19.60 147.71 35.00
C VAL A 324 20.30 148.98 34.55
N PRO A 325 19.61 150.07 34.22
CA PRO A 325 20.22 151.33 33.77
C PRO A 325 21.34 151.89 34.66
N LYS A 326 21.33 151.66 35.98
CA LYS A 326 22.47 151.90 36.87
C LYS A 326 23.75 151.33 36.29
N ASP A 327 23.75 150.03 35.99
CA ASP A 327 24.92 149.26 35.57
C ASP A 327 25.44 149.73 34.23
N VAL A 328 24.53 150.05 33.32
CA VAL A 328 24.88 150.50 31.98
C VAL A 328 25.53 151.87 32.02
N ASN A 329 24.99 152.82 32.78
CA ASN A 329 25.61 154.15 32.90
C ASN A 329 27.01 154.03 33.53
N ALA A 330 27.16 153.24 34.59
CA ALA A 330 28.43 152.96 35.24
C ALA A 330 29.45 152.28 34.30
N ALA A 331 28.98 151.43 33.39
CA ALA A 331 29.79 150.82 32.35
C ALA A 331 30.23 151.83 31.30
N ILE A 332 29.32 152.58 30.65
CA ILE A 332 29.72 153.53 29.60
C ILE A 332 30.60 154.66 30.13
N ALA A 333 30.50 154.99 31.42
CA ALA A 333 31.43 155.88 32.09
C ALA A 333 32.88 155.36 32.06
N ALA A 334 33.11 154.06 32.21
CA ALA A 334 34.47 153.52 32.03
C ALA A 334 34.90 153.56 30.56
N ILE A 335 34.00 153.29 29.62
CA ILE A 335 34.35 153.40 28.19
C ILE A 335 34.75 154.83 27.85
N LYS A 336 34.05 155.87 28.33
CA LYS A 336 34.44 157.27 28.14
C LYS A 336 35.77 157.64 28.80
N THR A 337 36.19 156.90 29.83
CA THR A 337 37.44 157.14 30.55
C THR A 337 38.65 156.61 29.79
N ARG A 338 38.51 155.52 29.01
CA ARG A 338 39.59 154.87 28.25
C ARG A 338 40.00 155.66 27.00
N ARG A 339 41.23 156.15 26.95
CA ARG A 339 41.76 157.02 25.87
C ARG A 339 42.01 156.29 24.55
N SER A 340 42.07 154.96 24.54
CA SER A 340 42.16 154.15 23.32
C SER A 340 40.85 154.06 22.53
N ILE A 341 39.69 154.26 23.18
CA ILE A 341 38.37 154.29 22.52
C ILE A 341 38.01 155.74 22.21
N GLN A 342 38.32 156.23 21.00
CA GLN A 342 38.21 157.66 20.69
C GLN A 342 37.00 158.00 19.85
N PHE A 343 36.12 158.84 20.39
CA PHE A 343 35.01 159.41 19.66
C PHE A 343 35.43 160.67 18.90
N VAL A 344 34.65 161.04 17.90
CA VAL A 344 34.73 162.33 17.21
C VAL A 344 34.40 163.49 18.14
N ASP A 345 34.98 164.66 17.87
CA ASP A 345 34.82 165.89 18.65
C ASP A 345 33.38 166.44 18.63
N TRP A 346 32.62 166.10 17.60
CA TRP A 346 31.27 166.58 17.34
C TRP A 346 30.17 165.65 17.85
N CYS A 347 30.49 164.55 18.54
CA CYS A 347 29.50 163.67 19.15
C CYS A 347 29.81 163.51 20.66
N PRO A 348 29.46 164.52 21.48
CA PRO A 348 29.84 164.57 22.89
C PRO A 348 29.04 163.59 23.76
N THR A 349 27.86 163.19 23.28
CA THR A 349 26.98 162.20 23.87
C THR A 349 27.42 160.78 23.54
N GLY A 350 27.67 160.46 22.29
CA GLY A 350 28.26 159.21 21.80
C GLY A 350 27.37 157.97 21.83
N PHE A 351 26.72 157.68 22.95
CA PHE A 351 26.03 156.41 23.20
C PHE A 351 24.52 156.59 23.17
N LYS A 352 23.87 155.73 22.39
CA LYS A 352 22.45 155.41 22.48
C LYS A 352 22.31 154.06 23.16
N VAL A 353 21.55 154.02 24.24
CA VAL A 353 21.35 152.82 25.06
C VAL A 353 19.94 152.30 24.82
N GLY A 354 19.82 151.01 24.58
CA GLY A 354 18.56 150.26 24.62
C GLY A 354 18.65 149.15 25.65
N ILE A 355 17.57 148.85 26.36
CA ILE A 355 17.53 147.79 27.38
C ILE A 355 16.22 147.05 27.27
N ASN A 356 16.29 145.73 27.06
CA ASN A 356 15.14 144.84 26.83
C ASN A 356 15.09 143.64 27.80
N TYR A 357 13.94 143.26 28.33
CA TYR A 357 13.86 142.27 29.43
C TYR A 357 13.95 140.81 28.99
N GLN A 358 14.03 140.53 27.68
CA GLN A 358 14.05 139.15 27.16
C GLN A 358 15.49 138.65 26.95
N PRO A 359 15.96 137.64 27.69
CA PRO A 359 17.29 137.05 27.49
C PRO A 359 17.51 136.51 26.08
N PRO A 360 18.77 136.27 25.68
CA PRO A 360 19.08 135.62 24.40
C PRO A 360 18.67 134.15 24.40
N THR A 361 17.88 133.76 23.41
CA THR A 361 17.46 132.36 23.22
C THR A 361 18.59 131.50 22.69
N ALA A 362 18.87 130.36 23.32
CA ALA A 362 19.80 129.37 22.78
C ALA A 362 19.13 128.50 21.71
N VAL A 363 19.75 128.35 20.54
CA VAL A 363 19.40 127.24 19.65
C VAL A 363 19.95 125.95 20.29
N PRO A 364 19.16 124.90 20.52
CA PRO A 364 19.55 123.75 21.33
C PRO A 364 20.75 122.95 20.76
N GLY A 365 20.92 122.94 19.45
CA GLY A 365 22.06 122.28 18.79
C GLY A 365 23.36 123.09 18.79
N GLY A 366 23.35 124.33 19.27
CA GLY A 366 24.42 125.31 19.04
C GLY A 366 25.59 125.27 20.01
N ASP A 367 26.64 125.97 19.64
CA ASP A 367 27.88 126.10 20.42
C ASP A 367 27.81 127.20 21.49
N VAL A 368 27.01 128.23 21.23
CA VAL A 368 26.89 129.46 22.02
C VAL A 368 26.00 129.24 23.27
N ALA A 369 26.56 129.47 24.45
CA ALA A 369 26.01 129.04 25.75
C ALA A 369 24.85 129.89 26.28
N LYS A 370 24.09 129.34 27.24
CA LYS A 370 23.05 130.05 27.99
C LYS A 370 23.68 131.08 28.92
N VAL A 371 23.18 132.30 28.92
CA VAL A 371 23.74 133.43 29.68
C VAL A 371 22.63 134.38 30.13
N LEU A 372 22.76 135.02 31.29
CA LEU A 372 21.70 135.90 31.80
C LEU A 372 21.53 137.20 31.01
N ARG A 373 22.55 137.58 30.25
CA ARG A 373 22.71 138.89 29.64
C ARG A 373 23.31 138.74 28.27
N ALA A 374 22.97 139.66 27.39
CA ALA A 374 23.76 139.93 26.21
C ALA A 374 23.64 141.40 25.86
N VAL A 375 24.57 141.86 25.05
CA VAL A 375 24.52 143.16 24.40
C VAL A 375 24.86 142.94 22.93
N CYS A 376 24.13 143.59 22.06
CA CYS A 376 24.59 143.79 20.71
C CYS A 376 25.01 145.24 20.63
N MET A 377 26.26 145.51 20.24
CA MET A 377 26.71 146.86 19.98
C MET A 377 26.79 147.09 18.48
N LEU A 378 26.03 148.07 18.01
CA LEU A 378 26.04 148.48 16.63
C LEU A 378 26.65 149.87 16.60
N SER A 379 27.66 150.07 15.79
CA SER A 379 28.64 151.15 15.99
C SER A 379 29.10 151.80 14.70
N ASN A 380 28.77 153.07 14.49
CA ASN A 380 29.27 153.84 13.37
C ASN A 380 30.65 154.39 13.70
N THR A 381 31.66 153.99 12.95
CA THR A 381 33.07 154.34 13.18
C THR A 381 33.83 154.53 11.87
N THR A 382 34.80 155.44 11.83
CA THR A 382 35.59 155.72 10.62
C THR A 382 36.46 154.53 10.18
N ALA A 383 36.75 153.61 11.10
CA ALA A 383 37.61 152.46 10.85
C ALA A 383 37.16 151.56 9.70
N ILE A 384 35.85 151.46 9.45
CA ILE A 384 35.30 150.55 8.44
C ILE A 384 35.78 150.86 7.04
N ALA A 385 36.21 152.09 6.77
CA ALA A 385 36.82 152.48 5.49
C ALA A 385 38.05 151.65 5.10
N GLU A 386 38.72 150.99 6.04
CA GLU A 386 39.82 150.08 5.72
C GLU A 386 39.33 148.79 5.06
N ALA A 387 38.18 148.24 5.44
CA ALA A 387 37.57 147.11 4.76
C ALA A 387 37.18 147.43 3.30
N TRP A 388 36.91 148.69 2.99
CA TRP A 388 36.70 149.19 1.64
C TRP A 388 38.02 149.43 0.90
N ALA A 389 39.04 149.95 1.58
CA ALA A 389 40.37 150.15 1.03
C ALA A 389 41.08 148.84 0.69
N ARG A 390 40.80 147.74 1.41
CA ARG A 390 41.26 146.39 1.06
C ARG A 390 40.68 145.97 -0.28
N LEU A 391 39.36 146.05 -0.42
CA LEU A 391 38.66 145.44 -1.53
C LEU A 391 38.80 146.25 -2.82
N ASP A 392 38.83 147.59 -2.77
CA ASP A 392 39.07 148.38 -3.98
C ASP A 392 40.53 148.28 -4.49
N HIS A 393 41.49 147.87 -3.65
CA HIS A 393 42.83 147.44 -4.08
C HIS A 393 42.84 146.05 -4.73
N LYS A 394 41.93 145.12 -4.38
CA LYS A 394 41.71 143.88 -5.14
C LYS A 394 41.07 144.14 -6.49
N PHE A 395 40.09 145.03 -6.55
CA PHE A 395 39.45 145.47 -7.78
C PHE A 395 40.43 146.10 -8.76
N ASP A 396 41.31 146.97 -8.28
CA ASP A 396 42.23 147.72 -9.12
C ASP A 396 43.21 146.83 -9.91
N LEU A 397 43.73 145.77 -9.31
CA LEU A 397 44.62 144.80 -9.97
C LEU A 397 43.94 144.07 -11.13
N MET A 398 42.67 143.73 -10.99
CA MET A 398 41.92 143.02 -12.00
C MET A 398 41.35 143.94 -13.08
N TYR A 399 40.84 145.11 -12.74
CA TYR A 399 40.33 146.04 -13.73
C TYR A 399 41.44 146.67 -14.58
N SER A 400 42.66 146.83 -14.06
CA SER A 400 43.81 147.24 -14.86
C SER A 400 44.14 146.28 -16.02
N LYS A 401 43.77 145.01 -15.91
CA LYS A 401 43.88 144.00 -16.97
C LYS A 401 42.58 143.74 -17.73
N ARG A 402 41.44 144.28 -17.28
CA ARG A 402 40.07 143.88 -17.64
C ARG A 402 39.83 142.38 -17.41
N ALA A 403 40.41 141.86 -16.33
CA ALA A 403 40.71 140.45 -16.12
C ALA A 403 39.56 139.46 -16.28
N PHE A 404 38.31 139.80 -15.98
CA PHE A 404 37.14 138.91 -16.20
C PHE A 404 35.97 139.62 -16.88
N VAL A 405 36.20 140.82 -17.43
CA VAL A 405 35.15 141.78 -17.81
C VAL A 405 34.25 141.29 -18.94
N HIS A 406 34.72 140.39 -19.81
CA HIS A 406 33.92 139.85 -20.91
C HIS A 406 32.69 139.04 -20.47
N TRP A 407 32.70 138.45 -19.28
CA TRP A 407 31.53 137.74 -18.73
C TRP A 407 30.41 138.69 -18.32
N TYR A 408 30.73 139.92 -17.92
CA TYR A 408 29.79 140.95 -17.50
C TYR A 408 29.27 141.75 -18.70
N VAL A 409 30.17 142.16 -19.59
CA VAL A 409 29.83 142.80 -20.87
C VAL A 409 29.04 141.84 -21.78
N GLY A 410 29.32 140.54 -21.72
CA GLY A 410 28.61 139.52 -22.48
C GLY A 410 27.18 139.27 -22.04
N GLU A 411 26.79 139.70 -20.84
CA GLU A 411 25.44 139.51 -20.25
C GLU A 411 24.65 140.81 -20.08
N GLY A 412 24.99 141.83 -20.87
CA GLY A 412 24.23 143.06 -21.02
C GLY A 412 24.68 144.24 -20.18
N MET A 413 25.79 144.17 -19.45
CA MET A 413 26.30 145.31 -18.70
C MET A 413 27.13 146.27 -19.56
N GLU A 414 27.01 147.58 -19.33
CA GLU A 414 27.91 148.60 -19.88
C GLU A 414 29.32 148.46 -19.27
N GLU A 415 30.38 148.47 -20.07
CA GLU A 415 31.75 148.37 -19.52
C GLU A 415 32.08 149.53 -18.57
N GLY A 416 31.57 150.73 -18.84
CA GLY A 416 31.74 151.93 -18.02
C GLY A 416 31.18 151.84 -16.61
N GLU A 417 30.26 150.90 -16.32
CA GLU A 417 29.74 150.71 -14.96
C GLU A 417 30.80 150.29 -13.96
N PHE A 418 31.87 149.60 -14.39
CA PHE A 418 32.99 149.24 -13.51
C PHE A 418 33.75 150.48 -13.05
N SER A 419 34.02 151.43 -13.95
CA SER A 419 34.64 152.71 -13.62
C SER A 419 33.71 153.58 -12.74
N GLU A 420 32.44 153.70 -13.12
CA GLU A 420 31.38 154.39 -12.38
C GLU A 420 31.10 153.77 -10.99
N ALA A 421 31.36 152.50 -10.75
CA ALA A 421 31.28 151.86 -9.44
C ALA A 421 32.55 152.03 -8.59
N ARG A 422 33.74 151.95 -9.17
CA ARG A 422 35.01 152.23 -8.46
C ARG A 422 35.12 153.70 -8.06
N GLU A 423 34.55 154.58 -8.86
CA GLU A 423 34.42 156.02 -8.64
C GLU A 423 33.52 156.33 -7.45
N ASP A 424 32.32 155.74 -7.43
CA ASP A 424 31.34 155.92 -6.36
C ASP A 424 31.81 155.31 -5.03
N MET A 425 32.54 154.20 -5.06
CA MET A 425 33.19 153.68 -3.86
C MET A 425 34.27 154.64 -3.32
N ALA A 426 35.10 155.24 -4.18
CA ALA A 426 36.10 156.23 -3.76
C ALA A 426 35.47 157.49 -3.13
N ALA A 427 34.29 157.89 -3.57
CA ALA A 427 33.51 158.96 -2.93
C ALA A 427 32.91 158.56 -1.56
N LEU A 428 32.57 157.30 -1.31
CA LEU A 428 32.18 156.82 0.02
C LEU A 428 33.40 156.70 0.96
N GLU A 429 34.51 156.16 0.45
CA GLU A 429 35.75 156.05 1.22
C GLU A 429 36.34 157.42 1.56
N LYS A 430 36.10 158.44 0.72
CA LYS A 430 36.34 159.86 0.98
C LYS A 430 35.45 160.39 2.11
N ASP A 431 34.13 160.18 2.05
CA ASP A 431 33.17 160.65 3.05
C ASP A 431 33.49 160.15 4.47
N TYR A 432 33.84 158.87 4.66
CA TYR A 432 34.21 158.32 5.98
C TYR A 432 35.55 158.84 6.52
N GLU A 433 36.48 159.24 5.67
CA GLU A 433 37.73 159.91 6.07
C GLU A 433 37.48 161.39 6.39
N GLU A 434 36.62 162.06 5.64
CA GLU A 434 36.28 163.48 5.79
C GLU A 434 35.61 163.83 7.12
N VAL A 435 34.73 162.98 7.66
CA VAL A 435 33.98 163.27 8.90
C VAL A 435 34.71 162.95 10.20
N GLY A 436 35.89 162.32 10.14
CA GLY A 436 36.67 161.98 11.34
C GLY A 436 37.38 163.17 11.98
N THR A 437 37.41 164.33 11.32
CA THR A 437 38.37 165.41 11.60
C THR A 437 37.84 166.38 12.66
N MET B 1 15.44 121.19 -15.07
CA MET B 1 16.30 121.79 -14.03
C MET B 1 17.77 121.51 -14.32
N ARG B 2 18.39 122.36 -15.14
CA ARG B 2 19.82 122.32 -15.51
C ARG B 2 20.25 120.96 -16.05
N GLU B 3 19.45 120.45 -16.98
CA GLU B 3 19.79 119.23 -17.69
C GLU B 3 21.12 119.37 -18.44
N ILE B 4 21.87 118.27 -18.53
CA ILE B 4 23.03 118.15 -19.41
C ILE B 4 22.74 117.10 -20.49
N VAL B 5 23.22 117.39 -21.69
CA VAL B 5 23.26 116.46 -22.83
C VAL B 5 24.70 116.00 -22.99
N HIS B 6 24.92 114.70 -23.00
CA HIS B 6 26.24 114.13 -23.06
C HIS B 6 26.48 113.41 -24.38
N LEU B 7 27.65 113.57 -25.00
CA LEU B 7 27.92 113.03 -26.33
C LEU B 7 29.26 112.33 -26.35
N GLN B 8 29.31 111.11 -26.90
CA GLN B 8 30.51 110.28 -26.94
C GLN B 8 31.01 110.10 -28.37
N ALA B 9 32.27 110.37 -28.68
CA ALA B 9 32.81 110.25 -30.04
C ALA B 9 34.07 109.38 -30.18
N GLY B 10 34.03 108.45 -31.13
CA GLY B 10 35.16 107.56 -31.43
C GLY B 10 35.38 106.46 -30.39
N GLN B 11 36.46 105.70 -30.45
CA GLN B 11 36.71 104.66 -29.44
C GLN B 11 36.96 105.27 -28.06
N CYS B 12 37.90 106.21 -27.92
CA CYS B 12 38.23 106.76 -26.61
C CYS B 12 37.03 107.46 -25.96
N GLY B 13 36.32 108.33 -26.67
CA GLY B 13 35.17 109.05 -26.14
C GLY B 13 34.03 108.15 -25.68
N ASN B 14 33.76 107.07 -26.39
CA ASN B 14 32.80 106.05 -26.00
C ASN B 14 33.30 105.18 -24.86
N GLN B 15 34.60 105.04 -24.65
CA GLN B 15 35.15 104.25 -23.56
C GLN B 15 35.23 105.02 -22.25
N ILE B 16 35.73 106.27 -22.24
CA ILE B 16 35.65 107.14 -21.06
C ILE B 16 34.19 107.48 -20.74
N GLY B 17 33.32 107.61 -21.73
CA GLY B 17 31.88 107.79 -21.57
C GLY B 17 31.16 106.58 -20.99
N ALA B 18 31.34 105.38 -21.53
CA ALA B 18 30.72 104.18 -21.02
C ALA B 18 31.18 103.78 -19.61
N LYS B 19 32.37 104.23 -19.17
CA LYS B 19 32.78 104.16 -17.76
C LYS B 19 32.14 105.26 -16.93
N PHE B 20 32.08 106.49 -17.42
CA PHE B 20 31.39 107.57 -16.73
C PHE B 20 29.94 107.20 -16.38
N TRP B 21 29.20 106.59 -17.30
CA TRP B 21 27.83 106.13 -17.05
C TRP B 21 27.71 105.01 -16.01
N GLU B 22 28.74 104.21 -15.78
CA GLU B 22 28.79 103.27 -14.68
C GLU B 22 29.06 103.98 -13.33
N VAL B 23 29.90 105.02 -13.32
CA VAL B 23 30.18 105.83 -12.14
C VAL B 23 28.98 106.66 -11.68
N ILE B 24 28.35 107.44 -12.55
CA ILE B 24 27.22 108.25 -12.11
C ILE B 24 25.95 107.44 -11.90
N SER B 25 25.83 106.24 -12.49
CA SER B 25 24.74 105.33 -12.12
C SER B 25 24.94 104.73 -10.74
N ASP B 26 26.16 104.51 -10.28
CA ASP B 26 26.44 104.07 -8.91
C ASP B 26 26.09 105.17 -7.89
N GLU B 27 26.46 106.42 -8.20
CA GLU B 27 26.12 107.60 -7.41
C GLU B 27 24.62 107.80 -7.26
N HIS B 28 23.89 107.81 -8.38
CA HIS B 28 22.44 107.98 -8.40
C HIS B 28 21.68 106.69 -8.08
N GLY B 29 22.34 105.58 -7.81
CA GLY B 29 21.73 104.33 -7.39
C GLY B 29 20.83 103.71 -8.44
N ILE B 30 21.27 103.72 -9.70
CA ILE B 30 20.58 103.15 -10.85
C ILE B 30 21.23 101.83 -11.22
N ASP B 31 20.39 100.82 -11.35
CA ASP B 31 20.72 99.45 -11.73
C ASP B 31 21.13 99.36 -13.22
N PRO B 32 21.99 98.41 -13.65
CA PRO B 32 22.30 98.20 -15.06
C PRO B 32 21.09 98.01 -15.98
N THR B 33 19.93 97.66 -15.44
CA THR B 33 18.64 97.55 -16.15
C THR B 33 18.03 98.94 -16.44
N GLY B 34 18.47 99.97 -15.74
CA GLY B 34 17.90 101.31 -15.73
C GLY B 34 16.92 101.57 -14.58
N ALA B 35 16.58 100.58 -13.76
CA ALA B 35 15.71 100.73 -12.58
C ALA B 35 16.43 101.42 -11.42
N TYR B 36 15.77 102.27 -10.63
CA TYR B 36 16.35 102.85 -9.43
C TYR B 36 16.36 101.88 -8.24
N HIS B 37 17.50 101.74 -7.57
CA HIS B 37 17.74 100.84 -6.44
C HIS B 37 18.56 101.51 -5.31
N GLY B 38 18.69 102.82 -5.31
CA GLY B 38 19.51 103.57 -4.35
C GLY B 38 18.95 103.66 -2.94
N ASP B 39 19.76 104.17 -2.01
CA ASP B 39 19.47 104.39 -0.60
C ASP B 39 18.60 105.63 -0.35
N SER B 40 18.90 106.72 -1.05
CA SER B 40 18.64 108.07 -0.58
C SER B 40 17.81 108.92 -1.54
N ASP B 41 17.00 109.81 -0.99
CA ASP B 41 16.21 110.74 -1.76
C ASP B 41 17.07 111.71 -2.58
N LEU B 42 18.26 112.06 -2.09
CA LEU B 42 19.17 112.99 -2.77
C LEU B 42 19.69 112.42 -4.08
N GLN B 43 19.80 111.10 -4.18
CA GLN B 43 20.13 110.41 -5.43
C GLN B 43 19.07 110.59 -6.50
N LEU B 44 17.81 110.69 -6.09
CA LEU B 44 16.65 110.79 -6.98
C LEU B 44 16.27 112.25 -7.29
N GLU B 45 16.54 113.16 -6.37
CA GLU B 45 16.19 114.59 -6.46
C GLU B 45 16.66 115.27 -7.74
N ARG B 46 17.86 114.94 -8.24
CA ARG B 46 18.45 115.52 -9.46
C ARG B 46 18.79 114.49 -10.53
N ILE B 47 18.15 113.32 -10.52
CA ILE B 47 18.38 112.28 -11.52
C ILE B 47 18.07 112.77 -12.95
N ASN B 48 17.21 113.78 -13.09
CA ASN B 48 16.93 114.43 -14.36
C ASN B 48 18.16 115.11 -14.98
N VAL B 49 19.22 115.45 -14.24
CA VAL B 49 20.40 116.13 -14.79
C VAL B 49 21.10 115.31 -15.87
N TYR B 50 21.11 113.99 -15.73
CA TYR B 50 21.76 113.07 -16.66
C TYR B 50 20.82 112.02 -17.26
N TYR B 51 19.58 111.91 -16.81
CA TYR B 51 18.66 110.86 -17.23
C TYR B 51 17.28 111.42 -17.60
N ASN B 52 16.55 110.68 -18.43
CA ASN B 52 15.14 110.87 -18.71
C ASN B 52 14.33 109.84 -17.90
N GLU B 53 13.24 110.25 -17.27
CA GLU B 53 12.26 109.31 -16.71
C GLU B 53 11.50 108.63 -17.86
N ALA B 54 11.31 107.31 -17.76
CA ALA B 54 10.48 106.52 -18.66
C ALA B 54 9.57 105.55 -17.86
N THR B 55 8.66 104.86 -18.54
CA THR B 55 7.62 104.06 -17.91
C THR B 55 8.13 102.99 -16.94
N GLY B 56 7.41 102.71 -15.87
CA GLY B 56 7.84 101.80 -14.81
C GLY B 56 8.95 102.35 -13.89
N GLY B 57 9.18 103.67 -13.90
CA GLY B 57 10.29 104.34 -13.19
C GLY B 57 11.67 103.86 -13.64
N LYS B 58 11.81 103.38 -14.88
CA LYS B 58 13.10 103.16 -15.55
C LYS B 58 13.69 104.50 -15.97
N TYR B 59 14.99 104.66 -15.78
CA TYR B 59 15.73 105.86 -16.14
C TYR B 59 16.63 105.58 -17.33
N VAL B 60 16.57 106.45 -18.34
CA VAL B 60 17.31 106.31 -19.60
C VAL B 60 18.30 107.46 -19.70
N PRO B 61 19.62 107.22 -19.72
CA PRO B 61 20.58 108.29 -19.72
C PRO B 61 20.57 109.08 -21.02
N ARG B 62 20.76 110.39 -20.88
CA ARG B 62 20.77 111.36 -21.97
C ARG B 62 22.13 111.44 -22.66
N ALA B 63 22.65 110.29 -23.04
CA ALA B 63 23.80 110.17 -23.91
C ALA B 63 23.39 110.08 -25.38
N VAL B 64 24.19 110.67 -26.27
CA VAL B 64 24.24 110.33 -27.69
C VAL B 64 25.58 109.64 -27.94
N LEU B 65 25.55 108.50 -28.62
CA LEU B 65 26.72 107.68 -28.86
C LEU B 65 27.05 107.73 -30.35
N VAL B 66 28.21 108.27 -30.70
CA VAL B 66 28.62 108.53 -32.08
C VAL B 66 29.92 107.82 -32.43
N ASP B 67 29.94 107.12 -33.56
CA ASP B 67 31.12 106.45 -34.10
C ASP B 67 30.95 106.29 -35.60
N LEU B 68 32.04 106.09 -36.34
CA LEU B 68 32.00 105.80 -37.77
C LEU B 68 32.14 104.30 -38.08
N GLU B 69 32.33 103.48 -37.05
CA GLU B 69 32.43 102.02 -37.06
C GLU B 69 31.36 101.41 -36.14
N PRO B 70 30.80 100.23 -36.43
CA PRO B 70 29.85 99.57 -35.53
C PRO B 70 30.51 98.95 -34.30
N GLY B 71 31.77 98.50 -34.40
CA GLY B 71 32.46 97.71 -33.39
C GLY B 71 32.57 98.34 -32.00
N THR B 72 32.66 99.66 -31.84
CA THR B 72 32.59 100.26 -30.48
C THR B 72 31.16 100.32 -29.94
N MET B 73 30.15 100.55 -30.77
CA MET B 73 28.75 100.42 -30.36
C MET B 73 28.46 99.01 -29.87
N ASP B 74 28.91 98.00 -30.62
CA ASP B 74 28.79 96.60 -30.25
C ASP B 74 29.50 96.29 -28.91
N SER B 75 30.64 96.92 -28.66
CA SER B 75 31.40 96.75 -27.41
C SER B 75 30.76 97.46 -26.22
N VAL B 76 30.13 98.62 -26.43
CA VAL B 76 29.37 99.35 -25.42
C VAL B 76 28.04 98.66 -25.13
N ARG B 77 27.23 98.35 -26.14
CA ARG B 77 25.90 97.72 -26.04
C ARG B 77 25.95 96.36 -25.34
N SER B 78 27.01 95.59 -25.55
CA SER B 78 27.28 94.31 -24.88
C SER B 78 27.97 94.45 -23.50
N GLY B 79 28.37 95.65 -23.10
CA GLY B 79 29.21 95.90 -21.92
C GLY B 79 28.48 95.86 -20.57
N PRO B 80 29.16 96.21 -19.47
CA PRO B 80 28.63 96.19 -18.11
C PRO B 80 27.31 96.96 -17.91
N PHE B 81 27.16 98.09 -18.61
CA PHE B 81 26.00 98.97 -18.53
C PHE B 81 25.35 99.24 -19.91
N GLY B 82 25.72 98.49 -20.93
CA GLY B 82 25.31 98.78 -22.31
C GLY B 82 23.82 98.83 -22.59
N GLN B 83 23.03 98.07 -21.84
CA GLN B 83 21.58 97.97 -22.02
C GLN B 83 20.85 99.21 -21.49
N ILE B 84 21.54 100.13 -20.81
CA ILE B 84 20.92 101.31 -20.24
C ILE B 84 20.53 102.35 -21.30
N PHE B 85 21.36 102.54 -22.33
CA PHE B 85 21.22 103.61 -23.33
C PHE B 85 20.04 103.38 -24.29
N ARG B 86 19.48 104.46 -24.84
CA ARG B 86 18.38 104.39 -25.80
C ARG B 86 18.88 103.80 -27.13
N PRO B 87 18.32 102.72 -27.70
CA PRO B 87 18.73 102.17 -28.99
C PRO B 87 18.80 103.20 -30.13
N ASP B 88 17.89 104.18 -30.18
CA ASP B 88 17.91 105.27 -31.16
C ASP B 88 19.10 106.24 -31.01
N ASN B 89 19.73 106.29 -29.85
CA ASN B 89 20.82 107.23 -29.58
C ASN B 89 22.19 106.67 -29.98
N PHE B 90 22.29 105.40 -30.33
CA PHE B 90 23.47 104.85 -31.00
C PHE B 90 23.42 105.25 -32.48
N VAL B 91 24.19 106.26 -32.87
CA VAL B 91 24.27 106.76 -34.24
C VAL B 91 25.62 106.40 -34.82
N PHE B 92 25.67 105.63 -35.90
CA PHE B 92 26.92 105.10 -36.42
C PHE B 92 26.95 104.88 -37.93
N GLY B 93 28.15 104.96 -38.50
CA GLY B 93 28.48 104.56 -39.88
C GLY B 93 28.87 103.09 -40.00
N GLN B 94 29.50 102.70 -41.11
CA GLN B 94 30.05 101.34 -41.31
C GLN B 94 31.56 101.35 -41.56
N SER B 95 32.05 102.11 -42.53
CA SER B 95 33.48 102.30 -42.79
C SER B 95 34.08 103.37 -41.86
N GLY B 96 35.16 103.07 -41.16
CA GLY B 96 35.73 103.95 -40.13
C GLY B 96 36.36 105.24 -40.63
N ALA B 97 36.94 106.01 -39.70
CA ALA B 97 37.67 107.22 -39.99
C ALA B 97 39.11 107.00 -40.49
N GLY B 98 39.65 105.78 -40.50
CA GLY B 98 41.03 105.54 -40.96
C GLY B 98 42.12 106.29 -40.18
N ASN B 99 41.83 106.74 -38.94
CA ASN B 99 42.65 107.69 -38.19
C ASN B 99 42.91 109.01 -38.93
N ASN B 100 41.95 109.47 -39.71
CA ASN B 100 42.05 110.64 -40.56
C ASN B 100 41.06 111.71 -40.11
N TRP B 101 41.53 112.89 -39.69
CA TRP B 101 40.66 114.01 -39.33
C TRP B 101 39.73 114.42 -40.46
N ALA B 102 40.21 114.44 -41.71
CA ALA B 102 39.46 114.88 -42.85
C ALA B 102 38.34 113.89 -43.20
N LYS B 103 38.50 112.58 -42.95
CA LYS B 103 37.37 111.64 -43.03
C LYS B 103 36.31 111.93 -42.00
N GLY B 104 36.69 112.18 -40.75
CA GLY B 104 35.77 112.62 -39.72
C GLY B 104 34.98 113.87 -40.11
N HIS B 105 35.68 114.95 -40.45
CA HIS B 105 35.11 116.27 -40.66
C HIS B 105 34.46 116.51 -42.02
N TYR B 106 34.86 115.83 -43.10
CA TYR B 106 34.46 116.20 -44.47
C TYR B 106 33.73 115.12 -45.27
N THR B 107 33.82 113.85 -44.88
CA THR B 107 33.37 112.74 -45.74
C THR B 107 32.45 111.76 -45.03
N GLU B 108 33.02 111.01 -44.09
CA GLU B 108 32.40 109.88 -43.43
C GLU B 108 31.48 110.32 -42.29
N GLY B 109 31.89 111.38 -41.59
CA GLY B 109 31.14 112.02 -40.52
C GLY B 109 30.30 113.19 -40.99
N ALA B 110 30.66 113.86 -42.08
CA ALA B 110 29.79 114.85 -42.71
C ALA B 110 28.51 114.24 -43.26
N GLU B 111 28.55 112.98 -43.71
CA GLU B 111 27.36 112.20 -44.03
C GLU B 111 26.51 111.92 -42.78
N LEU B 112 27.16 111.53 -41.68
CA LEU B 112 26.51 111.06 -40.46
C LEU B 112 26.00 112.17 -39.54
N VAL B 113 26.58 113.37 -39.54
CA VAL B 113 26.22 114.45 -38.62
C VAL B 113 24.76 114.87 -38.72
N ASP B 114 24.14 114.82 -39.90
CA ASP B 114 22.69 115.06 -40.07
C ASP B 114 21.82 114.06 -39.28
N SER B 115 22.31 112.83 -39.10
CA SER B 115 21.67 111.78 -38.30
C SER B 115 22.01 111.87 -36.82
N VAL B 116 23.14 112.50 -36.45
CA VAL B 116 23.51 112.79 -35.05
C VAL B 116 22.75 113.99 -34.52
N LEU B 117 22.80 115.10 -35.24
CA LEU B 117 22.35 116.37 -34.75
C LEU B 117 20.86 116.36 -34.46
N ASP B 118 20.05 115.66 -35.28
CA ASP B 118 18.62 115.49 -35.10
C ASP B 118 18.21 114.61 -33.91
N VAL B 119 19.13 113.85 -33.33
CA VAL B 119 18.99 113.15 -32.03
C VAL B 119 19.37 114.07 -30.87
N VAL B 120 20.40 114.89 -31.03
CA VAL B 120 20.76 115.93 -30.04
C VAL B 120 19.59 116.91 -29.83
N ARG B 121 18.83 117.22 -30.89
CA ARG B 121 17.55 117.95 -30.79
C ARG B 121 16.45 117.24 -29.98
N LYS B 122 16.25 115.94 -30.11
CA LYS B 122 15.22 115.20 -29.38
C LYS B 122 15.51 115.18 -27.88
N GLU B 123 16.78 115.04 -27.52
CA GLU B 123 17.19 115.10 -26.12
C GLU B 123 17.12 116.53 -25.54
N ALA B 124 17.63 117.54 -26.26
CA ALA B 124 17.57 118.95 -25.83
C ALA B 124 16.16 119.54 -25.78
N GLU B 125 15.21 119.09 -26.60
CA GLU B 125 13.81 119.48 -26.55
C GLU B 125 13.05 118.76 -25.40
N SER B 126 13.50 117.57 -24.99
CA SER B 126 12.97 116.88 -23.79
C SER B 126 13.45 117.52 -22.47
N CYS B 127 14.47 118.35 -22.49
CA CYS B 127 14.97 119.06 -21.31
C CYS B 127 14.01 120.16 -20.86
N ASP B 128 13.91 120.38 -19.55
CA ASP B 128 13.13 121.46 -18.95
C ASP B 128 13.88 122.81 -18.99
N CYS B 129 15.15 122.79 -18.61
CA CYS B 129 16.09 123.87 -18.82
C CYS B 129 17.48 123.27 -19.00
N LEU B 130 17.94 123.15 -20.23
CA LEU B 130 19.28 122.71 -20.59
C LEU B 130 20.33 123.72 -20.11
N GLN B 131 21.34 123.30 -19.35
CA GLN B 131 22.50 124.13 -19.03
C GLN B 131 23.64 123.92 -20.03
N GLY B 132 23.82 122.73 -20.59
CA GLY B 132 24.92 122.52 -21.51
C GLY B 132 25.13 121.14 -22.10
N PHE B 133 26.23 121.02 -22.84
CA PHE B 133 26.69 119.87 -23.58
C PHE B 133 28.01 119.39 -23.01
N GLN B 134 28.14 118.09 -22.76
CA GLN B 134 29.29 117.46 -22.13
C GLN B 134 29.86 116.39 -23.08
N LEU B 135 30.85 116.74 -23.90
CA LEU B 135 31.31 115.87 -24.99
C LEU B 135 32.62 115.16 -24.67
N THR B 136 32.66 113.83 -24.72
CA THR B 136 33.88 113.02 -24.51
C THR B 136 34.47 112.54 -25.82
N HIS B 137 35.76 112.79 -26.01
CA HIS B 137 36.49 112.46 -27.24
C HIS B 137 38.00 112.46 -27.03
N SER B 138 38.73 112.02 -28.04
CA SER B 138 40.18 112.08 -28.13
C SER B 138 40.63 112.98 -29.29
N LEU B 139 41.77 113.64 -29.21
CA LEU B 139 42.29 114.53 -30.28
C LEU B 139 43.24 113.82 -31.24
N GLY B 140 43.82 112.68 -30.85
CA GLY B 140 44.42 111.74 -31.79
C GLY B 140 43.36 110.97 -32.59
N GLY B 141 43.78 110.20 -33.60
CA GLY B 141 42.83 109.50 -34.47
C GLY B 141 41.88 110.44 -35.21
N GLY B 142 40.76 109.96 -35.75
CA GLY B 142 39.99 110.72 -36.75
C GLY B 142 38.53 110.93 -36.40
N THR B 143 37.93 110.07 -35.60
CA THR B 143 36.51 110.12 -35.27
C THR B 143 36.27 111.17 -34.20
N GLY B 144 36.92 111.05 -33.05
CA GLY B 144 36.81 112.02 -31.98
C GLY B 144 37.37 113.38 -32.35
N SER B 145 38.52 113.42 -32.99
CA SER B 145 39.20 114.66 -33.35
C SER B 145 38.45 115.45 -34.43
N GLY B 146 38.00 114.77 -35.48
CA GLY B 146 37.45 115.41 -36.67
C GLY B 146 35.93 115.40 -36.76
N MET B 147 35.27 114.32 -36.35
CA MET B 147 33.82 114.33 -36.29
C MET B 147 33.33 115.02 -35.02
N GLY B 148 33.99 114.83 -33.89
CA GLY B 148 33.62 115.46 -32.63
C GLY B 148 33.71 116.97 -32.70
N THR B 149 34.75 117.52 -33.33
CA THR B 149 34.83 118.97 -33.57
C THR B 149 33.93 119.50 -34.69
N LEU B 150 33.50 118.67 -35.64
CA LEU B 150 32.40 119.00 -36.54
C LEU B 150 31.10 119.16 -35.74
N LEU B 151 30.84 118.23 -34.86
CA LEU B 151 29.65 118.19 -34.03
C LEU B 151 29.62 119.33 -33.00
N ILE B 152 30.75 119.69 -32.40
CA ILE B 152 30.90 120.89 -31.57
C ILE B 152 30.51 122.13 -32.37
N SER B 153 30.99 122.26 -33.60
CA SER B 153 30.68 123.40 -34.46
C SER B 153 29.17 123.51 -34.74
N LYS B 154 28.51 122.39 -35.07
CA LYS B 154 27.07 122.33 -35.34
C LYS B 154 26.17 122.62 -34.12
N ILE B 155 26.49 122.05 -32.97
CA ILE B 155 25.80 122.32 -31.71
C ILE B 155 26.08 123.74 -31.20
N ARG B 156 27.30 124.28 -31.34
CA ARG B 156 27.61 125.68 -31.01
C ARG B 156 26.80 126.70 -31.81
N GLU B 157 26.62 126.47 -33.09
CA GLU B 157 25.83 127.33 -33.98
C GLU B 157 24.34 127.31 -33.65
N GLU B 158 23.85 126.18 -33.14
CA GLU B 158 22.44 125.94 -32.83
C GLU B 158 22.05 126.35 -31.39
N TYR B 159 22.98 126.24 -30.44
CA TYR B 159 22.85 126.55 -29.01
C TYR B 159 23.99 127.48 -28.55
N PRO B 160 23.97 128.78 -28.89
CA PRO B 160 25.12 129.66 -28.70
C PRO B 160 25.37 130.09 -27.25
N ASP B 161 24.36 130.01 -26.38
CA ASP B 161 24.37 130.53 -25.00
C ASP B 161 24.47 129.44 -23.90
N ARG B 162 24.24 128.18 -24.27
CA ARG B 162 24.42 127.02 -23.39
C ARG B 162 25.91 126.70 -23.20
N ILE B 163 26.31 126.12 -22.07
CA ILE B 163 27.71 125.73 -21.83
C ILE B 163 28.13 124.58 -22.75
N MET B 164 29.22 124.74 -23.49
CA MET B 164 29.87 123.67 -24.22
C MET B 164 31.13 123.26 -23.48
N ASN B 165 31.14 122.04 -22.95
CA ASN B 165 32.07 121.55 -21.95
C ASN B 165 32.66 120.21 -22.43
N THR B 166 33.93 120.14 -22.81
CA THR B 166 34.51 118.95 -23.47
C THR B 166 35.63 118.31 -22.67
N PHE B 167 35.66 116.98 -22.66
CA PHE B 167 36.71 116.19 -22.01
C PHE B 167 37.53 115.49 -23.08
N SER B 168 38.80 115.88 -23.20
CA SER B 168 39.58 115.76 -24.42
C SER B 168 40.89 115.05 -24.15
N VAL B 169 40.93 113.76 -24.42
CA VAL B 169 42.14 112.95 -24.29
C VAL B 169 43.06 113.26 -25.46
N VAL B 170 44.31 113.65 -25.24
CA VAL B 170 45.13 114.23 -26.32
C VAL B 170 46.59 113.78 -26.32
N PRO B 171 47.31 113.90 -27.46
CA PRO B 171 48.58 113.23 -27.67
C PRO B 171 49.74 113.72 -26.80
N SER B 172 50.71 112.85 -26.59
CA SER B 172 52.01 113.12 -25.98
C SER B 172 53.05 112.13 -26.51
N PRO B 173 54.35 112.46 -26.52
CA PRO B 173 55.33 111.72 -27.31
C PRO B 173 55.66 110.32 -26.78
N LYS B 174 55.75 110.13 -25.47
CA LYS B 174 56.19 108.88 -24.83
C LYS B 174 55.10 107.81 -24.71
N VAL B 175 53.84 108.15 -24.91
CA VAL B 175 52.70 107.22 -24.93
C VAL B 175 51.85 107.51 -26.16
N SER B 176 52.23 106.88 -27.28
CA SER B 176 51.60 107.10 -28.58
C SER B 176 51.38 105.82 -29.38
N ASP B 177 50.26 105.75 -30.10
CA ASP B 177 49.83 104.58 -30.89
C ASP B 177 49.54 104.91 -32.36
N THR B 178 49.73 106.15 -32.81
CA THR B 178 49.39 106.64 -34.16
C THR B 178 50.56 107.41 -34.74
N VAL B 179 50.84 107.27 -36.04
CA VAL B 179 51.88 108.05 -36.73
C VAL B 179 51.43 109.49 -36.97
N VAL B 180 50.21 109.67 -37.49
CA VAL B 180 49.58 110.96 -37.79
C VAL B 180 48.87 111.63 -36.59
N GLU B 181 49.11 111.21 -35.37
CA GLU B 181 48.53 111.85 -34.18
C GLU B 181 48.73 113.39 -34.14
N PRO B 182 49.93 113.93 -34.37
CA PRO B 182 50.17 115.37 -34.36
C PRO B 182 49.30 116.18 -35.34
N TYR B 183 49.03 115.64 -36.52
CA TYR B 183 48.20 116.29 -37.53
C TYR B 183 46.76 116.41 -37.06
N ASN B 184 46.18 115.30 -36.65
CA ASN B 184 44.79 115.24 -36.22
C ASN B 184 44.52 116.16 -35.05
N ALA B 185 45.42 116.20 -34.07
CA ALA B 185 45.27 117.06 -32.93
C ALA B 185 45.37 118.53 -33.32
N THR B 186 46.34 118.92 -34.14
CA THR B 186 46.51 120.32 -34.55
C THR B 186 45.31 120.86 -35.33
N LEU B 187 44.72 120.05 -36.22
CA LEU B 187 43.47 120.36 -36.91
C LEU B 187 42.25 120.46 -35.97
N SER B 188 42.27 119.76 -34.84
CA SER B 188 41.18 119.68 -33.88
C SER B 188 41.22 120.78 -32.82
N VAL B 189 42.40 121.13 -32.30
CA VAL B 189 42.61 122.20 -31.31
C VAL B 189 42.18 123.57 -31.83
N HIS B 190 42.35 123.79 -33.12
CA HIS B 190 41.85 124.93 -33.91
C HIS B 190 40.33 125.13 -33.81
N GLN B 191 39.54 124.07 -33.60
CA GLN B 191 38.10 124.15 -33.38
C GLN B 191 37.74 124.35 -31.89
N LEU B 192 38.48 123.71 -30.99
CA LEU B 192 38.23 123.79 -29.56
C LEU B 192 38.49 125.21 -29.01
N VAL B 193 39.56 125.90 -29.42
CA VAL B 193 39.88 127.26 -28.95
C VAL B 193 38.81 128.30 -29.29
N GLU B 194 38.04 128.11 -30.37
CA GLU B 194 37.00 129.04 -30.80
C GLU B 194 35.62 128.71 -30.23
N ASN B 195 35.24 127.43 -30.17
CA ASN B 195 33.85 127.02 -29.89
C ASN B 195 33.57 126.64 -28.44
N THR B 196 34.42 125.87 -27.77
CA THR B 196 34.11 125.39 -26.41
C THR B 196 34.16 126.51 -25.38
N ASP B 197 33.39 126.39 -24.29
CA ASP B 197 33.45 127.28 -23.12
C ASP B 197 34.45 126.77 -22.06
N GLU B 198 34.66 125.46 -22.02
CA GLU B 198 35.68 124.76 -21.22
C GLU B 198 36.18 123.55 -21.99
N THR B 199 37.48 123.29 -21.99
CA THR B 199 38.02 122.00 -22.46
C THR B 199 38.99 121.44 -21.44
N TYR B 200 38.74 120.22 -20.96
CA TYR B 200 39.54 119.56 -19.94
C TYR B 200 40.55 118.64 -20.62
N CYS B 201 41.79 119.10 -20.65
CA CYS B 201 42.89 118.48 -21.37
C CYS B 201 43.40 117.31 -20.56
N ILE B 202 43.36 116.10 -21.13
CA ILE B 202 43.71 114.86 -20.45
C ILE B 202 44.73 114.10 -21.29
N ASP B 203 45.65 113.39 -20.67
CA ASP B 203 46.78 112.77 -21.36
C ASP B 203 47.02 111.34 -20.89
N ASN B 204 47.28 110.41 -21.79
CA ASN B 204 47.54 109.03 -21.36
C ASN B 204 48.87 108.88 -20.62
N GLU B 205 49.86 109.72 -20.88
CA GLU B 205 51.12 109.71 -20.14
C GLU B 205 50.90 110.09 -18.67
N ALA B 206 50.09 111.11 -18.38
CA ALA B 206 49.76 111.52 -17.03
C ALA B 206 48.83 110.52 -16.31
N LEU B 207 47.91 109.90 -17.03
CA LEU B 207 47.06 108.86 -16.48
C LEU B 207 47.81 107.56 -16.17
N TYR B 208 48.86 107.23 -16.92
CA TYR B 208 49.78 106.15 -16.55
C TYR B 208 50.69 106.54 -15.38
N ASP B 209 51.14 107.79 -15.27
CA ASP B 209 51.94 108.27 -14.12
C ASP B 209 51.16 108.20 -12.80
N ILE B 210 49.86 108.51 -12.80
CA ILE B 210 49.01 108.30 -11.62
C ILE B 210 48.91 106.81 -11.27
N CYS B 211 48.77 105.94 -12.26
CA CYS B 211 48.63 104.51 -12.01
C CYS B 211 49.90 103.85 -11.44
N PHE B 212 51.09 104.27 -11.87
CA PHE B 212 52.34 103.71 -11.36
C PHE B 212 52.88 104.41 -10.11
N ARG B 213 52.91 105.75 -10.06
CA ARG B 213 53.56 106.51 -8.98
C ARG B 213 52.64 106.88 -7.82
N THR B 214 51.34 106.63 -7.91
CA THR B 214 50.37 106.88 -6.84
C THR B 214 49.64 105.60 -6.45
N LEU B 215 48.86 105.02 -7.37
CA LEU B 215 48.07 103.81 -7.09
C LEU B 215 48.90 102.53 -6.97
N LYS B 216 50.13 102.52 -7.47
CA LYS B 216 51.04 101.36 -7.52
C LYS B 216 50.41 100.13 -8.19
N LEU B 217 49.58 100.32 -9.21
CA LEU B 217 49.06 99.23 -10.05
C LEU B 217 50.19 98.62 -10.88
N THR B 218 50.30 97.29 -10.93
CA THR B 218 51.38 96.63 -11.70
C THR B 218 51.14 96.64 -13.22
N THR B 219 49.88 96.53 -13.65
CA THR B 219 49.45 96.45 -15.06
C THR B 219 48.17 97.27 -15.27
N PRO B 220 48.26 98.61 -15.34
CA PRO B 220 47.11 99.46 -15.59
C PRO B 220 46.63 99.36 -17.04
N THR B 221 45.35 99.06 -17.20
CA THR B 221 44.66 98.94 -18.49
C THR B 221 44.05 100.28 -18.91
N TYR B 222 43.49 100.36 -20.12
CA TYR B 222 42.62 101.49 -20.47
C TYR B 222 41.39 101.55 -19.57
N GLY B 223 40.87 100.45 -19.03
CA GLY B 223 39.77 100.49 -18.08
C GLY B 223 40.10 101.21 -16.78
N ASP B 224 41.36 101.15 -16.33
CA ASP B 224 41.86 101.86 -15.17
C ASP B 224 42.09 103.35 -15.47
N LEU B 225 42.54 103.68 -16.69
CA LEU B 225 42.66 105.09 -17.10
C LEU B 225 41.30 105.77 -17.22
N ASN B 226 40.31 105.06 -17.74
CA ASN B 226 38.95 105.56 -17.95
C ASN B 226 38.23 105.85 -16.64
N HIS B 227 38.60 105.12 -15.59
CA HIS B 227 38.12 105.28 -14.23
C HIS B 227 38.67 106.56 -13.58
N LEU B 228 39.94 106.92 -13.80
CA LEU B 228 40.48 108.21 -13.37
C LEU B 228 39.84 109.40 -14.07
N VAL B 229 39.61 109.33 -15.39
CA VAL B 229 38.96 110.40 -16.14
C VAL B 229 37.55 110.62 -15.62
N SER B 230 36.76 109.54 -15.53
CA SER B 230 35.34 109.63 -15.18
C SER B 230 35.08 110.06 -13.74
N ALA B 231 36.00 109.85 -12.80
CA ALA B 231 35.93 110.45 -11.47
C ALA B 231 35.92 111.98 -11.50
N THR B 232 36.74 112.63 -12.33
CA THR B 232 36.73 114.10 -12.50
C THR B 232 35.56 114.61 -13.34
N MET B 233 35.00 113.80 -14.24
CA MET B 233 33.75 114.14 -14.92
C MET B 233 32.55 114.18 -13.96
N SER B 234 32.40 113.16 -13.11
CA SER B 234 31.43 113.18 -12.01
C SER B 234 31.70 114.36 -11.08
N GLY B 235 32.97 114.65 -10.83
CA GLY B 235 33.34 115.72 -9.91
C GLY B 235 32.82 117.10 -10.26
N VAL B 236 33.03 117.60 -11.48
CA VAL B 236 32.76 119.02 -11.80
C VAL B 236 31.28 119.36 -11.89
N THR B 237 30.40 118.40 -12.15
CA THR B 237 28.94 118.62 -12.19
C THR B 237 28.26 118.39 -10.84
N THR B 238 28.98 117.92 -9.81
CA THR B 238 28.44 117.51 -8.52
C THR B 238 27.48 118.54 -7.92
N CYS B 239 27.85 119.82 -7.98
CA CYS B 239 27.07 120.92 -7.41
C CYS B 239 25.75 121.25 -8.11
N LEU B 240 25.40 120.65 -9.25
CA LEU B 240 24.02 120.68 -9.77
C LEU B 240 23.25 119.36 -9.55
N ARG B 241 23.90 118.34 -8.96
CA ARG B 241 23.31 117.02 -8.68
C ARG B 241 23.04 116.79 -7.19
N PHE B 242 23.77 117.46 -6.30
CA PHE B 242 23.69 117.31 -4.85
C PHE B 242 23.71 118.68 -4.15
N PRO B 243 23.17 118.79 -2.92
CA PRO B 243 23.23 120.00 -2.11
C PRO B 243 24.64 120.26 -1.57
N GLY B 244 24.92 121.47 -1.09
CA GLY B 244 26.24 121.86 -0.62
C GLY B 244 26.28 123.15 0.19
N GLN B 245 27.39 123.41 0.88
CA GLN B 245 27.62 124.66 1.60
C GLN B 245 27.98 125.83 0.65
N LEU B 246 28.60 125.54 -0.48
CA LEU B 246 28.89 126.44 -1.58
C LEU B 246 28.54 125.73 -2.89
N ASN B 247 27.48 126.14 -3.58
CA ASN B 247 27.12 125.55 -4.86
C ASN B 247 27.83 126.24 -6.02
N ALA B 248 28.36 125.48 -6.98
CA ALA B 248 28.97 125.98 -8.21
C ALA B 248 28.49 125.22 -9.47
N ASP B 249 27.62 125.84 -10.26
CA ASP B 249 27.24 125.36 -11.60
C ASP B 249 28.45 125.38 -12.56
N LEU B 250 28.43 124.63 -13.66
CA LEU B 250 29.46 124.69 -14.70
C LEU B 250 29.71 126.13 -15.20
N ARG B 251 28.70 126.99 -15.23
CA ARG B 251 28.84 128.41 -15.55
C ARG B 251 29.52 129.23 -14.44
N LYS B 252 29.27 128.93 -13.16
CA LYS B 252 29.92 129.53 -11.98
C LYS B 252 31.39 129.14 -11.90
N LEU B 253 31.75 127.97 -12.42
CA LEU B 253 33.14 127.61 -12.71
C LEU B 253 33.70 128.48 -13.83
N ALA B 254 33.06 128.53 -15.01
CA ALA B 254 33.57 129.26 -16.17
C ALA B 254 33.81 130.76 -15.91
N VAL B 255 32.89 131.47 -15.27
CA VAL B 255 33.06 132.90 -14.92
C VAL B 255 34.28 133.15 -14.04
N ASN B 256 34.61 132.23 -13.13
CA ASN B 256 35.75 132.33 -12.23
C ASN B 256 37.04 131.78 -12.84
N MET B 257 36.95 130.80 -13.74
CA MET B 257 38.07 130.05 -14.27
C MET B 257 38.68 130.63 -15.54
N VAL B 258 37.92 131.36 -16.36
CA VAL B 258 38.35 131.83 -17.68
C VAL B 258 38.50 133.36 -17.70
N PRO B 259 39.69 133.91 -17.41
CA PRO B 259 39.89 135.35 -17.35
C PRO B 259 39.70 136.00 -18.72
N PHE B 260 40.41 135.51 -19.73
CA PHE B 260 40.31 135.98 -21.11
C PHE B 260 39.76 134.86 -22.00
N PRO B 261 38.85 135.14 -22.96
CA PRO B 261 37.90 134.17 -23.52
C PRO B 261 38.44 132.80 -23.93
N ARG B 262 39.63 132.77 -24.52
CA ARG B 262 40.31 131.64 -25.15
C ARG B 262 41.15 130.81 -24.18
N LEU B 263 41.44 131.29 -22.97
CA LEU B 263 42.26 130.59 -21.98
C LEU B 263 41.45 129.60 -21.15
N HIS B 264 40.72 128.70 -21.79
CA HIS B 264 39.81 127.75 -21.14
C HIS B 264 40.25 126.29 -21.25
N PHE B 265 41.52 126.05 -21.60
CA PHE B 265 42.14 124.73 -21.65
C PHE B 265 42.59 124.31 -20.26
N PHE B 266 41.68 123.70 -19.53
CA PHE B 266 41.91 123.24 -18.16
C PHE B 266 42.66 121.91 -18.09
N MET B 267 43.02 121.51 -16.88
CA MET B 267 43.87 120.38 -16.56
C MET B 267 43.35 119.76 -15.25
N PRO B 268 42.63 118.63 -15.27
CA PRO B 268 41.93 118.13 -14.10
C PRO B 268 42.79 117.29 -13.17
N GLY B 269 42.30 117.03 -11.96
CA GLY B 269 42.87 116.12 -10.98
C GLY B 269 41.83 115.66 -9.96
N PHE B 270 42.19 114.67 -9.14
CA PHE B 270 41.28 114.06 -8.18
C PHE B 270 42.03 113.63 -6.91
N ALA B 271 41.37 113.69 -5.77
CA ALA B 271 41.85 113.22 -4.47
C ALA B 271 40.69 112.68 -3.64
N PRO B 272 40.91 111.80 -2.67
CA PRO B 272 42.14 111.09 -2.38
C PRO B 272 42.39 109.98 -3.40
N LEU B 273 43.63 109.81 -3.85
CA LEU B 273 44.10 108.60 -4.51
C LEU B 273 45.15 107.95 -3.63
N THR B 274 45.00 106.68 -3.29
CA THR B 274 45.92 105.96 -2.39
C THR B 274 46.31 104.62 -2.99
N SER B 275 47.53 104.19 -2.77
CA SER B 275 47.95 102.83 -3.10
C SER B 275 47.00 101.83 -2.42
N ARG B 276 46.46 100.87 -3.17
CA ARG B 276 45.39 99.98 -2.70
C ARG B 276 45.70 99.27 -1.38
N GLY B 277 46.96 98.87 -1.17
CA GLY B 277 47.43 98.22 0.04
C GLY B 277 47.73 99.14 1.23
N SER B 278 47.56 100.46 1.09
CA SER B 278 47.99 101.45 2.07
C SER B 278 46.87 102.25 2.72
N GLN B 279 45.61 102.07 2.37
CA GLN B 279 44.55 102.99 2.81
C GLN B 279 44.41 103.11 4.33
N GLN B 280 44.50 102.01 5.09
CA GLN B 280 44.34 102.04 6.55
C GLN B 280 45.34 102.93 7.31
N TYR B 281 46.46 103.28 6.70
CA TYR B 281 47.50 104.10 7.33
C TYR B 281 47.32 105.60 7.07
N ARG B 282 46.42 105.99 6.15
CA ARG B 282 46.21 107.38 5.73
C ARG B 282 45.05 108.03 6.49
N ALA B 283 45.21 109.27 6.94
CA ALA B 283 44.13 110.06 7.48
C ALA B 283 43.42 110.88 6.39
N LEU B 284 42.18 110.55 6.03
CA LEU B 284 41.39 111.36 5.09
C LEU B 284 40.96 112.65 5.79
N THR B 285 41.47 113.78 5.34
CA THR B 285 41.13 115.09 5.88
C THR B 285 41.58 116.21 4.94
N VAL B 286 40.97 117.39 5.02
CA VAL B 286 41.17 118.51 4.08
C VAL B 286 42.64 118.88 3.82
N PRO B 287 43.57 118.95 4.78
CA PRO B 287 44.96 119.26 4.48
C PRO B 287 45.73 118.12 3.79
N GLU B 288 45.31 116.86 3.91
CA GLU B 288 45.92 115.78 3.12
C GLU B 288 45.35 115.74 1.71
N LEU B 289 44.03 115.93 1.56
CA LEU B 289 43.41 116.13 0.25
C LEU B 289 44.08 117.30 -0.47
N THR B 290 44.39 118.39 0.22
CA THR B 290 45.09 119.53 -0.37
C THR B 290 46.53 119.20 -0.79
N GLN B 291 47.34 118.57 0.06
CA GLN B 291 48.74 118.23 -0.26
C GLN B 291 48.89 117.18 -1.36
N GLN B 292 47.84 116.42 -1.67
CA GLN B 292 47.76 115.58 -2.88
C GLN B 292 47.30 116.39 -4.09
N MET B 293 46.16 117.07 -3.98
CA MET B 293 45.49 117.80 -5.03
C MET B 293 46.38 118.82 -5.73
N PHE B 294 47.16 119.61 -4.98
CA PHE B 294 48.02 120.65 -5.53
C PHE B 294 49.44 120.18 -5.88
N ASP B 295 49.72 118.88 -5.91
CA ASP B 295 51.04 118.34 -6.26
C ASP B 295 51.07 117.81 -7.70
N ALA B 296 52.15 118.14 -8.38
CA ALA B 296 52.42 117.99 -9.81
C ALA B 296 52.23 116.57 -10.34
N LYS B 297 52.38 115.55 -9.47
CA LYS B 297 52.14 114.14 -9.81
C LYS B 297 50.67 113.76 -9.95
N ASN B 298 49.74 114.54 -9.40
CA ASN B 298 48.31 114.22 -9.40
C ASN B 298 47.55 114.69 -10.66
N MET B 299 47.98 115.75 -11.34
CA MET B 299 47.28 116.32 -12.50
C MET B 299 47.32 115.39 -13.72
N MET B 300 46.23 115.33 -14.47
CA MET B 300 45.99 114.40 -15.58
C MET B 300 46.44 114.89 -16.97
N ALA B 301 47.33 115.89 -17.03
CA ALA B 301 48.06 116.27 -18.23
C ALA B 301 49.57 116.30 -17.94
N ALA B 302 50.42 116.04 -18.94
CA ALA B 302 51.87 115.88 -18.72
C ALA B 302 52.58 117.15 -18.20
N CYS B 303 51.96 118.32 -18.34
CA CYS B 303 52.48 119.59 -17.86
C CYS B 303 52.76 119.55 -16.35
N ASP B 304 54.01 119.76 -15.97
CA ASP B 304 54.31 120.09 -14.59
C ASP B 304 53.93 121.55 -14.35
N PRO B 305 53.01 121.87 -13.42
CA PRO B 305 52.65 123.25 -13.16
C PRO B 305 53.82 124.10 -12.69
N ARG B 306 54.91 123.51 -12.20
CA ARG B 306 56.15 124.23 -11.85
C ARG B 306 56.87 124.81 -13.08
N HIS B 307 56.43 124.51 -14.29
CA HIS B 307 56.88 125.15 -15.55
C HIS B 307 56.02 126.36 -15.98
N GLY B 308 55.07 126.79 -15.18
CA GLY B 308 54.22 127.96 -15.45
C GLY B 308 53.74 128.65 -14.19
N ARG B 309 52.57 129.30 -14.26
CA ARG B 309 51.80 129.82 -13.14
C ARG B 309 50.33 129.47 -13.38
N TYR B 310 49.53 129.21 -12.36
CA TYR B 310 48.09 129.12 -12.50
C TYR B 310 47.46 130.51 -12.72
N LEU B 311 46.43 130.57 -13.55
CA LEU B 311 45.54 131.72 -13.65
C LEU B 311 44.49 131.61 -12.55
N THR B 312 43.68 130.56 -12.63
CA THR B 312 42.70 130.15 -11.63
C THR B 312 42.83 128.66 -11.37
N VAL B 313 42.58 128.23 -10.14
CA VAL B 313 42.31 126.84 -9.79
C VAL B 313 40.92 126.78 -9.19
N ALA B 314 40.12 125.77 -9.50
CA ALA B 314 38.90 125.47 -8.76
C ALA B 314 39.07 124.15 -8.00
N ALA B 315 38.81 124.18 -6.70
CA ALA B 315 38.76 122.98 -5.89
C ALA B 315 37.31 122.68 -5.47
N ILE B 316 36.66 121.71 -6.13
CA ILE B 316 35.29 121.28 -5.84
C ILE B 316 35.37 120.11 -4.86
N PHE B 317 35.30 120.44 -3.57
CA PHE B 317 35.26 119.47 -2.49
C PHE B 317 33.88 118.83 -2.34
N ARG B 318 33.86 117.62 -1.81
CA ARG B 318 32.68 116.86 -1.47
C ARG B 318 32.87 116.22 -0.11
N GLY B 319 31.86 116.24 0.73
CA GLY B 319 31.88 115.65 2.07
C GLY B 319 31.52 116.63 3.18
N ARG B 320 31.34 116.12 4.40
CA ARG B 320 31.09 116.94 5.60
C ARG B 320 32.41 117.52 6.11
N MET B 321 32.66 118.80 5.85
CA MET B 321 33.90 119.48 6.20
C MET B 321 33.69 120.95 6.57
N SER B 322 34.63 121.52 7.31
CA SER B 322 34.60 122.90 7.78
C SER B 322 34.91 123.90 6.66
N MET B 323 34.14 124.97 6.56
CA MET B 323 34.46 126.07 5.66
C MET B 323 35.71 126.84 6.12
N LYS B 324 35.98 126.99 7.42
CA LYS B 324 37.24 127.57 7.90
C LYS B 324 38.41 126.74 7.41
N GLU B 325 38.38 125.42 7.57
CA GLU B 325 39.47 124.54 7.15
C GLU B 325 39.69 124.55 5.64
N VAL B 326 38.62 124.51 4.83
CA VAL B 326 38.75 124.68 3.37
C VAL B 326 39.33 126.04 3.04
N ASP B 327 38.79 127.12 3.59
CA ASP B 327 39.24 128.48 3.25
C ASP B 327 40.68 128.77 3.75
N GLU B 328 41.08 128.19 4.87
CA GLU B 328 42.45 128.15 5.41
C GLU B 328 43.40 127.45 4.45
N GLN B 329 43.08 126.25 3.95
CA GLN B 329 44.03 125.51 3.10
C GLN B 329 44.15 126.13 1.71
N MET B 330 43.05 126.60 1.12
CA MET B 330 43.09 127.28 -0.17
C MET B 330 43.76 128.67 -0.11
N LEU B 331 43.92 129.24 1.08
CA LEU B 331 44.78 130.40 1.34
C LEU B 331 46.24 129.99 1.52
N ASN B 332 46.51 129.00 2.38
CA ASN B 332 47.86 128.56 2.71
C ASN B 332 48.60 128.10 1.46
N VAL B 333 47.94 127.35 0.57
CA VAL B 333 48.54 126.92 -0.70
C VAL B 333 49.02 128.10 -1.51
N GLN B 334 48.18 129.09 -1.83
CA GLN B 334 48.57 130.14 -2.78
C GLN B 334 49.42 131.26 -2.17
N ASN B 335 49.65 131.24 -0.86
CA ASN B 335 50.60 132.13 -0.18
C ASN B 335 51.97 131.46 -0.02
N LYS B 336 52.01 130.18 0.34
CA LYS B 336 53.25 129.39 0.43
C LYS B 336 53.81 128.97 -0.93
N ASN B 337 53.00 128.94 -1.98
CA ASN B 337 53.39 128.68 -3.38
C ASN B 337 53.19 129.92 -4.28
N SER B 338 53.33 131.14 -3.77
CA SER B 338 52.91 132.37 -4.47
C SER B 338 53.61 132.61 -5.83
N SER B 339 54.82 132.10 -6.02
CA SER B 339 55.56 132.10 -7.28
C SER B 339 54.90 131.25 -8.39
N TYR B 340 53.91 130.43 -8.09
CA TYR B 340 53.20 129.58 -9.05
C TYR B 340 51.76 130.03 -9.36
N PHE B 341 51.37 131.24 -8.97
CA PHE B 341 50.07 131.83 -9.27
C PHE B 341 50.26 133.22 -9.87
N VAL B 342 49.42 133.68 -10.80
CA VAL B 342 49.61 135.02 -11.37
C VAL B 342 49.28 136.11 -10.34
N GLU B 343 50.14 137.13 -10.24
CA GLU B 343 50.04 138.14 -9.17
C GLU B 343 49.23 139.39 -9.54
N TRP B 344 48.57 139.40 -10.70
CA TRP B 344 47.55 140.37 -11.09
C TRP B 344 46.12 139.89 -10.83
N ILE B 345 45.94 138.67 -10.30
CA ILE B 345 44.68 138.20 -9.73
C ILE B 345 44.88 138.10 -8.20
N PRO B 346 44.04 138.73 -7.37
CA PRO B 346 44.27 138.84 -5.92
C PRO B 346 43.92 137.57 -5.12
N ASN B 347 43.08 136.70 -5.65
CA ASN B 347 42.85 135.34 -5.18
C ASN B 347 42.66 134.44 -6.39
N ASN B 348 43.48 133.41 -6.52
CA ASN B 348 43.47 132.53 -7.66
C ASN B 348 42.61 131.28 -7.45
N VAL B 349 42.11 130.99 -6.25
CA VAL B 349 41.37 129.75 -5.97
C VAL B 349 39.87 130.03 -5.80
N LYS B 350 39.04 129.38 -6.62
CA LYS B 350 37.60 129.15 -6.41
C LYS B 350 37.43 127.93 -5.54
N THR B 351 36.49 127.95 -4.59
CA THR B 351 36.13 126.76 -3.80
C THR B 351 34.66 126.43 -4.01
N ALA B 352 34.31 125.16 -3.94
CA ALA B 352 32.93 124.71 -3.82
C ALA B 352 32.90 123.51 -2.88
N VAL B 353 31.78 123.28 -2.21
CA VAL B 353 31.66 122.26 -1.16
C VAL B 353 30.29 121.63 -1.27
N CYS B 354 30.25 120.37 -1.68
CA CYS B 354 29.05 119.54 -1.71
C CYS B 354 28.92 118.70 -0.43
N ASP B 355 27.70 118.49 0.06
CA ASP B 355 27.41 117.74 1.28
C ASP B 355 27.48 116.21 1.12
N ILE B 356 27.62 115.70 -0.11
CA ILE B 356 27.52 114.27 -0.46
C ILE B 356 28.81 113.79 -1.12
N PRO B 357 29.72 113.11 -0.38
CA PRO B 357 30.95 112.57 -0.92
C PRO B 357 30.71 111.29 -1.73
N PRO B 358 31.62 110.90 -2.63
CA PRO B 358 31.43 109.72 -3.48
C PRO B 358 31.17 108.46 -2.66
N ARG B 359 30.41 107.50 -3.18
CA ARG B 359 30.06 106.28 -2.44
C ARG B 359 31.32 105.54 -2.01
N GLY B 360 31.52 105.28 -0.71
CA GLY B 360 32.73 104.67 -0.16
C GLY B 360 33.89 105.61 0.18
N LEU B 361 33.80 106.93 0.13
CA LEU B 361 34.83 107.72 0.82
C LEU B 361 34.25 108.93 1.55
N LYS B 362 34.84 109.27 2.70
CA LYS B 362 34.32 110.28 3.64
C LYS B 362 34.39 111.70 3.10
N MET B 363 35.31 111.96 2.19
CA MET B 363 35.52 113.24 1.53
C MET B 363 36.11 112.98 0.15
N SER B 364 36.02 113.93 -0.77
CA SER B 364 36.77 113.90 -2.03
C SER B 364 36.95 115.31 -2.56
N ALA B 365 37.94 115.55 -3.41
CA ALA B 365 38.15 116.82 -4.09
C ALA B 365 38.45 116.59 -5.56
N THR B 366 37.71 117.26 -6.45
CA THR B 366 38.06 117.36 -7.86
C THR B 366 38.71 118.69 -8.10
N PHE B 367 39.89 118.65 -8.71
CA PHE B 367 40.74 119.79 -9.00
C PHE B 367 40.62 120.19 -10.46
N ILE B 368 40.49 121.47 -10.74
CA ILE B 368 40.58 121.99 -12.10
C ILE B 368 41.64 123.07 -12.11
N GLY B 369 42.72 122.87 -12.83
CA GLY B 369 43.75 123.87 -13.02
C GLY B 369 43.57 124.59 -14.35
N ASN B 370 43.68 125.90 -14.35
CA ASN B 370 44.03 126.67 -15.53
C ASN B 370 45.44 127.22 -15.32
N SER B 371 46.41 126.86 -16.15
CA SER B 371 47.80 127.29 -15.97
C SER B 371 48.52 127.52 -17.27
N THR B 372 49.38 128.53 -17.30
CA THR B 372 50.26 128.83 -18.42
C THR B 372 51.19 127.67 -18.77
N ALA B 373 51.40 126.71 -17.86
CA ALA B 373 52.11 125.46 -18.14
C ALA B 373 51.43 124.60 -19.23
N ILE B 374 50.14 124.78 -19.52
CA ILE B 374 49.49 124.09 -20.63
C ILE B 374 50.06 124.47 -22.00
N GLN B 375 50.90 125.53 -22.07
CA GLN B 375 51.68 125.83 -23.26
C GLN B 375 52.54 124.64 -23.69
N GLU B 376 53.04 123.82 -22.77
CA GLU B 376 53.93 122.71 -23.09
C GLU B 376 53.22 121.58 -23.81
N LEU B 377 51.94 121.38 -23.55
CA LEU B 377 51.12 120.38 -24.25
C LEU B 377 50.88 120.82 -25.69
N PHE B 378 50.52 122.08 -25.91
CA PHE B 378 50.36 122.61 -27.27
C PHE B 378 51.68 122.78 -28.02
N LYS B 379 52.79 123.07 -27.33
CA LYS B 379 54.10 123.24 -27.96
C LYS B 379 54.62 121.93 -28.54
N ARG B 380 54.60 120.84 -27.76
CA ARG B 380 55.16 119.56 -28.22
C ARG B 380 54.36 118.92 -29.35
N ILE B 381 53.04 119.09 -29.37
CA ILE B 381 52.24 118.72 -30.54
C ILE B 381 52.62 119.58 -31.73
N SER B 382 52.74 120.91 -31.56
CA SER B 382 53.10 121.83 -32.64
C SER B 382 54.49 121.54 -33.26
N GLU B 383 55.48 121.16 -32.47
CA GLU B 383 56.80 120.75 -32.96
C GLU B 383 56.85 119.35 -33.59
N GLN B 384 56.05 118.38 -33.13
CA GLN B 384 55.88 117.11 -33.87
C GLN B 384 55.17 117.33 -35.22
N PHE B 385 54.12 118.16 -35.25
CA PHE B 385 53.45 118.56 -36.48
C PHE B 385 54.43 119.19 -37.45
N THR B 386 55.22 120.15 -36.98
CA THR B 386 56.15 120.89 -37.82
C THR B 386 57.18 119.98 -38.49
N ALA B 387 57.77 119.04 -37.75
CA ALA B 387 58.81 118.16 -38.28
C ALA B 387 58.31 117.22 -39.38
N MET B 388 57.04 116.80 -39.35
CA MET B 388 56.43 116.07 -40.46
C MET B 388 56.02 116.99 -41.60
N PHE B 389 55.40 118.11 -41.28
CA PHE B 389 54.80 118.99 -42.27
C PHE B 389 55.83 119.70 -43.14
N ARG B 390 57.05 119.99 -42.65
CA ARG B 390 58.10 120.59 -43.50
C ARG B 390 58.44 119.74 -44.72
N ARG B 391 58.19 118.43 -44.67
CA ARG B 391 58.39 117.46 -45.77
C ARG B 391 57.09 116.90 -46.33
N LYS B 392 55.95 117.54 -46.03
CA LYS B 392 54.59 117.20 -46.53
C LYS B 392 54.18 115.74 -46.29
N ALA B 393 54.82 115.05 -45.35
CA ALA B 393 54.61 113.62 -45.16
C ALA B 393 53.16 113.30 -44.83
N PHE B 394 52.62 112.18 -45.31
CA PHE B 394 51.25 111.71 -45.09
C PHE B 394 50.12 112.62 -45.61
N LEU B 395 50.38 113.79 -46.22
CA LEU B 395 49.30 114.73 -46.57
C LEU B 395 48.36 114.25 -47.68
N HIS B 396 48.72 113.23 -48.46
CA HIS B 396 47.84 112.75 -49.53
C HIS B 396 46.58 112.05 -48.99
N TRP B 397 46.62 111.51 -47.77
CA TRP B 397 45.47 110.96 -47.09
C TRP B 397 44.45 112.01 -46.64
N TYR B 398 44.88 113.24 -46.39
CA TYR B 398 44.02 114.36 -46.00
C TYR B 398 43.58 115.19 -47.20
N THR B 399 44.51 115.53 -48.09
CA THR B 399 44.19 116.23 -49.34
C THR B 399 43.37 115.35 -50.28
N GLY B 400 43.43 114.02 -50.16
CA GLY B 400 42.53 113.10 -50.85
C GLY B 400 41.07 113.25 -50.47
N GLU B 401 40.78 113.66 -49.23
CA GLU B 401 39.44 114.04 -48.74
C GLU B 401 39.03 115.48 -49.14
N GLY B 402 39.79 116.14 -50.01
CA GLY B 402 39.55 117.49 -50.50
C GLY B 402 39.99 118.61 -49.56
N MET B 403 40.74 118.31 -48.51
CA MET B 403 41.31 119.29 -47.60
C MET B 403 42.48 120.05 -48.25
N ASP B 404 42.66 121.33 -47.97
CA ASP B 404 43.80 122.10 -48.49
C ASP B 404 45.06 121.94 -47.63
N GLU B 405 46.23 122.08 -48.24
CA GLU B 405 47.48 122.32 -47.50
C GLU B 405 47.38 123.63 -46.68
N MET B 406 46.68 124.63 -47.20
CA MET B 406 46.41 125.88 -46.48
C MET B 406 45.70 125.65 -45.15
N GLU B 407 44.91 124.58 -44.98
CA GLU B 407 44.22 124.36 -43.71
C GLU B 407 45.16 123.84 -42.62
N PHE B 408 46.22 123.13 -43.00
CA PHE B 408 47.28 122.72 -42.10
C PHE B 408 48.10 123.93 -41.65
N THR B 409 48.51 124.76 -42.60
CA THR B 409 49.22 126.02 -42.32
C THR B 409 48.40 126.90 -41.36
N GLU B 410 47.10 127.03 -41.58
CA GLU B 410 46.20 127.84 -40.75
C GLU B 410 45.89 127.20 -39.38
N ALA B 411 45.83 125.88 -39.29
CA ALA B 411 45.70 125.20 -38.00
C ALA B 411 46.94 125.38 -37.11
N GLU B 412 48.15 125.14 -37.63
CA GLU B 412 49.39 125.33 -36.87
C GLU B 412 49.65 126.80 -36.53
N SER B 413 49.15 127.71 -37.36
CA SER B 413 49.16 129.15 -37.08
C SER B 413 48.31 129.49 -35.86
N ASN B 414 47.07 128.99 -35.83
CA ASN B 414 46.16 129.14 -34.69
C ASN B 414 46.62 128.39 -33.42
N MET B 415 47.36 127.29 -33.57
CA MET B 415 48.01 126.61 -32.46
C MET B 415 49.09 127.50 -31.82
N ASN B 416 50.02 128.06 -32.60
CA ASN B 416 51.02 128.99 -32.04
C ASN B 416 50.41 130.25 -31.43
N ASP B 417 49.26 130.71 -31.94
CA ASP B 417 48.50 131.81 -31.34
C ASP B 417 47.94 131.43 -29.96
N LEU B 418 47.49 130.19 -29.76
CA LEU B 418 47.11 129.68 -28.43
C LEU B 418 48.32 129.51 -27.49
N VAL B 419 49.45 129.03 -27.98
CA VAL B 419 50.70 128.96 -27.20
C VAL B 419 51.15 130.34 -26.75
N SER B 420 51.05 131.34 -27.63
CA SER B 420 51.50 132.70 -27.35
C SER B 420 50.65 133.39 -26.29
N GLU B 421 49.34 133.17 -26.27
CA GLU B 421 48.43 133.77 -25.28
C GLU B 421 48.63 133.19 -23.87
N TYR B 422 48.92 131.90 -23.72
CA TYR B 422 49.34 131.39 -22.41
C TYR B 422 50.73 131.86 -22.00
N GLN B 423 51.70 131.86 -22.91
CA GLN B 423 53.05 132.36 -22.62
C GLN B 423 53.10 133.86 -22.31
N GLN B 424 52.15 134.65 -22.80
CA GLN B 424 52.02 136.08 -22.51
C GLN B 424 51.80 136.37 -21.02
N TYR B 425 50.98 135.58 -20.33
CA TYR B 425 50.73 135.78 -18.89
C TYR B 425 51.70 135.04 -17.95
N GLN B 426 52.75 134.42 -18.48
CA GLN B 426 53.76 133.68 -17.72
C GLN B 426 54.43 134.55 -16.66
N MET C 1 -55.51 127.59 -3.43
CA MET C 1 -54.85 128.85 -3.09
C MET C 1 -53.36 128.67 -3.18
N ARG C 2 -52.66 129.58 -3.88
CA ARG C 2 -51.19 129.66 -4.02
C ARG C 2 -50.55 128.52 -4.83
N GLU C 3 -51.25 127.95 -5.79
CA GLU C 3 -50.70 126.93 -6.68
C GLU C 3 -49.63 127.47 -7.66
N CYS C 4 -48.72 126.63 -8.14
CA CYS C 4 -47.87 126.91 -9.31
C CYS C 4 -47.82 125.69 -10.24
N ILE C 5 -48.04 125.89 -11.54
CA ILE C 5 -47.86 124.85 -12.55
C ILE C 5 -46.44 124.94 -13.10
N SER C 6 -45.64 123.88 -12.89
CA SER C 6 -44.24 123.83 -13.33
C SER C 6 -44.12 123.08 -14.65
N VAL C 7 -43.67 123.71 -15.73
CA VAL C 7 -43.55 123.06 -17.04
C VAL C 7 -42.07 122.91 -17.40
N HIS C 8 -41.65 121.65 -17.54
CA HIS C 8 -40.29 121.23 -17.78
C HIS C 8 -40.10 120.75 -19.23
N VAL C 9 -39.37 121.52 -20.04
CA VAL C 9 -39.31 121.35 -21.50
C VAL C 9 -37.92 120.96 -21.99
N GLY C 10 -37.86 120.00 -22.91
CA GLY C 10 -36.62 119.48 -23.48
C GLY C 10 -35.78 118.72 -22.48
N GLN C 11 -34.53 118.36 -22.78
CA GLN C 11 -33.66 117.60 -21.88
C GLN C 11 -33.23 118.42 -20.66
N ALA C 12 -32.74 119.65 -20.84
CA ALA C 12 -32.36 120.51 -19.74
C ALA C 12 -33.50 120.80 -18.76
N GLY C 13 -34.68 121.19 -19.24
CA GLY C 13 -35.82 121.47 -18.38
C GLY C 13 -36.31 120.26 -17.62
N VAL C 14 -36.38 119.10 -18.26
CA VAL C 14 -36.75 117.81 -17.63
C VAL C 14 -35.72 117.38 -16.61
N GLN C 15 -34.42 117.53 -16.87
CA GLN C 15 -33.38 117.12 -15.93
C GLN C 15 -33.23 118.09 -14.74
N ILE C 16 -33.44 119.39 -14.95
CA ILE C 16 -33.64 120.35 -13.85
C ILE C 16 -34.90 119.98 -13.06
N GLY C 17 -35.99 119.61 -13.74
CA GLY C 17 -37.21 119.10 -13.12
C GLY C 17 -36.99 117.88 -12.26
N ASN C 18 -36.22 116.91 -12.74
CA ASN C 18 -35.86 115.73 -11.96
C ASN C 18 -35.00 116.05 -10.71
N SER C 19 -34.40 117.24 -10.62
CA SER C 19 -33.78 117.79 -9.41
C SER C 19 -34.75 118.64 -8.58
N CYS C 20 -35.62 119.45 -9.21
CA CYS C 20 -36.66 120.23 -8.54
C CYS C 20 -37.59 119.32 -7.75
N TRP C 21 -38.13 118.30 -8.39
CA TRP C 21 -39.06 117.36 -7.75
C TRP C 21 -38.37 116.40 -6.79
N GLU C 22 -37.07 116.14 -6.94
CA GLU C 22 -36.27 115.48 -5.92
C GLU C 22 -36.20 116.32 -4.64
N LEU C 23 -35.98 117.63 -4.77
CA LEU C 23 -35.95 118.56 -3.65
C LEU C 23 -37.33 118.75 -3.02
N TYR C 24 -38.35 119.13 -3.78
CA TYR C 24 -39.68 119.43 -3.23
C TYR C 24 -40.26 118.25 -2.46
N CYS C 25 -40.03 117.02 -2.90
CA CYS C 25 -40.43 115.83 -2.19
C CYS C 25 -39.74 115.71 -0.83
N LEU C 26 -38.44 115.97 -0.72
CA LEU C 26 -37.74 115.97 0.57
C LEU C 26 -38.23 117.09 1.49
N GLU C 27 -38.41 118.27 0.93
CA GLU C 27 -38.72 119.48 1.67
C GLU C 27 -40.13 119.44 2.30
N HIS C 28 -41.09 118.81 1.63
CA HIS C 28 -42.46 118.56 2.09
C HIS C 28 -42.66 117.17 2.72
N GLY C 29 -41.64 116.32 2.76
CA GLY C 29 -41.71 115.00 3.35
C GLY C 29 -42.61 114.01 2.60
N LEU C 30 -42.64 114.10 1.28
CA LEU C 30 -43.35 113.21 0.36
C LEU C 30 -42.38 112.13 -0.12
N GLN C 31 -42.77 110.87 0.01
CA GLN C 31 -42.02 109.71 -0.49
C GLN C 31 -41.93 109.75 -2.03
N PRO C 32 -40.96 109.08 -2.67
CA PRO C 32 -40.89 109.04 -4.12
C PRO C 32 -42.06 108.30 -4.79
N ASP C 33 -42.91 107.57 -4.05
CA ASP C 33 -44.19 107.02 -4.53
C ASP C 33 -45.38 107.98 -4.36
N GLY C 34 -45.13 109.22 -3.95
CA GLY C 34 -46.12 110.26 -3.72
C GLY C 34 -46.86 110.20 -2.39
N THR C 35 -46.64 109.19 -1.53
CA THR C 35 -47.30 109.12 -0.22
C THR C 35 -46.61 109.99 0.85
N MET C 36 -47.27 110.31 1.96
CA MET C 36 -46.74 111.19 3.01
C MET C 36 -47.00 110.63 4.42
N PRO C 37 -46.00 110.06 5.11
CA PRO C 37 -46.15 109.54 6.47
C PRO C 37 -46.25 110.66 7.51
N SER C 38 -46.63 110.32 8.74
CA SER C 38 -46.70 111.23 9.89
C SER C 38 -46.34 110.54 11.21
N ASP C 46 -51.29 120.46 7.11
CA ASP C 46 -50.75 121.77 7.23
C ASP C 46 -50.78 122.59 5.92
N SER C 47 -51.10 121.93 4.80
CA SER C 47 -51.21 122.48 3.44
C SER C 47 -49.99 123.21 2.89
N SER C 48 -48.80 123.03 3.45
CA SER C 48 -47.57 123.63 2.92
C SER C 48 -47.20 123.10 1.53
N PHE C 49 -47.44 121.82 1.26
CA PHE C 49 -47.24 121.16 -0.03
C PHE C 49 -48.18 121.68 -1.14
N GLY C 50 -49.27 122.37 -0.83
CA GLY C 50 -50.35 122.63 -1.78
C GLY C 50 -49.89 123.44 -3.02
N THR C 51 -48.84 124.24 -2.89
CA THR C 51 -48.34 125.04 -4.02
C THR C 51 -47.87 124.15 -5.16
N PHE C 52 -47.25 123.03 -4.83
CA PHE C 52 -46.61 122.11 -5.77
C PHE C 52 -47.31 120.77 -5.90
N PHE C 53 -48.18 120.35 -4.99
CA PHE C 53 -48.81 119.04 -5.09
C PHE C 53 -50.32 119.10 -4.89
N SER C 54 -51.06 118.50 -5.82
CA SER C 54 -52.46 118.13 -5.66
C SER C 54 -52.56 116.89 -4.76
N GLU C 55 -53.51 116.80 -3.83
CA GLU C 55 -53.68 115.64 -2.95
C GLU C 55 -54.93 114.84 -3.33
N THR C 56 -54.80 113.55 -3.62
CA THR C 56 -55.93 112.64 -3.89
C THR C 56 -56.35 111.88 -2.62
N GLY C 57 -57.59 111.41 -2.57
CA GLY C 57 -58.21 110.84 -1.37
C GLY C 57 -57.52 109.60 -0.77
N SER C 58 -56.70 108.90 -1.54
CA SER C 58 -55.84 107.83 -1.06
C SER C 58 -54.71 108.31 -0.14
N GLY C 59 -54.48 109.62 -0.03
CA GLY C 59 -53.34 110.21 0.67
C GLY C 59 -52.07 110.25 -0.18
N LYS C 60 -52.25 110.32 -1.50
CA LYS C 60 -51.19 110.44 -2.51
C LYS C 60 -51.10 111.87 -2.99
N HIS C 61 -49.92 112.46 -2.94
CA HIS C 61 -49.63 113.81 -3.40
C HIS C 61 -48.99 113.72 -4.78
N VAL C 62 -49.67 114.30 -5.78
CA VAL C 62 -49.32 114.25 -7.20
C VAL C 62 -48.84 115.63 -7.61
N PRO C 63 -47.66 115.77 -8.23
CA PRO C 63 -47.09 117.07 -8.53
C PRO C 63 -47.87 117.86 -9.58
N ARG C 64 -47.95 119.18 -9.39
CA ARG C 64 -48.48 120.16 -10.35
C ARG C 64 -47.43 120.48 -11.41
N ALA C 65 -47.02 119.48 -12.16
CA ALA C 65 -45.97 119.56 -13.16
C ALA C 65 -46.37 118.95 -14.48
N VAL C 66 -45.86 119.50 -15.57
CA VAL C 66 -45.92 118.88 -16.90
C VAL C 66 -44.50 118.71 -17.39
N PHE C 67 -44.15 117.52 -17.88
CA PHE C 67 -42.84 117.25 -18.48
C PHE C 67 -43.05 117.02 -19.96
N VAL C 68 -42.37 117.78 -20.82
CA VAL C 68 -42.54 117.72 -22.29
C VAL C 68 -41.21 117.60 -22.99
N ASP C 69 -41.09 116.64 -23.87
CA ASP C 69 -39.93 116.46 -24.74
C ASP C 69 -40.42 115.92 -26.08
N LEU C 70 -39.81 116.33 -27.18
CA LEU C 70 -40.25 115.90 -28.50
C LEU C 70 -39.76 114.49 -28.86
N GLU C 71 -38.73 114.00 -28.16
CA GLU C 71 -38.20 112.64 -28.21
C GLU C 71 -38.41 111.87 -26.88
N GLN C 72 -38.40 110.52 -26.91
CA GLN C 72 -38.83 109.73 -25.76
C GLN C 72 -37.76 109.57 -24.67
N THR C 73 -36.46 109.74 -24.95
CA THR C 73 -35.39 109.09 -24.16
C THR C 73 -35.31 109.53 -22.70
N VAL C 74 -35.38 110.84 -22.45
CA VAL C 74 -35.22 111.44 -21.12
C VAL C 74 -36.46 111.26 -20.27
N ILE C 75 -37.67 111.40 -20.82
CA ILE C 75 -38.90 111.16 -20.08
C ILE C 75 -39.17 109.66 -19.89
N GLY C 76 -38.79 108.77 -20.81
CA GLY C 76 -38.84 107.33 -20.55
C GLY C 76 -37.94 106.91 -19.38
N GLU C 77 -36.90 107.68 -19.08
CA GLU C 77 -36.07 107.47 -17.91
C GLU C 77 -36.76 107.94 -16.62
N ILE C 78 -37.50 109.06 -16.67
CA ILE C 78 -38.37 109.53 -15.58
C ILE C 78 -39.50 108.53 -15.32
N ARG C 79 -40.11 107.97 -16.36
CA ARG C 79 -41.11 106.87 -16.31
C ARG C 79 -40.58 105.51 -15.82
N ASN C 80 -39.29 105.38 -15.52
CA ASN C 80 -38.65 104.10 -15.14
C ASN C 80 -37.84 104.19 -13.84
N GLY C 81 -37.29 105.36 -13.52
CA GLY C 81 -36.52 105.60 -12.30
C GLY C 81 -37.37 105.74 -11.02
N PRO C 82 -36.77 106.19 -9.92
CA PRO C 82 -37.42 106.23 -8.61
C PRO C 82 -38.70 107.06 -8.54
N TYR C 83 -38.89 108.02 -9.45
CA TYR C 83 -40.08 108.87 -9.50
C TYR C 83 -41.18 108.37 -10.45
N ARG C 84 -41.10 107.15 -10.98
CA ARG C 84 -42.14 106.58 -11.86
C ARG C 84 -43.56 106.59 -11.27
N SER C 85 -43.68 106.47 -9.95
CA SER C 85 -44.93 106.48 -9.18
C SER C 85 -45.34 107.87 -8.68
N LEU C 86 -44.51 108.91 -8.83
CA LEU C 86 -44.86 110.25 -8.38
C LEU C 86 -45.84 110.94 -9.34
N PHE C 87 -45.48 110.98 -10.62
CA PHE C 87 -46.19 111.74 -11.64
C PHE C 87 -47.41 111.00 -12.16
N HIS C 88 -48.43 111.76 -12.56
CA HIS C 88 -49.54 111.25 -13.36
C HIS C 88 -49.02 110.82 -14.73
N PRO C 89 -49.33 109.61 -15.22
CA PRO C 89 -48.68 109.06 -16.42
C PRO C 89 -48.93 109.85 -17.70
N GLU C 90 -50.05 110.58 -17.83
CA GLU C 90 -50.33 111.40 -19.02
C GLU C 90 -49.85 112.86 -18.94
N GLN C 91 -49.18 113.28 -17.85
CA GLN C 91 -48.49 114.57 -17.79
C GLN C 91 -46.97 114.47 -17.96
N LEU C 92 -46.47 113.27 -18.18
CA LEU C 92 -45.18 112.98 -18.79
C LEU C 92 -45.41 112.77 -20.31
N ILE C 93 -45.16 113.78 -21.13
CA ILE C 93 -45.62 113.85 -22.53
C ILE C 93 -44.44 113.72 -23.49
N THR C 94 -44.52 112.81 -24.45
CA THR C 94 -43.45 112.54 -25.42
C THR C 94 -43.97 112.45 -26.86
N GLY C 95 -43.17 112.91 -27.81
CA GLY C 95 -43.30 112.62 -29.23
C GLY C 95 -42.42 111.44 -29.69
N LYS C 96 -42.43 111.19 -31.00
CA LYS C 96 -41.58 110.21 -31.69
C LYS C 96 -40.22 110.78 -32.12
N GLU C 97 -40.17 112.06 -32.50
CA GLU C 97 -39.11 112.67 -33.29
C GLU C 97 -38.39 113.80 -32.53
N ASP C 98 -37.08 113.68 -32.40
CA ASP C 98 -36.19 114.69 -31.85
C ASP C 98 -36.28 116.02 -32.64
N ALA C 99 -36.14 117.17 -31.97
CA ALA C 99 -36.09 118.50 -32.59
C ALA C 99 -34.72 118.90 -33.20
N ALA C 100 -33.69 118.08 -33.04
CA ALA C 100 -32.41 118.15 -33.73
C ALA C 100 -31.61 119.44 -33.51
N ASN C 101 -31.77 120.12 -32.38
CA ASN C 101 -31.20 121.44 -32.11
C ASN C 101 -31.60 122.47 -33.17
N ASN C 102 -32.78 122.29 -33.77
CA ASN C 102 -33.32 123.16 -34.78
C ASN C 102 -34.59 123.82 -34.23
N TYR C 103 -34.56 125.14 -33.99
CA TYR C 103 -35.73 125.90 -33.52
C TYR C 103 -36.99 125.62 -34.33
N ALA C 104 -36.85 125.52 -35.65
CA ALA C 104 -37.99 125.41 -36.54
C ALA C 104 -38.68 124.04 -36.44
N ARG C 105 -37.97 122.96 -36.10
CA ARG C 105 -38.61 121.68 -35.78
C ARG C 105 -39.41 121.79 -34.49
N GLY C 106 -38.86 122.45 -33.48
CA GLY C 106 -39.57 122.63 -32.21
C GLY C 106 -40.85 123.46 -32.37
N HIS C 107 -40.75 124.58 -33.07
CA HIS C 107 -41.82 125.54 -33.22
C HIS C 107 -42.84 125.25 -34.33
N TYR C 108 -42.40 124.89 -35.54
CA TYR C 108 -43.25 124.86 -36.74
C TYR C 108 -43.69 123.45 -37.18
N THR C 109 -42.85 122.43 -36.99
CA THR C 109 -42.99 121.14 -37.70
C THR C 109 -43.31 119.96 -36.78
N ILE C 110 -42.54 119.74 -35.72
CA ILE C 110 -42.69 118.59 -34.82
C ILE C 110 -43.51 118.94 -33.57
N GLY C 111 -43.21 120.06 -32.92
CA GLY C 111 -43.94 120.51 -31.74
C GLY C 111 -45.37 120.94 -32.02
N LYS C 112 -45.64 121.36 -33.26
CA LYS C 112 -46.98 121.60 -33.85
C LYS C 112 -47.96 120.45 -33.64
N GLU C 113 -47.46 119.21 -33.49
CA GLU C 113 -48.30 118.04 -33.25
C GLU C 113 -48.59 117.76 -31.78
N LEU C 114 -47.63 117.96 -30.87
CA LEU C 114 -47.79 117.67 -29.45
C LEU C 114 -48.45 118.81 -28.66
N ILE C 115 -48.45 120.04 -29.16
CA ILE C 115 -48.87 121.24 -28.42
C ILE C 115 -50.29 121.18 -27.86
N ASP C 116 -51.27 120.72 -28.64
CA ASP C 116 -52.67 120.68 -28.20
C ASP C 116 -52.94 119.57 -27.16
N SER C 117 -52.02 118.62 -26.99
CA SER C 117 -51.99 117.67 -25.89
C SER C 117 -51.28 118.26 -24.67
N VAL C 118 -50.23 119.04 -24.84
CA VAL C 118 -49.55 119.75 -23.75
C VAL C 118 -50.49 120.75 -23.08
N LEU C 119 -51.24 121.52 -23.86
CA LEU C 119 -52.22 122.45 -23.35
C LEU C 119 -53.35 121.77 -22.58
N ASP C 120 -53.78 120.58 -23.02
CA ASP C 120 -54.87 119.85 -22.39
C ASP C 120 -54.54 119.39 -20.96
N ARG C 121 -53.29 118.97 -20.74
CA ARG C 121 -52.75 118.74 -19.39
C ARG C 121 -52.64 120.00 -18.56
N VAL C 122 -52.18 121.11 -19.12
CA VAL C 122 -52.07 122.37 -18.38
C VAL C 122 -53.47 122.87 -17.99
N ARG C 123 -54.47 122.75 -18.85
CA ARG C 123 -55.89 123.01 -18.54
C ARG C 123 -56.40 122.12 -17.39
N LYS C 124 -56.19 120.80 -17.45
CA LYS C 124 -56.57 119.87 -16.37
C LYS C 124 -55.81 120.11 -15.05
N MET C 125 -54.65 120.77 -15.06
CA MET C 125 -53.97 121.20 -13.83
C MET C 125 -54.51 122.53 -13.30
N ALA C 126 -54.73 123.51 -14.16
CA ALA C 126 -55.25 124.81 -13.79
C ALA C 126 -56.67 124.72 -13.24
N ASP C 127 -57.51 123.85 -13.79
CA ASP C 127 -58.85 123.57 -13.25
C ASP C 127 -58.87 122.89 -11.87
N GLN C 128 -57.75 122.34 -11.40
CA GLN C 128 -57.55 121.85 -10.03
C GLN C 128 -56.97 122.91 -9.08
N CYS C 129 -56.51 124.06 -9.58
CA CYS C 129 -56.07 125.19 -8.78
C CYS C 129 -57.24 126.08 -8.36
N SER C 130 -57.03 126.87 -7.31
CA SER C 130 -57.97 127.88 -6.81
C SER C 130 -57.17 129.12 -6.47
N GLY C 131 -57.10 130.09 -7.36
CA GLY C 131 -56.10 131.15 -7.27
C GLY C 131 -54.69 130.63 -7.56
N LEU C 132 -54.50 130.13 -8.78
CA LEU C 132 -53.21 129.78 -9.37
C LEU C 132 -52.29 131.02 -9.36
N GLN C 133 -51.10 130.91 -8.82
CA GLN C 133 -50.19 132.02 -8.61
C GLN C 133 -49.43 132.39 -9.88
N GLY C 134 -49.06 131.39 -10.68
CA GLY C 134 -48.32 131.55 -11.93
C GLY C 134 -47.83 130.22 -12.49
N PHE C 135 -46.95 130.32 -13.50
CA PHE C 135 -46.26 129.22 -14.16
C PHE C 135 -44.77 129.28 -13.89
N LEU C 136 -44.11 128.15 -13.68
CA LEU C 136 -42.66 128.06 -13.59
C LEU C 136 -42.16 127.24 -14.79
N VAL C 137 -41.59 127.90 -15.80
CA VAL C 137 -41.21 127.24 -17.07
C VAL C 137 -39.71 127.02 -17.18
N PHE C 138 -39.27 125.76 -17.24
CA PHE C 138 -37.85 125.36 -17.24
C PHE C 138 -37.39 124.86 -18.60
N HIS C 139 -36.31 125.41 -19.14
CA HIS C 139 -35.85 125.07 -20.49
C HIS C 139 -34.39 125.48 -20.78
N SER C 140 -33.87 124.99 -21.90
CA SER C 140 -32.60 125.39 -22.49
C SER C 140 -32.84 126.41 -23.60
N PHE C 141 -32.07 127.50 -23.64
CA PHE C 141 -32.09 128.44 -24.75
C PHE C 141 -31.45 127.87 -26.03
N GLY C 142 -30.54 126.91 -25.89
CA GLY C 142 -29.77 126.35 -26.99
C GLY C 142 -30.41 125.17 -27.71
N GLY C 143 -31.33 124.49 -27.06
CA GLY C 143 -32.07 123.35 -27.61
C GLY C 143 -33.05 123.69 -28.72
N GLY C 144 -33.40 122.71 -29.55
CA GLY C 144 -34.50 122.80 -30.50
C GLY C 144 -35.85 122.72 -29.83
N THR C 145 -36.06 121.77 -28.91
CA THR C 145 -37.26 121.71 -28.06
C THR C 145 -37.26 122.85 -27.05
N GLY C 146 -36.14 123.09 -26.37
CA GLY C 146 -35.93 124.19 -25.46
C GLY C 146 -36.33 125.56 -25.99
N SER C 147 -35.89 125.97 -27.16
CA SER C 147 -36.25 127.25 -27.78
C SER C 147 -37.58 127.22 -28.55
N GLY C 148 -37.74 126.30 -29.49
CA GLY C 148 -38.86 126.24 -30.40
C GLY C 148 -40.14 125.74 -29.77
N PHE C 149 -40.09 124.72 -28.89
CA PHE C 149 -41.31 124.26 -28.26
C PHE C 149 -41.74 125.18 -27.12
N THR C 150 -40.83 125.70 -26.31
CA THR C 150 -41.18 126.69 -25.27
C THR C 150 -41.80 127.93 -25.89
N SER C 151 -41.29 128.40 -27.02
CA SER C 151 -41.83 129.57 -27.71
C SER C 151 -43.19 129.31 -28.37
N LEU C 152 -43.47 128.07 -28.80
CA LEU C 152 -44.79 127.65 -29.23
C LEU C 152 -45.77 127.59 -28.05
N LEU C 153 -45.37 126.96 -26.94
CA LEU C 153 -46.19 126.87 -25.75
C LEU C 153 -46.49 128.22 -25.11
N MET C 154 -45.49 129.07 -24.89
CA MET C 154 -45.70 130.38 -24.26
C MET C 154 -46.66 131.27 -25.04
N GLU C 155 -46.63 131.23 -26.38
CA GLU C 155 -47.56 132.00 -27.21
C GLU C 155 -49.00 131.60 -26.95
N ARG C 156 -49.27 130.32 -26.71
CA ARG C 156 -50.58 129.79 -26.33
C ARG C 156 -50.97 130.15 -24.91
N LEU C 157 -50.09 129.92 -23.93
CA LEU C 157 -50.37 130.28 -22.54
C LEU C 157 -50.59 131.79 -22.35
N SER C 158 -50.00 132.64 -23.17
CA SER C 158 -50.16 134.09 -23.08
C SER C 158 -51.45 134.64 -23.69
N VAL C 159 -52.20 133.85 -24.44
CA VAL C 159 -53.60 134.12 -24.83
C VAL C 159 -54.58 133.36 -23.93
N ASP C 160 -54.26 132.14 -23.52
CA ASP C 160 -55.14 131.34 -22.66
C ASP C 160 -55.19 131.78 -21.19
N TYR C 161 -54.07 132.25 -20.63
CA TYR C 161 -53.91 132.63 -19.22
C TYR C 161 -53.26 134.02 -19.11
N GLY C 162 -53.78 135.01 -19.83
CA GLY C 162 -53.10 136.30 -20.00
C GLY C 162 -52.71 137.05 -18.71
N LYS C 163 -53.51 136.97 -17.65
CA LYS C 163 -53.24 137.63 -16.36
C LYS C 163 -52.13 136.97 -15.54
N LYS C 164 -51.97 135.65 -15.63
CA LYS C 164 -51.13 134.83 -14.75
C LYS C 164 -49.64 135.05 -14.99
N SER C 165 -48.84 135.23 -13.93
CA SER C 165 -47.40 135.47 -14.02
C SER C 165 -46.63 134.27 -14.55
N LYS C 166 -45.83 134.47 -15.61
CA LYS C 166 -45.02 133.42 -16.24
C LYS C 166 -43.55 133.66 -15.89
N LEU C 167 -43.05 132.90 -14.92
CA LEU C 167 -41.66 132.91 -14.49
C LEU C 167 -40.91 131.84 -15.27
N GLU C 168 -39.70 132.16 -15.71
CA GLU C 168 -39.03 131.32 -16.68
C GLU C 168 -37.56 131.15 -16.36
N PHE C 169 -37.12 129.90 -16.25
CA PHE C 169 -35.76 129.55 -15.84
C PHE C 169 -35.02 128.95 -17.03
N SER C 170 -34.02 129.67 -17.51
CA SER C 170 -33.37 129.38 -18.78
C SER C 170 -31.91 129.06 -18.62
N VAL C 171 -31.48 127.89 -19.09
CA VAL C 171 -30.06 127.62 -19.28
C VAL C 171 -29.60 128.24 -20.59
N TYR C 172 -28.75 129.25 -20.51
CA TYR C 172 -28.35 130.19 -21.53
C TYR C 172 -26.92 129.92 -22.01
N PRO C 173 -26.57 130.10 -23.30
CA PRO C 173 -25.19 129.89 -23.78
C PRO C 173 -24.09 130.70 -23.08
N ALA C 174 -22.94 130.07 -22.88
CA ALA C 174 -21.80 130.61 -22.15
C ALA C 174 -20.83 131.43 -23.02
N PRO C 175 -19.85 132.14 -22.43
CA PRO C 175 -18.77 132.75 -23.18
C PRO C 175 -17.95 131.74 -24.00
N ARG C 176 -17.52 130.61 -23.43
CA ARG C 176 -16.63 129.64 -24.08
C ARG C 176 -17.23 128.23 -24.18
N ILE C 177 -17.83 127.72 -23.09
CA ILE C 177 -18.50 126.41 -23.04
C ILE C 177 -19.73 126.39 -23.95
N SER C 178 -19.80 125.42 -24.83
CA SER C 178 -20.93 125.21 -25.72
C SER C 178 -21.01 123.74 -26.10
N THR C 179 -22.21 123.24 -26.40
CA THR C 179 -22.45 121.83 -26.73
C THR C 179 -22.91 121.63 -28.18
N ALA C 180 -23.16 122.72 -28.90
CA ALA C 180 -23.77 122.76 -30.22
C ALA C 180 -23.15 123.88 -31.04
N VAL C 181 -23.18 123.72 -32.35
CA VAL C 181 -22.72 124.75 -33.28
C VAL C 181 -23.80 125.82 -33.46
N VAL C 182 -25.07 125.44 -33.42
CA VAL C 182 -26.24 126.29 -33.70
C VAL C 182 -26.92 126.90 -32.45
N GLU C 183 -26.31 126.75 -31.27
CA GLU C 183 -26.73 127.35 -30.00
C GLU C 183 -27.00 128.88 -30.08
N PRO C 184 -26.20 129.71 -30.80
CA PRO C 184 -26.50 131.13 -31.04
C PRO C 184 -27.77 131.41 -31.84
N TYR C 185 -28.09 130.59 -32.83
CA TYR C 185 -29.30 130.72 -33.63
C TYR C 185 -30.55 130.45 -32.81
N ASN C 186 -30.56 129.37 -32.02
CA ASN C 186 -31.72 129.00 -31.22
C ASN C 186 -31.99 130.02 -30.10
N SER C 187 -30.94 130.55 -29.51
CA SER C 187 -31.05 131.55 -28.45
C SER C 187 -31.58 132.88 -28.92
N ILE C 188 -31.09 133.41 -30.04
CA ILE C 188 -31.56 134.67 -30.61
C ILE C 188 -33.02 134.56 -31.09
N LEU C 189 -33.40 133.46 -31.73
CA LEU C 189 -34.79 133.20 -32.10
C LEU C 189 -35.74 133.10 -30.89
N THR C 190 -35.24 132.74 -29.71
CA THR C 190 -36.00 132.72 -28.45
C THR C 190 -36.28 134.11 -27.87
N THR C 191 -35.51 135.15 -28.19
CA THR C 191 -35.62 136.48 -27.56
C THR C 191 -36.98 137.16 -27.71
N HIS C 192 -37.80 136.80 -28.71
CA HIS C 192 -39.18 137.24 -28.81
C HIS C 192 -40.08 136.63 -27.73
N THR C 193 -39.79 135.39 -27.34
CA THR C 193 -40.56 134.65 -26.35
C THR C 193 -40.43 135.31 -25.00
N THR C 194 -39.19 135.51 -24.55
CA THR C 194 -38.92 136.15 -23.29
C THR C 194 -39.37 137.60 -23.28
N LEU C 195 -39.16 138.39 -24.32
CA LEU C 195 -39.65 139.77 -24.35
C LEU C 195 -41.18 139.88 -24.29
N GLU C 196 -41.93 139.13 -25.11
CA GLU C 196 -43.36 139.36 -25.28
C GLU C 196 -44.25 138.46 -24.41
N HIS C 197 -43.83 137.22 -24.11
CA HIS C 197 -44.65 136.17 -23.49
C HIS C 197 -44.08 135.61 -22.19
N SER C 198 -43.34 136.41 -21.44
CA SER C 198 -42.76 136.07 -20.14
C SER C 198 -42.83 137.28 -19.22
N ASP C 199 -42.85 137.10 -17.91
CA ASP C 199 -42.97 138.20 -16.93
C ASP C 199 -41.72 138.37 -16.07
N CYS C 200 -40.93 137.32 -15.86
CA CYS C 200 -39.63 137.41 -15.21
C CYS C 200 -38.75 136.22 -15.63
N ALA C 201 -37.64 136.49 -16.30
CA ALA C 201 -36.84 135.46 -16.96
C ALA C 201 -35.45 135.34 -16.34
N PHE C 202 -35.21 134.25 -15.62
CA PHE C 202 -33.97 133.95 -14.92
C PHE C 202 -33.00 133.20 -15.83
N MET C 203 -32.11 133.93 -16.46
CA MET C 203 -30.98 133.37 -17.21
C MET C 203 -29.98 132.74 -16.24
N VAL C 204 -29.49 131.55 -16.60
CA VAL C 204 -28.46 130.80 -15.89
C VAL C 204 -27.45 130.28 -16.91
N ASP C 205 -26.20 130.09 -16.53
CA ASP C 205 -25.10 129.69 -17.40
C ASP C 205 -24.35 128.47 -16.84
N ASN C 206 -24.12 127.46 -17.70
CA ASN C 206 -23.39 126.25 -17.32
C ASN C 206 -21.96 126.57 -16.87
N GLU C 207 -21.27 127.50 -17.52
CA GLU C 207 -19.86 127.77 -17.24
C GLU C 207 -19.64 128.52 -15.92
N ALA C 208 -20.59 129.36 -15.53
CA ALA C 208 -20.59 130.05 -14.25
C ALA C 208 -20.84 129.10 -13.08
N ILE C 209 -21.80 128.19 -13.21
CA ILE C 209 -21.99 127.17 -12.18
C ILE C 209 -20.82 126.20 -12.13
N TYR C 210 -20.22 125.82 -13.27
CA TYR C 210 -19.01 125.01 -13.23
C TYR C 210 -17.89 125.67 -12.43
N ASP C 211 -17.74 126.98 -12.48
CA ASP C 211 -16.72 127.71 -11.74
C ASP C 211 -17.09 127.86 -10.24
N ILE C 212 -18.36 128.11 -9.93
CA ILE C 212 -18.89 128.05 -8.56
C ILE C 212 -18.62 126.68 -7.95
N CYS C 213 -18.86 125.59 -8.67
CA CYS C 213 -18.61 124.24 -8.17
C CYS C 213 -17.14 124.05 -7.83
N ASN C 214 -16.24 124.52 -8.69
CA ASN C 214 -14.79 124.39 -8.52
C ASN C 214 -14.28 125.16 -7.29
N ARG C 215 -14.78 126.39 -7.07
CA ARG C 215 -14.27 127.32 -6.04
C ARG C 215 -14.93 127.20 -4.67
N ASN C 216 -16.18 126.79 -4.60
CA ASN C 216 -16.98 126.76 -3.37
C ASN C 216 -17.32 125.36 -2.87
N LEU C 217 -17.64 124.44 -3.76
CA LEU C 217 -17.90 123.03 -3.39
C LEU C 217 -16.62 122.19 -3.42
N ASP C 218 -15.56 122.71 -4.03
CA ASP C 218 -14.28 122.07 -4.29
C ASP C 218 -14.36 120.76 -5.08
N ILE C 219 -15.48 120.50 -5.76
CA ILE C 219 -15.58 119.39 -6.72
C ILE C 219 -14.86 119.78 -8.00
N GLU C 220 -13.86 118.99 -8.37
CA GLU C 220 -12.92 119.35 -9.46
C GLU C 220 -13.53 119.20 -10.86
N ARG C 221 -14.44 118.22 -11.02
CA ARG C 221 -15.04 117.75 -12.27
C ARG C 221 -16.54 117.43 -12.13
N PRO C 222 -17.46 118.40 -12.08
CA PRO C 222 -18.89 118.15 -11.92
C PRO C 222 -19.62 117.69 -13.19
N SER C 223 -20.69 116.95 -12.99
CA SER C 223 -21.69 116.54 -13.98
C SER C 223 -22.82 117.57 -14.08
N TYR C 224 -23.87 117.28 -14.86
CA TYR C 224 -25.09 118.06 -14.78
C TYR C 224 -25.90 117.84 -13.50
N THR C 225 -25.78 116.69 -12.82
CA THR C 225 -26.54 116.51 -11.57
C THR C 225 -26.13 117.55 -10.53
N ASN C 226 -24.85 117.95 -10.52
CA ASN C 226 -24.36 119.00 -9.63
C ASN C 226 -24.91 120.39 -9.98
N LEU C 227 -25.11 120.69 -11.25
CA LEU C 227 -25.69 121.97 -11.70
C LEU C 227 -27.17 122.05 -11.36
N ASN C 228 -27.91 121.00 -11.69
CA ASN C 228 -29.35 120.97 -11.49
C ASN C 228 -29.72 121.05 -10.00
N ARG C 229 -28.91 120.47 -9.13
CA ARG C 229 -29.06 120.62 -7.68
C ARG C 229 -28.79 122.02 -7.16
N LEU C 230 -28.13 122.90 -7.89
CA LEU C 230 -28.06 124.35 -7.58
C LEU C 230 -29.24 125.13 -8.18
N ILE C 231 -29.64 124.80 -9.40
CA ILE C 231 -30.72 125.51 -10.10
C ILE C 231 -32.07 125.26 -9.44
N ALA C 232 -32.32 124.05 -8.95
CA ALA C 232 -33.53 123.74 -8.17
C ALA C 232 -33.54 124.46 -6.83
N GLN C 233 -32.39 124.58 -6.16
CA GLN C 233 -32.29 125.23 -4.87
C GLN C 233 -32.73 126.70 -4.92
N ILE C 234 -32.42 127.41 -6.01
CA ILE C 234 -32.91 128.77 -6.23
C ILE C 234 -34.44 128.81 -6.34
N VAL C 235 -35.07 127.90 -7.09
CA VAL C 235 -36.54 127.92 -7.23
C VAL C 235 -37.25 127.50 -5.95
N SER C 236 -36.68 126.61 -5.16
CA SER C 236 -37.19 126.36 -3.81
C SER C 236 -37.20 127.64 -2.99
N SER C 237 -36.18 128.47 -3.10
CA SER C 237 -36.05 129.72 -2.36
C SER C 237 -36.94 130.85 -2.90
N ILE C 238 -37.19 130.91 -4.21
CA ILE C 238 -38.19 131.81 -4.80
C ILE C 238 -39.59 131.41 -4.33
N THR C 239 -39.89 130.13 -4.29
CA THR C 239 -41.21 129.63 -3.87
C THR C 239 -41.37 129.50 -2.36
N ALA C 240 -40.32 129.60 -1.55
CA ALA C 240 -40.42 129.33 -0.11
C ALA C 240 -41.47 130.20 0.59
N SER C 241 -41.59 131.48 0.23
CA SER C 241 -42.63 132.36 0.78
C SER C 241 -44.06 132.00 0.39
N LEU C 242 -44.23 131.22 -0.66
CA LEU C 242 -45.52 130.71 -1.10
C LEU C 242 -45.92 129.46 -0.30
N ARG C 243 -44.92 128.74 0.22
CA ARG C 243 -45.01 127.41 0.84
C ARG C 243 -44.96 127.43 2.38
N PHE C 244 -44.38 128.45 3.00
CA PHE C 244 -43.98 128.42 4.42
C PHE C 244 -44.26 129.71 5.19
N ASP C 245 -44.18 129.65 6.53
CA ASP C 245 -44.23 130.84 7.37
C ASP C 245 -42.90 131.61 7.36
N GLY C 246 -42.96 132.92 7.51
CA GLY C 246 -41.82 133.82 7.53
C GLY C 246 -42.09 135.13 8.25
N ALA C 247 -41.05 135.90 8.53
CA ALA C 247 -41.17 137.23 9.12
C ALA C 247 -41.67 138.26 8.10
N LEU C 248 -41.25 138.10 6.84
CA LEU C 248 -41.52 138.99 5.71
C LEU C 248 -41.74 138.13 4.45
N ASN C 249 -42.84 137.38 4.38
CA ASN C 249 -43.15 136.56 3.21
C ASN C 249 -43.37 137.43 1.96
N VAL C 250 -42.92 136.96 0.80
CA VAL C 250 -42.99 137.66 -0.49
C VAL C 250 -43.92 136.91 -1.45
N ASP C 251 -44.98 137.56 -1.91
CA ASP C 251 -45.87 137.04 -2.94
C ASP C 251 -45.20 137.01 -4.34
N LEU C 252 -45.60 136.11 -5.23
CA LEU C 252 -44.98 135.99 -6.55
C LEU C 252 -45.12 137.25 -7.43
N THR C 253 -46.13 138.10 -7.20
CA THR C 253 -46.29 139.43 -7.83
C THR C 253 -45.68 140.57 -7.04
N GLU C 254 -45.60 140.46 -5.71
CA GLU C 254 -44.83 141.36 -4.86
C GLU C 254 -43.36 141.36 -5.23
N PHE C 255 -42.83 140.18 -5.54
CA PHE C 255 -41.52 139.95 -6.10
C PHE C 255 -41.30 140.76 -7.37
N GLN C 256 -42.18 140.62 -8.36
CA GLN C 256 -42.12 141.33 -9.64
C GLN C 256 -42.29 142.85 -9.49
N THR C 257 -43.14 143.34 -8.61
CA THR C 257 -43.33 144.79 -8.38
C THR C 257 -42.07 145.48 -7.85
N ASN C 258 -41.14 144.76 -7.23
CA ASN C 258 -39.85 145.26 -6.77
C ASN C 258 -38.68 144.92 -7.71
N LEU C 259 -38.72 143.80 -8.43
CA LEU C 259 -37.69 143.42 -9.39
C LEU C 259 -37.74 144.23 -10.68
N VAL C 260 -38.93 144.47 -11.23
CA VAL C 260 -39.12 144.92 -12.60
C VAL C 260 -39.43 146.42 -12.64
N PRO C 261 -38.47 147.30 -12.99
CA PRO C 261 -38.70 148.74 -13.05
C PRO C 261 -39.47 149.20 -14.28
N TYR C 262 -39.37 148.48 -15.39
CA TYR C 262 -39.97 148.85 -16.68
C TYR C 262 -40.49 147.58 -17.36
N PRO C 263 -41.51 147.65 -18.21
CA PRO C 263 -42.18 146.46 -18.74
C PRO C 263 -41.25 145.43 -19.37
N ARG C 264 -40.17 145.86 -20.06
CA ARG C 264 -39.28 144.93 -20.78
C ARG C 264 -38.01 144.56 -20.02
N ILE C 265 -37.83 145.11 -18.81
CA ILE C 265 -36.60 145.02 -18.01
C ILE C 265 -36.82 144.04 -16.87
N HIS C 266 -36.98 142.78 -17.26
CA HIS C 266 -37.42 141.69 -16.40
C HIS C 266 -36.49 140.48 -16.48
N PHE C 267 -35.21 140.73 -16.79
CA PHE C 267 -34.14 139.75 -16.85
C PHE C 267 -33.17 139.92 -15.66
N PRO C 268 -33.55 139.52 -14.45
CA PRO C 268 -32.64 139.56 -13.32
C PRO C 268 -31.58 138.47 -13.41
N LEU C 269 -30.41 138.75 -12.87
CA LEU C 269 -29.48 137.73 -12.41
C LEU C 269 -30.07 137.03 -11.18
N VAL C 270 -29.55 135.85 -10.89
CA VAL C 270 -29.80 135.11 -9.66
C VAL C 270 -28.48 134.60 -9.10
N THR C 271 -28.40 134.48 -7.78
CA THR C 271 -27.29 133.89 -7.05
C THR C 271 -27.79 133.32 -5.73
N TYR C 272 -27.05 132.41 -5.13
CA TYR C 272 -27.40 131.72 -3.89
C TYR C 272 -26.19 131.72 -2.97
N SER C 273 -26.39 131.90 -1.66
CA SER C 273 -25.33 131.77 -0.69
C SER C 273 -25.85 131.17 0.62
N PRO C 274 -25.01 130.43 1.34
CA PRO C 274 -23.68 130.01 0.96
C PRO C 274 -23.72 128.74 0.10
N ILE C 275 -23.10 128.76 -1.08
CA ILE C 275 -22.70 127.49 -1.70
C ILE C 275 -21.48 127.00 -0.95
N ILE C 276 -21.53 125.84 -0.31
CA ILE C 276 -20.45 125.40 0.58
C ILE C 276 -20.43 123.88 0.74
N SER C 277 -19.25 123.27 0.88
CA SER C 277 -19.12 121.84 1.17
C SER C 277 -18.99 121.56 2.67
N ALA C 278 -19.17 120.32 3.08
CA ALA C 278 -18.98 119.90 4.46
C ALA C 278 -17.52 120.03 4.96
N GLU C 279 -16.54 120.23 4.08
CA GLU C 279 -15.15 120.46 4.49
C GLU C 279 -14.95 121.82 5.14
N LYS C 280 -15.75 122.82 4.74
CA LYS C 280 -15.59 124.23 5.11
C LYS C 280 -16.74 124.79 5.95
N ALA C 281 -17.94 124.24 5.82
CA ALA C 281 -19.12 124.77 6.52
C ALA C 281 -18.99 124.77 8.05
N TYR C 282 -18.17 123.90 8.63
CA TYR C 282 -17.87 123.85 10.06
C TYR C 282 -16.75 124.80 10.51
N HIS C 283 -16.12 125.58 9.62
CA HIS C 283 -15.06 126.53 9.95
C HIS C 283 -15.39 127.98 9.60
N GLU C 284 -16.18 128.22 8.56
CA GLU C 284 -16.78 129.52 8.26
C GLU C 284 -17.83 129.90 9.33
N GLN C 285 -18.02 131.19 9.61
CA GLN C 285 -19.12 131.59 10.49
C GLN C 285 -20.50 131.48 9.82
N LEU C 286 -20.63 131.78 8.52
CA LEU C 286 -21.92 131.83 7.84
C LEU C 286 -22.94 132.71 8.59
N SER C 287 -22.46 133.81 9.16
CA SER C 287 -23.29 134.87 9.71
C SER C 287 -24.07 135.56 8.58
N VAL C 288 -25.16 136.24 8.93
CA VAL C 288 -25.98 136.94 7.94
C VAL C 288 -25.19 137.97 7.15
N PRO C 289 -24.22 138.66 7.77
CA PRO C 289 -23.37 139.61 7.08
C PRO C 289 -22.55 138.95 5.95
N GLU C 290 -21.99 137.77 6.18
CA GLU C 290 -21.14 137.09 5.19
C GLU C 290 -21.94 136.57 4.00
N ILE C 291 -23.05 135.88 4.24
CA ILE C 291 -23.86 135.33 3.16
C ILE C 291 -24.60 136.42 2.38
N THR C 292 -24.83 137.60 2.94
CA THR C 292 -25.30 138.76 2.18
C THR C 292 -24.19 139.27 1.26
N ASN C 293 -22.99 139.50 1.78
CA ASN C 293 -21.85 139.99 1.00
C ASN C 293 -21.43 139.02 -0.12
N ALA C 294 -21.54 137.71 0.10
CA ALA C 294 -21.26 136.71 -0.92
C ALA C 294 -22.09 136.89 -2.19
N CYS C 295 -23.32 137.40 -2.10
CA CYS C 295 -24.18 137.61 -3.26
C CYS C 295 -23.71 138.75 -4.17
N PHE C 296 -22.86 139.64 -3.69
CA PHE C 296 -22.32 140.75 -4.49
C PHE C 296 -20.95 140.45 -5.09
N GLU C 297 -20.35 139.31 -4.80
CA GLU C 297 -19.11 138.88 -5.44
C GLU C 297 -19.38 138.44 -6.90
N TYR C 298 -18.62 138.89 -7.90
CA TYR C 298 -18.64 138.33 -9.27
C TYR C 298 -18.47 136.80 -9.28
N SER C 299 -17.70 136.29 -8.31
CA SER C 299 -17.46 134.88 -8.10
C SER C 299 -18.72 134.02 -7.88
N ASN C 300 -19.86 134.57 -7.49
CA ASN C 300 -21.06 133.77 -7.21
C ASN C 300 -22.22 134.05 -8.18
N GLN C 301 -22.04 134.90 -9.18
CA GLN C 301 -23.07 135.14 -10.19
C GLN C 301 -23.16 133.94 -11.12
N MET C 302 -24.38 133.46 -11.41
CA MET C 302 -24.62 132.28 -12.25
C MET C 302 -24.83 132.62 -13.74
N VAL C 303 -24.31 133.76 -14.20
CA VAL C 303 -24.10 134.14 -15.61
C VAL C 303 -22.71 134.75 -15.67
N LYS C 304 -21.85 134.37 -16.62
CA LYS C 304 -20.50 134.94 -16.74
C LYS C 304 -20.51 136.35 -17.31
N CYS C 305 -20.89 137.30 -16.46
CA CYS C 305 -20.79 138.74 -16.64
C CYS C 305 -20.41 139.37 -15.28
N ASP C 306 -19.79 140.55 -15.28
CA ASP C 306 -19.30 141.20 -14.06
C ASP C 306 -20.29 142.28 -13.62
N PRO C 307 -20.95 142.18 -12.45
CA PRO C 307 -21.90 143.19 -11.99
C PRO C 307 -21.31 144.60 -11.82
N ARG C 308 -20.00 144.70 -11.66
CA ARG C 308 -19.28 145.98 -11.51
C ARG C 308 -19.18 146.75 -12.82
N ARG C 309 -19.34 146.07 -13.96
CA ARG C 309 -19.50 146.70 -15.27
C ARG C 309 -20.94 147.18 -15.51
N GLY C 310 -21.84 147.04 -14.55
CA GLY C 310 -23.21 147.53 -14.61
C GLY C 310 -23.58 148.52 -13.51
N LYS C 311 -24.87 148.82 -13.42
CA LYS C 311 -25.52 149.38 -12.22
C LYS C 311 -26.70 148.53 -11.84
N TYR C 312 -26.90 148.34 -10.55
CA TYR C 312 -28.07 147.67 -10.00
C TYR C 312 -29.30 148.57 -10.10
N MET C 313 -30.41 148.01 -10.56
CA MET C 313 -31.71 148.64 -10.56
C MET C 313 -32.48 148.24 -9.30
N ALA C 314 -32.59 146.96 -9.00
CA ALA C 314 -33.21 146.46 -7.79
C ALA C 314 -32.68 145.08 -7.39
N CYS C 315 -32.61 144.80 -6.09
CA CYS C 315 -32.26 143.48 -5.55
C CYS C 315 -33.39 142.95 -4.67
N CYS C 316 -33.81 141.71 -4.88
CA CYS C 316 -34.59 140.95 -3.92
C CYS C 316 -33.65 140.02 -3.15
N LEU C 317 -33.42 140.31 -1.88
CA LEU C 317 -32.71 139.42 -0.98
C LEU C 317 -33.73 138.52 -0.29
N LEU C 318 -33.89 137.29 -0.75
CA LEU C 318 -34.84 136.31 -0.21
C LEU C 318 -34.13 135.38 0.79
N TYR C 319 -34.06 135.79 2.06
CA TYR C 319 -33.47 134.95 3.11
C TYR C 319 -34.40 133.85 3.56
N ARG C 320 -33.80 132.75 3.99
CA ARG C 320 -34.50 131.63 4.58
C ARG C 320 -33.70 130.95 5.68
N GLY C 321 -34.38 130.35 6.63
CA GLY C 321 -33.77 129.78 7.82
C GLY C 321 -33.67 130.79 8.96
N ASP C 322 -32.68 130.60 9.84
CA ASP C 322 -32.54 131.35 11.09
C ASP C 322 -31.95 132.76 10.88
N VAL C 323 -32.76 133.74 10.48
CA VAL C 323 -32.36 135.15 10.34
C VAL C 323 -33.37 136.11 10.96
N VAL C 324 -32.93 137.32 11.30
CA VAL C 324 -33.73 138.32 12.01
C VAL C 324 -33.63 139.64 11.28
N PRO C 325 -34.71 140.41 11.07
CA PRO C 325 -34.67 141.69 10.36
C PRO C 325 -33.63 142.71 10.85
N LYS C 326 -33.26 142.71 12.14
CA LYS C 326 -32.10 143.44 12.66
C LYS C 326 -30.86 143.20 11.79
N ASP C 327 -30.50 141.92 11.62
CA ASP C 327 -29.27 141.48 10.97
C ASP C 327 -29.26 141.84 9.50
N VAL C 328 -30.41 141.72 8.85
CA VAL C 328 -30.55 142.03 7.43
C VAL C 328 -30.41 143.51 7.18
N ASN C 329 -31.05 144.37 7.98
CA ASN C 329 -30.90 145.81 7.81
C ASN C 329 -29.44 146.24 8.04
N ALA C 330 -28.80 145.73 9.07
CA ALA C 330 -27.39 145.96 9.37
C ALA C 330 -26.44 145.46 8.25
N ALA C 331 -26.81 144.37 7.58
CA ALA C 331 -26.10 143.86 6.41
C ALA C 331 -26.28 144.78 5.20
N ILE C 332 -27.51 145.09 4.76
CA ILE C 332 -27.71 145.93 3.56
C ILE C 332 -27.15 147.34 3.74
N ALA C 333 -27.07 147.84 4.97
CA ALA C 333 -26.36 149.07 5.29
C ALA C 333 -24.88 149.01 4.91
N ALA C 334 -24.18 147.89 5.10
CA ALA C 334 -22.81 147.77 4.60
C ALA C 334 -22.76 147.68 3.08
N ILE C 335 -23.72 147.00 2.44
CA ILE C 335 -23.77 146.97 0.97
C ILE C 335 -23.96 148.38 0.40
N LYS C 336 -24.84 149.21 0.97
CA LYS C 336 -25.00 150.62 0.56
C LYS C 336 -23.75 151.48 0.80
N THR C 337 -22.88 151.08 1.73
CA THR C 337 -21.66 151.81 2.06
C THR C 337 -20.55 151.56 1.04
N ARG C 338 -20.50 150.36 0.44
CA ARG C 338 -19.46 149.94 -0.53
C ARG C 338 -19.65 150.59 -1.92
N ARG C 339 -18.69 151.42 -2.35
CA ARG C 339 -18.75 152.21 -3.60
C ARG C 339 -18.59 151.38 -4.87
N SER C 340 -18.09 150.15 -4.79
CA SER C 340 -18.01 149.21 -5.91
C SER C 340 -19.36 148.60 -6.30
N ILE C 341 -20.34 148.54 -5.39
CA ILE C 341 -21.72 148.06 -5.64
C ILE C 341 -22.60 149.27 -5.97
N GLN C 342 -22.75 149.62 -7.25
CA GLN C 342 -23.41 150.87 -7.64
C GLN C 342 -24.83 150.68 -8.14
N PHE C 343 -25.78 151.28 -7.45
CA PHE C 343 -27.17 151.37 -7.89
C PHE C 343 -27.38 152.56 -8.84
N VAL C 344 -28.45 152.49 -9.62
CA VAL C 344 -28.97 153.61 -10.41
C VAL C 344 -29.44 154.75 -9.51
N ASP C 345 -29.38 155.98 -10.04
CA ASP C 345 -29.76 157.23 -9.36
C ASP C 345 -31.25 157.29 -9.02
N TRP C 346 -32.07 156.57 -9.77
CA TRP C 346 -33.52 156.57 -9.69
C TRP C 346 -34.10 155.45 -8.81
N CYS C 347 -33.28 154.62 -8.17
CA CYS C 347 -33.74 153.61 -7.21
C CYS C 347 -33.06 153.82 -5.86
N PRO C 348 -33.52 154.79 -5.05
CA PRO C 348 -32.87 155.19 -3.82
C PRO C 348 -33.07 154.17 -2.68
N THR C 349 -34.12 153.36 -2.78
CA THR C 349 -34.46 152.27 -1.89
C THR C 349 -33.65 151.01 -2.21
N GLY C 350 -33.61 150.58 -3.46
CA GLY C 350 -32.76 149.50 -3.98
C GLY C 350 -33.15 148.08 -3.60
N PHE C 351 -33.38 147.79 -2.33
CA PHE C 351 -33.53 146.43 -1.78
C PHE C 351 -34.97 146.14 -1.42
N LYS C 352 -35.46 145.00 -1.91
CA LYS C 352 -36.63 144.28 -1.42
C LYS C 352 -36.14 143.10 -0.61
N VAL C 353 -36.58 143.00 0.63
CA VAL C 353 -36.17 141.97 1.57
C VAL C 353 -37.33 141.01 1.78
N GLY C 354 -37.06 139.71 1.69
CA GLY C 354 -37.95 138.64 2.14
C GLY C 354 -37.26 137.80 3.19
N ILE C 355 -37.98 137.32 4.19
CA ILE C 355 -37.42 136.49 5.27
C ILE C 355 -38.39 135.36 5.59
N ASN C 356 -37.94 134.11 5.48
CA ASN C 356 -38.75 132.90 5.65
C ASN C 356 -38.16 131.93 6.68
N TYR C 357 -38.96 131.31 7.55
CA TYR C 357 -38.46 130.54 8.70
C TYR C 357 -37.98 129.11 8.37
N GLN C 358 -38.11 128.66 7.13
CA GLN C 358 -37.76 127.28 6.74
C GLN C 358 -36.32 127.22 6.18
N PRO C 359 -35.36 126.53 6.84
CA PRO C 359 -34.00 126.35 6.35
C PRO C 359 -33.95 125.68 4.97
N PRO C 360 -32.82 125.75 4.26
CA PRO C 360 -32.61 125.03 3.01
C PRO C 360 -32.49 123.52 3.25
N THR C 361 -33.30 122.75 2.55
CA THR C 361 -33.27 121.28 2.60
C THR C 361 -32.06 120.73 1.85
N ALA C 362 -31.27 119.85 2.47
CA ALA C 362 -30.23 119.10 1.78
C ALA C 362 -30.79 117.92 1.02
N VAL C 363 -30.44 117.76 -0.26
CA VAL C 363 -30.59 116.46 -0.92
C VAL C 363 -29.51 115.53 -0.36
N PRO C 364 -29.84 114.35 0.17
CA PRO C 364 -28.89 113.52 0.93
C PRO C 364 -27.67 113.04 0.13
N GLY C 365 -27.82 112.86 -1.19
CA GLY C 365 -26.71 112.46 -2.06
C GLY C 365 -25.79 113.62 -2.49
N GLY C 366 -26.10 114.86 -2.13
CA GLY C 366 -25.52 116.06 -2.72
C GLY C 366 -24.21 116.55 -2.12
N ASP C 367 -23.57 117.47 -2.81
CA ASP C 367 -22.30 118.09 -2.42
C ASP C 367 -22.48 119.28 -1.47
N VAL C 368 -23.62 119.96 -1.59
CA VAL C 368 -23.97 121.21 -0.89
C VAL C 368 -24.40 120.94 0.56
N ALA C 369 -23.71 121.54 1.53
CA ALA C 369 -23.76 121.18 2.94
C ALA C 369 -24.98 121.71 3.70
N LYS C 370 -25.26 121.13 4.88
CA LYS C 370 -26.28 121.62 5.82
C LYS C 370 -25.83 122.93 6.46
N VAL C 371 -26.70 123.93 6.49
CA VAL C 371 -26.39 125.28 6.98
C VAL C 371 -27.62 125.91 7.63
N LEU C 372 -27.45 126.74 8.65
CA LEU C 372 -28.59 127.32 9.36
C LEU C 372 -29.37 128.37 8.54
N ARG C 373 -28.74 128.91 7.50
CA ARG C 373 -29.18 130.07 6.75
C ARG C 373 -28.90 129.89 5.28
N ALA C 374 -29.71 130.50 4.47
CA ALA C 374 -29.36 130.79 3.09
C ALA C 374 -30.05 132.07 2.66
N VAL C 375 -29.55 132.66 1.61
CA VAL C 375 -30.18 133.75 0.87
C VAL C 375 -30.14 133.40 -0.59
N CYS C 376 -31.23 133.64 -1.28
CA CYS C 376 -31.18 133.73 -2.71
C CYS C 376 -31.31 135.22 -3.04
N MET C 377 -30.34 135.77 -3.77
CA MET C 377 -30.44 137.14 -4.26
C MET C 377 -30.80 137.12 -5.74
N LEU C 378 -31.92 137.73 -6.06
CA LEU C 378 -32.38 137.89 -7.43
C LEU C 378 -32.29 139.38 -7.73
N SER C 379 -31.63 139.73 -8.81
CA SER C 379 -31.06 141.06 -8.98
C SER C 379 -31.14 141.61 -10.39
N ASN C 380 -31.93 142.65 -10.60
CA ASN C 380 -32.00 143.34 -11.88
C ASN C 380 -30.84 144.34 -11.98
N THR C 381 -29.95 144.14 -12.94
CA THR C 381 -28.73 144.92 -13.15
C THR C 381 -28.42 145.12 -14.62
N THR C 382 -27.83 146.26 -15.01
CA THR C 382 -27.49 146.56 -16.41
C THR C 382 -26.40 145.64 -16.96
N ALA C 383 -25.61 145.01 -16.09
CA ALA C 383 -24.50 144.15 -16.46
C ALA C 383 -24.89 142.98 -17.36
N ILE C 384 -26.10 142.44 -17.24
CA ILE C 384 -26.52 141.25 -17.97
C ILE C 384 -26.51 141.45 -19.48
N ALA C 385 -26.60 142.69 -19.96
CA ALA C 385 -26.47 143.02 -21.37
C ALA C 385 -25.16 142.55 -22.02
N GLU C 386 -24.11 142.28 -21.26
CA GLU C 386 -22.87 141.72 -21.79
C GLU C 386 -23.04 140.25 -22.18
N ALA C 387 -23.82 139.46 -21.45
CA ALA C 387 -24.14 138.09 -21.85
C ALA C 387 -24.95 138.02 -23.15
N TRP C 388 -25.69 139.07 -23.48
CA TRP C 388 -26.37 139.25 -24.76
C TRP C 388 -25.41 139.76 -25.85
N ALA C 389 -24.51 140.67 -25.52
CA ALA C 389 -23.48 141.16 -26.43
C ALA C 389 -22.47 140.09 -26.85
N ARG C 390 -22.20 139.10 -25.98
CA ARG C 390 -21.40 137.91 -26.34
C ARG C 390 -22.09 137.11 -27.43
N LEU C 391 -23.36 136.77 -27.20
CA LEU C 391 -24.05 135.80 -28.04
C LEU C 391 -24.51 136.37 -29.37
N ASP C 392 -24.90 137.64 -29.44
CA ASP C 392 -25.22 138.26 -30.73
C ASP C 392 -23.98 138.52 -31.61
N HIS C 393 -22.78 138.57 -31.04
CA HIS C 393 -21.51 138.50 -31.78
C HIS C 393 -21.18 137.08 -32.29
N LYS C 394 -21.62 136.01 -31.62
CA LYS C 394 -21.57 134.64 -32.19
C LYS C 394 -22.56 134.46 -33.34
N PHE C 395 -23.77 135.00 -33.19
CA PHE C 395 -24.79 135.00 -34.23
C PHE C 395 -24.33 135.73 -35.49
N ASP C 396 -23.72 136.90 -35.34
CA ASP C 396 -23.31 137.74 -36.47
C ASP C 396 -22.31 137.07 -37.42
N LEU C 397 -21.34 136.32 -36.89
CA LEU C 397 -20.36 135.58 -37.69
C LEU C 397 -20.99 134.49 -38.56
N MET C 398 -22.01 133.80 -38.04
CA MET C 398 -22.70 132.73 -38.74
C MET C 398 -23.76 133.26 -39.70
N TYR C 399 -24.55 134.26 -39.34
CA TYR C 399 -25.56 134.80 -40.22
C TYR C 399 -24.96 135.59 -41.39
N SER C 400 -23.77 136.19 -41.24
CA SER C 400 -23.05 136.80 -42.36
C SER C 400 -22.69 135.80 -43.47
N LYS C 401 -22.59 134.51 -43.16
CA LYS C 401 -22.38 133.42 -44.13
C LYS C 401 -23.66 132.66 -44.48
N ARG C 402 -24.77 132.90 -43.77
CA ARG C 402 -25.98 132.04 -43.71
C ARG C 402 -25.64 130.60 -43.29
N ALA C 403 -24.68 130.46 -42.38
CA ALA C 403 -23.88 129.27 -42.15
C ALA C 403 -24.64 127.96 -41.91
N PHE C 404 -25.82 127.95 -41.30
CA PHE C 404 -26.64 126.73 -41.11
C PHE C 404 -28.12 126.94 -41.50
N VAL C 405 -28.43 128.03 -42.19
CA VAL C 405 -29.80 128.55 -42.35
C VAL C 405 -30.71 127.63 -43.14
N HIS C 406 -30.19 126.78 -44.03
CA HIS C 406 -30.99 125.85 -44.82
C HIS C 406 -31.73 124.79 -43.99
N TRP C 407 -31.26 124.44 -42.81
CA TRP C 407 -31.96 123.51 -41.90
C TRP C 407 -33.22 124.13 -41.28
N TYR C 408 -33.23 125.45 -41.09
CA TYR C 408 -34.35 126.20 -40.52
C TYR C 408 -35.37 126.59 -41.58
N VAL C 409 -34.89 127.10 -42.72
CA VAL C 409 -35.71 127.37 -43.92
C VAL C 409 -36.32 126.09 -44.48
N GLY C 410 -35.61 124.97 -44.40
CA GLY C 410 -36.09 123.66 -44.85
C GLY C 410 -37.21 123.06 -44.00
N GLU C 411 -37.44 123.56 -42.78
CA GLU C 411 -38.47 123.06 -41.84
C GLU C 411 -39.58 124.09 -41.56
N GLY C 412 -39.80 125.00 -42.49
CA GLY C 412 -40.95 125.90 -42.54
C GLY C 412 -40.74 127.29 -41.95
N MET C 413 -39.52 127.69 -41.55
CA MET C 413 -39.27 129.04 -41.07
C MET C 413 -39.03 130.04 -42.20
N GLU C 414 -39.53 131.27 -42.06
CA GLU C 414 -39.18 132.41 -42.92
C GLU C 414 -37.72 132.80 -42.71
N GLU C 415 -36.93 133.01 -43.76
CA GLU C 415 -35.52 133.41 -43.61
C GLU C 415 -35.37 134.77 -42.89
N GLY C 416 -36.32 135.69 -43.12
CA GLY C 416 -36.37 137.00 -42.47
C GLY C 416 -36.53 136.98 -40.95
N GLU C 417 -36.98 135.88 -40.34
CA GLU C 417 -37.09 135.77 -38.88
C GLU C 417 -35.74 135.87 -38.18
N PHE C 418 -34.64 135.47 -38.83
CA PHE C 418 -33.29 135.63 -38.27
C PHE C 418 -32.90 137.09 -38.14
N SER C 419 -33.19 137.92 -39.15
CA SER C 419 -32.97 139.36 -39.11
C SER C 419 -33.90 140.04 -38.10
N GLU C 420 -35.19 139.70 -38.12
CA GLU C 420 -36.21 140.15 -37.17
C GLU C 420 -35.94 139.73 -35.71
N ALA C 421 -35.22 138.64 -35.45
CA ALA C 421 -34.78 138.24 -34.11
C ALA C 421 -33.48 138.94 -33.66
N ARG C 422 -32.50 139.12 -34.54
CA ARG C 422 -31.28 139.88 -34.23
C ARG C 422 -31.57 141.36 -34.00
N GLU C 423 -32.58 141.89 -34.69
CA GLU C 423 -33.12 143.24 -34.56
C GLU C 423 -33.79 143.45 -33.20
N ASP C 424 -34.67 142.54 -32.80
CA ASP C 424 -35.37 142.60 -31.52
C ASP C 424 -34.43 142.39 -30.33
N MET C 425 -33.39 141.56 -30.46
CA MET C 425 -32.35 141.48 -29.45
C MET C 425 -31.57 142.79 -29.31
N ALA C 426 -31.20 143.45 -30.41
CA ALA C 426 -30.54 144.76 -30.37
C ALA C 426 -31.39 145.86 -29.69
N ALA C 427 -32.71 145.81 -29.82
CA ALA C 427 -33.62 146.68 -29.08
C ALA C 427 -33.71 146.35 -27.58
N LEU C 428 -33.55 145.10 -27.14
CA LEU C 428 -33.43 144.77 -25.71
C LEU C 428 -32.05 145.18 -25.15
N GLU C 429 -30.99 144.93 -25.89
CA GLU C 429 -29.64 145.32 -25.48
C GLU C 429 -29.48 146.85 -25.43
N LYS C 430 -30.24 147.59 -26.26
CA LYS C 430 -30.44 149.04 -26.19
C LYS C 430 -31.17 149.45 -24.92
N ASP C 431 -32.31 148.85 -24.60
CA ASP C 431 -33.11 149.17 -23.41
C ASP C 431 -32.32 149.04 -22.09
N TYR C 432 -31.53 147.98 -21.90
CA TYR C 432 -30.70 147.80 -20.70
C TYR C 432 -29.52 148.79 -20.58
N GLU C 433 -29.01 149.29 -21.69
CA GLU C 433 -28.01 150.36 -21.70
C GLU C 433 -28.65 151.73 -21.45
N GLU C 434 -29.84 151.97 -21.99
CA GLU C 434 -30.59 153.23 -21.88
C GLU C 434 -31.01 153.58 -20.44
N VAL C 435 -31.40 152.61 -19.61
CA VAL C 435 -31.90 152.86 -18.24
C VAL C 435 -30.81 153.01 -17.18
N GLY C 436 -29.55 152.76 -17.50
CA GLY C 436 -28.45 152.88 -16.54
C GLY C 436 -28.05 154.32 -16.21
N THR C 437 -28.56 155.30 -16.95
CA THR C 437 -27.99 156.65 -17.04
C THR C 437 -28.55 157.58 -15.96
N MET D 1 -93.78 87.82 6.22
CA MET D 1 -93.78 89.27 6.14
C MET D 1 -92.53 89.72 5.40
N ARG D 2 -92.68 90.60 4.41
CA ARG D 2 -91.61 91.23 3.61
C ARG D 2 -90.82 90.31 2.69
N GLU D 3 -91.42 89.25 2.19
CA GLU D 3 -90.80 88.35 1.23
C GLU D 3 -90.58 88.99 -0.16
N CYS D 4 -89.60 88.51 -0.94
CA CYS D 4 -89.49 88.78 -2.38
C CYS D 4 -89.17 87.49 -3.15
N ILE D 5 -89.92 87.22 -4.22
CA ILE D 5 -89.61 86.11 -5.13
C ILE D 5 -88.72 86.62 -6.26
N SER D 6 -87.50 86.11 -6.35
CA SER D 6 -86.52 86.52 -7.36
C SER D 6 -86.51 85.55 -8.54
N VAL D 7 -86.86 85.98 -9.75
CA VAL D 7 -86.90 85.11 -10.93
C VAL D 7 -85.78 85.49 -11.89
N HIS D 8 -84.88 84.55 -12.12
CA HIS D 8 -83.67 84.68 -12.91
C HIS D 8 -83.80 83.95 -14.25
N VAL D 9 -83.90 84.68 -15.35
CA VAL D 9 -84.29 84.16 -16.68
C VAL D 9 -83.17 84.27 -17.71
N GLY D 10 -82.97 83.21 -18.49
CA GLY D 10 -81.93 83.12 -19.51
C GLY D 10 -80.52 83.09 -18.93
N GLN D 11 -79.47 83.22 -19.74
CA GLN D 11 -78.09 83.18 -19.25
C GLN D 11 -77.71 84.40 -18.41
N ALA D 12 -77.99 85.62 -18.89
CA ALA D 12 -77.73 86.84 -18.13
C ALA D 12 -78.44 86.87 -16.78
N GLY D 13 -79.73 86.58 -16.71
CA GLY D 13 -80.47 86.59 -15.46
C GLY D 13 -79.99 85.54 -14.46
N VAL D 14 -79.69 84.33 -14.93
CA VAL D 14 -79.13 83.25 -14.12
C VAL D 14 -77.74 83.59 -13.63
N GLN D 15 -76.86 84.19 -14.45
CA GLN D 15 -75.50 84.53 -14.05
C GLN D 15 -75.45 85.75 -13.12
N ILE D 16 -76.34 86.74 -13.30
CA ILE D 16 -76.57 87.79 -12.31
C ILE D 16 -77.11 87.16 -11.02
N GLY D 17 -78.03 86.20 -11.11
CA GLY D 17 -78.53 85.43 -9.98
C GLY D 17 -77.44 84.70 -9.22
N ASN D 18 -76.52 84.05 -9.91
CA ASN D 18 -75.36 83.40 -9.30
C ASN D 18 -74.40 84.37 -8.58
N SER D 19 -74.49 85.68 -8.86
CA SER D 19 -73.84 86.75 -8.09
C SER D 19 -74.74 87.32 -6.98
N CYS D 20 -76.04 87.47 -7.22
CA CYS D 20 -77.02 87.90 -6.21
C CYS D 20 -77.02 86.95 -5.03
N TRP D 21 -77.18 85.65 -5.29
CA TRP D 21 -77.21 84.63 -4.23
C TRP D 21 -75.85 84.36 -3.61
N GLU D 22 -74.75 84.64 -4.31
CA GLU D 22 -73.41 84.69 -3.70
C GLU D 22 -73.34 85.79 -2.65
N LEU D 23 -73.86 86.98 -2.96
CA LEU D 23 -73.89 88.12 -2.04
C LEU D 23 -74.85 87.87 -0.88
N TYR D 24 -76.12 87.56 -1.13
CA TYR D 24 -77.13 87.43 -0.07
C TYR D 24 -76.72 86.38 0.96
N CYS D 25 -76.09 85.29 0.54
CA CYS D 25 -75.56 84.28 1.46
C CYS D 25 -74.48 84.85 2.38
N LEU D 26 -73.54 85.64 1.87
CA LEU D 26 -72.53 86.29 2.70
C LEU D 26 -73.14 87.32 3.65
N GLU D 27 -74.08 88.11 3.15
CA GLU D 27 -74.65 89.23 3.87
C GLU D 27 -75.52 88.79 5.06
N HIS D 28 -76.21 87.64 4.93
CA HIS D 28 -77.00 86.98 5.98
C HIS D 28 -76.26 85.88 6.74
N GLY D 29 -75.01 85.58 6.38
CA GLY D 29 -74.20 84.57 7.02
C GLY D 29 -74.68 83.14 6.82
N LEU D 30 -75.23 82.84 5.65
CA LEU D 30 -75.66 81.51 5.21
C LEU D 30 -74.52 80.85 4.44
N GLN D 31 -74.16 79.64 4.81
CA GLN D 31 -73.18 78.81 4.11
C GLN D 31 -73.67 78.44 2.71
N PRO D 32 -72.81 78.09 1.75
CA PRO D 32 -73.25 77.69 0.42
C PRO D 32 -74.03 76.37 0.40
N ASP D 33 -74.09 75.60 1.49
CA ASP D 33 -74.99 74.45 1.66
C ASP D 33 -76.35 74.83 2.29
N GLY D 34 -76.63 76.12 2.44
CA GLY D 34 -77.85 76.67 3.02
C GLY D 34 -77.93 76.67 4.54
N THR D 35 -76.96 76.14 5.28
CA THR D 35 -76.97 76.16 6.75
C THR D 35 -76.48 77.50 7.33
N MET D 36 -76.76 77.81 8.60
CA MET D 36 -76.40 79.09 9.23
C MET D 36 -75.83 78.89 10.65
N PRO D 37 -74.51 79.00 10.86
CA PRO D 37 -73.89 78.86 12.17
C PRO D 37 -74.16 80.08 13.07
N SER D 38 -73.85 79.97 14.37
CA SER D 38 -73.95 81.06 15.36
C SER D 38 -72.85 80.97 16.42
N ASP D 46 -83.16 86.34 14.25
CA ASP D 46 -83.34 87.74 14.03
C ASP D 46 -84.24 88.06 12.82
N SER D 47 -84.56 87.06 12.00
CA SER D 47 -85.41 87.09 10.80
C SER D 47 -84.98 88.09 9.71
N SER D 48 -83.75 88.59 9.70
CA SER D 48 -83.27 89.47 8.63
C SER D 48 -83.21 88.78 7.26
N PHE D 49 -82.86 87.49 7.23
CA PHE D 49 -82.84 86.65 6.03
C PHE D 49 -84.23 86.40 5.42
N GLY D 50 -85.34 86.64 6.14
CA GLY D 50 -86.65 86.14 5.75
C GLY D 50 -87.13 86.68 4.39
N THR D 51 -86.66 87.86 3.97
CA THR D 51 -87.05 88.44 2.69
C THR D 51 -86.65 87.56 1.52
N PHE D 52 -85.47 86.93 1.62
CA PHE D 52 -84.85 86.15 0.57
C PHE D 52 -84.78 84.65 0.85
N PHE D 53 -84.94 84.18 2.07
CA PHE D 53 -84.82 82.76 2.37
C PHE D 53 -85.98 82.24 3.22
N SER D 54 -86.61 81.15 2.76
CA SER D 54 -87.47 80.28 3.55
C SER D 54 -86.61 79.43 4.49
N GLU D 55 -86.98 79.21 5.75
CA GLU D 55 -86.23 78.37 6.69
C GLU D 55 -86.96 77.06 6.96
N THR D 56 -86.31 75.91 6.74
CA THR D 56 -86.85 74.59 7.07
C THR D 56 -86.36 74.11 8.44
N GLY D 57 -87.10 73.19 9.08
CA GLY D 57 -86.87 72.77 10.47
C GLY D 57 -85.50 72.17 10.78
N SER D 58 -84.78 71.68 9.77
CA SER D 58 -83.39 71.24 9.89
C SER D 58 -82.40 72.39 10.19
N GLY D 59 -82.84 73.65 10.08
CA GLY D 59 -81.98 74.83 10.16
C GLY D 59 -81.29 75.15 8.83
N LYS D 60 -81.93 74.79 7.73
CA LYS D 60 -81.51 75.03 6.35
C LYS D 60 -82.33 76.18 5.77
N HIS D 61 -81.67 77.21 5.25
CA HIS D 61 -82.28 78.36 4.61
C HIS D 61 -82.22 78.17 3.11
N VAL D 62 -83.39 78.10 2.49
CA VAL D 62 -83.60 77.81 1.06
C VAL D 62 -84.04 79.10 0.37
N PRO D 63 -83.41 79.54 -0.71
CA PRO D 63 -83.71 80.82 -1.32
C PRO D 63 -85.09 80.89 -1.97
N ARG D 64 -85.75 82.04 -1.87
CA ARG D 64 -86.99 82.40 -2.55
C ARG D 64 -86.69 82.83 -3.99
N ALA D 65 -86.14 81.92 -4.77
CA ALA D 65 -85.70 82.16 -6.13
C ALA D 65 -86.17 81.09 -7.09
N VAL D 66 -86.44 81.47 -8.33
CA VAL D 66 -86.66 80.54 -9.45
C VAL D 66 -85.62 80.85 -10.51
N PHE D 67 -84.92 79.84 -11.01
CA PHE D 67 -83.97 79.98 -12.11
C PHE D 67 -84.56 79.28 -13.33
N VAL D 68 -84.69 79.98 -14.45
CA VAL D 68 -85.32 79.45 -15.67
C VAL D 68 -84.45 79.71 -16.88
N ASP D 69 -84.20 78.68 -17.66
CA ASP D 69 -83.50 78.77 -18.93
C ASP D 69 -84.10 77.73 -19.88
N LEU D 70 -84.21 78.04 -21.16
CA LEU D 70 -84.81 77.11 -22.12
C LEU D 70 -83.84 76.00 -22.55
N GLU D 71 -82.55 76.19 -22.34
CA GLU D 71 -81.46 75.23 -22.53
C GLU D 71 -80.78 74.84 -21.20
N GLN D 72 -80.11 73.67 -21.13
CA GLN D 72 -79.64 73.13 -19.85
C GLN D 72 -78.33 73.74 -19.35
N THR D 73 -77.49 74.34 -20.18
CA THR D 73 -76.04 74.46 -19.92
C THR D 73 -75.67 75.27 -18.68
N VAL D 74 -76.29 76.44 -18.52
CA VAL D 74 -75.98 77.41 -17.45
C VAL D 74 -76.58 76.96 -16.11
N ILE D 75 -77.81 76.43 -16.10
CA ILE D 75 -78.39 75.91 -14.87
C ILE D 75 -77.80 74.56 -14.46
N GLY D 76 -77.37 73.70 -15.38
CA GLY D 76 -76.61 72.50 -15.03
C GLY D 76 -75.27 72.83 -14.36
N GLU D 77 -74.72 74.01 -14.60
CA GLU D 77 -73.54 74.50 -13.92
C GLU D 77 -73.87 74.99 -12.51
N ILE D 78 -75.03 75.64 -12.29
CA ILE D 78 -75.58 75.97 -10.97
C ILE D 78 -75.86 74.71 -10.16
N ARG D 79 -76.45 73.67 -10.77
CA ARG D 79 -76.67 72.33 -10.20
C ARG D 79 -75.40 71.52 -9.91
N ASN D 80 -74.20 72.02 -10.20
CA ASN D 80 -72.93 71.28 -10.05
C ASN D 80 -71.87 72.06 -9.26
N GLY D 81 -71.91 73.39 -9.30
CA GLY D 81 -70.98 74.26 -8.58
C GLY D 81 -71.27 74.39 -7.08
N PRO D 82 -70.63 75.33 -6.39
CA PRO D 82 -70.69 75.46 -4.92
C PRO D 82 -72.10 75.66 -4.36
N TYR D 83 -73.05 76.16 -5.15
CA TYR D 83 -74.43 76.38 -4.73
C TYR D 83 -75.39 75.23 -5.06
N ARG D 84 -74.90 74.05 -5.47
CA ARG D 84 -75.76 72.88 -5.75
C ARG D 84 -76.68 72.46 -4.60
N SER D 85 -76.24 72.67 -3.35
CA SER D 85 -76.98 72.38 -2.12
C SER D 85 -77.80 73.55 -1.58
N LEU D 86 -77.72 74.74 -2.16
CA LEU D 86 -78.50 75.89 -1.71
C LEU D 86 -79.95 75.81 -2.17
N PHE D 87 -80.15 75.64 -3.46
CA PHE D 87 -81.45 75.72 -4.11
C PHE D 87 -82.24 74.42 -4.00
N HIS D 88 -83.56 74.54 -3.94
CA HIS D 88 -84.48 73.43 -4.12
C HIS D 88 -84.34 72.87 -5.56
N PRO D 89 -84.15 71.57 -5.77
CA PRO D 89 -83.80 71.03 -7.07
C PRO D 89 -84.83 71.25 -8.18
N GLU D 90 -86.13 71.38 -7.84
CA GLU D 90 -87.18 71.64 -8.84
C GLU D 90 -87.49 73.12 -9.08
N GLN D 91 -86.79 74.07 -8.44
CA GLN D 91 -86.87 75.49 -8.79
C GLN D 91 -85.67 76.00 -9.62
N LEU D 92 -84.75 75.10 -9.95
CA LEU D 92 -83.81 75.21 -11.04
C LEU D 92 -84.43 74.53 -12.28
N ILE D 93 -85.03 75.27 -13.19
CA ILE D 93 -85.92 74.75 -14.24
C ILE D 93 -85.26 74.86 -15.62
N THR D 94 -85.22 73.78 -16.38
CA THR D 94 -84.59 73.73 -17.70
C THR D 94 -85.45 73.02 -18.74
N GLY D 95 -85.39 73.50 -19.98
CA GLY D 95 -85.84 72.80 -21.16
C GLY D 95 -84.73 72.02 -21.88
N LYS D 96 -85.08 71.43 -23.03
CA LYS D 96 -84.16 70.74 -23.95
C LYS D 96 -83.53 71.69 -24.99
N GLU D 97 -84.26 72.71 -25.44
CA GLU D 97 -84.00 73.47 -26.66
C GLU D 97 -83.72 74.95 -26.39
N ASP D 98 -82.58 75.43 -26.84
CA ASP D 98 -82.18 76.83 -26.83
C ASP D 98 -83.21 77.72 -27.58
N ALA D 99 -83.42 78.96 -27.14
CA ALA D 99 -84.26 79.97 -27.80
C ALA D 99 -83.60 80.70 -28.98
N ALA D 100 -82.32 80.47 -29.25
CA ALA D 100 -81.58 80.87 -30.43
C ALA D 100 -81.51 82.39 -30.70
N ASN D 101 -81.56 83.23 -29.66
CA ASN D 101 -81.68 84.67 -29.76
C ASN D 101 -82.88 85.10 -30.61
N ASN D 102 -83.94 84.29 -30.60
CA ASN D 102 -85.16 84.54 -31.33
C ASN D 102 -86.30 84.73 -30.32
N TYR D 103 -86.84 85.95 -30.21
CA TYR D 103 -87.97 86.25 -29.33
C TYR D 103 -89.13 85.26 -29.47
N ALA D 104 -89.44 84.86 -30.69
CA ALA D 104 -90.60 84.03 -30.98
C ALA D 104 -90.43 82.60 -30.49
N ARG D 105 -89.22 82.05 -30.41
CA ARG D 105 -88.98 80.77 -29.75
C ARG D 105 -89.19 80.89 -28.26
N GLY D 106 -88.72 81.96 -27.64
CA GLY D 106 -88.94 82.18 -26.21
C GLY D 106 -90.41 82.33 -25.84
N HIS D 107 -91.13 83.13 -26.59
CA HIS D 107 -92.52 83.48 -26.31
C HIS D 107 -93.57 82.49 -26.83
N TYR D 108 -93.48 82.03 -28.08
CA TYR D 108 -94.56 81.31 -28.77
C TYR D 108 -94.37 79.79 -28.86
N THR D 109 -93.14 79.31 -29.01
CA THR D 109 -92.86 77.94 -29.48
C THR D 109 -92.19 77.04 -28.43
N ILE D 110 -91.09 77.47 -27.81
CA ILE D 110 -90.32 76.66 -26.86
C ILE D 110 -90.70 76.97 -25.41
N GLY D 111 -90.78 78.25 -25.04
CA GLY D 111 -91.17 78.65 -23.68
C GLY D 111 -92.62 78.35 -23.33
N LYS D 112 -93.49 78.26 -24.34
CA LYS D 112 -94.87 77.74 -24.29
C LYS D 112 -94.99 76.39 -23.59
N GLU D 113 -93.94 75.57 -23.60
CA GLU D 113 -93.93 74.27 -22.92
C GLU D 113 -93.51 74.32 -21.45
N LEU D 114 -92.52 75.15 -21.08
CA LEU D 114 -91.99 75.22 -19.72
C LEU D 114 -92.80 76.17 -18.80
N ILE D 115 -93.59 77.09 -19.35
CA ILE D 115 -94.26 78.14 -18.59
C ILE D 115 -95.16 77.65 -17.44
N ASP D 116 -95.98 76.63 -17.68
CA ASP D 116 -96.91 76.13 -16.65
C ASP D 116 -96.21 75.35 -15.52
N SER D 117 -94.95 74.97 -15.71
CA SER D 117 -94.05 74.46 -14.68
C SER D 117 -93.36 75.60 -13.94
N VAL D 118 -92.96 76.67 -14.62
CA VAL D 118 -92.39 77.87 -14.00
C VAL D 118 -93.39 78.54 -13.06
N LEU D 119 -94.64 78.67 -13.48
CA LEU D 119 -95.71 79.20 -12.65
C LEU D 119 -96.00 78.35 -11.41
N ASP D 120 -95.90 77.03 -11.52
CA ASP D 120 -96.17 76.11 -10.42
C ASP D 120 -95.18 76.26 -9.28
N ARG D 121 -93.90 76.47 -9.59
CA ARG D 121 -92.89 76.87 -8.61
C ARG D 121 -93.13 78.23 -8.01
N VAL D 122 -93.50 79.24 -8.80
CA VAL D 122 -93.78 80.57 -8.27
C VAL D 122 -94.99 80.53 -7.34
N ARG D 123 -96.05 79.77 -7.66
CA ARG D 123 -97.18 79.50 -6.77
C ARG D 123 -96.73 78.83 -5.45
N LYS D 124 -95.93 77.77 -5.51
CA LYS D 124 -95.39 77.11 -4.30
C LYS D 124 -94.44 77.98 -3.48
N MET D 125 -93.85 79.04 -4.05
CA MET D 125 -93.09 80.03 -3.29
C MET D 125 -93.99 81.11 -2.67
N ALA D 126 -94.96 81.64 -3.42
CA ALA D 126 -95.88 82.64 -2.94
C ALA D 126 -96.76 82.12 -1.81
N ASP D 127 -97.20 80.86 -1.86
CA ASP D 127 -97.93 80.21 -0.77
C ASP D 127 -97.12 80.00 0.52
N GLN D 128 -95.78 80.12 0.48
CA GLN D 128 -94.90 80.16 1.66
C GLN D 128 -94.62 81.59 2.17
N CYS D 129 -95.02 82.63 1.44
CA CYS D 129 -94.94 84.02 1.86
C CYS D 129 -96.16 84.42 2.70
N SER D 130 -96.02 85.48 3.48
CA SER D 130 -97.08 86.09 4.29
C SER D 130 -96.95 87.60 4.15
N GLY D 131 -97.68 88.22 3.24
CA GLY D 131 -97.39 89.58 2.81
C GLY D 131 -96.12 89.64 1.95
N LEU D 132 -96.15 88.95 0.81
CA LEU D 132 -95.16 89.03 -0.26
C LEU D 132 -95.05 90.47 -0.75
N GLN D 133 -93.85 91.04 -0.79
CA GLN D 133 -93.61 92.44 -1.10
C GLN D 133 -93.65 92.72 -2.60
N GLY D 134 -93.14 91.78 -3.40
CA GLY D 134 -93.08 91.87 -4.85
C GLY D 134 -92.23 90.78 -5.49
N PHE D 135 -91.95 90.96 -6.77
CA PHE D 135 -91.09 90.11 -7.59
C PHE D 135 -89.83 90.85 -8.02
N LEU D 136 -88.68 90.21 -8.04
CA LEU D 136 -87.45 90.76 -8.60
C LEU D 136 -87.08 89.94 -9.84
N VAL D 137 -87.32 90.45 -11.04
CA VAL D 137 -87.14 89.69 -12.30
C VAL D 137 -85.88 90.10 -13.06
N PHE D 138 -84.92 89.18 -13.22
CA PHE D 138 -83.61 89.43 -13.82
C PHE D 138 -83.47 88.80 -15.20
N HIS D 139 -83.09 89.58 -16.20
CA HIS D 139 -83.03 89.11 -17.58
C HIS D 139 -82.19 90.00 -18.52
N SER D 140 -81.92 89.47 -19.72
CA SER D 140 -81.33 90.19 -20.84
C SER D 140 -82.43 90.65 -21.80
N PHE D 141 -82.36 91.90 -22.25
CA PHE D 141 -83.24 92.41 -23.30
C PHE D 141 -82.91 91.83 -24.69
N GLY D 142 -81.66 91.42 -24.90
CA GLY D 142 -81.16 90.95 -26.19
C GLY D 142 -81.34 89.46 -26.46
N GLY D 143 -81.50 88.67 -25.41
CA GLY D 143 -81.72 87.23 -25.50
C GLY D 143 -83.06 86.79 -26.07
N GLY D 144 -83.14 85.57 -26.59
CA GLY D 144 -84.40 84.93 -26.96
C GLY D 144 -85.18 84.48 -25.75
N THR D 145 -84.55 83.83 -24.77
CA THR D 145 -85.17 83.51 -23.47
C THR D 145 -85.37 84.78 -22.64
N GLY D 146 -84.36 85.63 -22.56
CA GLY D 146 -84.41 86.93 -21.91
C GLY D 146 -85.61 87.80 -22.30
N SER D 147 -85.88 88.01 -23.58
CA SER D 147 -87.03 88.80 -24.06
C SER D 147 -88.34 88.00 -24.15
N GLY D 148 -88.33 86.87 -24.86
CA GLY D 148 -89.51 86.10 -25.17
C GLY D 148 -90.06 85.31 -23.99
N PHE D 149 -89.20 84.69 -23.17
CA PHE D 149 -89.72 83.97 -22.02
C PHE D 149 -90.11 84.90 -20.88
N THR D 150 -89.36 85.96 -20.60
CA THR D 150 -89.76 86.95 -19.60
C THR D 150 -91.08 87.59 -19.96
N SER D 151 -91.31 87.90 -21.23
CA SER D 151 -92.57 88.49 -21.68
C SER D 151 -93.75 87.51 -21.65
N LEU D 152 -93.51 86.21 -21.81
CA LEU D 152 -94.50 85.17 -21.58
C LEU D 152 -94.81 85.03 -20.09
N LEU D 153 -93.80 84.98 -19.23
CA LEU D 153 -93.98 84.88 -17.80
C LEU D 153 -94.67 86.10 -17.20
N MET D 154 -94.22 87.31 -17.50
CA MET D 154 -94.81 88.54 -16.94
C MET D 154 -96.29 88.69 -17.27
N GLU D 155 -96.72 88.29 -18.47
CA GLU D 155 -98.14 88.34 -18.86
C GLU D 155 -98.99 87.47 -17.95
N ARG D 156 -98.48 86.31 -17.53
CA ARG D 156 -99.12 85.40 -16.56
C ARG D 156 -99.10 85.95 -15.14
N LEU D 157 -97.95 86.40 -14.65
CA LEU D 157 -97.84 86.97 -13.31
C LEU D 157 -98.69 88.24 -13.15
N SER D 158 -98.95 88.99 -14.22
CA SER D 158 -99.76 90.21 -14.16
C SER D 158 -101.27 89.97 -14.17
N VAL D 159 -101.74 88.76 -14.46
CA VAL D 159 -103.13 88.31 -14.19
C VAL D 159 -103.20 87.48 -12.91
N ASP D 160 -102.21 86.68 -12.59
CA ASP D 160 -102.19 85.85 -11.37
C ASP D 160 -101.92 86.64 -10.07
N TYR D 161 -101.08 87.66 -10.10
CA TYR D 161 -100.64 88.46 -8.94
C TYR D 161 -100.78 89.96 -9.23
N GLY D 162 -101.93 90.41 -9.71
CA GLY D 162 -102.10 91.76 -10.26
C GLY D 162 -101.70 92.93 -9.35
N LYS D 163 -101.92 92.80 -8.03
CA LYS D 163 -101.57 93.86 -7.05
C LYS D 163 -100.07 93.97 -6.76
N LYS D 164 -99.32 92.87 -6.82
CA LYS D 164 -97.93 92.76 -6.35
C LYS D 164 -96.95 93.50 -7.25
N SER D 165 -96.04 94.28 -6.66
CA SER D 165 -95.05 95.07 -7.41
C SER D 165 -94.04 94.21 -8.14
N LYS D 166 -93.87 94.43 -9.45
CA LYS D 166 -92.93 93.69 -10.29
C LYS D 166 -91.76 94.59 -10.66
N LEU D 167 -90.64 94.41 -9.97
CA LEU D 167 -89.39 95.13 -10.19
C LEU D 167 -88.55 94.31 -11.16
N GLU D 168 -87.90 94.96 -12.11
CA GLU D 168 -87.31 94.24 -13.21
C GLU D 168 -85.94 94.80 -13.58
N PHE D 169 -84.92 93.93 -13.58
CA PHE D 169 -83.53 94.31 -13.80
C PHE D 169 -83.08 93.77 -15.14
N SER D 170 -82.81 94.68 -16.07
CA SER D 170 -82.60 94.34 -17.47
C SER D 170 -81.23 94.72 -17.96
N VAL D 171 -80.48 93.76 -18.48
CA VAL D 171 -79.29 94.06 -19.27
C VAL D 171 -79.70 94.43 -20.69
N TYR D 172 -79.49 95.68 -21.06
CA TYR D 172 -80.01 96.37 -22.23
C TYR D 172 -78.91 96.61 -23.27
N PRO D 173 -79.18 96.55 -24.59
CA PRO D 173 -78.16 96.81 -25.60
C PRO D 173 -77.44 98.17 -25.54
N ALA D 174 -76.14 98.16 -25.82
CA ALA D 174 -75.24 99.30 -25.72
C ALA D 174 -75.19 100.18 -26.98
N PRO D 175 -74.56 101.37 -26.95
CA PRO D 175 -74.27 102.14 -28.15
C PRO D 175 -73.42 101.38 -29.17
N ARG D 176 -72.32 100.74 -28.77
CA ARG D 176 -71.37 100.08 -29.68
C ARG D 176 -71.17 98.58 -29.40
N ILE D 177 -70.99 98.20 -28.13
CA ILE D 177 -70.86 96.80 -27.69
C ILE D 177 -72.15 96.03 -27.94
N SER D 178 -72.03 94.91 -28.63
CA SER D 178 -73.14 94.00 -28.91
C SER D 178 -72.61 92.59 -29.11
N THR D 179 -73.43 91.57 -28.80
CA THR D 179 -73.03 90.16 -28.89
C THR D 179 -73.81 89.40 -29.96
N ALA D 180 -74.81 90.03 -30.57
CA ALA D 180 -75.78 89.44 -31.49
C ALA D 180 -76.14 90.45 -32.56
N VAL D 181 -76.55 89.93 -33.71
CA VAL D 181 -77.03 90.74 -34.82
C VAL D 181 -78.47 91.19 -34.59
N VAL D 182 -79.28 90.33 -33.95
CA VAL D 182 -80.73 90.50 -33.73
C VAL D 182 -81.11 91.09 -32.37
N GLU D 183 -80.14 91.54 -31.57
CA GLU D 183 -80.33 92.25 -30.29
C GLU D 183 -81.33 93.44 -30.36
N PRO D 184 -81.37 94.28 -31.42
CA PRO D 184 -82.39 95.32 -31.59
C PRO D 184 -83.82 94.81 -31.76
N TYR D 185 -84.02 93.69 -32.45
CA TYR D 185 -85.32 93.07 -32.63
C TYR D 185 -85.88 92.54 -31.32
N ASN D 186 -85.08 91.82 -30.54
CA ASN D 186 -85.53 91.24 -29.28
C ASN D 186 -85.85 92.32 -28.23
N SER D 187 -85.07 93.40 -28.21
CA SER D 187 -85.27 94.50 -27.29
C SER D 187 -86.53 95.30 -27.56
N ILE D 188 -86.79 95.66 -28.83
CA ILE D 188 -88.00 96.39 -29.21
C ILE D 188 -89.27 95.56 -28.98
N LEU D 189 -89.26 94.26 -29.30
CA LEU D 189 -90.36 93.35 -28.99
C LEU D 189 -90.64 93.21 -27.48
N THR D 190 -89.63 93.43 -26.63
CA THR D 190 -89.79 93.45 -25.17
C THR D 190 -90.49 94.69 -24.62
N THR D 191 -90.50 95.82 -25.33
CA THR D 191 -91.03 97.11 -24.81
C THR D 191 -92.50 97.08 -24.39
N HIS D 192 -93.32 96.15 -24.89
CA HIS D 192 -94.68 95.93 -24.39
C HIS D 192 -94.69 95.32 -22.98
N THR D 193 -93.71 94.47 -22.68
CA THR D 193 -93.60 93.79 -21.40
C THR D 193 -93.35 94.80 -20.31
N THR D 194 -92.31 95.60 -20.47
CA THR D 194 -91.96 96.63 -19.51
C THR D 194 -93.04 97.69 -19.39
N LEU D 195 -93.63 98.18 -20.48
CA LEU D 195 -94.71 99.15 -20.39
C LEU D 195 -95.97 98.63 -19.66
N GLU D 196 -96.47 97.45 -20.00
CA GLU D 196 -97.79 96.99 -19.54
C GLU D 196 -97.73 96.08 -18.30
N HIS D 197 -96.67 95.28 -18.13
CA HIS D 197 -96.59 94.20 -17.13
C HIS D 197 -95.38 94.31 -16.18
N SER D 198 -94.94 95.53 -15.91
CA SER D 198 -93.85 95.83 -14.97
C SER D 198 -94.17 97.10 -14.22
N ASP D 199 -93.63 97.30 -13.02
CA ASP D 199 -93.92 98.47 -12.17
C ASP D 199 -92.72 99.38 -11.99
N CYS D 200 -91.50 98.87 -12.06
CA CYS D 200 -90.28 99.66 -12.07
C CYS D 200 -89.14 98.88 -12.75
N ALA D 201 -88.64 99.40 -13.87
CA ALA D 201 -87.72 98.66 -14.73
C ALA D 201 -86.34 99.31 -14.80
N PHE D 202 -85.35 98.67 -14.18
CA PHE D 202 -83.97 99.13 -14.09
C PHE D 202 -83.16 98.62 -15.28
N MET D 203 -83.03 99.46 -16.29
CA MET D 203 -82.13 99.23 -17.42
C MET D 203 -80.68 99.37 -16.96
N VAL D 204 -79.83 98.45 -17.40
CA VAL D 204 -78.39 98.42 -17.18
C VAL D 204 -77.70 98.12 -18.51
N ASP D 205 -76.47 98.57 -18.71
CA ASP D 205 -75.71 98.46 -19.95
C ASP D 205 -74.32 97.85 -19.70
N ASN D 206 -73.94 96.84 -20.49
CA ASN D 206 -72.63 96.21 -20.39
C ASN D 206 -71.50 97.21 -20.66
N GLU D 207 -71.64 98.13 -21.60
CA GLU D 207 -70.56 99.03 -22.01
C GLU D 207 -70.28 100.13 -20.97
N ALA D 208 -71.31 100.57 -20.26
CA ALA D 208 -71.20 101.53 -19.17
C ALA D 208 -70.52 100.92 -17.95
N ILE D 209 -70.87 99.70 -17.57
CA ILE D 209 -70.16 99.02 -16.49
C ILE D 209 -68.72 98.69 -16.91
N TYR D 210 -68.47 98.29 -18.16
CA TYR D 210 -67.09 98.10 -18.60
C TYR D 210 -66.24 99.37 -18.44
N ASP D 211 -66.80 100.55 -18.64
CA ASP D 211 -66.09 101.82 -18.47
C ASP D 211 -65.92 102.21 -17.00
N ILE D 212 -66.95 101.98 -16.17
CA ILE D 212 -66.85 102.08 -14.71
C ILE D 212 -65.73 101.18 -14.18
N CYS D 213 -65.64 99.94 -14.64
CA CYS D 213 -64.60 99.01 -14.22
C CYS D 213 -63.20 99.55 -14.55
N ASN D 214 -63.04 100.10 -15.75
CA ASN D 214 -61.76 100.65 -16.23
C ASN D 214 -61.31 101.87 -15.43
N ARG D 215 -62.22 102.78 -15.10
CA ARG D 215 -61.93 104.08 -14.47
C ARG D 215 -61.90 104.09 -12.95
N ASN D 216 -62.66 103.22 -12.29
CA ASN D 216 -62.84 103.22 -10.84
C ASN D 216 -62.24 102.01 -10.14
N LEU D 217 -62.35 100.81 -10.72
CA LEU D 217 -61.73 99.60 -10.18
C LEU D 217 -60.31 99.40 -10.71
N ASP D 218 -59.95 100.12 -11.76
CA ASP D 218 -58.71 100.03 -12.53
C ASP D 218 -58.40 98.63 -13.09
N ILE D 219 -59.39 97.75 -13.19
CA ILE D 219 -59.28 96.49 -13.91
C ILE D 219 -59.34 96.77 -15.41
N GLU D 220 -58.30 96.40 -16.13
CA GLU D 220 -58.12 96.80 -17.54
C GLU D 220 -59.02 96.03 -18.52
N ARG D 221 -59.31 94.76 -18.18
CA ARG D 221 -60.00 93.75 -19.00
C ARG D 221 -60.97 92.88 -18.18
N PRO D 222 -62.17 93.36 -17.80
CA PRO D 222 -63.12 92.58 -17.00
C PRO D 222 -63.93 91.53 -17.77
N SER D 223 -64.34 90.50 -17.06
CA SER D 223 -65.27 89.45 -17.48
C SER D 223 -66.72 89.85 -17.13
N TYR D 224 -67.67 88.94 -17.34
CA TYR D 224 -69.01 89.12 -16.78
C TYR D 224 -69.07 88.95 -15.27
N THR D 225 -68.17 88.19 -14.63
CA THR D 225 -68.23 88.07 -13.16
C THR D 225 -68.06 89.43 -12.49
N ASN D 226 -67.25 90.32 -13.07
CA ASN D 226 -67.06 91.68 -12.57
C ASN D 226 -68.30 92.55 -12.74
N LEU D 227 -69.08 92.37 -13.81
CA LEU D 227 -70.31 93.11 -14.04
C LEU D 227 -71.41 92.66 -13.08
N ASN D 228 -71.60 91.35 -12.97
CA ASN D 228 -72.66 90.78 -12.15
C ASN D 228 -72.46 91.11 -10.66
N ARG D 229 -71.21 91.19 -10.21
CA ARG D 229 -70.88 91.65 -8.86
C ARG D 229 -71.19 93.13 -8.60
N LEU D 230 -71.36 93.96 -9.62
CA LEU D 230 -71.92 95.32 -9.48
C LEU D 230 -73.45 95.34 -9.55
N ILE D 231 -74.04 94.55 -10.43
CA ILE D 231 -75.49 94.51 -10.63
C ILE D 231 -76.21 93.91 -9.42
N ALA D 232 -75.62 92.91 -8.78
CA ALA D 232 -76.15 92.34 -7.54
C ALA D 232 -76.04 93.34 -6.37
N GLN D 233 -74.96 94.10 -6.31
CA GLN D 233 -74.74 95.06 -5.23
C GLN D 233 -75.83 96.15 -5.20
N ILE D 234 -76.34 96.58 -6.36
CA ILE D 234 -77.47 97.50 -6.43
C ILE D 234 -78.74 96.87 -5.86
N VAL D 235 -79.05 95.61 -6.18
CA VAL D 235 -80.28 94.97 -5.64
C VAL D 235 -80.19 94.67 -4.16
N SER D 236 -79.00 94.35 -3.64
CA SER D 236 -78.80 94.29 -2.19
C SER D 236 -79.17 95.63 -1.55
N SER D 237 -78.80 96.75 -2.17
CA SER D 237 -79.06 98.09 -1.65
C SER D 237 -80.52 98.54 -1.81
N ILE D 238 -81.21 98.13 -2.88
CA ILE D 238 -82.66 98.31 -3.02
C ILE D 238 -83.40 97.53 -1.95
N THR D 239 -82.99 96.29 -1.69
CA THR D 239 -83.64 95.44 -0.69
C THR D 239 -83.15 95.67 0.73
N ALA D 240 -82.09 96.42 0.99
CA ALA D 240 -81.53 96.54 2.34
C ALA D 240 -82.54 97.05 3.37
N SER D 241 -83.39 98.01 3.01
CA SER D 241 -84.46 98.49 3.90
C SER D 241 -85.56 97.48 4.22
N LEU D 242 -85.68 96.44 3.41
CA LEU D 242 -86.60 95.33 3.62
C LEU D 242 -86.01 94.31 4.61
N ARG D 243 -84.68 94.24 4.68
CA ARG D 243 -83.87 93.24 5.37
C ARG D 243 -83.29 93.70 6.71
N PHE D 244 -83.11 95.00 6.94
CA PHE D 244 -82.28 95.53 8.02
C PHE D 244 -82.86 96.75 8.75
N ASP D 245 -82.29 97.10 9.91
CA ASP D 245 -82.63 98.34 10.60
C ASP D 245 -81.96 99.56 9.95
N GLY D 246 -82.61 100.71 10.01
CA GLY D 246 -82.14 101.97 9.45
C GLY D 246 -82.76 103.19 10.12
N ALA D 247 -82.21 104.38 9.85
CA ALA D 247 -82.76 105.64 10.34
C ALA D 247 -84.02 106.03 9.58
N LEU D 248 -84.06 105.73 8.28
CA LEU D 248 -85.12 106.05 7.33
C LEU D 248 -85.32 104.88 6.36
N ASN D 249 -85.83 103.75 6.85
CA ASN D 249 -86.09 102.59 5.99
C ASN D 249 -87.14 102.90 4.92
N VAL D 250 -86.96 102.36 3.71
CA VAL D 250 -87.84 102.57 2.55
C VAL D 250 -88.53 101.27 2.14
N ASP D 251 -89.86 101.26 2.16
CA ASP D 251 -90.67 100.14 1.68
C ASP D 251 -90.62 100.02 0.14
N LEU D 252 -90.81 98.82 -0.41
CA LEU D 252 -90.72 98.62 -1.86
C LEU D 252 -91.78 99.40 -2.67
N THR D 253 -92.91 99.78 -2.08
CA THR D 253 -93.93 100.69 -2.67
C THR D 253 -93.73 102.16 -2.30
N GLU D 254 -93.14 102.45 -1.16
CA GLU D 254 -92.68 103.79 -0.81
C GLU D 254 -91.64 104.30 -1.79
N PHE D 255 -90.76 103.41 -2.21
CA PHE D 255 -89.79 103.61 -3.28
C PHE D 255 -90.48 104.05 -4.57
N GLN D 256 -91.46 103.29 -5.05
CA GLN D 256 -92.21 103.57 -6.27
C GLN D 256 -93.04 104.85 -6.18
N THR D 257 -93.66 105.17 -5.04
CA THR D 257 -94.45 106.41 -4.86
C THR D 257 -93.60 107.68 -4.99
N ASN D 258 -92.29 107.61 -4.81
CA ASN D 258 -91.35 108.71 -5.01
C ASN D 258 -90.59 108.64 -6.34
N LEU D 259 -90.31 107.46 -6.89
CA LEU D 259 -89.65 107.30 -8.18
C LEU D 259 -90.56 107.61 -9.36
N VAL D 260 -91.82 107.17 -9.33
CA VAL D 260 -92.67 107.10 -10.51
C VAL D 260 -93.68 108.26 -10.52
N PRO D 261 -93.48 109.33 -11.31
CA PRO D 261 -94.39 110.46 -11.38
C PRO D 261 -95.67 110.18 -12.16
N TYR D 262 -95.64 109.30 -13.14
CA TYR D 262 -96.75 109.01 -14.04
C TYR D 262 -96.77 107.51 -14.34
N PRO D 263 -97.92 106.90 -14.65
CA PRO D 263 -98.04 105.45 -14.74
C PRO D 263 -97.02 104.77 -15.65
N ARG D 264 -96.62 105.40 -16.76
CA ARG D 264 -95.72 104.77 -17.74
C ARG D 264 -94.25 105.20 -17.59
N ILE D 265 -93.97 106.08 -16.64
CA ILE D 265 -92.65 106.74 -16.47
C ILE D 265 -91.94 106.12 -15.28
N HIS D 266 -91.58 104.86 -15.47
CA HIS D 266 -91.08 103.97 -14.43
C HIS D 266 -89.76 103.28 -14.83
N PHE D 267 -88.99 103.95 -15.68
CA PHE D 267 -87.67 103.53 -16.15
C PHE D 267 -86.58 104.41 -15.53
N PRO D 268 -86.24 104.25 -14.25
CA PRO D 268 -85.14 104.97 -13.65
C PRO D 268 -83.79 104.45 -14.13
N LEU D 269 -82.81 105.34 -14.19
CA LEU D 269 -81.41 104.97 -14.11
C LEU D 269 -81.09 104.45 -12.71
N VAL D 270 -79.98 103.73 -12.60
CA VAL D 270 -79.38 103.33 -11.34
C VAL D 270 -77.88 103.59 -11.38
N THR D 271 -77.29 103.88 -10.23
CA THR D 271 -75.85 104.05 -10.03
C THR D 271 -75.50 103.71 -8.58
N TYR D 272 -74.24 103.40 -8.32
CA TYR D 272 -73.74 103.01 -7.02
C TYR D 272 -72.46 103.76 -6.72
N SER D 273 -72.24 104.20 -5.49
CA SER D 273 -70.99 104.80 -5.08
C SER D 273 -70.64 104.42 -3.64
N PRO D 274 -69.35 104.35 -3.31
CA PRO D 274 -68.22 104.43 -4.22
C PRO D 274 -67.94 103.08 -4.89
N ILE D 275 -67.87 103.01 -6.21
CA ILE D 275 -67.15 101.92 -6.85
C ILE D 275 -65.66 102.21 -6.69
N ILE D 276 -64.91 101.36 -6.01
CA ILE D 276 -63.51 101.68 -5.67
C ILE D 276 -62.68 100.42 -5.42
N SER D 277 -61.40 100.42 -5.77
CA SER D 277 -60.48 99.32 -5.47
C SER D 277 -59.71 99.56 -4.17
N ALA D 278 -59.07 98.52 -3.64
CA ALA D 278 -58.23 98.62 -2.46
C ALA D 278 -56.97 99.48 -2.67
N GLU D 279 -56.60 99.82 -3.90
CA GLU D 279 -55.46 100.71 -4.18
C GLU D 279 -55.76 102.15 -3.78
N LYS D 280 -57.03 102.57 -3.85
CA LYS D 280 -57.47 103.96 -3.70
C LYS D 280 -58.36 104.19 -2.49
N ALA D 281 -59.09 103.19 -2.02
CA ALA D 281 -60.03 103.34 -0.91
C ALA D 281 -59.39 103.82 0.40
N TYR D 282 -58.10 103.58 0.61
CA TYR D 282 -57.33 104.06 1.75
C TYR D 282 -56.76 105.47 1.59
N HIS D 283 -56.96 106.15 0.45
CA HIS D 283 -56.48 107.53 0.22
C HIS D 283 -57.58 108.54 -0.07
N GLU D 284 -58.70 108.12 -0.65
CA GLU D 284 -59.93 108.92 -0.74
C GLU D 284 -60.55 109.10 0.65
N GLN D 285 -61.26 110.21 0.90
CA GLN D 285 -62.02 110.35 2.15
C GLN D 285 -63.28 109.48 2.17
N LEU D 286 -64.01 109.34 1.05
CA LEU D 286 -65.29 108.65 1.00
C LEU D 286 -66.26 109.19 2.05
N SER D 287 -66.23 110.50 2.28
CA SER D 287 -67.22 111.23 3.06
C SER D 287 -68.58 111.18 2.36
N VAL D 288 -69.66 111.41 3.11
CA VAL D 288 -71.01 111.40 2.54
C VAL D 288 -71.18 112.41 1.41
N PRO D 289 -70.54 113.57 1.48
CA PRO D 289 -70.57 114.55 0.41
C PRO D 289 -70.00 114.03 -0.91
N GLU D 290 -68.89 113.29 -0.87
CA GLU D 290 -68.22 112.79 -2.09
C GLU D 290 -69.02 111.67 -2.75
N ILE D 291 -69.47 110.68 -2.00
CA ILE D 291 -70.24 109.56 -2.56
C ILE D 291 -71.64 109.98 -3.00
N THR D 292 -72.20 111.06 -2.48
CA THR D 292 -73.41 111.67 -3.03
C THR D 292 -73.13 112.30 -4.38
N ASN D 293 -72.10 113.16 -4.48
CA ASN D 293 -71.72 113.83 -5.71
C ASN D 293 -71.30 112.86 -6.83
N ALA D 294 -70.66 111.74 -6.48
CA ALA D 294 -70.30 110.71 -7.46
C ALA D 294 -71.51 110.16 -8.23
N CYS D 295 -72.70 110.12 -7.63
CA CYS D 295 -73.89 109.62 -8.31
C CYS D 295 -74.41 110.54 -9.40
N PHE D 296 -74.01 111.81 -9.43
CA PHE D 296 -74.42 112.76 -10.46
C PHE D 296 -73.41 112.92 -11.58
N GLU D 297 -72.25 112.26 -11.51
CA GLU D 297 -71.29 112.22 -12.61
C GLU D 297 -71.81 111.32 -13.75
N TYR D 298 -71.78 111.75 -15.02
CA TYR D 298 -72.00 110.88 -16.18
C TYR D 298 -71.10 109.63 -16.17
N SER D 299 -69.91 109.78 -15.60
CA SER D 299 -68.93 108.72 -15.43
C SER D 299 -69.43 107.51 -14.61
N ASN D 300 -70.47 107.62 -13.78
CA ASN D 300 -70.92 106.50 -12.94
C ASN D 300 -72.32 105.98 -13.31
N GLN D 301 -72.97 106.52 -14.35
CA GLN D 301 -74.25 106.02 -14.81
C GLN D 301 -74.07 104.68 -15.52
N MET D 302 -74.89 103.68 -15.20
CA MET D 302 -74.80 102.32 -15.75
C MET D 302 -75.65 102.12 -17.01
N VAL D 303 -75.97 103.19 -17.73
CA VAL D 303 -76.49 103.22 -19.11
C VAL D 303 -75.72 104.31 -19.83
N LYS D 304 -75.19 104.08 -21.04
CA LYS D 304 -74.43 105.09 -21.78
C LYS D 304 -75.35 106.16 -22.38
N CYS D 305 -75.83 107.05 -21.53
CA CYS D 305 -76.52 108.29 -21.83
C CYS D 305 -76.06 109.37 -20.84
N ASP D 306 -76.15 110.65 -21.21
CA ASP D 306 -75.66 111.75 -20.38
C ASP D 306 -76.82 112.41 -19.62
N PRO D 307 -76.88 112.37 -18.27
CA PRO D 307 -77.98 112.97 -17.52
C PRO D 307 -78.15 114.48 -17.72
N ARG D 308 -77.09 115.17 -18.18
CA ARG D 308 -77.11 116.61 -18.45
C ARG D 308 -77.87 116.95 -19.72
N ARG D 309 -78.06 115.97 -20.61
CA ARG D 309 -78.98 116.10 -21.76
C ARG D 309 -80.44 115.84 -21.37
N GLY D 310 -80.74 115.61 -20.10
CA GLY D 310 -82.09 115.44 -19.58
C GLY D 310 -82.48 116.45 -18.50
N LYS D 311 -83.62 116.20 -17.87
CA LYS D 311 -83.98 116.74 -16.56
C LYS D 311 -84.37 115.62 -15.61
N TYR D 312 -83.97 115.73 -14.37
CA TYR D 312 -84.37 114.82 -13.30
C TYR D 312 -85.82 115.06 -12.92
N MET D 313 -86.58 113.99 -12.80
CA MET D 313 -87.92 113.99 -12.26
C MET D 313 -87.90 113.67 -10.76
N ALA D 314 -87.24 112.59 -10.35
CA ALA D 314 -87.06 112.23 -8.95
C ALA D 314 -85.80 111.38 -8.73
N CYS D 315 -85.15 111.52 -7.59
CA CYS D 315 -84.03 110.69 -7.17
C CYS D 315 -84.35 110.00 -5.85
N CYS D 316 -84.14 108.70 -5.76
CA CYS D 316 -84.03 107.97 -4.50
C CYS D 316 -82.55 107.78 -4.16
N LEU D 317 -82.06 108.48 -3.15
CA LEU D 317 -80.73 108.25 -2.60
C LEU D 317 -80.86 107.24 -1.46
N LEU D 318 -80.54 105.98 -1.71
CA LEU D 318 -80.61 104.88 -0.74
C LEU D 318 -79.23 104.66 -0.10
N TYR D 319 -78.93 105.39 0.97
CA TYR D 319 -77.67 105.21 1.71
C TYR D 319 -77.70 104.00 2.61
N ARG D 320 -76.51 103.42 2.80
CA ARG D 320 -76.31 102.32 3.72
C ARG D 320 -74.95 102.37 4.39
N GLY D 321 -74.85 101.82 5.58
CA GLY D 321 -73.66 101.92 6.41
C GLY D 321 -73.67 103.15 7.31
N ASP D 322 -72.50 103.65 7.67
CA ASP D 322 -72.30 104.70 8.67
C ASP D 322 -72.62 106.11 8.12
N VAL D 323 -73.89 106.50 8.06
CA VAL D 323 -74.32 107.86 7.65
C VAL D 323 -75.37 108.43 8.58
N VAL D 324 -75.50 109.76 8.61
CA VAL D 324 -76.38 110.48 9.53
C VAL D 324 -77.22 111.48 8.73
N PRO D 325 -78.53 111.62 8.96
CA PRO D 325 -79.39 112.56 8.23
C PRO D 325 -78.89 114.01 8.13
N LYS D 326 -78.14 114.51 9.12
CA LYS D 326 -77.40 115.78 9.01
C LYS D 326 -76.60 115.84 7.70
N ASP D 327 -75.75 114.85 7.48
CA ASP D 327 -74.79 114.80 6.38
C ASP D 327 -75.48 114.70 5.04
N VAL D 328 -76.57 113.93 4.98
CA VAL D 328 -77.33 113.75 3.76
C VAL D 328 -78.05 115.02 3.36
N ASN D 329 -78.71 115.71 4.30
CA ASN D 329 -79.35 116.98 3.98
C ASN D 329 -78.34 118.03 3.50
N ALA D 330 -77.19 118.14 4.18
CA ALA D 330 -76.09 119.00 3.80
C ALA D 330 -75.49 118.66 2.42
N ALA D 331 -75.48 117.38 2.05
CA ALA D 331 -75.09 116.92 0.73
C ALA D 331 -76.11 117.30 -0.34
N ILE D 332 -77.40 116.92 -0.21
CA ILE D 332 -78.39 117.24 -1.25
C ILE D 332 -78.60 118.74 -1.43
N ALA D 333 -78.34 119.54 -0.40
CA ALA D 333 -78.27 121.00 -0.54
C ALA D 333 -77.21 121.47 -1.52
N ALA D 334 -76.04 120.83 -1.58
CA ALA D 334 -75.06 121.17 -2.63
C ALA D 334 -75.53 120.69 -4.00
N ILE D 335 -76.17 119.52 -4.11
CA ILE D 335 -76.71 119.06 -5.39
C ILE D 335 -77.77 120.04 -5.91
N LYS D 336 -78.68 120.56 -5.07
CA LYS D 336 -79.64 121.59 -5.46
C LYS D 336 -78.99 122.92 -5.87
N THR D 337 -77.79 123.20 -5.40
CA THR D 337 -77.06 124.43 -5.70
C THR D 337 -76.42 124.40 -7.08
N ARG D 338 -76.00 123.21 -7.57
CA ARG D 338 -75.31 123.01 -8.86
C ARG D 338 -76.27 123.12 -10.06
N ARG D 339 -76.09 124.11 -10.93
CA ARG D 339 -76.97 124.43 -12.07
C ARG D 339 -76.89 123.42 -13.22
N SER D 340 -75.84 122.59 -13.28
CA SER D 340 -75.72 121.50 -14.25
C SER D 340 -76.62 120.30 -13.95
N ILE D 341 -77.04 120.08 -12.70
CA ILE D 341 -77.99 119.03 -12.27
C ILE D 341 -79.40 119.61 -12.27
N GLN D 342 -80.14 119.49 -13.36
CA GLN D 342 -81.43 120.19 -13.51
C GLN D 342 -82.64 119.30 -13.31
N PHE D 343 -83.45 119.61 -12.32
CA PHE D 343 -84.74 118.98 -12.10
C PHE D 343 -85.83 119.65 -12.93
N VAL D 344 -86.93 118.93 -13.15
CA VAL D 344 -88.18 119.47 -13.70
C VAL D 344 -88.81 120.51 -12.77
N ASP D 345 -89.54 121.45 -13.35
CA ASP D 345 -90.22 122.56 -12.67
C ASP D 345 -91.32 122.09 -11.71
N TRP D 346 -91.87 120.91 -11.96
CA TRP D 346 -92.99 120.32 -11.24
C TRP D 346 -92.58 119.36 -10.13
N CYS D 347 -91.29 119.17 -9.85
CA CYS D 347 -90.82 118.36 -8.73
C CYS D 347 -89.90 119.20 -7.83
N PRO D 348 -90.47 120.07 -6.98
CA PRO D 348 -89.70 121.04 -6.19
C PRO D 348 -88.95 120.39 -5.02
N THR D 349 -89.42 119.23 -4.58
CA THR D 349 -88.83 118.38 -3.55
C THR D 349 -87.68 117.54 -4.11
N GLY D 350 -87.86 116.84 -5.21
CA GLY D 350 -86.85 116.12 -5.97
C GLY D 350 -86.32 114.83 -5.36
N PHE D 351 -85.91 114.83 -4.10
CA PHE D 351 -85.16 113.75 -3.46
C PHE D 351 -86.02 112.99 -2.46
N LYS D 352 -86.02 111.67 -2.60
CA LYS D 352 -86.41 110.70 -1.60
C LYS D 352 -85.15 110.10 -1.00
N VAL D 353 -85.01 110.19 0.31
CA VAL D 353 -83.84 109.72 1.04
C VAL D 353 -84.21 108.46 1.81
N GLY D 354 -83.39 107.44 1.70
CA GLY D 354 -83.40 106.26 2.57
C GLY D 354 -82.05 106.11 3.27
N ILE D 355 -82.02 105.68 4.51
CA ILE D 355 -80.78 105.49 5.29
C ILE D 355 -80.89 104.20 6.08
N ASN D 356 -79.94 103.28 5.87
CA ASN D 356 -79.92 101.95 6.47
C ASN D 356 -78.60 101.63 7.20
N TYR D 357 -78.62 101.00 8.37
CA TYR D 357 -77.43 100.86 9.23
C TYR D 357 -76.47 99.74 8.83
N GLN D 358 -76.78 98.94 7.81
CA GLN D 358 -75.96 97.80 7.40
C GLN D 358 -74.98 98.18 6.28
N PRO D 359 -73.66 98.17 6.49
CA PRO D 359 -72.66 98.45 5.45
C PRO D 359 -72.79 97.50 4.25
N PRO D 360 -72.17 97.85 3.10
CA PRO D 360 -72.09 96.96 1.95
C PRO D 360 -71.16 95.77 2.22
N THR D 361 -71.67 94.57 2.01
CA THR D 361 -70.90 93.32 2.15
C THR D 361 -69.94 93.15 0.98
N ALA D 362 -68.66 92.89 1.25
CA ALA D 362 -67.70 92.49 0.21
C ALA D 362 -67.84 91.01 -0.13
N VAL D 363 -67.93 90.66 -1.42
CA VAL D 363 -67.64 89.30 -1.85
C VAL D 363 -66.12 89.10 -1.77
N PRO D 364 -65.60 88.08 -1.06
CA PRO D 364 -64.17 87.98 -0.74
C PRO D 364 -63.25 87.85 -1.97
N GLY D 365 -63.74 87.27 -3.06
CA GLY D 365 -62.98 87.14 -4.31
C GLY D 365 -62.98 88.41 -5.19
N GLY D 366 -63.71 89.45 -4.81
CA GLY D 366 -64.07 90.57 -5.69
C GLY D 366 -63.05 91.71 -5.76
N ASP D 367 -63.25 92.57 -6.74
CA ASP D 367 -62.41 93.75 -7.00
C ASP D 367 -62.81 94.97 -6.15
N VAL D 368 -64.09 95.05 -5.79
CA VAL D 368 -64.73 96.18 -5.11
C VAL D 368 -64.44 96.17 -3.60
N ALA D 369 -63.84 97.24 -3.10
CA ALA D 369 -63.19 97.31 -1.78
C ALA D 369 -64.15 97.47 -0.60
N LYS D 370 -63.68 97.18 0.61
CA LYS D 370 -64.38 97.43 1.88
C LYS D 370 -64.46 98.92 2.16
N VAL D 371 -65.62 99.44 2.49
CA VAL D 371 -65.89 100.87 2.71
C VAL D 371 -66.93 101.08 3.79
N LEU D 372 -66.85 102.16 4.56
CA LEU D 372 -67.80 102.39 5.66
C LEU D 372 -69.22 102.73 5.19
N ARG D 373 -69.36 103.18 3.95
CA ARG D 373 -70.55 103.80 3.40
C ARG D 373 -70.76 103.35 1.98
N ALA D 374 -72.00 103.31 1.56
CA ALA D 374 -72.35 103.32 0.16
C ALA D 374 -73.69 104.03 -0.01
N VAL D 375 -73.96 104.45 -1.22
CA VAL D 375 -75.25 104.93 -1.67
C VAL D 375 -75.57 104.23 -2.97
N CYS D 376 -76.80 103.79 -3.12
CA CYS D 376 -77.32 103.50 -4.42
C CYS D 376 -78.27 104.63 -4.76
N MET D 377 -78.04 105.32 -5.88
CA MET D 377 -78.97 106.32 -6.37
C MET D 377 -79.77 105.73 -7.53
N LEU D 378 -81.09 105.71 -7.37
CA LEU D 378 -82.01 105.28 -8.40
C LEU D 378 -82.78 106.51 -8.81
N SER D 379 -82.83 106.80 -10.09
CA SER D 379 -83.10 108.14 -10.58
C SER D 379 -83.92 108.18 -11.85
N ASN D 380 -85.14 108.70 -11.77
CA ASN D 380 -86.00 108.91 -12.92
C ASN D 380 -85.61 110.24 -13.61
N THR D 381 -85.16 110.16 -14.85
CA THR D 381 -84.65 111.30 -15.63
C THR D 381 -85.02 111.19 -17.09
N THR D 382 -85.26 112.31 -17.77
CA THR D 382 -85.63 112.31 -19.21
C THR D 382 -84.52 111.83 -20.12
N ALA D 383 -83.27 111.85 -19.64
CA ALA D 383 -82.09 111.47 -20.41
C ALA D 383 -82.13 110.05 -20.96
N ILE D 384 -82.78 109.11 -20.27
CA ILE D 384 -82.79 107.68 -20.66
C ILE D 384 -83.42 107.45 -22.03
N ALA D 385 -84.27 108.36 -22.50
CA ALA D 385 -84.84 108.30 -23.84
C ALA D 385 -83.80 108.26 -24.97
N GLU D 386 -82.56 108.69 -24.73
CA GLU D 386 -81.49 108.57 -25.72
C GLU D 386 -81.03 107.12 -25.89
N ALA D 387 -80.98 106.31 -24.84
CA ALA D 387 -80.71 104.88 -24.95
C ALA D 387 -81.78 104.12 -25.75
N TRP D 388 -83.01 104.63 -25.79
CA TRP D 388 -84.08 104.15 -26.63
C TRP D 388 -83.97 104.67 -28.07
N ALA D 389 -83.58 105.94 -28.25
CA ALA D 389 -83.34 106.54 -29.55
C ALA D 389 -82.15 105.92 -30.29
N ARG D 390 -81.14 105.41 -29.58
CA ARG D 390 -80.05 104.62 -30.16
C ARG D 390 -80.59 103.34 -30.76
N LEU D 391 -81.33 102.57 -29.98
CA LEU D 391 -81.70 101.22 -30.34
C LEU D 391 -82.82 101.16 -31.37
N ASP D 392 -83.79 102.07 -31.35
CA ASP D 392 -84.81 102.11 -32.39
C ASP D 392 -84.27 102.61 -33.76
N HIS D 393 -83.12 103.30 -33.79
CA HIS D 393 -82.36 103.57 -35.01
C HIS D 393 -81.58 102.35 -35.51
N LYS D 394 -81.16 101.42 -34.64
CA LYS D 394 -80.64 100.09 -35.07
C LYS D 394 -81.74 99.21 -35.64
N PHE D 395 -82.92 99.20 -35.01
CA PHE D 395 -84.09 98.49 -35.48
C PHE D 395 -84.54 98.97 -36.86
N ASP D 396 -84.58 100.28 -37.10
CA ASP D 396 -85.08 100.85 -38.34
C ASP D 396 -84.28 100.43 -39.58
N LEU D 397 -82.96 100.34 -39.50
CA LEU D 397 -82.10 99.88 -40.59
C LEU D 397 -82.37 98.44 -41.00
N MET D 398 -82.65 97.56 -40.04
CA MET D 398 -82.92 96.15 -40.28
C MET D 398 -84.35 95.89 -40.70
N TYR D 399 -85.34 96.53 -40.09
CA TYR D 399 -86.74 96.33 -40.47
C TYR D 399 -87.06 96.93 -41.84
N SER D 400 -86.37 98.00 -42.28
CA SER D 400 -86.49 98.52 -43.64
C SER D 400 -86.10 97.49 -44.73
N LYS D 401 -85.28 96.51 -44.41
CA LYS D 401 -84.91 95.37 -45.27
C LYS D 401 -85.68 94.09 -44.96
N ARG D 402 -86.42 94.03 -43.86
CA ARG D 402 -86.93 92.80 -43.21
C ARG D 402 -85.79 91.81 -42.88
N ALA D 403 -84.65 92.35 -42.48
CA ALA D 403 -83.34 91.71 -42.55
C ALA D 403 -83.20 90.34 -41.90
N PHE D 404 -83.92 90.00 -40.83
CA PHE D 404 -83.90 88.66 -40.21
C PHE D 404 -85.30 88.10 -39.91
N VAL D 405 -86.34 88.73 -40.48
CA VAL D 405 -87.74 88.57 -40.03
C VAL D 405 -88.29 87.16 -40.26
N HIS D 406 -87.76 86.41 -41.23
CA HIS D 406 -88.22 85.03 -41.52
C HIS D 406 -88.00 84.04 -40.37
N TRP D 407 -87.02 84.27 -39.49
CA TRP D 407 -86.79 83.43 -38.31
C TRP D 407 -87.87 83.61 -37.24
N TYR D 408 -88.46 84.80 -37.16
CA TYR D 408 -89.52 85.14 -36.20
C TYR D 408 -90.90 84.77 -36.73
N VAL D 409 -91.18 85.08 -38.00
CA VAL D 409 -92.39 84.64 -38.71
C VAL D 409 -92.44 83.12 -38.86
N GLY D 410 -91.28 82.46 -39.01
CA GLY D 410 -91.18 81.02 -39.11
C GLY D 410 -91.47 80.27 -37.81
N GLU D 411 -91.47 80.94 -36.66
CA GLU D 411 -91.69 80.34 -35.33
C GLU D 411 -92.98 80.84 -34.66
N GLY D 412 -93.94 81.27 -35.46
CA GLY D 412 -95.31 81.57 -35.04
C GLY D 412 -95.64 83.02 -34.71
N MET D 413 -94.72 83.97 -34.92
CA MET D 413 -95.02 85.39 -34.70
C MET D 413 -95.73 86.03 -35.90
N GLU D 414 -96.69 86.93 -35.64
CA GLU D 414 -97.29 87.82 -36.63
C GLU D 414 -96.24 88.84 -37.14
N GLU D 415 -96.10 89.05 -38.44
CA GLU D 415 -95.13 90.03 -38.96
C GLU D 415 -95.44 91.47 -38.48
N GLY D 416 -96.71 91.80 -38.32
CA GLY D 416 -97.18 93.09 -37.82
C GLY D 416 -96.76 93.44 -36.40
N GLU D 417 -96.35 92.46 -35.57
CA GLU D 417 -95.87 92.73 -34.21
C GLU D 417 -94.59 93.58 -34.20
N PHE D 418 -93.76 93.51 -35.24
CA PHE D 418 -92.57 94.36 -35.34
C PHE D 418 -92.94 95.84 -35.51
N SER D 419 -93.93 96.13 -36.35
CA SER D 419 -94.46 97.49 -36.50
C SER D 419 -95.18 97.97 -35.23
N GLU D 420 -96.04 97.14 -34.65
CA GLU D 420 -96.74 97.35 -33.39
C GLU D 420 -95.80 97.52 -32.18
N ALA D 421 -94.59 96.94 -32.18
CA ALA D 421 -93.57 97.16 -31.16
C ALA D 421 -92.73 98.44 -31.38
N ARG D 422 -92.36 98.76 -32.62
CA ARG D 422 -91.66 100.01 -32.94
C ARG D 422 -92.55 101.23 -32.71
N GLU D 423 -93.84 101.07 -32.92
CA GLU D 423 -94.90 102.04 -32.66
C GLU D 423 -95.04 102.33 -31.16
N ASP D 424 -95.15 101.29 -30.34
CA ASP D 424 -95.28 101.39 -28.90
C ASP D 424 -94.01 101.94 -28.23
N MET D 425 -92.82 101.62 -28.76
CA MET D 425 -91.59 102.26 -28.30
C MET D 425 -91.57 103.77 -28.64
N ALA D 426 -92.02 104.19 -29.82
CA ALA D 426 -92.11 105.61 -30.17
C ALA D 426 -93.09 106.39 -29.28
N ALA D 427 -94.15 105.76 -28.79
CA ALA D 427 -95.05 106.34 -27.79
C ALA D 427 -94.43 106.44 -26.38
N LEU D 428 -93.52 105.55 -25.98
CA LEU D 428 -92.75 105.71 -24.73
C LEU D 428 -91.67 106.78 -24.87
N GLU D 429 -90.96 106.81 -25.99
CA GLU D 429 -89.94 107.83 -26.26
C GLU D 429 -90.56 109.23 -26.39
N LYS D 430 -91.83 109.32 -26.84
CA LYS D 430 -92.68 110.51 -26.80
C LYS D 430 -93.00 110.93 -25.36
N ASP D 431 -93.50 110.01 -24.53
CA ASP D 431 -93.87 110.29 -23.13
C ASP D 431 -92.71 110.86 -22.30
N TYR D 432 -91.50 110.33 -22.40
CA TYR D 432 -90.32 110.86 -21.69
C TYR D 432 -89.83 112.24 -22.18
N GLU D 433 -90.08 112.59 -23.44
CA GLU D 433 -89.82 113.93 -23.97
C GLU D 433 -90.91 114.91 -23.55
N GLU D 434 -92.16 114.48 -23.53
CA GLU D 434 -93.35 115.27 -23.18
C GLU D 434 -93.34 115.80 -21.74
N VAL D 435 -92.88 115.02 -20.75
CA VAL D 435 -92.91 115.41 -19.33
C VAL D 435 -91.74 116.30 -18.87
N GLY D 436 -90.73 116.52 -19.71
CA GLY D 436 -89.58 117.35 -19.36
C GLY D 436 -89.86 118.85 -19.35
N THR D 437 -91.02 119.29 -19.84
CA THR D 437 -91.27 120.67 -20.27
C THR D 437 -91.79 121.53 -19.12
N MET E 1 29.31 94.00 -43.07
CA MET E 1 30.20 94.94 -42.38
C MET E 1 31.53 94.26 -42.16
N ARG E 2 32.63 94.94 -42.52
CA ARG E 2 34.03 94.53 -42.29
C ARG E 2 34.50 93.32 -43.11
N GLU E 3 33.95 93.11 -44.29
CA GLU E 3 34.39 92.03 -45.18
C GLU E 3 35.78 92.27 -45.80
N CYS E 4 36.50 91.21 -46.19
CA CYS E 4 37.68 91.28 -47.06
C CYS E 4 37.61 90.21 -48.15
N ILE E 5 37.83 90.59 -49.40
CA ILE E 5 37.95 89.63 -50.51
C ILE E 5 39.43 89.27 -50.69
N SER E 6 39.77 88.01 -50.49
CA SER E 6 41.15 87.52 -50.60
C SER E 6 41.40 86.88 -51.96
N VAL E 7 42.29 87.42 -52.78
CA VAL E 7 42.57 86.89 -54.11
C VAL E 7 43.96 86.27 -54.15
N HIS E 8 44.01 84.97 -54.41
CA HIS E 8 45.20 84.12 -54.39
C HIS E 8 45.62 83.74 -55.81
N VAL E 9 46.74 84.29 -56.29
CA VAL E 9 47.14 84.23 -57.71
C VAL E 9 48.43 83.45 -57.93
N GLY E 10 48.44 82.60 -58.96
CA GLY E 10 49.58 81.74 -59.30
C GLY E 10 49.84 80.65 -58.27
N GLN E 11 50.95 79.92 -58.35
CA GLN E 11 51.27 78.85 -57.40
C GLN E 11 51.57 79.35 -55.99
N ALA E 12 52.44 80.35 -55.84
CA ALA E 12 52.75 80.95 -54.55
C ALA E 12 51.53 81.52 -53.84
N GLY E 13 50.70 82.32 -54.50
CA GLY E 13 49.51 82.90 -53.90
C GLY E 13 48.49 81.86 -53.48
N VAL E 14 48.25 80.84 -54.32
CA VAL E 14 47.35 79.72 -54.02
C VAL E 14 47.87 78.88 -52.87
N GLN E 15 49.18 78.60 -52.79
CA GLN E 15 49.76 77.79 -51.72
C GLN E 15 49.85 78.54 -50.39
N ILE E 16 50.10 79.86 -50.41
CA ILE E 16 49.92 80.72 -49.24
C ILE E 16 48.45 80.73 -48.85
N GLY E 17 47.52 80.82 -49.80
CA GLY E 17 46.09 80.70 -49.58
C GLY E 17 45.68 79.41 -48.91
N ASN E 18 46.22 78.27 -49.35
CA ASN E 18 45.98 76.98 -48.72
C ASN E 18 46.51 76.88 -47.28
N SER E 19 47.40 77.79 -46.85
CA SER E 19 47.80 77.99 -45.46
C SER E 19 46.94 79.05 -44.74
N CYS E 20 46.57 80.15 -45.41
CA CYS E 20 45.68 81.17 -44.88
C CYS E 20 44.34 80.57 -44.48
N TRP E 21 43.70 79.85 -45.40
CA TRP E 21 42.40 79.22 -45.16
C TRP E 21 42.47 78.01 -44.23
N GLU E 22 43.62 77.35 -44.13
CA GLU E 22 43.88 76.37 -43.07
C GLU E 22 43.83 77.03 -41.69
N LEU E 23 44.47 78.19 -41.55
CA LEU E 23 44.48 78.96 -40.31
C LEU E 23 43.11 79.55 -39.99
N TYR E 24 42.49 80.31 -40.89
CA TYR E 24 41.22 80.99 -40.62
C TYR E 24 40.12 80.02 -40.21
N CYS E 25 40.09 78.82 -40.80
CA CYS E 25 39.16 77.79 -40.40
C CYS E 25 39.37 77.32 -38.96
N LEU E 26 40.62 77.12 -38.52
CA LEU E 26 40.89 76.77 -37.12
C LEU E 26 40.55 77.91 -36.16
N GLU E 27 40.89 79.13 -36.54
CA GLU E 27 40.77 80.30 -35.69
C GLU E 27 39.31 80.69 -35.42
N HIS E 28 38.42 80.47 -36.39
CA HIS E 28 36.96 80.66 -36.30
C HIS E 28 36.18 79.37 -35.99
N GLY E 29 36.85 78.23 -35.87
CA GLY E 29 36.22 76.96 -35.54
C GLY E 29 35.32 76.40 -36.62
N LEU E 30 35.67 76.61 -37.89
CA LEU E 30 35.00 76.09 -39.08
C LEU E 30 35.70 74.79 -39.50
N GLN E 31 34.92 73.72 -39.68
CA GLN E 31 35.39 72.44 -40.19
C GLN E 31 35.90 72.57 -41.63
N PRO E 32 36.76 71.67 -42.13
CA PRO E 32 37.21 71.75 -43.51
C PRO E 32 36.11 71.49 -44.55
N ASP E 33 34.91 71.03 -44.16
CA ASP E 33 33.71 70.99 -45.02
C ASP E 33 32.86 72.28 -44.95
N GLY E 34 33.35 73.32 -44.31
CA GLY E 34 32.69 74.61 -44.13
C GLY E 34 31.63 74.69 -43.03
N THR E 35 31.30 73.61 -42.33
CA THR E 35 30.31 73.65 -41.25
C THR E 35 30.92 74.13 -39.92
N MET E 36 30.11 74.56 -38.95
CA MET E 36 30.57 75.11 -37.67
C MET E 36 29.78 74.56 -36.47
N PRO E 37 30.34 73.63 -35.68
CA PRO E 37 29.66 73.07 -34.51
C PRO E 37 29.63 74.07 -33.34
N SER E 38 28.84 73.77 -32.30
CA SER E 38 28.74 74.56 -31.06
C SER E 38 28.49 73.67 -29.84
N ASP E 46 28.11 85.00 -33.22
CA ASP E 46 28.97 86.03 -32.75
C ASP E 46 29.54 86.92 -33.87
N SER E 47 29.36 86.51 -35.13
CA SER E 47 29.79 87.17 -36.37
C SER E 47 31.29 87.49 -36.49
N SER E 48 32.16 86.88 -35.71
CA SER E 48 33.61 87.07 -35.83
C SER E 48 34.18 86.56 -37.17
N PHE E 49 33.64 85.46 -37.69
CA PHE E 49 33.97 84.89 -39.00
C PHE E 49 33.57 85.79 -40.19
N GLY E 50 32.70 86.79 -40.02
CA GLY E 50 32.06 87.47 -41.16
C GLY E 50 33.05 88.17 -42.08
N THR E 51 34.22 88.57 -41.58
CA THR E 51 35.23 89.24 -42.41
C THR E 51 35.71 88.35 -43.55
N PHE E 52 35.84 87.06 -43.28
CA PHE E 52 36.40 86.06 -44.18
C PHE E 52 35.40 85.05 -44.72
N PHE E 53 34.22 84.88 -44.11
CA PHE E 53 33.28 83.87 -44.56
C PHE E 53 31.86 84.42 -44.72
N SER E 54 31.26 84.20 -45.89
CA SER E 54 29.83 84.29 -46.12
C SER E 54 29.12 83.09 -45.49
N GLU E 55 27.97 83.24 -44.83
CA GLU E 55 27.22 82.13 -44.22
C GLU E 55 25.93 81.85 -45.02
N THR E 56 25.75 80.61 -45.48
CA THR E 56 24.51 80.17 -46.15
C THR E 56 23.55 79.49 -45.16
N GLY E 57 22.26 79.46 -45.48
CA GLY E 57 21.18 79.03 -44.57
C GLY E 57 21.28 77.60 -44.05
N SER E 58 22.03 76.72 -44.72
CA SER E 58 22.36 75.38 -44.25
C SER E 58 23.28 75.37 -43.00
N GLY E 59 23.86 76.52 -42.63
CA GLY E 59 24.89 76.63 -41.60
C GLY E 59 26.29 76.30 -42.12
N LYS E 60 26.53 76.55 -43.40
CA LYS E 60 27.79 76.37 -44.11
C LYS E 60 28.45 77.74 -44.32
N HIS E 61 29.68 77.89 -43.89
CA HIS E 61 30.48 79.09 -44.03
C HIS E 61 31.41 78.93 -45.22
N VAL E 62 31.24 79.77 -46.23
CA VAL E 62 31.94 79.73 -47.51
C VAL E 62 32.91 80.89 -47.57
N PRO E 63 34.20 80.69 -47.87
CA PRO E 63 35.20 81.74 -47.79
C PRO E 63 35.01 82.82 -48.86
N ARG E 64 35.29 84.07 -48.48
CA ARG E 64 35.36 85.25 -49.35
C ARG E 64 36.71 85.30 -50.06
N ALA E 65 36.99 84.28 -50.86
CA ALA E 65 38.25 84.09 -51.55
C ALA E 65 38.05 83.75 -53.02
N VAL E 66 38.98 84.19 -53.86
CA VAL E 66 39.10 83.75 -55.24
C VAL E 66 40.49 83.15 -55.42
N PHE E 67 40.58 81.95 -56.00
CA PHE E 67 41.84 81.32 -56.32
C PHE E 67 42.00 81.30 -57.83
N VAL E 68 43.09 81.85 -58.38
CA VAL E 68 43.31 81.98 -59.82
C VAL E 68 44.68 81.47 -60.20
N ASP E 69 44.74 80.61 -61.20
CA ASP E 69 45.97 80.13 -61.78
C ASP E 69 45.74 79.91 -63.27
N LEU E 70 46.72 80.17 -64.12
CA LEU E 70 46.56 80.03 -65.56
C LEU E 70 46.67 78.57 -66.03
N GLU E 71 47.26 77.71 -65.19
CA GLU E 71 47.36 76.25 -65.35
C GLU E 71 46.56 75.49 -64.28
N GLN E 72 46.16 74.23 -64.52
CA GLN E 72 45.23 73.53 -63.65
C GLN E 72 45.84 72.93 -62.39
N THR E 73 47.16 72.68 -62.33
CA THR E 73 47.73 71.64 -61.44
C THR E 73 47.53 71.90 -59.95
N VAL E 74 47.80 73.12 -59.50
CA VAL E 74 47.77 73.53 -58.08
C VAL E 74 46.34 73.70 -57.58
N ILE E 75 45.44 74.29 -58.38
CA ILE E 75 44.05 74.42 -57.99
C ILE E 75 43.29 73.08 -58.11
N GLY E 76 43.61 72.20 -59.06
CA GLY E 76 43.06 70.84 -59.06
C GLY E 76 43.43 70.05 -57.81
N GLU E 77 44.53 70.39 -57.16
CA GLU E 77 44.91 69.82 -55.88
C GLU E 77 44.07 70.38 -54.73
N ILE E 78 43.75 71.68 -54.75
CA ILE E 78 42.79 72.33 -53.83
C ILE E 78 41.39 71.74 -54.01
N ARG E 79 40.94 71.50 -55.26
CA ARG E 79 39.69 70.82 -55.62
C ARG E 79 39.63 69.33 -55.25
N ASN E 80 40.69 68.74 -54.68
CA ASN E 80 40.77 67.29 -54.40
C ASN E 80 41.18 66.99 -52.95
N GLY E 81 41.95 67.87 -52.31
CA GLY E 81 42.39 67.74 -50.93
C GLY E 81 41.31 68.04 -49.88
N PRO E 82 41.69 68.17 -48.62
CA PRO E 82 40.74 68.31 -47.50
C PRO E 82 39.82 69.53 -47.59
N TYR E 83 40.19 70.56 -48.34
CA TYR E 83 39.38 71.76 -48.51
C TYR E 83 38.48 71.75 -49.77
N ARG E 84 38.32 70.62 -50.46
CA ARG E 84 37.44 70.51 -51.64
C ARG E 84 35.99 70.95 -51.40
N SER E 85 35.48 70.77 -50.18
CA SER E 85 34.14 71.13 -49.74
C SER E 85 34.04 72.53 -49.11
N LEU E 86 35.15 73.24 -48.89
CA LEU E 86 35.13 74.57 -48.31
C LEU E 86 34.70 75.63 -49.34
N PHE E 87 35.39 75.66 -50.47
CA PHE E 87 35.25 76.69 -51.48
C PHE E 87 34.05 76.45 -52.40
N HIS E 88 33.46 77.55 -52.87
CA HIS E 88 32.51 77.52 -53.98
C HIS E 88 33.23 77.05 -55.26
N PRO E 89 32.72 76.07 -56.01
CA PRO E 89 33.46 75.43 -57.08
C PRO E 89 33.83 76.37 -58.25
N GLU E 90 33.08 77.43 -58.50
CA GLU E 90 33.38 78.40 -59.57
C GLU E 90 34.25 79.59 -59.12
N GLN E 91 34.68 79.68 -57.86
CA GLN E 91 35.70 80.66 -57.43
C GLN E 91 37.10 80.06 -57.25
N LEU E 92 37.24 78.77 -57.56
CA LEU E 92 38.50 78.12 -57.89
C LEU E 92 38.65 78.15 -59.43
N ILE E 93 39.41 79.07 -60.00
CA ILE E 93 39.40 79.40 -61.43
C ILE E 93 40.70 78.97 -62.09
N THR E 94 40.61 78.23 -63.19
CA THR E 94 41.76 77.71 -63.92
C THR E 94 41.65 77.90 -65.42
N GLY E 95 42.79 78.16 -66.07
CA GLY E 95 42.97 78.04 -67.51
C GLY E 95 43.54 76.68 -67.95
N LYS E 96 43.81 76.56 -69.25
CA LYS E 96 44.49 75.41 -69.88
C LYS E 96 46.02 75.53 -69.90
N GLU E 97 46.54 76.75 -70.03
CA GLU E 97 47.93 77.03 -70.43
C GLU E 97 48.72 77.78 -69.34
N ASP E 98 49.84 77.21 -68.94
CA ASP E 98 50.81 77.81 -68.03
C ASP E 98 51.34 79.16 -68.59
N ALA E 99 51.64 80.13 -67.72
CA ALA E 99 52.26 81.42 -68.07
C ALA E 99 53.79 81.39 -68.28
N ALA E 100 54.44 80.26 -68.02
CA ALA E 100 55.82 79.95 -68.38
C ALA E 100 56.88 80.87 -67.76
N ASN E 101 56.64 81.46 -66.60
CA ASN E 101 57.48 82.48 -65.99
C ASN E 101 57.71 83.67 -66.92
N ASN E 102 56.75 83.95 -67.79
CA ASN E 102 56.80 85.03 -68.74
C ASN E 102 55.69 86.03 -68.39
N TYR E 103 56.05 87.25 -67.94
CA TYR E 103 55.08 88.31 -67.62
C TYR E 103 54.08 88.55 -68.74
N ALA E 104 54.52 88.52 -69.99
CA ALA E 104 53.70 88.87 -71.12
C ALA E 104 52.63 87.81 -71.42
N ARG E 105 52.85 86.53 -71.12
CA ARG E 105 51.78 85.52 -71.17
C ARG E 105 50.75 85.78 -70.10
N GLY E 106 51.17 86.12 -68.89
CA GLY E 106 50.23 86.43 -67.82
C GLY E 106 49.36 87.64 -68.11
N HIS E 107 49.98 88.72 -68.58
CA HIS E 107 49.33 90.00 -68.80
C HIS E 107 48.62 90.16 -70.15
N TYR E 108 49.24 89.78 -71.26
CA TYR E 108 48.78 90.14 -72.62
C TYR E 108 48.07 89.01 -73.39
N THR E 109 48.48 87.76 -73.18
CA THR E 109 48.15 86.66 -74.12
C THR E 109 47.26 85.57 -73.50
N ILE E 110 47.60 85.02 -72.35
CA ILE E 110 46.86 83.92 -71.71
C ILE E 110 45.88 84.42 -70.66
N GLY E 111 46.32 85.30 -69.77
CA GLY E 111 45.46 85.87 -68.73
C GLY E 111 44.37 86.79 -69.26
N LYS E 112 44.59 87.38 -70.43
CA LYS E 112 43.60 88.10 -71.27
C LYS E 112 42.30 87.32 -71.49
N GLU E 113 42.34 85.99 -71.45
CA GLU E 113 41.15 85.15 -71.60
C GLU E 113 40.39 84.87 -70.30
N LEU E 114 41.08 84.65 -69.19
CA LEU E 114 40.45 84.30 -67.90
C LEU E 114 39.99 85.54 -67.10
N ILE E 115 40.50 86.74 -67.38
CA ILE E 115 40.28 87.94 -66.56
C ILE E 115 38.81 88.31 -66.36
N ASP E 116 37.99 88.28 -67.41
CA ASP E 116 36.58 88.67 -67.33
C ASP E 116 35.71 87.65 -66.58
N SER E 117 36.21 86.43 -66.36
CA SER E 117 35.65 85.43 -65.47
C SER E 117 36.14 85.63 -64.02
N VAL E 118 37.39 86.02 -63.82
CA VAL E 118 37.93 86.37 -62.50
C VAL E 118 37.19 87.57 -61.90
N LEU E 119 36.96 88.60 -62.69
CA LEU E 119 36.19 89.77 -62.27
C LEU E 119 34.75 89.45 -61.91
N ASP E 120 34.12 88.51 -62.63
CA ASP E 120 32.72 88.14 -62.40
C ASP E 120 32.51 87.48 -61.04
N ARG E 121 33.46 86.65 -60.61
CA ARG E 121 33.50 86.13 -59.24
C ARG E 121 33.75 87.21 -58.20
N VAL E 122 34.68 88.13 -58.45
CA VAL E 122 34.94 89.21 -57.49
C VAL E 122 33.72 90.12 -57.35
N ARG E 123 33.01 90.43 -58.44
CA ARG E 123 31.71 91.11 -58.42
C ARG E 123 30.66 90.36 -57.59
N LYS E 124 30.47 89.06 -57.82
CA LYS E 124 29.55 88.22 -57.02
C LYS E 124 29.94 88.08 -55.55
N MET E 125 31.19 88.30 -55.17
CA MET E 125 31.61 88.38 -53.77
C MET E 125 31.38 89.75 -53.16
N ALA E 126 31.72 90.82 -53.87
CA ALA E 126 31.54 92.19 -53.41
C ALA E 126 30.06 92.53 -53.22
N ASP E 127 29.17 92.05 -54.09
CA ASP E 127 27.72 92.20 -53.94
C ASP E 127 27.12 91.45 -52.73
N GLN E 128 27.85 90.51 -52.12
CA GLN E 128 27.50 89.87 -50.84
C GLN E 128 28.10 90.59 -49.62
N CYS E 129 28.99 91.54 -49.80
CA CYS E 129 29.54 92.40 -48.74
C CYS E 129 28.61 93.58 -48.45
N SER E 130 28.76 94.17 -47.26
CA SER E 130 28.06 95.39 -46.83
C SER E 130 29.07 96.26 -46.10
N GLY E 131 29.69 97.21 -46.78
CA GLY E 131 30.90 97.86 -46.28
C GLY E 131 32.10 96.93 -46.33
N LEU E 132 32.46 96.49 -47.54
CA LEU E 132 33.70 95.79 -47.86
C LEU E 132 34.91 96.64 -47.43
N GLN E 133 35.81 96.08 -46.65
CA GLN E 133 36.93 96.80 -46.05
C GLN E 133 38.07 97.00 -47.04
N GLY E 134 38.33 96.00 -47.88
CA GLY E 134 39.39 96.01 -48.88
C GLY E 134 39.60 94.66 -49.54
N PHE E 135 40.70 94.54 -50.27
CA PHE E 135 41.18 93.32 -50.94
C PHE E 135 42.49 92.85 -50.32
N LEU E 136 42.69 91.56 -50.16
CA LEU E 136 43.95 90.97 -49.76
C LEU E 136 44.49 90.14 -50.93
N VAL E 137 45.49 90.65 -51.67
CA VAL E 137 45.98 90.01 -52.90
C VAL E 137 47.33 89.30 -52.70
N PHE E 138 47.36 87.99 -52.86
CA PHE E 138 48.53 87.13 -52.61
C PHE E 138 49.17 86.62 -53.89
N HIS E 139 50.47 86.82 -54.07
CA HIS E 139 51.17 86.47 -55.30
C HIS E 139 52.69 86.38 -55.18
N SER E 140 53.32 85.83 -56.21
CA SER E 140 54.77 85.84 -56.43
C SER E 140 55.15 86.97 -57.37
N PHE E 141 56.19 87.73 -57.04
CA PHE E 141 56.77 88.72 -57.95
C PHE E 141 57.54 88.08 -59.12
N GLY E 142 58.04 86.86 -58.94
CA GLY E 142 58.88 86.17 -59.91
C GLY E 142 58.13 85.34 -60.96
N GLY E 143 56.90 84.95 -60.66
CA GLY E 143 56.04 84.19 -61.54
C GLY E 143 55.54 84.93 -62.79
N GLY E 144 55.16 84.20 -63.83
CA GLY E 144 54.45 84.73 -64.98
C GLY E 144 53.00 85.06 -64.65
N THR E 145 52.27 84.15 -63.98
CA THR E 145 50.93 84.43 -63.46
C THR E 145 50.99 85.41 -62.29
N GLY E 146 51.90 85.20 -61.35
CA GLY E 146 52.18 86.09 -60.24
C GLY E 146 52.36 87.55 -60.60
N SER E 147 53.22 87.89 -61.56
CA SER E 147 53.45 89.26 -62.01
C SER E 147 52.43 89.75 -63.07
N GLY E 148 52.27 89.01 -64.15
CA GLY E 148 51.47 89.41 -65.30
C GLY E 148 49.97 89.32 -65.07
N PHE E 149 49.48 88.28 -64.40
CA PHE E 149 48.05 88.20 -64.15
C PHE E 149 47.63 89.11 -63.00
N THR E 150 48.40 89.22 -61.92
CA THR E 150 48.09 90.18 -60.85
C THR E 150 48.07 91.60 -61.37
N SER E 151 48.99 91.98 -62.25
CA SER E 151 49.03 93.31 -62.84
C SER E 151 47.89 93.58 -63.83
N LEU E 152 47.38 92.56 -64.51
CA LEU E 152 46.16 92.64 -65.31
C LEU E 152 44.94 92.81 -64.40
N LEU E 153 44.81 92.00 -63.36
CA LEU E 153 43.70 92.08 -62.43
C LEU E 153 43.66 93.40 -61.65
N MET E 154 44.77 93.84 -61.07
CA MET E 154 44.81 95.08 -60.29
C MET E 154 44.41 96.31 -61.12
N GLU E 155 44.78 96.38 -62.39
CA GLU E 155 44.41 97.48 -63.27
C GLU E 155 42.90 97.58 -63.42
N ARG E 156 42.20 96.44 -63.47
CA ARG E 156 40.74 96.35 -63.51
C ARG E 156 40.10 96.70 -62.17
N LEU E 157 40.57 96.11 -61.07
CA LEU E 157 40.04 96.41 -59.74
C LEU E 157 40.25 97.88 -59.35
N SER E 158 41.27 98.56 -59.86
CA SER E 158 41.54 99.96 -59.55
C SER E 158 40.69 100.97 -60.35
N VAL E 159 39.97 100.54 -61.38
CA VAL E 159 38.88 101.30 -62.02
C VAL E 159 37.51 100.84 -61.52
N ASP E 160 37.32 99.55 -61.26
CA ASP E 160 36.04 99.02 -60.78
C ASP E 160 35.73 99.34 -59.31
N TYR E 161 36.73 99.35 -58.42
CA TYR E 161 36.62 99.53 -56.97
C TYR E 161 37.60 100.61 -56.48
N GLY E 162 37.62 101.78 -57.12
CA GLY E 162 38.68 102.77 -56.91
C GLY E 162 38.92 103.23 -55.46
N LYS E 163 37.86 103.34 -54.65
CA LYS E 163 37.97 103.75 -53.23
C LYS E 163 38.55 102.68 -52.30
N LYS E 164 38.31 101.40 -52.58
CA LYS E 164 38.60 100.27 -51.68
C LYS E 164 40.10 99.99 -51.53
N SER E 165 40.57 99.80 -50.30
CA SER E 165 42.00 99.56 -50.01
C SER E 165 42.48 98.22 -50.55
N LYS E 166 43.56 98.22 -51.33
CA LYS E 166 44.15 97.02 -51.92
C LYS E 166 45.47 96.72 -51.22
N LEU E 167 45.43 95.75 -50.31
CA LEU E 167 46.58 95.25 -49.57
C LEU E 167 47.16 94.08 -50.33
N GLU E 168 48.48 94.01 -50.41
CA GLU E 168 49.10 93.07 -51.34
C GLU E 168 50.31 92.38 -50.72
N PHE E 169 50.30 91.05 -50.71
CA PHE E 169 51.32 90.23 -50.07
C PHE E 169 52.14 89.53 -51.15
N SER E 170 53.40 89.91 -51.25
CA SER E 170 54.25 89.53 -52.37
C SER E 170 55.44 88.71 -51.93
N VAL E 171 55.61 87.51 -52.48
CA VAL E 171 56.88 86.80 -52.38
C VAL E 171 57.85 87.34 -53.43
N TYR E 172 58.91 87.99 -52.97
CA TYR E 172 59.84 88.82 -53.71
C TYR E 172 61.19 88.13 -53.88
N PRO E 173 61.92 88.29 -55.01
CA PRO E 173 63.24 87.67 -55.18
C PRO E 173 64.30 87.99 -54.11
N ALA E 174 65.11 87.00 -53.77
CA ALA E 174 66.11 87.05 -52.71
C ALA E 174 67.48 87.57 -53.18
N PRO E 175 68.43 87.85 -52.27
CA PRO E 175 69.81 88.14 -52.64
C PRO E 175 70.47 86.98 -53.41
N ARG E 176 70.37 85.72 -52.95
CA ARG E 176 71.06 84.57 -53.54
C ARG E 176 70.11 83.46 -54.01
N ILE E 177 69.13 83.09 -53.19
CA ILE E 177 68.10 82.09 -53.53
C ILE E 177 67.21 82.56 -54.67
N SER E 178 67.10 81.74 -55.70
CA SER E 178 66.25 82.00 -56.85
C SER E 178 65.83 80.68 -57.48
N THR E 179 64.67 80.65 -58.14
CA THR E 179 64.11 79.44 -58.75
C THR E 179 64.02 79.52 -60.28
N ALA E 180 64.32 80.69 -60.84
CA ALA E 180 64.14 81.05 -62.24
C ALA E 180 65.28 81.97 -62.69
N VAL E 181 65.56 81.94 -63.98
CA VAL E 181 66.53 82.82 -64.59
C VAL E 181 65.94 84.21 -64.82
N VAL E 182 64.64 84.28 -65.15
CA VAL E 182 63.90 85.49 -65.54
C VAL E 182 63.13 86.18 -64.40
N GLU E 183 63.33 85.74 -63.15
CA GLU E 183 62.78 86.34 -61.92
C GLU E 183 63.02 87.87 -61.80
N PRO E 184 64.19 88.44 -62.17
CA PRO E 184 64.42 89.89 -62.22
C PRO E 184 63.55 90.65 -63.24
N TYR E 185 63.29 90.07 -64.41
CA TYR E 185 62.45 90.67 -65.43
C TYR E 185 60.99 90.76 -64.97
N ASN E 186 60.45 89.69 -64.41
CA ASN E 186 59.05 89.67 -63.96
C ASN E 186 58.81 90.62 -62.79
N SER E 187 59.77 90.72 -61.88
CA SER E 187 59.68 91.59 -60.72
C SER E 187 59.72 93.06 -61.07
N ILE E 188 60.65 93.49 -61.93
CA ILE E 188 60.76 94.89 -62.38
C ILE E 188 59.52 95.31 -63.19
N LEU E 189 59.02 94.47 -64.09
CA LEU E 189 57.75 94.72 -64.81
C LEU E 189 56.54 94.84 -63.87
N THR E 190 56.56 94.23 -62.70
CA THR E 190 55.51 94.37 -61.67
C THR E 190 55.52 95.71 -60.94
N THR E 191 56.63 96.45 -60.90
CA THR E 191 56.75 97.68 -60.09
C THR E 191 55.76 98.80 -60.44
N HIS E 192 55.19 98.81 -61.64
CA HIS E 192 54.08 99.71 -61.98
C HIS E 192 52.78 99.34 -61.26
N THR E 193 52.56 98.05 -61.03
CA THR E 193 51.36 97.53 -60.38
C THR E 193 51.32 97.99 -58.95
N THR E 194 52.38 97.72 -58.20
CA THR E 194 52.48 98.12 -56.81
C THR E 194 52.50 99.63 -56.67
N LEU E 195 53.22 100.39 -57.48
CA LEU E 195 53.20 101.85 -57.39
C LEU E 195 51.82 102.47 -57.67
N GLU E 196 51.13 102.09 -58.74
CA GLU E 196 49.94 102.80 -59.20
C GLU E 196 48.62 102.18 -58.73
N HIS E 197 48.55 100.86 -58.55
CA HIS E 197 47.31 100.10 -58.33
C HIS E 197 47.31 99.26 -57.04
N SER E 198 48.01 99.71 -56.02
CA SER E 198 48.09 99.08 -54.69
C SER E 198 48.14 100.16 -53.63
N ASP E 199 47.71 99.88 -52.41
CA ASP E 199 47.66 100.86 -51.31
C ASP E 199 48.62 100.53 -50.18
N CYS E 200 48.97 99.27 -49.96
CA CYS E 200 50.01 98.86 -49.03
C CYS E 200 50.55 97.47 -49.43
N ALA E 201 51.84 97.41 -49.77
CA ALA E 201 52.44 96.23 -50.39
C ALA E 201 53.51 95.60 -49.50
N PHE E 202 53.19 94.44 -48.94
CA PHE E 202 54.04 93.67 -48.03
C PHE E 202 54.94 92.72 -48.81
N MET E 203 56.16 93.17 -49.07
CA MET E 203 57.22 92.32 -49.64
C MET E 203 57.68 91.31 -48.59
N VAL E 204 57.86 90.06 -49.01
CA VAL E 204 58.38 88.95 -48.22
C VAL E 204 59.42 88.21 -49.06
N ASP E 205 60.40 87.57 -48.44
CA ASP E 205 61.53 86.91 -49.08
C ASP E 205 61.68 85.45 -48.59
N ASN E 206 61.81 84.51 -49.53
CA ASN E 206 62.02 83.10 -49.20
C ASN E 206 63.30 82.88 -48.39
N GLU E 207 64.39 83.57 -48.69
CA GLU E 207 65.68 83.34 -48.05
C GLU E 207 65.74 83.84 -46.61
N ALA E 208 65.02 84.91 -46.30
CA ALA E 208 64.89 85.45 -44.96
C ALA E 208 64.05 84.55 -44.06
N ILE E 209 62.93 84.03 -44.56
CA ILE E 209 62.16 83.05 -43.79
C ILE E 209 62.93 81.75 -43.64
N TYR E 210 63.67 81.28 -44.66
CA TYR E 210 64.52 80.10 -44.49
C TYR E 210 65.52 80.28 -43.34
N ASP E 211 66.07 81.48 -43.13
CA ASP E 211 67.02 81.74 -42.05
C ASP E 211 66.32 81.88 -40.68
N ILE E 212 65.15 82.51 -40.64
CA ILE E 212 64.27 82.53 -39.46
C ILE E 212 63.93 81.09 -39.05
N CYS E 213 63.57 80.22 -39.98
CA CYS E 213 63.26 78.82 -39.68
C CYS E 213 64.45 78.11 -39.04
N ASN E 214 65.66 78.33 -39.57
CA ASN E 214 66.89 77.70 -39.09
C ASN E 214 67.26 78.15 -37.67
N ARG E 215 67.12 79.44 -37.36
CA ARG E 215 67.57 80.06 -36.11
C ARG E 215 66.57 80.06 -34.96
N ASN E 216 65.28 80.08 -35.26
CA ASN E 216 64.21 80.22 -34.26
C ASN E 216 63.33 78.99 -34.10
N LEU E 217 63.00 78.30 -35.19
CA LEU E 217 62.24 77.05 -35.13
C LEU E 217 63.15 75.82 -35.00
N ASP E 218 64.45 76.02 -35.26
CA ASP E 218 65.50 74.99 -35.33
C ASP E 218 65.24 73.85 -36.32
N ILE E 219 64.33 74.05 -37.28
CA ILE E 219 64.16 73.14 -38.40
C ILE E 219 65.29 73.36 -39.39
N GLU E 220 66.06 72.31 -39.67
CA GLU E 220 67.32 72.43 -40.42
C GLU E 220 67.11 72.61 -41.93
N ARG E 221 66.03 72.02 -42.45
CA ARG E 221 65.68 71.89 -43.88
C ARG E 221 64.17 72.08 -44.14
N PRO E 222 63.61 73.30 -44.13
CA PRO E 222 62.20 73.53 -44.36
C PRO E 222 61.73 73.45 -45.83
N SER E 223 60.48 73.10 -46.01
CA SER E 223 59.71 73.14 -47.26
C SER E 223 59.02 74.49 -47.44
N TYR E 224 58.19 74.64 -48.47
CA TYR E 224 57.28 75.78 -48.54
C TYR E 224 56.12 75.73 -47.54
N THR E 225 55.70 74.56 -47.06
CA THR E 225 54.62 74.54 -46.07
C THR E 225 55.02 75.29 -44.81
N ASN E 226 56.30 75.24 -44.42
CA ASN E 226 56.83 75.98 -43.28
C ASN E 226 56.84 77.49 -43.50
N LEU E 227 57.10 77.95 -44.73
CA LEU E 227 57.08 79.37 -45.06
C LEU E 227 55.66 79.92 -45.07
N ASN E 228 54.75 79.23 -45.73
CA ASN E 228 53.38 79.67 -45.88
C ASN E 228 52.66 79.75 -44.53
N ARG E 229 52.99 78.84 -43.60
CA ARG E 229 52.50 78.90 -42.23
C ARG E 229 53.02 80.09 -41.42
N LEU E 230 54.09 80.76 -41.83
CA LEU E 230 54.50 82.05 -41.26
C LEU E 230 53.84 83.24 -41.98
N ILE E 231 53.71 83.17 -43.30
CA ILE E 231 53.13 84.26 -44.09
C ILE E 231 51.63 84.42 -43.82
N ALA E 232 50.90 83.33 -43.61
CA ALA E 232 49.50 83.38 -43.21
C ALA E 232 49.34 83.94 -41.79
N GLN E 233 50.24 83.62 -40.88
CA GLN E 233 50.16 84.07 -39.50
C GLN E 233 50.24 85.61 -39.40
N ILE E 234 51.02 86.26 -40.25
CA ILE E 234 51.05 87.72 -40.34
C ILE E 234 49.70 88.28 -40.79
N VAL E 235 49.06 87.71 -41.81
CA VAL E 235 47.76 88.23 -42.29
C VAL E 235 46.64 87.98 -41.29
N SER E 236 46.66 86.87 -40.55
CA SER E 236 45.75 86.70 -39.42
C SER E 236 45.90 87.84 -38.42
N SER E 237 47.13 88.28 -38.15
CA SER E 237 47.42 89.35 -37.20
C SER E 237 47.10 90.75 -37.73
N ILE E 238 47.25 91.01 -39.03
CA ILE E 238 46.77 92.23 -39.67
C ILE E 238 45.25 92.29 -39.61
N THR E 239 44.56 91.18 -39.87
CA THR E 239 43.10 91.14 -39.85
C THR E 239 42.50 90.93 -38.46
N ALA E 240 43.26 90.60 -37.43
CA ALA E 240 42.69 90.26 -36.12
C ALA E 240 41.80 91.37 -35.54
N SER E 241 42.18 92.64 -35.70
CA SER E 241 41.35 93.77 -35.26
C SER E 241 40.05 93.95 -36.02
N LEU E 242 39.94 93.37 -37.20
CA LEU E 242 38.73 93.35 -38.01
C LEU E 242 37.77 92.26 -37.54
N ARG E 243 38.31 91.20 -36.94
CA ARG E 243 37.66 89.94 -36.58
C ARG E 243 37.30 89.79 -35.11
N PHE E 244 37.97 90.50 -34.20
CA PHE E 244 37.94 90.21 -32.75
C PHE E 244 37.86 91.46 -31.85
N ASP E 245 37.55 91.26 -30.57
CA ASP E 245 37.63 92.33 -29.56
C ASP E 245 39.08 92.60 -29.14
N GLY E 246 39.38 93.84 -28.80
CA GLY E 246 40.70 94.30 -28.36
C GLY E 246 40.64 95.55 -27.51
N ALA E 247 41.75 95.90 -26.87
CA ALA E 247 41.88 97.14 -26.10
C ALA E 247 42.02 98.36 -27.02
N LEU E 248 42.70 98.17 -28.15
CA LEU E 248 43.02 99.18 -29.15
C LEU E 248 42.91 98.57 -30.55
N ASN E 249 41.71 98.24 -31.00
CA ASN E 249 41.49 97.68 -32.33
C ASN E 249 41.89 98.67 -33.43
N VAL E 250 42.49 98.17 -34.52
CA VAL E 250 42.97 98.97 -35.66
C VAL E 250 42.18 98.66 -36.92
N ASP E 251 41.53 99.66 -37.49
CA ASP E 251 40.83 99.56 -38.77
C ASP E 251 41.82 99.44 -39.96
N LEU E 252 41.42 98.79 -41.06
CA LEU E 252 42.31 98.59 -42.20
C LEU E 252 42.81 99.90 -42.87
N THR E 253 42.09 101.01 -42.74
CA THR E 253 42.52 102.38 -43.15
C THR E 253 43.20 103.17 -42.05
N GLU E 254 42.88 102.92 -40.79
CA GLU E 254 43.61 103.44 -39.64
C GLU E 254 45.06 102.97 -39.65
N PHE E 255 45.26 101.71 -40.03
CA PHE E 255 46.55 101.09 -40.30
C PHE E 255 47.36 101.89 -41.33
N GLN E 256 46.78 102.14 -42.50
CA GLN E 256 47.40 102.90 -43.59
C GLN E 256 47.66 104.36 -43.24
N THR E 257 46.78 105.04 -42.50
CA THR E 257 46.99 106.44 -42.08
C THR E 257 48.20 106.62 -41.16
N ASN E 258 48.67 105.58 -40.48
CA ASN E 258 49.87 105.57 -39.66
C ASN E 258 51.10 104.93 -40.34
N LEU E 259 50.92 103.96 -41.24
CA LEU E 259 52.01 103.34 -41.98
C LEU E 259 52.55 104.23 -43.09
N VAL E 260 51.69 104.90 -43.85
CA VAL E 260 52.04 105.51 -45.13
C VAL E 260 52.21 107.03 -44.99
N PRO E 261 53.45 107.54 -44.95
CA PRO E 261 53.69 108.98 -44.81
C PRO E 261 53.46 109.77 -46.09
N TYR E 262 53.64 109.16 -47.26
CA TYR E 262 53.56 109.82 -48.56
C TYR E 262 52.89 108.86 -49.55
N PRO E 263 52.21 109.35 -50.60
CA PRO E 263 51.39 108.50 -51.45
C PRO E 263 52.11 107.28 -52.02
N ARG E 264 53.40 107.37 -52.35
CA ARG E 264 54.13 106.27 -53.00
C ARG E 264 54.97 105.42 -52.04
N ILE E 265 54.97 105.79 -50.75
CA ILE E 265 55.85 105.21 -49.71
C ILE E 265 55.04 104.27 -48.84
N HIS E 266 54.61 103.17 -49.46
CA HIS E 266 53.65 102.22 -48.93
C HIS E 266 54.15 100.79 -48.99
N PHE E 267 55.47 100.62 -48.96
CA PHE E 267 56.18 99.34 -48.93
C PHE E 267 56.79 99.07 -47.55
N PRO E 268 55.98 98.72 -46.53
CA PRO E 268 56.51 98.36 -45.24
C PRO E 268 57.18 96.98 -45.26
N LEU E 269 58.19 96.81 -44.42
CA LEU E 269 58.59 95.49 -43.94
C LEU E 269 57.51 94.93 -43.02
N VAL E 270 57.55 93.62 -42.82
CA VAL E 270 56.76 92.92 -41.84
C VAL E 270 57.65 91.93 -41.07
N THR E 271 57.32 91.69 -39.82
CA THR E 271 57.96 90.69 -38.95
C THR E 271 56.97 90.22 -37.90
N TYR E 272 57.21 89.06 -37.31
CA TYR E 272 56.34 88.44 -36.32
C TYR E 272 57.18 87.95 -35.16
N SER E 273 56.70 88.07 -33.92
CA SER E 273 57.37 87.51 -32.77
C SER E 273 56.35 87.01 -31.75
N PRO E 274 56.69 85.97 -30.97
CA PRO E 274 57.89 85.16 -31.11
C PRO E 274 57.70 84.06 -32.16
N ILE E 275 58.60 83.96 -33.15
CA ILE E 275 58.74 82.70 -33.86
C ILE E 275 59.52 81.76 -32.95
N ILE E 276 58.93 80.63 -32.54
CA ILE E 276 59.54 79.78 -31.52
C ILE E 276 59.05 78.33 -31.62
N SER E 277 59.90 77.35 -31.31
CA SER E 277 59.51 75.94 -31.24
C SER E 277 59.14 75.52 -29.82
N ALA E 278 58.49 74.38 -29.68
CA ALA E 278 58.16 73.80 -28.39
C ALA E 278 59.39 73.38 -27.54
N GLU E 279 60.58 73.32 -28.13
CA GLU E 279 61.81 73.02 -27.38
C GLU E 279 62.23 74.18 -26.48
N LYS E 280 61.90 75.42 -26.88
CA LYS E 280 62.38 76.66 -26.25
C LYS E 280 61.27 77.50 -25.62
N ALA E 281 60.04 77.41 -26.10
CA ALA E 281 58.94 78.24 -25.62
C ALA E 281 58.64 78.07 -24.12
N TYR E 282 58.97 76.92 -23.53
CA TYR E 282 58.83 76.66 -22.10
C TYR E 282 60.03 77.14 -21.25
N HIS E 283 61.07 77.72 -21.83
CA HIS E 283 62.25 78.24 -21.10
C HIS E 283 62.48 79.74 -21.27
N GLU E 284 62.10 80.30 -22.41
CA GLU E 284 62.03 81.76 -22.61
C GLU E 284 60.91 82.37 -21.76
N GLN E 285 61.03 83.63 -21.32
CA GLN E 285 59.92 84.30 -20.65
C GLN E 285 58.81 84.71 -21.64
N LEU E 286 59.14 85.15 -22.86
CA LEU E 286 58.17 85.69 -23.81
C LEU E 286 57.30 86.79 -23.18
N SER E 287 57.91 87.61 -22.32
CA SER E 287 57.33 88.84 -21.82
C SER E 287 57.13 89.85 -22.95
N VAL E 288 56.24 90.83 -22.76
CA VAL E 288 55.98 91.85 -23.78
C VAL E 288 57.23 92.61 -24.17
N PRO E 289 58.14 92.88 -23.25
CA PRO E 289 59.41 93.54 -23.55
C PRO E 289 60.27 92.75 -24.55
N GLU E 290 60.36 91.42 -24.41
CA GLU E 290 61.20 90.59 -25.27
C GLU E 290 60.64 90.47 -26.68
N ILE E 291 59.35 90.17 -26.83
CA ILE E 291 58.73 90.02 -28.15
C ILE E 291 58.60 91.36 -28.88
N THR E 292 58.60 92.50 -28.18
CA THR E 292 58.73 93.81 -28.82
C THR E 292 60.14 93.98 -29.37
N ASN E 293 61.17 93.76 -28.55
CA ASN E 293 62.57 93.90 -28.96
C ASN E 293 62.96 92.94 -30.09
N ALA E 294 62.41 91.74 -30.13
CA ALA E 294 62.65 90.79 -31.21
C ALA E 294 62.28 91.35 -32.60
N CYS E 295 61.29 92.24 -32.70
CA CYS E 295 60.89 92.82 -33.98
C CYS E 295 61.91 93.80 -34.55
N PHE E 296 62.84 94.31 -33.74
CA PHE E 296 63.87 95.24 -34.20
C PHE E 296 65.21 94.55 -34.51
N GLU E 297 65.32 93.25 -34.28
CA GLU E 297 66.51 92.48 -34.68
C GLU E 297 66.52 92.29 -36.22
N TYR E 298 67.63 92.53 -36.92
CA TYR E 298 67.81 92.14 -38.32
C TYR E 298 67.52 90.65 -38.56
N SER E 299 67.78 89.82 -37.55
CA SER E 299 67.53 88.40 -37.52
C SER E 299 66.05 88.00 -37.75
N ASN E 300 65.07 88.87 -37.54
CA ASN E 300 63.65 88.50 -37.69
C ASN E 300 62.94 89.23 -38.84
N GLN E 301 63.64 90.06 -39.61
CA GLN E 301 63.05 90.72 -40.78
C GLN E 301 62.86 89.71 -41.91
N MET E 302 61.69 89.69 -42.54
CA MET E 302 61.34 88.73 -43.60
C MET E 302 61.65 89.25 -45.02
N VAL E 303 62.60 90.18 -45.15
CA VAL E 303 63.30 90.59 -46.37
C VAL E 303 64.77 90.70 -46.00
N LYS E 304 65.70 90.13 -46.79
CA LYS E 304 67.13 90.21 -46.49
C LYS E 304 67.70 91.59 -46.80
N CYS E 305 67.42 92.53 -45.91
CA CYS E 305 67.99 93.87 -45.82
C CYS E 305 68.16 94.22 -44.33
N ASP E 306 69.08 95.12 -43.99
CA ASP E 306 69.39 95.45 -42.59
C ASP E 306 68.69 96.77 -42.21
N PRO E 307 67.74 96.80 -41.26
CA PRO E 307 67.05 98.03 -40.87
C PRO E 307 67.97 99.14 -40.32
N ARG E 308 69.16 98.78 -39.85
CA ARG E 308 70.16 99.71 -39.33
C ARG E 308 70.84 100.51 -40.43
N ARG E 309 70.81 100.02 -41.68
CA ARG E 309 71.21 100.79 -42.86
C ARG E 309 70.11 101.73 -43.34
N GLY E 310 68.98 101.82 -42.65
CA GLY E 310 67.88 102.76 -42.94
C GLY E 310 67.56 103.71 -41.81
N LYS E 311 66.44 104.42 -41.97
CA LYS E 311 65.70 105.06 -40.88
C LYS E 311 64.25 104.64 -40.92
N TYR E 312 63.66 104.40 -39.77
CA TYR E 312 62.24 104.14 -39.62
C TYR E 312 61.42 105.39 -39.85
N MET E 313 60.36 105.29 -40.64
CA MET E 313 59.36 106.32 -40.83
C MET E 313 58.20 106.10 -39.87
N ALA E 314 57.62 104.90 -39.84
CA ALA E 314 56.57 104.54 -38.90
C ALA E 314 56.53 103.04 -38.63
N CYS E 315 56.15 102.63 -37.42
CA CYS E 315 55.93 101.25 -37.04
C CYS E 315 54.49 101.05 -36.55
N CYS E 316 53.78 100.05 -37.05
CA CYS E 316 52.58 99.51 -36.45
C CYS E 316 52.95 98.27 -35.65
N LEU E 317 52.90 98.34 -34.32
CA LEU E 317 53.03 97.18 -33.45
C LEU E 317 51.63 96.64 -33.17
N LEU E 318 51.24 95.58 -33.87
CA LEU E 318 49.93 94.93 -33.74
C LEU E 318 50.02 93.74 -32.77
N TYR E 319 49.86 93.99 -31.47
CA TYR E 319 49.87 92.92 -30.47
C TYR E 319 48.56 92.16 -30.44
N ARG E 320 48.66 90.88 -30.07
CA ARG E 320 47.51 90.02 -29.87
C ARG E 320 47.74 89.02 -28.75
N GLY E 321 46.67 88.60 -28.10
CA GLY E 321 46.73 87.77 -26.91
C GLY E 321 46.82 88.58 -25.62
N ASP E 322 47.42 88.00 -24.58
CA ASP E 322 47.44 88.54 -23.22
C ASP E 322 48.47 89.69 -23.05
N VAL E 323 48.12 90.91 -23.46
CA VAL E 323 48.96 92.11 -23.25
C VAL E 323 48.16 93.30 -22.73
N VAL E 324 48.83 94.25 -22.10
CA VAL E 324 48.20 95.39 -21.43
C VAL E 324 48.91 96.68 -21.88
N PRO E 325 48.21 97.77 -22.21
CA PRO E 325 48.84 99.02 -22.66
C PRO E 325 49.95 99.59 -21.77
N LYS E 326 49.93 99.34 -20.45
CA LYS E 326 51.08 99.60 -19.56
C LYS E 326 52.37 99.02 -20.15
N ASP E 327 52.35 97.73 -20.44
CA ASP E 327 53.53 96.94 -20.86
C ASP E 327 54.05 97.41 -22.21
N VAL E 328 53.14 97.73 -23.12
CA VAL E 328 53.49 98.20 -24.45
C VAL E 328 54.14 99.56 -24.41
N ASN E 329 53.59 100.51 -23.66
CA ASN E 329 54.22 101.83 -23.53
C ASN E 329 55.62 101.72 -22.89
N ALA E 330 55.76 100.93 -21.84
CA ALA E 330 57.04 100.64 -21.20
C ALA E 330 58.05 99.96 -22.13
N ALA E 331 57.58 99.11 -23.04
CA ALA E 331 58.40 98.51 -24.09
C ALA E 331 58.83 99.53 -25.14
N ILE E 332 57.93 100.27 -25.79
CA ILE E 332 58.33 101.22 -26.84
C ILE E 332 59.21 102.35 -26.29
N ALA E 333 59.10 102.67 -25.02
CA ALA E 333 60.04 103.56 -24.35
C ALA E 333 61.48 103.05 -24.37
N ALA E 334 61.72 101.75 -24.22
CA ALA E 334 63.07 101.21 -24.40
C ALA E 334 63.51 101.24 -25.87
N ILE E 335 62.61 100.98 -26.81
CA ILE E 335 62.95 101.09 -28.23
C ILE E 335 63.36 102.53 -28.58
N LYS E 336 62.65 103.56 -28.10
CA LYS E 336 63.04 104.97 -28.29
C LYS E 336 64.38 105.32 -27.63
N THR E 337 64.79 104.58 -26.60
CA THR E 337 66.04 104.82 -25.88
C THR E 337 67.26 104.30 -26.65
N ARG E 338 67.12 103.22 -27.43
CA ARG E 338 68.19 102.56 -28.18
C ARG E 338 68.60 103.34 -29.44
N ARG E 339 69.84 103.84 -29.48
CA ARG E 339 70.37 104.70 -30.56
C ARG E 339 70.61 103.98 -31.89
N SER E 340 70.67 102.65 -31.90
CA SER E 340 70.76 101.85 -33.12
C SER E 340 69.45 101.76 -33.90
N ILE E 341 68.29 101.95 -33.27
CA ILE E 341 66.96 101.99 -33.91
C ILE E 341 66.62 103.45 -34.23
N GLN E 342 66.93 103.93 -35.43
CA GLN E 342 66.82 105.36 -35.74
C GLN E 342 65.60 105.71 -36.58
N PHE E 343 64.73 106.54 -36.04
CA PHE E 343 63.61 107.12 -36.77
C PHE E 343 64.03 108.38 -37.52
N VAL E 344 63.26 108.75 -38.53
CA VAL E 344 63.33 110.04 -39.21
C VAL E 344 63.00 111.20 -38.27
N ASP E 345 63.58 112.37 -38.54
CA ASP E 345 63.42 113.61 -37.78
C ASP E 345 61.99 114.15 -37.78
N TRP E 346 61.23 113.81 -38.81
CA TRP E 346 59.88 114.29 -39.07
C TRP E 346 58.77 113.36 -38.55
N CYS E 347 59.09 112.25 -37.87
CA CYS E 347 58.11 111.38 -37.26
C CYS E 347 58.41 111.23 -35.76
N PRO E 348 58.07 112.23 -34.94
CA PRO E 348 58.45 112.27 -33.53
C PRO E 348 57.65 111.29 -32.66
N THR E 349 56.47 110.90 -33.14
CA THR E 349 55.58 109.90 -32.53
C THR E 349 56.02 108.49 -32.87
N GLY E 350 56.28 108.17 -34.14
CA GLY E 350 56.86 106.92 -34.61
C GLY E 350 55.97 105.67 -34.59
N PHE E 351 55.32 105.38 -33.48
CA PHE E 351 54.63 104.13 -33.22
C PHE E 351 53.12 104.29 -33.25
N LYS E 352 52.47 103.43 -34.04
CA LYS E 352 51.05 103.12 -33.96
C LYS E 352 50.91 101.77 -33.26
N VAL E 353 50.15 101.72 -32.19
CA VAL E 353 49.95 100.53 -31.37
C VAL E 353 48.54 100.02 -31.61
N GLY E 354 48.42 98.72 -31.85
CA GLY E 354 47.16 97.98 -31.81
C GLY E 354 47.25 96.85 -30.79
N ILE E 355 46.17 96.56 -30.07
CA ILE E 355 46.13 95.50 -29.05
C ILE E 355 44.81 94.75 -29.16
N ASN E 356 44.88 93.44 -29.37
CA ASN E 356 43.73 92.56 -29.60
C ASN E 356 43.69 91.35 -28.64
N TYR E 357 42.54 90.97 -28.11
CA TYR E 357 42.45 89.98 -27.02
C TYR E 357 42.54 88.51 -27.46
N GLN E 358 42.62 88.23 -28.77
CA GLN E 358 42.64 86.86 -29.29
C GLN E 358 44.08 86.36 -29.50
N PRO E 359 44.56 85.34 -28.76
CA PRO E 359 45.88 84.75 -28.95
C PRO E 359 46.10 84.22 -30.38
N PRO E 360 47.35 83.97 -30.78
CA PRO E 360 47.67 83.33 -32.05
C PRO E 360 47.25 81.86 -32.05
N THR E 361 46.47 81.46 -33.04
CA THR E 361 46.05 80.07 -33.24
C THR E 361 47.18 79.21 -33.77
N ALA E 362 47.45 78.07 -33.14
CA ALA E 362 48.38 77.08 -33.69
C ALA E 362 47.71 76.22 -34.76
N VAL E 363 48.33 76.06 -35.92
CA VAL E 363 47.98 74.95 -36.82
C VAL E 363 48.53 73.67 -36.19
N PRO E 364 47.73 72.62 -35.95
CA PRO E 364 48.14 71.46 -35.14
C PRO E 364 49.33 70.66 -35.71
N GLY E 365 49.50 70.66 -37.03
CA GLY E 365 50.62 70.00 -37.69
C GLY E 365 51.94 70.80 -37.70
N GLY E 366 51.93 72.03 -37.21
CA GLY E 366 52.99 73.02 -37.43
C GLY E 366 54.16 72.98 -36.46
N ASP E 367 55.22 73.69 -36.84
CA ASP E 367 56.46 73.80 -36.06
C ASP E 367 56.39 74.90 -34.99
N VAL E 368 55.59 75.94 -35.25
CA VAL E 368 55.46 77.16 -34.44
C VAL E 368 54.59 76.94 -33.21
N ALA E 369 55.14 77.18 -32.02
CA ALA E 369 54.60 76.74 -30.73
C ALA E 369 53.43 77.59 -30.19
N LYS E 370 52.68 77.05 -29.23
CA LYS E 370 51.64 77.76 -28.48
C LYS E 370 52.27 78.78 -27.55
N VAL E 371 51.78 80.01 -27.55
CA VAL E 371 52.33 81.13 -26.77
C VAL E 371 51.22 82.07 -26.33
N LEU E 372 51.35 82.71 -25.17
CA LEU E 372 50.29 83.59 -24.66
C LEU E 372 50.13 84.88 -25.44
N ARG E 373 51.14 85.27 -26.20
CA ARG E 373 51.31 86.59 -26.81
C ARG E 373 51.90 86.44 -28.18
N ALA E 374 51.57 87.36 -29.07
CA ALA E 374 52.36 87.63 -30.24
C ALA E 374 52.24 89.10 -30.59
N VAL E 375 53.16 89.57 -31.40
CA VAL E 375 53.12 90.86 -32.06
C VAL E 375 53.45 90.65 -33.51
N CYS E 376 52.72 91.30 -34.39
CA CYS E 376 53.17 91.50 -35.72
C CYS E 376 53.60 92.95 -35.82
N MET E 377 54.85 93.22 -36.20
CA MET E 377 55.31 94.57 -36.46
C MET E 377 55.38 94.80 -37.96
N LEU E 378 54.64 95.78 -38.43
CA LEU E 378 54.63 96.21 -39.82
C LEU E 378 55.25 97.59 -39.83
N SER E 379 56.26 97.79 -40.65
CA SER E 379 57.22 98.86 -40.45
C SER E 379 57.70 99.52 -41.74
N ASN E 380 57.36 100.78 -41.94
CA ASN E 380 57.86 101.56 -43.06
C ASN E 380 59.25 102.12 -42.73
N THR E 381 60.26 101.71 -43.49
CA THR E 381 61.66 102.05 -43.26
C THR E 381 62.41 102.25 -44.56
N THR E 382 63.40 103.16 -44.60
CA THR E 382 64.18 103.44 -45.81
C THR E 382 65.05 102.26 -46.25
N ALA E 383 65.35 101.33 -45.34
CA ALA E 383 66.21 100.18 -45.59
C ALA E 383 65.74 99.28 -46.73
N ILE E 384 64.44 99.18 -46.99
CA ILE E 384 63.89 98.27 -48.00
C ILE E 384 64.38 98.59 -49.41
N ALA E 385 64.81 99.82 -49.68
CA ALA E 385 65.40 100.21 -50.95
C ALA E 385 66.63 99.38 -51.34
N GLU E 386 67.31 98.71 -50.40
CA GLU E 386 68.40 97.81 -50.72
C GLU E 386 67.91 96.52 -51.39
N ALA E 387 66.76 95.97 -51.00
CA ALA E 387 66.16 94.83 -51.69
C ALA E 387 65.76 95.15 -53.14
N TRP E 388 65.49 96.43 -53.45
CA TRP E 388 65.28 96.92 -54.80
C TRP E 388 66.60 97.17 -55.54
N ALA E 389 67.62 97.70 -54.86
CA ALA E 389 68.96 97.88 -55.41
C ALA E 389 69.66 96.58 -55.75
N ARG E 390 69.38 95.48 -55.04
CA ARG E 390 69.84 94.13 -55.40
C ARG E 390 69.26 93.70 -56.73
N LEU E 391 67.95 93.79 -56.86
CA LEU E 391 67.24 93.19 -57.99
C LEU E 391 67.37 93.99 -59.27
N ASP E 392 67.42 95.32 -59.22
CA ASP E 392 67.65 96.12 -60.42
C ASP E 392 69.12 96.03 -60.93
N HIS E 393 70.07 95.60 -60.11
CA HIS E 393 71.40 95.17 -60.53
C HIS E 393 71.42 93.78 -61.19
N LYS E 394 70.51 92.87 -60.83
CA LYS E 394 70.29 91.62 -61.60
C LYS E 394 69.65 91.88 -62.95
N PHE E 395 68.67 92.78 -63.00
CA PHE E 395 68.03 93.21 -64.23
C PHE E 395 69.00 93.85 -65.21
N ASP E 396 69.88 94.72 -64.73
CA ASP E 396 70.81 95.47 -65.57
C ASP E 396 71.78 94.59 -66.36
N LEU E 397 72.30 93.52 -65.76
CA LEU E 397 73.19 92.55 -66.42
C LEU E 397 72.52 91.83 -67.59
N MET E 398 71.24 91.48 -67.44
CA MET E 398 70.49 90.77 -68.46
C MET E 398 69.93 91.70 -69.54
N TYR E 399 69.41 92.86 -69.19
CA TYR E 399 68.90 93.79 -70.19
C TYR E 399 70.00 94.43 -71.03
N SER E 400 71.22 94.59 -70.51
CA SER E 400 72.38 95.01 -71.31
C SER E 400 72.72 94.03 -72.47
N LYS E 401 72.33 92.76 -72.36
CA LYS E 401 72.45 91.76 -73.43
C LYS E 401 71.14 91.50 -74.19
N ARG E 402 70.01 92.05 -73.73
CA ARG E 402 68.63 91.65 -74.10
C ARG E 402 68.40 90.14 -73.87
N ALA E 403 68.97 89.62 -72.78
CA ALA E 403 69.29 88.21 -72.59
C ALA E 403 68.13 87.22 -72.74
N PHE E 404 66.88 87.56 -72.44
CA PHE E 404 65.71 86.68 -72.67
C PHE E 404 64.53 87.39 -73.34
N VAL E 405 64.77 88.59 -73.89
CA VAL E 405 63.72 89.54 -74.26
C VAL E 405 62.82 89.06 -75.39
N HIS E 406 63.28 88.16 -76.26
CA HIS E 406 62.48 87.63 -77.37
C HIS E 406 61.25 86.81 -76.93
N TRP E 407 61.25 86.23 -75.73
CA TRP E 407 60.10 85.51 -75.18
C TRP E 407 58.97 86.47 -74.78
N TYR E 408 59.30 87.70 -74.37
CA TYR E 408 58.35 88.73 -73.96
C TYR E 408 57.84 89.53 -75.15
N VAL E 409 58.73 89.94 -76.04
CA VAL E 409 58.40 90.57 -77.32
C VAL E 409 57.60 89.62 -78.23
N GLY E 410 57.88 88.32 -78.17
CA GLY E 410 57.18 87.30 -78.93
C GLY E 410 55.74 87.05 -78.50
N GLU E 411 55.35 87.48 -77.30
CA GLU E 411 54.00 87.29 -76.71
C GLU E 411 53.22 88.59 -76.53
N GLY E 412 53.56 89.61 -77.32
CA GLY E 412 52.79 90.83 -77.46
C GLY E 412 53.24 92.02 -76.62
N MET E 413 54.36 91.94 -75.89
CA MET E 413 54.86 93.09 -75.14
C MET E 413 55.70 94.04 -76.00
N GLU E 414 55.58 95.35 -75.76
CA GLU E 414 56.48 96.37 -76.32
C GLU E 414 57.89 96.23 -75.71
N GLU E 415 58.95 96.25 -76.50
CA GLU E 415 60.32 96.14 -75.96
C GLU E 415 60.66 97.30 -75.01
N GLY E 416 60.14 98.50 -75.28
CA GLY E 416 60.31 99.69 -74.46
C GLY E 416 59.75 99.61 -73.04
N GLU E 417 58.83 98.66 -72.76
CA GLU E 417 58.31 98.48 -71.40
C GLU E 417 59.38 98.06 -70.39
N PHE E 418 60.45 97.37 -70.83
CA PHE E 418 61.56 97.02 -69.95
C PHE E 418 62.33 98.25 -69.49
N SER E 419 62.59 99.19 -70.39
CA SER E 419 63.22 100.47 -70.05
C SER E 419 62.29 101.34 -69.18
N GLU E 420 61.02 101.46 -69.55
CA GLU E 420 59.96 102.15 -68.81
C GLU E 420 59.69 101.53 -67.41
N ALA E 421 59.94 100.25 -67.19
CA ALA E 421 59.86 99.61 -65.87
C ALA E 421 61.13 99.78 -65.02
N ARG E 422 62.32 99.70 -65.61
CA ARG E 422 63.58 99.98 -64.90
C ARG E 422 63.69 101.45 -64.49
N GLU E 423 63.13 102.34 -65.30
CA GLU E 423 63.00 103.77 -65.07
C GLU E 423 62.09 104.08 -63.87
N ASP E 424 60.90 103.50 -63.85
CA ASP E 424 59.92 103.67 -62.79
C ASP E 424 60.39 103.06 -61.47
N MET E 425 61.13 101.94 -61.49
CA MET E 425 61.77 101.42 -60.29
C MET E 425 62.86 102.38 -59.76
N ALA E 426 63.68 102.98 -60.62
CA ALA E 426 64.68 103.97 -60.19
C ALA E 426 64.05 105.22 -59.56
N ALA E 427 62.88 105.64 -59.99
CA ALA E 427 62.10 106.70 -59.35
C ALA E 427 61.50 106.30 -57.99
N LEU E 428 61.16 105.04 -57.74
CA LEU E 428 60.77 104.56 -56.39
C LEU E 428 61.99 104.43 -55.47
N GLU E 429 63.10 103.90 -55.98
CA GLU E 429 64.33 103.78 -55.21
C GLU E 429 64.92 105.16 -54.87
N LYS E 430 64.68 106.17 -55.71
CA LYS E 430 64.92 107.60 -55.44
C LYS E 430 64.04 108.12 -54.31
N ASP E 431 62.72 107.91 -54.38
CA ASP E 431 61.76 108.39 -53.37
C ASP E 431 62.08 107.88 -51.95
N TYR E 432 62.43 106.60 -51.77
CA TYR E 432 62.80 106.05 -50.45
C TYR E 432 64.15 106.57 -49.91
N GLU E 433 65.08 106.98 -50.75
CA GLU E 433 66.32 107.64 -50.36
C GLU E 433 66.09 109.12 -50.03
N GLU E 434 65.22 109.79 -50.78
CA GLU E 434 64.87 111.21 -50.64
C GLU E 434 64.21 111.55 -49.30
N VAL E 435 63.32 110.72 -48.76
CA VAL E 435 62.58 110.99 -47.52
C VAL E 435 63.31 110.67 -46.22
N GLY E 436 64.48 110.04 -46.28
CA GLY E 436 65.27 109.70 -45.09
C GLY E 436 65.99 110.89 -44.44
N THR E 437 66.01 112.04 -45.10
CA THR E 437 66.96 113.12 -44.82
C THR E 437 66.44 114.10 -43.76
N MET F 1 44.00 68.96 -71.55
CA MET F 1 44.86 69.57 -70.50
C MET F 1 46.32 69.28 -70.80
N ARG F 2 46.95 70.15 -71.62
CA ARG F 2 48.37 70.09 -72.00
C ARG F 2 48.80 68.74 -72.54
N GLU F 3 48.01 68.22 -73.46
CA GLU F 3 48.34 67.01 -74.18
C GLU F 3 49.67 67.15 -74.91
N ILE F 4 50.42 66.05 -75.02
CA ILE F 4 51.58 65.93 -75.90
C ILE F 4 51.28 64.89 -76.97
N VAL F 5 51.77 65.18 -78.18
CA VAL F 5 51.80 64.25 -79.31
C VAL F 5 53.24 63.78 -79.49
N HIS F 6 53.46 62.49 -79.50
CA HIS F 6 54.79 61.91 -79.55
C HIS F 6 55.03 61.20 -80.88
N LEU F 7 56.19 61.36 -81.50
CA LEU F 7 56.46 60.82 -82.83
C LEU F 7 57.80 60.11 -82.85
N GLN F 8 57.85 58.91 -83.39
CA GLN F 8 59.05 58.07 -83.44
C GLN F 8 59.55 57.88 -84.88
N ALA F 9 60.82 58.17 -85.19
CA ALA F 9 61.34 58.04 -86.55
C ALA F 9 62.60 57.17 -86.69
N GLY F 10 62.57 56.24 -87.64
CA GLY F 10 63.69 55.35 -87.94
C GLY F 10 63.91 54.26 -86.90
N GLN F 11 65.00 53.48 -86.96
CA GLN F 11 65.24 52.45 -85.97
C GLN F 11 65.50 53.05 -84.58
N CYS F 12 66.43 53.99 -84.43
CA CYS F 12 66.77 54.54 -83.13
C CYS F 12 65.57 55.24 -82.47
N GLY F 13 64.85 56.11 -83.19
CA GLY F 13 63.71 56.83 -82.65
C GLY F 13 62.56 55.94 -82.19
N ASN F 14 62.30 54.85 -82.91
CA ASN F 14 61.33 53.83 -82.51
C ASN F 14 61.83 52.96 -81.37
N GLN F 15 63.13 52.82 -81.16
CA GLN F 15 63.69 52.02 -80.08
C GLN F 15 63.77 52.79 -78.76
N ILE F 16 64.26 54.04 -78.76
CA ILE F 16 64.19 54.92 -77.58
C ILE F 16 62.74 55.27 -77.24
N GLY F 17 61.86 55.39 -78.24
CA GLY F 17 60.42 55.56 -78.08
C GLY F 17 59.70 54.36 -77.50
N ALA F 18 59.88 53.16 -78.05
CA ALA F 18 59.25 51.95 -77.54
C ALA F 18 59.72 51.56 -76.13
N LYS F 19 60.90 52.01 -75.69
CA LYS F 19 61.32 51.93 -74.29
C LYS F 19 60.69 53.04 -73.44
N PHE F 20 60.63 54.26 -73.93
CA PHE F 20 59.93 55.33 -73.24
C PHE F 20 58.48 54.98 -72.89
N TRP F 21 57.75 54.36 -73.81
CA TRP F 21 56.37 53.91 -73.56
C TRP F 21 56.24 52.78 -72.53
N GLU F 22 57.27 51.99 -72.30
CA GLU F 22 57.34 51.04 -71.20
C GLU F 22 57.60 51.74 -69.86
N VAL F 23 58.44 52.78 -69.83
CA VAL F 23 58.74 53.60 -68.65
C VAL F 23 57.52 54.41 -68.19
N ILE F 24 56.90 55.21 -69.05
CA ILE F 24 55.77 56.02 -68.62
C ILE F 24 54.49 55.20 -68.40
N SER F 25 54.37 54.01 -69.00
CA SER F 25 53.28 53.10 -68.63
C SER F 25 53.48 52.49 -67.24
N ASP F 26 54.72 52.27 -66.79
CA ASP F 26 54.98 51.84 -65.42
C ASP F 26 54.64 52.93 -64.40
N GLU F 27 55.01 54.18 -64.71
CA GLU F 27 54.66 55.36 -63.91
C GLU F 27 53.16 55.56 -63.76
N HIS F 28 52.44 55.57 -64.88
CA HIS F 28 50.99 55.75 -64.90
C HIS F 28 50.22 54.45 -64.58
N GLY F 29 50.90 53.33 -64.32
CA GLY F 29 50.28 52.09 -63.90
C GLY F 29 49.38 51.48 -64.95
N ILE F 30 49.82 51.49 -66.20
CA ILE F 30 49.12 50.92 -67.36
C ILE F 30 49.77 49.59 -67.73
N ASP F 31 48.93 48.59 -67.87
CA ASP F 31 49.25 47.22 -68.25
C ASP F 31 49.67 47.13 -69.74
N PRO F 32 50.53 46.19 -70.17
CA PRO F 32 50.84 45.97 -71.58
C PRO F 32 49.63 45.78 -72.50
N THR F 33 48.46 45.44 -71.96
CA THR F 33 47.18 45.33 -72.67
C THR F 33 46.56 46.71 -72.96
N GLY F 34 47.01 47.74 -72.26
CA GLY F 34 46.44 49.09 -72.24
C GLY F 34 45.46 49.35 -71.08
N ALA F 35 45.13 48.35 -70.28
CA ALA F 35 44.26 48.50 -69.10
C ALA F 35 44.97 49.19 -67.93
N TYR F 36 44.31 50.04 -67.14
CA TYR F 36 44.90 50.61 -65.94
C TYR F 36 44.90 49.64 -64.75
N HIS F 37 46.04 49.51 -64.08
CA HIS F 37 46.29 48.61 -62.95
C HIS F 37 47.10 49.26 -61.81
N GLY F 38 47.24 50.59 -61.82
CA GLY F 38 48.05 51.32 -60.87
C GLY F 38 47.50 51.41 -59.44
N ASP F 39 48.32 51.91 -58.52
CA ASP F 39 48.02 52.14 -57.11
C ASP F 39 47.15 53.38 -56.86
N SER F 40 47.45 54.47 -57.56
CA SER F 40 47.18 55.83 -57.08
C SER F 40 46.36 56.67 -58.04
N ASP F 41 45.55 57.56 -57.48
CA ASP F 41 44.75 58.50 -58.26
C ASP F 41 45.62 59.47 -59.07
N LEU F 42 46.82 59.81 -58.58
CA LEU F 42 47.72 60.74 -59.26
C LEU F 42 48.25 60.17 -60.58
N GLN F 43 48.35 58.85 -60.68
CA GLN F 43 48.69 58.17 -61.92
C GLN F 43 47.62 58.35 -63.00
N LEU F 44 46.36 58.46 -62.58
CA LEU F 44 45.21 58.55 -63.47
C LEU F 44 44.83 60.01 -63.78
N GLU F 45 45.09 60.93 -62.86
CA GLU F 45 44.75 62.35 -62.94
C GLU F 45 45.21 63.04 -64.23
N ARG F 46 46.41 62.71 -64.73
CA ARG F 46 47.01 63.28 -65.95
C ARG F 46 47.34 62.26 -67.02
N ILE F 47 46.71 61.09 -67.01
CA ILE F 47 46.92 60.05 -68.02
C ILE F 47 46.61 60.55 -69.44
N ASN F 48 45.76 61.54 -69.59
CA ASN F 48 45.48 62.21 -70.84
C ASN F 48 46.71 62.89 -71.47
N VAL F 49 47.78 63.22 -70.72
CA VAL F 49 48.96 63.91 -71.28
C VAL F 49 49.64 63.08 -72.37
N TYR F 50 49.66 61.76 -72.21
CA TYR F 50 50.31 60.84 -73.15
C TYR F 50 49.37 59.79 -73.76
N TYR F 51 48.13 59.69 -73.30
CA TYR F 51 47.21 58.64 -73.73
C TYR F 51 45.82 59.21 -74.10
N ASN F 52 45.10 58.46 -74.92
CA ASN F 52 43.68 58.65 -75.20
C ASN F 52 42.88 57.62 -74.39
N GLU F 53 41.78 58.04 -73.76
CA GLU F 53 40.81 57.09 -73.21
C GLU F 53 40.05 56.41 -74.35
N ALA F 54 39.85 55.10 -74.26
CA ALA F 54 39.02 54.31 -75.16
C ALA F 54 38.12 53.34 -74.36
N THR F 55 37.20 52.65 -75.04
CA THR F 55 36.15 51.85 -74.40
C THR F 55 36.67 50.77 -73.45
N GLY F 56 35.95 50.49 -72.37
CA GLY F 56 36.38 49.58 -71.30
C GLY F 56 37.49 50.13 -70.40
N GLY F 57 37.72 51.45 -70.40
CA GLY F 57 38.82 52.11 -69.70
C GLY F 57 40.22 51.64 -70.14
N LYS F 58 40.35 51.16 -71.39
CA LYS F 58 41.64 50.94 -72.05
C LYS F 58 42.24 52.29 -72.46
N TYR F 59 43.54 52.44 -72.29
CA TYR F 59 44.28 53.64 -72.63
C TYR F 59 45.17 53.36 -73.84
N VAL F 60 45.11 54.24 -74.84
CA VAL F 60 45.84 54.10 -76.10
C VAL F 60 46.84 55.24 -76.20
N PRO F 61 48.15 55.00 -76.22
CA PRO F 61 49.13 56.07 -76.23
C PRO F 61 49.12 56.87 -77.51
N ARG F 62 49.30 58.18 -77.38
CA ARG F 62 49.32 59.15 -78.46
C ARG F 62 50.67 59.23 -79.16
N ALA F 63 51.19 58.08 -79.54
CA ALA F 63 52.34 57.96 -80.41
C ALA F 63 51.93 57.88 -81.88
N VAL F 64 52.73 58.45 -82.77
CA VAL F 64 52.78 58.12 -84.19
C VAL F 64 54.12 57.43 -84.44
N LEU F 65 54.09 56.29 -85.13
CA LEU F 65 55.26 55.46 -85.37
C LEU F 65 55.58 55.52 -86.85
N VAL F 66 56.74 56.06 -87.21
CA VAL F 66 57.15 56.32 -88.59
C VAL F 66 58.45 55.62 -88.94
N ASP F 67 58.47 54.92 -90.07
CA ASP F 67 59.64 54.25 -90.61
C ASP F 67 59.49 54.09 -92.11
N LEU F 68 60.56 53.89 -92.85
CA LEU F 68 60.54 53.61 -94.29
C LEU F 68 60.66 52.10 -94.59
N GLU F 69 60.86 51.28 -93.57
CA GLU F 69 60.96 49.82 -93.58
C GLU F 69 59.89 49.22 -92.66
N PRO F 70 59.32 48.04 -92.95
CA PRO F 70 58.37 47.38 -92.06
C PRO F 70 59.04 46.76 -90.82
N GLY F 71 60.30 46.31 -90.92
CA GLY F 71 60.99 45.51 -89.91
C GLY F 71 61.09 46.13 -88.52
N THR F 72 61.18 47.46 -88.36
CA THR F 72 61.12 48.05 -87.01
C THR F 72 59.69 48.11 -86.46
N MET F 73 58.68 48.34 -87.29
CA MET F 73 57.28 48.22 -86.87
C MET F 73 56.99 46.80 -86.40
N ASP F 74 57.44 45.80 -87.14
CA ASP F 74 57.32 44.39 -86.77
C ASP F 74 58.03 44.08 -85.44
N SER F 75 59.17 44.71 -85.18
CA SER F 75 59.92 44.54 -83.94
C SER F 75 59.29 45.25 -82.75
N VAL F 76 58.66 46.41 -82.95
CA VAL F 76 57.91 47.14 -81.93
C VAL F 76 56.58 46.45 -81.64
N ARG F 77 55.76 46.14 -82.66
CA ARG F 77 54.43 45.51 -82.56
C ARG F 77 54.49 44.15 -81.87
N SER F 78 55.53 43.38 -82.08
CA SER F 78 55.80 42.10 -81.41
C SER F 78 56.49 42.23 -80.03
N GLY F 79 56.90 43.43 -79.63
CA GLY F 79 57.74 43.68 -78.45
C GLY F 79 57.01 43.64 -77.10
N PRO F 80 57.71 43.98 -76.00
CA PRO F 80 57.16 43.96 -74.64
C PRO F 80 55.85 44.73 -74.44
N PHE F 81 55.70 45.86 -75.14
CA PHE F 81 54.53 46.75 -75.06
C PHE F 81 53.89 47.01 -76.43
N GLY F 82 54.25 46.27 -77.46
CA GLY F 82 53.85 46.55 -78.83
C GLY F 82 52.35 46.62 -79.11
N GLN F 83 51.56 45.86 -78.36
CA GLN F 83 50.13 45.75 -78.54
C GLN F 83 49.38 47.00 -78.02
N ILE F 84 50.07 47.91 -77.33
CA ILE F 84 49.46 49.10 -76.75
C ILE F 84 49.07 50.13 -77.82
N PHE F 85 49.90 50.33 -78.85
CA PHE F 85 49.76 51.40 -79.85
C PHE F 85 48.59 51.18 -80.80
N ARG F 86 48.02 52.25 -81.35
CA ARG F 86 46.91 52.17 -82.31
C ARG F 86 47.42 51.59 -83.65
N PRO F 87 46.85 50.52 -84.21
CA PRO F 87 47.26 49.97 -85.50
C PRO F 87 47.34 51.00 -86.64
N ASP F 88 46.42 51.97 -86.69
CA ASP F 88 46.44 53.07 -87.66
C ASP F 88 47.63 54.04 -87.52
N ASN F 89 48.26 54.09 -86.35
CA ASN F 89 49.35 55.03 -86.08
C ASN F 89 50.72 54.47 -86.48
N PHE F 90 50.83 53.19 -86.84
CA PHE F 90 52.00 52.65 -87.51
C PHE F 90 51.95 53.05 -88.98
N VAL F 91 52.72 54.06 -89.37
CA VAL F 91 52.80 54.56 -90.74
C VAL F 91 54.16 54.20 -91.34
N PHE F 92 54.19 53.44 -92.42
CA PHE F 92 55.46 52.91 -92.93
C PHE F 92 55.47 52.69 -94.45
N GLY F 93 56.67 52.77 -95.01
CA GLY F 93 57.00 52.37 -96.39
C GLY F 93 57.39 50.90 -96.52
N GLN F 94 58.02 50.51 -97.63
CA GLN F 94 58.57 49.15 -97.82
C GLN F 94 60.08 49.16 -98.08
N SER F 95 60.57 49.93 -99.05
CA SER F 95 62.01 50.12 -99.31
C SER F 95 62.59 51.18 -98.38
N GLY F 96 63.69 50.88 -97.68
CA GLY F 96 64.25 51.75 -96.66
C GLY F 96 64.88 53.05 -97.14
N ALA F 97 65.47 53.81 -96.22
CA ALA F 97 66.20 55.03 -96.51
C ALA F 97 67.63 54.81 -97.01
N GLY F 98 68.18 53.58 -97.02
CA GLY F 98 69.55 53.35 -97.48
C GLY F 98 70.64 54.09 -96.70
N ASN F 99 70.36 54.54 -95.46
CA ASN F 99 71.17 55.49 -94.70
C ASN F 99 71.45 56.81 -95.44
N ASN F 100 70.48 57.27 -96.23
CA ASN F 100 70.58 58.43 -97.07
C ASN F 100 69.59 59.52 -96.61
N TRP F 101 70.06 60.69 -96.20
CA TRP F 101 69.19 61.81 -95.83
C TRP F 101 68.26 62.22 -96.97
N ALA F 102 68.74 62.24 -98.21
CA ALA F 102 67.98 62.68 -99.35
C ALA F 102 66.88 61.69 -99.71
N LYS F 103 67.03 60.39 -99.46
CA LYS F 103 65.90 59.44 -99.54
C LYS F 103 64.84 59.74 -98.51
N GLY F 104 65.22 59.98 -97.26
CA GLY F 104 64.30 60.43 -96.22
C GLY F 104 63.52 61.68 -96.60
N HIS F 105 64.21 62.76 -96.94
CA HIS F 105 63.65 64.08 -97.15
C HIS F 105 62.99 64.33 -98.53
N TYR F 106 63.39 63.65 -99.60
CA TYR F 106 63.00 64.01 -100.97
C TYR F 106 62.27 62.94 -101.77
N THR F 107 62.35 61.67 -101.38
CA THR F 107 61.89 60.56 -102.25
C THR F 107 60.98 59.58 -101.52
N GLU F 108 61.55 58.83 -100.60
CA GLU F 108 60.92 57.69 -99.94
C GLU F 108 60.01 58.14 -98.80
N GLY F 109 60.43 59.20 -98.10
CA GLY F 109 59.66 59.82 -97.02
C GLY F 109 58.83 61.00 -97.48
N ALA F 110 59.18 61.67 -98.58
CA ALA F 110 58.33 62.67 -99.21
C ALA F 110 57.04 62.05 -99.76
N GLU F 111 57.08 60.80 -100.20
CA GLU F 111 55.89 60.02 -100.53
C GLU F 111 55.04 59.74 -99.28
N LEU F 112 55.69 59.34 -98.18
CA LEU F 112 55.04 58.86 -96.96
C LEU F 112 54.53 59.98 -96.04
N VAL F 113 55.11 61.18 -96.05
CA VAL F 113 54.76 62.25 -95.11
C VAL F 113 53.30 62.69 -95.22
N ASP F 114 52.67 62.62 -96.39
CA ASP F 114 51.23 62.87 -96.56
C ASP F 114 50.36 61.87 -95.77
N SER F 115 50.84 60.65 -95.58
CA SER F 115 50.20 59.60 -94.80
C SER F 115 50.55 59.68 -93.31
N VAL F 116 51.68 60.31 -92.94
CA VAL F 116 52.04 60.60 -91.55
C VAL F 116 51.28 61.79 -91.01
N LEU F 117 51.34 62.91 -91.73
CA LEU F 117 50.88 64.18 -91.24
C LEU F 117 49.39 64.17 -90.95
N ASP F 118 48.59 63.47 -91.77
CA ASP F 118 47.15 63.30 -91.58
C ASP F 118 46.75 62.41 -90.40
N VAL F 119 47.68 61.65 -89.81
CA VAL F 119 47.53 60.96 -88.52
C VAL F 119 47.91 61.87 -87.37
N VAL F 120 48.95 62.68 -87.51
CA VAL F 120 49.30 63.72 -86.53
C VAL F 120 48.13 64.71 -86.32
N ARG F 121 47.37 65.02 -87.37
CA ARG F 121 46.09 65.74 -87.28
C ARG F 121 45.00 65.05 -86.47
N LYS F 122 44.80 63.74 -86.60
CA LYS F 122 43.75 63.00 -85.87
C LYS F 122 44.05 62.98 -84.38
N GLU F 123 45.31 62.84 -84.01
CA GLU F 123 45.72 62.90 -82.61
C GLU F 123 45.66 64.32 -82.03
N ALA F 124 46.17 65.34 -82.74
CA ALA F 124 46.12 66.74 -82.31
C ALA F 124 44.70 67.34 -82.26
N GLU F 125 43.76 66.88 -83.08
CA GLU F 125 42.36 67.28 -83.03
C GLU F 125 41.60 66.56 -81.87
N SER F 126 42.04 65.37 -81.46
CA SER F 126 41.52 64.68 -80.27
C SER F 126 41.99 65.31 -78.96
N CYS F 127 43.03 66.14 -78.97
CA CYS F 127 43.52 66.85 -77.79
C CYS F 127 42.56 67.95 -77.33
N ASP F 128 42.47 68.17 -76.02
CA ASP F 128 41.69 69.24 -75.42
C ASP F 128 42.43 70.59 -75.47
N CYS F 129 43.70 70.58 -75.08
CA CYS F 129 44.65 71.65 -75.30
C CYS F 129 46.04 71.05 -75.47
N LEU F 130 46.49 70.94 -76.71
CA LEU F 130 47.83 70.49 -77.07
C LEU F 130 48.88 71.50 -76.59
N GLN F 131 49.89 71.09 -75.83
CA GLN F 131 51.06 71.92 -75.50
C GLN F 131 52.19 71.70 -76.51
N GLY F 132 52.37 70.51 -77.07
CA GLY F 132 53.48 70.30 -77.98
C GLY F 132 53.67 68.92 -78.58
N PHE F 133 54.77 68.81 -79.31
CA PHE F 133 55.23 67.65 -80.07
C PHE F 133 56.56 67.17 -79.50
N GLN F 134 56.68 65.86 -79.25
CA GLN F 134 57.83 65.23 -78.63
C GLN F 134 58.40 64.17 -79.57
N LEU F 135 59.39 64.51 -80.39
CA LEU F 135 59.86 63.66 -81.49
C LEU F 135 61.17 62.94 -81.16
N THR F 136 61.20 61.61 -81.22
CA THR F 136 62.42 60.79 -81.00
C THR F 136 63.02 60.32 -82.33
N HIS F 137 64.30 60.57 -82.52
CA HIS F 137 65.02 60.24 -83.74
C HIS F 137 66.54 60.24 -83.54
N SER F 138 67.28 59.81 -84.55
CA SER F 138 68.72 59.87 -84.63
C SER F 138 69.16 60.76 -85.81
N LEU F 139 70.32 61.42 -85.72
CA LEU F 139 70.83 62.32 -86.78
C LEU F 139 71.78 61.60 -87.75
N GLY F 140 72.35 60.47 -87.36
CA GLY F 140 72.95 59.52 -88.30
C GLY F 140 71.91 58.75 -89.10
N GLY F 141 72.31 58.00 -90.11
CA GLY F 141 71.37 57.28 -90.99
C GLY F 141 70.41 58.23 -91.72
N GLY F 142 69.30 57.76 -92.26
CA GLY F 142 68.53 58.51 -93.26
C GLY F 142 67.07 58.73 -92.91
N THR F 143 66.46 57.87 -92.11
CA THR F 143 65.05 57.92 -91.77
C THR F 143 64.80 58.97 -90.71
N GLY F 144 65.46 58.85 -89.56
CA GLY F 144 65.34 59.81 -88.48
C GLY F 144 65.91 61.18 -88.84
N SER F 145 67.06 61.22 -89.49
CA SER F 145 67.74 62.46 -89.85
C SER F 145 66.99 63.23 -90.93
N GLY F 146 66.54 62.57 -91.99
CA GLY F 146 65.97 63.20 -93.17
C GLY F 146 64.47 63.20 -93.26
N MET F 147 63.81 62.12 -92.85
CA MET F 147 62.36 62.13 -92.79
C MET F 147 61.86 62.82 -91.52
N GLY F 148 62.53 62.63 -90.39
CA GLY F 148 62.16 63.25 -89.12
C GLY F 148 62.25 64.76 -89.18
N THR F 149 63.29 65.31 -89.83
CA THR F 149 63.37 66.77 -90.07
C THR F 149 62.47 67.30 -91.18
N LEU F 150 62.05 66.46 -92.13
CA LEU F 150 60.94 66.81 -93.03
C LEU F 150 59.65 66.96 -92.24
N LEU F 151 59.38 66.03 -91.34
CA LEU F 151 58.19 65.99 -90.53
C LEU F 151 58.16 67.13 -89.50
N ILE F 152 59.29 67.49 -88.88
CA ILE F 152 59.43 68.69 -88.06
C ILE F 152 59.05 69.92 -88.86
N SER F 153 59.53 70.07 -90.09
CA SER F 153 59.22 71.20 -90.94
C SER F 153 57.71 71.31 -91.22
N LYS F 154 57.06 70.20 -91.56
CA LYS F 154 55.61 70.13 -91.82
C LYS F 154 54.71 70.42 -90.61
N ILE F 155 55.03 69.84 -89.45
CA ILE F 155 54.34 70.12 -88.19
C ILE F 155 54.62 71.54 -87.68
N ARG F 156 55.84 72.08 -87.83
CA ARG F 156 56.16 73.47 -87.48
C ARG F 156 55.34 74.49 -88.28
N GLU F 157 55.16 74.27 -89.58
CA GLU F 157 54.38 75.13 -90.46
C GLU F 157 52.89 75.11 -90.12
N GLU F 158 52.39 73.97 -89.62
CA GLU F 158 50.97 73.75 -89.30
C GLU F 158 50.60 74.16 -87.86
N TYR F 159 51.53 74.04 -86.92
CA TYR F 159 51.40 74.34 -85.48
C TYR F 159 52.54 75.27 -85.02
N PRO F 160 52.51 76.57 -85.37
CA PRO F 160 53.66 77.46 -85.17
C PRO F 160 53.92 77.88 -83.72
N ASP F 161 52.91 77.80 -82.84
CA ASP F 161 52.92 78.31 -81.46
C ASP F 161 53.03 77.23 -80.37
N ARG F 162 52.80 75.97 -80.74
CA ARG F 162 52.98 74.80 -79.86
C ARG F 162 54.47 74.48 -79.68
N ILE F 163 54.86 73.90 -78.55
CA ILE F 163 56.26 73.51 -78.29
C ILE F 163 56.69 72.36 -79.22
N MET F 164 57.77 72.52 -79.97
CA MET F 164 58.42 71.45 -80.70
C MET F 164 59.68 71.04 -79.96
N ASN F 165 59.68 69.83 -79.43
CA ASN F 165 60.63 69.33 -78.44
C ASN F 165 61.20 67.99 -78.92
N THR F 166 62.48 67.92 -79.30
CA THR F 166 63.06 66.73 -79.97
C THR F 166 64.17 66.09 -79.16
N PHE F 167 64.21 64.75 -79.16
CA PHE F 167 65.26 63.96 -78.51
C PHE F 167 66.07 63.27 -79.59
N SER F 168 67.34 63.65 -79.70
CA SER F 168 68.12 63.53 -80.92
C SER F 168 69.44 62.82 -80.65
N VAL F 169 69.47 61.53 -80.93
CA VAL F 169 70.68 60.72 -80.79
C VAL F 169 71.60 61.04 -81.96
N VAL F 170 72.85 61.43 -81.75
CA VAL F 170 73.67 62.01 -82.82
C VAL F 170 75.14 61.56 -82.83
N PRO F 171 75.85 61.67 -83.97
CA PRO F 171 77.13 61.00 -84.18
C PRO F 171 78.28 61.50 -83.31
N SER F 172 79.25 60.63 -83.10
CA SER F 172 80.55 60.90 -82.49
C SER F 172 81.58 59.89 -83.02
N PRO F 173 82.88 60.23 -83.04
CA PRO F 173 83.87 59.49 -83.82
C PRO F 173 84.20 58.10 -83.30
N LYS F 174 84.29 57.90 -81.98
CA LYS F 174 84.73 56.65 -81.36
C LYS F 174 83.64 55.58 -81.23
N VAL F 175 82.38 55.92 -81.43
CA VAL F 175 81.24 54.99 -81.45
C VAL F 175 80.39 55.27 -82.69
N SER F 176 80.77 54.65 -83.81
CA SER F 176 80.13 54.88 -85.11
C SER F 176 79.91 53.59 -85.90
N ASP F 177 78.79 53.52 -86.63
CA ASP F 177 78.36 52.37 -87.41
C ASP F 177 78.07 52.70 -88.88
N THR F 178 78.27 53.94 -89.34
CA THR F 178 77.93 54.42 -90.68
C THR F 178 79.09 55.20 -91.26
N VAL F 179 79.37 55.06 -92.56
CA VAL F 179 80.41 55.84 -93.25
C VAL F 179 79.96 57.28 -93.49
N VAL F 180 78.74 57.46 -94.01
CA VAL F 180 78.11 58.75 -94.30
C VAL F 180 77.40 59.42 -93.12
N GLU F 181 77.65 58.99 -91.88
CA GLU F 181 77.06 59.64 -90.69
C GLU F 181 77.26 61.17 -90.66
N PRO F 182 78.47 61.72 -90.89
CA PRO F 182 78.71 63.16 -90.88
C PRO F 182 77.84 63.97 -91.85
N TYR F 183 77.57 63.43 -93.04
CA TYR F 183 76.73 64.09 -94.04
C TYR F 183 75.30 64.21 -93.56
N ASN F 184 74.71 63.09 -93.16
CA ASN F 184 73.33 63.02 -92.72
C ASN F 184 73.06 63.96 -91.54
N ALA F 185 73.96 63.98 -90.57
CA ALA F 185 73.81 64.85 -89.43
C ALA F 185 73.91 66.32 -89.82
N THR F 186 74.89 66.71 -90.65
CA THR F 186 75.05 68.12 -91.05
C THR F 186 73.85 68.65 -91.83
N LEU F 187 73.27 67.85 -92.72
CA LEU F 187 72.01 68.16 -93.41
C LEU F 187 70.79 68.26 -92.47
N SER F 188 70.81 67.55 -91.33
CA SER F 188 69.71 67.47 -90.38
C SER F 188 69.77 68.57 -89.31
N VAL F 189 70.94 68.92 -88.80
CA VAL F 189 71.15 69.99 -87.79
C VAL F 189 70.72 71.37 -88.32
N HIS F 190 70.90 71.58 -89.61
CA HIS F 190 70.40 72.72 -90.40
C HIS F 190 68.87 72.93 -90.29
N GLN F 191 68.09 71.86 -90.09
CA GLN F 191 66.65 71.94 -89.86
C GLN F 191 66.29 72.14 -88.37
N LEU F 192 67.03 71.50 -87.48
CA LEU F 192 66.79 71.58 -86.04
C LEU F 192 67.04 73.00 -85.50
N VAL F 193 68.12 73.69 -85.90
CA VAL F 193 68.43 75.05 -85.43
C VAL F 193 67.36 76.08 -85.77
N GLU F 194 66.59 75.90 -86.85
CA GLU F 194 65.54 76.83 -87.28
C GLU F 194 64.17 76.50 -86.71
N ASN F 195 63.78 75.21 -86.66
CA ASN F 195 62.41 74.81 -86.38
C ASN F 195 62.12 74.43 -84.92
N THR F 196 62.96 73.65 -84.25
CA THR F 196 62.65 73.17 -82.90
C THR F 196 62.71 74.30 -81.86
N ASP F 197 61.95 74.17 -80.77
CA ASP F 197 62.00 75.05 -79.60
C ASP F 197 63.00 74.55 -78.55
N GLU F 198 63.21 73.23 -78.49
CA GLU F 198 64.23 72.54 -77.70
C GLU F 198 64.73 71.32 -78.48
N THR F 199 66.03 71.05 -78.47
CA THR F 199 66.58 69.77 -78.96
C THR F 199 67.53 69.21 -77.93
N TYR F 200 67.29 67.99 -77.46
CA TYR F 200 68.09 67.32 -76.44
C TYR F 200 69.09 66.41 -77.12
N CYS F 201 70.34 66.87 -77.14
CA CYS F 201 71.43 66.25 -77.87
C CYS F 201 71.95 65.07 -77.07
N ILE F 202 71.90 63.88 -77.63
CA ILE F 202 72.26 62.63 -76.95
C ILE F 202 73.27 61.87 -77.80
N ASP F 203 74.20 61.15 -77.18
CA ASP F 203 75.32 60.54 -77.87
C ASP F 203 75.56 59.11 -77.40
N ASN F 204 75.83 58.17 -78.31
CA ASN F 204 76.07 56.79 -77.88
C ASN F 204 77.41 56.65 -77.13
N GLU F 205 78.40 57.49 -77.41
CA GLU F 205 79.66 57.47 -76.66
C GLU F 205 79.45 57.85 -75.19
N ALA F 206 78.64 58.87 -74.90
CA ALA F 206 78.31 59.27 -73.53
C ALA F 206 77.38 58.28 -72.83
N LEU F 207 76.46 57.66 -73.54
CA LEU F 207 75.60 56.62 -72.99
C LEU F 207 76.35 55.32 -72.69
N TYR F 208 77.41 54.99 -73.44
CA TYR F 208 78.32 53.91 -73.06
C TYR F 208 79.24 54.29 -71.90
N ASP F 209 79.69 55.55 -71.78
CA ASP F 209 80.48 56.01 -70.65
C ASP F 209 79.70 55.94 -69.32
N ILE F 210 78.41 56.26 -69.31
CA ILE F 210 77.56 56.04 -68.14
C ILE F 210 77.45 54.57 -67.79
N CYS F 211 77.31 53.69 -68.79
CA CYS F 211 77.17 52.26 -68.53
C CYS F 211 78.44 51.61 -67.97
N PHE F 212 79.63 52.02 -68.40
CA PHE F 212 80.89 51.46 -67.89
C PHE F 212 81.42 52.17 -66.64
N ARG F 213 81.45 53.49 -66.60
CA ARG F 213 82.11 54.25 -65.51
C ARG F 213 81.19 54.62 -64.34
N THR F 214 79.89 54.37 -64.43
CA THR F 214 78.92 54.62 -63.36
C THR F 214 78.18 53.33 -62.97
N LEU F 215 77.41 52.76 -63.90
CA LEU F 215 76.62 51.55 -63.61
C LEU F 215 77.45 50.26 -63.51
N LYS F 216 78.68 50.27 -64.00
CA LYS F 216 79.59 49.10 -64.06
C LYS F 216 78.96 47.87 -64.73
N LEU F 217 78.12 48.07 -65.75
CA LEU F 217 77.60 46.98 -66.59
C LEU F 217 78.74 46.36 -67.41
N THR F 218 78.83 45.04 -67.47
CA THR F 218 79.92 44.38 -68.24
C THR F 218 79.68 44.39 -69.76
N THR F 219 78.42 44.29 -70.20
CA THR F 219 77.99 44.21 -71.59
C THR F 219 76.70 45.02 -71.81
N PRO F 220 76.80 46.37 -71.87
CA PRO F 220 75.64 47.21 -72.13
C PRO F 220 75.16 47.11 -73.57
N THR F 221 73.89 46.81 -73.73
CA THR F 221 73.19 46.71 -75.02
C THR F 221 72.59 48.04 -75.44
N TYR F 222 72.04 48.12 -76.65
CA TYR F 222 71.16 49.25 -76.99
C TYR F 222 69.93 49.32 -76.10
N GLY F 223 69.41 48.22 -75.56
CA GLY F 223 68.31 48.26 -74.61
C GLY F 223 68.64 48.97 -73.30
N ASP F 224 69.90 48.91 -72.85
CA ASP F 224 70.39 49.62 -71.69
C ASP F 224 70.63 51.10 -72.00
N LEU F 225 71.08 51.45 -73.21
CA LEU F 225 71.20 52.84 -73.63
C LEU F 225 69.85 53.53 -73.74
N ASN F 226 68.85 52.83 -74.26
CA ASN F 226 67.50 53.33 -74.47
C ASN F 226 66.76 53.61 -73.16
N HIS F 227 67.14 52.89 -72.10
CA HIS F 227 66.67 53.05 -70.74
C HIS F 227 67.21 54.32 -70.10
N LEU F 228 68.49 54.67 -70.32
CA LEU F 228 69.03 55.97 -69.88
C LEU F 228 68.38 57.16 -70.59
N VAL F 229 68.17 57.09 -71.90
CA VAL F 229 67.50 58.16 -72.65
C VAL F 229 66.10 58.37 -72.13
N SER F 230 65.31 57.30 -72.03
CA SER F 230 63.89 57.40 -71.68
C SER F 230 63.62 57.82 -70.24
N ALA F 231 64.55 57.61 -69.31
CA ALA F 231 64.48 58.21 -67.98
C ALA F 231 64.47 59.75 -68.01
N THR F 232 65.29 60.39 -68.83
CA THR F 232 65.28 61.86 -69.00
C THR F 232 64.11 62.37 -69.85
N MET F 233 63.55 61.56 -70.74
CA MET F 233 62.30 61.91 -71.42
C MET F 233 61.10 61.95 -70.46
N SER F 234 60.94 60.93 -69.61
CA SER F 234 59.98 60.94 -68.52
C SER F 234 60.25 62.11 -67.58
N GLY F 235 61.52 62.41 -67.33
CA GLY F 235 61.89 63.47 -66.41
C GLY F 235 61.37 64.86 -66.75
N VAL F 236 61.59 65.36 -67.97
CA VAL F 236 61.32 66.78 -68.30
C VAL F 236 59.84 67.12 -68.38
N THR F 237 58.95 66.16 -68.64
CA THR F 237 57.50 66.38 -68.67
C THR F 237 56.81 66.15 -67.32
N THR F 238 57.54 65.69 -66.31
CA THR F 238 56.99 65.27 -65.01
C THR F 238 56.04 66.30 -64.41
N CYS F 239 56.40 67.58 -64.47
CA CYS F 239 55.62 68.68 -63.90
C CYS F 239 54.30 69.00 -64.59
N LEU F 240 53.96 68.42 -65.74
CA LEU F 240 52.58 68.44 -66.25
C LEU F 240 51.82 67.13 -66.03
N ARG F 241 52.45 66.10 -65.45
CA ARG F 241 51.87 64.78 -65.16
C ARG F 241 51.59 64.54 -63.68
N PHE F 242 52.33 65.22 -62.79
CA PHE F 242 52.25 65.07 -61.35
C PHE F 242 52.27 66.43 -60.64
N PRO F 243 51.73 66.53 -59.40
CA PRO F 243 51.79 67.75 -58.59
C PRO F 243 53.20 68.01 -58.05
N GLY F 244 53.49 69.21 -57.56
CA GLY F 244 54.81 69.60 -57.10
C GLY F 244 54.84 70.90 -56.29
N GLN F 245 55.95 71.16 -55.60
CA GLN F 245 56.18 72.41 -54.88
C GLN F 245 56.54 73.57 -55.82
N LEU F 246 57.17 73.28 -56.96
CA LEU F 246 57.46 74.19 -58.06
C LEU F 246 57.11 73.48 -59.36
N ASN F 247 56.05 73.89 -60.06
CA ASN F 247 55.68 73.30 -61.33
C ASN F 247 56.40 74.00 -62.49
N ALA F 248 56.91 73.24 -63.46
CA ALA F 248 57.53 73.74 -64.70
C ALA F 248 57.04 72.98 -65.94
N ASP F 249 56.17 73.60 -66.73
CA ASP F 249 55.80 73.13 -68.08
C ASP F 249 57.01 73.15 -69.04
N LEU F 250 56.99 72.39 -70.15
CA LEU F 250 58.02 72.46 -71.18
C LEU F 250 58.27 73.90 -71.68
N ARG F 251 57.25 74.75 -71.70
CA ARG F 251 57.39 76.18 -72.03
C ARG F 251 58.08 77.00 -70.91
N LYS F 252 57.82 76.69 -69.63
CA LYS F 252 58.48 77.28 -68.45
C LYS F 252 59.95 76.89 -68.37
N LEU F 253 60.31 75.73 -68.90
CA LEU F 253 61.70 75.37 -69.19
C LEU F 253 62.26 76.24 -70.32
N ALA F 254 61.62 76.29 -71.48
CA ALA F 254 62.12 77.03 -72.64
C ALA F 254 62.38 78.53 -72.38
N VAL F 255 61.45 79.24 -71.74
CA VAL F 255 61.62 80.66 -71.38
C VAL F 255 62.84 80.91 -70.51
N ASN F 256 63.17 79.99 -69.60
CA ASN F 256 64.31 80.10 -68.70
C ASN F 256 65.61 79.53 -69.32
N MET F 257 65.50 78.56 -70.21
CA MET F 257 66.63 77.81 -70.75
C MET F 257 67.23 78.39 -72.02
N VAL F 258 66.48 79.13 -72.83
CA VAL F 258 66.91 79.59 -74.16
C VAL F 258 67.07 81.12 -74.16
N PRO F 259 68.26 81.67 -73.88
CA PRO F 259 68.45 83.12 -73.82
C PRO F 259 68.27 83.77 -75.19
N PHE F 260 68.97 83.29 -76.20
CA PHE F 260 68.88 83.75 -77.58
C PHE F 260 68.31 82.63 -78.47
N PRO F 261 67.41 82.92 -79.43
CA PRO F 261 66.45 81.94 -79.99
C PRO F 261 66.99 80.56 -80.41
N ARG F 262 68.18 80.54 -80.99
CA ARG F 262 68.86 79.41 -81.63
C ARG F 262 69.71 78.58 -80.66
N LEU F 263 69.99 79.06 -79.45
CA LEU F 263 70.82 78.36 -78.46
C LEU F 263 70.00 77.37 -77.63
N HIS F 264 69.27 76.47 -78.27
CA HIS F 264 68.36 75.52 -77.63
C HIS F 264 68.81 74.06 -77.74
N PHE F 265 70.08 73.83 -78.09
CA PHE F 265 70.68 72.50 -78.14
C PHE F 265 71.14 72.07 -76.75
N PHE F 266 70.24 71.46 -76.01
CA PHE F 266 70.47 71.01 -74.65
C PHE F 266 71.20 69.68 -74.58
N MET F 267 71.57 69.27 -73.38
CA MET F 267 72.42 68.14 -73.06
C MET F 267 71.90 67.52 -71.75
N PRO F 268 71.18 66.39 -71.77
CA PRO F 268 70.48 65.89 -70.60
C PRO F 268 71.35 65.04 -69.67
N GLY F 269 70.85 64.78 -68.47
CA GLY F 269 71.43 63.87 -67.48
C GLY F 269 70.39 63.41 -66.46
N PHE F 270 70.74 62.42 -65.65
CA PHE F 270 69.84 61.80 -64.68
C PHE F 270 70.59 61.38 -63.42
N ALA F 271 69.92 61.43 -62.27
CA ALA F 271 70.41 60.95 -60.98
C ALA F 271 69.24 60.43 -60.15
N PRO F 272 69.46 59.53 -59.18
CA PRO F 272 70.70 58.82 -58.89
C PRO F 272 70.94 57.71 -59.91
N LEU F 273 72.19 57.55 -60.37
CA LEU F 273 72.65 56.34 -61.02
C LEU F 273 73.70 55.68 -60.15
N THR F 274 73.55 54.41 -59.81
CA THR F 274 74.47 53.70 -58.92
C THR F 274 74.86 52.36 -59.52
N SER F 275 76.10 51.92 -59.29
CA SER F 275 76.50 50.56 -59.62
C SER F 275 75.55 49.57 -58.96
N ARG F 276 75.01 48.60 -59.70
CA ARG F 276 73.94 47.72 -59.23
C ARG F 276 74.26 47.01 -57.92
N GLY F 277 75.51 46.61 -57.71
CA GLY F 277 75.98 45.94 -56.49
C GLY F 277 76.27 46.87 -55.31
N SER F 278 76.12 48.18 -55.45
CA SER F 278 76.55 49.18 -54.46
C SER F 278 75.42 49.98 -53.81
N GLN F 279 74.16 49.79 -54.16
CA GLN F 279 73.11 50.71 -53.71
C GLN F 279 72.97 50.84 -52.19
N GLN F 280 73.06 49.74 -51.44
CA GLN F 280 72.89 49.76 -49.97
C GLN F 280 73.89 50.65 -49.21
N TYR F 281 75.02 51.01 -49.82
CA TYR F 281 76.06 51.82 -49.20
C TYR F 281 75.87 53.33 -49.45
N ARG F 282 74.97 53.71 -50.36
CA ARG F 282 74.76 55.10 -50.79
C ARG F 282 73.60 55.75 -50.02
N ALA F 283 73.77 56.99 -49.58
CA ALA F 283 72.68 57.79 -49.02
C ALA F 283 71.99 58.60 -50.13
N LEU F 284 70.74 58.27 -50.48
CA LEU F 284 69.95 59.09 -51.41
C LEU F 284 69.52 60.37 -50.72
N THR F 285 70.03 61.51 -51.17
CA THR F 285 69.69 62.82 -50.62
C THR F 285 70.14 63.93 -51.56
N VAL F 286 69.53 65.11 -51.47
CA VAL F 286 69.74 66.23 -52.41
C VAL F 286 71.20 66.60 -52.69
N PRO F 287 72.13 66.67 -51.71
CA PRO F 287 73.53 66.98 -52.02
C PRO F 287 74.30 65.84 -52.71
N GLU F 288 73.88 64.59 -52.59
CA GLU F 288 74.49 63.50 -53.38
C GLU F 288 73.91 63.48 -54.79
N LEU F 289 72.60 63.65 -54.94
CA LEU F 289 71.97 63.86 -56.25
C LEU F 289 72.63 65.03 -56.97
N THR F 290 72.95 66.13 -56.29
CA THR F 290 73.66 67.27 -56.87
C THR F 290 75.09 66.94 -57.30
N GLN F 291 75.90 66.30 -56.45
CA GLN F 291 77.29 65.96 -56.76
C GLN F 291 77.45 64.91 -57.87
N GLN F 292 76.40 64.15 -58.17
CA GLN F 292 76.32 63.32 -59.38
C GLN F 292 75.86 64.14 -60.60
N MET F 293 74.72 64.81 -60.48
CA MET F 293 74.05 65.55 -61.53
C MET F 293 74.94 66.56 -62.23
N PHE F 294 75.71 67.35 -61.48
CA PHE F 294 76.58 68.39 -62.03
C PHE F 294 78.00 67.92 -62.38
N ASP F 295 78.28 66.63 -62.41
CA ASP F 295 79.60 66.07 -62.76
C ASP F 295 79.62 65.54 -64.20
N ALA F 296 80.71 65.88 -64.89
CA ALA F 296 80.99 65.74 -66.32
C ALA F 296 80.78 64.30 -66.85
N LYS F 297 80.93 63.29 -65.98
CA LYS F 297 80.70 61.88 -66.33
C LYS F 297 79.22 61.49 -66.46
N ASN F 298 78.29 62.29 -65.92
CA ASN F 298 76.87 61.97 -65.91
C ASN F 298 76.10 62.44 -67.18
N MET F 299 76.54 63.50 -67.86
CA MET F 299 75.83 64.07 -69.01
C MET F 299 75.87 63.15 -70.22
N MET F 300 74.77 63.09 -70.97
CA MET F 300 74.54 62.15 -72.08
C MET F 300 74.99 62.65 -73.48
N ALA F 301 75.88 63.64 -73.53
CA ALA F 301 76.62 64.03 -74.75
C ALA F 301 78.12 64.06 -74.45
N ALA F 302 78.97 63.79 -75.44
CA ALA F 302 80.42 63.65 -75.23
C ALA F 302 81.13 64.90 -74.70
N CYS F 303 80.51 66.08 -74.85
CA CYS F 303 81.03 67.35 -74.37
C CYS F 303 81.31 67.31 -72.87
N ASP F 304 82.56 67.52 -72.47
CA ASP F 304 82.86 67.84 -71.09
C ASP F 304 82.49 69.31 -70.84
N PRO F 305 81.56 69.62 -69.93
CA PRO F 305 81.20 71.00 -69.65
C PRO F 305 82.38 71.85 -69.19
N ARG F 306 83.47 71.25 -68.69
CA ARG F 306 84.71 71.98 -68.35
C ARG F 306 85.43 72.56 -69.57
N HIS F 307 84.99 72.26 -70.79
CA HIS F 307 85.44 72.91 -72.04
C HIS F 307 84.58 74.10 -72.48
N GLY F 308 83.62 74.55 -71.67
CA GLY F 308 82.77 75.71 -71.94
C GLY F 308 82.30 76.39 -70.67
N ARG F 309 81.14 77.05 -70.75
CA ARG F 309 80.36 77.56 -69.63
C ARG F 309 78.89 77.23 -69.87
N TYR F 310 78.09 76.96 -68.85
CA TYR F 310 76.65 76.87 -68.99
C TYR F 310 76.03 78.26 -69.20
N LEU F 311 74.99 78.33 -70.03
CA LEU F 311 74.10 79.47 -70.13
C LEU F 311 73.05 79.37 -69.02
N THR F 312 72.25 78.31 -69.11
CA THR F 312 71.27 77.90 -68.11
C THR F 312 71.39 76.41 -67.85
N VAL F 313 71.14 75.98 -66.63
CA VAL F 313 70.87 74.60 -66.28
C VAL F 313 69.48 74.52 -65.67
N ALA F 314 68.68 73.52 -65.99
CA ALA F 314 67.46 73.22 -65.24
C ALA F 314 67.63 71.91 -64.49
N ALA F 315 67.37 71.92 -63.19
CA ALA F 315 67.32 70.72 -62.38
C ALA F 315 65.87 70.43 -61.96
N ILE F 316 65.23 69.46 -62.62
CA ILE F 316 63.85 69.02 -62.32
C ILE F 316 63.93 67.86 -61.36
N PHE F 317 63.85 68.18 -60.07
CA PHE F 317 63.82 67.22 -58.98
C PHE F 317 62.43 66.58 -58.83
N ARG F 318 62.43 65.36 -58.30
CA ARG F 318 61.24 64.60 -57.96
C ARG F 318 61.44 63.97 -56.60
N GLY F 319 60.41 63.98 -55.76
CA GLY F 319 60.44 63.38 -54.42
C GLY F 319 60.08 64.35 -53.31
N ARG F 320 59.90 63.86 -52.09
CA ARG F 320 59.65 64.67 -50.90
C ARG F 320 60.97 65.25 -50.38
N MET F 321 61.22 66.54 -50.64
CA MET F 321 62.46 67.22 -50.29
C MET F 321 62.26 68.68 -49.93
N SER F 322 63.19 69.25 -49.18
CA SER F 322 63.18 70.63 -48.71
C SER F 322 63.48 71.62 -49.83
N MET F 323 62.71 72.70 -49.93
CA MET F 323 63.03 73.79 -50.82
C MET F 323 64.28 74.57 -50.36
N LYS F 324 64.54 74.71 -49.06
CA LYS F 324 65.81 75.29 -48.58
C LYS F 324 66.98 74.47 -49.06
N GLU F 325 66.95 73.14 -48.91
CA GLU F 325 68.04 72.27 -49.34
C GLU F 325 68.26 72.28 -50.85
N VAL F 326 67.19 72.24 -51.67
CA VAL F 326 67.32 72.41 -53.12
C VAL F 326 67.91 73.77 -53.45
N ASP F 327 67.36 74.84 -52.89
CA ASP F 327 67.82 76.21 -53.22
C ASP F 327 69.25 76.50 -52.74
N GLU F 328 69.66 75.92 -51.61
CA GLU F 328 71.02 75.88 -51.07
C GLU F 328 71.97 75.17 -52.04
N GLN F 329 71.65 73.98 -52.53
CA GLN F 329 72.59 73.24 -53.39
C GLN F 329 72.71 73.86 -54.78
N MET F 330 71.62 74.33 -55.36
CA MET F 330 71.66 75.01 -56.66
C MET F 330 72.32 76.40 -56.59
N LEU F 331 72.49 76.97 -55.40
CA LEU F 331 73.35 78.12 -55.13
C LEU F 331 74.81 77.71 -54.96
N ASN F 332 75.08 76.73 -54.10
CA ASN F 332 76.43 76.29 -53.78
C ASN F 332 77.16 75.82 -55.03
N VAL F 333 76.50 75.08 -55.91
CA VAL F 333 77.10 74.65 -57.18
C VAL F 333 77.58 75.82 -58.01
N GLN F 334 76.75 76.82 -58.31
CA GLN F 334 77.13 77.87 -59.26
C GLN F 334 77.99 79.00 -58.66
N ASN F 335 78.22 78.98 -57.34
CA ASN F 335 79.17 79.86 -56.66
C ASN F 335 80.54 79.19 -56.51
N LYS F 336 80.59 77.91 -56.15
CA LYS F 336 81.82 77.12 -56.06
C LYS F 336 82.39 76.70 -57.41
N ASN F 337 81.56 76.67 -58.47
CA ASN F 337 81.95 76.42 -59.86
C ASN F 337 81.75 77.65 -60.77
N SER F 338 81.90 78.87 -60.26
CA SER F 338 81.48 80.10 -60.96
C SER F 338 82.17 80.35 -62.30
N SER F 339 83.39 79.84 -62.50
CA SER F 339 84.12 79.84 -63.77
C SER F 339 83.47 79.00 -64.87
N TYR F 340 82.47 78.17 -64.58
CA TYR F 340 81.76 77.32 -65.53
C TYR F 340 80.33 77.77 -65.84
N PHE F 341 79.94 78.98 -65.45
CA PHE F 341 78.63 79.57 -65.75
C PHE F 341 78.82 80.97 -66.35
N VAL F 342 77.99 81.42 -67.28
CA VAL F 342 78.17 82.77 -67.84
C VAL F 342 77.85 83.86 -66.82
N GLU F 343 78.71 84.87 -66.71
CA GLU F 343 78.61 85.88 -65.64
C GLU F 343 77.79 87.14 -66.00
N TRP F 344 77.15 87.15 -67.17
CA TRP F 344 76.12 88.12 -67.56
C TRP F 344 74.69 87.63 -67.29
N ILE F 345 74.50 86.42 -66.78
CA ILE F 345 73.25 85.95 -66.20
C ILE F 345 73.46 85.85 -64.67
N PRO F 346 72.61 86.48 -63.83
CA PRO F 346 72.84 86.58 -62.38
C PRO F 346 72.49 85.31 -61.58
N ASN F 347 71.65 84.44 -62.13
CA ASN F 347 71.41 83.09 -61.64
C ASN F 347 71.23 82.18 -62.87
N ASN F 348 72.05 81.16 -63.00
CA ASN F 348 72.04 80.27 -64.14
C ASN F 348 71.18 79.03 -63.93
N VAL F 349 70.67 78.73 -62.72
CA VAL F 349 69.93 77.49 -62.44
C VAL F 349 68.43 77.77 -62.27
N LYS F 350 67.60 77.13 -63.10
CA LYS F 350 66.16 76.90 -62.90
C LYS F 350 65.98 75.67 -62.02
N THR F 351 65.06 75.69 -61.06
CA THR F 351 64.69 74.50 -60.29
C THR F 351 63.23 74.17 -60.48
N ALA F 352 62.88 72.91 -60.42
CA ALA F 352 61.49 72.46 -60.31
C ALA F 352 61.46 71.25 -59.37
N VAL F 353 60.34 71.01 -58.69
CA VAL F 353 60.23 70.00 -57.65
C VAL F 353 58.86 69.37 -57.75
N CYS F 354 58.81 68.12 -58.17
CA CYS F 354 57.61 67.28 -58.20
C CYS F 354 57.48 66.44 -56.92
N ASP F 355 56.26 66.24 -56.43
CA ASP F 355 55.97 65.48 -55.21
C ASP F 355 56.04 63.95 -55.37
N ILE F 356 56.19 63.45 -56.60
CA ILE F 356 56.07 62.02 -56.95
C ILE F 356 57.37 61.53 -57.61
N PRO F 357 58.27 60.85 -56.88
CA PRO F 357 59.51 60.31 -57.42
C PRO F 357 59.26 59.04 -58.24
N PRO F 358 60.17 58.64 -59.14
CA PRO F 358 59.98 57.47 -59.98
C PRO F 358 59.73 56.21 -59.16
N ARG F 359 58.96 55.25 -59.69
CA ARG F 359 58.61 54.03 -58.95
C ARG F 359 59.87 53.27 -58.52
N GLY F 360 60.06 53.03 -57.23
CA GLY F 360 61.28 52.40 -56.68
C GLY F 360 62.44 53.34 -56.33
N LEU F 361 62.35 54.67 -56.38
CA LEU F 361 63.38 55.45 -55.68
C LEU F 361 62.81 56.67 -54.95
N LYS F 362 63.39 57.00 -53.80
CA LYS F 362 62.88 58.01 -52.87
C LYS F 362 62.94 59.43 -53.41
N MET F 363 63.87 59.70 -54.31
CA MET F 363 64.08 60.98 -54.98
C MET F 363 64.67 60.71 -56.36
N SER F 364 64.58 61.66 -57.28
CA SER F 364 65.32 61.65 -58.52
C SER F 364 65.51 63.06 -59.06
N ALA F 365 66.50 63.29 -59.91
CA ALA F 365 66.72 64.56 -60.58
C ALA F 365 67.01 64.34 -62.06
N THR F 366 66.26 65.02 -62.94
CA THR F 366 66.62 65.10 -64.36
C THR F 366 67.27 66.44 -64.60
N PHE F 367 68.44 66.40 -65.22
CA PHE F 367 69.29 67.54 -65.49
C PHE F 367 69.17 67.94 -66.96
N ILE F 368 69.04 69.22 -67.24
CA ILE F 368 69.13 69.74 -68.59
C ILE F 368 70.19 70.83 -68.61
N GLY F 369 71.28 70.62 -69.32
CA GLY F 369 72.30 71.62 -69.51
C GLY F 369 72.13 72.34 -70.84
N ASN F 370 72.24 73.66 -70.84
CA ASN F 370 72.59 74.42 -72.02
C ASN F 370 74.00 74.97 -71.80
N SER F 371 74.97 74.62 -72.63
CA SER F 371 76.35 75.04 -72.46
C SER F 371 77.07 75.27 -73.76
N THR F 372 77.93 76.28 -73.77
CA THR F 372 78.82 76.59 -74.90
C THR F 372 79.76 75.43 -75.26
N ALA F 373 79.96 74.46 -74.35
CA ALA F 373 80.66 73.22 -74.64
C ALA F 373 79.99 72.36 -75.72
N ILE F 374 78.70 72.54 -76.01
CA ILE F 374 78.04 71.84 -77.13
C ILE F 374 78.62 72.24 -78.49
N GLN F 375 79.45 73.29 -78.56
CA GLN F 375 80.24 73.60 -79.75
C GLN F 375 81.09 72.40 -80.19
N GLU F 376 81.59 71.58 -79.26
CA GLU F 376 82.48 70.47 -79.59
C GLU F 376 81.77 69.34 -80.31
N LEU F 377 80.49 69.14 -80.06
CA LEU F 377 79.68 68.15 -80.75
C LEU F 377 79.43 68.59 -82.19
N PHE F 378 79.06 69.85 -82.41
CA PHE F 378 78.91 70.38 -83.76
C PHE F 378 80.22 70.55 -84.51
N LYS F 379 81.33 70.85 -83.83
CA LYS F 379 82.65 71.01 -84.45
C LYS F 379 83.16 69.70 -85.03
N ARG F 380 83.14 68.61 -84.26
CA ARG F 380 83.71 67.33 -84.73
C ARG F 380 82.90 66.70 -85.86
N ILE F 381 81.59 66.87 -85.87
CA ILE F 381 80.79 66.49 -87.04
C ILE F 381 81.17 67.37 -88.23
N SER F 382 81.29 68.69 -88.06
CA SER F 382 81.65 69.61 -89.15
C SER F 382 83.02 69.33 -89.77
N GLU F 383 84.02 68.94 -88.97
CA GLU F 383 85.35 68.53 -89.47
C GLU F 383 85.39 67.13 -90.10
N GLN F 384 84.59 66.16 -89.64
CA GLN F 384 84.42 64.89 -90.37
C GLN F 384 83.71 65.12 -91.72
N PHE F 385 82.66 65.94 -91.76
CA PHE F 385 81.98 66.35 -92.98
C PHE F 385 82.97 66.98 -93.96
N THR F 386 83.76 67.93 -93.49
CA THR F 386 84.69 68.68 -94.32
C THR F 386 85.72 67.76 -94.99
N ALA F 387 86.31 66.83 -94.25
CA ALA F 387 87.34 65.96 -94.79
C ALA F 387 86.84 65.00 -95.88
N MET F 388 85.58 64.59 -95.87
CA MET F 388 84.96 63.85 -96.97
C MET F 388 84.55 64.78 -98.11
N PHE F 389 83.93 65.90 -97.78
CA PHE F 389 83.33 66.79 -98.77
C PHE F 389 84.36 67.50 -99.65
N ARG F 390 85.58 67.78 -99.16
CA ARG F 390 86.63 68.39 -100.00
C ARG F 390 86.97 67.54 -101.23
N ARG F 391 86.72 66.22 -101.18
CA ARG F 391 86.91 65.27 -102.28
C ARG F 391 85.62 64.70 -102.84
N LYS F 392 84.47 65.34 -102.54
CA LYS F 392 83.12 65.01 -103.03
C LYS F 392 82.71 63.54 -102.79
N ALA F 393 83.34 62.85 -101.86
CA ALA F 393 83.15 61.42 -101.67
C ALA F 393 81.68 61.11 -101.34
N PHE F 394 81.15 59.98 -101.82
CA PHE F 394 79.77 59.52 -101.61
C PHE F 394 78.64 60.42 -102.12
N LEU F 395 78.90 61.59 -102.73
CA LEU F 395 77.83 62.54 -103.08
C LEU F 395 76.90 62.06 -104.19
N HIS F 396 77.24 61.04 -104.97
CA HIS F 396 76.36 60.56 -106.04
C HIS F 396 75.11 59.86 -105.50
N TRP F 397 75.15 59.32 -104.28
CA TRP F 397 74.00 58.77 -103.60
C TRP F 397 72.98 59.82 -103.16
N TYR F 398 73.41 61.05 -102.90
CA TYR F 398 72.55 62.17 -102.51
C TYR F 398 72.11 63.00 -103.70
N THR F 399 73.02 63.34 -104.59
CA THR F 399 72.71 64.04 -105.84
C THR F 399 71.89 63.17 -106.79
N GLY F 400 71.95 61.84 -106.67
CA GLY F 400 71.06 60.91 -107.36
C GLY F 400 69.59 61.07 -106.97
N GLU F 401 69.30 61.48 -105.74
CA GLU F 401 67.96 61.86 -105.25
C GLU F 401 67.56 63.30 -105.64
N GLY F 402 68.32 63.96 -106.51
CA GLY F 402 68.08 65.32 -107.00
C GLY F 402 68.51 66.43 -106.06
N MET F 403 69.27 66.13 -105.01
CA MET F 403 69.85 67.11 -104.09
C MET F 403 71.02 67.86 -104.76
N ASP F 404 71.19 69.15 -104.46
CA ASP F 404 72.34 69.92 -104.98
C ASP F 404 73.59 69.75 -104.11
N GLU F 405 74.77 69.89 -104.73
CA GLU F 405 76.01 70.13 -103.99
C GLU F 405 75.92 71.43 -103.17
N MET F 406 75.21 72.45 -103.69
CA MET F 406 74.95 73.68 -102.96
C MET F 406 74.23 73.46 -101.63
N GLU F 407 73.44 72.39 -101.47
CA GLU F 407 72.76 72.16 -100.20
C GLU F 407 73.69 71.65 -99.11
N PHE F 408 74.75 70.94 -99.50
CA PHE F 408 75.81 70.52 -98.59
C PHE F 408 76.63 71.72 -98.15
N THR F 409 77.05 72.57 -99.09
CA THR F 409 77.75 73.82 -98.81
C THR F 409 76.94 74.71 -97.86
N GLU F 410 75.64 74.83 -98.07
CA GLU F 410 74.74 75.63 -97.24
C GLU F 410 74.44 75.00 -95.88
N ALA F 411 74.37 73.68 -95.77
CA ALA F 411 74.25 73.00 -94.49
C ALA F 411 75.49 73.18 -93.60
N GLU F 412 76.69 72.93 -94.12
CA GLU F 412 77.94 73.12 -93.36
C GLU F 412 78.20 74.59 -93.02
N SER F 413 77.69 75.50 -93.85
CA SER F 413 77.71 76.94 -93.57
C SER F 413 76.86 77.28 -92.35
N ASN F 414 75.62 76.79 -92.31
CA ASN F 414 74.70 76.93 -91.18
C ASN F 414 75.17 76.18 -89.91
N MET F 415 75.90 75.08 -90.06
CA MET F 415 76.56 74.39 -88.95
C MET F 415 77.64 75.28 -88.31
N ASN F 416 78.57 75.85 -89.08
CA ASN F 416 79.57 76.76 -88.52
C ASN F 416 78.95 78.03 -87.92
N ASP F 417 77.81 78.49 -88.42
CA ASP F 417 77.05 79.59 -87.82
C ASP F 417 76.49 79.21 -86.44
N LEU F 418 76.04 77.97 -86.24
CA LEU F 418 75.66 77.46 -84.92
C LEU F 418 76.87 77.29 -83.97
N VAL F 419 78.01 76.80 -84.47
CA VAL F 419 79.25 76.74 -83.69
C VAL F 419 79.70 78.12 -83.24
N SER F 420 79.60 79.11 -84.11
CA SER F 420 80.06 80.47 -83.83
C SER F 420 79.20 81.17 -82.78
N GLU F 421 77.89 80.95 -82.75
CA GLU F 421 76.98 81.54 -81.76
C GLU F 421 77.18 80.96 -80.36
N TYR F 422 77.48 79.66 -80.20
CA TYR F 422 77.90 79.15 -78.89
C TYR F 422 79.29 79.63 -78.48
N GLN F 423 80.26 79.62 -79.39
CA GLN F 423 81.61 80.12 -79.10
C GLN F 423 81.65 81.63 -78.79
N GLN F 424 80.70 82.41 -79.28
CA GLN F 424 80.58 83.84 -78.98
C GLN F 424 80.36 84.13 -77.51
N TYR F 425 79.54 83.35 -76.80
CA TYR F 425 79.28 83.53 -75.37
C TYR F 425 80.26 82.80 -74.44
N GLN F 426 81.31 82.18 -74.97
CA GLN F 426 82.31 81.44 -74.20
C GLN F 426 83.00 82.31 -73.13
N MET G 1 -111.58 49.58 22.72
CA MET G 1 -112.08 50.93 22.43
C MET G 1 -111.24 51.52 21.32
N ARG G 2 -111.89 52.08 20.28
CA ARG G 2 -111.27 52.81 19.16
C ARG G 2 -110.44 51.96 18.19
N GLU G 3 -110.75 50.69 18.03
CA GLU G 3 -110.08 49.82 17.07
C GLU G 3 -110.38 50.16 15.61
N CYS G 4 -109.49 49.82 14.67
CA CYS G 4 -109.79 49.78 13.22
C CYS G 4 -109.23 48.50 12.60
N ILE G 5 -110.05 47.78 11.83
CA ILE G 5 -109.60 46.62 11.03
C ILE G 5 -109.19 47.11 9.64
N SER G 6 -107.91 46.96 9.30
CA SER G 6 -107.37 47.39 8.01
C SER G 6 -107.29 46.23 7.03
N VAL G 7 -108.01 46.27 5.91
CA VAL G 7 -108.01 45.18 4.93
C VAL G 7 -107.32 45.63 3.65
N HIS G 8 -106.22 44.96 3.33
CA HIS G 8 -105.32 45.25 2.22
C HIS G 8 -105.48 44.24 1.09
N VAL G 9 -106.05 44.65 -0.04
CA VAL G 9 -106.51 43.75 -1.11
C VAL G 9 -105.75 43.94 -2.42
N GLY G 10 -105.38 42.83 -3.06
CA GLY G 10 -104.61 42.82 -4.30
C GLY G 10 -103.18 43.33 -4.14
N GLN G 11 -102.43 43.55 -5.20
CA GLN G 11 -101.04 44.02 -5.12
C GLN G 11 -100.92 45.45 -4.60
N ALA G 12 -101.69 46.41 -5.15
CA ALA G 12 -101.69 47.79 -4.68
C ALA G 12 -102.06 47.93 -3.21
N GLY G 13 -103.14 47.29 -2.75
CA GLY G 13 -103.56 47.37 -1.35
C GLY G 13 -102.55 46.76 -0.39
N VAL G 14 -101.98 45.61 -0.73
CA VAL G 14 -100.93 44.95 0.04
C VAL G 14 -99.65 45.77 0.07
N GLN G 15 -99.23 46.38 -1.02
CA GLN G 15 -98.02 47.19 -1.07
C GLN G 15 -98.17 48.55 -0.38
N ILE G 16 -99.35 49.18 -0.45
CA ILE G 16 -99.70 50.30 0.41
C ILE G 16 -99.71 49.86 1.87
N GLY G 17 -100.26 48.69 2.18
CA GLY G 17 -100.22 48.08 3.50
C GLY G 17 -98.82 47.87 4.03
N ASN G 18 -97.90 47.38 3.22
CA ASN G 18 -96.49 47.24 3.58
C ASN G 18 -95.78 48.58 3.85
N SER G 19 -96.35 49.72 3.42
CA SER G 19 -95.95 51.06 3.82
C SER G 19 -96.73 51.58 5.04
N CYS G 20 -98.03 51.31 5.15
CA CYS G 20 -98.85 51.65 6.31
C CYS G 20 -98.28 51.03 7.57
N TRP G 21 -98.05 49.73 7.56
CA TRP G 21 -97.52 49.00 8.71
C TRP G 21 -96.04 49.28 8.98
N GLU G 22 -95.28 49.68 7.97
CA GLU G 22 -93.94 50.25 8.17
C GLU G 22 -94.01 51.54 9.00
N LEU G 23 -94.95 52.43 8.67
CA LEU G 23 -95.17 53.68 9.39
C LEU G 23 -95.71 53.44 10.79
N TYR G 24 -96.83 52.73 10.95
CA TYR G 24 -97.49 52.55 12.25
C TYR G 24 -96.54 51.92 13.27
N CYS G 25 -95.70 50.99 12.86
CA CYS G 25 -94.68 50.42 13.72
C CYS G 25 -93.68 51.46 14.22
N LEU G 26 -93.19 52.36 13.37
CA LEU G 26 -92.30 53.44 13.80
C LEU G 26 -93.00 54.43 14.72
N GLU G 27 -94.22 54.79 14.38
CA GLU G 27 -94.98 55.84 15.06
C GLU G 27 -95.38 55.43 16.49
N HIS G 28 -95.65 54.14 16.72
CA HIS G 28 -95.93 53.54 18.04
C HIS G 28 -94.72 52.89 18.71
N GLY G 29 -93.56 52.88 18.07
CA GLY G 29 -92.33 52.32 18.61
C GLY G 29 -92.34 50.81 18.76
N LEU G 30 -92.99 50.10 17.83
CA LEU G 30 -93.05 48.65 17.74
C LEU G 30 -91.96 48.18 16.77
N GLN G 31 -91.13 47.24 17.21
CA GLN G 31 -90.10 46.59 16.41
C GLN G 31 -90.75 45.80 15.25
N PRO G 32 -90.02 45.50 14.15
CA PRO G 32 -90.59 44.70 13.07
C PRO G 32 -90.87 43.24 13.45
N ASP G 33 -90.43 42.75 14.61
CA ASP G 33 -90.85 41.46 15.20
C ASP G 33 -92.08 41.56 16.11
N GLY G 34 -92.74 42.73 16.14
CA GLY G 34 -93.92 43.02 16.94
C GLY G 34 -93.67 43.35 18.42
N THR G 35 -92.44 43.29 18.93
CA THR G 35 -92.15 43.63 20.33
C THR G 35 -92.01 45.16 20.55
N MET G 36 -92.11 45.64 21.78
CA MET G 36 -92.07 47.07 22.11
C MET G 36 -91.18 47.37 23.33
N PRO G 37 -89.95 47.90 23.15
CA PRO G 37 -89.06 48.24 24.25
C PRO G 37 -89.52 49.51 25.00
N SER G 38 -88.92 49.78 26.16
CA SER G 38 -89.16 50.98 26.98
C SER G 38 -87.90 51.45 27.70
N ASP G 46 -99.61 53.03 27.67
CA ASP G 46 -100.30 54.24 27.31
C ASP G 46 -101.49 54.01 26.35
N SER G 47 -101.62 52.80 25.81
CA SER G 47 -102.67 52.33 24.89
C SER G 47 -102.85 53.13 23.60
N SER G 48 -101.88 53.94 23.18
CA SER G 48 -101.96 54.66 21.90
C SER G 48 -101.96 53.73 20.69
N PHE G 49 -101.23 52.63 20.74
CA PHE G 49 -101.18 51.58 19.73
C PHE G 49 -102.50 50.81 19.56
N GLY G 50 -103.44 50.88 20.50
CA GLY G 50 -104.58 49.95 20.56
C GLY G 50 -105.48 50.01 19.32
N THR G 51 -105.52 51.15 18.63
CA THR G 51 -106.36 51.29 17.43
C THR G 51 -105.94 50.32 16.33
N PHE G 52 -104.63 50.09 16.20
CA PHE G 52 -104.03 49.31 15.14
C PHE G 52 -103.40 48.00 15.61
N PHE G 53 -103.13 47.79 16.90
CA PHE G 53 -102.49 46.56 17.35
C PHE G 53 -103.20 45.93 18.54
N SER G 54 -103.51 44.64 18.43
CA SER G 54 -103.84 43.77 19.55
C SER G 54 -102.57 43.42 20.33
N GLU G 55 -102.57 43.39 21.67
CA GLU G 55 -101.40 43.04 22.48
C GLU G 55 -101.59 41.67 23.13
N THR G 56 -100.65 40.74 22.90
CA THR G 56 -100.63 39.42 23.56
C THR G 56 -99.74 39.42 24.80
N GLY G 57 -99.96 38.50 25.74
CA GLY G 57 -99.33 38.48 27.06
C GLY G 57 -97.80 38.37 27.07
N SER G 58 -97.19 37.91 25.99
CA SER G 58 -95.74 37.92 25.78
C SER G 58 -95.16 39.34 25.63
N GLY G 59 -95.99 40.37 25.47
CA GLY G 59 -95.58 41.73 25.12
C GLY G 59 -95.34 41.93 23.63
N LYS G 60 -96.05 41.15 22.81
CA LYS G 60 -96.03 41.20 21.34
C LYS G 60 -97.30 41.90 20.86
N HIS G 61 -97.13 42.92 20.03
CA HIS G 61 -98.21 43.69 19.42
C HIS G 61 -98.41 43.19 18.00
N VAL G 62 -99.60 42.66 17.74
CA VAL G 62 -99.99 42.01 16.49
C VAL G 62 -100.99 42.93 15.77
N PRO G 63 -100.78 43.27 14.50
CA PRO G 63 -101.61 44.25 13.81
C PRO G 63 -103.03 43.77 13.56
N ARG G 64 -103.99 44.68 13.67
CA ARG G 64 -105.40 44.50 13.31
C ARG G 64 -105.58 44.67 11.80
N ALA G 65 -104.94 43.80 11.03
CA ALA G 65 -104.90 43.85 9.58
C ALA G 65 -105.19 42.50 8.96
N VAL G 66 -105.82 42.50 7.80
CA VAL G 66 -105.95 41.33 6.93
C VAL G 66 -105.33 41.67 5.59
N PHE G 67 -104.45 40.81 5.07
CA PHE G 67 -103.86 40.96 3.74
C PHE G 67 -104.43 39.88 2.84
N VAL G 68 -105.02 40.24 1.71
CA VAL G 68 -105.68 39.29 0.80
C VAL G 68 -105.23 39.51 -0.62
N ASP G 69 -104.82 38.45 -1.28
CA ASP G 69 -104.48 38.45 -2.70
C ASP G 69 -104.88 37.10 -3.28
N LEU G 70 -105.36 37.05 -4.51
CA LEU G 70 -105.81 35.81 -5.13
C LEU G 70 -104.65 34.96 -5.64
N GLU G 71 -103.47 35.56 -5.82
CA GLU G 71 -102.20 34.92 -6.16
C GLU G 71 -101.16 35.04 -5.02
N GLN G 72 -100.14 34.17 -4.97
CA GLN G 72 -99.26 34.09 -3.81
C GLN G 72 -98.15 35.13 -3.77
N THR G 73 -97.75 35.75 -4.88
CA THR G 73 -96.40 36.33 -5.04
C THR G 73 -96.08 37.47 -4.08
N VAL G 74 -97.00 38.42 -3.94
CA VAL G 74 -96.81 39.64 -3.13
C VAL G 74 -96.93 39.36 -1.64
N ILE G 75 -97.87 38.52 -1.21
CA ILE G 75 -97.97 38.15 0.20
C ILE G 75 -96.89 37.16 0.61
N GLY G 76 -96.41 36.25 -0.25
CA GLY G 76 -95.23 35.43 0.05
C GLY G 76 -93.98 36.29 0.28
N GLU G 77 -93.92 37.48 -0.28
CA GLU G 77 -92.85 38.44 -0.02
C GLU G 77 -93.01 39.11 1.35
N ILE G 78 -94.25 39.43 1.77
CA ILE G 78 -94.57 39.89 3.13
C ILE G 78 -94.25 38.81 4.16
N ARG G 79 -94.57 37.54 3.88
CA ARG G 79 -94.21 36.35 4.68
C ARG G 79 -92.70 36.02 4.73
N ASN G 80 -91.84 36.77 4.05
CA ASN G 80 -90.39 36.47 3.95
C ASN G 80 -89.51 37.67 4.30
N GLY G 81 -89.98 38.89 4.08
CA GLY G 81 -89.27 40.14 4.39
C GLY G 81 -89.26 40.50 5.88
N PRO G 82 -88.84 41.72 6.21
CA PRO G 82 -88.63 42.14 7.61
C PRO G 82 -89.87 42.07 8.50
N TYR G 83 -91.08 42.09 7.94
CA TYR G 83 -92.33 41.99 8.69
C TYR G 83 -92.89 40.57 8.80
N ARG G 84 -92.15 39.51 8.45
CA ARG G 84 -92.61 38.12 8.58
C ARG G 84 -93.07 37.73 9.99
N SER G 85 -92.48 38.33 11.03
CA SER G 85 -92.78 38.11 12.44
C SER G 85 -93.82 39.10 13.01
N LEU G 86 -94.26 40.10 12.26
CA LEU G 86 -95.26 41.05 12.74
C LEU G 86 -96.67 40.45 12.71
N PHE G 87 -97.08 39.95 11.55
CA PHE G 87 -98.43 39.51 11.28
C PHE G 87 -98.69 38.10 11.79
N HIS G 88 -99.94 37.85 12.19
CA HIS G 88 -100.44 36.50 12.44
C HIS G 88 -100.44 35.71 11.12
N PRO G 89 -99.89 34.49 11.05
CA PRO G 89 -99.65 33.80 9.78
C PRO G 89 -100.92 33.46 9.00
N GLU G 90 -102.07 33.29 9.65
CA GLU G 90 -103.35 33.01 8.96
C GLU G 90 -104.18 34.25 8.58
N GLN G 91 -103.71 35.47 8.86
CA GLN G 91 -104.33 36.71 8.35
C GLN G 91 -103.57 37.33 7.17
N LEU G 92 -102.50 36.68 6.73
CA LEU G 92 -101.91 36.82 5.41
C LEU G 92 -102.51 35.72 4.51
N ILE G 93 -103.50 36.04 3.69
CA ILE G 93 -104.36 35.06 3.00
C ILE G 93 -104.09 35.05 1.51
N THR G 94 -103.86 33.87 0.93
CA THR G 94 -103.54 33.71 -0.50
C THR G 94 -104.32 32.58 -1.14
N GLY G 95 -104.69 32.76 -2.41
CA GLY G 95 -105.13 31.71 -3.31
C GLY G 95 -103.99 31.14 -4.18
N LYS G 96 -104.37 30.23 -5.09
CA LYS G 96 -103.49 29.65 -6.13
C LYS G 96 -103.45 30.47 -7.43
N GLU G 97 -104.56 31.11 -7.79
CA GLU G 97 -104.83 31.62 -9.14
C GLU G 97 -105.00 33.15 -9.17
N ASP G 98 -104.21 33.82 -9.98
CA ASP G 98 -104.31 35.24 -10.28
C ASP G 98 -105.70 35.61 -10.86
N ALA G 99 -106.22 36.81 -10.54
CA ALA G 99 -107.47 37.35 -11.09
C ALA G 99 -107.36 37.97 -12.51
N ALA G 100 -106.16 38.06 -13.07
CA ALA G 100 -105.87 38.38 -14.46
C ALA G 100 -106.36 39.74 -14.95
N ASN G 101 -106.47 40.74 -14.08
CA ASN G 101 -107.08 42.04 -14.35
C ASN G 101 -108.50 41.90 -14.88
N ASN G 102 -109.20 40.85 -14.48
CA ASN G 102 -110.56 40.57 -14.86
C ASN G 102 -111.46 40.66 -13.63
N TYR G 103 -112.34 41.65 -13.55
CA TYR G 103 -113.30 41.81 -12.44
C TYR G 103 -114.06 40.54 -12.12
N ALA G 104 -114.46 39.79 -13.14
CA ALA G 104 -115.31 38.63 -12.98
C ALA G 104 -114.59 37.44 -12.35
N ARG G 105 -113.27 37.30 -12.53
CA ARG G 105 -112.48 36.32 -11.77
C ARG G 105 -112.40 36.71 -10.31
N GLY G 106 -112.20 37.98 -10.01
CA GLY G 106 -112.16 38.44 -8.63
C GLY G 106 -113.48 38.24 -7.89
N HIS G 107 -114.57 38.61 -8.53
CA HIS G 107 -115.91 38.61 -7.94
C HIS G 107 -116.66 37.28 -7.99
N TYR G 108 -116.68 36.59 -9.14
CA TYR G 108 -117.58 35.45 -9.40
C TYR G 108 -116.92 34.07 -9.33
N THR G 109 -115.66 33.94 -9.72
CA THR G 109 -115.05 32.64 -10.05
C THR G 109 -113.91 32.23 -9.10
N ILE G 110 -112.92 33.08 -8.87
CA ILE G 110 -111.74 32.75 -8.06
C ILE G 110 -111.89 33.26 -6.62
N GLY G 111 -112.30 34.50 -6.43
CA GLY G 111 -112.50 35.08 -5.11
C GLY G 111 -113.66 34.46 -4.33
N LYS G 112 -114.64 33.91 -5.04
CA LYS G 112 -115.73 33.05 -4.54
C LYS G 112 -115.24 31.91 -3.64
N GLU G 113 -114.01 31.45 -3.81
CA GLU G 113 -113.42 30.39 -2.98
C GLU G 113 -112.73 30.88 -1.71
N LEU G 114 -112.02 32.01 -1.75
CA LEU G 114 -111.27 32.54 -0.60
C LEU G 114 -112.13 33.39 0.35
N ILE G 115 -113.28 33.90 -0.09
CA ILE G 115 -114.09 34.87 0.66
C ILE G 115 -114.50 34.42 2.06
N ASP G 116 -114.97 33.18 2.22
CA ASP G 116 -115.44 32.68 3.52
C ASP G 116 -114.30 32.40 4.51
N SER G 117 -113.05 32.36 4.05
CA SER G 117 -111.84 32.37 4.86
C SER G 117 -111.42 33.80 5.20
N VAL G 118 -111.57 34.76 4.29
CA VAL G 118 -111.31 36.18 4.55
C VAL G 118 -112.24 36.72 5.63
N LEU G 119 -113.52 36.40 5.55
CA LEU G 119 -114.50 36.77 6.55
C LEU G 119 -114.22 36.18 7.92
N ASP G 120 -113.71 34.96 7.99
CA ASP G 120 -113.43 34.26 9.25
C ASP G 120 -112.31 34.94 10.04
N ARG G 121 -111.29 35.44 9.36
CA ARG G 121 -110.28 36.31 9.95
C ARG G 121 -110.83 37.65 10.40
N VAL G 122 -111.67 38.30 9.60
CA VAL G 122 -112.26 39.59 9.99
C VAL G 122 -113.16 39.41 11.21
N ARG G 123 -113.95 38.33 11.30
CA ARG G 123 -114.70 37.95 12.50
C ARG G 123 -113.79 37.74 13.73
N LYS G 124 -112.71 36.98 13.62
CA LYS G 124 -111.73 36.79 14.71
C LYS G 124 -110.98 38.06 15.10
N MET G 125 -110.91 39.08 14.25
CA MET G 125 -110.39 40.40 14.62
C MET G 125 -111.44 41.28 15.29
N ALA G 126 -112.65 41.32 14.78
CA ALA G 126 -113.75 42.11 15.34
C ALA G 126 -114.13 41.63 16.73
N ASP G 127 -114.12 40.32 16.98
CA ASP G 127 -114.35 39.74 18.31
C ASP G 127 -113.26 40.08 19.35
N GLN G 128 -112.09 40.55 18.92
CA GLN G 128 -111.04 41.11 19.80
C GLN G 128 -111.15 42.63 20.01
N CYS G 129 -112.01 43.32 19.26
CA CYS G 129 -112.31 44.74 19.45
C CYS G 129 -113.38 44.94 20.52
N SER G 130 -113.44 46.16 21.06
CA SER G 130 -114.45 46.60 22.03
C SER G 130 -114.86 48.02 21.64
N GLY G 131 -115.93 48.18 20.89
CA GLY G 131 -116.20 49.43 20.20
C GLY G 131 -115.24 49.66 19.04
N LEU G 132 -115.28 48.75 18.06
CA LEU G 132 -114.62 48.86 16.75
C LEU G 132 -115.11 50.14 16.05
N GLN G 133 -114.20 50.99 15.60
CA GLN G 133 -114.52 52.30 15.05
C GLN G 133 -114.96 52.21 13.59
N GLY G 134 -114.36 51.31 12.82
CA GLY G 134 -114.64 51.09 11.42
C GLY G 134 -113.64 50.17 10.73
N PHE G 135 -113.71 50.12 9.41
CA PHE G 135 -112.81 49.39 8.51
C PHE G 135 -112.00 50.35 7.66
N LEU G 136 -110.73 50.07 7.41
CA LEU G 136 -109.89 50.81 6.47
C LEU G 136 -109.55 49.87 5.30
N VAL G 137 -110.19 50.01 4.16
CA VAL G 137 -110.04 49.06 3.03
C VAL G 137 -109.18 49.65 1.90
N PHE G 138 -108.03 49.02 1.62
CA PHE G 138 -107.03 49.49 0.66
C PHE G 138 -107.00 48.64 -0.60
N HIS G 139 -107.11 49.25 -1.78
CA HIS G 139 -107.20 48.52 -3.04
C HIS G 139 -106.92 49.37 -4.30
N SER G 140 -106.75 48.70 -5.42
CA SER G 140 -106.69 49.27 -6.76
C SER G 140 -108.05 49.18 -7.44
N PHE G 141 -108.51 50.26 -8.07
CA PHE G 141 -109.71 50.24 -8.90
C PHE G 141 -109.51 49.49 -10.23
N GLY G 142 -108.27 49.42 -10.71
CA GLY G 142 -107.93 48.84 -12.00
C GLY G 142 -107.66 47.33 -11.98
N GLY G 143 -107.32 46.78 -10.85
CA GLY G 143 -107.05 45.36 -10.65
C GLY G 143 -108.26 44.45 -10.77
N GLY G 144 -108.04 43.17 -11.06
CA GLY G 144 -109.06 42.12 -10.98
C GLY G 144 -109.38 41.75 -9.54
N THR G 145 -108.36 41.55 -8.69
CA THR G 145 -108.56 41.37 -7.24
C THR G 145 -108.99 42.68 -6.59
N GLY G 146 -108.32 43.78 -6.90
CA GLY G 146 -108.68 45.13 -6.46
C GLY G 146 -110.14 45.50 -6.63
N SER G 147 -110.73 45.33 -7.81
CA SER G 147 -112.15 45.64 -8.07
C SER G 147 -113.11 44.50 -7.68
N GLY G 148 -112.87 43.29 -8.19
CA GLY G 148 -113.77 42.16 -8.04
C GLY G 148 -113.76 41.53 -6.67
N PHE G 149 -112.59 41.39 -6.02
CA PHE G 149 -112.58 40.83 -4.69
C PHE G 149 -113.01 41.83 -3.64
N THR G 150 -112.61 43.10 -3.74
CA THR G 150 -113.09 44.14 -2.80
C THR G 150 -114.59 44.27 -2.88
N SER G 151 -115.19 44.21 -4.07
CA SER G 151 -116.64 44.30 -4.25
C SER G 151 -117.38 43.06 -3.75
N LEU G 152 -116.76 41.89 -3.78
CA LEU G 152 -117.28 40.68 -3.14
C LEU G 152 -117.21 40.80 -1.62
N LEU G 153 -116.08 41.23 -1.08
CA LEU G 153 -115.90 41.40 0.36
C LEU G 153 -116.81 42.48 0.95
N MET G 154 -116.86 43.67 0.35
CA MET G 154 -117.70 44.76 0.86
C MET G 154 -119.17 44.42 0.93
N GLU G 155 -119.70 43.65 -0.03
CA GLU G 155 -121.09 43.22 -0.02
C GLU G 155 -121.39 42.35 1.21
N ARG G 156 -120.45 41.52 1.63
CA ARG G 156 -120.53 40.70 2.85
C ARG G 156 -120.40 41.54 4.12
N LEU G 157 -119.37 42.39 4.21
CA LEU G 157 -119.19 43.26 5.37
C LEU G 157 -120.35 44.23 5.57
N SER G 158 -121.08 44.62 4.52
CA SER G 158 -122.21 45.54 4.62
C SER G 158 -123.52 44.89 5.06
N VAL G 159 -123.61 43.56 5.09
CA VAL G 159 -124.67 42.80 5.78
C VAL G 159 -124.20 42.31 7.15
N ASP G 160 -122.94 41.90 7.30
CA ASP G 160 -122.40 41.42 8.57
C ASP G 160 -122.14 42.51 9.61
N TYR G 161 -121.71 43.70 9.21
CA TYR G 161 -121.32 44.83 10.08
C TYR G 161 -122.01 46.12 9.62
N GLY G 162 -123.32 46.10 9.41
CA GLY G 162 -124.03 47.18 8.74
C GLY G 162 -123.87 48.59 9.33
N LYS G 163 -123.75 48.72 10.65
CA LYS G 163 -123.57 50.01 11.35
C LYS G 163 -122.17 50.61 11.19
N LYS G 164 -121.13 49.78 11.10
CA LYS G 164 -119.71 50.19 11.17
C LYS G 164 -119.26 50.96 9.95
N SER G 165 -118.54 52.08 10.14
CA SER G 165 -118.06 52.93 9.04
C SER G 165 -116.99 52.25 8.20
N LYS G 166 -117.19 52.20 6.88
CA LYS G 166 -116.26 51.59 5.92
C LYS G 166 -115.57 52.70 5.13
N LEU G 167 -114.34 52.99 5.50
CA LEU G 167 -113.47 53.97 4.85
C LEU G 167 -112.63 53.22 3.82
N GLU G 168 -112.46 53.80 2.64
CA GLU G 168 -111.90 53.06 1.53
C GLU G 168 -110.90 53.89 0.74
N PHE G 169 -109.69 53.37 0.58
CA PHE G 169 -108.58 54.07 -0.06
C PHE G 169 -108.27 53.39 -1.38
N SER G 170 -108.52 54.11 -2.47
CA SER G 170 -108.53 53.54 -3.81
C SER G 170 -107.48 54.18 -4.70
N VAL G 171 -106.59 53.37 -5.26
CA VAL G 171 -105.76 53.82 -6.38
C VAL G 171 -106.56 53.73 -7.68
N TYR G 172 -106.87 54.87 -8.27
CA TYR G 172 -107.82 55.11 -9.34
C TYR G 172 -107.11 55.40 -10.66
N PRO G 173 -107.62 54.98 -11.82
CA PRO G 173 -106.99 55.28 -13.11
C PRO G 173 -106.76 56.76 -13.45
N ALA G 174 -105.63 57.06 -14.07
CA ALA G 174 -105.16 58.41 -14.39
C ALA G 174 -105.68 58.96 -15.73
N PRO G 175 -105.48 60.25 -16.04
CA PRO G 175 -105.73 60.79 -17.37
C PRO G 175 -104.92 60.09 -18.46
N ARG G 176 -103.61 59.90 -18.29
CA ARG G 176 -102.70 59.36 -19.33
C ARG G 176 -101.96 58.07 -18.89
N ILE G 177 -101.42 58.06 -17.67
CA ILE G 177 -100.73 56.89 -17.10
C ILE G 177 -101.71 55.74 -16.86
N SER G 178 -101.38 54.57 -17.39
CA SER G 178 -102.15 53.36 -17.22
C SER G 178 -101.24 52.14 -17.34
N THR G 179 -101.58 51.04 -16.69
CA THR G 179 -100.77 49.81 -16.68
C THR G 179 -101.46 48.64 -17.38
N ALA G 180 -102.71 48.81 -17.77
CA ALA G 180 -103.60 47.78 -18.28
C ALA G 180 -104.50 48.37 -19.37
N VAL G 181 -104.95 47.51 -20.27
CA VAL G 181 -105.90 47.89 -21.32
C VAL G 181 -107.32 47.93 -20.76
N VAL G 182 -107.64 47.06 -19.81
CA VAL G 182 -108.98 46.85 -19.24
C VAL G 182 -109.25 47.59 -17.91
N GLU G 183 -108.33 48.48 -17.49
CA GLU G 183 -108.46 49.37 -16.32
C GLU G 183 -109.80 50.17 -16.28
N PRO G 184 -110.33 50.71 -17.40
CA PRO G 184 -111.66 51.36 -17.44
C PRO G 184 -112.84 50.42 -17.15
N TYR G 185 -112.79 49.17 -17.58
CA TYR G 185 -113.83 48.18 -17.30
C TYR G 185 -113.88 47.82 -15.83
N ASN G 186 -112.74 47.56 -15.20
CA ASN G 186 -112.70 47.18 -13.79
C ASN G 186 -113.13 48.32 -12.86
N SER G 187 -112.77 49.55 -13.21
CA SER G 187 -113.12 50.73 -12.44
C SER G 187 -114.60 51.04 -12.47
N ILE G 188 -115.23 51.03 -13.65
CA ILE G 188 -116.67 51.28 -13.81
C ILE G 188 -117.50 50.19 -13.11
N LEU G 189 -117.14 48.91 -13.24
CA LEU G 189 -117.77 47.82 -12.50
C LEU G 189 -117.65 47.95 -10.97
N THR G 190 -116.63 48.63 -10.46
CA THR G 190 -116.45 48.93 -9.04
C THR G 190 -117.41 50.02 -8.51
N THR G 191 -117.94 50.91 -9.34
CA THR G 191 -118.75 52.06 -8.89
C THR G 191 -120.00 51.71 -8.08
N HIS G 192 -120.55 50.51 -8.21
CA HIS G 192 -121.62 50.03 -7.33
C HIS G 192 -121.13 49.78 -5.89
N THR G 193 -119.89 49.33 -5.75
CA THR G 193 -119.28 49.01 -4.47
C THR G 193 -119.16 50.27 -3.64
N THR G 194 -118.49 51.28 -4.20
CA THR G 194 -118.31 52.55 -3.53
C THR G 194 -119.63 53.25 -3.28
N LEU G 195 -120.57 53.30 -4.22
CA LEU G 195 -121.87 53.91 -3.98
C LEU G 195 -122.69 53.23 -2.87
N GLU G 196 -122.83 51.91 -2.88
CA GLU G 196 -123.79 51.21 -2.02
C GLU G 196 -123.17 50.67 -0.72
N HIS G 197 -121.91 50.25 -0.73
CA HIS G 197 -121.25 49.49 0.35
C HIS G 197 -119.98 50.15 0.90
N SER G 198 -119.91 51.47 0.88
CA SER G 198 -118.81 52.28 1.42
C SER G 198 -119.38 53.55 2.04
N ASP G 199 -118.70 54.15 3.01
CA ASP G 199 -119.17 55.35 3.71
C ASP G 199 -118.32 56.58 3.43
N CYS G 200 -117.05 56.43 3.10
CA CYS G 200 -116.19 57.52 2.64
C CYS G 200 -115.04 56.96 1.81
N ALA G 201 -114.98 57.34 0.53
CA ALA G 201 -114.08 56.72 -0.44
C ALA G 201 -113.04 57.70 -0.97
N PHE G 202 -111.78 57.53 -0.57
CA PHE G 202 -110.64 58.36 -0.92
C PHE G 202 -109.98 57.85 -2.20
N MET G 203 -110.37 58.46 -3.32
CA MET G 203 -109.70 58.24 -4.60
C MET G 203 -108.32 58.88 -4.59
N VAL G 204 -107.33 58.17 -5.10
CA VAL G 204 -105.94 58.61 -5.28
C VAL G 204 -105.49 58.22 -6.68
N ASP G 205 -104.56 58.95 -7.28
CA ASP G 205 -104.08 58.78 -8.64
C ASP G 205 -102.55 58.68 -8.70
N ASN G 206 -102.03 57.67 -9.41
CA ASN G 206 -100.60 57.47 -9.58
C ASN G 206 -99.94 58.67 -10.28
N GLU G 207 -100.58 59.27 -11.28
CA GLU G 207 -99.98 60.33 -12.09
C GLU G 207 -99.88 61.66 -11.34
N ALA G 208 -100.81 61.94 -10.44
CA ALA G 208 -100.80 63.11 -9.59
C ALA G 208 -99.70 63.01 -8.53
N ILE G 209 -99.54 61.86 -7.88
CA ILE G 209 -98.43 61.67 -6.96
C ILE G 209 -97.10 61.68 -7.70
N TYR G 210 -96.99 61.10 -8.89
CA TYR G 210 -95.75 61.22 -9.67
C TYR G 210 -95.36 62.67 -9.92
N ASP G 211 -96.31 63.57 -10.14
CA ASP G 211 -96.05 64.99 -10.36
C ASP G 211 -95.70 65.73 -9.05
N ILE G 212 -96.39 65.41 -7.96
CA ILE G 212 -96.03 65.86 -6.61
C ILE G 212 -94.60 65.46 -6.28
N CYS G 213 -94.19 64.23 -6.56
CA CYS G 213 -92.84 63.76 -6.31
C CYS G 213 -91.80 64.58 -7.08
N ASN G 214 -92.09 64.88 -8.35
CA ASN G 214 -91.20 65.64 -9.23
C ASN G 214 -91.02 67.08 -8.78
N ARG G 215 -92.09 67.74 -8.34
CA ARG G 215 -92.12 69.18 -8.01
C ARG G 215 -91.78 69.54 -6.57
N ASN G 216 -92.05 68.65 -5.62
CA ASN G 216 -91.91 68.93 -4.18
C ASN G 216 -90.79 68.13 -3.50
N LEU G 217 -90.63 66.86 -3.86
CA LEU G 217 -89.53 66.02 -3.34
C LEU G 217 -88.27 66.12 -4.20
N ASP G 218 -88.41 66.66 -5.40
CA ASP G 218 -87.40 66.76 -6.46
C ASP G 218 -86.78 65.42 -6.87
N ILE G 219 -87.42 64.30 -6.58
CA ILE G 219 -87.04 62.99 -7.11
C ILE G 219 -87.52 62.90 -8.55
N GLU G 220 -86.59 62.69 -9.47
CA GLU G 220 -86.85 62.80 -10.92
C GLU G 220 -87.64 61.61 -11.49
N ARG G 221 -87.41 60.42 -10.91
CA ARG G 221 -87.88 59.09 -11.35
C ARG G 221 -88.32 58.19 -10.17
N PRO G 222 -89.49 58.38 -9.55
CA PRO G 222 -89.94 57.57 -8.42
C PRO G 222 -90.49 56.19 -8.79
N SER G 223 -90.37 55.26 -7.85
CA SER G 223 -90.97 53.91 -7.84
C SER G 223 -92.36 53.96 -7.17
N TYR G 224 -92.98 52.79 -6.98
CA TYR G 224 -94.15 52.71 -6.10
C TYR G 224 -93.83 52.86 -4.62
N THR G 225 -92.62 52.56 -4.15
CA THR G 225 -92.32 52.76 -2.72
C THR G 225 -92.47 54.23 -2.33
N ASN G 226 -92.14 55.15 -3.23
CA ASN G 226 -92.31 56.59 -3.00
C ASN G 226 -93.79 57.00 -2.95
N LEU G 227 -94.65 56.37 -3.73
CA LEU G 227 -96.09 56.67 -3.73
C LEU G 227 -96.74 56.14 -2.45
N ASN G 228 -96.46 54.89 -2.09
CA ASN G 228 -97.07 54.25 -0.95
C ASN G 228 -96.68 54.95 0.36
N ARG G 229 -95.46 55.48 0.44
CA ARG G 229 -95.03 56.31 1.57
C ARG G 229 -95.74 57.65 1.69
N LEU G 230 -96.40 58.14 0.64
CA LEU G 230 -97.33 59.29 0.74
C LEU G 230 -98.76 58.86 1.08
N ILE G 231 -99.23 57.75 0.52
CA ILE G 231 -100.59 57.26 0.73
C ILE G 231 -100.79 56.76 2.17
N ALA G 232 -99.78 56.13 2.75
CA ALA G 232 -99.81 55.74 4.17
C ALA G 232 -99.79 56.96 5.09
N GLN G 233 -99.05 58.00 4.75
CA GLN G 233 -98.93 59.20 5.57
C GLN G 233 -100.29 59.90 5.74
N ILE G 234 -101.14 59.90 4.72
CA ILE G 234 -102.51 60.42 4.83
C ILE G 234 -103.33 59.59 5.82
N VAL G 235 -103.27 58.26 5.78
CA VAL G 235 -104.08 57.43 6.70
C VAL G 235 -103.57 57.52 8.14
N SER G 236 -102.27 57.68 8.36
CA SER G 236 -101.76 58.00 9.68
C SER G 236 -102.40 59.29 10.21
N SER G 237 -102.58 60.29 9.36
CA SER G 237 -103.14 61.59 9.72
C SER G 237 -104.66 61.56 9.90
N ILE G 238 -105.39 60.74 9.13
CA ILE G 238 -106.82 60.47 9.37
C ILE G 238 -107.01 59.76 10.70
N THR G 239 -106.17 58.78 11.02
CA THR G 239 -106.27 58.03 12.28
C THR G 239 -105.59 58.71 13.46
N ALA G 240 -104.81 59.76 13.30
CA ALA G 240 -104.05 60.33 14.41
C ALA G 240 -104.93 60.76 15.60
N SER G 241 -106.11 61.32 15.35
CA SER G 241 -107.06 61.67 16.42
C SER G 241 -107.66 60.48 17.16
N LEU G 242 -107.59 59.30 16.58
CA LEU G 242 -108.03 58.05 17.20
C LEU G 242 -106.94 57.50 18.13
N ARG G 243 -105.68 57.83 17.84
CA ARG G 243 -104.45 57.27 18.41
C ARG G 243 -103.79 58.17 19.46
N PHE G 244 -104.01 59.47 19.44
CA PHE G 244 -103.19 60.45 20.17
C PHE G 244 -103.98 61.59 20.84
N ASP G 245 -103.32 62.33 21.75
CA ASP G 245 -103.90 63.56 22.31
C ASP G 245 -103.83 64.74 21.33
N GLY G 246 -104.80 65.63 21.39
CA GLY G 246 -104.91 66.82 20.55
C GLY G 246 -105.73 67.93 21.19
N ALA G 247 -105.68 69.12 20.60
CA ALA G 247 -106.50 70.25 21.04
C ALA G 247 -107.96 70.09 20.60
N LEU G 248 -108.16 69.51 19.42
CA LEU G 248 -109.45 69.30 18.76
C LEU G 248 -109.44 67.93 18.07
N ASN G 249 -109.44 66.84 18.83
CA ASN G 249 -109.47 65.49 18.26
C ASN G 249 -110.77 65.24 17.48
N VAL G 250 -110.69 64.52 16.36
CA VAL G 250 -111.80 64.20 15.46
C VAL G 250 -112.09 62.71 15.46
N ASP G 251 -113.30 62.32 15.84
CA ASP G 251 -113.78 60.94 15.76
C ASP G 251 -114.03 60.50 14.31
N LEU G 252 -113.91 59.20 14.01
CA LEU G 252 -114.09 58.70 12.64
C LEU G 252 -115.48 58.96 12.03
N THR G 253 -116.53 59.12 12.85
CA THR G 253 -117.89 59.55 12.44
C THR G 253 -118.11 61.05 12.51
N GLU G 254 -117.43 61.75 13.40
CA GLU G 254 -117.38 63.21 13.42
C GLU G 254 -116.79 63.75 12.12
N PHE G 255 -115.78 63.09 11.61
CA PHE G 255 -115.18 63.31 10.30
C PHE G 255 -116.23 63.23 9.19
N GLN G 256 -116.98 62.14 9.11
CA GLN G 256 -118.03 61.91 8.12
C GLN G 256 -119.20 62.89 8.25
N THR G 257 -119.63 63.26 9.46
CA THR G 257 -120.71 64.23 9.66
C THR G 257 -120.41 65.63 9.12
N ASN G 258 -119.14 65.98 8.95
CA ASN G 258 -118.68 67.23 8.34
C ASN G 258 -118.24 67.08 6.88
N LEU G 259 -117.71 65.94 6.45
CA LEU G 259 -117.33 65.69 5.07
C LEU G 259 -118.52 65.46 4.15
N VAL G 260 -119.51 64.70 4.58
CA VAL G 260 -120.54 64.12 3.71
C VAL G 260 -121.85 64.92 3.81
N PRO G 261 -122.18 65.78 2.84
CA PRO G 261 -123.41 66.56 2.87
C PRO G 261 -124.67 65.77 2.51
N TYR G 262 -124.55 64.73 1.69
CA TYR G 262 -125.66 63.94 1.18
C TYR G 262 -125.25 62.47 1.12
N PRO G 263 -126.17 61.51 1.23
CA PRO G 263 -125.83 60.11 1.39
C PRO G 263 -124.84 59.56 0.34
N ARG G 264 -124.92 60.01 -0.92
CA ARG G 264 -124.09 59.46 -2.00
C ARG G 264 -122.86 60.31 -2.33
N ILE G 265 -122.68 61.43 -1.63
CA ILE G 265 -121.66 62.46 -1.91
C ILE G 265 -120.54 62.35 -0.89
N HIS G 266 -119.83 61.23 -0.99
CA HIS G 266 -118.86 60.78 -0.01
C HIS G 266 -117.52 60.42 -0.65
N PHE G 267 -117.21 61.07 -1.77
CA PHE G 267 -115.95 60.95 -2.50
C PHE G 267 -115.10 62.23 -2.35
N PRO G 268 -114.47 62.46 -1.19
CA PRO G 268 -113.57 63.58 -1.02
C PRO G 268 -112.26 63.37 -1.78
N LEU G 269 -111.66 64.46 -2.23
CA LEU G 269 -110.24 64.53 -2.49
C LEU G 269 -109.47 64.46 -1.17
N VAL G 270 -108.20 64.13 -1.26
CA VAL G 270 -107.24 64.21 -0.16
C VAL G 270 -105.96 64.87 -0.65
N THR G 271 -105.27 65.57 0.24
CA THR G 271 -103.96 66.17 0.01
C THR G 271 -103.22 66.29 1.34
N TYR G 272 -101.90 66.42 1.29
CA TYR G 272 -101.03 66.48 2.46
C TYR G 272 -100.04 67.62 2.28
N SER G 273 -99.72 68.36 3.33
CA SER G 273 -98.69 69.38 3.28
C SER G 273 -97.94 69.45 4.62
N PRO G 274 -96.65 69.81 4.58
CA PRO G 274 -95.84 70.01 3.41
C PRO G 274 -95.27 68.68 2.88
N ILE G 275 -95.47 68.35 1.62
CA ILE G 275 -94.57 67.39 0.97
C ILE G 275 -93.28 68.12 0.68
N ILE G 276 -92.16 67.70 1.24
CA ILE G 276 -90.91 68.47 1.14
C ILE G 276 -89.67 67.58 1.33
N SER G 277 -88.57 67.87 0.64
CA SER G 277 -87.29 67.18 0.84
C SER G 277 -86.40 67.91 1.83
N ALA G 278 -85.35 67.24 2.31
CA ALA G 278 -84.36 67.84 3.20
C ALA G 278 -83.52 68.95 2.52
N GLU G 279 -83.55 69.10 1.19
CA GLU G 279 -82.87 70.19 0.49
C GLU G 279 -83.54 71.54 0.74
N LYS G 280 -84.86 71.55 0.96
CA LYS G 280 -85.70 72.76 1.03
C LYS G 280 -86.33 72.99 2.39
N ALA G 281 -86.57 71.94 3.18
CA ALA G 281 -87.25 72.08 4.47
C ALA G 281 -86.54 73.00 5.47
N TYR G 282 -85.22 73.18 5.35
CA TYR G 282 -84.44 74.11 6.17
C TYR G 282 -84.42 75.55 5.64
N HIS G 283 -85.08 75.88 4.52
CA HIS G 283 -85.14 77.24 3.96
C HIS G 283 -86.55 77.80 3.85
N GLU G 284 -87.56 76.96 3.66
CA GLU G 284 -88.97 77.34 3.79
C GLU G 284 -89.31 77.64 5.26
N GLN G 285 -90.28 78.54 5.53
CA GLN G 285 -90.75 78.73 6.90
C GLN G 285 -91.63 77.56 7.39
N LEU G 286 -92.47 76.98 6.54
CA LEU G 286 -93.43 75.95 6.95
C LEU G 286 -94.28 76.42 8.14
N SER G 287 -94.63 77.70 8.16
CA SER G 287 -95.62 78.26 9.07
C SER G 287 -97.01 77.68 8.77
N VAL G 288 -97.92 77.76 9.74
CA VAL G 288 -99.29 77.23 9.58
C VAL G 288 -100.01 77.87 8.40
N PRO G 289 -99.79 79.15 8.12
CA PRO G 289 -100.37 79.82 6.98
C PRO G 289 -99.96 79.18 5.64
N GLU G 290 -98.68 78.84 5.47
CA GLU G 290 -98.17 78.28 4.22
C GLU G 290 -98.67 76.87 3.96
N ILE G 291 -98.59 75.97 4.95
CA ILE G 291 -99.04 74.59 4.79
C ILE G 291 -100.56 74.48 4.68
N THR G 292 -101.32 75.45 5.18
CA THR G 292 -102.76 75.54 4.90
C THR G 292 -102.99 75.91 3.44
N ASN G 293 -102.36 76.98 2.95
CA ASN G 293 -102.49 77.44 1.56
C ASN G 293 -102.02 76.40 0.54
N ALA G 294 -100.99 75.62 0.85
CA ALA G 294 -100.53 74.55 -0.03
C ALA G 294 -101.62 73.52 -0.35
N CYS G 295 -102.57 73.27 0.54
CA CYS G 295 -103.65 72.31 0.31
C CYS G 295 -104.66 72.78 -0.73
N PHE G 296 -104.71 74.07 -1.05
CA PHE G 296 -105.63 74.61 -2.05
C PHE G 296 -104.99 74.80 -3.42
N GLU G 297 -103.70 74.52 -3.57
CA GLU G 297 -103.03 74.53 -4.87
C GLU G 297 -103.44 73.28 -5.68
N TYR G 298 -103.84 73.40 -6.96
CA TYR G 298 -104.00 72.27 -7.88
C TYR G 298 -102.76 71.37 -7.93
N SER G 299 -101.59 71.96 -7.74
CA SER G 299 -100.30 71.29 -7.68
C SER G 299 -100.18 70.21 -6.60
N ASN G 300 -101.00 70.20 -5.54
CA ASN G 300 -100.87 69.21 -4.46
C ASN G 300 -102.07 68.25 -4.35
N GLN G 301 -103.04 68.33 -5.24
CA GLN G 301 -104.16 67.40 -5.26
C GLN G 301 -103.70 66.05 -5.78
N MET G 302 -104.05 64.95 -5.10
CA MET G 302 -103.64 63.59 -5.47
C MET G 302 -104.63 62.87 -6.40
N VAL G 303 -105.42 63.62 -7.15
CA VAL G 303 -106.20 63.18 -8.33
C VAL G 303 -106.01 64.27 -9.39
N LYS G 304 -105.71 63.93 -10.64
CA LYS G 304 -105.51 64.92 -11.70
C LYS G 304 -106.83 65.51 -12.18
N CYS G 305 -107.38 66.40 -11.37
CA CYS G 305 -108.50 67.30 -11.64
C CYS G 305 -108.23 68.66 -10.99
N ASP G 306 -108.81 69.74 -11.49
CA ASP G 306 -108.54 71.09 -11.00
C ASP G 306 -109.67 71.54 -10.05
N PRO G 307 -109.43 71.78 -8.76
CA PRO G 307 -110.47 72.21 -7.82
C PRO G 307 -111.17 73.52 -8.19
N ARG G 308 -110.53 74.37 -9.01
CA ARG G 308 -111.07 75.64 -9.48
C ARG G 308 -112.17 75.45 -10.53
N ARG G 309 -112.20 74.29 -11.19
CA ARG G 309 -113.33 73.89 -12.04
C ARG G 309 -114.51 73.32 -11.24
N GLY G 310 -114.44 73.30 -9.90
CA GLY G 310 -115.51 72.88 -9.01
C GLY G 310 -115.97 73.95 -8.04
N LYS G 311 -116.80 73.53 -7.09
CA LYS G 311 -117.04 74.23 -5.83
C LYS G 311 -116.82 73.28 -4.65
N TYR G 312 -116.23 73.77 -3.60
CA TYR G 312 -116.06 73.06 -2.34
C TYR G 312 -117.39 72.95 -1.61
N MET G 313 -117.71 71.76 -1.13
CA MET G 313 -118.83 71.49 -0.25
C MET G 313 -118.38 71.54 1.21
N ALA G 314 -117.33 70.81 1.58
CA ALA G 314 -116.74 70.85 2.90
C ALA G 314 -115.26 70.46 2.89
N CYS G 315 -114.47 71.04 3.78
CA CYS G 315 -113.07 70.67 4.00
C CYS G 315 -112.85 70.24 5.45
N CYS G 316 -112.21 69.10 5.67
CA CYS G 316 -111.59 68.75 6.94
C CYS G 316 -110.11 69.06 6.88
N LEU G 317 -109.67 70.08 7.61
CA LEU G 317 -108.25 70.37 7.80
C LEU G 317 -107.80 69.65 9.06
N LEU G 318 -107.13 68.50 8.92
CA LEU G 318 -106.63 67.69 10.02
C LEU G 318 -105.15 68.02 10.30
N TYR G 319 -104.89 69.02 11.12
CA TYR G 319 -103.52 69.38 11.50
C TYR G 319 -102.95 68.43 12.54
N ARG G 320 -101.63 68.27 12.48
CA ARG G 320 -100.88 67.51 13.47
C ARG G 320 -99.51 68.11 13.72
N GLY G 321 -98.98 67.88 14.91
CA GLY G 321 -97.74 68.50 15.36
C GLY G 321 -97.96 69.85 16.05
N ASP G 322 -96.97 70.73 15.99
CA ASP G 322 -96.94 72.00 16.73
C ASP G 322 -97.81 73.09 16.09
N VAL G 323 -99.12 73.08 16.32
CA VAL G 323 -100.04 74.13 15.85
C VAL G 323 -101.01 74.57 16.95
N VAL G 324 -101.56 75.78 16.81
CA VAL G 324 -102.42 76.41 17.82
C VAL G 324 -103.69 76.92 17.15
N PRO G 325 -104.89 76.73 17.71
CA PRO G 325 -106.15 77.19 17.10
C PRO G 325 -106.20 78.66 16.68
N LYS G 326 -105.46 79.57 17.33
CA LYS G 326 -105.23 80.94 16.84
C LYS G 326 -104.80 80.93 15.37
N ASP G 327 -103.73 80.20 15.07
CA ASP G 327 -103.06 80.17 13.77
C ASP G 327 -103.96 79.59 12.70
N VAL G 328 -104.70 78.55 13.04
CA VAL G 328 -105.61 77.88 12.12
C VAL G 328 -106.78 78.78 11.75
N ASN G 329 -107.41 79.45 12.72
CA ASN G 329 -108.49 80.37 12.41
C ASN G 329 -108.00 81.53 11.52
N ALA G 330 -106.85 82.11 11.85
CA ALA G 330 -106.20 83.14 11.05
C ALA G 330 -105.84 82.69 9.63
N ALA G 331 -105.47 81.42 9.47
CA ALA G 331 -105.24 80.81 8.16
C ALA G 331 -106.53 80.62 7.38
N ILE G 332 -107.56 79.94 7.91
CA ILE G 332 -108.81 79.71 7.14
C ILE G 332 -109.53 81.01 6.81
N ALA G 333 -109.34 82.07 7.59
CA ALA G 333 -109.79 83.41 7.24
C ALA G 333 -109.18 83.94 5.94
N ALA G 334 -107.91 83.66 5.65
CA ALA G 334 -107.34 84.01 4.34
C ALA G 334 -107.91 83.13 3.23
N ILE G 335 -108.14 81.83 3.49
CA ILE G 335 -108.75 80.96 2.48
C ILE G 335 -110.16 81.47 2.14
N LYS G 336 -110.98 81.87 3.11
CA LYS G 336 -112.31 82.48 2.85
C LYS G 336 -112.23 83.80 2.09
N THR G 337 -111.11 84.51 2.17
CA THR G 337 -110.92 85.80 1.50
C THR G 337 -110.61 85.64 0.01
N ARG G 338 -109.95 84.55 -0.39
CA ARG G 338 -109.53 84.27 -1.78
C ARG G 338 -110.70 83.82 -2.67
N ARG G 339 -111.04 84.62 -3.69
CA ARG G 339 -112.19 84.39 -4.58
C ARG G 339 -112.03 83.22 -5.55
N SER G 340 -110.81 82.72 -5.77
CA SER G 340 -110.54 81.53 -6.57
C SER G 340 -110.89 80.21 -5.87
N ILE G 341 -110.95 80.19 -4.53
CA ILE G 341 -111.38 79.03 -3.72
C ILE G 341 -112.86 79.17 -3.40
N GLN G 342 -113.74 78.60 -4.23
CA GLN G 342 -115.19 78.85 -4.12
C GLN G 342 -115.95 77.72 -3.47
N PHE G 343 -116.60 78.00 -2.35
CA PHE G 343 -117.53 77.09 -1.70
C PHE G 343 -118.93 77.23 -2.30
N VAL G 344 -119.75 76.19 -2.09
CA VAL G 344 -121.18 76.21 -2.35
C VAL G 344 -121.92 77.21 -1.45
N ASP G 345 -123.02 77.75 -1.94
CA ASP G 345 -123.87 78.73 -1.27
C ASP G 345 -124.53 78.20 0.02
N TRP G 346 -124.70 76.89 0.10
CA TRP G 346 -125.38 76.19 1.18
C TRP G 346 -124.44 75.66 2.27
N CYS G 347 -123.13 75.91 2.21
CA CYS G 347 -122.20 75.54 3.26
C CYS G 347 -121.44 76.79 3.74
N PRO G 348 -122.06 77.63 4.58
CA PRO G 348 -121.51 78.92 4.96
C PRO G 348 -120.36 78.79 5.97
N THR G 349 -120.31 77.68 6.70
CA THR G 349 -119.26 77.29 7.63
C THR G 349 -118.05 76.71 6.91
N GLY G 350 -118.22 75.75 6.02
CA GLY G 350 -117.21 75.20 5.12
C GLY G 350 -116.16 74.28 5.74
N PHE G 351 -115.51 74.69 6.83
CA PHE G 351 -114.35 74.04 7.40
C PHE G 351 -114.66 73.31 8.68
N LYS G 352 -114.26 72.05 8.74
CA LYS G 352 -114.08 71.25 9.95
C LYS G 352 -112.60 71.19 10.26
N VAL G 353 -112.21 71.61 11.45
CA VAL G 353 -110.82 71.67 11.90
C VAL G 353 -110.58 70.57 12.91
N GLY G 354 -109.51 69.82 12.73
CA GLY G 354 -108.94 68.91 13.73
C GLY G 354 -107.51 69.31 14.04
N ILE G 355 -107.08 69.20 15.29
CA ILE G 355 -105.71 69.55 15.72
C ILE G 355 -105.21 68.50 16.69
N ASN G 356 -104.08 67.86 16.36
CA ASN G 356 -103.48 66.75 17.12
C ASN G 356 -102.01 67.01 17.50
N TYR G 357 -101.57 66.67 18.71
CA TYR G 357 -100.25 67.08 19.22
C TYR G 357 -99.08 66.22 18.74
N GLN G 358 -99.31 65.16 17.97
CA GLN G 358 -98.27 64.23 17.53
C GLN G 358 -97.74 64.61 16.13
N PRO G 359 -96.48 65.03 15.98
CA PRO G 359 -95.88 65.34 14.68
C PRO G 359 -95.92 64.15 13.71
N PRO G 360 -95.72 64.40 12.39
CA PRO G 360 -95.60 63.33 11.41
C PRO G 360 -94.29 62.55 11.58
N THR G 361 -94.40 61.23 11.69
CA THR G 361 -93.25 60.33 11.79
C THR G 361 -92.56 60.17 10.45
N ALA G 362 -91.23 60.36 10.40
CA ALA G 362 -90.45 60.03 9.21
C ALA G 362 -90.15 58.53 9.13
N VAL G 363 -90.40 57.90 7.99
CA VAL G 363 -89.77 56.61 7.70
C VAL G 363 -88.30 56.87 7.39
N PRO G 364 -87.32 56.23 8.07
CA PRO G 364 -85.91 56.62 7.99
C PRO G 364 -85.28 56.48 6.59
N GLY G 365 -85.77 55.55 5.77
CA GLY G 365 -85.31 55.38 4.40
C GLY G 365 -85.90 56.35 3.38
N GLY G 366 -86.84 57.20 3.78
CA GLY G 366 -87.72 57.96 2.88
C GLY G 366 -87.18 59.28 2.37
N ASP G 367 -87.86 59.81 1.37
CA ASP G 367 -87.54 61.09 0.72
C ASP G 367 -88.13 62.30 1.46
N VAL G 368 -89.26 62.10 2.14
CA VAL G 368 -90.08 63.12 2.79
C VAL G 368 -89.49 63.53 4.16
N ALA G 369 -89.18 64.82 4.32
CA ALA G 369 -88.33 65.36 5.38
C ALA G 369 -89.02 65.50 6.75
N LYS G 370 -88.22 65.64 7.82
CA LYS G 370 -88.69 65.95 9.17
C LYS G 370 -89.19 67.38 9.23
N VAL G 371 -90.37 67.60 9.80
CA VAL G 371 -91.03 68.92 9.86
C VAL G 371 -91.83 69.05 11.14
N LEU G 372 -91.96 70.25 11.70
CA LEU G 372 -92.67 70.45 12.98
C LEU G 372 -94.18 70.26 12.87
N ARG G 373 -94.72 70.35 11.66
CA ARG G 373 -96.15 70.47 11.37
C ARG G 373 -96.49 69.67 10.15
N ALA G 374 -97.70 69.18 10.09
CA ALA G 374 -98.34 68.78 8.85
C ALA G 374 -99.82 69.02 8.96
N VAL G 375 -100.48 69.07 7.81
CA VAL G 375 -101.92 69.05 7.68
C VAL G 375 -102.26 68.02 6.62
N CYS G 376 -103.27 67.21 6.89
CA CYS G 376 -103.93 66.51 5.83
C CYS G 376 -105.26 67.21 5.59
N MET G 377 -105.51 67.66 4.37
CA MET G 377 -106.80 68.22 4.01
C MET G 377 -107.60 67.20 3.21
N LEU G 378 -108.75 66.83 3.73
CA LEU G 378 -109.68 65.93 3.08
C LEU G 378 -110.89 66.77 2.71
N SER G 379 -111.29 66.74 1.45
CA SER G 379 -112.09 67.81 0.86
C SER G 379 -113.14 67.32 -0.12
N ASN G 380 -114.41 67.48 0.22
CA ASN G 380 -115.51 67.17 -0.68
C ASN G 380 -115.75 68.36 -1.62
N THR G 381 -115.57 68.14 -2.92
CA THR G 381 -115.64 69.17 -3.96
C THR G 381 -116.26 68.63 -5.24
N THR G 382 -117.00 69.46 -5.98
CA THR G 382 -117.64 69.03 -7.24
C THR G 382 -116.65 68.69 -8.35
N ALA G 383 -115.41 69.19 -8.25
CA ALA G 383 -114.37 68.99 -9.24
C ALA G 383 -114.05 67.52 -9.55
N ILE G 384 -114.18 66.62 -8.57
CA ILE G 384 -113.80 65.22 -8.73
C ILE G 384 -114.60 64.51 -9.83
N ALA G 385 -115.78 65.00 -10.17
CA ALA G 385 -116.57 64.48 -11.29
C ALA G 385 -115.84 64.49 -12.64
N GLU G 386 -114.79 65.29 -12.81
CA GLU G 386 -113.98 65.27 -14.02
C GLU G 386 -113.11 64.01 -14.09
N ALA G 387 -112.58 63.50 -12.99
CA ALA G 387 -111.87 62.22 -12.96
C ALA G 387 -112.78 61.03 -13.32
N TRP G 388 -114.09 61.14 -13.10
CA TRP G 388 -115.09 60.19 -13.54
C TRP G 388 -115.46 60.40 -15.02
N ALA G 389 -115.57 61.65 -15.47
CA ALA G 389 -115.83 62.00 -16.87
C ALA G 389 -114.69 61.58 -17.81
N ARG G 390 -113.43 61.56 -17.33
CA ARG G 390 -112.30 61.00 -18.07
C ARG G 390 -112.49 59.52 -18.31
N LEU G 391 -112.76 58.77 -17.25
CA LEU G 391 -112.72 57.32 -17.30
C LEU G 391 -113.95 56.72 -17.96
N ASP G 392 -115.13 57.30 -17.81
CA ASP G 392 -116.31 56.80 -18.53
C ASP G 392 -116.27 57.12 -20.04
N HIS G 393 -115.46 58.08 -20.49
CA HIS G 393 -115.10 58.28 -21.90
C HIS G 393 -114.08 57.24 -22.42
N LYS G 394 -113.20 56.69 -21.57
CA LYS G 394 -112.38 55.52 -21.91
C LYS G 394 -113.21 54.25 -22.03
N PHE G 395 -114.15 54.06 -21.11
CA PHE G 395 -115.10 52.95 -21.14
C PHE G 395 -115.97 52.94 -22.40
N ASP G 396 -116.48 54.11 -22.80
CA ASP G 396 -117.40 54.23 -23.92
C ASP G 396 -116.80 53.78 -25.26
N LEU G 397 -115.53 54.09 -25.53
CA LEU G 397 -114.82 53.67 -26.74
C LEU G 397 -114.68 52.14 -26.85
N MET G 398 -114.44 51.47 -25.73
CA MET G 398 -114.27 50.02 -25.68
C MET G 398 -115.59 49.27 -25.65
N TYR G 399 -116.58 49.73 -24.90
CA TYR G 399 -117.87 49.06 -24.85
C TYR G 399 -118.67 49.22 -26.14
N SER G 400 -118.48 50.31 -26.90
CA SER G 400 -119.05 50.45 -28.25
C SER G 400 -118.59 49.36 -29.23
N LYS G 401 -117.43 48.75 -29.01
CA LYS G 401 -116.91 47.62 -29.78
C LYS G 401 -117.11 46.26 -29.08
N ARG G 402 -117.55 46.24 -27.82
CA ARG G 402 -117.47 45.10 -26.88
C ARG G 402 -116.02 44.58 -26.74
N ALA G 403 -115.06 45.49 -26.74
CA ALA G 403 -113.66 45.26 -27.08
C ALA G 403 -112.94 44.16 -26.29
N PHE G 404 -113.27 43.88 -25.03
CA PHE G 404 -112.66 42.78 -24.26
C PHE G 404 -113.71 41.93 -23.51
N VAL G 405 -114.99 42.08 -23.85
CA VAL G 405 -116.12 41.64 -23.03
C VAL G 405 -116.21 40.11 -22.90
N HIS G 406 -115.68 39.34 -23.84
CA HIS G 406 -115.71 37.87 -23.80
C HIS G 406 -114.93 37.27 -22.62
N TRP G 407 -113.92 37.95 -22.09
CA TRP G 407 -113.18 37.51 -20.90
C TRP G 407 -114.01 37.61 -19.62
N TYR G 408 -114.94 38.55 -19.55
CA TYR G 408 -115.82 38.80 -18.40
C TYR G 408 -117.06 37.93 -18.47
N VAL G 409 -117.70 37.86 -19.64
CA VAL G 409 -118.82 36.95 -19.93
C VAL G 409 -118.38 35.48 -19.84
N GLY G 410 -117.14 35.17 -20.20
CA GLY G 410 -116.58 33.83 -20.11
C GLY G 410 -116.33 33.34 -18.69
N GLU G 411 -116.30 34.22 -17.70
CA GLU G 411 -116.03 33.90 -16.27
C GLU G 411 -117.23 34.14 -15.36
N GLY G 412 -118.43 34.10 -15.93
CA GLY G 412 -119.70 34.07 -15.20
C GLY G 412 -120.40 35.41 -15.00
N MET G 413 -119.92 36.51 -15.60
CA MET G 413 -120.63 37.79 -15.50
C MET G 413 -121.75 37.93 -16.55
N GLU G 414 -122.87 38.54 -16.17
CA GLU G 414 -123.93 38.98 -17.08
C GLU G 414 -123.41 40.11 -17.99
N GLU G 415 -123.63 40.06 -19.30
CA GLU G 415 -123.18 41.14 -20.20
C GLU G 415 -123.83 42.49 -19.87
N GLY G 416 -125.09 42.48 -19.42
CA GLY G 416 -125.83 43.65 -19.00
C GLY G 416 -125.26 44.41 -17.81
N GLU G 417 -124.38 43.81 -17.00
CA GLU G 417 -123.73 44.50 -15.87
C GLU G 417 -122.85 45.66 -16.33
N PHE G 418 -122.28 45.60 -17.55
CA PHE G 418 -121.48 46.71 -18.09
C PHE G 418 -122.35 47.93 -18.36
N SER G 419 -123.55 47.76 -18.93
CA SER G 419 -124.52 48.83 -19.12
C SER G 419 -125.06 49.35 -17.80
N GLU G 420 -125.46 48.46 -16.89
CA GLU G 420 -125.91 48.75 -15.52
C GLU G 420 -124.83 49.44 -14.66
N ALA G 421 -123.54 49.25 -14.91
CA ALA G 421 -122.44 49.97 -14.25
C ALA G 421 -122.14 51.34 -14.87
N ARG G 422 -122.17 51.48 -16.20
CA ARG G 422 -122.02 52.78 -16.88
C ARG G 422 -123.19 53.71 -16.59
N GLU G 423 -124.37 53.14 -16.42
CA GLU G 423 -125.62 53.81 -16.01
C GLU G 423 -125.52 54.37 -14.60
N ASP G 424 -125.10 53.55 -13.64
CA ASP G 424 -124.95 53.94 -12.24
C ASP G 424 -123.83 54.96 -12.04
N MET G 425 -122.74 54.88 -12.81
CA MET G 425 -121.72 55.93 -12.81
C MET G 425 -122.28 57.26 -13.35
N ALA G 426 -123.07 57.26 -14.42
CA ALA G 426 -123.71 58.48 -14.93
C ALA G 426 -124.68 59.13 -13.92
N ALA G 427 -125.35 58.35 -13.08
CA ALA G 427 -126.15 58.86 -11.98
C ALA G 427 -125.30 59.44 -10.81
N LEU G 428 -124.09 58.96 -10.55
CA LEU G 428 -123.17 59.61 -9.60
C LEU G 428 -122.57 60.89 -10.18
N GLU G 429 -122.16 60.87 -11.44
CA GLU G 429 -121.62 62.04 -12.12
C GLU G 429 -122.68 63.15 -12.28
N LYS G 430 -123.97 62.77 -12.38
CA LYS G 430 -125.14 63.65 -12.28
C LYS G 430 -125.27 64.26 -10.89
N ASP G 431 -125.24 63.45 -9.83
CA ASP G 431 -125.38 63.92 -8.44
C ASP G 431 -124.33 64.98 -8.04
N TYR G 432 -123.06 64.80 -8.40
CA TYR G 432 -122.00 65.79 -8.12
C TYR G 432 -122.11 67.09 -8.91
N GLU G 433 -122.71 67.07 -10.10
CA GLU G 433 -123.04 68.27 -10.87
C GLU G 433 -124.29 68.98 -10.32
N GLU G 434 -125.29 68.21 -9.88
CA GLU G 434 -126.56 68.69 -9.35
C GLU G 434 -126.43 69.52 -8.05
N VAL G 435 -125.54 69.15 -7.13
CA VAL G 435 -125.38 69.82 -5.83
C VAL G 435 -124.51 71.07 -5.84
N GLY G 436 -123.83 71.38 -6.94
CA GLY G 436 -122.98 72.57 -7.04
C GLY G 436 -123.73 73.90 -7.17
N THR G 437 -125.05 73.85 -7.39
CA THR G 437 -125.82 74.97 -7.93
C THR G 437 -126.35 75.89 -6.83
N MET H 1 -109.16 11.63 46.71
CA MET H 1 -110.01 12.79 46.39
C MET H 1 -109.58 13.36 45.06
N ARG H 2 -110.54 13.59 44.15
CA ARG H 2 -110.37 14.23 42.83
C ARG H 2 -109.58 13.42 41.81
N GLU H 3 -109.62 12.10 41.87
CA GLU H 3 -108.98 11.24 40.87
C GLU H 3 -109.66 11.27 39.49
N CYS H 4 -108.94 10.97 38.41
CA CYS H 4 -109.50 10.64 37.09
C CYS H 4 -108.82 9.40 36.50
N ILE H 5 -109.60 8.42 36.03
CA ILE H 5 -109.06 7.28 35.29
C ILE H 5 -109.08 7.60 33.80
N SER H 6 -107.91 7.65 33.17
CA SER H 6 -107.77 7.96 31.75
C SER H 6 -107.62 6.70 30.92
N VAL H 7 -108.56 6.41 30.02
CA VAL H 7 -108.52 5.20 29.19
C VAL H 7 -108.24 5.56 27.73
N HIS H 8 -107.10 5.07 27.23
CA HIS H 8 -106.55 5.36 25.92
C HIS H 8 -106.70 4.16 24.98
N VAL H 9 -107.59 4.26 23.98
CA VAL H 9 -108.04 3.12 23.17
C VAL H 9 -107.63 3.25 21.70
N GLY H 10 -107.16 2.14 21.12
CA GLY H 10 -106.70 2.08 19.74
C GLY H 10 -105.42 2.89 19.49
N GLN H 11 -104.99 3.09 18.25
CA GLN H 11 -103.75 3.83 17.95
C GLN H 11 -103.87 5.32 18.26
N ALA H 12 -104.93 5.99 17.81
CA ALA H 12 -105.16 7.40 18.10
C ALA H 12 -105.23 7.71 19.60
N GLY H 13 -106.01 6.96 20.38
CA GLY H 13 -106.13 7.17 21.81
C GLY H 13 -104.83 6.94 22.56
N VAL H 14 -104.09 5.89 22.21
CA VAL H 14 -102.77 5.58 22.79
C VAL H 14 -101.74 6.64 22.42
N GLN H 15 -101.72 7.13 21.19
CA GLN H 15 -100.76 8.14 20.76
C GLN H 15 -101.07 9.55 21.31
N ILE H 16 -102.35 9.90 21.46
CA ILE H 16 -102.77 11.06 22.24
C ILE H 16 -102.37 10.87 23.70
N GLY H 17 -102.55 9.67 24.26
CA GLY H 17 -102.10 9.31 25.60
C GLY H 17 -100.59 9.48 25.80
N ASN H 18 -99.78 9.05 24.84
CA ASN H 18 -98.34 9.26 24.86
C ASN H 18 -97.92 10.74 24.80
N SER H 19 -98.82 11.66 24.41
CA SER H 19 -98.66 13.10 24.53
C SER H 19 -99.27 13.66 25.84
N CYS H 20 -100.41 13.13 26.29
CA CYS H 20 -101.03 13.49 27.57
C CYS H 20 -100.08 13.22 28.72
N TRP H 21 -99.56 11.99 28.80
CA TRP H 21 -98.64 11.59 29.87
C TRP H 21 -97.24 12.19 29.73
N GLU H 22 -96.83 12.59 28.52
CA GLU H 22 -95.64 13.43 28.34
C GLU H 22 -95.83 14.79 29.00
N LEU H 23 -97.00 15.41 28.81
CA LEU H 23 -97.35 16.69 29.41
C LEU H 23 -97.52 16.58 30.93
N TYR H 24 -98.38 15.70 31.43
CA TYR H 24 -98.68 15.60 32.86
C TYR H 24 -97.42 15.35 33.69
N CYS H 25 -96.49 14.56 33.19
CA CYS H 25 -95.21 14.34 33.85
C CYS H 25 -94.39 15.63 33.96
N LEU H 26 -94.31 16.46 32.92
CA LEU H 26 -93.63 17.75 33.00
C LEU H 26 -94.33 18.72 33.94
N GLU H 27 -95.64 18.77 33.87
CA GLU H 27 -96.46 19.74 34.59
C GLU H 27 -96.45 19.51 36.11
N HIS H 28 -96.36 18.24 36.55
CA HIS H 28 -96.21 17.82 37.95
C HIS H 28 -94.76 17.54 38.38
N GLY H 29 -93.80 17.66 37.48
CA GLY H 29 -92.38 17.45 37.77
C GLY H 29 -92.02 16.01 38.09
N LEU H 30 -92.67 15.05 37.44
CA LEU H 30 -92.41 13.61 37.52
C LEU H 30 -91.46 13.22 36.38
N GLN H 31 -90.37 12.54 36.71
CA GLN H 31 -89.42 11.99 35.75
C GLN H 31 -90.08 10.91 34.88
N PRO H 32 -89.56 10.59 33.69
CA PRO H 32 -90.13 9.52 32.86
C PRO H 32 -89.99 8.12 33.47
N ASP H 33 -89.20 7.93 34.54
CA ASP H 33 -89.19 6.69 35.35
C ASP H 33 -90.20 6.70 36.51
N GLY H 34 -91.08 7.70 36.58
CA GLY H 34 -92.09 7.87 37.60
C GLY H 34 -91.62 8.48 38.92
N THR H 35 -90.33 8.75 39.12
CA THR H 35 -89.84 9.37 40.36
C THR H 35 -90.02 10.90 40.38
N MET H 36 -89.96 11.55 41.53
CA MET H 36 -90.18 13.00 41.68
C MET H 36 -89.15 13.67 42.60
N PRO H 37 -88.15 14.39 42.07
CA PRO H 37 -87.14 15.08 42.88
C PRO H 37 -87.71 16.33 43.56
N SER H 38 -86.96 16.91 44.51
CA SER H 38 -87.30 18.16 45.22
C SER H 38 -86.06 18.97 45.57
N ASP H 46 -97.55 18.16 48.18
CA ASP H 46 -98.55 19.13 47.86
C ASP H 46 -99.84 18.52 47.26
N SER H 47 -99.80 17.23 46.91
CA SER H 47 -100.87 16.41 46.33
C SER H 47 -101.51 16.94 45.04
N SER H 48 -100.86 17.85 44.31
CA SER H 48 -101.37 18.33 43.02
C SER H 48 -101.42 17.23 41.94
N PHE H 49 -100.45 16.32 41.95
CA PHE H 49 -100.37 15.14 41.07
C PHE H 49 -101.48 14.12 41.32
N GLY H 50 -102.20 14.15 42.45
CA GLY H 50 -103.05 13.04 42.88
C GLY H 50 -104.19 12.71 41.90
N THR H 51 -104.64 13.69 41.12
CA THR H 51 -105.72 13.46 40.15
C THR H 51 -105.33 12.42 39.10
N PHE H 52 -104.06 12.45 38.68
CA PHE H 52 -103.52 11.63 37.60
C PHE H 52 -102.53 10.57 38.05
N PHE H 53 -101.95 10.63 39.24
CA PHE H 53 -100.97 9.65 39.67
C PHE H 53 -101.24 9.10 41.06
N SER H 54 -101.26 7.77 41.17
CA SER H 54 -101.14 7.04 42.42
C SER H 54 -99.68 7.09 42.91
N GLU H 55 -99.39 7.28 44.20
CA GLU H 55 -98.03 7.30 44.74
C GLU H 55 -97.75 6.05 45.56
N THR H 56 -96.69 5.30 45.22
CA THR H 56 -96.24 4.13 46.00
C THR H 56 -95.12 4.51 46.98
N GLY H 57 -94.93 3.74 48.05
CA GLY H 57 -94.04 4.05 49.17
C GLY H 57 -92.56 4.27 48.82
N SER H 58 -92.10 3.75 47.68
CA SER H 58 -90.78 4.03 47.13
C SER H 58 -90.57 5.49 46.69
N GLY H 59 -91.65 6.28 46.61
CA GLY H 59 -91.65 7.63 46.03
C GLY H 59 -91.78 7.63 44.51
N LYS H 60 -92.43 6.60 43.97
CA LYS H 60 -92.74 6.41 42.56
C LYS H 60 -94.20 6.76 42.31
N HIS H 61 -94.47 7.65 41.36
CA HIS H 61 -95.79 8.07 40.95
C HIS H 61 -96.18 7.32 39.69
N VAL H 62 -97.24 6.52 39.78
CA VAL H 62 -97.73 5.61 38.75
C VAL H 62 -99.02 6.18 38.19
N PRO H 63 -99.18 6.35 36.87
CA PRO H 63 -100.34 7.02 36.30
C PRO H 63 -101.63 6.22 36.46
N ARG H 64 -102.73 6.93 36.70
CA ARG H 64 -104.11 6.43 36.71
C ARG H 64 -104.63 6.31 35.28
N ALA H 65 -103.99 5.47 34.48
CA ALA H 65 -104.27 5.28 33.08
C ALA H 65 -104.36 3.82 32.69
N VAL H 66 -105.21 3.51 31.72
CA VAL H 66 -105.24 2.20 31.05
C VAL H 66 -105.02 2.44 29.57
N PHE H 67 -104.10 1.70 28.95
CA PHE H 67 -103.85 1.76 27.51
C PHE H 67 -104.33 0.44 26.91
N VAL H 68 -105.22 0.49 25.92
CA VAL H 68 -105.82 -0.70 25.31
C VAL H 68 -105.74 -0.64 23.80
N ASP H 69 -105.24 -1.69 23.19
CA ASP H 69 -105.22 -1.86 21.74
C ASP H 69 -105.41 -3.33 21.44
N LEU H 70 -106.12 -3.67 20.36
CA LEU H 70 -106.39 -5.06 20.02
C LEU H 70 -105.19 -5.74 19.34
N GLU H 71 -104.25 -4.96 18.81
CA GLU H 71 -102.97 -5.37 18.25
C GLU H 71 -101.76 -4.86 19.08
N GLN H 72 -100.59 -5.49 18.99
CA GLN H 72 -99.49 -5.21 19.89
C GLN H 72 -98.66 -3.97 19.55
N THR H 73 -98.67 -3.46 18.31
CA THR H 73 -97.56 -2.67 17.77
C THR H 73 -97.31 -1.34 18.48
N VAL H 74 -98.37 -0.59 18.74
CA VAL H 74 -98.30 0.76 19.33
C VAL H 74 -98.03 0.72 20.82
N ILE H 75 -98.65 -0.21 21.57
CA ILE H 75 -98.37 -0.37 22.99
C ILE H 75 -97.01 -1.05 23.23
N GLY H 76 -96.53 -1.97 22.39
CA GLY H 76 -95.16 -2.47 22.49
C GLY H 76 -94.11 -1.37 22.31
N GLU H 77 -94.45 -0.28 21.62
CA GLU H 77 -93.60 0.89 21.50
C GLU H 77 -93.62 1.73 22.78
N ILE H 78 -94.77 1.86 23.46
CA ILE H 78 -94.91 2.46 24.79
C ILE H 78 -94.14 1.65 25.84
N ARG H 79 -94.21 0.31 25.78
CA ARG H 79 -93.42 -0.63 26.60
C ARG H 79 -91.91 -0.64 26.33
N ASN H 80 -91.40 0.14 25.38
CA ASN H 80 -89.98 0.13 24.96
C ASN H 80 -89.34 1.52 24.95
N GLY H 81 -90.13 2.57 24.71
CA GLY H 81 -89.67 3.97 24.70
C GLY H 81 -89.43 4.56 26.08
N PRO H 82 -89.24 5.87 26.18
CA PRO H 82 -88.85 6.56 27.43
C PRO H 82 -89.81 6.38 28.58
N TYR H 83 -91.09 6.06 28.34
CA TYR H 83 -92.09 5.85 29.37
C TYR H 83 -92.29 4.38 29.78
N ARG H 84 -91.41 3.46 29.38
CA ARG H 84 -91.49 2.03 29.77
C ARG H 84 -91.53 1.80 31.29
N SER H 85 -90.88 2.66 32.07
CA SER H 85 -90.83 2.63 33.54
C SER H 85 -91.92 3.45 34.23
N LEU H 86 -92.73 4.22 33.50
CA LEU H 86 -93.80 5.02 34.10
C LEU H 86 -95.01 4.15 34.47
N PHE H 87 -95.52 3.40 33.50
CA PHE H 87 -96.77 2.66 33.62
C PHE H 87 -96.58 1.33 34.35
N HIS H 88 -97.62 0.90 35.06
CA HIS H 88 -97.73 -0.46 35.56
C HIS H 88 -97.83 -1.44 34.38
N PRO H 89 -97.03 -2.52 34.32
CA PRO H 89 -96.92 -3.34 33.12
C PRO H 89 -98.21 -4.06 32.70
N GLU H 90 -99.13 -4.34 33.63
CA GLU H 90 -100.42 -4.98 33.31
C GLU H 90 -101.57 -4.01 33.02
N GLN H 91 -101.35 -2.68 33.03
CA GLN H 91 -102.34 -1.71 32.55
C GLN H 91 -102.01 -1.14 31.15
N LEU H 92 -100.93 -1.63 30.54
CA LEU H 92 -100.68 -1.59 29.11
C LEU H 92 -101.19 -2.92 28.50
N ILE H 93 -102.38 -2.95 27.93
CA ILE H 93 -103.12 -4.17 27.60
C ILE H 93 -103.17 -4.37 26.08
N THR H 94 -102.80 -5.56 25.59
CA THR H 94 -102.77 -5.88 24.18
C THR H 94 -103.38 -7.24 23.86
N GLY H 95 -104.04 -7.35 22.71
CA GLY H 95 -104.40 -8.59 22.06
C GLY H 95 -103.38 -9.07 21.02
N LYS H 96 -103.71 -10.15 20.33
CA LYS H 96 -102.97 -10.71 19.19
C LYS H 96 -103.39 -10.12 17.84
N GLU H 97 -104.67 -9.78 17.67
CA GLU H 97 -105.33 -9.57 16.39
C GLU H 97 -105.86 -8.13 16.23
N ASP H 98 -105.43 -7.46 15.18
CA ASP H 98 -105.91 -6.15 14.75
C ASP H 98 -107.45 -6.16 14.50
N ALA H 99 -108.15 -5.06 14.79
CA ALA H 99 -109.58 -4.88 14.50
C ALA H 99 -109.91 -4.49 13.05
N ALA H 100 -108.92 -4.26 12.19
CA ALA H 100 -109.01 -4.11 10.75
C ALA H 100 -109.90 -2.96 10.25
N ASN H 101 -110.05 -1.89 11.00
CA ASN H 101 -110.98 -0.81 10.74
C ASN H 101 -112.42 -1.30 10.58
N ASN H 102 -112.75 -2.39 11.27
CA ASN H 102 -114.06 -3.00 11.25
C ASN H 102 -114.67 -2.90 12.65
N TYR H 103 -115.72 -2.10 12.83
CA TYR H 103 -116.43 -1.95 14.11
C TYR H 103 -116.79 -3.29 14.75
N ALA H 104 -117.22 -4.25 13.94
CA ALA H 104 -117.73 -5.51 14.44
C ALA H 104 -116.62 -6.41 15.00
N ARG H 105 -115.38 -6.32 14.52
CA ARG H 105 -114.24 -6.98 15.17
C ARG H 105 -113.95 -6.35 16.51
N GLY H 106 -113.99 -5.03 16.61
CA GLY H 106 -113.76 -4.36 17.88
C GLY H 106 -114.81 -4.69 18.94
N HIS H 107 -116.08 -4.65 18.54
CA HIS H 107 -117.22 -4.83 19.44
C HIS H 107 -117.63 -6.28 19.72
N TYR H 108 -117.74 -7.14 18.69
CA TYR H 108 -118.38 -8.45 18.80
C TYR H 108 -117.42 -9.65 18.86
N THR H 109 -116.27 -9.58 18.19
CA THR H 109 -115.47 -10.77 17.87
C THR H 109 -114.09 -10.79 18.55
N ILE H 110 -113.29 -9.73 18.43
CA ILE H 110 -111.93 -9.68 18.97
C ILE H 110 -111.87 -8.99 20.34
N GLY H 111 -112.52 -7.83 20.47
CA GLY H 111 -112.57 -7.09 21.74
C GLY H 111 -113.36 -7.80 22.84
N LYS H 112 -114.31 -8.64 22.46
CA LYS H 112 -115.03 -9.61 23.30
C LYS H 112 -114.12 -10.47 24.18
N GLU H 113 -112.87 -10.70 23.76
CA GLU H 113 -111.91 -11.47 24.54
C GLU H 113 -111.10 -10.65 25.54
N LEU H 114 -110.68 -9.42 25.21
CA LEU H 114 -109.86 -8.57 26.07
C LEU H 114 -110.68 -7.77 27.10
N ILE H 115 -111.98 -7.58 26.90
CA ILE H 115 -112.81 -6.67 27.70
C ILE H 115 -112.80 -6.97 29.21
N ASP H 116 -112.91 -8.23 29.61
CA ASP H 116 -112.98 -8.60 31.03
C ASP H 116 -111.62 -8.48 31.75
N SER H 117 -110.52 -8.35 31.00
CA SER H 117 -109.20 -7.96 31.48
C SER H 117 -109.06 -6.44 31.56
N VAL H 118 -109.61 -5.69 30.60
CA VAL H 118 -109.64 -4.22 30.64
C VAL H 118 -110.42 -3.71 31.84
N LEU H 119 -111.59 -4.29 32.11
CA LEU H 119 -112.39 -3.96 33.27
C LEU H 119 -111.70 -4.26 34.60
N ASP H 120 -110.92 -5.33 34.67
CA ASP H 120 -110.22 -5.73 35.89
C ASP H 120 -109.15 -4.73 36.32
N ARG H 121 -108.43 -4.16 35.35
CA ARG H 121 -107.55 -3.01 35.58
C ARG H 121 -108.29 -1.75 35.99
N VAL H 122 -109.41 -1.43 35.35
CA VAL H 122 -110.18 -0.24 35.72
C VAL H 122 -110.74 -0.39 37.14
N ARG H 123 -111.21 -1.57 37.54
CA ARG H 123 -111.59 -1.90 38.92
C ARG H 123 -110.42 -1.71 39.90
N LYS H 124 -109.24 -2.26 39.63
CA LYS H 124 -108.04 -2.06 40.46
C LYS H 124 -107.53 -0.62 40.51
N MET H 125 -107.89 0.24 39.56
CA MET H 125 -107.61 1.68 39.64
C MET H 125 -108.67 2.43 40.45
N ALA H 126 -109.95 2.15 40.24
CA ALA H 126 -111.05 2.77 40.95
C ALA H 126 -111.01 2.46 42.44
N ASP H 127 -110.65 1.25 42.84
CA ASP H 127 -110.45 0.85 44.23
C ASP H 127 -109.27 1.56 44.93
N GLN H 128 -108.35 2.19 44.18
CA GLN H 128 -107.30 3.08 44.71
C GLN H 128 -107.71 4.55 44.76
N CYS H 129 -108.85 4.93 44.18
CA CYS H 129 -109.43 6.28 44.27
C CYS H 129 -110.27 6.44 45.54
N SER H 130 -110.49 7.68 45.95
CA SER H 130 -111.34 8.07 47.07
C SER H 130 -112.13 9.29 46.63
N GLY H 131 -113.36 9.11 46.15
CA GLY H 131 -114.05 10.16 45.41
C GLY H 131 -113.43 10.37 44.03
N LEU H 132 -113.47 9.33 43.20
CA LEU H 132 -113.15 9.36 41.77
C LEU H 132 -114.06 10.38 41.07
N GLN H 133 -113.48 11.31 40.32
CA GLN H 133 -114.20 12.42 39.71
C GLN H 133 -114.92 12.00 38.42
N GLY H 134 -114.29 11.13 37.64
CA GLY H 134 -114.81 10.64 36.38
C GLY H 134 -113.79 9.83 35.58
N PHE H 135 -114.13 9.56 34.33
CA PHE H 135 -113.28 8.88 33.33
C PHE H 135 -112.92 9.84 32.20
N LEU H 136 -111.70 9.79 31.69
CA LEU H 136 -111.29 10.51 30.49
C LEU H 136 -110.98 9.48 29.40
N VAL H 137 -111.87 9.31 28.43
CA VAL H 137 -111.75 8.24 27.41
C VAL H 137 -111.31 8.78 26.05
N PHE H 138 -110.13 8.36 25.57
CA PHE H 138 -109.49 8.86 24.35
C PHE H 138 -109.52 7.83 23.23
N HIS H 139 -110.02 8.21 22.05
CA HIS H 139 -110.21 7.28 20.93
C HIS H 139 -110.40 7.96 19.56
N SER H 140 -110.32 7.15 18.51
CA SER H 140 -110.68 7.50 17.14
C SER H 140 -112.10 7.04 16.84
N PHE H 141 -112.92 7.88 16.22
CA PHE H 141 -114.23 7.50 15.70
C PHE H 141 -114.14 6.60 14.46
N GLY H 142 -113.05 6.70 13.71
CA GLY H 142 -112.87 5.98 12.44
C GLY H 142 -112.26 4.59 12.55
N GLY H 143 -111.56 4.31 13.65
CA GLY H 143 -110.94 3.02 13.92
C GLY H 143 -111.90 1.88 14.20
N GLY H 144 -111.47 0.64 14.02
CA GLY H 144 -112.17 -0.55 14.45
C GLY H 144 -112.08 -0.75 15.95
N THR H 145 -110.90 -0.60 16.56
CA THR H 145 -110.73 -0.58 18.01
C THR H 145 -111.30 0.69 18.61
N GLY H 146 -110.99 1.85 18.02
CA GLY H 146 -111.54 3.15 18.37
C GLY H 146 -113.06 3.19 18.53
N SER H 147 -113.83 2.72 17.56
CA SER H 147 -115.30 2.69 17.62
C SER H 147 -115.87 1.46 18.35
N GLY H 148 -115.47 0.26 17.94
CA GLY H 148 -116.03 -0.99 18.42
C GLY H 148 -115.58 -1.37 19.82
N PHE H 149 -114.31 -1.17 20.17
CA PHE H 149 -113.87 -1.49 21.51
C PHE H 149 -114.30 -0.43 22.53
N THR H 150 -114.23 0.86 22.19
CA THR H 150 -114.74 1.91 23.08
C THR H 150 -116.21 1.73 23.36
N SER H 151 -117.01 1.36 22.36
CA SER H 151 -118.44 1.12 22.54
C SER H 151 -118.76 -0.13 23.34
N LEU H 152 -117.91 -1.15 23.29
CA LEU H 152 -117.98 -2.32 24.17
C LEU H 152 -117.62 -1.94 25.60
N LEU H 153 -116.53 -1.22 25.81
CA LEU H 153 -116.10 -0.77 27.12
C LEU H 153 -117.09 0.19 27.78
N MET H 154 -117.54 1.23 27.09
CA MET H 154 -118.47 2.20 27.66
C MET H 154 -119.79 1.57 28.12
N GLU H 155 -120.31 0.57 27.42
CA GLU H 155 -121.53 -0.12 27.81
C GLU H 155 -121.36 -0.82 29.16
N ARG H 156 -120.18 -1.36 29.44
CA ARG H 156 -119.81 -1.97 30.73
C ARG H 156 -119.61 -0.92 31.82
N LEU H 157 -118.82 0.12 31.57
CA LEU H 157 -118.59 1.18 32.54
C LEU H 157 -119.88 1.91 32.90
N SER H 158 -120.88 1.99 32.02
CA SER H 158 -122.15 2.67 32.29
C SER H 158 -123.15 1.84 33.10
N VAL H 159 -122.92 0.55 33.31
CA VAL H 159 -123.61 -0.28 34.31
C VAL H 159 -122.75 -0.45 35.57
N ASP H 160 -121.43 -0.57 35.45
CA ASP H 160 -120.54 -0.72 36.60
C ASP H 160 -120.32 0.55 37.43
N TYR H 161 -120.28 1.73 36.80
CA TYR H 161 -119.98 3.04 37.42
C TYR H 161 -121.03 4.07 36.99
N GLY H 162 -122.32 3.76 37.12
CA GLY H 162 -123.39 4.55 36.52
C GLY H 162 -123.44 6.05 36.89
N LYS H 163 -123.07 6.41 38.13
CA LYS H 163 -123.05 7.81 38.60
C LYS H 163 -121.89 8.64 38.04
N LYS H 164 -120.74 8.03 37.79
CA LYS H 164 -119.47 8.71 37.48
C LYS H 164 -119.47 9.36 36.09
N SER H 165 -119.00 10.60 35.99
CA SER H 165 -118.98 11.35 34.72
C SER H 165 -117.99 10.76 33.72
N LYS H 166 -118.44 10.47 32.50
CA LYS H 166 -117.63 9.90 31.42
C LYS H 166 -117.39 10.98 30.36
N LEU H 167 -116.21 11.58 30.40
CA LEU H 167 -115.74 12.58 29.44
C LEU H 167 -115.00 11.87 28.33
N GLU H 168 -115.21 12.27 27.09
CA GLU H 168 -114.76 11.47 25.97
C GLU H 168 -114.17 12.34 24.87
N PHE H 169 -112.92 12.06 24.48
CA PHE H 169 -112.17 12.85 23.52
C PHE H 169 -112.00 12.05 22.24
N SER H 170 -112.63 12.51 21.18
CA SER H 170 -112.79 11.74 19.95
C SER H 170 -112.14 12.42 18.77
N VAL H 171 -111.22 11.73 18.10
CA VAL H 171 -110.78 12.15 16.77
C VAL H 171 -111.79 11.69 15.73
N TYR H 172 -112.48 12.63 15.10
CA TYR H 172 -113.65 12.50 14.28
C TYR H 172 -113.33 12.71 12.79
N PRO H 173 -113.97 12.01 11.85
CA PRO H 173 -113.71 12.22 10.41
C PRO H 173 -113.91 13.64 9.87
N ALA H 174 -113.03 14.05 8.96
CA ALA H 174 -112.96 15.40 8.39
C ALA H 174 -113.86 15.60 7.16
N PRO H 175 -114.04 16.84 6.68
CA PRO H 175 -114.69 17.09 5.40
C PRO H 175 -113.98 16.40 4.22
N ARG H 176 -112.65 16.51 4.08
CA ARG H 176 -111.90 16.00 2.94
C ARG H 176 -110.81 14.98 3.32
N ILE H 177 -110.01 15.27 4.36
CA ILE H 177 -108.97 14.37 4.89
C ILE H 177 -109.59 13.10 5.47
N SER H 178 -109.12 11.95 5.01
CA SER H 178 -109.53 10.65 5.50
C SER H 178 -108.42 9.64 5.30
N THR H 179 -108.34 8.62 6.14
CA THR H 179 -107.29 7.58 6.09
C THR H 179 -107.82 6.20 5.72
N ALA H 180 -109.13 6.05 5.62
CA ALA H 180 -109.85 4.81 5.45
C ALA H 180 -111.06 5.01 4.57
N VAL H 181 -111.49 3.95 3.90
CA VAL H 181 -112.69 3.95 3.09
C VAL H 181 -113.94 3.81 3.96
N VAL H 182 -113.84 3.05 5.05
CA VAL H 182 -114.94 2.67 5.95
C VAL H 182 -115.08 3.55 7.21
N GLU H 183 -114.33 4.66 7.29
CA GLU H 183 -114.41 5.68 8.35
C GLU H 183 -115.85 6.21 8.62
N PRO H 184 -116.73 6.44 7.61
CA PRO H 184 -118.14 6.79 7.82
C PRO H 184 -118.98 5.70 8.50
N TYR H 185 -118.74 4.43 8.21
CA TYR H 185 -119.45 3.31 8.84
C TYR H 185 -119.10 3.19 10.31
N ASN H 186 -117.81 3.27 10.67
CA ASN H 186 -117.39 3.13 12.06
C ASN H 186 -117.87 4.31 12.93
N SER H 187 -117.88 5.51 12.37
CA SER H 187 -118.33 6.70 13.06
C SER H 187 -119.81 6.71 13.35
N ILE H 188 -120.65 6.38 12.37
CA ILE H 188 -122.11 6.31 12.55
C ILE H 188 -122.51 5.20 13.54
N LEU H 189 -121.89 4.02 13.47
CA LEU H 189 -122.09 2.95 14.45
C LEU H 189 -121.68 3.36 15.88
N THR H 190 -120.75 4.30 16.05
CA THR H 190 -120.37 4.85 17.35
C THR H 190 -121.40 5.80 17.96
N THR H 191 -122.30 6.42 17.19
CA THR H 191 -123.23 7.45 17.70
C THR H 191 -124.17 7.00 18.81
N HIS H 192 -124.44 5.71 18.96
CA HIS H 192 -125.15 5.16 20.13
C HIS H 192 -124.33 5.25 21.42
N THR H 193 -123.01 5.10 21.30
CA THR H 193 -122.08 5.12 22.44
C THR H 193 -122.09 6.48 23.06
N THR H 194 -121.81 7.51 22.24
CA THR H 194 -121.79 8.88 22.70
C THR H 194 -123.16 9.34 23.18
N LEU H 195 -124.25 9.05 22.50
CA LEU H 195 -125.58 9.42 22.98
C LEU H 195 -125.96 8.78 24.32
N GLU H 196 -125.80 7.47 24.49
CA GLU H 196 -126.37 6.75 25.64
C GLU H 196 -125.38 6.55 26.80
N HIS H 197 -124.08 6.40 26.53
CA HIS H 197 -123.06 5.97 27.50
C HIS H 197 -121.88 6.96 27.65
N SER H 198 -122.14 8.24 27.46
CA SER H 198 -121.16 9.33 27.62
C SER H 198 -121.86 10.54 28.22
N ASP H 199 -121.14 11.42 28.91
CA ASP H 199 -121.72 12.59 29.58
C ASP H 199 -121.26 13.92 28.97
N CYS H 200 -120.09 13.97 28.34
CA CYS H 200 -119.63 15.11 27.58
C CYS H 200 -118.57 14.67 26.55
N ALA H 201 -118.88 14.83 25.27
CA ALA H 201 -118.09 14.26 24.18
C ALA H 201 -117.44 15.33 23.31
N PHE H 202 -116.12 15.48 23.42
CA PHE H 202 -115.31 16.45 22.72
C PHE H 202 -114.84 15.89 21.38
N MET H 203 -115.57 16.20 20.33
CA MET H 203 -115.16 15.92 18.95
C MET H 203 -114.00 16.82 18.55
N VAL H 204 -113.00 16.25 17.90
CA VAL H 204 -111.83 16.92 17.34
C VAL H 204 -111.60 16.41 15.91
N ASP H 205 -111.01 17.20 15.04
CA ASP H 205 -110.81 16.91 13.62
C ASP H 205 -109.35 17.10 13.22
N ASN H 206 -108.77 16.11 12.52
CA ASN H 206 -107.40 16.19 12.03
C ASN H 206 -107.20 17.35 11.06
N GLU H 207 -108.16 17.64 10.18
CA GLU H 207 -108.00 18.65 9.14
C GLU H 207 -108.05 20.09 9.68
N ALA H 208 -108.81 20.32 10.74
CA ALA H 208 -108.89 21.59 11.44
C ALA H 208 -107.61 21.89 12.20
N ILE H 209 -107.05 20.91 12.91
CA ILE H 209 -105.75 21.10 13.56
C ILE H 209 -104.65 21.25 12.52
N TYR H 210 -104.67 20.52 11.41
CA TYR H 210 -103.68 20.75 10.34
C TYR H 210 -103.70 22.20 9.84
N ASP H 211 -104.86 22.84 9.76
CA ASP H 211 -104.98 24.23 9.33
C ASP H 211 -104.55 25.22 10.42
N ILE H 212 -104.90 24.96 11.68
CA ILE H 212 -104.37 25.69 12.83
C ILE H 212 -102.84 25.64 12.85
N CYS H 213 -102.24 24.48 12.63
CA CYS H 213 -100.79 24.34 12.59
C CYS H 213 -100.17 25.21 11.51
N ASN H 214 -100.77 25.23 10.31
CA ASN H 214 -100.29 26.01 9.16
C ASN H 214 -100.35 27.51 9.41
N ARG H 215 -101.44 28.01 10.00
CA ARG H 215 -101.73 29.44 10.16
C ARG H 215 -101.17 30.09 11.43
N ASN H 216 -101.02 29.34 12.52
CA ASN H 216 -100.64 29.88 13.83
C ASN H 216 -99.27 29.43 14.31
N LEU H 217 -98.89 28.17 14.08
CA LEU H 217 -97.55 27.67 14.41
C LEU H 217 -96.55 27.87 13.25
N ASP H 218 -97.07 28.17 12.06
CA ASP H 218 -96.35 28.29 10.79
C ASP H 218 -95.54 27.06 10.39
N ILE H 219 -95.83 25.89 10.97
CA ILE H 219 -95.27 24.62 10.50
C ILE H 219 -96.02 24.20 9.23
N GLU H 220 -95.28 24.03 8.15
CA GLU H 220 -95.86 23.85 6.81
C GLU H 220 -96.45 22.45 6.59
N ARG H 221 -95.84 21.44 7.22
CA ARG H 221 -96.08 20.00 7.06
C ARG H 221 -96.02 19.22 8.40
N PRO H 222 -97.05 19.28 9.27
CA PRO H 222 -97.04 18.59 10.55
C PRO H 222 -97.33 17.08 10.48
N SER H 223 -96.81 16.37 11.47
CA SER H 223 -97.07 14.95 11.78
C SER H 223 -98.25 14.82 12.75
N TYR H 224 -98.53 13.61 13.22
CA TYR H 224 -99.43 13.44 14.35
C TYR H 224 -98.85 13.89 15.68
N THR H 225 -97.53 13.92 15.88
CA THR H 225 -96.99 14.39 17.16
C THR H 225 -97.39 15.85 17.41
N ASN H 226 -97.48 16.66 16.36
CA ASN H 226 -97.93 18.04 16.46
C ASN H 226 -99.42 18.18 16.82
N LEU H 227 -100.27 17.26 16.34
CA LEU H 227 -101.69 17.25 16.67
C LEU H 227 -101.91 16.84 18.12
N ASN H 228 -101.28 15.74 18.52
CA ASN H 228 -101.47 15.18 19.86
C ASN H 228 -100.99 16.15 20.94
N ARG H 229 -99.93 16.91 20.66
CA ARG H 229 -99.47 17.98 21.56
C ARG H 229 -100.45 19.15 21.69
N LEU H 230 -101.41 19.34 20.78
CA LEU H 230 -102.52 20.27 20.96
C LEU H 230 -103.70 19.62 21.70
N ILE H 231 -104.02 18.37 21.39
CA ILE H 231 -105.16 17.66 21.98
C ILE H 231 -104.93 17.38 23.47
N ALA H 232 -103.70 17.06 23.86
CA ALA H 232 -103.34 16.91 25.28
C ALA H 232 -103.41 18.24 26.03
N GLN H 233 -103.01 19.34 25.40
CA GLN H 233 -103.00 20.65 26.03
C GLN H 233 -104.42 21.09 26.45
N ILE H 234 -105.44 20.76 25.67
CA ILE H 234 -106.84 21.00 26.05
C ILE H 234 -107.23 20.19 27.29
N VAL H 235 -106.87 18.92 27.39
CA VAL H 235 -107.24 18.11 28.57
C VAL H 235 -106.48 18.52 29.82
N SER H 236 -105.24 18.97 29.69
CA SER H 236 -104.54 19.60 30.82
C SER H 236 -105.34 20.81 31.33
N SER H 237 -105.91 21.61 30.44
CA SER H 237 -106.68 22.80 30.78
C SER H 237 -108.08 22.49 31.32
N ILE H 238 -108.74 21.44 30.86
CA ILE H 238 -109.98 20.92 31.45
C ILE H 238 -109.71 20.42 32.87
N THR H 239 -108.62 19.70 33.08
CA THR H 239 -108.27 19.15 34.39
C THR H 239 -107.55 20.13 35.30
N ALA H 240 -107.08 21.29 34.85
CA ALA H 240 -106.26 22.17 35.66
C ALA H 240 -106.94 22.60 36.97
N SER H 241 -108.24 22.87 36.94
CA SER H 241 -109.00 23.19 38.17
C SER H 241 -109.14 22.04 39.17
N LEU H 242 -108.93 20.81 38.72
CA LEU H 242 -108.92 19.62 39.57
C LEU H 242 -107.56 19.45 40.26
N ARG H 243 -106.49 19.97 39.64
CA ARG H 243 -105.08 19.78 39.96
C ARG H 243 -104.44 20.96 40.71
N PHE H 244 -104.95 22.18 40.60
CA PHE H 244 -104.25 23.41 40.98
C PHE H 244 -105.12 24.45 41.71
N ASP H 245 -104.48 25.44 42.32
CA ASP H 245 -105.19 26.60 42.87
C ASP H 245 -105.60 27.60 41.78
N GLY H 246 -106.71 28.28 41.97
CA GLY H 246 -107.27 29.27 41.05
C GLY H 246 -108.17 30.27 41.74
N ALA H 247 -108.53 31.35 41.03
CA ALA H 247 -109.48 32.35 41.53
C ALA H 247 -110.91 31.83 41.47
N LEU H 248 -111.22 31.03 40.45
CA LEU H 248 -112.54 30.47 40.16
C LEU H 248 -112.36 29.04 39.64
N ASN H 249 -111.95 28.10 40.49
CA ASN H 249 -111.79 26.70 40.10
C ASN H 249 -113.12 26.07 39.69
N VAL H 250 -113.11 25.20 38.67
CA VAL H 250 -114.29 24.53 38.12
C VAL H 250 -114.22 23.02 38.35
N ASP H 251 -115.20 22.48 39.05
CA ASP H 251 -115.36 21.03 39.25
C ASP H 251 -115.79 20.33 37.96
N LEU H 252 -115.45 19.04 37.79
CA LEU H 252 -115.78 18.30 36.57
C LEU H 252 -117.30 18.17 36.29
N THR H 253 -118.16 18.25 37.31
CA THR H 253 -119.63 18.33 37.20
C THR H 253 -120.18 19.75 37.16
N GLU H 254 -119.51 20.71 37.77
CA GLU H 254 -119.78 22.13 37.61
C GLU H 254 -119.64 22.56 36.15
N PHE H 255 -118.63 22.04 35.49
CA PHE H 255 -118.39 22.16 34.07
C PHE H 255 -119.60 21.69 33.25
N GLN H 256 -120.08 20.48 33.49
CA GLN H 256 -121.23 19.89 32.81
C GLN H 256 -122.54 20.62 33.11
N THR H 257 -122.78 21.08 34.33
CA THR H 257 -123.99 21.84 34.69
C THR H 257 -124.13 23.16 33.93
N ASN H 258 -123.05 23.73 33.42
CA ASN H 258 -123.03 24.92 32.58
C ASN H 258 -122.89 24.63 31.08
N LEU H 259 -122.20 23.57 30.67
CA LEU H 259 -122.08 23.18 29.27
C LEU H 259 -123.35 22.56 28.70
N VAL H 260 -124.03 21.70 29.44
CA VAL H 260 -125.05 20.80 28.91
C VAL H 260 -126.46 21.32 29.24
N PRO H 261 -127.19 21.93 28.28
CA PRO H 261 -128.53 22.45 28.53
C PRO H 261 -129.61 21.37 28.58
N TYR H 262 -129.43 20.26 27.87
CA TYR H 262 -130.42 19.20 27.74
C TYR H 262 -129.70 17.84 27.75
N PRO H 263 -130.32 16.75 28.19
CA PRO H 263 -129.63 15.49 28.42
C PRO H 263 -128.80 14.99 27.23
N ARG H 264 -129.25 15.19 25.99
CA ARG H 264 -128.55 14.65 24.80
C ARG H 264 -127.65 15.67 24.10
N ILE H 265 -127.60 16.90 24.60
CA ILE H 265 -126.93 18.05 23.95
C ILE H 265 -125.62 18.33 24.69
N HIS H 266 -124.71 17.39 24.55
CA HIS H 266 -123.46 17.29 25.31
C HIS H 266 -122.25 17.12 24.40
N PHE H 267 -122.34 17.63 23.18
CA PHE H 267 -121.28 17.64 22.18
C PHE H 267 -120.74 19.07 21.97
N PRO H 268 -119.95 19.60 22.90
CA PRO H 268 -119.31 20.90 22.73
C PRO H 268 -118.18 20.82 21.71
N LEU H 269 -117.97 21.93 21.00
CA LEU H 269 -116.68 22.25 20.40
C LEU H 269 -115.66 22.53 21.50
N VAL H 270 -114.39 22.46 21.14
CA VAL H 270 -113.27 22.90 21.96
C VAL H 270 -112.31 23.72 21.10
N THR H 271 -111.64 24.67 21.71
CA THR H 271 -110.58 25.48 21.11
C THR H 271 -109.61 25.97 22.19
N TYR H 272 -108.40 26.34 21.81
CA TYR H 272 -107.35 26.76 22.72
C TYR H 272 -106.71 28.03 22.17
N SER H 273 -106.36 28.99 23.03
CA SER H 273 -105.62 30.17 22.63
C SER H 273 -104.64 30.60 23.72
N PRO H 274 -103.51 31.20 23.33
CA PRO H 274 -103.03 31.36 21.97
C PRO H 274 -102.29 30.11 21.50
N ILE H 275 -102.67 29.54 20.36
CA ILE H 275 -101.74 28.68 19.62
C ILE H 275 -100.74 29.61 18.93
N ILE H 276 -99.46 29.51 19.26
CA ILE H 276 -98.48 30.48 18.76
C ILE H 276 -97.05 29.91 18.76
N SER H 277 -96.22 30.30 17.79
CA SER H 277 -94.80 29.91 17.75
C SER H 277 -93.91 30.96 18.40
N ALA H 278 -92.66 30.60 18.70
CA ALA H 278 -91.67 31.52 19.23
C ALA H 278 -91.28 32.66 18.25
N GLU H 279 -91.63 32.58 16.98
CA GLU H 279 -91.38 33.65 16.01
C GLU H 279 -92.27 34.86 16.26
N LYS H 280 -93.48 34.64 16.79
CA LYS H 280 -94.54 35.65 16.92
C LYS H 280 -94.91 35.97 18.36
N ALA H 281 -94.73 35.05 19.30
CA ALA H 281 -95.13 35.25 20.69
C ALA H 281 -94.45 36.45 21.38
N TYR H 282 -93.28 36.86 20.93
CA TYR H 282 -92.57 38.05 21.42
C TYR H 282 -93.01 39.36 20.75
N HIS H 283 -93.93 39.36 19.79
CA HIS H 283 -94.43 40.58 19.11
C HIS H 283 -95.92 40.82 19.28
N GLU H 284 -96.72 39.78 19.44
CA GLU H 284 -98.12 39.88 19.86
C GLU H 284 -98.22 40.34 21.32
N GLN H 285 -99.27 41.05 21.71
CA GLN H 285 -99.48 41.37 23.13
C GLN H 285 -99.93 40.15 23.95
N LEU H 286 -100.78 39.28 23.40
CA LEU H 286 -101.37 38.17 24.15
C LEU H 286 -102.04 38.63 25.45
N SER H 287 -102.66 39.80 25.41
CA SER H 287 -103.54 40.30 26.45
C SER H 287 -104.78 39.42 26.57
N VAL H 288 -105.47 39.46 27.72
CA VAL H 288 -106.66 38.66 27.95
C VAL H 288 -107.75 38.93 26.91
N PRO H 289 -107.90 40.17 26.45
CA PRO H 289 -108.86 40.52 25.41
C PRO H 289 -108.59 39.77 24.09
N GLU H 290 -107.34 39.66 23.67
CA GLU H 290 -106.99 39.02 22.39
C GLU H 290 -107.19 37.51 22.43
N ILE H 291 -106.70 36.83 23.47
CA ILE H 291 -106.83 35.37 23.57
C ILE H 291 -108.28 34.94 23.85
N THR H 292 -109.13 35.81 24.40
CA THR H 292 -110.56 35.57 24.46
C THR H 292 -111.18 35.64 23.07
N ASN H 293 -110.93 36.73 22.33
CA ASN H 293 -111.46 36.91 20.98
C ASN H 293 -110.99 35.84 20.00
N ALA H 294 -109.77 35.34 20.13
CA ALA H 294 -109.26 34.25 19.30
C ALA H 294 -110.12 32.99 19.37
N CYS H 295 -110.79 32.71 20.49
CA CYS H 295 -111.63 31.53 20.62
C CYS H 295 -112.92 31.61 19.82
N PHE H 296 -113.34 32.80 19.38
CA PHE H 296 -114.55 32.96 18.58
C PHE H 296 -114.28 33.04 17.07
N GLU H 297 -113.01 33.02 16.65
CA GLU H 297 -112.66 32.94 15.24
C GLU H 297 -112.94 31.52 14.69
N TYR H 298 -113.61 31.36 13.54
CA TYR H 298 -113.69 30.08 12.83
C TYR H 298 -112.32 29.45 12.58
N SER H 299 -111.30 30.29 12.41
CA SER H 299 -109.91 29.91 12.23
C SER H 299 -109.32 29.06 13.37
N ASN H 300 -109.87 29.06 14.58
CA ASN H 300 -109.29 28.31 15.71
C ASN H 300 -110.17 27.16 16.21
N GLN H 301 -111.31 26.90 15.58
CA GLN H 301 -112.16 25.77 15.94
C GLN H 301 -111.52 24.47 15.47
N MET H 302 -111.46 23.45 16.34
CA MET H 302 -110.83 22.16 16.05
C MET H 302 -111.79 21.11 15.46
N VAL H 303 -112.89 21.55 14.85
CA VAL H 303 -113.77 20.79 13.96
C VAL H 303 -114.07 21.70 12.76
N LYS H 304 -113.96 21.23 11.52
CA LYS H 304 -114.23 22.06 10.33
C LYS H 304 -115.73 22.28 10.13
N CYS H 305 -116.28 23.17 10.94
CA CYS H 305 -117.61 23.76 10.85
C CYS H 305 -117.53 25.25 11.26
N ASP H 306 -118.44 26.09 10.79
CA ASP H 306 -118.40 27.53 11.04
C ASP H 306 -119.37 27.89 12.18
N PRO H 307 -118.92 28.39 13.35
CA PRO H 307 -119.81 28.75 14.45
C PRO H 307 -120.86 29.82 14.12
N ARG H 308 -120.62 30.62 13.08
CA ARG H 308 -121.53 31.67 12.62
C ARG H 308 -122.74 31.10 11.90
N ARG H 309 -122.65 29.86 11.40
CA ARG H 309 -123.80 29.11 10.90
C ARG H 309 -124.62 28.45 12.02
N GLY H 310 -124.27 28.67 13.28
CA GLY H 310 -125.00 28.19 14.45
C GLY H 310 -125.49 29.28 15.38
N LYS H 311 -125.98 28.87 16.55
CA LYS H 311 -126.09 29.71 17.75
C LYS H 311 -125.42 29.03 18.92
N TYR H 312 -124.74 29.80 19.74
CA TYR H 312 -124.15 29.34 21.00
C TYR H 312 -125.24 29.09 22.03
N MET H 313 -125.16 27.96 22.71
CA MET H 313 -125.98 27.61 23.86
C MET H 313 -125.26 28.00 25.14
N ALA H 314 -124.01 27.56 25.33
CA ALA H 314 -123.18 27.93 26.46
C ALA H 314 -121.68 27.84 26.14
N CYS H 315 -120.87 28.70 26.74
CA CYS H 315 -119.42 28.66 26.65
C CYS H 315 -118.80 28.52 28.03
N CYS H 316 -117.88 27.59 28.22
CA CYS H 316 -116.95 27.57 29.34
C CYS H 316 -115.63 28.17 28.89
N LEU H 317 -115.29 29.36 29.36
CA LEU H 317 -113.97 29.95 29.18
C LEU H 317 -113.10 29.55 30.37
N LEU H 318 -112.24 28.55 30.20
CA LEU H 318 -111.34 28.04 31.23
C LEU H 318 -109.96 28.70 31.10
N TYR H 319 -109.76 29.87 31.72
CA TYR H 319 -108.46 30.54 31.71
C TYR H 319 -107.48 29.92 32.68
N ARG H 320 -106.20 30.01 32.32
CA ARG H 320 -105.12 29.59 33.17
C ARG H 320 -103.89 30.47 33.02
N GLY H 321 -103.08 30.55 34.07
CA GLY H 321 -101.96 31.48 34.13
C GLY H 321 -102.34 32.85 34.69
N ASP H 322 -101.60 33.89 34.30
CA ASP H 322 -101.71 35.23 34.86
C ASP H 322 -102.93 36.02 34.33
N VAL H 323 -104.13 35.78 34.87
CA VAL H 323 -105.35 36.54 34.53
C VAL H 323 -106.13 36.96 35.77
N VAL H 324 -106.97 37.98 35.64
CA VAL H 324 -107.71 38.58 36.75
C VAL H 324 -109.17 38.71 36.34
N PRO H 325 -110.16 38.39 37.20
CA PRO H 325 -111.59 38.48 36.87
C PRO H 325 -112.07 39.82 36.30
N LYS H 326 -111.44 40.95 36.65
CA LYS H 326 -111.63 42.25 35.97
C LYS H 326 -111.53 42.08 34.45
N ASP H 327 -110.41 41.54 33.99
CA ASP H 327 -110.05 41.43 32.58
C ASP H 327 -110.99 40.52 31.81
N VAL H 328 -111.38 39.42 32.45
CA VAL H 328 -112.29 38.45 31.86
C VAL H 328 -113.68 39.03 31.69
N ASN H 329 -114.23 39.70 32.70
CA ASN H 329 -115.54 40.32 32.55
C ASN H 329 -115.53 41.39 31.45
N ALA H 330 -114.51 42.24 31.42
CA ALA H 330 -114.30 43.24 30.38
C ALA H 330 -114.15 42.64 28.97
N ALA H 331 -113.54 41.46 28.87
CA ALA H 331 -113.45 40.69 27.62
C ALA H 331 -114.81 40.14 27.20
N ILE H 332 -115.51 39.36 28.04
CA ILE H 332 -116.80 38.76 27.63
C ILE H 332 -117.86 39.83 27.34
N ALA H 333 -117.76 41.01 27.94
CA ALA H 333 -118.57 42.16 27.55
C ALA H 333 -118.39 42.57 26.09
N ALA H 334 -117.19 42.51 25.54
CA ALA H 334 -117.00 42.76 24.10
C ALA H 334 -117.57 41.61 23.26
N ILE H 335 -117.43 40.35 23.70
CA ILE H 335 -118.02 39.23 22.98
C ILE H 335 -119.55 39.37 22.93
N LYS H 336 -120.22 39.76 24.02
CA LYS H 336 -121.67 40.02 24.02
C LYS H 336 -122.07 41.20 23.13
N THR H 337 -121.16 42.13 22.85
CA THR H 337 -121.41 43.31 22.02
C THR H 337 -121.40 42.97 20.53
N ARG H 338 -120.59 41.99 20.10
CA ARG H 338 -120.42 41.56 18.70
C ARG H 338 -121.62 40.75 18.17
N ARG H 339 -122.35 41.29 17.18
CA ARG H 339 -123.58 40.69 16.62
C ARG H 339 -123.36 39.44 15.78
N SER H 340 -122.13 39.17 15.32
CA SER H 340 -121.76 37.94 14.63
C SER H 340 -121.65 36.71 15.55
N ILE H 341 -121.41 36.89 16.85
CA ILE H 341 -121.38 35.82 17.86
C ILE H 341 -122.76 35.71 18.51
N GLN H 342 -123.64 34.84 17.99
CA GLN H 342 -125.05 34.83 18.42
C GLN H 342 -125.38 33.68 19.36
N PHE H 343 -125.81 34.01 20.56
CA PHE H 343 -126.35 33.05 21.52
C PHE H 343 -127.84 32.80 21.27
N VAL H 344 -128.33 31.68 21.77
CA VAL H 344 -129.75 31.36 21.87
C VAL H 344 -130.49 32.33 22.80
N ASP H 345 -131.77 32.55 22.54
CA ASP H 345 -132.66 33.45 23.29
C ASP H 345 -132.88 33.01 24.74
N TRP H 346 -132.73 31.72 25.01
CA TRP H 346 -132.98 31.08 26.28
C TRP H 346 -131.74 30.93 27.17
N CYS H 347 -130.57 31.43 26.76
CA CYS H 347 -129.37 31.43 27.59
C CYS H 347 -128.83 32.86 27.73
N PRO H 348 -129.45 33.69 28.60
CA PRO H 348 -129.14 35.11 28.70
C PRO H 348 -127.81 35.39 29.40
N THR H 349 -127.34 34.44 30.21
CA THR H 349 -126.06 34.42 30.91
C THR H 349 -124.93 33.99 29.98
N GLY H 350 -125.07 32.88 29.27
CA GLY H 350 -124.16 32.39 28.22
C GLY H 350 -122.82 31.82 28.67
N PHE H 351 -122.08 32.52 29.52
CA PHE H 351 -120.69 32.22 29.85
C PHE H 351 -120.55 31.67 31.25
N LYS H 352 -119.87 30.53 31.34
CA LYS H 352 -119.26 30.00 32.57
C LYS H 352 -117.77 30.28 32.51
N VAL H 353 -117.24 30.95 33.52
CA VAL H 353 -115.85 31.37 33.60
C VAL H 353 -115.15 30.52 34.65
N GLY H 354 -113.99 29.98 34.30
CA GLY H 354 -113.04 29.38 35.23
C GLY H 354 -111.70 30.10 35.14
N ILE H 355 -110.99 30.27 36.25
CA ILE H 355 -109.69 30.95 36.28
C ILE H 355 -108.77 30.19 37.23
N ASN H 356 -107.61 29.76 36.71
CA ASN H 356 -106.64 28.93 37.41
C ASN H 356 -105.22 29.52 37.40
N TYR H 357 -104.46 29.49 38.50
CA TYR H 357 -103.20 30.23 38.62
C TYR H 357 -101.98 29.56 37.97
N GLN H 358 -102.13 28.36 37.41
CA GLN H 358 -101.01 27.60 36.82
C GLN H 358 -100.90 27.84 35.31
N PRO H 359 -99.82 28.47 34.81
CA PRO H 359 -99.60 28.68 33.38
C PRO H 359 -99.57 27.37 32.58
N PRO H 360 -99.72 27.43 31.25
CA PRO H 360 -99.56 26.27 30.39
C PRO H 360 -98.10 25.79 30.32
N THR H 361 -97.88 24.52 30.61
CA THR H 361 -96.56 23.89 30.53
C THR H 361 -96.14 23.66 29.07
N ALA H 362 -94.95 24.09 28.69
CA ALA H 362 -94.37 23.74 27.38
C ALA H 362 -93.77 22.34 27.41
N VAL H 363 -94.09 21.49 26.44
CA VAL H 363 -93.25 20.32 26.15
C VAL H 363 -91.98 20.83 25.47
N PRO H 364 -90.77 20.52 25.95
CA PRO H 364 -89.53 21.15 25.50
C PRO H 364 -89.20 20.92 24.01
N GLY H 365 -89.62 19.79 23.45
CA GLY H 365 -89.43 19.48 22.03
C GLY H 365 -90.44 20.15 21.09
N GLY H 366 -91.44 20.84 21.60
CA GLY H 366 -92.65 21.24 20.87
C GLY H 366 -92.55 22.56 20.09
N ASP H 367 -93.54 22.77 19.23
CA ASP H 367 -93.65 23.97 18.39
C ASP H 367 -94.34 25.13 19.10
N VAL H 368 -95.23 24.82 20.06
CA VAL H 368 -96.10 25.76 20.77
C VAL H 368 -95.34 26.49 21.88
N ALA H 369 -95.31 27.82 21.83
CA ALA H 369 -94.41 28.69 22.59
C ALA H 369 -94.80 28.91 24.06
N LYS H 370 -93.85 29.37 24.88
CA LYS H 370 -94.09 29.80 26.26
C LYS H 370 -94.88 31.10 26.28
N VAL H 371 -95.93 31.18 27.09
CA VAL H 371 -96.85 32.32 27.15
C VAL H 371 -97.38 32.50 28.57
N LEU H 372 -97.65 33.73 29.00
CA LEU H 372 -98.10 33.98 30.38
C LEU H 372 -99.51 33.47 30.68
N ARG H 373 -100.31 33.26 29.63
CA ARG H 373 -101.74 33.04 29.68
C ARG H 373 -102.15 32.01 28.67
N ALA H 374 -103.20 31.28 28.96
CA ALA H 374 -103.96 30.56 27.98
C ALA H 374 -105.42 30.52 28.41
N VAL H 375 -106.29 30.24 27.45
CA VAL H 375 -107.68 29.92 27.67
C VAL H 375 -107.99 28.68 26.86
N CYS H 376 -108.70 27.74 27.44
CA CYS H 376 -109.40 26.76 26.67
C CYS H 376 -110.86 27.14 26.69
N MET H 377 -111.46 27.32 25.52
CA MET H 377 -112.90 27.55 25.42
C MET H 377 -113.58 26.27 24.96
N LEU H 378 -114.49 25.77 25.78
CA LEU H 378 -115.30 24.61 25.46
C LEU H 378 -116.72 25.12 25.32
N SER H 379 -117.36 24.80 24.21
CA SER H 379 -118.50 25.58 23.71
C SER H 379 -119.59 24.74 23.08
N ASN H 380 -120.75 24.70 23.69
CA ASN H 380 -121.92 24.03 23.13
C ASN H 380 -122.61 24.98 22.13
N THR H 381 -122.67 24.59 20.87
CA THR H 381 -123.20 25.40 19.76
C THR H 381 -123.94 24.55 18.74
N THR H 382 -124.98 25.08 18.11
CA THR H 382 -125.77 24.34 17.10
C THR H 382 -124.97 24.03 15.84
N ALA H 383 -123.89 24.77 15.59
CA ALA H 383 -123.06 24.62 14.39
C ALA H 383 -122.48 23.21 14.19
N ILE H 384 -122.20 22.48 15.26
CA ILE H 384 -121.54 21.17 15.18
C ILE H 384 -122.37 20.15 14.39
N ALA H 385 -123.68 20.33 14.28
CA ALA H 385 -124.54 19.49 13.46
C ALA H 385 -124.14 19.43 11.98
N GLU H 386 -123.36 20.38 11.47
CA GLU H 386 -122.85 20.33 10.11
C GLU H 386 -121.75 19.27 9.97
N ALA H 387 -120.89 19.06 10.96
CA ALA H 387 -119.91 17.97 10.96
C ALA H 387 -120.58 16.59 10.96
N TRP H 388 -121.79 16.47 11.49
CA TRP H 388 -122.63 15.28 11.40
C TRP H 388 -123.34 15.16 10.06
N ALA H 389 -123.83 16.27 9.50
CA ALA H 389 -124.45 16.33 8.18
C ALA H 389 -123.46 16.00 7.05
N ARG H 390 -122.17 16.32 7.21
CA ARG H 390 -121.11 15.88 6.28
C ARG H 390 -121.01 14.36 6.27
N LEU H 391 -120.86 13.76 7.43
CA LEU H 391 -120.50 12.37 7.54
C LEU H 391 -121.66 11.42 7.27
N ASP H 392 -122.90 11.78 7.64
CA ASP H 392 -124.05 10.95 7.29
C ASP H 392 -124.40 11.01 5.78
N HIS H 393 -123.96 12.04 5.04
CA HIS H 393 -123.96 12.07 3.58
C HIS H 393 -122.86 11.19 2.95
N LYS H 394 -121.72 10.97 3.62
CA LYS H 394 -120.74 9.94 3.21
C LYS H 394 -121.26 8.52 3.45
N PHE H 395 -121.92 8.30 4.58
CA PHE H 395 -122.57 7.03 4.91
C PHE H 395 -123.65 6.66 3.90
N ASP H 396 -124.50 7.62 3.52
CA ASP H 396 -125.63 7.36 2.64
C ASP H 396 -125.24 6.83 1.26
N LEU H 397 -124.16 7.34 0.65
CA LEU H 397 -123.65 6.87 -0.63
C LEU H 397 -123.19 5.42 -0.60
N MET H 398 -122.57 4.99 0.50
CA MET H 398 -122.05 3.64 0.66
C MET H 398 -123.13 2.65 1.10
N TYR H 399 -124.02 3.02 2.01
CA TYR H 399 -125.08 2.12 2.45
C TYR H 399 -126.15 1.91 1.37
N SER H 400 -126.39 2.87 0.47
CA SER H 400 -127.25 2.68 -0.70
C SER H 400 -126.76 1.56 -1.64
N LYS H 401 -125.46 1.24 -1.64
CA LYS H 401 -124.88 0.11 -2.37
C LYS H 401 -124.60 -1.12 -1.50
N ARG H 402 -124.74 -1.02 -0.18
CA ARG H 402 -124.21 -1.95 0.83
C ARG H 402 -122.69 -2.15 0.68
N ALA H 403 -121.99 -1.08 0.34
CA ALA H 403 -120.68 -1.07 -0.29
C ALA H 403 -119.58 -1.86 0.41
N PHE H 404 -119.54 -1.99 1.73
CA PHE H 404 -118.56 -2.82 2.46
C PHE H 404 -119.20 -3.72 3.53
N VAL H 405 -120.52 -3.88 3.49
CA VAL H 405 -121.32 -4.40 4.61
C VAL H 405 -121.02 -5.87 4.93
N HIS H 406 -120.54 -6.67 3.98
CA HIS H 406 -120.22 -8.08 4.19
C HIS H 406 -119.08 -8.32 5.21
N TRP H 407 -118.17 -7.37 5.40
CA TRP H 407 -117.11 -7.47 6.41
C TRP H 407 -117.65 -7.31 7.84
N TYR H 408 -118.74 -6.57 8.02
CA TYR H 408 -119.38 -6.32 9.32
C TYR H 408 -120.39 -7.44 9.65
N VAL H 409 -121.22 -7.81 8.67
CA VAL H 409 -122.13 -8.96 8.77
C VAL H 409 -121.36 -10.28 8.93
N GLY H 410 -120.19 -10.39 8.31
CA GLY H 410 -119.32 -11.57 8.42
C GLY H 410 -118.67 -11.76 9.77
N GLU H 411 -118.63 -10.74 10.63
CA GLU H 411 -118.00 -10.76 11.97
C GLU H 411 -119.01 -10.62 13.11
N GLY H 412 -120.26 -10.99 12.87
CA GLY H 412 -121.30 -11.15 13.88
C GLY H 412 -122.24 -9.97 14.08
N MET H 413 -122.17 -8.91 13.27
CA MET H 413 -123.11 -7.80 13.38
C MET H 413 -124.42 -8.06 12.64
N GLU H 414 -125.55 -7.62 13.21
CA GLU H 414 -126.85 -7.56 12.53
C GLU H 414 -126.81 -6.51 11.41
N GLU H 415 -127.29 -6.81 10.20
CA GLU H 415 -127.30 -5.84 9.10
C GLU H 415 -128.16 -4.61 9.43
N GLY H 416 -129.25 -4.79 10.17
CA GLY H 416 -130.15 -3.74 10.61
C GLY H 416 -129.53 -2.69 11.54
N GLU H 417 -128.39 -2.97 12.18
CA GLU H 417 -127.69 -1.98 13.03
C GLU H 417 -127.21 -0.76 12.24
N PHE H 418 -126.91 -0.90 10.94
CA PHE H 418 -126.54 0.23 10.09
C PHE H 418 -127.71 1.21 9.91
N SER H 419 -128.91 0.70 9.67
CA SER H 419 -130.12 1.50 9.59
C SER H 419 -130.49 2.12 10.95
N GLU H 420 -130.46 1.32 12.02
CA GLU H 420 -130.66 1.74 13.41
C GLU H 420 -129.62 2.77 13.91
N ALA H 421 -128.40 2.80 13.38
CA ALA H 421 -127.39 3.82 13.66
C ALA H 421 -127.55 5.10 12.84
N ARG H 422 -127.89 5.01 11.55
CA ARG H 422 -128.19 6.18 10.71
C ARG H 422 -129.46 6.90 11.16
N GLU H 423 -130.41 6.14 11.69
CA GLU H 423 -131.66 6.61 12.30
C GLU H 423 -131.41 7.40 13.58
N ASP H 424 -130.61 6.85 14.49
CA ASP H 424 -130.26 7.48 15.76
C ASP H 424 -129.38 8.72 15.56
N MET H 425 -128.50 8.74 14.57
CA MET H 425 -127.78 9.95 14.20
C MET H 425 -128.73 11.04 13.66
N ALA H 426 -129.71 10.71 12.83
CA ALA H 426 -130.70 11.68 12.36
C ALA H 426 -131.56 12.28 13.49
N ALA H 427 -131.84 11.53 14.55
CA ALA H 427 -132.48 12.04 15.75
C ALA H 427 -131.57 12.96 16.59
N LEU H 428 -130.25 12.78 16.62
CA LEU H 428 -129.33 13.74 17.23
C LEU H 428 -129.17 15.02 16.39
N GLU H 429 -129.05 14.87 15.07
CA GLU H 429 -128.95 16.00 14.16
C GLU H 429 -130.25 16.82 14.13
N LYS H 430 -131.41 16.19 14.39
CA LYS H 430 -132.70 16.82 14.68
C LYS H 430 -132.67 17.61 15.98
N ASP H 431 -132.23 17.01 17.09
CA ASP H 431 -132.17 17.66 18.41
C ASP H 431 -131.34 18.95 18.41
N TYR H 432 -130.16 18.98 17.78
CA TYR H 432 -129.33 20.19 17.68
C TYR H 432 -129.92 21.30 16.79
N GLU H 433 -130.74 20.97 15.81
CA GLU H 433 -131.48 21.93 15.01
C GLU H 433 -132.72 22.46 15.75
N GLU H 434 -133.39 21.59 16.50
CA GLU H 434 -134.60 21.89 17.27
C GLU H 434 -134.39 22.92 18.39
N VAL H 435 -133.26 22.89 19.11
CA VAL H 435 -133.00 23.79 20.26
C VAL H 435 -132.46 25.17 19.90
N GLY H 436 -132.12 25.43 18.63
CA GLY H 436 -131.61 26.73 18.20
C GLY H 436 -132.66 27.84 18.10
N THR H 437 -133.94 27.49 18.22
CA THR H 437 -135.05 28.33 17.75
C THR H 437 -135.53 29.30 18.84
N MET I 1 -86.33 -24.90 76.25
CA MET I 1 -87.66 -24.28 76.19
C MET I 1 -87.97 -23.93 74.75
N ARG I 2 -89.16 -24.32 74.27
CA ARG I 2 -89.72 -24.01 72.94
C ARG I 2 -89.01 -24.66 71.76
N GLU I 3 -88.43 -25.84 71.93
CA GLU I 3 -87.81 -26.59 70.85
C GLU I 3 -88.82 -27.16 69.84
N CYS I 4 -88.40 -27.41 68.59
CA CYS I 4 -89.14 -28.24 67.62
C CYS I 4 -88.19 -29.21 66.91
N ILE I 5 -88.54 -30.49 66.86
CA ILE I 5 -87.81 -31.49 66.06
C ILE I 5 -88.43 -31.58 64.67
N SER I 6 -87.67 -31.23 63.64
CA SER I 6 -88.12 -31.23 62.26
C SER I 6 -87.70 -32.50 61.54
N VAL I 7 -88.63 -33.34 61.08
CA VAL I 7 -88.30 -34.60 60.41
C VAL I 7 -88.67 -34.51 58.93
N HIS I 8 -87.67 -34.62 58.08
CA HIS I 8 -87.74 -34.47 56.63
C HIS I 8 -87.62 -35.82 55.93
N VAL I 9 -88.71 -36.32 55.34
CA VAL I 9 -88.83 -37.71 54.85
C VAL I 9 -88.99 -37.79 53.34
N GLY I 10 -88.27 -38.73 52.71
CA GLY I 10 -88.29 -38.93 51.27
C GLY I 10 -87.66 -37.78 50.49
N GLN I 11 -87.78 -37.73 49.16
CA GLN I 11 -87.18 -36.67 48.35
C GLN I 11 -87.85 -35.31 48.56
N ALA I 12 -89.18 -35.24 48.50
CA ALA I 12 -89.92 -34.01 48.74
C ALA I 12 -89.65 -33.40 50.12
N GLY I 13 -89.72 -34.18 51.20
CA GLY I 13 -89.48 -33.69 52.54
C GLY I 13 -88.06 -33.21 52.76
N VAL I 14 -87.07 -33.93 52.24
CA VAL I 14 -85.64 -33.55 52.28
C VAL I 14 -85.37 -32.31 51.46
N GLN I 15 -85.97 -32.14 50.28
CA GLN I 15 -85.76 -30.98 49.44
C GLN I 15 -86.48 -29.72 49.95
N ILE I 16 -87.67 -29.87 50.55
CA ILE I 16 -88.30 -28.81 51.34
C ILE I 16 -87.42 -28.48 52.54
N GLY I 17 -86.86 -29.48 53.23
CA GLY I 17 -85.90 -29.29 54.31
C GLY I 17 -84.67 -28.51 53.90
N ASN I 18 -84.09 -28.80 52.74
CA ASN I 18 -82.96 -28.05 52.19
C ASN I 18 -83.30 -26.58 51.86
N SER I 19 -84.59 -26.22 51.76
CA SER I 19 -85.08 -24.85 51.71
C SER I 19 -85.43 -24.27 53.09
N CYS I 20 -86.01 -25.07 53.99
CA CYS I 20 -86.30 -24.69 55.37
C CYS I 20 -85.02 -24.28 56.09
N TRP I 21 -84.00 -25.14 56.06
CA TRP I 21 -82.72 -24.89 56.72
C TRP I 21 -81.88 -23.84 56.01
N GLU I 22 -82.07 -23.62 54.71
CA GLU I 22 -81.52 -22.46 54.01
C GLU I 22 -82.09 -21.16 54.59
N LEU I 23 -83.41 -21.11 54.81
CA LEU I 23 -84.10 -19.96 55.39
C LEU I 23 -83.72 -19.76 56.86
N TYR I 24 -83.89 -20.76 57.73
CA TYR I 24 -83.66 -20.62 59.17
C TYR I 24 -82.24 -20.14 59.47
N CYS I 25 -81.24 -20.61 58.71
CA CYS I 25 -79.88 -20.13 58.84
C CYS I 25 -79.74 -18.65 58.54
N LEU I 26 -80.38 -18.13 57.47
CA LEU I 26 -80.35 -16.70 57.18
C LEU I 26 -81.09 -15.88 58.25
N GLU I 27 -82.24 -16.37 58.68
CA GLU I 27 -83.12 -15.66 59.57
C GLU I 27 -82.54 -15.49 60.99
N HIS I 28 -81.76 -16.48 61.46
CA HIS I 28 -81.01 -16.46 62.72
C HIS I 28 -79.55 -16.04 62.58
N GLY I 29 -79.06 -15.77 61.37
CA GLY I 29 -77.70 -15.33 61.11
C GLY I 29 -76.64 -16.39 61.38
N LEU I 30 -76.96 -17.65 61.10
CA LEU I 30 -76.06 -18.80 61.20
C LEU I 30 -75.45 -19.05 59.82
N GLN I 31 -74.12 -19.15 59.75
CA GLN I 31 -73.38 -19.50 58.55
C GLN I 31 -73.70 -20.93 58.09
N PRO I 32 -73.49 -21.30 56.82
CA PRO I 32 -73.75 -22.67 56.37
C PRO I 32 -72.81 -23.71 56.99
N ASP I 33 -71.74 -23.32 57.69
CA ASP I 33 -70.90 -24.21 58.52
C ASP I 33 -71.39 -24.32 59.98
N GLY I 34 -72.56 -23.76 60.30
CA GLY I 34 -73.17 -23.76 61.61
C GLY I 34 -72.64 -22.72 62.60
N THR I 35 -71.63 -21.92 62.26
CA THR I 35 -71.11 -20.88 63.17
C THR I 35 -71.95 -19.58 63.12
N MET I 36 -71.84 -18.70 64.11
CA MET I 36 -72.64 -17.47 64.21
C MET I 36 -71.79 -16.25 64.61
N PRO I 37 -71.44 -15.34 63.68
CA PRO I 37 -70.66 -14.14 63.98
C PRO I 37 -71.49 -13.09 64.73
N SER I 38 -70.84 -12.06 65.27
CA SER I 38 -71.46 -10.91 65.95
C SER I 38 -70.69 -9.61 65.72
N ASP I 46 -79.12 -14.19 72.62
CA ASP I 46 -80.50 -13.81 72.63
C ASP I 46 -81.48 -15.00 72.62
N SER I 47 -80.97 -16.21 72.37
CA SER I 47 -81.68 -17.49 72.33
C SER I 47 -82.85 -17.59 71.34
N SER I 48 -82.95 -16.71 70.35
CA SER I 48 -84.00 -16.80 69.32
C SER I 48 -83.86 -18.05 68.45
N PHE I 49 -82.64 -18.48 68.14
CA PHE I 49 -82.31 -19.70 67.40
C PHE I 49 -82.71 -21.00 68.14
N GLY I 50 -82.97 -20.98 69.46
CA GLY I 50 -83.03 -22.19 70.27
C GLY I 50 -84.14 -23.15 69.84
N THR I 51 -85.21 -22.65 69.20
CA THR I 51 -86.31 -23.51 68.75
C THR I 51 -85.84 -24.52 67.71
N PHE I 52 -84.91 -24.12 66.83
CA PHE I 52 -84.44 -24.89 65.70
C PHE I 52 -82.99 -25.34 65.83
N PHE I 53 -82.16 -24.76 66.70
CA PHE I 53 -80.75 -25.15 66.79
C PHE I 53 -80.31 -25.42 68.21
N SER I 54 -79.68 -26.57 68.43
CA SER I 54 -78.87 -26.87 69.60
C SER I 54 -77.51 -26.14 69.48
N GLU I 55 -76.97 -25.55 70.54
CA GLU I 55 -75.67 -24.86 70.51
C GLU I 55 -74.61 -25.66 71.26
N THR I 56 -73.50 -26.00 70.61
CA THR I 56 -72.34 -26.67 71.24
C THR I 56 -71.28 -25.66 71.68
N GLY I 57 -70.44 -26.01 72.64
CA GLY I 57 -69.49 -25.11 73.31
C GLY I 57 -68.45 -24.44 72.41
N SER I 58 -68.19 -24.98 71.22
CA SER I 58 -67.37 -24.36 70.19
C SER I 58 -68.01 -23.09 69.58
N GLY I 59 -69.29 -22.81 69.86
CA GLY I 59 -70.08 -21.76 69.22
C GLY I 59 -70.65 -22.19 67.87
N LYS I 60 -70.91 -23.48 67.71
CA LYS I 60 -71.52 -24.11 66.54
C LYS I 60 -72.98 -24.44 66.84
N HIS I 61 -73.88 -23.98 66.00
CA HIS I 61 -75.32 -24.22 66.11
C HIS I 61 -75.69 -25.35 65.15
N VAL I 62 -76.19 -26.45 65.71
CA VAL I 62 -76.51 -27.69 65.01
C VAL I 62 -78.02 -27.83 64.96
N PRO I 63 -78.63 -28.05 63.79
CA PRO I 63 -80.08 -28.06 63.66
C PRO I 63 -80.76 -29.24 64.37
N ARG I 64 -81.92 -28.98 64.95
CA ARG I 64 -82.84 -29.96 65.53
C ARG I 64 -83.67 -30.62 64.43
N ALA I 65 -82.99 -31.30 63.52
CA ALA I 65 -83.58 -31.91 62.34
C ALA I 65 -83.12 -33.35 62.15
N VAL I 66 -83.98 -34.19 61.60
CA VAL I 66 -83.62 -35.52 61.10
C VAL I 66 -84.00 -35.58 59.63
N PHE I 67 -83.08 -36.02 58.77
CA PHE I 67 -83.34 -36.23 57.36
C PHE I 67 -83.35 -37.72 57.09
N VAL I 68 -84.42 -38.27 56.52
CA VAL I 68 -84.56 -39.72 56.28
C VAL I 68 -84.99 -39.99 54.86
N ASP I 69 -84.29 -40.89 54.19
CA ASP I 69 -84.64 -41.36 52.87
C ASP I 69 -84.23 -42.83 52.77
N LEU I 70 -85.01 -43.66 52.08
CA LEU I 70 -84.71 -45.08 51.99
C LEU I 70 -83.61 -45.39 50.96
N GLU I 71 -83.35 -44.45 50.05
CA GLU I 71 -82.26 -44.45 49.07
C GLU I 71 -81.23 -43.32 49.33
N GLN I 72 -79.98 -43.45 48.85
CA GLN I 72 -78.91 -42.54 49.23
C GLN I 72 -78.90 -41.21 48.50
N THR I 73 -79.51 -41.06 47.32
CA THR I 73 -79.10 -40.05 46.33
C THR I 73 -79.28 -38.60 46.78
N VAL I 74 -80.43 -38.28 47.37
CA VAL I 74 -80.80 -36.92 47.78
C VAL I 74 -80.09 -36.49 49.05
N ILE I 75 -79.95 -37.38 50.05
CA ILE I 75 -79.20 -37.06 51.26
C ILE I 75 -77.69 -37.07 51.03
N GLY I 76 -77.14 -37.91 50.13
CA GLY I 76 -75.73 -37.79 49.73
C GLY I 76 -75.41 -36.45 49.07
N GLU I 77 -76.40 -35.78 48.48
CA GLU I 77 -76.26 -34.44 47.96
C GLU I 77 -76.26 -33.39 49.08
N ILE I 78 -77.07 -33.56 50.12
CA ILE I 78 -77.04 -32.75 51.36
C ILE I 78 -75.71 -32.93 52.08
N ARG I 79 -75.17 -34.15 52.17
CA ARG I 79 -73.83 -34.49 52.69
C ARG I 79 -72.65 -33.97 51.86
N ASN I 80 -72.87 -33.30 50.73
CA ASN I 80 -71.81 -32.86 49.81
C ASN I 80 -71.92 -31.37 49.44
N GLY I 81 -73.13 -30.81 49.43
CA GLY I 81 -73.38 -29.40 49.14
C GLY I 81 -73.01 -28.43 50.27
N PRO I 82 -73.42 -27.17 50.17
CA PRO I 82 -73.02 -26.10 51.11
C PRO I 82 -73.39 -26.36 52.57
N TYR I 83 -74.38 -27.20 52.85
CA TYR I 83 -74.81 -27.54 54.21
C TYR I 83 -74.17 -28.82 54.78
N ARG I 84 -73.14 -29.40 54.15
CA ARG I 84 -72.44 -30.60 54.66
C ARG I 84 -71.90 -30.46 56.09
N SER I 85 -71.52 -29.25 56.49
CA SER I 85 -71.00 -28.90 57.81
C SER I 85 -72.07 -28.42 58.81
N LEU I 86 -73.32 -28.23 58.39
CA LEU I 86 -74.39 -27.81 59.28
C LEU I 86 -74.89 -28.96 60.16
N PHE I 87 -75.28 -30.06 59.53
CA PHE I 87 -75.95 -31.18 60.18
C PHE I 87 -74.97 -32.11 60.88
N HIS I 88 -75.42 -32.72 61.97
CA HIS I 88 -74.74 -33.86 62.59
C HIS I 88 -74.74 -35.06 61.62
N PRO I 89 -73.61 -35.70 61.34
CA PRO I 89 -73.52 -36.69 60.26
C PRO I 89 -74.40 -37.92 60.44
N GLU I 90 -74.75 -38.31 61.66
CA GLU I 90 -75.64 -39.47 61.91
C GLU I 90 -77.13 -39.12 62.00
N GLN I 91 -77.55 -37.86 61.83
CA GLN I 91 -78.96 -37.49 61.68
C GLN I 91 -79.38 -37.21 60.23
N LEU I 92 -78.45 -37.36 59.30
CA LEU I 92 -78.69 -37.58 57.88
C LEU I 92 -78.70 -39.10 57.62
N ILE I 93 -79.87 -39.72 57.55
CA ILE I 93 -80.03 -41.19 57.63
C ILE I 93 -80.45 -41.75 56.28
N THR I 94 -79.75 -42.77 55.79
CA THR I 94 -80.02 -43.40 54.48
C THR I 94 -80.02 -44.91 54.54
N GLY I 95 -80.88 -45.54 53.75
CA GLY I 95 -80.81 -46.96 53.39
C GLY I 95 -80.07 -47.22 52.08
N LYS I 96 -80.08 -48.49 51.66
CA LYS I 96 -79.55 -48.96 50.37
C LYS I 96 -80.58 -48.93 49.24
N GLU I 97 -81.86 -49.17 49.55
CA GLU I 97 -82.91 -49.55 48.61
C GLU I 97 -84.05 -48.52 48.55
N ASP I 98 -84.32 -48.00 47.36
CA ASP I 98 -85.45 -47.14 47.05
C ASP I 98 -86.81 -47.82 47.41
N ALA I 99 -87.81 -47.04 47.85
CA ALA I 99 -89.17 -47.51 48.12
C ALA I 99 -90.08 -47.65 46.88
N ALA I 100 -89.61 -47.25 45.70
CA ALA I 100 -90.19 -47.51 44.40
C ALA I 100 -91.61 -46.97 44.18
N ASN I 101 -92.00 -45.88 44.84
CA ASN I 101 -93.35 -45.35 44.88
C ASN I 101 -94.37 -46.39 45.33
N ASN I 102 -93.94 -47.33 46.17
CA ASN I 102 -94.76 -48.38 46.70
C ASN I 102 -94.89 -48.19 48.22
N TYR I 103 -96.09 -47.84 48.73
CA TYR I 103 -96.34 -47.68 50.16
C TYR I 103 -95.84 -48.85 50.99
N ALA I 104 -96.01 -50.07 50.50
CA ALA I 104 -95.71 -51.28 51.25
C ALA I 104 -94.21 -51.50 51.42
N ARG I 105 -93.35 -51.05 50.49
CA ARG I 105 -91.90 -51.04 50.71
C ARG I 105 -91.53 -50.05 51.78
N GLY I 106 -92.12 -48.86 51.78
CA GLY I 106 -91.85 -47.86 52.81
C GLY I 106 -92.25 -48.33 54.20
N HIS I 107 -93.45 -48.87 54.33
CA HIS I 107 -94.04 -49.26 55.60
C HIS I 107 -93.65 -50.64 56.13
N TYR I 108 -93.67 -51.69 55.30
CA TYR I 108 -93.58 -53.09 55.75
C TYR I 108 -92.21 -53.75 55.53
N THR I 109 -91.49 -53.42 54.47
CA THR I 109 -90.38 -54.22 53.97
C THR I 109 -89.00 -53.54 54.07
N ILE I 110 -88.86 -52.31 53.56
CA ILE I 110 -87.57 -51.60 53.54
C ILE I 110 -87.42 -50.64 54.70
N GLY I 111 -88.44 -49.83 55.00
CA GLY I 111 -88.42 -48.89 56.11
C GLY I 111 -88.43 -49.56 57.48
N LYS I 112 -88.96 -50.78 57.57
CA LYS I 112 -88.87 -51.73 58.70
C LYS I 112 -87.43 -51.91 59.22
N GLU I 113 -86.42 -51.73 58.38
CA GLU I 113 -85.01 -51.84 58.78
C GLU I 113 -84.40 -50.56 59.33
N LEU I 114 -84.72 -49.39 58.76
CA LEU I 114 -84.15 -48.10 59.17
C LEU I 114 -84.87 -47.45 60.36
N ILE I 115 -86.11 -47.84 60.66
CA ILE I 115 -86.96 -47.17 61.65
C ILE I 115 -86.35 -47.07 63.05
N ASP I 116 -85.76 -48.14 63.58
CA ASP I 116 -85.20 -48.15 64.94
C ASP I 116 -83.91 -47.33 65.06
N SER I 117 -83.27 -46.96 63.94
CA SER I 117 -82.19 -45.99 63.86
C SER I 117 -82.74 -44.57 63.75
N VAL I 118 -83.84 -44.35 63.02
CA VAL I 118 -84.52 -43.05 62.94
C VAL I 118 -85.04 -42.62 64.30
N LEU I 119 -85.66 -43.52 65.04
CA LEU I 119 -86.12 -43.25 66.40
C LEU I 119 -85.00 -42.93 67.37
N ASP I 120 -83.84 -43.56 67.22
CA ASP I 120 -82.69 -43.35 68.11
C ASP I 120 -82.13 -41.93 68.01
N ARG I 121 -82.08 -41.38 66.80
CA ARG I 121 -81.79 -39.96 66.58
C ARG I 121 -82.85 -39.03 67.13
N VAL I 122 -84.13 -39.34 66.96
CA VAL I 122 -85.21 -38.49 67.50
C VAL I 122 -85.17 -38.50 69.03
N ARG I 123 -84.90 -39.65 69.67
CA ARG I 123 -84.63 -39.75 71.11
C ARG I 123 -83.45 -38.88 71.56
N LYS I 124 -82.29 -38.97 70.88
CA LYS I 124 -81.12 -38.14 71.18
C LYS I 124 -81.33 -36.64 70.91
N MET I 125 -82.31 -36.24 70.11
CA MET I 125 -82.71 -34.84 69.96
C MET I 125 -83.68 -34.39 71.04
N ALA I 126 -84.69 -35.19 71.37
CA ALA I 126 -85.67 -34.89 72.39
C ALA I 126 -85.04 -34.80 73.78
N ASP I 127 -84.06 -35.65 74.10
CA ASP I 127 -83.28 -35.57 75.33
C ASP I 127 -82.40 -34.31 75.47
N GLN I 128 -82.15 -33.57 74.38
CA GLN I 128 -81.51 -32.25 74.38
C GLN I 128 -82.51 -31.08 74.48
N CYS I 129 -83.81 -31.33 74.34
CA CYS I 129 -84.88 -30.35 74.54
C CYS I 129 -85.26 -30.23 76.02
N SER I 130 -85.88 -29.11 76.38
CA SER I 130 -86.43 -28.83 77.71
C SER I 130 -87.78 -28.16 77.51
N GLY I 131 -88.86 -28.91 77.55
CA GLY I 131 -90.14 -28.44 77.05
C GLY I 131 -90.16 -28.33 75.52
N LEU I 132 -89.97 -29.48 74.87
CA LEU I 132 -90.16 -29.67 73.42
C LEU I 132 -91.59 -29.29 73.04
N GLN I 133 -91.77 -28.42 72.06
CA GLN I 133 -93.06 -27.87 71.69
C GLN I 133 -93.88 -28.82 70.81
N GLY I 134 -93.19 -29.55 69.93
CA GLY I 134 -93.80 -30.49 69.00
C GLY I 134 -92.82 -30.99 67.94
N PHE I 135 -93.36 -31.67 66.94
CA PHE I 135 -92.66 -32.19 65.75
C PHE I 135 -93.14 -31.47 64.50
N LEU I 136 -92.26 -31.17 63.57
CA LEU I 136 -92.61 -30.65 62.25
C LEU I 136 -92.23 -31.70 61.20
N VAL I 137 -93.19 -32.45 60.67
CA VAL I 137 -92.93 -33.60 59.76
C VAL I 137 -93.22 -33.26 58.30
N PHE I 138 -92.20 -33.29 57.45
CA PHE I 138 -92.27 -32.90 56.03
C PHE I 138 -92.18 -34.09 55.10
N HIS I 139 -93.13 -34.23 54.18
CA HIS I 139 -93.21 -35.40 53.30
C HIS I 139 -94.09 -35.21 52.06
N SER I 140 -94.00 -36.15 51.12
CA SER I 140 -94.88 -36.31 49.98
C SER I 140 -95.94 -37.35 50.28
N PHE I 141 -97.21 -37.07 49.95
CA PHE I 141 -98.29 -38.05 50.02
C PHE I 141 -98.18 -39.12 48.91
N GLY I 142 -97.56 -38.79 47.80
CA GLY I 142 -97.47 -39.65 46.62
C GLY I 142 -96.30 -40.62 46.60
N GLY I 143 -95.26 -40.34 47.36
CA GLY I 143 -94.06 -41.17 47.47
C GLY I 143 -94.27 -42.50 48.20
N GLY I 144 -93.40 -43.47 47.96
CA GLY I 144 -93.31 -44.70 48.73
C GLY I 144 -92.68 -44.47 50.10
N THR I 145 -91.57 -43.73 50.17
CA THR I 145 -90.98 -43.30 51.45
C THR I 145 -91.86 -42.24 52.12
N GLY I 146 -92.31 -41.23 51.37
CA GLY I 146 -93.24 -40.21 51.80
C GLY I 146 -94.49 -40.73 52.51
N SER I 147 -95.22 -41.69 51.95
CA SER I 147 -96.41 -42.28 52.57
C SER I 147 -96.10 -43.41 53.57
N GLY I 148 -95.36 -44.43 53.14
CA GLY I 148 -95.11 -45.64 53.90
C GLY I 148 -94.13 -45.45 55.04
N PHE I 149 -93.05 -44.70 54.85
CA PHE I 149 -92.11 -44.49 55.95
C PHE I 149 -92.64 -43.47 56.96
N THR I 150 -93.27 -42.38 56.52
CA THR I 150 -93.89 -41.43 57.45
C THR I 150 -94.97 -42.10 58.29
N SER I 151 -95.77 -42.98 57.71
CA SER I 151 -96.81 -43.70 58.43
C SER I 151 -96.26 -44.76 59.40
N LEU I 152 -95.10 -45.34 59.10
CA LEU I 152 -94.36 -46.19 60.04
C LEU I 152 -93.78 -45.37 61.19
N LEU I 153 -93.14 -44.25 60.89
CA LEU I 153 -92.57 -43.37 61.90
C LEU I 153 -93.63 -42.75 62.82
N MET I 154 -94.69 -42.16 62.28
CA MET I 154 -95.73 -41.52 63.08
C MET I 154 -96.41 -42.48 64.06
N GLU I 155 -96.61 -43.75 63.69
CA GLU I 155 -97.19 -44.75 64.57
C GLU I 155 -96.32 -44.97 65.81
N ARG I 156 -95.00 -44.92 65.65
CA ARG I 156 -94.02 -45.00 66.74
C ARG I 156 -93.98 -43.74 67.58
N LEU I 157 -93.87 -42.57 66.96
CA LEU I 157 -93.86 -41.29 67.69
C LEU I 157 -95.16 -41.06 68.46
N SER I 158 -96.30 -41.61 68.02
CA SER I 158 -97.59 -41.43 68.71
C SER I 158 -97.80 -42.36 69.91
N VAL I 159 -96.96 -43.38 70.11
CA VAL I 159 -96.84 -44.13 71.37
C VAL I 159 -95.67 -43.64 72.22
N ASP I 160 -94.55 -43.25 71.60
CA ASP I 160 -93.37 -42.76 72.33
C ASP I 160 -93.51 -41.35 72.91
N TYR I 161 -94.20 -40.44 72.21
CA TYR I 161 -94.36 -39.02 72.56
C TYR I 161 -95.84 -38.61 72.50
N GLY I 162 -96.73 -39.35 73.12
CA GLY I 162 -98.17 -39.22 72.93
C GLY I 162 -98.76 -37.82 73.16
N LYS I 163 -98.24 -37.06 74.12
CA LYS I 163 -98.72 -35.70 74.44
C LYS I 163 -98.30 -34.64 73.41
N LYS I 164 -97.13 -34.79 72.79
CA LYS I 164 -96.48 -33.75 71.96
C LYS I 164 -97.20 -33.53 70.63
N SER I 165 -97.41 -32.26 70.26
CA SER I 165 -98.12 -31.89 69.01
C SER I 165 -97.34 -32.27 67.76
N LYS I 166 -97.96 -33.01 66.85
CA LYS I 166 -97.35 -33.44 65.59
C LYS I 166 -97.97 -32.65 64.44
N LEU I 167 -97.24 -31.65 63.97
CA LEU I 167 -97.61 -30.81 62.83
C LEU I 167 -97.01 -31.42 61.58
N GLU I 168 -97.75 -31.45 60.49
CA GLU I 168 -97.35 -32.25 59.34
C GLU I 168 -97.59 -31.51 58.03
N PHE I 169 -96.55 -31.36 57.22
CA PHE I 169 -96.57 -30.60 55.98
C PHE I 169 -96.46 -31.55 54.80
N SER I 170 -97.53 -31.65 54.03
CA SER I 170 -97.69 -32.69 53.02
C SER I 170 -97.82 -32.12 51.64
N VAL I 171 -96.96 -32.53 50.72
CA VAL I 171 -97.18 -32.31 49.29
C VAL I 171 -98.14 -33.37 48.77
N TYR I 172 -99.34 -32.95 48.38
CA TYR I 172 -100.52 -33.73 48.08
C TYR I 172 -100.80 -33.77 46.58
N PRO I 173 -101.31 -34.88 46.00
CA PRO I 173 -101.63 -34.94 44.57
C PRO I 173 -102.60 -33.87 44.04
N ALA I 174 -102.34 -33.39 42.83
CA ALA I 174 -103.07 -32.31 42.18
C ALA I 174 -104.30 -32.78 41.37
N PRO I 175 -105.16 -31.86 40.89
CA PRO I 175 -106.22 -32.20 39.94
C PRO I 175 -105.68 -32.83 38.64
N ARG I 176 -104.65 -32.24 38.00
CA ARG I 176 -104.14 -32.67 36.69
C ARG I 176 -102.65 -33.06 36.71
N ILE I 177 -101.80 -32.24 37.34
CA ILE I 177 -100.36 -32.51 37.49
C ILE I 177 -100.12 -33.72 38.38
N SER I 178 -99.34 -34.67 37.86
CA SER I 178 -98.95 -35.88 38.58
C SER I 178 -97.62 -36.39 38.04
N THR I 179 -96.84 -37.07 38.87
CA THR I 179 -95.50 -37.57 38.51
C THR I 179 -95.43 -39.10 38.47
N ALA I 180 -96.49 -39.77 38.90
CA ALA I 180 -96.58 -41.21 39.13
C ALA I 180 -97.97 -41.71 38.75
N VAL I 181 -98.04 -42.98 38.40
CA VAL I 181 -99.31 -43.64 38.10
C VAL I 181 -100.00 -44.05 39.40
N VAL I 182 -99.24 -44.42 40.43
CA VAL I 182 -99.72 -44.97 41.71
C VAL I 182 -99.85 -43.94 42.85
N GLU I 183 -99.70 -42.65 42.55
CA GLU I 183 -99.89 -41.51 43.47
C GLU I 183 -101.25 -41.55 44.23
N PRO I 184 -102.40 -41.93 43.62
CA PRO I 184 -103.68 -42.12 44.33
C PRO I 184 -103.68 -43.25 45.37
N TYR I 185 -102.99 -44.36 45.11
CA TYR I 185 -102.87 -45.47 46.05
C TYR I 185 -102.08 -45.09 47.28
N ASN I 186 -100.93 -44.43 47.11
CA ASN I 186 -100.08 -44.04 48.23
C ASN I 186 -100.74 -42.98 49.12
N SER I 187 -101.47 -42.05 48.51
CA SER I 187 -102.17 -41.00 49.22
C SER I 187 -103.33 -41.51 50.06
N ILE I 188 -104.18 -42.37 49.51
CA ILE I 188 -105.32 -42.96 50.24
C ILE I 188 -104.84 -43.86 51.39
N LEU I 189 -103.81 -44.67 51.18
CA LEU I 189 -103.18 -45.46 52.26
C LEU I 189 -102.58 -44.60 53.39
N THR I 190 -102.19 -43.36 53.10
CA THR I 190 -101.71 -42.40 54.11
C THR I 190 -102.81 -41.82 55.00
N THR I 191 -104.08 -41.81 54.58
CA THR I 191 -105.18 -41.14 55.32
C THR I 191 -105.41 -41.64 56.75
N HIS I 192 -104.99 -42.86 57.09
CA HIS I 192 -105.00 -43.33 58.48
C HIS I 192 -103.95 -42.62 59.34
N THR I 193 -102.81 -42.27 58.74
CA THR I 193 -101.70 -41.61 59.42
C THR I 193 -102.13 -40.25 59.88
N THR I 194 -102.61 -39.44 58.95
CA THR I 194 -103.07 -38.09 59.25
C THR I 194 -104.26 -38.10 60.18
N LEU I 195 -105.27 -38.96 60.00
CA LEU I 195 -106.40 -39.03 60.93
C LEU I 195 -106.01 -39.43 62.35
N GLU I 196 -105.23 -40.48 62.55
CA GLU I 196 -105.02 -41.07 63.88
C GLU I 196 -103.75 -40.57 64.58
N HIS I 197 -102.67 -40.26 63.85
CA HIS I 197 -101.32 -40.01 64.38
C HIS I 197 -100.74 -38.64 63.99
N SER I 198 -101.59 -37.65 63.81
CA SER I 198 -101.23 -36.26 63.50
C SER I 198 -102.17 -35.32 64.21
N ASP I 199 -101.76 -34.09 64.51
CA ASP I 199 -102.56 -33.11 65.24
C ASP I 199 -102.97 -31.90 64.40
N CYS I 200 -102.21 -31.55 63.38
CA CYS I 200 -102.58 -30.53 62.39
C CYS I 200 -101.82 -30.76 61.09
N ALA I 201 -102.54 -31.05 60.01
CA ALA I 201 -101.96 -31.51 58.75
C ALA I 201 -102.17 -30.51 57.61
N PHE I 202 -101.10 -29.84 57.19
CA PHE I 202 -101.08 -28.83 56.15
C PHE I 202 -100.84 -29.47 54.79
N MET I 203 -101.92 -29.73 54.08
CA MET I 203 -101.89 -30.15 52.68
C MET I 203 -101.44 -28.99 51.79
N VAL I 204 -100.54 -29.27 50.86
CA VAL I 204 -100.04 -28.35 49.84
C VAL I 204 -100.06 -29.06 48.49
N ASP I 205 -100.20 -28.33 47.39
CA ASP I 205 -100.34 -28.86 46.03
C ASP I 205 -99.32 -28.21 45.08
N ASN I 206 -98.61 -29.03 44.29
CA ASN I 206 -97.65 -28.55 43.31
C ASN I 206 -98.31 -27.67 42.24
N GLU I 207 -99.52 -28.01 41.78
CA GLU I 207 -100.17 -27.29 40.68
C GLU I 207 -100.69 -25.91 41.09
N ALA I 208 -101.11 -25.75 42.33
CA ALA I 208 -101.53 -24.48 42.91
C ALA I 208 -100.35 -23.53 43.09
N ILE I 209 -99.22 -24.01 43.61
CA ILE I 209 -98.02 -23.17 43.68
C ILE I 209 -97.49 -22.86 42.30
N TYR I 210 -97.52 -23.78 41.34
CA TYR I 210 -97.13 -23.45 39.96
C TYR I 210 -97.96 -22.30 39.40
N ASP I 211 -99.25 -22.20 39.72
CA ASP I 211 -100.11 -21.12 39.24
C ASP I 211 -99.86 -19.81 40.01
N ILE I 212 -99.65 -19.87 41.32
CA ILE I 212 -99.18 -18.73 42.12
C ILE I 212 -97.87 -18.17 41.55
N CYS I 213 -96.91 -19.03 41.21
CA CYS I 213 -95.64 -18.59 40.63
C CYS I 213 -95.85 -17.83 39.32
N ASN I 214 -96.74 -18.34 38.46
CA ASN I 214 -97.04 -17.74 37.16
C ASN I 214 -97.71 -16.37 37.28
N ARG I 215 -98.65 -16.21 38.20
CA ARG I 215 -99.49 -15.01 38.35
C ARG I 215 -98.93 -13.91 39.25
N ASN I 216 -98.14 -14.25 40.25
CA ASN I 216 -97.65 -13.32 41.27
C ASN I 216 -96.15 -13.06 41.21
N LEU I 217 -95.34 -14.08 40.95
CA LEU I 217 -93.88 -13.92 40.78
C LEU I 217 -93.50 -13.63 39.32
N ASP I 218 -94.44 -13.85 38.40
CA ASP I 218 -94.28 -13.77 36.95
C ASP I 218 -93.17 -14.65 36.37
N ILE I 219 -92.71 -15.66 37.10
CA ILE I 219 -91.81 -16.69 36.57
C ILE I 219 -92.63 -17.65 35.72
N GLU I 220 -92.27 -17.78 34.45
CA GLU I 220 -93.10 -18.49 33.46
C GLU I 220 -93.02 -20.01 33.60
N ARG I 221 -91.86 -20.52 34.03
CA ARG I 221 -91.45 -21.94 34.08
C ARG I 221 -90.65 -22.27 35.36
N PRO I 222 -91.26 -22.43 36.54
CA PRO I 222 -90.55 -22.72 37.78
C PRO I 222 -90.12 -24.19 37.95
N SER I 223 -89.05 -24.38 38.71
CA SER I 223 -88.53 -25.66 39.21
C SER I 223 -89.16 -26.00 40.57
N TYR I 224 -88.70 -27.08 41.20
CA TYR I 224 -89.03 -27.31 42.61
C TYR I 224 -88.33 -26.35 43.57
N THR I 225 -87.18 -25.77 43.24
CA THR I 225 -86.55 -24.81 44.17
C THR I 225 -87.47 -23.63 44.43
N ASN I 226 -88.24 -23.19 43.44
CA ASN I 226 -89.21 -22.12 43.59
C ASN I 226 -90.39 -22.50 44.48
N LEU I 227 -90.84 -23.76 44.44
CA LEU I 227 -91.92 -24.25 45.30
C LEU I 227 -91.48 -24.35 46.75
N ASN I 228 -90.33 -24.99 46.97
CA ASN I 228 -89.82 -25.23 48.31
C ASN I 228 -89.51 -23.92 49.04
N ARG I 229 -89.07 -22.89 48.32
CA ARG I 229 -88.89 -21.55 48.88
C ARG I 229 -90.19 -20.85 49.27
N LEU I 230 -91.36 -21.29 48.81
CA LEU I 230 -92.66 -20.85 49.33
C LEU I 230 -93.13 -21.71 50.51
N ILE I 231 -92.92 -23.03 50.45
CA ILE I 231 -93.36 -23.95 51.48
C ILE I 231 -92.59 -23.76 52.79
N ALA I 232 -91.30 -23.46 52.70
CA ALA I 232 -90.49 -23.11 53.88
C ALA I 232 -90.92 -21.78 54.49
N GLN I 233 -91.27 -20.80 53.67
CA GLN I 233 -91.67 -19.47 54.13
C GLN I 233 -92.92 -19.54 55.03
N ILE I 234 -93.87 -20.43 54.73
CA ILE I 234 -95.03 -20.67 55.60
C ILE I 234 -94.60 -21.23 56.96
N VAL I 235 -93.69 -22.21 57.01
CA VAL I 235 -93.27 -22.79 58.31
C VAL I 235 -92.44 -21.81 59.13
N SER I 236 -91.64 -20.96 58.50
CA SER I 236 -91.00 -19.86 59.21
C SER I 236 -92.05 -18.97 59.89
N SER I 237 -93.16 -18.71 59.23
CA SER I 237 -94.24 -17.87 59.75
C SER I 237 -95.11 -18.56 60.81
N ILE I 238 -95.32 -19.87 60.72
CA ILE I 238 -95.94 -20.66 61.78
C ILE I 238 -95.06 -20.66 63.02
N THR I 239 -93.75 -20.82 62.85
CA THR I 239 -92.81 -20.85 63.98
C THR I 239 -92.36 -19.48 64.45
N ALA I 240 -92.64 -18.38 63.75
CA ALA I 240 -92.09 -17.08 64.12
C ALA I 240 -92.45 -16.65 65.55
N SER I 241 -93.67 -16.92 66.02
CA SER I 241 -94.07 -16.64 67.40
C SER I 241 -93.36 -17.47 68.46
N LEU I 242 -92.76 -18.59 68.07
CA LEU I 242 -91.95 -19.44 68.94
C LEU I 242 -90.52 -18.89 69.07
N ARG I 243 -90.07 -18.16 68.05
CA ARG I 243 -88.69 -17.70 67.82
C ARG I 243 -88.46 -16.23 68.17
N PHE I 244 -89.48 -15.38 68.16
CA PHE I 244 -89.32 -13.91 68.15
C PHE I 244 -90.30 -13.14 69.06
N ASP I 245 -90.03 -11.86 69.30
CA ASP I 245 -90.97 -10.98 69.99
C ASP I 245 -92.10 -10.52 69.05
N GLY I 246 -93.28 -10.31 69.61
CA GLY I 246 -94.49 -9.87 68.90
C GLY I 246 -95.49 -9.16 69.79
N ALA I 247 -96.48 -8.52 69.19
CA ALA I 247 -97.58 -7.88 69.93
C ALA I 247 -98.56 -8.92 70.47
N LEU I 248 -98.78 -10.00 69.72
CA LEU I 248 -99.71 -11.09 70.00
C LEU I 248 -99.07 -12.42 69.57
N ASN I 249 -98.05 -12.87 70.27
CA ASN I 249 -97.39 -14.15 69.96
C ASN I 249 -98.35 -15.33 70.16
N VAL I 250 -98.26 -16.34 69.28
CA VAL I 250 -99.12 -17.54 69.28
C VAL I 250 -98.30 -18.79 69.59
N ASP I 251 -98.66 -19.49 70.66
CA ASP I 251 -98.07 -20.78 71.02
C ASP I 251 -98.51 -21.90 70.05
N LEU I 252 -97.71 -22.94 69.86
CA LEU I 252 -98.02 -24.02 68.93
C LEU I 252 -99.31 -24.80 69.27
N THR I 253 -99.75 -24.82 70.53
CA THR I 253 -101.05 -25.35 70.99
C THR I 253 -102.17 -24.32 71.05
N GLU I 254 -101.85 -23.05 71.27
CA GLU I 254 -102.78 -21.94 71.12
C GLU I 254 -103.31 -21.85 69.69
N PHE I 255 -102.42 -22.08 68.73
CA PHE I 255 -102.72 -22.22 67.32
C PHE I 255 -103.78 -23.31 67.08
N GLN I 256 -103.55 -24.52 67.57
CA GLN I 256 -104.45 -25.66 67.44
C GLN I 256 -105.79 -25.46 68.16
N THR I 257 -105.83 -24.83 69.34
CA THR I 257 -107.07 -24.55 70.07
C THR I 257 -108.02 -23.62 69.32
N ASN I 258 -107.53 -22.81 68.38
CA ASN I 258 -108.32 -21.95 67.51
C ASN I 258 -108.53 -22.51 66.11
N LEU I 259 -107.60 -23.29 65.56
CA LEU I 259 -107.76 -23.92 64.25
C LEU I 259 -108.72 -25.11 64.26
N VAL I 260 -108.67 -25.96 65.27
CA VAL I 260 -109.27 -27.28 65.25
C VAL I 260 -110.58 -27.30 66.05
N PRO I 261 -111.76 -27.26 65.40
CA PRO I 261 -113.05 -27.28 66.10
C PRO I 261 -113.45 -28.64 66.65
N TYR I 262 -113.02 -29.73 66.03
CA TYR I 262 -113.39 -31.09 66.36
C TYR I 262 -112.18 -32.01 66.21
N PRO I 263 -112.07 -33.12 66.94
CA PRO I 263 -110.85 -33.92 66.98
C PRO I 263 -110.30 -34.32 65.62
N ARG I 264 -111.15 -34.61 64.62
CA ARG I 264 -110.69 -35.11 63.32
C ARG I 264 -110.61 -34.03 62.23
N ILE I 265 -110.97 -32.79 62.57
CA ILE I 265 -111.13 -31.66 61.64
C ILE I 265 -109.94 -30.72 61.79
N HIS I 266 -108.79 -31.24 61.39
CA HIS I 266 -107.48 -30.65 61.61
C HIS I 266 -106.66 -30.54 60.33
N PHE I 267 -107.35 -30.43 59.19
CA PHE I 267 -106.77 -30.24 57.86
C PHE I 267 -107.03 -28.82 57.35
N PRO I 268 -106.32 -27.80 57.86
CA PRO I 268 -106.43 -26.45 57.35
C PRO I 268 -105.78 -26.31 55.98
N LEU I 269 -106.31 -25.42 55.16
CA LEU I 269 -105.57 -24.79 54.09
C LEU I 269 -104.50 -23.86 54.69
N VAL I 270 -103.52 -23.52 53.87
CA VAL I 270 -102.53 -22.49 54.15
C VAL I 270 -102.36 -21.59 52.93
N THR I 271 -102.04 -20.33 53.16
CA THR I 271 -101.70 -19.35 52.13
C THR I 271 -100.79 -18.28 52.72
N TYR I 272 -100.06 -17.56 51.88
CA TYR I 272 -99.09 -16.56 52.27
C TYR I 272 -99.31 -15.31 51.42
N SER I 273 -99.17 -14.12 51.99
CA SER I 273 -99.21 -12.88 51.24
C SER I 273 -98.26 -11.84 51.83
N PRO I 274 -97.70 -10.96 50.99
CA PRO I 274 -97.80 -10.96 49.55
C PRO I 274 -96.75 -11.90 48.93
N ILE I 275 -97.17 -12.83 48.07
CA ILE I 275 -96.23 -13.40 47.11
C ILE I 275 -96.03 -12.36 46.02
N ILE I 276 -94.81 -11.86 45.83
CA ILE I 276 -94.58 -10.73 44.93
C ILE I 276 -93.13 -10.69 44.41
N SER I 277 -92.91 -10.25 43.18
CA SER I 277 -91.57 -10.04 42.62
C SER I 277 -91.09 -8.61 42.80
N ALA I 278 -89.80 -8.38 42.61
CA ALA I 278 -89.22 -7.04 42.65
C ALA I 278 -89.70 -6.11 41.52
N GLU I 279 -90.36 -6.63 40.48
CA GLU I 279 -90.94 -5.81 39.40
C GLU I 279 -92.15 -5.02 39.88
N LYS I 280 -92.90 -5.56 40.85
CA LYS I 280 -94.21 -5.05 41.30
C LYS I 280 -94.21 -4.56 42.74
N ALA I 281 -93.34 -5.08 43.60
CA ALA I 281 -93.35 -4.73 45.02
C ALA I 281 -93.12 -3.24 45.30
N TYR I 282 -92.46 -2.51 44.39
CA TYR I 282 -92.26 -1.07 44.48
C TYR I 282 -93.42 -0.23 43.93
N HIS I 283 -94.49 -0.82 43.40
CA HIS I 283 -95.66 -0.11 42.87
C HIS I 283 -96.97 -0.44 43.58
N GLU I 284 -97.12 -1.63 44.11
CA GLU I 284 -98.20 -1.99 45.04
C GLU I 284 -98.04 -1.26 46.38
N GLN I 285 -99.13 -0.95 47.08
CA GLN I 285 -98.99 -0.41 48.44
C GLN I 285 -98.57 -1.46 49.46
N LEU I 286 -99.06 -2.71 49.36
CA LEU I 286 -98.82 -3.75 50.36
C LEU I 286 -99.18 -3.28 51.78
N SER I 287 -100.25 -2.50 51.88
CA SER I 287 -100.89 -2.14 53.14
C SER I 287 -101.48 -3.38 53.81
N VAL I 288 -101.72 -3.33 55.12
CA VAL I 288 -102.29 -4.47 55.85
C VAL I 288 -103.65 -4.89 55.30
N PRO I 289 -104.47 -3.96 54.83
CA PRO I 289 -105.75 -4.28 54.22
C PRO I 289 -105.60 -5.16 52.96
N GLU I 290 -104.63 -4.87 52.09
CA GLU I 290 -104.44 -5.61 50.84
C GLU I 290 -103.92 -7.02 51.07
N ILE I 291 -102.88 -7.18 51.88
CA ILE I 291 -102.30 -8.50 52.16
C ILE I 291 -103.23 -9.39 53.00
N THR I 292 -104.16 -8.81 53.77
CA THR I 292 -105.23 -9.57 54.40
C THR I 292 -106.21 -10.08 53.35
N ASN I 293 -106.72 -9.20 52.48
CA ASN I 293 -107.67 -9.57 51.43
C ASN I 293 -107.09 -10.58 50.43
N ALA I 294 -105.80 -10.51 50.13
CA ALA I 294 -105.15 -11.49 49.25
C ALA I 294 -105.27 -12.93 49.76
N CYS I 295 -105.35 -13.16 51.06
CA CYS I 295 -105.48 -14.51 51.60
C CYS I 295 -106.85 -15.14 51.36
N PHE I 296 -107.87 -14.36 51.02
CA PHE I 296 -109.21 -14.87 50.73
C PHE I 296 -109.47 -15.05 49.23
N GLU I 297 -108.55 -14.69 48.36
CA GLU I 297 -108.65 -14.96 46.93
C GLU I 297 -108.40 -16.46 46.65
N TYR I 298 -109.25 -17.15 45.86
CA TYR I 298 -108.96 -18.48 45.34
C TYR I 298 -107.60 -18.58 44.64
N SER I 299 -107.18 -17.47 44.02
CA SER I 299 -105.91 -17.31 43.36
C SER I 299 -104.67 -17.55 44.24
N ASN I 300 -104.76 -17.48 45.57
CA ASN I 300 -103.59 -17.63 46.44
C ASN I 300 -103.65 -18.88 47.34
N GLN I 301 -104.68 -19.71 47.22
CA GLN I 301 -104.77 -20.96 47.97
C GLN I 301 -103.79 -21.98 47.39
N MET I 302 -103.01 -22.65 48.24
CA MET I 302 -101.98 -23.62 47.83
C MET I 302 -102.50 -25.07 47.76
N VAL I 303 -103.80 -25.25 47.58
CA VAL I 303 -104.47 -26.49 47.16
C VAL I 303 -105.50 -26.09 46.11
N LYS I 304 -105.58 -26.76 44.96
CA LYS I 304 -106.55 -26.42 43.91
C LYS I 304 -107.97 -26.85 44.27
N CYS I 305 -108.58 -26.08 45.16
CA CYS I 305 -109.99 -26.10 45.54
C CYS I 305 -110.46 -24.66 45.77
N ASP I 306 -111.75 -24.38 45.62
CA ASP I 306 -112.28 -23.02 45.72
C ASP I 306 -112.92 -22.81 47.11
N PRO I 307 -112.40 -21.91 47.97
CA PRO I 307 -112.97 -21.67 49.29
C PRO I 307 -114.43 -21.21 49.30
N ARG I 308 -114.91 -20.66 48.19
CA ARG I 308 -116.30 -20.20 48.04
C ARG I 308 -117.27 -21.35 47.88
N ARG I 309 -116.80 -22.53 47.48
CA ARG I 309 -117.57 -23.78 47.53
C ARG I 309 -117.60 -24.41 48.93
N GLY I 310 -117.02 -23.77 49.94
CA GLY I 310 -117.06 -24.21 51.33
C GLY I 310 -117.67 -23.19 52.29
N LYS I 311 -117.53 -23.47 53.58
CA LYS I 311 -117.63 -22.49 54.66
C LYS I 311 -116.40 -22.54 55.54
N TYR I 312 -115.93 -21.39 55.97
CA TYR I 312 -114.84 -21.26 56.93
C TYR I 312 -115.32 -21.66 58.33
N MET I 313 -114.53 -22.48 59.01
CA MET I 313 -114.71 -22.81 60.41
C MET I 313 -113.87 -21.89 61.28
N ALA I 314 -112.58 -21.74 61.01
CA ALA I 314 -111.70 -20.81 61.70
C ALA I 314 -110.51 -20.38 60.83
N CYS I 315 -110.04 -19.15 61.01
CA CYS I 315 -108.83 -18.64 60.37
C CYS I 315 -107.82 -18.19 61.42
N CYS I 316 -106.57 -18.61 61.31
CA CYS I 316 -105.44 -18.00 61.99
C CYS I 316 -104.74 -17.06 61.02
N LEU I 317 -104.85 -15.76 61.23
CA LEU I 317 -104.07 -14.75 60.50
C LEU I 317 -102.80 -14.48 61.29
N LEU I 318 -101.68 -15.07 60.88
CA LEU I 318 -100.37 -14.93 61.52
C LEU I 318 -99.56 -13.83 60.82
N TYR I 319 -99.73 -12.57 61.22
CA TYR I 319 -98.94 -11.46 60.66
C TYR I 319 -97.54 -11.40 61.22
N ARG I 320 -96.63 -10.90 60.40
CA ARG I 320 -95.27 -10.65 60.79
C ARG I 320 -94.69 -9.43 60.11
N GLY I 321 -93.73 -8.77 60.76
CA GLY I 321 -93.19 -7.50 60.30
C GLY I 321 -93.96 -6.30 60.86
N ASP I 322 -93.94 -5.19 60.14
CA ASP I 322 -94.46 -3.89 60.58
C ASP I 322 -96.00 -3.81 60.50
N VAL I 323 -96.71 -4.35 61.48
CA VAL I 323 -98.19 -4.24 61.57
C VAL I 323 -98.65 -3.88 62.97
N VAL I 324 -99.85 -3.32 63.09
CA VAL I 324 -100.41 -2.82 64.36
C VAL I 324 -101.82 -3.37 64.54
N PRO I 325 -102.22 -3.84 65.73
CA PRO I 325 -103.56 -4.40 65.96
C PRO I 325 -104.74 -3.53 65.52
N LYS I 326 -104.62 -2.19 65.50
CA LYS I 326 -105.59 -1.28 64.85
C LYS I 326 -105.90 -1.76 63.43
N ASP I 327 -104.85 -1.91 62.61
CA ASP I 327 -104.95 -2.20 61.18
C ASP I 327 -105.55 -3.57 60.92
N VAL I 328 -105.18 -4.55 61.75
CA VAL I 328 -105.68 -5.92 61.62
C VAL I 328 -107.16 -5.99 61.95
N ASN I 329 -107.61 -5.36 63.05
CA ASN I 329 -109.04 -5.35 63.36
C ASN I 329 -109.86 -4.66 62.27
N ALA I 330 -109.39 -3.52 61.77
CA ALA I 330 -110.00 -2.79 60.66
C ALA I 330 -110.03 -3.61 59.35
N ALA I 331 -109.02 -4.45 59.12
CA ALA I 331 -108.98 -5.39 58.00
C ALA I 331 -109.99 -6.53 58.18
N ILE I 332 -109.98 -7.29 59.28
CA ILE I 332 -110.91 -8.41 59.45
C ILE I 332 -112.37 -7.96 59.50
N ALA I 333 -112.64 -6.73 59.91
CA ALA I 333 -113.95 -6.12 59.78
C ALA I 333 -114.44 -6.03 58.33
N ALA I 334 -113.58 -5.74 57.36
CA ALA I 334 -113.98 -5.80 55.95
C ALA I 334 -114.19 -7.25 55.50
N ILE I 335 -113.36 -8.20 55.95
CA ILE I 335 -113.58 -9.61 55.60
C ILE I 335 -114.94 -10.09 56.13
N LYS I 336 -115.33 -9.74 57.37
CA LYS I 336 -116.67 -10.07 57.90
C LYS I 336 -117.81 -9.39 57.14
N THR I 337 -117.55 -8.29 56.46
CA THR I 337 -118.56 -7.54 55.69
C THR I 337 -118.86 -8.20 54.34
N ARG I 338 -117.87 -8.86 53.71
CA ARG I 338 -117.98 -9.51 52.39
C ARG I 338 -118.77 -10.83 52.43
N ARG I 339 -119.93 -10.88 51.76
CA ARG I 339 -120.86 -12.01 51.77
C ARG I 339 -120.36 -13.25 51.01
N SER I 340 -119.36 -13.11 50.15
CA SER I 340 -118.71 -14.24 49.46
C SER I 340 -117.78 -15.06 50.36
N ILE I 341 -117.25 -14.49 51.46
CA ILE I 341 -116.42 -15.18 52.46
C ILE I 341 -117.34 -15.67 53.60
N GLN I 342 -117.84 -16.90 53.54
CA GLN I 342 -118.88 -17.36 54.46
C GLN I 342 -118.34 -18.28 55.54
N PHE I 343 -118.48 -17.87 56.80
CA PHE I 343 -118.20 -18.70 57.96
C PHE I 343 -119.41 -19.57 58.32
N VAL I 344 -119.16 -20.64 59.06
CA VAL I 344 -120.17 -21.45 59.73
C VAL I 344 -120.94 -20.65 60.79
N ASP I 345 -122.19 -21.03 61.02
CA ASP I 345 -123.10 -20.39 61.97
C ASP I 345 -122.64 -20.52 63.44
N TRP I 346 -121.84 -21.54 63.73
CA TRP I 346 -121.37 -21.90 65.06
C TRP I 346 -119.99 -21.32 65.40
N CYS I 347 -119.37 -20.52 64.54
CA CYS I 347 -118.11 -19.86 64.85
C CYS I 347 -118.26 -18.34 64.64
N PRO I 348 -118.88 -17.64 65.61
CA PRO I 348 -119.24 -16.23 65.48
C PRO I 348 -118.02 -15.30 65.58
N THR I 349 -116.96 -15.77 66.22
CA THR I 349 -115.67 -15.11 66.37
C THR I 349 -114.81 -15.27 65.13
N GLY I 350 -114.64 -16.48 64.61
CA GLY I 350 -114.00 -16.81 63.34
C GLY I 350 -112.48 -16.68 63.28
N PHE I 351 -111.91 -15.57 63.72
CA PHE I 351 -110.51 -15.21 63.52
C PHE I 351 -109.71 -15.32 64.79
N LYS I 352 -108.59 -16.03 64.71
CA LYS I 352 -107.47 -15.97 65.63
C LYS I 352 -106.37 -15.14 64.98
N VAL I 353 -105.92 -14.10 65.66
CA VAL I 353 -104.91 -13.17 65.17
C VAL I 353 -103.63 -13.40 65.93
N GLY I 354 -102.52 -13.51 65.22
CA GLY I 354 -101.16 -13.44 65.75
C GLY I 354 -100.40 -12.30 65.09
N ILE I 355 -99.55 -11.60 65.83
CA ILE I 355 -98.74 -10.47 65.31
C ILE I 355 -97.34 -10.55 65.87
N ASN I 356 -96.34 -10.62 65.00
CA ASN I 356 -94.93 -10.80 65.33
C ASN I 356 -94.01 -9.72 64.73
N TYR I 357 -93.03 -9.20 65.45
CA TYR I 357 -92.27 -8.01 65.01
C TYR I 357 -91.15 -8.29 64.00
N GLN I 358 -90.90 -9.55 63.64
CA GLN I 358 -89.81 -9.92 62.74
C GLN I 358 -90.29 -10.03 61.28
N PRO I 359 -89.84 -9.17 60.35
CA PRO I 359 -90.18 -9.24 58.94
C PRO I 359 -89.81 -10.59 58.31
N PRO I 360 -90.37 -10.92 57.12
CA PRO I 360 -89.99 -12.10 56.37
C PRO I 360 -88.57 -11.96 55.78
N THR I 361 -87.72 -12.94 56.06
CA THR I 361 -86.36 -13.00 55.53
C THR I 361 -86.34 -13.39 54.06
N ALA I 362 -85.67 -12.63 53.21
CA ALA I 362 -85.43 -13.03 51.81
C ALA I 362 -84.28 -14.03 51.71
N VAL I 363 -84.47 -15.14 51.02
CA VAL I 363 -83.33 -15.93 50.53
C VAL I 363 -82.70 -15.15 49.36
N PRO I 364 -81.39 -14.83 49.38
CA PRO I 364 -80.79 -13.88 48.43
C PRO I 364 -80.87 -14.32 46.96
N GLY I 365 -80.89 -15.63 46.69
CA GLY I 365 -81.03 -16.16 45.33
C GLY I 365 -82.47 -16.20 44.80
N GLY I 366 -83.46 -15.84 45.61
CA GLY I 366 -84.88 -16.15 45.36
C GLY I 366 -85.63 -15.13 44.50
N ASP I 367 -86.81 -15.53 44.07
CA ASP I 367 -87.72 -14.72 43.25
C ASP I 367 -88.60 -13.78 44.08
N VAL I 368 -88.90 -14.18 45.31
CA VAL I 368 -89.83 -13.52 46.23
C VAL I 368 -89.19 -12.30 46.91
N ALA I 369 -89.78 -11.12 46.74
CA ALA I 369 -89.18 -9.82 47.02
C ALA I 369 -89.16 -9.41 48.50
N LYS I 370 -88.33 -8.42 48.85
CA LYS I 370 -88.29 -7.81 50.17
C LYS I 370 -89.53 -6.96 50.40
N VAL I 371 -90.19 -7.11 51.54
CA VAL I 371 -91.46 -6.44 51.86
C VAL I 371 -91.54 -6.15 53.36
N LEU I 372 -92.19 -5.05 53.76
CA LEU I 372 -92.26 -4.68 55.18
C LEU I 372 -93.12 -5.60 56.02
N ARG I 373 -94.00 -6.36 55.39
CA ARG I 373 -95.10 -7.10 56.01
C ARG I 373 -95.27 -8.43 55.31
N ALA I 374 -95.73 -9.41 56.06
CA ALA I 374 -96.36 -10.58 55.50
C ALA I 374 -97.42 -11.09 56.45
N VAL I 375 -98.31 -11.90 55.94
CA VAL I 375 -99.25 -12.70 56.70
C VAL I 375 -99.21 -14.10 56.16
N CYS I 376 -99.21 -15.07 57.05
CA CYS I 376 -99.58 -16.41 56.69
C CYS I 376 -100.97 -16.63 57.24
N MET I 377 -101.92 -17.00 56.37
CA MET I 377 -103.25 -17.38 56.83
C MET I 377 -103.39 -18.89 56.76
N LEU I 378 -103.66 -19.50 57.90
CA LEU I 378 -103.92 -20.92 58.03
C LEU I 378 -105.37 -21.06 58.39
N SER I 379 -106.11 -21.86 57.65
CA SER I 379 -107.56 -21.73 57.57
C SER I 379 -108.29 -23.06 57.46
N ASN I 380 -109.06 -23.41 58.49
CA ASN I 380 -109.91 -24.58 58.46
C ASN I 380 -111.23 -24.25 57.75
N THR I 381 -111.49 -24.92 56.64
CA THR I 381 -112.64 -24.69 55.76
C THR I 381 -113.18 -25.98 55.17
N THR I 382 -114.50 -26.06 54.95
CA THR I 382 -115.13 -27.28 54.38
C THR I 382 -114.72 -27.54 52.94
N ALA I 383 -114.22 -26.54 52.22
CA ALA I 383 -113.84 -26.62 50.83
C ALA I 383 -112.78 -27.69 50.53
N ILE I 384 -111.87 -27.97 51.47
CA ILE I 384 -110.76 -28.91 51.24
C ILE I 384 -111.23 -30.32 50.92
N ALA I 385 -112.44 -30.70 51.30
CA ALA I 385 -113.05 -31.97 50.96
C ALA I 385 -113.14 -32.24 49.44
N GLU I 386 -113.08 -31.21 48.60
CA GLU I 386 -113.03 -31.39 47.16
C GLU I 386 -111.68 -31.93 46.68
N ALA I 387 -110.57 -31.54 47.29
CA ALA I 387 -109.26 -32.12 47.00
C ALA I 387 -109.18 -33.61 47.37
N TRP I 388 -109.99 -34.06 48.32
CA TRP I 388 -110.16 -35.47 48.67
C TRP I 388 -111.13 -36.18 47.71
N ALA I 389 -112.21 -35.51 47.30
CA ALA I 389 -113.16 -36.03 46.32
C ALA I 389 -112.54 -36.21 44.92
N ARG I 390 -111.55 -35.39 44.55
CA ARG I 390 -110.76 -35.59 43.32
C ARG I 390 -109.98 -36.89 43.38
N LEU I 391 -109.23 -37.08 44.46
CA LEU I 391 -108.26 -38.16 44.53
C LEU I 391 -108.89 -39.51 44.80
N ASP I 392 -109.97 -39.60 45.59
CA ASP I 392 -110.67 -40.88 45.78
C ASP I 392 -111.46 -41.32 44.52
N HIS I 393 -111.78 -40.40 43.58
CA HIS I 393 -112.24 -40.74 42.24
C HIS I 393 -111.12 -41.24 41.31
N LYS I 394 -109.86 -40.82 41.51
CA LYS I 394 -108.70 -41.45 40.84
C LYS I 394 -108.43 -42.86 41.37
N PHE I 395 -108.52 -43.04 42.68
CA PHE I 395 -108.39 -44.34 43.34
C PHE I 395 -109.44 -45.33 42.85
N ASP I 396 -110.70 -44.91 42.75
CA ASP I 396 -111.80 -45.80 42.40
C ASP I 396 -111.67 -46.45 41.02
N LEU I 397 -111.19 -45.72 40.02
CA LEU I 397 -110.94 -46.24 38.67
C LEU I 397 -109.88 -47.35 38.64
N MET I 398 -108.83 -47.21 39.44
CA MET I 398 -107.74 -48.18 39.50
C MET I 398 -108.06 -49.37 40.40
N TYR I 399 -108.68 -49.17 41.55
CA TYR I 399 -109.03 -50.28 42.43
C TYR I 399 -110.16 -51.14 41.87
N SER I 400 -111.07 -50.60 41.06
CA SER I 400 -112.06 -51.39 40.32
C SER I 400 -111.44 -52.42 39.37
N LYS I 401 -110.21 -52.20 38.90
CA LYS I 401 -109.44 -53.14 38.08
C LYS I 401 -108.39 -53.92 38.88
N ARG I 402 -108.14 -53.57 40.14
CA ARG I 402 -106.95 -53.95 40.95
C ARG I 402 -105.64 -53.57 40.24
N ALA I 403 -105.65 -52.41 39.56
CA ALA I 403 -104.75 -52.05 38.48
C ALA I 403 -103.24 -52.15 38.76
N PHE I 404 -102.76 -51.93 39.98
CA PHE I 404 -101.33 -52.10 40.34
C PHE I 404 -101.13 -52.90 41.64
N VAL I 405 -102.17 -53.56 42.12
CA VAL I 405 -102.26 -54.07 43.51
C VAL I 405 -101.25 -55.18 43.80
N HIS I 406 -100.78 -55.93 42.80
CA HIS I 406 -99.79 -57.01 43.00
C HIS I 406 -98.43 -56.53 43.51
N TRP I 407 -98.05 -55.29 43.26
CA TRP I 407 -96.80 -54.71 43.79
C TRP I 407 -96.88 -54.45 45.30
N TYR I 408 -98.06 -54.17 45.83
CA TYR I 408 -98.31 -53.89 47.24
C TYR I 408 -98.55 -55.18 48.03
N VAL I 409 -99.37 -56.08 47.48
CA VAL I 409 -99.58 -57.43 48.01
C VAL I 409 -98.29 -58.26 47.96
N GLY I 410 -97.45 -58.06 46.95
CA GLY I 410 -96.17 -58.74 46.81
C GLY I 410 -95.11 -58.33 47.83
N GLU I 411 -95.28 -57.19 48.52
CA GLU I 411 -94.32 -56.64 49.51
C GLU I 411 -94.87 -56.63 50.94
N GLY I 412 -95.83 -57.51 51.23
CA GLY I 412 -96.32 -57.82 52.57
C GLY I 412 -97.57 -57.09 53.01
N MET I 413 -98.25 -56.31 52.15
CA MET I 413 -99.50 -55.66 52.54
C MET I 413 -100.72 -56.59 52.38
N GLU I 414 -101.68 -56.51 53.30
CA GLU I 414 -103.00 -57.12 53.17
C GLU I 414 -103.79 -56.46 52.04
N GLU I 415 -104.42 -57.20 51.14
CA GLU I 415 -105.22 -56.61 50.05
C GLU I 415 -106.40 -55.77 50.59
N GLY I 416 -106.99 -56.19 51.69
CA GLY I 416 -108.09 -55.49 52.37
C GLY I 416 -107.75 -54.09 52.90
N GLU I 417 -106.48 -53.74 53.07
CA GLU I 417 -106.08 -52.40 53.50
C GLU I 417 -106.47 -51.31 52.49
N PHE I 418 -106.56 -51.63 51.20
CA PHE I 418 -107.03 -50.67 50.18
C PHE I 418 -108.50 -50.32 50.38
N SER I 419 -109.34 -51.30 50.66
CA SER I 419 -110.76 -51.08 50.99
C SER I 419 -110.92 -50.34 52.33
N GLU I 420 -110.20 -50.78 53.37
CA GLU I 420 -110.13 -50.15 54.68
C GLU I 420 -109.56 -48.71 54.67
N ALA I 421 -108.73 -48.33 53.70
CA ALA I 421 -108.26 -46.96 53.51
C ALA I 421 -109.24 -46.08 52.70
N ARG I 422 -109.86 -46.61 51.66
CA ARG I 422 -110.91 -45.88 50.90
C ARG I 422 -112.15 -45.64 51.74
N GLU I 423 -112.45 -46.56 52.66
CA GLU I 423 -113.52 -46.48 53.66
C GLU I 423 -113.26 -45.37 54.67
N ASP I 424 -112.07 -45.34 55.25
CA ASP I 424 -111.66 -44.33 56.23
C ASP I 424 -111.56 -42.93 55.62
N MET I 425 -111.13 -42.81 54.37
CA MET I 425 -111.19 -41.54 53.65
C MET I 425 -112.65 -41.07 53.44
N ALA I 426 -113.58 -41.94 53.06
CA ALA I 426 -114.99 -41.60 52.94
C ALA I 426 -115.63 -41.13 54.25
N ALA I 427 -115.19 -41.64 55.40
CA ALA I 427 -115.59 -41.15 56.72
C ALA I 427 -114.99 -39.78 57.07
N LEU I 428 -113.79 -39.41 56.59
CA LEU I 428 -113.27 -38.05 56.73
C LEU I 428 -113.97 -37.06 55.78
N GLU I 429 -114.21 -37.46 54.54
CA GLU I 429 -114.92 -36.65 53.57
C GLU I 429 -116.39 -36.43 53.99
N LYS I 430 -116.99 -37.38 54.72
CA LYS I 430 -118.27 -37.26 55.42
C LYS I 430 -118.20 -36.23 56.55
N ASP I 431 -117.22 -36.32 57.45
CA ASP I 431 -117.07 -35.41 58.58
C ASP I 431 -116.95 -33.93 58.17
N TYR I 432 -116.18 -33.59 57.13
CA TYR I 432 -116.05 -32.22 56.62
C TYR I 432 -117.32 -31.68 55.93
N GLU I 433 -118.16 -32.53 55.37
CA GLU I 433 -119.47 -32.15 54.85
C GLU I 433 -120.50 -31.99 55.96
N GLU I 434 -120.45 -32.85 56.98
CA GLU I 434 -121.36 -32.87 58.13
C GLU I 434 -121.29 -31.60 59.00
N VAL I 435 -120.12 -31.02 59.23
CA VAL I 435 -119.95 -29.84 60.11
C VAL I 435 -120.24 -28.48 59.45
N GLY I 436 -120.47 -28.43 58.14
CA GLY I 436 -120.75 -27.18 57.43
C GLY I 436 -122.17 -26.63 57.67
N THR I 437 -123.06 -27.41 58.29
CA THR I 437 -124.50 -27.20 58.22
C THR I 437 -125.00 -26.28 59.34
N MET J 1 -44.37 -47.65 100.05
CA MET J 1 -45.80 -47.42 100.28
C MET J 1 -46.52 -47.41 98.95
N ARG J 2 -47.62 -48.19 98.84
CA ARG J 2 -48.53 -48.26 97.69
C ARG J 2 -47.95 -48.88 96.42
N GLU J 3 -47.01 -49.81 96.54
CA GLU J 3 -46.46 -50.54 95.41
C GLU J 3 -47.44 -51.53 94.75
N CYS J 4 -47.28 -51.85 93.47
CA CYS J 4 -47.92 -53.00 92.82
C CYS J 4 -46.92 -53.78 91.97
N ILE J 5 -46.86 -55.11 92.13
CA ILE J 5 -46.06 -55.97 91.27
C ILE J 5 -46.93 -56.46 90.10
N SER J 6 -46.56 -56.09 88.88
CA SER J 6 -47.31 -56.44 87.66
C SER J 6 -46.69 -57.65 86.98
N VAL J 7 -47.40 -58.78 86.87
CA VAL J 7 -46.87 -59.99 86.25
C VAL J 7 -47.58 -60.26 84.93
N HIS J 8 -46.80 -60.24 83.85
CA HIS J 8 -47.25 -60.35 82.47
C HIS J 8 -46.89 -61.71 81.88
N VAL J 9 -47.88 -62.58 81.66
CA VAL J 9 -47.67 -64.00 81.35
C VAL J 9 -48.16 -64.38 79.94
N GLY J 10 -47.35 -65.18 79.23
CA GLY J 10 -47.63 -65.61 77.87
C GLY J 10 -47.57 -64.47 76.85
N GLN J 11 -48.00 -64.68 75.61
CA GLN J 11 -47.95 -63.65 74.57
C GLN J 11 -48.94 -62.50 74.82
N ALA J 12 -50.21 -62.80 75.12
CA ALA J 12 -51.21 -61.79 75.43
C ALA J 12 -50.83 -60.92 76.63
N GLY J 13 -50.41 -61.50 77.76
CA GLY J 13 -50.03 -60.75 78.94
C GLY J 13 -48.81 -59.87 78.71
N VAL J 14 -47.79 -60.38 78.02
CA VAL J 14 -46.58 -59.62 77.65
C VAL J 14 -46.90 -58.51 76.68
N GLN J 15 -47.76 -58.71 75.69
CA GLN J 15 -48.11 -57.68 74.72
C GLN J 15 -49.05 -56.61 75.29
N ILE J 16 -49.97 -56.97 76.19
CA ILE J 16 -50.69 -56.01 77.02
C ILE J 16 -49.70 -55.25 77.92
N GLY J 17 -48.73 -55.93 78.50
CA GLY J 17 -47.64 -55.32 79.27
C GLY J 17 -46.84 -54.31 78.48
N ASN J 18 -46.48 -54.62 77.24
CA ASN J 18 -45.79 -53.71 76.35
C ASN J 18 -46.62 -52.45 75.98
N SER J 19 -47.94 -52.48 76.20
CA SER J 19 -48.83 -51.31 76.15
C SER J 19 -49.01 -50.63 77.53
N CYS J 20 -49.10 -51.41 78.62
CA CYS J 20 -49.16 -50.88 79.97
C CYS J 20 -47.94 -50.03 80.29
N TRP J 21 -46.75 -50.58 80.07
CA TRP J 21 -45.49 -49.89 80.34
C TRP J 21 -45.19 -48.78 79.35
N GLU J 22 -45.73 -48.84 78.13
CA GLU J 22 -45.73 -47.70 77.20
C GLU J 22 -46.53 -46.52 77.79
N LEU J 23 -47.71 -46.80 78.35
CA LEU J 23 -48.55 -45.80 78.98
C LEU J 23 -47.93 -45.27 80.28
N TYR J 24 -47.58 -46.12 81.24
CA TYR J 24 -47.08 -45.68 82.54
C TYR J 24 -45.84 -44.80 82.41
N CYS J 25 -44.97 -45.09 81.46
CA CYS J 25 -43.81 -44.25 81.18
C CYS J 25 -44.21 -42.85 80.71
N LEU J 26 -45.19 -42.72 79.82
CA LEU J 26 -45.68 -41.40 79.40
C LEU J 26 -46.36 -40.65 80.54
N GLU J 27 -47.17 -41.36 81.31
CA GLU J 27 -48.02 -40.77 82.35
C GLU J 27 -47.20 -40.22 83.53
N HIS J 28 -46.07 -40.86 83.86
CA HIS J 28 -45.10 -40.44 84.87
C HIS J 28 -43.90 -39.66 84.32
N GLY J 29 -43.81 -39.48 83.00
CA GLY J 29 -42.74 -38.74 82.35
C GLY J 29 -41.38 -39.42 82.42
N LEU J 30 -41.35 -40.74 82.36
CA LEU J 30 -40.15 -41.58 82.31
C LEU J 30 -39.82 -41.88 80.84
N GLN J 31 -38.58 -41.62 80.43
CA GLN J 31 -38.05 -41.94 79.12
C GLN J 31 -38.04 -43.46 78.90
N PRO J 32 -38.02 -43.98 77.65
CA PRO J 32 -37.95 -45.41 77.42
C PRO J 32 -36.61 -46.04 77.86
N ASP J 33 -35.58 -45.27 78.20
CA ASP J 33 -34.35 -45.75 78.86
C ASP J 33 -34.43 -45.74 80.40
N GLY J 34 -35.61 -45.49 80.96
CA GLY J 34 -35.88 -45.43 82.39
C GLY J 34 -35.48 -44.14 83.10
N THR J 35 -34.85 -43.16 82.43
CA THR J 35 -34.50 -41.88 83.07
C THR J 35 -35.68 -40.89 83.13
N MET J 36 -35.61 -39.85 83.97
CA MET J 36 -36.70 -38.89 84.17
C MET J 36 -36.19 -37.44 84.21
N PRO J 37 -36.36 -36.64 83.14
CA PRO J 37 -35.93 -35.24 83.12
C PRO J 37 -36.85 -34.33 83.97
N SER J 38 -36.43 -33.10 84.21
CA SER J 38 -37.21 -32.07 84.93
C SER J 38 -36.94 -30.66 84.38
N ASP J 46 -41.78 -36.14 93.66
CA ASP J 46 -43.16 -36.15 94.00
C ASP J 46 -43.71 -37.55 94.36
N SER J 47 -42.93 -38.60 94.11
CA SER J 47 -43.21 -40.02 94.37
C SER J 47 -44.49 -40.59 93.73
N SER J 48 -45.07 -39.94 92.74
CA SER J 48 -46.24 -40.48 92.03
C SER J 48 -45.94 -41.78 91.27
N PHE J 49 -44.75 -41.90 90.69
CA PHE J 49 -44.25 -43.09 90.02
C PHE J 49 -44.05 -44.30 90.94
N GLY J 50 -44.00 -44.14 92.28
CA GLY J 50 -43.50 -45.17 93.18
C GLY J 50 -44.34 -46.46 93.14
N THR J 51 -45.62 -46.38 92.77
CA THR J 51 -46.49 -47.56 92.71
C THR J 51 -45.97 -48.57 91.69
N PHE J 52 -45.45 -48.08 90.57
CA PHE J 52 -45.03 -48.86 89.42
C PHE J 52 -43.52 -48.89 89.19
N PHE J 53 -42.73 -47.98 89.75
CA PHE J 53 -41.30 -47.94 89.50
C PHE J 53 -40.47 -47.83 90.78
N SER J 54 -39.50 -48.73 90.92
CA SER J 54 -38.39 -48.59 91.86
C SER J 54 -37.38 -47.56 91.32
N GLU J 55 -36.81 -46.68 92.13
CA GLU J 55 -35.82 -45.68 91.69
C GLU J 55 -34.43 -46.03 92.20
N THR J 56 -33.44 -46.16 91.31
CA THR J 56 -32.03 -46.38 91.67
C THR J 56 -31.26 -45.05 91.72
N GLY J 57 -30.15 -45.01 92.45
CA GLY J 57 -29.39 -43.79 92.75
C GLY J 57 -28.85 -43.01 91.55
N SER J 58 -28.72 -43.65 90.39
CA SER J 58 -28.38 -43.01 89.12
C SER J 58 -29.49 -42.09 88.59
N GLY J 59 -30.70 -42.13 89.18
CA GLY J 59 -31.89 -41.45 88.68
C GLY J 59 -32.61 -42.22 87.58
N LYS J 60 -32.48 -43.55 87.62
CA LYS J 60 -33.12 -44.50 86.71
C LYS J 60 -34.30 -45.16 87.43
N HIS J 61 -35.48 -45.10 86.82
CA HIS J 61 -36.70 -45.71 87.31
C HIS J 61 -36.92 -47.03 86.60
N VAL J 62 -36.92 -48.11 87.37
CA VAL J 62 -36.99 -49.51 86.90
C VAL J 62 -38.37 -50.04 87.26
N PRO J 63 -39.14 -50.62 86.32
CA PRO J 63 -40.50 -51.04 86.58
C PRO J 63 -40.61 -52.21 87.55
N ARG J 64 -41.64 -52.19 88.40
CA ARG J 64 -42.05 -53.28 89.29
C ARG J 64 -42.88 -54.31 88.51
N ALA J 65 -42.25 -54.92 87.52
CA ALA J 65 -42.87 -55.86 86.61
C ALA J 65 -42.05 -57.12 86.42
N VAL J 66 -42.72 -58.25 86.22
CA VAL J 66 -42.10 -59.49 85.76
C VAL J 66 -42.77 -59.89 84.46
N PHE J 67 -41.99 -60.21 83.43
CA PHE J 67 -42.49 -60.70 82.15
C PHE J 67 -42.10 -62.16 82.03
N VAL J 68 -43.05 -63.07 81.82
CA VAL J 68 -42.81 -64.51 81.76
C VAL J 68 -43.44 -65.13 80.54
N ASP J 69 -42.68 -65.90 79.79
CA ASP J 69 -43.16 -66.67 78.65
C ASP J 69 -42.36 -67.96 78.59
N LEU J 70 -42.97 -69.08 78.21
CA LEU J 70 -42.28 -70.35 78.18
C LEU J 70 -41.41 -70.52 76.92
N GLU J 71 -41.66 -69.71 75.89
CA GLU J 71 -40.87 -69.58 74.66
C GLU J 71 -40.21 -68.19 74.53
N GLN J 72 -39.13 -68.05 73.74
CA GLN J 72 -38.32 -66.84 73.76
C GLN J 72 -38.88 -65.69 72.92
N THR J 73 -39.75 -65.91 71.94
CA THR J 73 -39.91 -65.00 70.79
C THR J 73 -40.41 -63.60 71.14
N VAL J 74 -41.44 -63.52 71.98
CA VAL J 74 -42.11 -62.26 72.34
C VAL J 74 -41.29 -61.44 73.34
N ILE J 75 -40.67 -62.09 74.34
CA ILE J 75 -39.79 -61.39 75.26
C ILE J 75 -38.44 -61.02 74.64
N GLY J 76 -37.88 -61.81 73.72
CA GLY J 76 -36.70 -61.39 72.95
C GLY J 76 -36.97 -60.13 72.11
N GLU J 77 -38.22 -59.87 71.76
CA GLU J 77 -38.61 -58.65 71.09
C GLU J 77 -38.67 -57.46 72.06
N ILE J 78 -39.14 -57.67 73.30
CA ILE J 78 -39.07 -56.70 74.40
C ILE J 78 -37.62 -56.38 74.76
N ARG J 79 -36.73 -57.39 74.81
CA ARG J 79 -35.28 -57.26 74.99
C ARG J 79 -34.52 -56.58 73.82
N ASN J 80 -35.19 -56.19 72.74
CA ASN J 80 -34.56 -55.64 71.53
C ASN J 80 -35.18 -54.33 71.06
N GLY J 81 -36.47 -54.11 71.34
CA GLY J 81 -37.20 -52.89 70.99
C GLY J 81 -36.90 -51.69 71.90
N PRO J 82 -37.69 -50.61 71.79
CA PRO J 82 -37.41 -49.35 72.49
C PRO J 82 -37.35 -49.45 74.01
N TYR J 83 -37.95 -50.48 74.62
CA TYR J 83 -37.93 -50.67 76.06
C TYR J 83 -36.82 -51.63 76.56
N ARG J 84 -35.85 -52.00 75.73
CA ARG J 84 -34.71 -52.86 76.14
C ARG J 84 -33.93 -52.35 77.36
N SER J 85 -33.85 -51.03 77.53
CA SER J 85 -33.17 -50.35 78.64
C SER J 85 -34.09 -50.03 79.82
N LEU J 86 -35.40 -50.25 79.74
CA LEU J 86 -36.31 -49.97 80.85
C LEU J 86 -36.23 -51.06 81.93
N PHE J 87 -36.39 -52.32 81.53
CA PHE J 87 -36.53 -53.45 82.43
C PHE J 87 -35.18 -53.95 82.93
N HIS J 88 -35.16 -54.48 84.15
CA HIS J 88 -34.05 -55.27 84.67
C HIS J 88 -33.92 -56.56 83.84
N PRO J 89 -32.73 -56.92 83.34
CA PRO J 89 -32.59 -58.00 82.36
C PRO J 89 -32.99 -59.39 82.88
N GLU J 90 -32.92 -59.66 84.18
CA GLU J 90 -33.34 -60.95 84.76
C GLU J 90 -34.81 -61.00 85.22
N GLN J 91 -35.60 -59.95 85.05
CA GLN J 91 -37.06 -60.01 85.25
C GLN J 91 -37.86 -60.09 83.94
N LEU J 92 -37.17 -60.14 82.81
CA LEU J 92 -37.65 -60.64 81.53
C LEU J 92 -37.26 -62.13 81.44
N ILE J 93 -38.16 -63.05 81.73
CA ILE J 93 -37.86 -64.47 81.98
C ILE J 93 -38.38 -65.35 80.84
N THR J 94 -37.54 -66.21 80.28
CA THR J 94 -37.89 -67.08 79.16
C THR J 94 -37.42 -68.51 79.36
N GLY J 95 -38.20 -69.46 78.88
CA GLY J 95 -37.79 -70.85 78.65
C GLY J 95 -37.34 -71.12 77.22
N LYS J 96 -37.04 -72.39 76.93
CA LYS J 96 -36.70 -72.92 75.60
C LYS J 96 -37.93 -73.35 74.79
N GLU J 97 -38.97 -73.87 75.45
CA GLU J 97 -40.05 -74.67 74.86
C GLU J 97 -41.42 -74.02 75.01
N ASP J 98 -42.10 -73.79 73.89
CA ASP J 98 -43.48 -73.33 73.82
C ASP J 98 -44.44 -74.27 74.58
N ALA J 99 -45.50 -73.73 75.20
CA ALA J 99 -46.56 -74.50 75.86
C ALA J 99 -47.65 -75.08 74.93
N ALA J 100 -47.60 -74.78 73.65
CA ALA J 100 -48.36 -75.40 72.57
C ALA J 100 -49.89 -75.30 72.69
N ASN J 101 -50.42 -74.26 73.33
CA ASN J 101 -51.83 -74.11 73.67
C ASN J 101 -52.35 -75.30 74.47
N ASN J 102 -51.49 -75.94 75.25
CA ASN J 102 -51.80 -77.07 76.08
C ASN J 102 -51.63 -76.67 77.55
N TYR J 103 -52.72 -76.59 78.32
CA TYR J 103 -52.68 -76.27 79.76
C TYR J 103 -51.67 -77.10 80.52
N ALA J 104 -51.57 -78.39 80.21
CA ALA J 104 -50.77 -79.32 80.96
C ALA J 104 -49.26 -79.10 80.74
N ARG J 105 -48.83 -78.60 79.59
CA ARG J 105 -47.43 -78.16 79.40
C ARG J 105 -47.14 -76.94 80.24
N GLY J 106 -48.06 -75.98 80.29
CA GLY J 106 -47.87 -74.79 81.11
C GLY J 106 -47.78 -75.10 82.60
N HIS J 107 -48.69 -75.93 83.09
CA HIS J 107 -48.84 -76.24 84.50
C HIS J 107 -47.93 -77.36 85.03
N TYR J 108 -47.82 -78.49 84.33
CA TYR J 108 -47.22 -79.72 84.87
C TYR J 108 -45.80 -80.03 84.36
N THR J 109 -45.48 -79.68 83.12
CA THR J 109 -44.31 -80.24 82.41
C THR J 109 -43.23 -79.20 82.08
N ILE J 110 -43.57 -78.08 81.44
CA ILE J 110 -42.61 -77.06 81.01
C ILE J 110 -42.49 -75.91 82.01
N GLY J 111 -43.61 -75.38 82.48
CA GLY J 111 -43.63 -74.30 83.47
C GLY J 111 -43.12 -74.71 84.84
N LYS J 112 -43.22 -76.00 85.17
CA LYS J 112 -42.59 -76.67 86.32
C LYS J 112 -41.10 -76.38 86.46
N GLU J 113 -40.40 -76.07 85.37
CA GLU J 113 -38.98 -75.73 85.39
C GLU J 113 -38.68 -74.25 85.63
N LEU J 114 -39.46 -73.33 85.07
CA LEU J 114 -39.21 -71.88 85.19
C LEU J 114 -39.81 -71.27 86.46
N ILE J 115 -40.77 -71.92 87.12
CA ILE J 115 -41.54 -71.36 88.24
C ILE J 115 -40.68 -70.86 89.41
N ASP J 116 -39.69 -71.63 89.85
CA ASP J 116 -38.86 -71.27 91.01
C ASP J 116 -37.88 -70.11 90.70
N SER J 117 -37.66 -69.79 89.43
CA SER J 117 -36.98 -68.59 88.97
C SER J 117 -37.95 -67.40 88.88
N VAL J 118 -39.19 -67.61 88.45
CA VAL J 118 -40.24 -66.57 88.44
C VAL J 118 -40.54 -66.07 89.85
N LEU J 119 -40.66 -66.98 90.81
CA LEU J 119 -40.87 -66.63 92.21
C LEU J 119 -39.70 -65.85 92.81
N ASP J 120 -38.48 -66.16 92.43
CA ASP J 120 -37.28 -65.51 92.95
C ASP J 120 -37.20 -64.03 92.57
N ARG J 121 -37.61 -63.69 91.34
CA ARG J 121 -37.81 -62.30 90.92
C ARG J 121 -38.95 -61.61 91.66
N VAL J 122 -40.08 -62.28 91.86
CA VAL J 122 -41.21 -61.68 92.59
C VAL J 122 -40.82 -61.43 94.05
N ARG J 123 -40.07 -62.33 94.69
CA ARG J 123 -39.48 -62.12 96.02
C ARG J 123 -38.54 -60.91 96.05
N LYS J 124 -37.59 -60.80 95.11
CA LYS J 124 -36.69 -59.63 95.00
C LYS J 124 -37.41 -58.32 94.66
N MET J 125 -38.62 -58.33 94.11
CA MET J 125 -39.45 -57.14 93.95
C MET J 125 -40.23 -56.80 95.21
N ALA J 126 -40.85 -57.78 95.85
CA ALA J 126 -41.62 -57.58 97.07
C ALA J 126 -40.74 -57.10 98.23
N ASP J 127 -39.51 -57.58 98.35
CA ASP J 127 -38.53 -57.10 99.33
C ASP J 127 -38.07 -55.64 99.11
N GLN J 128 -38.30 -55.06 97.93
CA GLN J 128 -38.11 -53.63 97.64
C GLN J 128 -39.37 -52.77 97.88
N CYS J 129 -40.53 -53.39 98.13
CA CYS J 129 -41.76 -52.70 98.52
C CYS J 129 -41.82 -52.45 100.02
N SER J 130 -42.65 -51.49 100.43
CA SER J 130 -42.94 -51.16 101.82
C SER J 130 -44.44 -50.92 101.94
N GLY J 131 -45.20 -51.92 102.32
CA GLY J 131 -46.65 -51.90 102.15
C GLY J 131 -47.04 -52.06 100.68
N LEU J 132 -46.67 -53.20 100.10
CA LEU J 132 -47.11 -53.67 98.79
C LEU J 132 -48.64 -53.77 98.77
N GLN J 133 -49.30 -53.14 97.80
CA GLN J 133 -50.75 -53.03 97.73
C GLN J 133 -51.41 -54.30 97.19
N GLY J 134 -50.77 -54.95 96.23
CA GLY J 134 -51.23 -56.16 95.59
C GLY J 134 -50.43 -56.55 94.35
N PHE J 135 -50.96 -57.51 93.60
CA PHE J 135 -50.43 -58.00 92.32
C PHE J 135 -51.37 -57.65 91.18
N LEU J 136 -50.85 -57.29 90.02
CA LEU J 136 -51.64 -57.11 88.80
C LEU J 136 -51.21 -58.18 87.79
N VAL J 137 -51.99 -59.23 87.61
CA VAL J 137 -51.60 -60.39 86.78
C VAL J 137 -52.30 -60.40 85.42
N PHE J 138 -51.55 -60.29 84.33
CA PHE J 138 -52.05 -60.17 82.96
C PHE J 138 -51.82 -61.43 82.14
N HIS J 139 -52.88 -61.98 81.53
CA HIS J 139 -52.79 -63.26 80.81
C HIS J 139 -53.95 -63.52 79.84
N SER J 140 -53.79 -64.53 79.00
CA SER J 140 -54.82 -65.11 78.15
C SER J 140 -55.42 -66.34 78.82
N PHE J 141 -56.74 -66.47 78.81
CA PHE J 141 -57.43 -67.68 79.26
C PHE J 141 -57.27 -68.84 78.27
N GLY J 142 -57.04 -68.55 76.99
CA GLY J 142 -56.97 -69.54 75.92
C GLY J 142 -55.59 -70.15 75.68
N GLY J 143 -54.54 -69.46 76.10
CA GLY J 143 -53.16 -69.92 75.98
C GLY J 143 -52.77 -71.11 76.84
N GLY J 144 -51.73 -71.84 76.47
CA GLY J 144 -51.11 -72.86 77.30
C GLY J 144 -50.28 -72.24 78.42
N THR J 145 -49.46 -71.23 78.14
CA THR J 145 -48.76 -70.44 79.17
C THR J 145 -49.73 -69.57 79.94
N GLY J 146 -50.63 -68.86 79.25
CA GLY J 146 -51.71 -68.08 79.82
C GLY J 146 -52.54 -68.78 80.88
N SER J 147 -53.06 -69.98 80.62
CA SER J 147 -53.83 -70.76 81.60
C SER J 147 -52.97 -71.59 82.57
N GLY J 148 -52.08 -72.42 82.05
CA GLY J 148 -51.31 -73.37 82.82
C GLY J 148 -50.20 -72.75 83.64
N PHE J 149 -49.48 -71.77 83.11
CA PHE J 149 -48.42 -71.15 83.89
C PHE J 149 -48.98 -70.15 84.91
N THR J 150 -49.99 -69.36 84.55
CA THR J 150 -50.65 -68.47 85.52
C THR J 150 -51.24 -69.25 86.68
N SER J 151 -51.86 -70.41 86.41
CA SER J 151 -52.43 -71.25 87.46
C SER J 151 -51.38 -71.95 88.33
N LEU J 152 -50.20 -72.23 87.79
CA LEU J 152 -49.05 -72.69 88.56
C LEU J 152 -48.51 -71.56 89.44
N LEU J 153 -48.31 -70.37 88.89
CA LEU J 153 -47.82 -69.22 89.62
C LEU J 153 -48.79 -68.76 90.72
N MET J 154 -50.07 -68.59 90.43
CA MET J 154 -51.04 -68.13 91.42
C MET J 154 -51.15 -69.06 92.63
N GLU J 155 -51.04 -70.37 92.44
CA GLU J 155 -51.07 -71.33 93.54
C GLU J 155 -49.92 -71.11 94.51
N ARG J 156 -48.74 -70.74 94.01
CA ARG J 156 -47.57 -70.36 94.80
C ARG J 156 -47.72 -69.01 95.48
N LEU J 157 -48.11 -67.97 94.75
CA LEU J 157 -48.32 -66.64 95.33
C LEU J 157 -49.43 -66.65 96.39
N SER J 158 -50.41 -67.54 96.33
CA SER J 158 -51.50 -67.62 97.30
C SER J 158 -51.14 -68.35 98.60
N VAL J 159 -50.01 -69.05 98.67
CA VAL J 159 -49.39 -69.53 99.91
C VAL J 159 -48.25 -68.61 100.36
N ASP J 160 -47.48 -68.04 99.44
CA ASP J 160 -46.37 -67.14 99.78
C ASP J 160 -46.80 -65.74 100.24
N TYR J 161 -47.86 -65.18 99.68
CA TYR J 161 -48.37 -63.82 99.92
C TYR J 161 -49.87 -63.83 100.22
N GLY J 162 -50.33 -64.69 101.13
CA GLY J 162 -51.75 -64.98 101.31
C GLY J 162 -52.67 -63.77 101.56
N LYS J 163 -52.19 -62.75 102.28
CA LYS J 163 -52.98 -61.53 102.59
C LYS J 163 -53.15 -60.58 101.40
N LYS J 164 -52.16 -60.51 100.50
CA LYS J 164 -52.05 -59.49 99.44
C LYS J 164 -53.09 -59.69 98.33
N SER J 165 -53.76 -58.61 97.91
CA SER J 165 -54.81 -58.65 96.88
C SER J 165 -54.26 -59.00 95.50
N LYS J 166 -54.82 -60.02 94.85
CA LYS J 166 -54.42 -60.48 93.53
C LYS J 166 -55.49 -60.09 92.51
N LEU J 167 -55.22 -59.02 91.77
CA LEU J 167 -56.08 -58.51 90.71
C LEU J 167 -55.61 -59.13 89.40
N GLU J 168 -56.55 -59.54 88.55
CA GLU J 168 -56.20 -60.38 87.42
C GLU J 168 -56.95 -59.96 86.16
N PHE J 169 -56.20 -59.67 85.10
CA PHE J 169 -56.74 -59.16 83.84
C PHE J 169 -56.62 -60.23 82.77
N SER J 170 -57.76 -60.74 82.33
CA SER J 170 -57.82 -61.94 81.50
C SER J 170 -58.43 -61.66 80.15
N VAL J 171 -57.71 -61.97 79.08
CA VAL J 171 -58.31 -62.06 77.74
C VAL J 171 -59.00 -63.41 77.58
N TYR J 172 -60.32 -63.39 77.49
CA TYR J 172 -61.25 -64.50 77.60
C TYR J 172 -61.83 -64.87 76.23
N PRO J 173 -62.11 -66.15 75.92
CA PRO J 173 -62.71 -66.52 74.64
C PRO J 173 -64.06 -65.87 74.28
N ALA J 174 -64.24 -65.54 73.01
CA ALA J 174 -65.39 -64.82 72.47
C ALA J 174 -66.56 -65.73 72.08
N PRO J 175 -67.75 -65.17 71.76
CA PRO J 175 -68.84 -65.93 71.16
C PRO J 175 -68.45 -66.59 69.83
N ARG J 176 -67.82 -65.86 68.88
CA ARG J 176 -67.52 -66.36 67.53
C ARG J 176 -66.01 -66.32 67.19
N ILE J 177 -65.33 -65.21 67.49
CA ILE J 177 -63.88 -65.05 67.29
C ILE J 177 -63.09 -65.99 68.18
N SER J 178 -62.20 -66.76 67.57
CA SER J 178 -61.31 -67.68 68.25
C SER J 178 -60.05 -67.89 67.43
N THR J 179 -58.93 -68.19 68.09
CA THR J 179 -57.62 -68.37 67.42
C THR J 179 -57.10 -69.81 67.51
N ALA J 180 -57.79 -70.66 68.27
CA ALA J 180 -57.38 -72.01 68.64
C ALA J 180 -58.60 -72.92 68.70
N VAL J 181 -58.36 -74.21 68.49
CA VAL J 181 -59.39 -75.22 68.60
C VAL J 181 -59.63 -75.59 70.07
N VAL J 182 -58.57 -75.56 70.89
CA VAL J 182 -58.55 -76.00 72.29
C VAL J 182 -58.72 -74.86 73.33
N GLU J 183 -59.04 -73.65 72.89
CA GLU J 183 -59.37 -72.47 73.72
C GLU J 183 -60.44 -72.76 74.81
N PRO J 184 -61.53 -73.52 74.56
CA PRO J 184 -62.48 -73.93 75.60
C PRO J 184 -61.90 -74.83 76.70
N TYR J 185 -60.99 -75.74 76.36
CA TYR J 185 -60.34 -76.61 77.34
C TYR J 185 -59.43 -75.82 78.28
N ASN J 186 -58.61 -74.92 77.75
CA ASN J 186 -57.68 -74.14 78.57
C ASN J 186 -58.42 -73.17 79.50
N SER J 187 -59.51 -72.58 79.02
CA SER J 187 -60.31 -71.66 79.80
C SER J 187 -61.04 -72.31 80.96
N ILE J 188 -61.70 -73.44 80.74
CA ILE J 188 -62.40 -74.19 81.79
C ILE J 188 -61.42 -74.72 82.85
N LEU J 189 -60.26 -75.26 82.45
CA LEU J 189 -59.21 -75.67 83.39
C LEU J 189 -58.66 -74.49 84.23
N THR J 190 -58.72 -73.26 83.74
CA THR J 190 -58.36 -72.05 84.49
C THR J 190 -59.35 -71.65 85.58
N THR J 191 -60.62 -72.06 85.52
CA THR J 191 -61.67 -71.59 86.46
C THR J 191 -61.40 -71.89 87.94
N HIS J 192 -60.58 -72.88 88.26
CA HIS J 192 -60.11 -73.10 89.64
C HIS J 192 -59.16 -72.00 90.12
N THR J 193 -58.35 -71.46 89.21
CA THR J 193 -57.36 -70.43 89.51
C THR J 193 -58.07 -69.17 89.94
N THR J 194 -58.98 -68.68 89.10
CA THR J 194 -59.74 -67.49 89.39
C THR J 194 -60.64 -67.66 90.60
N LEU J 195 -61.34 -68.79 90.77
CA LEU J 195 -62.16 -68.99 91.97
C LEU J 195 -61.36 -69.04 93.27
N GLU J 196 -60.26 -69.79 93.35
CA GLU J 196 -59.59 -70.07 94.62
C GLU J 196 -58.40 -69.14 94.92
N HIS J 197 -57.67 -68.68 93.89
CA HIS J 197 -56.38 -67.98 94.02
C HIS J 197 -56.35 -66.59 93.37
N SER J 198 -57.47 -65.90 93.33
CA SER J 198 -57.62 -64.55 92.81
C SER J 198 -58.62 -63.78 93.66
N ASP J 199 -58.54 -62.46 93.71
CA ASP J 199 -59.41 -61.63 94.56
C ASP J 199 -60.35 -60.74 93.74
N CYS J 200 -59.98 -60.36 92.52
CA CYS J 200 -60.85 -59.66 91.59
C CYS J 200 -60.38 -59.90 90.15
N ALA J 201 -61.21 -60.53 89.33
CA ALA J 201 -60.81 -61.02 88.02
C ALA J 201 -61.58 -60.32 86.89
N PHE J 202 -60.88 -59.47 86.14
CA PHE J 202 -61.41 -58.67 85.04
C PHE J 202 -61.31 -59.43 83.73
N MET J 203 -62.39 -60.10 83.36
CA MET J 203 -62.55 -60.71 82.04
C MET J 203 -62.69 -59.64 80.97
N VAL J 204 -61.99 -59.82 79.86
CA VAL J 204 -62.04 -58.98 78.66
C VAL J 204 -62.14 -59.88 77.44
N ASP J 205 -62.75 -59.41 76.36
CA ASP J 205 -63.03 -60.17 75.14
C ASP J 205 -62.50 -59.44 73.89
N ASN J 206 -61.76 -60.17 73.03
CA ASN J 206 -61.25 -59.60 71.78
C ASN J 206 -62.38 -59.13 70.85
N GLU J 207 -63.49 -59.84 70.77
CA GLU J 207 -64.56 -59.52 69.81
C GLU J 207 -65.36 -58.28 70.22
N ALA J 208 -65.52 -58.04 71.51
CA ALA J 208 -66.17 -56.85 72.06
C ALA J 208 -65.33 -55.60 71.83
N ILE J 209 -64.02 -55.67 72.07
CA ILE J 209 -63.14 -54.55 71.75
C ILE J 209 -63.06 -54.32 70.24
N TYR J 210 -63.03 -55.37 69.42
CA TYR J 210 -63.08 -55.18 67.97
C TYR J 210 -64.33 -54.40 67.53
N ASP J 211 -65.48 -54.59 68.17
CA ASP J 211 -66.70 -53.88 67.86
C ASP J 211 -66.71 -52.45 68.40
N ILE J 212 -66.18 -52.24 69.61
CA ILE J 212 -65.91 -50.89 70.15
C ILE J 212 -65.00 -50.10 69.21
N CYS J 213 -63.93 -50.72 68.70
CA CYS J 213 -63.02 -50.05 67.77
C CYS J 213 -63.75 -49.60 66.49
N ASN J 214 -64.61 -50.47 65.95
CA ASN J 214 -65.37 -50.20 64.72
C ASN J 214 -66.37 -49.06 64.90
N ARG J 215 -67.09 -49.01 66.03
CA ARG J 215 -68.19 -48.07 66.28
C ARG J 215 -67.81 -46.73 66.89
N ASN J 216 -66.73 -46.68 67.66
CA ASN J 216 -66.33 -45.49 68.44
C ASN J 216 -65.03 -44.84 67.95
N LEU J 217 -64.03 -45.64 67.58
CA LEU J 217 -62.78 -45.12 67.02
C LEU J 217 -62.84 -44.99 65.49
N ASP J 218 -63.84 -45.61 64.88
CA ASP J 218 -64.07 -45.72 63.44
C ASP J 218 -62.90 -46.35 62.66
N ILE J 219 -61.99 -47.06 63.33
CA ILE J 219 -60.98 -47.88 62.68
C ILE J 219 -61.64 -49.16 62.17
N GLU J 220 -61.56 -49.39 60.87
CA GLU J 220 -62.33 -50.45 60.20
C GLU J 220 -61.77 -51.86 60.45
N ARG J 221 -60.44 -51.95 60.59
CA ARG J 221 -59.62 -53.17 60.67
C ARG J 221 -58.49 -53.07 61.71
N PRO J 222 -58.74 -53.18 63.02
CA PRO J 222 -57.70 -53.07 64.05
C PRO J 222 -56.83 -54.31 64.23
N SER J 223 -55.61 -54.08 64.69
CA SER J 223 -54.62 -55.07 65.16
C SER J 223 -54.79 -55.35 66.66
N TYR J 224 -53.89 -56.14 67.25
CA TYR J 224 -53.81 -56.21 68.70
C TYR J 224 -53.23 -54.97 69.36
N THR J 225 -52.42 -54.14 68.68
CA THR J 225 -51.91 -52.92 69.32
C THR J 225 -53.06 -51.99 69.70
N ASN J 226 -54.13 -51.97 68.91
CA ASN J 226 -55.32 -51.17 69.22
C ASN J 226 -56.10 -51.71 70.43
N LEU J 227 -56.14 -53.03 70.62
CA LEU J 227 -56.81 -53.64 71.78
C LEU J 227 -56.02 -53.39 73.05
N ASN J 228 -54.72 -53.63 73.02
CA ASN J 228 -53.87 -53.51 74.19
C ASN J 228 -53.82 -52.07 74.69
N ARG J 229 -53.88 -51.09 73.79
CA ARG J 229 -54.00 -49.68 74.15
C ARG J 229 -55.32 -49.31 74.82
N LEU J 230 -56.38 -50.11 74.71
CA LEU J 230 -57.59 -49.96 75.53
C LEU J 230 -57.50 -50.71 76.86
N ILE J 231 -56.92 -51.91 76.86
CA ILE J 231 -56.81 -52.74 78.07
C ILE J 231 -55.85 -52.12 79.08
N ALA J 232 -54.77 -51.50 78.63
CA ALA J 232 -53.86 -50.76 79.52
C ALA J 232 -54.52 -49.51 80.10
N GLN J 233 -55.34 -48.81 79.31
CA GLN J 233 -56.00 -47.59 79.76
C GLN J 233 -56.93 -47.84 80.95
N ILE J 234 -57.61 -48.99 80.99
CA ILE J 234 -58.41 -49.39 82.15
C ILE J 234 -57.53 -49.59 83.39
N VAL J 235 -56.38 -50.25 83.30
CA VAL J 235 -55.53 -50.47 84.48
C VAL J 235 -54.86 -49.19 84.96
N SER J 236 -54.52 -48.27 84.07
CA SER J 236 -54.10 -46.93 84.48
C SER J 236 -55.19 -46.26 85.33
N SER J 237 -56.46 -46.43 84.96
CA SER J 237 -57.59 -45.83 85.67
C SER J 237 -57.94 -46.54 86.98
N ILE J 238 -57.76 -47.86 87.07
CA ILE J 238 -57.85 -48.61 88.34
C ILE J 238 -56.75 -48.16 89.29
N THR J 239 -55.53 -48.00 88.79
CA THR J 239 -54.39 -47.58 89.62
C THR J 239 -54.28 -46.07 89.84
N ALA J 240 -55.03 -45.23 89.13
CA ALA J 240 -54.83 -43.78 89.22
C ALA J 240 -54.97 -43.24 90.65
N SER J 241 -55.92 -43.75 91.45
CA SER J 241 -56.06 -43.36 92.86
C SER J 241 -54.89 -43.78 93.76
N LEU J 242 -54.10 -44.75 93.33
CA LEU J 242 -52.90 -45.19 94.03
C LEU J 242 -51.71 -44.26 93.72
N ARG J 243 -51.75 -43.61 92.55
CA ARG J 243 -50.67 -42.85 91.92
C ARG J 243 -50.82 -41.33 92.06
N PHE J 244 -52.01 -40.79 92.25
CA PHE J 244 -52.32 -39.37 92.07
C PHE J 244 -53.25 -38.76 93.13
N ASP J 245 -53.33 -37.43 93.17
CA ASP J 245 -54.32 -36.72 94.00
C ASP J 245 -55.72 -36.76 93.36
N GLY J 246 -56.74 -36.78 94.20
CA GLY J 246 -58.15 -36.81 93.80
C GLY J 246 -59.09 -36.25 94.86
N ALA J 247 -60.34 -36.01 94.49
CA ALA J 247 -61.38 -35.59 95.42
C ALA J 247 -61.86 -36.74 96.30
N LEU J 248 -61.89 -37.95 95.73
CA LEU J 248 -62.36 -39.19 96.35
C LEU J 248 -61.47 -40.34 95.89
N ASN J 249 -60.22 -40.38 96.33
CA ASN J 249 -59.30 -41.47 95.97
C ASN J 249 -59.78 -42.83 96.52
N VAL J 250 -59.60 -43.90 95.75
CA VAL J 250 -60.03 -45.27 96.08
C VAL J 250 -58.82 -46.18 96.28
N ASP J 251 -58.70 -46.76 97.47
CA ASP J 251 -57.68 -47.77 97.77
C ASP J 251 -57.97 -49.12 97.06
N LEU J 252 -56.95 -49.91 96.77
CA LEU J 252 -57.13 -51.17 96.05
C LEU J 252 -58.01 -52.21 96.79
N THR J 253 -58.12 -52.13 98.12
CA THR J 253 -59.06 -52.92 98.96
C THR J 253 -60.39 -52.23 99.22
N GLU J 254 -60.43 -50.91 99.23
CA GLU J 254 -61.66 -50.12 99.22
C GLU J 254 -62.50 -50.42 97.98
N PHE J 255 -61.83 -50.55 96.86
CA PHE J 255 -62.38 -51.01 95.59
C PHE J 255 -63.10 -52.36 95.74
N GLN J 256 -62.40 -53.37 96.27
CA GLN J 256 -62.92 -54.71 96.49
C GLN J 256 -64.06 -54.76 97.51
N THR J 257 -64.01 -53.98 98.59
CA THR J 257 -65.08 -53.93 99.60
C THR J 257 -66.42 -53.42 99.05
N ASN J 258 -66.41 -52.69 97.95
CA ASN J 258 -67.61 -52.22 97.24
C ASN J 258 -67.96 -53.05 96.00
N LEU J 259 -66.99 -53.63 95.29
CA LEU J 259 -67.23 -54.49 94.14
C LEU J 259 -67.76 -55.86 94.52
N VAL J 260 -67.22 -56.49 95.55
CA VAL J 260 -67.39 -57.92 95.82
C VAL J 260 -68.41 -58.15 96.93
N PRO J 261 -69.66 -58.54 96.63
CA PRO J 261 -70.69 -58.79 97.64
C PRO J 261 -70.53 -60.10 98.39
N TYR J 262 -69.94 -61.12 97.77
CA TYR J 262 -69.80 -62.47 98.32
C TYR J 262 -68.43 -63.02 97.94
N PRO J 263 -67.82 -63.93 98.72
CA PRO J 263 -66.45 -64.35 98.50
C PRO J 263 -66.12 -64.81 97.08
N ARG J 264 -67.05 -65.48 96.38
CA ARG J 264 -66.78 -66.04 95.05
C ARG J 264 -67.28 -65.17 93.89
N ILE J 265 -67.90 -64.04 94.19
CA ILE J 265 -68.61 -63.17 93.25
C ILE J 265 -67.75 -61.92 92.98
N HIS J 266 -66.63 -62.18 92.34
CA HIS J 266 -65.53 -61.22 92.15
C HIS J 266 -65.11 -61.11 90.69
N PHE J 267 -66.03 -61.38 89.77
CA PHE J 267 -65.87 -61.27 88.34
C PHE J 267 -66.64 -60.07 87.78
N PRO J 268 -66.18 -58.82 87.98
CA PRO J 268 -66.81 -57.67 87.41
C PRO J 268 -66.56 -57.58 85.90
N LEU J 269 -67.51 -57.01 85.17
CA LEU J 269 -67.26 -56.39 83.89
C LEU J 269 -66.42 -55.12 84.10
N VAL J 270 -65.80 -54.67 83.01
CA VAL J 270 -65.14 -53.38 82.93
C VAL J 270 -65.52 -52.69 81.63
N THR J 271 -65.56 -51.36 81.65
CA THR J 271 -65.79 -50.50 80.49
C THR J 271 -65.12 -49.15 80.70
N TYR J 272 -64.86 -48.42 79.64
CA TYR J 272 -64.18 -47.13 79.67
C TYR J 272 -64.94 -46.15 78.79
N SER J 273 -65.05 -44.89 79.20
CA SER J 273 -65.63 -43.85 78.38
C SER J 273 -64.93 -42.51 78.59
N PRO J 274 -64.88 -41.66 77.57
CA PRO J 274 -65.29 -41.92 76.20
C PRO J 274 -64.19 -42.64 75.42
N ILE J 275 -64.49 -43.77 74.79
CA ILE J 275 -63.66 -44.23 73.67
C ILE J 275 -64.04 -43.35 72.48
N ILE J 276 -63.10 -42.59 71.92
CA ILE J 276 -63.44 -41.60 70.89
C ILE J 276 -62.23 -41.26 70.00
N SER J 277 -62.44 -40.99 68.72
CA SER J 277 -61.39 -40.52 67.82
C SER J 277 -61.34 -39.00 67.72
N ALA J 278 -60.26 -38.45 67.18
CA ALA J 278 -60.12 -37.02 66.94
C ALA J 278 -61.11 -36.46 65.90
N GLU J 279 -61.80 -37.31 65.12
CA GLU J 279 -62.82 -36.87 64.17
C GLU J 279 -64.08 -36.37 64.88
N LYS J 280 -64.38 -36.92 66.06
CA LYS J 280 -65.65 -36.72 66.78
C LYS J 280 -65.47 -36.01 68.13
N ALA J 281 -64.32 -36.13 68.78
CA ALA J 281 -64.10 -35.56 70.11
C ALA J 281 -64.27 -34.04 70.17
N TYR J 282 -64.09 -33.32 69.06
CA TYR J 282 -64.33 -31.88 68.96
C TYR J 282 -65.78 -31.48 68.66
N HIS J 283 -66.71 -32.43 68.49
CA HIS J 283 -68.13 -32.15 68.23
C HIS J 283 -69.08 -32.70 69.29
N GLU J 284 -68.74 -33.79 69.95
CA GLU J 284 -69.41 -34.27 71.16
C GLU J 284 -69.18 -33.31 72.34
N GLN J 285 -70.12 -33.19 73.28
CA GLN J 285 -69.85 -32.42 74.50
C GLN J 285 -68.92 -33.14 75.46
N LEU J 286 -69.01 -34.47 75.60
CA LEU J 286 -68.24 -35.23 76.59
C LEU J 286 -68.40 -34.65 78.01
N SER J 287 -69.59 -34.17 78.33
CA SER J 287 -70.01 -33.80 79.67
C SER J 287 -70.03 -35.03 80.58
N VAL J 288 -69.97 -34.83 81.90
CA VAL J 288 -69.98 -35.94 82.85
C VAL J 288 -71.23 -36.80 82.72
N PRO J 289 -72.38 -36.21 82.41
CA PRO J 289 -73.62 -36.97 82.19
C PRO J 289 -73.49 -37.96 81.02
N GLU J 290 -72.88 -37.57 79.90
CA GLU J 290 -72.77 -38.43 78.72
C GLU J 290 -71.80 -39.59 78.93
N ILE J 291 -70.61 -39.33 79.45
CA ILE J 291 -69.61 -40.39 79.68
C ILE J 291 -70.01 -41.32 80.82
N THR J 292 -70.86 -40.90 81.75
CA THR J 292 -71.49 -41.81 82.71
C THR J 292 -72.48 -42.74 82.02
N ASN J 293 -73.41 -42.19 81.23
CA ASN J 293 -74.42 -42.96 80.51
C ASN J 293 -73.81 -43.93 79.49
N ALA J 294 -72.70 -43.56 78.84
CA ALA J 294 -72.00 -44.44 77.92
C ALA J 294 -71.57 -45.77 78.56
N CYS J 295 -71.27 -45.80 79.86
CA CYS J 295 -70.86 -47.03 80.54
C CYS J 295 -71.99 -48.03 80.73
N PHE J 296 -73.25 -47.62 80.61
CA PHE J 296 -74.40 -48.52 80.73
C PHE J 296 -74.93 -49.01 79.39
N GLU J 297 -74.38 -48.55 78.26
CA GLU J 297 -74.72 -49.07 76.94
C GLU J 297 -74.10 -50.48 76.75
N TYR J 298 -74.86 -51.49 76.28
CA TYR J 298 -74.30 -52.78 75.82
C TYR J 298 -73.18 -52.60 74.79
N SER J 299 -73.27 -51.55 73.99
CA SER J 299 -72.29 -51.15 73.00
C SER J 299 -70.87 -50.91 73.54
N ASN J 300 -70.67 -50.64 74.83
CA ASN J 300 -69.34 -50.33 75.37
C ASN J 300 -68.81 -51.38 76.36
N GLN J 301 -69.55 -52.47 76.59
CA GLN J 301 -69.08 -53.55 77.45
C GLN J 301 -67.99 -54.35 76.73
N MET J 302 -66.87 -54.64 77.40
CA MET J 302 -65.73 -55.34 76.82
C MET J 302 -65.78 -56.87 77.02
N VAL J 303 -66.96 -57.43 77.21
CA VAL J 303 -67.31 -58.86 77.10
C VAL J 303 -68.62 -58.92 76.33
N LYS J 304 -68.76 -59.77 75.30
CA LYS J 304 -70.00 -59.89 74.52
C LYS J 304 -71.09 -60.62 75.31
N CYS J 305 -71.68 -59.91 76.25
CA CYS J 305 -72.89 -60.24 76.99
C CYS J 305 -73.73 -58.96 77.19
N ASP J 306 -75.03 -59.07 77.37
CA ASP J 306 -75.92 -57.91 77.49
C ASP J 306 -76.25 -57.64 78.96
N PRO J 307 -75.85 -56.51 79.57
CA PRO J 307 -76.15 -56.23 80.98
C PRO J 307 -77.63 -56.18 81.33
N ARG J 308 -78.51 -55.97 80.35
CA ARG J 308 -79.96 -55.94 80.52
C ARG J 308 -80.55 -57.32 80.74
N ARG J 309 -79.84 -58.37 80.34
CA ARG J 309 -80.18 -59.76 80.70
C ARG J 309 -79.69 -60.13 82.11
N GLY J 310 -79.11 -59.20 82.86
CA GLY J 310 -78.70 -59.39 84.25
C GLY J 310 -79.35 -58.43 85.24
N LYS J 311 -78.85 -58.45 86.47
CA LYS J 311 -79.00 -57.36 87.44
C LYS J 311 -77.63 -56.94 87.96
N TYR J 312 -77.45 -55.65 88.15
CA TYR J 312 -76.26 -55.08 88.76
C TYR J 312 -76.26 -55.36 90.26
N MET J 313 -75.13 -55.80 90.78
CA MET J 313 -74.87 -55.94 92.21
C MET J 313 -74.18 -54.70 92.73
N ALA J 314 -73.10 -54.25 92.12
CA ALA J 314 -72.40 -53.02 92.46
C ALA J 314 -71.63 -52.43 91.28
N CYS J 315 -71.52 -51.11 91.20
CA CYS J 315 -70.71 -50.40 90.23
C CYS J 315 -69.68 -49.53 90.92
N CYS J 316 -68.42 -49.61 90.53
CA CYS J 316 -67.39 -48.61 90.81
C CYS J 316 -67.25 -47.69 89.61
N LEU J 317 -67.71 -46.45 89.72
CA LEU J 317 -67.46 -45.41 88.73
C LEU J 317 -66.18 -44.68 89.13
N LEU J 318 -65.05 -45.00 88.49
CA LEU J 318 -63.74 -44.40 88.74
C LEU J 318 -63.48 -43.27 87.75
N TYR J 319 -63.94 -42.05 88.06
CA TYR J 319 -63.68 -40.87 87.22
C TYR J 319 -62.26 -40.35 87.38
N ARG J 320 -61.76 -39.76 86.30
CA ARG J 320 -60.48 -39.09 86.29
C ARG J 320 -60.48 -37.89 85.37
N GLY J 321 -59.64 -36.90 85.68
CA GLY J 321 -59.62 -35.62 84.98
C GLY J 321 -60.57 -34.60 85.61
N ASP J 322 -61.06 -33.66 84.80
CA ASP J 322 -61.83 -32.49 85.26
C ASP J 322 -63.30 -32.85 85.58
N VAL J 323 -63.58 -33.40 86.75
CA VAL J 323 -64.95 -33.67 87.22
C VAL J 323 -65.17 -33.22 88.67
N VAL J 324 -66.42 -33.00 89.05
CA VAL J 324 -66.80 -32.46 90.36
C VAL J 324 -67.90 -33.33 90.97
N PRO J 325 -67.86 -33.70 92.25
CA PRO J 325 -68.88 -34.54 92.89
C PRO J 325 -70.33 -34.11 92.69
N LYS J 326 -70.63 -32.82 92.53
CA LYS J 326 -71.94 -32.33 92.07
C LYS J 326 -72.41 -33.09 90.84
N ASP J 327 -71.59 -33.09 89.80
CA ASP J 327 -71.91 -33.62 88.47
C ASP J 327 -72.11 -35.13 88.51
N VAL J 328 -71.29 -35.82 89.29
CA VAL J 328 -71.37 -37.27 89.42
C VAL J 328 -72.63 -37.68 90.15
N ASN J 329 -73.00 -37.03 91.25
CA ASN J 329 -74.25 -37.36 91.94
C ASN J 329 -75.46 -37.10 91.04
N ALA J 330 -75.50 -35.97 90.34
CA ALA J 330 -76.53 -35.63 89.36
C ALA J 330 -76.61 -36.64 88.19
N ALA J 331 -75.47 -37.20 87.78
CA ALA J 331 -75.40 -38.27 86.79
C ALA J 331 -75.96 -39.58 87.33
N ILE J 332 -75.46 -40.12 88.44
CA ILE J 332 -75.95 -41.41 88.96
C ILE J 332 -77.42 -41.37 89.36
N ALA J 333 -77.94 -40.20 89.71
CA ALA J 333 -79.38 -40.00 89.88
C ALA J 333 -80.19 -40.28 88.61
N ALA J 334 -79.70 -39.94 87.43
CA ALA J 334 -80.37 -40.35 86.19
C ALA J 334 -80.24 -41.85 85.93
N ILE J 335 -79.08 -42.46 86.24
CA ILE J 335 -78.94 -43.90 86.09
C ILE J 335 -79.91 -44.63 87.01
N LYS J 336 -80.11 -44.22 88.26
CA LYS J 336 -81.12 -44.80 89.16
C LYS J 336 -82.56 -44.59 88.67
N THR J 337 -82.81 -43.59 87.85
CA THR J 337 -84.14 -43.27 87.32
C THR J 337 -84.52 -44.20 86.16
N ARG J 338 -83.55 -44.67 85.36
CA ARG J 338 -83.75 -45.53 84.17
C ARG J 338 -84.09 -46.98 84.54
N ARG J 339 -85.29 -47.45 84.21
CA ARG J 339 -85.81 -48.78 84.57
C ARG J 339 -85.15 -49.94 83.82
N SER J 340 -84.46 -49.69 82.72
CA SER J 340 -83.68 -50.69 81.99
C SER J 340 -82.36 -51.07 82.68
N ILE J 341 -81.79 -50.21 83.53
CA ILE J 341 -80.59 -50.48 84.35
C ILE J 341 -81.02 -51.00 85.72
N GLN J 342 -81.13 -52.31 85.90
CA GLN J 342 -81.73 -52.87 87.12
C GLN J 342 -80.71 -53.43 88.10
N PHE J 343 -80.69 -52.87 89.30
CA PHE J 343 -79.90 -53.39 90.41
C PHE J 343 -80.68 -54.47 91.17
N VAL J 344 -79.95 -55.30 91.90
CA VAL J 344 -80.50 -56.23 92.89
C VAL J 344 -81.20 -55.50 94.03
N ASP J 345 -82.20 -56.17 94.62
CA ASP J 345 -83.02 -55.66 95.73
C ASP J 345 -82.22 -55.41 97.02
N TRP J 346 -81.11 -56.12 97.17
CA TRP J 346 -80.26 -56.10 98.36
C TRP J 346 -79.08 -55.13 98.27
N CYS J 347 -78.93 -54.35 97.20
CA CYS J 347 -77.91 -53.32 97.10
C CYS J 347 -78.56 -51.95 96.81
N PRO J 348 -79.12 -51.30 97.84
CA PRO J 348 -79.91 -50.08 97.67
C PRO J 348 -79.04 -48.85 97.37
N THR J 349 -77.77 -48.90 97.74
CA THR J 349 -76.74 -47.91 97.48
C THR J 349 -76.18 -48.04 96.07
N GLY J 350 -75.78 -49.22 95.64
CA GLY J 350 -75.37 -49.57 94.28
C GLY J 350 -74.01 -49.05 93.81
N PHE J 351 -73.73 -47.76 93.97
CA PHE J 351 -72.59 -47.08 93.37
C PHE J 351 -71.52 -46.75 94.40
N LYS J 352 -70.29 -47.14 94.09
CA LYS J 352 -69.06 -46.63 94.67
C LYS J 352 -68.44 -45.66 93.67
N VAL J 353 -68.19 -44.43 94.11
CA VAL J 353 -67.65 -43.36 93.29
C VAL J 353 -66.21 -43.11 93.70
N GLY J 354 -65.31 -43.03 92.72
CA GLY J 354 -63.96 -42.51 92.86
C GLY J 354 -63.75 -41.33 91.94
N ILE J 355 -63.00 -40.31 92.35
CA ILE J 355 -62.73 -39.13 91.53
C ILE J 355 -61.27 -38.72 91.71
N ASN J 356 -60.53 -38.66 90.60
CA ASN J 356 -59.09 -38.39 90.57
C ASN J 356 -58.71 -37.22 89.64
N TYR J 357 -57.79 -36.33 90.03
CA TYR J 357 -57.55 -35.08 89.30
C TYR J 357 -56.65 -35.21 88.06
N GLN J 358 -56.13 -36.40 87.76
CA GLN J 358 -55.20 -36.61 86.63
C GLN J 358 -55.95 -37.08 85.38
N PRO J 359 -56.00 -36.29 84.29
CA PRO J 359 -56.63 -36.69 83.02
C PRO J 359 -56.03 -37.97 82.44
N PRO J 360 -56.71 -38.63 81.49
CA PRO J 360 -56.17 -39.77 80.77
C PRO J 360 -55.04 -39.35 79.82
N THR J 361 -53.89 -40.00 79.95
CA THR J 361 -52.73 -39.77 79.08
C THR J 361 -52.93 -40.40 77.70
N ALA J 362 -52.74 -39.63 76.64
CA ALA J 362 -52.70 -40.18 75.28
C ALA J 362 -51.36 -40.83 74.96
N VAL J 363 -51.36 -42.06 74.45
CA VAL J 363 -50.18 -42.57 73.74
C VAL J 363 -50.10 -41.85 72.40
N PRO J 364 -48.98 -41.20 72.02
CA PRO J 364 -48.92 -40.30 70.87
C PRO J 364 -49.20 -40.97 69.51
N GLY J 365 -48.89 -42.26 69.39
CA GLY J 365 -49.16 -43.03 68.17
C GLY J 365 -50.60 -43.55 68.04
N GLY J 366 -51.44 -43.34 69.05
CA GLY J 366 -52.73 -44.05 69.21
C GLY J 366 -53.92 -43.43 68.50
N ASP J 367 -54.99 -44.20 68.44
CA ASP J 367 -56.27 -43.82 67.81
C ASP J 367 -57.17 -43.02 68.76
N VAL J 368 -57.06 -43.27 70.06
CA VAL J 368 -57.90 -42.75 71.13
C VAL J 368 -57.53 -41.30 71.50
N ALA J 369 -58.47 -40.37 71.39
CA ALA J 369 -58.25 -38.93 71.38
C ALA J 369 -58.01 -38.30 72.76
N LYS J 370 -57.45 -37.09 72.78
CA LYS J 370 -57.30 -36.26 73.99
C LYS J 370 -58.66 -35.76 74.45
N VAL J 371 -58.96 -35.89 75.74
CA VAL J 371 -60.26 -35.54 76.33
C VAL J 371 -60.10 -35.04 77.75
N LEU J 372 -60.94 -34.11 78.21
CA LEU J 372 -60.79 -33.54 79.56
C LEU J 372 -61.11 -34.51 80.69
N ARG J 373 -61.85 -35.57 80.38
CA ARG J 373 -62.49 -36.47 81.33
C ARG J 373 -62.41 -37.89 80.83
N ALA J 374 -62.37 -38.82 81.75
CA ALA J 374 -62.73 -40.19 81.49
C ALA J 374 -63.33 -40.80 82.74
N VAL J 375 -64.03 -41.90 82.56
CA VAL J 375 -64.50 -42.78 83.61
C VAL J 375 -64.14 -44.19 83.22
N CYS J 376 -63.64 -44.97 84.16
CA CYS J 376 -63.66 -46.39 84.02
C CYS J 376 -64.76 -46.91 84.94
N MET J 377 -65.73 -47.64 84.40
CA MET J 377 -66.74 -48.29 85.22
C MET J 377 -66.41 -49.77 85.33
N LEU J 378 -66.23 -50.23 86.56
CA LEU J 378 -66.00 -51.62 86.87
C LEU J 378 -67.23 -52.09 87.62
N SER J 379 -67.84 -53.17 87.18
CA SER J 379 -69.25 -53.46 87.47
C SER J 379 -69.53 -54.92 87.70
N ASN J 380 -69.91 -55.30 88.91
CA ASN J 380 -70.34 -56.65 89.23
C ASN J 380 -71.82 -56.81 88.86
N THR J 381 -72.11 -57.69 87.92
CA THR J 381 -73.45 -57.93 87.37
C THR J 381 -73.70 -59.39 87.06
N THR J 382 -74.94 -59.87 87.21
CA THR J 382 -75.28 -61.29 86.94
C THR J 382 -75.16 -61.67 85.47
N ALA J 383 -75.17 -60.69 84.57
CA ALA J 383 -75.10 -60.89 83.13
C ALA J 383 -73.87 -61.67 82.66
N ILE J 384 -72.72 -61.55 83.34
CA ILE J 384 -71.46 -62.17 82.91
C ILE J 384 -71.55 -63.69 82.86
N ALA J 385 -72.47 -64.31 83.59
CA ALA J 385 -72.71 -65.75 83.53
C ALA J 385 -73.07 -66.27 82.13
N GLU J 386 -73.52 -65.41 81.20
CA GLU J 386 -73.75 -65.82 79.82
C GLU J 386 -72.44 -66.04 79.06
N ALA J 387 -71.39 -65.27 79.31
CA ALA J 387 -70.07 -65.51 78.73
C ALA J 387 -69.46 -66.85 79.21
N TRP J 388 -69.86 -67.34 80.38
CA TRP J 388 -69.51 -68.66 80.89
C TRP J 388 -70.41 -69.75 80.29
N ALA J 389 -71.70 -69.48 80.12
CA ALA J 389 -72.64 -70.38 79.48
C ALA J 389 -72.34 -70.61 77.99
N ARG J 390 -71.76 -69.63 77.30
CA ARG J 390 -71.25 -69.81 75.92
C ARG J 390 -70.12 -70.83 75.91
N LEU J 391 -69.12 -70.64 76.75
CA LEU J 391 -67.87 -71.38 76.66
C LEU J 391 -68.00 -72.79 77.21
N ASP J 392 -68.78 -73.03 78.25
CA ASP J 392 -69.01 -74.40 78.74
C ASP J 392 -69.88 -75.24 77.78
N HIS J 393 -70.67 -74.62 76.89
CA HIS J 393 -71.30 -75.28 75.75
C HIS J 393 -70.33 -75.60 74.60
N LYS J 394 -69.25 -74.84 74.42
CA LYS J 394 -68.13 -75.24 73.52
C LYS J 394 -67.33 -76.40 74.09
N PHE J 395 -67.07 -76.38 75.40
CA PHE J 395 -66.40 -77.47 76.10
C PHE J 395 -67.18 -78.78 76.01
N ASP J 396 -68.50 -78.74 76.21
CA ASP J 396 -69.33 -79.94 76.25
C ASP J 396 -69.32 -80.74 74.95
N LEU J 397 -69.32 -80.09 73.79
CA LEU J 397 -69.24 -80.74 72.48
C LEU J 397 -67.94 -81.51 72.26
N MET J 398 -66.82 -80.97 72.75
CA MET J 398 -65.51 -81.58 72.60
C MET J 398 -65.24 -82.64 73.66
N TYR J 399 -65.61 -82.44 74.91
CA TYR J 399 -65.39 -83.43 75.95
C TYR J 399 -66.31 -84.64 75.79
N SER J 400 -67.51 -84.51 75.21
CA SER J 400 -68.35 -85.65 74.84
C SER J 400 -67.68 -86.63 73.85
N LYS J 401 -66.72 -86.16 73.05
CA LYS J 401 -65.90 -86.97 72.15
C LYS J 401 -64.51 -87.30 72.70
N ARG J 402 -64.10 -86.68 73.82
CA ARG J 402 -62.71 -86.59 74.31
C ARG J 402 -61.77 -85.99 73.24
N ALA J 403 -62.28 -85.02 72.50
CA ALA J 403 -61.80 -84.60 71.18
C ALA J 403 -60.32 -84.25 71.06
N PHE J 404 -59.65 -83.71 72.07
CA PHE J 404 -58.20 -83.43 72.06
C PHE J 404 -57.47 -83.91 73.32
N VAL J 405 -58.13 -84.75 74.13
CA VAL J 405 -57.74 -85.03 75.52
C VAL J 405 -56.39 -85.76 75.64
N HIS J 406 -55.96 -86.50 74.63
CA HIS J 406 -54.69 -87.23 74.65
C HIS J 406 -53.46 -86.32 74.73
N TRP J 407 -53.52 -85.07 74.27
CA TRP J 407 -52.43 -84.11 74.40
C TRP J 407 -52.23 -83.63 75.85
N TYR J 408 -53.29 -83.60 76.65
CA TYR J 408 -53.29 -83.17 78.05
C TYR J 408 -52.94 -84.33 78.98
N VAL J 409 -53.55 -85.50 78.75
CA VAL J 409 -53.22 -86.75 79.44
C VAL J 409 -51.78 -87.20 79.14
N GLY J 410 -51.30 -86.94 77.92
CA GLY J 410 -49.93 -87.26 77.50
C GLY J 410 -48.85 -86.41 78.16
N GLU J 411 -49.20 -85.28 78.76
CA GLU J 411 -48.25 -84.34 79.40
C GLU J 411 -48.44 -84.23 80.92
N GLY J 412 -48.99 -85.27 81.54
CA GLY J 412 -49.04 -85.48 82.98
C GLY J 412 -50.33 -85.05 83.68
N MET J 413 -51.37 -84.64 82.96
CA MET J 413 -52.66 -84.30 83.60
C MET J 413 -53.52 -85.54 83.85
N GLU J 414 -54.24 -85.57 84.99
CA GLU J 414 -55.30 -86.53 85.27
C GLU J 414 -56.50 -86.29 84.34
N GLU J 415 -57.06 -87.32 83.70
CA GLU J 415 -58.22 -87.14 82.82
C GLU J 415 -59.45 -86.58 83.57
N GLY J 416 -59.62 -86.96 84.84
CA GLY J 416 -60.69 -86.48 85.70
C GLY J 416 -60.68 -84.98 86.00
N GLU J 417 -59.56 -84.27 85.79
CA GLU J 417 -59.51 -82.81 85.97
C GLU J 417 -60.43 -82.06 85.01
N PHE J 418 -60.72 -82.60 83.82
CA PHE J 418 -61.65 -81.99 82.89
C PHE J 418 -63.09 -82.01 83.44
N SER J 419 -63.51 -83.12 84.03
CA SER J 419 -64.81 -83.24 84.70
C SER J 419 -64.87 -82.37 85.96
N GLU J 420 -63.84 -82.42 86.81
CA GLU J 420 -63.66 -81.58 88.00
C GLU J 420 -63.58 -80.06 87.69
N ALA J 421 -63.14 -79.64 86.51
CA ALA J 421 -63.16 -78.24 86.07
C ALA J 421 -64.51 -77.81 85.48
N ARG J 422 -65.18 -78.66 84.69
CA ARG J 422 -66.53 -78.38 84.17
C ARG J 422 -67.57 -78.33 85.29
N GLU J 423 -67.36 -79.14 86.33
CA GLU J 423 -68.14 -79.19 87.57
C GLU J 423 -68.01 -77.89 88.38
N ASP J 424 -66.78 -77.44 88.61
CA ASP J 424 -66.49 -76.22 89.36
C ASP J 424 -66.96 -74.96 88.61
N MET J 425 -66.89 -74.94 87.27
CA MET J 425 -67.50 -73.87 86.48
C MET J 425 -69.03 -73.85 86.63
N ALA J 426 -69.71 -75.00 86.60
CA ALA J 426 -71.15 -75.07 86.83
C ALA J 426 -71.58 -74.57 88.22
N ALA J 427 -70.76 -74.77 89.24
CA ALA J 427 -70.97 -74.19 90.56
C ALA J 427 -70.76 -72.66 90.63
N LEU J 428 -69.87 -72.07 89.81
CA LEU J 428 -69.77 -70.61 89.68
C LEU J 428 -70.93 -70.02 88.87
N GLU J 429 -71.31 -70.68 87.78
CA GLU J 429 -72.44 -70.25 86.96
C GLU J 429 -73.78 -70.37 87.73
N LYS J 430 -73.87 -71.32 88.68
CA LYS J 430 -74.93 -71.43 89.69
C LYS J 430 -74.93 -70.25 90.65
N ASP J 431 -73.78 -69.93 91.27
CA ASP J 431 -73.65 -68.83 92.23
C ASP J 431 -74.09 -67.46 91.66
N TYR J 432 -73.72 -67.11 90.43
CA TYR J 432 -74.13 -65.84 89.78
C TYR J 432 -75.62 -65.79 89.42
N GLU J 433 -76.27 -66.92 89.18
CA GLU J 433 -77.71 -67.00 88.98
C GLU J 433 -78.46 -66.94 90.32
N GLU J 434 -77.93 -67.57 91.36
CA GLU J 434 -78.50 -67.65 92.71
C GLU J 434 -78.63 -66.28 93.41
N VAL J 435 -77.67 -65.38 93.27
CA VAL J 435 -77.67 -64.07 93.95
C VAL J 435 -78.50 -62.97 93.28
N GLY J 436 -79.02 -63.20 92.08
CA GLY J 436 -79.83 -62.20 91.36
C GLY J 436 -81.25 -62.03 91.91
N THR J 437 -81.68 -62.90 92.81
CA THR J 437 -83.10 -63.11 93.12
C THR J 437 -83.58 -62.18 94.23
N MET K 1 7.38 -47.68 110.01
CA MET K 1 6.12 -47.90 110.73
C MET K 1 5.11 -48.49 109.78
N ARG K 2 4.45 -49.58 110.17
CA ARG K 2 3.36 -50.26 109.45
C ARG K 2 3.75 -50.96 108.15
N GLU K 3 4.98 -51.44 108.04
CA GLU K 3 5.43 -52.20 106.87
C GLU K 3 4.79 -53.59 106.76
N CYS K 4 4.69 -54.17 105.55
CA CYS K 4 4.42 -55.60 105.33
C CYS K 4 5.37 -56.17 104.28
N ILE K 5 6.01 -57.30 104.57
CA ILE K 5 6.81 -58.05 103.59
C ILE K 5 5.92 -59.07 102.90
N SER K 6 5.73 -58.93 101.59
CA SER K 6 4.89 -59.83 100.79
C SER K 6 5.72 -60.89 100.08
N VAL K 7 5.54 -62.16 100.38
CA VAL K 7 6.32 -63.24 99.77
C VAL K 7 5.43 -64.08 98.84
N HIS K 8 5.77 -64.06 97.56
CA HIS K 8 5.05 -64.67 96.47
C HIS K 8 5.74 -65.94 95.96
N VAL K 9 5.18 -67.12 96.23
CA VAL K 9 5.85 -68.42 96.04
C VAL K 9 5.19 -69.29 94.98
N GLY K 10 6.01 -69.91 94.13
CA GLY K 10 5.55 -70.75 93.03
C GLY K 10 4.84 -69.97 91.93
N GLN K 11 4.20 -70.62 90.96
CA GLN K 11 3.51 -69.94 89.85
C GLN K 11 2.27 -69.18 90.31
N ALA K 12 1.37 -69.82 91.08
CA ALA K 12 0.18 -69.16 91.61
C ALA K 12 0.50 -67.94 92.47
N GLY K 13 1.43 -68.03 93.43
CA GLY K 13 1.78 -66.91 94.28
C GLY K 13 2.42 -65.75 93.52
N VAL K 14 3.31 -66.04 92.57
CA VAL K 14 3.93 -65.04 91.69
C VAL K 14 2.92 -64.39 90.77
N GLN K 15 1.97 -65.13 90.20
CA GLN K 15 0.96 -64.58 89.31
C GLN K 15 -0.13 -63.78 90.04
N ILE K 16 -0.51 -64.19 91.25
CA ILE K 16 -1.29 -63.35 92.17
C ILE K 16 -0.49 -62.09 92.53
N GLY K 17 0.81 -62.22 92.81
CA GLY K 17 1.71 -61.10 93.04
C GLY K 17 1.77 -60.12 91.88
N ASN K 18 1.85 -60.60 90.65
CA ASN K 18 1.80 -59.76 89.46
C ASN K 18 0.47 -59.01 89.27
N SER K 19 -0.60 -59.44 89.96
CA SER K 19 -1.87 -58.69 90.10
C SER K 19 -1.91 -57.79 91.34
N CYS K 20 -1.35 -58.24 92.47
CA CYS K 20 -1.23 -57.43 93.68
C CYS K 20 -0.42 -56.16 93.42
N TRP K 21 0.77 -56.31 92.85
CA TRP K 21 1.65 -55.18 92.55
C TRP K 21 1.17 -54.33 91.38
N GLU K 22 0.36 -54.90 90.47
CA GLU K 22 -0.37 -54.10 89.47
C GLU K 22 -1.36 -53.16 90.15
N LEU K 23 -2.11 -53.68 91.14
CA LEU K 23 -3.07 -52.89 91.92
C LEU K 23 -2.38 -51.86 92.81
N TYR K 24 -1.46 -52.27 93.68
CA TYR K 24 -0.83 -51.35 94.64
C TYR K 24 -0.15 -50.18 93.95
N CYS K 25 0.46 -50.38 92.79
CA CYS K 25 1.03 -49.30 92.00
C CYS K 25 -0.03 -48.30 91.55
N LEU K 26 -1.19 -48.74 91.06
CA LEU K 26 -2.28 -47.83 90.69
C LEU K 26 -2.84 -47.09 91.90
N GLU K 27 -3.03 -47.80 92.99
CA GLU K 27 -3.70 -47.29 94.18
C GLU K 27 -2.88 -46.21 94.91
N HIS K 28 -1.55 -46.32 94.88
CA HIS K 28 -0.59 -45.34 95.40
C HIS K 28 -0.03 -44.37 94.35
N GLY K 29 -0.42 -44.52 93.09
CA GLY K 29 0.03 -43.65 92.00
C GLY K 29 1.50 -43.78 91.64
N LEU K 30 2.05 -44.98 91.74
CA LEU K 30 3.41 -45.33 91.36
C LEU K 30 3.40 -45.87 89.92
N GLN K 31 4.25 -45.32 89.06
CA GLN K 31 4.47 -45.77 87.69
C GLN K 31 5.04 -47.20 87.68
N PRO K 32 4.90 -47.98 86.59
CA PRO K 32 5.48 -49.31 86.53
C PRO K 32 7.03 -49.31 86.52
N ASP K 33 7.70 -48.17 86.37
CA ASP K 33 9.15 -48.01 86.58
C ASP K 33 9.53 -47.63 88.03
N GLY K 34 8.56 -47.66 88.95
CA GLY K 34 8.71 -47.33 90.35
C GLY K 34 8.73 -45.84 90.70
N THR K 35 8.68 -44.92 89.74
CA THR K 35 8.65 -43.48 90.03
C THR K 35 7.24 -42.97 90.39
N MET K 36 7.11 -41.80 91.01
CA MET K 36 5.83 -41.24 91.47
C MET K 36 5.70 -39.75 91.15
N PRO K 37 4.91 -39.35 90.13
CA PRO K 37 4.69 -37.96 89.77
C PRO K 37 3.77 -37.24 90.77
N SER K 38 3.69 -35.91 90.69
CA SER K 38 2.81 -35.06 91.51
C SER K 38 2.31 -33.84 90.73
N ASP K 46 3.06 -38.05 101.74
CA ASP K 46 1.95 -38.44 102.56
C ASP K 46 2.16 -39.79 103.28
N SER K 47 3.19 -40.55 102.89
CA SER K 47 3.62 -41.85 103.40
C SER K 47 2.56 -42.96 103.37
N SER K 48 1.49 -42.85 102.57
CA SER K 48 0.50 -43.91 102.42
C SER K 48 1.07 -45.18 101.77
N PHE K 49 1.99 -45.03 100.82
CA PHE K 49 2.72 -46.12 100.16
C PHE K 49 3.65 -46.90 101.10
N GLY K 50 4.02 -46.38 102.28
CA GLY K 50 5.13 -46.92 103.07
C GLY K 50 4.93 -48.37 103.50
N THR K 51 3.68 -48.84 103.62
CA THR K 51 3.40 -50.22 104.02
C THR K 51 3.96 -51.22 103.02
N PHE K 52 3.89 -50.88 101.74
CA PHE K 52 4.24 -51.75 100.63
C PHE K 52 5.49 -51.31 99.86
N PHE K 53 5.96 -50.07 99.97
CA PHE K 53 7.12 -49.61 99.21
C PHE K 53 8.15 -48.91 100.07
N SER K 54 9.41 -49.34 99.96
CA SER K 54 10.59 -48.59 100.39
C SER K 54 10.87 -47.46 99.40
N GLU K 55 11.24 -46.25 99.83
CA GLU K 55 11.55 -45.12 98.94
C GLU K 55 13.05 -44.84 98.95
N THR K 56 13.69 -44.84 97.77
CA THR K 56 15.11 -44.46 97.62
C THR K 56 15.25 -42.99 97.21
N GLY K 57 16.41 -42.38 97.47
CA GLY K 57 16.65 -40.93 97.32
C GLY K 57 16.44 -40.36 95.92
N SER K 58 16.50 -41.20 94.88
CA SER K 58 16.15 -40.83 93.51
C SER K 58 14.67 -40.51 93.31
N GLY K 59 13.80 -40.80 94.30
CA GLY K 59 12.35 -40.73 94.18
C GLY K 59 11.73 -41.97 93.53
N LYS K 60 12.40 -43.11 93.68
CA LYS K 60 11.97 -44.43 93.21
C LYS K 60 11.43 -45.24 94.38
N HIS K 61 10.20 -45.75 94.25
CA HIS K 61 9.54 -46.58 95.22
C HIS K 61 9.69 -48.05 94.82
N VAL K 62 10.36 -48.82 95.66
CA VAL K 62 10.72 -50.22 95.43
C VAL K 62 9.87 -51.09 96.33
N PRO K 63 9.17 -52.12 95.82
CA PRO K 63 8.24 -52.89 96.62
C PRO K 63 8.90 -53.74 97.70
N ARG K 64 8.25 -53.85 98.85
CA ARG K 64 8.60 -54.75 99.96
C ARG K 64 8.09 -56.16 99.68
N ALA K 65 8.59 -56.75 98.61
CA ALA K 65 8.17 -58.05 98.12
C ALA K 65 9.35 -58.95 97.81
N VAL K 66 9.17 -60.25 98.00
CA VAL K 66 10.09 -61.29 97.51
C VAL K 66 9.31 -62.22 96.60
N PHE K 67 9.81 -62.50 95.41
CA PHE K 67 9.22 -63.45 94.48
C PHE K 67 10.12 -64.67 94.40
N VAL K 68 9.61 -65.87 94.67
CA VAL K 68 10.40 -67.10 94.70
C VAL K 68 9.74 -68.19 93.89
N ASP K 69 10.51 -68.81 93.01
CA ASP K 69 10.07 -69.97 92.24
C ASP K 69 11.28 -70.88 92.05
N LEU K 70 11.10 -72.19 92.07
CA LEU K 70 12.21 -73.13 91.94
C LEU K 70 12.67 -73.30 90.48
N GLU K 71 11.83 -72.93 89.52
CA GLU K 71 12.09 -72.85 88.08
C GLU K 71 12.06 -71.40 87.55
N GLN K 72 12.72 -71.10 86.41
CA GLN K 72 12.92 -69.74 85.96
C GLN K 72 11.73 -69.10 85.26
N THR K 73 10.77 -69.86 84.70
CA THR K 73 9.93 -69.40 83.59
C THR K 73 9.02 -68.21 83.92
N VAL K 74 8.34 -68.27 85.06
CA VAL K 74 7.35 -67.26 85.48
C VAL K 74 8.02 -65.99 85.99
N ILE K 75 9.10 -66.10 86.76
CA ILE K 75 9.84 -64.92 87.23
C ILE K 75 10.68 -64.30 86.11
N GLY K 76 11.22 -65.06 85.14
CA GLY K 76 11.84 -64.47 83.95
C GLY K 76 10.86 -63.65 83.12
N GLU K 77 9.57 -63.93 83.21
CA GLU K 77 8.52 -63.13 82.59
C GLU K 77 8.28 -61.83 83.36
N ILE K 78 8.32 -61.86 84.70
CA ILE K 78 8.28 -60.67 85.58
C ILE K 78 9.51 -59.80 85.33
N ARG K 79 10.71 -60.39 85.18
CA ARG K 79 11.96 -59.72 84.79
C ARG K 79 12.01 -59.16 83.36
N ASN K 80 10.96 -59.32 82.55
CA ASN K 80 10.92 -58.91 81.14
C ASN K 80 9.71 -58.05 80.78
N GLY K 81 8.58 -58.24 81.47
CA GLY K 81 7.35 -57.47 81.27
C GLY K 81 7.38 -56.06 81.83
N PRO K 82 6.24 -55.38 81.89
CA PRO K 82 6.14 -53.96 82.28
C PRO K 82 6.69 -53.63 83.67
N TYR K 83 6.76 -54.60 84.59
CA TYR K 83 7.28 -54.41 85.93
C TYR K 83 8.76 -54.76 86.10
N ARG K 84 9.53 -54.98 85.03
CA ARG K 84 10.97 -55.26 85.10
C ARG K 84 11.79 -54.21 85.87
N SER K 85 11.37 -52.95 85.83
CA SER K 85 12.00 -51.81 86.51
C SER K 85 11.41 -51.53 87.90
N LEU K 86 10.35 -52.21 88.34
CA LEU K 86 9.77 -51.99 89.66
C LEU K 86 10.60 -52.65 90.76
N PHE K 87 10.85 -53.95 90.61
CA PHE K 87 11.47 -54.78 91.63
C PHE K 87 12.98 -54.65 91.65
N HIS K 88 13.57 -54.80 92.84
CA HIS K 88 15.00 -55.00 93.01
C HIS K 88 15.41 -56.34 92.36
N PRO K 89 16.45 -56.39 91.50
CA PRO K 89 16.73 -57.56 90.69
C PRO K 89 17.09 -58.83 91.49
N GLU K 90 17.65 -58.70 92.71
CA GLU K 90 17.98 -59.86 93.55
C GLU K 90 16.87 -60.30 94.52
N GLN K 91 15.69 -59.66 94.52
CA GLN K 91 14.51 -60.16 95.24
C GLN K 91 13.47 -60.85 94.34
N LEU K 92 13.78 -60.94 93.05
CA LEU K 92 13.20 -61.89 92.12
C LEU K 92 14.11 -63.13 92.07
N ILE K 93 13.80 -64.20 92.79
CA ILE K 93 14.72 -65.30 93.09
C ILE K 93 14.29 -66.57 92.34
N THR K 94 15.21 -67.21 91.62
CA THR K 94 14.94 -68.41 90.83
C THR K 94 16.00 -69.49 91.01
N GLY K 95 15.58 -70.74 90.98
CA GLY K 95 16.43 -71.91 90.79
C GLY K 95 16.53 -72.37 89.33
N LYS K 96 17.23 -73.48 89.12
CA LYS K 96 17.35 -74.19 87.84
C LYS K 96 16.22 -75.21 87.59
N GLU K 97 15.74 -75.87 88.65
CA GLU K 97 14.96 -77.11 88.60
C GLU K 97 13.55 -76.95 89.16
N ASP K 98 12.55 -77.27 88.36
CA ASP K 98 11.14 -77.35 88.73
C ASP K 98 10.92 -78.33 89.92
N ALA K 99 9.96 -78.05 90.80
CA ALA K 99 9.55 -78.94 91.90
C ALA K 99 8.59 -80.07 91.51
N ALA K 100 8.12 -80.12 90.26
CA ALA K 100 7.41 -81.21 89.63
C ALA K 100 6.08 -81.62 90.29
N ASN K 101 5.39 -80.70 90.95
CA ASN K 101 4.20 -80.96 91.76
C ASN K 101 4.47 -82.01 92.83
N ASN K 102 5.71 -82.08 93.31
CA ASN K 102 6.14 -82.99 94.35
C ASN K 102 6.54 -82.19 95.59
N TYR K 103 5.79 -82.30 96.68
CA TYR K 103 6.10 -81.63 97.95
C TYR K 103 7.55 -81.83 98.40
N ALA K 104 8.07 -83.04 98.23
CA ALA K 104 9.37 -83.40 98.74
C ALA K 104 10.52 -82.75 97.96
N ARG K 105 10.35 -82.45 96.66
CA ARG K 105 11.32 -81.63 95.94
C ARG K 105 11.31 -80.21 96.45
N GLY K 106 10.15 -79.64 96.71
CA GLY K 106 10.04 -78.29 97.25
C GLY K 106 10.68 -78.14 98.63
N HIS K 107 10.38 -79.08 99.52
CA HIS K 107 10.79 -79.05 100.91
C HIS K 107 12.18 -79.61 101.20
N TYR K 108 12.55 -80.78 100.67
CA TYR K 108 13.73 -81.54 101.09
C TYR K 108 14.93 -81.46 100.14
N THR K 109 14.71 -81.35 98.83
CA THR K 109 15.74 -81.64 97.82
C THR K 109 16.16 -80.43 96.99
N ILE K 110 15.22 -79.69 96.39
CA ILE K 110 15.50 -78.55 95.51
C ILE K 110 15.42 -77.22 96.25
N GLY K 111 14.37 -77.00 97.03
CA GLY K 111 14.20 -75.77 97.80
C GLY K 111 15.20 -75.61 98.94
N LYS K 112 15.74 -76.72 99.43
CA LYS K 112 16.89 -76.82 100.35
C LYS K 112 18.10 -76.01 99.89
N GLU K 113 18.26 -75.78 98.59
CA GLU K 113 19.36 -74.98 98.05
C GLU K 113 19.08 -73.47 97.97
N LEU K 114 17.87 -73.06 97.62
CA LEU K 114 17.51 -71.63 97.47
C LEU K 114 17.12 -70.96 98.79
N ILE K 115 16.75 -71.71 99.83
CA ILE K 115 16.17 -71.16 101.06
C ILE K 115 17.04 -70.12 101.78
N ASP K 116 18.35 -70.36 101.91
CA ASP K 116 19.24 -69.45 102.62
C ASP K 116 19.54 -68.15 101.85
N SER K 117 19.22 -68.11 100.55
CA SER K 117 19.18 -66.91 99.72
C SER K 117 17.83 -66.19 99.85
N VAL K 118 16.72 -66.92 99.94
CA VAL K 118 15.39 -66.35 100.18
C VAL K 118 15.33 -65.63 101.52
N LEU K 119 15.87 -66.24 102.56
CA LEU K 119 15.95 -65.65 103.89
C LEU K 119 16.81 -64.38 103.92
N ASP K 120 17.89 -64.34 103.15
CA ASP K 120 18.81 -63.20 103.10
C ASP K 120 18.17 -61.95 102.55
N ARG K 121 17.32 -62.09 101.52
CA ARG K 121 16.45 -61.02 101.05
C ARG K 121 15.39 -60.60 102.05
N VAL K 122 14.74 -61.54 102.73
CA VAL K 122 13.73 -61.20 103.74
C VAL K 122 14.38 -60.45 104.91
N ARG K 123 15.59 -60.85 105.35
CA ARG K 123 16.40 -60.10 106.32
C ARG K 123 16.72 -58.67 105.85
N LYS K 124 17.22 -58.50 104.62
CA LYS K 124 17.49 -57.17 104.05
C LYS K 124 16.24 -56.31 103.84
N MET K 125 15.03 -56.89 103.78
CA MET K 125 13.78 -56.13 103.78
C MET K 125 13.33 -55.76 105.19
N ALA K 126 13.38 -56.69 106.14
CA ALA K 126 12.99 -56.47 107.52
C ALA K 126 13.88 -55.42 108.20
N ASP K 127 15.18 -55.42 107.92
CA ASP K 127 16.11 -54.39 108.40
C ASP K 127 15.84 -52.97 107.84
N GLN K 128 15.06 -52.83 106.77
CA GLN K 128 14.55 -51.55 106.26
C GLN K 128 13.19 -51.15 106.84
N CYS K 129 12.51 -52.03 107.57
CA CYS K 129 11.27 -51.74 108.29
C CYS K 129 11.55 -51.14 109.66
N SER K 130 10.55 -50.46 110.22
CA SER K 130 10.58 -49.89 111.58
C SER K 130 9.21 -50.16 112.20
N GLY K 131 9.08 -51.23 112.98
CA GLY K 131 7.76 -51.74 113.34
C GLY K 131 7.07 -52.40 112.14
N LEU K 132 7.70 -53.46 111.61
CA LEU K 132 7.13 -54.38 110.62
C LEU K 132 5.83 -54.99 111.19
N GLN K 133 4.74 -54.90 110.45
CA GLN K 133 3.41 -55.32 110.90
C GLN K 133 3.21 -56.83 110.80
N GLY K 134 3.75 -57.45 109.75
CA GLY K 134 3.66 -58.87 109.49
C GLY K 134 4.17 -59.26 108.11
N PHE K 135 3.88 -60.50 107.72
CA PHE K 135 4.17 -61.10 106.42
C PHE K 135 2.88 -61.41 105.67
N LEU K 136 2.84 -61.19 104.37
CA LEU K 136 1.74 -61.61 103.51
C LEU K 136 2.27 -62.70 102.55
N VAL K 137 1.97 -63.97 102.80
CA VAL K 137 2.54 -65.09 102.04
C VAL K 137 1.55 -65.70 101.05
N PHE K 138 1.84 -65.62 99.75
CA PHE K 138 0.96 -66.03 98.66
C PHE K 138 1.44 -67.31 97.98
N HIS K 139 0.58 -68.33 97.87
CA HIS K 139 0.96 -69.63 97.34
C HIS K 139 -0.21 -70.52 96.90
N SER K 140 0.11 -71.60 96.20
CA SER K 140 -0.79 -72.69 95.86
C SER K 140 -0.62 -73.84 96.85
N PHE K 141 -1.71 -74.41 97.34
CA PHE K 141 -1.68 -75.62 98.16
C PHE K 141 -1.34 -76.87 97.34
N GLY K 142 -1.64 -76.85 96.03
CA GLY K 142 -1.47 -78.00 95.15
C GLY K 142 -0.10 -78.15 94.50
N GLY K 143 0.64 -77.06 94.42
CA GLY K 143 1.99 -77.02 93.85
C GLY K 143 3.06 -77.75 94.66
N GLY K 144 4.16 -78.14 94.02
CA GLY K 144 5.35 -78.63 94.68
C GLY K 144 6.14 -77.51 95.34
N THR K 145 6.36 -76.38 94.64
CA THR K 145 6.93 -75.17 95.24
C THR K 145 5.94 -74.51 96.20
N GLY K 146 4.69 -74.36 95.80
CA GLY K 146 3.60 -73.88 96.62
C GLY K 146 3.48 -74.51 98.00
N SER K 147 3.45 -75.85 98.10
CA SER K 147 3.38 -76.57 99.38
C SER K 147 4.74 -76.77 100.07
N GLY K 148 5.70 -77.34 99.36
CA GLY K 148 6.98 -77.75 99.91
C GLY K 148 7.93 -76.58 100.18
N PHE K 149 8.00 -75.59 99.30
CA PHE K 149 8.88 -74.46 99.56
C PHE K 149 8.28 -73.50 100.58
N THR K 150 6.98 -73.22 100.53
CA THR K 150 6.32 -72.39 101.54
C THR K 150 6.47 -73.00 102.92
N SER K 151 6.32 -74.32 103.05
CA SER K 151 6.48 -75.01 104.33
C SER K 151 7.92 -75.05 104.83
N LEU K 152 8.91 -75.05 103.94
CA LEU K 152 10.31 -74.86 104.28
C LEU K 152 10.58 -73.42 104.76
N LEU K 153 10.09 -72.43 104.02
CA LEU K 153 10.26 -71.03 104.38
C LEU K 153 9.56 -70.66 105.69
N MET K 154 8.28 -71.02 105.87
CA MET K 154 7.55 -70.68 107.09
C MET K 154 8.18 -71.25 108.36
N GLU K 155 8.76 -72.45 108.30
CA GLU K 155 9.45 -73.04 109.45
C GLU K 155 10.63 -72.19 109.89
N ARG K 156 11.35 -71.58 108.95
CA ARG K 156 12.45 -70.63 109.20
C ARG K 156 11.95 -69.30 109.72
N LEU K 157 10.97 -68.68 109.06
CA LEU K 157 10.41 -67.40 109.51
C LEU K 157 9.77 -67.50 110.89
N SER K 158 9.27 -68.67 111.30
CA SER K 158 8.64 -68.85 112.62
C SER K 158 9.62 -69.06 113.76
N VAL K 159 10.91 -69.29 113.50
CA VAL K 159 12.01 -69.18 114.48
C VAL K 159 12.74 -67.85 114.36
N ASP K 160 12.91 -67.31 113.17
CA ASP K 160 13.59 -66.03 112.95
C ASP K 160 12.78 -64.79 113.36
N TYR K 161 11.46 -64.79 113.16
CA TYR K 161 10.53 -63.67 113.40
C TYR K 161 9.33 -64.13 114.23
N GLY K 162 9.55 -64.81 115.34
CA GLY K 162 8.49 -65.52 116.06
C GLY K 162 7.27 -64.68 116.49
N LYS K 163 7.47 -63.41 116.84
CA LYS K 163 6.38 -62.50 117.26
C LYS K 163 5.50 -62.01 116.11
N LYS K 164 6.06 -61.84 114.91
CA LYS K 164 5.43 -61.16 113.76
C LYS K 164 4.30 -61.97 113.15
N SER K 165 3.15 -61.34 112.88
CA SER K 165 1.97 -62.01 112.31
C SER K 165 2.20 -62.49 110.89
N LYS K 166 1.94 -63.77 110.62
CA LYS K 166 2.09 -64.39 109.30
C LYS K 166 0.71 -64.67 108.71
N LEU K 167 0.28 -63.81 107.80
CA LEU K 167 -0.97 -63.92 107.06
C LEU K 167 -0.69 -64.66 105.77
N GLU K 168 -1.57 -65.56 105.39
CA GLU K 168 -1.26 -66.49 104.32
C GLU K 168 -2.44 -66.70 103.38
N PHE K 169 -2.22 -66.46 102.09
CA PHE K 169 -3.27 -66.51 101.07
C PHE K 169 -3.02 -67.71 100.17
N SER K 170 -3.92 -68.67 100.24
CA SER K 170 -3.73 -69.99 99.65
C SER K 170 -4.76 -70.30 98.58
N VAL K 171 -4.32 -70.61 97.37
CA VAL K 171 -5.18 -71.24 96.39
C VAL K 171 -5.27 -72.73 96.66
N TYR K 172 -6.44 -73.19 97.05
CA TYR K 172 -6.75 -74.49 97.64
C TYR K 172 -7.51 -75.38 96.64
N PRO K 173 -7.32 -76.71 96.60
CA PRO K 173 -8.05 -77.58 95.69
C PRO K 173 -9.58 -77.55 95.78
N ALA K 174 -10.24 -77.64 94.62
CA ALA K 174 -11.69 -77.53 94.47
C ALA K 174 -12.45 -78.85 94.64
N PRO K 175 -13.79 -78.84 94.73
CA PRO K 175 -14.60 -80.05 94.66
C PRO K 175 -14.37 -80.85 93.37
N ARG K 176 -14.40 -80.23 92.19
CA ARG K 176 -14.32 -80.92 90.89
C ARG K 176 -13.13 -80.45 90.02
N ILE K 177 -12.92 -79.15 89.91
CA ILE K 177 -11.79 -78.56 89.16
C ILE K 177 -10.46 -78.91 89.82
N SER K 178 -9.55 -79.46 89.02
CA SER K 178 -8.20 -79.80 89.44
C SER K 178 -7.27 -79.77 88.25
N THR K 179 -5.98 -79.50 88.47
CA THR K 179 -4.97 -79.38 87.41
C THR K 179 -3.90 -80.47 87.48
N ALA K 180 -3.93 -81.28 88.53
CA ALA K 180 -2.92 -82.26 88.89
C ALA K 180 -3.58 -83.49 89.51
N VAL K 181 -2.90 -84.63 89.39
CA VAL K 181 -3.35 -85.86 90.01
C VAL K 181 -2.97 -85.89 91.49
N VAL K 182 -1.83 -85.30 91.85
CA VAL K 182 -1.23 -85.32 93.19
C VAL K 182 -1.55 -84.09 94.07
N GLU K 183 -2.46 -83.21 93.62
CA GLU K 183 -2.97 -82.05 94.36
C GLU K 183 -3.47 -82.39 95.80
N PRO K 184 -4.17 -83.51 96.07
CA PRO K 184 -4.53 -83.95 97.42
C PRO K 184 -3.34 -84.28 98.34
N TYR K 185 -2.28 -84.87 97.81
CA TYR K 185 -1.07 -85.17 98.58
C TYR K 185 -0.34 -83.91 99.01
N ASN K 186 -0.15 -82.96 98.11
CA ASN K 186 0.56 -81.73 98.43
C ASN K 186 -0.20 -80.85 99.43
N SER K 187 -1.52 -80.82 99.32
CA SER K 187 -2.38 -80.06 100.22
C SER K 187 -2.40 -80.60 101.63
N ILE K 188 -2.57 -81.91 101.81
CA ILE K 188 -2.56 -82.55 103.13
C ILE K 188 -1.19 -82.42 103.82
N LEU K 189 -0.09 -82.61 103.09
CA LEU K 189 1.27 -82.37 103.62
C LEU K 189 1.50 -80.91 104.04
N THR K 190 0.78 -79.95 103.47
CA THR K 190 0.84 -78.53 103.87
C THR K 190 0.13 -78.23 105.18
N THR K 191 -0.82 -79.04 105.65
CA THR K 191 -1.66 -78.74 106.84
C THR K 191 -0.87 -78.54 108.14
N HIS K 192 0.34 -79.06 108.27
CA HIS K 192 1.23 -78.74 109.39
C HIS K 192 1.74 -77.30 109.35
N THR K 193 1.96 -76.77 108.15
CA THR K 193 2.47 -75.42 107.93
C THR K 193 1.47 -74.41 108.43
N THR K 194 0.24 -74.51 107.93
CA THR K 194 -0.83 -73.61 108.33
C THR K 194 -1.18 -73.77 109.79
N LEU K 195 -1.28 -74.98 110.35
CA LEU K 195 -1.55 -75.14 111.77
C LEU K 195 -0.47 -74.56 112.69
N GLU K 196 0.81 -74.85 112.46
CA GLU K 196 1.87 -74.54 113.41
C GLU K 196 2.60 -73.21 113.13
N HIS K 197 2.75 -72.81 111.86
CA HIS K 197 3.62 -71.71 111.43
C HIS K 197 2.89 -70.61 110.63
N SER K 198 1.61 -70.39 110.92
CA SER K 198 0.78 -69.35 110.33
C SER K 198 -0.15 -68.78 111.39
N ASP K 199 -0.61 -67.55 111.24
CA ASP K 199 -1.47 -66.88 112.24
C ASP K 199 -2.87 -66.60 111.71
N CYS K 200 -3.07 -66.45 110.41
CA CYS K 200 -4.38 -66.36 109.78
C CYS K 200 -4.29 -66.78 108.31
N ALA K 201 -4.98 -67.85 107.95
CA ALA K 201 -4.81 -68.50 106.64
C ALA K 201 -6.08 -68.42 105.79
N PHE K 202 -6.05 -67.61 104.75
CA PHE K 202 -7.15 -67.35 103.83
C PHE K 202 -7.13 -68.35 102.68
N MET K 203 -7.89 -69.41 102.82
CA MET K 203 -8.16 -70.37 101.74
C MET K 203 -9.03 -69.72 100.66
N VAL K 204 -8.67 -69.93 99.41
CA VAL K 204 -9.40 -69.50 98.21
C VAL K 204 -9.48 -70.66 97.23
N ASP K 205 -10.51 -70.74 96.40
CA ASP K 205 -10.79 -71.82 95.48
C ASP K 205 -11.00 -71.31 94.04
N ASN K 206 -10.31 -71.94 93.07
CA ASN K 206 -10.45 -71.58 91.66
C ASN K 206 -11.89 -71.77 91.16
N GLU K 207 -12.59 -72.81 91.57
CA GLU K 207 -13.91 -73.14 91.06
C GLU K 207 -15.01 -72.20 91.57
N ALA K 208 -14.87 -71.70 92.79
CA ALA K 208 -15.76 -70.71 93.37
C ALA K 208 -15.61 -69.35 92.70
N ILE K 209 -14.38 -68.90 92.45
CA ILE K 209 -14.18 -67.66 91.69
C ILE K 209 -14.63 -67.83 90.25
N TYR K 210 -14.41 -68.98 89.60
CA TYR K 210 -14.96 -69.19 88.27
C TYR K 210 -16.48 -69.02 88.22
N ASP K 211 -17.20 -69.44 89.26
CA ASP K 211 -18.65 -69.30 89.32
C ASP K 211 -19.09 -67.86 89.65
N ILE K 212 -18.37 -67.17 90.54
CA ILE K 212 -18.54 -65.74 90.78
C ILE K 212 -18.34 -64.96 89.48
N CYS K 213 -17.31 -65.26 88.69
CA CYS K 213 -17.08 -64.60 87.42
C CYS K 213 -18.25 -64.77 86.46
N ASN K 214 -18.80 -65.99 86.38
CA ASN K 214 -19.91 -66.32 85.50
C ASN K 214 -21.20 -65.59 85.87
N ARG K 215 -21.51 -65.50 87.16
CA ARG K 215 -22.79 -64.97 87.69
C ARG K 215 -22.83 -63.46 87.95
N ASN K 216 -21.69 -62.85 88.26
CA ASN K 216 -21.62 -61.44 88.67
C ASN K 216 -20.90 -60.54 87.67
N LEU K 217 -19.81 -61.00 87.06
CA LEU K 217 -19.10 -60.26 86.01
C LEU K 217 -19.66 -60.55 84.62
N ASP K 218 -20.45 -61.61 84.50
CA ASP K 218 -21.00 -62.17 83.26
C ASP K 218 -19.96 -62.54 82.20
N ILE K 219 -18.69 -62.69 82.57
CA ILE K 219 -17.67 -63.26 81.70
C ILE K 219 -17.85 -64.76 81.63
N GLU K 220 -18.07 -65.29 80.43
CA GLU K 220 -18.50 -66.68 80.24
C GLU K 220 -17.36 -67.70 80.43
N ARG K 221 -16.12 -67.28 80.09
CA ARG K 221 -14.90 -68.09 80.02
C ARG K 221 -13.65 -67.34 80.55
N PRO K 222 -13.45 -67.18 81.86
CA PRO K 222 -12.31 -66.46 82.41
C PRO K 222 -10.98 -67.23 82.42
N SER K 223 -9.89 -66.50 82.37
CA SER K 223 -8.50 -66.94 82.55
C SER K 223 -8.10 -66.84 84.03
N TYR K 224 -6.82 -67.11 84.34
CA TYR K 224 -6.30 -66.77 85.66
C TYR K 224 -6.13 -65.26 85.90
N THR K 225 -5.96 -64.43 84.87
CA THR K 225 -5.84 -62.98 85.12
C THR K 225 -7.10 -62.43 85.78
N ASN K 226 -8.27 -62.98 85.45
CA ASN K 226 -9.53 -62.60 86.07
C ASN K 226 -9.64 -63.04 87.53
N LEU K 227 -9.07 -64.19 87.90
CA LEU K 227 -9.06 -64.67 89.28
C LEU K 227 -8.12 -63.85 90.14
N ASN K 228 -6.90 -63.62 89.66
CA ASN K 228 -5.88 -62.92 90.41
C ASN K 228 -6.29 -61.46 90.68
N ARG K 229 -7.00 -60.84 89.74
CA ARG K 229 -7.57 -59.51 89.95
C ARG K 229 -8.68 -59.46 90.99
N LEU K 230 -9.29 -60.57 91.39
CA LEU K 230 -10.18 -60.64 92.56
C LEU K 230 -9.40 -60.95 93.85
N ILE K 231 -8.41 -61.82 93.80
CA ILE K 231 -7.63 -62.22 94.96
C ILE K 231 -6.75 -61.08 95.49
N ALA K 232 -6.20 -60.27 94.59
CA ALA K 232 -5.46 -59.06 94.98
C ALA K 232 -6.39 -58.01 95.59
N GLN K 233 -7.60 -57.85 95.09
CA GLN K 233 -8.55 -56.86 95.58
C GLN K 233 -8.91 -57.10 97.05
N ILE K 234 -9.01 -58.36 97.48
CA ILE K 234 -9.20 -58.68 98.90
C ILE K 234 -8.02 -58.24 99.75
N VAL K 235 -6.76 -58.48 99.32
CA VAL K 235 -5.59 -58.08 100.12
C VAL K 235 -5.40 -56.57 100.16
N SER K 236 -5.75 -55.85 99.10
CA SER K 236 -5.82 -54.39 99.16
C SER K 236 -6.78 -53.94 100.26
N SER K 237 -7.91 -54.62 100.41
CA SER K 237 -8.94 -54.29 101.39
C SER K 237 -8.58 -54.71 102.82
N ILE K 238 -7.85 -55.81 103.00
CA ILE K 238 -7.26 -56.19 104.30
C ILE K 238 -6.21 -55.17 104.71
N THR K 239 -5.37 -54.72 103.79
CA THR K 239 -4.31 -53.74 104.08
C THR K 239 -4.78 -52.29 104.05
N ALA K 240 -5.98 -51.97 103.58
CA ALA K 240 -6.38 -50.57 103.40
C ALA K 240 -6.31 -49.75 104.70
N SER K 241 -6.68 -50.34 105.85
CA SER K 241 -6.55 -49.66 107.15
C SER K 241 -5.12 -49.41 107.61
N LEU K 242 -4.16 -50.12 107.04
CA LEU K 242 -2.74 -49.93 107.30
C LEU K 242 -2.18 -48.77 106.47
N ARG K 243 -2.81 -48.49 105.32
CA ARG K 243 -2.38 -47.60 104.25
C ARG K 243 -3.09 -46.24 104.23
N PHE K 244 -4.30 -46.12 104.78
CA PHE K 244 -5.20 -44.98 104.55
C PHE K 244 -5.94 -44.48 105.78
N ASP K 245 -6.55 -43.29 105.70
CA ASP K 245 -7.45 -42.78 106.74
C ASP K 245 -8.83 -43.45 106.67
N GLY K 246 -9.47 -43.61 107.81
CA GLY K 246 -10.80 -44.22 107.96
C GLY K 246 -11.53 -43.77 109.21
N ALA K 247 -12.82 -44.07 109.30
CA ALA K 247 -13.62 -43.80 110.50
C ALA K 247 -13.30 -44.78 111.62
N LEU K 248 -13.00 -46.03 111.26
CA LEU K 248 -12.72 -47.15 112.16
C LEU K 248 -11.61 -48.02 111.55
N ASN K 249 -10.38 -47.50 111.51
CA ASN K 249 -9.25 -48.27 110.98
C ASN K 249 -8.95 -49.51 111.82
N VAL K 250 -8.57 -50.62 111.19
CA VAL K 250 -8.28 -51.91 111.81
C VAL K 250 -6.81 -52.28 111.68
N ASP K 251 -6.11 -52.45 112.79
CA ASP K 251 -4.74 -52.94 112.82
C ASP K 251 -4.64 -54.43 112.45
N LEU K 252 -3.51 -54.87 111.89
CA LEU K 252 -3.35 -56.27 111.46
C LEU K 252 -3.48 -57.31 112.60
N THR K 253 -3.22 -56.93 113.86
CA THR K 253 -3.47 -57.75 115.08
C THR K 253 -4.83 -57.52 115.71
N GLU K 254 -5.40 -56.32 115.57
CA GLU K 254 -6.78 -56.04 115.92
C GLU K 254 -7.75 -56.92 115.12
N PHE K 255 -7.44 -57.11 113.85
CA PHE K 255 -8.10 -58.03 112.95
C PHE K 255 -8.11 -59.46 113.52
N GLN K 256 -6.95 -59.99 113.87
CA GLN K 256 -6.78 -61.33 114.44
C GLN K 256 -7.45 -61.50 115.80
N THR K 257 -7.41 -60.50 116.68
CA THR K 257 -8.07 -60.56 118.00
C THR K 257 -9.60 -60.70 117.92
N ASN K 258 -10.22 -60.32 116.81
CA ASN K 258 -11.64 -60.49 116.54
C ASN K 258 -11.97 -61.68 115.63
N LEU K 259 -11.09 -62.05 114.69
CA LEU K 259 -11.28 -63.21 113.82
C LEU K 259 -11.06 -64.54 114.53
N VAL K 260 -10.04 -64.66 115.37
CA VAL K 260 -9.53 -65.93 115.86
C VAL K 260 -9.99 -66.20 117.29
N PRO K 261 -11.00 -67.07 117.52
CA PRO K 261 -11.49 -67.37 118.85
C PRO K 261 -10.60 -68.31 119.65
N TYR K 262 -9.84 -69.19 118.99
CA TYR K 262 -9.01 -70.21 119.62
C TYR K 262 -7.71 -70.35 118.82
N PRO K 263 -6.59 -70.76 119.44
CA PRO K 263 -5.29 -70.72 118.78
C PRO K 263 -5.22 -71.39 117.41
N ARG K 264 -5.95 -72.49 117.20
CA ARG K 264 -5.88 -73.25 115.94
C ARG K 264 -7.00 -72.94 114.95
N ILE K 265 -7.92 -72.06 115.32
CA ILE K 265 -9.16 -71.75 114.59
C ILE K 265 -9.01 -70.42 113.88
N HIS K 266 -8.11 -70.42 112.90
CA HIS K 266 -7.61 -69.24 112.21
C HIS K 266 -7.72 -69.36 110.70
N PHE K 267 -8.67 -70.15 110.22
CA PHE K 267 -8.99 -70.37 108.81
C PHE K 267 -10.32 -69.70 108.45
N PRO K 268 -10.37 -68.37 108.31
CA PRO K 268 -11.55 -67.69 107.86
C PRO K 268 -11.80 -67.91 106.37
N LEU K 269 -13.07 -67.91 105.98
CA LEU K 269 -13.48 -67.58 104.62
C LEU K 269 -13.22 -66.11 104.34
N VAL K 270 -13.18 -65.77 103.07
CA VAL K 270 -13.15 -64.40 102.59
C VAL K 270 -14.16 -64.24 101.44
N THR K 271 -14.72 -63.06 101.31
CA THR K 271 -15.61 -62.66 100.21
C THR K 271 -15.52 -61.15 100.00
N TYR K 272 -15.90 -60.68 98.83
CA TYR K 272 -15.83 -59.28 98.45
C TYR K 272 -17.16 -58.87 97.79
N SER K 273 -17.65 -57.67 98.05
CA SER K 273 -18.82 -57.15 97.38
C SER K 273 -18.70 -55.65 97.15
N PRO K 274 -19.29 -55.12 96.08
CA PRO K 274 -19.94 -55.85 95.01
C PRO K 274 -18.92 -56.32 93.97
N ILE K 275 -18.89 -57.61 93.64
CA ILE K 275 -18.32 -58.02 92.36
C ILE K 275 -19.34 -57.68 91.29
N ILE K 276 -19.02 -56.81 90.34
CA ILE K 276 -20.01 -56.31 89.39
C ILE K 276 -19.36 -55.81 88.08
N SER K 277 -20.02 -55.96 86.95
CA SER K 277 -19.57 -55.42 85.67
C SER K 277 -20.17 -54.05 85.38
N ALA K 278 -19.62 -53.33 84.41
CA ALA K 278 -20.15 -52.05 83.96
C ALA K 278 -21.54 -52.16 83.29
N GLU K 279 -22.01 -53.36 82.93
CA GLU K 279 -23.36 -53.55 82.38
C GLU K 279 -24.45 -53.35 83.43
N LYS K 280 -24.14 -53.65 84.70
CA LYS K 280 -25.11 -53.71 85.81
C LYS K 280 -24.86 -52.67 86.88
N ALA K 281 -23.62 -52.21 87.08
CA ALA K 281 -23.29 -51.28 88.15
C ALA K 281 -24.05 -49.94 88.09
N TYR K 282 -24.49 -49.52 86.91
CA TYR K 282 -25.32 -48.32 86.72
C TYR K 282 -26.83 -48.55 86.92
N HIS K 283 -27.29 -49.76 87.24
CA HIS K 283 -28.72 -50.07 87.48
C HIS K 283 -29.01 -50.62 88.87
N GLU K 284 -28.06 -51.30 89.49
CA GLU K 284 -28.11 -51.65 90.91
C GLU K 284 -27.96 -50.41 91.79
N GLN K 285 -28.55 -50.39 92.99
CA GLN K 285 -28.29 -49.28 93.92
C GLN K 285 -26.90 -49.36 94.56
N LEU K 286 -26.39 -50.55 94.89
CA LEU K 286 -25.13 -50.72 95.61
C LEU K 286 -25.10 -49.87 96.90
N SER K 287 -26.24 -49.78 97.57
CA SER K 287 -26.36 -49.24 98.92
C SER K 287 -25.62 -50.12 99.92
N VAL K 288 -25.25 -49.57 101.08
CA VAL K 288 -24.54 -50.33 102.11
C VAL K 288 -25.31 -51.56 102.55
N PRO K 289 -26.64 -51.52 102.61
CA PRO K 289 -27.45 -52.68 102.96
C PRO K 289 -27.27 -53.84 101.96
N GLU K 290 -27.22 -53.57 100.66
CA GLU K 290 -27.12 -54.61 99.64
C GLU K 290 -25.74 -55.26 99.62
N ILE K 291 -24.67 -54.49 99.63
CA ILE K 291 -23.31 -55.04 99.61
C ILE K 291 -22.94 -55.73 100.92
N THR K 292 -23.59 -55.40 102.04
CA THR K 292 -23.46 -56.19 103.27
C THR K 292 -24.14 -57.55 103.10
N ASN K 293 -25.40 -57.57 102.66
CA ASN K 293 -26.17 -58.80 102.45
C ASN K 293 -25.54 -59.73 101.42
N ALA K 294 -24.91 -59.19 100.37
CA ALA K 294 -24.21 -59.99 99.36
C ALA K 294 -23.10 -60.87 99.97
N CYS K 295 -22.46 -60.46 101.06
CA CYS K 295 -21.41 -61.24 101.69
C CYS K 295 -21.92 -62.49 102.39
N PHE K 296 -23.22 -62.59 102.70
CA PHE K 296 -23.80 -63.75 103.34
C PHE K 296 -24.45 -64.73 102.36
N GLU K 297 -24.48 -64.42 101.07
CA GLU K 297 -24.94 -65.35 100.04
C GLU K 297 -23.89 -66.45 99.81
N TYR K 298 -24.26 -67.75 99.79
CA TYR K 298 -23.38 -68.84 99.32
C TYR K 298 -22.78 -68.56 97.94
N SER K 299 -23.52 -67.85 97.10
CA SER K 299 -23.12 -67.42 95.77
C SER K 299 -21.84 -66.56 95.72
N ASN K 300 -21.41 -65.92 96.80
CA ASN K 300 -20.22 -65.04 96.78
C ASN K 300 -19.05 -65.56 97.63
N GLN K 301 -19.17 -66.73 98.25
CA GLN K 301 -18.07 -67.33 99.01
C GLN K 301 -17.01 -67.86 98.04
N MET K 302 -15.74 -67.56 98.29
CA MET K 302 -14.62 -67.95 97.42
C MET K 302 -13.97 -69.30 97.81
N VAL K 303 -14.72 -70.17 98.49
CA VAL K 303 -14.47 -71.60 98.70
C VAL K 303 -15.80 -72.31 98.48
N LYS K 304 -15.86 -73.40 97.69
CA LYS K 304 -17.11 -74.12 97.44
C LYS K 304 -17.54 -74.96 98.65
N CYS K 305 -18.07 -74.27 99.65
CA CYS K 305 -18.76 -74.80 100.81
C CYS K 305 -19.94 -73.88 101.14
N ASP K 306 -20.98 -74.37 101.81
CA ASP K 306 -22.19 -73.59 102.09
C ASP K 306 -22.16 -73.09 103.54
N PRO K 307 -22.10 -71.77 103.81
CA PRO K 307 -22.07 -71.25 105.18
C PRO K 307 -23.27 -71.63 106.05
N ARG K 308 -24.40 -71.99 105.43
CA ARG K 308 -25.62 -72.41 106.12
C ARG K 308 -25.50 -73.81 106.72
N ARG K 309 -24.57 -74.62 106.22
CA ARG K 309 -24.18 -75.89 106.84
C ARG K 309 -23.21 -75.71 108.01
N GLY K 310 -22.87 -74.46 108.39
CA GLY K 310 -22.02 -74.13 109.53
C GLY K 310 -22.70 -73.25 110.56
N LYS K 311 -21.91 -72.76 111.51
CA LYS K 311 -22.20 -71.58 112.33
C LYS K 311 -21.05 -70.60 112.25
N TYR K 312 -21.36 -69.32 112.20
CA TYR K 312 -20.39 -68.24 112.26
C TYR K 312 -19.85 -68.10 113.67
N MET K 313 -18.54 -67.98 113.79
CA MET K 313 -17.85 -67.65 115.03
C MET K 313 -17.61 -66.15 115.11
N ALA K 314 -17.02 -65.53 114.09
CA ALA K 314 -16.83 -64.10 113.99
C ALA K 314 -16.75 -63.60 112.55
N CYS K 315 -17.23 -62.40 112.27
CA CYS K 315 -17.10 -61.74 110.98
C CYS K 315 -16.36 -60.41 111.13
N CYS K 316 -15.35 -60.16 110.32
CA CYS K 316 -14.80 -58.82 110.08
C CYS K 316 -15.40 -58.26 108.80
N LEU K 317 -16.27 -57.26 108.92
CA LEU K 317 -16.77 -56.50 107.79
C LEU K 317 -15.85 -55.30 107.59
N LEU K 318 -14.93 -55.37 106.62
CA LEU K 318 -13.97 -54.32 106.30
C LEU K 318 -14.50 -53.44 105.16
N TYR K 319 -15.30 -52.43 105.46
CA TYR K 319 -15.80 -51.50 104.43
C TYR K 319 -14.74 -50.49 104.00
N ARG K 320 -14.87 -50.08 102.75
CA ARG K 320 -14.04 -49.03 102.18
C ARG K 320 -14.79 -48.17 101.18
N GLY K 321 -14.39 -46.93 101.04
CA GLY K 321 -15.10 -45.95 100.23
C GLY K 321 -16.15 -45.18 101.02
N ASP K 322 -17.20 -44.71 100.35
CA ASP K 322 -18.21 -43.81 100.91
C ASP K 322 -19.25 -44.53 101.78
N VAL K 323 -18.93 -44.83 103.04
CA VAL K 323 -19.86 -45.43 104.01
C VAL K 323 -19.81 -44.72 105.36
N VAL K 324 -20.88 -44.85 106.14
CA VAL K 324 -21.05 -44.16 107.43
C VAL K 324 -21.47 -45.17 108.49
N PRO K 325 -20.91 -45.14 109.72
CA PRO K 325 -21.26 -46.09 110.78
C PRO K 325 -22.76 -46.26 111.09
N LYS K 326 -23.59 -45.23 110.87
CA LYS K 326 -25.06 -45.35 110.88
C LYS K 326 -25.51 -46.52 110.01
N ASP K 327 -25.10 -46.52 108.74
CA ASP K 327 -25.54 -47.45 107.70
C ASP K 327 -25.08 -48.87 108.01
N VAL K 328 -23.87 -49.01 108.51
CA VAL K 328 -23.29 -50.30 108.85
C VAL K 328 -24.02 -50.93 110.03
N ASN K 329 -24.28 -50.17 111.10
CA ASN K 329 -25.02 -50.72 112.23
C ASN K 329 -26.44 -51.14 111.81
N ALA K 330 -27.12 -50.32 111.03
CA ALA K 330 -28.44 -50.61 110.47
C ALA K 330 -28.44 -51.85 109.55
N ALA K 331 -27.35 -52.08 108.82
CA ALA K 331 -27.13 -53.27 108.02
C ALA K 331 -26.92 -54.52 108.88
N ILE K 332 -25.94 -54.53 109.80
CA ILE K 332 -25.68 -55.74 110.62
C ILE K 332 -26.86 -56.10 111.51
N ALA K 333 -27.69 -55.14 111.89
CA ALA K 333 -28.97 -55.40 112.54
C ALA K 333 -29.91 -56.27 111.70
N ALA K 334 -29.98 -56.09 110.39
CA ALA K 334 -30.76 -57.01 109.55
C ALA K 334 -30.09 -58.39 109.45
N ILE K 335 -28.76 -58.46 109.38
CA ILE K 335 -28.07 -59.76 109.37
C ILE K 335 -28.36 -60.52 110.67
N LYS K 336 -28.33 -59.88 111.85
CA LYS K 336 -28.71 -60.52 113.12
C LYS K 336 -30.19 -60.96 113.17
N THR K 337 -31.05 -60.34 112.37
CA THR K 337 -32.48 -60.66 112.33
C THR K 337 -32.76 -61.92 111.53
N ARG K 338 -31.96 -62.22 110.49
CA ARG K 338 -32.13 -63.36 109.58
C ARG K 338 -31.71 -64.70 110.22
N ARG K 339 -32.65 -65.62 110.42
CA ARG K 339 -32.45 -66.91 111.11
C ARG K 339 -31.62 -67.93 110.32
N SER K 340 -31.44 -67.75 109.02
CA SER K 340 -30.57 -68.57 108.18
C SER K 340 -29.07 -68.28 108.39
N ILE K 341 -28.69 -67.09 108.86
CA ILE K 341 -27.30 -66.71 109.20
C ILE K 341 -27.07 -66.97 110.69
N GLN K 342 -26.57 -68.15 111.06
CA GLN K 342 -26.51 -68.55 112.47
C GLN K 342 -25.12 -68.44 113.07
N PHE K 343 -24.98 -67.62 114.10
CA PHE K 343 -23.77 -67.53 114.91
C PHE K 343 -23.78 -68.58 116.01
N VAL K 344 -22.59 -68.88 116.54
CA VAL K 344 -22.40 -69.67 117.75
C VAL K 344 -22.97 -68.96 118.98
N ASP K 345 -23.40 -69.73 119.98
CA ASP K 345 -24.00 -69.27 121.23
C ASP K 345 -23.03 -68.43 122.09
N TRP K 346 -21.73 -68.66 121.92
CA TRP K 346 -20.66 -68.04 122.69
C TRP K 346 -20.06 -66.79 122.06
N CYS K 347 -20.58 -66.31 120.93
CA CYS K 347 -20.14 -65.05 120.32
C CYS K 347 -21.34 -64.13 120.12
N PRO K 348 -21.80 -63.46 121.20
CA PRO K 348 -23.04 -62.67 121.18
C PRO K 348 -22.88 -61.34 120.43
N THR K 349 -21.65 -60.85 120.32
CA THR K 349 -21.24 -59.67 119.57
C THR K 349 -21.11 -59.96 118.08
N GLY K 350 -20.40 -61.00 117.69
CA GLY K 350 -20.29 -61.53 116.33
C GLY K 350 -19.47 -60.72 115.33
N PHE K 351 -19.70 -59.41 115.22
CA PHE K 351 -19.17 -58.56 114.16
C PHE K 351 -18.10 -57.63 114.67
N LYS K 352 -16.96 -57.64 113.98
CA LYS K 352 -15.93 -56.60 114.00
C LYS K 352 -16.09 -55.78 112.74
N VAL K 353 -16.24 -54.48 112.89
CA VAL K 353 -16.46 -53.52 111.80
C VAL K 353 -15.21 -52.71 111.62
N GLY K 354 -14.75 -52.58 110.38
CA GLY K 354 -13.74 -51.61 109.95
C GLY K 354 -14.32 -50.71 108.86
N ILE K 355 -13.96 -49.43 108.85
CA ILE K 355 -14.45 -48.47 107.85
C ILE K 355 -13.31 -47.57 107.43
N ASN K 356 -13.01 -47.54 106.13
CA ASN K 356 -11.88 -46.82 105.53
C ASN K 356 -12.31 -45.87 104.39
N TYR K 357 -11.76 -44.66 104.30
CA TYR K 357 -12.28 -43.62 103.38
C TYR K 357 -11.81 -43.76 101.93
N GLN K 358 -10.95 -44.72 101.61
CA GLN K 358 -10.40 -44.89 100.26
C GLN K 358 -11.21 -45.90 99.43
N PRO K 359 -11.89 -45.48 98.34
CA PRO K 359 -12.63 -46.39 97.46
C PRO K 359 -11.75 -47.50 96.86
N PRO K 360 -12.35 -48.56 96.32
CA PRO K 360 -11.62 -49.59 95.59
C PRO K 360 -11.09 -49.08 94.26
N THR K 361 -9.79 -49.23 94.04
CA THR K 361 -9.12 -48.86 92.78
C THR K 361 -9.46 -49.84 91.66
N ALA K 362 -9.90 -49.36 90.51
CA ALA K 362 -10.03 -50.20 89.31
C ALA K 362 -8.70 -50.40 88.61
N VAL K 363 -8.35 -51.64 88.29
CA VAL K 363 -7.32 -51.89 87.28
C VAL K 363 -7.93 -51.56 85.91
N PRO K 364 -7.34 -50.69 85.08
CA PRO K 364 -8.00 -50.15 83.88
C PRO K 364 -8.34 -51.21 82.82
N GLY K 365 -7.58 -52.30 82.74
CA GLY K 365 -7.86 -53.40 81.82
C GLY K 365 -8.92 -54.40 82.29
N GLY K 366 -9.45 -54.24 83.51
CA GLY K 366 -10.22 -55.26 84.22
C GLY K 366 -11.71 -55.31 83.93
N ASP K 367 -12.34 -56.39 84.35
CA ASP K 367 -13.78 -56.64 84.20
C ASP K 367 -14.62 -55.98 85.30
N VAL K 368 -14.03 -55.84 86.49
CA VAL K 368 -14.67 -55.38 87.72
C VAL K 368 -14.84 -53.85 87.74
N ALA K 369 -16.07 -53.36 87.87
CA ALA K 369 -16.47 -51.98 87.60
C ALA K 369 -16.13 -50.97 88.70
N LYS K 370 -16.15 -49.67 88.37
CA LYS K 370 -16.00 -48.57 89.32
C LYS K 370 -17.24 -48.46 90.19
N VAL K 371 -17.09 -48.36 91.50
CA VAL K 371 -18.18 -48.33 92.48
C VAL K 371 -17.84 -47.45 93.66
N LEU K 372 -18.81 -46.78 94.28
CA LEU K 372 -18.52 -45.87 95.39
C LEU K 372 -18.08 -46.57 96.68
N ARG K 373 -18.37 -47.86 96.80
CA ARG K 373 -18.28 -48.64 98.02
C ARG K 373 -17.77 -50.02 97.71
N ALA K 374 -17.09 -50.61 98.67
CA ALA K 374 -16.91 -52.04 98.72
C ALA K 374 -16.82 -52.47 100.17
N VAL K 375 -17.03 -53.76 100.40
CA VAL K 375 -16.76 -54.44 101.65
C VAL K 375 -15.99 -55.69 101.33
N CYS K 376 -14.97 -55.97 102.12
CA CYS K 376 -14.44 -57.30 102.18
C CYS K 376 -14.92 -57.90 103.49
N MET K 377 -15.60 -59.03 103.44
CA MET K 377 -15.97 -59.75 104.65
C MET K 377 -15.06 -60.95 104.82
N LEU K 378 -14.35 -60.98 105.94
CA LEU K 378 -13.49 -62.09 106.32
C LEU K 378 -14.14 -62.73 107.52
N SER K 379 -14.36 -64.04 107.46
CA SER K 379 -15.37 -64.70 108.28
C SER K 379 -14.96 -66.07 108.79
N ASN K 380 -14.77 -66.22 110.09
CA ASN K 380 -14.50 -67.50 110.71
C ASN K 380 -15.82 -68.26 110.93
N THR K 381 -15.98 -69.40 110.28
CA THR K 381 -17.20 -70.21 110.29
C THR K 381 -16.90 -71.69 110.29
N THR K 382 -17.73 -72.51 110.94
CA THR K 382 -17.53 -73.98 111.00
C THR K 382 -17.68 -74.65 109.65
N ALA K 383 -18.35 -74.01 108.69
CA ALA K 383 -18.63 -74.55 107.36
C ALA K 383 -17.38 -74.95 106.58
N ILE K 384 -16.24 -74.28 106.78
CA ILE K 384 -15.02 -74.51 105.99
C ILE K 384 -14.48 -75.93 106.16
N ALA K 385 -14.82 -76.61 107.25
CA ALA K 385 -14.46 -78.01 107.46
C ALA K 385 -14.94 -78.97 106.36
N GLU K 386 -15.96 -78.59 105.58
CA GLU K 386 -16.39 -79.38 104.44
C GLU K 386 -15.38 -79.34 103.29
N ALA K 387 -14.72 -78.22 103.03
CA ALA K 387 -13.64 -78.14 102.05
C ALA K 387 -12.43 -79.00 102.43
N TRP K 388 -12.23 -79.28 103.72
CA TRP K 388 -11.26 -80.22 104.22
C TRP K 388 -11.75 -81.67 104.13
N ALA K 389 -13.03 -81.92 104.42
CA ALA K 389 -13.66 -83.22 104.28
C ALA K 389 -13.73 -83.72 102.83
N ARG K 390 -13.83 -82.81 101.86
CA ARG K 390 -13.71 -83.14 100.43
C ARG K 390 -12.32 -83.69 100.12
N LEU K 391 -11.29 -82.94 100.50
CA LEU K 391 -9.94 -83.22 100.06
C LEU K 391 -9.30 -84.39 100.79
N ASP K 392 -9.58 -84.60 102.08
CA ASP K 392 -9.07 -85.79 102.76
C ASP K 392 -9.77 -87.10 102.32
N HIS K 393 -10.95 -87.04 101.71
CA HIS K 393 -11.56 -88.15 100.97
C HIS K 393 -10.92 -88.40 99.59
N LYS K 394 -10.34 -87.39 98.93
CA LYS K 394 -9.47 -87.59 97.74
C LYS K 394 -8.14 -88.23 98.12
N PHE K 395 -7.54 -87.78 99.22
CA PHE K 395 -6.32 -88.35 99.77
C PHE K 395 -6.46 -89.83 100.14
N ASP K 396 -7.57 -90.20 100.80
CA ASP K 396 -7.80 -91.55 101.29
C ASP K 396 -7.83 -92.61 100.18
N LEU K 397 -8.44 -92.32 99.04
CA LEU K 397 -8.48 -93.22 97.88
C LEU K 397 -7.10 -93.52 97.30
N MET K 398 -6.21 -92.53 97.27
CA MET K 398 -4.87 -92.66 96.73
C MET K 398 -3.90 -93.26 97.74
N TYR K 399 -3.94 -92.87 99.01
CA TYR K 399 -3.04 -93.43 100.00
C TYR K 399 -3.38 -94.88 100.35
N SER K 400 -4.63 -95.32 100.22
CA SER K 400 -5.00 -96.73 100.34
C SER K 400 -4.31 -97.65 99.30
N LYS K 401 -3.91 -97.10 98.16
CA LYS K 401 -3.11 -97.79 97.13
C LYS K 401 -1.62 -97.46 97.18
N ARG K 402 -1.20 -96.47 97.97
CA ARG K 402 0.11 -95.79 97.89
C ARG K 402 0.37 -95.20 96.49
N ALA K 403 -0.69 -94.69 95.88
CA ALA K 403 -0.82 -94.50 94.44
C ALA K 403 0.28 -93.69 93.74
N PHE K 404 0.92 -92.71 94.36
CA PHE K 404 2.05 -91.97 93.78
C PHE K 404 3.25 -91.83 94.74
N VAL K 405 3.26 -92.60 95.83
CA VAL K 405 4.11 -92.35 97.00
C VAL K 405 5.60 -92.52 96.71
N HIS K 406 5.99 -93.31 95.71
CA HIS K 406 7.40 -93.53 95.34
C HIS K 406 8.12 -92.26 94.86
N TRP K 407 7.41 -91.27 94.31
CA TRP K 407 8.00 -90.00 93.90
C TRP K 407 8.40 -89.13 95.10
N TYR K 408 7.69 -89.26 96.22
CA TYR K 408 7.92 -88.51 97.46
C TYR K 408 8.97 -89.18 98.33
N VAL K 409 8.86 -90.50 98.50
CA VAL K 409 9.87 -91.36 99.17
C VAL K 409 11.20 -91.34 98.41
N GLY K 410 11.15 -91.26 97.09
CA GLY K 410 12.35 -91.19 96.23
C GLY K 410 13.12 -89.88 96.34
N GLU K 411 12.54 -88.81 96.88
CA GLU K 411 13.15 -87.47 97.01
C GLU K 411 13.38 -87.05 98.47
N GLY K 412 13.51 -88.03 99.37
CA GLY K 412 13.97 -87.85 100.73
C GLY K 412 12.89 -87.73 101.80
N MET K 413 11.60 -87.90 101.47
CA MET K 413 10.55 -87.87 102.49
C MET K 413 10.37 -89.21 103.20
N GLU K 414 10.09 -89.19 104.51
CA GLU K 414 9.65 -90.35 105.28
C GLU K 414 8.25 -90.79 104.83
N GLU K 415 8.01 -92.07 104.59
CA GLU K 415 6.67 -92.55 104.17
C GLU K 415 5.60 -92.26 105.24
N GLY K 416 5.97 -92.33 106.52
CA GLY K 416 5.10 -92.04 107.65
C GLY K 416 4.57 -90.61 107.73
N GLU K 417 5.18 -89.64 107.04
CA GLU K 417 4.69 -88.26 107.01
C GLU K 417 3.31 -88.14 106.36
N PHE K 418 2.95 -89.03 105.44
CA PHE K 418 1.60 -89.05 104.85
C PHE K 418 0.53 -89.41 105.88
N SER K 419 0.80 -90.41 106.72
CA SER K 419 -0.09 -90.79 107.83
C SER K 419 -0.14 -89.69 108.91
N GLU K 420 1.02 -89.17 109.31
CA GLU K 420 1.17 -88.05 110.24
C GLU K 420 0.53 -86.73 109.75
N ALA K 421 0.40 -86.50 108.44
CA ALA K 421 -0.32 -85.37 107.87
C ALA K 421 -1.84 -85.59 107.76
N ARG K 422 -2.30 -86.78 107.39
CA ARG K 422 -3.73 -87.13 107.37
C ARG K 422 -4.32 -87.16 108.78
N GLU K 423 -3.50 -87.53 109.76
CA GLU K 423 -3.80 -87.53 111.20
C GLU K 423 -3.99 -86.11 111.73
N ASP K 424 -3.05 -85.22 111.44
CA ASP K 424 -3.08 -83.83 111.86
C ASP K 424 -4.22 -83.04 111.19
N MET K 425 -4.55 -83.34 109.93
CA MET K 425 -5.75 -82.79 109.30
C MET K 425 -7.04 -83.26 109.98
N ALA K 426 -7.16 -84.53 110.35
CA ALA K 426 -8.32 -85.03 111.09
C ALA K 426 -8.49 -84.38 112.48
N ALA K 427 -7.41 -84.01 113.14
CA ALA K 427 -7.45 -83.22 114.37
C ALA K 427 -7.87 -81.74 114.16
N LEU K 428 -7.58 -81.12 113.00
CA LEU K 428 -8.13 -79.79 112.66
C LEU K 428 -9.61 -79.87 112.27
N GLU K 429 -10.00 -80.88 111.49
CA GLU K 429 -11.38 -81.10 111.10
C GLU K 429 -12.26 -81.46 112.31
N LYS K 430 -11.68 -82.11 113.33
CA LYS K 430 -12.26 -82.30 114.67
C LYS K 430 -12.46 -80.98 115.41
N ASP K 431 -11.43 -80.14 115.51
CA ASP K 431 -11.49 -78.86 116.21
C ASP K 431 -12.59 -77.92 115.68
N TYR K 432 -12.76 -77.79 114.36
CA TYR K 432 -13.83 -76.96 113.76
C TYR K 432 -15.26 -77.52 113.96
N GLU K 433 -15.42 -78.83 114.12
CA GLU K 433 -16.69 -79.45 114.49
C GLU K 433 -16.98 -79.30 115.99
N GLU K 434 -15.95 -79.41 116.83
CA GLU K 434 -16.02 -79.34 118.28
C GLU K 434 -16.49 -77.97 118.81
N VAL K 435 -16.08 -76.85 118.21
CA VAL K 435 -16.42 -75.49 118.68
C VAL K 435 -17.77 -74.96 118.22
N GLY K 436 -18.49 -75.65 117.34
CA GLY K 436 -19.80 -75.22 116.85
C GLY K 436 -20.93 -75.40 117.85
N THR K 437 -20.70 -76.11 118.95
CA THR K 437 -21.75 -76.70 119.79
C THR K 437 -22.24 -75.75 120.88
N MET L 1 54.91 -23.97 105.05
CA MET L 1 54.11 -24.48 106.16
C MET L 1 53.21 -25.58 105.65
N ARG L 2 53.18 -26.74 106.33
CA ARG L 2 52.31 -27.89 106.06
C ARG L 2 52.56 -28.64 104.75
N GLU L 3 53.80 -28.66 104.27
CA GLU L 3 54.18 -29.43 103.08
C GLU L 3 54.15 -30.95 103.30
N CYS L 4 53.97 -31.74 102.24
CA CYS L 4 54.25 -33.19 102.23
C CYS L 4 55.01 -33.58 100.95
N ILE L 5 56.11 -34.32 101.09
CA ILE L 5 56.82 -34.90 99.96
C ILE L 5 56.27 -36.30 99.68
N SER L 6 55.68 -36.50 98.50
CA SER L 6 55.09 -37.78 98.10
C SER L 6 56.04 -38.58 97.24
N VAL L 7 56.49 -39.76 97.67
CA VAL L 7 57.43 -40.58 96.90
C VAL L 7 56.74 -41.83 96.40
N HIS L 8 56.67 -41.96 95.08
CA HIS L 8 55.97 -43.01 94.34
C HIS L 8 56.96 -44.00 93.73
N VAL L 9 57.02 -45.22 94.25
CA VAL L 9 58.08 -46.21 93.95
C VAL L 9 57.55 -47.44 93.22
N GLY L 10 58.28 -47.89 92.20
CA GLY L 10 57.92 -49.04 91.38
C GLY L 10 56.67 -48.81 90.53
N GLN L 11 56.11 -49.83 89.88
CA GLN L 11 54.92 -49.67 89.04
C GLN L 11 53.66 -49.34 89.84
N ALA L 12 53.36 -50.09 90.90
CA ALA L 12 52.21 -49.82 91.76
C ALA L 12 52.23 -48.41 92.36
N GLY L 13 53.34 -47.97 92.96
CA GLY L 13 53.44 -46.65 93.56
C GLY L 13 53.30 -45.53 92.55
N VAL L 14 53.92 -45.66 91.38
CA VAL L 14 53.82 -44.70 90.27
C VAL L 14 52.41 -44.66 89.70
N GLN L 15 51.72 -45.78 89.54
CA GLN L 15 50.37 -45.82 89.00
C GLN L 15 49.31 -45.34 90.00
N ILE L 16 49.48 -45.60 91.30
CA ILE L 16 48.72 -44.95 92.36
C ILE L 16 49.01 -43.44 92.34
N GLY L 17 50.26 -43.03 92.16
CA GLY L 17 50.65 -41.64 92.00
C GLY L 17 49.98 -40.96 90.83
N ASN L 18 49.90 -41.61 89.68
CA ASN L 18 49.19 -41.10 88.51
C ASN L 18 47.67 -40.94 88.74
N SER L 19 47.09 -41.58 89.77
CA SER L 19 45.74 -41.33 90.27
C SER L 19 45.70 -40.27 91.39
N CYS L 20 46.68 -40.25 92.30
CA CYS L 20 46.80 -39.23 93.34
C CYS L 20 46.91 -37.84 92.73
N TRP L 21 47.83 -37.65 91.80
CA TRP L 21 48.06 -36.36 91.14
C TRP L 21 46.97 -36.01 90.15
N GLU L 22 46.24 -36.99 89.60
CA GLU L 22 45.00 -36.74 88.86
C GLU L 22 43.95 -36.10 89.77
N LEU L 23 43.78 -36.65 90.98
CA LEU L 23 42.85 -36.12 91.98
C LEU L 23 43.28 -34.76 92.51
N TYR L 24 44.49 -34.61 93.04
CA TYR L 24 44.94 -33.37 93.67
C TYR L 24 44.85 -32.18 92.71
N CYS L 25 45.14 -32.38 91.43
CA CYS L 25 44.98 -31.35 90.42
C CYS L 25 43.52 -30.90 90.27
N LEU L 26 42.55 -31.83 90.24
CA LEU L 26 41.13 -31.46 90.20
C LEU L 26 40.68 -30.75 91.47
N GLU L 27 41.12 -31.25 92.61
CA GLU L 27 40.66 -30.80 93.92
C GLU L 27 41.14 -29.37 94.24
N HIS L 28 42.33 -28.99 93.77
CA HIS L 28 42.91 -27.65 93.86
C HIS L 28 42.71 -26.78 92.62
N GLY L 29 42.08 -27.30 91.57
CA GLY L 29 41.79 -26.57 90.35
C GLY L 29 43.03 -26.22 89.52
N LEU L 30 44.03 -27.10 89.52
CA LEU L 30 45.25 -27.00 88.72
C LEU L 30 45.05 -27.79 87.42
N GLN L 31 45.32 -27.15 86.29
CA GLN L 31 45.30 -27.75 84.96
C GLN L 31 46.38 -28.85 84.85
N PRO L 32 46.26 -29.82 83.94
CA PRO L 32 47.30 -30.84 83.77
C PRO L 32 48.64 -30.29 83.24
N ASP L 33 48.71 -29.03 82.78
CA ASP L 33 49.97 -28.32 82.48
C ASP L 33 50.55 -27.56 83.69
N GLY L 34 49.98 -27.74 84.87
CA GLY L 34 50.38 -27.10 86.13
C GLY L 34 49.88 -25.67 86.34
N THR L 35 49.19 -25.04 85.39
CA THR L 35 48.67 -23.69 85.57
C THR L 35 47.34 -23.66 86.35
N MET L 36 46.92 -22.51 86.89
CA MET L 36 45.71 -22.38 87.72
C MET L 36 44.89 -21.14 87.36
N PRO L 37 43.76 -21.26 86.63
CA PRO L 37 42.90 -20.14 86.27
C PRO L 37 42.09 -19.62 87.47
N SER L 38 41.46 -18.45 87.32
CA SER L 38 40.58 -17.84 88.33
C SER L 38 39.43 -17.06 87.68
N ASP L 46 44.90 -18.42 98.06
CA ASP L 46 44.34 -19.01 99.23
C ASP L 46 45.26 -20.04 99.93
N SER L 47 46.36 -20.42 99.26
CA SER L 47 47.40 -21.35 99.71
C SER L 47 46.93 -22.76 100.11
N SER L 48 45.74 -23.18 99.72
CA SER L 48 45.27 -24.55 99.99
C SER L 48 46.09 -25.63 99.28
N PHE L 49 46.55 -25.35 98.06
CA PHE L 49 47.45 -26.21 97.27
C PHE L 49 48.84 -26.39 97.89
N GLY L 50 49.28 -25.56 98.83
CA GLY L 50 50.68 -25.48 99.24
C GLY L 50 51.23 -26.79 99.81
N THR L 51 50.37 -27.65 100.39
CA THR L 51 50.80 -28.92 100.95
C THR L 51 51.41 -29.83 99.90
N PHE L 52 50.85 -29.81 98.70
CA PHE L 52 51.19 -30.69 97.59
C PHE L 52 51.89 -29.99 96.42
N PHE L 53 51.82 -28.66 96.28
CA PHE L 53 52.42 -27.99 95.14
C PHE L 53 53.28 -26.80 95.54
N SER L 54 54.51 -26.77 95.05
CA SER L 54 55.36 -25.57 95.00
C SER L 54 54.86 -24.63 93.89
N GLU L 55 54.80 -23.32 94.09
CA GLU L 55 54.37 -22.36 93.07
C GLU L 55 55.56 -21.55 92.54
N THR L 56 55.78 -21.55 91.23
CA THR L 56 56.81 -20.73 90.57
C THR L 56 56.23 -19.42 90.03
N GLY L 57 57.05 -18.39 89.85
CA GLY L 57 56.62 -17.02 89.52
C GLY L 57 55.82 -16.85 88.23
N SER L 58 55.92 -17.80 87.30
CA SER L 58 55.08 -17.87 86.10
C SER L 58 53.60 -18.15 86.40
N GLY L 59 53.26 -18.53 87.64
CA GLY L 59 51.93 -19.01 88.02
C GLY L 59 51.71 -20.49 87.71
N LYS L 60 52.79 -21.27 87.71
CA LYS L 60 52.83 -22.72 87.50
C LYS L 60 53.01 -23.41 88.84
N HIS L 61 52.13 -24.34 89.16
CA HIS L 61 52.17 -25.16 90.37
C HIS L 61 52.78 -26.50 90.03
N VAL L 62 53.91 -26.81 90.65
CA VAL L 62 54.73 -28.00 90.41
C VAL L 62 54.60 -28.92 91.62
N PRO L 63 54.27 -30.20 91.45
CA PRO L 63 54.00 -31.08 92.56
C PRO L 63 55.23 -31.40 93.40
N ARG L 64 55.04 -31.51 94.72
CA ARG L 64 56.01 -31.97 95.71
C ARG L 64 56.06 -33.50 95.72
N ALA L 65 56.44 -34.08 94.59
CA ALA L 65 56.47 -35.51 94.36
C ALA L 65 57.77 -35.97 93.73
N VAL L 66 58.19 -37.18 94.06
CA VAL L 66 59.27 -37.89 93.37
C VAL L 66 58.71 -39.20 92.85
N PHE L 67 58.93 -39.51 91.58
CA PHE L 67 58.54 -40.79 90.97
C PHE L 67 59.80 -41.57 90.69
N VAL L 68 59.92 -42.80 91.20
CA VAL L 68 61.12 -43.63 91.05
C VAL L 68 60.77 -45.02 90.58
N ASP L 69 61.43 -45.48 89.55
CA ASP L 69 61.32 -46.85 89.06
C ASP L 69 62.68 -47.28 88.53
N LEU L 70 63.05 -48.53 88.70
CA LEU L 70 64.37 -49.01 88.27
C LEU L 70 64.42 -49.30 86.76
N GLU L 71 63.26 -49.45 86.13
CA GLU L 71 63.06 -49.57 84.68
C GLU L 71 62.29 -48.37 84.08
N GLN L 72 62.42 -48.09 82.77
CA GLN L 72 61.92 -46.86 82.19
C GLN L 72 60.42 -46.86 81.88
N THR L 73 59.75 -48.01 81.74
CA THR L 73 58.50 -48.11 80.95
C THR L 73 57.33 -47.28 81.48
N VAL L 74 57.08 -47.36 82.79
CA VAL L 74 55.93 -46.72 83.44
C VAL L 74 56.14 -45.21 83.61
N ILE L 75 57.35 -44.77 83.97
CA ILE L 75 57.63 -43.34 84.07
C ILE L 75 57.79 -42.69 82.69
N GLY L 76 58.30 -43.38 81.65
CA GLY L 76 58.26 -42.86 80.29
C GLY L 76 56.84 -42.63 79.78
N GLU L 77 55.86 -43.33 80.32
CA GLU L 77 54.45 -43.11 80.03
C GLU L 77 53.92 -41.87 80.76
N ILE L 78 54.35 -41.61 82.00
CA ILE L 78 54.09 -40.36 82.74
C ILE L 78 54.73 -39.17 82.03
N ARG L 79 55.96 -39.31 81.53
CA ARG L 79 56.68 -38.32 80.69
C ARG L 79 56.07 -38.08 79.29
N ASN L 80 55.00 -38.77 78.91
CA ASN L 80 54.41 -38.70 77.56
C ASN L 80 52.90 -38.43 77.57
N GLY L 81 52.20 -38.86 78.61
CA GLY L 81 50.76 -38.64 78.79
C GLY L 81 50.36 -37.23 79.21
N PRO L 82 49.11 -37.02 79.61
CA PRO L 82 48.57 -35.68 79.89
C PRO L 82 49.29 -34.91 80.99
N TYR L 83 50.01 -35.59 81.89
CA TYR L 83 50.76 -34.95 82.97
C TYR L 83 52.25 -34.69 82.65
N ARG L 84 52.70 -34.84 81.39
CA ARG L 84 54.09 -34.56 81.00
C ARG L 84 54.59 -33.15 81.37
N SER L 85 53.70 -32.16 81.39
CA SER L 85 53.97 -30.76 81.73
C SER L 85 53.74 -30.44 83.22
N LEU L 86 53.21 -31.35 84.03
CA LEU L 86 53.00 -31.10 85.45
C LEU L 86 54.30 -31.19 86.25
N PHE L 87 55.00 -32.31 86.11
CA PHE L 87 56.17 -32.64 86.92
C PHE L 87 57.43 -31.96 86.42
N HIS L 88 58.33 -31.65 87.35
CA HIS L 88 59.71 -31.28 87.03
C HIS L 88 60.43 -32.48 86.39
N PRO L 89 61.10 -32.33 85.24
CA PRO L 89 61.60 -33.45 84.46
C PRO L 89 62.65 -34.31 85.18
N GLU L 90 63.43 -33.76 86.12
CA GLU L 90 64.43 -34.52 86.88
C GLU L 90 63.92 -35.13 88.19
N GLN L 91 62.64 -34.98 88.56
CA GLN L 91 62.02 -35.71 89.67
C GLN L 91 61.15 -36.89 89.22
N LEU L 92 61.07 -37.13 87.92
CA LEU L 92 60.70 -38.39 87.31
C LEU L 92 61.99 -39.20 87.04
N ILE L 93 62.35 -40.14 87.90
CA ILE L 93 63.69 -40.75 87.94
C ILE L 93 63.62 -42.21 87.47
N THR L 94 64.47 -42.60 86.53
CA THR L 94 64.51 -43.95 85.96
C THR L 94 65.92 -44.51 85.86
N GLY L 95 66.05 -45.81 86.06
CA GLY L 95 67.22 -46.61 85.68
C GLY L 95 67.07 -47.28 84.31
N LYS L 96 68.07 -48.09 83.95
CA LYS L 96 68.09 -48.95 82.76
C LYS L 96 67.48 -50.34 82.99
N GLU L 97 67.62 -50.89 84.19
CA GLU L 97 67.44 -52.32 84.48
C GLU L 97 66.30 -52.56 85.48
N ASP L 98 65.33 -53.38 85.10
CA ASP L 98 64.25 -53.88 85.93
C ASP L 98 64.79 -54.63 87.18
N ALA L 99 64.09 -54.54 88.32
CA ALA L 99 64.41 -55.27 89.55
C ALA L 99 63.92 -56.73 89.59
N ALA L 100 63.19 -57.19 88.59
CA ALA L 100 62.84 -58.57 88.31
C ALA L 100 62.03 -59.29 89.41
N ASN L 101 61.23 -58.57 90.19
CA ASN L 101 60.55 -59.07 91.37
C ASN L 101 61.52 -59.71 92.37
N ASN L 102 62.74 -59.24 92.41
CA ASN L 102 63.79 -59.72 93.29
C ASN L 102 64.16 -58.59 94.26
N TYR L 103 63.86 -58.73 95.55
CA TYR L 103 64.22 -57.75 96.59
C TYR L 103 65.67 -57.33 96.53
N ALA L 104 66.58 -58.28 96.29
CA ALA L 104 68.00 -58.04 96.35
C ALA L 104 68.52 -57.19 95.18
N ARG L 105 67.88 -57.23 94.01
CA ARG L 105 68.18 -56.28 92.93
C ARG L 105 67.74 -54.88 93.31
N GLY L 106 66.56 -54.73 93.91
CA GLY L 106 66.09 -53.43 94.36
C GLY L 106 66.97 -52.80 95.42
N HIS L 107 67.34 -53.58 96.43
CA HIS L 107 68.08 -53.13 97.60
C HIS L 107 69.60 -53.07 97.44
N TYR L 108 70.24 -54.11 96.90
CA TYR L 108 71.70 -54.30 96.95
C TYR L 108 72.44 -53.97 95.65
N THR L 109 71.83 -54.22 94.48
CA THR L 109 72.57 -54.31 93.20
C THR L 109 72.19 -53.22 92.20
N ILE L 110 70.91 -53.01 91.90
CA ILE L 110 70.44 -52.05 90.89
C ILE L 110 70.04 -50.72 91.52
N GLY L 111 69.25 -50.74 92.59
CA GLY L 111 68.82 -49.52 93.29
C GLY L 111 69.95 -48.79 94.00
N LYS L 112 71.01 -49.50 94.37
CA LYS L 112 72.31 -49.00 94.84
C LYS L 112 72.90 -47.92 93.95
N GLU L 113 72.58 -47.90 92.66
CA GLU L 113 73.06 -46.88 91.72
C GLU L 113 72.19 -45.63 91.64
N LEU L 114 70.85 -45.77 91.68
CA LEU L 114 69.92 -44.63 91.56
C LEU L 114 69.68 -43.89 92.88
N ILE L 115 69.95 -44.51 94.03
CA ILE L 115 69.59 -43.97 95.35
C ILE L 115 70.12 -42.56 95.65
N ASP L 116 71.38 -42.28 95.35
CA ASP L 116 71.99 -40.98 95.65
C ASP L 116 71.50 -39.86 94.73
N SER L 117 70.84 -40.19 93.61
CA SER L 117 70.09 -39.28 92.77
C SER L 117 68.65 -39.08 93.29
N VAL L 118 68.01 -40.14 93.80
CA VAL L 118 66.69 -40.04 94.44
C VAL L 118 66.73 -39.15 95.67
N LEU L 119 67.75 -39.30 96.51
CA LEU L 119 67.95 -38.45 97.68
C LEU L 119 68.19 -36.99 97.33
N ASP L 120 68.88 -36.72 96.23
CA ASP L 120 69.22 -35.35 95.81
C ASP L 120 67.98 -34.55 95.41
N ARG L 121 67.02 -35.19 94.75
CA ARG L 121 65.69 -34.63 94.51
C ARG L 121 64.89 -34.43 95.79
N VAL L 122 64.89 -35.38 96.72
CA VAL L 122 64.16 -35.24 97.97
C VAL L 122 64.75 -34.09 98.81
N ARG L 123 66.08 -33.93 98.84
CA ARG L 123 66.76 -32.76 99.42
C ARG L 123 66.33 -31.44 98.76
N LYS L 124 66.35 -31.34 97.44
CA LYS L 124 65.88 -30.15 96.71
C LYS L 124 64.38 -29.87 96.87
N MET L 125 63.55 -30.83 97.26
CA MET L 125 62.15 -30.60 97.64
C MET L 125 62.00 -30.14 99.09
N ALA L 126 62.70 -30.78 100.03
CA ALA L 126 62.66 -30.45 101.44
C ALA L 126 63.20 -29.04 101.70
N ASP L 127 64.25 -28.62 100.99
CA ASP L 127 64.77 -27.24 101.06
C ASP L 127 63.81 -26.16 100.52
N GLN L 128 62.77 -26.53 99.77
CA GLN L 128 61.66 -25.65 99.36
C GLN L 128 60.47 -25.66 100.35
N CYS L 129 60.44 -26.57 101.32
CA CYS L 129 59.46 -26.61 102.40
C CYS L 129 59.84 -25.69 103.55
N SER L 130 58.87 -25.31 104.36
CA SER L 130 59.03 -24.52 105.59
C SER L 130 58.13 -25.13 106.65
N GLY L 131 58.67 -25.99 107.50
CA GLY L 131 57.84 -26.87 108.32
C GLY L 131 57.17 -27.96 107.48
N LEU L 132 57.99 -28.80 106.85
CA LEU L 132 57.60 -30.04 106.18
C LEU L 132 56.87 -30.95 107.19
N GLN L 133 55.68 -31.43 106.86
CA GLN L 133 54.83 -32.19 107.77
C GLN L 133 55.23 -33.65 107.86
N GLY L 134 55.67 -34.22 106.73
CA GLY L 134 56.09 -35.61 106.62
C GLY L 134 56.30 -36.06 105.18
N PHE L 135 56.45 -37.37 105.01
CA PHE L 135 56.57 -38.07 103.73
C PHE L 135 55.37 -38.96 103.48
N LEU L 136 54.88 -39.05 102.25
CA LEU L 136 53.85 -40.00 101.85
C LEU L 136 54.48 -40.99 100.86
N VAL L 137 54.81 -42.21 101.28
CA VAL L 137 55.56 -43.18 100.45
C VAL L 137 54.64 -44.29 99.90
N PHE L 138 54.51 -44.37 98.58
CA PHE L 138 53.60 -45.28 97.87
C PHE L 138 54.35 -46.40 97.17
N HIS L 139 53.98 -47.67 97.43
CA HIS L 139 54.70 -48.82 96.90
C HIS L 139 53.91 -50.14 96.95
N SER L 140 54.43 -51.15 96.26
CA SER L 140 54.00 -52.54 96.32
C SER L 140 54.90 -53.32 97.28
N PHE L 141 54.32 -54.13 98.15
CA PHE L 141 55.08 -55.07 98.99
C PHE L 141 55.64 -56.25 98.19
N GLY L 142 55.02 -56.60 97.07
CA GLY L 142 55.37 -57.77 96.27
C GLY L 142 56.44 -57.52 95.21
N GLY L 143 56.62 -56.28 94.79
CA GLY L 143 57.61 -55.88 93.80
C GLY L 143 59.07 -55.99 94.26
N GLY L 144 60.00 -56.08 93.31
CA GLY L 144 61.42 -55.96 93.55
C GLY L 144 61.83 -54.52 93.83
N THR L 145 61.37 -53.55 93.03
CA THR L 145 61.55 -52.12 93.30
C THR L 145 60.70 -51.68 94.49
N GLY L 146 59.43 -52.08 94.53
CA GLY L 146 58.51 -51.87 95.63
C GLY L 146 59.06 -52.23 97.02
N SER L 147 59.61 -53.42 97.21
CA SER L 147 60.19 -53.85 98.49
C SER L 147 61.66 -53.40 98.69
N GLY L 148 62.53 -53.72 97.75
CA GLY L 148 63.96 -53.51 97.85
C GLY L 148 64.38 -52.07 97.71
N PHE L 149 63.79 -51.30 96.78
CA PHE L 149 64.17 -49.91 96.65
C PHE L 149 63.53 -49.04 97.73
N THR L 150 62.28 -49.27 98.11
CA THR L 150 61.66 -48.54 99.22
C THR L 150 62.42 -48.78 100.51
N SER L 151 62.88 -50.01 100.77
CA SER L 151 63.66 -50.32 101.97
C SER L 151 65.07 -49.74 101.96
N LEU L 152 65.67 -49.55 100.79
CA LEU L 152 66.91 -48.80 100.62
C LEU L 152 66.69 -47.31 100.88
N LEU L 153 65.66 -46.73 100.27
CA LEU L 153 65.33 -45.32 100.46
C LEU L 153 64.94 -44.97 101.90
N MET L 154 64.04 -45.73 102.52
CA MET L 154 63.60 -45.44 103.89
C MET L 154 64.74 -45.47 104.90
N GLU L 155 65.72 -46.36 104.75
CA GLU L 155 66.88 -46.42 105.63
C GLU L 155 67.69 -45.13 105.58
N ARG L 156 67.79 -44.51 104.41
CA ARG L 156 68.43 -43.20 104.21
C ARG L 156 67.60 -42.06 104.77
N LEU L 157 66.31 -41.99 104.44
CA LEU L 157 65.43 -40.93 104.95
C LEU L 157 65.31 -40.98 106.48
N SER L 158 65.46 -42.15 107.12
CA SER L 158 65.36 -42.28 108.58
C SER L 158 66.63 -41.88 109.34
N VAL L 159 67.76 -41.67 108.66
CA VAL L 159 68.95 -40.99 109.21
C VAL L 159 69.01 -39.53 108.76
N ASP L 160 68.59 -39.22 107.53
CA ASP L 160 68.61 -37.85 107.02
C ASP L 160 67.51 -36.93 107.58
N TYR L 161 66.31 -37.45 107.85
CA TYR L 161 65.12 -36.72 108.29
C TYR L 161 64.49 -37.40 109.51
N GLY L 162 65.28 -37.72 110.54
CA GLY L 162 64.85 -38.61 111.62
C GLY L 162 63.57 -38.20 112.38
N LYS L 163 63.32 -36.89 112.55
CA LYS L 163 62.13 -36.39 113.24
C LYS L 163 60.84 -36.49 112.43
N LYS L 164 60.92 -36.36 111.10
CA LYS L 164 59.77 -36.21 110.19
C LYS L 164 58.93 -37.48 110.06
N SER L 165 57.61 -37.37 110.14
CA SER L 165 56.70 -38.52 110.06
C SER L 165 56.69 -39.17 108.68
N LYS L 166 56.91 -40.48 108.61
CA LYS L 166 56.92 -41.25 107.37
C LYS L 166 55.68 -42.12 107.30
N LEU L 167 54.69 -41.67 106.53
CA LEU L 167 53.44 -42.37 106.28
C LEU L 167 53.62 -43.20 105.02
N GLU L 168 53.11 -44.42 105.02
CA GLU L 168 53.46 -45.37 103.97
C GLU L 168 52.26 -46.17 103.51
N PHE L 169 51.98 -46.13 102.20
CA PHE L 169 50.81 -46.75 101.60
C PHE L 169 51.26 -47.95 100.76
N SER L 170 50.88 -49.13 101.20
CA SER L 170 51.42 -50.38 100.69
C SER L 170 50.36 -51.24 100.06
N VAL L 171 50.52 -51.61 98.80
CA VAL L 171 49.74 -52.69 98.20
C VAL L 171 50.35 -54.04 98.59
N TYR L 172 49.64 -54.80 99.39
CA TYR L 172 50.05 -55.98 100.14
C TYR L 172 49.47 -57.26 99.52
N PRO L 173 50.18 -58.40 99.51
CA PRO L 173 49.64 -59.65 98.97
C PRO L 173 48.32 -60.15 99.57
N ALA L 174 47.46 -60.71 98.72
CA ALA L 174 46.11 -61.16 99.06
C ALA L 174 46.04 -62.61 99.57
N PRO L 175 44.89 -63.06 100.10
CA PRO L 175 44.67 -64.47 100.40
C PRO L 175 44.84 -65.38 99.17
N ARG L 176 44.22 -65.06 98.02
CA ARG L 176 44.20 -65.92 96.83
C ARG L 176 44.79 -65.24 95.58
N ILE L 177 44.42 -63.99 95.30
CA ILE L 177 44.94 -63.19 94.19
C ILE L 177 46.43 -62.90 94.36
N SER L 178 47.22 -63.23 93.36
CA SER L 178 48.65 -62.97 93.32
C SER L 178 49.11 -62.85 91.88
N THR L 179 50.17 -62.09 91.63
CA THR L 179 50.71 -61.82 90.28
C THR L 179 52.10 -62.42 90.08
N ALA L 180 52.71 -62.96 91.12
CA ALA L 180 54.09 -63.41 91.18
C ALA L 180 54.19 -64.64 92.08
N VAL L 181 55.20 -65.46 91.82
CA VAL L 181 55.50 -66.63 92.64
C VAL L 181 56.25 -66.22 93.91
N VAL L 182 57.09 -65.20 93.82
CA VAL L 182 58.01 -64.73 94.88
C VAL L 182 57.48 -63.55 95.72
N GLU L 183 56.21 -63.16 95.54
CA GLU L 183 55.49 -62.15 96.33
C GLU L 183 55.61 -62.35 97.87
N PRO L 184 55.54 -63.58 98.44
CA PRO L 184 55.78 -63.82 99.86
C PRO L 184 57.21 -63.51 100.35
N TYR L 185 58.22 -63.77 99.53
CA TYR L 185 59.61 -63.46 99.86
C TYR L 185 59.86 -61.96 99.94
N ASN L 186 59.37 -61.19 98.95
CA ASN L 186 59.57 -59.75 98.92
C ASN L 186 58.84 -59.03 100.06
N SER L 187 57.66 -59.51 100.40
CA SER L 187 56.85 -58.95 101.47
C SER L 187 57.45 -59.17 102.86
N ILE L 188 57.90 -60.38 103.16
CA ILE L 188 58.53 -60.70 104.45
C ILE L 188 59.86 -59.94 104.62
N LEU L 189 60.69 -59.87 103.58
CA LEU L 189 61.92 -59.05 103.59
C LEU L 189 61.65 -57.55 103.81
N THR L 190 60.47 -57.05 103.44
CA THR L 190 60.05 -55.66 103.70
C THR L 190 59.68 -55.38 105.16
N THR L 191 59.33 -56.37 105.97
CA THR L 191 58.81 -56.16 107.35
C THR L 191 59.78 -55.43 108.29
N HIS L 192 61.09 -55.44 108.04
CA HIS L 192 62.05 -54.61 108.77
C HIS L 192 61.89 -53.12 108.45
N THR L 193 61.52 -52.80 107.21
CA THR L 193 61.36 -51.43 106.74
C THR L 193 60.22 -50.78 107.48
N THR L 194 59.05 -51.41 107.42
CA THR L 194 57.86 -50.89 108.10
C THR L 194 58.04 -50.86 109.60
N LEU L 195 58.60 -51.90 110.24
CA LEU L 195 58.83 -51.86 111.69
C LEU L 195 59.80 -50.75 112.14
N GLU L 196 60.96 -50.60 111.50
CA GLU L 196 62.03 -49.75 112.02
C GLU L 196 62.04 -48.33 111.41
N HIS L 197 61.65 -48.16 110.15
CA HIS L 197 61.83 -46.93 109.36
C HIS L 197 60.53 -46.36 108.79
N SER L 198 59.41 -46.55 109.48
CA SER L 198 58.10 -46.03 109.12
C SER L 198 57.35 -45.63 110.39
N ASP L 199 56.40 -44.71 110.32
CA ASP L 199 55.67 -44.20 111.49
C ASP L 199 54.19 -44.58 111.46
N CYS L 200 53.60 -44.77 110.30
CA CYS L 200 52.24 -45.28 110.14
C CYS L 200 52.08 -45.93 108.76
N ALA L 201 51.81 -47.24 108.73
CA ALA L 201 51.85 -48.01 107.50
C ALA L 201 50.47 -48.57 107.12
N PHE L 202 49.88 -48.03 106.07
CA PHE L 202 48.55 -48.37 105.57
C PHE L 202 48.66 -49.52 104.55
N MET L 203 48.46 -50.73 105.02
CA MET L 203 48.31 -51.91 104.16
C MET L 203 46.99 -51.85 103.40
N VAL L 204 47.03 -52.17 102.12
CA VAL L 204 45.89 -52.27 101.21
C VAL L 204 46.02 -53.56 100.41
N ASP L 205 44.92 -54.16 99.98
CA ASP L 205 44.86 -55.44 99.28
C ASP L 205 44.07 -55.33 97.97
N ASN L 206 44.64 -55.85 96.88
CA ASN L 206 43.96 -55.85 95.58
C ASN L 206 42.66 -56.65 95.60
N GLU L 207 42.60 -57.78 96.31
CA GLU L 207 41.42 -58.65 96.29
C GLU L 207 40.24 -58.09 97.07
N ALA L 208 40.49 -57.33 98.13
CA ALA L 208 39.50 -56.64 98.92
C ALA L 208 38.88 -55.48 98.14
N ILE L 209 39.69 -54.67 97.46
CA ILE L 209 39.15 -53.63 96.59
C ILE L 209 38.42 -54.23 95.40
N TYR L 210 38.89 -55.33 94.80
CA TYR L 210 38.13 -55.99 93.74
C TYR L 210 36.73 -56.40 94.20
N ASP L 211 36.56 -56.83 95.45
CA ASP L 211 35.26 -57.22 96.00
C ASP L 211 34.38 -55.99 96.35
N ILE L 212 34.98 -54.93 96.89
CA ILE L 212 34.32 -53.63 97.06
C ILE L 212 33.80 -53.11 95.72
N CYS L 213 34.59 -53.19 94.66
CA CYS L 213 34.18 -52.74 93.34
C CYS L 213 32.96 -53.52 92.84
N ASN L 214 32.96 -54.85 93.05
CA ASN L 214 31.87 -55.73 92.61
C ASN L 214 30.57 -55.45 93.35
N ARG L 215 30.62 -55.22 94.67
CA ARG L 215 29.45 -55.09 95.56
C ARG L 215 28.88 -53.69 95.70
N ASN L 216 29.70 -52.66 95.57
CA ASN L 216 29.30 -51.26 95.82
C ASN L 216 29.28 -50.38 94.58
N LEU L 217 30.24 -50.53 93.68
CA LEU L 217 30.26 -49.81 92.40
C LEU L 217 29.50 -50.55 91.30
N ASP L 218 29.21 -51.83 91.53
CA ASP L 218 28.60 -52.78 90.59
C ASP L 218 29.35 -52.96 89.27
N ILE L 219 30.62 -52.56 89.20
CA ILE L 219 31.51 -52.88 88.08
C ILE L 219 31.94 -54.34 88.18
N GLU L 220 31.62 -55.13 87.17
CA GLU L 220 31.77 -56.60 87.23
C GLU L 220 33.23 -57.07 87.10
N ARG L 221 34.03 -56.31 86.33
CA ARG L 221 35.40 -56.61 85.91
C ARG L 221 36.33 -55.37 85.92
N PRO L 222 36.81 -54.90 87.09
CA PRO L 222 37.67 -53.72 87.16
C PRO L 222 39.13 -53.94 86.77
N SER L 223 39.76 -52.88 86.30
CA SER L 223 41.21 -52.74 86.04
C SER L 223 41.94 -52.22 87.28
N TYR L 224 43.23 -51.93 87.16
CA TYR L 224 43.92 -51.17 88.20
C TYR L 224 43.53 -49.69 88.26
N THR L 225 43.05 -49.07 87.18
CA THR L 225 42.64 -47.66 87.26
C THR L 225 41.50 -47.49 88.27
N ASN L 226 40.61 -48.48 88.39
CA ASN L 226 39.53 -48.47 89.38
C ASN L 226 40.04 -48.61 90.82
N LEU L 227 41.09 -49.38 91.04
CA LEU L 227 41.69 -49.54 92.37
C LEU L 227 42.42 -48.28 92.80
N ASN L 228 43.25 -47.73 91.92
CA ASN L 228 44.06 -46.57 92.24
C ASN L 228 43.19 -45.34 92.51
N ARG L 229 42.06 -45.21 91.83
CA ARG L 229 41.07 -44.17 92.13
C ARG L 229 40.38 -44.30 93.48
N LEU L 230 40.42 -45.47 94.14
CA LEU L 230 40.01 -45.62 95.55
C LEU L 230 41.17 -45.36 96.52
N ILE L 231 42.38 -45.81 96.19
CA ILE L 231 43.55 -45.66 97.05
C ILE L 231 43.99 -44.19 97.16
N ALA L 232 43.89 -43.43 96.07
CA ALA L 232 44.14 -41.98 96.11
C ALA L 232 43.09 -41.24 96.91
N GLN L 233 41.83 -41.64 96.84
CA GLN L 233 40.74 -40.99 97.55
C GLN L 233 40.94 -41.03 99.08
N ILE L 234 41.49 -42.14 99.61
CA ILE L 234 41.85 -42.22 101.02
C ILE L 234 42.95 -41.22 101.38
N VAL L 235 44.01 -41.06 100.57
CA VAL L 235 45.08 -40.12 100.90
C VAL L 235 44.64 -38.66 100.77
N SER L 236 43.75 -38.35 99.83
CA SER L 236 43.11 -37.03 99.81
C SER L 236 42.41 -36.75 101.13
N SER L 237 41.74 -37.75 101.70
CA SER L 237 40.99 -37.61 102.96
C SER L 237 41.89 -37.58 104.20
N ILE L 238 43.02 -38.29 104.21
CA ILE L 238 44.05 -38.16 105.24
C ILE L 238 44.66 -36.77 105.21
N THR L 239 44.95 -36.24 104.03
CA THR L 239 45.55 -34.92 103.88
C THR L 239 44.54 -33.77 103.90
N ALA L 240 43.24 -34.00 103.84
CA ALA L 240 42.27 -32.91 103.71
C ALA L 240 42.37 -31.88 104.85
N SER L 241 42.60 -32.32 106.09
CA SER L 241 42.81 -31.40 107.22
C SER L 241 44.08 -30.55 107.15
N LEU L 242 45.05 -30.96 106.34
CA LEU L 242 46.27 -30.23 106.09
C LEU L 242 46.05 -29.13 105.04
N ARG L 243 45.07 -29.35 104.15
CA ARG L 243 44.77 -28.58 102.93
C ARG L 243 43.60 -27.60 103.06
N PHE L 244 42.66 -27.82 103.98
CA PHE L 244 41.35 -27.17 103.98
C PHE L 244 40.84 -26.72 105.37
N ASP L 245 39.81 -25.88 105.40
CA ASP L 245 39.11 -25.53 106.64
C ASP L 245 38.17 -26.66 107.09
N GLY L 246 37.99 -26.81 108.39
CA GLY L 246 37.14 -27.81 109.02
C GLY L 246 36.67 -27.41 110.41
N ALA L 247 35.70 -28.14 110.96
CA ALA L 247 35.23 -27.94 112.33
C ALA L 247 36.23 -28.50 113.35
N LEU L 248 36.89 -29.60 113.00
CA LEU L 248 37.85 -30.34 113.83
C LEU L 248 39.00 -30.84 112.94
N ASN L 249 39.83 -29.94 112.45
CA ASN L 249 40.98 -30.32 111.62
C ASN L 249 41.98 -31.18 112.41
N VAL L 250 42.59 -32.18 111.76
CA VAL L 250 43.54 -33.13 112.35
C VAL L 250 44.93 -32.96 111.74
N ASP L 251 45.92 -32.65 112.56
CA ASP L 251 47.33 -32.58 112.16
C ASP L 251 47.91 -33.98 111.88
N LEU L 252 48.92 -34.09 111.01
CA LEU L 252 49.49 -35.39 110.65
C LEU L 252 50.14 -36.15 111.84
N THR L 253 50.56 -35.46 112.91
CA THR L 253 51.02 -36.05 114.18
C THR L 253 49.92 -36.21 115.23
N GLU L 254 48.90 -35.37 115.21
CA GLU L 254 47.69 -35.53 115.99
C GLU L 254 46.98 -36.84 115.63
N PHE L 255 46.96 -37.16 114.34
CA PHE L 255 46.52 -38.42 113.79
C PHE L 255 47.24 -39.61 114.42
N GLN L 256 48.57 -39.60 114.40
CA GLN L 256 49.42 -40.64 114.97
C GLN L 256 49.30 -40.76 116.49
N THR L 257 49.17 -39.67 117.23
CA THR L 257 48.99 -39.69 118.70
C THR L 257 47.71 -40.39 119.14
N ASN L 258 46.69 -40.49 118.28
CA ASN L 258 45.45 -41.21 118.52
C ASN L 258 45.39 -42.59 117.86
N LEU L 259 46.04 -42.81 116.72
CA LEU L 259 46.11 -44.11 116.05
C LEU L 259 47.04 -45.09 116.74
N VAL L 260 48.20 -44.65 117.19
CA VAL L 260 49.32 -45.54 117.55
C VAL L 260 49.42 -45.67 119.08
N PRO L 261 48.96 -46.78 119.69
CA PRO L 261 49.04 -46.96 121.14
C PRO L 261 50.43 -47.33 121.65
N TYR L 262 51.24 -47.99 120.84
CA TYR L 262 52.56 -48.49 121.22
C TYR L 262 53.52 -48.31 120.05
N PRO L 263 54.84 -48.16 120.27
CA PRO L 263 55.77 -47.78 119.21
C PRO L 263 55.71 -48.64 117.96
N ARG L 264 55.47 -49.96 118.08
CA ARG L 264 55.49 -50.87 116.92
C ARG L 264 54.10 -51.19 116.35
N ILE L 265 53.05 -50.64 116.95
CA ILE L 265 51.64 -50.97 116.66
C ILE L 265 51.03 -49.83 115.85
N HIS L 266 51.54 -49.71 114.62
CA HIS L 266 51.29 -48.59 113.73
C HIS L 266 50.82 -49.05 112.35
N PHE L 267 50.19 -50.21 112.28
CA PHE L 267 49.60 -50.80 111.09
C PHE L 267 48.06 -50.74 111.14
N PRO L 268 47.44 -49.58 110.94
CA PRO L 268 46.00 -49.47 110.87
C PRO L 268 45.45 -50.06 109.57
N LEU L 269 44.25 -50.60 109.64
CA LEU L 269 43.38 -50.73 108.47
C LEU L 269 42.93 -49.34 108.02
N VAL L 270 42.46 -49.27 106.78
CA VAL L 270 41.79 -48.11 106.23
C VAL L 270 40.53 -48.56 105.49
N THR L 271 39.52 -47.71 105.46
CA THR L 271 38.28 -47.89 104.70
C THR L 271 37.68 -46.53 104.37
N TYR L 272 36.82 -46.47 103.36
CA TYR L 272 36.21 -45.25 102.89
C TYR L 272 34.71 -45.49 102.69
N SER L 273 33.86 -44.52 103.01
CA SER L 273 32.44 -44.60 102.74
C SER L 273 31.87 -43.22 102.38
N PRO L 274 30.84 -43.18 101.54
CA PRO L 274 30.27 -44.30 100.80
C PRO L 274 31.05 -44.57 99.51
N ILE L 275 31.51 -45.80 99.29
CA ILE L 275 31.81 -46.22 97.92
C ILE L 275 30.48 -46.49 97.24
N ILE L 276 30.15 -45.77 96.18
CA ILE L 276 28.81 -45.86 95.58
C ILE L 276 28.81 -45.43 94.11
N SER L 277 27.97 -46.04 93.28
CA SER L 277 27.79 -45.63 91.88
C SER L 277 26.62 -44.67 91.72
N ALA L 278 26.53 -44.01 90.58
CA ALA L 278 25.42 -43.13 90.24
C ALA L 278 24.07 -43.86 90.09
N GLU L 279 24.05 -45.19 90.00
CA GLU L 279 22.80 -45.96 89.94
C GLU L 279 22.08 -45.96 91.29
N LYS L 280 22.82 -45.87 92.39
CA LYS L 280 22.32 -46.06 93.77
C LYS L 280 22.42 -44.80 94.62
N ALA L 281 23.35 -43.90 94.35
CA ALA L 281 23.57 -42.72 95.18
C ALA L 281 22.35 -41.78 95.28
N TYR L 282 21.45 -41.80 94.29
CA TYR L 282 20.19 -41.05 94.30
C TYR L 282 19.04 -41.76 95.03
N HIS L 283 19.21 -42.98 95.56
CA HIS L 283 18.18 -43.71 96.29
C HIS L 283 18.53 -44.03 97.74
N GLU L 284 19.81 -44.21 98.05
CA GLU L 284 20.32 -44.26 99.43
C GLU L 284 20.18 -42.89 100.11
N GLN L 285 20.00 -42.84 101.44
CA GLN L 285 20.04 -41.55 102.14
C GLN L 285 21.46 -40.99 102.27
N LEU L 286 22.48 -41.83 102.49
CA LEU L 286 23.85 -41.38 102.76
C LEU L 286 23.89 -40.34 103.90
N SER L 287 23.05 -40.53 104.91
CA SER L 287 23.12 -39.81 106.17
C SER L 287 24.40 -40.15 106.93
N VAL L 288 24.81 -39.29 107.85
CA VAL L 288 26.03 -39.52 108.63
C VAL L 288 26.00 -40.84 109.39
N PRO L 289 24.84 -41.25 109.90
CA PRO L 289 24.70 -42.54 110.57
C PRO L 289 25.05 -43.73 109.67
N GLU L 290 24.61 -43.72 108.41
CA GLU L 290 24.84 -44.84 107.49
C GLU L 290 26.29 -44.95 107.06
N ILE L 291 26.91 -43.85 106.64
CA ILE L 291 28.31 -43.85 106.20
C ILE L 291 29.29 -44.09 107.36
N THR L 292 28.90 -43.80 108.60
CA THR L 292 29.69 -44.23 109.77
C THR L 292 29.60 -45.75 109.94
N ASN L 293 28.38 -46.30 109.95
CA ASN L 293 28.17 -47.75 110.12
C ASN L 293 28.79 -48.57 108.99
N ALA L 294 28.82 -48.07 107.75
CA ALA L 294 29.48 -48.75 106.64
C ALA L 294 30.96 -49.02 106.89
N CYS L 295 31.67 -48.20 107.66
CA CYS L 295 33.08 -48.41 107.96
C CYS L 295 33.34 -49.58 108.88
N PHE L 296 32.35 -50.08 109.61
CA PHE L 296 32.49 -51.23 110.50
C PHE L 296 32.05 -52.54 109.86
N GLU L 297 31.54 -52.53 108.64
CA GLU L 297 31.22 -53.75 107.90
C GLU L 297 32.52 -54.42 107.40
N TYR L 298 32.72 -55.74 107.60
CA TYR L 298 33.78 -56.50 106.95
C TYR L 298 33.81 -56.32 105.42
N SER L 299 32.63 -56.11 104.83
CA SER L 299 32.44 -55.82 103.42
C SER L 299 33.19 -54.60 102.88
N ASN L 300 33.61 -53.63 103.71
CA ASN L 300 34.27 -52.43 103.22
C ASN L 300 35.73 -52.29 103.65
N GLN L 301 36.29 -53.27 104.37
CA GLN L 301 37.70 -53.27 104.74
C GLN L 301 38.56 -53.57 103.51
N MET L 302 39.62 -52.79 103.29
CA MET L 302 40.50 -52.91 102.12
C MET L 302 41.72 -53.83 102.38
N VAL L 303 41.62 -54.76 103.33
CA VAL L 303 42.48 -55.92 103.54
C VAL L 303 41.55 -57.09 103.84
N LYS L 304 41.72 -58.26 103.19
CA LYS L 304 40.86 -59.42 103.43
C LYS L 304 41.16 -60.10 104.77
N CYS L 305 40.72 -59.47 105.83
CA CYS L 305 40.64 -59.97 107.20
C CYS L 305 39.35 -59.48 107.85
N ASP L 306 38.83 -60.18 108.86
CA ASP L 306 37.54 -59.85 109.48
C ASP L 306 37.78 -59.09 110.79
N PRO L 307 37.37 -57.81 110.94
CA PRO L 307 37.57 -57.05 112.17
C PRO L 307 36.92 -57.66 113.41
N ARG L 308 35.92 -58.52 113.25
CA ARG L 308 35.22 -59.21 114.34
C ARG L 308 36.06 -60.32 114.95
N ARG L 309 37.07 -60.82 114.23
CA ARG L 309 38.09 -61.71 114.78
C ARG L 309 39.19 -60.95 115.53
N GLY L 310 39.09 -59.63 115.67
CA GLY L 310 40.00 -58.80 116.44
C GLY L 310 39.34 -58.02 117.58
N LYS L 311 40.11 -57.11 118.17
CA LYS L 311 39.60 -55.97 118.94
C LYS L 311 40.18 -54.68 118.41
N TYR L 312 39.37 -53.64 118.37
CA TYR L 312 39.80 -52.29 118.03
C TYR L 312 40.61 -51.68 119.16
N MET L 313 41.73 -51.08 118.82
CA MET L 313 42.55 -50.28 119.73
C MET L 313 42.16 -48.81 119.61
N ALA L 314 42.13 -48.25 118.40
CA ALA L 314 41.69 -46.89 118.16
C ALA L 314 41.15 -46.70 116.73
N CYS L 315 40.18 -45.82 116.55
CA CYS L 315 39.66 -45.43 115.25
C CYS L 315 39.80 -43.93 115.04
N CYS L 316 40.33 -43.49 113.92
CA CYS L 316 40.21 -42.13 113.42
C CYS L 316 39.09 -42.09 112.38
N LEU L 317 37.96 -41.47 112.71
CA LEU L 317 36.90 -41.18 111.76
C LEU L 317 37.15 -39.80 111.19
N LEU L 318 37.71 -39.73 109.98
CA LEU L 318 38.02 -38.48 109.27
C LEU L 318 36.89 -38.11 108.31
N TYR L 319 35.87 -37.41 108.79
CA TYR L 319 34.76 -36.95 107.93
C TYR L 319 35.14 -35.74 107.10
N ARG L 320 34.51 -35.65 105.94
CA ARG L 320 34.64 -34.51 105.06
C ARG L 320 33.37 -34.21 104.31
N GLY L 321 33.16 -32.96 103.94
CA GLY L 321 31.92 -32.48 103.36
C GLY L 321 30.92 -32.01 104.41
N ASP L 322 29.63 -32.09 104.09
CA ASP L 322 28.54 -31.53 104.89
C ASP L 322 28.19 -32.39 106.12
N VAL L 323 28.94 -32.28 107.21
CA VAL L 323 28.64 -32.98 108.48
C VAL L 323 28.78 -32.05 109.68
N VAL L 324 28.13 -32.40 110.79
CA VAL L 324 28.05 -31.57 111.99
C VAL L 324 28.40 -32.42 113.20
N PRO L 325 29.22 -31.96 114.17
CA PRO L 325 29.60 -32.74 115.35
C PRO L 325 28.46 -33.37 116.15
N LYS L 326 27.26 -32.77 116.17
CA LYS L 326 26.03 -33.42 116.68
C LYS L 326 25.88 -34.82 116.09
N ASP L 327 25.87 -34.92 114.76
CA ASP L 327 25.58 -36.14 114.01
C ASP L 327 26.63 -37.20 114.23
N VAL L 328 27.90 -36.78 114.31
CA VAL L 328 29.01 -37.69 114.52
C VAL L 328 28.97 -38.29 115.92
N ASN L 329 28.74 -37.48 116.96
CA ASN L 329 28.64 -38.02 118.32
C ASN L 329 27.46 -39.00 118.44
N ALA L 330 26.30 -38.65 117.88
CA ALA L 330 25.13 -39.52 117.81
C ALA L 330 25.37 -40.83 117.04
N ALA L 331 26.21 -40.78 116.00
CA ALA L 331 26.64 -41.95 115.27
C ALA L 331 27.59 -42.83 116.08
N ILE L 332 28.70 -42.32 116.62
CA ILE L 332 29.64 -43.15 117.38
C ILE L 332 29.02 -43.72 118.65
N ALA L 333 28.02 -43.08 119.21
CA ALA L 333 27.20 -43.65 120.28
C ALA L 333 26.49 -44.94 119.87
N ALA L 334 26.01 -45.07 118.65
CA ALA L 334 25.46 -46.36 118.19
C ALA L 334 26.57 -47.38 117.97
N ILE L 335 27.74 -46.99 117.46
CA ILE L 335 28.86 -47.92 117.31
C ILE L 335 29.29 -48.46 118.68
N LYS L 336 29.38 -47.63 119.73
CA LYS L 336 29.66 -48.09 121.10
C LYS L 336 28.59 -49.01 121.68
N THR L 337 27.35 -48.94 121.18
CA THR L 337 26.23 -49.74 121.65
C THR L 337 26.27 -51.16 121.08
N ARG L 338 26.79 -51.34 119.85
CA ARG L 338 26.86 -52.64 119.14
C ARG L 338 27.95 -53.57 119.70
N ARG L 339 27.56 -54.71 120.27
CA ARG L 339 28.46 -55.68 120.94
C ARG L 339 29.37 -56.46 119.99
N SER L 340 29.08 -56.50 118.69
CA SER L 340 29.95 -57.09 117.67
C SER L 340 31.19 -56.25 117.34
N ILE L 341 31.16 -54.93 117.57
CA ILE L 341 32.30 -54.02 117.39
C ILE L 341 33.04 -53.87 118.73
N GLN L 342 34.05 -54.68 118.99
CA GLN L 342 34.67 -54.75 120.32
C GLN L 342 36.01 -54.02 120.40
N PHE L 343 36.08 -53.02 121.26
CA PHE L 343 37.32 -52.34 121.60
C PHE L 343 38.06 -53.08 122.72
N VAL L 344 39.36 -52.82 122.83
CA VAL L 344 40.18 -53.22 123.96
C VAL L 344 39.75 -52.53 125.25
N ASP L 345 39.98 -53.19 126.39
CA ASP L 345 39.62 -52.74 127.74
C ASP L 345 40.36 -51.46 128.16
N TRP L 346 41.52 -51.23 127.58
CA TRP L 346 42.43 -50.13 127.90
C TRP L 346 42.26 -48.90 127.01
N CYS L 347 41.29 -48.87 126.08
CA CYS L 347 41.00 -47.69 125.28
C CYS L 347 39.51 -47.31 125.44
N PRO L 348 39.14 -46.66 126.55
CA PRO L 348 37.75 -46.40 126.90
C PRO L 348 37.13 -45.27 126.05
N THR L 349 37.97 -44.41 125.48
CA THR L 349 37.63 -43.34 124.57
C THR L 349 37.44 -43.84 123.14
N GLY L 350 38.39 -44.62 122.61
CA GLY L 350 38.29 -45.33 121.33
C GLY L 350 38.40 -44.50 120.06
N PHE L 351 37.63 -43.42 119.94
CA PHE L 351 37.44 -42.66 118.71
C PHE L 351 38.15 -41.32 118.75
N LYS L 352 38.95 -41.06 117.72
CA LYS L 352 39.43 -39.74 117.32
C LYS L 352 38.60 -39.29 116.12
N VAL L 353 37.98 -38.13 116.23
CA VAL L 353 37.10 -37.57 115.21
C VAL L 353 37.80 -36.40 114.56
N GLY L 354 37.80 -36.37 113.23
CA GLY L 354 38.15 -35.20 112.42
C GLY L 354 36.98 -34.81 111.53
N ILE L 355 36.75 -33.53 111.31
CA ILE L 355 35.66 -33.02 110.46
C ILE L 355 36.17 -31.88 109.61
N ASN L 356 36.05 -32.00 108.29
CA ASN L 356 36.56 -31.05 107.30
C ASN L 356 35.49 -30.57 106.30
N TYR L 357 35.44 -29.29 105.95
CA TYR L 357 34.31 -28.72 105.19
C TYR L 357 34.36 -28.96 103.68
N GLN L 358 35.41 -29.60 103.16
CA GLN L 358 35.58 -29.81 101.71
C GLN L 358 35.05 -31.19 101.29
N PRO L 359 33.99 -31.29 100.47
CA PRO L 359 33.46 -32.54 99.95
C PRO L 359 34.51 -33.35 99.17
N PRO L 360 34.27 -34.65 98.94
CA PRO L 360 35.12 -35.47 98.09
C PRO L 360 35.00 -35.08 96.61
N THR L 361 36.13 -34.79 95.98
CA THR L 361 36.19 -34.47 94.55
C THR L 361 35.99 -35.71 93.69
N ALA L 362 35.08 -35.66 92.72
CA ALA L 362 34.96 -36.71 91.70
C ALA L 362 36.01 -36.55 90.61
N VAL L 363 36.73 -37.61 90.27
CA VAL L 363 37.44 -37.67 88.98
C VAL L 363 36.39 -37.87 87.89
N PRO L 364 36.31 -37.02 86.85
CA PRO L 364 35.19 -37.02 85.91
C PRO L 364 35.01 -38.32 85.11
N GLY L 365 36.10 -39.04 84.85
CA GLY L 365 36.05 -40.34 84.16
C GLY L 365 35.65 -41.53 85.04
N GLY L 366 35.49 -41.33 86.35
CA GLY L 366 35.43 -42.41 87.34
C GLY L 366 34.07 -43.04 87.57
N ASP L 367 34.09 -44.16 88.28
CA ASP L 367 32.89 -44.95 88.63
C ASP L 367 32.21 -44.43 89.91
N VAL L 368 32.99 -43.85 90.81
CA VAL L 368 32.60 -43.42 92.16
C VAL L 368 31.84 -42.08 92.12
N ALA L 369 30.61 -42.06 92.61
CA ALA L 369 29.62 -41.00 92.40
C ALA L 369 29.82 -39.74 93.25
N LYS L 370 29.18 -38.63 92.84
CA LYS L 370 29.12 -37.38 93.62
C LYS L 370 28.24 -37.56 94.84
N VAL L 371 28.71 -37.15 96.01
CA VAL L 371 28.03 -37.33 97.29
C VAL L 371 28.30 -36.15 98.23
N LEU L 372 27.36 -35.78 99.08
CA LEU L 372 27.55 -34.62 99.98
C LEU L 372 28.57 -34.84 101.08
N ARG L 373 28.88 -36.10 101.38
CA ARG L 373 29.62 -36.53 102.55
C ARG L 373 30.55 -37.66 102.19
N ALA L 374 31.65 -37.77 102.89
CA ALA L 374 32.40 -38.99 102.99
C ALA L 374 33.07 -39.07 104.35
N VAL L 375 33.47 -40.26 104.72
CA VAL L 375 34.33 -40.53 105.85
C VAL L 375 35.43 -41.46 105.39
N CYS L 376 36.65 -41.19 105.80
CA CYS L 376 37.67 -42.20 105.77
C CYS L 376 37.87 -42.64 107.21
N MET L 377 37.71 -43.94 107.48
CA MET L 377 38.02 -44.49 108.78
C MET L 377 39.36 -45.22 108.72
N LEU L 378 40.30 -44.77 109.53
CA LEU L 378 41.60 -45.38 109.68
C LEU L 378 41.65 -45.97 111.07
N SER L 379 41.97 -47.24 111.19
CA SER L 379 41.60 -48.05 112.35
C SER L 379 42.65 -49.05 112.77
N ASN L 380 43.25 -48.85 113.94
CA ASN L 380 44.18 -49.80 114.52
C ASN L 380 43.40 -50.92 115.24
N THR L 381 43.54 -52.15 114.77
CA THR L 381 42.81 -53.33 115.25
C THR L 381 43.68 -54.58 115.24
N THR L 382 43.48 -55.49 116.20
CA THR L 382 44.26 -56.73 116.29
C THR L 382 44.02 -57.67 115.11
N ALA L 383 42.91 -57.53 114.40
CA ALA L 383 42.52 -58.38 113.29
C ALA L 383 43.54 -58.45 112.15
N ILE L 384 44.31 -57.38 111.91
CA ILE L 384 45.25 -57.32 110.78
C ILE L 384 46.34 -58.38 110.86
N ALA L 385 46.63 -58.89 112.04
CA ALA L 385 47.58 -60.00 112.22
C ALA L 385 47.22 -61.27 111.42
N GLU L 386 45.98 -61.45 110.99
CA GLU L 386 45.60 -62.56 110.13
C GLU L 386 46.13 -62.38 108.71
N ALA L 387 46.17 -61.17 108.16
CA ALA L 387 46.80 -60.90 106.87
C ALA L 387 48.31 -61.18 106.87
N TRP L 388 48.96 -61.10 108.03
CA TRP L 388 50.35 -61.50 108.25
C TRP L 388 50.48 -63.02 108.44
N ALA L 389 49.54 -63.66 109.15
CA ALA L 389 49.49 -65.10 109.34
C ALA L 389 49.22 -65.85 108.03
N ARG L 390 48.49 -65.26 107.08
CA ARG L 390 48.32 -65.82 105.73
C ARG L 390 49.66 -65.87 105.00
N LEU L 391 50.37 -64.75 104.98
CA LEU L 391 51.53 -64.59 104.12
C LEU L 391 52.76 -65.28 104.67
N ASP L 392 52.98 -65.32 105.98
CA ASP L 392 54.10 -66.07 106.55
C ASP L 392 53.90 -67.61 106.46
N HIS L 393 52.67 -68.11 106.27
CA HIS L 393 52.38 -69.49 105.86
C HIS L 393 52.66 -69.75 104.38
N LYS L 394 52.56 -68.76 103.49
CA LYS L 394 53.07 -68.87 102.10
C LYS L 394 54.59 -68.89 102.05
N PHE L 395 55.24 -68.04 102.84
CA PHE L 395 56.69 -68.01 102.99
C PHE L 395 57.25 -69.34 103.49
N ASP L 396 56.63 -69.93 104.50
CA ASP L 396 57.12 -71.15 105.14
C ASP L 396 57.22 -72.35 104.19
N LEU L 397 56.25 -72.54 103.29
CA LEU L 397 56.25 -73.60 102.29
C LEU L 397 57.42 -73.49 101.30
N MET L 398 57.76 -72.27 100.89
CA MET L 398 58.84 -72.02 99.95
C MET L 398 60.21 -72.01 100.61
N TYR L 399 60.37 -71.42 101.79
CA TYR L 399 61.66 -71.41 102.45
C TYR L 399 62.06 -72.78 102.99
N SER L 400 61.11 -73.66 103.35
CA SER L 400 61.40 -75.06 103.68
C SER L 400 62.08 -75.84 102.54
N LYS L 401 61.89 -75.42 101.28
CA LYS L 401 62.56 -75.98 100.09
C LYS L 401 63.73 -75.13 99.61
N ARG L 402 63.94 -73.92 100.14
CA ARG L 402 64.76 -72.83 99.58
C ARG L 402 64.35 -72.49 98.14
N ALA L 403 63.05 -72.53 97.88
CA ALA L 403 62.45 -72.69 96.55
C ALA L 403 62.88 -71.70 95.47
N PHE L 404 63.22 -70.45 95.77
CA PHE L 404 63.74 -69.47 94.79
C PHE L 404 64.98 -68.73 95.27
N VAL L 405 65.62 -69.21 96.34
CA VAL L 405 66.60 -68.44 97.13
C VAL L 405 67.88 -68.10 96.37
N HIS L 406 68.26 -68.89 95.36
CA HIS L 406 69.46 -68.65 94.56
C HIS L 406 69.43 -67.33 93.77
N TRP L 407 68.26 -66.79 93.42
CA TRP L 407 68.13 -65.51 92.75
C TRP L 407 68.45 -64.33 93.68
N TYR L 408 68.22 -64.47 94.98
CA TYR L 408 68.46 -63.46 96.00
C TYR L 408 69.89 -63.53 96.52
N VAL L 409 70.38 -64.74 96.81
CA VAL L 409 71.79 -65.00 97.15
C VAL L 409 72.73 -64.67 95.99
N GLY L 410 72.29 -64.87 94.75
CA GLY L 410 73.05 -64.55 93.55
C GLY L 410 73.23 -63.05 93.29
N GLU L 411 72.43 -62.19 93.92
CA GLU L 411 72.45 -60.72 93.74
C GLU L 411 72.90 -59.96 95.00
N GLY L 412 73.66 -60.63 95.86
CA GLY L 412 74.37 -60.02 96.98
C GLY L 412 73.68 -60.09 98.33
N MET L 413 72.55 -60.78 98.48
CA MET L 413 71.90 -60.93 99.78
C MET L 413 72.50 -62.07 100.62
N GLU L 414 72.62 -61.89 101.93
CA GLU L 414 72.92 -62.95 102.89
C GLU L 414 71.75 -63.95 102.96
N GLU L 415 72.00 -65.25 102.91
CA GLU L 415 70.91 -66.25 103.01
C GLU L 415 70.16 -66.16 104.36
N GLY L 416 70.88 -65.84 105.43
CA GLY L 416 70.33 -65.66 106.78
C GLY L 416 69.31 -64.54 106.92
N GLU L 417 69.25 -63.57 106.00
CA GLU L 417 68.25 -62.50 106.03
C GLU L 417 66.82 -63.02 105.89
N PHE L 418 66.60 -64.15 105.21
CA PHE L 418 65.28 -64.77 105.12
C PHE L 418 64.80 -65.28 106.47
N SER L 419 65.67 -65.93 107.24
CA SER L 419 65.36 -66.36 108.61
C SER L 419 65.18 -65.17 109.56
N GLU L 420 66.08 -64.20 109.51
CA GLU L 420 66.02 -62.93 110.25
C GLU L 420 64.79 -62.06 109.90
N ALA L 421 64.21 -62.17 108.71
CA ALA L 421 62.96 -61.51 108.33
C ALA L 421 61.70 -62.28 108.76
N ARG L 422 61.68 -63.61 108.66
CA ARG L 422 60.58 -64.44 109.15
C ARG L 422 60.48 -64.40 110.67
N GLU L 423 61.62 -64.25 111.35
CA GLU L 423 61.76 -64.07 112.78
C GLU L 423 61.17 -62.74 113.25
N ASP L 424 61.54 -61.65 112.60
CA ASP L 424 61.06 -60.30 112.90
C ASP L 424 59.56 -60.13 112.60
N MET L 425 59.05 -60.79 111.57
CA MET L 425 57.60 -60.83 111.33
C MET L 425 56.87 -61.59 112.45
N ALA L 426 57.38 -62.72 112.93
CA ALA L 426 56.79 -63.45 114.05
C ALA L 426 56.77 -62.64 115.35
N ALA L 427 57.74 -61.77 115.59
CA ALA L 427 57.73 -60.82 116.69
C ALA L 427 56.70 -59.68 116.52
N LEU L 428 56.38 -59.23 115.32
CA LEU L 428 55.26 -58.30 115.08
C LEU L 428 53.90 -58.98 115.22
N GLU L 429 53.76 -60.19 114.69
CA GLU L 429 52.53 -60.97 114.81
C GLU L 429 52.25 -61.38 116.26
N LYS L 430 53.31 -61.56 117.07
CA LYS L 430 53.26 -61.68 118.54
C LYS L 430 52.77 -60.40 119.20
N ASP L 431 53.35 -59.24 118.90
CA ASP L 431 52.97 -57.95 119.49
C ASP L 431 51.48 -57.61 119.29
N TYR L 432 50.91 -57.81 118.11
CA TYR L 432 49.47 -57.57 117.85
C TYR L 432 48.51 -58.55 118.55
N GLU L 433 48.96 -59.76 118.85
CA GLU L 433 48.20 -60.72 119.66
C GLU L 433 48.32 -60.39 121.16
N GLU L 434 49.50 -59.95 121.61
CA GLU L 434 49.81 -59.60 123.00
C GLU L 434 48.99 -58.43 123.55
N VAL L 435 48.72 -57.38 122.76
CA VAL L 435 48.01 -56.17 123.23
C VAL L 435 46.48 -56.27 123.23
N GLY L 436 45.90 -57.34 122.67
CA GLY L 436 44.45 -57.52 122.63
C GLY L 436 43.81 -57.90 123.97
N THR L 437 44.63 -58.23 124.98
CA THR L 437 44.19 -58.99 126.16
C THR L 437 43.68 -58.08 127.27
N MET M 1 94.89 1.10 90.37
CA MET M 1 94.27 0.59 91.60
C MET M 1 93.45 -0.63 91.27
N ARG M 2 93.64 -1.72 92.02
CA ARG M 2 92.88 -2.98 91.94
C ARG M 2 93.09 -3.81 90.68
N GLU M 3 94.25 -3.73 90.05
CA GLU M 3 94.59 -4.55 88.89
C GLU M 3 94.76 -6.05 89.20
N CYS M 4 94.56 -6.94 88.23
CA CYS M 4 95.01 -8.34 88.29
C CYS M 4 95.67 -8.75 86.98
N ILE M 5 96.85 -9.36 87.04
CA ILE M 5 97.52 -9.95 85.87
C ILE M 5 97.10 -11.42 85.76
N SER M 6 96.42 -11.78 84.68
CA SER M 6 95.94 -13.14 84.44
C SER M 6 96.88 -13.90 83.52
N VAL M 7 97.51 -14.98 83.99
CA VAL M 7 98.46 -15.76 83.18
C VAL M 7 97.86 -17.12 82.84
N HIS M 8 97.67 -17.36 81.55
CA HIS M 8 97.02 -18.52 80.97
C HIS M 8 98.04 -19.46 80.32
N VAL M 9 98.30 -20.62 80.91
CA VAL M 9 99.43 -21.50 80.56
C VAL M 9 98.98 -22.86 80.00
N GLY M 10 99.64 -23.30 78.93
CA GLY M 10 99.33 -24.55 78.25
C GLY M 10 97.99 -24.52 77.53
N GLN M 11 97.47 -25.64 77.01
CA GLN M 11 96.20 -25.68 76.30
C GLN M 11 94.99 -25.43 77.21
N ALA M 12 94.90 -26.11 78.36
CA ALA M 12 93.82 -25.89 79.31
C ALA M 12 93.74 -24.45 79.81
N GLY M 13 94.84 -23.85 80.25
CA GLY M 13 94.86 -22.48 80.74
C GLY M 13 94.49 -21.46 79.67
N VAL M 14 94.99 -21.62 78.45
CA VAL M 14 94.66 -20.78 77.30
C VAL M 14 93.20 -20.93 76.89
N GLN M 15 92.65 -22.13 76.89
CA GLN M 15 91.25 -22.36 76.50
C GLN M 15 90.25 -21.91 77.59
N ILE M 16 90.59 -22.05 78.87
CA ILE M 16 89.87 -21.40 79.96
C ILE M 16 89.98 -19.87 79.80
N GLY M 17 91.16 -19.35 79.47
CA GLY M 17 91.37 -17.94 79.15
C GLY M 17 90.50 -17.44 78.02
N ASN M 18 90.37 -18.18 76.94
CA ASN M 18 89.49 -17.85 75.83
C ASN M 18 87.99 -17.84 76.21
N SER M 19 87.61 -18.44 77.35
CA SER M 19 86.29 -18.30 77.97
C SER M 19 86.25 -17.16 79.02
N CYS M 20 87.30 -16.96 79.81
CA CYS M 20 87.41 -15.86 80.75
C CYS M 20 87.30 -14.51 80.04
N TRP M 21 88.10 -14.31 78.99
CA TRP M 21 88.10 -13.06 78.22
C TRP M 21 86.87 -12.90 77.33
N GLU M 22 86.22 -14.00 76.94
CA GLU M 22 84.88 -13.94 76.34
C GLU M 22 83.86 -13.36 77.32
N LEU M 23 83.88 -13.81 78.57
CA LEU M 23 83.01 -13.31 79.63
C LEU M 23 83.34 -11.86 80.01
N TYR M 24 84.58 -11.55 80.39
CA TYR M 24 84.94 -10.22 80.87
C TYR M 24 84.62 -9.13 79.85
N CYS M 25 84.78 -9.41 78.57
CA CYS M 25 84.40 -8.48 77.50
C CYS M 25 82.90 -8.21 77.50
N LEU M 26 82.05 -9.22 77.64
CA LEU M 26 80.59 -9.03 77.72
C LEU M 26 80.20 -8.27 78.99
N GLU M 27 80.80 -8.62 80.11
CA GLU M 27 80.44 -8.11 81.42
C GLU M 27 80.78 -6.62 81.59
N HIS M 28 81.86 -6.15 80.96
CA HIS M 28 82.29 -4.75 80.90
C HIS M 28 81.86 -4.00 79.63
N GLY M 29 81.19 -4.69 78.70
CA GLY M 29 80.70 -4.10 77.46
C GLY M 29 81.79 -3.68 76.49
N LEU M 30 82.88 -4.44 76.42
CA LEU M 30 83.99 -4.29 75.49
C LEU M 30 83.75 -5.19 74.28
N GLN M 31 83.82 -4.62 73.08
CA GLN M 31 83.74 -5.34 71.81
C GLN M 31 84.92 -6.31 71.65
N PRO M 32 84.83 -7.37 70.83
CA PRO M 32 85.94 -8.27 70.61
C PRO M 32 87.14 -7.63 69.90
N ASP M 33 87.03 -6.41 69.36
CA ASP M 33 88.16 -5.60 68.87
C ASP M 33 88.77 -4.68 69.94
N GLY M 34 88.35 -4.83 71.19
CA GLY M 34 88.80 -4.04 72.35
C GLY M 34 88.17 -2.66 72.51
N THR M 35 87.32 -2.20 71.60
CA THR M 35 86.66 -0.89 71.74
C THR M 35 85.42 -0.93 72.66
N MET M 36 84.94 0.19 73.17
CA MET M 36 83.81 0.26 74.12
C MET M 36 82.82 1.37 73.75
N PRO M 37 81.65 1.06 73.18
CA PRO M 37 80.63 2.06 72.84
C PRO M 37 79.89 2.59 74.09
N SER M 38 79.12 3.67 73.93
CA SER M 38 78.28 4.26 74.98
C SER M 38 76.99 4.86 74.42
N ASP M 46 83.63 4.95 84.18
CA ASP M 46 83.27 4.41 85.45
C ASP M 46 84.37 3.55 86.11
N SER M 47 85.44 3.23 85.35
CA SER M 47 86.61 2.45 85.74
C SER M 47 86.35 1.04 86.28
N SER M 48 85.18 0.45 86.06
CA SER M 48 84.91 -0.93 86.48
C SER M 48 85.78 -1.97 85.76
N PHE M 49 86.07 -1.74 84.48
CA PHE M 49 86.96 -2.56 83.65
C PHE M 49 88.43 -2.54 84.12
N GLY M 50 88.86 -1.58 84.95
CA GLY M 50 90.29 -1.33 85.19
C GLY M 50 91.03 -2.53 85.79
N THR M 51 90.34 -3.41 86.51
CA THR M 51 90.97 -4.58 87.12
C THR M 51 91.58 -5.50 86.07
N PHE M 52 90.89 -5.64 84.93
CA PHE M 52 91.21 -6.57 83.87
C PHE M 52 91.69 -5.90 82.58
N PHE M 53 91.46 -4.61 82.36
CA PHE M 53 91.86 -3.97 81.10
C PHE M 53 92.61 -2.66 81.33
N SER M 54 93.77 -2.53 80.70
CA SER M 54 94.47 -1.27 80.47
C SER M 54 93.75 -0.48 79.36
N GLU M 55 93.57 0.83 79.46
CA GLU M 55 92.92 1.66 78.44
C GLU M 55 93.95 2.54 77.73
N THR M 56 94.03 2.45 76.40
CA THR M 56 94.89 3.33 75.58
C THR M 56 94.10 4.51 75.01
N GLY M 57 94.77 5.61 74.66
CA GLY M 57 94.17 6.88 74.30
C GLY M 57 93.22 6.86 73.10
N SER M 58 93.32 5.86 72.23
CA SER M 58 92.38 5.60 71.14
C SER M 58 90.98 5.18 71.62
N GLY M 59 90.81 4.87 72.91
CA GLY M 59 89.59 4.28 73.48
C GLY M 59 89.53 2.77 73.29
N LYS M 60 90.68 2.12 73.23
CA LYS M 60 90.86 0.68 73.12
C LYS M 60 91.27 0.11 74.48
N HIS M 61 90.54 -0.88 74.95
CA HIS M 61 90.78 -1.58 76.21
C HIS M 61 91.51 -2.88 75.91
N VAL M 62 92.72 -3.00 76.41
CA VAL M 62 93.66 -4.11 76.16
C VAL M 62 93.75 -4.94 77.44
N PRO M 63 93.56 -6.26 77.40
CA PRO M 63 93.51 -7.08 78.59
C PRO M 63 94.85 -7.19 79.32
N ARG M 64 94.81 -7.20 80.65
CA ARG M 64 95.93 -7.48 81.55
C ARG M 64 96.15 -8.99 81.66
N ALA M 65 96.48 -9.62 80.53
CA ALA M 65 96.64 -11.05 80.40
C ALA M 65 97.92 -11.42 79.67
N VAL M 66 98.51 -12.54 80.04
CA VAL M 66 99.59 -13.19 79.28
C VAL M 66 99.13 -14.58 78.91
N PHE M 67 99.25 -14.98 77.66
CA PHE M 67 98.94 -16.32 77.19
C PHE M 67 100.25 -17.00 76.81
N VAL M 68 100.57 -18.16 77.39
CA VAL M 68 101.83 -18.86 77.17
C VAL M 68 101.59 -20.33 76.85
N ASP M 69 102.20 -20.80 75.78
CA ASP M 69 102.19 -22.20 75.40
C ASP M 69 103.53 -22.53 74.75
N LEU M 70 104.07 -23.73 74.97
CA LEU M 70 105.37 -24.08 74.43
C LEU M 70 105.30 -24.48 72.94
N GLU M 71 104.11 -24.81 72.46
CA GLU M 71 103.77 -25.08 71.05
C GLU M 71 102.81 -24.02 70.46
N GLN M 72 102.77 -23.84 69.13
CA GLN M 72 102.07 -22.72 68.52
C GLN M 72 100.55 -22.90 68.39
N THR M 73 100.01 -24.12 68.40
CA THR M 73 98.71 -24.42 67.77
C THR M 73 97.51 -23.69 68.37
N VAL M 74 97.40 -23.68 69.70
CA VAL M 74 96.27 -23.11 70.44
C VAL M 74 96.32 -21.59 70.47
N ILE M 75 97.49 -20.99 70.66
CA ILE M 75 97.63 -19.53 70.62
C ILE M 75 97.57 -18.99 69.19
N GLY M 76 98.04 -19.69 68.16
CA GLY M 76 97.80 -19.30 66.77
C GLY M 76 96.31 -19.27 66.42
N GLU M 77 95.49 -20.03 67.11
CA GLU M 77 94.04 -19.98 66.98
C GLU M 77 93.45 -18.74 67.66
N ILE M 78 93.97 -18.34 68.82
CA ILE M 78 93.64 -17.07 69.50
C ILE M 78 94.07 -15.87 68.64
N ARG M 79 95.24 -15.92 68.02
CA ARG M 79 95.75 -14.94 67.03
C ARG M 79 94.98 -14.88 65.70
N ASN M 80 93.96 -15.71 65.48
CA ASN M 80 93.23 -15.81 64.21
C ASN M 80 91.70 -15.71 64.37
N GLY M 81 91.16 -16.12 65.52
CA GLY M 81 89.74 -16.05 65.84
C GLY M 81 89.24 -14.66 66.20
N PRO M 82 88.01 -14.55 66.72
CA PRO M 82 87.35 -13.26 66.98
C PRO M 82 88.10 -12.32 67.93
N TYR M 83 88.98 -12.85 68.78
CA TYR M 83 89.76 -12.05 69.73
C TYR M 83 91.16 -11.67 69.22
N ARG M 84 91.49 -11.85 67.94
CA ARG M 84 92.79 -11.46 67.37
C ARG M 84 93.17 -9.99 67.58
N SER M 85 92.17 -9.10 67.62
CA SER M 85 92.32 -7.65 67.85
C SER M 85 92.20 -7.24 69.32
N LEU M 86 91.88 -8.13 70.24
CA LEU M 86 91.78 -7.79 71.66
C LEU M 86 93.15 -7.67 72.32
N PHE M 87 93.97 -8.71 72.17
CA PHE M 87 95.24 -8.85 72.87
C PHE M 87 96.36 -8.08 72.18
N HIS M 88 97.32 -7.61 72.98
CA HIS M 88 98.60 -7.12 72.49
C HIS M 88 99.38 -8.28 71.84
N PRO M 89 99.91 -8.15 70.62
CA PRO M 89 100.45 -9.28 69.87
C PRO M 89 101.66 -9.95 70.53
N GLU M 90 102.46 -9.25 71.34
CA GLU M 90 103.61 -9.83 72.03
C GLU M 90 103.31 -10.38 73.42
N GLN M 91 102.07 -10.34 73.93
CA GLN M 91 101.66 -11.04 75.15
C GLN M 91 100.89 -12.34 74.89
N LEU M 92 100.71 -12.69 73.62
CA LEU M 92 100.42 -14.03 73.14
C LEU M 92 101.76 -14.71 72.78
N ILE M 93 102.32 -15.54 73.66
CA ILE M 93 103.71 -16.01 73.60
C ILE M 93 103.76 -17.49 73.25
N THR M 94 104.55 -17.86 72.24
CA THR M 94 104.69 -19.24 71.77
C THR M 94 106.13 -19.66 71.55
N GLY M 95 106.43 -20.91 71.83
CA GLY M 95 107.64 -21.60 71.37
C GLY M 95 107.43 -22.41 70.08
N LYS M 96 108.47 -23.13 69.67
CA LYS M 96 108.47 -24.08 68.54
C LYS M 96 108.04 -25.49 68.94
N GLU M 97 108.38 -25.93 70.15
CA GLU M 97 108.39 -27.35 70.56
C GLU M 97 107.40 -27.63 71.70
N ASP M 98 106.50 -28.58 71.48
CA ASP M 98 105.57 -29.11 72.47
C ASP M 98 106.32 -29.69 73.70
N ALA M 99 105.74 -29.58 74.90
CA ALA M 99 106.27 -30.17 76.14
C ALA M 99 105.96 -31.67 76.33
N ALA M 100 105.18 -32.29 75.45
CA ALA M 100 104.97 -33.72 75.31
C ALA M 100 104.37 -34.43 76.54
N ASN M 101 103.58 -33.74 77.36
CA ASN M 101 103.09 -34.21 78.64
C ASN M 101 104.21 -34.65 79.57
N ASN M 102 105.39 -34.05 79.43
CA ASN M 102 106.56 -34.34 80.22
C ASN M 102 106.90 -33.10 81.06
N TYR M 103 106.75 -33.17 82.39
CA TYR M 103 107.09 -32.08 83.31
C TYR M 103 108.49 -31.50 83.06
N ALA M 104 109.46 -32.37 82.78
CA ALA M 104 110.84 -31.98 82.66
C ALA M 104 111.13 -31.18 81.38
N ARG M 105 110.39 -31.38 80.29
CA ARG M 105 110.46 -30.49 79.12
C ARG M 105 109.91 -29.13 79.46
N GLY M 106 108.79 -29.05 80.18
CA GLY M 106 108.21 -27.78 80.58
C GLY M 106 109.13 -26.96 81.49
N HIS M 107 109.68 -27.62 82.50
CA HIS M 107 110.49 -26.99 83.54
C HIS M 107 111.97 -26.79 83.21
N TYR M 108 112.66 -27.80 82.67
CA TYR M 108 114.13 -27.82 82.58
C TYR M 108 114.69 -27.53 81.17
N THR M 109 114.00 -27.93 80.11
CA THR M 109 114.59 -28.06 78.77
C THR M 109 113.99 -27.10 77.74
N ILE M 110 112.68 -27.05 77.58
CA ILE M 110 112.00 -26.23 76.55
C ILE M 110 111.50 -24.90 77.13
N GLY M 111 110.85 -24.92 78.28
CA GLY M 111 110.36 -23.71 78.94
C GLY M 111 111.46 -22.80 79.47
N LYS M 112 112.63 -23.36 79.76
CA LYS M 112 113.90 -22.68 80.04
C LYS M 112 114.28 -21.62 79.01
N GLU M 113 113.82 -21.75 77.77
CA GLU M 113 114.07 -20.76 76.72
C GLU M 113 113.05 -19.62 76.64
N LEU M 114 111.76 -19.88 76.85
CA LEU M 114 110.70 -18.88 76.75
C LEU M 114 110.51 -18.06 78.04
N ILE M 115 110.96 -18.54 79.20
CA ILE M 115 110.68 -17.94 80.51
C ILE M 115 111.07 -16.47 80.64
N ASP M 116 112.27 -16.08 80.18
CA ASP M 116 112.75 -14.71 80.32
C ASP M 116 112.04 -13.71 79.38
N SER M 117 111.30 -14.20 78.38
CA SER M 117 110.37 -13.45 77.56
C SER M 117 108.99 -13.37 78.22
N VAL M 118 108.52 -14.44 78.89
CA VAL M 118 107.27 -14.44 79.65
C VAL M 118 107.34 -13.45 80.80
N LEU M 119 108.44 -13.42 81.54
CA LEU M 119 108.67 -12.47 82.61
C LEU M 119 108.71 -11.01 82.14
N ASP M 120 109.25 -10.75 80.95
CA ASP M 120 109.38 -9.41 80.39
C ASP M 120 108.02 -8.78 80.08
N ARG M 121 107.07 -9.58 79.58
CA ARG M 121 105.67 -9.18 79.46
C ARG M 121 104.99 -8.96 80.80
N VAL M 122 105.20 -9.83 81.78
CA VAL M 122 104.60 -9.65 83.10
C VAL M 122 105.13 -8.39 83.78
N ARG M 123 106.43 -8.08 83.65
CA ARG M 123 107.03 -6.81 84.07
C ARG M 123 106.38 -5.60 83.38
N LYS M 124 106.24 -5.60 82.05
CA LYS M 124 105.56 -4.54 81.30
C LYS M 124 104.07 -4.40 81.61
N MET M 125 103.40 -5.42 82.16
CA MET M 125 102.03 -5.30 82.67
C MET M 125 101.99 -4.75 84.09
N ALA M 126 102.85 -5.24 84.99
CA ALA M 126 102.92 -4.78 86.36
C ALA M 126 103.31 -3.31 86.47
N ASP M 127 104.23 -2.83 85.62
CA ASP M 127 104.60 -1.42 85.53
C ASP M 127 103.46 -0.50 85.03
N GLN M 128 102.39 -1.03 84.43
CA GLN M 128 101.16 -0.31 84.10
C GLN M 128 100.09 -0.37 85.20
N CYS M 129 100.27 -1.19 86.23
CA CYS M 129 99.41 -1.25 87.41
C CYS M 129 99.80 -0.19 88.44
N SER M 130 98.88 0.13 89.34
CA SER M 130 99.08 1.04 90.48
C SER M 130 98.38 0.43 91.67
N GLY M 131 99.09 -0.30 92.51
CA GLY M 131 98.46 -1.19 93.48
C GLY M 131 97.83 -2.41 92.81
N LEU M 132 98.68 -3.21 92.15
CA LEU M 132 98.36 -4.54 91.61
C LEU M 132 97.86 -5.44 92.76
N GLN M 133 96.70 -6.05 92.60
CA GLN M 133 96.04 -6.82 93.65
C GLN M 133 96.62 -8.23 93.79
N GLY M 134 97.00 -8.84 92.66
CA GLY M 134 97.56 -10.18 92.60
C GLY M 134 97.67 -10.72 91.19
N PHE M 135 97.95 -12.02 91.09
CA PHE M 135 98.03 -12.80 89.86
C PHE M 135 96.92 -13.84 89.81
N LEU M 136 96.31 -14.07 88.66
CA LEU M 136 95.37 -15.16 88.44
C LEU M 136 95.99 -16.16 87.45
N VAL M 137 96.50 -17.29 87.93
CA VAL M 137 97.26 -18.24 87.09
C VAL M 137 96.44 -19.49 86.72
N PHE M 138 96.17 -19.69 85.43
CA PHE M 138 95.31 -20.75 84.90
C PHE M 138 96.10 -21.84 84.20
N HIS M 139 95.91 -23.10 84.58
CA HIS M 139 96.70 -24.22 84.06
C HIS M 139 96.08 -25.61 84.28
N SER M 140 96.64 -26.61 83.61
CA SER M 140 96.38 -28.03 83.82
C SER M 140 97.46 -28.62 84.73
N PHE M 141 97.07 -29.42 85.72
CA PHE M 141 98.01 -30.20 86.53
C PHE M 141 98.62 -31.38 85.76
N GLY M 142 97.93 -31.87 84.74
CA GLY M 142 98.33 -33.06 83.99
C GLY M 142 99.24 -32.80 82.79
N GLY M 143 99.24 -31.58 82.27
CA GLY M 143 100.07 -31.15 81.16
C GLY M 143 101.57 -31.07 81.45
N GLY M 144 102.40 -31.14 80.42
CA GLY M 144 103.82 -30.85 80.49
C GLY M 144 104.08 -29.35 80.61
N THR M 145 103.43 -28.51 79.80
CA THR M 145 103.46 -27.05 79.95
C THR M 145 102.70 -26.62 81.20
N GLY M 146 101.50 -27.13 81.41
CA GLY M 146 100.69 -26.93 82.59
C GLY M 146 101.41 -27.12 83.92
N SER M 147 102.11 -28.23 84.14
CA SER M 147 102.87 -28.48 85.37
C SER M 147 104.28 -27.87 85.37
N GLY M 148 105.09 -28.17 84.35
CA GLY M 148 106.48 -27.80 84.29
C GLY M 148 106.73 -26.33 83.99
N PHE M 149 105.96 -25.72 83.09
CA PHE M 149 106.15 -24.31 82.81
C PHE M 149 105.54 -23.42 83.90
N THR M 150 104.36 -23.76 84.43
CA THR M 150 103.79 -23.00 85.56
C THR M 150 104.70 -23.06 86.77
N SER M 151 105.32 -24.19 87.05
CA SER M 151 106.25 -24.33 88.18
C SER M 151 107.58 -23.60 87.97
N LEU M 152 108.02 -23.45 86.72
CA LEU M 152 109.16 -22.58 86.37
C LEU M 152 108.78 -21.11 86.55
N LEU M 153 107.64 -20.69 86.03
CA LEU M 153 107.16 -19.32 86.14
C LEU M 153 106.89 -18.90 87.59
N MET M 154 106.15 -19.69 88.36
CA MET M 154 105.83 -19.35 89.75
C MET M 154 107.07 -19.17 90.62
N GLU M 155 108.12 -19.96 90.42
CA GLU M 155 109.36 -19.82 91.18
C GLU M 155 110.01 -18.46 90.94
N ARG M 156 109.92 -17.92 89.73
CA ARG M 156 110.38 -16.58 89.36
C ARG M 156 109.48 -15.49 89.92
N LEU M 157 108.17 -15.59 89.74
CA LEU M 157 107.24 -14.59 90.27
C LEU M 157 107.27 -14.53 91.80
N SER M 158 107.62 -15.61 92.50
CA SER M 158 107.69 -15.63 93.97
C SER M 158 108.98 -15.04 94.56
N VAL M 159 110.00 -14.77 93.74
CA VAL M 159 111.15 -13.92 94.10
C VAL M 159 110.99 -12.51 93.54
N ASP M 160 110.42 -12.34 92.35
CA ASP M 160 110.23 -11.03 91.75
C ASP M 160 109.10 -10.18 92.37
N TYR M 161 108.00 -10.81 92.79
CA TYR M 161 106.79 -10.17 93.33
C TYR M 161 106.37 -10.81 94.66
N GLY M 162 107.29 -10.97 95.60
CA GLY M 162 107.08 -11.80 96.79
C GLY M 162 105.85 -11.48 97.65
N LYS M 163 105.47 -10.19 97.76
CA LYS M 163 104.31 -9.76 98.55
C LYS M 163 102.96 -10.06 97.89
N LYS M 164 102.88 -10.03 96.55
CA LYS M 164 101.64 -10.08 95.77
C LYS M 164 100.95 -11.44 95.83
N SER M 165 99.63 -11.47 96.05
CA SER M 165 98.85 -12.71 96.16
C SER M 165 98.78 -13.47 94.84
N LYS M 166 99.14 -14.75 94.83
CA LYS M 166 99.11 -15.62 93.65
C LYS M 166 97.97 -16.62 93.79
N LEU M 167 96.88 -16.34 93.10
CA LEU M 167 95.69 -17.19 93.03
C LEU M 167 95.83 -18.09 91.83
N GLU M 168 95.46 -19.36 91.97
CA GLU M 168 95.82 -20.34 90.96
C GLU M 168 94.67 -21.31 90.70
N PHE M 169 94.26 -21.41 89.44
CA PHE M 169 93.12 -22.20 89.01
C PHE M 169 93.60 -23.40 88.21
N SER M 170 93.42 -24.59 88.78
CA SER M 170 94.04 -25.80 88.29
C SER M 170 93.01 -26.83 87.85
N VAL M 171 93.09 -27.28 86.60
CA VAL M 171 92.38 -28.48 86.18
C VAL M 171 93.18 -29.71 86.60
N TYR M 172 92.65 -30.48 87.52
CA TYR M 172 93.27 -31.54 88.29
C TYR M 172 92.78 -32.93 87.84
N PRO M 173 93.62 -33.98 87.83
CA PRO M 173 93.17 -35.32 87.45
C PRO M 173 91.98 -35.91 88.23
N ALA M 174 91.11 -36.62 87.52
CA ALA M 174 89.86 -37.18 88.03
C ALA M 174 90.01 -38.59 88.65
N PRO M 175 88.98 -39.12 89.34
CA PRO M 175 88.97 -40.51 89.76
C PRO M 175 89.10 -41.49 88.58
N ARG M 176 88.34 -41.34 87.50
CA ARG M 176 88.29 -42.29 86.37
C ARG M 176 88.67 -41.66 85.02
N ILE M 177 88.12 -40.48 84.70
CA ILE M 177 88.44 -39.73 83.48
C ILE M 177 89.89 -39.27 83.47
N SER M 178 90.60 -39.59 82.40
CA SER M 178 91.98 -39.19 82.19
C SER M 178 92.28 -39.13 80.71
N THR M 179 93.21 -38.28 80.28
CA THR M 179 93.57 -38.08 78.87
C THR M 179 94.99 -38.53 78.54
N ALA M 180 95.76 -38.92 79.55
CA ALA M 180 97.18 -39.21 79.49
C ALA M 180 97.52 -40.35 80.45
N VAL M 181 98.58 -41.07 80.14
CA VAL M 181 99.09 -42.12 81.00
C VAL M 181 99.92 -41.54 82.14
N VAL M 182 100.63 -40.44 81.88
CA VAL M 182 101.59 -39.79 82.80
C VAL M 182 101.02 -38.61 83.61
N GLU M 183 99.70 -38.38 83.55
CA GLU M 183 98.96 -37.38 84.34
C GLU M 183 99.26 -37.44 85.86
N PRO M 184 99.39 -38.62 86.53
CA PRO M 184 99.81 -38.72 87.93
C PRO M 184 101.22 -38.22 88.22
N TYR M 185 102.17 -38.44 87.32
CA TYR M 185 103.55 -37.95 87.47
C TYR M 185 103.62 -36.44 87.40
N ASN M 186 102.95 -35.81 86.43
CA ASN M 186 102.99 -34.36 86.28
C ASN M 186 102.30 -33.64 87.44
N SER M 187 101.22 -34.20 87.95
CA SER M 187 100.47 -33.65 89.06
C SER M 187 101.23 -33.68 90.38
N ILE M 188 101.84 -34.81 90.72
CA ILE M 188 102.64 -34.96 91.94
C ILE M 188 103.89 -34.06 91.91
N LEU M 189 104.59 -33.97 90.79
CA LEU M 189 105.72 -33.04 90.60
C LEU M 189 105.30 -31.56 90.74
N THR M 190 104.04 -31.22 90.47
CA THR M 190 103.49 -29.86 90.67
C THR M 190 103.25 -29.50 92.14
N THR M 191 103.08 -30.46 93.06
CA THR M 191 102.70 -30.18 94.46
C THR M 191 103.67 -29.29 95.24
N HIS M 192 104.93 -29.18 94.85
CA HIS M 192 105.87 -28.19 95.40
C HIS M 192 105.50 -26.76 95.00
N THR M 193 104.97 -26.57 93.79
CA THR M 193 104.60 -25.28 93.25
C THR M 193 103.48 -24.69 94.06
N THR M 194 102.39 -25.44 94.19
CA THR M 194 101.23 -25.01 94.95
C THR M 194 101.56 -24.84 96.42
N LEU M 195 102.30 -25.75 97.06
CA LEU M 195 102.67 -25.57 98.46
C LEU M 195 103.55 -24.33 98.72
N GLU M 196 104.61 -24.11 97.95
CA GLU M 196 105.62 -23.10 98.28
C GLU M 196 105.41 -21.75 97.58
N HIS M 197 104.86 -21.73 96.36
CA HIS M 197 104.82 -20.56 95.47
C HIS M 197 103.41 -20.18 95.02
N SER M 198 102.41 -20.43 95.83
CA SER M 198 101.00 -20.09 95.59
C SER M 198 100.36 -19.67 96.91
N ASP M 199 99.31 -18.85 96.88
CA ASP M 199 98.65 -18.34 98.09
C ASP M 199 97.22 -18.87 98.26
N CYS M 200 96.54 -19.22 97.17
CA CYS M 200 95.25 -19.88 97.21
C CYS M 200 95.01 -20.65 95.91
N ALA M 201 94.89 -21.98 96.00
CA ALA M 201 94.90 -22.85 94.83
C ALA M 201 93.56 -23.59 94.66
N PHE M 202 92.80 -23.19 93.65
CA PHE M 202 91.49 -23.72 93.31
C PHE M 202 91.61 -24.92 92.37
N MET M 203 91.60 -26.11 92.95
CA MET M 203 91.51 -27.37 92.19
C MET M 203 90.11 -27.51 91.59
N VAL M 204 90.05 -27.92 90.34
CA VAL M 204 88.84 -28.23 89.57
C VAL M 204 89.03 -29.55 88.85
N ASP M 205 87.97 -30.30 88.60
CA ASP M 205 87.99 -31.63 88.00
C ASP M 205 87.06 -31.72 86.78
N ASN M 206 87.56 -32.26 85.66
CA ASN M 206 86.77 -32.45 84.46
C ASN M 206 85.57 -33.38 84.69
N GLU M 207 85.72 -34.43 85.47
CA GLU M 207 84.66 -35.43 85.65
C GLU M 207 83.50 -34.94 86.52
N ALA M 208 83.78 -34.07 87.47
CA ALA M 208 82.79 -33.43 88.32
C ALA M 208 81.97 -32.40 87.55
N ILE M 209 82.60 -31.58 86.72
CA ILE M 209 81.87 -30.67 85.84
C ILE M 209 81.08 -31.45 84.78
N TYR M 210 81.62 -32.53 84.22
CA TYR M 210 80.82 -33.35 83.30
C TYR M 210 79.55 -33.87 83.95
N ASP M 211 79.55 -34.22 85.24
CA ASP M 211 78.37 -34.68 85.95
C ASP M 211 77.41 -33.55 86.31
N ILE M 212 77.93 -32.38 86.70
CA ILE M 212 77.14 -31.15 86.86
C ILE M 212 76.43 -30.81 85.56
N CYS M 213 77.11 -30.88 84.42
CA CYS M 213 76.51 -30.60 83.12
C CYS M 213 75.34 -31.54 82.83
N ASN M 214 75.51 -32.83 83.11
CA ASN M 214 74.50 -33.86 82.88
C ASN M 214 73.25 -33.67 83.74
N ARG M 215 73.42 -33.32 85.02
CA ARG M 215 72.34 -33.25 86.01
C ARG M 215 71.62 -31.90 86.12
N ASN M 216 72.30 -30.79 85.83
CA ASN M 216 71.78 -29.44 86.03
C ASN M 216 71.52 -28.68 84.74
N LEU M 217 72.40 -28.80 83.75
CA LEU M 217 72.20 -28.18 82.42
C LEU M 217 71.42 -29.09 81.47
N ASP M 218 71.31 -30.37 81.82
CA ASP M 218 70.72 -31.46 81.03
C ASP M 218 71.35 -31.66 79.64
N ILE M 219 72.55 -31.14 79.41
CA ILE M 219 73.34 -31.45 78.22
C ILE M 219 73.94 -32.84 78.38
N GLU M 220 73.62 -33.74 77.47
CA GLU M 220 73.93 -35.17 77.61
C GLU M 220 75.41 -35.49 77.35
N ARG M 221 76.04 -34.72 76.45
CA ARG M 221 77.39 -34.91 75.88
C ARG M 221 78.16 -33.57 75.72
N PRO M 222 78.71 -32.97 76.78
CA PRO M 222 79.43 -31.69 76.68
C PRO M 222 80.85 -31.80 76.13
N SER M 223 81.31 -30.71 75.53
CA SER M 223 82.69 -30.44 75.10
C SER M 223 83.48 -29.74 76.21
N TYR M 224 84.71 -29.33 75.92
CA TYR M 224 85.41 -28.42 76.82
C TYR M 224 84.87 -26.99 76.81
N THR M 225 84.20 -26.52 75.75
CA THR M 225 83.64 -25.16 75.79
C THR M 225 82.61 -25.03 76.91
N ASN M 226 81.85 -26.09 77.19
CA ASN M 226 80.89 -26.11 78.29
C ASN M 226 81.55 -26.08 79.67
N LEU M 227 82.71 -26.71 79.83
CA LEU M 227 83.46 -26.70 81.09
C LEU M 227 84.08 -25.33 81.35
N ASN M 228 84.74 -24.78 80.35
CA ASN M 228 85.45 -23.51 80.48
C ASN M 228 84.47 -22.36 80.77
N ARG M 229 83.27 -22.42 80.21
CA ARG M 229 82.20 -21.46 80.55
C ARG M 229 81.68 -21.56 81.97
N LEU M 230 81.91 -22.66 82.70
CA LEU M 230 81.68 -22.72 84.15
C LEU M 230 82.90 -22.26 84.96
N ILE M 231 84.10 -22.61 84.53
CA ILE M 231 85.33 -22.26 85.25
C ILE M 231 85.61 -20.76 85.20
N ALA M 232 85.31 -20.11 84.09
CA ALA M 232 85.39 -18.64 83.98
C ALA M 232 84.35 -17.95 84.85
N GLN M 233 83.16 -18.49 84.95
CA GLN M 233 82.07 -17.90 85.73
C GLN M 233 82.44 -17.80 87.22
N ILE M 234 83.16 -18.79 87.77
CA ILE M 234 83.68 -18.71 89.13
C ILE M 234 84.68 -17.57 89.29
N VAL M 235 85.62 -17.37 88.36
CA VAL M 235 86.61 -16.29 88.50
C VAL M 235 86.00 -14.91 88.32
N SER M 236 84.98 -14.77 87.47
CA SER M 236 84.20 -13.54 87.42
C SER M 236 83.60 -13.22 88.80
N SER M 237 83.11 -14.24 89.51
CA SER M 237 82.50 -14.08 90.82
C SER M 237 83.50 -13.86 91.95
N ILE M 238 84.70 -14.43 91.89
CA ILE M 238 85.82 -14.11 92.79
C ILE M 238 86.26 -12.67 92.58
N THR M 239 86.36 -12.21 91.34
CA THR M 239 86.78 -10.84 91.03
C THR M 239 85.66 -9.81 91.09
N ALA M 240 84.39 -10.19 91.19
CA ALA M 240 83.30 -9.23 91.10
C ALA M 240 83.39 -8.10 92.14
N SER M 241 83.80 -8.40 93.38
CA SER M 241 84.03 -7.38 94.41
C SER M 241 85.17 -6.41 94.14
N LEU M 242 86.09 -6.78 93.25
CA LEU M 242 87.19 -5.94 92.81
C LEU M 242 86.73 -4.96 91.72
N ARG M 243 85.70 -5.35 90.96
CA ARG M 243 85.19 -4.73 89.74
C ARG M 243 83.93 -3.88 89.93
N PHE M 244 83.13 -4.12 90.96
CA PHE M 244 81.75 -3.61 91.06
C PHE M 244 81.35 -3.11 92.47
N ASP M 245 80.23 -2.38 92.56
CA ASP M 245 79.63 -2.02 93.84
C ASP M 245 78.87 -3.19 94.47
N GLY M 246 78.86 -3.25 95.79
CA GLY M 246 78.19 -4.28 96.59
C GLY M 246 77.83 -3.82 97.99
N ALA M 247 77.01 -4.60 98.69
CA ALA M 247 76.67 -4.35 100.08
C ALA M 247 77.83 -4.70 101.03
N LEU M 248 78.58 -5.75 100.67
CA LEU M 248 79.68 -6.31 101.44
C LEU M 248 80.78 -6.77 100.47
N ASN M 249 81.46 -5.82 99.81
CA ASN M 249 82.56 -6.16 98.90
C ASN M 249 83.72 -6.83 99.62
N VAL M 250 84.36 -7.81 98.99
CA VAL M 250 85.48 -8.60 99.52
C VAL M 250 86.76 -8.33 98.75
N ASP M 251 87.79 -7.84 99.44
CA ASP M 251 89.13 -7.66 98.88
C ASP M 251 89.84 -9.00 98.63
N LEU M 252 90.76 -9.08 97.67
CA LEU M 252 91.44 -10.33 97.33
C LEU M 252 92.29 -10.92 98.49
N THR M 253 92.73 -10.11 99.45
CA THR M 253 93.39 -10.53 100.71
C THR M 253 92.43 -10.72 101.88
N GLU M 254 91.33 -10.00 101.91
CA GLU M 254 90.22 -10.23 102.84
C GLU M 254 89.64 -11.63 102.65
N PHE M 255 89.53 -12.05 101.40
CA PHE M 255 89.17 -13.40 100.98
C PHE M 255 90.10 -14.45 101.61
N GLN M 256 91.42 -14.29 101.45
CA GLN M 256 92.42 -15.19 101.98
C GLN M 256 92.48 -15.20 103.51
N THR M 257 92.30 -14.07 104.19
CA THR M 257 92.29 -13.99 105.67
C THR M 257 91.14 -14.78 106.31
N ASN M 258 90.06 -15.06 105.57
CA ASN M 258 88.95 -15.89 106.00
C ASN M 258 88.98 -17.32 105.45
N LEU M 259 89.52 -17.55 104.25
CA LEU M 259 89.67 -18.88 103.68
C LEU M 259 90.77 -19.71 104.32
N VAL M 260 91.92 -19.12 104.60
CA VAL M 260 93.15 -19.84 104.91
C VAL M 260 93.44 -19.83 106.41
N PRO M 261 93.17 -20.92 107.15
CA PRO M 261 93.42 -20.99 108.59
C PRO M 261 94.89 -21.16 108.97
N TYR M 262 95.69 -21.79 108.12
CA TYR M 262 97.09 -22.13 108.39
C TYR M 262 97.89 -21.93 107.09
N PRO M 263 99.20 -21.62 107.16
CA PRO M 263 99.97 -21.23 105.99
C PRO M 263 99.87 -22.20 104.80
N ARG M 264 99.80 -23.52 105.05
CA ARG M 264 99.80 -24.52 103.96
C ARG M 264 98.41 -25.03 103.57
N ILE M 265 97.37 -24.55 104.24
CA ILE M 265 95.99 -25.04 104.14
C ILE M 265 95.17 -24.05 103.32
N HIS M 266 95.52 -23.97 102.05
CA HIS M 266 95.05 -22.97 101.11
C HIS M 266 94.51 -23.58 99.83
N PHE M 267 94.00 -24.81 99.91
CA PHE M 267 93.37 -25.55 98.83
C PHE M 267 91.85 -25.66 99.06
N PRO M 268 91.08 -24.58 98.85
CA PRO M 268 89.64 -24.65 98.94
C PRO M 268 89.03 -25.40 97.74
N LEU M 269 87.91 -26.06 97.99
CA LEU M 269 86.95 -26.36 96.95
C LEU M 269 86.28 -25.07 96.45
N VAL M 270 85.69 -25.16 95.27
CA VAL M 270 84.84 -24.13 94.71
C VAL M 270 83.56 -24.77 94.14
N THR M 271 82.47 -24.04 94.18
CA THR M 271 81.19 -24.41 93.58
C THR M 271 80.40 -23.16 93.23
N TYR M 272 79.44 -23.27 92.32
CA TYR M 272 78.64 -22.16 91.83
C TYR M 272 77.18 -22.58 91.82
N SER M 273 76.26 -21.68 92.17
CA SER M 273 74.83 -21.94 92.07
C SER M 273 74.08 -20.67 91.68
N PRO M 274 72.96 -20.80 90.95
CA PRO M 274 72.45 -22.04 90.37
C PRO M 274 73.12 -22.32 89.02
N ILE M 275 73.70 -23.51 88.83
CA ILE M 275 73.90 -24.01 87.47
C ILE M 275 72.55 -24.47 86.97
N ILE M 276 72.02 -23.88 85.90
CA ILE M 276 70.64 -24.17 85.47
C ILE M 276 70.44 -23.86 83.98
N SER M 277 69.60 -24.62 83.29
CA SER M 277 69.23 -24.36 81.90
C SER M 277 67.94 -23.54 81.80
N ALA M 278 67.66 -22.98 80.63
CA ALA M 278 66.43 -22.26 80.36
C ALA M 278 65.15 -23.14 80.42
N GLU M 279 65.29 -24.47 80.42
CA GLU M 279 64.13 -25.38 80.56
C GLU M 279 63.56 -25.35 81.98
N LYS M 280 64.40 -25.08 82.98
CA LYS M 280 64.06 -25.20 84.41
C LYS M 280 64.10 -23.88 85.17
N ALA M 281 64.90 -22.90 84.72
CA ALA M 281 65.06 -21.65 85.44
C ALA M 281 63.76 -20.85 85.61
N TYR M 282 62.77 -21.04 84.74
CA TYR M 282 61.45 -20.43 84.84
C TYR M 282 60.46 -21.20 85.73
N HIS M 283 60.83 -22.34 86.33
CA HIS M 283 59.97 -23.12 87.23
C HIS M 283 60.51 -23.28 88.64
N GLU M 284 61.83 -23.29 88.82
CA GLU M 284 62.47 -23.17 90.13
C GLU M 284 62.26 -21.77 90.73
N GLN M 285 62.20 -21.62 92.05
CA GLN M 285 62.17 -20.29 92.65
C GLN M 285 63.52 -19.57 92.58
N LEU M 286 64.65 -20.28 92.75
CA LEU M 286 65.97 -19.67 92.83
C LEU M 286 66.02 -18.54 93.87
N SER M 287 65.32 -18.73 94.98
CA SER M 287 65.43 -17.91 96.18
C SER M 287 66.81 -18.05 96.80
N VAL M 288 67.22 -17.08 97.62
CA VAL M 288 68.54 -17.10 98.27
C VAL M 288 68.73 -18.34 99.12
N PRO M 289 67.69 -18.85 99.78
CA PRO M 289 67.77 -20.08 100.56
C PRO M 289 68.16 -21.29 99.71
N GLU M 290 67.59 -21.44 98.51
CA GLU M 290 67.85 -22.60 97.65
C GLU M 290 69.25 -22.59 97.05
N ILE M 291 69.69 -21.46 96.50
CA ILE M 291 71.03 -21.37 95.90
C ILE M 291 72.14 -21.39 96.95
N THR M 292 71.86 -21.04 98.22
CA THR M 292 72.79 -21.29 99.32
C THR M 292 72.91 -22.78 99.61
N ASN M 293 71.78 -23.47 99.79
CA ASN M 293 71.75 -24.91 100.08
C ASN M 293 72.35 -25.75 98.95
N ALA M 294 72.18 -25.35 97.68
CA ALA M 294 72.79 -26.04 96.55
C ALA M 294 74.32 -26.13 96.66
N CYS M 295 75.00 -25.17 97.28
CA CYS M 295 76.45 -25.21 97.43
C CYS M 295 76.94 -26.28 98.40
N PHE M 296 76.09 -26.80 99.27
CA PHE M 296 76.46 -27.86 100.21
C PHE M 296 76.11 -29.26 99.73
N GLU M 297 75.46 -29.41 98.57
CA GLU M 297 75.23 -30.71 97.96
C GLU M 297 76.53 -31.28 97.37
N TYR M 298 76.89 -32.54 97.63
CA TYR M 298 77.98 -33.25 96.92
C TYR M 298 77.82 -33.18 95.39
N SER M 299 76.57 -33.14 94.93
CA SER M 299 76.19 -33.01 93.54
C SER M 299 76.74 -31.75 92.83
N ASN M 300 77.13 -30.68 93.53
CA ASN M 300 77.59 -29.45 92.87
C ASN M 300 79.08 -29.13 93.14
N GLN M 301 79.81 -29.99 93.85
CA GLN M 301 81.23 -29.80 94.06
C GLN M 301 81.99 -30.11 92.78
N MET M 302 82.92 -29.23 92.38
CA MET M 302 83.69 -29.37 91.13
C MET M 302 85.02 -30.12 91.31
N VAL M 303 85.13 -30.97 92.32
CA VAL M 303 86.14 -32.01 92.52
C VAL M 303 85.39 -33.25 92.99
N LYS M 304 85.62 -34.43 92.42
CA LYS M 304 84.92 -35.67 92.84
C LYS M 304 85.45 -36.19 94.18
N CYS M 305 85.04 -35.53 95.24
CA CYS M 305 85.17 -35.92 96.64
C CYS M 305 83.90 -35.52 97.39
N ASP M 306 83.58 -36.19 98.50
CA ASP M 306 82.33 -35.95 99.24
C ASP M 306 82.62 -35.06 100.46
N PRO M 307 82.07 -33.83 100.56
CA PRO M 307 82.31 -32.95 101.70
C PRO M 307 81.88 -33.52 103.06
N ARG M 308 80.97 -34.50 103.06
CA ARG M 308 80.47 -35.16 104.27
C ARG M 308 81.50 -36.11 104.87
N ARG M 309 82.46 -36.56 104.07
CA ARG M 309 83.64 -37.30 104.56
C ARG M 309 84.72 -36.36 105.13
N GLY M 310 84.48 -35.05 105.19
CA GLY M 310 85.38 -34.06 105.79
C GLY M 310 84.74 -33.28 106.93
N LYS M 311 85.46 -32.23 107.36
CA LYS M 311 84.91 -31.11 108.11
C LYS M 311 85.28 -29.80 107.42
N TYR M 312 84.35 -28.87 107.41
CA TYR M 312 84.58 -27.52 106.93
C TYR M 312 85.43 -26.73 107.92
N MET M 313 86.44 -26.04 107.41
CA MET M 313 87.25 -25.08 108.15
C MET M 313 86.69 -23.68 107.98
N ALA M 314 86.46 -23.22 106.75
CA ALA M 314 85.84 -21.94 106.46
C ALA M 314 85.14 -21.94 105.10
N CYS M 315 84.05 -21.19 104.97
CA CYS M 315 83.35 -20.96 103.70
C CYS M 315 83.30 -19.47 103.38
N CYS M 316 83.68 -19.07 102.17
CA CYS M 316 83.34 -17.79 101.60
C CYS M 316 82.12 -17.95 100.69
N LEU M 317 80.96 -17.43 101.11
CA LEU M 317 79.78 -17.33 100.26
C LEU M 317 79.82 -15.98 99.56
N LEU M 318 80.23 -15.95 98.30
CA LEU M 318 80.32 -14.73 97.48
C LEU M 318 79.06 -14.57 96.63
N TYR M 319 78.02 -13.95 97.16
CA TYR M 319 76.79 -13.69 96.41
C TYR M 319 76.94 -12.51 95.46
N ARG M 320 76.18 -12.59 94.37
CA ARG M 320 76.09 -11.52 93.40
C ARG M 320 74.71 -11.41 92.78
N GLY M 321 74.33 -10.22 92.35
CA GLY M 321 72.99 -9.93 91.89
C GLY M 321 72.05 -9.49 93.00
N ASP M 322 70.75 -9.73 92.84
CA ASP M 322 69.69 -9.22 93.71
C ASP M 322 69.58 -10.01 95.03
N VAL M 323 70.42 -9.75 96.02
CA VAL M 323 70.34 -10.35 97.36
C VAL M 323 70.49 -9.33 98.48
N VAL M 324 70.01 -9.65 99.67
CA VAL M 324 69.96 -8.73 100.82
C VAL M 324 70.54 -9.45 102.04
N PRO M 325 71.38 -8.81 102.87
CA PRO M 325 71.98 -9.45 104.05
C PRO M 325 71.01 -10.13 105.02
N LYS M 326 69.75 -9.68 105.12
CA LYS M 326 68.67 -10.40 105.82
C LYS M 326 68.61 -11.85 105.35
N ASP M 327 68.48 -12.05 104.04
CA ASP M 327 68.26 -13.35 103.42
C ASP M 327 69.44 -14.29 103.60
N VAL M 328 70.65 -13.73 103.50
CA VAL M 328 71.88 -14.50 103.65
C VAL M 328 72.06 -14.96 105.08
N ASN M 329 71.84 -14.11 106.08
CA ASN M 329 71.94 -14.54 107.47
C ASN M 329 70.90 -15.63 107.79
N ALA M 330 69.66 -15.46 107.34
CA ALA M 330 68.59 -16.44 107.47
C ALA M 330 68.89 -17.78 106.77
N ALA M 331 69.61 -17.73 105.64
CA ALA M 331 70.11 -18.91 104.94
C ALA M 331 71.22 -19.60 105.72
N ILE M 332 72.32 -18.93 106.08
CA ILE M 332 73.44 -19.59 106.79
C ILE M 332 73.02 -20.13 108.16
N ALA M 333 72.00 -19.55 108.78
CA ALA M 333 71.38 -20.11 109.97
C ALA M 333 70.79 -21.50 109.74
N ALA M 334 70.18 -21.78 108.59
CA ALA M 334 69.76 -23.15 108.29
C ALA M 334 70.95 -24.07 108.01
N ILE M 335 71.99 -23.59 107.35
CA ILE M 335 73.20 -24.41 107.14
C ILE M 335 73.83 -24.79 108.49
N LYS M 336 73.93 -23.88 109.46
CA LYS M 336 74.41 -24.18 110.82
C LYS M 336 73.52 -25.17 111.57
N THR M 337 72.24 -25.26 111.22
CA THR M 337 71.26 -26.14 111.87
C THR M 337 71.41 -27.59 111.39
N ARG M 338 71.82 -27.82 110.14
CA ARG M 338 71.96 -29.15 109.51
C ARG M 338 73.20 -29.91 110.00
N ARG M 339 73.01 -31.04 110.69
CA ARG M 339 74.08 -31.84 111.33
C ARG M 339 74.96 -32.59 110.34
N SER M 340 74.55 -32.77 109.09
CA SER M 340 75.37 -33.35 108.02
C SER M 340 76.46 -32.41 107.49
N ILE M 341 76.31 -31.08 107.63
CA ILE M 341 77.31 -30.07 107.26
C ILE M 341 78.15 -29.74 108.49
N GLN M 342 79.29 -30.42 108.69
CA GLN M 342 80.04 -30.31 109.95
C GLN M 342 81.28 -29.44 109.83
N PHE M 343 81.33 -28.37 110.59
CA PHE M 343 82.51 -27.54 110.75
C PHE M 343 83.44 -28.09 111.83
N VAL M 344 84.71 -27.69 111.77
CA VAL M 344 85.69 -27.90 112.83
C VAL M 344 85.31 -27.16 114.12
N ASP M 345 85.73 -27.70 115.26
CA ASP M 345 85.47 -27.18 116.60
C ASP M 345 86.10 -25.80 116.84
N TRP M 346 87.16 -25.49 116.12
CA TRP M 346 87.96 -24.28 116.26
C TRP M 346 87.56 -23.14 115.31
N CYS M 347 86.51 -23.30 114.50
CA CYS M 347 86.00 -22.23 113.65
C CYS M 347 84.50 -22.00 113.95
N PRO M 348 84.18 -21.30 115.06
CA PRO M 348 82.81 -21.15 115.54
C PRO M 348 81.97 -20.19 114.68
N THR M 349 82.65 -19.29 113.97
CA THR M 349 82.09 -18.33 113.03
C THR M 349 81.82 -18.97 111.67
N GLY M 350 82.78 -19.68 111.09
CA GLY M 350 82.64 -20.51 109.88
C GLY M 350 82.51 -19.77 108.55
N PHE M 351 81.62 -18.79 108.44
CA PHE M 351 81.22 -18.17 107.18
C PHE M 351 81.77 -16.76 107.06
N LYS M 352 82.41 -16.49 105.93
CA LYS M 352 82.69 -15.17 105.38
C LYS M 352 81.70 -14.91 104.27
N VAL M 353 80.96 -13.82 104.36
CA VAL M 353 79.92 -13.45 103.41
C VAL M 353 80.41 -12.26 102.60
N GLY M 354 80.27 -12.34 101.28
CA GLY M 354 80.40 -11.22 100.35
C GLY M 354 79.11 -11.03 99.58
N ILE M 355 78.70 -9.80 99.29
CA ILE M 355 77.48 -9.49 98.53
C ILE M 355 77.76 -8.37 97.56
N ASN M 356 77.53 -8.61 96.27
CA ASN M 356 77.82 -7.70 95.16
C ASN M 356 76.60 -7.42 94.27
N TYR M 357 76.37 -6.19 93.83
CA TYR M 357 75.11 -5.80 93.17
C TYR M 357 75.02 -6.16 91.67
N GLN M 358 76.08 -6.73 91.08
CA GLN M 358 76.12 -7.04 89.66
C GLN M 358 75.71 -8.50 89.39
N PRO M 359 74.59 -8.76 88.70
CA PRO M 359 74.17 -10.11 88.34
C PRO M 359 75.20 -10.87 87.50
N PRO M 360 75.10 -12.21 87.40
CA PRO M 360 75.94 -12.99 86.51
C PRO M 360 75.62 -12.73 85.04
N THR M 361 76.63 -12.38 84.26
CA THR M 361 76.51 -12.17 82.82
C THR M 361 76.37 -13.50 82.07
N ALA M 362 75.37 -13.62 81.20
CA ALA M 362 75.27 -14.76 80.28
C ALA M 362 76.17 -14.58 79.08
N VAL M 363 76.97 -15.59 78.73
CA VAL M 363 77.53 -15.67 77.38
C VAL M 363 76.41 -16.06 76.43
N PRO M 364 76.12 -15.33 75.35
CA PRO M 364 74.91 -15.52 74.54
C PRO M 364 74.80 -16.88 73.86
N GLY M 365 75.94 -17.52 73.54
CA GLY M 365 75.97 -18.85 72.95
C GLY M 365 75.81 -20.01 73.95
N GLY M 366 75.75 -19.73 75.24
CA GLY M 366 75.93 -20.71 76.32
C GLY M 366 74.68 -21.46 76.74
N ASP M 367 74.90 -22.52 77.52
CA ASP M 367 73.85 -23.39 78.05
C ASP M 367 73.25 -22.86 79.36
N VAL M 368 74.04 -22.12 80.13
CA VAL M 368 73.75 -21.62 81.48
C VAL M 368 72.84 -20.38 81.42
N ALA M 369 71.68 -20.45 82.06
CA ALA M 369 70.55 -19.53 81.88
C ALA M 369 70.69 -18.18 82.62
N LYS M 370 69.90 -17.18 82.21
CA LYS M 370 69.78 -15.89 82.89
C LYS M 370 69.05 -16.06 84.21
N VAL M 371 69.58 -15.50 85.29
CA VAL M 371 69.07 -15.65 86.66
C VAL M 371 69.30 -14.38 87.47
N LEU M 372 68.42 -14.04 88.39
CA LEU M 372 68.56 -12.80 89.17
C LEU M 372 69.72 -12.81 90.17
N ARG M 373 70.20 -14.00 90.52
CA ARG M 373 71.10 -14.26 91.63
C ARG M 373 72.11 -15.31 91.25
N ALA M 374 73.28 -15.24 91.83
CA ALA M 374 74.18 -16.36 91.92
C ALA M 374 74.98 -16.26 93.20
N VAL M 375 75.55 -17.37 93.60
CA VAL M 375 76.56 -17.45 94.65
C VAL M 375 77.70 -18.29 94.13
N CYS M 376 78.91 -17.86 94.38
CA CYS M 376 80.04 -18.75 94.31
C CYS M 376 80.43 -19.06 95.74
N MET M 377 80.46 -20.33 96.11
CA MET M 377 80.97 -20.73 97.42
C MET M 377 82.36 -21.32 97.25
N LEU M 378 83.33 -20.70 97.93
CA LEU M 378 84.70 -21.16 97.96
C LEU M 378 84.95 -21.62 99.38
N SER M 379 85.44 -22.84 99.55
CA SER M 379 85.28 -23.57 100.80
C SER M 379 86.49 -24.43 101.16
N ASN M 380 87.17 -24.07 102.25
CA ASN M 380 88.26 -24.86 102.78
C ASN M 380 87.68 -26.00 103.66
N THR M 381 87.92 -27.24 103.26
CA THR M 381 87.39 -28.45 103.90
C THR M 381 88.39 -29.58 103.89
N THR M 382 88.39 -30.44 104.91
CA THR M 382 89.32 -31.58 105.01
C THR M 382 89.07 -32.64 103.94
N ALA M 383 87.88 -32.66 103.35
CA ALA M 383 87.48 -33.64 102.35
C ALA M 383 88.38 -33.70 101.11
N ILE M 384 88.99 -32.58 100.71
CA ILE M 384 89.78 -32.50 99.48
C ILE M 384 90.99 -33.43 99.51
N ALA M 385 91.48 -33.83 100.69
CA ALA M 385 92.55 -34.80 100.83
C ALA M 385 92.27 -36.15 100.17
N GLU M 386 91.00 -36.50 99.90
CA GLU M 386 90.67 -37.71 99.16
C GLU M 386 91.03 -37.60 97.68
N ALA M 387 90.88 -36.44 97.05
CA ALA M 387 91.33 -36.22 95.68
C ALA M 387 92.86 -36.33 95.54
N TRP M 388 93.61 -36.08 96.61
CA TRP M 388 95.04 -36.32 96.69
C TRP M 388 95.37 -37.79 96.97
N ALA M 389 94.60 -38.46 97.84
CA ALA M 389 94.73 -39.87 98.12
C ALA M 389 94.42 -40.77 96.91
N ARG M 390 93.52 -40.33 96.01
CA ARG M 390 93.28 -41.01 94.73
C ARG M 390 94.54 -40.98 93.86
N LEU M 391 95.09 -39.79 93.67
CA LEU M 391 96.14 -39.59 92.68
C LEU M 391 97.50 -40.10 93.13
N ASP M 392 97.84 -40.00 94.41
CA ASP M 392 99.10 -40.58 94.89
C ASP M 392 99.07 -42.13 94.94
N HIS M 393 97.89 -42.77 94.93
CA HIS M 393 97.73 -44.20 94.66
C HIS M 393 97.88 -44.57 93.17
N LYS M 394 97.57 -43.66 92.24
CA LYS M 394 97.94 -43.83 90.80
C LYS M 394 99.44 -43.70 90.58
N PHE M 395 100.07 -42.72 91.24
CA PHE M 395 101.51 -42.52 91.21
C PHE M 395 102.28 -43.73 91.74
N ASP M 396 101.83 -44.31 92.86
CA ASP M 396 102.53 -45.41 93.52
C ASP M 396 102.66 -46.67 92.66
N LEU M 397 101.63 -47.03 91.89
CA LEU M 397 101.65 -48.17 90.96
C LEU M 397 102.69 -48.01 89.85
N MET M 398 102.85 -46.80 89.33
CA MET M 398 103.78 -46.51 88.24
C MET M 398 105.21 -46.30 88.74
N TYR M 399 105.42 -45.60 89.84
CA TYR M 399 106.76 -45.39 90.37
C TYR M 399 107.37 -46.67 90.96
N SER M 400 106.57 -47.61 91.46
CA SER M 400 107.05 -48.94 91.86
C SER M 400 107.69 -49.74 90.71
N LYS M 401 107.33 -49.45 89.46
CA LYS M 401 107.93 -50.02 88.25
C LYS M 401 108.94 -49.09 87.57
N ARG M 402 109.06 -47.83 88.00
CA ARG M 402 109.70 -46.71 87.27
C ARG M 402 109.09 -46.53 85.86
N ALA M 403 107.79 -46.73 85.74
CA ALA M 403 107.07 -47.07 84.52
C ALA M 403 107.28 -46.13 83.33
N PHE M 404 107.50 -44.83 83.50
CA PHE M 404 107.79 -43.89 82.39
C PHE M 404 108.99 -42.97 82.68
N VAL M 405 109.77 -43.29 83.71
CA VAL M 405 110.73 -42.36 84.33
C VAL M 405 111.88 -41.97 83.41
N HIS M 406 112.24 -42.78 82.42
CA HIS M 406 113.32 -42.47 81.47
C HIS M 406 113.06 -41.24 80.59
N TRP M 407 111.81 -40.87 80.34
CA TRP M 407 111.46 -39.65 79.59
C TRP M 407 111.74 -38.38 80.40
N TYR M 408 111.65 -38.44 81.73
CA TYR M 408 111.88 -37.32 82.65
C TYR M 408 113.37 -37.20 83.00
N VAL M 409 114.02 -38.32 83.32
CA VAL M 409 115.47 -38.41 83.52
C VAL M 409 116.24 -38.07 82.23
N GLY M 410 115.70 -38.42 81.08
CA GLY M 410 116.29 -38.11 79.77
C GLY M 410 116.26 -36.64 79.39
N GLU M 411 115.45 -35.81 80.04
CA GLU M 411 115.28 -34.37 79.76
C GLU M 411 115.77 -33.47 80.90
N GLY M 412 116.69 -33.97 81.72
CA GLY M 412 117.43 -33.21 82.71
C GLY M 412 116.90 -33.23 84.13
N MET M 413 115.87 -34.02 84.45
CA MET M 413 115.40 -34.13 85.83
C MET M 413 116.20 -35.14 86.66
N GLU M 414 116.43 -34.83 87.94
CA GLU M 414 116.96 -35.77 88.94
C GLU M 414 115.93 -36.88 89.21
N GLU M 415 116.31 -38.15 89.22
CA GLU M 415 115.36 -39.25 89.51
C GLU M 415 114.76 -39.13 90.93
N GLY M 416 115.54 -38.65 91.89
CA GLY M 416 115.11 -38.43 93.27
C GLY M 416 113.99 -37.40 93.45
N GLU M 417 113.72 -36.53 92.47
CA GLU M 417 112.61 -35.56 92.54
C GLU M 417 111.24 -36.25 92.60
N PHE M 418 111.09 -37.46 92.03
CA PHE M 418 109.84 -38.20 92.13
C PHE M 418 109.57 -38.65 93.57
N SER M 419 110.59 -39.14 94.27
CA SER M 419 110.48 -39.50 95.69
C SER M 419 110.25 -38.25 96.57
N GLU M 420 111.03 -37.19 96.35
CA GLU M 420 110.90 -35.89 97.00
C GLU M 420 109.55 -35.19 96.74
N ALA M 421 108.86 -35.45 95.63
CA ALA M 421 107.52 -34.97 95.35
C ALA M 421 106.40 -35.83 95.97
N ARG M 422 106.53 -37.15 95.96
CA ARG M 422 105.58 -38.05 96.64
C ARG M 422 105.64 -37.89 98.15
N GLU M 423 106.81 -37.58 98.68
CA GLU M 423 107.10 -37.27 100.08
C GLU M 423 106.40 -35.97 100.51
N ASP M 424 106.57 -34.89 99.74
CA ASP M 424 105.97 -33.59 100.02
C ASP M 424 104.46 -33.61 99.87
N MET M 425 103.90 -34.40 98.94
CA MET M 425 102.46 -34.62 98.87
C MET M 425 101.94 -35.36 100.11
N ALA M 426 102.63 -36.39 100.62
CA ALA M 426 102.25 -37.08 101.84
C ALA M 426 102.26 -36.17 103.09
N ALA M 427 103.15 -35.19 103.15
CA ALA M 427 103.14 -34.15 104.18
C ALA M 427 101.98 -33.15 104.05
N LEU M 428 101.48 -32.84 102.85
CA LEU M 428 100.25 -32.05 102.68
C LEU M 428 98.99 -32.86 103.03
N GLU M 429 98.94 -34.12 102.59
CA GLU M 429 97.82 -35.01 102.90
C GLU M 429 97.76 -35.33 104.41
N LYS M 430 98.90 -35.32 105.10
CA LYS M 430 99.02 -35.33 106.57
C LYS M 430 98.45 -34.06 107.19
N ASP M 431 98.86 -32.87 106.75
CA ASP M 431 98.40 -31.59 107.28
C ASP M 431 96.87 -31.42 107.23
N TYR M 432 96.20 -31.79 106.13
CA TYR M 432 94.73 -31.71 106.02
C TYR M 432 93.97 -32.73 106.90
N GLU M 433 94.57 -33.87 107.23
CA GLU M 433 94.04 -34.82 108.19
C GLU M 433 94.27 -34.36 109.63
N GLU M 434 95.42 -33.76 109.92
CA GLU M 434 95.83 -33.28 111.24
C GLU M 434 94.95 -32.16 111.79
N VAL M 435 94.48 -31.21 110.97
CA VAL M 435 93.69 -30.05 111.42
C VAL M 435 92.19 -30.32 111.60
N GLY M 436 91.68 -31.48 111.20
CA GLY M 436 90.26 -31.81 111.33
C GLY M 436 89.82 -32.14 112.76
N THR M 437 90.76 -32.31 113.70
CA THR M 437 90.54 -33.01 114.96
C THR M 437 90.06 -32.06 116.05
N MET N 1 115.26 29.59 61.80
CA MET N 1 115.40 29.27 63.22
C MET N 1 115.12 27.78 63.41
N ARG N 2 116.01 27.09 64.14
CA ARG N 2 115.89 25.67 64.54
C ARG N 2 115.98 24.65 63.41
N GLU N 3 116.72 24.95 62.34
CA GLU N 3 116.94 24.00 61.25
C GLU N 3 117.84 22.82 61.63
N CYS N 4 117.73 21.68 60.95
CA CYS N 4 118.73 20.59 60.97
C CYS N 4 119.00 20.08 59.55
N ILE N 5 120.27 19.97 59.17
CA ILE N 5 120.68 19.34 57.91
C ILE N 5 120.92 17.85 58.15
N SER N 6 120.14 16.99 57.52
CA SER N 6 120.24 15.53 57.67
C SER N 6 121.04 14.92 56.52
N VAL N 7 122.20 14.31 56.80
CA VAL N 7 123.05 13.71 55.76
C VAL N 7 123.02 12.19 55.87
N HIS N 8 122.52 11.55 54.82
CA HIS N 8 122.29 10.12 54.72
C HIS N 8 123.31 9.46 53.80
N VAL N 9 124.24 8.67 54.35
CA VAL N 9 125.44 8.18 53.65
C VAL N 9 125.45 6.66 53.49
N GLY N 10 125.82 6.19 52.30
CA GLY N 10 125.87 4.77 51.97
C GLY N 10 124.49 4.12 51.90
N GLN N 11 124.38 2.80 51.79
CA GLN N 11 123.08 2.12 51.70
C GLN N 11 122.28 2.18 53.01
N ALA N 12 122.89 1.86 54.16
CA ALA N 12 122.23 1.95 55.45
C ALA N 12 121.72 3.35 55.77
N GLY N 13 122.52 4.40 55.61
CA GLY N 13 122.11 5.77 55.89
C GLY N 13 120.99 6.24 54.98
N VAL N 14 121.06 5.94 53.69
CA VAL N 14 120.02 6.25 52.70
C VAL N 14 118.74 5.50 52.98
N GLN N 15 118.79 4.23 53.36
CA GLN N 15 117.59 3.43 53.63
C GLN N 15 116.94 3.78 54.98
N ILE N 16 117.73 4.14 56.00
CA ILE N 16 117.22 4.79 57.21
C ILE N 16 116.60 6.14 56.85
N GLY N 17 117.23 6.92 55.98
CA GLY N 17 116.70 8.17 55.45
C GLY N 17 115.36 8.00 54.75
N ASN N 18 115.21 6.98 53.92
CA ASN N 18 113.94 6.66 53.27
C ASN N 18 112.82 6.26 54.26
N SER N 19 113.15 5.90 55.50
CA SER N 19 112.21 5.75 56.62
C SER N 19 112.05 7.04 57.44
N CYS N 20 113.10 7.82 57.67
CA CYS N 20 113.05 9.11 58.34
C CYS N 20 112.13 10.07 57.60
N TRP N 21 112.34 10.24 56.30
CA TRP N 21 111.54 11.13 55.47
C TRP N 21 110.15 10.60 55.18
N GLU N 22 109.93 9.28 55.24
CA GLU N 22 108.59 8.70 55.25
C GLU N 22 107.82 9.15 56.51
N LEU N 23 108.47 9.10 57.67
CA LEU N 23 107.89 9.54 58.94
C LEU N 23 107.66 11.05 58.97
N TYR N 24 108.70 11.87 58.74
CA TYR N 24 108.59 13.33 58.86
C TYR N 24 107.50 13.89 57.97
N CYS N 25 107.32 13.35 56.77
CA CYS N 25 106.23 13.74 55.89
C CYS N 25 104.86 13.46 56.49
N LEU N 26 104.63 12.29 57.10
CA LEU N 26 103.37 12.00 57.78
C LEU N 26 103.15 12.90 59.00
N GLU N 27 104.20 13.10 59.78
CA GLU N 27 104.12 13.81 61.05
C GLU N 27 103.82 15.30 60.88
N HIS N 28 104.31 15.92 59.81
CA HIS N 28 104.03 17.30 59.40
C HIS N 28 102.91 17.45 58.36
N GLY N 29 102.32 16.36 57.90
CA GLY N 29 101.24 16.37 56.94
C GLY N 29 101.63 16.84 55.54
N LEU N 30 102.84 16.52 55.10
CA LEU N 30 103.38 16.79 53.77
C LEU N 30 103.15 15.56 52.89
N GLN N 31 102.56 15.75 51.72
CA GLN N 31 102.36 14.72 50.71
C GLN N 31 103.71 14.22 50.18
N PRO N 32 103.80 13.01 49.59
CA PRO N 32 105.05 12.52 49.03
C PRO N 32 105.53 13.32 47.80
N ASP N 33 104.72 14.21 47.22
CA ASP N 33 105.14 15.20 46.20
C ASP N 33 105.62 16.53 46.80
N GLY N 34 105.77 16.62 48.12
CA GLY N 34 106.20 17.78 48.86
C GLY N 34 105.13 18.85 49.12
N THR N 35 103.91 18.72 48.62
CA THR N 35 102.84 19.70 48.88
C THR N 35 102.15 19.48 50.25
N MET N 36 101.44 20.47 50.78
CA MET N 36 100.80 20.41 52.10
C MET N 36 99.36 20.96 52.08
N PRO N 37 98.32 20.11 52.10
CA PRO N 37 96.93 20.56 52.12
C PRO N 37 96.51 21.12 53.49
N SER N 38 95.35 21.76 53.56
CA SER N 38 94.75 22.31 54.79
C SER N 38 93.23 22.23 54.78
N ASP N 46 102.09 27.37 60.65
CA ASP N 46 102.46 27.11 62.02
C ASP N 46 103.98 26.92 62.22
N SER N 47 104.74 26.78 61.13
CA SER N 47 106.19 26.61 61.05
C SER N 47 106.77 25.41 61.81
N SER N 48 105.97 24.41 62.19
CA SER N 48 106.48 23.20 62.84
C SER N 48 107.40 22.37 61.94
N PHE N 49 107.12 22.31 60.64
CA PHE N 49 107.93 21.67 59.62
C PHE N 49 109.30 22.32 59.40
N GLY N 50 109.54 23.55 59.85
CA GLY N 50 110.70 24.34 59.42
C GLY N 50 112.04 23.70 59.78
N THR N 51 112.10 22.88 60.82
CA THR N 51 113.34 22.22 61.22
C THR N 51 113.87 21.30 60.13
N PHE N 52 112.97 20.63 59.42
CA PHE N 52 113.28 19.61 58.43
C PHE N 52 112.94 20.01 57.00
N PHE N 53 112.11 21.03 56.75
CA PHE N 53 111.74 21.38 55.39
C PHE N 53 111.88 22.88 55.11
N SER N 54 112.58 23.21 54.03
CA SER N 54 112.53 24.53 53.39
C SER N 54 111.20 24.67 52.61
N GLU N 55 110.52 25.81 52.63
CA GLU N 55 109.27 26.04 51.90
C GLU N 55 109.50 26.98 50.71
N THR N 56 109.15 26.56 49.50
CA THR N 56 109.20 27.41 48.30
C THR N 56 107.84 28.04 48.00
N GLY N 57 107.81 29.15 47.26
CA GLY N 57 106.62 29.98 47.05
C GLY N 57 105.42 29.30 46.38
N SER N 58 105.65 28.18 45.68
CA SER N 58 104.60 27.32 45.14
C SER N 58 103.77 26.60 46.22
N GLY N 59 104.22 26.62 47.48
CA GLY N 59 103.66 25.83 48.59
C GLY N 59 104.18 24.40 48.62
N LYS N 60 105.41 24.20 48.13
CA LYS N 60 106.15 22.95 48.13
C LYS N 60 107.19 22.96 49.24
N HIS N 61 107.18 21.96 50.10
CA HIS N 61 108.12 21.77 51.19
C HIS N 61 109.18 20.78 50.76
N VAL N 62 110.43 21.23 50.70
CA VAL N 62 111.59 20.49 50.20
C VAL N 62 112.47 20.14 51.40
N PRO N 63 112.86 18.88 51.60
CA PRO N 63 113.59 18.47 52.79
C PRO N 63 115.00 19.05 52.87
N ARG N 64 115.43 19.39 54.08
CA ARG N 64 116.80 19.78 54.44
C ARG N 64 117.68 18.54 54.61
N ALA N 65 117.83 17.78 53.53
CA ALA N 65 118.54 16.51 53.51
C ALA N 65 119.51 16.42 52.34
N VAL N 66 120.62 15.73 52.54
CA VAL N 66 121.53 15.31 51.48
C VAL N 66 121.63 13.80 51.52
N PHE N 67 121.46 13.13 50.38
CA PHE N 67 121.64 11.69 50.25
C PHE N 67 122.89 11.44 49.42
N VAL N 68 123.84 10.67 49.94
CA VAL N 68 125.13 10.42 49.28
C VAL N 68 125.45 8.94 49.26
N ASP N 69 125.79 8.42 48.10
CA ASP N 69 126.26 7.06 47.93
C ASP N 69 127.30 7.05 46.81
N LEU N 70 128.33 6.23 46.91
CA LEU N 70 129.40 6.21 45.90
C LEU N 70 128.99 5.41 44.66
N GLU N 71 127.97 4.57 44.76
CA GLU N 71 127.32 3.82 43.69
C GLU N 71 125.86 4.27 43.44
N GLN N 72 125.28 4.04 42.25
CA GLN N 72 124.00 4.62 41.88
C GLN N 72 122.79 3.90 42.43
N THR N 73 122.86 2.62 42.82
CA THR N 73 121.69 1.72 42.84
C THR N 73 120.58 2.12 43.81
N VAL N 74 120.95 2.48 45.04
CA VAL N 74 120.01 2.79 46.13
C VAL N 74 119.41 4.18 45.96
N ILE N 75 120.19 5.18 45.56
CA ILE N 75 119.66 6.52 45.30
C ILE N 75 118.87 6.58 43.99
N GLY N 76 119.22 5.83 42.93
CA GLY N 76 118.38 5.70 41.75
C GLY N 76 117.00 5.11 42.07
N GLU N 77 116.88 4.34 43.14
CA GLU N 77 115.60 3.85 43.63
C GLU N 77 114.81 4.94 44.35
N ILE N 78 115.47 5.80 45.13
CA ILE N 78 114.89 7.02 45.72
C ILE N 78 114.42 8.00 44.64
N ARG N 79 115.22 8.19 43.58
CA ARG N 79 114.87 8.96 42.37
C ARG N 79 113.74 8.38 41.50
N ASN N 80 113.18 7.22 41.84
CA ASN N 80 112.17 6.51 41.02
C ASN N 80 110.91 6.13 41.81
N GLY N 81 111.04 5.89 43.12
CA GLY N 81 109.93 5.54 44.00
C GLY N 81 109.03 6.72 44.38
N PRO N 82 108.14 6.53 45.37
CA PRO N 82 107.12 7.53 45.73
C PRO N 82 107.67 8.90 46.16
N TYR N 83 108.92 8.98 46.61
CA TYR N 83 109.55 10.22 47.02
C TYR N 83 110.38 10.91 45.92
N ARG N 84 110.30 10.49 44.66
CA ARG N 84 111.02 11.14 43.54
C ARG N 84 110.76 12.65 43.40
N SER N 85 109.57 13.11 43.77
CA SER N 85 109.14 14.51 43.74
C SER N 85 109.37 15.27 45.05
N LEU N 86 109.80 14.62 46.12
CA LEU N 86 110.06 15.28 47.40
C LEU N 86 111.39 16.05 47.38
N PHE N 87 112.46 15.37 47.02
CA PHE N 87 113.83 15.88 47.12
C PHE N 87 114.19 16.76 45.93
N HIS N 88 115.06 17.74 46.18
CA HIS N 88 115.75 18.48 45.13
C HIS N 88 116.68 17.54 44.36
N PRO N 89 116.63 17.49 43.02
CA PRO N 89 117.31 16.46 42.25
C PRO N 89 118.84 16.46 42.38
N GLU N 90 119.47 17.60 42.68
CA GLU N 90 120.94 17.68 42.88
C GLU N 90 121.41 17.47 44.33
N GLN N 91 120.52 17.22 45.29
CA GLN N 91 120.91 16.79 46.65
C GLN N 91 120.73 15.29 46.90
N LEU N 92 120.31 14.55 45.87
CA LEU N 92 120.48 13.12 45.73
C LEU N 92 121.76 12.87 44.91
N ILE N 93 122.88 12.58 45.55
CA ILE N 93 124.23 12.63 44.95
C ILE N 93 124.79 11.22 44.78
N THR N 94 125.26 10.88 43.58
CA THR N 94 125.80 9.56 43.27
C THR N 94 127.11 9.62 42.49
N GLY N 95 128.01 8.68 42.75
CA GLY N 95 129.15 8.35 41.90
C GLY N 95 128.88 7.20 40.93
N LYS N 96 129.92 6.81 40.19
CA LYS N 96 129.94 5.64 39.29
C LYS N 96 130.33 4.34 40.00
N GLU N 97 131.21 4.40 40.99
CA GLU N 97 131.98 3.27 41.52
C GLU N 97 131.67 2.98 42.99
N ASP N 98 131.25 1.76 43.29
CA ASP N 98 131.05 1.23 44.64
C ASP N 98 132.35 1.32 45.48
N ALA N 99 132.23 1.55 46.79
CA ALA N 99 133.36 1.55 47.75
C ALA N 99 133.81 0.16 48.23
N ALA N 100 133.13 -0.91 47.84
CA ALA N 100 133.52 -2.29 47.97
C ALA N 100 133.75 -2.79 49.41
N ASN N 101 133.08 -2.22 50.40
CA ASN N 101 133.31 -2.46 51.82
C ASN N 101 134.77 -2.20 52.22
N ASN N 102 135.43 -1.29 51.52
CA ASN N 102 136.81 -0.92 51.75
C ASN N 102 136.85 0.54 52.22
N TYR N 103 137.21 0.81 53.48
CA TYR N 103 137.34 2.16 54.03
C TYR N 103 138.17 3.08 53.14
N ALA N 104 139.25 2.57 52.57
CA ALA N 104 140.20 3.37 51.83
C ALA N 104 139.65 3.83 50.47
N ARG N 105 138.74 3.09 49.83
CA ARG N 105 138.02 3.57 48.65
C ARG N 105 137.08 4.70 49.04
N GLY N 106 136.37 4.57 50.15
CA GLY N 106 135.47 5.63 50.61
C GLY N 106 136.20 6.92 50.95
N HIS N 107 137.30 6.82 51.69
CA HIS N 107 138.05 7.95 52.20
C HIS N 107 139.08 8.55 51.25
N TYR N 108 139.91 7.74 50.58
CA TYR N 108 141.11 8.20 49.86
C TYR N 108 140.97 8.26 48.33
N THR N 109 140.20 7.36 47.72
CA THR N 109 140.29 7.08 46.28
C THR N 109 139.01 7.45 45.50
N ILE N 110 137.84 6.98 45.92
CA ILE N 110 136.57 7.19 45.20
C ILE N 110 135.79 8.37 45.77
N GLY N 111 135.64 8.45 47.10
CA GLY N 111 134.93 9.55 47.76
C GLY N 111 135.63 10.90 47.65
N LYS N 112 136.96 10.88 47.48
CA LYS N 112 137.83 12.01 47.10
C LYS N 112 137.32 12.80 45.90
N GLU N 113 136.57 12.18 45.00
CA GLU N 113 135.99 12.85 43.82
C GLU N 113 134.63 13.49 44.07
N LEU N 114 133.74 12.87 44.84
CA LEU N 114 132.38 13.37 45.10
C LEU N 114 132.31 14.40 46.24
N ILE N 115 133.30 14.45 47.13
CA ILE N 115 133.25 15.26 48.36
C ILE N 115 132.99 16.75 48.13
N ASP N 116 133.66 17.39 47.18
CA ASP N 116 133.51 18.83 46.94
C ASP N 116 132.16 19.20 46.29
N SER N 117 131.43 18.22 45.76
CA SER N 117 130.03 18.34 45.34
C SER N 117 129.08 18.11 46.52
N VAL N 118 129.38 17.18 47.43
CA VAL N 118 128.61 16.97 48.65
C VAL N 118 128.62 18.21 49.55
N LEU N 119 129.79 18.81 49.72
CA LEU N 119 129.94 20.05 50.48
C LEU N 119 129.17 21.23 49.87
N ASP N 120 129.11 21.32 48.55
CA ASP N 120 128.44 22.40 47.85
C ASP N 120 126.93 22.41 48.08
N ARG N 121 126.31 21.23 48.12
CA ARG N 121 124.93 21.06 48.57
C ARG N 121 124.73 21.40 50.04
N VAL N 122 125.62 20.97 50.93
CA VAL N 122 125.50 21.29 52.35
C VAL N 122 125.62 22.80 52.58
N ARG N 123 126.53 23.49 51.87
CA ARG N 123 126.62 24.96 51.84
C ARG N 123 125.32 25.62 51.36
N LYS N 124 124.76 25.18 50.24
CA LYS N 124 123.47 25.70 49.73
C LYS N 124 122.28 25.38 50.63
N MET N 125 122.35 24.40 51.53
CA MET N 125 121.33 24.17 52.56
C MET N 125 121.54 25.04 53.80
N ALA N 126 122.78 25.17 54.27
CA ALA N 126 123.12 25.97 55.44
C ALA N 126 122.85 27.46 55.19
N ASP N 127 123.11 27.97 53.99
CA ASP N 127 122.77 29.34 53.58
C ASP N 127 121.25 29.63 53.51
N GLN N 128 120.39 28.61 53.50
CA GLN N 128 118.94 28.73 53.64
C GLN N 128 118.45 28.62 55.10
N CYS N 129 119.31 28.24 56.04
CA CYS N 129 119.03 28.22 57.47
C CYS N 129 119.26 29.59 58.11
N SER N 130 118.65 29.81 59.27
CA SER N 130 118.82 31.01 60.10
C SER N 130 118.91 30.56 61.54
N GLY N 131 120.11 30.39 62.07
CA GLY N 131 120.30 29.65 63.31
C GLY N 131 120.08 28.14 63.11
N LEU N 132 120.90 27.54 62.26
CA LEU N 132 121.02 26.09 62.07
C LEU N 132 121.39 25.44 63.41
N GLN N 133 120.63 24.44 63.84
CA GLN N 133 120.78 23.81 65.15
C GLN N 133 121.92 22.80 65.19
N GLY N 134 122.11 22.07 64.09
CA GLY N 134 123.14 21.05 63.95
C GLY N 134 122.98 20.20 62.69
N PHE N 135 123.74 19.12 62.63
CA PHE N 135 123.71 18.09 61.58
C PHE N 135 123.21 16.76 62.14
N LEU N 136 122.41 16.02 61.39
CA LEU N 136 122.02 14.65 61.73
C LEU N 136 122.63 13.70 60.69
N VAL N 137 123.71 13.00 61.03
CA VAL N 137 124.47 12.17 60.06
C VAL N 137 124.19 10.68 60.23
N PHE N 138 123.61 10.05 59.21
CA PHE N 138 123.17 8.64 59.22
C PHE N 138 124.07 7.74 58.38
N HIS N 139 124.58 6.66 58.95
CA HIS N 139 125.54 5.79 58.27
C HIS N 139 125.70 4.39 58.89
N SER N 140 126.37 3.50 58.18
CA SER N 140 126.84 2.20 58.63
C SER N 140 128.30 2.29 59.05
N PHE N 141 128.67 1.73 60.20
CA PHE N 141 130.07 1.59 60.61
C PHE N 141 130.82 0.53 59.79
N GLY N 142 130.11 -0.44 59.24
CA GLY N 142 130.69 -1.58 58.51
C GLY N 142 130.93 -1.36 57.03
N GLY N 143 130.22 -0.42 56.43
CA GLY N 143 130.34 -0.06 55.01
C GLY N 143 131.65 0.61 54.63
N GLY N 144 132.03 0.55 53.35
CA GLY N 144 133.10 1.33 52.77
C GLY N 144 132.72 2.79 52.60
N THR N 145 131.54 3.08 52.05
CA THR N 145 130.99 4.45 52.01
C THR N 145 130.59 4.92 53.40
N GLY N 146 129.89 4.10 54.16
CA GLY N 146 129.53 4.33 55.55
C GLY N 146 130.67 4.80 56.45
N SER N 147 131.80 4.10 56.48
CA SER N 147 132.98 4.48 57.28
C SER N 147 133.89 5.53 56.60
N GLY N 148 134.33 5.25 55.38
CA GLY N 148 135.32 6.05 54.68
C GLY N 148 134.78 7.36 54.14
N PHE N 149 133.57 7.39 53.60
CA PHE N 149 133.03 8.64 53.10
C PHE N 149 132.51 9.53 54.24
N THR N 150 131.85 8.97 55.25
CA THR N 150 131.44 9.76 56.44
C THR N 150 132.64 10.37 57.13
N SER N 151 133.75 9.65 57.25
CA SER N 151 134.97 10.17 57.87
C SER N 151 135.68 11.21 57.03
N LEU N 152 135.57 11.16 55.70
CA LEU N 152 136.01 12.22 54.81
C LEU N 152 135.12 13.47 54.94
N LEU N 153 133.80 13.30 54.93
CA LEU N 153 132.86 14.39 55.07
C LEU N 153 132.95 15.08 56.44
N MET N 154 132.94 14.34 57.54
CA MET N 154 133.01 14.92 58.88
C MET N 154 134.26 15.75 59.11
N GLU N 155 135.41 15.35 58.58
CA GLU N 155 136.65 16.12 58.69
C GLU N 155 136.52 17.49 58.06
N ARG N 156 135.79 17.60 56.94
CA ARG N 156 135.46 18.87 56.26
C ARG N 156 134.44 19.69 57.03
N LEU N 157 133.32 19.10 57.44
CA LEU N 157 132.30 19.81 58.20
C LEU N 157 132.84 20.31 59.55
N SER N 158 133.83 19.66 60.15
CA SER N 158 134.40 20.08 61.43
C SER N 158 135.42 21.22 61.34
N VAL N 159 135.88 21.59 60.14
CA VAL N 159 136.59 22.84 59.87
C VAL N 159 135.66 23.90 59.27
N ASP N 160 134.70 23.52 58.43
CA ASP N 160 133.76 24.46 57.83
C ASP N 160 132.67 24.98 58.77
N TYR N 161 132.17 24.17 59.70
CA TYR N 161 131.07 24.47 60.62
C TYR N 161 131.46 24.12 62.07
N GLY N 162 132.62 24.56 62.53
CA GLY N 162 133.21 24.08 63.79
C GLY N 162 132.34 24.19 65.05
N LYS N 163 131.52 25.24 65.16
CA LYS N 163 130.63 25.45 66.32
C LYS N 163 129.40 24.52 66.35
N LYS N 164 128.88 24.13 65.18
CA LYS N 164 127.59 23.45 65.02
C LYS N 164 127.62 22.00 65.52
N SER N 165 126.61 21.58 66.28
CA SER N 165 126.53 20.23 66.86
C SER N 165 126.34 19.16 65.80
N LYS N 166 127.19 18.13 65.78
CA LYS N 166 127.14 17.02 64.84
C LYS N 166 126.67 15.76 65.57
N LEU N 167 125.40 15.44 65.39
CA LEU N 167 124.75 14.25 65.94
C LEU N 167 124.85 13.14 64.91
N GLU N 168 125.14 11.93 65.34
CA GLU N 168 125.52 10.89 64.40
C GLU N 168 124.88 9.55 64.75
N PHE N 169 124.15 8.96 63.82
CA PHE N 169 123.39 7.73 64.02
C PHE N 169 124.04 6.61 63.23
N SER N 170 124.58 5.65 63.95
CA SER N 170 125.46 4.63 63.37
C SER N 170 124.90 3.23 63.54
N VAL N 171 124.73 2.51 62.45
CA VAL N 171 124.52 1.07 62.51
C VAL N 171 125.86 0.37 62.68
N TYR N 172 126.07 -0.25 63.84
CA TYR N 172 127.31 -0.77 64.38
C TYR N 172 127.34 -2.29 64.33
N PRO N 173 128.48 -2.95 64.10
CA PRO N 173 128.56 -4.42 64.09
C PRO N 173 128.10 -5.13 65.37
N ALA N 174 127.44 -6.27 65.19
CA ALA N 174 126.82 -7.07 66.25
C ALA N 174 127.77 -8.10 66.91
N PRO N 175 127.37 -8.74 68.02
CA PRO N 175 128.10 -9.87 68.57
C PRO N 175 128.24 -11.03 67.57
N ARG N 176 127.15 -11.47 66.91
CA ARG N 176 127.14 -12.64 66.03
C ARG N 176 126.72 -12.33 64.58
N ILE N 177 125.65 -11.56 64.40
CA ILE N 177 125.16 -11.12 63.08
C ILE N 177 126.17 -10.20 62.40
N SER N 178 126.53 -10.55 61.17
CA SER N 178 127.44 -9.77 60.34
C SER N 178 127.15 -10.03 58.88
N THR N 179 127.41 -9.07 58.00
CA THR N 179 127.13 -9.16 56.56
C THR N 179 128.40 -9.16 55.70
N ALA N 180 129.56 -8.96 56.32
CA ALA N 180 130.84 -8.75 55.69
C ALA N 180 131.95 -9.37 56.54
N VAL N 181 133.04 -9.74 55.89
CA VAL N 181 134.22 -10.26 56.55
C VAL N 181 135.05 -9.13 57.15
N VAL N 182 135.08 -7.97 56.49
CA VAL N 182 135.92 -6.79 56.82
C VAL N 182 135.21 -5.71 57.65
N GLU N 183 133.99 -5.98 58.14
CA GLU N 183 133.21 -5.13 59.06
C GLU N 183 134.00 -4.65 60.31
N PRO N 184 134.86 -5.46 60.98
CA PRO N 184 135.73 -5.02 62.06
C PRO N 184 136.80 -3.99 61.66
N TYR N 185 137.37 -4.11 60.46
CA TYR N 185 138.36 -3.16 59.96
C TYR N 185 137.74 -1.80 59.69
N ASN N 186 136.58 -1.74 59.03
CA ASN N 186 135.93 -0.48 58.72
C ASN N 186 135.44 0.26 59.97
N SER N 187 134.96 -0.49 60.95
CA SER N 187 134.48 0.07 62.21
C SER N 187 135.58 0.67 63.06
N ILE N 188 136.70 -0.03 63.24
CA ILE N 188 137.85 0.47 64.01
C ILE N 188 138.49 1.69 63.34
N LEU N 189 138.65 1.69 62.02
CA LEU N 189 139.11 2.88 61.27
C LEU N 189 138.18 4.09 61.40
N THR N 190 136.89 3.88 61.66
CA THR N 190 135.92 4.95 61.93
C THR N 190 136.07 5.60 63.31
N THR N 191 136.66 4.95 64.31
CA THR N 191 136.71 5.46 65.69
C THR N 191 137.39 6.82 65.86
N HIS N 192 138.27 7.25 64.96
CA HIS N 192 138.81 8.61 64.94
C HIS N 192 137.74 9.65 64.58
N THR N 193 136.82 9.28 63.70
CA THR N 193 135.75 10.17 63.22
C THR N 193 134.84 10.53 64.36
N THR N 194 134.30 9.51 65.03
CA THR N 194 133.41 9.71 66.16
C THR N 194 134.12 10.39 67.32
N LEU N 195 135.35 10.02 67.68
CA LEU N 195 136.07 10.71 68.75
C LEU N 195 136.34 12.19 68.47
N GLU N 196 136.87 12.55 67.29
CA GLU N 196 137.39 13.88 67.04
C GLU N 196 136.40 14.82 66.36
N HIS N 197 135.51 14.31 65.49
CA HIS N 197 134.66 15.10 64.57
C HIS N 197 133.16 14.82 64.73
N SER N 198 132.72 14.46 65.93
CA SER N 198 131.32 14.23 66.28
C SER N 198 131.05 14.74 67.68
N ASP N 199 129.82 15.11 68.02
CA ASP N 199 129.47 15.67 69.32
C ASP N 199 128.56 14.75 70.15
N CYS N 200 127.77 13.89 69.51
CA CYS N 200 126.99 12.85 70.18
C CYS N 200 126.68 11.73 69.20
N ALA N 201 127.18 10.52 69.49
CA ALA N 201 127.16 9.42 68.54
C ALA N 201 126.31 8.25 69.03
N PHE N 202 125.15 8.05 68.42
CA PHE N 202 124.17 7.02 68.75
C PHE N 202 124.47 5.73 67.99
N MET N 203 125.17 4.82 68.64
CA MET N 203 125.38 3.45 68.15
C MET N 203 124.07 2.67 68.23
N VAL N 204 123.77 1.93 67.17
CA VAL N 204 122.63 1.03 67.05
C VAL N 204 123.11 -0.30 66.47
N ASP N 205 122.46 -1.41 66.78
CA ASP N 205 122.84 -2.76 66.39
C ASP N 205 121.69 -3.51 65.72
N ASN N 206 121.96 -4.13 64.56
CA ASN N 206 120.95 -4.91 63.83
C ASN N 206 120.45 -6.09 64.67
N GLU N 207 121.28 -6.78 65.42
CA GLU N 207 120.91 -7.99 66.16
C GLU N 207 120.02 -7.70 67.37
N ALA N 208 120.21 -6.56 68.01
CA ALA N 208 119.40 -6.09 69.12
C ALA N 208 118.01 -5.68 68.66
N ILE N 209 117.89 -4.95 67.56
CA ILE N 209 116.58 -4.64 66.99
C ILE N 209 115.90 -5.91 66.47
N TYR N 210 116.62 -6.84 65.86
CA TYR N 210 116.00 -8.12 65.46
C TYR N 210 115.38 -8.85 66.66
N ASP N 211 115.97 -8.79 67.85
CA ASP N 211 115.44 -9.42 69.04
C ASP N 211 114.27 -8.63 69.65
N ILE N 212 114.34 -7.30 69.65
CA ILE N 212 113.21 -6.42 69.98
C ILE N 212 112.01 -6.73 69.08
N CYS N 213 112.22 -6.87 67.77
CA CYS N 213 111.15 -7.20 66.84
C CYS N 213 110.48 -8.53 67.19
N ASN N 214 111.28 -9.54 67.52
CA ASN N 214 110.80 -10.89 67.87
C ASN N 214 109.97 -10.91 69.15
N ARG N 215 110.41 -10.17 70.18
CA ARG N 215 109.82 -10.21 71.53
C ARG N 215 108.68 -9.22 71.78
N ASN N 216 108.66 -8.08 71.10
CA ASN N 216 107.72 -6.99 71.35
C ASN N 216 106.72 -6.75 70.22
N LEU N 217 107.16 -6.85 68.96
CA LEU N 217 106.28 -6.73 67.79
C LEU N 217 105.70 -8.09 67.38
N ASP N 218 106.27 -9.17 67.89
CA ASP N 218 105.98 -10.57 67.57
C ASP N 218 106.11 -10.92 66.07
N ILE N 219 106.80 -10.10 65.29
CA ILE N 219 107.18 -10.44 63.91
C ILE N 219 108.35 -11.43 63.96
N GLU N 220 108.15 -12.61 63.38
CA GLU N 220 109.08 -13.74 63.54
C GLU N 220 110.36 -13.58 62.71
N ARG N 221 110.25 -12.93 61.54
CA ARG N 221 111.25 -12.79 60.49
C ARG N 221 111.26 -11.38 59.85
N PRO N 222 111.81 -10.34 60.48
CA PRO N 222 111.83 -8.98 59.95
C PRO N 222 112.88 -8.73 58.85
N SER N 223 112.58 -7.77 57.99
CA SER N 223 113.46 -7.18 56.98
C SER N 223 114.20 -5.96 57.55
N TYR N 224 114.95 -5.24 56.73
CA TYR N 224 115.45 -3.93 57.12
C TYR N 224 114.38 -2.85 57.19
N THR N 225 113.25 -2.96 56.47
CA THR N 225 112.22 -1.92 56.59
C THR N 225 111.68 -1.84 58.02
N ASN N 226 111.61 -2.98 58.72
CA ASN N 226 111.20 -3.02 60.12
C ASN N 226 112.21 -2.37 61.06
N LEU N 227 113.51 -2.49 60.79
CA LEU N 227 114.55 -1.87 61.59
C LEU N 227 114.57 -0.36 61.40
N ASN N 228 114.53 0.09 60.15
CA ASN N 228 114.62 1.50 59.82
C ASN N 228 113.42 2.28 60.37
N ARG N 229 112.24 1.66 60.40
CA ARG N 229 111.06 2.23 61.04
C ARG N 229 111.16 2.35 62.55
N LEU N 230 112.08 1.66 63.24
CA LEU N 230 112.41 1.93 64.64
C LEU N 230 113.51 2.99 64.79
N ILE N 231 114.51 2.98 63.93
CA ILE N 231 115.63 3.92 64.00
C ILE N 231 115.20 5.34 63.67
N ALA N 232 114.27 5.52 62.72
CA ALA N 232 113.69 6.82 62.42
C ALA N 232 112.82 7.33 63.56
N GLN N 233 112.08 6.45 64.24
CA GLN N 233 111.20 6.83 65.34
C GLN N 233 111.97 7.46 66.50
N ILE N 234 113.18 6.98 66.79
CA ILE N 234 114.06 7.62 67.78
C ILE N 234 114.46 9.03 67.37
N VAL N 235 114.84 9.27 66.11
CA VAL N 235 115.25 10.62 65.68
C VAL N 235 114.07 11.59 65.61
N SER N 236 112.87 11.12 65.28
CA SER N 236 111.67 11.95 65.43
C SER N 236 111.51 12.41 66.89
N SER N 237 111.79 11.53 67.85
CA SER N 237 111.66 11.83 69.27
C SER N 237 112.79 12.69 69.82
N ILE N 238 114.02 12.57 69.31
CA ILE N 238 115.11 13.51 69.60
C ILE N 238 114.78 14.88 69.07
N THR N 239 114.25 14.98 67.86
CA THR N 239 113.90 16.26 67.24
C THR N 239 112.54 16.82 67.66
N ALA N 240 111.67 16.07 68.34
CA ALA N 240 110.32 16.53 68.62
C ALA N 240 110.27 17.85 69.38
N SER N 241 111.17 18.08 70.34
CA SER N 241 111.26 19.36 71.07
C SER N 241 111.71 20.54 70.21
N LEU N 242 112.32 20.28 69.07
CA LEU N 242 112.73 21.29 68.10
C LEU N 242 111.55 21.69 67.21
N ARG N 243 110.60 20.78 67.03
CA ARG N 243 109.49 20.82 66.08
C ARG N 243 108.14 21.20 66.69
N PHE N 244 107.92 20.99 67.98
CA PHE N 244 106.59 21.00 68.60
C PHE N 244 106.52 21.69 69.99
N ASP N 245 105.31 21.99 70.46
CA ASP N 245 105.09 22.46 71.82
C ASP N 245 105.18 21.33 72.85
N GLY N 246 105.65 21.64 74.05
CA GLY N 246 105.83 20.71 75.15
C GLY N 246 105.80 21.39 76.52
N ALA N 247 105.71 20.60 77.59
CA ALA N 247 105.78 21.11 78.95
C ALA N 247 107.23 21.46 79.34
N LEU N 248 108.19 20.68 78.83
CA LEU N 248 109.62 20.77 79.10
C LEU N 248 110.39 20.49 77.81
N ASN N 249 110.33 21.37 76.83
CA ASN N 249 111.06 21.21 75.57
C ASN N 249 112.59 21.21 75.80
N VAL N 250 113.31 20.38 75.06
CA VAL N 250 114.77 20.22 75.16
C VAL N 250 115.46 20.68 73.88
N ASP N 251 116.35 21.67 74.00
CA ASP N 251 117.19 22.14 72.89
C ASP N 251 118.27 21.11 72.52
N LEU N 252 118.74 21.10 71.28
CA LEU N 252 119.74 20.12 70.83
C LEU N 252 121.10 20.20 71.57
N THR N 253 121.45 21.36 72.14
CA THR N 253 122.62 21.56 73.03
C THR N 253 122.30 21.38 74.52
N GLU N 254 121.08 21.66 74.94
CA GLU N 254 120.57 21.33 76.26
C GLU N 254 120.63 19.83 76.52
N PHE N 255 120.28 19.06 75.49
CA PHE N 255 120.43 17.62 75.42
C PHE N 255 121.87 17.17 75.72
N GLN N 256 122.84 17.72 74.98
CA GLN N 256 124.26 17.42 75.13
C GLN N 256 124.82 17.86 76.48
N THR N 257 124.43 19.00 77.03
CA THR N 257 124.89 19.48 78.35
C THR N 257 124.49 18.55 79.51
N ASN N 258 123.47 17.73 79.34
CA ASN N 258 123.04 16.72 80.30
C ASN N 258 123.49 15.29 79.96
N LEU N 259 123.64 14.94 78.68
CA LEU N 259 124.14 13.63 78.26
C LEU N 259 125.64 13.46 78.46
N VAL N 260 126.44 14.47 78.14
CA VAL N 260 127.89 14.33 77.97
C VAL N 260 128.63 14.87 79.19
N PRO N 261 129.14 14.00 80.10
CA PRO N 261 129.87 14.44 81.28
C PRO N 261 131.30 14.90 81.00
N TYR N 262 131.94 14.37 79.97
CA TYR N 262 133.34 14.64 79.65
C TYR N 262 133.49 14.73 78.13
N PRO N 263 134.47 15.48 77.58
CA PRO N 263 134.53 15.76 76.16
C PRO N 263 134.46 14.53 75.25
N ARG N 264 135.05 13.39 75.65
CA ARG N 264 135.11 12.20 74.79
C ARG N 264 134.04 11.15 75.11
N ILE N 265 133.20 11.41 76.09
CA ILE N 265 132.22 10.46 76.65
C ILE N 265 130.83 10.82 76.16
N HIS N 266 130.66 10.66 74.86
CA HIS N 266 129.51 11.14 74.10
C HIS N 266 128.87 10.03 73.26
N PHE N 267 129.01 8.78 73.70
CA PHE N 267 128.44 7.60 73.09
C PHE N 267 127.29 7.03 73.96
N PRO N 268 126.11 7.67 73.97
CA PRO N 268 124.97 7.14 74.67
C PRO N 268 124.38 5.92 73.96
N LEU N 269 123.81 5.01 74.73
CA LEU N 269 122.78 4.10 74.25
C LEU N 269 121.51 4.88 73.94
N VAL N 270 120.64 4.27 73.15
CA VAL N 270 119.29 4.74 72.90
C VAL N 270 118.31 3.57 73.02
N THR N 271 117.09 3.85 73.44
CA THR N 271 115.98 2.90 73.49
C THR N 271 114.65 3.66 73.36
N TYR N 272 113.60 2.97 72.98
CA TYR N 272 112.28 3.54 72.76
C TYR N 272 111.23 2.65 73.43
N SER N 273 110.20 3.23 74.04
CA SER N 273 109.09 2.48 74.58
C SER N 273 107.78 3.24 74.41
N PRO N 274 106.66 2.53 74.26
CA PRO N 274 106.56 1.09 74.10
C PRO N 274 106.79 0.68 72.63
N ILE N 275 107.71 -0.23 72.36
CA ILE N 275 107.63 -0.99 71.10
C ILE N 275 106.53 -2.02 71.29
N ILE N 276 105.47 -1.97 70.49
CA ILE N 276 104.29 -2.83 70.73
C ILE N 276 103.47 -3.04 69.45
N SER N 277 102.87 -4.21 69.28
CA SER N 277 101.96 -4.49 68.17
C SER N 277 100.50 -4.24 68.54
N ALA N 278 99.62 -4.16 67.54
CA ALA N 278 98.19 -4.03 67.75
C ALA N 278 97.53 -5.24 68.45
N GLU N 279 98.22 -6.39 68.55
CA GLU N 279 97.70 -7.56 69.28
C GLU N 279 97.69 -7.32 70.79
N LYS N 280 98.63 -6.51 71.30
CA LYS N 280 98.89 -6.33 72.73
C LYS N 280 98.62 -4.93 73.23
N ALA N 281 98.70 -3.91 72.39
CA ALA N 281 98.54 -2.52 72.81
C ALA N 281 97.17 -2.21 73.44
N TYR N 282 96.13 -2.97 73.10
CA TYR N 282 94.80 -2.85 73.70
C TYR N 282 94.62 -3.63 75.01
N HIS N 283 95.61 -4.36 75.51
CA HIS N 283 95.55 -5.11 76.78
C HIS N 283 96.56 -4.66 77.83
N GLU N 284 97.72 -4.16 77.42
CA GLU N 284 98.66 -3.47 78.30
C GLU N 284 98.07 -2.12 78.77
N GLN N 285 98.43 -1.64 79.95
CA GLN N 285 98.03 -0.28 80.36
C GLN N 285 98.83 0.80 79.64
N LEU N 286 100.13 0.61 79.38
CA LEU N 286 100.99 1.65 78.81
C LEU N 286 100.91 2.96 79.60
N SER N 287 100.78 2.85 80.92
CA SER N 287 100.94 3.97 81.85
C SER N 287 102.36 4.51 81.82
N VAL N 288 102.56 5.75 82.27
CA VAL N 288 103.90 6.36 82.29
C VAL N 288 104.89 5.56 83.11
N PRO N 289 104.47 4.93 84.21
CA PRO N 289 105.34 4.08 85.01
C PRO N 289 105.88 2.88 84.22
N GLU N 290 105.07 2.23 83.40
CA GLU N 290 105.48 1.03 82.66
C GLU N 290 106.45 1.37 81.53
N ILE N 291 106.13 2.38 80.71
CA ILE N 291 107.00 2.75 79.59
C ILE N 291 108.30 3.41 80.06
N THR N 292 108.35 3.98 81.26
CA THR N 292 109.62 4.39 81.88
C THR N 292 110.45 3.17 82.25
N ASN N 293 109.87 2.22 82.99
CA ASN N 293 110.57 1.00 83.42
C ASN N 293 111.04 0.14 82.25
N ALA N 294 110.30 0.09 81.14
CA ALA N 294 110.71 -0.63 79.94
C ALA N 294 112.07 -0.16 79.39
N CYS N 295 112.43 1.11 79.55
CA CYS N 295 113.71 1.62 79.06
C CYS N 295 114.91 1.11 79.85
N PHE N 296 114.72 0.58 81.05
CA PHE N 296 115.82 0.04 81.85
C PHE N 296 115.96 -1.48 81.74
N GLU N 297 115.09 -2.15 81.00
CA GLU N 297 115.24 -3.57 80.70
C GLU N 297 116.38 -3.79 79.68
N TYR N 298 117.32 -4.72 79.89
CA TYR N 298 118.27 -5.17 78.87
C TYR N 298 117.59 -5.60 77.57
N SER N 299 116.37 -6.13 77.68
CA SER N 299 115.51 -6.53 76.58
C SER N 299 115.19 -5.42 75.57
N ASN N 300 115.29 -4.14 75.91
CA ASN N 300 114.92 -3.06 74.98
C ASN N 300 116.11 -2.18 74.54
N GLN N 301 117.33 -2.50 74.97
CA GLN N 301 118.52 -1.77 74.52
C GLN N 301 118.84 -2.14 73.07
N MET N 302 119.09 -1.14 72.22
CA MET N 302 119.37 -1.34 70.79
C MET N 302 120.86 -1.51 70.46
N VAL N 303 121.66 -1.94 71.42
CA VAL N 303 123.03 -2.48 71.28
C VAL N 303 123.09 -3.71 72.17
N LYS N 304 123.61 -4.85 71.70
CA LYS N 304 123.71 -6.07 72.51
C LYS N 304 124.83 -5.98 73.54
N CYS N 305 124.57 -5.24 74.59
CA CYS N 305 125.33 -5.14 75.83
C CYS N 305 124.36 -5.02 77.01
N ASP N 306 124.75 -5.41 78.22
CA ASP N 306 123.88 -5.43 79.38
C ASP N 306 124.14 -4.18 80.25
N PRO N 307 123.20 -3.25 80.44
CA PRO N 307 123.41 -2.06 81.26
C PRO N 307 123.76 -2.34 82.72
N ARG N 308 123.42 -3.53 83.23
CA ARG N 308 123.72 -3.95 84.60
C ARG N 308 125.19 -4.28 84.81
N ARG N 309 125.91 -4.57 83.72
CA ARG N 309 127.38 -4.68 83.74
C ARG N 309 128.07 -3.31 83.68
N GLY N 310 127.33 -2.21 83.69
CA GLY N 310 127.85 -0.85 83.73
C GLY N 310 127.38 -0.04 84.93
N LYS N 311 127.67 1.26 84.89
CA LYS N 311 126.99 2.29 85.67
C LYS N 311 126.50 3.40 84.75
N TYR N 312 125.31 3.91 85.02
CA TYR N 312 124.74 5.06 84.34
C TYR N 312 125.46 6.33 84.77
N MET N 313 125.82 7.16 83.80
CA MET N 313 126.34 8.51 84.01
C MET N 313 125.21 9.52 83.94
N ALA N 314 124.40 9.51 82.88
CA ALA N 314 123.23 10.35 82.74
C ALA N 314 122.17 9.73 81.82
N CYS N 315 120.90 9.98 82.08
CA CYS N 315 119.78 9.59 81.23
C CYS N 315 118.99 10.82 80.80
N CYS N 316 118.71 10.96 79.51
CA CYS N 316 117.67 11.83 78.98
C CYS N 316 116.42 11.00 78.72
N LEU N 317 115.37 11.19 79.52
CA LEU N 317 114.06 10.63 79.26
C LEU N 317 113.25 11.64 78.47
N LEU N 318 113.16 11.47 77.15
CA LEU N 318 112.43 12.36 76.24
C LEU N 318 111.00 11.82 76.00
N TYR N 319 110.05 12.16 76.86
CA TYR N 319 108.66 11.76 76.69
C TYR N 319 107.94 12.60 75.63
N ARG N 320 106.98 11.95 74.99
CA ARG N 320 106.10 12.61 74.04
C ARG N 320 104.69 12.04 74.07
N GLY N 321 103.71 12.86 73.71
CA GLY N 321 102.30 12.52 73.84
C GLY N 321 101.72 12.91 75.19
N ASP N 322 100.69 12.19 75.64
CA ASP N 322 99.89 12.53 76.81
C ASP N 322 100.58 12.15 78.13
N VAL N 323 101.51 12.96 78.62
CA VAL N 323 102.17 12.77 79.93
C VAL N 323 102.23 14.06 80.74
N VAL N 324 102.38 13.93 82.06
CA VAL N 324 102.34 15.06 83.00
C VAL N 324 103.56 14.97 83.93
N PRO N 325 104.27 16.06 84.23
CA PRO N 325 105.45 16.03 85.10
C PRO N 325 105.26 15.36 86.47
N LYS N 326 104.06 15.36 87.05
CA LYS N 326 103.71 14.52 88.22
C LYS N 326 104.13 13.08 88.00
N ASP N 327 103.66 12.48 86.90
CA ASP N 327 103.81 11.06 86.59
C ASP N 327 105.27 10.70 86.35
N VAL N 328 106.00 11.58 85.68
CA VAL N 328 107.40 11.37 85.37
C VAL N 328 108.25 11.41 86.63
N ASN N 329 108.05 12.38 87.52
CA ASN N 329 108.80 12.42 88.78
C ASN N 329 108.51 11.18 89.62
N ALA N 330 107.24 10.78 89.74
CA ALA N 330 106.83 9.56 90.43
C ALA N 330 107.43 8.28 89.82
N ALA N 331 107.61 8.25 88.50
CA ALA N 331 108.29 7.17 87.80
C ALA N 331 109.78 7.16 88.09
N ILE N 332 110.53 8.24 87.87
CA ILE N 332 111.98 8.23 88.10
C ILE N 332 112.35 7.99 89.57
N ALA N 333 111.46 8.34 90.49
CA ALA N 333 111.59 7.95 91.89
C ALA N 333 111.63 6.43 92.10
N ALA N 334 110.85 5.65 91.36
CA ALA N 334 110.98 4.19 91.43
C ALA N 334 112.28 3.71 90.78
N ILE N 335 112.71 4.32 89.68
CA ILE N 335 114.00 3.94 89.07
C ILE N 335 115.15 4.20 90.05
N LYS N 336 115.17 5.33 90.77
CA LYS N 336 116.18 5.60 91.82
C LYS N 336 116.11 4.62 92.99
N THR N 337 114.97 3.99 93.23
CA THR N 337 114.77 3.05 94.33
C THR N 337 115.34 1.67 94.01
N ARG N 338 115.35 1.26 92.73
CA ARG N 338 115.83 -0.06 92.27
C ARG N 338 117.36 -0.17 92.27
N ARG N 339 117.93 -1.06 93.09
CA ARG N 339 119.38 -1.22 93.29
C ARG N 339 120.12 -1.86 92.11
N SER N 340 119.40 -2.52 91.19
CA SER N 340 119.96 -3.05 89.95
C SER N 340 120.29 -1.98 88.89
N ILE N 341 119.64 -0.81 88.93
CA ILE N 341 119.91 0.34 88.05
C ILE N 341 120.90 1.28 88.76
N GLN N 342 122.20 1.12 88.53
CA GLN N 342 123.22 1.83 89.31
C GLN N 342 123.84 3.01 88.58
N PHE N 343 123.68 4.20 89.12
CA PHE N 343 124.36 5.40 88.65
C PHE N 343 125.74 5.53 89.29
N VAL N 344 126.60 6.31 88.65
CA VAL N 344 127.87 6.76 89.19
C VAL N 344 127.68 7.65 90.42
N ASP N 345 128.66 7.64 91.32
CA ASP N 345 128.68 8.40 92.58
C ASP N 345 128.69 9.91 92.37
N TRP N 346 129.19 10.35 91.23
CA TRP N 346 129.39 11.75 90.87
C TRP N 346 128.23 12.36 90.07
N CYS N 347 127.14 11.64 89.81
CA CYS N 347 125.96 12.18 89.15
C CYS N 347 124.73 11.94 90.03
N PRO N 348 124.53 12.77 91.07
CA PRO N 348 123.49 12.55 92.08
C PRO N 348 122.08 12.90 91.56
N THR N 349 122.01 13.73 90.52
CA THR N 349 120.81 14.12 89.82
C THR N 349 120.39 13.07 88.79
N GLY N 350 121.29 12.61 87.95
CA GLY N 350 121.12 11.48 87.01
C GLY N 350 120.24 11.72 85.80
N PHE N 351 119.03 12.26 85.96
CA PHE N 351 118.00 12.33 84.95
C PHE N 351 117.81 13.74 84.44
N LYS N 352 117.84 13.88 83.11
CA LYS N 352 117.31 15.01 82.36
C LYS N 352 115.99 14.58 81.75
N VAL N 353 114.93 15.32 82.03
CA VAL N 353 113.57 15.03 81.58
C VAL N 353 113.20 16.03 80.51
N GLY N 354 112.65 15.55 79.40
CA GLY N 354 111.95 16.33 78.39
C GLY N 354 110.53 15.84 78.23
N ILE N 355 109.56 16.72 77.99
CA ILE N 355 108.15 16.35 77.81
C ILE N 355 107.57 17.19 76.69
N ASN N 356 107.03 16.52 75.67
CA ASN N 356 106.50 17.13 74.44
C ASN N 356 105.04 16.70 74.13
N TYR N 357 104.17 17.60 73.69
CA TYR N 357 102.73 17.32 73.60
C TYR N 357 102.30 16.54 72.34
N GLN N 358 103.22 16.25 71.42
CA GLN N 358 102.89 15.58 70.15
C GLN N 358 103.09 14.05 70.26
N PRO N 359 102.04 13.23 70.16
CA PRO N 359 102.13 11.78 70.18
C PRO N 359 103.05 11.23 69.06
N PRO N 360 103.50 9.97 69.17
CA PRO N 360 104.23 9.30 68.11
C PRO N 360 103.34 9.01 66.89
N THR N 361 103.77 9.46 65.72
CA THR N 361 103.08 9.20 64.45
C THR N 361 103.28 7.76 64.00
N ALA N 362 102.20 7.05 63.67
CA ALA N 362 102.28 5.74 63.02
C ALA N 362 102.55 5.87 61.52
N VAL N 363 103.54 5.15 60.99
CA VAL N 363 103.58 4.90 59.55
C VAL N 363 102.48 3.88 59.23
N PRO N 364 101.54 4.13 58.30
CA PRO N 364 100.35 3.32 58.12
C PRO N 364 100.61 1.86 57.71
N GLY N 365 101.71 1.60 57.01
CA GLY N 365 102.11 0.25 56.62
C GLY N 365 102.83 -0.55 57.71
N GLY N 366 103.10 0.04 58.87
CA GLY N 366 104.05 -0.48 59.86
C GLY N 366 103.48 -1.46 60.88
N ASP N 367 104.38 -2.12 61.59
CA ASP N 367 104.08 -3.11 62.62
C ASP N 367 103.79 -2.47 63.99
N VAL N 368 104.40 -1.32 64.25
CA VAL N 368 104.39 -0.60 65.53
C VAL N 368 103.10 0.18 65.73
N ALA N 369 102.37 -0.11 66.80
CA ALA N 369 100.97 0.28 67.03
C ALA N 369 100.76 1.74 67.47
N LYS N 370 99.53 2.24 67.33
CA LYS N 370 99.10 3.54 67.84
C LYS N 370 99.03 3.52 69.36
N VAL N 371 99.60 4.50 70.03
CA VAL N 371 99.70 4.58 71.50
C VAL N 371 99.64 6.02 71.97
N LEU N 372 99.07 6.28 73.15
CA LEU N 372 98.92 7.66 73.63
C LEU N 372 100.24 8.32 74.03
N ARG N 373 101.27 7.54 74.28
CA ARG N 373 102.52 7.93 74.91
C ARG N 373 103.68 7.22 74.27
N ALA N 374 104.83 7.86 74.26
CA ALA N 374 106.09 7.20 74.09
C ALA N 374 107.15 7.94 74.88
N VAL N 375 108.25 7.25 75.12
CA VAL N 375 109.48 7.83 75.64
C VAL N 375 110.61 7.32 74.78
N CYS N 376 111.52 8.20 74.43
CA CYS N 376 112.82 7.78 73.99
C CYS N 376 113.78 8.04 75.13
N MET N 377 114.49 7.02 75.60
CA MET N 377 115.54 7.20 76.59
C MET N 377 116.89 7.11 75.92
N LEU N 378 117.66 8.18 76.04
CA LEU N 378 119.01 8.26 75.53
C LEU N 378 119.91 8.34 76.75
N SER N 379 120.89 7.46 76.83
CA SER N 379 121.52 7.10 78.09
C SER N 379 123.01 6.87 78.00
N ASN N 380 123.80 7.73 78.64
CA ASN N 380 125.24 7.55 78.74
C ASN N 380 125.55 6.58 79.90
N THR N 381 126.15 5.44 79.58
CA THR N 381 126.45 4.35 80.53
C THR N 381 127.78 3.67 80.22
N THR N 382 128.49 3.20 81.23
CA THR N 382 129.79 2.53 81.04
C THR N 382 129.68 1.21 80.31
N ALA N 383 128.49 0.59 80.31
CA ALA N 383 128.24 -0.71 79.69
C ALA N 383 128.59 -0.78 78.21
N ILE N 384 128.46 0.31 77.46
CA ILE N 384 128.68 0.31 76.00
C ILE N 384 130.10 -0.09 75.61
N ALA N 385 131.07 0.06 76.51
CA ALA N 385 132.44 -0.39 76.29
C ALA N 385 132.56 -1.90 75.97
N GLU N 386 131.57 -2.72 76.30
CA GLU N 386 131.56 -4.13 75.93
C GLU N 386 131.30 -4.33 74.45
N ALA N 387 130.44 -3.51 73.81
CA ALA N 387 130.26 -3.53 72.36
C ALA N 387 131.53 -3.15 71.58
N TRP N 388 132.42 -2.37 72.20
CA TRP N 388 133.74 -2.06 71.68
C TRP N 388 134.75 -3.18 71.96
N ALA N 389 134.69 -3.80 73.14
CA ALA N 389 135.52 -4.95 73.50
C ALA N 389 135.21 -6.19 72.66
N ARG N 390 133.98 -6.38 72.19
CA ARG N 390 133.63 -7.42 71.21
C ARG N 390 134.36 -7.19 69.90
N LEU N 391 134.25 -6.00 69.35
CA LEU N 391 134.68 -5.73 67.99
C LEU N 391 136.20 -5.58 67.87
N ASP N 392 136.88 -5.02 68.86
CA ASP N 392 138.35 -4.97 68.83
C ASP N 392 139.01 -6.35 69.04
N HIS N 393 138.30 -7.33 69.62
CA HIS N 393 138.69 -8.75 69.61
C HIS N 393 138.46 -9.44 68.26
N LYS N 394 137.49 -9.00 67.45
CA LYS N 394 137.37 -9.43 66.03
C LYS N 394 138.49 -8.85 65.17
N PHE N 395 138.82 -7.57 65.37
CA PHE N 395 139.92 -6.90 64.71
C PHE N 395 141.27 -7.57 64.99
N ASP N 396 141.54 -7.92 66.25
CA ASP N 396 142.82 -8.48 66.66
C ASP N 396 143.17 -9.80 65.97
N LEU N 397 142.21 -10.70 65.78
CA LEU N 397 142.40 -11.97 65.07
C LEU N 397 142.81 -11.79 63.60
N MET N 398 142.24 -10.79 62.93
CA MET N 398 142.52 -10.51 61.53
C MET N 398 143.78 -9.69 61.34
N TYR N 399 144.04 -8.68 62.15
CA TYR N 399 145.25 -7.88 62.02
C TYR N 399 146.52 -8.65 62.44
N SER N 400 146.43 -9.63 63.34
CA SER N 400 147.54 -10.53 63.63
C SER N 400 148.02 -11.34 62.42
N LYS N 401 147.16 -11.56 61.43
CA LYS N 401 147.50 -12.21 60.15
C LYS N 401 147.70 -11.22 59.00
N ARG N 402 147.40 -9.93 59.19
CA ARG N 402 147.19 -8.92 58.14
C ARG N 402 146.13 -9.36 57.12
N ALA N 403 145.09 -10.02 57.60
CA ALA N 403 144.22 -10.92 56.84
C ALA N 403 143.57 -10.34 55.58
N PHE N 404 143.25 -9.06 55.48
CA PHE N 404 142.70 -8.42 54.27
C PHE N 404 143.41 -7.11 53.90
N VAL N 405 144.56 -6.82 54.52
CA VAL N 405 145.17 -5.49 54.56
C VAL N 405 145.64 -4.99 53.19
N HIS N 406 145.95 -5.88 52.25
CA HIS N 406 146.39 -5.49 50.90
C HIS N 406 145.33 -4.73 50.08
N TRP N 407 144.04 -4.90 50.35
CA TRP N 407 142.97 -4.14 49.70
C TRP N 407 142.94 -2.69 50.15
N TYR N 408 143.35 -2.39 51.38
CA TYR N 408 143.38 -1.06 51.98
C TYR N 408 144.68 -0.33 51.64
N VAL N 409 145.81 -1.02 51.77
CA VAL N 409 147.13 -0.53 51.35
C VAL N 409 147.18 -0.32 49.82
N GLY N 410 146.48 -1.15 49.06
CA GLY N 410 146.40 -1.04 47.60
C GLY N 410 145.61 0.17 47.10
N GLU N 411 144.79 0.80 47.94
CA GLU N 411 143.93 1.96 47.60
C GLU N 411 144.33 3.25 48.31
N GLY N 412 145.60 3.35 48.70
CA GLY N 412 146.24 4.57 49.18
C GLY N 412 146.30 4.77 50.68
N MET N 413 145.89 3.79 51.50
CA MET N 413 146.01 3.91 52.96
C MET N 413 147.40 3.53 53.47
N GLU N 414 147.91 4.24 54.48
CA GLU N 414 149.09 3.86 55.25
C GLU N 414 148.81 2.59 56.07
N GLU N 415 149.69 1.58 56.06
CA GLU N 415 149.47 0.36 56.85
C GLU N 415 149.40 0.65 58.36
N GLY N 416 150.17 1.63 58.84
CA GLY N 416 150.20 2.07 60.23
C GLY N 416 148.88 2.65 60.76
N GLU N 417 147.95 3.06 59.89
CA GLU N 417 146.63 3.55 60.33
C GLU N 417 145.81 2.49 61.05
N PHE N 418 146.00 1.20 60.74
CA PHE N 418 145.32 0.11 61.45
C PHE N 418 145.78 0.01 62.91
N SER N 419 147.08 0.14 63.16
CA SER N 419 147.63 0.18 64.52
C SER N 419 147.22 1.46 65.26
N GLU N 420 147.33 2.62 64.60
CA GLU N 420 146.88 3.92 65.09
C GLU N 420 145.37 4.00 65.35
N ALA N 421 144.52 3.22 64.69
CA ALA N 421 143.08 3.12 64.96
C ALA N 421 142.76 2.12 66.10
N ARG N 422 143.43 0.97 66.18
CA ARG N 422 143.26 0.04 67.31
C ARG N 422 143.76 0.63 68.62
N GLU N 423 144.78 1.46 68.54
CA GLU N 423 145.36 2.24 69.65
C GLU N 423 144.38 3.28 70.18
N ASP N 424 143.79 4.08 69.30
CA ASP N 424 142.83 5.11 69.64
C ASP N 424 141.51 4.53 70.17
N MET N 425 141.07 3.36 69.67
CA MET N 425 139.94 2.65 70.26
C MET N 425 140.26 2.16 71.67
N ALA N 426 141.45 1.62 71.94
CA ALA N 426 141.85 1.21 73.29
C ALA N 426 141.90 2.38 74.29
N ALA N 427 142.23 3.59 73.85
CA ALA N 427 142.14 4.80 74.66
C ALA N 427 140.69 5.26 74.93
N LEU N 428 139.73 5.02 74.03
CA LEU N 428 138.30 5.25 74.32
C LEU N 428 137.73 4.18 75.26
N GLU N 429 138.08 2.93 75.04
CA GLU N 429 137.64 1.82 75.90
C GLU N 429 138.23 1.94 77.31
N LYS N 430 139.42 2.54 77.45
CA LYS N 430 140.04 3.00 78.71
C LYS N 430 139.23 4.10 79.37
N ASP N 431 138.90 5.18 78.65
CA ASP N 431 138.14 6.32 79.17
C ASP N 431 136.78 5.92 79.78
N TYR N 432 136.00 5.05 79.12
CA TYR N 432 134.70 4.57 79.65
C TYR N 432 134.82 3.65 80.87
N GLU N 433 135.92 2.94 81.04
CA GLU N 433 136.22 2.17 82.24
C GLU N 433 136.72 3.06 83.39
N GLU N 434 137.51 4.07 83.08
CA GLU N 434 138.10 5.02 84.02
C GLU N 434 137.07 5.88 84.78
N VAL N 435 135.99 6.33 84.12
CA VAL N 435 134.99 7.22 84.74
C VAL N 435 133.91 6.52 85.57
N GLY N 436 133.85 5.19 85.56
CA GLY N 436 132.86 4.43 86.33
C GLY N 436 133.13 4.37 87.84
N THR N 437 134.30 4.82 88.29
CA THR N 437 134.86 4.48 89.60
C THR N 437 134.42 5.46 90.68
N MET O 1 111.70 53.71 17.47
CA MET O 1 112.32 53.73 18.80
C MET O 1 112.67 52.30 19.18
N ARG O 2 113.92 52.08 19.63
CA ARG O 2 114.45 50.80 20.15
C ARG O 2 114.59 49.68 19.13
N GLU O 3 114.85 50.01 17.87
CA GLU O 3 115.11 49.00 16.83
C GLU O 3 116.45 48.27 16.98
N CYS O 4 116.59 47.05 16.46
CA CYS O 4 117.87 46.38 16.25
C CYS O 4 117.92 45.74 14.86
N ILE O 5 119.00 45.99 14.10
CA ILE O 5 119.24 45.31 12.82
C ILE O 5 120.08 44.05 13.08
N SER O 6 119.53 42.88 12.79
CA SER O 6 120.20 41.60 13.01
C SER O 6 120.83 41.09 11.72
N VAL O 7 122.16 40.94 11.67
CA VAL O 7 122.85 40.48 10.44
C VAL O 7 123.42 39.09 10.67
N HIS O 8 122.93 38.14 9.89
CA HIS O 8 123.22 36.72 9.96
C HIS O 8 124.13 36.27 8.82
N VAL O 9 125.40 35.95 9.11
CA VAL O 9 126.46 35.77 8.11
C VAL O 9 126.98 34.33 8.06
N GLY O 10 127.18 33.79 6.85
CA GLY O 10 127.64 32.44 6.62
C GLY O 10 126.64 31.37 7.04
N GLN O 11 127.00 30.09 7.08
CA GLN O 11 126.08 29.01 7.45
C GLN O 11 125.70 29.05 8.94
N ALA O 12 126.66 29.16 9.85
CA ALA O 12 126.39 29.27 11.28
C ALA O 12 125.50 30.45 11.64
N GLY O 13 125.79 31.66 11.15
CA GLY O 13 124.99 32.84 11.45
C GLY O 13 123.58 32.75 10.91
N VAL O 14 123.41 32.25 9.69
CA VAL O 14 122.09 32.02 9.07
C VAL O 14 121.31 30.95 9.80
N GLN O 15 121.93 29.85 10.23
CA GLN O 15 121.23 28.77 10.93
C GLN O 15 120.89 29.13 12.38
N ILE O 16 121.73 29.91 13.07
CA ILE O 16 121.37 30.56 14.33
C ILE O 16 120.22 31.55 14.09
N GLY O 17 120.26 32.32 13.01
CA GLY O 17 119.17 33.19 12.58
C GLY O 17 117.86 32.47 12.37
N ASN O 18 117.87 31.33 11.70
CA ASN O 18 116.70 30.49 11.52
C ASN O 18 116.12 29.93 12.83
N SER O 19 116.88 29.95 13.93
CA SER O 19 116.41 29.69 15.30
C SER O 19 116.00 30.98 16.03
N CYS O 20 116.72 32.09 15.85
CA CYS O 20 116.38 33.40 16.41
C CYS O 20 115.00 33.84 15.92
N TRP O 21 114.77 33.83 14.62
CA TRP O 21 113.50 34.25 14.02
C TRP O 21 112.38 33.23 14.24
N GLU O 22 112.70 31.95 14.45
CA GLU O 22 111.73 30.98 14.94
C GLU O 22 111.22 31.36 16.33
N LEU O 23 112.13 31.76 17.23
CA LEU O 23 111.79 32.20 18.58
C LEU O 23 111.04 33.53 18.58
N TYR O 24 111.58 34.59 17.97
CA TYR O 24 110.99 35.93 18.01
C TYR O 24 109.56 35.93 17.47
N CYS O 25 109.29 35.14 16.44
CA CYS O 25 107.93 34.98 15.92
C CYS O 25 106.98 34.38 16.95
N LEU O 26 107.38 33.34 17.69
CA LEU O 26 106.55 32.77 18.75
C LEU O 26 106.35 33.75 19.91
N GLU O 27 107.41 34.43 20.29
CA GLU O 27 107.43 35.29 21.47
C GLU O 27 106.56 36.55 21.30
N HIS O 28 106.47 37.08 20.08
CA HIS O 28 105.61 38.20 19.68
C HIS O 28 104.28 37.78 19.04
N GLY O 29 104.03 36.48 18.87
CA GLY O 29 102.80 35.96 18.31
C GLY O 29 102.61 36.28 16.83
N LEU O 30 103.68 36.30 16.05
CA LEU O 30 103.70 36.48 14.60
C LEU O 30 103.71 35.10 13.94
N GLN O 31 102.80 34.87 13.00
CA GLN O 31 102.73 33.67 12.18
C GLN O 31 103.97 33.55 11.29
N PRO O 32 104.34 32.35 10.80
CA PRO O 32 105.48 32.21 9.90
C PRO O 32 105.28 32.88 8.53
N ASP O 33 104.07 33.34 8.17
CA ASP O 33 103.80 34.20 7.01
C ASP O 33 103.90 35.71 7.32
N GLY O 34 104.36 36.07 8.51
CA GLY O 34 104.51 37.44 9.00
C GLY O 34 103.24 38.12 9.49
N THR O 35 102.06 37.49 9.43
CA THR O 35 100.82 38.10 9.94
C THR O 35 100.66 37.93 11.46
N MET O 36 99.79 38.70 12.12
CA MET O 36 99.61 38.67 13.58
C MET O 36 98.12 38.71 13.98
N PRO O 37 97.52 37.58 14.40
CA PRO O 37 96.13 37.54 14.82
C PRO O 37 95.92 38.17 16.21
N SER O 38 94.66 38.40 16.59
CA SER O 38 94.27 38.93 17.90
C SER O 38 92.93 38.35 18.38
N ASP O 46 100.50 47.11 20.75
CA ASP O 46 101.29 47.24 21.93
C ASP O 46 102.77 47.60 21.66
N SER O 47 103.19 47.53 20.39
CA SER O 47 104.53 47.83 19.87
C SER O 47 105.70 47.05 20.50
N SER O 48 105.45 45.94 21.18
CA SER O 48 106.53 45.10 21.73
C SER O 48 107.42 44.47 20.64
N PHE O 49 106.82 44.09 19.50
CA PHE O 49 107.51 43.56 18.32
C PHE O 49 108.43 44.58 17.63
N GLY O 50 108.31 45.89 17.89
CA GLY O 50 108.93 46.92 17.06
C GLY O 50 110.45 46.84 17.01
N THR O 51 111.09 46.28 18.05
CA THR O 51 112.55 46.16 18.08
C THR O 51 113.07 45.29 16.94
N PHE O 52 112.33 44.23 16.61
CA PHE O 52 112.71 43.21 15.65
C PHE O 52 111.87 43.21 14.38
N PHE O 53 110.70 43.83 14.33
CA PHE O 53 109.86 43.79 13.14
C PHE O 53 109.36 45.17 12.72
N SER O 54 109.56 45.52 11.45
CA SER O 54 108.86 46.59 10.76
C SER O 54 107.42 46.15 10.43
N GLU O 55 106.39 46.99 10.59
CA GLU O 55 105.00 46.64 10.28
C GLU O 55 104.54 47.38 9.02
N THR O 56 104.06 46.65 8.01
CA THR O 56 103.46 47.23 6.79
C THR O 56 101.93 47.31 6.90
N GLY O 57 101.30 48.20 6.14
CA GLY O 57 99.87 48.53 6.26
C GLY O 57 98.89 47.38 6.06
N SER O 58 99.31 46.30 5.39
CA SER O 58 98.54 45.06 5.29
C SER O 58 98.38 44.32 6.62
N GLY O 59 99.10 44.71 7.68
CA GLY O 59 99.19 43.99 8.95
C GLY O 59 100.19 42.85 8.92
N LYS O 60 101.23 42.99 8.09
CA LYS O 60 102.34 42.06 7.94
C LYS O 60 103.57 42.63 8.65
N HIS O 61 104.17 41.85 9.54
CA HIS O 61 105.37 42.18 10.29
C HIS O 61 106.56 41.53 9.61
N VAL O 62 107.48 42.35 9.13
CA VAL O 62 108.66 41.97 8.35
C VAL O 62 109.90 42.14 9.22
N PRO O 63 110.76 41.15 9.37
CA PRO O 63 111.88 41.22 10.29
C PRO O 63 112.95 42.23 9.89
N ARG O 64 113.53 42.91 10.87
CA ARG O 64 114.70 43.80 10.74
C ARG O 64 115.98 42.97 10.73
N ALA O 65 116.11 42.12 9.71
CA ALA O 65 117.20 41.18 9.55
C ALA O 65 117.79 41.20 8.15
N VAL O 66 119.08 40.96 8.04
CA VAL O 66 119.76 40.69 6.77
C VAL O 66 120.41 39.32 6.89
N PHE O 67 120.20 38.44 5.90
CA PHE O 67 120.85 37.14 5.84
C PHE O 67 121.84 37.16 4.68
N VAL O 68 123.12 36.87 4.92
CA VAL O 68 124.17 36.94 3.91
C VAL O 68 124.99 35.67 3.90
N ASP O 69 125.18 35.09 2.72
CA ASP O 69 126.04 33.95 2.51
C ASP O 69 126.68 34.09 1.12
N LEU O 70 127.93 33.68 0.95
CA LEU O 70 128.60 33.83 -0.34
C LEU O 70 128.20 32.72 -1.33
N GLU O 71 127.64 31.63 -0.84
CA GLU O 71 127.05 30.52 -1.61
C GLU O 71 125.52 30.41 -1.39
N GLN O 72 124.77 29.79 -2.33
CA GLN O 72 123.32 29.84 -2.30
C GLN O 72 122.65 28.87 -1.35
N THR O 73 123.29 27.79 -0.90
CA THR O 73 122.59 26.57 -0.45
C THR O 73 121.72 26.75 0.79
N VAL O 74 122.25 27.42 1.81
CA VAL O 74 121.59 27.60 3.11
C VAL O 74 120.49 28.66 3.05
N ILE O 75 120.71 29.78 2.35
CA ILE O 75 119.67 30.80 2.17
C ILE O 75 118.60 30.35 1.17
N GLY O 76 118.91 29.57 0.13
CA GLY O 76 117.87 28.96 -0.72
C GLY O 76 116.95 28.03 0.06
N GLU O 77 117.42 27.47 1.17
CA GLU O 77 116.61 26.67 2.07
C GLU O 77 115.69 27.56 2.94
N ILE O 78 116.17 28.72 3.39
CA ILE O 78 115.36 29.76 4.06
C ILE O 78 114.30 30.31 3.10
N ARG O 79 114.64 30.55 1.83
CA ARG O 79 113.72 30.94 0.74
C ARG O 79 112.70 29.86 0.33
N ASN O 80 112.72 28.67 0.91
CA ASN O 80 111.86 27.53 0.51
C ASN O 80 111.10 26.90 1.68
N GLY O 81 111.65 26.96 2.89
CA GLY O 81 111.04 26.44 4.12
C GLY O 81 109.91 27.31 4.67
N PRO O 82 109.46 27.02 5.89
CA PRO O 82 108.28 27.67 6.50
C PRO O 82 108.38 29.19 6.62
N TYR O 83 109.58 29.76 6.64
CA TYR O 83 109.79 31.20 6.74
C TYR O 83 109.98 31.91 5.39
N ARG O 84 109.71 31.27 4.25
CA ARG O 84 109.81 31.90 2.92
C ARG O 84 108.98 33.19 2.75
N SER O 85 107.86 33.29 3.44
CA SER O 85 106.94 34.44 3.45
C SER O 85 107.23 35.45 4.57
N LEU O 86 108.14 35.19 5.49
CA LEU O 86 108.47 36.12 6.56
C LEU O 86 109.36 37.27 6.06
N PHE O 87 110.47 36.93 5.44
CA PHE O 87 111.52 37.87 5.06
C PHE O 87 111.20 38.58 3.76
N HIS O 88 111.67 39.83 3.64
CA HIS O 88 111.72 40.55 2.38
C HIS O 88 112.69 39.83 1.42
N PRO O 89 112.30 39.54 0.17
CA PRO O 89 113.09 38.66 -0.70
C PRO O 89 114.48 39.19 -1.06
N GLU O 90 114.71 40.52 -1.06
CA GLU O 90 116.02 41.10 -1.35
C GLU O 90 116.92 41.33 -0.11
N GLN O 91 116.47 40.98 1.10
CA GLN O 91 117.35 40.96 2.29
C GLN O 91 117.82 39.55 2.69
N LEU O 92 117.43 38.55 1.92
CA LEU O 92 118.07 37.24 1.83
C LEU O 92 119.09 37.30 0.66
N ILE O 93 120.37 37.52 0.94
CA ILE O 93 121.38 37.89 -0.07
C ILE O 93 122.36 36.74 -0.30
N THR O 94 122.58 36.37 -1.55
CA THR O 94 123.46 35.26 -1.93
C THR O 94 124.39 35.61 -3.09
N GLY O 95 125.60 35.08 -3.06
CA GLY O 95 126.52 35.00 -4.19
C GLY O 95 126.43 33.67 -4.94
N LYS O 96 127.30 33.51 -5.94
CA LYS O 96 127.51 32.27 -6.72
C LYS O 96 128.54 31.32 -6.08
N GLU O 97 129.56 31.85 -5.43
CA GLU O 97 130.80 31.15 -5.09
C GLU O 97 131.03 31.05 -3.58
N ASP O 98 131.19 29.84 -3.08
CA ASP O 98 131.58 29.53 -1.70
C ASP O 98 132.92 30.20 -1.32
N ALA O 99 133.09 30.62 -0.06
CA ALA O 99 134.34 31.16 0.49
C ALA O 99 135.40 30.11 0.90
N ALA O 100 135.08 28.82 0.82
CA ALA O 100 135.98 27.69 0.93
C ALA O 100 136.76 27.58 2.25
N ASN O 101 136.21 28.07 3.36
CA ASN O 101 136.89 28.18 4.65
C ASN O 101 138.20 28.96 4.54
N ASN O 102 138.26 29.90 3.60
CA ASN O 102 139.41 30.74 3.36
C ASN O 102 139.03 32.19 3.68
N TYR O 103 139.60 32.78 4.74
CA TYR O 103 139.36 34.19 5.11
C TYR O 103 139.52 35.15 3.94
N ALA O 104 140.52 34.94 3.09
CA ALA O 104 140.86 35.84 2.03
C ALA O 104 139.84 35.84 0.89
N ARG O 105 139.13 34.73 0.63
CA ARG O 105 137.99 34.74 -0.29
C ARG O 105 136.84 35.54 0.29
N GLY O 106 136.56 35.39 1.58
CA GLY O 106 135.50 36.15 2.22
C GLY O 106 135.76 37.66 2.21
N HIS O 107 136.96 38.06 2.57
CA HIS O 107 137.35 39.45 2.74
C HIS O 107 137.79 40.18 1.45
N TYR O 108 138.65 39.57 0.62
CA TYR O 108 139.34 40.26 -0.47
C TYR O 108 138.79 39.99 -1.87
N THR O 109 138.28 38.79 -2.14
CA THR O 109 138.06 38.31 -3.51
C THR O 109 136.59 38.08 -3.87
N ILE O 110 135.83 37.34 -3.07
CA ILE O 110 134.43 36.98 -3.35
C ILE O 110 133.45 37.92 -2.65
N GLY O 111 133.65 38.18 -1.36
CA GLY O 111 132.79 39.09 -0.60
C GLY O 111 132.90 40.55 -1.02
N LYS O 112 134.03 40.93 -1.60
CA LYS O 112 134.28 42.20 -2.31
C LYS O 112 133.21 42.55 -3.35
N GLU O 113 132.53 41.55 -3.92
CA GLU O 113 131.45 41.77 -4.88
C GLU O 113 130.06 41.97 -4.27
N LEU O 114 129.71 41.23 -3.21
CA LEU O 114 128.38 41.30 -2.58
C LEU O 114 128.26 42.44 -1.55
N ILE O 115 129.36 42.98 -1.03
CA ILE O 115 129.35 43.93 0.10
C ILE O 115 128.50 45.19 -0.15
N ASP O 116 128.60 45.81 -1.31
CA ASP O 116 127.88 47.06 -1.60
C ASP O 116 126.36 46.84 -1.80
N SER O 117 125.92 45.59 -2.00
CA SER O 117 124.54 45.17 -1.96
C SER O 117 124.08 44.86 -0.53
N VAL O 118 124.94 44.27 0.30
CA VAL O 118 124.67 44.03 1.72
C VAL O 118 124.46 45.35 2.47
N LEU O 119 125.32 46.33 2.22
CA LEU O 119 125.20 47.66 2.80
C LEU O 119 123.92 48.39 2.39
N ASP O 120 123.47 48.20 1.14
CA ASP O 120 122.28 48.86 0.61
C ASP O 120 121.00 48.41 1.32
N ARG O 121 120.91 47.12 1.64
CA ARG O 121 119.86 46.59 2.52
C ARG O 121 119.95 47.11 3.94
N VAL O 122 121.15 47.17 4.54
CA VAL O 122 121.30 47.68 5.90
C VAL O 122 120.92 49.17 5.96
N ARG O 123 121.28 49.98 4.95
CA ARG O 123 120.81 51.35 4.79
C ARG O 123 119.28 51.45 4.70
N LYS O 124 118.63 50.66 3.84
CA LYS O 124 117.16 50.62 3.73
C LYS O 124 116.46 50.10 5.00
N MET O 125 117.13 49.38 5.89
CA MET O 125 116.60 49.01 7.21
C MET O 125 116.79 50.13 8.24
N ALA O 126 117.97 50.74 8.30
CA ALA O 126 118.29 51.81 9.22
C ALA O 126 117.44 53.05 8.96
N ASP O 127 117.15 53.38 7.70
CA ASP O 127 116.24 54.47 7.34
C ASP O 127 114.76 54.22 7.73
N GLN O 128 114.37 52.99 8.07
CA GLN O 128 113.06 52.65 8.66
C GLN O 128 113.08 52.65 10.19
N CYS O 129 114.24 52.75 10.84
CA CYS O 129 114.38 52.90 12.29
C CYS O 129 114.24 54.37 12.71
N SER O 130 113.93 54.58 13.99
CA SER O 130 113.86 55.91 14.63
C SER O 130 114.50 55.78 16.00
N GLY O 131 115.78 56.11 16.13
CA GLY O 131 116.56 55.72 17.29
C GLY O 131 116.86 54.21 17.29
N LEU O 132 117.58 53.77 16.26
CA LEU O 132 118.18 52.44 16.16
C LEU O 132 119.11 52.19 17.35
N GLN O 133 118.92 51.10 18.07
CA GLN O 133 119.64 50.81 19.30
C GLN O 133 121.04 50.26 19.05
N GLY O 134 121.19 49.44 18.01
CA GLY O 134 122.43 48.81 17.62
C GLY O 134 122.26 47.73 16.55
N PHE O 135 123.32 46.97 16.33
CA PHE O 135 123.39 45.82 15.42
C PHE O 135 123.60 44.53 16.21
N LEU O 136 122.96 43.44 15.80
CA LEU O 136 123.21 42.10 16.35
C LEU O 136 123.82 41.25 15.24
N VAL O 137 125.14 41.01 15.26
CA VAL O 137 125.84 40.32 14.17
C VAL O 137 126.20 38.87 14.53
N PHE O 138 125.65 37.90 13.80
CA PHE O 138 125.78 36.46 14.05
C PHE O 138 126.68 35.77 13.04
N HIS O 139 127.70 35.04 13.49
CA HIS O 139 128.68 34.42 12.61
C HIS O 139 129.51 33.31 13.25
N SER O 140 130.23 32.57 12.42
CA SER O 140 131.25 31.60 12.80
C SER O 140 132.64 32.25 12.72
N PHE O 141 133.48 32.06 13.73
CA PHE O 141 134.89 32.46 13.69
C PHE O 141 135.73 31.58 12.75
N GLY O 142 135.31 30.33 12.52
CA GLY O 142 136.06 29.35 11.74
C GLY O 142 135.78 29.36 10.24
N GLY O 143 134.64 29.89 9.83
CA GLY O 143 134.24 30.00 8.44
C GLY O 143 135.05 30.99 7.60
N GLY O 144 135.05 30.82 6.28
CA GLY O 144 135.56 31.79 5.33
C GLY O 144 134.63 32.99 5.18
N THR O 145 133.33 32.77 5.03
CA THR O 145 132.32 33.84 5.06
C THR O 145 132.17 34.40 6.47
N GLY O 146 132.07 33.55 7.47
CA GLY O 146 132.03 33.89 8.88
C GLY O 146 133.12 34.86 9.33
N SER O 147 134.39 34.61 9.05
CA SER O 147 135.51 35.50 9.40
C SER O 147 135.75 36.63 8.39
N GLY O 148 135.92 36.31 7.12
CA GLY O 148 136.30 37.24 6.09
C GLY O 148 135.19 38.18 5.66
N PHE O 149 133.95 37.70 5.52
CA PHE O 149 132.88 38.59 5.14
C PHE O 149 132.40 39.45 6.31
N THR O 150 132.30 38.90 7.52
CA THR O 150 131.96 39.71 8.70
C THR O 150 132.98 40.80 8.93
N SER O 151 134.27 40.52 8.75
CA SER O 151 135.33 41.52 8.91
C SER O 151 135.35 42.58 7.81
N LEU O 152 134.91 42.24 6.60
CA LEU O 152 134.66 43.21 5.53
C LEU O 152 133.45 44.09 5.85
N LEU O 153 132.34 43.50 6.26
CA LEU O 153 131.14 44.23 6.63
C LEU O 153 131.33 45.14 7.84
N MET O 154 131.89 44.64 8.94
CA MET O 154 132.10 45.45 10.14
C MET O 154 132.97 46.69 9.90
N GLU O 155 133.99 46.60 9.06
CA GLU O 155 134.84 47.74 8.72
C GLU O 155 134.03 48.85 8.06
N ARG O 156 133.06 48.51 7.23
CA ARG O 156 132.12 49.44 6.60
C ARG O 156 131.11 50.01 7.58
N LEU O 157 130.45 49.16 8.37
CA LEU O 157 129.48 49.63 9.36
C LEU O 157 130.14 50.51 10.44
N SER O 158 131.42 50.36 10.73
CA SER O 158 132.12 51.16 11.74
C SER O 158 132.58 52.53 11.23
N VAL O 159 132.53 52.81 9.93
CA VAL O 159 132.62 54.16 9.35
C VAL O 159 131.24 54.72 9.01
N ASP O 160 130.30 53.90 8.55
CA ASP O 160 128.95 54.34 8.21
C ASP O 160 128.05 54.64 9.41
N TYR O 161 128.16 53.90 10.50
CA TYR O 161 127.32 53.98 11.70
C TYR O 161 128.19 54.05 12.98
N GLY O 162 129.17 54.94 13.01
CA GLY O 162 130.21 54.91 14.04
C GLY O 162 129.74 54.95 15.50
N LYS O 163 128.65 55.68 15.80
CA LYS O 163 128.09 55.78 17.16
C LYS O 163 127.36 54.53 17.64
N LYS O 164 126.72 53.78 16.73
CA LYS O 164 125.79 52.68 17.04
C LYS O 164 126.49 51.45 17.62
N SER O 165 125.95 50.88 18.69
CA SER O 165 126.54 49.70 19.35
C SER O 165 126.48 48.45 18.49
N LYS O 166 127.61 47.78 18.27
CA LYS O 166 127.72 46.55 17.48
C LYS O 166 127.97 45.38 18.41
N LEU O 167 126.91 44.62 18.68
CA LEU O 167 126.93 43.40 19.49
C LEU O 167 127.14 42.23 18.56
N GLU O 168 127.96 41.27 18.97
CA GLU O 168 128.43 40.26 18.03
C GLU O 168 128.46 38.88 18.68
N PHE O 169 127.76 37.92 18.06
CA PHE O 169 127.60 36.57 18.58
C PHE O 169 128.38 35.60 17.72
N SER O 170 129.42 35.02 18.29
CA SER O 170 130.42 34.27 17.56
C SER O 170 130.49 32.82 17.99
N VAL O 171 130.30 31.89 17.06
CA VAL O 171 130.67 30.50 17.29
C VAL O 171 132.17 30.32 17.07
N TYR O 172 132.89 30.03 18.15
CA TYR O 172 134.33 30.06 18.30
C TYR O 172 134.92 28.65 18.36
N PRO O 173 136.11 28.37 17.82
CA PRO O 173 136.73 27.04 17.90
C PRO O 173 136.92 26.45 19.31
N ALA O 174 136.71 25.15 19.44
CA ALA O 174 136.73 24.40 20.69
C ALA O 174 138.13 23.88 21.08
N PRO O 175 138.32 23.37 22.31
CA PRO O 175 139.54 22.65 22.67
C PRO O 175 139.82 21.44 21.78
N ARG O 176 138.84 20.56 21.53
CA ARG O 176 139.03 19.30 20.79
C ARG O 176 138.14 19.19 19.53
N ILE O 177 136.86 19.51 19.64
CA ILE O 177 135.90 19.53 18.52
C ILE O 177 136.27 20.58 17.48
N SER O 178 136.39 20.15 16.23
CA SER O 178 136.68 21.03 15.11
C SER O 178 136.12 20.41 13.83
N THR O 179 135.77 21.23 12.85
CA THR O 179 135.17 20.79 11.58
C THR O 179 136.06 21.05 10.38
N ALA O 180 137.18 21.74 10.57
CA ALA O 180 138.07 22.26 9.55
C ALA O 180 139.51 22.19 10.05
N VAL O 181 140.45 22.09 9.11
CA VAL O 181 141.87 22.11 9.40
C VAL O 181 142.35 23.55 9.62
N VAL O 182 141.77 24.51 8.90
CA VAL O 182 142.17 25.93 8.86
C VAL O 182 141.36 26.85 9.80
N GLU O 183 140.51 26.29 10.66
CA GLU O 183 139.75 26.99 11.72
C GLU O 183 140.62 27.93 12.61
N PRO O 184 141.86 27.57 13.02
CA PRO O 184 142.76 28.47 13.74
C PRO O 184 143.23 29.70 12.95
N TYR O 185 143.46 29.57 11.64
CA TYR O 185 143.84 30.67 10.78
C TYR O 185 142.72 31.69 10.63
N ASN O 186 141.49 31.24 10.37
CA ASN O 186 140.35 32.14 10.18
C ASN O 186 139.99 32.89 11.47
N SER O 187 140.10 32.21 12.61
CA SER O 187 139.80 32.81 13.91
C SER O 187 140.79 33.88 14.32
N ILE O 188 142.09 33.63 14.18
CA ILE O 188 143.15 34.61 14.51
C ILE O 188 143.08 35.83 13.58
N LEU O 189 142.86 35.65 12.28
CA LEU O 189 142.64 36.76 11.33
C LEU O 189 141.38 37.60 11.67
N THR O 190 140.39 37.03 12.35
CA THR O 190 139.20 37.75 12.82
C THR O 190 139.46 38.66 14.04
N THR O 191 140.51 38.43 14.83
CA THR O 191 140.73 39.17 16.10
C THR O 191 140.89 40.69 15.94
N HIS O 192 141.26 41.20 14.77
CA HIS O 192 141.23 42.64 14.49
C HIS O 192 139.80 43.19 14.40
N THR O 193 138.87 42.38 13.90
CA THR O 193 137.47 42.76 13.71
C THR O 193 136.83 43.00 15.06
N THR O 194 136.91 42.00 15.94
CA THR O 194 136.36 42.10 17.27
C THR O 194 137.04 43.17 18.10
N LEU O 195 138.38 43.31 18.07
CA LEU O 195 139.04 44.37 18.81
C LEU O 195 138.68 45.79 18.34
N GLU O 196 138.70 46.08 17.04
CA GLU O 196 138.59 47.44 16.54
C GLU O 196 137.17 47.85 16.13
N HIS O 197 136.35 46.93 15.63
CA HIS O 197 135.05 47.21 14.99
C HIS O 197 133.86 46.49 15.63
N SER O 198 133.92 46.24 16.93
CA SER O 198 132.86 45.62 17.73
C SER O 198 132.81 46.26 19.09
N ASP O 199 131.68 46.25 19.78
CA ASP O 199 131.51 46.89 21.09
C ASP O 199 131.26 45.89 22.22
N CYS O 200 130.70 44.73 21.93
CA CYS O 200 130.58 43.63 22.89
C CYS O 200 130.45 42.30 22.14
N ALA O 201 131.42 41.40 22.34
CA ALA O 201 131.55 40.20 21.53
C ALA O 201 131.37 38.92 22.36
N PHE O 202 130.25 38.25 22.16
CA PHE O 202 129.84 37.04 22.86
C PHE O 202 130.38 35.80 22.14
N MET O 203 131.51 35.31 22.60
CA MET O 203 132.08 34.02 22.17
C MET O 203 131.23 32.88 22.71
N VAL O 204 130.94 31.90 21.87
CA VAL O 204 130.23 30.66 22.19
C VAL O 204 131.00 29.48 21.58
N ASP O 205 130.91 28.30 22.16
CA ASP O 205 131.65 27.11 21.77
C ASP O 205 130.71 25.90 21.56
N ASN O 206 130.87 25.21 20.42
CA ASN O 206 130.07 24.02 20.11
C ASN O 206 130.28 22.91 21.15
N GLU O 207 131.48 22.70 21.65
CA GLU O 207 131.78 21.58 22.55
C GLU O 207 131.23 21.78 23.95
N ALA O 208 131.15 23.02 24.42
CA ALA O 208 130.56 23.39 25.69
C ALA O 208 129.04 23.22 25.68
N ILE O 209 128.37 23.66 24.60
CA ILE O 209 126.94 23.40 24.47
C ILE O 209 126.66 21.91 24.28
N TYR O 210 127.48 21.17 23.54
CA TYR O 210 127.30 19.72 23.46
C TYR O 210 127.33 19.06 24.84
N ASP O 211 128.17 19.53 25.77
CA ASP O 211 128.25 18.98 27.12
C ASP O 211 127.07 19.43 28.01
N ILE O 212 126.65 20.70 27.89
CA ILE O 212 125.41 21.19 28.50
C ILE O 212 124.22 20.35 28.05
N CYS O 213 124.10 20.04 26.77
CA CYS O 213 123.02 19.21 26.24
C CYS O 213 123.01 17.83 26.88
N ASN O 214 124.19 17.21 27.02
CA ASN O 214 124.35 15.87 27.59
C ASN O 214 123.97 15.82 29.06
N ARG O 215 124.36 16.82 29.85
CA ARG O 215 124.22 16.85 31.32
C ARG O 215 122.91 17.43 31.85
N ASN O 216 122.29 18.36 31.13
CA ASN O 216 121.11 19.10 31.58
C ASN O 216 119.84 18.79 30.81
N LEU O 217 119.92 18.62 29.49
CA LEU O 217 118.77 18.22 28.66
C LEU O 217 118.64 16.69 28.56
N ASP O 218 119.70 15.97 28.93
CA ASP O 218 119.86 14.52 28.81
C ASP O 218 119.71 13.97 27.39
N ILE O 219 119.81 14.81 26.36
CA ILE O 219 119.90 14.36 24.98
C ILE O 219 121.31 13.85 24.73
N GLU O 220 121.42 12.59 24.32
CA GLU O 220 122.71 11.87 24.26
C GLU O 220 123.56 12.29 23.05
N ARG O 221 122.90 12.65 21.94
CA ARG O 221 123.46 12.91 20.61
C ARG O 221 122.77 14.11 19.90
N PRO O 222 123.05 15.37 20.25
CA PRO O 222 122.42 16.52 19.64
C PRO O 222 122.96 16.92 18.26
N SER O 223 122.11 17.54 17.46
CA SER O 223 122.39 18.20 16.19
C SER O 223 122.76 19.68 16.40
N TYR O 224 122.93 20.44 15.33
CA TYR O 224 123.00 21.89 15.45
C TYR O 224 121.67 22.55 15.77
N THR O 225 120.51 21.95 15.46
CA THR O 225 119.24 22.58 15.82
C THR O 225 119.12 22.74 17.34
N ASN O 226 119.67 21.80 18.11
CA ASN O 226 119.69 21.86 19.57
C ASN O 226 120.61 22.98 20.09
N LEU O 227 121.73 23.25 19.43
CA LEU O 227 122.65 24.32 19.80
C LEU O 227 122.05 25.69 19.50
N ASN O 228 121.52 25.87 18.30
CA ASN O 228 120.98 27.13 17.86
C ASN O 228 119.78 27.55 18.71
N ARG O 229 118.97 26.59 19.15
CA ARG O 229 117.87 26.86 20.10
C ARG O 229 118.33 27.29 21.48
N LEU O 230 119.58 27.07 21.89
CA LEU O 230 120.17 27.68 23.10
C LEU O 230 120.79 29.06 22.81
N ILE O 231 121.45 29.22 21.67
CA ILE O 231 122.12 30.47 21.31
C ILE O 231 121.11 31.59 21.03
N ALA O 232 119.97 31.27 20.42
CA ALA O 232 118.89 32.24 20.23
C ALA O 232 118.24 32.62 21.56
N GLN O 233 118.09 31.69 22.48
CA GLN O 233 117.46 31.95 23.78
C GLN O 233 118.23 33.00 24.58
N ILE O 234 119.56 33.01 24.51
CA ILE O 234 120.37 34.07 25.12
C ILE O 234 120.09 35.43 24.49
N VAL O 235 120.00 35.55 23.17
CA VAL O 235 119.74 36.86 22.53
C VAL O 235 118.32 37.35 22.78
N SER O 236 117.33 36.47 22.88
CA SER O 236 116.01 36.86 23.34
C SER O 236 116.09 37.50 24.73
N SER O 237 116.92 36.95 25.62
CA SER O 237 117.08 37.44 26.99
C SER O 237 117.92 38.73 27.09
N ILE O 238 118.91 38.93 26.22
CA ILE O 238 119.62 40.20 26.08
C ILE O 238 118.67 41.28 25.58
N THR O 239 117.83 40.97 24.60
CA THR O 239 116.89 41.94 24.03
C THR O 239 115.59 42.06 24.81
N ALA O 240 115.28 41.21 25.78
CA ALA O 240 113.98 41.24 26.45
C ALA O 240 113.65 42.59 27.09
N SER O 241 114.62 43.27 27.69
CA SER O 241 114.43 44.62 28.25
C SER O 241 114.16 45.71 27.21
N LEU O 242 114.50 45.47 25.96
CA LEU O 242 114.22 46.35 24.84
C LEU O 242 112.77 46.18 24.35
N ARG O 243 112.22 44.98 24.54
CA ARG O 243 110.96 44.48 23.99
C ARG O 243 109.78 44.49 24.97
N PHE O 244 110.03 44.46 26.28
CA PHE O 244 109.01 44.15 27.30
C PHE O 244 109.05 45.02 28.57
N ASP O 245 108.00 44.98 29.38
CA ASP O 245 108.00 45.60 30.70
C ASP O 245 108.79 44.77 31.73
N GLY O 246 109.41 45.43 32.69
CA GLY O 246 110.20 44.82 33.75
C GLY O 246 110.30 45.70 35.00
N ALA O 247 110.79 45.13 36.10
CA ALA O 247 111.04 45.88 37.32
C ALA O 247 112.31 46.75 37.20
N LEU O 248 113.30 46.25 36.47
CA LEU O 248 114.62 46.86 36.27
C LEU O 248 115.06 46.61 34.82
N ASN O 249 114.41 47.24 33.85
CA ASN O 249 114.78 47.09 32.44
C ASN O 249 116.19 47.64 32.18
N VAL O 250 116.96 46.98 31.30
CA VAL O 250 118.34 47.32 30.94
C VAL O 250 118.43 47.75 29.48
N ASP O 251 118.88 48.98 29.23
CA ASP O 251 119.16 49.49 27.89
C ASP O 251 120.41 48.82 27.27
N LEU O 252 120.49 48.74 25.95
CA LEU O 252 121.62 48.08 25.27
C LEU O 252 122.99 48.75 25.54
N THR O 253 123.04 50.04 25.88
CA THR O 253 124.23 50.76 26.34
C THR O 253 124.42 50.78 27.85
N GLU O 254 123.34 50.71 28.62
CA GLU O 254 123.38 50.48 30.06
C GLU O 254 124.05 49.14 30.39
N PHE O 255 123.76 48.13 29.59
CA PHE O 255 124.40 46.83 29.59
C PHE O 255 125.92 46.96 29.43
N GLN O 256 126.38 47.63 28.39
CA GLN O 256 127.80 47.86 28.10
C GLN O 256 128.51 48.70 29.17
N THR O 257 127.87 49.72 29.72
CA THR O 257 128.46 50.56 30.79
C THR O 257 128.77 49.79 32.07
N ASN O 258 128.12 48.65 32.31
CA ASN O 258 128.38 47.75 33.43
C ASN O 258 129.21 46.52 33.06
N LEU O 259 129.14 46.01 31.83
CA LEU O 259 129.93 44.88 31.37
C LEU O 259 131.39 45.26 31.10
N VAL O 260 131.65 46.40 30.47
CA VAL O 260 132.93 46.72 29.85
C VAL O 260 133.73 47.68 30.74
N PRO O 261 134.75 47.21 31.49
CA PRO O 261 135.56 48.08 32.35
C PRO O 261 136.58 48.92 31.60
N TYR O 262 137.06 48.47 30.46
CA TYR O 262 138.12 49.11 29.69
C TYR O 262 137.81 48.97 28.19
N PRO O 263 138.25 49.88 27.32
CA PRO O 263 137.82 49.90 25.92
C PRO O 263 137.96 48.58 25.18
N ARG O 264 139.02 47.79 25.45
CA ARG O 264 139.29 46.54 24.71
C ARG O 264 138.80 45.28 25.42
N ILE O 265 138.23 45.42 26.61
CA ILE O 265 137.87 44.32 27.51
C ILE O 265 136.36 44.11 27.47
N HIS O 266 135.91 43.65 26.31
CA HIS O 266 134.51 43.58 25.93
C HIS O 266 134.13 42.20 25.40
N PHE O 267 134.83 41.17 25.87
CA PHE O 267 134.59 39.76 25.56
C PHE O 267 134.02 39.03 26.78
N PRO O 268 132.74 39.22 27.13
CA PRO O 268 132.12 38.49 28.19
C PRO O 268 131.84 37.04 27.79
N LEU O 269 131.88 36.14 28.78
CA LEU O 269 131.17 34.88 28.71
C LEU O 269 129.67 35.13 28.78
N VAL O 270 128.91 34.13 28.35
CA VAL O 270 127.47 34.07 28.50
C VAL O 270 127.07 32.68 29.01
N THR O 271 126.00 32.61 29.78
CA THR O 271 125.37 31.38 30.25
C THR O 271 123.88 31.62 30.49
N TYR O 272 123.09 30.56 30.53
CA TYR O 272 121.65 30.62 30.69
C TYR O 272 121.23 29.58 31.72
N SER O 273 120.26 29.88 32.58
CA SER O 273 119.70 28.92 33.50
C SER O 273 118.21 29.16 33.71
N PRO O 274 117.43 28.10 33.98
CA PRO O 274 117.83 26.71 33.95
C PRO O 274 117.79 26.14 32.53
N ILE O 275 118.87 25.55 32.04
CA ILE O 275 118.74 24.59 30.94
C ILE O 275 118.19 23.30 31.54
N ILE O 276 117.02 22.85 31.12
CA ILE O 276 116.35 21.72 31.78
C ILE O 276 115.37 21.01 30.85
N SER O 277 115.21 19.70 30.96
CA SER O 277 114.21 18.93 30.23
C SER O 277 112.92 18.76 31.02
N ALA O 278 111.85 18.35 30.35
CA ALA O 278 110.57 18.05 30.99
C ALA O 278 110.63 16.83 31.95
N GLU O 279 111.69 16.02 31.92
CA GLU O 279 111.85 14.90 32.85
C GLU O 279 112.17 15.38 34.26
N LYS O 280 112.84 16.53 34.39
CA LYS O 280 113.40 17.04 35.65
C LYS O 280 112.77 18.36 36.11
N ALA O 281 112.24 19.18 35.20
CA ALA O 281 111.69 20.48 35.56
C ALA O 281 110.54 20.43 36.55
N TYR O 282 109.79 19.32 36.63
CA TYR O 282 108.73 19.10 37.61
C TYR O 282 109.21 18.56 38.96
N HIS O 283 110.51 18.31 39.17
CA HIS O 283 111.06 17.82 40.44
C HIS O 283 112.08 18.76 41.08
N GLU O 284 112.81 19.53 40.29
CA GLU O 284 113.63 20.65 40.77
C GLU O 284 112.75 21.79 41.31
N GLN O 285 113.20 22.57 42.29
CA GLN O 285 112.45 23.77 42.69
C GLN O 285 112.56 24.91 41.67
N LEU O 286 113.73 25.11 41.03
CA LEU O 286 113.96 26.25 40.15
C LEU O 286 113.60 27.59 40.82
N SER O 287 113.89 27.69 42.11
CA SER O 287 113.86 28.93 42.86
C SER O 287 114.93 29.90 42.35
N VAL O 288 114.77 31.19 42.61
CA VAL O 288 115.73 32.21 42.16
C VAL O 288 117.13 31.94 42.68
N PRO O 289 117.28 31.43 43.89
CA PRO O 289 118.59 31.07 44.45
C PRO O 289 119.30 30.00 43.60
N GLU O 290 118.60 28.96 43.14
CA GLU O 290 119.21 27.86 42.39
C GLU O 290 119.64 28.28 40.99
N ILE O 291 118.77 28.96 40.24
CA ILE O 291 119.09 29.40 38.88
C ILE O 291 120.13 30.52 38.86
N THR O 292 120.29 31.28 39.94
CA THR O 292 121.43 32.19 40.09
C THR O 292 122.73 31.42 40.27
N ASN O 293 122.76 30.48 41.22
CA ASN O 293 123.95 29.66 41.50
C ASN O 293 124.37 28.79 40.30
N ALA O 294 123.43 28.31 39.50
CA ALA O 294 123.75 27.56 38.29
C ALA O 294 124.62 28.33 37.30
N CYS O 295 124.52 29.66 37.24
CA CYS O 295 125.33 30.47 36.34
C CYS O 295 126.80 30.54 36.73
N PHE O 296 127.16 30.20 37.97
CA PHE O 296 128.55 30.21 38.42
C PHE O 296 129.21 28.83 38.37
N GLU O 297 128.48 27.78 37.99
CA GLU O 297 129.06 26.46 37.77
C GLU O 297 129.87 26.44 36.46
N TYR O 298 131.11 25.93 36.43
CA TYR O 298 131.85 25.64 35.20
C TYR O 298 131.05 24.78 34.21
N SER O 299 130.19 23.91 34.75
CA SER O 299 129.28 23.05 34.00
C SER O 299 128.31 23.80 33.08
N ASN O 300 128.01 25.07 33.27
CA ASN O 300 127.03 25.79 32.43
C ASN O 300 127.65 26.91 31.58
N GLN O 301 128.97 27.10 31.61
CA GLN O 301 129.64 28.08 30.75
C GLN O 301 129.66 27.58 29.32
N MET O 302 129.29 28.43 28.35
CA MET O 302 129.22 28.07 26.93
C MET O 302 130.52 28.35 26.15
N VAL O 303 131.65 28.39 26.84
CA VAL O 303 133.03 28.32 26.31
C VAL O 303 133.78 27.36 27.22
N LYS O 304 134.53 26.39 26.69
CA LYS O 304 135.29 25.44 27.52
C LYS O 304 136.54 26.08 28.13
N CYS O 305 136.32 26.88 29.16
CA CYS O 305 137.29 27.45 30.08
C CYS O 305 136.70 27.45 31.49
N ASP O 306 137.53 27.44 32.53
CA ASP O 306 137.07 27.35 33.92
C ASP O 306 137.09 28.75 34.57
N PRO O 307 135.94 29.34 34.97
CA PRO O 307 135.92 30.66 35.59
C PRO O 307 136.72 30.78 36.88
N ARG O 308 137.00 29.67 37.56
CA ARG O 308 137.79 29.62 38.79
C ARG O 308 139.28 29.84 38.54
N ARG O 309 139.74 29.61 37.31
CA ARG O 309 141.09 29.99 36.87
C ARG O 309 141.17 31.48 36.49
N GLY O 310 140.10 32.26 36.65
CA GLY O 310 140.08 33.71 36.43
C GLY O 310 139.68 34.52 37.65
N LYS O 311 139.45 35.81 37.42
CA LYS O 311 138.68 36.68 38.31
C LYS O 311 137.58 37.37 37.51
N TYR O 312 136.41 37.50 38.11
CA TYR O 312 135.30 38.26 37.56
C TYR O 312 135.58 39.76 37.64
N MET O 313 135.33 40.47 36.55
CA MET O 313 135.35 41.91 36.49
C MET O 313 133.95 42.47 36.71
N ALA O 314 132.95 41.99 35.96
CA ALA O 314 131.56 42.36 36.14
C ALA O 314 130.60 41.27 35.65
N CYS O 315 129.45 41.14 36.29
CA CYS O 315 128.37 40.25 35.86
C CYS O 315 127.09 41.04 35.62
N CYS O 316 126.44 40.85 34.48
CA CYS O 316 125.05 41.22 34.25
C CYS O 316 124.17 39.99 34.46
N LEU O 317 123.39 39.96 35.53
CA LEU O 317 122.36 38.96 35.75
C LEU O 317 121.05 39.49 35.19
N LEU O 318 120.68 39.05 33.98
CA LEU O 318 119.45 39.46 33.28
C LEU O 318 118.33 38.45 33.55
N TYR O 319 117.59 38.63 34.64
CA TYR O 319 116.44 37.75 34.96
C TYR O 319 115.22 38.10 34.13
N ARG O 320 114.42 37.07 33.87
CA ARG O 320 113.14 37.22 33.20
C ARG O 320 112.11 36.24 33.72
N GLY O 321 110.84 36.60 33.63
CA GLY O 321 109.75 35.84 34.22
C GLY O 321 109.45 36.25 35.66
N ASP O 322 108.92 35.33 36.46
CA ASP O 322 108.40 35.60 37.80
C ASP O 322 109.52 35.71 38.86
N VAL O 323 110.17 36.87 38.97
CA VAL O 323 111.18 37.14 40.00
C VAL O 323 110.99 38.50 40.66
N VAL O 324 111.51 38.68 41.87
CA VAL O 324 111.32 39.88 42.69
C VAL O 324 112.68 40.37 43.19
N PRO O 325 113.00 41.67 43.16
CA PRO O 325 114.29 42.19 43.62
C PRO O 325 114.75 41.75 45.02
N LYS O 326 113.83 41.47 45.95
CA LYS O 326 114.14 40.79 47.23
C LYS O 326 115.00 39.55 46.99
N ASP O 327 114.50 38.64 46.14
CA ASP O 327 115.08 37.32 45.90
C ASP O 327 116.44 37.42 45.25
N VAL O 328 116.58 38.36 44.31
CA VAL O 328 117.83 38.57 43.58
C VAL O 328 118.91 39.11 44.51
N ASN O 329 118.61 40.11 45.34
CA ASN O 329 119.59 40.62 46.29
C ASN O 329 120.04 39.53 47.28
N ALA O 330 119.09 38.77 47.82
CA ALA O 330 119.35 37.63 48.69
C ALA O 330 120.20 36.53 48.02
N ALA O 331 120.01 36.32 46.71
CA ALA O 331 120.82 35.42 45.90
C ALA O 331 122.24 35.95 45.70
N ILE O 332 122.44 37.16 45.18
CA ILE O 332 123.80 37.67 44.94
C ILE O 332 124.61 37.84 46.23
N ALA O 333 123.95 38.04 47.36
CA ALA O 333 124.59 37.98 48.67
C ALA O 333 125.23 36.62 48.96
N ALA O 334 124.63 35.50 48.57
CA ALA O 334 125.30 34.21 48.71
C ALA O 334 126.46 34.07 47.72
N ILE O 335 126.33 34.57 46.49
CA ILE O 335 127.43 34.55 45.53
C ILE O 335 128.63 35.34 46.08
N LYS O 336 128.43 36.53 46.66
CA LYS O 336 129.51 37.30 47.31
C LYS O 336 130.13 36.58 48.52
N THR O 337 129.40 35.68 49.15
CA THR O 337 129.86 34.93 50.32
C THR O 337 130.82 33.79 49.94
N ARG O 338 130.62 33.17 48.76
CA ARG O 338 131.41 32.02 48.27
C ARG O 338 132.82 32.43 47.78
N ARG O 339 133.87 31.95 48.45
CA ARG O 339 135.28 32.31 48.18
C ARG O 339 135.84 31.74 46.89
N SER O 340 135.21 30.73 46.29
CA SER O 340 135.57 30.19 44.97
C SER O 340 135.18 31.10 43.80
N ILE O 341 134.18 31.98 43.95
CA ILE O 341 133.75 32.97 42.95
C ILE O 341 134.48 34.29 43.23
N GLN O 342 135.63 34.54 42.62
CA GLN O 342 136.47 35.68 42.99
C GLN O 342 136.39 36.84 42.00
N PHE O 343 135.96 37.98 42.48
CA PHE O 343 135.99 39.24 41.74
C PHE O 343 137.35 39.92 41.88
N VAL O 344 137.65 40.81 40.94
CA VAL O 344 138.76 41.75 41.02
C VAL O 344 138.60 42.74 42.18
N ASP O 345 139.71 43.21 42.72
CA ASP O 345 139.79 44.15 43.84
C ASP O 345 139.18 45.53 43.54
N TRP O 346 139.15 45.90 42.27
CA TRP O 346 138.71 47.19 41.76
C TRP O 346 137.24 47.22 41.32
N CYS O 347 136.47 46.15 41.48
CA CYS O 347 135.04 46.13 41.20
C CYS O 347 134.27 45.66 42.43
N PRO O 348 134.07 46.56 43.43
CA PRO O 348 133.50 46.20 44.72
C PRO O 348 131.99 45.96 44.65
N THR O 349 131.33 46.52 43.65
CA THR O 349 129.92 46.36 43.32
C THR O 349 129.67 45.06 42.56
N GLY O 350 130.41 44.76 41.51
CA GLY O 350 130.42 43.50 40.77
C GLY O 350 129.21 43.21 39.88
N PHE O 351 127.99 43.35 40.38
CA PHE O 351 126.77 42.87 39.74
C PHE O 351 125.94 44.02 39.21
N LYS O 352 125.56 43.93 37.95
CA LYS O 352 124.46 44.66 37.32
C LYS O 352 123.28 43.71 37.20
N VAL O 353 122.15 44.10 37.75
CA VAL O 353 120.92 43.31 37.77
C VAL O 353 119.93 43.91 36.81
N GLY O 354 119.32 43.07 35.97
CA GLY O 354 118.15 43.39 35.17
C GLY O 354 117.02 42.43 35.52
N ILE O 355 115.77 42.89 35.53
CA ILE O 355 114.60 42.05 35.85
C ILE O 355 113.47 42.42 34.90
N ASN O 356 112.96 41.44 34.16
CA ASN O 356 111.93 41.60 33.12
C ASN O 356 110.72 40.67 33.32
N TYR O 357 109.49 41.14 33.12
CA TYR O 357 108.28 40.38 33.52
C TYR O 357 107.85 39.30 32.52
N GLN O 358 108.53 39.16 31.38
CA GLN O 358 108.14 38.19 30.33
C GLN O 358 108.91 36.87 30.48
N PRO O 359 108.26 35.74 30.79
CA PRO O 359 108.89 34.42 30.87
C PRO O 359 109.59 34.02 29.58
N PRO O 360 110.49 33.02 29.62
CA PRO O 360 111.11 32.45 28.43
C PRO O 360 110.10 31.66 27.59
N THR O 361 110.00 32.00 26.31
CA THR O 361 109.13 31.30 25.35
C THR O 361 109.72 29.95 24.97
N ALA O 362 108.93 28.88 25.05
CA ALA O 362 109.32 27.57 24.50
C ALA O 362 109.11 27.51 23.00
N VAL O 363 110.10 27.08 22.23
CA VAL O 363 109.84 26.59 20.88
C VAL O 363 109.15 25.22 21.00
N PRO O 364 107.98 24.98 20.40
CA PRO O 364 107.16 23.80 20.66
C PRO O 364 107.83 22.47 20.29
N GLY O 365 108.71 22.46 19.30
CA GLY O 365 109.46 21.27 18.91
C GLY O 365 110.69 20.95 19.78
N GLY O 366 111.03 21.81 20.73
CA GLY O 366 112.33 21.82 21.42
C GLY O 366 112.47 20.91 22.62
N ASP O 367 113.70 20.73 23.05
CA ASP O 367 114.08 19.90 24.21
C ASP O 367 113.96 20.64 25.55
N VAL O 368 114.14 21.96 25.51
CA VAL O 368 114.21 22.87 26.66
C VAL O 368 112.82 23.19 27.21
N ALA O 369 112.58 22.88 28.48
CA ALA O 369 111.26 22.82 29.11
C ALA O 369 110.65 24.18 29.49
N LYS O 370 109.33 24.21 29.71
CA LYS O 370 108.61 25.37 30.24
C LYS O 370 108.96 25.60 31.70
N VAL O 371 109.28 26.83 32.08
CA VAL O 371 109.74 27.20 33.42
C VAL O 371 109.28 28.60 33.79
N LEU O 372 109.00 28.87 35.07
CA LEU O 372 108.48 30.18 35.48
C LEU O 372 109.51 31.30 35.38
N ARG O 373 110.79 30.97 35.34
CA ARG O 373 111.93 31.86 35.51
C ARG O 373 113.04 31.46 34.58
N ALA O 374 113.83 32.44 34.17
CA ALA O 374 115.15 32.21 33.66
C ALA O 374 116.04 33.39 34.01
N VAL O 375 117.33 33.16 33.94
CA VAL O 375 118.36 34.20 33.99
C VAL O 375 119.32 33.94 32.85
N CYS O 376 119.71 34.99 32.17
CA CYS O 376 120.90 34.94 31.36
C CYS O 376 121.96 35.71 32.13
N MET O 377 123.09 35.08 32.42
CA MET O 377 124.22 35.78 33.01
C MET O 377 125.28 36.03 31.95
N LEU O 378 125.60 37.30 31.74
CA LEU O 378 126.63 37.72 30.82
C LEU O 378 127.73 38.31 31.68
N SER O 379 128.95 37.84 31.51
CA SER O 379 129.98 37.94 32.54
C SER O 379 131.38 38.20 31.99
N ASN O 380 131.93 39.37 32.28
CA ASN O 380 133.31 39.70 31.93
C ASN O 380 134.26 39.12 32.99
N THR O 381 135.12 38.21 32.58
CA THR O 381 136.04 37.47 33.46
C THR O 381 137.38 37.22 32.80
N THR O 382 138.48 37.21 33.56
CA THR O 382 139.83 36.98 33.03
C THR O 382 140.02 35.58 32.46
N ALA O 383 139.19 34.62 32.88
CA ALA O 383 139.28 33.22 32.47
C ALA O 383 139.22 32.99 30.96
N ILE O 384 138.50 33.83 30.21
CA ILE O 384 138.29 33.64 28.78
C ILE O 384 139.59 33.66 27.98
N ALA O 385 140.65 34.28 28.50
CA ALA O 385 141.97 34.27 27.89
C ALA O 385 142.54 32.87 27.67
N GLU O 386 142.07 31.84 28.37
CA GLU O 386 142.48 30.47 28.12
C GLU O 386 141.91 29.92 26.81
N ALA O 387 140.69 30.27 26.41
CA ALA O 387 140.14 29.93 25.11
C ALA O 387 140.92 30.56 23.95
N TRP O 388 141.58 31.69 24.19
CA TRP O 388 142.51 32.32 23.25
C TRP O 388 143.89 31.66 23.27
N ALA O 389 144.38 31.28 24.46
CA ALA O 389 145.65 30.56 24.62
C ALA O 389 145.61 29.16 24.01
N ARG O 390 144.44 28.49 23.97
CA ARG O 390 144.26 27.23 23.24
C ARG O 390 144.47 27.44 21.74
N LEU O 391 143.78 28.41 21.17
CA LEU O 391 143.70 28.55 19.73
C LEU O 391 144.95 29.17 19.12
N ASP O 392 145.63 30.10 19.81
CA ASP O 392 146.90 30.62 19.30
C ASP O 392 148.06 29.60 19.39
N HIS O 393 147.95 28.57 20.24
CA HIS O 393 148.82 27.38 20.21
C HIS O 393 148.50 26.42 19.05
N LYS O 394 147.25 26.35 18.57
CA LYS O 394 146.93 25.66 17.29
C LYS O 394 147.47 26.42 16.08
N PHE O 395 147.35 27.73 16.08
CA PHE O 395 147.90 28.61 15.05
C PHE O 395 149.42 28.48 14.93
N ASP O 396 150.13 28.47 16.06
CA ASP O 396 151.59 28.46 16.09
C ASP O 396 152.20 27.22 15.43
N LEU O 397 151.63 26.03 15.61
CA LEU O 397 152.08 24.79 14.97
C LEU O 397 151.98 24.83 13.45
N MET O 398 150.92 25.44 12.91
CA MET O 398 150.68 25.53 11.48
C MET O 398 151.45 26.68 10.83
N TYR O 399 151.53 27.85 11.46
CA TYR O 399 152.28 28.96 10.89
C TYR O 399 153.79 28.74 10.93
N SER O 400 154.32 27.98 11.89
CA SER O 400 155.72 27.55 11.88
C SER O 400 156.12 26.74 10.63
N LYS O 401 155.17 26.07 9.99
CA LYS O 401 155.36 25.35 8.72
C LYS O 401 154.88 26.13 7.50
N ARG O 402 154.17 27.25 7.68
CA ARG O 402 153.33 27.92 6.67
C ARG O 402 152.28 26.98 6.07
N ALA O 403 151.73 26.11 6.91
CA ALA O 403 151.08 24.86 6.55
C ALA O 403 149.95 24.95 5.51
N PHE O 404 149.16 26.02 5.43
CA PHE O 404 148.12 26.20 4.41
C PHE O 404 148.15 27.59 3.75
N VAL O 405 149.24 28.33 3.94
CA VAL O 405 149.30 29.79 3.68
C VAL O 405 149.15 30.14 2.20
N HIS O 406 149.51 29.26 1.28
CA HIS O 406 149.39 29.51 -0.16
C HIS O 406 147.95 29.72 -0.66
N TRP O 407 146.94 29.18 0.02
CA TRP O 407 145.54 29.42 -0.31
C TRP O 407 145.08 30.84 0.02
N TYR O 408 145.67 31.47 1.03
CA TYR O 408 145.36 32.82 1.48
C TYR O 408 146.16 33.86 0.71
N VAL O 409 147.45 33.63 0.52
CA VAL O 409 148.34 34.43 -0.34
C VAL O 409 147.89 34.36 -1.81
N GLY O 410 147.37 33.23 -2.26
CA GLY O 410 146.86 33.03 -3.61
C GLY O 410 145.56 33.80 -3.92
N GLU O 411 144.84 34.27 -2.91
CA GLU O 411 143.55 34.99 -3.05
C GLU O 411 143.63 36.46 -2.61
N GLY O 412 144.83 37.04 -2.64
CA GLY O 412 145.07 38.47 -2.49
C GLY O 412 145.46 38.94 -1.08
N MET O 413 145.67 38.06 -0.11
CA MET O 413 146.13 38.47 1.22
C MET O 413 147.65 38.67 1.28
N GLU O 414 148.11 39.68 2.03
CA GLU O 414 149.51 39.86 2.40
C GLU O 414 149.95 38.74 3.36
N GLU O 415 151.10 38.10 3.14
CA GLU O 415 151.57 37.04 4.06
C GLU O 415 151.81 37.56 5.48
N GLY O 416 152.26 38.81 5.61
CA GLY O 416 152.50 39.48 6.89
C GLY O 416 151.26 39.68 7.76
N GLU O 417 150.04 39.60 7.21
CA GLU O 417 148.81 39.70 8.00
C GLU O 417 148.67 38.57 9.03
N PHE O 418 149.23 37.39 8.77
CA PHE O 418 149.22 36.28 9.73
C PHE O 418 150.06 36.61 10.98
N SER O 419 151.24 37.19 10.79
CA SER O 419 152.08 37.67 11.89
C SER O 419 151.43 38.85 12.64
N GLU O 420 150.93 39.84 11.89
CA GLU O 420 150.17 40.99 12.41
C GLU O 420 148.87 40.62 13.13
N ALA O 421 148.24 39.49 12.82
CA ALA O 421 147.08 38.97 13.55
C ALA O 421 147.44 38.15 14.80
N ARG O 422 148.49 37.32 14.75
CA ARG O 422 149.00 36.60 15.92
C ARG O 422 149.58 37.55 16.97
N GLU O 423 150.16 38.66 16.51
CA GLU O 423 150.68 39.76 17.32
C GLU O 423 149.57 40.49 18.06
N ASP O 424 148.52 40.89 17.35
CA ASP O 424 147.36 41.58 17.91
C ASP O 424 146.56 40.71 18.87
N MET O 425 146.46 39.40 18.62
CA MET O 425 145.89 38.47 19.58
C MET O 425 146.73 38.37 20.87
N ALA O 426 148.06 38.32 20.77
CA ALA O 426 148.93 38.32 21.96
C ALA O 426 148.81 39.60 22.79
N ALA O 427 148.55 40.75 22.18
CA ALA O 427 148.23 41.99 22.89
C ALA O 427 146.84 41.98 23.57
N LEU O 428 145.83 41.28 23.06
CA LEU O 428 144.57 41.08 23.76
C LEU O 428 144.70 40.07 24.90
N GLU O 429 145.42 38.97 24.69
CA GLU O 429 145.67 37.97 25.71
C GLU O 429 146.54 38.54 26.85
N LYS O 430 147.41 39.52 26.56
CA LYS O 430 148.13 40.36 27.52
C LYS O 430 147.17 41.24 28.32
N ASP O 431 146.29 42.00 27.66
CA ASP O 431 145.34 42.90 28.32
C ASP O 431 144.44 42.19 29.35
N TYR O 432 143.89 41.02 29.04
CA TYR O 432 143.06 40.24 29.98
C TYR O 432 143.83 39.64 31.18
N GLU O 433 145.13 39.38 31.04
CA GLU O 433 146.00 38.98 32.13
C GLU O 433 146.42 40.18 32.99
N GLU O 434 146.66 41.33 32.37
CA GLU O 434 147.10 42.58 33.00
C GLU O 434 146.06 43.16 33.98
N VAL O 435 144.76 43.11 33.68
CA VAL O 435 143.70 43.71 34.52
C VAL O 435 143.23 42.86 35.69
N GLY O 436 143.67 41.61 35.80
CA GLY O 436 143.28 40.72 36.91
C GLY O 436 143.94 41.04 38.24
N THR O 437 144.95 41.92 38.26
CA THR O 437 145.92 42.01 39.35
C THR O 437 145.46 42.98 40.45
N MET P 1 84.69 73.92 -21.70
CA MET P 1 85.59 74.41 -20.66
C MET P 1 86.54 73.29 -20.28
N ARG P 2 87.85 73.57 -20.23
CA ARG P 2 88.94 72.67 -19.80
C ARG P 2 89.21 71.47 -20.69
N GLU P 3 88.97 71.57 -21.99
CA GLU P 3 89.28 70.52 -22.96
C GLU P 3 90.79 70.31 -23.18
N CYS P 4 91.22 69.11 -23.59
CA CYS P 4 92.56 68.86 -24.15
C CYS P 4 92.45 67.99 -25.41
N ILE P 5 93.12 68.40 -26.49
CA ILE P 5 93.24 67.59 -27.71
C ILE P 5 94.52 66.75 -27.61
N SER P 6 94.39 65.43 -27.58
CA SER P 6 95.51 64.51 -27.47
C SER P 6 95.91 63.96 -28.83
N VAL P 7 97.12 64.24 -29.31
CA VAL P 7 97.58 63.78 -30.63
C VAL P 7 98.66 62.72 -30.47
N HIS P 8 98.37 61.52 -30.95
CA HIS P 8 99.17 60.32 -30.83
C HIS P 8 99.83 59.96 -32.16
N VAL P 9 101.14 60.13 -32.28
CA VAL P 9 101.89 60.08 -33.55
C VAL P 9 102.88 58.91 -33.62
N GLY P 10 102.91 58.23 -34.76
CA GLY P 10 103.77 57.07 -35.00
C GLY P 10 103.39 55.86 -34.16
N GLN P 11 104.18 54.80 -34.12
CA GLN P 11 103.86 53.58 -33.36
C GLN P 11 103.91 53.80 -31.84
N ALA P 12 104.98 54.41 -31.31
CA ALA P 12 105.09 54.71 -29.90
C ALA P 12 103.96 55.60 -29.38
N GLY P 13 103.64 56.71 -30.05
CA GLY P 13 102.57 57.61 -29.63
C GLY P 13 101.20 56.96 -29.66
N VAL P 14 100.90 56.19 -30.71
CA VAL P 14 99.65 55.42 -30.84
C VAL P 14 99.55 54.33 -29.79
N GLN P 15 100.62 53.62 -29.48
CA GLN P 15 100.59 52.54 -28.47
C GLN P 15 100.55 53.07 -27.04
N ILE P 16 101.19 54.20 -26.75
CA ILE P 16 100.97 54.95 -25.51
C ILE P 16 99.52 55.45 -25.46
N GLY P 17 98.98 55.94 -26.56
CA GLY P 17 97.58 56.32 -26.70
C GLY P 17 96.61 55.19 -26.40
N ASN P 18 96.87 53.99 -26.91
CA ASN P 18 96.08 52.81 -26.62
C ASN P 18 96.13 52.38 -25.14
N SER P 19 97.11 52.87 -24.35
CA SER P 19 97.14 52.77 -22.90
C SER P 19 96.50 53.98 -22.20
N CYS P 20 96.68 55.20 -22.71
CA CYS P 20 96.05 56.41 -22.21
C CYS P 20 94.54 56.28 -22.24
N TRP P 21 93.98 55.94 -23.40
CA TRP P 21 92.53 55.78 -23.59
C TRP P 21 91.97 54.54 -22.92
N GLU P 22 92.78 53.50 -22.69
CA GLU P 22 92.41 52.38 -21.81
C GLU P 22 92.19 52.88 -20.37
N LEU P 23 93.10 53.72 -19.88
CA LEU P 23 93.00 54.30 -18.53
C LEU P 23 91.84 55.29 -18.43
N TYR P 24 91.78 56.31 -19.28
CA TYR P 24 90.76 57.37 -19.18
C TYR P 24 89.35 56.80 -19.22
N CYS P 25 89.12 55.77 -20.02
CA CYS P 25 87.83 55.09 -20.05
C CYS P 25 87.48 54.44 -18.72
N LEU P 26 88.42 53.77 -18.04
CA LEU P 26 88.18 53.19 -16.72
C LEU P 26 87.96 54.27 -15.67
N GLU P 27 88.75 55.33 -15.71
CA GLU P 27 88.77 56.37 -14.70
C GLU P 27 87.49 57.22 -14.71
N HIS P 28 86.89 57.43 -15.87
CA HIS P 28 85.60 58.11 -16.08
C HIS P 28 84.40 57.16 -16.19
N GLY P 29 84.61 55.85 -16.15
CA GLY P 29 83.55 54.85 -16.22
C GLY P 29 82.86 54.77 -17.57
N LEU P 30 83.60 54.97 -18.66
CA LEU P 30 83.16 54.84 -20.05
C LEU P 30 83.50 53.43 -20.54
N GLN P 31 82.51 52.73 -21.09
CA GLN P 31 82.67 51.42 -21.72
C GLN P 31 83.58 51.52 -22.95
N PRO P 32 84.21 50.43 -23.42
CA PRO P 32 85.04 50.48 -24.62
C PRO P 32 84.23 50.75 -25.91
N ASP P 33 82.90 50.71 -25.89
CA ASP P 33 82.03 51.17 -26.99
C ASP P 33 81.64 52.66 -26.88
N GLY P 34 82.23 53.39 -25.94
CA GLY P 34 82.00 54.80 -25.68
C GLY P 34 80.76 55.14 -24.85
N THR P 35 79.92 54.17 -24.46
CA THR P 35 78.74 54.44 -23.64
C THR P 35 79.07 54.55 -22.14
N MET P 36 78.20 55.13 -21.32
CA MET P 36 78.43 55.35 -19.88
C MET P 36 77.21 54.98 -19.02
N PRO P 37 77.20 53.83 -18.32
CA PRO P 37 76.09 53.44 -17.46
C PRO P 37 76.05 54.25 -16.16
N SER P 38 74.95 54.15 -15.40
CA SER P 38 74.76 54.79 -14.08
C SER P 38 73.92 53.93 -13.14
N ASP P 46 78.06 64.94 -14.29
CA ASP P 46 79.03 65.55 -13.45
C ASP P 46 80.14 66.30 -14.23
N SER P 47 80.21 66.10 -15.54
CA SER P 47 81.14 66.70 -16.50
C SER P 47 82.63 66.48 -16.22
N SER P 48 83.02 65.52 -15.39
CA SER P 48 84.43 65.20 -15.15
C SER P 48 85.15 64.68 -16.40
N PHE P 49 84.46 63.89 -17.22
CA PHE P 49 84.95 63.38 -18.51
C PHE P 49 85.20 64.47 -19.57
N GLY P 50 84.68 65.70 -19.41
CA GLY P 50 84.62 66.68 -20.50
C GLY P 50 86.00 67.07 -21.04
N THR P 51 87.05 66.98 -20.22
CA THR P 51 88.40 67.34 -20.65
C THR P 51 88.87 66.46 -21.81
N PHE P 52 88.51 65.17 -21.77
CA PHE P 52 88.97 64.15 -22.69
C PHE P 52 87.88 63.62 -23.61
N PHE P 53 86.59 63.80 -23.34
CA PHE P 53 85.54 63.26 -24.18
C PHE P 53 84.47 64.28 -24.54
N SER P 54 84.18 64.40 -25.83
CA SER P 54 82.97 65.03 -26.36
C SER P 54 81.77 64.08 -26.15
N GLU P 55 80.59 64.57 -25.75
CA GLU P 55 79.39 63.74 -25.55
C GLU P 55 78.37 64.01 -26.65
N THR P 56 77.93 62.97 -27.37
CA THR P 56 76.86 63.06 -28.38
C THR P 56 75.50 62.67 -27.79
N GLY P 57 74.40 63.13 -28.38
CA GLY P 57 73.05 63.01 -27.83
C GLY P 57 72.53 61.59 -27.59
N SER P 58 73.14 60.58 -28.23
CA SER P 58 72.88 59.17 -27.96
C SER P 58 73.37 58.71 -26.57
N GLY P 59 74.15 59.53 -25.86
CA GLY P 59 74.84 59.16 -24.63
C GLY P 59 76.15 58.42 -24.86
N LYS P 60 76.79 58.70 -26.01
CA LYS P 60 78.09 58.16 -26.42
C LYS P 60 79.16 59.23 -26.21
N HIS P 61 80.22 58.89 -25.50
CA HIS P 61 81.37 59.74 -25.22
C HIS P 61 82.49 59.38 -26.18
N VAL P 62 82.87 60.33 -27.02
CA VAL P 62 83.84 60.18 -28.10
C VAL P 62 85.11 60.92 -27.70
N PRO P 63 86.30 60.31 -27.75
CA PRO P 63 87.51 60.93 -27.25
C PRO P 63 87.98 62.12 -28.09
N ARG P 64 88.51 63.14 -27.43
CA ARG P 64 89.19 64.30 -28.02
C ARG P 64 90.63 63.94 -28.37
N ALA P 65 90.78 62.99 -29.27
CA ALA P 65 92.06 62.43 -29.69
C ALA P 65 92.19 62.34 -31.20
N VAL P 66 93.40 62.52 -31.71
CA VAL P 66 93.75 62.21 -33.10
C VAL P 66 94.87 61.18 -33.07
N PHE P 67 94.74 60.09 -33.83
CA PHE P 67 95.78 59.08 -33.97
C PHE P 67 96.33 59.17 -35.39
N VAL P 68 97.64 59.36 -35.55
CA VAL P 68 98.29 59.56 -36.86
C VAL P 68 99.49 58.64 -37.01
N ASP P 69 99.54 57.92 -38.11
CA ASP P 69 100.68 57.10 -38.49
C ASP P 69 100.81 57.13 -40.01
N LEU P 70 102.02 57.12 -40.55
CA LEU P 70 102.22 57.19 -41.99
C LEU P 70 102.00 55.85 -42.68
N GLU P 71 102.03 54.75 -41.93
CA GLU P 71 101.71 53.39 -42.33
C GLU P 71 100.45 52.84 -41.63
N GLN P 72 99.76 51.82 -42.19
CA GLN P 72 98.45 51.42 -41.71
C GLN P 72 98.48 50.51 -40.48
N THR P 73 99.57 49.80 -40.18
CA THR P 73 99.52 48.55 -39.39
C THR P 73 99.01 48.70 -37.97
N VAL P 74 99.51 49.70 -37.25
CA VAL P 74 99.21 49.94 -35.83
C VAL P 74 97.83 50.55 -35.63
N ILE P 75 97.42 51.50 -36.47
CA ILE P 75 96.09 52.07 -36.40
C ILE P 75 95.01 51.11 -36.94
N GLY P 76 95.29 50.27 -37.94
CA GLY P 76 94.37 49.20 -38.34
C GLY P 76 94.11 48.20 -37.21
N GLU P 77 95.03 48.07 -36.27
CA GLU P 77 94.85 47.26 -35.07
C GLU P 77 93.94 47.97 -34.05
N ILE P 78 94.06 49.29 -33.89
CA ILE P 78 93.14 50.14 -33.11
C ILE P 78 91.73 50.10 -33.71
N ARG P 79 91.60 50.17 -35.04
CA ARG P 79 90.34 50.00 -35.80
C ARG P 79 89.72 48.59 -35.75
N ASN P 80 90.34 47.62 -35.09
CA ASN P 80 89.89 46.21 -35.07
C ASN P 80 89.76 45.64 -33.65
N GLY P 81 90.56 46.13 -32.71
CA GLY P 81 90.53 45.71 -31.31
C GLY P 81 89.36 46.25 -30.50
N PRO P 82 89.40 46.11 -29.17
CA PRO P 82 88.27 46.46 -28.28
C PRO P 82 87.83 47.92 -28.35
N TYR P 83 88.70 48.84 -28.78
CA TYR P 83 88.38 50.26 -28.90
C TYR P 83 87.92 50.69 -30.30
N ARG P 84 87.61 49.77 -31.23
CA ARG P 84 87.10 50.10 -32.57
C ARG P 84 85.86 51.00 -32.58
N SER P 85 84.99 50.87 -31.56
CA SER P 85 83.76 51.64 -31.38
C SER P 85 83.95 52.91 -30.53
N LEU P 86 85.11 53.15 -29.93
CA LEU P 86 85.35 54.34 -29.13
C LEU P 86 85.58 55.58 -30.00
N PHE P 87 86.52 55.49 -30.93
CA PHE P 87 87.01 56.61 -31.72
C PHE P 87 86.10 56.90 -32.91
N HIS P 88 86.03 58.17 -33.29
CA HIS P 88 85.46 58.59 -34.57
C HIS P 88 86.33 58.05 -35.72
N PRO P 89 85.76 57.38 -36.73
CA PRO P 89 86.54 56.64 -37.72
C PRO P 89 87.49 57.50 -38.57
N GLU P 90 87.20 58.79 -38.78
CA GLU P 90 88.09 59.70 -39.54
C GLU P 90 89.12 60.45 -38.69
N GLN P 91 89.19 60.24 -37.37
CA GLN P 91 90.30 60.76 -36.54
C GLN P 91 91.33 59.69 -36.18
N LEU P 92 91.16 58.46 -36.68
CA LEU P 92 92.18 57.46 -36.84
C LEU P 92 92.75 57.58 -38.27
N ILE P 93 93.88 58.25 -38.46
CA ILE P 93 94.37 58.70 -39.77
C ILE P 93 95.60 57.91 -40.19
N THR P 94 95.60 57.36 -41.41
CA THR P 94 96.69 56.54 -41.94
C THR P 94 97.07 56.92 -43.37
N GLY P 95 98.35 56.83 -43.68
CA GLY P 95 98.88 56.80 -45.04
C GLY P 95 99.09 55.39 -45.59
N LYS P 96 99.67 55.31 -46.80
CA LYS P 96 100.09 54.08 -47.47
C LYS P 96 101.52 53.65 -47.11
N GLU P 97 102.42 54.61 -46.89
CA GLU P 97 103.88 54.43 -46.90
C GLU P 97 104.52 54.74 -45.55
N ASP P 98 105.25 53.77 -45.01
CA ASP P 98 106.08 53.89 -43.81
C ASP P 98 107.13 55.02 -43.97
N ALA P 99 107.46 55.73 -42.88
CA ALA P 99 108.53 56.74 -42.83
C ALA P 99 109.97 56.20 -42.69
N ALA P 100 110.14 54.88 -42.52
CA ALA P 100 111.38 54.15 -42.61
C ALA P 100 112.48 54.56 -41.60
N ASN P 101 112.11 55.08 -40.43
CA ASN P 101 113.03 55.67 -39.46
C ASN P 101 113.87 56.79 -40.07
N ASN P 102 113.33 57.48 -41.07
CA ASN P 102 113.97 58.58 -41.76
C ASN P 102 113.18 59.87 -41.48
N TYR P 103 113.76 60.81 -40.73
CA TYR P 103 113.13 62.11 -40.44
C TYR P 103 112.59 62.81 -41.69
N ALA P 104 113.33 62.75 -42.79
CA ALA P 104 113.01 63.47 -43.99
C ALA P 104 111.80 62.91 -44.73
N ARG P 105 111.51 61.60 -44.63
CA ARG P 105 110.24 61.04 -45.12
C ARG P 105 109.08 61.54 -44.27
N GLY P 106 109.23 61.59 -42.95
CA GLY P 106 108.19 62.09 -42.08
C GLY P 106 107.85 63.56 -42.33
N HIS P 107 108.88 64.39 -42.43
CA HIS P 107 108.76 65.83 -42.54
C HIS P 107 108.53 66.37 -43.95
N TYR P 108 109.29 65.92 -44.96
CA TYR P 108 109.36 66.55 -46.29
C TYR P 108 108.58 65.83 -47.39
N THR P 109 108.49 64.50 -47.35
CA THR P 109 108.11 63.69 -48.53
C THR P 109 106.79 62.93 -48.35
N ILE P 110 106.61 62.17 -47.28
CA ILE P 110 105.42 61.34 -47.04
C ILE P 110 104.39 62.04 -46.16
N GLY P 111 104.82 62.63 -45.04
CA GLY P 111 103.93 63.34 -44.14
C GLY P 111 103.37 64.64 -44.71
N LYS P 112 104.08 65.24 -45.66
CA LYS P 112 103.64 66.34 -46.54
C LYS P 112 102.28 66.10 -47.21
N GLU P 113 101.88 64.84 -47.41
CA GLU P 113 100.58 64.50 -47.99
C GLU P 113 99.45 64.36 -46.97
N LEU P 114 99.69 63.79 -45.79
CA LEU P 114 98.67 63.57 -44.77
C LEU P 114 98.41 64.79 -43.87
N ILE P 115 99.33 65.75 -43.80
CA ILE P 115 99.27 66.87 -42.84
C ILE P 115 97.99 67.70 -42.91
N ASP P 116 97.53 68.08 -44.10
CA ASP P 116 96.35 68.94 -44.25
C ASP P 116 95.03 68.20 -43.94
N SER P 117 95.05 66.86 -43.85
CA SER P 117 93.97 66.04 -43.31
C SER P 117 94.08 65.92 -41.79
N VAL P 118 95.29 65.82 -41.23
CA VAL P 118 95.51 65.81 -39.79
C VAL P 118 95.06 67.12 -39.15
N LEU P 119 95.39 68.25 -39.76
CA LEU P 119 94.94 69.56 -39.31
C LEU P 119 93.43 69.73 -39.35
N ASP P 120 92.76 69.16 -40.35
CA ASP P 120 91.31 69.28 -40.52
C ASP P 120 90.54 68.60 -39.41
N ARG P 121 91.01 67.45 -38.93
CA ARG P 121 90.51 66.81 -37.72
C ARG P 121 90.79 67.61 -36.46
N VAL P 122 91.99 68.17 -36.30
CA VAL P 122 92.31 68.98 -35.12
C VAL P 122 91.45 70.25 -35.10
N ARG P 123 91.19 70.89 -36.23
CA ARG P 123 90.22 71.98 -36.37
C ARG P 123 88.80 71.58 -35.97
N LYS P 124 88.28 70.45 -36.47
CA LYS P 124 86.97 69.92 -36.08
C LYS P 124 86.87 69.48 -34.62
N MET P 125 87.98 69.22 -33.93
CA MET P 125 87.99 68.99 -32.47
C MET P 125 88.04 70.29 -31.68
N ALA P 126 88.89 71.24 -32.08
CA ALA P 126 89.01 72.53 -31.42
C ALA P 126 87.73 73.35 -31.51
N ASP P 127 87.01 73.31 -32.63
CA ASP P 127 85.70 73.93 -32.79
C ASP P 127 84.59 73.32 -31.91
N GLN P 128 84.77 72.13 -31.34
CA GLN P 128 83.91 71.53 -30.32
C GLN P 128 84.34 71.86 -28.87
N CYS P 129 85.50 72.45 -28.66
CA CYS P 129 85.96 72.94 -27.37
C CYS P 129 85.42 74.33 -27.07
N SER P 130 85.41 74.71 -25.80
CA SER P 130 85.04 76.04 -25.31
C SER P 130 86.03 76.42 -24.22
N GLY P 131 87.07 77.15 -24.54
CA GLY P 131 88.23 77.28 -23.66
C GLY P 131 89.05 76.00 -23.62
N LEU P 132 89.57 75.60 -24.78
CA LEU P 132 90.56 74.53 -24.94
C LEU P 132 91.81 74.86 -24.09
N GLN P 133 92.24 73.93 -23.25
CA GLN P 133 93.32 74.15 -22.29
C GLN P 133 94.70 74.04 -22.94
N GLY P 134 94.85 73.11 -23.88
CA GLY P 134 96.09 72.84 -24.59
C GLY P 134 96.04 71.58 -25.43
N PHE P 135 97.21 71.16 -25.91
CA PHE P 135 97.44 69.93 -26.68
C PHE P 135 98.31 68.97 -25.88
N LEU P 136 98.05 67.67 -25.93
CA LEU P 136 98.90 66.63 -25.38
C LEU P 136 99.46 65.80 -26.53
N VAL P 137 100.71 66.00 -26.91
CA VAL P 137 101.31 65.37 -28.11
C VAL P 137 102.26 64.21 -27.74
N PHE P 138 101.93 62.99 -28.15
CA PHE P 138 102.64 61.75 -27.80
C PHE P 138 103.42 61.19 -28.99
N HIS P 139 104.72 60.94 -28.82
CA HIS P 139 105.58 60.50 -29.91
C HIS P 139 106.91 59.86 -29.47
N SER P 140 107.59 59.23 -30.42
CA SER P 140 108.97 58.75 -30.30
C SER P 140 109.94 59.77 -30.89
N PHE P 141 111.03 60.08 -30.20
CA PHE P 141 112.12 60.89 -30.74
C PHE P 141 112.93 60.15 -31.82
N GLY P 142 112.96 58.81 -31.76
CA GLY P 142 113.77 57.98 -32.64
C GLY P 142 113.12 57.59 -33.96
N GLY P 143 111.79 57.62 -34.02
CA GLY P 143 111.02 57.31 -35.22
C GLY P 143 111.14 58.30 -36.37
N GLY P 144 110.86 57.86 -37.59
CA GLY P 144 110.70 58.73 -38.74
C GLY P 144 109.39 59.50 -38.70
N THR P 145 108.27 58.85 -38.39
CA THR P 145 106.98 59.53 -38.15
C THR P 145 107.03 60.30 -36.83
N GLY P 146 107.52 59.68 -35.76
CA GLY P 146 107.74 60.29 -34.46
C GLY P 146 108.48 61.63 -34.49
N SER P 147 109.62 61.74 -35.15
CA SER P 147 110.39 62.99 -35.28
C SER P 147 109.90 63.90 -36.41
N GLY P 148 109.83 63.39 -37.63
CA GLY P 148 109.55 64.16 -38.83
C GLY P 148 108.10 64.58 -38.96
N PHE P 149 107.14 63.72 -38.62
CA PHE P 149 105.74 64.13 -38.73
C PHE P 149 105.33 65.01 -37.56
N THR P 150 105.76 64.72 -36.33
CA THR P 150 105.49 65.60 -35.19
C THR P 150 106.06 66.99 -35.42
N SER P 151 107.25 67.10 -35.99
CA SER P 151 107.88 68.40 -36.28
C SER P 151 107.21 69.15 -37.42
N LEU P 152 106.60 68.44 -38.39
CA LEU P 152 105.74 69.03 -39.41
C LEU P 152 104.43 69.53 -38.80
N LEU P 153 103.77 68.72 -37.98
CA LEU P 153 102.53 69.08 -37.32
C LEU P 153 102.70 70.24 -36.33
N MET P 154 103.68 70.20 -35.44
CA MET P 154 103.88 71.26 -34.46
C MET P 154 104.14 72.63 -35.09
N GLU P 155 104.85 72.70 -36.21
CA GLU P 155 105.09 73.95 -36.92
C GLU P 155 103.79 74.58 -37.40
N ARG P 156 102.82 73.77 -37.81
CA ARG P 156 101.47 74.21 -38.19
C ARG P 156 100.63 74.62 -36.99
N LEU P 157 100.57 73.79 -35.95
CA LEU P 157 99.81 74.13 -34.75
C LEU P 157 100.35 75.37 -34.04
N SER P 158 101.64 75.70 -34.17
CA SER P 158 102.24 76.87 -33.54
C SER P 158 102.00 78.18 -34.30
N VAL P 159 101.49 78.15 -35.53
CA VAL P 159 100.92 79.31 -36.23
C VAL P 159 99.40 79.31 -36.16
N ASP P 160 98.74 78.16 -36.21
CA ASP P 160 97.28 78.07 -36.13
C ASP P 160 96.70 78.31 -34.74
N TYR P 161 97.36 77.88 -33.67
CA TYR P 161 96.92 77.94 -32.27
C TYR P 161 98.01 78.55 -31.38
N GLY P 162 98.57 79.69 -31.75
CA GLY P 162 99.79 80.21 -31.12
C GLY P 162 99.74 80.42 -29.60
N LYS P 163 98.59 80.79 -29.04
CA LYS P 163 98.42 81.00 -27.59
C LYS P 163 98.37 79.70 -26.77
N LYS P 164 97.83 78.62 -27.33
CA LYS P 164 97.47 77.38 -26.62
C LYS P 164 98.71 76.58 -26.19
N SER P 165 98.74 76.11 -24.95
CA SER P 165 99.88 75.34 -24.40
C SER P 165 100.05 73.98 -25.07
N LYS P 166 101.24 73.69 -25.58
CA LYS P 166 101.58 72.42 -26.24
C LYS P 166 102.48 71.61 -25.32
N LEU P 167 101.89 70.62 -24.65
CA LEU P 167 102.58 69.68 -23.77
C LEU P 167 102.95 68.46 -24.60
N GLU P 168 104.14 67.93 -24.40
CA GLU P 168 104.67 66.95 -25.32
C GLU P 168 105.39 65.81 -24.59
N PHE P 169 104.95 64.58 -24.84
CA PHE P 169 105.45 63.40 -24.16
C PHE P 169 106.27 62.56 -25.13
N SER P 170 107.56 62.47 -24.88
CA SER P 170 108.53 61.95 -25.83
C SER P 170 109.24 60.72 -25.29
N VAL P 171 109.17 59.61 -26.01
CA VAL P 171 110.06 58.48 -25.77
C VAL P 171 111.41 58.75 -26.45
N TYR P 172 112.45 58.94 -25.66
CA TYR P 172 113.76 59.46 -25.99
C TYR P 172 114.82 58.36 -25.98
N PRO P 173 115.83 58.37 -26.86
CA PRO P 173 116.88 57.35 -26.84
C PRO P 173 117.66 57.17 -25.53
N ALA P 174 117.99 55.91 -25.20
CA ALA P 174 118.62 55.50 -23.96
C ALA P 174 120.17 55.55 -24.00
N PRO P 175 120.86 55.39 -22.86
CA PRO P 175 122.31 55.20 -22.85
C PRO P 175 122.76 53.98 -23.66
N ARG P 176 122.14 52.79 -23.49
CA ARG P 176 122.58 51.53 -24.11
C ARG P 176 121.49 50.89 -25.00
N ILE P 177 120.25 50.80 -24.50
CA ILE P 177 119.10 50.27 -25.24
C ILE P 177 118.76 51.14 -26.45
N SER P 178 118.69 50.53 -27.62
CA SER P 178 118.31 51.19 -28.86
C SER P 178 117.70 50.17 -29.81
N THR P 179 116.81 50.62 -30.70
CA THR P 179 116.09 49.76 -31.64
C THR P 179 116.47 50.02 -33.10
N ALA P 180 117.26 51.06 -33.35
CA ALA P 180 117.59 51.61 -34.65
C ALA P 180 119.03 52.10 -34.66
N VAL P 181 119.64 52.11 -35.82
CA VAL P 181 120.98 52.65 -36.02
C VAL P 181 120.94 54.18 -36.12
N VAL P 182 119.86 54.73 -36.70
CA VAL P 182 119.68 56.16 -37.01
C VAL P 182 118.88 56.96 -35.96
N GLU P 183 118.57 56.35 -34.81
CA GLU P 183 117.92 56.97 -33.65
C GLU P 183 118.58 58.30 -33.19
N PRO P 184 119.94 58.45 -33.16
CA PRO P 184 120.60 59.73 -32.88
C PRO P 184 120.35 60.85 -33.90
N TYR P 185 120.24 60.52 -35.18
CA TYR P 185 119.95 61.48 -36.24
C TYR P 185 118.54 62.03 -36.11
N ASN P 186 117.53 61.17 -35.91
CA ASN P 186 116.15 61.59 -35.80
C ASN P 186 115.89 62.44 -34.54
N SER P 187 116.55 62.10 -33.44
CA SER P 187 116.42 62.82 -32.18
C SER P 187 117.02 64.21 -32.23
N ILE P 188 118.23 64.37 -32.76
CA ILE P 188 118.89 65.68 -32.90
C ILE P 188 118.12 66.59 -33.86
N LEU P 189 117.64 66.08 -35.00
CA LEU P 189 116.78 66.84 -35.92
C LEU P 189 115.45 67.29 -35.28
N THR P 190 114.96 66.58 -34.26
CA THR P 190 113.77 66.97 -33.50
C THR P 190 114.00 68.14 -32.54
N THR P 191 115.22 68.44 -32.11
CA THR P 191 115.49 69.45 -31.07
C THR P 191 115.03 70.87 -31.41
N HIS P 192 114.86 71.22 -32.68
CA HIS P 192 114.22 72.48 -33.08
C HIS P 192 112.73 72.52 -32.76
N THR P 193 112.05 71.37 -32.84
CA THR P 193 110.63 71.23 -32.59
C THR P 193 110.33 71.54 -31.15
N THR P 194 111.01 70.83 -30.25
CA THR P 194 110.84 71.03 -28.82
C THR P 194 111.28 72.40 -28.38
N LEU P 195 112.41 72.94 -28.85
CA LEU P 195 112.81 74.30 -28.48
C LEU P 195 111.84 75.39 -28.95
N GLU P 196 111.40 75.39 -30.21
CA GLU P 196 110.66 76.52 -30.78
C GLU P 196 109.13 76.36 -30.73
N HIS P 197 108.61 75.13 -30.84
CA HIS P 197 107.17 74.84 -31.05
C HIS P 197 106.56 73.92 -29.99
N SER P 198 107.06 73.99 -28.76
CA SER P 198 106.55 73.24 -27.61
C SER P 198 106.65 74.12 -26.36
N ASP P 199 105.82 73.88 -25.34
CA ASP P 199 105.79 74.70 -24.12
C ASP P 199 106.25 73.94 -22.88
N CYS P 200 106.11 72.61 -22.85
CA CYS P 200 106.66 71.77 -21.80
C CYS P 200 106.84 70.34 -22.33
N ALA P 201 108.08 69.86 -22.37
CA ALA P 201 108.43 68.62 -23.05
C ALA P 201 108.95 67.56 -22.08
N PHE P 202 108.15 66.53 -21.85
CA PHE P 202 108.43 65.43 -20.93
C PHE P 202 109.18 64.30 -21.66
N MET P 203 110.49 64.32 -21.55
CA MET P 203 111.35 63.22 -22.00
C MET P 203 111.16 62.00 -21.10
N VAL P 204 111.04 60.82 -21.71
CA VAL P 204 110.94 59.52 -21.05
C VAL P 204 111.89 58.55 -21.76
N ASP P 205 112.41 57.55 -21.06
CA ASP P 205 113.41 56.60 -21.55
C ASP P 205 112.96 55.15 -21.33
N ASN P 206 113.04 54.32 -22.37
CA ASN P 206 112.69 52.89 -22.28
C ASN P 206 113.56 52.16 -21.27
N GLU P 207 114.86 52.45 -21.18
CA GLU P 207 115.78 51.71 -20.32
C GLU P 207 115.59 52.01 -18.82
N ALA P 208 115.19 53.23 -18.49
CA ALA P 208 114.87 53.64 -17.14
C ALA P 208 113.58 53.00 -16.64
N ILE P 209 112.53 52.97 -17.47
CA ILE P 209 111.31 52.24 -17.10
C ILE P 209 111.56 50.74 -17.04
N TYR P 210 112.37 50.16 -17.93
CA TYR P 210 112.73 48.74 -17.80
C TYR P 210 113.37 48.43 -16.43
N ASP P 211 114.19 49.33 -15.89
CA ASP P 211 114.83 49.14 -14.60
C ASP P 211 113.87 49.37 -13.42
N ILE P 212 112.99 50.37 -13.52
CA ILE P 212 111.87 50.55 -12.59
C ILE P 212 110.99 49.31 -12.54
N CYS P 213 110.65 48.71 -13.69
CA CYS P 213 109.85 47.49 -13.73
C CYS P 213 110.53 46.34 -12.99
N ASN P 214 111.84 46.18 -13.18
CA ASN P 214 112.64 45.12 -12.57
C ASN P 214 112.72 45.25 -11.04
N ARG P 215 112.91 46.47 -10.54
CA ARG P 215 113.17 46.76 -9.12
C ARG P 215 111.94 46.99 -8.25
N ASN P 216 110.84 47.49 -8.82
CA ASN P 216 109.65 47.91 -8.07
C ASN P 216 108.42 47.04 -8.35
N LEU P 217 108.20 46.63 -9.60
CA LEU P 217 107.10 45.73 -9.96
C LEU P 217 107.52 44.25 -9.87
N ASP P 218 108.82 44.01 -9.79
CA ASP P 218 109.48 42.69 -9.80
C ASP P 218 109.15 41.83 -11.03
N ILE P 219 108.66 42.43 -12.12
CA ILE P 219 108.53 41.75 -13.41
C ILE P 219 109.90 41.67 -14.06
N GLU P 220 110.35 40.45 -14.34
CA GLU P 220 111.75 40.20 -14.75
C GLU P 220 112.03 40.60 -16.22
N ARG P 221 111.00 40.47 -17.08
CA ARG P 221 111.04 40.62 -18.53
C ARG P 221 109.80 41.37 -19.09
N PRO P 222 109.68 42.69 -18.98
CA PRO P 222 108.51 43.43 -19.47
C PRO P 222 108.49 43.68 -20.99
N SER P 223 107.28 43.81 -21.51
CA SER P 223 106.94 44.25 -22.87
C SER P 223 106.79 45.77 -22.93
N TYR P 224 106.37 46.31 -24.08
CA TYR P 224 105.92 47.69 -24.14
C TYR P 224 104.58 47.95 -23.46
N THR P 225 103.69 46.96 -23.31
CA THR P 225 102.42 47.21 -22.60
C THR P 225 102.68 47.63 -21.17
N ASN P 226 103.72 47.10 -20.53
CA ASN P 226 104.10 47.48 -19.17
C ASN P 226 104.66 48.92 -19.09
N LEU P 227 105.37 49.38 -20.12
CA LEU P 227 105.90 50.74 -20.17
C LEU P 227 104.78 51.75 -20.38
N ASN P 228 103.92 51.49 -21.36
CA ASN P 228 102.85 52.40 -21.72
C ASN P 228 101.85 52.58 -20.58
N ARG P 229 101.61 51.53 -19.79
CA ARG P 229 100.79 51.62 -18.57
C ARG P 229 101.43 52.46 -17.46
N LEU P 230 102.72 52.75 -17.48
CA LEU P 230 103.34 53.75 -16.59
C LEU P 230 103.30 55.16 -17.20
N ILE P 231 103.53 55.28 -18.51
CA ILE P 231 103.57 56.58 -19.19
C ILE P 231 102.18 57.23 -19.24
N ALA P 232 101.12 56.44 -19.41
CA ALA P 232 99.75 56.95 -19.33
C ALA P 232 99.39 57.39 -17.90
N GLN P 233 99.85 56.67 -16.88
CA GLN P 233 99.55 56.97 -15.50
C GLN P 233 100.07 58.36 -15.09
N ILE P 234 101.22 58.79 -15.61
CA ILE P 234 101.73 60.15 -15.40
C ILE P 234 100.80 61.18 -16.03
N VAL P 235 100.31 60.98 -17.25
CA VAL P 235 99.43 61.98 -17.90
C VAL P 235 98.05 62.04 -17.26
N SER P 236 97.53 60.92 -16.76
CA SER P 236 96.34 60.95 -15.91
C SER P 236 96.56 61.86 -14.71
N SER P 237 97.73 61.81 -14.09
CA SER P 237 98.06 62.60 -12.91
C SER P 237 98.36 64.08 -13.22
N ILE P 238 98.93 64.40 -14.37
CA ILE P 238 99.06 65.78 -14.87
C ILE P 238 97.67 66.36 -15.13
N THR P 239 96.78 65.60 -15.75
CA THR P 239 95.43 66.07 -16.06
C THR P 239 94.44 65.94 -14.92
N ALA P 240 94.74 65.25 -13.81
CA ALA P 240 93.75 65.00 -12.77
C ALA P 240 93.14 66.29 -12.20
N SER P 241 93.91 67.36 -12.02
CA SER P 241 93.40 68.65 -11.57
C SER P 241 92.48 69.35 -12.56
N LEU P 242 92.53 68.97 -13.81
CA LEU P 242 91.65 69.47 -14.86
C LEU P 242 90.29 68.74 -14.85
N ARG P 243 90.30 67.50 -14.36
CA ARG P 243 89.21 66.51 -14.41
C ARG P 243 88.43 66.36 -13.10
N PHE P 244 89.01 66.69 -11.95
CA PHE P 244 88.49 66.28 -10.63
C PHE P 244 88.56 67.37 -9.55
N ASP P 245 87.86 67.17 -8.43
CA ASP P 245 87.98 68.03 -7.25
C ASP P 245 89.27 67.72 -6.45
N GLY P 246 89.83 68.73 -5.83
CA GLY P 246 91.05 68.65 -5.03
C GLY P 246 91.16 69.75 -3.98
N ALA P 247 92.10 69.61 -3.05
CA ALA P 247 92.39 70.65 -2.06
C ALA P 247 93.16 71.82 -2.67
N LEU P 248 94.03 71.53 -3.63
CA LEU P 248 94.92 72.47 -4.31
C LEU P 248 95.01 72.08 -5.80
N ASN P 249 93.94 72.24 -6.56
CA ASN P 249 93.94 71.93 -7.99
C ASN P 249 94.92 72.82 -8.76
N VAL P 250 95.60 72.27 -9.77
CA VAL P 250 96.61 72.96 -10.59
C VAL P 250 96.13 73.08 -12.04
N ASP P 251 96.02 74.31 -12.53
CA ASP P 251 95.71 74.58 -13.94
C ASP P 251 96.90 74.24 -14.86
N LEU P 252 96.64 73.91 -16.12
CA LEU P 252 97.71 73.52 -17.06
C LEU P 252 98.76 74.63 -17.34
N THR P 253 98.40 75.90 -17.15
CA THR P 253 99.33 77.06 -17.19
C THR P 253 99.90 77.45 -15.83
N GLU P 254 99.18 77.20 -14.75
CA GLU P 254 99.69 77.30 -13.39
C GLU P 254 100.87 76.35 -13.17
N PHE P 255 100.76 75.16 -13.72
CA PHE P 255 101.81 74.15 -13.80
C PHE P 255 103.08 74.72 -14.46
N GLN P 256 102.95 75.29 -15.66
CA GLN P 256 104.05 75.88 -16.41
C GLN P 256 104.65 77.11 -15.73
N THR P 257 103.86 77.97 -15.10
CA THR P 257 104.38 79.16 -14.38
C THR P 257 105.28 78.80 -13.19
N ASN P 258 105.19 77.61 -12.65
CA ASN P 258 106.05 77.09 -11.59
C ASN P 258 107.15 76.14 -12.09
N LEU P 259 106.92 75.38 -13.16
CA LEU P 259 107.94 74.50 -13.75
C LEU P 259 109.01 75.24 -14.53
N VAL P 260 108.65 76.26 -15.31
CA VAL P 260 109.51 76.83 -16.34
C VAL P 260 110.10 78.16 -15.87
N PRO P 261 111.38 78.21 -15.45
CA PRO P 261 112.01 79.44 -14.99
C PRO P 261 112.41 80.40 -16.11
N TYR P 262 112.71 79.89 -17.31
CA TYR P 262 113.20 80.67 -18.44
C TYR P 262 112.57 80.12 -19.73
N PRO P 263 112.38 80.92 -20.79
CA PRO P 263 111.61 80.51 -21.95
C PRO P 263 112.03 79.17 -22.57
N ARG P 264 113.34 78.84 -22.58
CA ARG P 264 113.83 77.63 -23.24
C ARG P 264 114.06 76.44 -22.29
N ILE P 265 113.82 76.64 -20.99
CA ILE P 265 114.15 75.70 -19.92
C ILE P 265 112.87 75.02 -19.45
N HIS P 266 112.32 74.22 -20.34
CA HIS P 266 111.00 73.61 -20.24
C HIS P 266 111.03 72.11 -20.46
N PHE P 267 112.16 71.48 -20.15
CA PHE P 267 112.39 70.04 -20.22
C PHE P 267 112.47 69.43 -18.82
N PRO P 268 111.36 69.28 -18.09
CA PRO P 268 111.37 68.62 -16.80
C PRO P 268 111.56 67.10 -16.95
N LEU P 269 112.19 66.50 -15.95
CA LEU P 269 112.00 65.09 -15.65
C LEU P 269 110.59 64.86 -15.13
N VAL P 270 110.16 63.60 -15.18
CA VAL P 270 108.95 63.12 -14.55
C VAL P 270 109.23 61.81 -13.80
N THR P 271 108.52 61.57 -12.72
CA THR P 271 108.55 60.33 -11.96
C THR P 271 107.21 60.13 -11.26
N TYR P 272 106.90 58.90 -10.87
CA TYR P 272 105.64 58.53 -10.24
C TYR P 272 105.94 57.65 -9.03
N SER P 273 105.19 57.80 -7.94
CA SER P 273 105.30 56.93 -6.79
C SER P 273 103.94 56.71 -6.13
N PRO P 274 103.71 55.55 -5.53
CA PRO P 274 104.58 54.38 -5.54
C PRO P 274 104.36 53.55 -6.80
N ILE P 275 105.41 53.24 -7.56
CA ILE P 275 105.35 52.08 -8.45
C ILE P 275 105.50 50.84 -7.58
N ILE P 276 104.50 49.97 -7.54
CA ILE P 276 104.51 48.84 -6.59
C ILE P 276 103.65 47.68 -7.07
N SER P 277 104.02 46.44 -6.78
CA SER P 277 103.20 45.26 -7.07
C SER P 277 102.34 44.85 -5.89
N ALA P 278 101.35 43.99 -6.12
CA ALA P 278 100.51 43.44 -5.06
C ALA P 278 101.27 42.54 -4.07
N GLU P 279 102.50 42.12 -4.36
CA GLU P 279 103.31 41.33 -3.42
C GLU P 279 103.80 42.17 -2.25
N LYS P 280 104.01 43.48 -2.46
CA LYS P 280 104.66 44.40 -1.52
C LYS P 280 103.73 45.50 -1.01
N ALA P 281 102.72 45.90 -1.76
CA ALA P 281 101.84 47.01 -1.39
C ALA P 281 101.11 46.80 -0.05
N TYR P 282 100.88 45.55 0.36
CA TYR P 282 100.28 45.22 1.65
C TYR P 282 101.27 45.15 2.82
N HIS P 283 102.57 45.38 2.61
CA HIS P 283 103.59 45.37 3.68
C HIS P 283 104.33 46.70 3.85
N GLU P 284 104.48 47.49 2.79
CA GLU P 284 104.93 48.88 2.86
C GLU P 284 103.86 49.76 3.53
N GLN P 285 104.25 50.83 4.23
CA GLN P 285 103.25 51.79 4.73
C GLN P 285 102.65 52.65 3.63
N LEU P 286 103.43 53.08 2.63
CA LEU P 286 102.98 54.02 1.60
C LEU P 286 102.36 55.29 2.22
N SER P 287 102.93 55.74 3.33
CA SER P 287 102.64 57.04 3.92
C SER P 287 103.10 58.17 2.98
N VAL P 288 102.54 59.37 3.16
CA VAL P 288 102.90 60.51 2.32
C VAL P 288 104.39 60.83 2.37
N PRO P 289 105.05 60.65 3.51
CA PRO P 289 106.49 60.85 3.63
C PRO P 289 107.29 59.92 2.72
N GLU P 290 106.92 58.65 2.62
CA GLU P 290 107.67 57.66 1.83
C GLU P 290 107.51 57.89 0.33
N ILE P 291 106.29 58.09 -0.16
CA ILE P 291 106.04 58.31 -1.58
C ILE P 291 106.55 59.67 -2.07
N THR P 292 106.70 60.66 -1.17
CA THR P 292 107.41 61.89 -1.50
C THR P 292 108.91 61.62 -1.67
N ASN P 293 109.55 60.96 -0.70
CA ASN P 293 110.98 60.65 -0.75
C ASN P 293 111.34 59.74 -1.92
N ALA P 294 110.46 58.81 -2.32
CA ALA P 294 110.69 57.96 -3.49
C ALA P 294 110.92 58.75 -4.79
N CYS P 295 110.32 59.94 -4.94
CA CYS P 295 110.49 60.75 -6.13
C CYS P 295 111.89 61.37 -6.25
N PHE P 296 112.67 61.44 -5.18
CA PHE P 296 114.02 61.97 -5.21
C PHE P 296 115.10 60.90 -5.33
N GLU P 297 114.74 59.62 -5.34
CA GLU P 297 115.69 58.53 -5.61
C GLU P 297 116.06 58.50 -7.11
N TYR P 298 117.34 58.42 -7.48
CA TYR P 298 117.77 58.14 -8.86
C TYR P 298 117.11 56.87 -9.44
N SER P 299 116.81 55.92 -8.57
CA SER P 299 116.12 54.68 -8.88
C SER P 299 114.72 54.85 -9.50
N ASN P 300 114.04 55.98 -9.36
CA ASN P 300 112.68 56.15 -9.89
C ASN P 300 112.58 57.20 -11.01
N GLN P 301 113.69 57.81 -11.43
CA GLN P 301 113.69 58.75 -12.54
C GLN P 301 113.51 57.99 -13.86
N MET P 302 112.61 58.45 -14.73
CA MET P 302 112.29 57.80 -16.01
C MET P 302 113.13 58.32 -17.18
N VAL P 303 114.31 58.87 -16.92
CA VAL P 303 115.41 59.12 -17.86
C VAL P 303 116.69 58.67 -17.15
N LYS P 304 117.57 57.89 -17.80
CA LYS P 304 118.82 57.43 -17.18
C LYS P 304 119.86 58.55 -17.08
N CYS P 305 119.64 59.43 -16.12
CA CYS P 305 120.55 60.47 -15.64
C CYS P 305 120.41 60.58 -14.11
N ASP P 306 121.43 61.05 -13.41
CA ASP P 306 121.43 61.11 -11.95
C ASP P 306 121.10 62.54 -11.48
N PRO P 307 119.98 62.80 -10.79
CA PRO P 307 119.64 64.15 -10.33
C PRO P 307 120.66 64.80 -9.39
N ARG P 308 121.50 63.99 -8.74
CA ARG P 308 122.56 64.46 -7.83
C ARG P 308 123.73 65.08 -8.58
N ARG P 309 123.88 64.75 -9.86
CA ARG P 309 124.82 65.45 -10.75
C ARG P 309 124.25 66.77 -11.29
N GLY P 310 123.07 67.19 -10.86
CA GLY P 310 122.45 68.47 -11.21
C GLY P 310 122.13 69.34 -10.01
N LYS P 311 121.39 70.43 -10.28
CA LYS P 311 120.60 71.16 -9.28
C LYS P 311 119.17 71.29 -9.74
N TYR P 312 118.24 71.16 -8.82
CA TYR P 312 116.82 71.39 -9.04
C TYR P 312 116.54 72.88 -9.19
N MET P 313 115.77 73.23 -10.22
CA MET P 313 115.23 74.56 -10.42
C MET P 313 113.83 74.67 -9.82
N ALA P 314 112.92 73.75 -10.14
CA ALA P 314 111.60 73.69 -9.56
C ALA P 314 111.01 72.28 -9.59
N CYS P 315 110.21 71.91 -8.60
CA CYS P 315 109.47 70.66 -8.55
C CYS P 315 107.97 70.93 -8.45
N CYS P 316 107.16 70.30 -9.28
CA CYS P 316 105.72 70.16 -9.07
C CYS P 316 105.45 68.79 -8.46
N LEU P 317 105.07 68.74 -7.20
CA LEU P 317 104.58 67.53 -6.55
C LEU P 317 103.06 67.49 -6.72
N LEU P 318 102.56 66.71 -7.67
CA LEU P 318 101.13 66.55 -7.97
C LEU P 318 100.57 65.31 -7.25
N TYR P 319 100.15 65.46 -6.00
CA TYR P 319 99.54 64.36 -5.24
C TYR P 319 98.10 64.12 -5.65
N ARG P 320 97.70 62.85 -5.52
CA ARG P 320 96.33 62.44 -5.75
C ARG P 320 95.91 61.31 -4.82
N GLY P 321 94.63 61.23 -4.53
CA GLY P 321 94.09 60.30 -3.54
C GLY P 321 94.07 60.89 -2.14
N ASP P 322 94.15 60.03 -1.12
CA ASP P 322 93.96 60.39 0.29
C ASP P 322 95.19 61.08 0.90
N VAL P 323 95.38 62.38 0.68
CA VAL P 323 96.47 63.17 1.29
C VAL P 323 95.97 64.51 1.83
N VAL P 324 96.70 65.09 2.78
CA VAL P 324 96.30 66.31 3.49
C VAL P 324 97.47 67.30 3.46
N PRO P 325 97.27 68.60 3.21
CA PRO P 325 98.35 69.59 3.16
C PRO P 325 99.29 69.63 4.36
N LYS P 326 98.84 69.27 5.57
CA LYS P 326 99.70 69.01 6.74
C LYS P 326 100.86 68.08 6.35
N ASP P 327 100.53 66.90 5.82
CA ASP P 327 101.46 65.82 5.53
C ASP P 327 102.45 66.20 4.45
N VAL P 328 101.98 66.93 3.44
CA VAL P 328 102.81 67.36 2.33
C VAL P 328 103.82 68.41 2.78
N ASN P 329 103.41 69.41 3.57
CA ASN P 329 104.36 70.39 4.08
C ASN P 329 105.42 69.74 4.98
N ALA P 330 105.01 68.84 5.87
CA ALA P 330 105.91 68.06 6.72
C ALA P 330 106.87 67.16 5.92
N ALA P 331 106.43 66.63 4.77
CA ALA P 331 107.27 65.90 3.84
C ALA P 331 108.28 66.80 3.13
N ILE P 332 107.86 67.87 2.45
CA ILE P 332 108.82 68.73 1.73
C ILE P 332 109.82 69.41 2.67
N ALA P 333 109.47 69.62 3.92
CA ALA P 333 110.41 70.05 4.94
C ALA P 333 111.57 69.06 5.14
N ALA P 334 111.34 67.75 5.09
CA ALA P 334 112.45 66.79 5.12
C ALA P 334 113.27 66.82 3.83
N ILE P 335 112.62 66.99 2.66
CA ILE P 335 113.37 67.12 1.40
C ILE P 335 114.28 68.36 1.44
N LYS P 336 113.83 69.51 1.94
CA LYS P 336 114.68 70.71 2.13
C LYS P 336 115.81 70.49 3.12
N THR P 337 115.68 69.55 4.05
CA THR P 337 116.69 69.27 5.07
C THR P 337 117.84 68.43 4.51
N ARG P 338 117.58 67.55 3.53
CA ARG P 338 118.57 66.64 2.92
C ARG P 338 119.54 67.35 1.97
N ARG P 339 120.83 67.39 2.29
CA ARG P 339 121.88 68.12 1.55
C ARG P 339 122.24 67.50 0.20
N SER P 340 121.89 66.24 -0.05
CA SER P 340 122.05 65.59 -1.35
C SER P 340 121.05 66.04 -2.42
N ILE P 341 119.87 66.57 -2.03
CA ILE P 341 118.86 67.14 -2.94
C ILE P 341 119.09 68.65 -3.04
N GLN P 342 119.86 69.11 -4.02
CA GLN P 342 120.29 70.52 -4.07
C GLN P 342 119.52 71.35 -5.08
N PHE P 343 118.85 72.38 -4.60
CA PHE P 343 118.21 73.38 -5.43
C PHE P 343 119.20 74.49 -5.81
N VAL P 344 118.89 75.20 -6.88
CA VAL P 344 119.55 76.46 -7.27
C VAL P 344 119.35 77.55 -6.23
N ASP P 345 120.31 78.46 -6.13
CA ASP P 345 120.35 79.59 -5.19
C ASP P 345 119.22 80.60 -5.42
N TRP P 346 118.71 80.67 -6.64
CA TRP P 346 117.70 81.61 -7.10
C TRP P 346 116.26 81.07 -7.03
N CYS P 347 116.03 79.87 -6.52
CA CYS P 347 114.68 79.34 -6.32
C CYS P 347 114.50 78.93 -4.86
N PRO P 348 114.27 79.90 -3.95
CA PRO P 348 114.24 79.65 -2.51
C PRO P 348 112.96 78.94 -2.05
N THR P 349 111.90 79.04 -2.84
CA THR P 349 110.62 78.37 -2.67
C THR P 349 110.67 76.92 -3.16
N GLY P 350 111.15 76.67 -4.38
CA GLY P 350 111.43 75.35 -4.94
C GLY P 350 110.22 74.52 -5.36
N PHE P 351 109.23 74.35 -4.50
CA PHE P 351 108.14 73.40 -4.65
C PHE P 351 106.83 74.08 -4.98
N LYS P 352 106.18 73.60 -6.04
CA LYS P 352 104.77 73.79 -6.35
C LYS P 352 104.03 72.52 -5.97
N VAL P 353 103.03 72.63 -5.13
CA VAL P 353 102.24 71.51 -4.62
C VAL P 353 100.87 71.55 -5.27
N GLY P 354 100.42 70.40 -5.77
CA GLY P 354 99.04 70.15 -6.16
C GLY P 354 98.48 68.97 -5.37
N ILE P 355 97.20 69.01 -4.99
CA ILE P 355 96.57 67.93 -4.24
C ILE P 355 95.17 67.71 -4.78
N ASN P 356 94.87 66.48 -5.22
CA ASN P 356 93.61 66.09 -5.87
C ASN P 356 92.93 64.89 -5.19
N TYR P 357 91.61 64.88 -5.02
CA TYR P 357 90.92 63.88 -4.18
C TYR P 357 90.66 62.53 -4.86
N GLN P 358 91.02 62.38 -6.14
CA GLN P 358 90.75 61.15 -6.90
C GLN P 358 91.96 60.20 -6.88
N PRO P 359 91.87 59.01 -6.27
CA PRO P 359 92.94 58.02 -6.26
C PRO P 359 93.37 57.59 -7.67
N PRO P 360 94.55 56.96 -7.83
CA PRO P 360 94.98 56.38 -9.09
C PRO P 360 94.15 55.15 -9.47
N THR P 361 93.58 55.17 -10.67
CA THR P 361 92.81 54.05 -11.22
C THR P 361 93.72 52.91 -11.64
N ALA P 362 93.44 51.68 -11.19
CA ALA P 362 94.12 50.48 -11.70
C ALA P 362 93.55 50.03 -13.03
N VAL P 363 94.38 49.80 -14.04
CA VAL P 363 93.97 48.98 -15.18
C VAL P 363 93.89 47.52 -14.70
N PRO P 364 92.76 46.80 -14.86
CA PRO P 364 92.55 45.50 -14.23
C PRO P 364 93.54 44.40 -14.65
N GLY P 365 94.06 44.47 -15.87
CA GLY P 365 95.06 43.52 -16.37
C GLY P 365 96.50 43.81 -15.93
N GLY P 366 96.75 44.91 -15.23
CA GLY P 366 98.07 45.48 -15.02
C GLY P 366 98.87 44.93 -13.83
N ASP P 367 100.15 45.26 -13.81
CA ASP P 367 101.10 44.85 -12.77
C ASP P 367 101.08 45.77 -11.55
N VAL P 368 100.75 47.05 -11.78
CA VAL P 368 100.80 48.15 -10.81
C VAL P 368 99.58 48.12 -9.87
N ALA P 369 99.83 48.02 -8.56
CA ALA P 369 98.85 47.68 -7.54
C ALA P 369 97.91 48.82 -7.12
N LYS P 370 96.78 48.48 -6.47
CA LYS P 370 95.85 49.43 -5.87
C LYS P 370 96.48 50.06 -4.62
N VAL P 371 96.43 51.37 -4.50
CA VAL P 371 97.06 52.14 -3.43
C VAL P 371 96.24 53.37 -3.06
N LEU P 372 96.23 53.80 -1.81
CA LEU P 372 95.39 54.93 -1.39
C LEU P 372 95.87 56.28 -1.93
N ARG P 373 97.12 56.37 -2.35
CA ARG P 373 97.85 57.58 -2.65
C ARG P 373 98.74 57.39 -3.85
N ALA P 374 98.96 58.44 -4.59
CA ALA P 374 100.08 58.55 -5.48
C ALA P 374 100.53 59.99 -5.56
N VAL P 375 101.74 60.18 -6.03
CA VAL P 375 102.30 61.47 -6.42
C VAL P 375 102.93 61.31 -7.78
N CYS P 376 102.71 62.26 -8.66
CA CYS P 376 103.56 62.43 -9.79
C CYS P 376 104.43 63.64 -9.51
N MET P 377 105.74 63.48 -9.54
CA MET P 377 106.66 64.60 -9.42
C MET P 377 107.22 64.95 -10.80
N LEU P 378 106.97 66.18 -11.22
CA LEU P 378 107.48 66.71 -12.47
C LEU P 378 108.48 67.78 -12.08
N SER P 379 109.69 67.70 -12.60
CA SER P 379 110.85 68.35 -11.98
C SER P 379 111.84 68.92 -12.97
N ASN P 380 111.99 70.23 -13.01
CA ASN P 380 112.99 70.91 -13.81
C ASN P 380 114.33 70.89 -13.07
N THR P 381 115.33 70.24 -13.64
CA THR P 381 116.66 70.03 -13.05
C THR P 381 117.76 70.09 -14.08
N THR P 382 118.95 70.60 -13.73
CA THR P 382 120.09 70.70 -14.66
C THR P 382 120.63 69.35 -15.10
N ALA P 383 120.35 68.28 -14.35
CA ALA P 383 120.84 66.94 -14.61
C ALA P 383 120.46 66.39 -15.99
N ILE P 384 119.31 66.77 -16.53
CA ILE P 384 118.80 66.22 -17.81
C ILE P 384 119.74 66.50 -18.98
N ALA P 385 120.59 67.52 -18.89
CA ALA P 385 121.60 67.80 -19.90
C ALA P 385 122.58 66.64 -20.16
N GLU P 386 122.71 65.69 -19.25
CA GLU P 386 123.52 64.50 -19.48
C GLU P 386 122.85 63.53 -20.47
N ALA P 387 121.54 63.39 -20.47
CA ALA P 387 120.82 62.62 -21.48
C ALA P 387 120.96 63.21 -22.90
N TRP P 388 121.20 64.51 -23.00
CA TRP P 388 121.54 65.19 -24.25
C TRP P 388 123.01 65.04 -24.61
N ALA P 389 123.91 65.09 -23.62
CA ALA P 389 125.34 64.86 -23.80
C ALA P 389 125.67 63.42 -24.24
N ARG P 390 124.87 62.43 -23.82
CA ARG P 390 124.96 61.05 -24.32
C ARG P 390 124.67 61.00 -25.82
N LEU P 391 123.54 61.56 -26.23
CA LEU P 391 123.03 61.36 -27.57
C LEU P 391 123.75 62.19 -28.61
N ASP P 392 124.20 63.41 -28.29
CA ASP P 392 125.00 64.20 -29.23
C ASP P 392 126.43 63.65 -29.41
N HIS P 393 126.94 62.83 -28.48
CA HIS P 393 128.15 62.01 -28.68
C HIS P 393 127.90 60.78 -29.56
N LYS P 394 126.69 60.21 -29.61
CA LYS P 394 126.30 59.20 -30.63
C LYS P 394 126.19 59.81 -32.02
N PHE P 395 125.59 61.00 -32.12
CA PHE P 395 125.48 61.76 -33.35
C PHE P 395 126.84 62.11 -33.94
N ASP P 396 127.78 62.56 -33.11
CA ASP P 396 129.09 63.02 -33.57
C ASP P 396 129.92 61.93 -34.27
N LEU P 397 129.89 60.69 -33.79
CA LEU P 397 130.57 59.56 -34.41
C LEU P 397 130.06 59.24 -35.81
N MET P 398 128.75 59.34 -36.03
CA MET P 398 128.12 59.06 -37.31
C MET P 398 128.20 60.23 -38.28
N TYR P 399 128.01 61.46 -37.84
CA TYR P 399 128.10 62.61 -38.73
C TYR P 399 129.55 62.90 -39.16
N SER P 400 130.56 62.57 -38.37
CA SER P 400 131.96 62.62 -38.79
C SER P 400 132.28 61.73 -40.01
N LYS P 401 131.51 60.67 -40.24
CA LYS P 401 131.59 59.81 -41.42
C LYS P 401 130.54 60.11 -42.49
N ARG P 402 129.55 60.96 -42.20
CA ARG P 402 128.28 61.11 -42.94
C ARG P 402 127.53 59.78 -43.05
N ALA P 403 127.59 58.97 -42.00
CA ALA P 403 127.37 57.54 -42.01
C ALA P 403 126.06 57.04 -42.61
N PHE P 404 124.94 57.75 -42.54
CA PHE P 404 123.66 57.37 -43.18
C PHE P 404 123.01 58.53 -43.96
N VAL P 405 123.75 59.61 -44.20
CA VAL P 405 123.20 60.91 -44.61
C VAL P 405 122.54 60.89 -45.98
N HIS P 406 122.93 59.98 -46.88
CA HIS P 406 122.34 59.88 -48.22
C HIS P 406 120.85 59.51 -48.23
N TRP P 407 120.33 58.84 -47.21
CA TRP P 407 118.90 58.53 -47.08
C TRP P 407 118.07 59.77 -46.76
N TYR P 408 118.64 60.76 -46.07
CA TYR P 408 117.98 62.01 -45.67
C TYR P 408 118.10 63.05 -46.77
N VAL P 409 119.29 63.21 -47.35
CA VAL P 409 119.53 64.05 -48.53
C VAL P 409 118.77 63.54 -49.76
N GLY P 410 118.60 62.23 -49.89
CA GLY P 410 117.85 61.60 -50.97
C GLY P 410 116.34 61.83 -50.91
N GLU P 411 115.80 62.25 -49.78
CA GLU P 411 114.34 62.48 -49.56
C GLU P 411 113.99 63.95 -49.31
N GLY P 412 114.83 64.87 -49.80
CA GLY P 412 114.56 66.29 -49.87
C GLY P 412 115.11 67.15 -48.74
N MET P 413 115.89 66.60 -47.81
CA MET P 413 116.51 67.41 -46.76
C MET P 413 117.80 68.09 -47.20
N GLU P 414 118.04 69.33 -46.76
CA GLU P 414 119.33 70.03 -46.88
C GLU P 414 120.39 69.33 -46.01
N GLU P 415 121.58 69.05 -46.53
CA GLU P 415 122.64 68.42 -45.73
C GLU P 415 123.05 69.29 -44.52
N GLY P 416 123.04 70.60 -44.67
CA GLY P 416 123.34 71.57 -43.61
C GLY P 416 122.40 71.54 -42.40
N GLU P 417 121.19 70.96 -42.51
CA GLU P 417 120.28 70.83 -41.37
C GLU P 417 120.85 69.94 -40.25
N PHE P 418 121.72 68.98 -40.56
CA PHE P 418 122.38 68.16 -39.54
C PHE P 418 123.34 68.99 -38.69
N SER P 419 124.12 69.87 -39.31
CA SER P 419 124.99 70.81 -38.59
C SER P 419 124.19 71.86 -37.81
N GLU P 420 123.18 72.45 -38.43
CA GLU P 420 122.22 73.38 -37.82
C GLU P 420 121.39 72.77 -36.67
N ALA P 421 121.16 71.46 -36.63
CA ALA P 421 120.52 70.75 -35.53
C ALA P 421 121.49 70.38 -34.39
N ARG P 422 122.71 69.95 -34.70
CA ARG P 422 123.75 69.69 -33.69
C ARG P 422 124.20 70.97 -32.99
N GLU P 423 124.18 72.08 -33.72
CA GLU P 423 124.45 73.44 -33.25
C GLU P 423 123.39 73.92 -32.26
N ASP P 424 122.12 73.79 -32.62
CA ASP P 424 120.99 74.19 -31.79
C ASP P 424 120.86 73.32 -30.53
N MET P 425 121.19 72.03 -30.61
CA MET P 425 121.28 71.19 -29.41
C MET P 425 122.41 71.64 -28.48
N ALA P 426 123.59 72.00 -28.99
CA ALA P 426 124.69 72.52 -28.18
C ALA P 426 124.33 73.85 -27.47
N ALA P 427 123.51 74.70 -28.07
CA ALA P 427 122.97 75.88 -27.43
C ALA P 427 121.91 75.58 -26.34
N LEU P 428 121.14 74.50 -26.42
CA LEU P 428 120.27 74.05 -25.32
C LEU P 428 121.08 73.40 -24.19
N GLU P 429 122.06 72.58 -24.52
CA GLU P 429 122.93 71.95 -23.54
C GLU P 429 123.82 72.99 -22.81
N LYS P 430 124.14 74.10 -23.47
CA LYS P 430 124.73 75.32 -22.89
C LYS P 430 123.77 76.00 -21.91
N ASP P 431 122.53 76.28 -22.31
CA ASP P 431 121.53 76.95 -21.47
C ASP P 431 121.27 76.23 -20.14
N TYR P 432 121.13 74.89 -20.13
CA TYR P 432 120.94 74.11 -18.90
C TYR P 432 122.17 74.05 -17.97
N GLU P 433 123.37 74.20 -18.50
CA GLU P 433 124.60 74.33 -17.72
C GLU P 433 124.76 75.76 -17.16
N GLU P 434 124.39 76.77 -17.95
CA GLU P 434 124.49 78.19 -17.62
C GLU P 434 123.62 78.61 -16.42
N VAL P 435 122.40 78.07 -16.27
CA VAL P 435 121.47 78.48 -15.19
C VAL P 435 121.67 77.78 -13.85
N GLY P 436 122.56 76.79 -13.77
CA GLY P 436 122.84 76.07 -12.51
C GLY P 436 123.68 76.86 -11.50
N THR P 437 124.25 78.00 -11.91
CA THR P 437 125.37 78.63 -11.22
C THR P 437 124.90 79.61 -10.13
N MET Q 1 -40.24 103.73 -32.59
CA MET Q 1 -39.42 104.73 -31.88
C MET Q 1 -38.05 104.86 -32.54
N ARG Q 2 -37.95 105.72 -33.57
CA ARG Q 2 -36.72 106.04 -34.31
C ARG Q 2 -36.00 104.81 -34.84
N GLU Q 3 -36.76 103.93 -35.47
CA GLU Q 3 -36.21 102.77 -36.14
C GLU Q 3 -35.21 103.19 -37.22
N ILE Q 4 -34.19 102.35 -37.43
CA ILE Q 4 -33.29 102.45 -38.59
C ILE Q 4 -33.45 101.20 -39.45
N VAL Q 5 -33.39 101.40 -40.75
CA VAL Q 5 -33.31 100.36 -41.78
C VAL Q 5 -31.88 100.34 -42.29
N HIS Q 6 -31.24 99.18 -42.25
CA HIS Q 6 -29.84 99.04 -42.62
C HIS Q 6 -29.69 98.21 -43.89
N LEU Q 7 -28.83 98.61 -44.82
CA LEU Q 7 -28.72 97.97 -46.13
C LEU Q 7 -27.25 97.70 -46.45
N GLN Q 8 -26.93 96.49 -46.89
CA GLN Q 8 -25.56 96.06 -47.19
C GLN Q 8 -25.37 95.80 -48.68
N ALA Q 9 -24.39 96.40 -49.34
CA ALA Q 9 -24.18 96.20 -50.79
C ALA Q 9 -22.76 95.74 -51.20
N GLY Q 10 -22.70 94.69 -52.02
CA GLY Q 10 -21.45 94.16 -52.53
C GLY Q 10 -20.64 93.37 -51.51
N GLN Q 11 -19.41 92.96 -51.80
CA GLN Q 11 -18.60 92.24 -50.82
C GLN Q 11 -18.25 93.12 -49.62
N CYS Q 12 -17.68 94.31 -49.80
CA CYS Q 12 -17.26 95.15 -48.69
C CYS Q 12 -18.44 95.55 -47.80
N GLY Q 13 -19.55 96.02 -48.36
CA GLY Q 13 -20.71 96.46 -47.60
C GLY Q 13 -21.35 95.35 -46.77
N ASN Q 14 -21.38 94.12 -47.29
CA ASN Q 14 -21.84 92.94 -46.55
C ASN Q 14 -20.83 92.46 -45.53
N GLN Q 15 -19.55 92.77 -45.67
CA GLN Q 15 -18.52 92.37 -44.71
C GLN Q 15 -18.40 93.35 -43.54
N ILE Q 16 -18.37 94.66 -43.78
CA ILE Q 16 -18.45 95.66 -42.71
C ILE Q 16 -19.82 95.61 -42.02
N GLY Q 17 -20.89 95.29 -42.75
CA GLY Q 17 -22.23 95.04 -42.21
C GLY Q 17 -22.34 93.78 -41.36
N ALA Q 18 -21.90 92.63 -41.83
CA ALA Q 18 -21.95 91.39 -41.07
C ALA Q 18 -21.08 91.41 -39.81
N LYS Q 19 -20.04 92.26 -39.75
CA LYS Q 19 -19.30 92.55 -38.50
C LYS Q 19 -20.07 93.54 -37.63
N PHE Q 20 -20.65 94.59 -38.18
CA PHE Q 20 -21.49 95.50 -37.42
C PHE Q 20 -22.60 94.78 -36.66
N TRP Q 21 -23.28 93.82 -37.28
CA TRP Q 21 -24.32 93.02 -36.63
C TRP Q 21 -23.82 92.10 -35.51
N GLU Q 22 -22.55 91.71 -35.51
CA GLU Q 22 -21.93 91.03 -34.38
C GLU Q 22 -21.62 92.00 -33.24
N VAL Q 23 -21.20 93.23 -33.53
CA VAL Q 23 -20.93 94.28 -32.54
C VAL Q 23 -22.21 94.77 -31.85
N ILE Q 24 -23.24 95.17 -32.58
CA ILE Q 24 -24.45 95.66 -31.91
C ILE Q 24 -25.29 94.55 -31.28
N SER Q 25 -25.14 93.30 -31.72
CA SER Q 25 -25.73 92.18 -31.00
C SER Q 25 -25.04 91.90 -29.66
N ASP Q 26 -23.73 92.14 -29.55
CA ASP Q 26 -23.01 92.04 -28.27
C ASP Q 26 -23.46 93.14 -27.30
N GLU Q 27 -23.61 94.37 -27.80
CA GLU Q 27 -24.15 95.51 -27.04
C GLU Q 27 -25.54 95.27 -26.50
N HIS Q 28 -26.47 94.86 -27.37
CA HIS Q 28 -27.86 94.60 -27.02
C HIS Q 28 -28.05 93.20 -26.40
N GLY Q 29 -27.00 92.40 -26.23
CA GLY Q 29 -27.04 91.12 -25.55
C GLY Q 29 -27.90 90.09 -26.26
N ILE Q 30 -27.80 90.02 -27.59
CA ILE Q 30 -28.50 89.08 -28.46
C ILE Q 30 -27.55 87.97 -28.87
N ASP Q 31 -28.00 86.75 -28.69
CA ASP Q 31 -27.34 85.49 -29.02
C ASP Q 31 -27.27 85.29 -30.56
N PRO Q 32 -26.27 84.59 -31.12
CA PRO Q 32 -26.25 84.24 -32.54
C PRO Q 32 -27.49 83.54 -33.08
N THR Q 33 -28.32 82.95 -32.20
CA THR Q 33 -29.62 82.35 -32.53
C THR Q 33 -30.71 83.41 -32.76
N GLY Q 34 -30.49 84.63 -32.30
CA GLY Q 34 -31.46 85.72 -32.23
C GLY Q 34 -32.18 85.86 -30.90
N ALA Q 35 -31.96 84.97 -29.93
CA ALA Q 35 -32.53 85.04 -28.57
C ALA Q 35 -31.84 86.11 -27.71
N TYR Q 36 -32.55 86.83 -26.86
CA TYR Q 36 -31.92 87.76 -25.90
C TYR Q 36 -31.32 87.05 -24.69
N HIS Q 37 -30.07 87.38 -24.34
CA HIS Q 37 -29.29 86.80 -23.25
C HIS Q 37 -28.51 87.86 -22.44
N GLY Q 38 -28.83 89.14 -22.60
CA GLY Q 38 -28.12 90.24 -21.98
C GLY Q 38 -28.33 90.40 -20.46
N ASP Q 39 -27.54 91.28 -19.85
CA ASP Q 39 -27.55 91.64 -18.43
C ASP Q 39 -28.71 92.57 -18.06
N SER Q 40 -28.97 93.57 -18.90
CA SER Q 40 -29.55 94.84 -18.49
C SER Q 40 -30.81 95.21 -19.26
N ASP Q 41 -31.72 95.90 -18.57
CA ASP Q 41 -32.94 96.42 -19.19
C ASP Q 41 -32.67 97.45 -20.28
N LEU Q 42 -31.58 98.21 -20.18
CA LEU Q 42 -31.22 99.24 -21.14
C LEU Q 42 -30.85 98.64 -22.50
N GLN Q 43 -30.34 97.42 -22.52
CA GLN Q 43 -30.09 96.67 -23.74
C GLN Q 43 -31.37 96.33 -24.50
N LEU Q 44 -32.47 96.13 -23.76
CA LEU Q 44 -33.76 95.71 -24.31
C LEU Q 44 -34.67 96.91 -24.62
N GLU Q 45 -34.51 98.01 -23.89
CA GLU Q 45 -35.34 99.22 -23.99
C GLU Q 45 -35.43 99.79 -25.42
N ARG Q 46 -34.35 99.76 -26.20
CA ARG Q 46 -34.28 100.27 -27.56
C ARG Q 46 -33.88 99.23 -28.61
N ILE Q 47 -34.06 97.94 -28.32
CA ILE Q 47 -33.74 96.86 -29.26
C ILE Q 47 -34.51 97.00 -30.58
N ASN Q 48 -35.67 97.65 -30.56
CA ASN Q 48 -36.44 97.96 -31.76
C ASN Q 48 -35.69 98.87 -32.75
N VAL Q 49 -34.66 99.63 -32.35
CA VAL Q 49 -33.94 100.53 -33.27
C VAL Q 49 -33.28 99.79 -34.43
N TYR Q 50 -32.79 98.58 -34.17
CA TYR Q 50 -32.10 97.77 -35.18
C TYR Q 50 -32.74 96.39 -35.40
N TYR Q 51 -33.74 95.99 -34.62
CA TYR Q 51 -34.33 94.66 -34.68
C TYR Q 51 -35.85 94.70 -34.71
N ASN Q 52 -36.47 93.64 -35.23
CA ASN Q 52 -37.88 93.35 -35.13
C ASN Q 52 -38.09 92.28 -34.05
N GLU Q 53 -39.07 92.44 -33.18
CA GLU Q 53 -39.52 91.35 -32.31
C GLU Q 53 -40.24 90.29 -33.13
N ALA Q 54 -39.96 89.02 -32.88
CA ALA Q 54 -40.67 87.86 -33.45
C ALA Q 54 -40.98 86.82 -32.35
N THR Q 55 -41.74 85.78 -32.69
CA THR Q 55 -42.28 84.82 -31.73
C THR Q 55 -41.21 84.14 -30.86
N GLY Q 56 -41.55 83.83 -29.61
CA GLY Q 56 -40.59 83.28 -28.64
C GLY Q 56 -39.55 84.30 -28.11
N GLY Q 57 -39.78 85.60 -28.29
CA GLY Q 57 -38.84 86.68 -27.97
C GLY Q 57 -37.51 86.58 -28.74
N LYS Q 58 -37.52 85.96 -29.93
CA LYS Q 58 -36.41 86.04 -30.90
C LYS Q 58 -36.43 87.40 -31.58
N TYR Q 59 -35.25 87.97 -31.77
CA TYR Q 59 -35.06 89.27 -32.41
C TYR Q 59 -34.43 89.07 -33.78
N VAL Q 60 -35.01 89.70 -34.81
CA VAL Q 60 -34.58 89.58 -36.20
C VAL Q 60 -34.08 90.93 -36.67
N PRO Q 61 -32.81 91.11 -37.03
CA PRO Q 61 -32.28 92.41 -37.39
C PRO Q 61 -32.86 92.93 -38.68
N ARG Q 62 -33.09 94.24 -38.71
CA ARG Q 62 -33.67 94.97 -39.84
C ARG Q 62 -32.61 95.34 -40.89
N ALA Q 63 -31.84 94.35 -41.30
CA ALA Q 63 -30.95 94.43 -42.43
C ALA Q 63 -31.64 93.98 -43.72
N VAL Q 64 -31.31 94.62 -44.84
CA VAL Q 64 -31.48 94.08 -46.19
C VAL Q 64 -30.08 93.79 -46.73
N LEU Q 65 -29.88 92.60 -47.29
CA LEU Q 65 -28.59 92.14 -47.77
C LEU Q 65 -28.65 92.04 -49.28
N VAL Q 66 -27.86 92.84 -49.99
CA VAL Q 66 -27.90 92.98 -51.45
C VAL Q 66 -26.55 92.65 -52.08
N ASP Q 67 -26.56 91.81 -53.11
CA ASP Q 67 -25.38 91.44 -53.89
C ASP Q 67 -25.82 90.99 -55.28
N LEU Q 68 -24.95 91.00 -56.26
CA LEU Q 68 -25.21 90.48 -57.60
C LEU Q 68 -24.65 89.06 -57.80
N GLU Q 69 -23.97 88.53 -56.80
CA GLU Q 69 -23.37 87.19 -56.71
C GLU Q 69 -23.94 86.44 -55.49
N PRO Q 70 -24.13 85.11 -55.51
CA PRO Q 70 -24.56 84.36 -54.34
C PRO Q 70 -23.46 84.19 -53.29
N GLY Q 71 -22.19 84.14 -53.69
CA GLY Q 71 -21.04 83.77 -52.85
C GLY Q 71 -20.84 84.62 -51.60
N THR Q 72 -21.17 85.92 -51.58
CA THR Q 72 -21.13 86.69 -50.31
C THR Q 72 -22.31 86.41 -49.40
N MET Q 73 -23.51 86.18 -49.95
CA MET Q 73 -24.65 85.70 -49.15
C MET Q 73 -24.33 84.37 -48.49
N ASP Q 74 -23.75 83.44 -49.24
CA ASP Q 74 -23.30 82.15 -48.73
C ASP Q 74 -22.24 82.29 -47.63
N SER Q 75 -21.35 83.28 -47.75
CA SER Q 75 -20.31 83.56 -46.75
C SER Q 75 -20.86 84.23 -45.49
N VAL Q 76 -21.87 85.09 -45.62
CA VAL Q 76 -22.58 85.71 -44.50
C VAL Q 76 -23.49 84.72 -43.80
N ARG Q 77 -24.37 84.01 -44.52
CA ARG Q 77 -25.34 83.04 -44.00
C ARG Q 77 -24.68 81.89 -43.23
N SER Q 78 -23.50 81.45 -43.67
CA SER Q 78 -22.67 80.45 -42.99
C SER Q 78 -21.77 81.02 -41.87
N GLY Q 79 -21.71 82.33 -41.70
CA GLY Q 79 -20.76 83.02 -40.82
C GLY Q 79 -21.09 82.99 -39.32
N PRO Q 80 -20.33 83.72 -38.49
CA PRO Q 80 -20.50 83.76 -37.03
C PRO Q 80 -21.91 84.11 -36.54
N PHE Q 81 -22.59 85.01 -37.27
CA PHE Q 81 -23.93 85.51 -36.95
C PHE Q 81 -24.92 85.32 -38.11
N GLY Q 82 -24.58 84.56 -39.14
CA GLY Q 82 -25.36 84.47 -40.37
C GLY Q 82 -26.82 84.03 -40.23
N GLN Q 83 -27.10 83.20 -39.22
CA GLN Q 83 -28.44 82.65 -39.00
C GLN Q 83 -29.40 83.67 -38.40
N ILE Q 84 -28.93 84.85 -38.00
CA ILE Q 84 -29.75 85.88 -37.38
C ILE Q 84 -30.70 86.55 -38.39
N PHE Q 85 -30.24 86.80 -39.62
CA PHE Q 85 -30.97 87.60 -40.63
C PHE Q 85 -32.18 86.87 -41.20
N ARG Q 86 -33.19 87.62 -41.66
CA ARG Q 86 -34.39 87.05 -42.28
C ARG Q 86 -34.04 86.42 -43.64
N PRO Q 87 -34.34 85.15 -43.94
CA PRO Q 87 -34.07 84.54 -45.25
C PRO Q 87 -34.60 85.34 -46.44
N ASP Q 88 -35.78 85.97 -46.32
CA ASP Q 88 -36.36 86.83 -47.35
C ASP Q 88 -35.57 88.12 -47.62
N ASN Q 89 -34.74 88.57 -46.68
CA ASN Q 89 -33.99 89.81 -46.81
C ASN Q 89 -32.65 89.65 -47.51
N PHE Q 90 -32.20 88.42 -47.77
CA PHE Q 90 -31.11 88.15 -48.69
C PHE Q 90 -31.63 88.26 -50.12
N VAL Q 91 -31.36 89.37 -50.80
CA VAL Q 91 -31.77 89.64 -52.17
C VAL Q 91 -30.55 89.61 -53.07
N PHE Q 92 -30.51 88.72 -54.06
CA PHE Q 92 -29.30 88.52 -54.85
C PHE Q 92 -29.55 88.06 -56.28
N GLY Q 93 -28.61 88.41 -57.17
CA GLY Q 93 -28.50 87.90 -58.54
C GLY Q 93 -27.68 86.61 -58.64
N GLN Q 94 -27.22 86.25 -59.85
CA GLN Q 94 -26.31 85.11 -60.07
C GLN Q 94 -24.99 85.53 -60.73
N SER Q 95 -25.03 86.24 -61.87
CA SER Q 95 -23.85 86.81 -62.52
C SER Q 95 -23.45 88.15 -61.88
N GLY Q 96 -22.19 88.30 -61.48
CA GLY Q 96 -21.74 89.47 -60.72
C GLY Q 96 -21.70 90.80 -61.48
N ALA Q 97 -21.22 91.84 -60.81
CA ALA Q 97 -21.02 93.16 -61.40
C ALA Q 97 -19.75 93.29 -62.25
N GLY Q 98 -18.85 92.31 -62.31
CA GLY Q 98 -17.63 92.43 -63.11
C GLY Q 98 -16.70 93.59 -62.71
N ASN Q 99 -16.83 94.14 -61.50
CA ASN Q 99 -16.23 95.41 -61.07
C ASN Q 99 -16.59 96.59 -61.97
N ASN Q 100 -17.81 96.61 -62.49
CA ASN Q 100 -18.31 97.58 -63.42
C ASN Q 100 -19.48 98.37 -62.81
N TRP Q 101 -19.34 99.69 -62.65
CA TRP Q 101 -20.42 100.54 -62.15
C TRP Q 101 -21.68 100.45 -63.02
N ALA Q 102 -21.53 100.40 -64.34
CA ALA Q 102 -22.63 100.39 -65.27
C ALA Q 102 -23.41 99.07 -65.22
N LYS Q 103 -22.76 97.93 -64.91
CA LYS Q 103 -23.49 96.69 -64.59
C LYS Q 103 -24.33 96.82 -63.35
N GLY Q 104 -23.76 97.38 -62.28
CA GLY Q 104 -24.52 97.69 -61.07
C GLY Q 104 -25.74 98.57 -61.33
N HIS Q 105 -25.55 99.73 -61.93
CA HIS Q 105 -26.56 100.76 -62.09
C HIS Q 105 -27.55 100.55 -63.24
N TYR Q 106 -27.22 99.86 -64.33
CA TYR Q 106 -28.01 99.85 -65.57
C TYR Q 106 -28.50 98.48 -66.04
N THR Q 107 -27.90 97.39 -65.58
CA THR Q 107 -28.15 96.06 -66.19
C THR Q 107 -28.48 94.99 -65.17
N GLU Q 108 -27.50 94.61 -64.37
CA GLU Q 108 -27.54 93.47 -63.47
C GLU Q 108 -28.26 93.80 -62.16
N GLY Q 109 -28.07 95.04 -61.69
CA GLY Q 109 -28.73 95.58 -60.51
C GLY Q 109 -29.99 96.35 -60.83
N ALA Q 110 -30.15 96.90 -62.03
CA ALA Q 110 -31.41 97.47 -62.48
C ALA Q 110 -32.50 96.41 -62.60
N GLU Q 111 -32.14 95.17 -62.94
CA GLU Q 111 -33.05 94.03 -62.86
C GLU Q 111 -33.44 93.72 -61.40
N LEU Q 112 -32.47 93.72 -60.49
CA LEU Q 112 -32.61 93.29 -59.11
C LEU Q 112 -33.24 94.34 -58.18
N VAL Q 113 -33.11 95.64 -58.45
CA VAL Q 113 -33.59 96.70 -57.54
C VAL Q 113 -35.09 96.64 -57.29
N ASP Q 114 -35.91 96.19 -58.23
CA ASP Q 114 -37.35 95.96 -58.02
C ASP Q 114 -37.62 94.90 -56.94
N SER Q 115 -36.73 93.93 -56.79
CA SER Q 115 -36.78 92.88 -55.77
C SER Q 115 -36.14 93.31 -54.45
N VAL Q 116 -35.24 94.31 -54.46
CA VAL Q 116 -34.68 94.92 -53.25
C VAL Q 116 -35.66 95.91 -52.63
N LEU Q 117 -36.15 96.85 -53.43
CA LEU Q 117 -36.88 97.99 -52.95
C LEU Q 117 -38.17 97.57 -52.25
N ASP Q 118 -38.85 96.53 -52.77
CA ASP Q 118 -40.07 95.98 -52.17
C ASP Q 118 -39.86 95.22 -50.86
N VAL Q 119 -38.63 94.89 -50.49
CA VAL Q 119 -38.22 94.41 -49.15
C VAL Q 119 -37.92 95.58 -48.22
N VAL Q 120 -37.28 96.64 -48.71
CA VAL Q 120 -37.09 97.89 -47.96
C VAL Q 120 -38.43 98.49 -47.51
N ARG Q 121 -39.48 98.38 -48.34
CA ARG Q 121 -40.86 98.68 -47.96
C ARG Q 121 -41.44 97.82 -46.83
N LYS Q 122 -41.21 96.52 -46.79
CA LYS Q 122 -41.74 95.63 -45.74
C LYS Q 122 -41.12 95.96 -44.39
N GLU Q 123 -39.84 96.28 -44.37
CA GLU Q 123 -39.16 96.68 -43.15
C GLU Q 123 -39.56 98.10 -42.71
N ALA Q 124 -39.60 99.09 -43.60
CA ALA Q 124 -40.04 100.46 -43.30
C ALA Q 124 -41.52 100.60 -42.91
N GLU Q 125 -42.40 99.75 -43.40
CA GLU Q 125 -43.81 99.71 -43.00
C GLU Q 125 -43.99 99.00 -41.63
N SER Q 126 -43.10 98.09 -41.25
CA SER Q 126 -43.05 97.48 -39.91
C SER Q 126 -42.54 98.44 -38.83
N CYS Q 127 -41.88 99.53 -39.21
CA CYS Q 127 -41.40 100.54 -38.27
C CYS Q 127 -42.54 101.36 -37.66
N ASP Q 128 -42.39 101.76 -36.40
CA ASP Q 128 -43.33 102.63 -35.69
C ASP Q 128 -43.11 104.12 -36.06
N CYS Q 129 -41.86 104.55 -36.04
CA CYS Q 129 -41.41 105.81 -36.60
C CYS Q 129 -39.98 105.64 -37.10
N LEU Q 130 -39.82 105.46 -38.39
CA LEU Q 130 -38.52 105.39 -39.06
C LEU Q 130 -37.80 106.73 -38.97
N GLN Q 131 -36.56 106.78 -38.49
CA GLN Q 131 -35.69 107.97 -38.58
C GLN Q 131 -34.81 107.94 -39.83
N GLY Q 132 -34.38 106.77 -40.31
CA GLY Q 132 -33.52 106.76 -41.47
C GLY Q 132 -33.01 105.43 -41.98
N PHE Q 133 -32.14 105.53 -42.97
CA PHE Q 133 -31.50 104.46 -43.72
C PHE Q 133 -29.99 104.51 -43.50
N GLN Q 134 -29.39 103.36 -43.19
CA GLN Q 134 -27.97 103.23 -42.85
C GLN Q 134 -27.32 102.25 -43.82
N LEU Q 135 -26.72 102.73 -44.90
CA LEU Q 135 -26.26 101.87 -46.01
C LEU Q 135 -24.75 101.66 -46.00
N THR Q 136 -24.28 100.42 -45.95
CA THR Q 136 -22.85 100.05 -46.01
C THR Q 136 -22.44 99.56 -47.39
N HIS Q 137 -21.40 100.16 -47.95
CA HIS Q 137 -20.92 99.86 -49.29
C HIS Q 137 -19.49 100.35 -49.51
N SER Q 138 -18.90 100.00 -50.64
CA SER Q 138 -17.62 100.47 -51.13
C SER Q 138 -17.79 101.26 -52.45
N LEU Q 139 -16.93 102.24 -52.74
CA LEU Q 139 -17.01 103.04 -53.97
C LEU Q 139 -16.13 102.50 -55.10
N GLY Q 140 -15.13 101.68 -54.78
CA GLY Q 140 -14.48 100.81 -55.76
C GLY Q 140 -15.37 99.64 -56.18
N GLY Q 141 -14.97 98.88 -57.20
CA GLY Q 141 -15.81 97.78 -57.72
C GLY Q 141 -17.15 98.25 -58.25
N GLY Q 142 -18.14 97.38 -58.42
CA GLY Q 142 -19.33 97.69 -59.22
C GLY Q 142 -20.65 97.51 -58.51
N THR Q 143 -20.73 96.64 -57.51
CA THR Q 143 -21.97 96.33 -56.80
C THR Q 143 -22.29 97.41 -55.80
N GLY Q 144 -21.39 97.69 -54.87
CA GLY Q 144 -21.57 98.75 -53.88
C GLY Q 144 -21.61 100.13 -54.51
N SER Q 145 -20.71 100.41 -55.45
CA SER Q 145 -20.60 101.72 -56.08
C SER Q 145 -21.79 102.04 -56.97
N GLY Q 146 -22.22 101.10 -57.80
CA GLY Q 146 -23.22 101.32 -58.84
C GLY Q 146 -24.61 100.85 -58.52
N MET Q 147 -24.75 99.71 -57.85
CA MET Q 147 -26.07 99.27 -57.38
C MET Q 147 -26.45 99.99 -56.10
N GLY Q 148 -25.53 100.21 -55.17
CA GLY Q 148 -25.79 100.89 -53.92
C GLY Q 148 -26.23 102.33 -54.13
N THR Q 149 -25.61 103.06 -55.08
CA THR Q 149 -26.08 104.40 -55.45
C THR Q 149 -27.34 104.43 -56.32
N LEU Q 150 -27.66 103.36 -57.04
CA LEU Q 150 -29.00 103.20 -57.63
C LEU Q 150 -30.05 103.08 -56.53
N LEU Q 151 -29.77 102.28 -55.53
CA LEU Q 151 -30.65 102.02 -54.41
C LEU Q 151 -30.83 103.26 -53.52
N ILE Q 152 -29.77 104.04 -53.27
CA ILE Q 152 -29.86 105.35 -52.62
C ILE Q 152 -30.81 106.26 -53.39
N SER Q 153 -30.69 106.32 -54.71
CA SER Q 153 -31.57 107.15 -55.53
C SER Q 153 -33.04 106.75 -55.40
N LYS Q 154 -33.34 105.45 -55.44
CA LYS Q 154 -34.71 104.90 -55.30
C LYS Q 154 -35.34 105.11 -53.92
N ILE Q 155 -34.59 104.86 -52.84
CA ILE Q 155 -35.02 105.13 -51.47
C ILE Q 155 -35.13 106.63 -51.18
N ARG Q 156 -34.23 107.47 -51.70
CA ARG Q 156 -34.33 108.93 -51.58
C ARG Q 156 -35.60 109.52 -52.20
N GLU Q 157 -35.98 109.03 -53.37
CA GLU Q 157 -37.19 109.45 -54.07
C GLU Q 157 -38.47 109.03 -53.35
N GLU Q 158 -38.42 107.91 -52.63
CA GLU Q 158 -39.57 107.32 -51.93
C GLU Q 158 -39.72 107.83 -50.48
N TYR Q 159 -38.61 108.17 -49.81
CA TYR Q 159 -38.50 108.65 -48.43
C TYR Q 159 -37.68 109.95 -48.38
N PRO Q 160 -38.21 111.09 -48.81
CA PRO Q 160 -37.42 112.31 -49.02
C PRO Q 160 -37.00 113.03 -47.73
N ASP Q 161 -37.68 112.81 -46.61
CA ASP Q 161 -37.53 113.52 -45.33
C ASP Q 161 -36.82 112.71 -44.23
N ARG Q 162 -36.68 111.40 -44.40
CA ARG Q 162 -35.92 110.52 -43.52
C ARG Q 162 -34.42 110.70 -43.72
N ILE Q 163 -33.60 110.46 -42.70
CA ILE Q 163 -32.13 110.57 -42.81
C ILE Q 163 -31.56 109.47 -43.71
N MET Q 164 -30.80 109.82 -44.74
CA MET Q 164 -30.02 108.88 -45.53
C MET Q 164 -28.56 109.01 -45.13
N ASN Q 165 -28.02 107.96 -44.52
CA ASN Q 165 -26.77 107.94 -43.77
C ASN Q 165 -25.89 106.78 -44.28
N THR Q 166 -24.80 107.04 -45.00
CA THR Q 166 -24.03 105.99 -45.70
C THR Q 166 -22.60 105.85 -45.16
N PHE Q 167 -22.12 104.63 -45.06
CA PHE Q 167 -20.75 104.31 -44.66
C PHE Q 167 -20.02 103.72 -45.86
N SER Q 168 -19.02 104.45 -46.34
CA SER Q 168 -18.55 104.36 -47.73
C SER Q 168 -17.04 104.15 -47.76
N VAL Q 169 -16.64 102.89 -47.91
CA VAL Q 169 -15.22 102.53 -48.06
C VAL Q 169 -14.77 102.91 -49.45
N VAL Q 170 -13.71 103.69 -49.63
CA VAL Q 170 -13.40 104.29 -50.93
C VAL Q 170 -11.92 104.31 -51.30
N PRO Q 171 -11.56 104.44 -52.59
CA PRO Q 171 -10.23 104.17 -53.09
C PRO Q 171 -9.13 105.14 -52.62
N SER Q 172 -7.91 104.64 -52.61
CA SER Q 172 -6.66 105.39 -52.41
C SER Q 172 -5.52 104.68 -53.11
N PRO Q 173 -4.44 105.39 -53.50
CA PRO Q 173 -3.48 104.86 -54.47
C PRO Q 173 -2.58 103.73 -53.93
N LYS Q 174 -2.13 103.81 -52.68
CA LYS Q 174 -1.16 102.87 -52.10
C LYS Q 174 -1.77 101.56 -51.58
N VAL Q 175 -3.09 101.46 -51.47
CA VAL Q 175 -3.81 100.24 -51.09
C VAL Q 175 -4.97 100.05 -52.07
N SER Q 176 -4.67 99.39 -53.19
CA SER Q 176 -5.63 99.18 -54.29
C SER Q 176 -5.57 97.77 -54.88
N ASP Q 177 -6.74 97.24 -55.25
CA ASP Q 177 -6.92 95.90 -55.79
C ASP Q 177 -7.65 95.87 -57.14
N THR Q 178 -7.99 97.01 -57.73
CA THR Q 178 -8.78 97.13 -58.98
C THR Q 178 -8.11 98.12 -59.92
N VAL Q 179 -8.10 97.85 -61.23
CA VAL Q 179 -7.57 98.78 -62.24
C VAL Q 179 -8.53 99.96 -62.46
N VAL Q 180 -9.82 99.67 -62.64
CA VAL Q 180 -10.89 100.64 -62.86
C VAL Q 180 -11.50 101.25 -61.59
N GLU Q 181 -10.85 101.14 -60.44
CA GLU Q 181 -11.32 101.76 -59.19
C GLU Q 181 -11.65 103.26 -59.35
N PRO Q 182 -10.78 104.11 -59.93
CA PRO Q 182 -11.05 105.53 -60.12
C PRO Q 182 -12.34 105.87 -60.88
N TYR Q 183 -12.67 105.08 -61.90
CA TYR Q 183 -13.90 105.27 -62.69
C TYR Q 183 -15.14 105.03 -61.85
N ASN Q 184 -15.20 103.87 -61.20
CA ASN Q 184 -16.34 103.46 -60.41
C ASN Q 184 -16.64 104.45 -59.28
N ALA Q 185 -15.60 104.92 -58.60
CA ALA Q 185 -15.77 105.88 -57.54
C ALA Q 185 -16.25 107.22 -58.08
N THR Q 186 -15.69 107.74 -59.15
CA THR Q 186 -16.10 109.04 -59.70
C THR Q 186 -17.56 109.05 -60.18
N LEU Q 187 -18.03 107.96 -60.79
CA LEU Q 187 -19.43 107.75 -61.14
C LEU Q 187 -20.36 107.64 -59.91
N SER Q 188 -19.85 107.19 -58.77
CA SER Q 188 -20.60 106.93 -57.56
C SER Q 188 -20.68 108.17 -56.64
N VAL Q 189 -19.60 108.94 -56.50
CA VAL Q 189 -19.54 110.16 -55.68
C VAL Q 189 -20.52 111.24 -56.19
N HIS Q 190 -20.73 111.28 -57.49
CA HIS Q 190 -21.75 112.06 -58.20
C HIS Q 190 -23.19 111.80 -57.71
N GLN Q 191 -23.50 110.61 -57.20
CA GLN Q 191 -24.80 110.28 -56.59
C GLN Q 191 -24.84 110.61 -55.09
N LEU Q 192 -23.74 110.39 -54.37
CA LEU Q 192 -23.66 110.63 -52.95
C LEU Q 192 -23.79 112.13 -52.61
N VAL Q 193 -23.12 113.04 -53.35
CA VAL Q 193 -23.18 114.48 -53.10
C VAL Q 193 -24.59 115.07 -53.22
N GLU Q 194 -25.47 114.49 -54.03
CA GLU Q 194 -26.84 114.97 -54.23
C GLU Q 194 -27.86 114.33 -53.29
N ASN Q 195 -27.76 113.03 -53.02
CA ASN Q 195 -28.82 112.28 -52.33
C ASN Q 195 -28.61 112.08 -50.84
N THR Q 196 -27.43 111.72 -50.35
CA THR Q 196 -27.24 111.40 -48.93
C THR Q 196 -27.33 112.66 -48.05
N ASP Q 197 -27.73 112.49 -46.79
CA ASP Q 197 -27.71 113.53 -45.76
C ASP Q 197 -26.39 113.54 -44.98
N GLU Q 198 -25.74 112.38 -44.87
CA GLU Q 198 -24.39 112.18 -44.33
C GLU Q 198 -23.70 111.05 -45.11
N THR Q 199 -22.42 111.20 -45.44
CA THR Q 199 -21.61 110.08 -45.95
C THR Q 199 -20.30 110.02 -45.17
N TYR Q 200 -20.01 108.88 -44.55
CA TYR Q 200 -18.82 108.66 -43.74
C TYR Q 200 -17.75 108.00 -44.58
N CYS Q 201 -16.78 108.80 -44.98
CA CYS Q 201 -15.73 108.43 -45.93
C CYS Q 201 -14.67 107.63 -45.21
N ILE Q 202 -14.45 106.39 -45.63
CA ILE Q 202 -13.54 105.45 -44.98
C ILE Q 202 -12.56 104.89 -46.00
N ASP Q 203 -11.33 104.61 -45.60
CA ASP Q 203 -10.25 104.27 -46.51
C ASP Q 203 -9.45 103.07 -46.01
N ASN Q 204 -9.09 102.11 -46.87
CA ASN Q 204 -8.31 100.98 -46.40
C ASN Q 204 -6.87 101.37 -46.05
N GLU Q 205 -6.31 102.42 -46.64
CA GLU Q 205 -4.98 102.92 -46.27
C GLU Q 205 -4.97 103.45 -44.84
N ALA Q 206 -5.98 104.20 -44.43
CA ALA Q 206 -6.10 104.71 -43.07
C ALA Q 206 -6.45 103.63 -42.05
N LEU Q 207 -7.25 102.64 -42.44
CA LEU Q 207 -7.56 101.49 -41.58
C LEU Q 207 -6.36 100.56 -41.40
N TYR Q 208 -5.46 100.44 -42.37
CA TYR Q 208 -4.18 99.77 -42.16
C TYR Q 208 -3.21 100.61 -41.33
N ASP Q 209 -3.19 101.94 -41.45
CA ASP Q 209 -2.36 102.81 -40.62
C ASP Q 209 -2.74 102.74 -39.13
N ILE Q 210 -4.03 102.64 -38.79
CA ILE Q 210 -4.45 102.38 -37.42
C ILE Q 210 -3.97 101.02 -36.94
N CYS Q 211 -4.04 99.98 -37.78
CA CYS Q 211 -3.62 98.64 -37.37
C CYS Q 211 -2.11 98.51 -37.12
N PHE Q 212 -1.26 99.19 -37.89
CA PHE Q 212 0.18 99.13 -37.70
C PHE Q 212 0.73 100.17 -36.70
N ARG Q 213 0.32 101.43 -36.79
CA ARG Q 213 0.91 102.52 -35.99
C ARG Q 213 0.21 102.79 -34.66
N THR Q 214 -0.90 102.15 -34.36
CA THR Q 214 -1.63 102.27 -33.09
C THR Q 214 -1.78 100.91 -32.41
N LEU Q 215 -2.50 99.98 -33.03
CA LEU Q 215 -2.75 98.65 -32.45
C LEU Q 215 -1.54 97.72 -32.45
N LYS Q 216 -0.52 98.00 -33.27
CA LYS Q 216 0.67 97.17 -33.47
C LYS Q 216 0.37 95.72 -33.84
N LEU Q 217 -0.70 95.47 -34.59
CA LEU Q 217 -1.00 94.16 -35.17
C LEU Q 217 0.06 93.78 -36.22
N THR Q 218 0.58 92.56 -36.19
CA THR Q 218 1.61 92.14 -37.17
C THR Q 218 1.03 91.82 -38.55
N THR Q 219 -0.17 91.27 -38.62
CA THR Q 219 -0.87 90.82 -39.83
C THR Q 219 -2.36 91.16 -39.76
N PRO Q 220 -2.75 92.44 -39.97
CA PRO Q 220 -4.14 92.84 -39.96
C PRO Q 220 -4.88 92.35 -41.21
N THR Q 221 -5.98 91.66 -40.98
CA THR Q 221 -6.88 91.13 -42.02
C THR Q 221 -7.98 92.12 -42.37
N TYR Q 222 -8.79 91.84 -43.39
CA TYR Q 222 -10.05 92.56 -43.57
C TYR Q 222 -10.99 92.41 -42.38
N GLY Q 223 -10.97 91.31 -41.63
CA GLY Q 223 -11.77 91.17 -40.42
C GLY Q 223 -11.40 92.16 -39.32
N ASP Q 224 -10.13 92.56 -39.23
CA ASP Q 224 -9.64 93.58 -38.31
C ASP Q 224 -10.00 94.99 -38.80
N LEU Q 225 -9.99 95.25 -40.11
CA LEU Q 225 -10.44 96.52 -40.66
C LEU Q 225 -11.94 96.74 -40.46
N ASN Q 226 -12.73 95.69 -40.63
CA ASN Q 226 -14.19 95.71 -40.50
C ASN Q 226 -14.65 95.97 -39.06
N HIS Q 227 -13.81 95.59 -38.10
CA HIS Q 227 -13.99 95.82 -36.67
C HIS Q 227 -13.77 97.29 -36.32
N LEU Q 228 -12.78 97.97 -36.91
CA LEU Q 228 -12.61 99.43 -36.75
C LEU Q 228 -13.77 100.24 -37.34
N VAL Q 229 -14.25 99.87 -38.54
CA VAL Q 229 -15.39 100.55 -39.17
C VAL Q 229 -16.63 100.41 -38.30
N SER Q 230 -16.96 99.18 -37.91
CA SER Q 230 -18.20 98.90 -37.19
C SER Q 230 -18.26 99.46 -35.78
N ALA Q 231 -17.12 99.70 -35.11
CA ALA Q 231 -17.08 100.47 -33.86
C ALA Q 231 -17.62 101.90 -34.03
N THR Q 232 -17.27 102.62 -35.10
CA THR Q 232 -17.82 103.97 -35.38
C THR Q 232 -19.26 103.94 -35.91
N MET Q 233 -19.70 102.86 -36.55
CA MET Q 233 -21.12 102.69 -36.88
C MET Q 233 -22.00 102.53 -35.64
N SER Q 234 -21.60 101.67 -34.70
CA SER Q 234 -22.24 101.58 -33.38
C SER Q 234 -22.17 102.91 -32.66
N GLY Q 235 -21.06 103.63 -32.79
CA GLY Q 235 -20.86 104.89 -32.10
C GLY Q 235 -21.89 105.97 -32.41
N VAL Q 236 -22.14 106.29 -33.68
CA VAL Q 236 -22.93 107.49 -34.04
C VAL Q 236 -24.43 107.35 -33.74
N THR Q 237 -24.96 106.13 -33.66
CA THR Q 237 -26.38 105.90 -33.31
C THR Q 237 -26.61 105.70 -31.82
N THR Q 238 -25.56 105.65 -31.00
CA THR Q 238 -25.62 105.33 -29.57
C THR Q 238 -26.70 106.09 -28.83
N CYS Q 239 -26.81 107.40 -29.09
CA CYS Q 239 -27.75 108.29 -28.43
C CYS Q 239 -29.23 108.07 -28.76
N LEU Q 240 -29.61 107.23 -29.72
CA LEU Q 240 -31.00 106.75 -29.82
C LEU Q 240 -31.20 105.31 -29.29
N ARG Q 241 -30.14 104.65 -28.82
CA ARG Q 241 -30.16 103.29 -28.28
C ARG Q 241 -29.99 103.23 -26.76
N PHE Q 242 -29.34 104.23 -26.17
CA PHE Q 242 -29.03 104.32 -24.75
C PHE Q 242 -29.31 105.73 -24.19
N PRO Q 243 -29.56 105.86 -22.88
CA PRO Q 243 -29.72 107.16 -22.22
C PRO Q 243 -28.39 107.93 -22.11
N GLY Q 244 -28.43 109.23 -21.82
CA GLY Q 244 -27.25 110.07 -21.77
C GLY Q 244 -27.46 111.43 -21.11
N GLN Q 245 -26.38 112.13 -20.78
CA GLN Q 245 -26.41 113.48 -20.26
C GLN Q 245 -26.70 114.53 -21.36
N LEU Q 246 -26.29 114.25 -22.59
CA LEU Q 246 -26.60 115.00 -23.81
C LEU Q 246 -26.98 114.02 -24.90
N ASN Q 247 -28.24 113.97 -25.31
CA ASN Q 247 -28.67 113.07 -26.38
C ASN Q 247 -28.53 113.76 -27.75
N ALA Q 248 -28.01 113.04 -28.75
CA ALA Q 248 -27.91 113.48 -30.14
C ALA Q 248 -28.38 112.41 -31.14
N ASP Q 249 -29.56 112.59 -31.71
CA ASP Q 249 -30.06 111.81 -32.86
C ASP Q 249 -29.19 112.03 -34.12
N LEU Q 250 -29.21 111.13 -35.11
CA LEU Q 250 -28.53 111.33 -36.39
C LEU Q 250 -28.90 112.66 -37.05
N ARG Q 251 -30.12 113.16 -36.87
CA ARG Q 251 -30.55 114.48 -37.33
C ARG Q 251 -29.94 115.64 -36.53
N LYS Q 252 -29.77 115.50 -35.20
CA LYS Q 252 -29.10 116.46 -34.31
C LYS Q 252 -27.61 116.55 -34.60
N LEU Q 253 -27.02 115.48 -35.10
CA LEU Q 253 -25.69 115.51 -35.72
C LEU Q 253 -25.74 116.31 -37.03
N ALA Q 254 -26.60 115.96 -37.99
CA ALA Q 254 -26.66 116.61 -39.29
C ALA Q 254 -26.87 118.14 -39.24
N VAL Q 255 -27.81 118.63 -38.44
CA VAL Q 255 -28.05 120.08 -38.27
C VAL Q 255 -26.82 120.83 -37.77
N ASN Q 256 -26.00 120.22 -36.92
CA ASN Q 256 -24.78 120.82 -36.39
C ASN Q 256 -23.56 120.58 -37.28
N MET Q 257 -23.52 119.48 -38.02
CA MET Q 257 -22.37 119.03 -38.78
C MET Q 257 -22.31 119.53 -40.22
N VAL Q 258 -23.43 119.86 -40.85
CA VAL Q 258 -23.51 120.20 -42.28
C VAL Q 258 -23.87 121.68 -42.46
N PRO Q 259 -22.91 122.61 -42.56
CA PRO Q 259 -23.21 124.03 -42.68
C PRO Q 259 -23.91 124.36 -43.99
N PHE Q 260 -23.34 123.95 -45.11
CA PHE Q 260 -23.90 124.12 -46.45
C PHE Q 260 -24.24 122.75 -47.05
N PRO Q 261 -25.39 122.58 -47.75
CA PRO Q 261 -26.05 121.28 -47.93
C PRO Q 261 -25.20 120.08 -48.37
N ARG Q 262 -24.24 120.32 -49.25
CA ARG Q 262 -23.38 119.36 -49.95
C ARG Q 262 -22.11 119.00 -49.19
N LEU Q 263 -21.74 119.74 -48.14
CA LEU Q 263 -20.52 119.50 -47.37
C LEU Q 263 -20.73 118.47 -46.26
N HIS Q 264 -21.25 117.30 -46.60
CA HIS Q 264 -21.61 116.24 -45.65
C HIS Q 264 -20.73 114.98 -45.75
N PHE Q 265 -19.58 115.09 -46.41
CA PHE Q 265 -18.59 114.03 -46.52
C PHE Q 265 -17.70 114.00 -45.27
N PHE Q 266 -18.16 113.27 -44.27
CA PHE Q 266 -17.48 113.15 -42.99
C PHE Q 266 -16.34 112.14 -43.02
N MET Q 267 -15.59 112.08 -41.92
CA MET Q 267 -14.35 111.32 -41.75
C MET Q 267 -14.32 110.81 -40.30
N PRO Q 268 -14.60 109.53 -40.03
CA PRO Q 268 -14.80 109.05 -38.68
C PRO Q 268 -13.51 108.67 -37.95
N GLY Q 269 -13.60 108.49 -36.63
CA GLY Q 269 -12.54 107.97 -35.77
C GLY Q 269 -13.10 107.39 -34.48
N PHE Q 270 -12.26 106.72 -33.71
CA PHE Q 270 -12.65 106.02 -32.48
C PHE Q 270 -11.54 106.07 -31.44
N ALA Q 271 -11.89 106.11 -30.16
CA ALA Q 271 -10.98 106.03 -29.03
C ALA Q 271 -11.68 105.32 -27.86
N PRO Q 272 -10.96 104.72 -26.92
CA PRO Q 272 -9.53 104.48 -26.92
C PRO Q 272 -9.15 103.34 -27.86
N LEU Q 273 -8.08 103.48 -28.62
CA LEU Q 273 -7.40 102.38 -29.29
C LEU Q 273 -6.01 102.24 -28.68
N THR Q 274 -5.64 101.05 -28.20
CA THR Q 274 -4.35 100.81 -27.54
C THR Q 274 -3.68 99.58 -28.10
N SER Q 275 -2.37 99.57 -28.19
CA SER Q 275 -1.60 98.37 -28.50
C SER Q 275 -1.99 97.26 -27.52
N ARG Q 276 -2.32 96.07 -28.00
CA ARG Q 276 -2.90 94.99 -27.19
C ARG Q 276 -2.06 94.64 -25.95
N GLY Q 277 -0.74 94.69 -26.06
CA GLY Q 277 0.19 94.41 -24.97
C GLY Q 277 0.43 95.57 -23.99
N SER Q 278 -0.20 96.73 -24.19
CA SER Q 278 0.10 97.96 -23.45
C SER Q 278 -1.05 98.48 -22.58
N GLN Q 279 -2.23 97.87 -22.56
CA GLN Q 279 -3.39 98.48 -21.92
C GLN Q 279 -3.20 98.82 -20.45
N GLN Q 280 -2.58 97.94 -19.65
CA GLN Q 280 -2.40 98.17 -18.20
C GLN Q 280 -1.61 99.42 -17.83
N TYR Q 281 -0.85 100.00 -18.75
CA TYR Q 281 -0.02 101.18 -18.51
C TYR Q 281 -0.76 102.49 -18.82
N ARG Q 282 -1.93 102.43 -19.48
CA ARG Q 282 -2.69 103.59 -19.95
C ARG Q 282 -3.78 103.98 -18.95
N ALA Q 283 -3.95 105.27 -18.68
CA ALA Q 283 -5.08 105.78 -17.92
C ALA Q 283 -6.24 106.15 -18.86
N LEU Q 284 -7.36 105.40 -18.83
CA LEU Q 284 -8.56 105.76 -19.57
C LEU Q 284 -9.23 106.96 -18.90
N THR Q 285 -9.25 108.10 -19.57
CA THR Q 285 -9.88 109.33 -19.05
C THR Q 285 -10.07 110.35 -20.18
N VAL Q 286 -11.00 111.29 -20.03
CA VAL Q 286 -11.40 112.23 -21.07
C VAL Q 286 -10.25 112.98 -21.78
N PRO Q 287 -9.19 113.49 -21.10
CA PRO Q 287 -8.10 114.15 -21.80
C PRO Q 287 -7.17 113.20 -22.58
N GLU Q 288 -7.11 111.91 -22.25
CA GLU Q 288 -6.37 110.96 -23.08
C GLU Q 288 -7.21 110.51 -24.26
N LEU Q 289 -8.51 110.25 -24.07
CA LEU Q 289 -9.45 110.04 -25.17
C LEU Q 289 -9.40 111.21 -26.13
N THR Q 290 -9.33 112.45 -25.66
CA THR Q 290 -9.19 113.63 -26.51
C THR Q 290 -7.87 113.68 -27.28
N GLN Q 291 -6.73 113.48 -26.63
CA GLN Q 291 -5.41 113.53 -27.30
C GLN Q 291 -5.17 112.40 -28.31
N GLN Q 292 -5.95 111.32 -28.24
CA GLN Q 292 -6.03 110.31 -29.31
C GLN Q 292 -6.99 110.73 -30.42
N MET Q 293 -8.24 111.05 -30.05
CA MET Q 293 -9.34 111.34 -30.93
C MET Q 293 -9.03 112.45 -31.94
N PHE Q 294 -8.42 113.55 -31.50
CA PHE Q 294 -8.10 114.69 -32.34
C PHE Q 294 -6.73 114.63 -33.04
N ASP Q 295 -6.05 113.49 -33.03
CA ASP Q 295 -4.74 113.32 -33.68
C ASP Q 295 -4.86 112.58 -35.02
N ALA Q 296 -4.15 113.11 -36.00
CA ALA Q 296 -4.18 112.82 -37.44
C ALA Q 296 -4.01 111.32 -37.76
N LYS Q 297 -3.33 110.56 -36.89
CA LYS Q 297 -3.14 109.12 -37.04
C LYS Q 297 -4.39 108.28 -36.73
N ASN Q 298 -5.38 108.83 -36.02
CA ASN Q 298 -6.58 108.11 -35.60
C ASN Q 298 -7.72 108.10 -36.64
N MET Q 299 -7.84 109.11 -37.50
CA MET Q 299 -8.93 109.23 -38.46
C MET Q 299 -8.87 108.17 -39.56
N MET Q 300 -10.03 107.65 -39.97
CA MET Q 300 -10.18 106.52 -40.89
C MET Q 300 -10.26 106.89 -42.38
N ALA Q 301 -9.80 108.08 -42.78
CA ALA Q 301 -9.53 108.46 -44.17
C ALA Q 301 -8.10 108.99 -44.29
N ALA Q 302 -7.46 108.83 -45.46
CA ALA Q 302 -6.05 109.17 -45.64
C ALA Q 302 -5.70 110.66 -45.44
N CYS Q 303 -6.69 111.54 -45.50
CA CYS Q 303 -6.53 112.98 -45.30
C CYS Q 303 -5.92 113.27 -43.93
N ASP Q 304 -4.76 113.92 -43.91
CA ASP Q 304 -4.27 114.55 -42.70
C ASP Q 304 -5.06 115.85 -42.49
N PRO Q 305 -5.79 116.02 -41.39
CA PRO Q 305 -6.52 117.25 -41.14
C PRO Q 305 -5.62 118.49 -41.10
N ARG Q 306 -4.32 118.34 -40.86
CA ARG Q 306 -3.35 119.45 -40.93
C ARG Q 306 -3.17 120.00 -42.36
N HIS Q 307 -3.74 119.39 -43.38
CA HIS Q 307 -3.85 119.91 -44.75
C HIS Q 307 -5.14 120.70 -45.03
N GLY Q 308 -5.98 120.96 -44.04
CA GLY Q 308 -7.20 121.75 -44.16
C GLY Q 308 -7.58 122.47 -42.88
N ARG Q 309 -8.88 122.71 -42.69
CA ARG Q 309 -9.50 123.15 -41.44
C ARG Q 309 -10.78 122.35 -41.24
N TYR Q 310 -11.18 122.03 -40.02
CA TYR Q 310 -12.51 121.48 -39.76
C TYR Q 310 -13.59 122.56 -39.92
N LEU Q 311 -14.75 122.17 -40.43
CA LEU Q 311 -15.97 122.96 -40.37
C LEU Q 311 -16.63 122.72 -39.02
N THR Q 312 -17.03 121.48 -38.78
CA THR Q 312 -17.56 120.96 -37.53
C THR Q 312 -16.89 119.65 -37.19
N VAL Q 313 -16.68 119.38 -35.91
CA VAL Q 313 -16.39 118.05 -35.38
C VAL Q 313 -17.49 117.68 -34.41
N ALA Q 314 -17.95 116.43 -34.41
CA ALA Q 314 -18.79 115.91 -33.35
C ALA Q 314 -18.02 114.87 -32.55
N ALA Q 315 -17.97 115.02 -31.24
CA ALA Q 315 -17.42 114.02 -30.34
C ALA Q 315 -18.55 113.37 -29.52
N ILE Q 316 -18.96 112.16 -29.90
CA ILE Q 316 -20.00 111.38 -29.21
C ILE Q 316 -19.31 110.47 -28.19
N PHE Q 317 -19.19 110.97 -26.97
CA PHE Q 317 -18.65 110.24 -25.84
C PHE Q 317 -19.65 109.25 -25.25
N ARG Q 318 -19.13 108.19 -24.65
CA ARG Q 318 -19.88 107.18 -23.93
C ARG Q 318 -19.17 106.87 -22.63
N GLY Q 319 -19.92 106.72 -21.54
CA GLY Q 319 -19.39 106.40 -20.22
C GLY Q 319 -19.79 107.40 -19.14
N ARG Q 320 -19.50 107.08 -17.87
CA ARG Q 320 -19.73 107.96 -16.74
C ARG Q 320 -18.60 109.00 -16.66
N MET Q 321 -18.87 110.23 -17.07
CA MET Q 321 -17.87 111.31 -17.13
C MET Q 321 -18.48 112.69 -16.86
N SER Q 322 -17.64 113.62 -16.44
CA SER Q 322 -18.02 114.99 -16.11
C SER Q 322 -18.33 115.83 -17.35
N MET Q 323 -19.42 116.58 -17.32
CA MET Q 323 -19.70 117.56 -18.37
C MET Q 323 -18.72 118.73 -18.33
N LYS Q 324 -18.22 119.18 -17.17
CA LYS Q 324 -17.15 120.19 -17.10
C LYS Q 324 -15.92 119.68 -17.82
N GLU Q 325 -15.47 118.46 -17.55
CA GLU Q 325 -14.27 117.90 -18.17
C GLU Q 325 -14.44 117.72 -19.69
N VAL Q 326 -15.58 117.22 -20.17
CA VAL Q 326 -15.85 117.17 -21.62
C VAL Q 326 -15.85 118.56 -22.21
N ASP Q 327 -16.57 119.51 -21.62
CA ASP Q 327 -16.71 120.86 -22.18
C ASP Q 327 -15.38 121.65 -22.13
N GLU Q 328 -14.55 121.42 -21.10
CA GLU Q 328 -13.16 121.89 -20.96
C GLU Q 328 -12.29 121.36 -22.10
N GLN Q 329 -12.29 120.05 -22.38
CA GLN Q 329 -11.38 119.50 -23.38
C GLN Q 329 -11.80 119.88 -24.81
N MET Q 330 -13.09 119.90 -25.11
CA MET Q 330 -13.58 120.32 -26.42
C MET Q 330 -13.43 121.83 -26.65
N LEU Q 331 -13.19 122.63 -25.61
CA LEU Q 331 -12.73 124.02 -25.69
C LEU Q 331 -11.23 124.10 -25.89
N ASN Q 332 -10.45 123.41 -25.05
CA ASN Q 332 -9.00 123.47 -25.08
C ASN Q 332 -8.46 123.04 -26.44
N VAL Q 333 -9.02 121.98 -27.04
CA VAL Q 333 -8.62 121.55 -28.39
C VAL Q 333 -8.76 122.65 -29.40
N GLN Q 334 -9.93 123.28 -29.56
CA GLN Q 334 -10.15 124.23 -30.65
C GLN Q 334 -9.61 125.65 -30.40
N ASN Q 335 -9.10 125.92 -29.20
CA ASN Q 335 -8.36 127.15 -28.89
C ASN Q 335 -6.85 126.96 -29.06
N LYS Q 336 -6.29 125.83 -28.62
CA LYS Q 336 -4.88 125.49 -28.80
C LYS Q 336 -4.54 125.04 -30.23
N ASN Q 337 -5.52 124.58 -31.01
CA ASN Q 337 -5.40 124.23 -32.43
C ASN Q 337 -6.21 125.16 -33.34
N SER Q 338 -6.38 126.43 -33.00
CA SER Q 338 -7.33 127.34 -33.65
C SER Q 338 -7.09 127.55 -35.17
N SER Q 339 -5.85 127.42 -35.64
CA SER Q 339 -5.48 127.43 -37.05
C SER Q 339 -6.05 126.25 -37.87
N TYR Q 340 -6.61 125.23 -37.23
CA TYR Q 340 -7.19 124.05 -37.89
C TYR Q 340 -8.72 123.98 -37.83
N PHE Q 341 -9.40 125.06 -37.45
CA PHE Q 341 -10.85 125.18 -37.42
C PHE Q 341 -11.29 126.44 -38.17
N VAL Q 342 -12.43 126.45 -38.88
CA VAL Q 342 -12.83 127.67 -39.58
C VAL Q 342 -13.26 128.77 -38.60
N GLU Q 343 -12.80 130.00 -38.82
CA GLU Q 343 -12.98 131.10 -37.86
C GLU Q 343 -14.24 131.96 -38.08
N TRP Q 344 -15.10 131.58 -39.03
CA TRP Q 344 -16.45 132.11 -39.21
C TRP Q 344 -17.54 131.27 -38.51
N ILE Q 345 -17.17 130.16 -37.87
CA ILE Q 345 -18.02 129.44 -36.93
C ILE Q 345 -17.45 129.66 -35.51
N PRO Q 346 -18.24 130.15 -34.53
CA PRO Q 346 -17.73 130.56 -33.22
C PRO Q 346 -17.44 129.40 -32.25
N ASN Q 347 -18.03 128.23 -32.46
CA ASN Q 347 -17.68 126.97 -31.82
C ASN Q 347 -17.83 125.86 -32.85
N ASN Q 348 -16.76 125.12 -33.12
CA ASN Q 348 -16.74 124.09 -34.14
C ASN Q 348 -17.05 122.71 -33.59
N VAL Q 349 -17.14 122.49 -32.28
CA VAL Q 349 -17.33 121.15 -31.71
C VAL Q 349 -18.76 120.98 -31.15
N LYS Q 350 -19.48 119.98 -31.66
CA LYS Q 350 -20.67 119.37 -31.05
C LYS Q 350 -20.22 118.32 -30.06
N THR Q 351 -20.86 118.20 -28.89
CA THR Q 351 -20.61 117.11 -27.95
C THR Q 351 -21.88 116.33 -27.70
N ALA Q 352 -21.76 115.05 -27.44
CA ALA Q 352 -22.85 114.22 -26.91
C ALA Q 352 -22.25 113.25 -25.91
N VAL Q 353 -23.04 112.80 -24.93
CA VAL Q 353 -22.56 112.00 -23.81
C VAL Q 353 -23.62 110.96 -23.48
N CYS Q 354 -23.34 109.71 -23.76
CA CYS Q 354 -24.15 108.55 -23.39
C CYS Q 354 -23.70 107.94 -22.06
N ASP Q 355 -24.63 107.47 -21.24
CA ASP Q 355 -24.36 106.87 -19.93
C ASP Q 355 -23.81 105.44 -19.98
N ILE Q 356 -23.80 104.79 -21.14
CA ILE Q 356 -23.50 103.36 -21.33
C ILE Q 356 -22.30 103.19 -22.28
N PRO Q 357 -21.08 102.95 -21.76
CA PRO Q 357 -19.89 102.73 -22.57
C PRO Q 357 -19.87 101.32 -23.17
N PRO Q 358 -19.12 101.07 -24.26
CA PRO Q 358 -19.10 99.77 -24.91
C PRO Q 358 -18.71 98.65 -23.96
N ARG Q 359 -19.21 97.43 -24.16
CA ARG Q 359 -18.94 96.31 -23.26
C ARG Q 359 -17.45 96.06 -23.12
N GLY Q 360 -16.89 96.11 -21.92
CA GLY Q 360 -15.45 95.98 -21.67
C GLY Q 360 -14.62 97.27 -21.74
N LEU Q 361 -15.16 98.47 -21.88
CA LEU Q 361 -14.33 99.65 -21.55
C LEU Q 361 -15.08 100.73 -20.80
N LYS Q 362 -14.39 101.42 -19.89
CA LYS Q 362 -14.99 102.37 -18.94
C LYS Q 362 -15.53 103.63 -19.59
N MET Q 363 -14.98 104.00 -20.74
CA MET Q 363 -15.38 105.16 -21.54
C MET Q 363 -15.08 104.85 -23.00
N SER Q 364 -15.69 105.56 -23.93
CA SER Q 364 -15.29 105.56 -25.34
C SER Q 364 -15.72 106.85 -26.02
N ALA Q 365 -15.09 107.21 -27.13
CA ALA Q 365 -15.48 108.36 -27.94
C ALA Q 365 -15.48 107.98 -29.42
N THR Q 366 -16.59 108.25 -30.11
CA THR Q 366 -16.63 108.20 -31.57
C THR Q 366 -16.52 109.61 -32.09
N PHE Q 367 -15.60 109.82 -33.00
CA PHE Q 367 -15.27 111.10 -33.59
C PHE Q 367 -15.85 111.19 -34.99
N ILE Q 368 -16.45 112.30 -35.34
CA ILE Q 368 -16.87 112.59 -36.71
C ILE Q 368 -16.28 113.93 -37.10
N GLY Q 369 -15.38 113.93 -38.08
CA GLY Q 369 -14.82 115.15 -38.62
C GLY Q 369 -15.52 115.55 -39.91
N ASN Q 370 -15.88 116.82 -40.05
CA ASN Q 370 -16.08 117.44 -41.34
C ASN Q 370 -14.93 118.42 -41.57
N SER Q 371 -14.12 118.25 -42.60
CA SER Q 371 -12.95 119.09 -42.84
C SER Q 371 -12.69 119.30 -44.31
N THR Q 372 -12.24 120.51 -44.65
CA THR Q 372 -11.79 120.88 -45.99
C THR Q 372 -10.63 120.01 -46.48
N ALA Q 373 -9.92 119.32 -45.59
CA ALA Q 373 -8.92 118.32 -45.96
C ALA Q 373 -9.49 117.13 -46.74
N ILE Q 374 -10.80 116.85 -46.68
CA ILE Q 374 -11.42 115.81 -47.51
C ILE Q 374 -11.33 116.13 -49.01
N GLN Q 375 -10.95 117.35 -49.39
CA GLN Q 375 -10.61 117.67 -50.77
C GLN Q 375 -9.53 116.74 -51.32
N GLU Q 376 -8.58 116.29 -50.50
CA GLU Q 376 -7.46 115.45 -50.96
C GLU Q 376 -7.90 114.06 -51.36
N LEU Q 377 -8.95 113.52 -50.75
CA LEU Q 377 -9.51 112.23 -51.11
C LEU Q 377 -10.22 112.32 -52.47
N PHE Q 378 -11.03 113.36 -52.68
CA PHE Q 378 -11.67 113.57 -53.98
C PHE Q 378 -10.69 114.00 -55.07
N LYS Q 379 -9.63 114.74 -54.75
CA LYS Q 379 -8.62 115.19 -55.72
C LYS Q 379 -7.84 114.01 -56.30
N ARG Q 380 -7.32 113.12 -55.47
CA ARG Q 380 -6.47 112.01 -55.96
C ARG Q 380 -7.26 110.98 -56.76
N ILE Q 381 -8.52 110.73 -56.43
CA ILE Q 381 -9.40 109.95 -57.30
C ILE Q 381 -9.62 110.67 -58.62
N SER Q 382 -9.91 111.97 -58.60
CA SER Q 382 -10.15 112.77 -59.82
C SER Q 382 -8.94 112.82 -60.76
N GLU Q 383 -7.71 112.89 -60.24
CA GLU Q 383 -6.48 112.82 -61.05
C GLU Q 383 -6.12 111.41 -61.54
N GLN Q 384 -6.41 110.34 -60.80
CA GLN Q 384 -6.31 108.98 -61.36
C GLN Q 384 -7.34 108.74 -62.47
N PHE Q 385 -8.58 109.19 -62.29
CA PHE Q 385 -9.62 109.16 -63.31
C PHE Q 385 -9.16 109.88 -64.56
N THR Q 386 -8.65 111.10 -64.41
CA THR Q 386 -8.25 111.93 -65.54
C THR Q 386 -7.15 111.28 -66.37
N ALA Q 387 -6.13 110.70 -65.75
CA ALA Q 387 -5.01 110.11 -66.47
C ALA Q 387 -5.40 108.88 -67.30
N MET Q 388 -6.42 108.11 -66.89
CA MET Q 388 -6.99 107.04 -67.74
C MET Q 388 -7.94 107.60 -68.80
N PHE Q 389 -8.81 108.52 -68.40
CA PHE Q 389 -9.88 109.00 -69.25
C PHE Q 389 -9.38 109.82 -70.44
N ARG Q 390 -8.25 110.54 -70.33
CA ARG Q 390 -7.69 111.29 -71.48
C ARG Q 390 -7.37 110.38 -72.68
N ARG Q 391 -7.15 109.09 -72.44
CA ARG Q 391 -6.90 108.06 -73.48
C ARG Q 391 -8.02 107.04 -73.61
N LYS Q 392 -9.21 107.35 -73.06
CA LYS Q 392 -10.45 106.53 -73.13
C LYS Q 392 -10.28 105.08 -72.66
N ALA Q 393 -9.26 104.78 -71.88
CA ALA Q 393 -8.91 103.41 -71.53
C ALA Q 393 -10.06 102.73 -70.79
N PHE Q 394 -10.27 101.44 -71.01
CA PHE Q 394 -11.33 100.62 -70.39
C PHE Q 394 -12.79 101.04 -70.65
N LEU Q 395 -13.09 102.11 -71.40
CA LEU Q 395 -14.46 102.61 -71.52
C LEU Q 395 -15.41 101.69 -72.29
N HIS Q 396 -14.93 100.70 -73.04
CA HIS Q 396 -15.81 99.80 -73.79
C HIS Q 396 -16.60 98.87 -72.87
N TRP Q 397 -16.10 98.58 -71.67
CA TRP Q 397 -16.81 97.82 -70.65
C TRP Q 397 -17.99 98.57 -70.03
N TYR Q 398 -17.96 99.90 -70.01
CA TYR Q 398 -19.02 100.76 -69.50
C TYR Q 398 -19.98 101.20 -70.59
N THR Q 399 -19.46 101.65 -71.72
CA THR Q 399 -20.27 102.00 -72.89
C THR Q 399 -20.94 100.77 -73.51
N GLY Q 400 -20.42 99.56 -73.29
CA GLY Q 400 -21.08 98.31 -73.63
C GLY Q 400 -22.39 98.07 -72.87
N GLU Q 401 -22.50 98.57 -71.64
CA GLU Q 401 -23.73 98.61 -70.84
C GLU Q 401 -24.68 99.77 -71.22
N GLY Q 402 -24.41 100.46 -72.32
CA GLY Q 402 -25.19 101.59 -72.84
C GLY Q 402 -24.96 102.92 -72.15
N MET Q 403 -23.93 103.05 -71.33
CA MET Q 403 -23.52 104.30 -70.70
C MET Q 403 -22.86 105.25 -71.71
N ASP Q 404 -23.07 106.55 -71.59
CA ASP Q 404 -22.40 107.54 -72.46
C ASP Q 404 -21.00 107.91 -71.97
N GLU Q 405 -20.12 108.29 -72.89
CA GLU Q 405 -18.90 109.03 -72.54
C GLU Q 405 -19.23 110.35 -71.85
N MET Q 406 -20.33 111.00 -72.23
CA MET Q 406 -20.82 112.21 -71.58
C MET Q 406 -21.10 112.00 -70.08
N GLU Q 407 -21.41 110.79 -69.62
CA GLU Q 407 -21.67 110.59 -68.19
C GLU Q 407 -20.39 110.57 -67.36
N PHE Q 408 -19.27 110.16 -67.96
CA PHE Q 408 -17.95 110.25 -67.34
C PHE Q 408 -17.51 111.70 -67.24
N THR Q 409 -17.63 112.46 -68.35
CA THR Q 409 -17.35 113.89 -68.36
C THR Q 409 -18.17 114.64 -67.31
N GLU Q 410 -19.45 114.32 -67.17
CA GLU Q 410 -20.35 114.95 -66.19
C GLU Q 410 -20.09 114.49 -64.75
N ALA Q 411 -19.69 113.25 -64.51
CA ALA Q 411 -19.28 112.79 -63.20
C ALA Q 411 -18.00 113.48 -62.71
N GLU Q 412 -16.94 113.53 -63.51
CA GLU Q 412 -15.69 114.21 -63.14
C GLU Q 412 -15.87 115.73 -63.02
N SER Q 413 -16.83 116.29 -63.74
CA SER Q 413 -17.24 117.70 -63.60
C SER Q 413 -17.85 117.96 -62.23
N ASN Q 414 -18.80 117.13 -61.81
CA ASN Q 414 -19.42 117.17 -60.48
C ASN Q 414 -18.45 116.83 -59.34
N MET Q 415 -17.44 116.00 -59.58
CA MET Q 415 -16.36 115.74 -58.64
C MET Q 415 -15.52 117.01 -58.40
N ASN Q 416 -15.05 117.70 -59.45
CA ASN Q 416 -14.31 118.95 -59.27
C ASN Q 416 -15.16 120.05 -58.62
N ASP Q 417 -16.47 120.06 -58.84
CA ASP Q 417 -17.40 120.96 -58.14
C ASP Q 417 -17.46 120.67 -56.63
N LEU Q 418 -17.41 119.40 -56.21
CA LEU Q 418 -17.28 119.03 -54.80
C LEU Q 418 -15.90 119.40 -54.21
N VAL Q 419 -14.82 119.21 -54.95
CA VAL Q 419 -13.47 119.65 -54.54
C VAL Q 419 -13.43 121.16 -54.35
N SER Q 420 -14.05 121.91 -55.24
CA SER Q 420 -14.03 123.36 -55.22
C SER Q 420 -14.80 123.95 -54.03
N GLU Q 421 -15.92 123.34 -53.62
CA GLU Q 421 -16.72 123.79 -52.49
C GLU Q 421 -16.02 123.55 -51.14
N TYR Q 422 -15.27 122.45 -50.96
CA TYR Q 422 -14.42 122.32 -49.77
C TYR Q 422 -13.21 123.26 -49.81
N GLN Q 423 -12.53 123.39 -50.95
CA GLN Q 423 -11.40 124.32 -51.08
C GLN Q 423 -11.80 125.79 -50.92
N GLN Q 424 -13.05 126.16 -51.20
CA GLN Q 424 -13.57 127.51 -51.00
C GLN Q 424 -13.53 127.97 -49.54
N TYR Q 425 -13.84 127.11 -48.58
CA TYR Q 425 -13.82 127.45 -47.16
C TYR Q 425 -12.47 127.21 -46.47
N GLN Q 426 -11.41 126.87 -47.21
CA GLN Q 426 -10.07 126.60 -46.68
C GLN Q 426 -9.50 127.80 -45.94
N MET R 1 -80.20 65.45 -24.90
CA MET R 1 -79.80 66.85 -24.71
C MET R 1 -79.02 67.36 -25.91
N ARG R 2 -79.73 67.85 -26.93
CA ARG R 2 -79.18 68.44 -28.17
C ARG R 2 -78.19 67.53 -28.87
N GLU R 3 -78.57 66.27 -29.03
CA GLU R 3 -77.80 65.31 -29.78
C GLU R 3 -77.60 65.78 -31.23
N ILE R 4 -76.46 65.44 -31.81
CA ILE R 4 -76.20 65.57 -33.25
C ILE R 4 -76.02 64.19 -33.85
N VAL R 5 -76.54 64.03 -35.07
CA VAL R 5 -76.31 62.87 -35.94
C VAL R 5 -75.36 63.30 -37.03
N HIS R 6 -74.26 62.58 -37.20
CA HIS R 6 -73.22 62.94 -38.14
C HIS R 6 -73.14 61.94 -39.29
N LEU R 7 -72.98 62.38 -40.52
CA LEU R 7 -73.03 61.51 -41.69
C LEU R 7 -71.86 61.81 -42.61
N GLN R 8 -71.16 60.77 -43.06
CA GLN R 8 -69.97 60.88 -43.91
C GLN R 8 -70.21 60.32 -45.30
N ALA R 9 -69.97 61.06 -46.38
CA ALA R 9 -70.22 60.59 -47.74
C ALA R 9 -69.02 60.67 -48.71
N GLY R 10 -68.73 59.56 -49.40
CA GLY R 10 -67.66 59.47 -50.38
C GLY R 10 -66.27 59.41 -49.76
N GLN R 11 -65.20 59.50 -50.54
CA GLN R 11 -63.85 59.48 -49.98
C GLN R 11 -63.58 60.72 -49.12
N CYS R 12 -63.79 61.93 -49.63
CA CYS R 12 -63.48 63.15 -48.89
C CYS R 12 -64.29 63.25 -47.60
N GLY R 13 -65.61 63.04 -47.64
CA GLY R 13 -66.47 63.13 -46.47
C GLY R 13 -66.12 62.14 -45.36
N ASN R 14 -65.73 60.92 -45.72
CA ASN R 14 -65.24 59.92 -44.78
C ASN R 14 -63.84 60.21 -44.28
N GLN R 15 -63.02 60.98 -45.00
CA GLN R 15 -61.67 61.32 -44.58
C GLN R 15 -61.66 62.54 -43.66
N ILE R 16 -62.36 63.63 -43.98
CA ILE R 16 -62.54 64.75 -43.05
C ILE R 16 -63.35 64.33 -41.83
N GLY R 17 -64.30 63.40 -41.97
CA GLY R 17 -65.05 62.78 -40.88
C GLY R 17 -64.22 61.88 -39.97
N ALA R 18 -63.46 60.94 -40.51
CA ALA R 18 -62.61 60.06 -39.72
C ALA R 18 -61.48 60.79 -38.99
N LYS R 19 -61.06 61.97 -39.46
CA LYS R 19 -60.18 62.88 -38.70
C LYS R 19 -60.96 63.66 -37.64
N PHE R 20 -62.14 64.17 -37.96
CA PHE R 20 -62.98 64.82 -36.98
C PHE R 20 -63.24 63.94 -35.74
N TRP R 21 -63.53 62.65 -35.93
CA TRP R 21 -63.72 61.71 -34.83
C TRP R 21 -62.47 61.45 -33.99
N GLU R 22 -61.27 61.62 -34.52
CA GLU R 22 -60.04 61.62 -33.74
C GLU R 22 -59.87 62.90 -32.92
N VAL R 23 -60.25 64.07 -33.47
CA VAL R 23 -60.22 65.36 -32.77
C VAL R 23 -61.21 65.44 -31.62
N ILE R 24 -62.49 65.15 -31.84
CA ILE R 24 -63.46 65.26 -30.75
C ILE R 24 -63.34 64.11 -29.73
N SER R 25 -62.75 62.97 -30.10
CA SER R 25 -62.42 61.95 -29.11
C SER R 25 -61.25 62.38 -28.22
N ASP R 26 -60.29 63.17 -28.71
CA ASP R 26 -59.24 63.74 -27.88
C ASP R 26 -59.78 64.77 -26.88
N GLU R 27 -60.69 65.63 -27.36
CA GLU R 27 -61.41 66.60 -26.53
C GLU R 27 -62.21 65.96 -25.41
N HIS R 28 -63.05 64.98 -25.74
CA HIS R 28 -63.89 64.27 -24.79
C HIS R 28 -63.12 63.16 -24.04
N GLY R 29 -61.84 62.95 -24.30
CA GLY R 29 -61.00 62.01 -23.59
C GLY R 29 -61.41 60.56 -23.77
N ILE R 30 -61.77 60.18 -24.99
CA ILE R 30 -62.17 58.83 -25.38
C ILE R 30 -61.01 58.16 -26.10
N ASP R 31 -60.70 56.95 -25.65
CA ASP R 31 -59.67 56.05 -26.15
C ASP R 31 -60.06 55.48 -27.53
N PRO R 32 -59.12 55.14 -28.43
CA PRO R 32 -59.43 54.45 -29.69
C PRO R 32 -60.27 53.17 -29.56
N THR R 33 -60.31 52.57 -28.37
CA THR R 33 -61.16 51.40 -28.04
C THR R 33 -62.64 51.80 -27.83
N GLY R 34 -62.90 53.08 -27.61
CA GLY R 34 -64.19 53.63 -27.20
C GLY R 34 -64.34 53.83 -25.68
N ALA R 35 -63.39 53.41 -24.87
CA ALA R 35 -63.40 53.63 -23.41
C ALA R 35 -63.07 55.08 -23.02
N TYR R 36 -63.68 55.64 -21.99
CA TYR R 36 -63.32 56.97 -21.49
C TYR R 36 -62.05 56.94 -20.63
N HIS R 37 -61.11 57.84 -20.89
CA HIS R 37 -59.82 57.98 -20.22
C HIS R 37 -59.43 59.44 -19.93
N GLY R 38 -60.38 60.36 -20.02
CA GLY R 38 -60.14 61.80 -19.85
C GLY R 38 -59.84 62.27 -18.42
N ASP R 39 -59.44 63.53 -18.29
CA ASP R 39 -59.13 64.22 -17.04
C ASP R 39 -60.38 64.66 -16.26
N SER R 40 -61.38 65.17 -16.98
CA SER R 40 -62.32 66.15 -16.44
C SER R 40 -63.78 65.73 -16.59
N ASP R 41 -64.59 66.13 -15.62
CA ASP R 41 -66.04 65.89 -15.66
C ASP R 41 -66.72 66.59 -16.84
N LEU R 42 -66.19 67.75 -17.27
CA LEU R 42 -66.77 68.52 -18.38
C LEU R 42 -66.66 67.78 -19.71
N GLN R 43 -65.66 66.93 -19.86
CA GLN R 43 -65.52 66.04 -21.02
C GLN R 43 -66.64 65.01 -21.09
N LEU R 44 -67.13 64.57 -19.94
CA LEU R 44 -68.15 63.53 -19.82
C LEU R 44 -69.58 64.10 -19.78
N GLU R 45 -69.74 65.32 -19.27
CA GLU R 45 -71.03 65.99 -19.08
C GLU R 45 -71.89 66.04 -20.35
N ARG R 46 -71.29 66.25 -21.53
CA ARG R 46 -71.98 66.34 -22.83
C ARG R 46 -71.51 65.32 -23.85
N ILE R 47 -70.91 64.22 -23.43
CA ILE R 47 -70.47 63.15 -24.33
C ILE R 47 -71.61 62.57 -25.17
N ASN R 48 -72.85 62.66 -24.69
CA ASN R 48 -74.03 62.28 -25.44
C ASN R 48 -74.25 63.10 -26.71
N VAL R 49 -73.67 64.31 -26.87
CA VAL R 49 -73.88 65.13 -28.09
C VAL R 49 -73.40 64.44 -29.35
N TYR R 50 -72.32 63.67 -29.26
CA TYR R 50 -71.72 62.96 -30.40
C TYR R 50 -71.63 61.45 -30.22
N TYR R 51 -71.94 60.90 -29.04
CA TYR R 51 -71.77 59.48 -28.75
C TYR R 51 -73.00 58.88 -28.09
N ASN R 52 -73.15 57.56 -28.21
CA ASN R 52 -74.09 56.75 -27.47
C ASN R 52 -73.33 56.03 -26.33
N GLU R 53 -73.89 56.00 -25.13
CA GLU R 53 -73.39 55.12 -24.07
C GLU R 53 -73.74 53.67 -24.41
N ALA R 54 -72.79 52.75 -24.22
CA ALA R 54 -72.97 51.31 -24.33
C ALA R 54 -72.31 50.58 -23.14
N THR R 55 -72.52 49.27 -23.03
CA THR R 55 -72.13 48.47 -21.86
C THR R 55 -70.64 48.57 -21.51
N GLY R 56 -70.30 48.53 -20.23
CA GLY R 56 -68.92 48.72 -19.74
C GLY R 56 -68.42 50.17 -19.80
N GLY R 57 -69.32 51.16 -19.96
CA GLY R 57 -68.99 52.57 -20.18
C GLY R 57 -68.17 52.82 -21.44
N LYS R 58 -68.29 51.96 -22.45
CA LYS R 58 -67.80 52.21 -23.82
C LYS R 58 -68.72 53.19 -24.51
N TYR R 59 -68.14 54.13 -25.25
CA TYR R 59 -68.86 55.15 -26.01
C TYR R 59 -68.75 54.86 -27.50
N VAL R 60 -69.89 54.88 -28.19
CA VAL R 60 -69.98 54.57 -29.63
C VAL R 60 -70.43 55.83 -30.36
N PRO R 61 -69.63 56.40 -31.26
CA PRO R 61 -69.99 57.64 -31.91
C PRO R 61 -71.17 57.50 -32.84
N ARG R 62 -72.01 58.52 -32.86
CA ARG R 62 -73.23 58.60 -33.67
C ARG R 62 -72.95 59.07 -35.09
N ALA R 63 -71.99 58.43 -35.74
CA ALA R 63 -71.73 58.55 -37.16
C ALA R 63 -72.51 57.52 -37.97
N VAL R 64 -72.96 57.89 -39.15
CA VAL R 64 -73.31 56.98 -40.24
C VAL R 64 -72.26 57.16 -41.33
N LEU R 65 -71.71 56.07 -41.84
CA LEU R 65 -70.63 56.07 -42.80
C LEU R 65 -71.17 55.54 -44.11
N VAL R 66 -71.18 56.36 -45.15
CA VAL R 66 -71.80 56.05 -46.45
C VAL R 66 -70.79 56.16 -47.59
N ASP R 67 -70.75 55.14 -48.43
CA ASP R 67 -69.92 55.10 -49.64
C ASP R 67 -70.53 54.14 -50.64
N LEU R 68 -70.19 54.25 -51.91
CA LEU R 68 -70.61 53.32 -52.96
C LEU R 68 -69.55 52.26 -53.29
N GLU R 69 -68.37 52.37 -52.67
CA GLU R 69 -67.22 51.48 -52.76
C GLU R 69 -66.86 50.94 -51.35
N PRO R 70 -66.35 49.70 -51.20
CA PRO R 70 -65.91 49.20 -49.91
C PRO R 70 -64.57 49.80 -49.44
N GLY R 71 -63.69 50.18 -50.36
CA GLY R 71 -62.31 50.57 -50.08
C GLY R 71 -62.11 51.73 -49.12
N THR R 72 -63.02 52.73 -49.06
CA THR R 72 -62.90 53.77 -48.01
C THR R 72 -63.39 53.28 -46.64
N MET R 73 -64.41 52.42 -46.58
CA MET R 73 -64.79 51.76 -45.32
C MET R 73 -63.65 50.92 -44.79
N ASP R 74 -62.99 50.16 -45.64
CA ASP R 74 -61.82 49.37 -45.31
C ASP R 74 -60.66 50.25 -44.80
N SER R 75 -60.48 51.43 -45.37
CA SER R 75 -59.44 52.38 -44.96
C SER R 75 -59.77 53.08 -43.64
N VAL R 76 -61.04 53.38 -43.37
CA VAL R 76 -61.50 53.94 -42.09
C VAL R 76 -61.49 52.89 -41.00
N ARG R 77 -62.10 51.71 -41.20
CA ARG R 77 -62.19 50.60 -40.24
C ARG R 77 -60.83 50.10 -39.76
N SER R 78 -59.82 50.09 -40.64
CA SER R 78 -58.43 49.77 -40.33
C SER R 78 -57.60 50.94 -39.77
N GLY R 79 -58.14 52.15 -39.75
CA GLY R 79 -57.42 53.38 -39.43
C GLY R 79 -57.14 53.63 -37.94
N PRO R 80 -56.59 54.81 -37.59
CA PRO R 80 -56.24 55.18 -36.23
C PRO R 80 -57.36 55.04 -35.18
N PHE R 81 -58.60 55.33 -35.59
CA PHE R 81 -59.80 55.28 -34.74
C PHE R 81 -60.90 54.39 -35.32
N GLY R 82 -60.62 53.59 -36.34
CA GLY R 82 -61.63 52.84 -37.08
C GLY R 82 -62.51 51.89 -36.28
N GLN R 83 -61.97 51.33 -35.19
CA GLN R 83 -62.67 50.36 -34.36
C GLN R 83 -63.72 51.00 -33.47
N ILE R 84 -63.80 52.34 -33.42
CA ILE R 84 -64.75 53.06 -32.57
C ILE R 84 -66.18 52.96 -33.09
N PHE R 85 -66.39 53.03 -34.40
CA PHE R 85 -67.70 53.13 -35.04
C PHE R 85 -68.52 51.83 -34.96
N ARG R 86 -69.84 51.93 -34.97
CA ARG R 86 -70.74 50.76 -34.95
C ARG R 86 -70.64 50.00 -36.28
N PRO R 87 -70.34 48.68 -36.32
CA PRO R 87 -70.29 47.91 -37.56
C PRO R 87 -71.54 48.04 -38.45
N ASP R 88 -72.73 48.12 -37.86
CA ASP R 88 -74.00 48.35 -38.59
C ASP R 88 -74.10 49.72 -39.27
N ASN R 89 -73.34 50.71 -38.83
CA ASN R 89 -73.40 52.07 -39.36
C ASN R 89 -72.51 52.28 -40.58
N PHE R 90 -71.64 51.34 -40.92
CA PHE R 90 -70.96 51.31 -42.21
C PHE R 90 -71.94 50.78 -43.27
N VAL R 91 -72.51 51.67 -44.07
CA VAL R 91 -73.47 51.35 -45.13
C VAL R 91 -72.80 51.59 -46.48
N PHE R 92 -72.67 50.56 -47.32
CA PHE R 92 -71.90 50.67 -48.55
C PHE R 92 -72.39 49.78 -49.68
N GLY R 93 -72.13 50.21 -50.91
CA GLY R 93 -72.27 49.44 -52.15
C GLY R 93 -71.02 48.64 -52.51
N GLN R 94 -70.91 48.18 -53.77
CA GLN R 94 -69.70 47.52 -54.29
C GLN R 94 -69.10 48.25 -55.50
N SER R 95 -69.88 48.54 -56.53
CA SER R 95 -69.46 49.34 -57.69
C SER R 95 -69.59 50.83 -57.40
N GLY R 96 -68.52 51.61 -57.61
CA GLY R 96 -68.48 53.02 -57.22
C GLY R 96 -69.38 53.96 -58.01
N ALA R 97 -69.28 55.26 -57.70
CA ALA R 97 -69.99 56.32 -58.42
C ALA R 97 -69.35 56.73 -59.75
N GLY R 98 -68.17 56.25 -60.12
CA GLY R 98 -67.54 56.63 -61.39
C GLY R 98 -67.25 58.14 -61.54
N ASN R 99 -67.18 58.89 -60.44
CA ASN R 99 -67.18 60.36 -60.41
C ASN R 99 -68.39 60.99 -61.14
N ASN R 100 -69.53 60.34 -61.06
CA ASN R 100 -70.75 60.72 -61.74
C ASN R 100 -71.86 61.08 -60.73
N TRP R 101 -72.34 62.32 -60.74
CA TRP R 101 -73.44 62.74 -59.87
C TRP R 101 -74.69 61.90 -60.08
N ALA R 102 -75.03 61.55 -61.33
CA ALA R 102 -76.23 60.83 -61.65
C ALA R 102 -76.15 59.38 -61.19
N LYS R 103 -74.97 58.75 -61.11
CA LYS R 103 -74.83 57.46 -60.41
C LYS R 103 -75.11 57.57 -58.94
N GLY R 104 -74.56 58.58 -58.27
CA GLY R 104 -74.89 58.88 -56.88
C GLY R 104 -76.38 59.05 -56.62
N HIS R 105 -77.02 59.96 -57.34
CA HIS R 105 -78.40 60.39 -57.10
C HIS R 105 -79.48 59.48 -57.67
N TYR R 106 -79.26 58.71 -58.74
CA TYR R 106 -80.32 58.03 -59.49
C TYR R 106 -80.20 56.51 -59.60
N THR R 107 -79.01 55.94 -59.37
CA THR R 107 -78.77 54.53 -59.71
C THR R 107 -78.14 53.74 -58.58
N GLU R 108 -76.89 54.05 -58.28
CA GLU R 108 -76.03 53.29 -57.38
C GLU R 108 -76.30 53.65 -55.91
N GLY R 109 -76.60 54.93 -55.67
CA GLY R 109 -76.98 55.45 -54.35
C GLY R 109 -78.47 55.49 -54.13
N ALA R 110 -79.29 55.58 -55.18
CA ALA R 110 -80.74 55.41 -55.05
C ALA R 110 -81.12 54.00 -54.59
N GLU R 111 -80.34 52.99 -54.97
CA GLU R 111 -80.46 51.64 -54.41
C GLU R 111 -80.10 51.62 -52.91
N LEU R 112 -79.00 52.29 -52.54
CA LEU R 112 -78.40 52.24 -51.20
C LEU R 112 -79.10 53.14 -50.17
N VAL R 113 -79.74 54.24 -50.57
CA VAL R 113 -80.32 55.21 -49.62
C VAL R 113 -81.38 54.60 -48.72
N ASP R 114 -82.15 53.61 -49.16
CA ASP R 114 -83.10 52.87 -48.32
C ASP R 114 -82.41 52.13 -47.16
N SER R 115 -81.16 51.70 -47.35
CA SER R 115 -80.32 51.07 -46.35
C SER R 115 -79.56 52.07 -45.48
N VAL R 116 -79.34 53.30 -45.97
CA VAL R 116 -78.78 54.42 -45.17
C VAL R 116 -79.82 55.03 -44.25
N LEU R 117 -80.96 55.41 -44.82
CA LEU R 117 -81.92 56.23 -44.14
C LEU R 117 -82.50 55.51 -42.92
N ASP R 118 -82.70 54.19 -43.00
CA ASP R 118 -83.19 53.37 -41.89
C ASP R 118 -82.17 53.16 -40.75
N VAL R 119 -80.90 53.50 -40.95
CA VAL R 119 -79.87 53.62 -39.90
C VAL R 119 -79.88 55.02 -39.28
N VAL R 120 -80.08 56.06 -40.10
CA VAL R 120 -80.27 57.44 -39.59
C VAL R 120 -81.48 57.52 -38.64
N ARG R 121 -82.54 56.75 -38.91
CA ARG R 121 -83.66 56.54 -37.98
C ARG R 121 -83.29 55.88 -36.64
N LYS R 122 -82.45 54.85 -36.62
CA LYS R 122 -82.06 54.16 -35.38
C LYS R 122 -81.24 55.07 -34.47
N GLU R 123 -80.38 55.90 -35.06
CA GLU R 123 -79.61 56.87 -34.30
C GLU R 123 -80.47 58.05 -33.82
N ALA R 124 -81.31 58.63 -34.67
CA ALA R 124 -82.23 59.73 -34.31
C ALA R 124 -83.33 59.33 -33.31
N GLU R 125 -83.79 58.09 -33.29
CA GLU R 125 -84.74 57.57 -32.31
C GLU R 125 -84.05 57.27 -30.95
N SER R 126 -82.74 56.97 -30.95
CA SER R 126 -81.94 56.83 -29.72
C SER R 126 -81.62 58.18 -29.06
N CYS R 127 -81.77 59.29 -29.76
CA CYS R 127 -81.56 60.63 -29.21
C CYS R 127 -82.66 61.03 -28.22
N ASP R 128 -82.29 61.79 -27.19
CA ASP R 128 -83.21 62.34 -26.21
C ASP R 128 -83.91 63.61 -26.74
N CYS R 129 -83.12 64.52 -27.31
CA CYS R 129 -83.59 65.65 -28.10
C CYS R 129 -82.55 65.96 -29.16
N LEU R 130 -82.79 65.50 -30.38
CA LEU R 130 -81.97 65.80 -31.55
C LEU R 130 -82.04 67.29 -31.90
N GLN R 131 -80.91 67.99 -32.02
CA GLN R 131 -80.84 69.35 -32.56
C GLN R 131 -80.58 69.34 -34.07
N GLY R 132 -79.84 68.38 -34.61
CA GLY R 132 -79.55 68.40 -36.03
C GLY R 132 -78.66 67.33 -36.62
N PHE R 133 -78.38 67.51 -37.91
CA PHE R 133 -77.61 66.64 -38.77
C PHE R 133 -76.36 67.37 -39.26
N GLN R 134 -75.21 66.71 -39.16
CA GLN R 134 -73.90 67.29 -39.48
C GLN R 134 -73.23 66.44 -40.56
N LEU R 135 -73.39 66.81 -41.84
CA LEU R 135 -72.99 65.95 -42.96
C LEU R 135 -71.69 66.40 -43.61
N THR R 136 -70.67 65.53 -43.69
CA THR R 136 -69.39 65.80 -44.35
C THR R 136 -69.31 65.16 -45.74
N HIS R 137 -68.98 65.96 -46.75
CA HIS R 137 -68.92 65.52 -48.13
C HIS R 137 -68.12 66.50 -49.00
N SER R 138 -67.88 66.12 -50.24
CA SER R 138 -67.27 66.93 -51.29
C SER R 138 -68.26 67.16 -52.44
N LEU R 139 -68.18 68.28 -53.15
CA LEU R 139 -69.08 68.61 -54.27
C LEU R 139 -68.51 68.20 -55.64
N GLY R 140 -67.20 68.00 -55.74
CA GLY R 140 -66.61 67.24 -56.84
C GLY R 140 -66.87 65.74 -56.74
N GLY R 141 -66.54 64.96 -57.77
CA GLY R 141 -66.84 63.52 -57.79
C GLY R 141 -68.33 63.22 -57.67
N GLY R 142 -68.74 62.01 -57.34
CA GLY R 142 -70.11 61.55 -57.54
C GLY R 142 -70.83 61.03 -56.31
N THR R 143 -70.10 60.54 -55.31
CA THR R 143 -70.66 59.94 -54.11
C THR R 143 -71.11 61.03 -53.14
N GLY R 144 -70.20 61.91 -52.74
CA GLY R 144 -70.52 63.02 -51.85
C GLY R 144 -71.46 64.03 -52.50
N SER R 145 -71.22 64.38 -53.76
CA SER R 145 -72.01 65.39 -54.46
C SER R 145 -73.43 64.91 -54.75
N GLY R 146 -73.60 63.69 -55.24
CA GLY R 146 -74.87 63.18 -55.73
C GLY R 146 -75.61 62.27 -54.79
N MET R 147 -74.93 61.41 -54.05
CA MET R 147 -75.59 60.62 -53.02
C MET R 147 -75.80 61.44 -51.75
N GLY R 148 -74.84 62.26 -51.35
CA GLY R 148 -74.94 63.11 -50.16
C GLY R 148 -76.07 64.11 -50.26
N THR R 149 -76.29 64.71 -51.43
CA THR R 149 -77.45 65.58 -51.65
C THR R 149 -78.77 64.85 -51.87
N LEU R 150 -78.76 63.58 -52.29
CA LEU R 150 -79.94 62.72 -52.21
C LEU R 150 -80.33 62.49 -50.76
N LEU R 151 -79.35 62.18 -49.92
CA LEU R 151 -79.53 61.90 -48.51
C LEU R 151 -79.96 63.15 -47.72
N ILE R 152 -79.42 64.33 -48.03
CA ILE R 152 -79.92 65.62 -47.51
C ILE R 152 -81.39 65.79 -47.83
N SER R 153 -81.80 65.53 -49.07
CA SER R 153 -83.20 65.66 -49.48
C SER R 153 -84.12 64.73 -48.68
N LYS R 154 -83.73 63.46 -48.48
CA LYS R 154 -84.48 62.46 -47.70
C LYS R 154 -84.59 62.76 -46.21
N ILE R 155 -83.50 63.15 -45.56
CA ILE R 155 -83.48 63.58 -44.17
C ILE R 155 -84.20 64.92 -43.97
N ARG R 156 -84.10 65.88 -44.89
CA ARG R 156 -84.86 67.15 -44.84
C ARG R 156 -86.38 66.93 -44.88
N GLU R 157 -86.86 66.02 -45.71
CA GLU R 157 -88.27 65.69 -45.83
C GLU R 157 -88.82 64.99 -44.58
N GLU R 158 -87.97 64.24 -43.89
CA GLU R 158 -88.33 63.46 -42.71
C GLU R 158 -88.19 64.23 -41.38
N TYR R 159 -87.24 65.17 -41.31
CA TYR R 159 -86.91 66.03 -40.16
C TYR R 159 -86.88 67.51 -40.57
N PRO R 160 -88.03 68.15 -40.81
CA PRO R 160 -88.07 69.48 -41.43
C PRO R 160 -87.65 70.64 -40.53
N ASP R 161 -87.67 70.47 -39.20
CA ASP R 161 -87.46 71.51 -38.18
C ASP R 161 -86.10 71.42 -37.45
N ARG R 162 -85.40 70.29 -37.58
CA ARG R 162 -84.04 70.09 -37.06
C ARG R 162 -83.01 70.81 -37.92
N ILE R 163 -81.88 71.24 -37.36
CA ILE R 163 -80.82 71.90 -38.12
C ILE R 163 -80.14 70.94 -39.09
N MET R 164 -80.08 71.27 -40.37
CA MET R 164 -79.27 70.57 -41.36
C MET R 164 -78.04 71.41 -41.67
N ASN R 165 -76.88 70.89 -41.29
CA ASN R 165 -75.61 71.61 -41.19
C ASN R 165 -74.53 70.83 -41.95
N THR R 166 -74.04 71.32 -43.08
CA THR R 166 -73.15 70.53 -43.97
C THR R 166 -71.78 71.16 -44.13
N PHE R 167 -70.74 70.32 -44.16
CA PHE R 167 -69.36 70.73 -44.40
C PHE R 167 -68.91 70.20 -45.74
N SER R 168 -68.65 71.11 -46.67
CA SER R 168 -68.73 70.85 -48.11
C SER R 168 -67.45 71.28 -48.79
N VAL R 169 -66.56 70.32 -49.03
CA VAL R 169 -65.31 70.56 -49.76
C VAL R 169 -65.62 70.69 -51.23
N VAL R 170 -65.23 71.75 -51.92
CA VAL R 170 -65.76 72.05 -53.26
C VAL R 170 -64.73 72.58 -54.25
N PRO R 171 -64.97 72.48 -55.57
CA PRO R 171 -63.95 72.67 -56.59
C PRO R 171 -63.40 74.08 -56.72
N SER R 172 -62.17 74.17 -57.23
CA SER R 172 -61.49 75.40 -57.65
C SER R 172 -60.47 75.07 -58.74
N PRO R 173 -60.12 76.02 -59.63
CA PRO R 173 -59.44 75.69 -60.88
C PRO R 173 -57.98 75.25 -60.73
N LYS R 174 -57.21 75.85 -59.81
CA LYS R 174 -55.77 75.61 -59.66
C LYS R 174 -55.42 74.37 -58.83
N VAL R 175 -56.37 73.76 -58.13
CA VAL R 175 -56.21 72.51 -57.38
C VAL R 175 -57.38 71.58 -57.72
N SER R 176 -57.21 70.82 -58.81
CA SER R 176 -58.26 69.95 -59.35
C SER R 176 -57.73 68.58 -59.79
N ASP R 177 -58.52 67.53 -59.58
CA ASP R 177 -58.19 66.13 -59.87
C ASP R 177 -59.23 65.43 -60.77
N THR R 178 -60.28 66.11 -61.23
CA THR R 178 -61.40 65.55 -61.98
C THR R 178 -61.70 66.42 -63.20
N VAL R 179 -62.02 65.82 -64.35
CA VAL R 179 -62.43 66.57 -65.54
C VAL R 179 -63.84 67.12 -65.41
N VAL R 180 -64.78 66.28 -64.97
CA VAL R 180 -66.21 66.61 -64.76
C VAL R 180 -66.53 67.25 -63.40
N GLU R 181 -65.55 67.74 -62.66
CA GLU R 181 -65.79 68.42 -61.38
C GLU R 181 -66.85 69.54 -61.48
N PRO R 182 -66.79 70.48 -62.45
CA PRO R 182 -67.79 71.55 -62.59
C PRO R 182 -69.24 71.08 -62.72
N TYR R 183 -69.48 69.98 -63.44
CA TYR R 183 -70.81 69.41 -63.60
C TYR R 183 -71.38 68.93 -62.28
N ASN R 184 -70.63 68.07 -61.60
CA ASN R 184 -71.04 67.46 -60.35
C ASN R 184 -71.36 68.51 -59.28
N ALA R 185 -70.53 69.54 -59.17
CA ALA R 185 -70.76 70.60 -58.22
C ALA R 185 -72.01 71.40 -58.57
N THR R 186 -72.21 71.78 -59.83
CA THR R 186 -73.37 72.59 -60.23
C THR R 186 -74.70 71.85 -60.00
N LEU R 187 -74.74 70.55 -60.26
CA LEU R 187 -75.88 69.69 -59.92
C LEU R 187 -76.12 69.54 -58.41
N SER R 188 -75.08 69.67 -57.59
CA SER R 188 -75.12 69.48 -56.15
C SER R 188 -75.48 70.76 -55.39
N VAL R 189 -74.95 71.92 -55.79
CA VAL R 189 -75.23 73.24 -55.19
C VAL R 189 -76.71 73.62 -55.28
N HIS R 190 -77.36 73.20 -56.36
CA HIS R 190 -78.80 73.25 -56.58
C HIS R 190 -79.64 72.57 -55.49
N GLN R 191 -79.12 71.55 -54.81
CA GLN R 191 -79.77 70.89 -53.67
C GLN R 191 -79.43 71.57 -52.33
N LEU R 192 -78.20 72.03 -52.16
CA LEU R 192 -77.74 72.68 -50.94
C LEU R 192 -78.46 74.02 -50.69
N VAL R 193 -78.66 74.88 -51.72
CA VAL R 193 -79.34 76.17 -51.57
C VAL R 193 -80.78 76.06 -51.09
N GLU R 194 -81.48 74.95 -51.38
CA GLU R 194 -82.87 74.75 -50.99
C GLU R 194 -83.03 74.03 -49.64
N ASN R 195 -82.21 73.02 -49.35
CA ASN R 195 -82.43 72.12 -48.22
C ASN R 195 -81.64 72.46 -46.95
N THR R 196 -80.35 72.78 -47.03
CA THR R 196 -79.54 72.97 -45.82
C THR R 196 -79.91 74.26 -45.09
N ASP R 197 -79.70 74.30 -43.77
CA ASP R 197 -79.84 75.50 -42.93
C ASP R 197 -78.51 76.28 -42.82
N GLU R 198 -77.39 75.58 -42.94
CA GLU R 198 -76.04 76.10 -43.04
C GLU R 198 -75.20 75.21 -43.96
N THR R 199 -74.37 75.78 -44.84
CA THR R 199 -73.36 75.01 -45.57
C THR R 199 -72.02 75.72 -45.46
N TYR R 200 -71.00 75.03 -44.95
CA TYR R 200 -69.66 75.57 -44.74
C TYR R 200 -68.79 75.21 -45.93
N CYS R 201 -68.56 76.19 -46.78
CA CYS R 201 -67.88 76.05 -48.05
C CYS R 201 -66.39 75.99 -47.82
N ILE R 202 -65.75 74.90 -48.22
CA ILE R 202 -64.33 74.64 -47.96
C ILE R 202 -63.64 74.29 -49.27
N ASP R 203 -62.38 74.67 -49.45
CA ASP R 203 -61.68 74.56 -50.72
C ASP R 203 -60.27 74.01 -50.54
N ASN R 204 -59.83 73.09 -51.40
CA ASN R 204 -58.47 72.56 -51.25
C ASN R 204 -57.40 73.60 -51.60
N GLU R 205 -57.69 74.58 -52.46
CA GLU R 205 -56.75 75.66 -52.75
C GLU R 205 -56.49 76.53 -51.53
N ALA R 206 -57.54 76.88 -50.76
CA ALA R 206 -57.39 77.64 -49.53
C ALA R 206 -56.77 76.84 -48.39
N LEU R 207 -57.04 75.55 -48.30
CA LEU R 207 -56.42 74.67 -47.32
C LEU R 207 -54.94 74.42 -47.62
N TYR R 208 -54.51 74.41 -48.88
CA TYR R 208 -53.09 74.43 -49.22
C TYR R 208 -52.44 75.79 -48.97
N ASP R 209 -53.13 76.91 -49.18
CA ASP R 209 -52.61 78.25 -48.87
C ASP R 209 -52.35 78.44 -47.37
N ILE R 210 -53.20 77.91 -46.48
CA ILE R 210 -52.93 77.88 -45.05
C ILE R 210 -51.68 77.04 -44.74
N CYS R 211 -51.52 75.89 -45.39
CA CYS R 211 -50.39 75.02 -45.11
C CYS R 211 -49.03 75.60 -45.55
N PHE R 212 -48.97 76.33 -46.67
CA PHE R 212 -47.73 76.94 -47.14
C PHE R 212 -47.47 78.33 -46.56
N ARG R 213 -48.45 79.24 -46.55
CA ARG R 213 -48.24 80.65 -46.18
C ARG R 213 -48.45 80.96 -44.70
N THR R 214 -48.91 80.01 -43.89
CA THR R 214 -49.09 80.17 -42.44
C THR R 214 -48.29 79.13 -41.67
N LEU R 215 -48.63 77.84 -41.83
CA LEU R 215 -47.96 76.75 -41.11
C LEU R 215 -46.53 76.45 -41.59
N LYS R 216 -46.16 76.90 -42.79
CA LYS R 216 -44.87 76.63 -43.44
C LYS R 216 -44.52 75.14 -43.53
N LEU R 217 -45.51 74.27 -43.71
CA LEU R 217 -45.30 72.85 -43.99
C LEU R 217 -44.66 72.66 -45.37
N THR R 218 -43.62 71.83 -45.49
CA THR R 218 -42.94 71.62 -46.80
C THR R 218 -43.74 70.73 -47.75
N THR R 219 -44.45 69.72 -47.23
CA THR R 219 -45.20 68.71 -47.97
C THR R 219 -46.53 68.41 -47.27
N PRO R 220 -47.54 69.29 -47.37
CA PRO R 220 -48.85 69.06 -46.78
C PRO R 220 -49.62 67.98 -47.52
N THR R 221 -50.07 66.99 -46.78
CA THR R 221 -50.88 65.86 -47.27
C THR R 221 -52.38 66.17 -47.16
N TYR R 222 -53.24 65.29 -47.68
CA TYR R 222 -54.66 65.34 -47.35
C TYR R 222 -54.91 65.15 -45.85
N GLY R 223 -54.08 64.42 -45.12
CA GLY R 223 -54.21 64.31 -43.67
C GLY R 223 -54.02 65.62 -42.92
N ASP R 224 -53.18 66.51 -43.44
CA ASP R 224 -52.97 67.86 -42.91
C ASP R 224 -54.13 68.80 -43.28
N LEU R 225 -54.71 68.66 -44.47
CA LEU R 225 -55.90 69.41 -44.86
C LEU R 225 -57.13 69.03 -44.03
N ASN R 226 -57.29 67.74 -43.75
CA ASN R 226 -58.40 67.19 -42.98
C ASN R 226 -58.38 67.62 -41.52
N HIS R 227 -57.20 67.91 -41.01
CA HIS R 227 -56.94 68.44 -39.68
C HIS R 227 -57.38 69.91 -39.55
N LEU R 228 -57.14 70.74 -40.56
CA LEU R 228 -57.67 72.11 -40.61
C LEU R 228 -59.21 72.15 -40.68
N VAL R 229 -59.84 71.32 -41.51
CA VAL R 229 -61.29 71.25 -41.61
C VAL R 229 -61.90 70.85 -40.28
N SER R 230 -61.41 69.76 -39.68
CA SER R 230 -61.99 69.20 -38.47
C SER R 230 -61.81 70.06 -37.22
N ALA R 231 -60.81 70.92 -37.15
CA ALA R 231 -60.71 71.94 -36.12
C ALA R 231 -61.90 72.92 -36.12
N THR R 232 -62.37 73.38 -37.29
CA THR R 232 -63.57 74.24 -37.39
C THR R 232 -64.88 73.47 -37.21
N MET R 233 -64.92 72.17 -37.51
CA MET R 233 -66.08 71.35 -37.17
C MET R 233 -66.25 71.18 -35.66
N SER R 234 -65.18 70.87 -34.93
CA SER R 234 -65.17 70.88 -33.47
C SER R 234 -65.52 72.27 -32.95
N GLY R 235 -65.04 73.31 -33.62
CA GLY R 235 -65.26 74.68 -33.18
C GLY R 235 -66.72 75.10 -33.07
N VAL R 236 -67.54 74.93 -34.11
CA VAL R 236 -68.88 75.53 -34.17
C VAL R 236 -69.90 74.86 -33.23
N THR R 237 -69.70 73.61 -32.83
CA THR R 237 -70.57 72.91 -31.87
C THR R 237 -70.13 73.06 -30.42
N THR R 238 -68.98 73.68 -30.16
CA THR R 238 -68.35 73.77 -28.83
C THR R 238 -69.33 74.20 -27.74
N CYS R 239 -70.15 75.21 -28.02
CA CYS R 239 -71.11 75.77 -27.07
C CYS R 239 -72.29 74.87 -26.69
N LEU R 240 -72.51 73.71 -27.31
CA LEU R 240 -73.41 72.68 -26.77
C LEU R 240 -72.67 71.51 -26.09
N ARG R 241 -71.33 71.51 -26.11
CA ARG R 241 -70.48 70.47 -25.51
C ARG R 241 -69.77 70.92 -24.23
N PHE R 242 -69.56 72.22 -24.06
CA PHE R 242 -68.84 72.82 -22.93
C PHE R 242 -69.55 74.07 -22.42
N PRO R 243 -69.36 74.45 -21.14
CA PRO R 243 -69.89 75.69 -20.58
C PRO R 243 -69.18 76.94 -21.11
N GLY R 244 -69.76 78.13 -20.94
CA GLY R 244 -69.22 79.37 -21.48
C GLY R 244 -69.84 80.63 -20.90
N GLN R 245 -69.20 81.78 -21.14
CA GLN R 245 -69.73 83.10 -20.75
C GLN R 245 -70.86 83.56 -21.68
N LEU R 246 -70.84 83.15 -22.94
CA LEU R 246 -71.89 83.34 -23.95
C LEU R 246 -72.08 82.02 -24.67
N ASN R 247 -73.20 81.33 -24.48
CA ASN R 247 -73.48 80.09 -25.17
C ASN R 247 -74.19 80.36 -26.51
N ALA R 248 -73.78 79.67 -27.58
CA ALA R 248 -74.42 79.72 -28.91
C ALA R 248 -74.61 78.31 -29.51
N ASP R 249 -75.84 77.81 -29.51
CA ASP R 249 -76.27 76.61 -30.24
C ASP R 249 -76.13 76.82 -31.77
N LEU R 250 -76.05 75.75 -32.58
CA LEU R 250 -76.06 75.86 -34.05
C LEU R 250 -77.25 76.67 -34.57
N ARG R 251 -78.40 76.64 -33.90
CA ARG R 251 -79.56 77.48 -34.22
C ARG R 251 -79.37 78.96 -33.85
N LYS R 252 -78.69 79.27 -32.74
CA LYS R 252 -78.32 80.63 -32.30
C LYS R 252 -77.29 81.25 -33.23
N LEU R 253 -76.47 80.43 -33.88
CA LEU R 253 -75.66 80.84 -35.02
C LEU R 253 -76.55 81.15 -36.22
N ALA R 254 -77.40 80.22 -36.66
CA ALA R 254 -78.24 80.39 -37.85
C ALA R 254 -79.14 81.64 -37.83
N VAL R 255 -79.85 81.90 -36.73
CA VAL R 255 -80.70 83.10 -36.56
C VAL R 255 -79.92 84.40 -36.73
N ASN R 256 -78.66 84.46 -36.28
CA ASN R 256 -77.80 85.62 -36.39
C ASN R 256 -77.03 85.68 -37.71
N MET R 257 -76.73 84.54 -38.32
CA MET R 257 -75.86 84.42 -39.48
C MET R 257 -76.57 84.49 -40.82
N VAL R 258 -77.85 84.13 -40.91
CA VAL R 258 -78.59 84.00 -42.18
C VAL R 258 -79.68 85.06 -42.27
N PRO R 259 -79.40 86.24 -42.86
CA PRO R 259 -80.38 87.32 -42.94
C PRO R 259 -81.58 86.94 -43.82
N PHE R 260 -81.32 86.51 -45.05
CA PHE R 260 -82.32 86.05 -46.00
C PHE R 260 -82.13 84.55 -46.29
N PRO R 261 -83.19 83.74 -46.39
CA PRO R 261 -83.15 82.29 -46.16
C PRO R 261 -82.03 81.48 -46.84
N ARG R 262 -81.71 81.85 -48.09
CA ARG R 262 -80.80 81.18 -49.01
C ARG R 262 -79.34 81.61 -48.87
N LEU R 263 -79.04 82.71 -48.17
CA LEU R 263 -77.67 83.22 -48.00
C LEU R 263 -76.94 82.54 -46.84
N HIS R 264 -76.89 81.22 -46.83
CA HIS R 264 -76.31 80.42 -45.75
C HIS R 264 -75.03 79.67 -46.13
N PHE R 265 -74.41 80.06 -47.25
CA PHE R 265 -73.13 79.53 -47.71
C PHE R 265 -71.97 80.22 -47.00
N PHE R 266 -71.62 79.68 -45.84
CA PHE R 266 -70.57 80.21 -44.99
C PHE R 266 -69.17 79.81 -45.45
N MET R 267 -68.16 80.37 -44.80
CA MET R 267 -66.74 80.28 -45.14
C MET R 267 -65.94 80.26 -43.83
N PRO R 268 -65.43 79.10 -43.38
CA PRO R 268 -64.87 78.98 -42.04
C PRO R 268 -63.40 79.40 -41.94
N GLY R 269 -62.91 79.56 -40.72
CA GLY R 269 -61.51 79.80 -40.38
C GLY R 269 -61.21 79.43 -38.93
N PHE R 270 -59.93 79.41 -38.57
CA PHE R 270 -59.46 78.99 -37.26
C PHE R 270 -58.23 79.78 -36.83
N ALA R 271 -58.09 80.02 -35.53
CA ALA R 271 -56.92 80.65 -34.91
C ALA R 271 -56.71 80.07 -33.51
N PRO R 272 -55.49 80.11 -32.96
CA PRO R 272 -54.24 80.51 -33.57
C PRO R 272 -53.72 79.41 -34.50
N LEU R 273 -53.21 79.77 -35.67
CA LEU R 273 -52.36 78.92 -36.49
C LEU R 273 -50.97 79.54 -36.55
N THR R 274 -49.92 78.80 -36.21
CA THR R 274 -48.55 79.32 -36.17
C THR R 274 -47.61 78.37 -36.89
N SER R 275 -46.60 78.90 -37.55
CA SER R 275 -45.50 78.08 -38.07
C SER R 275 -44.90 77.24 -36.95
N ARG R 276 -44.76 75.94 -37.15
CA ARG R 276 -44.38 74.99 -36.09
C ARG R 276 -43.11 75.38 -35.34
N GLY R 277 -42.12 75.95 -36.02
CA GLY R 277 -40.86 76.40 -35.44
C GLY R 277 -40.90 77.77 -34.76
N SER R 278 -42.04 78.45 -34.74
CA SER R 278 -42.16 79.85 -34.30
C SER R 278 -43.01 80.07 -33.05
N GLN R 279 -43.64 79.05 -32.46
CA GLN R 279 -44.63 79.26 -31.42
C GLN R 279 -44.13 80.05 -30.21
N GLN R 280 -42.92 79.77 -29.71
CA GLN R 280 -42.37 80.44 -28.52
C GLN R 280 -42.24 81.97 -28.62
N TYR R 281 -42.25 82.53 -29.84
CA TYR R 281 -42.10 83.96 -30.07
C TYR R 281 -43.44 84.70 -30.11
N ARG R 282 -44.57 83.98 -30.18
CA ARG R 282 -45.92 84.53 -30.34
C ARG R 282 -46.63 84.69 -28.99
N ALA R 283 -47.30 85.81 -28.77
CA ALA R 283 -48.18 85.98 -27.62
C ALA R 283 -49.62 85.56 -27.96
N LEU R 284 -50.11 84.46 -27.38
CA LEU R 284 -51.51 84.06 -27.53
C LEU R 284 -52.40 85.00 -26.72
N THR R 285 -53.22 85.80 -27.39
CA THR R 285 -54.13 86.73 -26.74
C THR R 285 -55.19 87.23 -27.74
N VAL R 286 -56.34 87.69 -27.26
CA VAL R 286 -57.50 88.06 -28.08
C VAL R 286 -57.22 88.99 -29.27
N PRO R 287 -56.39 90.05 -29.17
CA PRO R 287 -56.10 90.89 -30.34
C PRO R 287 -55.17 90.24 -31.37
N GLU R 288 -54.36 89.24 -31.01
CA GLU R 288 -53.60 88.49 -32.02
C GLU R 288 -54.47 87.43 -32.67
N LEU R 289 -55.30 86.72 -31.90
CA LEU R 289 -56.32 85.83 -32.44
C LEU R 289 -57.22 86.60 -33.41
N THR R 290 -57.60 87.84 -33.11
CA THR R 290 -58.38 88.67 -34.01
C THR R 290 -57.64 89.05 -35.29
N GLN R 291 -56.40 89.54 -35.21
CA GLN R 291 -55.61 89.95 -36.39
C GLN R 291 -55.23 88.79 -37.32
N GLN R 292 -55.28 87.54 -36.84
CA GLN R 292 -55.22 86.36 -37.68
C GLN R 292 -56.59 86.00 -38.27
N MET R 293 -57.60 85.85 -37.41
CA MET R 293 -58.94 85.40 -37.73
C MET R 293 -59.60 86.22 -38.84
N PHE R 294 -59.50 87.54 -38.80
CA PHE R 294 -60.12 88.43 -39.79
C PHE R 294 -59.25 88.75 -41.00
N ASP R 295 -58.14 88.05 -41.23
CA ASP R 295 -57.25 88.27 -42.37
C ASP R 295 -57.46 87.21 -43.46
N ALA R 296 -57.50 87.69 -44.69
CA ALA R 296 -57.89 87.02 -45.94
C ALA R 296 -57.13 85.71 -46.20
N LYS R 297 -55.90 85.58 -45.67
CA LYS R 297 -55.09 84.36 -45.78
C LYS R 297 -55.56 83.21 -44.89
N ASN R 298 -56.36 83.47 -43.86
CA ASN R 298 -56.80 82.46 -42.89
C ASN R 298 -58.06 81.69 -43.31
N MET R 299 -58.97 82.28 -44.10
CA MET R 299 -60.24 81.65 -44.47
C MET R 299 -60.06 80.46 -45.40
N MET R 300 -60.86 79.40 -45.22
CA MET R 300 -60.75 78.11 -45.89
C MET R 300 -61.52 77.98 -47.23
N ALA R 301 -61.89 79.09 -47.86
CA ALA R 301 -62.35 79.15 -49.24
C ALA R 301 -61.53 80.17 -50.04
N ALA R 302 -61.36 79.98 -51.35
CA ALA R 302 -60.48 80.81 -52.17
C ALA R 302 -60.87 82.29 -52.24
N CYS R 303 -62.11 82.63 -51.92
CA CYS R 303 -62.63 83.99 -51.91
C CYS R 303 -61.80 84.89 -50.99
N ASP R 304 -61.20 85.93 -51.54
CA ASP R 304 -60.70 87.02 -50.72
C ASP R 304 -61.89 87.87 -50.27
N PRO R 305 -62.16 88.03 -48.97
CA PRO R 305 -63.27 88.85 -48.52
C PRO R 305 -63.15 90.30 -48.95
N ARG R 306 -61.95 90.79 -49.33
CA ARG R 306 -61.77 92.13 -49.91
C ARG R 306 -62.41 92.30 -51.29
N HIS R 307 -62.93 91.25 -51.90
CA HIS R 307 -63.76 91.26 -53.12
C HIS R 307 -65.27 91.33 -52.86
N GLY R 308 -65.71 91.48 -51.62
CA GLY R 308 -67.12 91.62 -51.24
C GLY R 308 -67.31 92.44 -49.97
N ARG R 309 -68.40 92.16 -49.24
CA ARG R 309 -68.67 92.63 -47.88
C ARG R 309 -69.21 91.45 -47.08
N TYR R 310 -68.93 91.35 -45.79
CA TYR R 310 -69.62 90.40 -44.92
C TYR R 310 -71.06 90.84 -44.65
N LEU R 311 -71.97 89.87 -44.57
CA LEU R 311 -73.31 90.06 -44.03
C LEU R 311 -73.24 89.96 -42.51
N THR R 312 -72.85 88.77 -42.04
CA THR R 312 -72.57 88.46 -40.64
C THR R 312 -71.26 87.70 -40.55
N VAL R 313 -70.51 87.91 -39.48
CA VAL R 313 -69.43 87.03 -39.04
C VAL R 313 -69.77 86.51 -37.66
N ALA R 314 -69.52 85.24 -37.36
CA ALA R 314 -69.54 84.74 -35.99
C ALA R 314 -68.13 84.37 -35.56
N ALA R 315 -67.70 84.89 -34.43
CA ALA R 315 -66.45 84.50 -33.80
C ALA R 315 -66.73 83.70 -32.52
N ILE R 316 -66.59 82.38 -32.57
CA ILE R 316 -66.78 81.47 -31.44
C ILE R 316 -65.43 81.25 -30.77
N PHE R 317 -65.14 82.07 -29.78
CA PHE R 317 -63.95 81.98 -28.96
C PHE R 317 -64.04 80.86 -27.92
N ARG R 318 -62.90 80.33 -27.54
CA ARG R 318 -62.73 79.34 -26.49
C ARG R 318 -61.56 79.74 -25.61
N GLY R 319 -61.68 79.60 -24.30
CA GLY R 319 -60.63 79.91 -23.33
C GLY R 319 -61.06 80.91 -22.27
N ARG R 320 -60.22 81.09 -21.24
CA ARG R 320 -60.43 82.09 -20.19
C ARG R 320 -60.03 83.48 -20.69
N MET R 321 -61.00 84.31 -21.04
CA MET R 321 -60.78 85.65 -21.61
C MET R 321 -61.83 86.66 -21.19
N SER R 322 -61.48 87.94 -21.26
CA SER R 322 -62.35 89.05 -20.90
C SER R 322 -63.45 89.30 -21.92
N MET R 323 -64.68 89.51 -21.46
CA MET R 323 -65.76 89.95 -22.34
C MET R 323 -65.56 91.38 -22.83
N LYS R 324 -64.97 92.30 -22.05
CA LYS R 324 -64.60 93.64 -22.54
C LYS R 324 -63.62 93.52 -23.69
N GLU R 325 -62.57 92.72 -23.57
CA GLU R 325 -61.56 92.56 -24.62
C GLU R 325 -62.14 91.91 -25.89
N VAL R 326 -62.97 90.87 -25.77
CA VAL R 326 -63.67 90.32 -26.94
C VAL R 326 -64.58 91.36 -27.56
N ASP R 327 -65.42 92.03 -26.78
CA ASP R 327 -66.38 93.00 -27.32
C ASP R 327 -65.71 94.25 -27.92
N GLU R 328 -64.58 94.68 -27.37
CA GLU R 328 -63.65 95.70 -27.89
C GLU R 328 -63.11 95.29 -29.25
N GLN R 329 -62.56 94.08 -29.41
CA GLN R 329 -61.93 93.70 -30.67
C GLN R 329 -62.95 93.46 -31.78
N MET R 330 -64.09 92.85 -31.47
CA MET R 330 -65.16 92.65 -32.45
C MET R 330 -65.87 93.95 -32.84
N LEU R 331 -65.70 95.04 -32.06
CA LEU R 331 -66.06 96.40 -32.44
C LEU R 331 -64.97 97.05 -33.30
N ASN R 332 -63.72 97.01 -32.85
CA ASN R 332 -62.60 97.66 -33.53
C ASN R 332 -62.45 97.13 -34.95
N VAL R 333 -62.58 95.82 -35.16
CA VAL R 333 -62.52 95.24 -36.51
C VAL R 333 -63.56 95.86 -37.44
N GLN R 334 -64.84 95.86 -37.09
CA GLN R 334 -65.88 96.29 -38.03
C GLN R 334 -66.06 97.80 -38.16
N ASN R 335 -65.37 98.60 -37.34
CA ASN R 335 -65.29 100.05 -37.47
C ASN R 335 -64.06 100.46 -38.29
N LYS R 336 -62.90 99.84 -38.06
CA LYS R 336 -61.67 100.09 -38.83
C LYS R 336 -61.69 99.45 -40.22
N ASN R 337 -62.51 98.42 -40.44
CA ASN R 337 -62.74 97.77 -41.74
C ASN R 337 -64.18 97.99 -42.26
N SER R 338 -64.82 99.12 -41.98
CA SER R 338 -66.26 99.32 -42.21
C SER R 338 -66.72 99.18 -43.67
N SER R 339 -65.83 99.45 -44.63
CA SER R 339 -66.04 99.22 -46.06
C SER R 339 -66.19 97.74 -46.46
N TYR R 340 -65.90 96.79 -45.56
CA TYR R 340 -66.02 95.35 -45.80
C TYR R 340 -67.17 94.68 -45.06
N PHE R 341 -68.11 95.43 -44.50
CA PHE R 341 -69.32 94.92 -43.84
C PHE R 341 -70.55 95.62 -44.40
N VAL R 342 -71.70 94.97 -44.52
CA VAL R 342 -72.89 95.66 -45.05
C VAL R 342 -73.42 96.70 -44.07
N GLU R 343 -73.74 97.90 -44.56
CA GLU R 343 -74.09 99.05 -43.70
C GLU R 343 -75.59 99.21 -43.41
N TRP R 344 -76.42 98.25 -43.83
CA TRP R 344 -77.82 98.10 -43.43
C TRP R 344 -78.02 97.11 -42.28
N ILE R 345 -76.94 96.49 -41.77
CA ILE R 345 -76.93 95.76 -40.50
C ILE R 345 -76.09 96.60 -39.51
N PRO R 346 -76.60 96.95 -38.32
CA PRO R 346 -75.94 97.88 -37.41
C PRO R 346 -74.78 97.27 -36.58
N ASN R 347 -74.75 95.96 -36.43
CA ASN R 347 -73.62 95.19 -35.92
C ASN R 347 -73.54 93.88 -36.70
N ASN R 348 -72.44 93.61 -37.36
CA ASN R 348 -72.27 92.45 -38.21
C ASN R 348 -71.63 91.26 -37.48
N VAL R 349 -71.13 91.39 -36.26
CA VAL R 349 -70.41 90.33 -35.56
C VAL R 349 -71.26 89.74 -34.42
N LYS R 350 -71.52 88.44 -34.48
CA LYS R 350 -71.94 87.58 -33.36
C LYS R 350 -70.70 87.13 -32.60
N THR R 351 -70.74 87.09 -31.27
CA THR R 351 -69.66 86.52 -30.45
C THR R 351 -70.19 85.38 -29.62
N ALA R 352 -69.37 84.38 -29.35
CA ALA R 352 -69.63 83.38 -28.33
C ALA R 352 -68.32 83.05 -27.62
N VAL R 353 -68.38 82.62 -26.38
CA VAL R 353 -67.19 82.43 -25.53
C VAL R 353 -67.41 81.19 -24.69
N CYS R 354 -66.66 80.13 -24.98
CA CYS R 354 -66.60 78.91 -24.20
C CYS R 354 -65.46 78.94 -23.17
N ASP R 355 -65.67 78.36 -21.99
CA ASP R 355 -64.70 78.32 -20.89
C ASP R 355 -63.57 77.30 -21.08
N ILE R 356 -63.65 76.42 -22.09
CA ILE R 356 -62.77 75.27 -22.27
C ILE R 356 -62.07 75.34 -23.64
N PRO R 357 -60.80 75.79 -23.72
CA PRO R 357 -60.04 75.87 -24.95
C PRO R 357 -59.54 74.48 -25.40
N PRO R 358 -59.20 74.29 -26.68
CA PRO R 358 -58.77 72.99 -27.18
C PRO R 358 -57.56 72.44 -26.40
N ARG R 359 -57.43 71.12 -26.29
CA ARG R 359 -56.35 70.52 -25.52
C ARG R 359 -54.98 70.96 -26.05
N GLY R 360 -54.14 71.57 -25.23
CA GLY R 360 -52.84 72.14 -25.65
C GLY R 360 -52.85 73.58 -26.17
N LEU R 361 -53.92 74.36 -26.13
CA LEU R 361 -53.74 75.81 -26.30
C LEU R 361 -54.61 76.64 -25.38
N LYS R 362 -54.09 77.78 -24.91
CA LYS R 362 -54.68 78.62 -23.87
C LYS R 362 -55.98 79.29 -24.29
N MET R 363 -56.14 79.53 -25.59
CA MET R 363 -57.30 80.13 -26.21
C MET R 363 -57.44 79.60 -27.63
N SER R 364 -58.61 79.69 -28.24
CA SER R 364 -58.79 79.47 -29.67
C SER R 364 -60.01 80.21 -30.18
N ALA R 365 -60.08 80.48 -31.47
CA ALA R 365 -61.25 81.09 -32.11
C ALA R 365 -61.60 80.36 -33.40
N THR R 366 -62.84 79.92 -33.54
CA THR R 366 -63.37 79.46 -34.82
C THR R 366 -64.18 80.57 -35.44
N PHE R 367 -63.86 80.90 -36.68
CA PHE R 367 -64.46 81.98 -37.45
C PHE R 367 -65.45 81.42 -38.44
N ILE R 368 -66.62 82.04 -38.56
CA ILE R 368 -67.57 81.74 -39.61
C ILE R 368 -67.90 83.02 -40.34
N GLY R 369 -67.54 83.14 -41.61
CA GLY R 369 -67.90 84.27 -42.43
C GLY R 369 -69.11 83.96 -43.29
N ASN R 370 -70.07 84.88 -43.35
CA ASN R 370 -71.01 84.97 -44.46
C ASN R 370 -70.65 86.24 -45.24
N SER R 371 -70.30 86.13 -46.51
CA SER R 371 -69.88 87.28 -47.30
C SER R 371 -70.29 87.18 -48.75
N THR R 372 -70.66 88.31 -49.34
CA THR R 372 -70.97 88.44 -50.76
C THR R 372 -69.79 88.04 -51.65
N ALA R 373 -68.57 87.99 -51.13
CA ALA R 373 -67.41 87.43 -51.82
C ALA R 373 -67.55 85.95 -52.18
N ILE R 374 -68.42 85.18 -51.53
CA ILE R 374 -68.69 83.79 -51.92
C ILE R 374 -69.32 83.68 -53.31
N GLN R 375 -69.76 84.79 -53.91
CA GLN R 375 -70.14 84.83 -55.32
C GLN R 375 -69.02 84.32 -56.22
N GLU R 376 -67.75 84.54 -55.89
CA GLU R 376 -66.61 84.17 -56.73
C GLU R 376 -66.41 82.66 -56.80
N LEU R 377 -66.75 81.94 -55.74
CA LEU R 377 -66.69 80.48 -55.72
C LEU R 377 -67.77 79.89 -56.62
N PHE R 378 -69.01 80.38 -56.53
CA PHE R 378 -70.08 79.95 -57.42
C PHE R 378 -69.91 80.43 -58.86
N LYS R 379 -69.31 81.60 -59.10
CA LYS R 379 -69.08 82.13 -60.45
C LYS R 379 -68.09 81.28 -61.23
N ARG R 380 -66.93 80.96 -60.65
CA ARG R 380 -65.89 80.22 -61.38
C ARG R 380 -66.28 78.78 -61.67
N ILE R 381 -67.05 78.12 -60.81
CA ILE R 381 -67.66 76.84 -61.13
C ILE R 381 -68.66 77.01 -62.27
N SER R 382 -69.54 78.01 -62.21
CA SER R 382 -70.55 78.26 -63.24
C SER R 382 -69.96 78.55 -64.63
N GLU R 383 -68.83 79.27 -64.72
CA GLU R 383 -68.11 79.50 -65.98
C GLU R 383 -67.30 78.30 -66.48
N GLN R 384 -66.73 77.46 -65.61
CA GLN R 384 -66.18 76.16 -66.06
C GLN R 384 -67.27 75.22 -66.57
N PHE R 385 -68.41 75.14 -65.89
CA PHE R 385 -69.58 74.39 -66.34
C PHE R 385 -70.02 74.85 -67.71
N THR R 386 -70.17 76.16 -67.89
CA THR R 386 -70.66 76.75 -69.14
C THR R 386 -69.77 76.40 -70.33
N ALA R 387 -68.45 76.51 -70.18
CA ALA R 387 -67.52 76.25 -71.28
C ALA R 387 -67.52 74.80 -71.76
N MET R 388 -67.80 73.82 -70.89
CA MET R 388 -68.02 72.43 -71.31
C MET R 388 -69.42 72.22 -71.87
N PHE R 389 -70.43 72.76 -71.20
CA PHE R 389 -71.82 72.49 -71.52
C PHE R 389 -72.25 73.09 -72.87
N ARG R 390 -71.68 74.21 -73.32
CA ARG R 390 -72.02 74.76 -74.64
C ARG R 390 -71.74 73.79 -75.78
N ARG R 391 -70.84 72.82 -75.59
CA ARG R 391 -70.50 71.75 -76.54
C ARG R 391 -70.93 70.36 -76.08
N LYS R 392 -71.83 70.28 -75.09
CA LYS R 392 -72.43 69.04 -74.55
C LYS R 392 -71.40 67.99 -74.10
N ALA R 393 -70.16 68.37 -73.85
CA ALA R 393 -69.09 67.43 -73.58
C ALA R 393 -69.39 66.56 -72.36
N PHE R 394 -69.00 65.30 -72.35
CA PHE R 394 -69.20 64.32 -71.28
C PHE R 394 -70.67 64.00 -70.89
N LEU R 395 -71.70 64.60 -71.51
CA LEU R 395 -73.08 64.41 -71.04
C LEU R 395 -73.65 63.01 -71.24
N HIS R 396 -73.04 62.16 -72.05
CA HIS R 396 -73.57 60.79 -72.26
C HIS R 396 -73.39 59.92 -71.02
N TRP R 397 -72.42 60.21 -70.15
CA TRP R 397 -72.26 59.54 -68.87
C TRP R 397 -73.34 59.87 -67.85
N TYR R 398 -73.97 61.04 -67.94
CA TYR R 398 -75.06 61.48 -67.07
C TYR R 398 -76.42 61.15 -67.65
N THR R 399 -76.64 61.45 -68.92
CA THR R 399 -77.86 61.09 -69.63
C THR R 399 -78.01 59.56 -69.79
N GLY R 400 -76.91 58.81 -69.74
CA GLY R 400 -76.94 57.35 -69.66
C GLY R 400 -77.58 56.80 -68.39
N GLU R 401 -77.48 57.54 -67.27
CA GLU R 401 -78.20 57.28 -66.02
C GLU R 401 -79.66 57.78 -66.02
N GLY R 402 -80.18 58.18 -67.17
CA GLY R 402 -81.54 58.69 -67.36
C GLY R 402 -81.78 60.14 -66.94
N MET R 403 -80.73 60.90 -66.69
CA MET R 403 -80.80 62.32 -66.39
C MET R 403 -81.11 63.14 -67.65
N ASP R 404 -81.88 64.22 -67.55
CA ASP R 404 -82.15 65.10 -68.70
C ASP R 404 -81.04 66.15 -68.90
N GLU R 405 -80.87 66.59 -70.15
CA GLU R 405 -80.14 67.83 -70.44
C GLU R 405 -80.82 69.03 -69.76
N MET R 406 -82.15 69.02 -69.66
CA MET R 406 -82.90 70.05 -68.94
C MET R 406 -82.49 70.17 -67.47
N GLU R 407 -81.97 69.12 -66.83
CA GLU R 407 -81.57 69.23 -65.42
C GLU R 407 -80.24 69.99 -65.26
N PHE R 408 -79.38 69.93 -66.26
CA PHE R 408 -78.15 70.72 -66.31
C PHE R 408 -78.49 72.19 -66.52
N THR R 409 -79.35 72.50 -67.50
CA THR R 409 -79.85 73.86 -67.75
C THR R 409 -80.49 74.45 -66.50
N GLU R 410 -81.30 73.68 -65.78
CA GLU R 410 -81.97 74.11 -64.55
C GLU R 410 -81.04 74.23 -63.34
N ALA R 411 -80.01 73.38 -63.22
CA ALA R 411 -78.99 73.53 -62.20
C ALA R 411 -78.14 74.80 -62.38
N GLU R 412 -77.62 75.06 -63.57
CA GLU R 412 -76.83 76.28 -63.86
C GLU R 412 -77.68 77.55 -63.77
N SER R 413 -78.99 77.44 -64.02
CA SER R 413 -79.96 78.52 -63.82
C SER R 413 -80.08 78.87 -62.34
N ASN R 414 -80.27 77.87 -61.49
CA ASN R 414 -80.31 78.02 -60.03
C ASN R 414 -78.97 78.44 -59.41
N MET R 415 -77.84 78.07 -60.02
CA MET R 415 -76.53 78.56 -59.65
C MET R 415 -76.41 80.08 -59.89
N ASN R 416 -76.74 80.58 -61.08
CA ASN R 416 -76.72 82.03 -61.34
C ASN R 416 -77.71 82.81 -60.47
N ASP R 417 -78.83 82.20 -60.07
CA ASP R 417 -79.76 82.79 -59.10
C ASP R 417 -79.13 82.92 -57.72
N LEU R 418 -78.31 81.97 -57.27
CA LEU R 418 -77.52 82.10 -56.04
C LEU R 418 -76.40 83.15 -56.15
N VAL R 419 -75.71 83.24 -57.29
CA VAL R 419 -74.72 84.30 -57.55
C VAL R 419 -75.37 85.67 -57.50
N SER R 420 -76.55 85.82 -58.08
CA SER R 420 -77.26 87.09 -58.17
C SER R 420 -77.73 87.59 -56.80
N GLU R 421 -78.17 86.72 -55.91
CA GLU R 421 -78.62 87.09 -54.57
C GLU R 421 -77.46 87.55 -53.66
N TYR R 422 -76.27 86.96 -53.75
CA TYR R 422 -75.11 87.53 -53.07
C TYR R 422 -74.63 88.84 -53.70
N GLN R 423 -74.56 88.92 -55.03
CA GLN R 423 -74.17 90.16 -55.72
C GLN R 423 -75.16 91.31 -55.51
N GLN R 424 -76.43 91.04 -55.22
CA GLN R 424 -77.46 92.03 -54.91
C GLN R 424 -77.13 92.86 -53.67
N TYR R 425 -76.61 92.24 -52.61
CA TYR R 425 -76.24 92.95 -51.37
C TYR R 425 -74.82 93.50 -51.34
N GLN R 426 -74.07 93.43 -52.44
CA GLN R 426 -72.69 93.91 -52.56
C GLN R 426 -72.58 95.40 -52.22
N MET S 1 -98.30 25.63 -7.33
CA MET S 1 -98.36 27.10 -7.47
C MET S 1 -98.06 27.53 -8.90
N ARG S 2 -99.09 27.55 -9.74
CA ARG S 2 -99.05 27.98 -11.15
C ARG S 2 -97.98 27.26 -11.96
N GLU S 3 -97.95 25.94 -11.82
CA GLU S 3 -97.08 25.09 -12.61
C GLU S 3 -97.37 25.26 -14.11
N ILE S 4 -96.32 25.15 -14.93
CA ILE S 4 -96.44 25.02 -16.39
C ILE S 4 -95.94 23.64 -16.81
N VAL S 5 -96.62 23.08 -17.80
CA VAL S 5 -96.21 21.86 -18.52
C VAL S 5 -95.71 22.29 -19.89
N HIS S 6 -94.50 21.90 -20.24
CA HIS S 6 -93.86 22.32 -21.47
C HIS S 6 -93.69 21.15 -22.43
N LEU S 7 -93.97 21.33 -23.72
CA LEU S 7 -93.97 20.24 -24.69
C LEU S 7 -93.19 20.64 -25.93
N GLN S 8 -92.30 19.78 -26.39
CA GLN S 8 -91.43 20.03 -27.55
C GLN S 8 -91.76 19.13 -28.72
N ALA S 9 -92.01 19.65 -29.92
CA ALA S 9 -92.38 18.82 -31.08
C ALA S 9 -91.50 19.03 -32.34
N GLY S 10 -91.02 17.92 -32.90
CA GLY S 10 -90.21 17.92 -34.12
C GLY S 10 -88.78 18.41 -33.90
N GLN S 11 -87.99 18.62 -34.96
CA GLN S 11 -86.62 19.11 -34.79
C GLN S 11 -86.61 20.53 -34.22
N CYS S 12 -87.32 21.49 -34.82
CA CYS S 12 -87.28 22.87 -34.38
C CYS S 12 -87.78 23.04 -32.94
N GLY S 13 -88.93 22.45 -32.59
CA GLY S 13 -89.50 22.56 -31.26
C GLY S 13 -88.62 21.98 -30.16
N ASN S 14 -87.93 20.88 -30.43
CA ASN S 14 -86.95 20.28 -29.53
C ASN S 14 -85.65 21.07 -29.47
N GLN S 15 -85.30 21.85 -30.49
CA GLN S 15 -84.09 22.66 -30.51
C GLN S 15 -84.27 24.01 -29.81
N ILE S 16 -85.36 24.75 -30.09
CA ILE S 16 -85.71 25.95 -29.32
C ILE S 16 -86.05 25.60 -27.86
N GLY S 17 -86.64 24.43 -27.61
CA GLY S 17 -86.89 23.89 -26.28
C GLY S 17 -85.63 23.49 -25.51
N ALA S 18 -84.74 22.70 -26.10
CA ALA S 18 -83.50 22.30 -25.44
C ALA S 18 -82.54 23.47 -25.18
N LYS S 19 -82.65 24.59 -25.90
CA LYS S 19 -81.99 25.85 -25.55
C LYS S 19 -82.74 26.59 -24.45
N PHE S 20 -84.06 26.66 -24.50
CA PHE S 20 -84.84 27.25 -23.43
C PHE S 20 -84.52 26.64 -22.06
N TRP S 21 -84.40 25.31 -21.97
CA TRP S 21 -84.02 24.63 -20.72
C TRP S 21 -82.60 24.92 -20.23
N GLU S 22 -81.68 25.31 -21.09
CA GLU S 22 -80.38 25.83 -20.69
C GLU S 22 -80.48 27.27 -20.14
N VAL S 23 -81.33 28.11 -20.73
CA VAL S 23 -81.58 29.48 -20.26
C VAL S 23 -82.28 29.53 -18.90
N ILE S 24 -83.40 28.85 -18.72
CA ILE S 24 -84.09 28.92 -17.43
C ILE S 24 -83.39 28.11 -16.34
N SER S 25 -82.55 27.13 -16.68
CA SER S 25 -81.69 26.50 -15.68
C SER S 25 -80.57 27.43 -15.22
N ASP S 26 -80.06 28.33 -16.06
CA ASP S 26 -79.10 29.35 -15.65
C ASP S 26 -79.73 30.38 -14.70
N GLU S 27 -80.96 30.82 -15.02
CA GLU S 27 -81.76 31.70 -14.18
C GLU S 27 -82.05 31.13 -12.80
N HIS S 28 -82.56 29.90 -12.74
CA HIS S 28 -82.89 29.21 -11.50
C HIS S 28 -81.66 28.56 -10.85
N GLY S 29 -80.46 28.67 -11.42
CA GLY S 29 -79.23 28.20 -10.83
C GLY S 29 -79.17 26.69 -10.67
N ILE S 30 -79.63 25.96 -11.68
CA ILE S 30 -79.63 24.50 -11.75
C ILE S 30 -78.49 24.04 -12.65
N ASP S 31 -77.71 23.11 -12.14
CA ASP S 31 -76.57 22.45 -12.77
C ASP S 31 -77.04 21.49 -13.89
N PRO S 32 -76.25 21.24 -14.95
CA PRO S 32 -76.58 20.23 -15.96
C PRO S 32 -76.89 18.83 -15.42
N THR S 33 -76.48 18.52 -14.20
CA THR S 33 -76.80 17.27 -13.47
C THR S 33 -78.24 17.27 -12.94
N GLY S 34 -78.86 18.44 -12.83
CA GLY S 34 -80.15 18.67 -12.18
C GLY S 34 -80.03 19.16 -10.72
N ALA S 35 -78.84 19.23 -10.14
CA ALA S 35 -78.61 19.73 -8.78
C ALA S 35 -78.70 21.27 -8.72
N TYR S 36 -79.24 21.86 -7.65
CA TYR S 36 -79.23 23.31 -7.46
C TYR S 36 -77.88 23.84 -6.99
N HIS S 37 -77.37 24.89 -7.63
CA HIS S 37 -76.08 25.53 -7.37
C HIS S 37 -76.15 27.07 -7.40
N GLY S 38 -77.35 27.65 -7.36
CA GLY S 38 -77.58 29.08 -7.48
C GLY S 38 -77.15 29.92 -6.27
N ASP S 39 -77.17 31.24 -6.44
CA ASP S 39 -76.85 32.25 -5.43
C ASP S 39 -77.98 32.49 -4.41
N SER S 40 -79.21 32.52 -4.90
CA SER S 40 -80.30 33.28 -4.27
C SER S 40 -81.53 32.44 -3.95
N ASP S 41 -82.20 32.80 -2.86
CA ASP S 41 -83.46 32.16 -2.47
C ASP S 41 -84.57 32.36 -3.51
N LEU S 42 -84.57 33.48 -4.24
CA LEU S 42 -85.59 33.78 -5.24
C LEU S 42 -85.53 32.82 -6.43
N GLN S 43 -84.35 32.29 -6.73
CA GLN S 43 -84.17 31.24 -7.74
C GLN S 43 -84.88 29.94 -7.35
N LEU S 44 -84.94 29.65 -6.06
CA LEU S 44 -85.50 28.42 -5.52
C LEU S 44 -86.99 28.55 -5.17
N GLU S 45 -87.44 29.75 -4.81
CA GLU S 45 -88.81 30.05 -4.39
C GLU S 45 -89.89 29.57 -5.36
N ARG S 46 -89.66 29.67 -6.67
CA ARG S 46 -90.60 29.28 -7.74
C ARG S 46 -90.05 28.23 -8.69
N ILE S 47 -89.05 27.46 -8.28
CA ILE S 47 -88.47 26.39 -9.11
C ILE S 47 -89.50 25.34 -9.51
N ASN S 48 -90.57 25.18 -8.74
CA ASN S 48 -91.69 24.31 -9.06
C ASN S 48 -92.43 24.74 -10.34
N VAL S 49 -92.33 25.98 -10.83
CA VAL S 49 -93.06 26.43 -12.04
C VAL S 49 -92.65 25.63 -13.28
N TYR S 50 -91.39 25.25 -13.38
CA TYR S 50 -90.85 24.51 -14.52
C TYR S 50 -90.22 23.16 -14.15
N TYR S 51 -90.07 22.82 -12.87
CA TYR S 51 -89.38 21.62 -12.44
C TYR S 51 -90.18 20.84 -11.38
N ASN S 52 -89.90 19.55 -11.27
CA ASN S 52 -90.33 18.70 -10.18
C ASN S 52 -89.16 18.50 -9.21
N GLU S 53 -89.40 18.57 -7.90
CA GLU S 53 -88.43 18.14 -6.91
C GLU S 53 -88.33 16.61 -6.93
N ALA S 54 -87.11 16.07 -6.87
CA ALA S 54 -86.83 14.64 -6.71
C ALA S 54 -85.73 14.42 -5.65
N THR S 55 -85.46 13.16 -5.31
CA THR S 55 -84.59 12.80 -4.19
C THR S 55 -83.18 13.39 -4.28
N GLY S 56 -82.57 13.73 -3.13
CA GLY S 56 -81.28 14.41 -3.07
C GLY S 56 -81.31 15.90 -3.49
N GLY S 57 -82.49 16.52 -3.53
CA GLY S 57 -82.71 17.88 -4.02
C GLY S 57 -82.31 18.07 -5.50
N LYS S 58 -82.35 17.01 -6.31
CA LYS S 58 -82.26 17.07 -7.76
C LYS S 58 -83.59 17.58 -8.33
N TYR S 59 -83.53 18.45 -9.32
CA TYR S 59 -84.69 19.02 -9.99
C TYR S 59 -84.81 18.45 -11.40
N VAL S 60 -86.00 17.98 -11.75
CA VAL S 60 -86.30 17.35 -13.04
C VAL S 60 -87.28 18.23 -13.80
N PRO S 61 -86.93 18.79 -14.95
CA PRO S 61 -87.80 19.71 -15.66
C PRO S 61 -89.04 19.01 -16.20
N ARG S 62 -90.16 19.73 -16.13
CA ARG S 62 -91.48 19.27 -16.58
C ARG S 62 -91.68 19.47 -18.08
N ALA S 63 -90.72 19.00 -18.86
CA ALA S 63 -90.83 18.87 -20.30
C ALA S 63 -91.38 17.50 -20.71
N VAL S 64 -92.17 17.46 -21.76
CA VAL S 64 -92.41 16.27 -22.58
C VAL S 64 -91.75 16.49 -23.93
N LEU S 65 -90.98 15.51 -24.39
CA LEU S 65 -90.19 15.61 -25.61
C LEU S 65 -90.79 14.66 -26.63
N VAL S 66 -91.30 15.20 -27.73
CA VAL S 66 -92.04 14.44 -28.76
C VAL S 66 -91.40 14.57 -30.13
N ASP S 67 -91.20 13.44 -30.80
CA ASP S 67 -90.67 13.37 -32.17
C ASP S 67 -91.13 12.07 -32.81
N LEU S 68 -91.13 11.99 -34.14
CA LEU S 68 -91.44 10.77 -34.88
C LEU S 68 -90.16 10.02 -35.32
N GLU S 69 -88.99 10.59 -35.06
CA GLU S 69 -87.65 10.07 -35.33
C GLU S 69 -86.84 9.99 -34.03
N PRO S 70 -85.94 9.01 -33.84
CA PRO S 70 -85.08 8.96 -32.65
C PRO S 70 -83.97 10.01 -32.67
N GLY S 71 -83.46 10.40 -33.84
CA GLY S 71 -82.27 11.22 -34.01
C GLY S 71 -82.28 12.58 -33.32
N THR S 72 -83.43 13.26 -33.15
CA THR S 72 -83.44 14.50 -32.33
C THR S 72 -83.44 14.21 -30.84
N MET S 73 -84.08 13.14 -30.37
CA MET S 73 -83.94 12.69 -28.97
C MET S 73 -82.49 12.36 -28.65
N ASP S 74 -81.81 11.64 -29.54
CA ASP S 74 -80.40 11.32 -29.42
C ASP S 74 -79.52 12.57 -29.38
N SER S 75 -79.88 13.60 -30.15
CA SER S 75 -79.15 14.88 -30.18
C SER S 75 -79.40 15.74 -28.93
N VAL S 76 -80.61 15.70 -28.37
CA VAL S 76 -80.95 16.38 -27.12
C VAL S 76 -80.35 15.66 -25.93
N ARG S 77 -80.55 14.34 -25.79
CA ARG S 77 -80.08 13.49 -24.68
C ARG S 77 -78.55 13.52 -24.53
N SER S 78 -77.82 13.60 -25.64
CA SER S 78 -76.36 13.76 -25.67
C SER S 78 -75.87 15.22 -25.53
N GLY S 79 -76.77 16.21 -25.54
CA GLY S 79 -76.45 17.62 -25.62
C GLY S 79 -75.96 18.27 -24.32
N PRO S 80 -75.77 19.61 -24.30
CA PRO S 80 -75.28 20.37 -23.15
C PRO S 80 -76.04 20.14 -21.84
N PHE S 81 -77.36 19.96 -21.93
CA PHE S 81 -78.27 19.77 -20.79
C PHE S 81 -79.11 18.49 -20.91
N GLY S 82 -78.79 17.60 -21.84
CA GLY S 82 -79.64 16.45 -22.15
C GLY S 82 -79.95 15.49 -21.01
N GLN S 83 -79.05 15.36 -20.06
CA GLN S 83 -79.18 14.45 -18.93
C GLN S 83 -80.18 14.95 -17.88
N ILE S 84 -80.68 16.18 -18.01
CA ILE S 84 -81.61 16.78 -17.05
C ILE S 84 -83.01 16.15 -17.13
N PHE S 85 -83.50 15.87 -18.35
CA PHE S 85 -84.88 15.44 -18.60
C PHE S 85 -85.17 14.02 -18.11
N ARG S 86 -86.44 13.73 -17.78
CA ARG S 86 -86.86 12.39 -17.34
C ARG S 86 -86.80 11.41 -18.52
N PRO S 87 -86.09 10.27 -18.45
CA PRO S 87 -86.06 9.28 -19.53
C PRO S 87 -87.43 8.84 -20.06
N ASP S 88 -88.43 8.72 -19.18
CA ASP S 88 -89.82 8.40 -19.56
C ASP S 88 -90.52 9.49 -20.38
N ASN S 89 -90.05 10.73 -20.32
CA ASN S 89 -90.68 11.86 -21.00
C ASN S 89 -90.20 12.04 -22.43
N PHE S 90 -89.15 11.33 -22.86
CA PHE S 90 -88.79 11.21 -24.27
C PHE S 90 -89.74 10.21 -24.93
N VAL S 91 -90.74 10.69 -25.66
CA VAL S 91 -91.73 9.87 -26.37
C VAL S 91 -91.49 9.99 -27.86
N PHE S 92 -91.20 8.88 -28.54
CA PHE S 92 -90.79 8.93 -29.93
C PHE S 92 -91.19 7.70 -30.76
N GLY S 93 -91.36 7.91 -32.06
CA GLY S 93 -91.50 6.87 -33.09
C GLY S 93 -90.16 6.39 -33.66
N GLN S 94 -90.16 5.72 -34.81
CA GLN S 94 -88.95 5.33 -35.54
C GLN S 94 -88.90 5.91 -36.97
N SER S 95 -89.92 5.72 -37.78
CA SER S 95 -90.05 6.33 -39.11
C SER S 95 -90.60 7.75 -39.02
N GLY S 96 -89.93 8.73 -39.62
CA GLY S 96 -90.27 10.15 -39.46
C GLY S 96 -91.59 10.60 -40.11
N ALA S 97 -91.86 11.89 -40.03
CA ALA S 97 -93.01 12.53 -40.67
C ALA S 97 -92.85 12.79 -42.17
N GLY S 98 -91.68 12.59 -42.78
CA GLY S 98 -91.50 12.85 -44.21
C GLY S 98 -91.77 14.30 -44.65
N ASN S 99 -91.72 15.27 -43.73
CA ASN S 99 -92.21 16.64 -43.92
C ASN S 99 -93.67 16.72 -44.37
N ASN S 100 -94.50 15.81 -43.89
CA ASN S 100 -95.89 15.66 -44.27
C ASN S 100 -96.80 15.92 -43.05
N TRP S 101 -97.67 16.92 -43.11
CA TRP S 101 -98.64 17.19 -42.05
C TRP S 101 -99.54 16.00 -41.78
N ALA S 102 -100.00 15.32 -42.82
CA ALA S 102 -100.93 14.22 -42.71
C ALA S 102 -100.29 12.99 -42.06
N LYS S 103 -98.98 12.76 -42.22
CA LYS S 103 -98.27 11.75 -41.42
C LYS S 103 -98.25 12.12 -39.94
N GLY S 104 -97.93 13.36 -39.61
CA GLY S 104 -98.03 13.85 -38.24
C GLY S 104 -99.41 13.64 -37.62
N HIS S 105 -100.45 14.16 -38.26
CA HIS S 105 -101.81 14.22 -37.71
C HIS S 105 -102.64 12.93 -37.83
N TYR S 106 -102.39 12.03 -38.80
CA TYR S 106 -103.30 10.93 -39.11
C TYR S 106 -102.71 9.53 -39.03
N THR S 107 -101.39 9.38 -39.06
CA THR S 107 -100.76 8.06 -39.26
C THR S 107 -99.68 7.75 -38.23
N GLU S 108 -98.57 8.47 -38.32
CA GLU S 108 -97.34 8.20 -37.59
C GLU S 108 -97.39 8.80 -36.18
N GLY S 109 -98.04 9.95 -36.04
CA GLY S 109 -98.28 10.63 -34.77
C GLY S 109 -99.63 10.30 -34.15
N ALA S 110 -100.62 9.91 -34.94
CA ALA S 110 -101.87 9.36 -34.41
C ALA S 110 -101.66 8.05 -33.66
N GLU S 111 -100.67 7.24 -34.08
CA GLU S 111 -100.22 6.08 -33.32
C GLU S 111 -99.57 6.49 -32.00
N LEU S 112 -98.71 7.51 -32.03
CA LEU S 112 -97.86 7.93 -30.92
C LEU S 112 -98.57 8.81 -29.88
N VAL S 113 -99.60 9.56 -30.24
CA VAL S 113 -100.26 10.51 -29.33
C VAL S 113 -100.85 9.84 -28.09
N ASP S 114 -101.32 8.60 -28.16
CA ASP S 114 -101.76 7.83 -26.99
C ASP S 114 -100.63 7.60 -25.96
N SER S 115 -99.39 7.52 -26.43
CA SER S 115 -98.19 7.38 -25.61
C SER S 115 -97.64 8.74 -25.14
N VAL S 116 -97.96 9.83 -25.83
CA VAL S 116 -97.63 11.21 -25.40
C VAL S 116 -98.60 11.69 -24.33
N LEU S 117 -99.90 11.60 -24.62
CA LEU S 117 -100.91 12.23 -23.82
C LEU S 117 -100.95 11.68 -22.40
N ASP S 118 -100.71 10.37 -22.23
CA ASP S 118 -100.64 9.71 -20.92
C ASP S 118 -99.40 10.07 -20.09
N VAL S 119 -98.38 10.69 -20.67
CA VAL S 119 -97.25 11.34 -19.97
C VAL S 119 -97.59 12.78 -19.58
N VAL S 120 -98.29 13.52 -20.45
CA VAL S 120 -98.82 14.85 -20.13
C VAL S 120 -99.76 14.80 -18.90
N ARG S 121 -100.54 13.71 -18.75
CA ARG S 121 -101.30 13.42 -17.53
C ARG S 121 -100.45 13.20 -16.26
N LYS S 122 -99.33 12.49 -16.33
CA LYS S 122 -98.48 12.23 -15.16
C LYS S 122 -97.84 13.52 -14.65
N GLU S 123 -97.45 14.41 -15.56
CA GLU S 123 -96.90 15.70 -15.18
C GLU S 123 -97.99 16.67 -14.67
N ALA S 124 -99.13 16.78 -15.34
CA ALA S 124 -100.26 17.62 -14.90
C ALA S 124 -100.93 17.16 -13.59
N GLU S 125 -100.94 15.87 -13.26
CA GLU S 125 -101.42 15.34 -11.99
C GLU S 125 -100.40 15.56 -10.86
N SER S 126 -99.10 15.64 -11.16
CA SER S 126 -98.06 16.02 -10.19
C SER S 126 -98.07 17.52 -9.85
N CYS S 127 -98.73 18.35 -10.64
CA CYS S 127 -98.86 19.79 -10.36
C CYS S 127 -99.79 20.07 -9.19
N ASP S 128 -99.48 21.11 -8.41
CA ASP S 128 -100.31 21.58 -7.31
C ASP S 128 -101.48 22.45 -7.81
N CYS S 129 -101.18 23.40 -8.69
CA CYS S 129 -102.16 24.13 -9.48
C CYS S 129 -101.53 24.48 -10.82
N LEU S 130 -101.86 23.72 -11.86
CA LEU S 130 -101.45 23.96 -13.23
C LEU S 130 -102.08 25.26 -13.75
N GLN S 131 -101.30 26.20 -14.29
CA GLN S 131 -101.81 27.37 -15.02
C GLN S 131 -101.89 27.10 -16.52
N GLY S 132 -101.00 26.30 -17.10
CA GLY S 132 -101.05 26.08 -18.53
C GLY S 132 -100.01 25.19 -19.17
N PHE S 133 -100.07 25.16 -20.49
CA PHE S 133 -99.26 24.36 -21.41
C PHE S 133 -98.46 25.30 -22.31
N GLN S 134 -97.16 25.04 -22.45
CA GLN S 134 -96.22 25.88 -23.19
C GLN S 134 -95.55 25.03 -24.28
N LEU S 135 -96.09 25.04 -25.50
CA LEU S 135 -95.68 24.11 -26.56
C LEU S 135 -94.76 24.75 -27.60
N THR S 136 -93.56 24.22 -27.81
CA THR S 136 -92.61 24.69 -28.84
C THR S 136 -92.63 23.80 -30.07
N HIS S 137 -92.80 24.41 -31.24
CA HIS S 137 -92.90 23.71 -32.52
C HIS S 137 -92.66 24.65 -33.71
N SER S 138 -92.59 24.09 -34.90
CA SER S 138 -92.52 24.79 -36.17
C SER S 138 -93.76 24.46 -37.04
N LEU S 139 -94.20 25.38 -37.90
CA LEU S 139 -95.38 25.17 -38.76
C LEU S 139 -95.02 24.64 -40.16
N GLY S 140 -93.77 24.80 -40.58
CA GLY S 140 -93.20 24.02 -41.68
C GLY S 140 -92.92 22.56 -41.29
N GLY S 141 -92.58 21.71 -42.26
CA GLY S 141 -92.38 20.27 -41.98
C GLY S 141 -93.63 19.59 -41.42
N GLY S 142 -93.52 18.42 -40.81
CA GLY S 142 -94.68 17.55 -40.56
C GLY S 142 -94.90 17.15 -39.11
N THR S 143 -93.86 17.13 -38.30
CA THR S 143 -93.92 16.67 -36.92
C THR S 143 -94.48 17.77 -36.04
N GLY S 144 -93.85 18.94 -36.03
CA GLY S 144 -94.33 20.08 -35.26
C GLY S 144 -95.66 20.62 -35.76
N SER S 145 -95.83 20.73 -37.07
CA SER S 145 -97.04 21.28 -37.68
C SER S 145 -98.25 20.38 -37.50
N GLY S 146 -98.09 19.08 -37.73
CA GLY S 146 -99.21 18.12 -37.78
C GLY S 146 -99.39 17.28 -36.55
N MET S 147 -98.31 16.84 -35.90
CA MET S 147 -98.44 16.14 -34.63
C MET S 147 -98.63 17.13 -33.48
N GLY S 148 -97.94 18.26 -33.48
CA GLY S 148 -98.06 19.29 -32.45
C GLY S 148 -99.46 19.87 -32.38
N THR S 149 -100.10 20.12 -33.52
CA THR S 149 -101.52 20.54 -33.55
C THR S 149 -102.53 19.43 -33.28
N LEU S 150 -102.19 18.17 -33.50
CA LEU S 150 -102.96 17.04 -32.98
C LEU S 150 -102.93 17.04 -31.45
N LEU S 151 -101.75 17.23 -30.88
CA LEU S 151 -101.53 17.23 -29.46
C LEU S 151 -102.17 18.44 -28.78
N ILE S 152 -102.14 19.63 -29.39
CA ILE S 152 -102.90 20.80 -28.93
C ILE S 152 -104.38 20.47 -28.87
N SER S 153 -104.94 19.83 -29.89
CA SER S 153 -106.35 19.46 -29.92
C SER S 153 -106.72 18.52 -28.77
N LYS S 154 -105.89 17.48 -28.51
CA LYS S 154 -106.09 16.51 -27.42
C LYS S 154 -105.97 17.10 -26.01
N ILE S 155 -104.96 17.93 -25.76
CA ILE S 155 -104.79 18.63 -24.49
C ILE S 155 -105.85 19.73 -24.30
N ARG S 156 -106.28 20.45 -25.35
CA ARG S 156 -107.39 21.41 -25.28
C ARG S 156 -108.72 20.78 -24.87
N GLU S 157 -109.04 19.61 -25.40
CA GLU S 157 -110.25 18.86 -25.07
C GLU S 157 -110.26 18.35 -23.64
N GLU S 158 -109.08 18.04 -23.09
CA GLU S 158 -108.90 17.47 -21.75
C GLU S 158 -108.75 18.53 -20.64
N TYR S 159 -108.17 19.69 -20.97
CA TYR S 159 -107.90 20.84 -20.09
C TYR S 159 -108.45 22.13 -20.72
N PRO S 160 -109.77 22.36 -20.71
CA PRO S 160 -110.38 23.44 -21.49
C PRO S 160 -110.18 24.85 -20.92
N ASP S 161 -109.87 24.97 -19.63
CA ASP S 161 -109.81 26.23 -18.86
C ASP S 161 -108.37 26.70 -18.52
N ARG S 162 -107.38 25.82 -18.68
CA ARG S 162 -105.95 26.13 -18.52
C ARG S 162 -105.43 26.91 -19.73
N ILE S 163 -104.42 27.76 -19.57
CA ILE S 163 -103.82 28.51 -20.67
C ILE S 163 -103.09 27.58 -21.65
N MET S 164 -103.42 27.63 -22.93
CA MET S 164 -102.65 26.98 -23.98
C MET S 164 -101.86 28.05 -24.73
N ASN S 165 -100.54 27.97 -24.62
CA ASN S 165 -99.59 29.03 -24.97
C ASN S 165 -98.50 28.44 -25.87
N THR S 166 -98.45 28.78 -27.17
CA THR S 166 -97.56 28.10 -28.13
C THR S 166 -96.54 29.05 -28.75
N PHE S 167 -95.32 28.56 -28.94
CA PHE S 167 -94.24 29.28 -29.60
C PHE S 167 -93.94 28.61 -30.93
N SER S 168 -94.20 29.32 -32.02
CA SER S 168 -94.48 28.74 -33.32
C SER S 168 -93.60 29.35 -34.39
N VAL S 169 -92.51 28.65 -34.72
CA VAL S 169 -91.60 29.06 -35.78
C VAL S 169 -92.26 28.76 -37.12
N VAL S 170 -92.39 29.72 -38.03
CA VAL S 170 -93.26 29.54 -39.21
C VAL S 170 -92.69 30.12 -40.51
N PRO S 171 -93.17 29.66 -41.68
CA PRO S 171 -92.50 29.89 -42.96
C PRO S 171 -92.51 31.34 -43.44
N SER S 172 -91.52 31.66 -44.26
CA SER S 172 -91.39 32.90 -45.03
C SER S 172 -90.57 32.63 -46.30
N PRO S 173 -90.75 33.42 -47.38
CA PRO S 173 -90.29 33.03 -48.71
C PRO S 173 -88.76 33.06 -48.89
N LYS S 174 -88.06 34.05 -48.32
CA LYS S 174 -86.63 34.27 -48.53
C LYS S 174 -85.71 33.40 -47.66
N VAL S 175 -86.24 32.72 -46.65
CA VAL S 175 -85.51 31.77 -45.79
C VAL S 175 -86.35 30.50 -45.67
N SER S 176 -86.18 29.59 -46.64
CA SER S 176 -86.95 28.35 -46.74
C SER S 176 -86.11 27.14 -47.11
N ASP S 177 -86.45 25.97 -46.53
CA ASP S 177 -85.74 24.71 -46.70
C ASP S 177 -86.66 23.56 -47.17
N THR S 178 -87.94 23.79 -47.41
CA THR S 178 -88.95 22.77 -47.75
C THR S 178 -89.77 23.23 -48.95
N VAL S 179 -90.11 22.32 -49.86
CA VAL S 179 -90.99 22.63 -51.00
C VAL S 179 -92.45 22.77 -50.57
N VAL S 180 -92.95 21.82 -49.78
CA VAL S 180 -94.31 21.77 -49.23
C VAL S 180 -94.53 22.57 -47.94
N GLU S 181 -93.63 23.48 -47.57
CA GLU S 181 -93.82 24.34 -46.40
C GLU S 181 -95.18 25.06 -46.36
N PRO S 182 -95.65 25.72 -47.43
CA PRO S 182 -96.93 26.41 -47.46
C PRO S 182 -98.15 25.53 -47.12
N TYR S 183 -98.15 24.27 -47.56
CA TYR S 183 -99.23 23.33 -47.28
C TYR S 183 -99.30 23.00 -45.80
N ASN S 184 -98.18 22.58 -45.22
CA ASN S 184 -98.09 22.17 -43.84
C ASN S 184 -98.51 23.29 -42.89
N ALA S 185 -98.06 24.51 -43.16
CA ALA S 185 -98.43 25.65 -42.34
C ALA S 185 -99.92 25.97 -42.46
N THR S 186 -100.49 25.99 -43.66
CA THR S 186 -101.92 26.31 -43.83
C THR S 186 -102.84 25.30 -43.15
N LEU S 187 -102.51 24.01 -43.20
CA LEU S 187 -103.20 22.95 -42.44
C LEU S 187 -103.04 23.09 -40.91
N SER S 188 -101.96 23.70 -40.43
CA SER S 188 -101.62 23.83 -39.03
C SER S 188 -102.21 25.10 -38.40
N VAL S 189 -102.20 26.23 -39.09
CA VAL S 189 -102.77 27.52 -38.62
C VAL S 189 -104.27 27.43 -38.36
N HIS S 190 -104.96 26.62 -39.15
CA HIS S 190 -106.35 26.21 -38.98
C HIS S 190 -106.67 25.57 -37.61
N GLN S 191 -105.69 24.92 -36.95
CA GLN S 191 -105.83 24.39 -35.60
C GLN S 191 -105.46 25.41 -34.52
N LEU S 192 -104.45 26.24 -34.77
CA LEU S 192 -103.98 27.24 -33.82
C LEU S 192 -105.05 28.34 -33.59
N VAL S 193 -105.72 28.84 -34.63
CA VAL S 193 -106.74 29.90 -34.49
C VAL S 193 -107.93 29.48 -33.62
N GLU S 194 -108.27 28.19 -33.55
CA GLU S 194 -109.40 27.69 -32.76
C GLU S 194 -109.02 27.28 -31.33
N ASN S 195 -107.86 26.64 -31.15
CA ASN S 195 -107.53 25.98 -29.87
C ASN S 195 -106.64 26.81 -28.93
N THR S 196 -105.58 27.46 -29.40
CA THR S 196 -104.64 28.14 -28.51
C THR S 196 -105.26 29.40 -27.89
N ASP S 197 -104.80 29.79 -26.70
CA ASP S 197 -105.14 31.06 -26.04
C ASP S 197 -104.16 32.19 -26.42
N GLU S 198 -102.92 31.83 -26.73
CA GLU S 198 -101.87 32.69 -27.28
C GLU S 198 -101.01 31.88 -28.24
N THR S 199 -100.62 32.45 -29.39
CA THR S 199 -99.59 31.86 -30.25
C THR S 199 -98.56 32.93 -30.62
N TYR S 200 -97.29 32.69 -30.30
CA TYR S 200 -96.20 33.61 -30.55
C TYR S 200 -95.52 33.26 -31.86
N CYS S 201 -95.82 34.06 -32.88
CA CYS S 201 -95.43 33.83 -34.26
C CYS S 201 -93.98 34.25 -34.44
N ILE S 202 -93.13 33.33 -34.82
CA ILE S 202 -91.68 33.56 -34.94
C ILE S 202 -91.21 33.12 -36.32
N ASP S 203 -90.21 33.80 -36.88
CA ASP S 203 -89.81 33.62 -38.27
C ASP S 203 -88.29 33.54 -38.40
N ASN S 204 -87.76 32.63 -39.20
CA ASN S 204 -86.30 32.55 -39.36
C ASN S 204 -85.75 33.74 -40.14
N GLU S 205 -86.51 34.38 -41.02
CA GLU S 205 -86.07 35.59 -41.70
C GLU S 205 -85.86 36.76 -40.74
N ALA S 206 -86.77 36.95 -39.77
CA ALA S 206 -86.64 37.98 -38.76
C ALA S 206 -85.55 37.66 -37.73
N LEU S 207 -85.35 36.40 -37.38
CA LEU S 207 -84.28 35.97 -36.49
C LEU S 207 -82.90 36.10 -37.14
N TYR S 208 -82.77 35.94 -38.45
CA TYR S 208 -81.55 36.27 -39.17
C TYR S 208 -81.35 37.79 -39.30
N ASP S 209 -82.40 38.59 -39.49
CA ASP S 209 -82.30 40.06 -39.52
C ASP S 209 -81.80 40.64 -38.19
N ILE S 210 -82.22 40.09 -37.05
CA ILE S 210 -81.66 40.48 -35.76
C ILE S 210 -80.17 40.13 -35.67
N CYS S 211 -79.78 38.95 -36.16
CA CYS S 211 -78.39 38.52 -36.08
C CYS S 211 -77.43 39.35 -36.95
N PHE S 212 -77.86 39.79 -38.14
CA PHE S 212 -77.01 40.61 -39.02
C PHE S 212 -77.11 42.12 -38.75
N ARG S 213 -78.32 42.69 -38.59
CA ARG S 213 -78.51 44.14 -38.49
C ARG S 213 -78.49 44.71 -37.08
N THR S 214 -78.43 43.87 -36.05
CA THR S 214 -78.34 44.29 -34.65
C THR S 214 -77.10 43.71 -33.98
N LEU S 215 -77.00 42.39 -33.86
CA LEU S 215 -75.88 41.73 -33.19
C LEU S 215 -74.56 41.75 -33.99
N LYS S 216 -74.63 41.99 -35.30
CA LYS S 216 -73.50 41.97 -36.23
C LYS S 216 -72.69 40.65 -36.20
N LEU S 217 -73.36 39.52 -35.97
CA LEU S 217 -72.76 38.19 -36.09
C LEU S 217 -72.39 37.90 -37.56
N THR S 218 -71.19 37.40 -37.83
CA THR S 218 -70.77 37.11 -39.23
C THR S 218 -71.40 35.83 -39.79
N THR S 219 -71.62 34.81 -38.95
CA THR S 219 -72.14 33.49 -39.30
C THR S 219 -73.10 32.97 -38.22
N PRO S 220 -74.34 33.49 -38.18
CA PRO S 220 -75.34 33.03 -37.22
C PRO S 220 -75.86 31.64 -37.56
N THR S 221 -75.78 30.74 -36.59
CA THR S 221 -76.26 29.36 -36.67
C THR S 221 -77.71 29.24 -36.21
N TYR S 222 -78.33 28.06 -36.34
CA TYR S 222 -79.57 27.78 -35.63
C TYR S 222 -79.42 27.87 -34.12
N GLY S 223 -78.26 27.59 -33.54
CA GLY S 223 -78.03 27.77 -32.12
C GLY S 223 -78.14 29.22 -31.64
N ASP S 224 -77.77 30.18 -32.49
CA ASP S 224 -77.92 31.60 -32.24
C ASP S 224 -79.36 32.06 -32.42
N LEU S 225 -80.10 31.50 -33.37
CA LEU S 225 -81.53 31.78 -33.52
C LEU S 225 -82.36 31.26 -32.34
N ASN S 226 -82.02 30.07 -31.85
CA ASN S 226 -82.70 29.42 -30.73
C ASN S 226 -82.51 30.15 -29.42
N HIS S 227 -81.41 30.88 -29.29
CA HIS S 227 -81.07 31.74 -28.17
C HIS S 227 -81.93 33.00 -28.15
N LEU S 228 -82.20 33.62 -29.29
CA LEU S 228 -83.16 34.74 -29.39
C LEU S 228 -84.59 34.33 -29.05
N VAL S 229 -85.07 33.18 -29.54
CA VAL S 229 -86.41 32.68 -29.23
C VAL S 229 -86.54 32.44 -27.74
N SER S 230 -85.61 31.70 -27.14
CA SER S 230 -85.70 31.27 -25.75
C SER S 230 -85.55 32.41 -24.74
N ALA S 231 -84.90 33.51 -25.07
CA ALA S 231 -84.94 34.73 -24.27
C ALA S 231 -86.35 35.29 -24.08
N THR S 232 -87.18 35.33 -25.13
CA THR S 232 -88.59 35.77 -25.03
C THR S 232 -89.50 34.71 -24.39
N MET S 233 -89.18 33.43 -24.48
CA MET S 233 -89.89 32.41 -23.72
C MET S 233 -89.68 32.54 -22.20
N SER S 234 -88.43 32.72 -21.76
CA SER S 234 -88.11 33.06 -20.38
C SER S 234 -88.79 34.37 -19.99
N GLY S 235 -88.83 35.33 -20.90
CA GLY S 235 -89.40 36.64 -20.62
C GLY S 235 -90.86 36.64 -20.19
N VAL S 236 -91.77 36.01 -20.93
CA VAL S 236 -93.22 36.18 -20.70
C VAL S 236 -93.72 35.48 -19.44
N THR S 237 -93.04 34.46 -18.93
CA THR S 237 -93.41 33.77 -17.68
C THR S 237 -92.74 34.36 -16.44
N THR S 238 -91.84 35.33 -16.59
CA THR S 238 -91.00 35.89 -15.52
C THR S 238 -91.82 36.26 -14.28
N CYS S 239 -92.97 36.89 -14.46
CA CYS S 239 -93.83 37.35 -13.38
C CYS S 239 -94.54 36.27 -12.57
N LEU S 240 -94.48 34.98 -12.93
CA LEU S 240 -94.86 33.90 -12.01
C LEU S 240 -93.64 33.16 -11.40
N ARG S 241 -92.42 33.54 -11.78
CA ARG S 241 -91.16 32.95 -11.29
C ARG S 241 -90.39 33.85 -10.33
N PHE S 242 -90.58 35.17 -10.42
CA PHE S 242 -89.88 36.18 -9.64
C PHE S 242 -90.85 37.26 -9.12
N PRO S 243 -90.52 37.96 -8.03
CA PRO S 243 -91.31 39.08 -7.52
C PRO S 243 -91.18 40.33 -8.41
N GLY S 244 -92.07 41.31 -8.26
CA GLY S 244 -92.10 42.51 -9.11
C GLY S 244 -92.97 43.63 -8.56
N GLN S 245 -92.82 44.83 -9.12
CA GLN S 245 -93.65 45.99 -8.81
C GLN S 245 -95.05 45.90 -9.45
N LEU S 246 -95.16 45.24 -10.60
CA LEU S 246 -96.40 44.89 -11.30
C LEU S 246 -96.29 43.44 -11.75
N ASN S 247 -97.05 42.53 -11.15
CA ASN S 247 -97.04 41.14 -11.56
C ASN S 247 -98.07 40.88 -12.68
N ALA S 248 -97.70 40.12 -13.70
CA ALA S 248 -98.57 39.68 -14.79
C ALA S 248 -98.42 38.18 -15.11
N ASP S 249 -99.38 37.37 -14.70
CA ASP S 249 -99.52 35.97 -15.11
C ASP S 249 -99.79 35.85 -16.63
N LEU S 250 -99.54 34.70 -17.27
CA LEU S 250 -99.90 34.46 -18.67
C LEU S 250 -101.37 34.77 -18.96
N ARG S 251 -102.28 34.56 -18.01
CA ARG S 251 -103.68 34.94 -18.12
C ARG S 251 -103.93 36.45 -18.04
N LYS S 252 -103.17 37.19 -17.21
CA LYS S 252 -103.18 38.66 -17.09
C LYS S 252 -102.64 39.32 -18.35
N LEU S 253 -101.75 38.65 -19.06
CA LEU S 253 -101.39 39.00 -20.43
C LEU S 253 -102.57 38.77 -21.38
N ALA S 254 -103.14 37.56 -21.43
CA ALA S 254 -104.22 37.22 -22.36
C ALA S 254 -105.45 38.13 -22.26
N VAL S 255 -105.96 38.42 -21.06
CA VAL S 255 -107.09 39.33 -20.85
C VAL S 255 -106.85 40.72 -21.42
N ASN S 256 -105.63 41.23 -21.33
CA ASN S 256 -105.24 42.55 -21.85
C ASN S 256 -104.84 42.52 -23.33
N MET S 257 -104.31 41.41 -23.81
CA MET S 257 -103.71 41.28 -25.14
C MET S 257 -104.68 40.84 -26.23
N VAL S 258 -105.75 40.11 -25.91
CA VAL S 258 -106.65 39.51 -26.89
C VAL S 258 -108.03 40.17 -26.85
N PRO S 259 -108.30 41.21 -27.65
CA PRO S 259 -109.58 41.92 -27.62
C PRO S 259 -110.74 41.04 -28.07
N PHE S 260 -110.61 40.42 -29.24
CA PHE S 260 -111.58 39.50 -29.82
C PHE S 260 -110.97 38.10 -29.92
N PRO S 261 -111.70 37.01 -29.61
CA PRO S 261 -111.13 35.72 -29.20
C PRO S 261 -109.98 35.13 -30.03
N ARG S 262 -110.07 35.29 -31.35
CA ARG S 262 -109.20 34.72 -32.39
C ARG S 262 -107.98 35.57 -32.72
N LEU S 263 -107.92 36.83 -32.29
CA LEU S 263 -106.79 37.73 -32.57
C LEU S 263 -105.65 37.58 -31.57
N HIS S 264 -105.16 36.36 -31.39
CA HIS S 264 -104.13 36.02 -30.40
C HIS S 264 -102.79 35.60 -31.00
N PHE S 265 -102.58 35.89 -32.30
CA PHE S 265 -101.33 35.65 -33.00
C PHE S 265 -100.35 36.79 -32.73
N PHE S 266 -99.60 36.65 -31.66
CA PHE S 266 -98.62 37.64 -31.22
C PHE S 266 -97.30 37.54 -31.98
N MET S 267 -96.43 38.52 -31.72
CA MET S 267 -95.17 38.76 -32.42
C MET S 267 -94.14 39.25 -31.38
N PRO S 268 -93.20 38.43 -30.92
CA PRO S 268 -92.36 38.77 -29.79
C PRO S 268 -91.12 39.60 -30.16
N GLY S 269 -90.47 40.17 -29.14
CA GLY S 269 -89.19 40.86 -29.24
C GLY S 269 -88.48 40.93 -27.90
N PHE S 270 -87.22 41.36 -27.90
CA PHE S 270 -86.37 41.40 -26.71
C PHE S 270 -85.41 42.58 -26.76
N ALA S 271 -85.08 43.15 -25.60
CA ALA S 271 -84.09 44.19 -25.42
C ALA S 271 -83.40 44.02 -24.07
N PRO S 272 -82.19 44.54 -23.87
CA PRO S 272 -81.30 45.13 -24.85
C PRO S 272 -80.65 44.04 -25.72
N LEU S 273 -80.55 44.26 -27.02
CA LEU S 273 -79.66 43.53 -27.90
C LEU S 273 -78.60 44.48 -28.43
N THR S 274 -77.32 44.17 -28.29
CA THR S 274 -76.22 45.05 -28.71
C THR S 274 -75.19 44.28 -29.51
N SER S 275 -74.58 44.91 -30.49
CA SER S 275 -73.41 44.35 -31.17
C SER S 275 -72.35 43.99 -30.14
N ARG S 276 -71.82 42.76 -30.17
CA ARG S 276 -70.94 42.23 -29.13
C ARG S 276 -69.74 43.12 -28.83
N GLY S 277 -69.16 43.77 -29.83
CA GLY S 277 -68.03 44.69 -29.69
C GLY S 277 -68.37 46.11 -29.22
N SER S 278 -69.65 46.43 -29.00
CA SER S 278 -70.12 47.79 -28.75
C SER S 278 -70.72 48.02 -27.36
N GLN S 279 -70.82 47.03 -26.48
CA GLN S 279 -71.59 47.19 -25.25
C GLN S 279 -71.13 48.33 -24.34
N GLN S 280 -69.82 48.53 -24.17
CA GLN S 280 -69.28 49.58 -23.28
C GLN S 280 -69.70 51.02 -23.64
N TYR S 281 -70.14 51.26 -24.86
CA TYR S 281 -70.54 52.59 -25.33
C TYR S 281 -72.03 52.89 -25.12
N ARG S 282 -72.84 51.87 -24.77
CA ARG S 282 -74.30 51.97 -24.63
C ARG S 282 -74.71 52.22 -23.19
N ALA S 283 -75.66 53.12 -22.95
CA ALA S 283 -76.27 53.30 -21.64
C ALA S 283 -77.52 52.41 -21.51
N LEU S 284 -77.49 51.38 -20.67
CA LEU S 284 -78.69 50.57 -20.38
C LEU S 284 -79.63 51.37 -19.50
N THR S 285 -80.79 51.73 -20.03
CA THR S 285 -81.81 52.49 -19.30
C THR S 285 -83.15 52.43 -20.02
N VAL S 286 -84.26 52.64 -19.32
CA VAL S 286 -85.63 52.45 -19.84
C VAL S 286 -85.92 53.14 -21.18
N PRO S 287 -85.51 54.39 -21.48
CA PRO S 287 -85.77 54.99 -22.77
C PRO S 287 -84.92 54.42 -23.91
N GLU S 288 -83.76 53.80 -23.65
CA GLU S 288 -83.03 53.10 -24.70
C GLU S 288 -83.60 51.71 -24.94
N LEU S 289 -83.97 50.98 -23.88
CA LEU S 289 -84.73 49.75 -23.99
C LEU S 289 -86.01 49.99 -24.77
N THR S 290 -86.71 51.10 -24.56
CA THR S 290 -87.91 51.45 -25.32
C THR S 290 -87.63 51.74 -26.81
N GLN S 291 -86.62 52.55 -27.14
CA GLN S 291 -86.29 52.90 -28.53
C GLN S 291 -85.75 51.72 -29.35
N GLN S 292 -85.29 50.66 -28.70
CA GLN S 292 -85.01 49.37 -29.35
C GLN S 292 -86.28 48.51 -29.47
N MET S 293 -86.97 48.29 -28.37
CA MET S 293 -88.11 47.42 -28.24
C MET S 293 -89.23 47.73 -29.24
N PHE S 294 -89.57 49.01 -29.42
CA PHE S 294 -90.65 49.44 -30.31
C PHE S 294 -90.21 49.71 -31.75
N ASP S 295 -89.01 49.33 -32.16
CA ASP S 295 -88.52 49.52 -33.53
C ASP S 295 -88.58 48.24 -34.36
N ALA S 296 -89.04 48.39 -35.59
CA ALA S 296 -89.45 47.39 -36.57
C ALA S 296 -88.36 46.33 -36.83
N LYS S 297 -87.08 46.66 -36.65
CA LYS S 297 -85.95 45.73 -36.79
C LYS S 297 -85.81 44.74 -35.64
N ASN S 298 -86.41 44.97 -34.49
CA ASN S 298 -86.27 44.12 -33.30
C ASN S 298 -87.28 42.95 -33.24
N MET S 299 -88.47 43.06 -33.84
CA MET S 299 -89.51 42.04 -33.75
C MET S 299 -89.14 40.77 -34.52
N MET S 300 -89.50 39.60 -33.97
CA MET S 300 -89.10 38.27 -34.46
C MET S 300 -90.05 37.63 -35.49
N ALA S 301 -90.89 38.42 -36.15
CA ALA S 301 -91.64 38.02 -37.35
C ALA S 301 -91.39 39.04 -38.47
N ALA S 302 -91.45 38.61 -39.74
CA ALA S 302 -91.08 39.46 -40.88
C ALA S 302 -91.95 40.71 -41.07
N CYS S 303 -93.14 40.74 -40.46
CA CYS S 303 -94.07 41.87 -40.52
C CYS S 303 -93.41 43.14 -39.99
N ASP S 304 -93.31 44.17 -40.83
CA ASP S 304 -93.04 45.50 -40.34
C ASP S 304 -94.32 46.07 -39.72
N PRO S 305 -94.35 46.41 -38.43
CA PRO S 305 -95.55 46.97 -37.82
C PRO S 305 -96.01 48.26 -38.47
N ARG S 306 -95.16 48.97 -39.23
CA ARG S 306 -95.55 50.15 -40.02
C ARG S 306 -96.50 49.81 -41.19
N HIS S 307 -96.74 48.54 -41.48
CA HIS S 307 -97.77 48.05 -42.41
C HIS S 307 -99.14 47.74 -41.76
N GLY S 308 -99.32 48.03 -40.48
CA GLY S 308 -100.58 47.85 -39.76
C GLY S 308 -100.76 48.84 -38.61
N ARG S 309 -101.50 48.44 -37.59
CA ARG S 309 -101.62 49.10 -36.29
C ARG S 309 -101.56 48.03 -35.20
N TYR S 310 -101.00 48.30 -34.04
CA TYR S 310 -101.13 47.41 -32.89
C TYR S 310 -102.54 47.47 -32.30
N LEU S 311 -103.03 46.33 -31.83
CA LEU S 311 -104.21 46.24 -30.98
C LEU S 311 -103.79 46.50 -29.54
N THR S 312 -102.94 45.63 -29.02
CA THR S 312 -102.28 45.72 -27.73
C THR S 312 -100.80 45.41 -27.89
N VAL S 313 -99.96 46.05 -27.10
CA VAL S 313 -98.58 45.65 -26.85
C VAL S 313 -98.43 45.37 -25.37
N ALA S 314 -97.71 44.33 -24.98
CA ALA S 314 -97.27 44.15 -23.60
C ALA S 314 -95.76 44.31 -23.52
N ALA S 315 -95.29 45.18 -22.63
CA ALA S 315 -93.89 45.31 -22.31
C ALA S 315 -93.60 44.78 -20.91
N ILE S 316 -93.05 43.57 -20.81
CA ILE S 316 -92.67 42.92 -19.55
C ILE S 316 -91.22 43.24 -19.25
N PHE S 317 -91.02 44.33 -18.50
CA PHE S 317 -89.72 44.76 -18.02
C PHE S 317 -89.22 43.92 -16.85
N ARG S 318 -87.90 43.84 -16.72
CA ARG S 318 -87.19 43.20 -15.63
C ARG S 318 -86.05 44.11 -15.18
N GLY S 319 -85.85 44.23 -13.88
CA GLY S 319 -84.78 45.04 -13.28
C GLY S 319 -85.27 46.08 -12.30
N ARG S 320 -84.36 46.73 -11.58
CA ARG S 320 -84.66 47.84 -10.67
C ARG S 320 -84.86 49.13 -11.46
N MET S 321 -86.10 49.56 -11.64
CA MET S 321 -86.45 50.72 -12.44
C MET S 321 -87.68 51.46 -11.90
N SER S 322 -87.80 52.75 -12.25
CA SER S 322 -88.88 53.61 -11.83
C SER S 322 -90.19 53.31 -12.54
N MET S 323 -91.30 53.24 -11.80
CA MET S 323 -92.61 53.16 -12.41
C MET S 323 -93.02 54.44 -13.14
N LYS S 324 -92.61 55.63 -12.69
CA LYS S 324 -92.82 56.88 -13.45
C LYS S 324 -92.14 56.79 -14.79
N GLU S 325 -90.88 56.37 -14.84
CA GLU S 325 -90.12 56.28 -16.10
C GLU S 325 -90.70 55.22 -17.05
N VAL S 326 -91.10 54.04 -16.56
CA VAL S 326 -91.81 53.06 -17.39
C VAL S 326 -93.12 53.63 -17.90
N ASP S 327 -93.94 54.20 -17.02
CA ASP S 327 -95.27 54.69 -17.41
C ASP S 327 -95.20 55.93 -18.35
N GLU S 328 -94.17 56.77 -18.18
CA GLU S 328 -93.79 57.87 -19.08
C GLU S 328 -93.43 57.34 -20.47
N GLN S 329 -92.56 56.33 -20.60
CA GLN S 329 -92.12 55.89 -21.91
C GLN S 329 -93.22 55.12 -22.66
N MET S 330 -94.00 54.29 -21.96
CA MET S 330 -95.12 53.58 -22.58
C MET S 330 -96.29 54.51 -22.94
N LEU S 331 -96.33 55.73 -22.40
CA LEU S 331 -97.19 56.82 -22.86
C LEU S 331 -96.59 57.55 -24.06
N ASN S 332 -95.33 57.96 -23.98
CA ASN S 332 -94.67 58.73 -25.02
C ASN S 332 -94.64 57.97 -26.34
N VAL S 333 -94.38 56.66 -26.31
CA VAL S 333 -94.43 55.83 -27.52
C VAL S 333 -95.77 55.91 -28.22
N GLN S 334 -96.88 55.63 -27.54
CA GLN S 334 -98.18 55.51 -28.22
C GLN S 334 -98.88 56.84 -28.50
N ASN S 335 -98.33 57.97 -28.03
CA ASN S 335 -98.77 59.32 -28.39
C ASN S 335 -97.95 59.87 -29.56
N LYS S 336 -96.63 59.67 -29.57
CA LYS S 336 -95.74 60.08 -30.67
C LYS S 336 -95.85 59.16 -31.90
N ASN S 337 -96.31 57.92 -31.75
CA ASN S 337 -96.58 56.95 -32.81
C ASN S 337 -98.09 56.64 -32.95
N SER S 338 -98.98 57.57 -32.67
CA SER S 338 -100.43 57.30 -32.52
C SER S 338 -101.11 56.71 -33.76
N SER S 339 -100.59 56.99 -34.96
CA SER S 339 -101.01 56.40 -36.23
C SER S 339 -100.74 54.89 -36.35
N TYR S 340 -99.97 54.29 -35.44
CA TYR S 340 -99.64 52.87 -35.42
C TYR S 340 -100.32 52.07 -34.31
N PHE S 341 -101.32 52.62 -33.64
CA PHE S 341 -102.12 51.96 -32.60
C PHE S 341 -103.61 52.13 -32.89
N VAL S 342 -104.47 51.17 -32.60
CA VAL S 342 -105.91 51.36 -32.89
C VAL S 342 -106.53 52.39 -31.97
N GLU S 343 -107.33 53.31 -32.51
CA GLU S 343 -107.84 54.47 -31.76
C GLU S 343 -109.22 54.26 -31.09
N TRP S 344 -109.75 53.04 -31.14
CA TRP S 344 -110.90 52.59 -30.36
C TRP S 344 -110.51 51.87 -29.06
N ILE S 345 -109.21 51.70 -28.77
CA ILE S 345 -108.68 51.32 -27.47
C ILE S 345 -107.97 52.55 -26.88
N PRO S 346 -108.31 53.00 -25.65
CA PRO S 346 -107.82 54.27 -25.11
C PRO S 346 -106.38 54.21 -24.55
N ASN S 347 -105.88 53.03 -24.22
CA ASN S 347 -104.47 52.75 -23.94
C ASN S 347 -104.15 51.38 -24.51
N ASN S 348 -103.18 51.30 -25.40
CA ASN S 348 -102.82 50.07 -26.08
C ASN S 348 -101.68 49.31 -25.39
N VAL S 349 -101.00 49.86 -24.39
CA VAL S 349 -99.83 49.21 -23.76
C VAL S 349 -100.18 48.69 -22.36
N LYS S 350 -100.00 47.39 -22.15
CA LYS S 350 -99.86 46.71 -20.85
C LYS S 350 -98.41 46.82 -20.40
N THR S 351 -98.16 47.07 -19.12
CA THR S 351 -96.80 47.03 -18.55
C THR S 351 -96.73 46.00 -17.45
N ALA S 352 -95.58 45.37 -17.27
CA ALA S 352 -95.26 44.58 -16.08
C ALA S 352 -93.80 44.81 -15.73
N VAL S 353 -93.44 44.67 -14.46
CA VAL S 353 -92.12 45.02 -13.94
C VAL S 353 -91.72 43.99 -12.91
N CYS S 354 -90.74 43.15 -13.23
CA CYS S 354 -90.12 42.20 -12.33
C CYS S 354 -88.87 42.79 -11.67
N ASP S 355 -88.62 42.46 -10.41
CA ASP S 355 -87.48 42.95 -9.64
C ASP S 355 -86.13 42.27 -9.96
N ILE S 356 -86.14 41.20 -10.77
CA ILE S 356 -84.98 40.33 -11.02
C ILE S 356 -84.66 40.30 -12.53
N PRO S 357 -83.66 41.07 -13.00
CA PRO S 357 -83.24 41.08 -14.40
C PRO S 357 -82.42 39.83 -14.76
N PRO S 358 -82.32 39.45 -16.04
CA PRO S 358 -81.60 38.26 -16.45
C PRO S 358 -80.14 38.27 -15.97
N ARG S 359 -79.56 37.10 -15.70
CA ARG S 359 -78.19 37.03 -15.17
C ARG S 359 -77.20 37.70 -16.12
N GLY S 360 -76.45 38.69 -15.65
CA GLY S 360 -75.54 39.50 -16.48
C GLY S 360 -76.14 40.72 -17.19
N LEU S 361 -77.37 41.16 -16.97
CA LEU S 361 -77.72 42.52 -17.40
C LEU S 361 -78.60 43.25 -16.39
N LYS S 362 -78.41 44.56 -16.27
CA LYS S 362 -79.00 45.41 -15.23
C LYS S 362 -80.51 45.59 -15.38
N MET S 363 -81.01 45.47 -16.60
CA MET S 363 -82.42 45.55 -16.97
C MET S 363 -82.66 44.69 -18.20
N SER S 364 -83.90 44.32 -18.48
CA SER S 364 -84.29 43.73 -19.75
C SER S 364 -85.77 43.96 -20.01
N ALA S 365 -86.21 43.91 -21.26
CA ALA S 365 -87.62 43.99 -21.63
C ALA S 365 -87.96 42.92 -22.66
N THR S 366 -89.00 42.13 -22.40
CA THR S 366 -89.60 41.26 -23.41
C THR S 366 -90.85 41.94 -23.93
N PHE S 367 -90.93 42.04 -25.24
CA PHE S 367 -91.99 42.71 -25.97
C PHE S 367 -92.93 41.68 -26.56
N ILE S 368 -94.23 41.90 -26.44
CA ILE S 368 -95.24 41.10 -27.14
C ILE S 368 -96.12 42.06 -27.92
N GLY S 369 -96.10 41.98 -29.24
CA GLY S 369 -96.98 42.75 -30.09
C GLY S 369 -98.18 41.93 -30.54
N ASN S 370 -99.37 42.49 -30.46
CA ASN S 370 -100.50 42.07 -31.27
C ASN S 370 -100.76 43.16 -32.30
N SER S 371 -100.67 42.89 -33.59
CA SER S 371 -100.83 43.90 -34.62
C SER S 371 -101.49 43.35 -35.88
N THR S 372 -102.33 44.18 -36.50
CA THR S 372 -102.95 43.89 -37.79
C THR S 372 -101.93 43.65 -38.90
N ALA S 373 -100.68 44.07 -38.72
CA ALA S 373 -99.58 43.73 -39.63
C ALA S 373 -99.28 42.23 -39.71
N ILE S 374 -99.70 41.40 -38.73
CA ILE S 374 -99.57 39.95 -38.83
C ILE S 374 -100.40 39.35 -39.98
N GLN S 375 -101.31 40.13 -40.59
CA GLN S 375 -101.96 39.74 -41.82
C GLN S 375 -100.95 39.39 -42.92
N GLU S 376 -99.80 40.04 -42.97
CA GLU S 376 -98.81 39.82 -44.03
C GLU S 376 -98.13 38.45 -43.93
N LEU S 377 -97.98 37.92 -42.73
CA LEU S 377 -97.44 36.59 -42.52
C LEU S 377 -98.43 35.52 -42.99
N PHE S 378 -99.71 35.66 -42.64
CA PHE S 378 -100.73 34.74 -43.13
C PHE S 378 -101.04 34.92 -44.61
N LYS S 379 -100.93 36.12 -45.17
CA LYS S 379 -101.19 36.39 -46.60
C LYS S 379 -100.17 35.69 -47.48
N ARG S 380 -98.87 35.85 -47.21
CA ARG S 380 -97.82 35.29 -48.08
C ARG S 380 -97.77 33.77 -48.04
N ILE S 381 -98.06 33.15 -46.91
CA ILE S 381 -98.27 31.70 -46.87
C ILE S 381 -99.49 31.32 -47.70
N SER S 382 -100.62 32.02 -47.56
CA SER S 382 -101.85 31.73 -48.30
C SER S 382 -101.69 31.85 -49.82
N GLU S 383 -100.92 32.82 -50.32
CA GLU S 383 -100.61 32.97 -51.75
C GLU S 383 -99.57 31.96 -52.27
N GLN S 384 -98.58 31.53 -51.47
CA GLN S 384 -97.73 30.38 -51.86
C GLN S 384 -98.53 29.08 -51.91
N PHE S 385 -99.41 28.83 -50.94
CA PHE S 385 -100.33 27.71 -50.94
C PHE S 385 -101.19 27.70 -52.20
N THR S 386 -101.79 28.84 -52.51
CA THR S 386 -102.71 28.96 -53.65
C THR S 386 -102.03 28.64 -54.97
N ALA S 387 -100.82 29.14 -55.21
CA ALA S 387 -100.12 28.92 -56.48
C ALA S 387 -99.73 27.45 -56.72
N MET S 388 -99.48 26.67 -55.68
CA MET S 388 -99.31 25.21 -55.80
C MET S 388 -100.64 24.49 -55.93
N PHE S 389 -101.60 24.85 -55.09
CA PHE S 389 -102.86 24.13 -54.98
C PHE S 389 -103.74 24.26 -56.22
N ARG S 390 -103.69 25.38 -56.98
CA ARG S 390 -104.46 25.50 -58.23
C ARG S 390 -104.13 24.40 -59.24
N ARG S 391 -102.94 23.80 -59.17
CA ARG S 391 -102.47 22.70 -60.01
C ARG S 391 -102.31 21.39 -59.25
N LYS S 392 -102.90 21.27 -58.05
CA LYS S 392 -102.92 20.07 -57.19
C LYS S 392 -101.54 19.47 -56.90
N ALA S 393 -100.46 20.25 -57.05
CA ALA S 393 -99.11 19.74 -56.95
C ALA S 393 -98.84 19.11 -55.58
N PHE S 394 -98.06 18.04 -55.51
CA PHE S 394 -97.70 17.32 -54.28
C PHE S 394 -98.85 16.70 -53.46
N LEU S 395 -100.13 16.82 -53.85
CA LEU S 395 -101.23 16.36 -53.01
C LEU S 395 -101.33 14.84 -52.84
N HIS S 396 -100.66 14.03 -53.65
CA HIS S 396 -100.73 12.57 -53.51
C HIS S 396 -100.02 12.08 -52.25
N TRP S 397 -99.05 12.83 -51.73
CA TRP S 397 -98.38 12.53 -50.47
C TRP S 397 -99.28 12.76 -49.24
N TYR S 398 -100.27 13.66 -49.33
CA TYR S 398 -101.23 13.94 -48.26
C TYR S 398 -102.50 13.13 -48.39
N THR S 399 -103.06 13.05 -49.59
CA THR S 399 -104.23 12.20 -49.88
C THR S 399 -103.88 10.71 -49.77
N GLY S 400 -102.61 10.33 -49.92
CA GLY S 400 -102.13 8.97 -49.62
C GLY S 400 -102.27 8.58 -48.15
N GLU S 401 -102.20 9.54 -47.22
CA GLU S 401 -102.49 9.37 -45.80
C GLU S 401 -104.00 9.42 -45.47
N GLY S 402 -104.86 9.40 -46.48
CA GLY S 402 -106.32 9.43 -46.36
C GLY S 402 -106.93 10.81 -46.12
N MET S 403 -106.16 11.87 -46.27
CA MET S 403 -106.64 13.25 -46.18
C MET S 403 -107.47 13.64 -47.42
N ASP S 404 -108.51 14.44 -47.26
CA ASP S 404 -109.30 14.94 -48.41
C ASP S 404 -108.68 16.18 -49.05
N GLU S 405 -108.92 16.36 -50.35
CA GLU S 405 -108.73 17.67 -51.00
C GLU S 405 -109.61 18.74 -50.35
N MET S 406 -110.81 18.37 -49.89
CA MET S 406 -111.68 19.27 -49.15
C MET S 406 -111.03 19.85 -47.89
N GLU S 407 -110.06 19.16 -47.26
CA GLU S 407 -109.44 19.69 -46.05
C GLU S 407 -108.44 20.80 -46.36
N PHE S 408 -107.83 20.78 -47.54
CA PHE S 408 -106.99 21.85 -48.04
C PHE S 408 -107.83 23.08 -48.36
N THR S 409 -108.92 22.90 -49.10
CA THR S 409 -109.88 23.96 -49.40
C THR S 409 -110.41 24.62 -48.12
N GLU S 410 -110.75 23.82 -47.10
CA GLU S 410 -111.25 24.31 -45.81
C GLU S 410 -110.17 24.96 -44.94
N ALA S 411 -108.92 24.49 -44.98
CA ALA S 411 -107.81 25.15 -44.31
C ALA S 411 -107.49 26.54 -44.90
N GLU S 412 -107.36 26.66 -46.21
CA GLU S 412 -107.09 27.95 -46.87
C GLU S 412 -108.28 28.91 -46.74
N SER S 413 -109.50 28.38 -46.61
CA SER S 413 -110.70 29.16 -46.31
C SER S 413 -110.62 29.78 -44.92
N ASN S 414 -110.28 28.98 -43.91
CA ASN S 414 -110.06 29.43 -42.54
C ASN S 414 -108.83 30.36 -42.38
N MET S 415 -107.80 30.20 -43.21
CA MET S 415 -106.67 31.12 -43.29
C MET S 415 -107.13 32.50 -43.78
N ASN S 416 -107.86 32.61 -44.89
CA ASN S 416 -108.36 33.91 -45.35
C ASN S 416 -109.34 34.55 -44.36
N ASP S 417 -110.09 33.75 -43.59
CA ASP S 417 -110.94 34.24 -42.50
C ASP S 417 -110.11 34.87 -41.37
N LEU S 418 -108.93 34.31 -41.03
CA LEU S 418 -108.00 34.93 -40.10
C LEU S 418 -107.35 36.20 -40.67
N VAL S 419 -106.98 36.23 -41.94
CA VAL S 419 -106.48 37.43 -42.62
C VAL S 419 -107.51 38.54 -42.60
N SER S 420 -108.78 38.21 -42.84
CA SER S 420 -109.87 39.18 -42.92
C SER S 420 -110.18 39.82 -41.57
N GLU S 421 -110.10 39.08 -40.47
CA GLU S 421 -110.36 39.60 -39.12
C GLU S 421 -109.25 40.56 -38.65
N TYR S 422 -107.98 40.34 -38.97
CA TYR S 422 -106.95 41.35 -38.72
C TYR S 422 -107.08 42.56 -39.64
N GLN S 423 -107.34 42.36 -40.94
CA GLN S 423 -107.53 43.47 -41.88
C GLN S 423 -108.78 44.32 -41.58
N GLN S 424 -109.79 43.75 -40.92
CA GLN S 424 -110.99 44.47 -40.49
C GLN S 424 -110.70 45.60 -39.51
N TYR S 425 -109.80 45.42 -38.55
CA TYR S 425 -109.44 46.46 -37.58
C TYR S 425 -108.30 47.38 -38.02
N GLN S 426 -107.83 47.28 -39.26
CA GLN S 426 -106.74 48.09 -39.81
C GLN S 426 -107.06 49.60 -39.75
N MET T 1 -97.36 -13.76 17.22
CA MET T 1 -97.78 -12.37 16.94
C MET T 1 -97.91 -12.14 15.44
N ARG T 2 -99.07 -12.46 14.88
CA ARG T 2 -99.43 -12.26 13.45
C ARG T 2 -98.42 -12.88 12.50
N GLU T 3 -98.05 -14.12 12.78
CA GLU T 3 -97.21 -14.90 11.90
C GLU T 3 -97.82 -15.03 10.51
N ILE T 4 -96.98 -15.07 9.48
CA ILE T 4 -97.37 -15.45 8.12
C ILE T 4 -96.66 -16.76 7.74
N VAL T 5 -97.39 -17.60 7.02
CA VAL T 5 -96.88 -18.80 6.35
C VAL T 5 -96.79 -18.51 4.88
N HIS T 6 -95.63 -18.72 4.29
CA HIS T 6 -95.37 -18.38 2.90
C HIS T 6 -95.15 -19.64 2.06
N LEU T 7 -95.72 -19.71 0.87
CA LEU T 7 -95.68 -20.93 0.05
C LEU T 7 -95.29 -20.59 -1.38
N GLN T 8 -94.34 -21.32 -1.95
CA GLN T 8 -93.82 -21.09 -3.29
C GLN T 8 -94.18 -22.23 -4.24
N ALA T 9 -94.79 -21.97 -5.40
CA ALA T 9 -95.19 -23.02 -6.34
C ALA T 9 -94.68 -22.86 -7.78
N GLY T 10 -94.08 -23.92 -8.32
CA GLY T 10 -93.57 -23.96 -9.69
C GLY T 10 -92.28 -23.17 -9.88
N GLN T 11 -91.80 -22.98 -11.11
CA GLN T 11 -90.57 -22.21 -11.33
C GLN T 11 -90.78 -20.73 -10.95
N CYS T 12 -91.79 -20.04 -11.47
CA CYS T 12 -91.98 -18.63 -11.20
C CYS T 12 -92.20 -18.34 -9.71
N GLY T 13 -93.08 -19.08 -9.03
CA GLY T 13 -93.36 -18.87 -7.62
C GLY T 13 -92.16 -19.07 -6.71
N ASN T 14 -91.30 -20.05 -7.01
CA ASN T 14 -90.05 -20.28 -6.31
C ASN T 14 -88.98 -19.25 -6.66
N GLN T 15 -89.05 -18.59 -7.82
CA GLN T 15 -88.09 -17.58 -8.22
C GLN T 15 -88.44 -16.20 -7.65
N ILE T 16 -89.69 -15.75 -7.73
CA ILE T 16 -90.13 -14.52 -7.05
C ILE T 16 -90.06 -14.70 -5.53
N GLY T 17 -90.30 -15.90 -5.01
CA GLY T 17 -90.14 -16.26 -3.60
C GLY T 17 -88.68 -16.27 -3.12
N ALA T 18 -87.77 -16.95 -3.82
CA ALA T 18 -86.37 -16.98 -3.45
C ALA T 18 -85.67 -15.61 -3.55
N LYS T 19 -86.20 -14.67 -4.35
CA LYS T 19 -85.78 -13.27 -4.31
C LYS T 19 -86.43 -12.53 -3.15
N PHE T 20 -87.71 -12.73 -2.89
CA PHE T 20 -88.37 -12.14 -1.73
C PHE T 20 -87.63 -12.44 -0.42
N TRP T 21 -87.19 -13.68 -0.21
CA TRP T 21 -86.41 -14.06 0.96
C TRP T 21 -85.03 -13.42 1.07
N GLU T 22 -84.43 -13.00 -0.02
CA GLU T 22 -83.22 -12.17 -0.01
C GLU T 22 -83.52 -10.71 0.37
N VAL T 23 -84.65 -10.16 -0.07
CA VAL T 23 -85.11 -8.81 0.28
C VAL T 23 -85.50 -8.68 1.75
N ILE T 24 -86.37 -9.54 2.28
CA ILE T 24 -86.77 -9.39 3.68
C ILE T 24 -85.68 -9.87 4.65
N SER T 25 -84.74 -10.70 4.22
CA SER T 25 -83.56 -10.97 5.06
C SER T 25 -82.61 -9.77 5.13
N ASP T 26 -82.50 -8.94 4.09
CA ASP T 26 -81.75 -7.69 4.14
C ASP T 26 -82.40 -6.67 5.09
N GLU T 27 -83.71 -6.55 5.03
CA GLU T 27 -84.52 -5.71 5.94
C GLU T 27 -84.35 -6.10 7.40
N HIS T 28 -84.56 -7.38 7.71
CA HIS T 28 -84.44 -7.92 9.07
C HIS T 28 -82.98 -8.19 9.48
N GLY T 29 -82.00 -7.93 8.62
CA GLY T 29 -80.59 -8.05 8.94
C GLY T 29 -80.15 -9.46 9.25
N ILE T 30 -80.63 -10.43 8.46
CA ILE T 30 -80.30 -11.85 8.57
C ILE T 30 -79.31 -12.22 7.47
N ASP T 31 -78.25 -12.87 7.89
CA ASP T 31 -77.15 -13.38 7.08
C ASP T 31 -77.60 -14.58 6.22
N PRO T 32 -77.02 -14.84 5.03
CA PRO T 32 -77.31 -16.05 4.25
C PRO T 32 -77.17 -17.38 5.01
N THR T 33 -76.46 -17.40 6.12
CA THR T 33 -76.32 -18.55 7.03
C THR T 33 -77.56 -18.76 7.90
N GLY T 34 -78.41 -17.73 8.02
CA GLY T 34 -79.54 -17.65 8.94
C GLY T 34 -79.24 -16.93 10.26
N ALA T 35 -78.00 -16.53 10.52
CA ALA T 35 -77.60 -15.76 11.72
C ALA T 35 -78.04 -14.29 11.63
N TYR T 36 -78.46 -13.66 12.72
CA TYR T 36 -78.75 -12.22 12.74
C TYR T 36 -77.49 -11.37 12.81
N HIS T 37 -77.39 -10.36 11.95
CA HIS T 37 -76.25 -9.44 11.81
C HIS T 37 -76.69 -7.97 11.63
N GLY T 38 -77.94 -7.64 11.89
CA GLY T 38 -78.51 -6.32 11.67
C GLY T 38 -78.05 -5.22 12.64
N ASP T 39 -78.40 -3.98 12.33
CA ASP T 39 -78.13 -2.77 13.11
C ASP T 39 -79.04 -2.61 14.33
N SER T 40 -80.32 -2.90 14.17
CA SER T 40 -81.40 -2.28 14.95
C SER T 40 -82.30 -3.28 15.65
N ASP T 41 -82.80 -2.89 16.82
CA ASP T 41 -83.75 -3.70 17.57
C ASP T 41 -85.07 -3.90 16.82
N LEU T 42 -85.48 -2.94 15.99
CA LEU T 42 -86.74 -3.00 15.24
C LEU T 42 -86.71 -4.12 14.20
N GLN T 43 -85.53 -4.45 13.68
CA GLN T 43 -85.34 -5.59 12.78
C GLN T 43 -85.62 -6.92 13.47
N LEU T 44 -85.34 -7.00 14.77
CA LEU T 44 -85.47 -8.22 15.56
C LEU T 44 -86.85 -8.33 16.24
N GLU T 45 -87.47 -7.20 16.56
CA GLU T 45 -88.76 -7.11 17.26
C GLU T 45 -89.88 -7.95 16.64
N ARG T 46 -89.95 -8.02 15.31
CA ARG T 46 -90.98 -8.77 14.56
C ARG T 46 -90.41 -9.83 13.62
N ILE T 47 -89.19 -10.30 13.85
CA ILE T 47 -88.58 -11.35 13.04
C ILE T 47 -89.41 -12.64 13.02
N ASN T 48 -90.21 -12.88 14.04
CA ASN T 48 -91.15 -13.99 14.10
C ASN T 48 -92.22 -13.94 13.00
N VAL T 49 -92.52 -12.80 12.36
CA VAL T 49 -93.56 -12.71 11.33
C VAL T 49 -93.26 -13.60 10.12
N TYR T 50 -91.99 -13.74 9.77
CA TYR T 50 -91.55 -14.53 8.61
C TYR T 50 -90.57 -15.65 8.97
N TYR T 51 -90.08 -15.73 10.21
CA TYR T 51 -89.05 -16.69 10.60
C TYR T 51 -89.40 -17.43 11.89
N ASN T 52 -88.82 -18.60 12.08
CA ASN T 52 -88.79 -19.34 13.33
C ASN T 52 -87.42 -19.14 14.00
N GLU T 53 -87.40 -18.90 15.31
CA GLU T 53 -86.16 -18.97 16.08
C GLU T 53 -85.72 -20.43 16.22
N ALA T 54 -84.43 -20.69 16.04
CA ALA T 54 -83.80 -21.98 16.27
C ALA T 54 -82.48 -21.82 17.06
N THR T 55 -81.86 -22.92 17.47
CA THR T 55 -80.71 -22.91 18.38
C THR T 55 -79.52 -22.07 17.88
N GLY T 56 -78.78 -21.44 18.80
CA GLY T 56 -77.70 -20.51 18.46
C GLY T 56 -78.16 -19.15 17.91
N GLY T 57 -79.44 -18.79 18.08
CA GLY T 57 -80.06 -17.60 17.50
C GLY T 57 -80.04 -17.57 15.96
N LYS T 58 -80.00 -18.75 15.31
CA LYS T 58 -80.25 -18.90 13.89
C LYS T 58 -81.74 -18.77 13.61
N TYR T 59 -82.10 -18.08 12.54
CA TYR T 59 -83.47 -17.87 12.11
C TYR T 59 -83.75 -18.67 10.85
N VAL T 60 -84.85 -19.41 10.85
CA VAL T 60 -85.26 -20.30 9.75
C VAL T 60 -86.55 -19.77 9.16
N PRO T 61 -86.59 -19.34 7.89
CA PRO T 61 -87.79 -18.76 7.32
C PRO T 61 -88.92 -19.75 7.17
N ARG T 62 -90.14 -19.28 7.44
CA ARG T 62 -91.37 -20.05 7.38
C ARG T 62 -91.93 -20.14 5.96
N ALA T 63 -91.07 -20.54 5.02
CA ALA T 63 -91.45 -20.92 3.68
C ALA T 63 -91.74 -22.41 3.57
N VAL T 64 -92.71 -22.79 2.75
CA VAL T 64 -92.83 -24.12 2.16
C VAL T 64 -92.54 -23.98 0.67
N LEU T 65 -91.68 -24.85 0.15
CA LEU T 65 -91.21 -24.81 -1.23
C LEU T 65 -91.78 -26.01 -1.96
N VAL T 66 -92.62 -25.78 -2.96
CA VAL T 66 -93.37 -26.82 -3.68
C VAL T 66 -93.07 -26.78 -5.18
N ASP T 67 -92.76 -27.94 -5.75
CA ASP T 67 -92.54 -28.13 -7.18
C ASP T 67 -92.81 -29.58 -7.55
N LEU T 68 -93.06 -29.87 -8.81
CA LEU T 68 -93.23 -31.24 -9.31
C LEU T 68 -91.94 -31.78 -9.97
N GLU T 69 -90.92 -30.95 -10.07
CA GLU T 69 -89.57 -31.24 -10.59
C GLU T 69 -88.51 -30.95 -9.51
N PRO T 70 -87.38 -31.67 -9.44
CA PRO T 70 -86.31 -31.36 -8.51
C PRO T 70 -85.50 -30.12 -8.91
N GLY T 71 -85.36 -29.84 -10.21
CA GLY T 71 -84.45 -28.84 -10.76
C GLY T 71 -84.63 -27.41 -10.23
N THR T 72 -85.84 -26.95 -9.87
CA THR T 72 -85.96 -25.63 -9.22
C THR T 72 -85.58 -25.66 -7.74
N MET T 73 -85.84 -26.75 -7.01
CA MET T 73 -85.32 -26.93 -5.66
C MET T 73 -83.79 -26.91 -5.66
N ASP T 74 -83.17 -27.62 -6.60
CA ASP T 74 -81.72 -27.63 -6.79
C ASP T 74 -81.18 -26.22 -7.11
N SER T 75 -81.91 -25.43 -7.87
CA SER T 75 -81.53 -24.06 -8.22
C SER T 75 -81.70 -23.08 -7.07
N VAL T 76 -82.72 -23.25 -6.23
CA VAL T 76 -82.94 -22.46 -5.01
C VAL T 76 -81.95 -22.85 -3.92
N ARG T 77 -81.81 -24.15 -3.58
CA ARG T 77 -80.92 -24.68 -2.54
C ARG T 77 -79.44 -24.33 -2.77
N SER T 78 -79.01 -24.29 -4.02
CA SER T 78 -77.67 -23.84 -4.43
C SER T 78 -77.51 -22.31 -4.59
N GLY T 79 -78.59 -21.54 -4.48
CA GLY T 79 -78.63 -20.11 -4.80
C GLY T 79 -78.04 -19.19 -3.74
N PRO T 80 -78.17 -17.86 -3.91
CA PRO T 80 -77.63 -16.84 -3.01
C PRO T 80 -78.02 -17.00 -1.52
N PHE T 81 -79.26 -17.44 -1.28
CA PHE T 81 -79.83 -17.62 0.06
C PHE T 81 -80.36 -19.04 0.29
N GLY T 82 -80.05 -20.00 -0.57
CA GLY T 82 -80.65 -21.33 -0.55
C GLY T 82 -80.50 -22.13 0.73
N GLN T 83 -79.40 -21.91 1.45
CA GLN T 83 -79.08 -22.64 2.67
C GLN T 83 -79.91 -22.19 3.87
N ILE T 84 -80.71 -21.11 3.73
CA ILE T 84 -81.52 -20.57 4.82
C ILE T 84 -82.72 -21.46 5.14
N PHE T 85 -83.38 -22.04 4.12
CA PHE T 85 -84.65 -22.76 4.27
C PHE T 85 -84.50 -24.11 4.96
N ARG T 86 -85.55 -24.60 5.62
CA ARG T 86 -85.55 -25.90 6.30
C ARG T 86 -85.51 -27.03 5.25
N PRO T 87 -84.57 -27.99 5.28
CA PRO T 87 -84.54 -29.11 4.34
C PRO T 87 -85.84 -29.89 4.22
N ASP T 88 -86.59 -30.07 5.32
CA ASP T 88 -87.91 -30.71 5.32
C ASP T 88 -89.01 -29.93 4.57
N ASN T 89 -88.83 -28.63 4.39
CA ASN T 89 -89.83 -27.77 3.75
C ASN T 89 -89.72 -27.74 2.24
N PHE T 90 -88.64 -28.28 1.65
CA PHE T 90 -88.58 -28.56 0.23
C PHE T 90 -89.39 -29.83 -0.07
N VAL T 91 -90.60 -29.68 -0.59
CA VAL T 91 -91.51 -30.77 -0.94
C VAL T 91 -91.62 -30.87 -2.45
N PHE T 92 -91.23 -31.99 -3.05
CA PHE T 92 -91.15 -32.08 -4.50
C PHE T 92 -91.41 -33.48 -5.06
N GLY T 93 -91.90 -33.53 -6.30
CA GLY T 93 -92.01 -34.73 -7.13
C GLY T 93 -90.74 -35.02 -7.96
N GLN T 94 -90.85 -35.86 -8.99
CA GLN T 94 -89.75 -36.12 -9.95
C GLN T 94 -90.14 -35.77 -11.40
N SER T 95 -91.25 -36.29 -11.91
CA SER T 95 -91.79 -35.95 -13.23
C SER T 95 -92.62 -34.66 -13.17
N GLY T 96 -92.34 -33.68 -14.01
CA GLY T 96 -92.95 -32.37 -13.95
C GLY T 96 -94.44 -32.29 -14.30
N ALA T 97 -94.99 -31.08 -14.31
CA ALA T 97 -96.36 -30.80 -14.71
C ALA T 97 -96.58 -30.75 -16.23
N GLY T 98 -95.57 -30.82 -17.07
CA GLY T 98 -95.75 -30.77 -18.53
C GLY T 98 -96.43 -29.49 -19.05
N ASN T 99 -96.42 -28.39 -18.28
CA ASN T 99 -97.24 -27.19 -18.50
C ASN T 99 -98.74 -27.49 -18.59
N ASN T 100 -99.22 -28.45 -17.83
CA ASN T 100 -100.58 -28.93 -17.83
C ASN T 100 -101.25 -28.67 -16.47
N TRP T 101 -102.32 -27.87 -16.43
CA TRP T 101 -103.07 -27.63 -15.20
C TRP T 101 -103.61 -28.92 -14.58
N ALA T 102 -104.10 -29.85 -15.41
CA ALA T 102 -104.71 -31.07 -14.94
C ALA T 102 -103.67 -32.02 -14.34
N LYS T 103 -102.41 -32.02 -14.79
CA LYS T 103 -101.33 -32.72 -14.07
C LYS T 103 -101.08 -32.12 -12.70
N GLY T 104 -101.00 -30.81 -12.59
CA GLY T 104 -100.92 -30.13 -11.30
C GLY T 104 -102.06 -30.50 -10.35
N HIS T 105 -103.30 -30.32 -10.76
CA HIS T 105 -104.48 -30.44 -9.93
C HIS T 105 -104.99 -31.87 -9.69
N TYR T 106 -104.76 -32.84 -10.58
CA TYR T 106 -105.43 -34.14 -10.54
C TYR T 106 -104.54 -35.37 -10.46
N THR T 107 -103.24 -35.25 -10.78
CA THR T 107 -102.39 -36.44 -10.96
C THR T 107 -101.07 -36.34 -10.20
N GLU T 108 -100.21 -35.45 -10.65
CA GLU T 108 -98.82 -35.34 -10.22
C GLU T 108 -98.71 -34.55 -8.90
N GLY T 109 -99.56 -33.53 -8.75
CA GLY T 109 -99.68 -32.72 -7.54
C GLY T 109 -100.74 -33.22 -6.58
N ALA T 110 -101.77 -33.91 -7.05
CA ALA T 110 -102.72 -34.60 -6.18
C ALA T 110 -102.05 -35.72 -5.36
N GLU T 111 -101.03 -36.37 -5.91
CA GLU T 111 -100.16 -37.28 -5.16
C GLU T 111 -99.35 -36.53 -4.08
N LEU T 112 -98.78 -35.38 -4.44
CA LEU T 112 -97.84 -34.61 -3.63
C LEU T 112 -98.49 -33.75 -2.55
N VAL T 113 -99.73 -33.28 -2.73
CA VAL T 113 -100.38 -32.35 -1.80
C VAL T 113 -100.51 -32.90 -0.39
N ASP T 114 -100.69 -34.21 -0.20
CA ASP T 114 -100.69 -34.85 1.12
C ASP T 114 -99.35 -34.68 1.86
N SER T 115 -98.25 -34.59 1.12
CA SER T 115 -96.89 -34.35 1.64
C SER T 115 -96.60 -32.85 1.81
N VAL T 116 -97.29 -31.97 1.08
CA VAL T 116 -97.21 -30.51 1.28
C VAL T 116 -98.02 -30.07 2.48
N LEU T 117 -99.29 -30.45 2.53
CA LEU T 117 -100.23 -29.92 3.46
C LEU T 117 -99.84 -30.22 4.91
N ASP T 118 -99.27 -31.41 5.16
CA ASP T 118 -98.78 -31.82 6.48
C ASP T 118 -97.50 -31.09 6.95
N VAL T 119 -96.80 -30.38 6.07
CA VAL T 119 -95.74 -29.42 6.39
C VAL T 119 -96.31 -28.04 6.68
N VAL T 120 -97.33 -27.60 5.94
CA VAL T 120 -98.07 -26.36 6.23
C VAL T 120 -98.69 -26.40 7.64
N ARG T 121 -99.15 -27.58 8.11
CA ARG T 121 -99.53 -27.82 9.50
C ARG T 121 -98.42 -27.66 10.53
N LYS T 122 -97.20 -28.13 10.28
CA LYS T 122 -96.09 -28.02 11.24
C LYS T 122 -95.68 -26.57 11.42
N GLU T 123 -95.69 -25.78 10.35
CA GLU T 123 -95.39 -24.35 10.44
C GLU T 123 -96.54 -23.56 11.09
N ALA T 124 -97.79 -23.79 10.71
CA ALA T 124 -98.97 -23.12 11.31
C ALA T 124 -99.22 -23.49 12.78
N GLU T 125 -98.86 -24.68 13.23
CA GLU T 125 -98.94 -25.08 14.64
C GLU T 125 -97.77 -24.48 15.48
N SER T 126 -96.61 -24.19 14.85
CA SER T 126 -95.51 -23.46 15.48
C SER T 126 -95.80 -21.96 15.66
N CYS T 127 -96.78 -21.41 14.96
CA CYS T 127 -97.18 -20.01 15.09
C CYS T 127 -97.88 -19.74 16.42
N ASP T 128 -97.66 -18.54 16.97
CA ASP T 128 -98.33 -18.06 18.19
C ASP T 128 -99.75 -17.54 17.89
N CYS T 129 -99.86 -16.71 16.86
CA CYS T 129 -101.14 -16.32 16.25
C CYS T 129 -100.91 -16.08 14.77
N LEU T 130 -101.26 -17.06 13.94
CA LEU T 130 -101.22 -16.96 12.49
C LEU T 130 -102.23 -15.92 11.98
N GLN T 131 -101.82 -14.94 11.18
CA GLN T 131 -102.72 -14.04 10.47
C GLN T 131 -103.05 -14.55 9.07
N GLY T 132 -102.14 -15.25 8.39
CA GLY T 132 -102.45 -15.69 7.05
C GLY T 132 -101.38 -16.45 6.28
N PHE T 133 -101.72 -16.72 5.02
CA PHE T 133 -100.97 -17.47 4.03
C PHE T 133 -100.61 -16.55 2.86
N GLN T 134 -99.34 -16.56 2.44
CA GLN T 134 -98.80 -15.70 1.41
C GLN T 134 -98.21 -16.55 0.29
N LEU T 135 -98.98 -16.84 -0.76
CA LEU T 135 -98.60 -17.84 -1.76
C LEU T 135 -98.09 -17.20 -3.07
N THR T 136 -96.87 -17.52 -3.51
CA THR T 136 -96.29 -17.04 -4.77
C THR T 136 -96.36 -18.10 -5.87
N HIS T 137 -96.92 -17.74 -7.02
CA HIS T 137 -97.12 -18.64 -8.14
C HIS T 137 -97.37 -17.88 -9.46
N SER T 138 -97.42 -18.61 -10.55
CA SER T 138 -97.78 -18.12 -11.87
C SER T 138 -99.06 -18.82 -12.37
N LEU T 139 -99.87 -18.18 -13.20
CA LEU T 139 -101.14 -18.75 -13.72
C LEU T 139 -100.96 -19.41 -15.09
N GLY T 140 -99.90 -19.08 -15.83
CA GLY T 140 -99.42 -19.90 -16.93
C GLY T 140 -98.74 -21.18 -16.46
N GLY T 141 -98.41 -22.10 -17.38
CA GLY T 141 -97.83 -23.40 -16.99
C GLY T 141 -98.75 -24.21 -16.08
N GLY T 142 -98.24 -25.23 -15.38
CA GLY T 142 -99.09 -26.26 -14.77
C GLY T 142 -98.90 -26.46 -13.28
N THR T 143 -97.72 -26.15 -12.74
CA THR T 143 -97.39 -26.36 -11.34
C THR T 143 -98.00 -25.27 -10.48
N GLY T 144 -97.67 -24.01 -10.75
CA GLY T 144 -98.22 -22.88 -10.02
C GLY T 144 -99.72 -22.71 -10.25
N SER T 145 -100.18 -22.85 -11.49
CA SER T 145 -101.58 -22.66 -11.84
C SER T 145 -102.48 -23.74 -11.27
N GLY T 146 -102.08 -25.01 -11.39
CA GLY T 146 -102.93 -26.15 -11.06
C GLY T 146 -102.65 -26.81 -9.73
N MET T 147 -101.39 -26.92 -9.31
CA MET T 147 -101.08 -27.41 -7.98
C MET T 147 -101.24 -26.30 -6.94
N GLY T 148 -100.85 -25.07 -7.24
CA GLY T 148 -100.99 -23.94 -6.33
C GLY T 148 -102.43 -23.64 -5.99
N THR T 149 -103.34 -23.71 -6.97
CA THR T 149 -104.78 -23.59 -6.69
C THR T 149 -105.44 -24.83 -6.06
N LEU T 150 -104.86 -26.01 -6.22
CA LEU T 150 -105.23 -27.16 -5.40
C LEU T 150 -104.88 -26.91 -3.93
N LEU T 151 -103.68 -26.41 -3.69
CA LEU T 151 -103.16 -26.13 -2.38
C LEU T 151 -103.91 -24.97 -1.69
N ILE T 152 -104.28 -23.92 -2.43
CA ILE T 152 -105.19 -22.86 -1.94
C ILE T 152 -106.50 -23.46 -1.48
N SER T 153 -107.10 -24.36 -2.26
CA SER T 153 -108.35 -25.01 -1.90
C SER T 153 -108.24 -25.81 -0.60
N LYS T 154 -107.17 -26.60 -0.43
CA LYS T 154 -106.91 -27.39 0.78
C LYS T 154 -106.63 -26.58 2.04
N ILE T 155 -105.80 -25.54 1.94
CA ILE T 155 -105.54 -24.60 3.05
C ILE T 155 -106.76 -23.74 3.37
N ARG T 156 -107.56 -23.30 2.38
CA ARG T 156 -108.82 -22.57 2.61
C ARG T 156 -109.84 -23.38 3.39
N GLU T 157 -109.99 -24.67 3.09
CA GLU T 157 -110.90 -25.58 3.78
C GLU T 157 -110.48 -25.85 5.22
N GLU T 158 -109.18 -25.81 5.50
CA GLU T 158 -108.59 -26.11 6.80
C GLU T 158 -108.45 -24.87 7.72
N TYR T 159 -108.24 -23.69 7.13
CA TYR T 159 -108.07 -22.38 7.78
C TYR T 159 -109.02 -21.35 7.18
N PRO T 160 -110.33 -21.39 7.47
CA PRO T 160 -111.33 -20.59 6.75
C PRO T 160 -111.34 -19.10 7.10
N ASP T 161 -110.80 -18.70 8.26
CA ASP T 161 -110.86 -17.35 8.83
C ASP T 161 -109.54 -16.55 8.76
N ARG T 162 -108.43 -17.23 8.47
CA ARG T 162 -107.11 -16.62 8.23
C ARG T 162 -107.06 -15.97 6.86
N ILE T 163 -106.26 -14.92 6.68
CA ILE T 163 -106.09 -14.25 5.38
C ILE T 163 -105.39 -15.16 4.37
N MET T 164 -105.99 -15.39 3.20
CA MET T 164 -105.34 -16.03 2.07
C MET T 164 -104.98 -14.97 1.04
N ASN T 165 -103.69 -14.76 0.85
CA ASN T 165 -103.11 -13.61 0.16
C ASN T 165 -102.13 -14.11 -0.92
N THR T 166 -102.43 -13.98 -2.21
CA THR T 166 -101.64 -14.62 -3.28
C THR T 166 -101.01 -13.61 -4.23
N PHE T 167 -99.79 -13.86 -4.65
CA PHE T 167 -99.07 -13.05 -5.64
C PHE T 167 -98.90 -13.86 -6.91
N SER T 168 -99.55 -13.40 -7.98
CA SER T 168 -99.96 -14.23 -9.10
C SER T 168 -99.48 -13.64 -10.41
N VAL T 169 -98.37 -14.14 -10.91
CA VAL T 169 -97.82 -13.73 -12.21
C VAL T 169 -98.65 -14.38 -13.29
N VAL T 170 -99.20 -13.63 -14.25
CA VAL T 170 -100.22 -14.17 -15.16
C VAL T 170 -100.09 -13.72 -16.62
N PRO T 171 -100.69 -14.44 -17.58
CA PRO T 171 -100.39 -14.30 -19.00
C PRO T 171 -100.82 -12.97 -19.62
N SER T 172 -100.13 -12.60 -20.69
CA SER T 172 -100.46 -11.51 -21.59
C SER T 172 -99.90 -11.80 -23.00
N PRO T 173 -100.47 -11.24 -24.07
CA PRO T 173 -100.22 -11.75 -25.42
C PRO T 173 -98.82 -11.45 -25.97
N LYS T 174 -98.27 -10.27 -25.71
CA LYS T 174 -97.00 -9.79 -26.28
C LYS T 174 -95.74 -10.32 -25.57
N VAL T 175 -95.87 -10.91 -24.39
CA VAL T 175 -94.78 -11.54 -23.63
C VAL T 175 -95.25 -12.92 -23.17
N SER T 176 -95.09 -13.92 -24.04
CA SER T 176 -95.56 -15.30 -23.80
C SER T 176 -94.56 -16.36 -24.23
N ASP T 177 -94.49 -17.45 -23.47
CA ASP T 177 -93.56 -18.56 -23.66
C ASP T 177 -94.26 -19.93 -23.75
N THR T 178 -95.59 -20.01 -23.70
CA THR T 178 -96.38 -21.24 -23.67
C THR T 178 -97.51 -21.16 -24.68
N VAL T 179 -97.83 -22.26 -25.38
CA VAL T 179 -98.97 -22.32 -26.30
C VAL T 179 -100.30 -22.40 -25.53
N VAL T 180 -100.38 -23.29 -24.55
CA VAL T 180 -101.54 -23.52 -23.69
C VAL T 180 -101.67 -22.58 -22.48
N GLU T 181 -100.95 -21.47 -22.44
CA GLU T 181 -101.07 -20.49 -21.36
C GLU T 181 -102.53 -20.05 -21.08
N PRO T 182 -103.35 -19.68 -22.07
CA PRO T 182 -104.73 -19.28 -21.86
C PRO T 182 -105.61 -20.31 -21.14
N TYR T 183 -105.42 -21.60 -21.44
CA TYR T 183 -106.16 -22.68 -20.79
C TYR T 183 -105.84 -22.77 -19.31
N ASN T 184 -104.57 -22.86 -18.98
CA ASN T 184 -104.09 -23.01 -17.62
C ASN T 184 -104.55 -21.85 -16.73
N ALA T 185 -104.46 -20.62 -17.24
CA ALA T 185 -104.90 -19.47 -16.49
C ALA T 185 -106.41 -19.48 -16.27
N THR T 186 -107.21 -19.77 -17.29
CA THR T 186 -108.68 -19.78 -17.15
C THR T 186 -109.18 -20.82 -16.16
N LEU T 187 -108.57 -22.01 -16.14
CA LEU T 187 -108.82 -23.04 -15.12
C LEU T 187 -108.39 -22.63 -13.71
N SER T 188 -107.40 -21.75 -13.58
CA SER T 188 -106.81 -21.32 -12.31
C SER T 188 -107.52 -20.11 -11.71
N VAL T 189 -107.93 -19.13 -12.50
CA VAL T 189 -108.66 -17.92 -12.07
C VAL T 189 -110.02 -18.27 -11.44
N HIS T 190 -110.65 -19.32 -11.93
CA HIS T 190 -111.84 -19.97 -11.39
C HIS T 190 -111.70 -20.41 -9.92
N GLN T 191 -110.49 -20.75 -9.46
CA GLN T 191 -110.20 -21.07 -8.05
C GLN T 191 -109.86 -19.83 -7.21
N LEU T 192 -109.14 -18.87 -7.80
CA LEU T 192 -108.74 -17.66 -7.10
C LEU T 192 -109.95 -16.77 -6.75
N VAL T 193 -110.93 -16.57 -7.65
CA VAL T 193 -112.12 -15.75 -7.39
C VAL T 193 -112.97 -16.24 -6.21
N GLU T 194 -112.97 -17.55 -5.91
CA GLU T 194 -113.76 -18.12 -4.82
C GLU T 194 -113.00 -18.21 -3.50
N ASN T 195 -111.71 -18.57 -3.53
CA ASN T 195 -110.97 -18.93 -2.30
C ASN T 195 -110.12 -17.81 -1.71
N THR T 196 -109.37 -17.04 -2.49
CA THR T 196 -108.44 -16.05 -1.93
C THR T 196 -109.19 -14.85 -1.33
N ASP T 197 -108.60 -14.19 -0.34
CA ASP T 197 -109.08 -12.92 0.23
C ASP T 197 -108.49 -11.70 -0.48
N GLU T 198 -107.29 -11.85 -1.04
CA GLU T 198 -106.61 -10.90 -1.92
C GLU T 198 -105.80 -11.67 -2.98
N THR T 199 -105.81 -11.23 -4.23
CA THR T 199 -104.88 -11.72 -5.25
C THR T 199 -104.23 -10.56 -5.97
N TYR T 200 -102.90 -10.48 -5.95
CA TYR T 200 -102.13 -9.40 -6.56
C TYR T 200 -101.69 -9.83 -7.95
N CYS T 201 -102.37 -9.29 -8.95
CA CYS T 201 -102.23 -9.66 -10.35
C CYS T 201 -101.00 -8.99 -10.91
N ILE T 202 -100.05 -9.77 -11.40
CA ILE T 202 -98.75 -9.28 -11.88
C ILE T 202 -98.49 -9.82 -13.28
N ASP T 203 -97.83 -9.06 -14.13
CA ASP T 203 -97.69 -9.39 -15.54
C ASP T 203 -96.26 -9.18 -16.03
N ASN T 204 -95.71 -10.09 -16.84
CA ASN T 204 -94.35 -9.91 -17.33
C ASN T 204 -94.26 -8.76 -18.35
N GLU T 205 -95.33 -8.45 -19.08
CA GLU T 205 -95.34 -7.29 -19.99
C GLU T 205 -95.20 -5.97 -19.24
N ALA T 206 -95.90 -5.81 -18.11
CA ALA T 206 -95.80 -4.62 -17.28
C ALA T 206 -94.47 -4.55 -16.51
N LEU T 207 -93.93 -5.67 -16.07
CA LEU T 207 -92.62 -5.72 -15.43
C LEU T 207 -91.47 -5.44 -16.41
N TYR T 208 -91.60 -5.78 -17.68
CA TYR T 208 -90.66 -5.33 -18.71
C TYR T 208 -90.85 -3.85 -19.06
N ASP T 209 -92.07 -3.31 -19.07
CA ASP T 209 -92.32 -1.88 -19.30
C ASP T 209 -91.71 -1.00 -18.20
N ILE T 210 -91.73 -1.41 -16.93
CA ILE T 210 -91.01 -0.72 -15.87
C ILE T 210 -89.50 -0.76 -16.11
N CYS T 211 -88.96 -1.90 -16.55
CA CYS T 211 -87.52 -2.02 -16.76
C CYS T 211 -87.00 -1.17 -17.92
N PHE T 212 -87.74 -1.02 -19.02
CA PHE T 212 -87.32 -0.20 -20.15
C PHE T 212 -87.71 1.28 -20.04
N ARG T 213 -88.95 1.61 -19.66
CA ARG T 213 -89.45 2.99 -19.69
C ARG T 213 -89.27 3.78 -18.40
N THR T 214 -88.79 3.14 -17.32
CA THR T 214 -88.50 3.80 -16.04
C THR T 214 -87.05 3.61 -15.64
N LEU T 215 -86.64 2.35 -15.38
CA LEU T 215 -85.27 2.06 -14.94
C LEU T 215 -84.20 2.20 -16.03
N LYS T 216 -84.60 2.22 -17.31
CA LYS T 216 -83.71 2.26 -18.48
C LYS T 216 -82.64 1.16 -18.49
N LEU T 217 -82.96 -0.03 -17.98
CA LEU T 217 -82.10 -1.22 -18.10
C LEU T 217 -82.01 -1.67 -19.56
N THR T 218 -80.80 -1.96 -20.06
CA THR T 218 -80.64 -2.38 -21.48
C THR T 218 -81.06 -3.84 -21.72
N THR T 219 -80.84 -4.73 -20.74
CA THR T 219 -81.10 -6.17 -20.81
C THR T 219 -81.67 -6.67 -19.49
N PRO T 220 -82.97 -6.41 -19.19
CA PRO T 220 -83.60 -6.90 -17.98
C PRO T 220 -83.85 -8.40 -18.02
N THR T 221 -83.36 -9.09 -17.01
CA THR T 221 -83.51 -10.53 -16.81
C THR T 221 -84.76 -10.87 -15.99
N TYR T 222 -85.09 -12.15 -15.84
CA TYR T 222 -86.07 -12.56 -14.83
C TYR T 222 -85.63 -12.20 -13.42
N GLY T 223 -84.33 -12.14 -13.11
CA GLY T 223 -83.85 -11.69 -11.81
C GLY T 223 -84.19 -10.24 -11.50
N ASP T 224 -84.25 -9.38 -12.51
CA ASP T 224 -84.67 -7.99 -12.40
C ASP T 224 -86.18 -7.86 -12.26
N LEU T 225 -86.96 -8.70 -12.94
CA LEU T 225 -88.41 -8.73 -12.77
C LEU T 225 -88.82 -9.21 -11.38
N ASN T 226 -88.12 -10.21 -10.85
CA ASN T 226 -88.37 -10.80 -9.54
C ASN T 226 -88.09 -9.84 -8.39
N HIS T 227 -87.18 -8.90 -8.61
CA HIS T 227 -86.82 -7.82 -7.72
C HIS T 227 -87.93 -6.76 -7.63
N LEU T 228 -88.58 -6.41 -8.75
CA LEU T 228 -89.76 -5.54 -8.73
C LEU T 228 -90.95 -6.16 -8.00
N VAL T 229 -91.25 -7.45 -8.24
CA VAL T 229 -92.34 -8.14 -7.55
C VAL T 229 -92.09 -8.17 -6.06
N SER T 230 -90.91 -8.60 -5.63
CA SER T 230 -90.61 -8.80 -4.22
C SER T 230 -90.51 -7.51 -3.41
N ALA T 231 -90.22 -6.36 -4.01
CA ALA T 231 -90.37 -5.06 -3.36
C ALA T 231 -91.80 -4.77 -2.90
N THR T 232 -92.82 -5.07 -3.71
CA THR T 232 -94.24 -4.91 -3.33
C THR T 232 -94.73 -6.01 -2.37
N MET T 233 -94.14 -7.20 -2.39
CA MET T 233 -94.42 -8.21 -1.36
C MET T 233 -93.92 -7.78 0.03
N SER T 234 -92.69 -7.30 0.13
CA SER T 234 -92.18 -6.68 1.35
C SER T 234 -93.03 -5.48 1.74
N GLY T 235 -93.49 -4.71 0.76
CA GLY T 235 -94.27 -3.51 1.02
C GLY T 235 -95.56 -3.73 1.79
N VAL T 236 -96.45 -4.64 1.36
CA VAL T 236 -97.81 -4.74 1.92
C VAL T 236 -97.87 -5.30 3.34
N THR T 237 -96.86 -6.07 3.77
CA THR T 237 -96.79 -6.60 5.15
C THR T 237 -96.03 -5.70 6.12
N THR T 238 -95.43 -4.61 5.63
CA THR T 238 -94.55 -3.73 6.41
C THR T 238 -95.13 -3.33 7.76
N CYS T 239 -96.42 -2.98 7.79
CA CYS T 239 -97.11 -2.53 8.99
C CYS T 239 -97.36 -3.58 10.07
N LEU T 240 -97.10 -4.87 9.85
CA LEU T 240 -96.99 -5.85 10.95
C LEU T 240 -95.55 -6.22 11.32
N ARG T 241 -94.55 -5.66 10.62
CA ARG T 241 -93.11 -5.91 10.86
C ARG T 241 -92.40 -4.72 11.49
N PHE T 242 -92.89 -3.51 11.30
CA PHE T 242 -92.31 -2.27 11.77
C PHE T 242 -93.36 -1.33 12.38
N PRO T 243 -92.99 -0.41 13.28
CA PRO T 243 -93.89 0.61 13.83
C PRO T 243 -94.24 1.69 12.80
N GLY T 244 -95.27 2.49 13.05
CA GLY T 244 -95.76 3.49 12.11
C GLY T 244 -96.73 4.50 12.72
N GLN T 245 -96.98 5.60 12.00
CA GLN T 245 -97.97 6.60 12.37
C GLN T 245 -99.42 6.14 12.11
N LEU T 246 -99.62 5.28 11.10
CA LEU T 246 -100.86 4.59 10.77
C LEU T 246 -100.51 3.13 10.48
N ASN T 247 -100.90 2.19 11.34
CA ASN T 247 -100.66 0.78 11.10
C ASN T 247 -101.81 0.15 10.29
N ALA T 248 -101.49 -0.68 9.30
CA ALA T 248 -102.46 -1.46 8.52
C ALA T 248 -102.03 -2.92 8.34
N ASP T 249 -102.67 -3.84 9.07
CA ASP T 249 -102.56 -5.29 8.85
C ASP T 249 -103.11 -5.70 7.47
N LEU T 250 -102.74 -6.86 6.92
CA LEU T 250 -103.32 -7.39 5.69
C LEU T 250 -104.86 -7.44 5.73
N ARG T 251 -105.46 -7.66 6.89
CA ARG T 251 -106.91 -7.59 7.08
C ARG T 251 -107.47 -6.16 7.05
N LYS T 252 -106.75 -5.18 7.59
CA LYS T 252 -107.09 -3.74 7.54
C LYS T 252 -106.99 -3.19 6.11
N LEU T 253 -106.14 -3.78 5.28
CA LEU T 253 -106.17 -3.58 3.84
C LEU T 253 -107.44 -4.21 3.24
N ALA T 254 -107.70 -5.49 3.46
CA ALA T 254 -108.84 -6.19 2.87
C ALA T 254 -110.21 -5.55 3.16
N VAL T 255 -110.49 -5.17 4.40
CA VAL T 255 -111.75 -4.48 4.79
C VAL T 255 -111.96 -3.17 4.03
N ASN T 256 -110.90 -2.43 3.74
CA ASN T 256 -110.94 -1.17 3.02
C ASN T 256 -110.86 -1.34 1.49
N MET T 257 -110.21 -2.40 1.02
CA MET T 257 -109.90 -2.62 -0.39
C MET T 257 -110.94 -3.41 -1.15
N VAL T 258 -111.73 -4.28 -0.51
CA VAL T 258 -112.65 -5.20 -1.17
C VAL T 258 -114.10 -4.84 -0.87
N PRO T 259 -114.77 -4.01 -1.69
CA PRO T 259 -116.14 -3.57 -1.43
C PRO T 259 -117.13 -4.74 -1.48
N PHE T 260 -117.12 -5.49 -2.58
CA PHE T 260 -117.94 -6.67 -2.79
C PHE T 260 -117.06 -7.92 -2.88
N PRO T 261 -117.43 -9.07 -2.28
CA PRO T 261 -116.50 -10.13 -1.88
C PRO T 261 -115.46 -10.60 -2.90
N ARG T 262 -115.85 -10.68 -4.16
CA ARG T 262 -115.13 -11.24 -5.31
C ARG T 262 -114.23 -10.22 -6.01
N LEU T 263 -114.37 -8.92 -5.75
CA LEU T 263 -113.58 -7.86 -6.41
C LEU T 263 -112.24 -7.63 -5.70
N HIS T 264 -111.45 -8.68 -5.50
CA HIS T 264 -110.19 -8.64 -4.76
C HIS T 264 -108.95 -8.88 -5.63
N PHE T 265 -109.09 -8.77 -6.96
CA PHE T 265 -107.99 -8.86 -7.91
C PHE T 265 -107.28 -7.53 -8.02
N PHE T 266 -106.29 -7.34 -7.15
CA PHE T 266 -105.50 -6.11 -7.07
C PHE T 266 -104.39 -6.06 -8.11
N MET T 267 -103.73 -4.92 -8.18
CA MET T 267 -102.74 -4.54 -9.19
C MET T 267 -101.66 -3.69 -8.49
N PRO T 268 -100.47 -4.22 -8.18
CA PRO T 268 -99.51 -3.53 -7.33
C PRO T 268 -98.61 -2.55 -8.08
N GLY T 269 -97.91 -1.71 -7.33
CA GLY T 269 -96.87 -0.80 -7.81
C GLY T 269 -95.93 -0.37 -6.69
N PHE T 270 -94.84 0.30 -7.05
CA PHE T 270 -93.79 0.69 -6.12
C PHE T 270 -93.16 2.02 -6.53
N ALA T 271 -92.73 2.82 -5.56
CA ALA T 271 -91.99 4.07 -5.74
C ALA T 271 -91.02 4.25 -4.58
N PRO T 272 -89.93 5.03 -4.75
CA PRO T 272 -89.44 5.61 -5.97
C PRO T 272 -88.76 4.55 -6.84
N LEU T 273 -88.99 4.57 -8.15
CA LEU T 273 -88.15 3.90 -9.14
C LEU T 273 -87.49 4.95 -10.01
N THR T 274 -86.17 4.93 -10.15
CA THR T 274 -85.41 5.93 -10.91
C THR T 274 -84.43 5.25 -11.84
N SER T 275 -84.20 5.82 -13.01
CA SER T 275 -83.12 5.41 -13.88
C SER T 275 -81.79 5.43 -13.12
N ARG T 276 -81.02 4.36 -13.14
CA ARG T 276 -79.84 4.18 -12.29
C ARG T 276 -78.84 5.33 -12.37
N GLY T 277 -78.66 5.91 -13.56
CA GLY T 277 -77.76 7.05 -13.80
C GLY T 277 -78.33 8.43 -13.43
N SER T 278 -79.56 8.51 -12.94
CA SER T 278 -80.27 9.78 -12.74
C SER T 278 -80.60 10.11 -11.28
N GLN T 279 -80.29 9.28 -10.30
CA GLN T 279 -80.79 9.47 -8.94
C GLN T 279 -80.43 10.81 -8.31
N GLN T 280 -79.19 11.30 -8.48
CA GLN T 280 -78.74 12.57 -7.87
C GLN T 280 -79.53 13.81 -8.28
N TYR T 281 -80.27 13.76 -9.37
CA TYR T 281 -81.05 14.90 -9.88
C TYR T 281 -82.49 14.91 -9.35
N ARG T 282 -82.96 13.83 -8.70
CA ARG T 282 -84.33 13.66 -8.23
C ARG T 282 -84.47 14.05 -6.76
N ALA T 283 -85.53 14.77 -6.41
CA ALA T 283 -85.88 15.03 -5.02
C ALA T 283 -86.84 13.95 -4.49
N LEU T 284 -86.39 13.09 -3.57
CA LEU T 284 -87.27 12.12 -2.91
C LEU T 284 -88.17 12.85 -1.91
N THR T 285 -89.47 12.89 -2.19
CA THR T 285 -90.46 13.52 -1.33
C THR T 285 -91.87 13.08 -1.69
N VAL T 286 -92.83 13.18 -0.78
CA VAL T 286 -94.19 12.65 -0.92
C VAL T 286 -94.92 13.04 -2.21
N PRO T 287 -94.87 14.28 -2.74
CA PRO T 287 -95.53 14.59 -4.00
C PRO T 287 -94.83 14.03 -5.24
N GLU T 288 -93.54 13.69 -5.20
CA GLU T 288 -92.89 12.99 -6.32
C GLU T 288 -93.17 11.50 -6.24
N LEU T 289 -93.13 10.90 -5.04
CA LEU T 289 -93.59 9.53 -4.82
C LEU T 289 -95.03 9.38 -5.31
N THR T 290 -95.91 10.35 -5.05
CA THR T 290 -97.28 10.32 -5.54
C THR T 290 -97.39 10.41 -7.06
N GLN T 291 -96.71 11.36 -7.72
CA GLN T 291 -96.76 11.53 -9.18
C GLN T 291 -96.15 10.37 -9.97
N GLN T 292 -95.32 9.54 -9.34
CA GLN T 292 -94.91 8.24 -9.88
C GLN T 292 -95.93 7.14 -9.61
N MET T 293 -96.30 6.96 -8.34
CA MET T 293 -97.16 5.91 -7.85
C MET T 293 -98.50 5.84 -8.57
N PHE T 294 -99.17 6.97 -8.80
CA PHE T 294 -100.47 7.02 -9.45
C PHE T 294 -100.43 7.14 -10.98
N ASP T 295 -99.28 6.94 -11.63
CA ASP T 295 -99.15 7.01 -13.09
C ASP T 295 -99.09 5.62 -13.72
N ALA T 296 -99.82 5.48 -14.81
CA ALA T 296 -100.18 4.26 -15.55
C ALA T 296 -98.97 3.41 -15.94
N LYS T 297 -97.79 4.02 -16.11
CA LYS T 297 -96.53 3.33 -16.43
C LYS T 297 -95.92 2.58 -15.24
N ASN T 298 -96.30 2.88 -14.01
CA ASN T 298 -95.72 2.27 -12.81
C ASN T 298 -96.39 0.95 -12.37
N MET T 299 -97.67 0.72 -12.66
CA MET T 299 -98.41 -0.46 -12.21
C MET T 299 -97.93 -1.74 -12.90
N MET T 300 -97.87 -2.85 -12.15
CA MET T 300 -97.29 -4.13 -12.57
C MET T 300 -98.27 -5.10 -13.26
N ALA T 301 -99.39 -4.62 -13.79
CA ALA T 301 -100.25 -5.35 -14.71
C ALA T 301 -100.49 -4.51 -15.97
N ALA T 302 -100.72 -5.13 -17.14
CA ALA T 302 -100.81 -4.43 -18.41
C ALA T 302 -101.97 -3.42 -18.52
N CYS T 303 -102.98 -3.52 -17.66
CA CYS T 303 -104.12 -2.63 -17.60
C CYS T 303 -103.68 -1.19 -17.40
N ASP T 304 -104.00 -0.31 -18.35
CA ASP T 304 -103.96 1.12 -18.11
C ASP T 304 -105.17 1.50 -17.25
N PRO T 305 -105.00 2.05 -16.05
CA PRO T 305 -106.14 2.44 -15.23
C PRO T 305 -107.03 3.49 -15.90
N ARG T 306 -106.53 4.22 -16.90
CA ARG T 306 -107.35 5.15 -17.71
C ARG T 306 -108.41 4.44 -18.57
N HIS T 307 -108.42 3.12 -18.64
CA HIS T 307 -109.48 2.30 -19.23
C HIS T 307 -110.56 1.83 -18.25
N GLY T 308 -110.54 2.29 -17.00
CA GLY T 308 -111.53 1.97 -15.97
C GLY T 308 -111.69 3.08 -14.94
N ARG T 309 -112.10 2.70 -13.72
CA ARG T 309 -112.08 3.54 -12.52
C ARG T 309 -111.54 2.69 -11.36
N TYR T 310 -110.82 3.26 -10.41
CA TYR T 310 -110.49 2.56 -9.17
C TYR T 310 -111.73 2.42 -8.27
N LEU T 311 -111.84 1.31 -7.57
CA LEU T 311 -112.75 1.12 -6.46
C LEU T 311 -112.11 1.70 -5.20
N THR T 312 -111.00 1.10 -4.81
CA THR T 312 -110.11 1.53 -3.73
C THR T 312 -108.67 1.49 -4.20
N VAL T 313 -107.85 2.43 -3.74
CA VAL T 313 -106.39 2.34 -3.78
C VAL T 313 -105.87 2.35 -2.35
N ALA T 314 -104.86 1.55 -2.03
CA ALA T 314 -104.12 1.69 -0.79
C ALA T 314 -102.71 2.17 -1.10
N ALA T 315 -102.28 3.24 -0.45
CA ALA T 315 -100.90 3.70 -0.49
C ALA T 315 -100.21 3.47 0.85
N ILE T 316 -99.38 2.43 0.94
CA ILE T 316 -98.61 2.08 2.14
C ILE T 316 -97.24 2.74 2.03
N PHE T 317 -97.14 3.93 2.59
CA PHE T 317 -95.91 4.70 2.68
C PHE T 317 -94.99 4.17 3.79
N ARG T 318 -93.69 4.38 3.60
CA ARG T 318 -92.64 4.08 4.55
C ARG T 318 -91.68 5.26 4.62
N GLY T 319 -91.24 5.63 5.80
CA GLY T 319 -90.29 6.72 6.03
C GLY T 319 -90.78 7.79 6.98
N ARG T 320 -89.91 8.71 7.37
CA ARG T 320 -90.26 9.87 8.21
C ARG T 320 -90.91 10.95 7.34
N MET T 321 -92.24 11.09 7.42
CA MET T 321 -93.01 12.02 6.60
C MET T 321 -94.23 12.58 7.34
N SER T 322 -94.71 13.73 6.89
CA SER T 322 -95.86 14.43 7.46
C SER T 322 -97.18 13.75 7.12
N MET T 323 -98.06 13.60 8.11
CA MET T 323 -99.41 13.15 7.86
C MET T 323 -100.24 14.18 7.11
N LYS T 324 -100.04 15.50 7.31
CA LYS T 324 -100.69 16.54 6.49
C LYS T 324 -100.30 16.36 5.03
N GLU T 325 -99.02 16.21 4.72
CA GLU T 325 -98.55 16.05 3.34
C GLU T 325 -99.06 14.77 2.68
N VAL T 326 -99.05 13.63 3.39
CA VAL T 326 -99.68 12.40 2.87
C VAL T 326 -101.17 12.61 2.64
N ASP T 327 -101.89 13.14 3.61
CA ASP T 327 -103.35 13.29 3.50
C ASP T 327 -103.76 14.34 2.44
N GLU T 328 -102.96 15.38 2.26
CA GLU T 328 -103.03 16.38 1.17
C GLU T 328 -102.85 15.72 -0.19
N GLN T 329 -101.83 14.89 -0.41
CA GLN T 329 -101.58 14.33 -1.73
C GLN T 329 -102.61 13.24 -2.09
N MET T 330 -103.00 12.41 -1.15
CA MET T 330 -104.04 11.40 -1.39
C MET T 330 -105.44 12.00 -1.55
N LEU T 331 -105.66 13.26 -1.17
CA LEU T 331 -106.83 14.07 -1.53
C LEU T 331 -106.68 14.69 -2.92
N ASN T 332 -105.55 15.36 -3.18
CA ASN T 332 -105.32 16.07 -4.43
C ASN T 332 -105.41 15.12 -5.61
N VAL T 333 -104.84 13.91 -5.52
CA VAL T 333 -104.95 12.91 -6.57
C VAL T 333 -106.39 12.60 -6.93
N GLN T 334 -107.24 12.21 -5.97
CA GLN T 334 -108.59 11.73 -6.30
C GLN T 334 -109.62 12.83 -6.55
N ASN T 335 -109.26 14.11 -6.37
CA ASN T 335 -110.06 15.26 -6.75
C ASN T 335 -109.67 15.77 -8.14
N LYS T 336 -108.37 15.84 -8.45
CA LYS T 336 -107.86 16.23 -9.77
C LYS T 336 -107.99 15.12 -10.83
N ASN T 337 -108.12 13.87 -10.41
CA ASN T 337 -108.38 12.69 -11.27
C ASN T 337 -109.76 12.07 -11.01
N SER T 338 -110.77 12.84 -10.62
CA SER T 338 -112.05 12.31 -10.10
C SER T 338 -112.82 11.40 -11.07
N SER T 339 -112.65 11.59 -12.37
CA SER T 339 -113.18 10.72 -13.43
C SER T 339 -112.60 9.30 -13.43
N TYR T 340 -111.54 9.02 -12.68
CA TYR T 340 -110.89 7.71 -12.59
C TYR T 340 -111.12 6.99 -11.26
N PHE T 341 -112.05 7.43 -10.43
CA PHE T 341 -112.43 6.80 -9.17
C PHE T 341 -113.96 6.63 -9.11
N VAL T 342 -114.49 5.57 -8.51
CA VAL T 342 -115.95 5.41 -8.47
C VAL T 342 -116.59 6.44 -7.53
N GLU T 343 -117.68 7.08 -7.97
CA GLU T 343 -118.28 8.23 -7.26
C GLU T 343 -119.39 7.85 -6.26
N TRP T 344 -119.63 6.56 -6.03
CA TRP T 344 -120.45 6.02 -4.94
C TRP T 344 -119.63 5.62 -3.71
N ILE T 345 -118.30 5.76 -3.74
CA ILE T 345 -117.43 5.71 -2.56
C ILE T 345 -116.92 7.14 -2.30
N PRO T 346 -117.09 7.71 -1.10
CA PRO T 346 -116.79 9.13 -0.82
C PRO T 346 -115.30 9.44 -0.63
N ASN T 347 -114.48 8.46 -0.30
CA ASN T 347 -113.02 8.51 -0.34
C ASN T 347 -112.51 7.16 -0.81
N ASN T 348 -111.76 7.13 -1.90
CA ASN T 348 -111.28 5.91 -2.49
C ASN T 348 -109.88 5.51 -2.02
N VAL T 349 -109.15 6.33 -1.28
CA VAL T 349 -107.76 6.05 -0.88
C VAL T 349 -107.67 5.70 0.60
N LYS T 350 -107.14 4.51 0.90
CA LYS T 350 -106.59 4.09 2.20
C LYS T 350 -105.14 4.56 2.27
N THR T 351 -104.68 5.07 3.41
CA THR T 351 -103.27 5.39 3.63
C THR T 351 -102.73 4.59 4.79
N ALA T 352 -101.46 4.24 4.76
CA ALA T 352 -100.72 3.73 5.92
C ALA T 352 -99.31 4.31 5.88
N VAL T 353 -98.67 4.44 7.03
CA VAL T 353 -97.39 5.13 7.17
C VAL T 353 -96.55 4.38 8.19
N CYS T 354 -95.50 3.72 7.74
CA CYS T 354 -94.49 3.07 8.55
C CYS T 354 -93.30 3.99 8.83
N ASP T 355 -92.72 3.93 10.02
CA ASP T 355 -91.58 4.76 10.44
C ASP T 355 -90.22 4.31 9.87
N ILE T 356 -90.14 3.16 9.21
CA ILE T 356 -88.90 2.50 8.78
C ILE T 356 -88.91 2.30 7.26
N PRO T 357 -88.23 3.15 6.48
CA PRO T 357 -88.14 3.02 5.02
C PRO T 357 -87.15 1.92 4.62
N PRO T 358 -87.23 1.36 3.41
CA PRO T 358 -86.36 0.29 2.97
C PRO T 358 -84.88 0.66 3.08
N ARG T 359 -84.00 -0.30 3.33
CA ARG T 359 -82.57 -0.02 3.52
C ARG T 359 -81.98 0.68 2.28
N GLY T 360 -81.40 1.87 2.44
CA GLY T 360 -80.90 2.69 1.33
C GLY T 360 -81.91 3.64 0.67
N LEU T 361 -83.14 3.83 1.11
CA LEU T 361 -83.86 5.01 0.64
C LEU T 361 -84.66 5.72 1.73
N LYS T 362 -84.75 7.05 1.66
CA LYS T 362 -85.29 7.91 2.71
C LYS T 362 -86.79 7.75 2.91
N MET T 363 -87.50 7.34 1.87
CA MET T 363 -88.94 7.09 1.85
C MET T 363 -89.23 6.01 0.82
N SER T 364 -90.37 5.35 0.89
CA SER T 364 -90.88 4.50 -0.18
C SER T 364 -92.39 4.38 -0.09
N ALA T 365 -93.07 4.05 -1.19
CA ALA T 365 -94.49 3.78 -1.21
C ALA T 365 -94.79 2.51 -2.00
N THR T 366 -95.54 1.58 -1.41
CA THR T 366 -96.13 0.46 -2.13
C THR T 366 -97.58 0.78 -2.41
N PHE T 367 -97.95 0.65 -3.67
CA PHE T 367 -99.27 0.97 -4.19
C PHE T 367 -100.06 -0.31 -4.42
N ILE T 368 -101.32 -0.35 -4.01
CA ILE T 368 -102.22 -1.42 -4.35
C ILE T 368 -103.45 -0.81 -5.00
N GLY T 369 -103.70 -1.09 -6.26
CA GLY T 369 -104.90 -0.66 -6.96
C GLY T 369 -105.92 -1.77 -7.00
N ASN T 370 -107.18 -1.45 -6.71
CA ASN T 370 -108.32 -2.22 -7.17
C ASN T 370 -109.05 -1.38 -8.22
N SER T 371 -109.17 -1.84 -9.45
CA SER T 371 -109.78 -1.06 -10.52
C SER T 371 -110.54 -1.91 -11.51
N THR T 372 -111.65 -1.40 -12.00
CA THR T 372 -112.45 -2.01 -13.06
C THR T 372 -111.67 -2.21 -14.34
N ALA T 373 -110.53 -1.53 -14.54
CA ALA T 373 -109.60 -1.78 -15.63
C ALA T 373 -108.99 -3.20 -15.61
N ILE T 374 -108.99 -3.91 -14.48
CA ILE T 374 -108.55 -5.31 -14.44
C ILE T 374 -109.44 -6.24 -15.28
N GLN T 375 -110.61 -5.76 -15.73
CA GLN T 375 -111.41 -6.47 -16.72
C GLN T 375 -110.61 -6.80 -17.98
N GLU T 376 -109.66 -5.95 -18.39
CA GLU T 376 -108.90 -6.14 -19.62
C GLU T 376 -107.92 -7.30 -19.54
N LEU T 377 -107.40 -7.58 -18.35
CA LEU T 377 -106.52 -8.73 -18.13
C LEU T 377 -107.33 -10.03 -18.23
N PHE T 378 -108.50 -10.11 -17.59
CA PHE T 378 -109.36 -11.27 -17.71
C PHE T 378 -110.01 -11.41 -19.09
N LYS T 379 -110.30 -10.31 -19.79
CA LYS T 379 -110.91 -10.34 -21.12
C LYS T 379 -109.96 -10.95 -22.15
N ARG T 380 -108.71 -10.49 -22.22
CA ARG T 380 -107.77 -10.97 -23.25
C ARG T 380 -107.36 -12.41 -23.06
N ILE T 381 -107.26 -12.89 -21.82
CA ILE T 381 -107.11 -14.33 -21.57
C ILE T 381 -108.36 -15.08 -22.04
N SER T 382 -109.56 -14.61 -21.69
CA SER T 382 -110.81 -15.25 -22.09
C SER T 382 -111.02 -15.34 -23.61
N GLU T 383 -110.61 -14.33 -24.38
CA GLU T 383 -110.65 -14.37 -25.85
C GLU T 383 -109.54 -15.22 -26.49
N GLN T 384 -108.33 -15.31 -25.91
CA GLN T 384 -107.35 -16.31 -26.36
C GLN T 384 -107.82 -17.74 -26.07
N PHE T 385 -108.39 -17.99 -24.90
CA PHE T 385 -109.00 -19.27 -24.54
C PHE T 385 -110.09 -19.64 -25.54
N THR T 386 -110.99 -18.71 -25.84
CA THR T 386 -112.12 -18.97 -26.72
C THR T 386 -111.68 -19.37 -28.12
N ALA T 387 -110.70 -18.68 -28.70
CA ALA T 387 -110.25 -18.95 -30.06
C ALA T 387 -109.60 -20.33 -30.23
N MET T 388 -108.95 -20.87 -29.20
CA MET T 388 -108.48 -22.26 -29.20
C MET T 388 -109.60 -23.25 -28.92
N PHE T 389 -110.43 -22.96 -27.92
CA PHE T 389 -111.43 -23.89 -27.42
C PHE T 389 -112.56 -24.13 -28.42
N ARG T 390 -112.92 -23.17 -29.29
CA ARG T 390 -113.95 -23.41 -30.31
C ARG T 390 -113.60 -24.56 -31.25
N ARG T 391 -112.30 -24.89 -31.40
CA ARG T 391 -111.79 -26.01 -32.20
C ARG T 391 -111.17 -27.13 -31.36
N LYS T 392 -111.46 -27.15 -30.06
CA LYS T 392 -111.01 -28.18 -29.09
C LYS T 392 -109.50 -28.43 -29.07
N ALA T 393 -108.69 -27.49 -29.55
CA ALA T 393 -107.26 -27.70 -29.74
C ALA T 393 -106.57 -28.03 -28.41
N PHE T 394 -105.57 -28.89 -28.41
CA PHE T 394 -104.80 -29.32 -27.23
C PHE T 394 -105.57 -30.02 -26.10
N LEU T 395 -106.90 -30.23 -26.18
CA LEU T 395 -107.67 -30.75 -25.05
C LEU T 395 -107.37 -32.21 -24.69
N HIS T 396 -106.73 -32.99 -25.54
CA HIS T 396 -106.43 -34.39 -25.22
C HIS T 396 -105.36 -34.52 -24.12
N TRP T 397 -104.50 -33.52 -23.95
CA TRP T 397 -103.54 -33.46 -22.85
C TRP T 397 -104.18 -33.22 -21.48
N TYR T 398 -105.34 -32.57 -21.43
CA TYR T 398 -106.10 -32.30 -20.20
C TYR T 398 -107.14 -33.37 -19.92
N THR T 399 -107.91 -33.76 -20.93
CA THR T 399 -108.88 -34.85 -20.83
C THR T 399 -108.19 -36.20 -20.65
N GLY T 400 -106.92 -36.35 -21.05
CA GLY T 400 -106.09 -37.51 -20.73
C GLY T 400 -105.82 -37.67 -19.23
N GLU T 401 -105.78 -36.59 -18.47
CA GLU T 401 -105.72 -36.57 -17.00
C GLU T 401 -107.09 -36.78 -16.33
N GLY T 402 -108.13 -37.13 -17.09
CA GLY T 402 -109.49 -37.37 -16.63
C GLY T 402 -110.33 -36.12 -16.40
N MET T 403 -109.88 -34.96 -16.85
CA MET T 403 -110.63 -33.71 -16.79
C MET T 403 -111.77 -33.70 -17.83
N ASP T 404 -112.92 -33.11 -17.53
CA ASP T 404 -114.02 -32.97 -18.49
C ASP T 404 -113.86 -31.76 -19.41
N GLU T 405 -114.41 -31.84 -20.62
CA GLU T 405 -114.66 -30.66 -21.44
C GLU T 405 -115.61 -29.68 -20.71
N MET T 406 -116.56 -30.19 -19.94
CA MET T 406 -117.46 -29.38 -19.12
C MET T 406 -116.69 -28.50 -18.13
N GLU T 407 -115.49 -28.87 -17.68
CA GLU T 407 -114.75 -28.04 -16.73
C GLU T 407 -114.13 -26.81 -17.39
N PHE T 408 -113.79 -26.91 -18.67
CA PHE T 408 -113.35 -25.77 -19.48
C PHE T 408 -114.50 -24.81 -19.72
N THR T 409 -115.65 -25.33 -20.14
CA THR T 409 -116.88 -24.54 -20.32
C THR T 409 -117.26 -23.80 -19.03
N GLU T 410 -117.17 -24.46 -17.88
CA GLU T 410 -117.49 -23.88 -16.58
C GLU T 410 -116.43 -22.90 -16.08
N ALA T 411 -115.15 -23.12 -16.37
CA ALA T 411 -114.10 -22.15 -16.06
C ALA T 411 -114.25 -20.84 -16.85
N GLU T 412 -114.42 -20.90 -18.17
CA GLU T 412 -114.62 -19.72 -19.01
C GLU T 412 -115.93 -19.00 -18.71
N SER T 413 -116.94 -19.74 -18.23
CA SER T 413 -118.20 -19.18 -17.74
C SER T 413 -117.97 -18.33 -16.49
N ASN T 414 -117.25 -18.87 -15.50
CA ASN T 414 -116.86 -18.16 -14.29
C ASN T 414 -115.87 -17.00 -14.53
N MET T 415 -115.04 -17.09 -15.56
CA MET T 415 -114.19 -15.98 -16.02
C MET T 415 -115.04 -14.81 -16.54
N ASN T 416 -116.00 -15.04 -17.44
CA ASN T 416 -116.88 -13.96 -17.91
C ASN T 416 -117.75 -13.38 -16.79
N ASP T 417 -118.11 -14.17 -15.78
CA ASP T 417 -118.80 -13.68 -14.57
C ASP T 417 -117.92 -12.74 -13.77
N LEU T 418 -116.61 -12.98 -13.65
CA LEU T 418 -115.66 -12.04 -13.05
C LEU T 418 -115.46 -10.77 -13.90
N VAL T 419 -115.39 -10.89 -15.23
CA VAL T 419 -115.33 -9.73 -16.13
C VAL T 419 -116.57 -8.86 -15.99
N SER T 420 -117.74 -9.47 -15.88
CA SER T 420 -119.02 -8.77 -15.80
C SER T 420 -119.17 -7.99 -14.49
N GLU T 421 -118.71 -8.51 -13.36
CA GLU T 421 -118.77 -7.84 -12.07
C GLU T 421 -117.84 -6.62 -11.98
N TYR T 422 -116.65 -6.64 -12.58
CA TYR T 422 -115.86 -5.41 -12.70
C TYR T 422 -116.46 -4.41 -13.69
N GLN T 423 -116.93 -4.87 -14.86
CA GLN T 423 -117.58 -3.99 -15.85
C GLN T 423 -118.88 -3.38 -15.34
N GLN T 424 -119.58 -4.01 -14.40
CA GLN T 424 -120.80 -3.50 -13.77
C GLN T 424 -120.58 -2.18 -13.03
N TYR T 425 -119.47 -2.02 -12.31
CA TYR T 425 -119.16 -0.79 -11.57
C TYR T 425 -118.39 0.27 -12.38
N GLN T 426 -118.18 0.07 -13.68
CA GLN T 426 -117.46 0.98 -14.57
C GLN T 426 -118.09 2.37 -14.60
N MET U 1 -74.08 -49.95 46.65
CA MET U 1 -75.16 -48.95 46.44
C MET U 1 -75.82 -49.15 45.09
N ARG U 2 -76.84 -50.04 45.04
CA ARG U 2 -77.65 -50.34 43.86
C ARG U 2 -76.83 -50.72 42.65
N GLU U 3 -75.88 -51.61 42.86
CA GLU U 3 -75.09 -52.19 41.78
C GLU U 3 -75.98 -52.88 40.75
N ILE U 4 -75.57 -52.84 39.48
CA ILE U 4 -76.14 -53.66 38.42
C ILE U 4 -75.09 -54.63 37.90
N VAL U 5 -75.53 -55.84 37.59
CA VAL U 5 -74.76 -56.87 36.88
C VAL U 5 -75.28 -56.93 35.46
N HIS U 6 -74.40 -56.80 34.49
CA HIS U 6 -74.77 -56.74 33.09
C HIS U 6 -74.27 -57.96 32.33
N LEU U 7 -75.08 -58.56 31.46
CA LEU U 7 -74.75 -59.81 30.79
C LEU U 7 -75.02 -59.71 29.30
N GLN U 8 -74.07 -60.12 28.47
CA GLN U 8 -74.15 -60.03 27.02
C GLN U 8 -74.23 -61.41 26.37
N ALA U 9 -75.21 -61.69 25.52
CA ALA U 9 -75.37 -63.02 24.90
C ALA U 9 -75.45 -63.02 23.36
N GLY U 10 -74.65 -63.87 22.73
CA GLY U 10 -74.62 -64.03 21.27
C GLY U 10 -73.96 -62.86 20.54
N GLN U 11 -74.03 -62.80 19.21
CA GLN U 11 -73.43 -61.69 18.46
C GLN U 11 -74.14 -60.37 18.77
N CYS U 12 -75.46 -60.28 18.63
CA CYS U 12 -76.18 -59.04 18.84
C CYS U 12 -76.04 -58.51 20.26
N GLY U 13 -76.22 -59.35 21.28
CA GLY U 13 -76.12 -58.92 22.68
C GLY U 13 -74.74 -58.42 23.07
N ASN U 14 -73.67 -59.02 22.54
CA ASN U 14 -72.30 -58.56 22.72
C ASN U 14 -71.99 -57.32 21.91
N GLN U 15 -72.70 -57.04 20.82
CA GLN U 15 -72.48 -55.85 20.00
C GLN U 15 -73.23 -54.63 20.54
N ILE U 16 -74.50 -54.74 20.91
CA ILE U 16 -75.21 -53.67 21.61
C ILE U 16 -74.61 -53.43 23.00
N GLY U 17 -74.10 -54.46 23.67
CA GLY U 17 -73.36 -54.37 24.93
C GLY U 17 -72.01 -53.69 24.80
N ALA U 18 -71.14 -54.11 23.88
CA ALA U 18 -69.84 -53.50 23.67
C ALA U 18 -69.90 -52.04 23.21
N LYS U 19 -71.02 -51.60 22.60
CA LYS U 19 -71.30 -50.18 22.36
C LYS U 19 -71.81 -49.49 23.61
N PHE U 20 -72.71 -50.11 24.37
CA PHE U 20 -73.17 -49.56 25.63
C PHE U 20 -72.01 -49.23 26.58
N TRP U 21 -71.01 -50.11 26.70
CA TRP U 21 -69.83 -49.86 27.51
C TRP U 21 -68.93 -48.72 27.02
N GLU U 22 -68.96 -48.38 25.75
CA GLU U 22 -68.32 -47.17 25.23
C GLU U 22 -69.12 -45.90 25.59
N VAL U 23 -70.45 -45.96 25.57
CA VAL U 23 -71.34 -44.86 25.96
C VAL U 23 -71.27 -44.54 27.45
N ILE U 24 -71.44 -45.51 28.34
CA ILE U 24 -71.41 -45.20 29.77
C ILE U 24 -69.99 -44.95 30.29
N SER U 25 -68.94 -45.42 29.60
CA SER U 25 -67.58 -45.00 29.93
C SER U 25 -67.30 -43.55 29.54
N ASP U 26 -67.93 -43.03 28.47
CA ASP U 26 -67.83 -41.61 28.13
C ASP U 26 -68.54 -40.73 29.16
N GLU U 27 -69.73 -41.15 29.62
CA GLU U 27 -70.49 -40.50 30.69
C GLU U 27 -69.73 -40.43 31.99
N HIS U 28 -69.22 -41.57 32.47
CA HIS U 28 -68.46 -41.67 33.71
C HIS U 28 -66.99 -41.25 33.54
N GLY U 29 -66.55 -40.84 32.36
CA GLY U 29 -65.21 -40.31 32.13
C GLY U 29 -64.11 -41.33 32.36
N ILE U 30 -64.32 -42.56 31.90
CA ILE U 30 -63.37 -43.67 31.98
C ILE U 30 -62.72 -43.87 30.62
N ASP U 31 -61.40 -43.93 30.65
CA ASP U 31 -60.50 -44.15 29.52
C ASP U 31 -60.61 -45.61 29.00
N PRO U 32 -60.37 -45.90 27.71
CA PRO U 32 -60.30 -47.28 27.20
C PRO U 32 -59.35 -48.21 27.95
N THR U 33 -58.39 -47.68 28.70
CA THR U 33 -57.48 -48.43 29.58
C THR U 33 -58.16 -48.89 30.87
N GLY U 34 -59.29 -48.28 31.23
CA GLY U 34 -59.99 -48.44 32.50
C GLY U 34 -59.65 -47.35 33.54
N ALA U 35 -58.71 -46.45 33.27
CA ALA U 35 -58.36 -45.33 34.15
C ALA U 35 -59.42 -44.21 34.12
N TYR U 36 -59.72 -43.55 35.24
CA TYR U 36 -60.61 -42.39 35.25
C TYR U 36 -59.92 -41.11 34.76
N HIS U 37 -60.56 -40.37 33.85
CA HIS U 37 -60.07 -39.15 33.22
C HIS U 37 -61.15 -38.07 33.09
N GLY U 38 -62.28 -38.21 33.79
CA GLY U 38 -63.42 -37.30 33.70
C GLY U 38 -63.23 -35.92 34.32
N ASP U 39 -64.19 -35.03 34.08
CA ASP U 39 -64.26 -33.66 34.58
C ASP U 39 -64.72 -33.57 36.05
N SER U 40 -65.71 -34.38 36.42
CA SER U 40 -66.65 -34.06 37.49
C SER U 40 -66.73 -35.13 38.57
N ASP U 41 -66.97 -34.70 39.80
CA ASP U 41 -67.16 -35.61 40.93
C ASP U 41 -68.40 -36.49 40.76
N LEU U 42 -69.45 -35.99 40.07
CA LEU U 42 -70.69 -36.72 39.87
C LEU U 42 -70.49 -37.95 38.98
N GLN U 43 -69.51 -37.91 38.08
CA GLN U 43 -69.11 -39.06 37.28
C GLN U 43 -68.53 -40.19 38.13
N LEU U 44 -67.86 -39.84 39.23
CA LEU U 44 -67.17 -40.78 40.10
C LEU U 44 -68.06 -41.25 41.27
N GLU U 45 -69.00 -40.42 41.71
CA GLU U 45 -69.89 -40.67 42.85
C GLU U 45 -70.64 -42.01 42.77
N ARG U 46 -71.09 -42.41 41.58
CA ARG U 46 -71.84 -43.66 41.35
C ARG U 46 -71.18 -44.61 40.35
N ILE U 47 -69.87 -44.50 40.14
CA ILE U 47 -69.13 -45.38 39.22
C ILE U 47 -69.25 -46.86 39.64
N ASN U 48 -69.49 -47.14 40.91
CA ASN U 48 -69.76 -48.48 41.41
C ASN U 48 -71.02 -49.12 40.81
N VAL U 49 -71.98 -48.37 40.25
CA VAL U 49 -73.21 -48.96 39.68
C VAL U 49 -72.93 -49.91 38.53
N TYR U 50 -71.91 -49.63 37.73
CA TYR U 50 -71.54 -50.43 36.56
C TYR U 50 -70.11 -50.96 36.61
N TYR U 51 -69.28 -50.55 37.55
CA TYR U 51 -67.86 -50.90 37.60
C TYR U 51 -67.42 -51.38 38.99
N ASN U 52 -66.35 -52.15 39.03
CA ASN U 52 -65.60 -52.50 40.23
C ASN U 52 -64.35 -51.61 40.30
N GLU U 53 -64.03 -51.07 41.48
CA GLU U 53 -62.72 -50.46 41.72
C GLU U 53 -61.65 -51.55 41.79
N ALA U 54 -60.50 -51.33 41.15
CA ALA U 54 -59.32 -52.17 41.23
C ALA U 54 -58.05 -51.31 41.42
N THR U 55 -56.90 -51.96 41.65
CA THR U 55 -55.66 -51.28 42.05
C THR U 55 -55.20 -50.18 41.07
N GLY U 56 -54.59 -49.12 41.58
CA GLY U 56 -54.21 -47.94 40.78
C GLY U 56 -55.37 -47.06 40.33
N GLY U 57 -56.56 -47.19 40.96
CA GLY U 57 -57.80 -46.52 40.57
C GLY U 57 -58.26 -46.86 39.14
N LYS U 58 -57.91 -48.04 38.63
CA LYS U 58 -58.49 -48.63 37.42
C LYS U 58 -59.87 -49.16 37.73
N TYR U 59 -60.82 -48.94 36.82
CA TYR U 59 -62.20 -49.39 36.94
C TYR U 59 -62.46 -50.52 35.95
N VAL U 60 -63.04 -51.61 36.44
CA VAL U 60 -63.32 -52.82 35.66
C VAL U 60 -64.82 -53.00 35.56
N PRO U 61 -65.45 -52.95 34.38
CA PRO U 61 -66.88 -53.03 34.27
C PRO U 61 -67.43 -54.39 34.65
N ARG U 62 -68.57 -54.39 35.32
CA ARG U 62 -69.27 -55.57 35.80
C ARG U 62 -70.14 -56.22 34.71
N ALA U 63 -69.53 -56.46 33.57
CA ALA U 63 -70.10 -57.27 32.50
C ALA U 63 -69.69 -58.73 32.64
N VAL U 64 -70.59 -59.64 32.28
CA VAL U 64 -70.28 -61.02 31.89
C VAL U 64 -70.54 -61.14 30.40
N LEU U 65 -69.60 -61.70 29.66
CA LEU U 65 -69.66 -61.81 28.21
C LEU U 65 -69.82 -63.27 27.85
N VAL U 66 -70.93 -63.64 27.23
CA VAL U 66 -71.31 -65.03 26.94
C VAL U 66 -71.54 -65.25 25.45
N ASP U 67 -70.93 -66.29 24.91
CA ASP U 67 -71.09 -66.71 23.52
C ASP U 67 -70.79 -68.20 23.40
N LEU U 68 -71.26 -68.87 22.35
CA LEU U 68 -70.93 -70.27 22.07
C LEU U 68 -69.81 -70.41 21.02
N GLU U 69 -69.35 -69.29 20.47
CA GLU U 69 -68.27 -69.14 19.49
C GLU U 69 -67.18 -68.21 20.05
N PRO U 70 -65.89 -68.40 19.74
CA PRO U 70 -64.84 -67.47 20.17
C PRO U 70 -64.84 -66.16 19.38
N GLY U 71 -65.26 -66.15 18.11
CA GLY U 71 -65.12 -65.04 17.18
C GLY U 71 -65.76 -63.72 17.61
N THR U 72 -66.87 -63.70 18.37
CA THR U 72 -67.37 -62.41 18.91
C THR U 72 -66.57 -61.93 20.13
N MET U 73 -66.07 -62.83 20.98
CA MET U 73 -65.13 -62.45 22.04
C MET U 73 -63.87 -61.84 21.45
N ASP U 74 -63.32 -62.45 20.41
CA ASP U 74 -62.17 -61.94 19.68
C ASP U 74 -62.44 -60.56 19.06
N SER U 75 -63.66 -60.33 18.57
CA SER U 75 -64.06 -59.04 18.00
C SER U 75 -64.30 -57.96 19.05
N VAL U 76 -64.81 -58.31 20.23
CA VAL U 76 -64.97 -57.41 21.36
C VAL U 76 -63.63 -57.10 22.02
N ARG U 77 -62.83 -58.11 22.37
CA ARG U 77 -61.52 -57.99 23.04
C ARG U 77 -60.52 -57.15 22.22
N SER U 78 -60.55 -57.25 20.91
CA SER U 78 -59.76 -56.42 19.98
C SER U 78 -60.37 -55.04 19.66
N GLY U 79 -61.59 -54.76 20.11
CA GLY U 79 -62.37 -53.58 19.71
C GLY U 79 -61.96 -52.27 20.40
N PRO U 80 -62.73 -51.18 20.17
CA PRO U 80 -62.46 -49.85 20.71
C PRO U 80 -62.26 -49.78 22.23
N PHE U 81 -63.01 -50.60 22.98
CA PHE U 81 -63.00 -50.66 24.44
C PHE U 81 -62.72 -52.08 24.97
N GLY U 82 -62.30 -53.01 24.13
CA GLY U 82 -62.19 -54.43 24.50
C GLY U 82 -61.30 -54.76 25.68
N GLN U 83 -60.26 -53.96 25.91
CA GLN U 83 -59.28 -54.19 26.96
C GLN U 83 -59.82 -53.83 28.35
N ILE U 84 -61.01 -53.22 28.43
CA ILE U 84 -61.60 -52.79 29.70
C ILE U 84 -62.10 -53.97 30.53
N PHE U 85 -62.71 -54.99 29.90
CA PHE U 85 -63.39 -56.10 30.57
C PHE U 85 -62.44 -57.07 31.26
N ARG U 86 -62.90 -57.75 32.31
CA ARG U 86 -62.10 -58.75 33.04
C ARG U 86 -61.87 -59.99 32.16
N PRO U 87 -60.64 -60.46 31.90
CA PRO U 87 -60.40 -61.67 31.11
C PRO U 87 -61.18 -62.90 31.57
N ASP U 88 -61.37 -63.09 32.88
CA ASP U 88 -62.19 -64.18 33.45
C ASP U 88 -63.69 -64.09 33.12
N ASN U 89 -64.20 -62.91 32.77
CA ASN U 89 -65.61 -62.70 32.50
C ASN U 89 -66.00 -62.99 31.06
N PHE U 90 -65.05 -63.20 30.15
CA PHE U 90 -65.31 -63.76 28.84
C PHE U 90 -65.49 -65.27 28.98
N VAL U 91 -66.74 -65.74 28.96
CA VAL U 91 -67.10 -67.15 29.07
C VAL U 91 -67.63 -67.65 27.74
N PHE U 92 -66.99 -68.63 27.12
CA PHE U 92 -67.32 -69.04 25.77
C PHE U 92 -67.07 -70.52 25.47
N GLY U 93 -67.84 -71.05 24.52
CA GLY U 93 -67.65 -72.36 23.88
C GLY U 93 -66.72 -72.31 22.67
N GLN U 94 -66.75 -73.35 21.82
CA GLN U 94 -66.01 -73.39 20.55
C GLN U 94 -66.93 -73.58 19.34
N SER U 95 -67.78 -74.60 19.33
CA SER U 95 -68.80 -74.83 18.30
C SER U 95 -70.06 -74.00 18.58
N GLY U 96 -70.54 -73.22 17.60
CA GLY U 96 -71.63 -72.27 17.80
C GLY U 96 -73.01 -72.87 18.04
N ALA U 97 -74.02 -72.01 18.15
CA ALA U 97 -75.41 -72.41 18.28
C ALA U 97 -76.09 -72.82 16.97
N GLY U 98 -75.47 -72.68 15.80
CA GLY U 98 -76.11 -73.06 14.53
C GLY U 98 -77.41 -72.32 14.21
N ASN U 99 -77.67 -71.15 14.82
CA ASN U 99 -78.96 -70.46 14.84
C ASN U 99 -80.11 -71.33 15.35
N ASN U 100 -79.83 -72.19 16.32
CA ASN U 100 -80.76 -73.16 16.87
C ASN U 100 -81.02 -72.86 18.36
N TRP U 101 -82.25 -72.55 18.75
CA TRP U 101 -82.62 -72.35 20.15
C TRP U 101 -82.29 -73.55 21.02
N ALA U 102 -82.54 -74.77 20.54
CA ALA U 102 -82.34 -75.98 21.29
C ALA U 102 -80.87 -76.27 21.53
N LYS U 103 -79.95 -75.88 20.63
CA LYS U 103 -78.51 -75.90 20.93
C LYS U 103 -78.14 -74.95 22.05
N GLY U 104 -78.64 -73.71 22.01
CA GLY U 104 -78.48 -72.77 23.10
C GLY U 104 -78.97 -73.31 24.46
N HIS U 105 -80.21 -73.75 24.53
CA HIS U 105 -80.89 -74.11 25.77
C HIS U 105 -80.60 -75.52 26.30
N TYR U 106 -80.24 -76.50 25.47
CA TYR U 106 -80.20 -77.92 25.87
C TYR U 106 -78.86 -78.63 25.70
N THR U 107 -77.94 -78.10 24.90
CA THR U 107 -76.75 -78.87 24.49
C THR U 107 -75.45 -78.08 24.68
N GLU U 108 -75.27 -77.06 23.87
CA GLU U 108 -74.03 -76.31 23.72
C GLU U 108 -73.88 -75.25 24.83
N GLY U 109 -75.01 -74.65 25.21
CA GLY U 109 -75.10 -73.68 26.29
C GLY U 109 -75.48 -74.30 27.63
N ALA U 110 -76.16 -75.44 27.65
CA ALA U 110 -76.37 -76.20 28.88
C ALA U 110 -75.05 -76.74 29.46
N GLU U 111 -74.07 -77.04 28.61
CA GLU U 111 -72.70 -77.34 29.04
C GLU U 111 -72.03 -76.09 29.66
N LEU U 112 -72.19 -74.93 29.01
CA LEU U 112 -71.49 -73.69 29.35
C LEU U 112 -72.11 -72.92 30.52
N VAL U 113 -73.40 -73.03 30.79
CA VAL U 113 -74.08 -72.23 31.82
C VAL U 113 -73.51 -72.44 33.22
N ASP U 114 -73.01 -73.62 33.56
CA ASP U 114 -72.29 -73.87 34.83
C ASP U 114 -71.03 -73.02 34.98
N SER U 115 -70.38 -72.68 33.86
CA SER U 115 -69.19 -71.81 33.80
C SER U 115 -69.57 -70.34 33.73
N VAL U 116 -70.78 -69.99 33.25
CA VAL U 116 -71.31 -68.62 33.28
C VAL U 116 -71.82 -68.25 34.67
N LEU U 117 -72.68 -69.08 35.22
CA LEU U 117 -73.43 -68.74 36.41
C LEU U 117 -72.51 -68.51 37.61
N ASP U 118 -71.42 -69.28 37.73
CA ASP U 118 -70.41 -69.13 38.77
C ASP U 118 -69.54 -67.88 38.66
N VAL U 119 -69.55 -67.18 37.52
CA VAL U 119 -68.98 -65.83 37.34
C VAL U 119 -70.00 -64.76 37.70
N VAL U 120 -71.28 -64.95 37.39
CA VAL U 120 -72.38 -64.08 37.83
C VAL U 120 -72.44 -64.01 39.37
N ARG U 121 -72.15 -65.12 40.06
CA ARG U 121 -71.93 -65.16 41.51
C ARG U 121 -70.75 -64.33 42.02
N LYS U 122 -69.59 -64.32 41.37
CA LYS U 122 -68.41 -63.55 41.81
C LYS U 122 -68.67 -62.06 41.70
N GLU U 123 -69.37 -61.63 40.66
CA GLU U 123 -69.75 -60.23 40.51
C GLU U 123 -70.86 -59.81 41.48
N ALA U 124 -71.92 -60.60 41.64
CA ALA U 124 -73.01 -60.33 42.59
C ALA U 124 -72.62 -60.39 44.07
N GLU U 125 -71.62 -61.20 44.44
CA GLU U 125 -71.07 -61.24 45.79
C GLU U 125 -70.11 -60.05 46.06
N SER U 126 -69.47 -59.50 45.03
CA SER U 126 -68.68 -58.26 45.12
C SER U 126 -69.54 -57.00 45.27
N CYS U 127 -70.84 -57.07 44.96
CA CYS U 127 -71.77 -55.95 45.13
C CYS U 127 -72.07 -55.65 46.60
N ASP U 128 -72.25 -54.38 46.93
CA ASP U 128 -72.64 -53.92 48.26
C ASP U 128 -74.16 -54.09 48.49
N CYS U 129 -74.96 -53.65 47.53
CA CYS U 129 -76.38 -53.94 47.43
C CYS U 129 -76.76 -53.99 45.95
N LEU U 130 -76.87 -55.20 45.40
CA LEU U 130 -77.33 -55.44 44.04
C LEU U 130 -78.79 -55.04 43.88
N GLN U 131 -79.14 -54.20 42.90
CA GLN U 131 -80.53 -53.93 42.53
C GLN U 131 -81.01 -54.85 41.40
N GLY U 132 -80.15 -55.28 40.48
CA GLY U 132 -80.61 -56.12 39.40
C GLY U 132 -79.62 -56.56 38.34
N PHE U 133 -80.17 -57.24 37.35
CA PHE U 133 -79.50 -57.84 36.20
C PHE U 133 -79.98 -57.18 34.92
N GLN U 134 -79.04 -56.79 34.05
CA GLN U 134 -79.31 -56.06 32.82
C GLN U 134 -78.77 -56.85 31.63
N LEU U 135 -79.60 -57.66 30.98
CA LEU U 135 -79.15 -58.65 29.99
C LEU U 135 -79.42 -58.20 28.55
N THR U 136 -78.40 -58.11 27.70
CA THR U 136 -78.52 -57.77 26.27
C THR U 136 -78.43 -59.00 25.38
N HIS U 137 -79.42 -59.17 24.51
CA HIS U 137 -79.53 -60.33 23.63
C HIS U 137 -80.49 -60.06 22.45
N SER U 138 -80.54 -60.99 21.52
CA SER U 138 -81.47 -61.03 20.41
C SER U 138 -82.38 -62.27 20.49
N LEU U 139 -83.61 -62.21 20.00
CA LEU U 139 -84.56 -63.34 20.05
C LEU U 139 -84.55 -64.19 18.77
N GLY U 140 -84.03 -63.66 17.66
CA GLY U 140 -83.60 -64.46 16.52
C GLY U 140 -82.30 -65.22 16.80
N GLY U 141 -81.90 -66.13 15.91
CA GLY U 141 -80.71 -66.97 16.14
C GLY U 141 -80.82 -67.82 17.40
N GLY U 142 -79.72 -68.36 17.92
CA GLY U 142 -79.78 -69.45 18.90
C GLY U 142 -79.07 -69.19 20.21
N THR U 143 -78.06 -68.34 20.23
CA THR U 143 -77.25 -68.06 21.42
C THR U 143 -77.98 -67.12 22.35
N GLY U 144 -78.36 -65.94 21.88
CA GLY U 144 -79.11 -64.97 22.65
C GLY U 144 -80.51 -65.46 23.02
N SER U 145 -81.21 -66.06 22.07
CA SER U 145 -82.59 -66.53 22.27
C SER U 145 -82.67 -67.71 23.23
N GLY U 146 -81.79 -68.70 23.07
CA GLY U 146 -81.88 -69.97 23.79
C GLY U 146 -80.94 -70.12 24.95
N MET U 147 -79.71 -69.63 24.85
CA MET U 147 -78.82 -69.60 26.01
C MET U 147 -79.14 -68.45 26.94
N GLY U 148 -79.46 -67.27 26.41
CA GLY U 148 -79.80 -66.10 27.21
C GLY U 148 -81.03 -66.32 28.04
N THR U 149 -82.07 -66.97 27.50
CA THR U 149 -83.24 -67.37 28.31
C THR U 149 -83.03 -68.56 29.23
N LEU U 150 -82.07 -69.43 28.97
CA LEU U 150 -81.60 -70.41 29.96
C LEU U 150 -80.96 -69.68 31.14
N LEU U 151 -80.12 -68.71 30.87
CA LEU U 151 -79.40 -67.94 31.86
C LEU U 151 -80.34 -67.04 32.68
N ILE U 152 -81.35 -66.43 32.06
CA ILE U 152 -82.43 -65.73 32.77
C ILE U 152 -83.12 -66.67 33.75
N SER U 153 -83.45 -67.88 33.33
CA SER U 153 -84.10 -68.87 34.20
C SER U 153 -83.24 -69.22 35.42
N LYS U 154 -81.94 -69.46 35.22
CA LYS U 154 -80.97 -69.77 36.29
C LYS U 154 -80.72 -68.63 37.29
N ILE U 155 -80.54 -67.40 36.80
CA ILE U 155 -80.40 -66.21 37.64
C ILE U 155 -81.71 -65.84 38.33
N ARG U 156 -82.89 -66.00 37.69
CA ARG U 156 -84.19 -65.80 38.32
C ARG U 156 -84.44 -66.73 39.51
N GLU U 157 -84.08 -67.99 39.39
CA GLU U 157 -84.21 -68.99 40.45
C GLU U 157 -83.30 -68.71 41.64
N GLU U 158 -82.13 -68.11 41.39
CA GLU U 158 -81.10 -67.83 42.38
C GLU U 158 -81.26 -66.45 43.07
N TYR U 159 -81.81 -65.47 42.36
CA TYR U 159 -82.05 -64.08 42.79
C TYR U 159 -83.51 -63.68 42.51
N PRO U 160 -84.49 -64.16 43.28
CA PRO U 160 -85.91 -64.02 42.94
C PRO U 160 -86.48 -62.61 43.15
N ASP U 161 -85.85 -61.77 43.97
CA ASP U 161 -86.35 -60.45 44.41
C ASP U 161 -85.62 -59.25 43.77
N ARG U 162 -84.48 -59.49 43.14
CA ARG U 162 -83.72 -58.48 42.37
C ARG U 162 -84.40 -58.21 41.03
N ILE U 163 -84.26 -57.02 40.47
CA ILE U 163 -84.83 -56.67 39.15
C ILE U 163 -84.15 -57.45 38.03
N MET U 164 -84.90 -58.16 37.20
CA MET U 164 -84.41 -58.76 35.97
C MET U 164 -84.93 -57.92 34.80
N ASN U 165 -83.99 -57.27 34.10
CA ASN U 165 -84.25 -56.19 33.15
C ASN U 165 -83.53 -56.51 31.83
N THR U 166 -84.24 -56.82 30.76
CA THR U 166 -83.63 -57.34 29.51
C THR U 166 -83.86 -56.43 28.32
N PHE U 167 -82.85 -56.28 27.47
CA PHE U 167 -82.91 -55.51 26.23
C PHE U 167 -82.80 -56.48 25.06
N SER U 168 -83.88 -56.58 24.28
CA SER U 168 -84.19 -57.75 23.48
C SER U 168 -84.47 -57.36 22.04
N VAL U 169 -83.46 -57.49 21.20
CA VAL U 169 -83.59 -57.22 19.76
C VAL U 169 -84.33 -58.39 19.12
N VAL U 170 -85.42 -58.17 18.40
CA VAL U 170 -86.32 -59.26 18.01
C VAL U 170 -86.87 -59.16 16.58
N PRO U 171 -87.33 -60.28 15.98
CA PRO U 171 -87.59 -60.37 14.55
C PRO U 171 -88.75 -59.51 14.03
N SER U 172 -88.67 -59.18 12.76
CA SER U 172 -89.72 -58.55 11.95
C SER U 172 -89.54 -58.93 10.48
N PRO U 173 -90.61 -58.92 9.67
CA PRO U 173 -90.60 -59.59 8.37
C PRO U 173 -89.73 -58.90 7.31
N LYS U 174 -89.72 -57.57 7.24
CA LYS U 174 -89.05 -56.81 6.19
C LYS U 174 -87.54 -56.60 6.40
N VAL U 175 -87.02 -56.89 7.58
CA VAL U 175 -85.58 -56.85 7.91
C VAL U 175 -85.21 -58.15 8.63
N SER U 176 -84.89 -59.18 7.84
CA SER U 176 -84.60 -60.52 8.35
C SER U 176 -83.40 -61.19 7.66
N ASP U 177 -82.61 -61.94 8.43
CA ASP U 177 -81.39 -62.60 7.98
C ASP U 177 -81.39 -64.12 8.28
N THR U 178 -82.45 -64.69 8.83
CA THR U 178 -82.53 -66.10 9.27
C THR U 178 -83.84 -66.71 8.78
N VAL U 179 -83.81 -67.97 8.34
CA VAL U 179 -85.03 -68.70 7.94
C VAL U 179 -85.87 -69.11 9.15
N VAL U 180 -85.22 -69.69 10.17
CA VAL U 180 -85.83 -70.14 11.43
C VAL U 180 -85.99 -69.07 12.51
N GLU U 181 -85.87 -67.78 12.17
CA GLU U 181 -86.09 -66.69 13.14
C GLU U 181 -87.42 -66.81 13.92
N PRO U 182 -88.58 -67.05 13.29
CA PRO U 182 -89.86 -67.18 13.99
C PRO U 182 -89.90 -68.27 15.07
N TYR U 183 -89.24 -69.40 14.83
CA TYR U 183 -89.18 -70.51 15.80
C TYR U 183 -88.41 -70.10 17.04
N ASN U 184 -87.19 -69.60 16.87
CA ASN U 184 -86.31 -69.22 17.94
C ASN U 184 -86.94 -68.16 18.85
N ALA U 185 -87.59 -67.16 18.25
CA ALA U 185 -88.24 -66.12 19.01
C ALA U 185 -89.43 -66.67 19.79
N THR U 186 -90.28 -67.49 19.19
CA THR U 186 -91.47 -68.03 19.87
C THR U 186 -91.10 -68.92 21.06
N LEU U 187 -90.05 -69.73 20.94
CA LEU U 187 -89.48 -70.50 22.06
C LEU U 187 -88.86 -69.62 23.17
N SER U 188 -88.39 -68.42 22.83
CA SER U 188 -87.70 -67.51 23.73
C SER U 188 -88.66 -66.57 24.47
N VAL U 189 -89.70 -66.04 23.81
CA VAL U 189 -90.72 -65.15 24.39
C VAL U 189 -91.50 -65.83 25.52
N HIS U 190 -91.70 -67.14 25.39
CA HIS U 190 -92.23 -68.05 26.40
C HIS U 190 -91.46 -68.04 27.74
N GLN U 191 -90.15 -67.74 27.73
CA GLN U 191 -89.34 -67.59 28.93
C GLN U 191 -89.36 -66.14 29.47
N LEU U 192 -89.37 -65.16 28.58
CA LEU U 192 -89.37 -63.75 28.96
C LEU U 192 -90.67 -63.35 29.68
N VAL U 193 -91.85 -63.77 29.22
CA VAL U 193 -93.14 -63.44 29.85
C VAL U 193 -93.26 -63.93 31.30
N GLU U 194 -92.59 -65.02 31.68
CA GLU U 194 -92.64 -65.58 33.03
C GLU U 194 -91.56 -65.04 33.97
N ASN U 195 -90.33 -64.86 33.48
CA ASN U 195 -89.17 -64.59 34.35
C ASN U 195 -88.78 -63.11 34.48
N THR U 196 -88.74 -62.34 33.41
CA THR U 196 -88.25 -60.95 33.48
C THR U 196 -89.23 -60.04 34.22
N ASP U 197 -88.72 -58.98 34.86
CA ASP U 197 -89.52 -57.90 35.47
C ASP U 197 -89.80 -56.77 34.47
N GLU U 198 -88.90 -56.56 33.51
CA GLU U 198 -89.03 -55.67 32.37
C GLU U 198 -88.34 -56.27 31.15
N THR U 199 -88.95 -56.20 29.97
CA THR U 199 -88.25 -56.52 28.71
C THR U 199 -88.47 -55.40 27.70
N TYR U 200 -87.38 -54.81 27.20
CA TYR U 200 -87.41 -53.70 26.26
C TYR U 200 -87.28 -54.24 24.84
N CYS U 201 -88.41 -54.27 24.15
CA CYS U 201 -88.56 -54.88 22.83
C CYS U 201 -88.00 -53.93 21.78
N ILE U 202 -87.00 -54.37 21.04
CA ILE U 202 -86.28 -53.55 20.07
C ILE U 202 -86.26 -54.27 18.72
N ASP U 203 -86.32 -53.54 17.62
CA ASP U 203 -86.49 -54.12 16.29
C ASP U 203 -85.54 -53.49 15.27
N ASN U 204 -84.92 -54.28 14.40
CA ASN U 204 -84.01 -53.69 13.41
C ASN U 204 -84.77 -52.90 12.34
N GLU U 205 -86.03 -53.21 12.05
CA GLU U 205 -86.84 -52.41 11.13
C GLU U 205 -87.09 -51.01 11.67
N ALA U 206 -87.40 -50.86 12.96
CA ALA U 206 -87.60 -49.57 13.59
C ALA U 206 -86.29 -48.79 13.77
N LEU U 207 -85.19 -49.47 14.05
CA LEU U 207 -83.88 -48.84 14.15
C LEU U 207 -83.35 -48.38 12.79
N TYR U 208 -83.69 -49.04 11.68
CA TYR U 208 -83.43 -48.52 10.34
C TYR U 208 -84.36 -47.37 9.97
N ASP U 209 -85.63 -47.37 10.40
CA ASP U 209 -86.56 -46.26 10.17
C ASP U 209 -86.11 -44.97 10.88
N ILE U 210 -85.55 -45.04 12.08
CA ILE U 210 -84.93 -43.89 12.73
C ILE U 210 -83.72 -43.39 11.92
N CYS U 211 -82.89 -44.29 11.40
CA CYS U 211 -81.70 -43.89 10.67
C CYS U 211 -82.00 -43.21 9.32
N PHE U 212 -83.04 -43.63 8.60
CA PHE U 212 -83.41 -43.02 7.33
C PHE U 212 -84.37 -41.82 7.46
N ARG U 213 -85.44 -41.93 8.25
CA ARG U 213 -86.49 -40.90 8.31
C ARG U 213 -86.29 -39.82 9.37
N THR U 214 -85.28 -39.94 10.22
CA THR U 214 -84.94 -38.93 11.24
C THR U 214 -83.50 -38.44 11.07
N LEU U 215 -82.51 -39.32 11.24
CA LEU U 215 -81.10 -38.95 11.15
C LEU U 215 -80.61 -38.67 9.72
N LYS U 216 -81.34 -39.12 8.70
CA LYS U 216 -80.99 -39.01 7.28
C LYS U 216 -79.59 -39.58 6.95
N LEU U 217 -79.17 -40.63 7.63
CA LEU U 217 -77.95 -41.37 7.29
C LEU U 217 -78.12 -42.09 5.94
N THR U 218 -77.13 -42.00 5.05
CA THR U 218 -77.24 -42.65 3.72
C THR U 218 -77.01 -44.17 3.77
N THR U 219 -76.13 -44.65 4.65
CA THR U 219 -75.71 -46.04 4.81
C THR U 219 -75.55 -46.39 6.30
N PRO U 220 -76.66 -46.59 7.04
CA PRO U 220 -76.59 -46.98 8.44
C PRO U 220 -76.12 -48.42 8.61
N THR U 221 -75.09 -48.60 9.42
CA THR U 221 -74.50 -49.90 9.77
C THR U 221 -75.14 -50.47 11.03
N TYR U 222 -74.80 -51.72 11.39
CA TYR U 222 -75.11 -52.21 12.73
C TYR U 222 -74.46 -51.37 13.84
N GLY U 223 -73.31 -50.75 13.62
CA GLY U 223 -72.72 -49.84 14.59
C GLY U 223 -73.57 -48.61 14.89
N ASP U 224 -74.31 -48.10 13.91
CA ASP U 224 -75.26 -47.01 14.07
C ASP U 224 -76.54 -47.46 14.77
N LEU U 225 -77.02 -48.68 14.51
CA LEU U 225 -78.16 -49.24 15.22
C LEU U 225 -77.87 -49.48 16.70
N ASN U 226 -76.66 -49.96 16.99
CA ASN U 226 -76.19 -50.28 18.35
C ASN U 226 -76.05 -49.03 19.22
N HIS U 227 -75.78 -47.90 18.59
CA HIS U 227 -75.69 -46.58 19.19
C HIS U 227 -77.07 -46.05 19.60
N LEU U 228 -78.12 -46.26 18.80
CA LEU U 228 -79.49 -45.94 19.20
C LEU U 228 -79.98 -46.80 20.37
N VAL U 229 -79.72 -48.10 20.37
CA VAL U 229 -80.10 -48.99 21.47
C VAL U 229 -79.43 -48.55 22.76
N SER U 230 -78.11 -48.36 22.74
CA SER U 230 -77.32 -48.08 23.94
C SER U 230 -77.58 -46.71 24.54
N ALA U 231 -78.04 -45.72 23.79
CA ALA U 231 -78.54 -44.46 24.32
C ALA U 231 -79.74 -44.66 25.28
N THR U 232 -80.71 -45.52 24.95
CA THR U 232 -81.85 -45.84 25.83
C THR U 232 -81.47 -46.78 26.99
N MET U 233 -80.44 -47.61 26.85
CA MET U 233 -79.89 -48.36 27.97
C MET U 233 -79.24 -47.45 29.03
N SER U 234 -78.39 -46.51 28.61
CA SER U 234 -77.87 -45.47 29.49
C SER U 234 -79.01 -44.65 30.08
N GLY U 235 -80.05 -44.38 29.29
CA GLY U 235 -81.17 -43.56 29.73
C GLY U 235 -81.91 -44.07 30.96
N VAL U 236 -82.36 -45.34 30.98
CA VAL U 236 -83.29 -45.81 32.02
C VAL U 236 -82.64 -45.99 33.40
N THR U 237 -81.32 -46.19 33.47
CA THR U 237 -80.59 -46.30 34.75
C THR U 237 -80.07 -44.97 35.27
N THR U 238 -80.21 -43.87 34.51
CA THR U 238 -79.62 -42.56 34.82
C THR U 238 -79.88 -42.11 36.26
N CYS U 239 -81.10 -42.29 36.75
CA CYS U 239 -81.52 -41.88 38.08
C CYS U 239 -80.91 -42.65 39.25
N LEU U 240 -80.17 -43.74 39.05
CA LEU U 240 -79.31 -44.30 40.10
C LEU U 240 -77.81 -43.98 39.91
N ARG U 241 -77.44 -43.27 38.84
CA ARG U 241 -76.06 -42.86 38.53
C ARG U 241 -75.80 -41.36 38.74
N PHE U 242 -76.83 -40.54 38.66
CA PHE U 242 -76.75 -39.08 38.76
C PHE U 242 -77.88 -38.52 39.66
N PRO U 243 -77.69 -37.33 40.26
CA PRO U 243 -78.73 -36.65 41.03
C PRO U 243 -79.85 -36.08 40.13
N GLY U 244 -81.00 -35.72 40.70
CA GLY U 244 -82.15 -35.24 39.94
C GLY U 244 -83.23 -34.59 40.79
N GLN U 245 -84.15 -33.88 40.14
CA GLN U 245 -85.32 -33.28 40.78
C GLN U 245 -86.40 -34.33 41.12
N LEU U 246 -86.49 -35.40 40.35
CA LEU U 246 -87.32 -36.59 40.58
C LEU U 246 -86.47 -37.82 40.30
N ASN U 247 -86.10 -38.60 41.31
CA ASN U 247 -85.32 -39.81 41.11
C ASN U 247 -86.25 -41.02 40.87
N ALA U 248 -85.92 -41.87 39.90
CA ALA U 248 -86.61 -43.13 39.61
C ALA U 248 -85.65 -44.31 39.39
N ASP U 249 -85.54 -45.20 40.38
CA ASP U 249 -84.86 -46.49 40.27
C ASP U 249 -85.57 -47.41 39.24
N LEU U 250 -84.90 -48.42 38.68
CA LEU U 250 -85.53 -49.42 37.81
C LEU U 250 -86.78 -50.06 38.46
N ARG U 251 -86.82 -50.21 39.77
CA ARG U 251 -88.00 -50.67 40.51
C ARG U 251 -89.13 -49.63 40.57
N LYS U 252 -88.81 -48.34 40.71
CA LYS U 252 -89.76 -47.20 40.67
C LYS U 252 -90.36 -47.03 39.29
N LEU U 253 -89.64 -47.41 38.24
CA LEU U 253 -90.20 -47.60 36.90
C LEU U 253 -91.16 -48.79 36.88
N ALA U 254 -90.74 -49.99 37.31
CA ALA U 254 -91.55 -51.19 37.25
C ALA U 254 -92.90 -51.09 38.00
N VAL U 255 -92.93 -50.56 39.22
CA VAL U 255 -94.17 -50.35 39.99
C VAL U 255 -95.18 -49.46 39.27
N ASN U 256 -94.71 -48.45 38.54
CA ASN U 256 -95.55 -47.52 37.79
C ASN U 256 -95.87 -48.02 36.37
N MET U 257 -95.00 -48.81 35.77
CA MET U 257 -95.07 -49.22 34.38
C MET U 257 -95.82 -50.53 34.14
N VAL U 258 -95.88 -51.44 35.10
CA VAL U 258 -96.44 -52.79 34.92
C VAL U 258 -97.73 -52.96 35.72
N PRO U 259 -98.91 -52.69 35.16
CA PRO U 259 -100.17 -52.77 35.89
C PRO U 259 -100.49 -54.20 36.32
N PHE U 260 -100.48 -55.13 35.36
CA PHE U 260 -100.70 -56.56 35.59
C PHE U 260 -99.42 -57.34 35.26
N PRO U 261 -99.03 -58.36 36.05
CA PRO U 261 -97.65 -58.84 36.15
C PRO U 261 -96.88 -59.10 34.85
N ARG U 262 -97.56 -59.64 33.84
CA ARG U 262 -97.06 -60.11 32.55
C ARG U 262 -96.98 -59.03 31.48
N LEU U 263 -97.62 -57.88 31.66
CA LEU U 263 -97.63 -56.78 30.68
C LEU U 263 -96.40 -55.88 30.79
N HIS U 264 -95.21 -56.45 30.76
CA HIS U 264 -93.94 -55.74 30.95
C HIS U 264 -93.06 -55.68 29.70
N PHE U 265 -93.64 -55.96 28.53
CA PHE U 265 -92.98 -55.84 27.23
C PHE U 265 -93.01 -54.40 26.74
N PHE U 266 -92.01 -53.63 27.15
CA PHE U 266 -91.88 -52.22 26.82
C PHE U 266 -91.30 -51.99 25.43
N MET U 267 -91.28 -50.73 25.02
CA MET U 267 -90.93 -50.26 23.69
C MET U 267 -90.21 -48.91 23.84
N PRO U 268 -88.88 -48.84 23.70
CA PRO U 268 -88.12 -47.65 24.07
C PRO U 268 -88.04 -46.61 22.96
N GLY U 269 -87.61 -45.40 23.30
CA GLY U 269 -87.31 -44.30 22.39
C GLY U 269 -86.36 -43.28 23.02
N PHE U 270 -85.86 -42.36 22.22
CA PHE U 270 -84.88 -41.36 22.64
C PHE U 270 -85.08 -40.04 21.92
N ALA U 271 -84.78 -38.93 22.58
CA ALA U 271 -84.79 -37.58 22.03
C ALA U 271 -83.70 -36.74 22.70
N PRO U 272 -83.19 -35.68 22.08
CA PRO U 272 -83.42 -35.26 20.71
C PRO U 272 -82.64 -36.15 19.73
N LEU U 273 -83.25 -36.54 18.61
CA LEU U 273 -82.55 -37.04 17.44
C LEU U 273 -82.75 -36.06 16.30
N THR U 274 -81.67 -35.60 15.67
CA THR U 274 -81.74 -34.59 14.59
C THR U 274 -80.89 -35.03 13.42
N SER U 275 -81.33 -34.71 12.20
CA SER U 275 -80.49 -34.88 11.02
C SER U 275 -79.17 -34.15 11.22
N ARG U 276 -78.03 -34.81 10.98
CA ARG U 276 -76.70 -34.29 11.33
C ARG U 276 -76.41 -32.90 10.76
N GLY U 277 -76.90 -32.60 9.56
CA GLY U 277 -76.74 -31.30 8.90
C GLY U 277 -77.72 -30.21 9.35
N SER U 278 -78.64 -30.49 10.27
CA SER U 278 -79.74 -29.60 10.63
C SER U 278 -79.71 -29.08 12.06
N GLN U 279 -78.76 -29.46 12.91
CA GLN U 279 -78.86 -29.16 14.34
C GLN U 279 -78.97 -27.67 14.67
N GLN U 280 -78.20 -26.80 14.00
CA GLN U 280 -78.21 -25.35 14.29
C GLN U 280 -79.57 -24.66 14.12
N TYR U 281 -80.51 -25.25 13.40
CA TYR U 281 -81.83 -24.68 13.14
C TYR U 281 -82.87 -25.10 14.19
N ARG U 282 -82.56 -26.07 15.04
CA ARG U 282 -83.50 -26.66 16.02
C ARG U 282 -83.33 -26.01 17.39
N ALA U 283 -84.44 -25.69 18.06
CA ALA U 283 -84.41 -25.27 19.45
C ALA U 283 -84.57 -26.47 20.40
N LEU U 284 -83.52 -26.85 21.14
CA LEU U 284 -83.61 -27.88 22.17
C LEU U 284 -84.39 -27.35 23.36
N THR U 285 -85.57 -27.90 23.61
CA THR U 285 -86.43 -27.50 24.73
C THR U 285 -87.52 -28.54 24.97
N VAL U 286 -88.08 -28.61 26.18
CA VAL U 286 -89.02 -29.65 26.61
C VAL U 286 -90.20 -29.90 25.67
N PRO U 287 -90.88 -28.90 25.07
CA PRO U 287 -91.97 -29.19 24.14
C PRO U 287 -91.52 -29.72 22.77
N GLU U 288 -90.27 -29.50 22.34
CA GLU U 288 -89.76 -30.14 21.13
C GLU U 288 -89.30 -31.55 21.42
N LEU U 289 -88.61 -31.78 22.55
CA LEU U 289 -88.31 -33.12 23.04
C LEU U 289 -89.60 -33.94 23.17
N THR U 290 -90.69 -33.37 23.65
CA THR U 290 -91.98 -34.03 23.74
C THR U 290 -92.58 -34.37 22.37
N GLN U 291 -92.65 -33.42 21.43
CA GLN U 291 -93.22 -33.65 20.10
C GLN U 291 -92.43 -34.64 19.23
N GLN U 292 -91.15 -34.89 19.56
CA GLN U 292 -90.39 -36.01 19.00
C GLN U 292 -90.67 -37.31 19.74
N MET U 293 -90.50 -37.31 21.06
CA MET U 293 -90.60 -38.47 21.93
C MET U 293 -91.90 -39.23 21.78
N PHE U 294 -93.04 -38.54 21.73
CA PHE U 294 -94.36 -39.17 21.63
C PHE U 294 -94.85 -39.41 20.20
N ASP U 295 -94.00 -39.29 19.19
CA ASP U 295 -94.38 -39.53 17.78
C ASP U 295 -93.89 -40.91 17.29
N ALA U 296 -94.78 -41.58 16.59
CA ALA U 296 -94.75 -42.98 16.14
C ALA U 296 -93.48 -43.36 15.37
N LYS U 297 -92.82 -42.39 14.72
CA LYS U 297 -91.55 -42.58 14.01
C LYS U 297 -90.33 -42.74 14.92
N ASN U 298 -90.41 -42.32 16.19
CA ASN U 298 -89.27 -42.33 17.11
C ASN U 298 -89.10 -43.66 17.87
N MET U 299 -90.16 -44.43 18.12
CA MET U 299 -90.10 -45.67 18.91
C MET U 299 -89.33 -46.78 18.19
N MET U 300 -88.55 -47.56 18.95
CA MET U 300 -87.62 -48.57 18.45
C MET U 300 -88.20 -49.99 18.27
N ALA U 301 -89.52 -50.12 18.18
CA ALA U 301 -90.21 -51.34 17.71
C ALA U 301 -91.18 -50.99 16.58
N ALA U 302 -91.44 -51.91 15.65
CA ALA U 302 -92.24 -51.62 14.45
C ALA U 302 -93.69 -51.21 14.72
N CYS U 303 -94.22 -51.50 15.91
CA CYS U 303 -95.56 -51.14 16.32
C CYS U 303 -95.79 -49.64 16.21
N ASP U 304 -96.75 -49.21 15.40
CA ASP U 304 -97.28 -47.87 15.50
C ASP U 304 -98.21 -47.79 16.71
N PRO U 305 -97.94 -46.95 17.72
CA PRO U 305 -98.81 -46.84 18.88
C PRO U 305 -100.24 -46.42 18.52
N ARG U 306 -100.47 -45.83 17.34
CA ARG U 306 -101.82 -45.52 16.85
C ARG U 306 -102.65 -46.76 16.52
N HIS U 307 -102.08 -47.96 16.56
CA HIS U 307 -102.78 -49.26 16.48
C HIS U 307 -103.16 -49.85 17.85
N GLY U 308 -102.96 -49.14 18.95
CA GLY U 308 -103.34 -49.56 20.29
C GLY U 308 -103.66 -48.39 21.22
N ARG U 309 -103.45 -48.58 22.52
CA ARG U 309 -103.43 -47.55 23.56
C ARG U 309 -102.24 -47.80 24.48
N TYR U 310 -101.60 -46.79 25.04
CA TYR U 310 -100.63 -46.98 26.11
C TYR U 310 -101.33 -47.37 27.42
N LEU U 311 -100.69 -48.24 28.19
CA LEU U 311 -101.03 -48.49 29.58
C LEU U 311 -100.36 -47.43 30.45
N THR U 312 -99.04 -47.42 30.43
CA THR U 312 -98.17 -46.43 31.04
C THR U 312 -97.08 -46.01 30.06
N VAL U 313 -96.68 -44.76 30.10
CA VAL U 313 -95.44 -44.27 29.50
C VAL U 313 -94.56 -43.71 30.62
N ALA U 314 -93.25 -43.95 30.59
CA ALA U 314 -92.32 -43.23 31.44
C ALA U 314 -91.44 -42.33 30.57
N ALA U 315 -91.36 -41.05 30.92
CA ALA U 315 -90.44 -40.12 30.31
C ALA U 315 -89.35 -39.74 31.29
N ILE U 316 -88.14 -40.31 31.14
CA ILE U 316 -86.98 -40.03 31.98
C ILE U 316 -86.16 -38.93 31.31
N PHE U 317 -86.45 -37.69 31.68
CA PHE U 317 -85.74 -36.50 31.22
C PHE U 317 -84.38 -36.35 31.94
N ARG U 318 -83.45 -35.70 31.25
CA ARG U 318 -82.15 -35.32 31.74
C ARG U 318 -81.85 -33.89 31.34
N GLY U 319 -81.29 -33.10 32.23
CA GLY U 319 -80.91 -31.71 31.97
C GLY U 319 -81.52 -30.72 32.96
N ARG U 320 -81.09 -29.46 32.91
CA ARG U 320 -81.65 -28.37 33.71
C ARG U 320 -82.94 -27.87 33.09
N MET U 321 -84.09 -28.26 33.65
CA MET U 321 -85.42 -27.93 33.13
C MET U 321 -86.46 -27.74 34.22
N SER U 322 -87.52 -27.00 33.90
CA SER U 322 -88.62 -26.69 34.81
C SER U 322 -89.52 -27.90 35.07
N MET U 323 -89.88 -28.14 36.34
CA MET U 323 -90.89 -29.13 36.66
C MET U 323 -92.29 -28.71 36.19
N LYS U 324 -92.65 -27.42 36.20
CA LYS U 324 -93.91 -26.95 35.60
C LYS U 324 -93.97 -27.31 34.14
N GLU U 325 -92.91 -27.02 33.38
CA GLU U 325 -92.88 -27.31 31.94
C GLU U 325 -92.93 -28.81 31.63
N VAL U 326 -92.20 -29.65 32.36
CA VAL U 326 -92.32 -31.10 32.22
C VAL U 326 -93.73 -31.56 32.57
N ASP U 327 -94.27 -31.13 33.70
CA ASP U 327 -95.60 -31.60 34.15
C ASP U 327 -96.74 -31.09 33.25
N GLU U 328 -96.61 -29.89 32.68
CA GLU U 328 -97.45 -29.30 31.63
C GLU U 328 -97.42 -30.15 30.37
N GLN U 329 -96.27 -30.52 29.84
CA GLN U 329 -96.22 -31.25 28.57
C GLN U 329 -96.69 -32.69 28.72
N MET U 330 -96.34 -33.37 29.81
CA MET U 330 -96.83 -34.73 30.08
C MET U 330 -98.32 -34.79 30.40
N LEU U 331 -98.96 -33.66 30.74
CA LEU U 331 -100.41 -33.48 30.80
C LEU U 331 -101.00 -33.20 29.41
N ASN U 332 -100.45 -32.24 28.68
CA ASN U 332 -100.96 -31.82 27.39
C ASN U 332 -100.97 -32.98 26.40
N VAL U 333 -99.92 -33.81 26.39
CA VAL U 333 -99.88 -35.00 25.53
C VAL U 333 -101.05 -35.92 25.79
N GLN U 334 -101.30 -36.37 27.02
CA GLN U 334 -102.31 -37.40 27.28
C GLN U 334 -103.75 -36.88 27.35
N ASN U 335 -103.96 -35.57 27.28
CA ASN U 335 -105.28 -34.96 27.14
C ASN U 335 -105.60 -34.68 25.67
N LYS U 336 -104.64 -34.19 24.89
CA LYS U 336 -104.81 -33.96 23.44
C LYS U 336 -104.75 -35.25 22.61
N ASN U 337 -104.15 -36.32 23.13
CA ASN U 337 -104.11 -37.67 22.54
C ASN U 337 -104.89 -38.70 23.37
N SER U 338 -105.97 -38.32 24.05
CA SER U 338 -106.63 -39.16 25.06
C SER U 338 -107.17 -40.50 24.54
N SER U 339 -107.51 -40.59 23.26
CA SER U 339 -107.89 -41.82 22.56
C SER U 339 -106.77 -42.85 22.44
N TYR U 340 -105.52 -42.51 22.76
CA TYR U 340 -104.36 -43.40 22.70
C TYR U 340 -103.80 -43.81 24.06
N PHE U 341 -104.52 -43.57 25.15
CA PHE U 341 -104.17 -43.97 26.52
C PHE U 341 -105.35 -44.72 27.16
N VAL U 342 -105.13 -45.72 28.00
CA VAL U 342 -106.27 -46.41 28.63
C VAL U 342 -106.98 -45.53 29.64
N GLU U 343 -108.31 -45.49 29.60
CA GLU U 343 -109.11 -44.54 30.40
C GLU U 343 -109.57 -45.06 31.78
N TRP U 344 -109.11 -46.25 32.18
CA TRP U 344 -109.21 -46.78 33.54
C TRP U 344 -107.97 -46.53 34.40
N ILE U 345 -106.93 -45.88 33.84
CA ILE U 345 -105.81 -45.30 34.60
C ILE U 345 -105.95 -43.77 34.52
N PRO U 346 -105.98 -43.04 35.65
CA PRO U 346 -106.29 -41.61 35.68
C PRO U 346 -105.12 -40.69 35.25
N ASN U 347 -103.89 -41.16 35.32
CA ASN U 347 -102.71 -40.56 34.72
C ASN U 347 -101.81 -41.67 34.20
N ASN U 348 -101.51 -41.67 32.91
CA ASN U 348 -100.74 -42.71 32.28
C ASN U 348 -99.24 -42.39 32.20
N VAL U 349 -98.78 -41.19 32.54
CA VAL U 349 -97.37 -40.81 32.40
C VAL U 349 -96.66 -40.73 33.75
N LYS U 350 -95.60 -41.51 33.92
CA LYS U 350 -94.54 -41.34 34.94
C LYS U 350 -93.52 -40.34 34.41
N THR U 351 -93.01 -39.44 35.24
CA THR U 351 -91.90 -38.55 34.88
C THR U 351 -90.74 -38.77 35.81
N ALA U 352 -89.52 -38.59 35.31
CA ALA U 352 -88.32 -38.47 36.13
C ALA U 352 -87.42 -37.42 35.51
N VAL U 353 -86.58 -36.77 36.31
CA VAL U 353 -85.78 -35.62 35.89
C VAL U 353 -84.43 -35.71 36.55
N CYS U 354 -83.38 -36.00 35.79
CA CYS U 354 -82.00 -35.98 36.21
C CYS U 354 -81.34 -34.63 35.93
N ASP U 355 -80.45 -34.17 36.81
CA ASP U 355 -79.75 -32.88 36.70
C ASP U 355 -78.59 -32.88 35.68
N ILE U 356 -78.20 -34.04 35.14
CA ILE U 356 -76.99 -34.24 34.32
C ILE U 356 -77.38 -34.80 32.94
N PRO U 357 -77.44 -33.96 31.89
CA PRO U 357 -77.76 -34.39 30.53
C PRO U 357 -76.55 -35.08 29.87
N PRO U 358 -76.75 -35.90 28.82
CA PRO U 358 -75.66 -36.62 28.17
C PRO U 358 -74.56 -35.68 27.68
N ARG U 359 -73.31 -36.13 27.64
CA ARG U 359 -72.18 -35.27 27.25
C ARG U 359 -72.40 -34.72 25.84
N GLY U 360 -72.40 -33.41 25.66
CA GLY U 360 -72.70 -32.74 24.38
C GLY U 360 -74.17 -32.46 24.08
N LEU U 361 -75.15 -32.65 24.95
CA LEU U 361 -76.45 -32.00 24.69
C LEU U 361 -77.09 -31.42 25.95
N LYS U 362 -77.78 -30.30 25.80
CA LYS U 362 -78.31 -29.49 26.91
C LYS U 362 -79.44 -30.18 27.69
N MET U 363 -80.15 -31.06 27.03
CA MET U 363 -81.25 -31.86 27.58
C MET U 363 -81.32 -33.18 26.83
N SER U 364 -81.96 -34.19 27.40
CA SER U 364 -82.33 -35.41 26.68
C SER U 364 -83.52 -36.08 27.34
N ALA U 365 -84.26 -36.92 26.64
CA ALA U 365 -85.35 -37.71 27.18
C ALA U 365 -85.26 -39.14 26.67
N THR U 366 -85.28 -40.12 27.58
CA THR U 366 -85.48 -41.52 27.23
C THR U 366 -86.93 -41.87 27.50
N PHE U 367 -87.58 -42.44 26.50
CA PHE U 367 -88.98 -42.80 26.51
C PHE U 367 -89.13 -44.30 26.69
N ILE U 368 -90.04 -44.72 27.56
CA ILE U 368 -90.42 -46.12 27.68
C ILE U 368 -91.93 -46.21 27.51
N GLY U 369 -92.40 -46.86 26.46
CA GLY U 369 -93.80 -47.12 26.25
C GLY U 369 -94.18 -48.51 26.70
N ASN U 370 -95.28 -48.65 27.42
CA ASN U 370 -96.02 -49.89 27.50
C ASN U 370 -97.35 -49.69 26.75
N SER U 371 -97.62 -50.43 25.70
CA SER U 371 -98.81 -50.25 24.88
C SER U 371 -99.36 -51.54 24.34
N THR U 372 -100.68 -51.64 24.27
CA THR U 372 -101.41 -52.74 23.66
C THR U 372 -101.05 -52.93 22.18
N ALA U 373 -100.48 -51.93 21.52
CA ALA U 373 -99.92 -52.05 20.17
C ALA U 373 -98.76 -53.06 20.08
N ILE U 374 -98.09 -53.43 21.17
CA ILE U 374 -97.07 -54.48 21.15
C ILE U 374 -97.66 -55.86 20.81
N GLN U 375 -98.99 -56.00 20.79
CA GLN U 375 -99.64 -57.19 20.25
C GLN U 375 -99.21 -57.46 18.81
N GLU U 376 -98.93 -56.44 18.00
CA GLU U 376 -98.59 -56.60 16.59
C GLU U 376 -97.22 -57.23 16.39
N LEU U 377 -96.29 -57.00 17.29
CA LEU U 377 -94.98 -57.63 17.26
C LEU U 377 -95.07 -59.11 17.58
N PHE U 378 -95.83 -59.48 18.62
CA PHE U 378 -96.06 -60.88 18.93
C PHE U 378 -96.96 -61.59 17.93
N LYS U 379 -97.93 -60.91 17.31
CA LYS U 379 -98.84 -61.49 16.32
C LYS U 379 -98.09 -61.91 15.06
N ARG U 380 -97.27 -61.02 14.48
CA ARG U 380 -96.59 -61.32 13.21
C ARG U 380 -95.52 -62.41 13.35
N ILE U 381 -94.84 -62.50 14.48
CA ILE U 381 -93.98 -63.65 14.77
C ILE U 381 -94.83 -64.91 14.89
N SER U 382 -95.95 -64.88 15.62
CA SER U 382 -96.83 -66.04 15.80
C SER U 382 -97.43 -66.58 14.48
N GLU U 383 -97.78 -65.71 13.53
CA GLU U 383 -98.25 -66.11 12.20
C GLU U 383 -97.14 -66.58 11.25
N GLN U 384 -95.91 -66.05 11.33
CA GLN U 384 -94.77 -66.66 10.61
C GLN U 384 -94.43 -68.05 11.18
N PHE U 385 -94.43 -68.20 12.50
CA PHE U 385 -94.25 -69.50 13.16
C PHE U 385 -95.30 -70.49 12.69
N THR U 386 -96.56 -70.10 12.69
CA THR U 386 -97.67 -70.98 12.33
C THR U 386 -97.56 -71.49 10.91
N ALA U 387 -97.23 -70.64 9.94
CA ALA U 387 -97.15 -71.04 8.54
C ALA U 387 -96.03 -72.04 8.25
N MET U 388 -94.93 -72.02 8.99
CA MET U 388 -93.90 -73.07 8.92
C MET U 388 -94.31 -74.32 9.70
N PHE U 389 -94.83 -74.15 10.90
CA PHE U 389 -95.09 -75.24 11.82
C PHE U 389 -96.23 -76.15 11.36
N ARG U 390 -97.23 -75.64 10.62
CA ARG U 390 -98.30 -76.50 10.09
C ARG U 390 -97.77 -77.62 9.18
N ARG U 391 -96.60 -77.44 8.58
CA ARG U 391 -95.91 -78.43 7.73
C ARG U 391 -94.63 -78.97 8.36
N LYS U 392 -94.44 -78.79 9.67
CA LYS U 392 -93.31 -79.29 10.48
C LYS U 392 -91.92 -78.92 9.93
N ALA U 393 -91.83 -77.89 9.10
CA ALA U 393 -90.59 -77.56 8.40
C ALA U 393 -89.45 -77.25 9.38
N PHE U 394 -88.22 -77.63 9.07
CA PHE U 394 -87.01 -77.42 9.89
C PHE U 394 -87.00 -78.08 11.28
N LEU U 395 -88.04 -78.80 11.73
CA LEU U 395 -88.10 -79.29 13.12
C LEU U 395 -87.08 -80.37 13.45
N HIS U 396 -86.44 -81.02 12.48
CA HIS U 396 -85.46 -82.07 12.77
C HIS U 396 -84.17 -81.51 13.38
N TRP U 397 -83.85 -80.24 13.14
CA TRP U 397 -82.74 -79.55 13.77
C TRP U 397 -82.95 -79.26 15.26
N TYR U 398 -84.21 -79.12 15.69
CA TYR U 398 -84.57 -78.88 17.09
C TYR U 398 -84.88 -80.17 17.83
N THR U 399 -85.66 -81.06 17.24
CA THR U 399 -85.94 -82.38 17.79
C THR U 399 -84.70 -83.27 17.80
N GLY U 400 -83.70 -83.00 16.95
CA GLY U 400 -82.38 -83.63 17.03
C GLY U 400 -81.62 -83.31 18.30
N GLU U 401 -81.83 -82.14 18.91
CA GLU U 401 -81.34 -81.75 20.24
C GLU U 401 -82.19 -82.31 21.39
N GLY U 402 -83.12 -83.22 21.13
CA GLY U 402 -84.01 -83.84 22.09
C GLY U 402 -85.21 -83.01 22.53
N MET U 403 -85.51 -81.92 21.85
CA MET U 403 -86.68 -81.09 22.08
C MET U 403 -87.95 -81.77 21.56
N ASP U 404 -89.08 -81.62 22.24
CA ASP U 404 -90.37 -82.17 21.77
C ASP U 404 -91.07 -81.24 20.75
N GLU U 405 -91.86 -81.82 19.86
CA GLU U 405 -92.86 -81.07 19.11
C GLU U 405 -93.88 -80.40 20.06
N MET U 406 -94.20 -81.04 21.18
CA MET U 406 -95.06 -80.47 22.21
C MET U 406 -94.51 -79.14 22.76
N GLU U 407 -93.20 -78.91 22.74
CA GLU U 407 -92.67 -77.64 23.27
C GLU U 407 -92.91 -76.47 22.32
N PHE U 408 -92.98 -76.73 21.02
CA PHE U 408 -93.38 -75.75 20.02
C PHE U 408 -94.85 -75.41 20.16
N THR U 409 -95.71 -76.42 20.25
CA THR U 409 -97.14 -76.24 20.49
C THR U 409 -97.40 -75.42 21.77
N GLU U 410 -96.67 -75.70 22.85
CA GLU U 410 -96.80 -74.99 24.12
C GLU U 410 -96.20 -73.58 24.10
N ALA U 411 -95.12 -73.34 23.36
CA ALA U 411 -94.59 -72.00 23.16
C ALA U 411 -95.55 -71.09 22.38
N GLU U 412 -96.07 -71.53 21.24
CA GLU U 412 -97.03 -70.75 20.44
C GLU U 412 -98.37 -70.56 21.17
N SER U 413 -98.73 -71.49 22.05
CA SER U 413 -99.88 -71.37 22.95
C SER U 413 -99.69 -70.23 23.94
N ASN U 414 -98.54 -70.19 24.61
CA ASN U 414 -98.15 -69.11 25.53
C ASN U 414 -97.93 -67.75 24.83
N MET U 415 -97.51 -67.76 23.56
CA MET U 415 -97.44 -66.55 22.73
C MET U 415 -98.85 -65.98 22.49
N ASN U 416 -99.82 -66.76 22.04
CA ASN U 416 -101.19 -66.27 21.86
C ASN U 416 -101.83 -65.82 23.18
N ASP U 417 -101.47 -66.42 24.31
CA ASP U 417 -101.89 -65.96 25.64
C ASP U 417 -101.33 -64.58 25.98
N LEU U 418 -100.09 -64.26 25.59
CA LEU U 418 -99.53 -62.91 25.70
C LEU U 418 -100.20 -61.91 24.75
N VAL U 419 -100.50 -62.30 23.51
CA VAL U 419 -101.26 -61.47 22.56
C VAL U 419 -102.65 -61.15 23.10
N SER U 420 -103.31 -62.13 23.70
CA SER U 420 -104.67 -61.98 24.21
C SER U 420 -104.76 -61.04 25.40
N GLU U 421 -103.77 -61.04 26.30
CA GLU U 421 -103.74 -60.15 27.47
C GLU U 421 -103.49 -58.69 27.09
N TYR U 422 -102.67 -58.38 26.08
CA TYR U 422 -102.61 -57.01 25.57
C TYR U 422 -103.87 -56.61 24.80
N GLN U 423 -104.41 -57.47 23.95
CA GLN U 423 -105.64 -57.18 23.22
C GLN U 423 -106.86 -57.03 24.13
N GLN U 424 -106.87 -57.63 25.32
CA GLN U 424 -107.92 -57.50 26.33
C GLN U 424 -108.11 -56.07 26.81
N TYR U 425 -107.04 -55.32 27.04
CA TYR U 425 -107.11 -53.93 27.50
C TYR U 425 -107.19 -52.89 26.37
N GLN U 426 -107.32 -53.30 25.12
CA GLN U 426 -107.40 -52.42 23.95
C GLN U 426 -108.57 -51.44 24.05
N MET V 1 -32.21 -72.99 70.67
CA MET V 1 -33.54 -72.37 70.66
C MET V 1 -34.41 -72.96 69.56
N ARG V 2 -35.09 -74.08 69.86
CA ARG V 2 -36.02 -74.79 68.97
C ARG V 2 -35.42 -75.13 67.62
N GLU V 3 -34.22 -75.68 67.65
CA GLU V 3 -33.56 -76.19 66.46
C GLU V 3 -34.41 -77.25 65.78
N ILE V 4 -34.33 -77.31 64.45
CA ILE V 4 -34.86 -78.43 63.64
C ILE V 4 -33.70 -79.14 62.96
N VAL V 5 -33.82 -80.46 62.89
CA VAL V 5 -32.95 -81.35 62.10
C VAL V 5 -33.74 -81.78 60.88
N HIS V 6 -33.19 -81.57 59.70
CA HIS V 6 -33.87 -81.85 58.45
C HIS V 6 -33.21 -83.01 57.71
N LEU V 7 -33.98 -83.93 57.14
CA LEU V 7 -33.44 -85.14 56.53
C LEU V 7 -34.07 -85.35 55.16
N GLN V 8 -33.26 -85.63 54.15
CA GLN V 8 -33.69 -85.82 52.77
C GLN V 8 -33.49 -87.25 52.29
N ALA V 9 -34.50 -87.92 51.76
CA ALA V 9 -34.38 -89.32 51.33
C ALA V 9 -34.82 -89.60 49.87
N GLY V 10 -33.96 -90.30 49.12
CA GLY V 10 -34.22 -90.68 47.74
C GLY V 10 -34.12 -89.52 46.75
N GLN V 11 -34.51 -89.69 45.48
CA GLN V 11 -34.46 -88.60 44.52
C GLN V 11 -35.45 -87.50 44.89
N CYS V 12 -36.73 -87.79 45.09
CA CYS V 12 -37.73 -86.77 45.36
C CYS V 12 -37.43 -85.99 46.64
N GLY V 13 -37.12 -86.66 47.75
CA GLY V 13 -36.82 -86.01 49.02
C GLY V 13 -35.61 -85.09 48.98
N ASN V 14 -34.57 -85.47 48.25
CA ASN V 14 -33.40 -84.63 48.01
C ASN V 14 -33.67 -83.49 47.03
N GLN V 15 -34.66 -83.61 46.16
CA GLN V 15 -35.00 -82.56 45.20
C GLN V 15 -35.94 -81.50 45.80
N ILE V 16 -37.00 -81.90 46.51
CA ILE V 16 -37.83 -80.95 47.28
C ILE V 16 -37.03 -80.33 48.43
N GLY V 17 -36.09 -81.07 49.03
CA GLY V 17 -35.14 -80.57 50.03
C GLY V 17 -34.11 -79.58 49.48
N ALA V 18 -33.41 -79.90 48.40
CA ALA V 18 -32.43 -79.01 47.82
C ALA V 18 -33.05 -77.71 47.25
N LYS V 19 -34.34 -77.69 46.92
CA LYS V 19 -35.08 -76.47 46.63
C LYS V 19 -35.49 -75.75 47.92
N PHE V 20 -35.96 -76.45 48.93
CA PHE V 20 -36.26 -75.85 50.21
C PHE V 20 -35.07 -75.06 50.78
N TRP V 21 -33.86 -75.61 50.72
CA TRP V 21 -32.64 -74.91 51.16
C TRP V 21 -32.27 -73.67 50.35
N GLU V 22 -32.69 -73.56 49.10
CA GLU V 22 -32.59 -72.33 48.32
C GLU V 22 -33.63 -71.29 48.77
N VAL V 23 -34.86 -71.71 49.10
CA VAL V 23 -35.92 -70.83 49.61
C VAL V 23 -35.61 -70.27 50.99
N ILE V 24 -35.27 -71.09 51.99
CA ILE V 24 -35.01 -70.54 53.32
C ILE V 24 -33.65 -69.84 53.41
N SER V 25 -32.71 -70.13 52.52
CA SER V 25 -31.49 -69.30 52.44
C SER V 25 -31.77 -67.92 51.85
N ASP V 26 -32.73 -67.76 50.95
CA ASP V 26 -33.16 -66.45 50.47
C ASP V 26 -33.85 -65.63 51.57
N GLU V 27 -34.71 -66.28 52.35
CA GLU V 27 -35.37 -65.70 53.52
C GLU V 27 -34.39 -65.21 54.57
N HIS V 28 -33.47 -66.07 54.99
CA HIS V 28 -32.45 -65.76 55.99
C HIS V 28 -31.26 -64.98 55.41
N GLY V 29 -31.24 -64.67 54.11
CA GLY V 29 -30.22 -63.85 53.48
C GLY V 29 -28.84 -64.48 53.50
N ILE V 30 -28.77 -65.78 53.23
CA ILE V 30 -27.54 -66.57 53.16
C ILE V 30 -27.18 -66.80 51.70
N ASP V 31 -25.93 -66.50 51.39
CA ASP V 31 -25.29 -66.65 50.08
C ASP V 31 -25.07 -68.14 49.74
N PRO V 32 -25.05 -68.58 48.47
CA PRO V 32 -24.70 -69.94 48.09
C PRO V 32 -23.35 -70.45 48.64
N THR V 33 -22.46 -69.56 49.05
CA THR V 33 -21.19 -69.88 49.72
C THR V 33 -21.38 -70.29 51.18
N GLY V 34 -22.54 -69.96 51.77
CA GLY V 34 -22.84 -70.08 53.19
C GLY V 34 -22.63 -68.80 54.00
N ALA V 35 -22.09 -67.73 53.41
CA ALA V 35 -21.90 -66.42 54.07
C ALA V 35 -23.23 -65.65 54.21
N TYR V 36 -23.45 -64.92 55.31
CA TYR V 36 -24.63 -64.06 55.44
C TYR V 36 -24.48 -62.74 54.68
N HIS V 37 -25.50 -62.37 53.90
CA HIS V 37 -25.57 -61.18 53.06
C HIS V 37 -26.93 -60.46 53.13
N GLY V 38 -27.77 -60.78 54.11
CA GLY V 38 -29.12 -60.26 54.24
C GLY V 38 -29.22 -58.78 54.66
N ASP V 39 -30.43 -58.24 54.61
CA ASP V 39 -30.80 -56.88 54.99
C ASP V 39 -30.91 -56.67 56.50
N SER V 40 -31.50 -57.65 57.20
CA SER V 40 -32.21 -57.41 58.44
C SER V 40 -31.73 -58.28 59.60
N ASP V 41 -31.79 -57.73 60.80
CA ASP V 41 -31.44 -58.46 62.02
C ASP V 41 -32.36 -59.65 62.27
N LEU V 42 -33.64 -59.58 61.85
CA LEU V 42 -34.61 -60.64 62.04
C LEU V 42 -34.26 -61.90 61.26
N GLN V 43 -33.57 -61.75 60.13
CA GLN V 43 -33.03 -62.86 59.35
C GLN V 43 -31.96 -63.64 60.12
N LEU V 44 -31.20 -62.95 60.96
CA LEU V 44 -30.07 -63.50 61.71
C LEU V 44 -30.48 -63.99 63.09
N GLU V 45 -31.51 -63.39 63.69
CA GLU V 45 -32.00 -63.68 65.05
C GLU V 45 -32.30 -65.16 65.30
N ARG V 46 -32.86 -65.87 64.31
CA ARG V 46 -33.24 -67.30 64.40
C ARG V 46 -32.56 -68.18 63.36
N ILE V 47 -31.44 -67.76 62.80
CA ILE V 47 -30.68 -68.54 61.80
C ILE V 47 -30.26 -69.91 62.36
N ASN V 48 -30.11 -70.03 63.68
CA ASN V 48 -29.84 -71.29 64.35
C ASN V 48 -30.94 -72.35 64.16
N VAL V 49 -32.19 -71.98 63.81
CA VAL V 49 -33.28 -72.96 63.65
C VAL V 49 -32.99 -73.99 62.57
N TYR V 50 -32.32 -73.57 61.49
CA TYR V 50 -32.00 -74.43 60.36
C TYR V 50 -30.50 -74.53 60.06
N TYR V 51 -29.64 -73.76 60.71
CA TYR V 51 -28.22 -73.70 60.40
C TYR V 51 -27.35 -73.81 61.67
N ASN V 52 -26.11 -74.23 61.49
CA ASN V 52 -25.05 -74.17 62.47
C ASN V 52 -24.13 -72.98 62.14
N GLU V 53 -23.73 -72.19 63.12
CA GLU V 53 -22.66 -71.22 62.95
C GLU V 53 -21.31 -71.96 62.83
N ALA V 54 -20.47 -71.54 61.89
CA ALA V 54 -19.09 -72.00 61.73
C ALA V 54 -18.13 -70.81 61.51
N THR V 55 -16.83 -71.08 61.48
CA THR V 55 -15.80 -70.03 61.46
C THR V 55 -15.92 -69.04 60.31
N GLY V 56 -15.57 -67.77 60.52
CA GLY V 56 -15.75 -66.69 59.55
C GLY V 56 -17.21 -66.24 59.36
N GLY V 57 -18.12 -66.58 60.28
CA GLY V 57 -19.56 -66.34 60.17
C GLY V 57 -20.21 -67.03 58.96
N LYS V 58 -19.63 -68.13 58.48
CA LYS V 58 -20.27 -69.05 57.53
C LYS V 58 -21.33 -69.87 58.24
N TYR V 59 -22.46 -70.07 57.61
CA TYR V 59 -23.58 -70.86 58.12
C TYR V 59 -23.70 -72.17 57.36
N VAL V 60 -23.81 -73.27 58.08
CA VAL V 60 -23.87 -74.62 57.50
C VAL V 60 -25.23 -75.21 57.84
N PRO V 61 -26.09 -75.53 56.87
CA PRO V 61 -27.42 -76.01 57.14
C PRO V 61 -27.42 -77.38 57.78
N ARG V 62 -28.33 -77.59 58.73
CA ARG V 62 -28.52 -78.82 59.49
C ARG V 62 -29.37 -79.84 58.74
N ALA V 63 -29.00 -80.10 57.49
CA ALA V 63 -29.52 -81.19 56.69
C ALA V 63 -28.66 -82.45 56.84
N VAL V 64 -29.30 -83.61 56.82
CA VAL V 64 -28.69 -84.89 56.49
C VAL V 64 -29.23 -85.32 55.15
N LEU V 65 -28.36 -85.73 54.23
CA LEU V 65 -28.71 -86.09 52.88
C LEU V 65 -28.50 -87.57 52.70
N VAL V 66 -29.56 -88.33 52.44
CA VAL V 66 -29.55 -89.80 52.39
C VAL V 66 -30.04 -90.31 51.05
N ASP V 67 -29.28 -91.23 50.44
CA ASP V 67 -29.63 -91.90 49.20
C ASP V 67 -28.92 -93.25 49.14
N LEU V 68 -29.39 -94.18 48.33
CA LEU V 68 -28.73 -95.46 48.10
C LEU V 68 -27.90 -95.47 46.80
N GLU V 69 -27.93 -94.38 46.04
CA GLU V 69 -27.19 -94.11 44.80
C GLU V 69 -26.35 -92.84 44.96
N PRO V 70 -25.17 -92.71 44.34
CA PRO V 70 -24.38 -91.49 44.39
C PRO V 70 -24.95 -90.36 43.51
N GLY V 71 -25.63 -90.69 42.40
CA GLY V 71 -26.05 -89.75 41.38
C GLY V 71 -26.94 -88.60 41.84
N THR V 72 -27.80 -88.76 42.86
CA THR V 72 -28.54 -87.58 43.40
C THR V 72 -27.66 -86.71 44.31
N MET V 73 -26.74 -87.28 45.08
CA MET V 73 -25.74 -86.50 45.80
C MET V 73 -24.89 -85.66 44.85
N ASP V 74 -24.43 -86.28 43.76
CA ASP V 74 -23.69 -85.60 42.71
C ASP V 74 -24.50 -84.47 42.06
N SER V 75 -25.80 -84.65 41.89
CA SER V 75 -26.70 -83.64 41.33
C SER V 75 -27.00 -82.50 42.30
N VAL V 76 -27.10 -82.78 43.60
CA VAL V 76 -27.27 -81.78 44.66
C VAL V 76 -25.98 -81.01 44.90
N ARG V 77 -24.84 -81.69 45.11
CA ARG V 77 -23.51 -81.12 45.39
C ARG V 77 -23.03 -80.19 44.28
N SER V 78 -23.34 -80.51 43.02
CA SER V 78 -23.06 -79.66 41.85
C SER V 78 -24.12 -78.58 41.58
N GLY V 79 -25.23 -78.55 42.30
CA GLY V 79 -26.39 -77.71 42.03
C GLY V 79 -26.28 -76.25 42.45
N PRO V 80 -27.36 -75.46 42.34
CA PRO V 80 -27.38 -74.04 42.66
C PRO V 80 -26.88 -73.67 44.07
N PHE V 81 -27.16 -74.53 45.06
CA PHE V 81 -26.79 -74.34 46.46
C PHE V 81 -25.99 -75.52 47.03
N GLY V 82 -25.50 -76.43 46.20
CA GLY V 82 -24.89 -77.68 46.64
C GLY V 82 -23.69 -77.56 47.58
N GLN V 83 -22.92 -76.49 47.43
CA GLN V 83 -21.70 -76.27 48.21
C GLN V 83 -22.00 -75.84 49.66
N ILE V 84 -23.26 -75.57 50.00
CA ILE V 84 -23.66 -75.11 51.33
C ILE V 84 -23.57 -76.24 52.37
N PHE V 85 -23.95 -77.46 52.02
CA PHE V 85 -24.11 -78.59 52.95
C PHE V 85 -22.77 -79.14 53.44
N ARG V 86 -22.75 -79.73 54.64
CA ARG V 86 -21.54 -80.34 55.22
C ARG V 86 -21.16 -81.61 54.42
N PRO V 87 -19.94 -81.77 53.88
CA PRO V 87 -19.52 -82.98 53.18
C PRO V 87 -19.77 -84.28 53.94
N ASP V 88 -19.60 -84.30 55.27
CA ASP V 88 -19.89 -85.45 56.12
C ASP V 88 -21.38 -85.84 56.20
N ASN V 89 -22.28 -84.91 55.89
CA ASN V 89 -23.72 -85.13 55.99
C ASN V 89 -24.33 -85.76 54.73
N PHE V 90 -23.58 -85.84 53.63
CA PHE V 90 -23.95 -86.66 52.49
C PHE V 90 -23.64 -88.12 52.81
N VAL V 91 -24.66 -88.90 53.17
CA VAL V 91 -24.54 -90.33 53.51
C VAL V 91 -25.18 -91.16 52.41
N PHE V 92 -24.42 -92.03 51.74
CA PHE V 92 -24.91 -92.71 50.56
C PHE V 92 -24.31 -94.11 50.35
N GLY V 93 -25.08 -94.97 49.70
CA GLY V 93 -24.65 -96.26 49.15
C GLY V 93 -24.09 -96.18 47.73
N GLN V 94 -23.98 -97.31 47.02
CA GLN V 94 -23.58 -97.35 45.60
C GLN V 94 -24.66 -97.98 44.70
N SER V 95 -25.12 -99.19 45.02
CA SER V 95 -26.24 -99.85 44.32
C SER V 95 -27.59 -99.35 44.84
N GLY V 96 -28.49 -98.91 43.97
CA GLY V 96 -29.74 -98.27 44.36
C GLY V 96 -30.78 -99.17 45.01
N ALA V 97 -31.95 -98.61 45.30
CA ALA V 97 -33.09 -99.33 45.85
C ALA V 97 -33.90 -100.13 44.80
N GLY V 98 -33.64 -100.02 43.50
CA GLY V 98 -34.40 -100.76 42.49
C GLY V 98 -35.90 -100.47 42.47
N ASN V 99 -36.34 -99.32 43.01
CA ASN V 99 -37.74 -99.02 43.30
C ASN V 99 -38.43 -100.07 44.18
N ASN V 100 -37.69 -100.65 45.12
CA ASN V 100 -38.12 -101.72 45.99
C ASN V 100 -38.12 -101.26 47.46
N TRP V 101 -39.28 -101.25 48.13
CA TRP V 101 -39.36 -100.91 49.55
C TRP V 101 -38.48 -101.82 50.41
N ALA V 102 -38.46 -103.12 50.12
CA ALA V 102 -37.73 -104.09 50.90
C ALA V 102 -36.22 -103.93 50.76
N LYS V 103 -35.70 -103.46 49.62
CA LYS V 103 -34.29 -103.05 49.53
C LYS V 103 -33.99 -101.86 50.42
N GLY V 104 -34.83 -100.83 50.40
CA GLY V 104 -34.72 -99.71 51.32
C GLY V 104 -34.70 -100.13 52.79
N HIS V 105 -35.70 -100.86 53.24
CA HIS V 105 -35.93 -101.18 54.65
C HIS V 105 -35.11 -102.37 55.20
N TYR V 106 -34.68 -103.34 54.40
CA TYR V 106 -34.12 -104.60 54.90
C TYR V 106 -32.71 -104.94 54.45
N THR V 107 -32.20 -104.32 53.38
CA THR V 107 -30.95 -104.79 52.74
C THR V 107 -29.95 -103.67 52.51
N GLU V 108 -30.28 -102.78 51.59
CA GLU V 108 -29.39 -101.76 51.06
C GLU V 108 -29.33 -100.54 51.97
N GLY V 109 -30.46 -100.20 52.59
CA GLY V 109 -30.59 -99.13 53.57
C GLY V 109 -30.45 -99.60 55.01
N ALA V 110 -30.73 -100.86 55.32
CA ALA V 110 -30.41 -101.45 56.61
C ALA V 110 -28.90 -101.50 56.87
N GLU V 111 -28.09 -101.67 55.82
CA GLU V 111 -26.64 -101.50 55.91
C GLU V 111 -26.26 -100.05 56.20
N LEU V 112 -26.90 -99.09 55.51
CA LEU V 112 -26.55 -97.67 55.53
C LEU V 112 -27.08 -96.90 56.75
N VAL V 113 -28.19 -97.32 57.37
CA VAL V 113 -28.83 -96.57 58.46
C VAL V 113 -27.91 -96.38 59.67
N ASP V 114 -27.02 -97.32 59.98
CA ASP V 114 -25.99 -97.15 61.03
C ASP V 114 -25.04 -95.97 60.75
N SER V 115 -24.80 -95.66 59.48
CA SER V 115 -23.99 -94.53 59.03
C SER V 115 -24.80 -93.25 58.91
N VAL V 116 -26.12 -93.32 58.76
CA VAL V 116 -27.03 -92.16 58.81
C VAL V 116 -27.29 -91.71 60.23
N LEU V 117 -27.71 -92.64 61.07
CA LEU V 117 -28.24 -92.33 62.38
C LEU V 117 -27.18 -91.67 63.26
N ASP V 118 -25.91 -92.09 63.15
CA ASP V 118 -24.79 -91.50 63.88
C ASP V 118 -24.38 -90.09 63.42
N VAL V 119 -24.86 -89.61 62.27
CA VAL V 119 -24.79 -88.21 61.81
C VAL V 119 -25.97 -87.42 62.35
N VAL V 120 -27.17 -87.99 62.39
CA VAL V 120 -28.35 -87.38 63.04
C VAL V 120 -28.07 -87.08 64.52
N ARG V 121 -27.30 -87.95 65.21
CA ARG V 121 -26.77 -87.68 66.55
C ARG V 121 -25.81 -86.49 66.64
N LYS V 122 -24.89 -86.28 65.71
CA LYS V 122 -23.93 -85.17 65.75
C LYS V 122 -24.65 -83.83 65.58
N GLU V 123 -25.67 -83.78 64.73
CA GLU V 123 -26.47 -82.58 64.56
C GLU V 123 -27.41 -82.33 65.75
N ALA V 124 -28.11 -83.34 66.25
CA ALA V 124 -28.99 -83.22 67.42
C ALA V 124 -28.26 -82.93 68.75
N GLU V 125 -27.01 -83.36 68.92
CA GLU V 125 -26.19 -83.03 70.07
C GLU V 125 -25.60 -81.60 69.96
N SER V 126 -25.41 -81.07 68.75
CA SER V 126 -25.03 -79.66 68.52
C SER V 126 -26.18 -78.68 68.77
N CYS V 127 -27.43 -79.14 68.83
CA CYS V 127 -28.58 -78.30 69.14
C CYS V 127 -28.62 -77.86 70.59
N ASP V 128 -29.10 -76.65 70.84
CA ASP V 128 -29.30 -76.10 72.19
C ASP V 128 -30.61 -76.62 72.83
N CYS V 129 -31.69 -76.58 72.07
CA CYS V 129 -32.94 -77.27 72.38
C CYS V 129 -33.60 -77.66 71.07
N LEU V 130 -33.47 -78.92 70.69
CA LEU V 130 -34.13 -79.51 69.53
C LEU V 130 -35.65 -79.55 69.73
N GLN V 131 -36.45 -79.01 68.81
CA GLN V 131 -37.90 -79.18 68.79
C GLN V 131 -38.32 -80.37 67.92
N GLY V 132 -37.60 -80.70 66.85
CA GLY V 132 -38.02 -81.80 66.01
C GLY V 132 -37.22 -82.12 64.77
N PHE V 133 -37.74 -83.08 64.01
CA PHE V 133 -37.20 -83.66 62.80
C PHE V 133 -38.14 -83.37 61.64
N GLN V 134 -37.59 -82.89 60.52
CA GLN V 134 -38.34 -82.47 59.34
C GLN V 134 -37.87 -83.28 58.13
N LEU V 135 -38.54 -84.38 57.80
CA LEU V 135 -38.05 -85.36 56.81
C LEU V 135 -38.76 -85.25 55.47
N THR V 136 -38.03 -85.02 54.38
CA THR V 136 -38.58 -84.96 53.01
C THR V 136 -38.34 -86.26 52.24
N HIS V 137 -39.39 -86.83 51.69
CA HIS V 137 -39.34 -88.10 50.97
C HIS V 137 -40.58 -88.30 50.08
N SER V 138 -40.56 -89.34 49.27
CA SER V 138 -41.66 -89.82 48.46
C SER V 138 -42.11 -91.23 48.90
N LEU V 139 -43.38 -91.58 48.75
CA LEU V 139 -43.91 -92.91 49.14
C LEU V 139 -43.91 -93.92 47.99
N GLY V 140 -43.86 -93.46 46.75
CA GLY V 140 -43.47 -94.29 45.61
C GLY V 140 -41.98 -94.62 45.61
N GLY V 141 -41.54 -95.52 44.73
CA GLY V 141 -40.13 -95.95 44.70
C GLY V 141 -39.68 -96.59 46.01
N GLY V 142 -38.39 -96.72 46.28
CA GLY V 142 -37.88 -97.61 47.33
C GLY V 142 -37.00 -96.96 48.38
N THR V 143 -36.34 -95.86 48.05
CA THR V 143 -35.39 -95.18 48.94
C THR V 143 -36.14 -94.33 49.95
N GLY V 144 -36.96 -93.40 49.49
CA GLY V 144 -37.77 -92.56 50.35
C GLY V 144 -38.83 -93.34 51.10
N SER V 145 -39.52 -94.26 50.45
CA SER V 145 -40.60 -95.03 51.04
C SER V 145 -40.10 -96.01 52.09
N GLY V 146 -39.03 -96.75 51.80
CA GLY V 146 -38.57 -97.86 52.62
C GLY V 146 -37.39 -97.55 53.51
N MET V 147 -36.41 -96.77 53.04
CA MET V 147 -35.33 -96.32 53.90
C MET V 147 -35.76 -95.15 54.78
N GLY V 148 -36.54 -94.21 54.25
CA GLY V 148 -37.02 -93.06 55.00
C GLY V 148 -37.92 -93.47 56.16
N THR V 149 -38.79 -94.46 55.98
CA THR V 149 -39.58 -95.01 57.09
C THR V 149 -38.81 -95.94 58.03
N LEU V 150 -37.71 -96.54 57.60
CA LEU V 150 -36.76 -97.18 58.50
C LEU V 150 -36.12 -96.12 59.42
N LEU V 151 -35.70 -95.02 58.84
CA LEU V 151 -35.04 -93.93 59.53
C LEU V 151 -36.00 -93.20 60.48
N ILE V 152 -37.26 -92.99 60.11
CA ILE V 152 -38.31 -92.50 61.00
C ILE V 152 -38.43 -93.42 62.22
N SER V 153 -38.47 -94.73 62.02
CA SER V 153 -38.58 -95.69 63.11
C SER V 153 -37.40 -95.59 64.08
N LYS V 154 -36.16 -95.50 63.56
CA LYS V 154 -34.93 -95.36 64.37
C LYS V 154 -34.82 -94.05 65.14
N ILE V 155 -35.13 -92.92 64.53
CA ILE V 155 -35.17 -91.61 65.18
C ILE V 155 -36.34 -91.50 66.16
N ARG V 156 -37.52 -92.07 65.87
CA ARG V 156 -38.65 -92.12 66.81
C ARG V 156 -38.33 -92.87 68.10
N GLU V 157 -37.64 -94.00 68.00
CA GLU V 157 -37.22 -94.81 69.15
C GLU V 157 -36.18 -94.10 70.01
N GLU V 158 -35.35 -93.26 69.41
CA GLU V 158 -34.25 -92.55 70.07
C GLU V 158 -34.66 -91.18 70.65
N TYR V 159 -35.62 -90.50 70.02
CA TYR V 159 -36.17 -89.18 70.36
C TYR V 159 -37.71 -89.24 70.45
N PRO V 160 -38.29 -89.83 71.50
CA PRO V 160 -39.72 -90.14 71.53
C PRO V 160 -40.64 -88.93 71.76
N ASP V 161 -40.12 -87.82 72.30
CA ASP V 161 -40.88 -86.63 72.74
C ASP V 161 -40.72 -85.40 71.83
N ARG V 162 -39.73 -85.43 70.93
CA ARG V 162 -39.52 -84.40 69.90
C ARG V 162 -40.53 -84.54 68.77
N ILE V 163 -40.89 -83.46 68.08
CA ILE V 163 -41.81 -83.50 66.94
C ILE V 163 -41.21 -84.24 65.75
N MET V 164 -41.87 -85.26 65.23
CA MET V 164 -41.52 -85.89 63.97
C MET V 164 -42.52 -85.44 62.90
N ASN V 165 -42.01 -84.68 61.92
CA ASN V 165 -42.79 -83.88 60.99
C ASN V 165 -42.34 -84.21 59.55
N THR V 166 -43.14 -84.88 58.74
CA THR V 166 -42.70 -85.40 57.42
C THR V 166 -43.46 -84.80 56.27
N PHE V 167 -42.76 -84.51 55.17
CA PHE V 167 -43.34 -84.02 53.92
C PHE V 167 -43.21 -85.10 52.86
N SER V 168 -44.35 -85.61 52.42
CA SER V 168 -44.47 -86.94 51.83
C SER V 168 -45.18 -86.88 50.49
N VAL V 169 -44.39 -86.87 49.43
CA VAL V 169 -44.92 -86.90 48.05
C VAL V 169 -45.40 -88.30 47.76
N VAL V 170 -46.65 -88.51 47.32
CA VAL V 170 -47.23 -89.85 47.29
C VAL V 170 -48.10 -90.15 46.05
N PRO V 171 -48.33 -91.42 45.71
CA PRO V 171 -48.85 -91.82 44.41
C PRO V 171 -50.30 -91.40 44.14
N SER V 172 -50.62 -91.27 42.86
CA SER V 172 -51.98 -91.09 42.32
C SER V 172 -52.03 -91.64 40.89
N PRO V 173 -53.21 -92.07 40.40
CA PRO V 173 -53.28 -92.91 39.21
C PRO V 173 -52.94 -92.20 37.89
N LYS V 174 -53.34 -90.95 37.70
CA LYS V 174 -53.19 -90.20 36.44
C LYS V 174 -51.82 -89.58 36.23
N VAL V 175 -50.97 -89.52 37.25
CA VAL V 175 -49.58 -89.04 37.18
C VAL V 175 -48.68 -90.05 37.89
N SER V 176 -48.25 -91.07 37.14
CA SER V 176 -47.45 -92.18 37.68
C SER V 176 -46.31 -92.59 36.75
N ASP V 177 -45.18 -92.97 37.35
CA ASP V 177 -43.95 -93.35 36.66
C ASP V 177 -43.41 -94.73 37.08
N THR V 178 -44.09 -95.47 37.95
CA THR V 178 -43.65 -96.76 38.52
C THR V 178 -44.78 -97.77 38.44
N VAL V 179 -44.48 -99.04 38.14
CA VAL V 179 -45.48 -100.12 38.15
C VAL V 179 -45.85 -100.54 39.57
N VAL V 180 -44.84 -100.74 40.42
CA VAL V 180 -44.98 -101.13 41.83
C VAL V 180 -45.20 -99.98 42.82
N GLU V 181 -45.57 -98.78 42.34
CA GLU V 181 -45.87 -97.64 43.23
C GLU V 181 -46.88 -97.99 44.34
N PRO V 182 -48.03 -98.62 44.07
CA PRO V 182 -49.02 -98.99 45.09
C PRO V 182 -48.48 -99.85 46.24
N TYR V 183 -47.58 -100.79 45.95
CA TYR V 183 -46.97 -101.66 46.95
C TYR V 183 -46.10 -100.86 47.91
N ASN V 184 -45.17 -100.09 47.37
CA ASN V 184 -44.22 -99.31 48.12
C ASN V 184 -44.92 -98.32 49.07
N ALA V 185 -45.96 -97.64 48.57
CA ALA V 185 -46.70 -96.71 49.38
C ALA V 185 -47.46 -97.43 50.49
N THR V 186 -48.14 -98.53 50.23
CA THR V 186 -48.91 -99.26 51.25
C THR V 186 -48.03 -99.80 52.37
N LEU V 187 -46.84 -100.30 52.06
CA LEU V 187 -45.82 -100.70 53.04
C LEU V 187 -45.27 -99.52 53.85
N SER V 188 -45.27 -98.30 53.30
CA SER V 188 -44.71 -97.10 53.90
C SER V 188 -45.71 -96.35 54.77
N VAL V 189 -46.98 -96.24 54.37
CA VAL V 189 -48.06 -95.58 55.12
C VAL V 189 -48.32 -96.24 56.48
N HIS V 190 -48.15 -97.56 56.53
CA HIS V 190 -48.13 -98.40 57.72
C HIS V 190 -47.11 -97.96 58.79
N GLN V 191 -46.00 -97.34 58.41
CA GLN V 191 -45.01 -96.76 59.33
C GLN V 191 -45.34 -95.31 59.72
N LEU V 192 -45.85 -94.52 58.79
CA LEU V 192 -46.19 -93.13 59.03
C LEU V 192 -47.36 -92.98 60.02
N VAL V 193 -48.42 -93.78 59.93
CA VAL V 193 -49.58 -93.70 60.85
C VAL V 193 -49.21 -93.97 62.31
N GLU V 194 -48.17 -94.75 62.60
CA GLU V 194 -47.75 -95.07 63.96
C GLU V 194 -46.69 -94.11 64.52
N ASN V 195 -45.71 -93.69 63.71
CA ASN V 195 -44.53 -92.99 64.21
C ASN V 195 -44.60 -91.45 64.10
N THR V 196 -45.03 -90.87 62.99
CA THR V 196 -44.97 -89.42 62.80
C THR V 196 -45.99 -88.70 63.70
N ASP V 197 -45.70 -87.45 64.06
CA ASP V 197 -46.62 -86.54 64.77
C ASP V 197 -47.45 -85.70 63.79
N GLU V 198 -46.91 -85.43 62.60
CA GLU V 198 -47.57 -84.80 61.46
C GLU V 198 -47.01 -85.40 60.16
N THR V 199 -47.86 -85.69 59.18
CA THR V 199 -47.41 -86.01 57.81
C THR V 199 -48.17 -85.17 56.81
N TYR V 200 -47.46 -84.40 55.99
CA TYR V 200 -48.04 -83.51 54.99
C TYR V 200 -48.08 -84.21 53.65
N CYS V 201 -49.27 -84.66 53.28
CA CYS V 201 -49.53 -85.49 52.12
C CYS V 201 -49.54 -84.62 50.87
N ILE V 202 -48.65 -84.90 49.94
CA ILE V 202 -48.46 -84.10 48.73
C ILE V 202 -48.52 -84.99 47.50
N ASP V 203 -49.05 -84.49 46.39
CA ASP V 203 -49.34 -85.30 45.22
C ASP V 203 -48.88 -84.63 43.93
N ASN V 204 -48.26 -85.35 42.99
CA ASN V 204 -47.84 -84.72 41.75
C ASN V 204 -49.02 -84.33 40.85
N GLU V 205 -50.16 -85.02 40.94
CA GLU V 205 -51.36 -84.64 40.20
C GLU V 205 -51.90 -83.28 40.65
N ALA V 206 -51.93 -83.01 41.96
CA ALA V 206 -52.36 -81.73 42.49
C ALA V 206 -51.35 -80.61 42.26
N LEU V 207 -50.05 -80.91 42.30
CA LEU V 207 -49.01 -79.95 41.98
C LEU V 207 -48.96 -79.59 40.49
N TYR V 208 -49.34 -80.49 39.59
CA TYR V 208 -49.56 -80.15 38.18
C TYR V 208 -50.86 -79.37 37.97
N ASP V 209 -51.93 -79.65 38.72
CA ASP V 209 -53.18 -78.88 38.64
C ASP V 209 -52.99 -77.41 39.08
N ILE V 210 -52.17 -77.14 40.09
CA ILE V 210 -51.81 -75.77 40.45
C ILE V 210 -51.03 -75.10 39.32
N CYS V 211 -50.10 -75.82 38.67
CA CYS V 211 -49.29 -75.24 37.61
C CYS V 211 -50.08 -74.90 36.35
N PHE V 212 -51.08 -75.70 35.97
CA PHE V 212 -51.89 -75.42 34.78
C PHE V 212 -53.11 -74.53 35.05
N ARG V 213 -53.89 -74.78 36.11
CA ARG V 213 -55.16 -74.09 36.35
C ARG V 213 -55.06 -72.83 37.22
N THR V 214 -53.89 -72.53 37.78
CA THR V 214 -53.65 -71.31 38.57
C THR V 214 -52.51 -70.48 37.98
N LEU V 215 -51.30 -71.03 37.96
CA LEU V 215 -50.12 -70.31 37.47
C LEU V 215 -50.08 -70.14 35.94
N LYS V 216 -50.85 -70.94 35.19
CA LYS V 216 -50.88 -70.97 33.72
C LYS V 216 -49.50 -71.19 33.08
N LEU V 217 -48.62 -71.97 33.72
CA LEU V 217 -47.34 -72.40 33.14
C LEU V 217 -47.59 -73.34 31.95
N THR V 218 -46.92 -73.13 30.82
CA THR V 218 -47.12 -74.01 29.63
C THR V 218 -46.44 -75.38 29.77
N THR V 219 -45.27 -75.44 30.42
CA THR V 219 -44.43 -76.63 30.59
C THR V 219 -43.83 -76.68 32.00
N PRO V 220 -44.62 -77.04 33.03
CA PRO V 220 -44.13 -77.16 34.40
C PRO V 220 -43.22 -78.37 34.56
N THR V 221 -42.03 -78.13 35.08
CA THR V 221 -41.01 -79.14 35.38
C THR V 221 -41.15 -79.66 36.81
N TYR V 222 -40.37 -80.67 37.18
CA TYR V 222 -40.20 -81.01 38.60
C TYR V 222 -39.61 -79.86 39.40
N GLY V 223 -38.79 -78.99 38.83
CA GLY V 223 -38.28 -77.81 39.53
C GLY V 223 -39.36 -76.81 39.93
N ASP V 224 -40.43 -76.71 39.14
CA ASP V 224 -41.60 -75.90 39.44
C ASP V 224 -42.50 -76.55 40.50
N LEU V 225 -42.62 -77.88 40.49
CA LEU V 225 -43.35 -78.60 41.53
C LEU V 225 -42.66 -78.51 42.89
N ASN V 226 -41.34 -78.59 42.90
CA ASN V 226 -40.51 -78.54 44.10
C ASN V 226 -40.54 -77.18 44.78
N HIS V 227 -40.79 -76.14 44.00
CA HIS V 227 -40.97 -74.76 44.43
C HIS V 227 -42.31 -74.56 45.14
N LEU V 228 -43.40 -75.17 44.67
CA LEU V 228 -44.67 -75.18 45.40
C LEU V 228 -44.61 -75.93 46.73
N VAL V 229 -43.96 -77.10 46.78
CA VAL V 229 -43.80 -77.86 48.03
C VAL V 229 -43.01 -77.04 49.03
N SER V 230 -41.86 -76.52 48.65
CA SER V 230 -40.94 -75.85 49.56
C SER V 230 -41.46 -74.50 50.08
N ALA V 231 -42.36 -73.82 49.39
CA ALA V 231 -43.08 -72.67 49.93
C ALA V 231 -43.91 -73.02 51.18
N THR V 232 -44.62 -74.15 51.20
CA THR V 232 -45.37 -74.63 52.38
C THR V 232 -44.47 -75.21 53.47
N MET V 233 -43.30 -75.74 53.14
CA MET V 233 -42.31 -76.13 54.14
C MET V 233 -41.75 -74.93 54.90
N SER V 234 -41.34 -73.87 54.19
CA SER V 234 -40.97 -72.59 54.79
C SER V 234 -42.14 -72.03 55.59
N GLY V 235 -43.37 -72.18 55.09
CA GLY V 235 -44.54 -71.64 55.74
C GLY V 235 -44.80 -72.12 57.16
N VAL V 236 -44.84 -73.43 57.41
CA VAL V 236 -45.30 -73.97 58.70
C VAL V 236 -44.33 -73.74 59.86
N THR V 237 -43.04 -73.55 59.61
CA THR V 237 -42.04 -73.24 60.64
C THR V 237 -41.84 -71.75 60.89
N THR V 238 -42.47 -70.88 60.10
CA THR V 238 -42.26 -69.42 60.11
C THR V 238 -42.31 -68.83 61.51
N CYS V 239 -43.27 -69.26 62.33
CA CYS V 239 -43.48 -68.75 63.68
C CYS V 239 -42.41 -69.13 64.71
N LEU V 240 -41.45 -69.99 64.43
CA LEU V 240 -40.24 -70.12 65.26
C LEU V 240 -39.00 -69.43 64.64
N ARG V 241 -39.11 -68.84 63.46
CA ARG V 241 -38.04 -68.14 62.75
C ARG V 241 -38.19 -66.62 62.74
N PHE V 242 -39.42 -66.12 62.87
CA PHE V 242 -39.76 -64.70 62.82
C PHE V 242 -40.77 -64.33 63.92
N PRO V 243 -40.82 -63.05 64.34
CA PRO V 243 -41.82 -62.56 65.30
C PRO V 243 -43.22 -62.46 64.68
N GLY V 244 -44.26 -62.34 65.50
CA GLY V 244 -45.64 -62.32 65.03
C GLY V 244 -46.66 -61.85 66.06
N GLN V 245 -47.88 -61.54 65.63
CA GLN V 245 -48.99 -61.18 66.51
C GLN V 245 -49.59 -62.41 67.22
N LEU V 246 -49.52 -63.58 66.60
CA LEU V 246 -49.88 -64.89 67.14
C LEU V 246 -48.78 -65.87 66.76
N ASN V 247 -47.97 -66.34 67.70
CA ASN V 247 -46.93 -67.32 67.42
C ASN V 247 -47.48 -68.76 67.54
N ALA V 248 -47.14 -69.63 66.60
CA ALA V 248 -47.47 -71.06 66.62
C ALA V 248 -46.27 -71.95 66.27
N ASP V 249 -45.67 -72.61 67.27
CA ASP V 249 -44.68 -73.67 67.09
C ASP V 249 -45.28 -74.89 66.38
N LEU V 250 -44.48 -75.77 65.77
CA LEU V 250 -44.97 -77.03 65.19
C LEU V 250 -45.78 -77.86 66.19
N ARG V 251 -45.48 -77.81 67.48
CA ARG V 251 -46.26 -78.45 68.54
C ARG V 251 -47.61 -77.74 68.81
N LYS V 252 -47.67 -76.41 68.74
CA LYS V 252 -48.90 -75.60 68.85
C LYS V 252 -49.83 -75.82 67.67
N LEU V 253 -49.28 -76.17 66.51
CA LEU V 253 -50.05 -76.72 65.39
C LEU V 253 -50.58 -78.11 65.75
N ALA V 254 -49.73 -79.06 66.13
CA ALA V 254 -50.13 -80.44 66.41
C ALA V 254 -51.24 -80.58 67.47
N VAL V 255 -51.15 -79.88 68.60
CA VAL V 255 -52.18 -79.89 69.66
C VAL V 255 -53.55 -79.44 69.15
N ASN V 256 -53.59 -78.47 68.24
CA ASN V 256 -54.82 -77.95 67.66
C ASN V 256 -55.29 -78.73 66.42
N MET V 257 -54.38 -79.34 65.68
CA MET V 257 -54.63 -79.99 64.40
C MET V 257 -54.99 -81.46 64.49
N VAL V 258 -54.55 -82.19 65.52
CA VAL V 258 -54.70 -83.66 65.62
C VAL V 258 -55.66 -84.03 66.74
N PRO V 259 -56.96 -84.19 66.50
CA PRO V 259 -57.94 -84.48 67.54
C PRO V 259 -57.71 -85.85 68.16
N PHE V 260 -57.63 -86.89 67.34
CA PHE V 260 -57.36 -88.27 67.74
C PHE V 260 -56.01 -88.72 67.15
N PRO V 261 -55.16 -89.45 67.90
CA PRO V 261 -53.70 -89.52 67.67
C PRO V 261 -53.21 -89.76 66.24
N ARG V 262 -53.91 -90.62 65.51
CA ARG V 262 -53.59 -91.16 64.18
C ARG V 262 -54.10 -90.29 63.03
N LEU V 263 -54.98 -89.32 63.27
CA LEU V 263 -55.55 -88.46 62.23
C LEU V 263 -54.66 -87.26 61.93
N HIS V 264 -53.39 -87.48 61.63
CA HIS V 264 -52.39 -86.44 61.41
C HIS V 264 -51.88 -86.35 59.97
N PHE V 265 -52.60 -86.95 59.02
CA PHE V 265 -52.32 -86.88 57.59
C PHE V 265 -52.90 -85.60 57.00
N PHE V 266 -52.11 -84.54 57.06
CA PHE V 266 -52.50 -83.22 56.59
C PHE V 266 -52.34 -83.07 55.08
N MET V 267 -52.81 -81.95 54.55
CA MET V 267 -52.93 -81.62 53.15
C MET V 267 -52.64 -80.12 52.97
N PRO V 268 -51.46 -79.71 52.49
CA PRO V 268 -51.03 -78.33 52.52
C PRO V 268 -51.53 -77.49 51.35
N GLY V 269 -51.42 -76.17 51.45
CA GLY V 269 -51.67 -75.20 50.40
C GLY V 269 -50.98 -73.88 50.65
N PHE V 270 -50.97 -72.99 49.67
CA PHE V 270 -50.26 -71.72 49.71
C PHE V 270 -51.02 -70.63 48.96
N ALA V 271 -50.93 -69.39 49.41
CA ALA V 271 -51.47 -68.21 48.76
C ALA V 271 -50.56 -67.00 49.04
N PRO V 272 -50.56 -65.96 48.21
CA PRO V 272 -51.21 -65.86 46.92
C PRO V 272 -50.43 -66.65 45.85
N LEU V 273 -51.14 -67.36 44.98
CA LEU V 273 -50.61 -67.85 43.72
C LEU V 273 -51.34 -67.16 42.57
N THR V 274 -50.63 -66.54 41.65
CA THR V 274 -51.24 -65.78 40.54
C THR V 274 -50.59 -66.17 39.23
N SER V 275 -51.36 -66.18 38.15
CA SER V 275 -50.81 -66.29 36.81
C SER V 275 -49.76 -65.21 36.58
N ARG V 276 -48.57 -65.58 36.11
CA ARG V 276 -47.42 -64.67 36.03
C ARG V 276 -47.70 -63.36 35.29
N GLY V 277 -48.51 -63.40 34.24
CA GLY V 277 -48.91 -62.24 33.46
C GLY V 277 -50.04 -61.40 34.04
N SER V 278 -50.60 -61.76 35.19
CA SER V 278 -51.81 -61.15 35.75
C SER V 278 -51.62 -60.42 37.07
N GLN V 279 -50.43 -60.39 37.67
CA GLN V 279 -50.28 -59.89 39.04
C GLN V 279 -50.76 -58.44 39.25
N GLN V 280 -50.47 -57.52 38.33
CA GLN V 280 -50.85 -56.11 38.47
C GLN V 280 -52.35 -55.84 38.60
N TYR V 281 -53.21 -56.79 38.21
CA TYR V 281 -54.66 -56.64 38.27
C TYR V 281 -55.27 -57.14 39.59
N ARG V 282 -54.49 -57.85 40.41
CA ARG V 282 -54.95 -58.49 41.64
C ARG V 282 -54.69 -57.61 42.87
N ALA V 283 -55.64 -57.49 43.78
CA ALA V 283 -55.44 -56.86 45.07
C ALA V 283 -54.99 -57.89 46.12
N LEU V 284 -53.74 -57.83 46.58
CA LEU V 284 -53.28 -58.67 47.70
C LEU V 284 -53.89 -58.18 49.01
N THR V 285 -54.76 -58.98 49.60
CA THR V 285 -55.41 -58.64 50.87
C THR V 285 -56.06 -59.88 51.49
N VAL V 286 -56.27 -59.90 52.80
CA VAL V 286 -56.74 -61.07 53.56
C VAL V 286 -57.97 -61.79 52.99
N PRO V 287 -59.04 -61.12 52.50
CA PRO V 287 -60.17 -61.84 51.93
C PRO V 287 -59.90 -62.44 50.54
N GLU V 288 -58.92 -61.97 49.78
CA GLU V 288 -58.52 -62.64 48.54
C GLU V 288 -57.60 -63.82 48.82
N LEU V 289 -56.64 -63.65 49.75
CA LEU V 289 -55.85 -64.76 50.26
C LEU V 289 -56.75 -65.87 50.80
N THR V 290 -57.84 -65.53 51.51
CA THR V 290 -58.80 -66.51 51.99
C THR V 290 -59.58 -67.21 50.87
N GLN V 291 -60.13 -66.49 49.89
CA GLN V 291 -60.89 -67.07 48.79
C GLN V 291 -60.06 -67.93 47.83
N GLN V 292 -58.73 -67.79 47.83
CA GLN V 292 -57.82 -68.73 47.20
C GLN V 292 -57.50 -69.93 48.10
N MET V 293 -57.05 -69.67 49.33
CA MET V 293 -56.59 -70.63 50.29
C MET V 293 -57.61 -71.74 50.57
N PHE V 294 -58.88 -71.40 50.76
CA PHE V 294 -59.93 -72.36 51.07
C PHE V 294 -60.64 -72.97 49.86
N ASP V 295 -60.12 -72.80 48.64
CA ASP V 295 -60.70 -73.35 47.42
C ASP V 295 -59.95 -74.60 46.94
N ALA V 296 -60.73 -75.59 46.56
CA ALA V 296 -60.39 -76.99 46.26
C ALA V 296 -59.27 -77.13 45.21
N LYS V 297 -59.11 -76.14 44.32
CA LYS V 297 -58.04 -76.10 43.32
C LYS V 297 -56.66 -75.76 43.88
N ASN V 298 -56.57 -75.18 45.07
CA ASN V 298 -55.30 -74.74 45.67
C ASN V 298 -54.56 -75.83 46.48
N MET V 299 -55.25 -76.80 47.06
CA MET V 299 -54.65 -77.82 47.92
C MET V 299 -53.75 -78.79 47.13
N MET V 300 -52.63 -79.20 47.72
CA MET V 300 -51.56 -79.99 47.09
C MET V 300 -51.72 -81.52 47.19
N ALA V 301 -52.92 -82.02 47.47
CA ALA V 301 -53.30 -83.42 47.32
C ALA V 301 -54.56 -83.55 46.45
N ALA V 302 -54.73 -84.65 45.72
CA ALA V 302 -55.83 -84.79 44.75
C ALA V 302 -57.23 -84.76 45.36
N CYS V 303 -57.37 -84.97 46.66
CA CYS V 303 -58.63 -84.92 47.39
C CYS V 303 -59.32 -83.57 47.21
N ASP V 304 -60.52 -83.57 46.64
CA ASP V 304 -61.39 -82.42 46.75
C ASP V 304 -62.00 -82.40 48.17
N PRO V 305 -61.78 -81.36 48.98
CA PRO V 305 -62.36 -81.31 50.31
C PRO V 305 -63.88 -81.35 50.31
N ARG V 306 -64.55 -81.03 49.19
CA ARG V 306 -66.00 -81.19 49.04
C ARG V 306 -66.47 -82.65 49.06
N HIS V 307 -65.56 -83.63 49.06
CA HIS V 307 -65.84 -85.06 49.29
C HIS V 307 -65.70 -85.50 50.76
N GLY V 308 -65.49 -84.58 51.70
CA GLY V 308 -65.40 -84.86 53.12
C GLY V 308 -65.83 -83.69 53.99
N ARG V 309 -65.28 -83.60 55.20
CA ARG V 309 -65.34 -82.44 56.10
C ARG V 309 -63.96 -82.22 56.69
N TYR V 310 -63.55 -81.00 56.96
CA TYR V 310 -62.35 -80.73 57.75
C TYR V 310 -62.57 -81.07 59.23
N LEU V 311 -61.54 -81.59 59.88
CA LEU V 311 -61.47 -81.70 61.33
C LEU V 311 -60.98 -80.36 61.88
N THR V 312 -59.75 -80.00 61.51
CA THR V 312 -59.11 -78.73 61.78
C THR V 312 -58.46 -78.20 60.51
N VAL V 313 -58.45 -76.89 60.33
CA VAL V 313 -57.59 -76.20 59.39
C VAL V 313 -56.70 -75.25 60.16
N ALA V 314 -55.42 -75.13 59.82
CA ALA V 314 -54.58 -74.05 60.31
C ALA V 314 -54.23 -73.10 59.16
N ALA V 315 -54.48 -71.82 59.36
CA ALA V 315 -54.04 -70.77 58.44
C ALA V 315 -52.91 -69.95 59.06
N ILE V 316 -51.67 -70.20 58.65
CA ILE V 316 -50.48 -69.48 59.12
C ILE V 316 -50.21 -68.33 58.15
N PHE V 317 -50.77 -67.17 58.47
CA PHE V 317 -50.57 -65.93 57.75
C PHE V 317 -49.21 -65.29 58.04
N ARG V 318 -48.70 -64.54 57.08
CA ARG V 318 -47.49 -63.75 57.17
C ARG V 318 -47.74 -62.38 56.58
N GLY V 319 -47.26 -61.33 57.20
CA GLY V 319 -47.39 -59.94 56.73
C GLY V 319 -48.03 -59.01 57.75
N ARG V 320 -48.02 -57.71 57.47
CA ARG V 320 -48.69 -56.70 58.29
C ARG V 320 -50.18 -56.68 58.00
N MET V 321 -51.00 -57.25 58.88
CA MET V 321 -52.44 -57.38 58.70
C MET V 321 -53.22 -57.30 60.01
N SER V 322 -54.50 -56.96 59.92
CA SER V 322 -55.40 -56.82 61.06
C SER V 322 -55.81 -58.15 61.65
N MET V 323 -55.77 -58.27 62.98
CA MET V 323 -56.34 -59.42 63.65
C MET V 323 -57.86 -59.49 63.54
N LYS V 324 -58.59 -58.35 63.53
CA LYS V 324 -60.04 -58.35 63.25
C LYS V 324 -60.31 -58.94 61.89
N GLU V 325 -59.60 -58.51 60.85
CA GLU V 325 -59.81 -59.01 59.48
C GLU V 325 -59.47 -60.50 59.34
N VAL V 326 -58.37 -60.97 59.92
CA VAL V 326 -58.08 -62.41 59.95
C VAL V 326 -59.16 -63.16 60.70
N ASP V 327 -59.53 -62.72 61.90
CA ASP V 327 -60.51 -63.44 62.73
C ASP V 327 -61.94 -63.42 62.12
N GLU V 328 -62.30 -62.33 61.42
CA GLU V 328 -63.50 -62.18 60.59
C GLU V 328 -63.51 -63.19 59.45
N GLN V 329 -62.43 -63.33 58.67
CA GLN V 329 -62.46 -64.21 57.50
C GLN V 329 -62.43 -65.68 57.90
N MET V 330 -61.67 -66.05 58.93
CA MET V 330 -61.64 -67.43 59.43
C MET V 330 -62.94 -67.82 60.14
N LEU V 331 -63.78 -66.87 60.54
CA LEU V 331 -65.16 -67.08 60.96
C LEU V 331 -66.11 -67.21 59.76
N ASN V 332 -66.06 -66.26 58.82
CA ASN V 332 -66.96 -66.23 57.68
C ASN V 332 -66.83 -67.50 56.84
N VAL V 333 -65.61 -67.99 56.62
CA VAL V 333 -65.41 -69.26 55.90
C VAL V 333 -66.16 -70.41 56.55
N GLN V 334 -65.96 -70.69 57.83
CA GLN V 334 -66.53 -71.91 58.44
C GLN V 334 -68.01 -71.79 58.85
N ASN V 335 -68.62 -70.61 58.72
CA ASN V 335 -70.05 -70.41 58.87
C ASN V 335 -70.78 -70.48 57.53
N LYS V 336 -70.22 -69.87 56.47
CA LYS V 336 -70.76 -69.94 55.11
C LYS V 336 -70.50 -71.29 54.42
N ASN V 337 -69.51 -72.06 54.86
CA ASN V 337 -69.20 -73.42 54.40
C ASN V 337 -69.42 -74.48 55.51
N SER V 338 -70.38 -74.29 56.41
CA SER V 338 -70.51 -75.11 57.63
C SER V 338 -70.72 -76.61 57.40
N SER V 339 -71.30 -77.00 56.27
CA SER V 339 -71.44 -78.38 55.80
C SER V 339 -70.11 -79.08 55.49
N TYR V 340 -68.99 -78.36 55.42
CA TYR V 340 -67.66 -78.89 55.14
C TYR V 340 -66.71 -78.91 56.35
N PHE V 341 -67.20 -78.70 57.56
CA PHE V 341 -66.44 -78.77 58.81
C PHE V 341 -67.16 -79.68 59.81
N VAL V 342 -66.46 -80.43 60.66
CA VAL V 342 -67.16 -81.29 61.61
C VAL V 342 -67.85 -80.48 62.70
N GLU V 343 -69.11 -80.81 63.01
CA GLU V 343 -69.95 -79.99 63.90
C GLU V 343 -69.90 -80.38 65.39
N TRP V 344 -69.03 -81.32 65.76
CA TRP V 344 -68.64 -81.63 67.15
C TRP V 344 -67.38 -80.90 67.61
N ILE V 345 -66.74 -80.11 66.75
CA ILE V 345 -65.72 -79.13 67.12
C ILE V 345 -66.33 -77.74 66.94
N PRO V 346 -66.31 -76.85 67.97
CA PRO V 346 -67.03 -75.57 67.95
C PRO V 346 -66.33 -74.47 67.14
N ASN V 347 -65.02 -74.57 66.93
CA ASN V 347 -64.25 -73.77 65.99
C ASN V 347 -63.20 -74.67 65.35
N ASN V 348 -63.21 -74.80 64.03
CA ASN V 348 -62.34 -75.69 63.31
C ASN V 348 -61.06 -75.00 62.80
N VAL V 349 -60.92 -73.68 62.89
CA VAL V 349 -59.76 -72.96 62.35
C VAL V 349 -58.82 -72.47 63.46
N LYS V 350 -57.57 -72.89 63.42
CA LYS V 350 -56.41 -72.28 64.09
C LYS V 350 -55.89 -71.14 63.22
N THR V 351 -55.50 -70.01 63.80
CA THR V 351 -54.83 -68.92 63.07
C THR V 351 -53.46 -68.66 63.68
N ALA V 352 -52.51 -68.24 62.86
CA ALA V 352 -51.25 -67.67 63.32
C ALA V 352 -50.87 -66.54 62.38
N VAL V 353 -50.11 -65.57 62.87
CA VAL V 353 -49.82 -64.33 62.14
C VAL V 353 -48.39 -63.93 62.43
N CYS V 354 -47.51 -64.06 61.45
CA CYS V 354 -46.13 -63.60 61.48
C CYS V 354 -45.99 -62.19 60.91
N ASP V 355 -45.12 -61.36 61.47
CA ASP V 355 -44.88 -59.98 61.06
C ASP V 355 -44.04 -59.82 59.78
N ILE V 356 -43.46 -60.91 59.26
CA ILE V 356 -42.47 -60.91 58.17
C ILE V 356 -42.96 -61.77 57.00
N PRO V 357 -43.52 -61.16 55.94
CA PRO V 357 -43.99 -61.88 54.76
C PRO V 357 -42.82 -62.31 53.86
N PRO V 358 -42.99 -63.32 52.99
CA PRO V 358 -41.91 -63.82 52.14
C PRO V 358 -41.29 -62.71 51.29
N ARG V 359 -40.01 -62.80 50.96
CA ARG V 359 -39.32 -61.76 50.20
C ARG V 359 -40.01 -61.52 48.85
N GLY V 360 -40.44 -60.31 48.57
CA GLY V 360 -41.21 -59.97 47.36
C GLY V 360 -42.73 -60.15 47.43
N LEU V 361 -43.38 -60.44 48.54
CA LEU V 361 -44.83 -60.22 48.58
C LEU V 361 -45.31 -59.64 49.90
N LYS V 362 -46.33 -58.78 49.86
CA LYS V 362 -46.81 -57.98 50.98
C LYS V 362 -47.47 -58.81 52.09
N MET V 363 -48.01 -59.95 51.73
CA MET V 363 -48.65 -60.90 52.62
C MET V 363 -48.49 -62.31 52.05
N SER V 364 -48.65 -63.35 52.85
CA SER V 364 -48.80 -64.72 52.37
C SER V 364 -49.53 -65.56 53.39
N ALA V 365 -50.13 -66.67 52.97
CA ALA V 365 -50.77 -67.64 53.86
C ALA V 365 -50.37 -69.06 53.48
N THR V 366 -49.89 -69.83 54.44
CA THR V 366 -49.74 -71.28 54.29
C THR V 366 -50.90 -71.96 54.97
N PHE V 367 -51.56 -72.83 54.24
CA PHE V 367 -52.75 -73.56 54.65
C PHE V 367 -52.39 -74.98 55.01
N ILE V 368 -52.91 -75.49 56.11
CA ILE V 368 -52.81 -76.90 56.46
C ILE V 368 -54.21 -77.42 56.71
N GLY V 369 -54.68 -78.33 55.88
CA GLY V 369 -55.96 -78.99 56.08
C GLY V 369 -55.78 -80.34 56.74
N ASN V 370 -56.59 -80.65 57.74
CA ASN V 370 -56.89 -82.02 58.12
C ASN V 370 -58.34 -82.30 57.74
N SER V 371 -58.61 -83.26 56.86
CA SER V 371 -59.95 -83.54 56.39
C SER V 371 -60.19 -85.00 56.13
N THR V 372 -61.40 -85.45 56.42
CA THR V 372 -61.88 -86.81 56.12
C THR V 372 -61.83 -87.14 54.63
N ALA V 373 -61.75 -86.13 53.76
CA ALA V 373 -61.50 -86.33 52.33
C ALA V 373 -60.16 -86.99 52.02
N ILE V 374 -59.17 -86.97 52.93
CA ILE V 374 -57.90 -87.70 52.73
C ILE V 374 -58.11 -89.22 52.68
N GLN V 375 -59.31 -89.72 53.04
CA GLN V 375 -59.68 -91.11 52.79
C GLN V 375 -59.52 -91.50 51.32
N GLU V 376 -59.76 -90.58 50.38
CA GLU V 376 -59.72 -90.87 48.95
C GLU V 376 -58.31 -91.14 48.44
N LEU V 377 -57.30 -90.51 49.05
CA LEU V 377 -55.90 -90.76 48.72
C LEU V 377 -55.48 -92.15 49.20
N PHE V 378 -55.82 -92.53 50.42
CA PHE V 378 -55.53 -93.87 50.92
C PHE V 378 -56.39 -94.95 50.26
N LYS V 379 -57.63 -94.66 49.85
CA LYS V 379 -58.52 -95.63 49.19
C LYS V 379 -57.98 -96.03 47.83
N ARG V 380 -57.63 -95.06 46.97
CA ARG V 380 -57.20 -95.38 45.60
C ARG V 380 -55.85 -96.09 45.55
N ILE V 381 -54.93 -95.81 46.46
CA ILE V 381 -53.73 -96.62 46.62
C ILE V 381 -54.11 -98.03 47.07
N SER V 382 -54.99 -98.18 48.06
CA SER V 382 -55.41 -99.48 48.58
C SER V 382 -56.10 -100.37 47.53
N GLU V 383 -56.90 -99.80 46.64
CA GLU V 383 -57.52 -100.52 45.52
C GLU V 383 -56.57 -100.83 44.35
N GLN V 384 -55.57 -99.99 44.05
CA GLN V 384 -54.50 -100.37 43.12
C GLN V 384 -53.64 -101.50 43.69
N PHE V 385 -53.28 -101.43 44.98
CA PHE V 385 -52.58 -102.50 45.68
C PHE V 385 -53.35 -103.80 45.59
N THR V 386 -54.64 -103.77 45.90
CA THR V 386 -55.48 -104.97 45.94
C THR V 386 -55.54 -105.66 44.58
N ALA V 387 -55.72 -104.92 43.49
CA ALA V 387 -55.85 -105.51 42.16
C ALA V 387 -54.57 -106.21 41.67
N MET V 388 -53.38 -105.77 42.09
CA MET V 388 -52.13 -106.50 41.84
C MET V 388 -51.95 -107.67 42.81
N PHE V 389 -52.20 -107.44 44.09
CA PHE V 389 -51.91 -108.40 45.14
C PHE V 389 -52.79 -109.64 45.08
N ARG V 390 -54.05 -109.56 44.59
CA ARG V 390 -54.90 -110.75 44.44
C ARG V 390 -54.28 -111.81 43.54
N ARG V 391 -53.38 -111.43 42.63
CA ARG V 391 -52.64 -112.31 41.72
C ARG V 391 -51.14 -112.39 42.03
N LYS V 392 -50.73 -111.94 43.23
CA LYS V 392 -49.35 -111.98 43.75
C LYS V 392 -48.30 -111.35 42.82
N ALA V 393 -48.71 -110.48 41.91
CA ALA V 393 -47.83 -109.95 40.87
C ALA V 393 -46.65 -109.19 41.48
N PHE V 394 -45.47 -109.27 40.88
CA PHE V 394 -44.23 -108.61 41.34
C PHE V 394 -43.69 -109.00 42.73
N LEU V 395 -44.33 -109.88 43.50
CA LEU V 395 -43.92 -110.14 44.89
C LEU V 395 -42.57 -110.83 45.04
N HIS V 396 -42.01 -111.44 44.00
CA HIS V 396 -40.72 -112.12 44.11
C HIS V 396 -39.56 -111.14 44.31
N TRP V 397 -39.70 -109.89 43.86
CA TRP V 397 -38.73 -108.83 44.12
C TRP V 397 -38.69 -108.37 45.57
N TYR V 398 -39.78 -108.50 46.31
CA TYR V 398 -39.88 -108.14 47.73
C TYR V 398 -39.60 -109.33 48.64
N THR V 399 -40.20 -110.48 48.36
CA THR V 399 -39.93 -111.72 49.09
C THR V 399 -38.50 -112.23 48.85
N GLY V 400 -37.86 -111.84 47.75
CA GLY V 400 -36.43 -112.06 47.53
C GLY V 400 -35.53 -111.35 48.52
N GLU V 401 -35.94 -110.20 49.04
CA GLU V 401 -35.29 -109.48 50.15
C GLU V 401 -35.65 -110.04 51.54
N GLY V 402 -36.30 -111.19 51.60
CA GLY V 402 -36.72 -111.87 52.83
C GLY V 402 -37.97 -111.34 53.50
N MET V 403 -38.74 -110.49 52.81
CA MET V 403 -40.02 -109.98 53.28
C MET V 403 -41.11 -111.07 53.19
N ASP V 404 -42.05 -111.12 54.12
CA ASP V 404 -43.18 -112.06 54.05
C ASP V 404 -44.33 -111.53 53.20
N GLU V 405 -45.10 -112.45 52.60
CA GLU V 405 -46.43 -112.12 52.07
C GLU V 405 -47.35 -111.61 53.20
N MET V 406 -47.20 -112.13 54.42
CA MET V 406 -47.93 -111.64 55.58
C MET V 406 -47.71 -110.15 55.85
N GLU V 407 -46.56 -109.56 55.46
CA GLU V 407 -46.34 -108.13 55.70
C GLU V 407 -47.14 -107.24 54.75
N PHE V 408 -47.42 -107.73 53.54
CA PHE V 408 -48.30 -107.07 52.60
C PHE V 408 -49.74 -107.11 53.09
N THR V 409 -50.21 -108.29 53.51
CA THR V 409 -51.53 -108.47 54.10
C THR V 409 -51.73 -107.55 55.32
N GLU V 410 -50.72 -107.44 56.18
CA GLU V 410 -50.77 -106.59 57.37
C GLU V 410 -50.65 -105.10 57.07
N ALA V 411 -49.89 -104.70 56.04
CA ALA V 411 -49.85 -103.32 55.59
C ALA V 411 -51.19 -102.84 55.02
N GLU V 412 -51.80 -103.59 54.10
CA GLU V 412 -53.11 -103.24 53.52
C GLU V 412 -54.23 -103.30 54.56
N SER V 413 -54.08 -104.13 55.59
CA SER V 413 -54.98 -104.19 56.74
C SER V 413 -54.92 -102.88 57.54
N ASN V 414 -53.72 -102.42 57.88
CA ASN V 414 -53.48 -101.16 58.54
C ASN V 414 -53.85 -99.92 57.69
N MET V 415 -53.74 -100.01 56.37
CA MET V 415 -54.24 -98.99 55.45
C MET V 415 -55.76 -98.85 55.53
N ASN V 416 -56.53 -99.94 55.43
CA ASN V 416 -57.99 -99.88 55.58
C ASN V 416 -58.42 -99.41 56.98
N ASP V 417 -57.63 -99.69 58.02
CA ASP V 417 -57.86 -99.16 59.37
C ASP V 417 -57.69 -97.64 59.42
N LEU V 418 -56.73 -97.06 58.68
CA LEU V 418 -56.60 -95.61 58.52
C LEU V 418 -57.74 -95.00 57.69
N VAL V 419 -58.18 -95.66 56.62
CA VAL V 419 -59.35 -95.23 55.84
C VAL V 419 -60.61 -95.22 56.69
N SER V 420 -60.79 -96.22 57.54
CA SER V 420 -61.98 -96.37 58.37
C SER V 420 -62.07 -95.29 59.46
N GLU V 421 -60.95 -94.88 60.05
CA GLU V 421 -60.92 -93.84 61.08
C GLU V 421 -61.22 -92.45 60.52
N TYR V 422 -60.78 -92.11 59.31
CA TYR V 422 -61.26 -90.87 58.68
C TYR V 422 -62.72 -90.95 58.24
N GLN V 423 -63.16 -92.06 57.64
CA GLN V 423 -64.55 -92.24 57.24
C GLN V 423 -65.52 -92.27 58.43
N GLN V 424 -65.07 -92.65 59.63
CA GLN V 424 -65.86 -92.65 60.86
C GLN V 424 -66.36 -91.26 61.24
N TYR V 425 -65.52 -90.21 61.11
CA TYR V 425 -65.92 -88.84 61.44
C TYR V 425 -66.56 -88.06 60.29
N GLN V 426 -66.85 -88.69 59.15
CA GLN V 426 -67.46 -88.08 57.98
C GLN V 426 -68.82 -87.44 58.30
N MET W 1 19.84 -73.99 81.64
CA MET W 1 18.42 -73.89 82.05
C MET W 1 17.60 -75.01 81.43
N ARG W 2 17.57 -76.17 82.10
CA ARG W 2 16.79 -77.36 81.71
C ARG W 2 17.06 -77.81 80.29
N GLU W 3 18.33 -77.89 79.94
CA GLU W 3 18.77 -78.44 78.67
C GLU W 3 18.28 -79.87 78.49
N ILE W 4 17.98 -80.24 77.25
CA ILE W 4 17.76 -81.63 76.83
C ILE W 4 18.86 -82.06 75.86
N VAL W 5 19.27 -83.31 76.01
CA VAL W 5 20.15 -84.02 75.07
C VAL W 5 19.31 -84.99 74.29
N HIS W 6 19.36 -84.92 72.97
CA HIS W 6 18.52 -85.73 72.11
C HIS W 6 19.35 -86.74 71.33
N LEU W 7 18.90 -87.98 71.19
CA LEU W 7 19.69 -89.05 70.59
C LEU W 7 18.84 -89.82 69.58
N GLN W 8 19.37 -90.05 68.39
CA GLN W 8 18.66 -90.72 67.29
C GLN W 8 19.29 -92.07 66.96
N ALA W 9 18.54 -93.17 66.94
CA ALA W 9 19.10 -94.50 66.67
C ALA W 9 18.41 -95.27 65.51
N GLY W 10 19.22 -95.80 64.60
CA GLY W 10 18.75 -96.59 63.46
C GLY W 10 18.08 -95.77 62.38
N GLN W 11 17.45 -96.40 61.38
CA GLN W 11 16.77 -95.64 60.33
C GLN W 11 15.56 -94.88 60.88
N CYS W 12 14.64 -95.54 61.58
CA CYS W 12 13.43 -94.88 62.07
C CYS W 12 13.74 -93.75 63.05
N GLY W 13 14.61 -93.96 64.04
CA GLY W 13 14.96 -92.94 65.02
C GLY W 13 15.62 -91.70 64.43
N ASN W 14 16.46 -91.88 63.41
CA ASN W 14 17.06 -90.77 62.66
C ASN W 14 16.08 -90.11 61.72
N GLN W 15 15.01 -90.77 61.28
CA GLN W 15 14.01 -90.19 60.40
C GLN W 15 12.94 -89.40 61.16
N ILE W 16 12.38 -89.94 62.26
CA ILE W 16 11.50 -89.17 63.14
C ILE W 16 12.28 -88.04 63.83
N GLY W 17 13.56 -88.23 64.14
CA GLY W 17 14.46 -87.20 64.65
C GLY W 17 14.79 -86.09 63.65
N ALA W 18 15.22 -86.41 62.43
CA ALA W 18 15.52 -85.42 61.41
C ALA W 18 14.30 -84.61 60.97
N LYS W 19 13.08 -85.14 61.13
CA LYS W 19 11.85 -84.35 60.99
C LYS W 19 11.58 -83.51 62.22
N PHE W 20 11.74 -84.04 63.42
CA PHE W 20 11.61 -83.26 64.65
C PHE W 20 12.48 -82.00 64.64
N TRP W 21 13.73 -82.09 64.19
CA TRP W 21 14.63 -80.93 64.07
C TRP W 21 14.20 -79.90 63.04
N GLU W 22 13.44 -80.27 62.03
CA GLU W 22 12.80 -79.32 61.12
C GLU W 22 11.60 -78.62 61.77
N VAL W 23 10.80 -79.33 62.58
CA VAL W 23 9.67 -78.78 63.33
C VAL W 23 10.11 -77.80 64.42
N ILE W 24 11.02 -78.17 65.31
CA ILE W 24 11.41 -77.25 66.38
C ILE W 24 12.32 -76.12 65.88
N SER W 25 13.00 -76.28 64.74
CA SER W 25 13.68 -75.14 64.12
C SER W 25 12.71 -74.14 63.51
N ASP W 26 11.54 -74.56 63.02
CA ASP W 26 10.50 -73.66 62.56
C ASP W 26 9.89 -72.86 63.73
N GLU W 27 9.63 -73.54 64.85
CA GLU W 27 9.15 -72.94 66.10
C GLU W 27 10.11 -71.88 66.64
N HIS W 28 11.39 -72.24 66.79
CA HIS W 28 12.42 -71.35 67.31
C HIS W 28 12.97 -70.39 66.23
N GLY W 29 12.48 -70.44 65.00
CA GLY W 29 12.84 -69.51 63.94
C GLY W 29 14.30 -69.60 63.53
N ILE W 30 14.82 -70.82 63.42
CA ILE W 30 16.19 -71.12 63.00
C ILE W 30 16.17 -71.60 61.55
N ASP W 31 17.04 -70.98 60.77
CA ASP W 31 17.28 -71.23 59.34
C ASP W 31 17.99 -72.59 59.13
N PRO W 32 17.81 -73.30 58.00
CA PRO W 32 18.57 -74.52 57.70
C PRO W 32 20.10 -74.37 57.77
N THR W 33 20.63 -73.15 57.72
CA THR W 33 22.04 -72.83 57.90
C THR W 33 22.48 -72.89 59.38
N GLY W 34 21.51 -72.84 60.29
CA GLY W 34 21.70 -72.69 61.74
C GLY W 34 21.60 -71.23 62.25
N ALA W 35 21.44 -70.25 61.37
CA ALA W 35 21.26 -68.84 61.74
C ALA W 35 19.85 -68.56 62.27
N TYR W 36 19.67 -67.69 63.26
CA TYR W 36 18.33 -67.28 63.72
C TYR W 36 17.69 -66.23 62.79
N HIS W 37 16.44 -66.46 62.41
CA HIS W 37 15.64 -65.62 61.50
C HIS W 37 14.20 -65.43 61.98
N GLY W 38 13.89 -65.74 63.22
CA GLY W 38 12.54 -65.68 63.78
C GLY W 38 11.97 -64.29 64.03
N ASP W 39 10.68 -64.23 64.34
CA ASP W 39 9.91 -63.02 64.66
C ASP W 39 10.17 -62.49 66.08
N SER W 40 10.26 -63.39 67.05
CA SER W 40 9.90 -63.10 68.43
C SER W 40 11.01 -63.41 69.43
N ASP W 41 11.08 -62.63 70.50
CA ASP W 41 12.03 -62.85 71.58
C ASP W 41 11.80 -64.18 72.31
N LEU W 42 10.55 -64.66 72.37
CA LEU W 42 10.20 -65.90 73.04
C LEU W 42 10.80 -67.12 72.34
N GLN W 43 11.00 -67.05 71.02
CA GLN W 43 11.71 -68.06 70.26
C GLN W 43 13.16 -68.20 70.66
N LEU W 44 13.78 -67.10 71.07
CA LEU W 44 15.20 -67.02 71.42
C LEU W 44 15.45 -67.24 72.91
N GLU W 45 14.50 -66.89 73.76
CA GLU W 45 14.57 -66.97 75.23
C GLU W 45 14.99 -68.35 75.75
N ARG W 46 14.51 -69.44 75.14
CA ARG W 46 14.80 -70.83 75.53
C ARG W 46 15.45 -71.67 74.43
N ILE W 47 16.08 -71.04 73.46
CA ILE W 47 16.77 -71.75 72.37
C ILE W 47 17.87 -72.70 72.89
N ASN W 48 18.43 -72.42 74.07
CA ASN W 48 19.37 -73.29 74.74
C ASN W 48 18.78 -74.66 75.11
N VAL W 49 17.47 -74.85 75.20
CA VAL W 49 16.88 -76.15 75.57
C VAL W 49 17.23 -77.26 74.60
N TYR W 50 17.34 -76.94 73.30
CA TYR W 50 17.64 -77.89 72.25
C TYR W 50 18.89 -77.55 71.43
N TYR W 51 19.51 -76.39 71.63
CA TYR W 51 20.63 -75.93 70.81
C TYR W 51 21.78 -75.39 71.67
N ASN W 52 22.98 -75.40 71.11
CA ASN W 52 24.16 -74.73 71.62
C ASN W 52 24.37 -73.43 70.82
N GLU W 53 24.67 -72.32 71.49
CA GLU W 53 25.15 -71.12 70.81
C GLU W 53 26.58 -71.36 70.30
N ALA W 54 26.87 -70.94 69.08
CA ALA W 54 28.20 -70.93 68.48
C ALA W 54 28.47 -69.58 67.76
N THR W 55 29.70 -69.38 67.29
CA THR W 55 30.16 -68.08 66.77
C THR W 55 29.30 -67.52 65.63
N GLY W 56 29.16 -66.21 65.55
CA GLY W 56 28.27 -65.54 64.58
C GLY W 56 26.77 -65.69 64.88
N GLY W 57 26.40 -66.07 66.10
CA GLY W 57 25.02 -66.37 66.51
C GLY W 57 24.39 -67.53 65.72
N LYS W 58 25.20 -68.46 65.19
CA LYS W 58 24.75 -69.75 64.66
C LYS W 58 24.39 -70.67 65.82
N TYR W 59 23.30 -71.41 65.67
CA TYR W 59 22.81 -72.35 66.65
C TYR W 59 23.02 -73.78 66.16
N VAL W 60 23.59 -74.63 67.00
CA VAL W 60 23.92 -76.02 66.66
C VAL W 60 23.08 -76.93 67.54
N PRO W 61 22.19 -77.77 67.00
CA PRO W 61 21.32 -78.58 67.81
C PRO W 61 22.07 -79.66 68.57
N ARG W 62 21.63 -79.91 69.79
CA ARG W 62 22.20 -80.89 70.71
C ARG W 62 21.67 -82.30 70.47
N ALA W 63 21.73 -82.73 69.22
CA ALA W 63 21.51 -84.09 68.80
C ALA W 63 22.80 -84.90 68.79
N VAL W 64 22.72 -86.17 69.16
CA VAL W 64 23.69 -87.21 68.79
C VAL W 64 23.01 -88.14 67.79
N LEU W 65 23.67 -88.44 66.69
CA LEU W 65 23.12 -89.23 65.60
C LEU W 65 23.86 -90.55 65.56
N VAL W 66 23.18 -91.66 65.80
CA VAL W 66 23.78 -93.00 65.94
C VAL W 66 23.18 -93.97 64.93
N ASP W 67 24.03 -94.70 64.22
CA ASP W 67 23.66 -95.76 63.28
C ASP W 67 24.80 -96.73 63.14
N LEU W 68 24.54 -97.95 62.68
CA LEU W 68 25.57 -98.95 62.38
C LEU W 68 25.93 -99.00 60.87
N GLU W 69 25.23 -98.22 60.06
CA GLU W 69 25.40 -98.04 58.61
C GLU W 69 25.65 -96.56 58.29
N PRO W 70 26.45 -96.21 57.27
CA PRO W 70 26.64 -94.82 56.87
C PRO W 70 25.42 -94.23 56.13
N GLY W 71 24.66 -95.05 55.40
CA GLY W 71 23.60 -94.60 54.49
C GLY W 71 22.49 -93.75 55.10
N THR W 72 22.11 -93.92 56.37
CA THR W 72 21.15 -92.98 57.00
C THR W 72 21.81 -91.66 57.40
N MET W 73 23.06 -91.65 57.84
CA MET W 73 23.82 -90.42 58.05
C MET W 73 23.93 -89.62 56.75
N ASP W 74 24.26 -90.30 55.66
CA ASP W 74 24.32 -89.70 54.33
C ASP W 74 22.97 -89.12 53.89
N SER W 75 21.86 -89.79 54.24
CA SER W 75 20.51 -89.33 53.91
C SER W 75 20.07 -88.14 54.78
N VAL W 76 20.47 -88.10 56.05
CA VAL W 76 20.21 -86.97 56.96
C VAL W 76 21.10 -85.78 56.61
N ARG W 77 22.42 -85.95 56.48
CA ARG W 77 23.40 -84.90 56.17
C ARG W 77 23.13 -84.19 54.85
N SER W 78 22.63 -84.90 53.85
CA SER W 78 22.18 -84.36 52.56
C SER W 78 20.74 -83.80 52.56
N GLY W 79 19.98 -83.98 53.64
CA GLY W 79 18.55 -83.69 53.71
C GLY W 79 18.18 -82.22 53.86
N PRO W 80 16.88 -81.90 54.07
CA PRO W 80 16.36 -80.54 54.20
C PRO W 80 17.06 -79.67 55.26
N PHE W 81 17.45 -80.29 56.38
CA PHE W 81 18.10 -79.62 57.52
C PHE W 81 19.45 -80.26 57.90
N GLY W 82 20.00 -81.14 57.07
CA GLY W 82 21.17 -81.94 57.41
C GLY W 82 22.43 -81.19 57.81
N GLN W 83 22.61 -79.99 57.26
CA GLN W 83 23.79 -79.16 57.51
C GLN W 83 23.78 -78.51 58.89
N ILE W 84 22.67 -78.61 59.64
CA ILE W 84 22.54 -77.98 60.95
C ILE W 84 23.37 -78.70 62.03
N PHE W 85 23.44 -80.03 62.00
CA PHE W 85 24.03 -80.86 63.04
C PHE W 85 25.56 -80.77 63.08
N ARG W 86 26.17 -81.00 64.25
CA ARG W 86 27.63 -80.98 64.41
C ARG W 86 28.25 -82.20 63.71
N PRO W 87 29.22 -82.06 62.78
CA PRO W 87 29.86 -83.20 62.12
C PRO W 87 30.41 -84.26 63.08
N ASP W 88 30.95 -83.87 64.24
CA ASP W 88 31.42 -84.80 65.28
C ASP W 88 30.32 -85.62 65.95
N ASN W 89 29.06 -85.19 65.88
CA ASN W 89 27.94 -85.85 66.53
C ASN W 89 27.31 -86.94 65.66
N PHE W 90 27.67 -87.05 64.39
CA PHE W 90 27.36 -88.22 63.58
C PHE W 90 28.32 -89.35 63.95
N VAL W 91 27.86 -90.31 64.74
CA VAL W 91 28.65 -91.46 65.19
C VAL W 91 28.12 -92.72 64.50
N PHE W 92 28.94 -93.41 63.73
CA PHE W 92 28.46 -94.52 62.90
C PHE W 92 29.48 -95.62 62.66
N GLY W 93 28.99 -96.84 62.45
CA GLY W 93 29.74 -98.00 61.96
C GLY W 93 29.78 -98.09 60.42
N GLN W 94 30.14 -99.26 59.88
CA GLN W 94 30.09 -99.53 58.43
C GLN W 94 29.15 -100.69 58.07
N SER W 95 29.34 -101.86 58.69
CA SER W 95 28.44 -103.03 58.53
C SER W 95 27.22 -102.90 59.45
N GLY W 96 26.01 -103.04 58.91
CA GLY W 96 24.78 -102.79 59.66
C GLY W 96 24.44 -103.79 60.75
N ALA W 97 23.27 -103.61 61.38
CA ALA W 97 22.75 -104.53 62.39
C ALA W 97 22.08 -105.77 61.82
N GLY W 98 21.89 -105.93 60.51
CA GLY W 98 21.23 -107.12 59.95
C GLY W 98 19.80 -107.38 60.45
N ASN W 99 19.11 -106.36 60.97
CA ASN W 99 17.85 -106.48 61.72
C ASN W 99 17.95 -107.44 62.91
N ASN W 100 19.10 -107.46 63.57
CA ASN W 100 19.41 -108.35 64.67
C ASN W 100 19.66 -107.56 65.96
N TRP W 101 18.84 -107.77 67.00
CA TRP W 101 19.05 -107.13 68.30
C TRP W 101 20.42 -107.43 68.89
N ALA W 102 20.90 -108.67 68.78
CA ALA W 102 22.15 -109.09 69.35
C ALA W 102 23.34 -108.47 68.65
N LYS W 103 23.27 -108.15 67.35
CA LYS W 103 24.29 -107.33 66.69
C LYS W 103 24.33 -105.92 67.25
N GLY W 104 23.17 -105.28 67.42
CA GLY W 104 23.08 -104.00 68.08
C GLY W 104 23.69 -103.98 69.48
N HIS W 105 23.25 -104.88 70.35
CA HIS W 105 23.59 -104.88 71.78
C HIS W 105 24.94 -105.52 72.14
N TYR W 106 25.49 -106.46 71.35
CA TYR W 106 26.63 -107.29 71.77
C TYR W 106 27.86 -107.22 70.88
N THR W 107 27.74 -106.77 69.63
CA THR W 107 28.83 -106.92 68.65
C THR W 107 29.16 -105.62 67.92
N GLU W 108 28.25 -105.18 67.08
CA GLU W 108 28.45 -104.08 66.14
C GLU W 108 28.26 -102.73 66.80
N GLY W 109 27.33 -102.65 67.76
CA GLY W 109 27.06 -101.47 68.57
C GLY W 109 27.78 -101.47 69.89
N ALA W 110 28.15 -102.64 70.44
CA ALA W 110 29.04 -102.71 71.59
C ALA W 110 30.44 -102.18 71.29
N GLU W 111 30.91 -102.33 70.05
CA GLU W 111 32.11 -101.66 69.56
C GLU W 111 31.94 -100.13 69.52
N LEU W 112 30.79 -99.66 69.00
CA LEU W 112 30.52 -98.26 68.71
C LEU W 112 30.09 -97.44 69.93
N VAL W 113 29.48 -98.03 70.97
CA VAL W 113 28.94 -97.29 72.11
C VAL W 113 30.00 -96.49 72.87
N ASP W 114 31.25 -96.95 72.93
CA ASP W 114 32.36 -96.18 73.50
C ASP W 114 32.63 -94.86 72.76
N SER W 115 32.35 -94.82 71.45
CA SER W 115 32.46 -93.64 70.60
C SER W 115 31.19 -92.78 70.63
N VAL W 116 30.02 -93.35 70.98
CA VAL W 116 28.77 -92.60 71.21
C VAL W 116 28.78 -91.93 72.56
N LEU W 117 29.04 -92.68 73.61
CA LEU W 117 28.84 -92.24 74.97
C LEU W 117 29.72 -91.05 75.31
N ASP W 118 30.97 -91.02 74.80
CA ASP W 118 31.90 -89.92 74.99
C ASP W 118 31.54 -88.62 74.23
N VAL W 119 30.61 -88.67 73.29
CA VAL W 119 29.95 -87.49 72.67
C VAL W 119 28.76 -87.03 73.51
N VAL W 120 27.98 -87.96 74.05
CA VAL W 120 26.90 -87.65 75.00
C VAL W 120 27.44 -86.90 76.23
N ARG W 121 28.65 -87.23 76.69
CA ARG W 121 29.40 -86.46 77.69
C ARG W 121 29.76 -85.03 77.28
N LYS W 122 30.20 -84.78 76.06
CA LYS W 122 30.58 -83.43 75.60
C LYS W 122 29.37 -82.52 75.54
N GLU W 123 28.22 -83.04 75.12
CA GLU W 123 26.98 -82.27 75.11
C GLU W 123 26.42 -82.05 76.52
N ALA W 124 26.36 -83.08 77.37
CA ALA W 124 25.89 -82.97 78.76
C ALA W 124 26.78 -82.11 79.67
N GLU W 125 28.09 -82.03 79.44
CA GLU W 125 29.01 -81.15 80.15
C GLU W 125 28.89 -79.68 79.65
N SER W 126 28.49 -79.46 78.40
CA SER W 126 28.17 -78.12 77.87
C SER W 126 26.85 -77.55 78.40
N CYS W 127 25.98 -78.39 78.97
CA CYS W 127 24.71 -77.95 79.57
C CYS W 127 24.93 -77.18 80.87
N ASP W 128 24.08 -76.19 81.12
CA ASP W 128 24.07 -75.41 82.37
C ASP W 128 23.35 -76.17 83.51
N CYS W 129 22.17 -76.71 83.20
CA CYS W 129 21.45 -77.66 84.03
C CYS W 129 20.66 -78.59 83.11
N LEU W 130 21.19 -79.78 82.87
CA LEU W 130 20.53 -80.83 82.12
C LEU W 130 19.29 -81.34 82.86
N GLN W 131 18.11 -81.36 82.24
CA GLN W 131 16.92 -82.03 82.78
C GLN W 131 16.80 -83.47 82.29
N GLY W 132 17.25 -83.79 81.08
CA GLY W 132 17.09 -85.15 80.59
C GLY W 132 17.57 -85.49 79.19
N PHE W 133 17.28 -86.73 78.81
CA PHE W 133 17.64 -87.38 77.57
C PHE W 133 16.37 -87.74 76.80
N GLN W 134 16.33 -87.41 75.51
CA GLN W 134 15.17 -87.59 74.65
C GLN W 134 15.56 -88.47 73.46
N LEU W 135 15.34 -89.79 73.55
CA LEU W 135 15.88 -90.76 72.58
C LEU W 135 14.83 -91.24 71.59
N THR W 136 15.04 -91.07 70.27
CA THR W 136 14.15 -91.56 69.21
C THR W 136 14.68 -92.84 68.57
N HIS W 137 13.84 -93.87 68.52
CA HIS W 137 14.20 -95.19 68.00
C HIS W 137 12.96 -96.03 67.65
N SER W 138 13.17 -97.17 67.04
CA SER W 138 12.17 -98.19 66.75
C SER W 138 12.50 -99.50 67.50
N LEU W 139 11.50 -100.29 67.87
CA LEU W 139 11.70 -101.56 68.60
C LEU W 139 11.78 -102.78 67.66
N GLY W 140 11.28 -102.67 66.44
CA GLY W 140 11.63 -103.59 65.36
C GLY W 140 13.05 -103.37 64.84
N GLY W 141 13.56 -104.26 63.98
CA GLY W 141 14.94 -104.17 63.50
C GLY W 141 15.97 -104.25 64.62
N GLY W 142 17.22 -103.85 64.41
CA GLY W 142 18.32 -104.22 65.30
C GLY W 142 19.11 -103.06 65.87
N THR W 143 19.15 -101.91 65.18
CA THR W 143 19.94 -100.76 65.57
C THR W 143 19.24 -99.99 66.67
N GLY W 144 18.01 -99.54 66.42
CA GLY W 144 17.21 -98.83 67.40
C GLY W 144 16.84 -99.70 68.59
N SER W 145 16.43 -100.94 68.35
CA SER W 145 15.98 -101.86 69.39
C SER W 145 17.12 -102.31 70.31
N GLY W 146 18.26 -102.67 69.73
CA GLY W 146 19.36 -103.30 70.46
C GLY W 146 20.51 -102.39 70.80
N MET W 147 20.89 -101.48 69.92
CA MET W 147 21.89 -100.48 70.26
C MET W 147 21.29 -99.34 71.08
N GLY W 148 20.09 -98.89 70.76
CA GLY W 148 19.41 -97.83 71.49
C GLY W 148 19.13 -98.20 72.94
N THR W 149 18.74 -99.44 73.21
CA THR W 149 18.60 -99.92 74.59
C THR W 149 19.91 -100.25 75.30
N LEU W 150 20.99 -100.54 74.56
CA LEU W 150 22.34 -100.54 75.14
C LEU W 150 22.73 -99.14 75.61
N LEU W 151 22.47 -98.15 74.78
CA LEU W 151 22.78 -96.76 75.04
C LEU W 151 21.93 -96.19 76.18
N ILE W 152 20.64 -96.52 76.27
CA ILE W 152 19.79 -96.21 77.43
C ILE W 152 20.42 -96.77 78.71
N SER W 153 20.86 -98.02 78.69
CA SER W 153 21.49 -98.64 79.86
C SER W 153 22.75 -97.89 80.31
N LYS W 154 23.63 -97.51 79.37
CA LYS W 154 24.87 -96.76 79.65
C LYS W 154 24.64 -95.33 80.15
N ILE W 155 23.74 -94.58 79.55
CA ILE W 155 23.35 -93.24 80.01
C ILE W 155 22.57 -93.30 81.32
N ARG W 156 21.70 -94.29 81.56
CA ARG W 156 21.02 -94.47 82.85
C ARG W 156 21.98 -94.72 84.02
N GLU W 157 23.01 -95.52 83.81
CA GLU W 157 24.04 -95.81 84.83
C GLU W 157 24.89 -94.60 85.15
N GLU W 158 25.10 -93.70 84.18
CA GLU W 158 25.95 -92.51 84.29
C GLU W 158 25.19 -91.26 84.80
N TYR W 159 23.90 -91.14 84.49
CA TYR W 159 22.99 -90.06 84.85
C TYR W 159 21.70 -90.61 85.50
N PRO W 160 21.74 -91.08 86.75
CA PRO W 160 20.65 -91.83 87.35
C PRO W 160 19.41 -90.99 87.75
N ASP W 161 19.57 -89.67 87.92
CA ASP W 161 18.55 -88.74 88.44
C ASP W 161 17.92 -87.82 87.39
N ARG W 162 18.52 -87.73 86.20
CA ARG W 162 18.00 -87.00 85.05
C ARG W 162 16.85 -87.77 84.40
N ILE W 163 15.89 -87.09 83.76
CA ILE W 163 14.78 -87.74 83.06
C ILE W 163 15.27 -88.51 81.82
N MET W 164 14.96 -89.80 81.72
CA MET W 164 15.16 -90.57 80.50
C MET W 164 13.80 -90.78 79.83
N ASN W 165 13.65 -90.19 78.66
CA ASN W 165 12.37 -89.96 77.97
C ASN W 165 12.49 -90.48 76.52
N THR W 166 11.83 -91.57 76.15
CA THR W 166 12.06 -92.23 74.85
C THR W 166 10.81 -92.25 73.98
N PHE W 167 10.99 -92.04 72.68
CA PHE W 167 9.92 -92.11 71.68
C PHE W 167 10.16 -93.32 70.79
N SER W 168 9.26 -94.28 70.87
CA SER W 168 9.54 -95.68 70.54
C SER W 168 8.51 -96.21 69.55
N VAL W 169 8.88 -96.21 68.28
CA VAL W 169 8.04 -96.77 67.22
C VAL W 169 8.12 -98.28 67.28
N VAL W 170 7.00 -99.01 67.37
CA VAL W 170 7.03 -100.44 67.72
C VAL W 170 6.05 -101.31 66.94
N PRO W 171 6.28 -102.63 66.87
CA PRO W 171 5.61 -103.51 65.92
C PRO W 171 4.11 -103.70 66.14
N SER W 172 3.41 -104.01 65.06
CA SER W 172 2.01 -104.46 65.04
C SER W 172 1.78 -105.36 63.82
N PRO W 173 0.79 -106.26 63.84
CA PRO W 173 0.72 -107.36 62.88
C PRO W 173 0.36 -106.94 61.45
N LYS W 174 -0.56 -105.99 61.27
CA LYS W 174 -1.11 -105.60 59.96
C LYS W 174 -0.23 -104.61 59.18
N VAL W 175 0.78 -104.01 59.80
CA VAL W 175 1.75 -103.11 59.17
C VAL W 175 3.16 -103.53 59.61
N SER W 176 3.74 -104.50 58.90
CA SER W 176 5.03 -105.09 59.24
C SER W 176 5.93 -105.32 58.02
N ASP W 177 7.23 -105.11 58.20
CA ASP W 177 8.25 -105.21 57.15
C ASP W 177 9.41 -106.17 57.52
N THR W 178 9.37 -106.84 58.67
CA THR W 178 10.44 -107.71 59.19
C THR W 178 9.86 -109.03 59.66
N VAL W 179 10.55 -110.15 59.43
CA VAL W 179 10.14 -111.47 59.93
C VAL W 179 10.39 -111.60 61.44
N VAL W 180 11.60 -111.22 61.88
CA VAL W 180 12.05 -111.25 63.28
C VAL W 180 11.66 -110.03 64.13
N GLU W 181 10.72 -109.20 63.68
CA GLU W 181 10.25 -108.05 64.46
C GLU W 181 9.82 -108.42 65.90
N PRO W 182 9.02 -109.47 66.15
CA PRO W 182 8.62 -109.86 67.50
C PRO W 182 9.76 -110.16 68.47
N TYR W 183 10.84 -110.77 67.98
CA TYR W 183 12.02 -111.09 68.79
C TYR W 183 12.72 -109.82 69.25
N ASN W 184 13.06 -108.94 68.32
CA ASN W 184 13.77 -107.71 68.58
C ASN W 184 13.03 -106.83 69.58
N ALA W 185 11.71 -106.69 69.41
CA ALA W 185 10.92 -105.90 70.31
C ALA W 185 10.88 -106.51 71.71
N THR W 186 10.67 -107.81 71.85
CA THR W 186 10.59 -108.46 73.16
C THR W 186 11.90 -108.37 73.94
N LEU W 187 13.05 -108.50 73.28
CA LEU W 187 14.37 -108.24 73.86
C LEU W 187 14.60 -106.78 74.26
N SER W 188 13.94 -105.83 73.60
CA SER W 188 14.10 -104.40 73.80
C SER W 188 13.18 -103.83 74.88
N VAL W 189 11.93 -104.27 74.95
CA VAL W 189 10.93 -103.85 75.96
C VAL W 189 11.38 -104.20 77.39
N HIS W 190 12.08 -105.31 77.53
CA HIS W 190 12.79 -105.75 78.74
C HIS W 190 13.79 -104.73 79.29
N GLN W 191 14.39 -103.88 78.45
CA GLN W 191 15.27 -102.78 78.87
C GLN W 191 14.50 -101.49 79.17
N LEU W 192 13.47 -101.19 78.40
CA LEU W 192 12.67 -99.99 78.56
C LEU W 192 11.89 -100.00 79.90
N VAL W 193 11.27 -101.11 80.31
CA VAL W 193 10.50 -101.20 81.56
C VAL W 193 11.36 -100.92 82.81
N GLU W 194 12.66 -101.20 82.79
CA GLU W 194 13.55 -101.00 83.93
C GLU W 194 14.22 -99.63 83.94
N ASN W 195 14.67 -99.12 82.78
CA ASN W 195 15.54 -97.95 82.72
C ASN W 195 14.83 -96.62 82.45
N THR W 196 13.90 -96.53 81.51
CA THR W 196 13.29 -95.24 81.13
C THR W 196 12.37 -94.71 82.25
N ASP W 197 12.21 -93.39 82.33
CA ASP W 197 11.24 -92.70 83.20
C ASP W 197 9.89 -92.48 82.50
N GLU W 198 9.92 -92.35 81.16
CA GLU W 198 8.76 -92.31 80.27
C GLU W 198 9.11 -93.00 78.95
N THR W 199 8.21 -93.80 78.40
CA THR W 199 8.34 -94.29 77.00
C THR W 199 7.04 -94.06 76.26
N TYR W 200 7.10 -93.33 75.14
CA TYR W 200 5.95 -92.99 74.33
C TYR W 200 5.82 -93.99 73.19
N CYS W 201 4.87 -94.89 73.34
CA CYS W 201 4.66 -96.04 72.47
C CYS W 201 3.93 -95.57 71.22
N ILE W 202 4.53 -95.75 70.06
CA ILE W 202 4.02 -95.27 68.78
C ILE W 202 3.98 -96.42 67.79
N ASP W 203 3.01 -96.44 66.89
CA ASP W 203 2.75 -97.59 66.02
C ASP W 203 2.49 -97.14 64.57
N ASN W 204 3.05 -97.82 63.59
CA ASN W 204 2.80 -97.43 62.19
C ASN W 204 1.36 -97.72 61.75
N GLU W 205 0.68 -98.71 62.34
CA GLU W 205 -0.72 -98.97 62.05
C GLU W 205 -1.61 -97.80 62.49
N ALA W 206 -1.38 -97.24 63.68
CA ALA W 206 -2.12 -96.09 64.17
C ALA W 206 -1.76 -94.79 63.44
N LEU W 207 -0.52 -94.62 63.04
CA LEU W 207 -0.10 -93.47 62.24
C LEU W 207 -0.64 -93.52 60.81
N TYR W 208 -0.85 -94.69 60.22
CA TYR W 208 -1.59 -94.83 58.97
C TYR W 208 -3.10 -94.62 59.15
N ASP W 209 -3.70 -95.04 60.27
CA ASP W 209 -5.12 -94.80 60.56
C ASP W 209 -5.43 -93.30 60.72
N ILE W 210 -4.54 -92.51 61.32
CA ILE W 210 -4.68 -91.05 61.34
C ILE W 210 -4.61 -90.47 59.92
N CYS W 211 -3.70 -90.96 59.08
CA CYS W 211 -3.54 -90.45 57.72
C CYS W 211 -4.73 -90.73 56.81
N PHE W 212 -5.38 -91.90 56.92
CA PHE W 212 -6.54 -92.24 56.10
C PHE W 212 -7.87 -91.77 56.68
N ARG W 213 -8.14 -91.99 57.97
CA ARG W 213 -9.46 -91.75 58.57
C ARG W 213 -9.63 -90.35 59.19
N THR W 214 -8.59 -89.53 59.23
CA THR W 214 -8.65 -88.14 59.72
C THR W 214 -8.17 -87.16 58.66
N LEU W 215 -6.90 -87.24 58.26
CA LEU W 215 -6.33 -86.32 57.28
C LEU W 215 -6.80 -86.55 55.83
N LYS W 216 -7.35 -87.73 55.53
CA LYS W 216 -7.79 -88.15 54.19
C LYS W 216 -6.69 -88.03 53.13
N LEU W 217 -5.43 -88.27 53.49
CA LEU W 217 -4.33 -88.37 52.54
C LEU W 217 -4.49 -89.62 51.66
N THR W 218 -4.31 -89.50 50.34
CA THR W 218 -4.47 -90.65 49.43
C THR W 218 -3.28 -91.62 49.47
N THR W 219 -2.07 -91.10 49.65
CA THR W 219 -0.80 -91.84 49.65
C THR W 219 0.14 -91.32 50.73
N PRO W 220 -0.09 -91.66 52.02
CA PRO W 220 0.78 -91.24 53.11
C PRO W 220 2.11 -91.99 53.08
N THR W 221 3.19 -91.23 53.09
CA THR W 221 4.57 -91.70 53.12
C THR W 221 5.09 -91.85 54.56
N TYR W 222 6.28 -92.40 54.74
CA TYR W 222 6.98 -92.28 56.03
C TYR W 222 7.25 -90.84 56.40
N GLY W 223 7.44 -89.91 55.47
CA GLY W 223 7.59 -88.49 55.78
C GLY W 223 6.35 -87.87 56.42
N ASP W 224 5.16 -88.34 56.07
CA ASP W 224 3.90 -87.93 56.68
C ASP W 224 3.71 -88.55 58.06
N LEU W 225 4.13 -89.81 58.26
CA LEU W 225 4.10 -90.44 59.58
C LEU W 225 5.05 -89.76 60.57
N ASN W 226 6.24 -89.38 60.10
CA ASN W 226 7.29 -88.74 60.90
C ASN W 226 6.88 -87.34 61.37
N HIS W 227 6.02 -86.69 60.61
CA HIS W 227 5.42 -85.39 60.90
C HIS W 227 4.39 -85.49 62.03
N LEU W 228 3.57 -86.53 62.08
CA LEU W 228 2.67 -86.80 63.21
C LEU W 228 3.43 -87.10 64.51
N VAL W 229 4.48 -87.92 64.46
CA VAL W 229 5.28 -88.23 65.65
C VAL W 229 5.92 -86.96 66.18
N SER W 230 6.60 -86.20 65.33
CA SER W 230 7.37 -85.03 65.75
C SER W 230 6.53 -83.86 66.25
N ALA W 231 5.26 -83.74 65.86
CA ALA W 231 4.33 -82.81 66.48
C ALA W 231 4.11 -83.09 67.98
N THR W 232 3.97 -84.35 68.40
CA THR W 232 3.85 -84.72 69.83
C THR W 232 5.19 -84.66 70.58
N MET W 233 6.33 -84.83 69.91
CA MET W 233 7.63 -84.57 70.52
C MET W 233 7.84 -83.09 70.86
N SER W 234 7.55 -82.19 69.92
CA SER W 234 7.52 -80.75 70.19
C SER W 234 6.50 -80.44 71.28
N GLY W 235 5.37 -81.12 71.28
CA GLY W 235 4.31 -80.86 72.24
C GLY W 235 4.70 -81.02 73.71
N VAL W 236 5.28 -82.16 74.12
CA VAL W 236 5.46 -82.46 75.55
C VAL W 236 6.55 -81.63 76.23
N THR W 237 7.51 -81.08 75.49
CA THR W 237 8.55 -80.19 76.05
C THR W 237 8.18 -78.71 76.01
N THR W 238 7.05 -78.35 75.41
CA THR W 238 6.64 -76.96 75.16
C THR W 238 6.75 -76.07 76.40
N CYS W 239 6.33 -76.57 77.55
CA CYS W 239 6.34 -75.84 78.81
C CYS W 239 7.70 -75.55 79.43
N LEU W 240 8.81 -76.07 78.91
CA LEU W 240 10.16 -75.56 79.25
C LEU W 240 10.77 -74.67 78.15
N ARG W 241 10.08 -74.48 77.02
CA ARG W 241 10.53 -73.66 75.88
C ARG W 241 9.76 -72.35 75.75
N PHE W 242 8.54 -72.28 76.24
CA PHE W 242 7.64 -71.13 76.15
C PHE W 242 6.92 -70.86 77.49
N PRO W 243 6.48 -69.61 77.74
CA PRO W 243 5.70 -69.26 78.93
C PRO W 243 4.26 -69.81 78.86
N GLY W 244 3.55 -69.85 79.97
CA GLY W 244 2.21 -70.43 80.06
C GLY W 244 1.44 -70.08 81.33
N GLN W 245 0.13 -70.33 81.33
CA GLN W 245 -0.72 -70.16 82.50
C GLN W 245 -0.53 -71.29 83.53
N LEU W 246 -0.17 -72.50 83.08
CA LEU W 246 0.21 -73.65 83.87
C LEU W 246 1.46 -74.26 83.23
N ASN W 247 2.62 -74.17 83.87
CA ASN W 247 3.84 -74.77 83.35
C ASN W 247 3.98 -76.22 83.84
N ALA W 248 4.38 -77.13 82.96
CA ALA W 248 4.68 -78.53 83.28
C ALA W 248 5.99 -79.02 82.62
N ASP W 249 7.06 -79.14 83.40
CA ASP W 249 8.31 -79.81 83.02
C ASP W 249 8.08 -81.31 82.73
N LEU W 250 8.95 -81.99 81.98
CA LEU W 250 8.89 -83.44 81.78
C LEU W 250 8.81 -84.22 83.11
N ARG W 251 9.44 -83.72 84.18
CA ARG W 251 9.31 -84.29 85.53
C ARG W 251 7.94 -84.05 86.18
N LYS W 252 7.32 -82.89 85.97
CA LYS W 252 5.95 -82.55 86.43
C LYS W 252 4.90 -83.37 85.70
N LEU W 253 5.17 -83.80 84.48
CA LEU W 253 4.43 -84.85 83.80
C LEU W 253 4.64 -86.20 84.49
N ALA W 254 5.88 -86.66 84.66
CA ALA W 254 6.17 -87.97 85.23
C ALA W 254 5.58 -88.20 86.64
N VAL W 255 5.70 -87.25 87.56
CA VAL W 255 5.12 -87.34 88.92
C VAL W 255 3.60 -87.52 88.88
N ASN W 256 2.90 -86.91 87.94
CA ASN W 256 1.45 -87.00 87.79
C ASN W 256 1.02 -88.20 86.93
N MET W 257 1.85 -88.63 85.98
CA MET W 257 1.51 -89.62 84.98
C MET W 257 1.84 -91.06 85.38
N VAL W 258 2.82 -91.30 86.25
CA VAL W 258 3.32 -92.64 86.58
C VAL W 258 2.97 -93.01 88.02
N PRO W 259 1.83 -93.67 88.29
CA PRO W 259 1.42 -94.00 89.65
C PRO W 259 2.37 -95.00 90.31
N PHE W 260 2.61 -96.13 89.65
CA PHE W 260 3.53 -97.17 90.08
C PHE W 260 4.71 -97.27 89.12
N PRO W 261 5.97 -97.44 89.59
CA PRO W 261 7.18 -97.07 88.85
C PRO W 261 7.31 -97.49 87.38
N ARG W 262 6.84 -98.69 87.07
CA ARG W 262 6.94 -99.41 85.79
C ARG W 262 5.82 -99.10 84.80
N LEU W 263 4.73 -98.48 85.24
CA LEU W 263 3.58 -98.16 84.38
C LEU W 263 3.77 -96.84 83.63
N HIS W 264 4.87 -96.69 82.90
CA HIS W 264 5.24 -95.46 82.21
C HIS W 264 5.23 -95.57 80.68
N PHE W 265 4.58 -96.62 80.15
CA PHE W 265 4.39 -96.83 78.72
C PHE W 265 3.19 -96.02 78.23
N PHE W 266 3.45 -94.78 77.86
CA PHE W 266 2.45 -93.83 77.40
C PHE W 266 2.08 -94.05 75.93
N MET W 267 1.06 -93.31 75.48
CA MET W 267 0.41 -93.44 74.18
C MET W 267 0.00 -92.02 73.73
N PRO W 268 0.72 -91.37 72.80
CA PRO W 268 0.52 -89.97 72.51
C PRO W 268 -0.60 -89.69 71.49
N GLY W 269 -1.01 -88.44 71.38
CA GLY W 269 -1.93 -87.92 70.38
C GLY W 269 -1.79 -86.42 70.20
N PHE W 270 -2.44 -85.87 69.17
CA PHE W 270 -2.34 -84.46 68.80
C PHE W 270 -3.65 -83.95 68.25
N ALA W 271 -3.96 -82.67 68.48
CA ALA W 271 -5.09 -81.95 67.92
C ALA W 271 -4.72 -80.48 67.69
N PRO W 272 -5.39 -79.76 66.80
CA PRO W 272 -6.37 -80.23 65.84
C PRO W 272 -5.70 -80.95 64.67
N LEU W 273 -6.25 -82.06 64.21
CA LEU W 273 -5.95 -82.64 62.92
C LEU W 273 -7.20 -82.57 62.05
N THR W 274 -7.12 -82.00 60.85
CA THR W 274 -8.27 -81.81 59.97
C THR W 274 -7.93 -82.28 58.56
N SER W 275 -8.91 -82.84 57.86
CA SER W 275 -8.77 -83.11 56.43
C SER W 275 -8.37 -81.83 55.70
N ARG W 276 -7.33 -81.87 54.87
CA ARG W 276 -6.72 -80.67 54.27
C ARG W 276 -7.73 -79.78 53.53
N GLY W 277 -8.70 -80.38 52.86
CA GLY W 277 -9.75 -79.66 52.13
C GLY W 277 -10.91 -79.13 52.98
N SER W 278 -10.91 -79.35 54.29
CA SER W 278 -12.05 -79.07 55.18
C SER W 278 -11.81 -78.00 56.24
N GLN W 279 -10.61 -77.41 56.35
CA GLN W 279 -10.30 -76.56 57.49
C GLN W 279 -11.25 -75.37 57.67
N GLN W 280 -11.64 -74.67 56.61
CA GLN W 280 -12.50 -73.49 56.69
C GLN W 280 -13.88 -73.72 57.34
N TYR W 281 -14.35 -74.97 57.41
CA TYR W 281 -15.64 -75.32 57.98
C TYR W 281 -15.57 -75.64 59.47
N ARG W 282 -14.37 -75.80 60.04
CA ARG W 282 -14.16 -76.22 61.44
C ARG W 282 -13.94 -75.02 62.35
N ALA W 283 -14.56 -75.00 63.53
CA ALA W 283 -14.27 -74.02 64.56
C ALA W 283 -13.15 -74.52 65.50
N LEU W 284 -11.97 -73.92 65.46
CA LEU W 284 -10.89 -74.24 66.42
C LEU W 284 -11.25 -73.66 67.79
N THR W 285 -11.50 -74.53 68.76
CA THR W 285 -11.84 -74.13 70.13
C THR W 285 -11.70 -75.31 71.08
N VAL W 286 -11.51 -75.06 72.38
CA VAL W 286 -11.21 -76.07 73.40
C VAL W 286 -12.15 -77.28 73.41
N PRO W 287 -13.48 -77.19 73.27
CA PRO W 287 -14.33 -78.37 73.25
C PRO W 287 -14.25 -79.18 71.95
N GLU W 288 -13.81 -78.61 70.82
CA GLU W 288 -13.56 -79.41 69.62
C GLU W 288 -12.19 -80.07 69.69
N LEU W 289 -11.16 -79.36 70.17
CA LEU W 289 -9.86 -79.95 70.49
C LEU W 289 -10.05 -81.13 71.45
N THR W 290 -10.92 -81.00 72.46
CA THR W 290 -11.21 -82.10 73.38
C THR W 290 -11.91 -83.29 72.72
N GLN W 291 -12.98 -83.08 71.94
CA GLN W 291 -13.71 -84.16 71.28
C GLN W 291 -12.91 -84.89 70.19
N GLN W 292 -11.82 -84.30 69.69
CA GLN W 292 -10.83 -85.01 68.88
C GLN W 292 -9.81 -85.75 69.75
N MET W 293 -9.17 -85.03 70.68
CA MET W 293 -8.09 -85.51 71.52
C MET W 293 -8.43 -86.78 72.29
N PHE W 294 -9.62 -86.87 72.89
CA PHE W 294 -10.05 -88.01 73.69
C PHE W 294 -10.76 -89.11 72.90
N ASP W 295 -10.73 -89.09 71.57
CA ASP W 295 -11.36 -90.11 70.72
C ASP W 295 -10.34 -91.11 70.16
N ALA W 296 -10.71 -92.37 70.22
CA ALA W 296 -9.93 -93.59 69.99
C ALA W 296 -9.20 -93.60 68.64
N LYS W 297 -9.72 -92.89 67.63
CA LYS W 297 -9.10 -92.74 66.32
C LYS W 297 -7.89 -91.82 66.28
N ASN W 298 -7.70 -90.96 67.28
CA ASN W 298 -6.62 -89.97 67.31
C ASN W 298 -5.30 -90.49 67.91
N MET W 299 -5.33 -91.46 68.83
CA MET W 299 -4.13 -91.95 69.52
C MET W 299 -3.19 -92.72 68.58
N MET W 300 -1.88 -92.55 68.77
CA MET W 300 -0.82 -93.06 67.90
C MET W 300 -0.30 -94.47 68.24
N ALA W 301 -1.05 -95.27 69.00
CA ALA W 301 -0.84 -96.70 69.18
C ALA W 301 -2.13 -97.47 68.85
N ALA W 302 -2.03 -98.71 68.38
CA ALA W 302 -3.20 -99.47 67.91
C ALA W 302 -4.27 -99.75 68.98
N CYS W 303 -3.91 -99.66 70.26
CA CYS W 303 -4.82 -99.86 71.38
C CYS W 303 -6.02 -98.92 71.31
N ASP W 304 -7.22 -99.47 71.23
CA ASP W 304 -8.42 -98.70 71.50
C ASP W 304 -8.54 -98.53 73.02
N PRO W 305 -8.54 -97.31 73.56
CA PRO W 305 -8.68 -97.11 74.99
C PRO W 305 -9.99 -97.67 75.55
N ARG W 306 -11.01 -97.91 74.72
CA ARG W 306 -12.25 -98.58 75.15
C ARG W 306 -12.05 -100.06 75.52
N HIS W 307 -10.86 -100.64 75.31
CA HIS W 307 -10.45 -101.95 75.80
C HIS W 307 -9.72 -101.93 77.16
N GLY W 308 -9.65 -100.79 77.83
CA GLY W 308 -9.03 -100.64 79.15
C GLY W 308 -9.65 -99.50 79.95
N ARG W 309 -8.86 -98.91 80.86
CA ARG W 309 -9.13 -97.67 81.57
C ARG W 309 -7.85 -96.83 81.58
N TYR W 310 -7.93 -95.51 81.52
CA TYR W 310 -6.77 -94.67 81.78
C TYR W 310 -6.39 -94.67 83.25
N LEU W 311 -5.10 -94.61 83.55
CA LEU W 311 -4.58 -94.30 84.87
C LEU W 311 -4.54 -92.79 85.03
N THR W 312 -3.73 -92.14 84.19
CA THR W 312 -3.63 -90.70 84.05
C THR W 312 -3.66 -90.33 82.57
N VAL W 313 -4.23 -89.19 82.24
CA VAL W 313 -4.04 -88.51 80.96
C VAL W 313 -3.43 -87.15 81.24
N ALA W 314 -2.48 -86.70 80.43
CA ALA W 314 -2.06 -85.30 80.44
C ALA W 314 -2.48 -84.63 79.14
N ALA W 315 -3.16 -83.50 79.25
CA ALA W 315 -3.47 -82.65 78.11
C ALA W 315 -2.66 -81.35 78.17
N ILE W 316 -1.60 -81.26 77.37
CA ILE W 316 -0.73 -80.08 77.27
C ILE W 316 -1.26 -79.20 76.14
N PHE W 317 -2.12 -78.26 76.50
CA PHE W 317 -2.67 -77.27 75.59
C PHE W 317 -1.67 -76.14 75.30
N ARG W 318 -1.82 -75.53 74.12
CA ARG W 318 -1.06 -74.38 73.66
C ARG W 318 -2.02 -73.39 73.04
N GLY W 319 -1.85 -72.11 73.31
CA GLY W 319 -2.67 -71.03 72.75
C GLY W 319 -3.31 -70.15 73.80
N ARG W 320 -3.92 -69.04 73.38
CA ARG W 320 -4.68 -68.14 74.25
C ARG W 320 -6.07 -68.71 74.53
N MET W 321 -6.28 -69.28 75.71
CA MET W 321 -7.52 -69.94 76.08
C MET W 321 -7.85 -69.79 77.58
N SER W 322 -9.12 -69.95 77.92
CA SER W 322 -9.63 -69.82 79.28
C SER W 322 -9.27 -71.02 80.14
N MET W 323 -8.81 -70.78 81.37
CA MET W 323 -8.63 -71.84 82.34
C MET W 323 -9.96 -72.44 82.81
N LYS W 324 -11.04 -71.67 82.91
CA LYS W 324 -12.37 -72.23 83.19
C LYS W 324 -12.77 -73.21 82.11
N GLU W 325 -12.63 -72.86 80.84
CA GLU W 325 -13.00 -73.73 79.72
C GLU W 325 -12.14 -75.00 79.65
N VAL W 326 -10.82 -74.89 79.84
CA VAL W 326 -9.97 -76.08 79.94
C VAL W 326 -10.38 -76.94 81.12
N ASP W 327 -10.53 -76.36 82.31
CA ASP W 327 -10.85 -77.14 83.52
C ASP W 327 -12.26 -77.76 83.48
N GLU W 328 -13.22 -77.09 82.84
CA GLU W 328 -14.57 -77.57 82.50
C GLU W 328 -14.50 -78.79 81.58
N GLN W 329 -13.74 -78.74 80.48
CA GLN W 329 -13.73 -79.85 79.52
C GLN W 329 -12.98 -81.06 80.06
N MET W 330 -11.87 -80.87 80.76
CA MET W 330 -11.15 -81.98 81.39
C MET W 330 -11.88 -82.59 82.58
N LEU W 331 -12.89 -81.92 83.13
CA LEU W 331 -13.89 -82.48 84.05
C LEU W 331 -14.99 -83.23 83.32
N ASN W 332 -15.61 -82.60 82.32
CA ASN W 332 -16.73 -83.17 81.59
C ASN W 332 -16.35 -84.48 80.93
N VAL W 333 -15.15 -84.58 80.34
CA VAL W 333 -14.67 -85.83 79.76
C VAL W 333 -14.65 -86.96 80.78
N GLN W 334 -13.99 -86.81 81.92
CA GLN W 334 -13.82 -87.95 82.84
C GLN W 334 -15.02 -88.24 83.74
N ASN W 335 -16.06 -87.42 83.71
CA ASN W 335 -17.35 -87.69 84.35
C ASN W 335 -18.33 -88.35 83.38
N LYS W 336 -18.40 -87.89 82.12
CA LYS W 336 -19.24 -88.49 81.08
C LYS W 336 -18.66 -89.80 80.52
N ASN W 337 -17.36 -90.04 80.65
CA ASN W 337 -16.66 -91.28 80.28
C ASN W 337 -16.10 -92.03 81.51
N SER W 338 -16.74 -91.95 82.67
CA SER W 338 -16.17 -92.41 83.96
C SER W 338 -15.81 -93.90 84.01
N SER W 339 -16.47 -94.75 83.22
CA SER W 339 -16.16 -96.16 83.02
C SER W 339 -14.81 -96.41 82.33
N TYR W 340 -14.15 -95.40 81.77
CA TYR W 340 -12.86 -95.50 81.09
C TYR W 340 -11.69 -94.88 81.85
N PHE W 341 -11.86 -94.55 83.12
CA PHE W 341 -10.81 -94.02 84.01
C PHE W 341 -10.77 -94.83 85.31
N VAL W 342 -9.60 -95.04 85.92
CA VAL W 342 -9.58 -95.82 87.17
C VAL W 342 -10.21 -95.04 88.33
N GLU W 343 -11.06 -95.70 89.12
CA GLU W 343 -11.87 -95.01 90.14
C GLU W 343 -11.23 -94.97 91.55
N TRP W 344 -9.99 -95.41 91.69
CA TRP W 344 -9.14 -95.20 92.86
C TRP W 344 -8.20 -94.00 92.73
N ILE W 345 -8.22 -93.28 91.60
CA ILE W 345 -7.63 -91.95 91.45
C ILE W 345 -8.79 -90.93 91.33
N PRO W 346 -8.84 -89.87 92.17
CA PRO W 346 -9.99 -88.97 92.25
C PRO W 346 -10.08 -87.94 91.11
N ASN W 347 -8.96 -87.64 90.44
CA ASN W 347 -8.90 -86.90 89.19
C ASN W 347 -7.80 -87.52 88.33
N ASN W 348 -8.14 -87.98 87.14
CA ASN W 348 -7.22 -88.67 86.26
C ASN W 348 -6.55 -87.74 85.24
N VAL W 349 -6.93 -86.47 85.11
CA VAL W 349 -6.40 -85.57 84.08
C VAL W 349 -5.47 -84.52 84.71
N LYS W 350 -4.22 -84.48 84.26
CA LYS W 350 -3.28 -83.36 84.37
C LYS W 350 -3.54 -82.37 83.25
N THR W 351 -3.51 -81.07 83.50
CA THR W 351 -3.59 -80.05 82.44
C THR W 351 -2.34 -79.19 82.47
N ALA W 352 -1.92 -78.70 81.31
CA ALA W 352 -0.93 -77.64 81.20
C ALA W 352 -1.34 -76.72 80.05
N VAL W 353 -0.95 -75.45 80.11
CA VAL W 353 -1.41 -74.42 79.17
C VAL W 353 -0.24 -73.50 78.87
N CYS W 354 0.28 -73.57 77.65
CA CYS W 354 1.29 -72.66 77.12
C CYS W 354 0.66 -71.49 76.36
N ASP W 355 1.24 -70.30 76.46
CA ASP W 355 0.76 -69.07 75.82
C ASP W 355 1.06 -68.99 74.31
N ILE W 356 1.86 -69.90 73.75
CA ILE W 356 2.40 -69.84 72.39
C ILE W 356 1.99 -71.09 71.59
N PRO W 357 0.95 -71.00 70.74
CA PRO W 357 0.49 -72.12 69.92
C PRO W 357 1.43 -72.34 68.72
N PRO W 358 1.44 -73.53 68.10
CA PRO W 358 2.33 -73.83 66.98
C PRO W 358 2.17 -72.85 65.83
N ARG W 359 3.23 -72.58 65.08
CA ARG W 359 3.18 -71.59 63.98
C ARG W 359 2.09 -71.96 62.97
N GLY W 360 1.12 -71.09 62.71
CA GLY W 360 -0.01 -71.36 61.83
C GLY W 360 -1.25 -72.02 62.48
N LEU W 361 -1.36 -72.23 63.78
CA LEU W 361 -2.69 -72.52 64.33
C LEU W 361 -2.96 -71.81 65.66
N LYS W 362 -4.21 -71.40 65.87
CA LYS W 362 -4.63 -70.54 66.99
C LYS W 362 -4.54 -71.23 68.35
N MET W 363 -4.65 -72.55 68.36
CA MET W 363 -4.55 -73.40 69.54
C MET W 363 -4.01 -74.76 69.13
N SER W 364 -3.48 -75.54 70.06
CA SER W 364 -3.18 -76.95 69.83
C SER W 364 -3.18 -77.70 71.15
N ALA W 365 -3.35 -79.02 71.13
CA ALA W 365 -3.26 -79.88 72.30
C ALA W 365 -2.44 -81.12 71.98
N THR W 366 -1.43 -81.41 72.79
CA THR W 366 -0.74 -82.69 72.77
C THR W 366 -1.27 -83.53 73.91
N PHE W 367 -1.69 -84.75 73.58
CA PHE W 367 -2.30 -85.70 74.49
C PHE W 367 -1.31 -86.76 74.87
N ILE W 368 -1.23 -87.12 76.14
CA ILE W 368 -0.46 -88.27 76.61
C ILE W 368 -1.39 -89.15 77.41
N GLY W 369 -1.66 -90.35 76.93
CA GLY W 369 -2.44 -91.34 77.67
C GLY W 369 -1.54 -92.33 78.38
N ASN W 370 -1.82 -92.62 79.63
CA ASN W 370 -1.40 -93.86 80.27
C ASN W 370 -2.66 -94.71 80.49
N SER W 371 -2.75 -95.90 79.90
CA SER W 371 -3.94 -96.73 79.99
C SER W 371 -3.62 -98.21 80.02
N THR W 372 -4.39 -98.95 80.80
CA THR W 372 -4.33 -100.41 80.87
C THR W 372 -4.58 -101.07 79.51
N ALA W 373 -5.18 -100.38 78.55
CA ALA W 373 -5.30 -100.84 77.17
C ALA W 373 -3.95 -101.05 76.47
N ILE W 374 -2.84 -100.46 76.94
CA ILE W 374 -1.51 -100.73 76.39
C ILE W 374 -1.08 -102.19 76.60
N GLN W 375 -1.80 -102.96 77.44
CA GLN W 375 -1.61 -104.40 77.52
C GLN W 375 -1.75 -105.08 76.16
N GLU W 376 -2.60 -104.58 75.26
CA GLU W 376 -2.86 -105.21 73.96
C GLU W 376 -1.67 -105.09 73.02
N LEU W 377 -0.89 -104.03 73.12
CA LEU W 377 0.32 -103.85 72.34
C LEU W 377 1.40 -104.83 72.79
N PHE W 378 1.61 -104.97 74.10
CA PHE W 378 2.56 -105.97 74.62
C PHE W 378 2.07 -107.41 74.46
N LYS W 379 0.76 -107.67 74.51
CA LYS W 379 0.20 -109.02 74.35
C LYS W 379 0.42 -109.55 72.94
N ARG W 380 0.10 -108.79 71.91
CA ARG W 380 0.21 -109.27 70.52
C ARG W 380 1.64 -109.48 70.06
N ILE W 381 2.58 -108.66 70.54
CA ILE W 381 4.00 -108.94 70.34
C ILE W 381 4.39 -110.23 71.07
N SER W 382 3.98 -110.40 72.33
CA SER W 382 4.30 -111.60 73.12
C SER W 382 3.76 -112.91 72.51
N GLU W 383 2.57 -112.89 71.91
CA GLU W 383 2.02 -114.05 71.21
C GLU W 383 2.63 -114.31 69.82
N GLN W 384 3.06 -113.28 69.06
CA GLN W 384 3.87 -113.50 67.86
C GLN W 384 5.25 -114.07 68.22
N PHE W 385 5.90 -113.56 69.25
CA PHE W 385 7.15 -114.09 69.79
C PHE W 385 6.99 -115.57 70.15
N THR W 386 5.95 -115.90 70.91
CA THR W 386 5.73 -117.25 71.39
C THR W 386 5.57 -118.26 70.25
N ALA W 387 4.80 -117.93 69.22
CA ALA W 387 4.54 -118.85 68.12
C ALA W 387 5.79 -119.17 67.28
N MET W 388 6.76 -118.26 67.18
CA MET W 388 8.07 -118.56 66.58
C MET W 388 8.99 -119.30 67.55
N PHE W 389 9.05 -118.84 68.80
CA PHE W 389 9.99 -119.34 69.77
C PHE W 389 9.72 -120.78 70.20
N ARG W 390 8.46 -121.26 70.21
CA ARG W 390 8.18 -122.67 70.54
C ARG W 390 8.89 -123.65 69.61
N ARG W 391 9.25 -123.23 68.39
CA ARG W 391 9.99 -124.00 67.39
C ARG W 391 11.40 -123.48 67.13
N LYS W 392 11.93 -122.63 68.03
CA LYS W 392 13.29 -122.05 68.00
C LYS W 392 13.66 -121.36 66.68
N ALA W 393 12.68 -120.96 65.88
CA ALA W 393 12.93 -120.44 64.55
C ALA W 393 13.82 -119.20 64.58
N PHE W 394 14.70 -119.01 63.60
CA PHE W 394 15.63 -117.87 63.48
C PHE W 394 16.66 -117.69 64.62
N LEU W 395 16.68 -118.49 65.68
CA LEU W 395 17.55 -118.23 66.84
C LEU W 395 19.04 -118.36 66.56
N HIS W 396 19.48 -118.99 65.48
CA HIS W 396 20.91 -119.13 65.19
C HIS W 396 21.56 -117.79 64.82
N TRP W 397 20.80 -116.82 64.31
CA TRP W 397 21.27 -115.48 64.05
C TRP W 397 21.54 -114.66 65.32
N TYR W 398 20.86 -114.96 66.42
CA TYR W 398 21.04 -114.31 67.72
C TYR W 398 22.03 -115.05 68.61
N THR W 399 21.90 -116.36 68.70
CA THR W 399 22.86 -117.20 69.43
C THR W 399 24.23 -117.23 68.76
N GLY W 400 24.31 -116.95 67.45
CA GLY W 400 25.57 -116.72 66.75
C GLY W 400 26.35 -115.51 67.25
N GLU W 401 25.67 -114.48 67.74
CA GLU W 401 26.25 -113.31 68.43
C GLU W 401 26.58 -113.58 69.91
N GLY W 402 26.51 -114.83 70.36
CA GLY W 402 26.78 -115.27 71.72
C GLY W 402 25.67 -115.05 72.73
N MET W 403 24.46 -114.72 72.28
CA MET W 403 23.28 -114.58 73.11
C MET W 403 22.75 -115.95 73.57
N ASP W 404 22.22 -116.08 74.78
CA ASP W 404 21.62 -117.34 75.26
C ASP W 404 20.16 -117.48 74.81
N GLU W 405 19.70 -118.72 74.66
CA GLU W 405 18.26 -119.02 74.63
C GLU W 405 17.58 -118.59 75.94
N MET W 406 18.27 -118.68 77.07
CA MET W 406 17.79 -118.19 78.35
C MET W 406 17.44 -116.69 78.32
N GLU W 407 18.07 -115.88 77.47
CA GLU W 407 17.75 -114.44 77.44
C GLU W 407 16.42 -114.17 76.74
N PHE W 408 16.03 -115.02 75.79
CA PHE W 408 14.72 -114.96 75.16
C PHE W 408 13.64 -115.37 76.16
N THR W 409 13.84 -116.49 76.86
CA THR W 409 12.94 -116.95 77.92
C THR W 409 12.74 -115.87 78.98
N GLU W 410 13.82 -115.20 79.40
CA GLU W 410 13.77 -114.14 80.41
C GLU W 410 13.17 -112.83 79.90
N ALA W 411 13.37 -112.48 78.63
CA ALA W 411 12.70 -111.34 78.03
C ALA W 411 11.18 -111.51 77.93
N GLU W 412 10.70 -112.63 77.40
CA GLU W 412 9.26 -112.91 77.30
C GLU W 412 8.61 -113.09 78.67
N SER W 413 9.38 -113.52 79.68
CA SER W 413 8.96 -113.58 81.08
C SER W 413 8.70 -112.17 81.63
N ASN W 414 9.65 -111.26 81.43
CA ASN W 414 9.54 -109.86 81.80
C ASN W 414 8.46 -109.08 81.00
N MET W 415 8.20 -109.48 79.76
CA MET W 415 7.09 -108.97 78.96
C MET W 415 5.74 -109.35 79.58
N ASN W 416 5.50 -110.62 79.91
CA ASN W 416 4.25 -111.02 80.57
C ASN W 416 4.09 -110.38 81.96
N ASP W 417 5.18 -110.10 82.66
CA ASP W 417 5.15 -109.35 83.92
C ASP W 417 4.69 -107.90 83.71
N LEU W 418 5.08 -107.24 82.61
CA LEU W 418 4.55 -105.93 82.23
C LEU W 418 3.06 -105.98 81.81
N VAL W 419 2.65 -107.01 81.07
CA VAL W 419 1.24 -107.22 80.71
C VAL W 419 0.39 -107.42 81.96
N SER W 420 0.89 -108.18 82.94
CA SER W 420 0.16 -108.49 84.16
C SER W 420 -0.04 -107.28 85.06
N GLU W 421 0.92 -106.37 85.15
CA GLU W 421 0.82 -105.15 85.96
C GLU W 421 -0.18 -104.14 85.38
N TYR W 422 -0.29 -103.99 84.06
CA TYR W 422 -1.39 -103.20 83.49
C TYR W 422 -2.75 -103.88 83.63
N GLN W 423 -2.84 -105.19 83.38
CA GLN W 423 -4.09 -105.94 83.55
C GLN W 423 -4.57 -105.99 85.01
N GLN W 424 -3.67 -105.87 86.00
CA GLN W 424 -4.01 -105.82 87.42
C GLN W 424 -4.89 -104.63 87.78
N TYR W 425 -4.65 -103.45 87.23
CA TYR W 425 -5.45 -102.25 87.49
C TYR W 425 -6.66 -102.07 86.58
N GLN W 426 -6.98 -103.03 85.72
CA GLN W 426 -8.09 -102.99 84.78
C GLN W 426 -9.44 -102.80 85.49
N MET X 1 68.43 -49.10 76.09
CA MET X 1 67.28 -49.44 76.95
C MET X 1 66.86 -50.88 76.72
N ARG X 2 67.48 -51.81 77.45
CA ARG X 2 67.18 -53.26 77.43
C ARG X 2 67.20 -53.85 76.03
N GLU X 3 68.23 -53.54 75.29
CA GLU X 3 68.48 -54.12 73.99
C GLU X 3 68.58 -55.65 74.08
N ILE X 4 68.12 -56.34 73.04
CA ILE X 4 68.38 -57.77 72.83
C ILE X 4 69.24 -57.95 71.58
N VAL X 5 70.15 -58.91 71.66
CA VAL X 5 70.94 -59.42 70.53
C VAL X 5 70.38 -60.78 70.16
N HIS X 6 70.02 -60.95 68.90
CA HIS X 6 69.38 -62.17 68.43
C HIS X 6 70.29 -62.94 67.49
N LEU X 7 70.37 -64.27 67.61
CA LEU X 7 71.31 -65.08 66.84
C LEU X 7 70.61 -66.28 66.24
N GLN X 8 70.82 -66.54 64.96
CA GLN X 8 70.17 -67.62 64.22
C GLN X 8 71.18 -68.69 63.80
N ALA X 9 70.96 -69.97 64.11
CA ALA X 9 71.91 -71.04 63.76
C ALA X 9 71.31 -72.22 62.98
N GLY X 10 71.97 -72.58 61.87
CA GLY X 10 71.57 -73.70 61.02
C GLY X 10 70.33 -73.43 60.16
N GLN X 11 69.76 -74.41 59.48
CA GLN X 11 68.56 -74.19 58.68
C GLN X 11 67.37 -73.82 59.55
N CYS X 12 67.02 -74.61 60.57
CA CYS X 12 65.85 -74.35 61.39
C CYS X 12 65.93 -73.01 62.13
N GLY X 13 67.05 -72.70 62.77
CA GLY X 13 67.22 -71.45 63.51
C GLY X 13 67.11 -70.20 62.64
N ASN X 14 67.64 -70.25 61.41
CA ASN X 14 67.50 -69.18 60.42
C ASN X 14 66.10 -69.11 59.82
N GLN X 15 65.33 -70.20 59.83
CA GLN X 15 63.97 -70.21 59.29
C GLN X 15 62.94 -69.73 60.32
N ILE X 16 62.98 -70.19 61.57
CA ILE X 16 62.15 -69.63 62.65
C ILE X 16 62.55 -68.18 62.95
N GLY X 17 63.83 -67.83 62.81
CA GLY X 17 64.34 -66.47 62.91
C GLY X 17 63.90 -65.54 61.79
N ALA X 18 64.06 -65.93 60.52
CA ALA X 18 63.63 -65.11 59.39
C ALA X 18 62.11 -64.91 59.33
N LYS X 19 61.31 -65.79 59.93
CA LYS X 19 59.88 -65.55 60.15
C LYS X 19 59.64 -64.64 61.35
N PHE X 20 60.35 -64.82 62.46
CA PHE X 20 60.26 -63.91 63.60
C PHE X 20 60.50 -62.45 63.20
N TRP X 21 61.50 -62.17 62.36
CA TRP X 21 61.77 -60.82 61.87
C TRP X 21 60.69 -60.24 60.96
N GLU X 22 59.89 -61.06 60.30
CA GLU X 22 58.68 -60.60 59.60
C GLU X 22 57.55 -60.27 60.58
N VAL X 23 57.38 -61.04 61.65
CA VAL X 23 56.38 -60.79 62.70
C VAL X 23 56.67 -59.53 63.50
N ILE X 24 57.87 -59.36 64.06
CA ILE X 24 58.13 -58.16 64.85
C ILE X 24 58.32 -56.90 64.00
N SER X 25 58.66 -57.03 62.72
CA SER X 25 58.61 -55.88 61.82
C SER X 25 57.18 -55.44 61.51
N ASP X 26 56.20 -56.35 61.46
CA ASP X 26 54.80 -55.99 61.32
C ASP X 26 54.27 -55.25 62.57
N GLU X 27 54.64 -55.73 63.76
CA GLU X 27 54.34 -55.11 65.05
C GLU X 27 54.89 -53.70 65.15
N HIS X 28 56.19 -53.53 64.90
CA HIS X 28 56.87 -52.24 64.97
C HIS X 28 56.65 -51.39 63.70
N GLY X 29 55.89 -51.85 62.71
CA GLY X 29 55.53 -51.09 61.54
C GLY X 29 56.72 -50.72 60.66
N ILE X 30 57.64 -51.68 60.46
CA ILE X 30 58.83 -51.54 59.63
C ILE X 30 58.60 -52.26 58.30
N ASP X 31 58.88 -51.54 57.23
CA ASP X 31 58.79 -51.98 55.84
C ASP X 31 59.90 -52.99 55.49
N PRO X 32 59.72 -53.93 54.55
CA PRO X 32 60.78 -54.82 54.09
C PRO X 32 62.08 -54.13 53.64
N THR X 33 62.02 -52.84 53.32
CA THR X 33 63.17 -51.99 52.99
C THR X 33 63.98 -51.59 54.24
N GLY X 34 63.38 -51.71 55.42
CA GLY X 34 63.90 -51.22 56.69
C GLY X 34 63.36 -49.84 57.10
N ALA X 35 62.58 -49.16 56.26
CA ALA X 35 61.95 -47.87 56.57
C ALA X 35 60.76 -48.02 57.53
N TYR X 36 60.53 -47.10 58.46
CA TYR X 36 59.34 -47.11 59.30
C TYR X 36 58.09 -46.58 58.58
N HIS X 37 56.98 -47.31 58.66
CA HIS X 37 55.69 -47.02 58.02
C HIS X 37 54.49 -47.27 58.94
N GLY X 38 54.70 -47.42 60.24
CA GLY X 38 53.67 -47.75 61.21
C GLY X 38 52.67 -46.63 61.53
N ASP X 39 51.62 -46.98 62.26
CA ASP X 39 50.56 -46.10 62.73
C ASP X 39 50.96 -45.23 63.93
N SER X 40 51.68 -45.83 64.88
CA SER X 40 51.64 -45.42 66.28
C SER X 40 53.01 -45.10 66.86
N ASP X 41 53.05 -44.15 67.79
CA ASP X 41 54.27 -43.79 68.49
C ASP X 41 54.82 -44.95 69.35
N LEU X 42 53.95 -45.81 69.87
CA LEU X 42 54.35 -46.94 70.71
C LEU X 42 55.15 -47.98 69.94
N GLN X 43 54.93 -48.09 68.63
CA GLN X 43 55.74 -48.92 67.74
C GLN X 43 57.18 -48.43 67.63
N LEU X 44 57.39 -47.11 67.73
CA LEU X 44 58.68 -46.47 67.56
C LEU X 44 59.41 -46.28 68.91
N GLU X 45 58.68 -46.14 70.01
CA GLU X 45 59.19 -45.90 71.36
C GLU X 45 60.27 -46.89 71.80
N ARG X 46 60.12 -48.18 71.47
CA ARG X 46 61.04 -49.26 71.85
C ARG X 46 61.65 -50.01 70.66
N ILE X 47 61.66 -49.41 69.47
CA ILE X 47 62.24 -50.03 68.28
C ILE X 47 63.72 -50.38 68.46
N ASN X 48 64.42 -49.69 69.35
CA ASN X 48 65.79 -50.00 69.73
C ASN X 48 65.95 -51.40 70.36
N VAL X 49 64.91 -52.03 70.91
CA VAL X 49 65.02 -53.35 71.56
C VAL X 49 65.51 -54.43 70.59
N TYR X 50 65.10 -54.35 69.33
CA TYR X 50 65.46 -55.32 68.30
C TYR X 50 66.17 -54.73 67.09
N TYR X 51 66.29 -53.40 66.98
CA TYR X 51 66.85 -52.74 65.81
C TYR X 51 67.88 -51.67 66.18
N ASN X 52 68.76 -51.36 65.25
CA ASN X 52 69.66 -50.21 65.28
C ASN X 52 69.08 -49.12 64.37
N GLU X 53 69.09 -47.86 64.81
CA GLU X 53 68.83 -46.73 63.92
C GLU X 53 70.01 -46.53 62.98
N ALA X 54 69.75 -46.29 61.70
CA ALA X 54 70.73 -45.91 60.70
C ALA X 54 70.22 -44.74 59.83
N THR X 55 71.07 -44.19 58.97
CA THR X 55 70.79 -42.96 58.22
C THR X 55 69.50 -42.98 57.40
N GLY X 56 68.81 -41.85 57.27
CA GLY X 56 67.50 -41.77 56.62
C GLY X 56 66.34 -42.38 57.41
N GLY X 57 66.51 -42.62 58.73
CA GLY X 57 65.56 -43.32 59.59
C GLY X 57 65.25 -44.75 59.15
N LYS X 58 66.19 -45.41 58.45
CA LYS X 58 66.17 -46.84 58.20
C LYS X 58 66.57 -47.60 59.47
N TYR X 59 65.87 -48.68 59.76
CA TYR X 59 66.12 -49.53 60.91
C TYR X 59 66.73 -50.85 60.47
N VAL X 60 67.81 -51.25 61.13
CA VAL X 60 68.57 -52.46 60.80
C VAL X 60 68.47 -53.43 61.97
N PRO X 61 67.88 -54.61 61.82
CA PRO X 61 67.68 -55.51 62.94
C PRO X 61 68.99 -56.07 63.48
N ARG X 62 69.06 -56.20 64.79
CA ARG X 62 70.21 -56.71 65.54
C ARG X 62 70.25 -58.24 65.59
N ALA X 63 70.12 -58.86 64.42
CA ALA X 63 70.36 -60.26 64.20
C ALA X 63 71.82 -60.52 63.81
N VAL X 64 72.38 -61.65 64.27
CA VAL X 64 73.53 -62.31 63.66
C VAL X 64 73.04 -63.60 63.04
N LEU X 65 73.42 -63.86 61.79
CA LEU X 65 72.95 -65.00 61.02
C LEU X 65 74.13 -65.94 60.82
N VAL X 66 74.05 -67.15 61.36
CA VAL X 66 75.15 -68.12 61.38
C VAL X 66 74.75 -69.43 60.71
N ASP X 67 75.59 -69.92 59.81
CA ASP X 67 75.42 -71.21 59.13
C ASP X 67 76.78 -71.72 58.67
N LEU X 68 76.92 -73.01 58.41
CA LEU X 68 78.14 -73.59 57.86
C LEU X 68 78.04 -73.81 56.33
N GLU X 69 76.88 -73.53 55.75
CA GLU X 69 76.55 -73.59 54.32
C GLU X 69 76.08 -72.22 53.83
N PRO X 70 76.33 -71.81 52.57
CA PRO X 70 75.82 -70.56 52.03
C PRO X 70 74.32 -70.61 51.72
N GLY X 71 73.78 -71.77 51.35
CA GLY X 71 72.42 -71.94 50.81
C GLY X 71 71.29 -71.43 51.70
N THR X 72 71.38 -71.48 53.04
CA THR X 72 70.34 -70.83 53.88
C THR X 72 70.49 -69.32 53.94
N MET X 73 71.71 -68.78 53.93
CA MET X 73 71.91 -67.33 53.79
C MET X 73 71.33 -66.82 52.47
N ASP X 74 71.58 -67.55 51.38
CA ASP X 74 71.01 -67.25 50.07
C ASP X 74 69.48 -67.29 50.07
N SER X 75 68.89 -68.23 50.82
CA SER X 75 67.44 -68.36 50.94
C SER X 75 66.81 -67.28 51.83
N VAL X 76 67.50 -66.82 52.88
CA VAL X 76 67.08 -65.72 53.74
C VAL X 76 67.25 -64.38 53.02
N ARG X 77 68.44 -64.09 52.47
CA ARG X 77 68.79 -62.84 51.77
C ARG X 77 67.87 -62.55 50.58
N SER X 78 67.45 -63.58 49.86
CA SER X 78 66.48 -63.50 48.76
C SER X 78 65.00 -63.52 49.20
N GLY X 79 64.71 -63.74 50.49
CA GLY X 79 63.38 -63.98 51.02
C GLY X 79 62.50 -62.74 51.18
N PRO X 80 61.30 -62.89 51.79
CA PRO X 80 60.34 -61.80 51.99
C PRO X 80 60.88 -60.56 52.69
N PHE X 81 61.79 -60.74 53.65
CA PHE X 81 62.40 -59.68 54.45
C PHE X 81 63.94 -59.70 54.39
N GLY X 82 64.55 -60.47 53.49
CA GLY X 82 65.98 -60.71 53.47
C GLY X 82 66.89 -59.48 53.37
N GLN X 83 66.41 -58.44 52.72
CA GLN X 83 67.16 -57.21 52.48
C GLN X 83 67.27 -56.34 53.74
N ILE X 84 66.57 -56.68 54.82
CA ILE X 84 66.56 -55.90 56.05
C ILE X 84 67.87 -56.03 56.83
N PHE X 85 68.47 -57.23 56.87
CA PHE X 85 69.63 -57.56 57.71
C PHE X 85 70.93 -56.92 57.23
N ARG X 86 71.87 -56.66 58.13
CA ARG X 86 73.18 -56.09 57.79
C ARG X 86 74.01 -57.11 57.00
N PRO X 87 74.54 -56.83 55.79
CA PRO X 87 75.38 -57.76 55.04
C PRO X 87 76.56 -58.34 55.83
N ASP X 88 77.20 -57.56 56.71
CA ASP X 88 78.27 -58.02 57.59
C ASP X 88 77.84 -59.04 58.65
N ASN X 89 76.54 -59.10 58.98
CA ASN X 89 76.03 -59.99 60.01
C ASN X 89 75.69 -61.39 59.50
N PHE X 90 75.68 -61.61 58.19
CA PHE X 90 75.65 -62.94 57.62
C PHE X 90 77.05 -63.55 57.72
N VAL X 91 77.28 -64.44 58.68
CA VAL X 91 78.56 -65.11 58.92
C VAL X 91 78.41 -66.58 58.55
N PHE X 92 79.19 -67.08 57.59
CA PHE X 92 78.99 -68.42 57.07
C PHE X 92 80.26 -69.09 56.56
N GLY X 93 80.26 -70.42 56.61
CA GLY X 93 81.26 -71.31 55.98
C GLY X 93 80.89 -71.69 54.54
N GLN X 94 81.52 -72.73 53.99
CA GLN X 94 81.18 -73.28 52.67
C GLN X 94 80.75 -74.76 52.73
N SER X 95 81.54 -75.63 53.33
CA SER X 95 81.19 -77.04 53.57
C SER X 95 80.36 -77.19 54.84
N GLY X 96 79.19 -77.85 54.76
CA GLY X 96 78.24 -77.93 55.85
C GLY X 96 78.66 -78.75 57.07
N ALA X 97 77.76 -78.87 58.03
CA ALA X 97 77.95 -79.70 59.23
C ALA X 97 77.72 -81.20 59.01
N GLY X 98 77.25 -81.66 57.86
CA GLY X 98 77.01 -83.09 57.63
C GLY X 98 76.01 -83.75 58.60
N ASN X 99 75.15 -82.96 59.25
CA ASN X 99 74.32 -83.39 60.39
C ASN X 99 75.13 -83.98 61.55
N ASN X 100 76.32 -83.46 61.79
CA ASN X 100 77.26 -83.94 62.78
C ASN X 100 77.52 -82.87 63.84
N TRP X 101 77.19 -83.14 65.11
CA TRP X 101 77.47 -82.22 66.20
C TRP X 101 78.95 -81.88 66.32
N ALA X 102 79.84 -82.86 66.14
CA ALA X 102 81.26 -82.69 66.30
C ALA X 102 81.85 -81.82 65.18
N LYS X 103 81.29 -81.82 63.96
CA LYS X 103 81.66 -80.82 62.94
C LYS X 103 81.26 -79.42 63.34
N GLY X 104 80.05 -79.24 63.85
CA GLY X 104 79.63 -77.96 64.43
C GLY X 104 80.56 -77.45 65.53
N HIS X 105 80.79 -78.24 66.56
CA HIS X 105 81.48 -77.85 67.77
C HIS X 105 83.02 -77.87 67.70
N TYR X 106 83.66 -78.68 66.85
CA TYR X 106 85.10 -78.92 66.92
C TYR X 106 85.90 -78.60 65.66
N THR X 107 85.26 -78.48 64.50
CA THR X 107 85.99 -78.43 63.21
C THR X 107 85.55 -77.27 62.33
N GLU X 108 84.33 -77.36 61.81
CA GLU X 108 83.79 -76.49 60.78
C GLU X 108 83.27 -75.18 61.37
N GLY X 109 82.68 -75.26 62.57
CA GLY X 109 82.20 -74.13 63.34
C GLY X 109 83.21 -73.60 64.34
N ALA X 110 84.16 -74.41 64.82
CA ALA X 110 85.28 -73.93 65.60
C ALA X 110 86.19 -73.00 64.81
N GLU X 111 86.31 -73.21 63.48
CA GLU X 111 86.95 -72.26 62.58
C GLU X 111 86.16 -70.95 62.49
N LEU X 112 84.84 -71.04 62.35
CA LEU X 112 83.94 -69.92 62.08
C LEU X 112 83.57 -69.08 63.31
N VAL X 113 83.58 -69.64 64.52
CA VAL X 113 83.13 -68.93 65.74
C VAL X 113 83.94 -67.67 66.03
N ASP X 114 85.24 -67.61 65.69
CA ASP X 114 86.05 -66.40 65.80
C ASP X 114 85.53 -65.25 64.92
N SER X 115 84.91 -65.58 63.79
CA SER X 115 84.27 -64.64 62.87
C SER X 115 82.83 -64.30 63.26
N VAL X 116 82.15 -65.18 64.02
CA VAL X 116 80.83 -64.89 64.60
C VAL X 116 80.94 -64.00 65.83
N LEU X 117 81.77 -64.39 66.78
CA LEU X 117 81.80 -63.79 68.09
C LEU X 117 82.18 -62.31 68.03
N ASP X 118 83.11 -61.95 67.13
CA ASP X 118 83.52 -60.57 66.90
C ASP X 118 82.47 -59.67 66.23
N VAL X 119 81.41 -60.24 65.66
CA VAL X 119 80.19 -59.53 65.22
C VAL X 119 79.20 -59.38 66.37
N VAL X 120 79.05 -60.39 67.21
CA VAL X 120 78.25 -60.30 68.45
C VAL X 120 78.77 -59.18 69.37
N ARG X 121 80.08 -58.96 69.41
CA ARG X 121 80.69 -57.78 70.04
C ARG X 121 80.31 -56.43 69.43
N LYS X 122 80.25 -56.29 68.11
CA LYS X 122 79.90 -55.01 67.46
C LYS X 122 78.46 -54.64 67.75
N GLU X 123 77.56 -55.60 67.79
CA GLU X 123 76.16 -55.36 68.13
C GLU X 123 75.98 -55.08 69.64
N ALA X 124 76.59 -55.87 70.52
CA ALA X 124 76.53 -55.66 71.98
C ALA X 124 77.21 -54.37 72.48
N GLU X 125 78.25 -53.87 71.80
CA GLU X 125 78.88 -52.60 72.09
C GLU X 125 78.05 -51.40 71.57
N SER X 126 77.25 -51.59 70.51
CA SER X 126 76.29 -50.60 70.02
C SER X 126 75.06 -50.46 70.93
N CYS X 127 74.80 -51.41 71.82
CA CYS X 127 73.69 -51.35 72.78
C CYS X 127 73.94 -50.31 73.88
N ASP X 128 72.87 -49.67 74.33
CA ASP X 128 72.90 -48.72 75.45
C ASP X 128 72.90 -49.44 76.81
N CYS X 129 72.01 -50.42 76.96
CA CYS X 129 72.01 -51.37 78.04
C CYS X 129 71.44 -52.69 77.52
N LEU X 130 72.32 -53.63 77.21
CA LEU X 130 71.96 -54.99 76.79
C LEU X 130 71.30 -55.75 77.95
N GLN X 131 70.10 -56.32 77.77
CA GLN X 131 69.50 -57.24 78.73
C GLN X 131 69.84 -58.69 78.40
N GLY X 132 70.02 -59.08 77.14
CA GLY X 132 70.30 -60.46 76.84
C GLY X 132 70.45 -60.88 75.39
N PHE X 133 70.60 -62.18 75.21
CA PHE X 133 70.82 -62.90 73.97
C PHE X 133 69.65 -63.84 73.71
N GLN X 134 69.12 -63.82 72.49
CA GLN X 134 67.94 -64.57 72.08
C GLN X 134 68.30 -65.47 70.90
N LEU X 135 68.67 -66.73 71.14
CA LEU X 135 69.26 -67.60 70.13
C LEU X 135 68.26 -68.63 69.58
N THR X 136 68.01 -68.66 68.27
CA THR X 136 67.14 -69.64 67.60
C THR X 136 67.94 -70.75 66.92
N HIS X 137 67.62 -71.99 67.23
CA HIS X 137 68.31 -73.17 66.72
C HIS X 137 67.48 -74.44 66.87
N SER X 138 67.96 -75.54 66.31
CA SER X 138 67.42 -76.88 66.45
C SER X 138 68.44 -77.80 67.13
N LEU X 139 68.02 -78.82 67.87
CA LEU X 139 68.91 -79.76 68.58
C LEU X 139 69.21 -81.03 67.77
N GLY X 140 68.38 -81.35 66.78
CA GLY X 140 68.76 -82.28 65.71
C GLY X 140 69.75 -81.66 64.72
N GLY X 141 70.31 -82.47 63.82
CA GLY X 141 71.35 -81.98 62.89
C GLY X 141 72.59 -81.46 63.59
N GLY X 142 73.46 -80.68 62.94
CA GLY X 142 74.80 -80.44 63.44
C GLY X 142 75.19 -78.97 63.61
N THR X 143 74.55 -78.06 62.88
CA THR X 143 74.88 -76.65 62.89
C THR X 143 74.26 -75.98 64.10
N GLY X 144 72.95 -76.07 64.26
CA GLY X 144 72.25 -75.51 65.40
C GLY X 144 72.62 -76.20 66.71
N SER X 145 72.69 -77.53 66.71
CA SER X 145 72.98 -78.32 67.90
C SER X 145 74.40 -78.13 68.40
N GLY X 146 75.39 -78.16 67.51
CA GLY X 146 76.80 -78.20 67.86
C GLY X 146 77.53 -76.88 67.73
N MET X 147 77.23 -76.09 66.70
CA MET X 147 77.79 -74.75 66.61
C MET X 147 77.04 -73.77 67.50
N GLY X 148 75.72 -73.86 67.58
CA GLY X 148 74.89 -72.99 68.41
C GLY X 148 75.22 -73.13 69.89
N THR X 149 75.45 -74.35 70.37
CA THR X 149 75.93 -74.57 71.75
C THR X 149 77.40 -74.25 71.99
N LEU X 150 78.25 -74.26 70.97
CA LEU X 150 79.58 -73.67 71.04
C LEU X 150 79.48 -72.16 71.25
N LEU X 151 78.61 -71.52 70.50
CA LEU X 151 78.40 -70.09 70.54
C LEU X 151 77.75 -69.64 71.84
N ILE X 152 76.79 -70.40 72.39
CA ILE X 152 76.25 -70.19 73.74
C ILE X 152 77.38 -70.22 74.77
N SER X 153 78.28 -71.20 74.70
CA SER X 153 79.39 -71.30 75.62
C SER X 153 80.32 -70.07 75.57
N LYS X 154 80.66 -69.60 74.36
CA LYS X 154 81.51 -68.41 74.14
C LYS X 154 80.88 -67.08 74.59
N ILE X 155 79.61 -66.85 74.28
CA ILE X 155 78.86 -65.69 74.75
C ILE X 155 78.58 -65.75 76.25
N ARG X 156 78.29 -66.92 76.83
CA ARG X 156 78.14 -67.08 78.29
C ARG X 156 79.40 -66.71 79.08
N GLU X 157 80.58 -67.11 78.59
CA GLU X 157 81.86 -66.81 79.21
C GLU X 157 82.21 -65.33 79.14
N GLU X 158 81.74 -64.63 78.10
CA GLU X 158 82.03 -63.22 77.83
C GLU X 158 81.01 -62.25 78.48
N TYR X 159 79.76 -62.68 78.62
CA TYR X 159 78.61 -61.94 79.18
C TYR X 159 77.91 -62.79 80.27
N PRO X 160 78.49 -62.94 81.47
CA PRO X 160 78.01 -63.90 82.46
C PRO X 160 76.71 -63.51 83.18
N ASP X 161 76.36 -62.23 83.20
CA ASP X 161 75.24 -61.64 83.97
C ASP X 161 74.02 -61.24 83.12
N ARG X 162 74.18 -61.17 81.79
CA ARG X 162 73.09 -60.93 80.84
C ARG X 162 72.23 -62.18 80.67
N ILE X 163 70.95 -62.04 80.35
CA ILE X 163 70.04 -63.17 80.12
C ILE X 163 70.43 -63.93 78.85
N MET X 164 70.65 -65.24 78.95
CA MET X 164 70.80 -66.12 77.80
C MET X 164 69.51 -66.93 77.63
N ASN X 165 68.81 -66.67 76.55
CA ASN X 165 67.42 -67.08 76.32
C ASN X 165 67.31 -67.79 74.96
N THR X 166 67.09 -69.09 74.91
CA THR X 166 67.18 -69.88 73.66
C THR X 166 65.86 -70.51 73.26
N PHE X 167 65.56 -70.52 71.96
CA PHE X 167 64.39 -71.18 71.40
C PHE X 167 64.83 -72.36 70.56
N SER X 168 64.47 -73.56 71.01
CA SER X 168 65.18 -74.79 70.71
C SER X 168 64.23 -75.84 70.17
N VAL X 169 64.19 -75.97 68.85
CA VAL X 169 63.39 -76.99 68.18
C VAL X 169 64.08 -78.33 68.32
N VAL X 170 63.44 -79.37 68.84
CA VAL X 170 64.15 -80.59 69.25
C VAL X 170 63.43 -81.90 68.91
N PRO X 171 64.14 -83.03 68.86
CA PRO X 171 63.65 -84.27 68.26
C PRO X 171 62.49 -84.94 69.00
N SER X 172 61.71 -85.70 68.25
CA SER X 172 60.67 -86.61 68.73
C SER X 172 60.48 -87.75 67.73
N PRO X 173 60.00 -88.93 68.15
CA PRO X 173 60.12 -90.14 67.35
C PRO X 173 59.23 -90.19 66.10
N LYS X 174 57.99 -89.70 66.17
CA LYS X 174 56.99 -89.79 65.09
C LYS X 174 57.12 -88.73 64.00
N VAL X 175 57.93 -87.70 64.21
CA VAL X 175 58.24 -86.66 63.21
C VAL X 175 59.74 -86.44 63.19
N SER X 176 60.45 -87.25 62.39
CA SER X 176 61.91 -87.25 62.31
C SER X 176 62.42 -87.38 60.88
N ASP X 177 63.53 -86.68 60.59
CA ASP X 177 64.17 -86.61 59.28
C ASP X 177 65.65 -87.00 59.29
N THR X 178 66.23 -87.40 60.44
CA THR X 178 67.66 -87.68 60.62
C THR X 178 67.83 -89.01 61.36
N VAL X 179 68.82 -89.82 60.98
CA VAL X 179 69.13 -91.07 61.68
C VAL X 179 69.85 -90.80 63.02
N VAL X 180 70.85 -89.93 63.00
CA VAL X 180 71.65 -89.52 64.17
C VAL X 180 71.05 -88.38 65.00
N GLU X 181 69.77 -88.06 64.84
CA GLU X 181 69.12 -87.02 65.66
C GLU X 181 69.31 -87.22 67.18
N PRO X 182 69.10 -88.41 67.76
CA PRO X 182 69.30 -88.65 69.19
C PRO X 182 70.69 -88.30 69.73
N TYR X 183 71.74 -88.57 68.95
CA TYR X 183 73.11 -88.27 69.34
C TYR X 183 73.34 -86.77 69.45
N ASN X 184 73.00 -86.04 68.39
CA ASN X 184 73.20 -84.61 68.30
C ASN X 184 72.48 -83.88 69.42
N ALA X 185 71.24 -84.26 69.71
CA ALA X 185 70.48 -83.64 70.77
C ALA X 185 71.09 -83.93 72.14
N THR X 186 71.48 -85.17 72.42
CA THR X 186 72.04 -85.53 73.73
C THR X 186 73.35 -84.81 74.02
N LEU X 187 74.22 -84.65 73.02
CA LEU X 187 75.44 -83.82 73.09
C LEU X 187 75.15 -82.32 73.29
N SER X 188 74.00 -81.83 72.82
CA SER X 188 73.62 -80.42 72.85
C SER X 188 72.89 -80.03 74.13
N VAL X 189 72.00 -80.87 74.66
CA VAL X 189 71.25 -80.64 75.92
C VAL X 189 72.19 -80.51 77.13
N HIS X 190 73.29 -81.24 77.10
CA HIS X 190 74.42 -81.15 78.03
C HIS X 190 75.03 -79.74 78.14
N GLN X 191 74.97 -78.92 77.08
CA GLN X 191 75.41 -77.52 77.10
C GLN X 191 74.30 -76.56 77.55
N LEU X 192 73.06 -76.82 77.15
CA LEU X 192 71.92 -75.98 77.49
C LEU X 192 71.62 -76.00 79.00
N VAL X 193 71.66 -77.15 79.68
CA VAL X 193 71.39 -77.27 81.13
C VAL X 193 72.36 -76.46 81.99
N GLU X 194 73.60 -76.24 81.54
CA GLU X 194 74.62 -75.51 82.30
C GLU X 194 74.65 -74.01 81.98
N ASN X 195 74.49 -73.62 80.71
CA ASN X 195 74.76 -72.25 80.27
C ASN X 195 73.52 -71.35 80.16
N THR X 196 72.41 -71.80 79.60
CA THR X 196 71.25 -70.93 79.35
C THR X 196 70.55 -70.55 80.67
N ASP X 197 69.90 -69.38 80.70
CA ASP X 197 69.03 -68.94 81.80
C ASP X 197 67.57 -69.36 81.58
N GLU X 198 67.16 -69.50 80.32
CA GLU X 198 65.89 -70.07 79.87
C GLU X 198 66.10 -70.82 78.56
N THR X 199 65.48 -72.00 78.40
CA THR X 199 65.40 -72.67 77.09
C THR X 199 63.98 -73.07 76.81
N TYR X 200 63.41 -72.61 75.69
CA TYR X 200 62.04 -72.88 75.29
C TYR X 200 62.01 -74.07 74.34
N CYS X 201 61.59 -75.20 74.86
CA CYS X 201 61.63 -76.49 74.21
C CYS X 201 60.46 -76.59 73.25
N ILE X 202 60.74 -76.77 71.96
CA ILE X 202 59.73 -76.77 70.90
C ILE X 202 59.88 -78.03 70.06
N ASP X 203 58.79 -78.58 69.55
CA ASP X 203 58.78 -79.89 68.90
C ASP X 203 57.97 -79.86 67.61
N ASN X 204 58.46 -80.49 66.53
CA ASN X 204 57.69 -80.49 65.29
C ASN X 204 56.43 -81.36 65.38
N GLU X 205 56.41 -82.40 66.24
CA GLU X 205 55.21 -83.19 66.46
C GLU X 205 54.09 -82.37 67.09
N ALA X 206 54.41 -81.54 68.08
CA ALA X 206 53.42 -80.66 68.71
C ALA X 206 53.00 -79.50 67.82
N LEU X 207 53.90 -78.96 67.00
CA LEU X 207 53.57 -77.93 66.03
C LEU X 207 52.71 -78.45 64.88
N TYR X 208 52.84 -79.72 64.48
CA TYR X 208 51.90 -80.35 63.56
C TYR X 208 50.56 -80.68 64.24
N ASP X 209 50.53 -81.06 65.52
CA ASP X 209 49.28 -81.28 66.26
C ASP X 209 48.43 -80.00 66.39
N ILE X 210 49.06 -78.84 66.60
CA ILE X 210 48.34 -77.56 66.56
C ILE X 210 47.77 -77.29 65.17
N CYS X 211 48.53 -77.59 64.11
CA CYS X 211 48.07 -77.31 62.75
C CYS X 211 46.90 -78.19 62.31
N PHE X 212 46.84 -79.47 62.73
CA PHE X 212 45.74 -80.36 62.36
C PHE X 212 44.56 -80.31 63.33
N ARG X 213 44.78 -80.35 64.65
CA ARG X 213 43.70 -80.48 65.64
C ARG X 213 43.15 -79.15 66.18
N THR X 214 43.74 -78.01 65.81
CA THR X 214 43.26 -76.68 66.19
C THR X 214 42.98 -75.82 64.96
N LEU X 215 43.99 -75.51 64.15
CA LEU X 215 43.84 -74.67 62.97
C LEU X 215 43.13 -75.33 61.80
N LYS X 216 43.03 -76.66 61.78
CA LYS X 216 42.45 -77.47 60.70
C LYS X 216 43.05 -77.18 59.32
N LEU X 217 44.35 -76.87 59.26
CA LEU X 217 45.08 -76.75 57.99
C LEU X 217 45.20 -78.12 57.32
N THR X 218 44.94 -78.21 56.01
CA THR X 218 45.01 -79.50 55.29
C THR X 218 46.44 -79.95 54.99
N THR X 219 47.35 -79.00 54.72
CA THR X 219 48.75 -79.22 54.34
C THR X 219 49.65 -78.18 55.00
N PRO X 220 49.96 -78.31 56.31
CA PRO X 220 50.84 -77.41 57.01
C PRO X 220 52.30 -77.61 56.59
N THR X 221 52.93 -76.52 56.17
CA THR X 221 54.33 -76.45 55.77
C THR X 221 55.24 -76.11 56.95
N TYR X 222 56.56 -76.15 56.75
CA TYR X 222 57.47 -75.53 57.73
C TYR X 222 57.23 -74.03 57.88
N GLY X 223 56.75 -73.31 56.87
CA GLY X 223 56.40 -71.91 57.01
C GLY X 223 55.25 -71.65 57.99
N ASP X 224 54.30 -72.59 58.10
CA ASP X 224 53.22 -72.55 59.07
C ASP X 224 53.69 -72.92 60.47
N LEU X 225 54.63 -73.85 60.61
CA LEU X 225 55.23 -74.18 61.89
C LEU X 225 56.06 -73.02 62.45
N ASN X 226 56.80 -72.33 61.59
CA ASN X 226 57.67 -71.21 61.94
C ASN X 226 56.89 -70.00 62.42
N HIS X 227 55.66 -69.86 61.94
CA HIS X 227 54.69 -68.84 62.33
C HIS X 227 54.17 -69.08 63.74
N LEU X 228 53.88 -70.32 64.14
CA LEU X 228 53.53 -70.65 65.53
C LEU X 228 54.67 -70.40 66.51
N VAL X 229 55.91 -70.77 66.17
CA VAL X 229 57.07 -70.52 67.02
C VAL X 229 57.26 -69.03 67.23
N SER X 230 57.29 -68.26 66.15
CA SER X 230 57.61 -66.84 66.19
C SER X 230 56.55 -65.98 66.87
N ALA X 231 55.29 -66.40 66.92
CA ALA X 231 54.28 -65.77 67.76
C ALA X 231 54.62 -65.80 69.25
N THR X 232 55.13 -66.91 69.78
CA THR X 232 55.58 -67.01 71.19
C THR X 232 56.93 -66.33 71.44
N MET X 233 57.79 -66.20 70.44
CA MET X 233 59.00 -65.37 70.55
C MET X 233 58.68 -63.89 70.69
N SER X 234 57.80 -63.36 69.84
CA SER X 234 57.25 -62.00 69.99
C SER X 234 56.55 -61.86 71.34
N GLY X 235 55.84 -62.91 71.78
CA GLY X 235 55.09 -62.85 73.02
C GLY X 235 55.91 -62.57 74.28
N VAL X 236 56.99 -63.31 74.55
CA VAL X 236 57.68 -63.23 75.84
C VAL X 236 58.47 -61.94 76.06
N THR X 237 58.87 -61.24 75.00
CA THR X 237 59.57 -59.95 75.11
C THR X 237 58.64 -58.74 75.09
N THR X 238 57.34 -58.94 74.88
CA THR X 238 56.35 -57.87 74.69
C THR X 238 56.44 -56.77 75.75
N CYS X 239 56.60 -57.16 77.01
CA CYS X 239 56.65 -56.23 78.14
C CYS X 239 57.91 -55.35 78.24
N LEU X 240 58.93 -55.53 77.41
CA LEU X 240 59.99 -54.51 77.23
C LEU X 240 59.85 -53.70 75.94
N ARG X 241 58.85 -54.00 75.09
CA ARG X 241 58.58 -53.31 73.81
C ARG X 241 57.35 -52.43 73.85
N PHE X 242 56.39 -52.71 74.73
CA PHE X 242 55.12 -52.01 74.87
C PHE X 242 54.77 -51.74 76.34
N PRO X 243 53.95 -50.72 76.64
CA PRO X 243 53.46 -50.45 77.99
C PRO X 243 52.42 -51.48 78.45
N GLY X 244 52.13 -51.55 79.75
CA GLY X 244 51.23 -52.55 80.31
C GLY X 244 50.76 -52.25 81.74
N GLN X 245 49.75 -52.95 82.20
CA GLN X 245 49.26 -52.87 83.58
C GLN X 245 50.18 -53.63 84.56
N LEU X 246 50.84 -54.68 84.10
CA LEU X 246 51.88 -55.44 84.80
C LEU X 246 53.03 -55.68 83.84
N ASN X 247 54.18 -55.03 84.02
CA ASN X 247 55.33 -55.25 83.17
C ASN X 247 56.19 -56.41 83.68
N ALA X 248 56.65 -57.30 82.78
CA ALA X 248 57.59 -58.38 83.08
C ALA X 248 58.73 -58.49 82.06
N ASP X 249 59.93 -58.06 82.44
CA ASP X 249 61.18 -58.29 81.70
C ASP X 249 61.51 -59.80 81.62
N LEU X 250 62.34 -60.25 80.67
CA LEU X 250 62.81 -61.64 80.61
C LEU X 250 63.44 -62.10 81.94
N ARG X 251 64.07 -61.21 82.69
CA ARG X 251 64.59 -61.50 84.04
C ARG X 251 63.48 -61.66 85.10
N LYS X 252 62.41 -60.86 85.03
CA LYS X 252 61.21 -60.95 85.89
C LYS X 252 60.43 -62.23 85.62
N LEU X 253 60.49 -62.76 84.41
CA LEU X 253 60.08 -64.13 84.11
C LEU X 253 61.00 -65.14 84.79
N ALA X 254 62.32 -65.08 84.56
CA ALA X 254 63.28 -66.05 85.09
C ALA X 254 63.25 -66.20 86.62
N VAL X 255 63.22 -65.10 87.39
CA VAL X 255 63.13 -65.12 88.85
C VAL X 255 61.89 -65.85 89.36
N ASN X 256 60.77 -65.73 88.66
CA ASN X 256 59.50 -66.36 89.01
C ASN X 256 59.36 -67.78 88.44
N MET X 257 59.99 -68.06 87.30
CA MET X 257 59.83 -69.29 86.55
C MET X 257 60.81 -70.40 86.92
N VAL X 258 62.00 -70.09 87.41
CA VAL X 258 63.07 -71.07 87.65
C VAL X 258 63.33 -71.24 89.15
N PRO X 259 62.68 -72.20 89.83
CA PRO X 259 62.84 -72.39 91.27
C PRO X 259 64.26 -72.82 91.64
N PHE X 260 64.75 -73.88 91.02
CA PHE X 260 66.10 -74.41 91.19
C PHE X 260 66.88 -74.27 89.89
N PRO X 261 68.17 -73.89 89.92
CA PRO X 261 68.87 -73.25 88.79
C PRO X 261 68.73 -73.88 87.40
N ARG X 262 68.73 -75.21 87.35
CA ARG X 262 68.76 -76.08 86.17
C ARG X 262 67.38 -76.40 85.61
N LEU X 263 66.29 -76.14 86.33
CA LEU X 263 64.92 -76.44 85.89
C LEU X 263 64.33 -75.33 85.03
N HIS X 264 65.03 -74.93 83.97
CA HIS X 264 64.66 -73.81 83.10
C HIS X 264 64.26 -74.23 81.69
N PHE X 265 63.97 -75.52 81.48
CA PHE X 265 63.48 -76.06 80.21
C PHE X 265 61.97 -75.86 80.10
N PHE X 266 61.59 -74.71 79.58
CA PHE X 266 60.21 -74.31 79.41
C PHE X 266 59.56 -74.93 78.18
N MET X 267 58.25 -74.72 78.05
CA MET X 267 57.37 -75.32 77.06
C MET X 267 56.31 -74.28 76.67
N PRO X 268 56.40 -73.62 75.51
CA PRO X 268 55.58 -72.46 75.19
C PRO X 268 54.21 -72.81 74.61
N GLY X 269 53.32 -71.84 74.56
CA GLY X 269 52.01 -71.91 73.89
C GLY X 269 51.48 -70.53 73.56
N PHE X 270 50.40 -70.47 72.79
CA PHE X 270 49.81 -69.23 72.30
C PHE X 270 48.30 -69.34 72.19
N ALA X 271 47.58 -68.24 72.41
CA ALA X 271 46.14 -68.10 72.23
C ALA X 271 45.80 -66.69 71.80
N PRO X 272 44.68 -66.44 71.12
CA PRO X 272 43.74 -67.41 70.58
C PRO X 272 44.29 -68.06 69.31
N LEU X 273 44.14 -69.37 69.15
CA LEU X 273 44.26 -70.05 67.87
C LEU X 273 42.90 -70.61 67.47
N THR X 274 42.40 -70.30 66.29
CA THR X 274 41.08 -70.72 65.83
C THR X 274 41.16 -71.30 64.43
N SER X 275 40.35 -72.31 64.14
CA SER X 275 40.18 -72.79 62.77
C SER X 275 39.79 -71.63 61.86
N ARG X 276 40.48 -71.45 60.73
CA ARG X 276 40.36 -70.26 59.88
C ARG X 276 38.92 -69.96 59.46
N GLY X 277 38.11 -70.99 59.20
CA GLY X 277 36.70 -70.87 58.83
C GLY X 277 35.72 -70.63 59.98
N SER X 278 36.18 -70.58 61.22
CA SER X 278 35.34 -70.55 62.43
C SER X 278 35.41 -69.28 63.26
N GLN X 279 36.23 -68.29 62.91
CA GLN X 279 36.48 -67.16 63.82
C GLN X 279 35.23 -66.39 64.23
N GLN X 280 34.30 -66.11 63.31
CA GLN X 280 33.09 -65.33 63.60
C GLN X 280 32.17 -65.91 64.69
N TYR X 281 32.30 -67.20 65.01
CA TYR X 281 31.47 -67.88 65.99
C TYR X 281 32.08 -67.85 67.40
N ARG X 282 33.35 -67.44 67.54
CA ARG X 282 34.10 -67.46 68.80
C ARG X 282 34.06 -66.10 69.50
N ALA X 283 33.86 -66.08 70.81
CA ALA X 283 34.01 -64.88 71.62
C ALA X 283 35.44 -64.75 72.15
N LEU X 284 36.22 -63.77 71.67
CA LEU X 284 37.54 -63.49 72.23
C LEU X 284 37.39 -62.82 73.59
N THR X 285 37.79 -63.50 74.66
CA THR X 285 37.73 -62.98 76.01
C THR X 285 38.59 -63.82 76.96
N VAL X 286 39.02 -63.26 78.08
CA VAL X 286 39.99 -63.87 79.01
C VAL X 286 39.67 -65.32 79.43
N PRO X 287 38.43 -65.74 79.75
CA PRO X 287 38.17 -67.13 80.10
C PRO X 287 38.20 -68.10 78.90
N GLU X 288 38.03 -67.64 77.66
CA GLU X 288 38.24 -68.52 76.50
C GLU X 288 39.72 -68.61 76.16
N LEU X 289 40.46 -67.50 76.21
CA LEU X 289 41.91 -67.51 76.11
C LEU X 289 42.51 -68.44 77.16
N THR X 290 41.99 -68.45 78.38
CA THR X 290 42.44 -69.36 79.44
C THR X 290 42.13 -70.83 79.14
N GLN X 291 40.89 -71.18 78.74
CA GLN X 291 40.51 -72.57 78.45
C GLN X 291 41.20 -73.17 77.22
N GLN X 292 41.76 -72.33 76.33
CA GLN X 292 42.68 -72.77 75.28
C GLN X 292 44.12 -72.91 75.81
N MET X 293 44.64 -71.84 76.42
CA MET X 293 46.01 -71.71 76.87
C MET X 293 46.44 -72.84 77.81
N PHE X 294 45.62 -73.22 78.77
CA PHE X 294 45.94 -74.26 79.74
C PHE X 294 45.54 -75.68 79.33
N ASP X 295 45.18 -75.92 78.07
CA ASP X 295 44.81 -77.25 77.56
C ASP X 295 45.95 -77.90 76.77
N ALA X 296 46.16 -79.17 77.04
CA ALA X 296 47.27 -80.04 76.64
C ALA X 296 47.52 -80.06 75.13
N LYS X 297 46.49 -79.80 74.30
CA LYS X 297 46.60 -79.71 72.85
C LYS X 297 47.27 -78.43 72.34
N ASN X 298 47.36 -77.38 73.15
CA ASN X 298 47.91 -76.09 72.74
C ASN X 298 49.43 -75.95 72.89
N MET X 299 50.07 -76.67 73.83
CA MET X 299 51.50 -76.54 74.12
C MET X 299 52.37 -77.09 72.98
N MET X 300 53.48 -76.43 72.69
CA MET X 300 54.37 -76.69 71.54
C MET X 300 55.50 -77.72 71.80
N ALA X 301 55.38 -78.55 72.82
CA ALA X 301 56.20 -79.75 73.02
C ALA X 301 55.30 -80.98 73.21
N ALA X 302 55.74 -82.18 72.82
CA ALA X 302 54.91 -83.38 72.83
C ALA X 302 54.41 -83.81 74.21
N CYS X 303 55.04 -83.34 75.29
CA CYS X 303 54.66 -83.63 76.66
C CYS X 303 53.20 -83.22 76.93
N ASP X 304 52.37 -84.18 77.30
CA ASP X 304 51.09 -83.85 77.91
C ASP X 304 51.33 -83.44 79.36
N PRO X 305 51.00 -82.22 79.78
CA PRO X 305 51.20 -81.80 81.15
C PRO X 305 50.45 -82.67 82.17
N ARG X 306 49.42 -83.42 81.76
CA ARG X 306 48.74 -84.40 82.62
C ARG X 306 49.62 -85.60 83.01
N HIS X 307 50.82 -85.73 82.45
CA HIS X 307 51.86 -86.69 82.86
C HIS X 307 52.87 -86.13 83.89
N GLY X 308 52.66 -84.92 84.41
CA GLY X 308 53.50 -84.31 85.43
C GLY X 308 52.73 -83.33 86.32
N ARG X 309 53.43 -82.34 86.85
CA ARG X 309 52.89 -81.15 87.52
C ARG X 309 53.67 -79.93 87.04
N TYR X 310 53.05 -78.77 86.91
CA TYR X 310 53.78 -77.52 86.70
C TYR X 310 54.53 -77.09 87.97
N LEU X 311 55.71 -76.52 87.80
CA LEU X 311 56.41 -75.79 88.84
C LEU X 311 55.87 -74.36 88.87
N THR X 312 56.07 -73.65 87.77
CA THR X 312 55.54 -72.32 87.48
C THR X 312 54.95 -72.29 86.09
N VAL X 313 53.89 -71.53 85.89
CA VAL X 313 53.41 -71.10 84.58
C VAL X 313 53.46 -69.58 84.53
N ALA X 314 53.88 -68.98 83.42
CA ALA X 314 53.68 -67.56 83.19
C ALA X 314 52.68 -67.36 82.06
N ALA X 315 51.65 -66.55 82.31
CA ALA X 315 50.71 -66.13 81.29
C ALA X 315 50.91 -64.63 80.98
N ILE X 316 51.56 -64.33 79.86
CA ILE X 316 51.81 -62.96 79.39
C ILE X 316 50.68 -62.57 78.44
N PHE X 317 49.64 -61.96 79.00
CA PHE X 317 48.51 -61.43 78.27
C PHE X 317 48.84 -60.11 77.57
N ARG X 318 48.13 -59.84 76.47
CA ARG X 318 48.19 -58.61 75.72
C ARG X 318 46.77 -58.18 75.37
N GLY X 319 46.48 -56.90 75.48
CA GLY X 319 45.16 -56.33 75.16
C GLY X 319 44.54 -55.54 76.29
N ARG X 320 43.45 -54.83 76.03
CA ARG X 320 42.67 -54.11 77.04
C ARG X 320 41.78 -55.08 77.81
N MET X 321 42.16 -55.44 79.03
CA MET X 321 41.45 -56.42 79.86
C MET X 321 41.52 -56.11 81.35
N SER X 322 40.58 -56.63 82.11
CA SER X 322 40.47 -56.44 83.56
C SER X 322 41.52 -57.22 84.33
N MET X 323 42.17 -56.59 85.31
CA MET X 323 43.03 -57.29 86.23
C MET X 323 42.26 -58.23 87.16
N LYS X 324 41.02 -57.91 87.58
CA LYS X 324 40.18 -58.85 88.33
C LYS X 324 39.93 -60.09 87.51
N GLU X 325 39.54 -59.97 86.25
CA GLU X 325 39.26 -61.12 85.39
C GLU X 325 40.50 -61.98 85.12
N VAL X 326 41.67 -61.38 84.85
CA VAL X 326 42.92 -62.13 84.74
C VAL X 326 43.24 -62.82 86.05
N ASP X 327 43.21 -62.11 87.17
CA ASP X 327 43.59 -62.70 88.47
C ASP X 327 42.60 -63.78 88.96
N GLU X 328 41.31 -63.64 88.63
CA GLU X 328 40.24 -64.63 88.80
C GLU X 328 40.54 -65.89 87.99
N GLN X 329 40.88 -65.80 86.70
CA GLN X 329 41.06 -67.00 85.88
C GLN X 329 42.36 -67.73 86.22
N MET X 330 43.45 -67.01 86.50
CA MET X 330 44.71 -67.62 86.91
C MET X 330 44.65 -68.22 88.32
N LEU X 331 43.64 -67.86 89.14
CA LEU X 331 43.28 -68.54 90.39
C LEU X 331 42.41 -69.77 90.12
N ASN X 332 41.34 -69.62 89.33
CA ASN X 332 40.39 -70.68 89.07
C ASN X 332 41.07 -71.89 88.42
N VAL X 333 41.98 -71.66 87.47
CA VAL X 333 42.75 -72.74 86.85
C VAL X 333 43.51 -73.56 87.88
N GLN X 334 44.34 -72.96 88.73
CA GLN X 334 45.22 -73.74 89.61
C GLN X 334 44.55 -74.26 90.89
N ASN X 335 43.30 -73.90 91.14
CA ASN X 335 42.47 -74.48 92.20
C ASN X 335 41.62 -75.64 91.67
N LYS X 336 41.02 -75.49 90.49
CA LYS X 336 40.23 -76.55 89.83
C LYS X 336 41.11 -77.65 89.20
N ASN X 337 42.38 -77.36 88.91
CA ASN X 337 43.39 -78.31 88.42
C ASN X 337 44.52 -78.55 89.43
N SER X 338 44.27 -78.48 90.73
CA SER X 338 45.31 -78.43 91.77
C SER X 338 46.25 -79.65 91.80
N SER X 339 45.79 -80.82 91.35
CA SER X 339 46.59 -82.03 91.16
C SER X 339 47.66 -81.92 90.08
N TYR X 340 47.66 -80.87 89.25
CA TYR X 340 48.63 -80.62 88.18
C TYR X 340 49.61 -79.48 88.46
N PHE X 341 49.70 -78.98 89.68
CA PHE X 341 50.63 -77.95 90.12
C PHE X 341 51.37 -78.41 91.38
N VAL X 342 52.64 -78.07 91.58
CA VAL X 342 53.33 -78.51 92.81
C VAL X 342 52.79 -77.80 94.04
N GLU X 343 52.55 -78.55 95.12
CA GLU X 343 51.85 -78.01 96.31
C GLU X 343 52.78 -77.45 97.41
N TRP X 344 54.09 -77.38 97.14
CA TRP X 344 55.07 -76.65 97.94
C TRP X 344 55.35 -75.24 97.42
N ILE X 345 54.73 -74.82 96.31
CA ILE X 345 54.66 -73.42 95.87
C ILE X 345 53.21 -72.95 96.09
N PRO X 346 52.97 -71.83 96.81
CA PRO X 346 51.62 -71.41 97.21
C PRO X 346 50.81 -70.72 96.10
N ASN X 347 51.47 -70.19 95.07
CA ASN X 347 50.86 -69.74 93.82
C ASN X 347 51.82 -70.08 92.69
N ASN X 348 51.38 -70.86 91.72
CA ASN X 348 52.21 -71.33 90.63
C ASN X 348 52.12 -70.44 89.39
N VAL X 349 51.23 -69.46 89.30
CA VAL X 349 51.05 -68.65 88.09
C VAL X 349 51.60 -67.23 88.29
N LYS X 350 52.55 -66.82 87.44
CA LYS X 350 52.94 -65.44 87.15
C LYS X 350 51.99 -64.87 86.11
N THR X 351 51.57 -63.62 86.24
CA THR X 351 50.78 -62.92 85.20
C THR X 351 51.52 -61.69 84.74
N ALA X 352 51.36 -61.32 83.48
CA ALA X 352 51.75 -60.01 82.97
C ALA X 352 50.70 -59.55 81.97
N VAL X 353 50.54 -58.25 81.79
CA VAL X 353 49.46 -57.66 80.99
C VAL X 353 50.01 -56.47 80.25
N CYS X 354 50.15 -56.58 78.94
CA CYS X 354 50.51 -55.51 78.03
C CYS X 354 49.28 -54.81 77.45
N ASP X 355 49.32 -53.50 77.25
CA ASP X 355 48.21 -52.69 76.73
C ASP X 355 48.01 -52.80 75.21
N ILE X 356 48.92 -53.45 74.48
CA ILE X 356 48.98 -53.47 73.01
C ILE X 356 48.91 -54.92 72.50
N PRO X 357 47.74 -55.40 72.05
CA PRO X 357 47.56 -56.74 71.51
C PRO X 357 48.13 -56.85 70.08
N PRO X 358 48.45 -58.05 69.58
CA PRO X 358 49.02 -58.22 68.26
C PRO X 358 48.15 -57.61 67.16
N ARG X 359 48.75 -57.13 66.07
CA ARG X 359 48.00 -56.47 65.00
C ARG X 359 46.92 -57.41 64.43
N GLY X 360 45.66 -57.01 64.46
CA GLY X 360 44.52 -57.85 64.04
C GLY X 360 43.91 -58.76 65.11
N LEU X 361 44.26 -58.73 66.38
CA LEU X 361 43.38 -59.37 67.37
C LEU X 361 43.23 -58.56 68.65
N LYS X 362 42.04 -58.59 69.25
CA LYS X 362 41.64 -57.74 70.38
C LYS X 362 42.38 -58.06 71.67
N MET X 363 42.83 -59.29 71.82
CA MET X 363 43.59 -59.80 72.95
C MET X 363 44.50 -60.93 72.48
N SER X 364 45.54 -61.26 73.23
CA SER X 364 46.31 -62.48 73.01
C SER X 364 46.99 -62.91 74.30
N ALA X 365 47.36 -64.17 74.44
CA ALA X 365 48.13 -64.68 75.57
C ALA X 365 49.26 -65.58 75.08
N THR X 366 50.49 -65.31 75.52
CA THR X 366 51.60 -66.24 75.36
C THR X 366 51.79 -66.98 76.67
N PHE X 367 51.83 -68.29 76.59
CA PHE X 367 51.94 -69.20 77.72
C PHE X 367 53.36 -69.74 77.81
N ILE X 368 53.93 -69.76 79.01
CA ILE X 368 55.19 -70.45 79.26
C ILE X 368 54.98 -71.43 80.39
N GLY X 369 55.10 -72.71 80.12
CA GLY X 369 55.03 -73.74 81.14
C GLY X 369 56.41 -74.18 81.58
N ASN X 370 56.64 -74.31 82.88
CA ASN X 370 57.69 -75.14 83.42
C ASN X 370 57.00 -76.33 84.11
N SER X 371 57.24 -77.57 83.67
CA SER X 371 56.58 -78.73 84.22
C SER X 371 57.46 -79.96 84.25
N THR X 372 57.31 -80.76 85.29
CA THR X 372 57.98 -82.05 85.43
C THR X 372 57.65 -83.03 84.30
N ALA X 373 56.57 -82.79 83.54
CA ALA X 373 56.26 -83.53 82.32
C ALA X 373 57.33 -83.37 81.23
N ILE X 374 58.18 -82.34 81.25
CA ILE X 374 59.30 -82.23 80.30
C ILE X 374 60.32 -83.36 80.46
N GLN X 375 60.24 -84.15 81.55
CA GLN X 375 61.01 -85.37 81.67
C GLN X 375 60.79 -86.31 80.48
N GLU X 376 59.59 -86.34 79.89
CA GLU X 376 59.26 -87.27 78.81
C GLU X 376 59.97 -86.92 77.51
N LEU X 377 60.25 -85.65 77.27
CA LEU X 377 61.01 -85.21 76.10
C LEU X 377 62.48 -85.62 76.24
N PHE X 378 63.09 -85.41 77.41
CA PHE X 378 64.46 -85.87 77.64
C PHE X 378 64.58 -87.39 77.77
N LYS X 379 63.56 -88.09 78.27
CA LYS X 379 63.58 -89.56 78.40
C LYS X 379 63.60 -90.24 77.04
N ARG X 380 62.71 -89.87 76.13
CA ARG X 380 62.60 -90.55 74.83
C ARG X 380 63.81 -90.31 73.92
N ILE X 381 64.43 -89.13 73.99
CA ILE X 381 65.72 -88.90 73.35
C ILE X 381 66.78 -89.80 73.99
N SER X 382 66.86 -89.85 75.32
CA SER X 382 67.85 -90.66 76.04
C SER X 382 67.74 -92.17 75.75
N GLU X 383 66.53 -92.72 75.60
CA GLU X 383 66.32 -94.12 75.20
C GLU X 383 66.55 -94.40 73.70
N GLN X 384 66.29 -93.45 72.78
CA GLN X 384 66.76 -93.60 71.39
C GLN X 384 68.29 -93.56 71.30
N PHE X 385 68.94 -92.65 72.02
CA PHE X 385 70.39 -92.57 72.13
C PHE X 385 70.96 -93.90 72.63
N THR X 386 70.40 -94.43 73.72
CA THR X 386 70.89 -95.65 74.35
C THR X 386 70.85 -96.84 73.41
N ALA X 387 69.75 -97.03 72.67
CA ALA X 387 69.60 -98.19 71.79
C ALA X 387 70.58 -98.19 70.61
N MET X 388 71.01 -97.03 70.11
CA MET X 388 72.10 -96.95 69.14
C MET X 388 73.48 -97.10 69.79
N PHE X 389 73.69 -96.41 70.91
CA PHE X 389 75.00 -96.32 71.54
C PHE X 389 75.46 -97.64 72.13
N ARG X 390 74.57 -98.54 72.60
CA ARG X 390 74.99 -99.86 73.10
C ARG X 390 75.74 -100.68 72.06
N ARG X 391 75.54 -100.41 70.77
CA ARG X 391 76.21 -101.05 69.63
C ARG X 391 77.16 -100.11 68.87
N LYS X 392 77.52 -98.97 69.48
CA LYS X 392 78.45 -97.96 68.96
C LYS X 392 78.13 -97.45 67.54
N ALA X 393 76.89 -97.60 67.08
CA ALA X 393 76.52 -97.31 65.71
C ALA X 393 76.78 -95.85 65.36
N PHE X 394 77.21 -95.56 64.13
CA PHE X 394 77.51 -94.21 63.61
C PHE X 394 78.65 -93.43 64.32
N LEU X 395 79.31 -93.96 65.37
CA LEU X 395 80.28 -93.16 66.14
C LEU X 395 81.55 -92.80 65.39
N HIS X 396 81.87 -93.43 64.27
CA HIS X 396 83.09 -93.10 63.53
C HIS X 396 83.02 -91.72 62.86
N TRP X 397 81.81 -91.22 62.57
CA TRP X 397 81.61 -89.87 62.07
C TRP X 397 81.86 -88.78 63.11
N TYR X 398 81.72 -89.08 64.40
CA TYR X 398 81.96 -88.16 65.51
C TYR X 398 83.37 -88.30 66.05
N THR X 399 83.83 -89.52 66.28
CA THR X 399 85.20 -89.79 66.70
C THR X 399 86.22 -89.46 65.61
N GLY X 400 85.81 -89.44 64.34
CA GLY X 400 86.61 -88.91 63.23
C GLY X 400 86.93 -87.41 63.35
N GLU X 401 86.05 -86.63 63.97
CA GLU X 401 86.28 -85.22 64.34
C GLU X 401 87.09 -85.06 65.64
N GLY X 402 87.67 -86.13 66.17
CA GLY X 402 88.47 -86.16 67.39
C GLY X 402 87.70 -86.16 68.70
N MET X 403 86.38 -86.38 68.65
CA MET X 403 85.54 -86.51 69.83
C MET X 403 85.76 -87.87 70.53
N ASP X 404 85.71 -87.93 71.85
CA ASP X 404 85.83 -89.20 72.59
C ASP X 404 84.50 -89.95 72.69
N GLU X 405 84.56 -91.27 72.79
CA GLU X 405 83.43 -92.08 73.26
C GLU X 405 83.02 -91.66 74.69
N MET X 406 83.98 -91.27 75.53
CA MET X 406 83.72 -90.74 76.86
C MET X 406 82.80 -89.51 76.85
N GLU X 407 82.77 -88.72 75.77
CA GLU X 407 81.90 -87.53 75.75
C GLU X 407 80.44 -87.90 75.52
N PHE X 408 80.18 -89.00 74.83
CA PHE X 408 78.84 -89.56 74.68
C PHE X 408 78.35 -90.12 76.00
N THR X 409 79.17 -90.93 76.67
CA THR X 409 78.87 -91.46 78.00
C THR X 409 78.58 -90.33 78.99
N GLU X 410 79.34 -89.25 78.98
CA GLU X 410 79.17 -88.10 79.86
C GLU X 410 77.97 -87.22 79.49
N ALA X 411 77.64 -87.09 78.21
CA ALA X 411 76.42 -86.40 77.78
C ALA X 411 75.14 -87.14 78.21
N GLU X 412 75.03 -88.44 77.97
CA GLU X 412 73.87 -89.24 78.38
C GLU X 412 73.76 -89.35 79.91
N SER X 413 74.89 -89.27 80.61
CA SER X 413 74.94 -89.19 82.08
C SER X 413 74.30 -87.90 82.58
N ASN X 414 74.70 -86.76 82.02
CA ASN X 414 74.13 -85.45 82.30
C ASN X 414 72.66 -85.29 81.85
N MET X 415 72.25 -86.00 80.80
CA MET X 415 70.84 -86.10 80.38
C MET X 415 70.00 -86.80 81.46
N ASN X 416 70.40 -87.99 81.94
CA ASN X 416 69.67 -88.67 83.01
C ASN X 416 69.66 -87.87 84.32
N ASP X 417 70.69 -87.08 84.60
CA ASP X 417 70.71 -86.15 85.73
C ASP X 417 69.67 -85.04 85.59
N LEU X 418 69.42 -84.53 84.38
CA LEU X 418 68.32 -83.59 84.11
C LEU X 418 66.94 -84.26 84.21
N VAL X 419 66.78 -85.50 83.73
CA VAL X 419 65.54 -86.27 83.90
C VAL X 419 65.24 -86.50 85.37
N SER X 420 66.25 -86.82 86.16
CA SER X 420 66.10 -87.13 87.59
C SER X 420 65.68 -85.92 88.42
N GLU X 421 66.18 -84.72 88.11
CA GLU X 421 65.83 -83.49 88.81
C GLU X 421 64.38 -83.04 88.53
N TYR X 422 63.85 -83.21 87.32
CA TYR X 422 62.41 -83.01 87.09
C TYR X 422 61.56 -84.10 87.75
N GLN X 423 61.94 -85.37 87.63
CA GLN X 423 61.21 -86.47 88.27
C GLN X 423 61.22 -86.40 89.80
N GLN X 424 62.22 -85.77 90.42
CA GLN X 424 62.31 -85.56 91.86
C GLN X 424 61.16 -84.72 92.42
N TYR X 425 60.73 -83.66 91.73
CA TYR X 425 59.63 -82.81 92.17
C TYR X 425 58.23 -83.27 91.70
N GLN X 426 58.12 -84.43 91.08
CA GLN X 426 56.87 -84.99 90.56
C GLN X 426 55.82 -85.15 91.68
N MET Y 1 108.13 -24.74 61.91
CA MET Y 1 107.11 -25.12 62.91
C MET Y 1 106.84 -26.62 62.83
N ARG Y 2 107.64 -27.41 63.54
CA ARG Y 2 107.51 -28.88 63.67
C ARG Y 2 107.45 -29.58 62.32
N GLU Y 3 108.36 -29.22 61.44
CA GLU Y 3 108.53 -29.89 60.17
C GLU Y 3 108.82 -31.38 60.35
N ILE Y 4 108.34 -32.20 59.42
CA ILE Y 4 108.73 -33.60 59.28
C ILE Y 4 109.48 -33.79 57.97
N VAL Y 5 110.49 -34.65 58.01
CA VAL Y 5 111.21 -35.16 56.85
C VAL Y 5 110.77 -36.60 56.63
N HIS Y 6 110.31 -36.91 55.43
CA HIS Y 6 109.77 -38.22 55.12
C HIS Y 6 110.66 -38.96 54.14
N LEU Y 7 110.90 -40.26 54.35
CA LEU Y 7 111.85 -41.02 53.54
C LEU Y 7 111.23 -42.34 53.10
N GLN Y 8 111.33 -42.68 51.83
CA GLN Y 8 110.74 -43.89 51.25
C GLN Y 8 111.81 -44.87 50.78
N ALA Y 9 111.79 -46.13 51.21
CA ALA Y 9 112.80 -47.12 50.83
C ALA Y 9 112.26 -48.42 50.20
N GLY Y 10 112.84 -48.80 49.06
CA GLY Y 10 112.49 -50.03 48.34
C GLY Y 10 111.15 -49.95 47.62
N GLN Y 11 110.63 -51.04 47.07
CA GLN Y 11 109.34 -51.01 46.40
C GLN Y 11 108.20 -50.71 47.37
N CYS Y 12 108.06 -51.45 48.48
CA CYS Y 12 106.95 -51.25 49.40
C CYS Y 12 106.95 -49.85 50.02
N GLY Y 13 108.09 -49.37 50.52
CA GLY Y 13 108.19 -48.05 51.14
C GLY Y 13 107.85 -46.89 50.20
N ASN Y 14 108.25 -46.99 48.94
CA ASN Y 14 107.89 -46.03 47.89
C ASN Y 14 106.43 -46.17 47.45
N GLN Y 15 105.79 -47.32 47.62
CA GLN Y 15 104.41 -47.51 47.24
C GLN Y 15 103.43 -47.06 48.34
N ILE Y 16 103.65 -47.41 49.61
CA ILE Y 16 102.89 -46.86 50.72
C ILE Y 16 103.16 -45.36 50.89
N GLY Y 17 104.36 -44.88 50.58
CA GLY Y 17 104.72 -43.47 50.52
C GLY Y 17 104.06 -42.70 49.39
N ALA Y 18 104.12 -43.16 48.15
CA ALA Y 18 103.49 -42.49 47.03
C ALA Y 18 101.96 -42.46 47.11
N LYS Y 19 101.33 -43.37 47.87
CA LYS Y 19 99.91 -43.27 48.24
C LYS Y 19 99.70 -42.29 49.38
N PHE Y 20 100.53 -42.30 50.41
CA PHE Y 20 100.46 -41.32 51.48
C PHE Y 20 100.49 -39.88 50.96
N TRP Y 21 101.36 -39.56 50.01
CA TRP Y 21 101.41 -38.24 49.38
C TRP Y 21 100.18 -37.85 48.57
N GLU Y 22 99.42 -38.79 48.06
CA GLU Y 22 98.11 -38.55 47.47
C GLU Y 22 97.04 -38.25 48.54
N VAL Y 23 97.08 -38.94 49.68
CA VAL Y 23 96.17 -38.73 50.81
C VAL Y 23 96.39 -37.37 51.48
N ILE Y 24 97.62 -37.03 51.89
CA ILE Y 24 97.82 -35.75 52.58
C ILE Y 24 97.78 -34.56 51.61
N SER Y 25 97.99 -34.75 50.31
CA SER Y 25 97.72 -33.69 49.34
C SER Y 25 96.22 -33.42 49.16
N ASP Y 26 95.36 -34.43 49.30
CA ASP Y 26 93.91 -34.24 49.29
C ASP Y 26 93.44 -33.47 50.53
N GLU Y 27 93.98 -33.81 51.70
CA GLU Y 27 93.74 -33.11 52.97
C GLU Y 27 94.14 -31.65 52.92
N HIS Y 28 95.37 -31.35 52.51
CA HIS Y 28 95.90 -30.00 52.40
C HIS Y 28 95.45 -29.28 51.12
N GLY Y 29 94.66 -29.92 50.26
CA GLY Y 29 94.09 -29.29 49.07
C GLY Y 29 95.14 -28.87 48.05
N ILE Y 30 96.13 -29.73 47.82
CA ILE Y 30 97.21 -29.54 46.84
C ILE Y 30 96.92 -30.39 45.61
N ASP Y 31 97.00 -29.74 44.46
CA ASP Y 31 96.83 -30.28 43.12
C ASP Y 31 98.00 -31.21 42.73
N PRO Y 32 97.83 -32.23 41.88
CA PRO Y 32 98.94 -33.03 41.37
C PRO Y 32 100.09 -32.25 40.72
N THR Y 33 99.84 -31.01 40.33
CA THR Y 33 100.86 -30.07 39.81
C THR Y 33 101.75 -29.49 40.92
N GLY Y 34 101.29 -29.57 42.17
CA GLY Y 34 101.87 -28.92 43.34
C GLY Y 34 101.22 -27.57 43.71
N ALA Y 35 100.28 -27.05 42.92
CA ALA Y 35 99.54 -25.82 43.20
C ALA Y 35 98.48 -26.02 44.30
N TYR Y 36 98.24 -25.05 45.18
CA TYR Y 36 97.15 -25.13 46.16
C TYR Y 36 95.79 -24.79 45.54
N HIS Y 37 94.78 -25.63 45.80
CA HIS Y 37 93.42 -25.53 45.28
C HIS Y 37 92.35 -25.83 46.35
N GLY Y 38 92.72 -25.85 47.63
CA GLY Y 38 91.84 -26.21 48.73
C GLY Y 38 90.75 -25.18 49.08
N ASP Y 39 89.82 -25.58 49.95
CA ASP Y 39 88.72 -24.77 50.48
C ASP Y 39 89.15 -23.78 51.56
N SER Y 40 90.02 -24.21 52.46
CA SER Y 40 90.10 -23.70 53.82
C SER Y 40 91.47 -23.19 54.22
N ASP Y 41 91.50 -22.16 55.06
CA ASP Y 41 92.74 -21.62 55.60
C ASP Y 41 93.50 -22.63 56.46
N LEU Y 42 92.79 -23.55 57.14
CA LEU Y 42 93.40 -24.55 58.00
C LEU Y 42 94.24 -25.55 57.22
N GLN Y 43 93.89 -25.80 55.96
CA GLN Y 43 94.70 -26.61 55.05
C GLN Y 43 96.05 -25.98 54.75
N LEU Y 44 96.11 -24.65 54.72
CA LEU Y 44 97.30 -23.89 54.38
C LEU Y 44 98.14 -23.51 55.61
N GLU Y 45 97.51 -23.35 56.76
CA GLU Y 45 98.14 -22.95 58.03
C GLU Y 45 99.35 -23.78 58.42
N ARG Y 46 99.33 -25.10 58.20
CA ARG Y 46 100.41 -26.04 58.54
C ARG Y 46 100.96 -26.82 57.35
N ILE Y 47 100.78 -26.32 56.13
CA ILE Y 47 101.30 -26.97 54.92
C ILE Y 47 102.82 -27.14 54.96
N ASN Y 48 103.54 -26.30 55.72
CA ASN Y 48 104.96 -26.44 55.95
C ASN Y 48 105.34 -27.75 56.67
N VAL Y 49 104.44 -28.45 57.37
CA VAL Y 49 104.78 -29.69 58.10
C VAL Y 49 105.28 -30.78 57.16
N TYR Y 50 104.73 -30.86 55.95
CA TYR Y 50 105.10 -31.87 54.96
C TYR Y 50 105.61 -31.29 53.64
N TYR Y 51 105.55 -29.98 53.42
CA TYR Y 51 105.91 -29.37 52.15
C TYR Y 51 106.84 -28.16 52.33
N ASN Y 52 107.59 -27.83 51.28
CA ASN Y 52 108.34 -26.60 51.12
C ASN Y 52 107.55 -25.65 50.21
N GLU Y 53 107.45 -24.37 50.56
CA GLU Y 53 106.96 -23.35 49.63
C GLU Y 53 108.02 -23.11 48.55
N ALA Y 54 107.60 -23.00 47.30
CA ALA Y 54 108.42 -22.60 46.16
C ALA Y 54 107.69 -21.57 45.28
N THR Y 55 108.37 -21.00 44.29
CA THR Y 55 107.89 -19.87 43.50
C THR Y 55 106.53 -20.10 42.83
N GLY Y 56 105.70 -19.07 42.71
CA GLY Y 56 104.34 -19.18 42.20
C GLY Y 56 103.33 -19.84 43.16
N GLY Y 57 103.67 -19.95 44.46
CA GLY Y 57 102.90 -20.67 45.47
C GLY Y 57 102.72 -22.17 45.16
N LYS Y 58 103.64 -22.78 44.41
CA LYS Y 58 103.77 -24.22 44.27
C LYS Y 58 104.38 -24.82 45.54
N TYR Y 59 103.85 -25.94 45.97
CA TYR Y 59 104.30 -26.67 47.15
C TYR Y 59 105.02 -27.95 46.74
N VAL Y 60 106.20 -28.17 47.29
CA VAL Y 60 107.05 -29.32 46.97
C VAL Y 60 107.19 -30.18 48.21
N PRO Y 61 106.73 -31.43 48.22
CA PRO Y 61 106.76 -32.25 49.41
C PRO Y 61 108.16 -32.63 49.83
N ARG Y 62 108.38 -32.64 51.14
CA ARG Y 62 109.66 -32.96 51.78
C ARG Y 62 109.88 -34.47 51.93
N ALA Y 63 109.71 -35.18 50.83
CA ALA Y 63 110.09 -36.57 50.70
C ALA Y 63 111.51 -36.71 50.15
N VAL Y 64 112.23 -37.71 50.62
CA VAL Y 64 113.39 -38.30 49.94
C VAL Y 64 112.98 -39.69 49.46
N LEU Y 65 113.26 -40.00 48.21
CA LEU Y 65 112.86 -41.25 47.57
C LEU Y 65 114.11 -42.07 47.30
N VAL Y 66 114.23 -43.23 47.94
CA VAL Y 66 115.43 -44.08 47.90
C VAL Y 66 115.11 -45.47 47.38
N ASP Y 67 115.90 -45.94 46.42
CA ASP Y 67 115.81 -47.29 45.86
C ASP Y 67 117.16 -47.69 45.29
N LEU Y 68 117.42 -48.97 45.10
CA LEU Y 68 118.64 -49.47 44.45
C LEU Y 68 118.41 -49.83 42.98
N GLU Y 69 117.17 -49.71 42.51
CA GLU Y 69 116.70 -49.93 41.13
C GLU Y 69 116.02 -48.66 40.60
N PRO Y 70 116.10 -48.34 39.30
CA PRO Y 70 115.39 -47.19 38.73
C PRO Y 70 113.89 -47.43 38.59
N GLY Y 71 113.44 -48.67 38.37
CA GLY Y 71 112.07 -49.02 38.01
C GLY Y 71 110.98 -48.57 38.98
N THR Y 72 111.22 -48.49 40.30
CA THR Y 72 110.20 -47.90 41.20
C THR Y 72 110.18 -46.38 41.14
N MET Y 73 111.32 -45.71 40.96
CA MET Y 73 111.34 -44.27 40.68
C MET Y 73 110.57 -43.94 39.41
N ASP Y 74 110.78 -44.71 38.35
CA ASP Y 74 110.06 -44.59 37.10
C ASP Y 74 108.54 -44.81 37.28
N SER Y 75 108.15 -45.72 38.15
CA SER Y 75 106.74 -46.00 38.45
C SER Y 75 106.09 -44.92 39.32
N VAL Y 76 106.83 -44.32 40.25
CA VAL Y 76 106.37 -43.19 41.06
C VAL Y 76 106.31 -41.91 40.24
N ARG Y 77 107.40 -41.53 39.54
CA ARG Y 77 107.53 -40.31 38.72
C ARG Y 77 106.46 -40.23 37.62
N SER Y 78 106.09 -41.35 37.04
CA SER Y 78 105.01 -41.47 36.05
C SER Y 78 103.59 -41.61 36.66
N GLY Y 79 103.48 -41.75 37.98
CA GLY Y 79 102.23 -42.10 38.66
C GLY Y 79 101.24 -40.94 38.84
N PRO Y 80 100.14 -41.17 39.59
CA PRO Y 80 99.08 -40.18 39.83
C PRO Y 80 99.55 -38.82 40.37
N PHE Y 81 100.57 -38.84 41.24
CA PHE Y 81 101.13 -37.65 41.88
C PHE Y 81 102.65 -37.51 41.65
N GLY Y 82 103.24 -38.28 40.74
CA GLY Y 82 104.68 -38.37 40.58
C GLY Y 82 105.43 -37.06 40.29
N GLN Y 83 104.76 -36.13 39.62
CA GLN Y 83 105.34 -34.85 39.22
C GLN Y 83 105.49 -33.87 40.38
N ILE Y 84 104.94 -34.20 41.57
CA ILE Y 84 104.97 -33.32 42.73
C ILE Y 84 106.37 -33.25 43.36
N PHE Y 85 107.10 -34.37 43.42
CA PHE Y 85 108.36 -34.51 44.15
C PHE Y 85 109.52 -33.77 43.47
N ARG Y 86 110.52 -33.35 44.25
CA ARG Y 86 111.72 -32.67 43.72
C ARG Y 86 112.57 -33.65 42.92
N PRO Y 87 112.94 -33.41 41.64
CA PRO Y 87 113.80 -34.30 40.87
C PRO Y 87 115.10 -34.69 41.56
N ASP Y 88 115.74 -33.78 42.30
CA ASP Y 88 116.95 -34.04 43.09
C ASP Y 88 116.75 -35.02 44.26
N ASN Y 89 115.51 -35.19 44.74
CA ASN Y 89 115.21 -36.04 45.88
C ASN Y 89 114.97 -37.50 45.51
N PHE Y 90 114.86 -37.83 44.23
CA PHE Y 90 114.93 -39.20 43.75
C PHE Y 90 116.40 -39.64 43.74
N VAL Y 91 116.81 -40.42 44.72
CA VAL Y 91 118.19 -40.93 44.87
C VAL Y 91 118.17 -42.43 44.62
N PHE Y 92 118.90 -42.93 43.62
CA PHE Y 92 118.80 -44.32 43.21
C PHE Y 92 120.08 -44.90 42.62
N GLY Y 93 120.24 -46.21 42.76
CA GLY Y 93 121.25 -47.03 42.09
C GLY Y 93 120.79 -47.56 40.73
N GLN Y 94 121.47 -48.58 40.19
CA GLN Y 94 121.06 -49.27 38.95
C GLN Y 94 120.82 -50.77 39.16
N SER Y 95 121.77 -51.50 39.74
CA SER Y 95 121.61 -52.91 40.11
C SER Y 95 120.92 -53.05 41.47
N GLY Y 96 119.86 -53.84 41.57
CA GLY Y 96 119.03 -53.92 42.76
C GLY Y 96 119.66 -54.59 43.98
N ALA Y 97 118.88 -54.73 45.05
CA ALA Y 97 119.29 -55.42 46.27
C ALA Y 97 119.22 -56.96 46.18
N GLY Y 98 118.68 -57.57 45.13
CA GLY Y 98 118.60 -59.02 45.03
C GLY Y 98 117.79 -59.70 46.15
N ASN Y 99 116.91 -58.97 46.84
CA ASN Y 99 116.26 -59.37 48.09
C ASN Y 99 117.25 -59.78 49.19
N ASN Y 100 118.39 -59.12 49.25
CA ASN Y 100 119.48 -59.42 50.15
C ASN Y 100 119.72 -58.24 51.11
N TRP Y 101 119.56 -58.43 52.42
CA TRP Y 101 119.84 -57.40 53.42
C TRP Y 101 121.27 -56.90 53.34
N ALA Y 102 122.25 -57.79 53.13
CA ALA Y 102 123.65 -57.45 53.10
C ALA Y 102 124.01 -56.63 51.87
N LYS Y 103 123.34 -56.79 50.73
CA LYS Y 103 123.48 -55.85 49.60
C LYS Y 103 122.97 -54.46 49.96
N GLY Y 104 121.80 -54.36 50.59
CA GLY Y 104 121.30 -53.10 51.10
C GLY Y 104 122.27 -52.40 52.05
N HIS Y 105 122.70 -53.08 53.10
CA HIS Y 105 123.46 -52.51 54.21
C HIS Y 105 124.98 -52.37 53.96
N TYR Y 106 125.61 -53.17 53.10
CA TYR Y 106 127.08 -53.26 53.03
C TYR Y 106 127.69 -52.96 51.67
N THR Y 107 126.92 -53.00 50.57
CA THR Y 107 127.51 -52.98 49.22
C THR Y 107 126.84 -51.96 48.31
N GLU Y 108 125.60 -52.21 47.94
CA GLU Y 108 124.85 -51.49 46.92
C GLU Y 108 124.25 -50.20 47.47
N GLY Y 109 123.81 -50.25 48.74
CA GLY Y 109 123.28 -49.11 49.47
C GLY Y 109 124.33 -48.40 50.32
N ALA Y 110 125.40 -49.06 50.73
CA ALA Y 110 126.54 -48.41 51.35
C ALA Y 110 127.25 -47.45 50.39
N GLU Y 111 127.25 -47.76 49.09
CA GLU Y 111 127.68 -46.82 48.05
C GLU Y 111 126.74 -45.61 47.95
N LEU Y 112 125.43 -45.85 47.98
CA LEU Y 112 124.38 -44.86 47.73
C LEU Y 112 124.06 -43.97 48.93
N VAL Y 113 124.25 -44.42 50.18
CA VAL Y 113 123.85 -43.66 51.38
C VAL Y 113 124.54 -42.31 51.48
N ASP Y 114 125.78 -42.14 51.00
CA ASP Y 114 126.46 -40.84 50.93
C ASP Y 114 125.71 -39.83 50.03
N SER Y 115 125.02 -40.32 49.00
CA SER Y 115 124.19 -39.53 48.09
C SER Y 115 122.77 -39.33 48.63
N VAL Y 116 122.28 -40.19 49.52
CA VAL Y 116 120.99 -40.02 50.23
C VAL Y 116 121.12 -39.01 51.37
N LEU Y 117 122.10 -39.24 52.24
CA LEU Y 117 122.19 -38.52 53.49
C LEU Y 117 122.40 -37.03 53.29
N ASP Y 118 123.18 -36.64 52.26
CA ASP Y 118 123.40 -35.24 51.89
C ASP Y 118 122.18 -34.52 51.28
N VAL Y 119 121.14 -35.24 50.89
CA VAL Y 119 119.81 -34.71 50.53
C VAL Y 119 118.93 -34.56 51.77
N VAL Y 120 118.99 -35.52 52.70
CA VAL Y 120 118.32 -35.42 54.01
C VAL Y 120 118.79 -34.18 54.78
N ARG Y 121 120.08 -33.81 54.66
CA ARG Y 121 120.61 -32.53 55.13
C ARG Y 121 120.02 -31.29 54.48
N LYS Y 122 119.80 -31.25 53.17
CA LYS Y 122 119.24 -30.08 52.47
C LYS Y 122 117.79 -29.84 52.90
N GLU Y 123 117.02 -30.89 53.10
CA GLU Y 123 115.66 -30.77 53.59
C GLU Y 123 115.60 -30.39 55.08
N ALA Y 124 116.38 -31.04 55.95
CA ALA Y 124 116.46 -30.71 57.38
C ALA Y 124 117.03 -29.32 57.70
N GLU Y 125 117.92 -28.77 56.88
CA GLU Y 125 118.44 -27.41 57.01
C GLU Y 125 117.42 -26.37 56.49
N SER Y 126 116.54 -26.73 55.56
CA SER Y 126 115.43 -25.88 55.12
C SER Y 126 114.29 -25.81 56.14
N CYS Y 127 114.24 -26.70 57.11
CA CYS Y 127 113.24 -26.68 58.18
C CYS Y 127 113.48 -25.54 59.17
N ASP Y 128 112.39 -24.97 59.70
CA ASP Y 128 112.43 -23.93 60.74
C ASP Y 128 112.65 -24.54 62.13
N CYS Y 129 111.90 -25.58 62.45
CA CYS Y 129 112.13 -26.45 63.60
C CYS Y 129 111.66 -27.86 63.24
N LEU Y 130 112.59 -28.73 62.88
CA LEU Y 130 112.37 -30.14 62.61
C LEU Y 130 111.92 -30.86 63.89
N GLN Y 131 110.79 -31.57 63.89
CA GLN Y 131 110.38 -32.48 64.97
C GLN Y 131 110.86 -33.90 64.71
N GLY Y 132 110.95 -34.36 63.47
CA GLY Y 132 111.36 -35.74 63.23
C GLY Y 132 111.41 -36.25 61.80
N PHE Y 133 111.69 -37.55 61.71
CA PHE Y 133 111.86 -38.33 60.50
C PHE Y 133 110.79 -39.41 60.44
N GLN Y 134 110.13 -39.55 59.29
CA GLN Y 134 109.00 -40.45 59.07
C GLN Y 134 109.34 -41.40 57.92
N LEU Y 135 109.87 -42.58 58.22
CA LEU Y 135 110.45 -43.48 57.20
C LEU Y 135 109.53 -44.64 56.85
N THR Y 136 109.16 -44.81 55.58
CA THR Y 136 108.33 -45.93 55.08
C THR Y 136 109.18 -46.99 54.39
N HIS Y 137 109.04 -48.24 54.82
CA HIS Y 137 109.81 -49.37 54.32
C HIS Y 137 109.15 -50.71 54.66
N SER Y 138 109.69 -51.79 54.12
CA SER Y 138 109.33 -53.17 54.42
C SER Y 138 110.52 -53.92 55.03
N LEU Y 139 110.29 -54.90 55.89
CA LEU Y 139 111.35 -55.69 56.56
C LEU Y 139 111.71 -56.97 55.81
N GLY Y 140 110.83 -57.47 54.94
CA GLY Y 140 111.19 -58.43 53.91
C GLY Y 140 112.01 -57.80 52.78
N GLY Y 141 112.55 -58.61 51.86
CA GLY Y 141 113.42 -58.09 50.80
C GLY Y 141 114.67 -57.39 51.32
N GLY Y 142 115.36 -56.58 50.53
CA GLY Y 142 116.72 -56.15 50.85
C GLY Y 142 116.94 -54.65 50.87
N THR Y 143 116.14 -53.87 50.14
CA THR Y 143 116.30 -52.43 50.03
C THR Y 143 115.74 -51.73 51.25
N GLY Y 144 114.46 -51.95 51.56
CA GLY Y 144 113.83 -51.38 52.74
C GLY Y 144 114.41 -51.93 54.04
N SER Y 145 114.63 -53.23 54.12
CA SER Y 145 115.13 -53.88 55.32
C SER Y 145 116.57 -53.50 55.65
N GLY Y 146 117.45 -53.50 54.65
CA GLY Y 146 118.89 -53.35 54.84
C GLY Y 146 119.44 -51.99 54.54
N MET Y 147 118.94 -51.31 53.51
CA MET Y 147 119.34 -49.93 53.25
C MET Y 147 118.58 -48.97 54.15
N GLY Y 148 117.28 -49.20 54.39
CA GLY Y 148 116.47 -48.36 55.24
C GLY Y 148 116.96 -48.34 56.68
N THR Y 149 117.38 -49.49 57.21
CA THR Y 149 118.02 -49.53 58.54
C THR Y 149 119.46 -49.04 58.59
N LEU Y 150 120.19 -49.05 57.49
CA LEU Y 150 121.45 -48.31 57.36
C LEU Y 150 121.19 -46.80 57.48
N LEU Y 151 120.19 -46.32 56.78
CA LEU Y 151 119.82 -44.93 56.74
C LEU Y 151 119.25 -44.44 58.09
N ILE Y 152 118.45 -45.25 58.79
CA ILE Y 152 118.04 -44.99 60.17
C ILE Y 152 119.26 -44.82 61.07
N SER Y 153 120.25 -45.70 60.97
CA SER Y 153 121.47 -45.60 61.76
C SER Y 153 122.23 -44.30 61.52
N LYS Y 154 122.39 -43.89 60.25
CA LYS Y 154 123.07 -42.63 59.86
C LYS Y 154 122.34 -41.35 60.28
N ILE Y 155 121.03 -41.28 60.10
CA ILE Y 155 120.19 -40.17 60.56
C ILE Y 155 120.09 -40.14 62.09
N ARG Y 156 120.00 -41.28 62.78
CA ARG Y 156 120.02 -41.33 64.25
C ARG Y 156 121.32 -40.78 64.86
N GLU Y 157 122.46 -41.08 64.27
CA GLU Y 157 123.76 -40.59 64.73
C GLU Y 157 123.91 -39.09 64.52
N GLU Y 158 123.27 -38.54 63.49
CA GLU Y 158 123.37 -37.13 63.08
C GLU Y 158 122.32 -36.23 63.78
N TYR Y 159 121.14 -36.78 64.09
CA TYR Y 159 119.99 -36.12 64.73
C TYR Y 159 119.50 -36.95 65.94
N PRO Y 160 120.22 -36.93 67.07
CA PRO Y 160 119.95 -37.86 68.17
C PRO Y 160 118.71 -37.54 69.01
N ASP Y 161 118.20 -36.31 68.98
CA ASP Y 161 117.13 -35.78 69.82
C ASP Y 161 115.78 -35.58 69.10
N ARG Y 162 115.79 -35.61 67.76
CA ARG Y 162 114.59 -35.57 66.91
C ARG Y 162 113.86 -36.91 66.94
N ILE Y 163 112.54 -36.93 66.76
CA ILE Y 163 111.75 -38.18 66.70
C ILE Y 163 112.09 -39.00 65.46
N MET Y 164 112.47 -40.26 65.62
CA MET Y 164 112.61 -41.21 64.52
C MET Y 164 111.41 -42.16 64.57
N ASN Y 165 110.57 -42.08 63.55
CA ASN Y 165 109.22 -42.64 63.50
C ASN Y 165 109.06 -43.47 62.22
N THR Y 166 108.98 -44.79 62.30
CA THR Y 166 109.04 -45.66 61.10
C THR Y 166 107.76 -46.47 60.90
N PHE Y 167 107.34 -46.62 59.65
CA PHE Y 167 106.18 -47.43 59.26
C PHE Y 167 106.68 -48.63 58.47
N SER Y 168 106.50 -49.81 59.04
CA SER Y 168 107.32 -50.99 58.75
C SER Y 168 106.44 -52.17 58.39
N VAL Y 169 106.28 -52.41 57.09
CA VAL Y 169 105.54 -53.56 56.59
C VAL Y 169 106.40 -54.80 56.76
N VAL Y 170 105.93 -55.87 57.41
CA VAL Y 170 106.82 -56.96 57.82
C VAL Y 170 106.22 -58.36 57.66
N PRO Y 171 107.05 -59.42 57.61
CA PRO Y 171 106.65 -60.74 57.15
C PRO Y 171 105.65 -61.47 58.07
N SER Y 172 104.89 -62.37 57.46
CA SER Y 172 104.02 -63.34 58.12
C SER Y 172 103.86 -64.58 57.22
N PRO Y 173 103.56 -65.76 57.78
CA PRO Y 173 103.74 -67.02 57.05
C PRO Y 173 102.73 -67.26 55.92
N LYS Y 174 101.46 -66.89 56.11
CA LYS Y 174 100.37 -67.19 55.17
C LYS Y 174 100.27 -66.22 53.98
N VAL Y 175 100.95 -65.08 54.02
CA VAL Y 175 101.04 -64.10 52.93
C VAL Y 175 102.51 -63.73 52.72
N SER Y 176 103.20 -64.53 51.91
CA SER Y 176 104.64 -64.38 51.66
C SER Y 176 105.03 -64.57 50.20
N ASP Y 177 106.00 -63.79 49.73
CA ASP Y 177 106.49 -63.75 48.35
C ASP Y 177 108.00 -63.97 48.23
N THR Y 178 108.73 -64.21 49.32
CA THR Y 178 110.20 -64.33 49.36
C THR Y 178 110.60 -65.57 50.17
N VAL Y 179 111.63 -66.29 49.74
CA VAL Y 179 112.16 -67.43 50.50
C VAL Y 179 112.96 -66.99 51.71
N VAL Y 180 113.86 -66.01 51.52
CA VAL Y 180 114.72 -65.43 52.56
C VAL Y 180 114.09 -64.29 53.37
N GLU Y 181 112.77 -64.12 53.34
CA GLU Y 181 112.09 -63.10 54.15
C GLU Y 181 112.46 -63.15 55.65
N PRO Y 182 112.46 -64.30 56.33
CA PRO Y 182 112.82 -64.40 57.74
C PRO Y 182 114.21 -63.87 58.09
N TYR Y 183 115.20 -64.09 57.23
CA TYR Y 183 116.57 -63.61 57.43
C TYR Y 183 116.63 -62.09 57.41
N ASN Y 184 116.10 -61.48 56.35
CA ASN Y 184 116.12 -60.06 56.13
C ASN Y 184 115.44 -59.31 57.28
N ALA Y 185 114.29 -59.80 57.73
CA ALA Y 185 113.58 -59.19 58.82
C ALA Y 185 114.36 -59.30 60.13
N THR Y 186 114.91 -60.46 60.46
CA THR Y 186 115.65 -60.64 61.72
C THR Y 186 116.90 -59.76 61.80
N LEU Y 187 117.63 -59.59 60.69
CA LEU Y 187 118.74 -58.64 60.59
C LEU Y 187 118.31 -57.16 60.70
N SER Y 188 117.06 -56.85 60.33
CA SER Y 188 116.53 -55.49 60.31
C SER Y 188 115.89 -55.07 61.63
N VAL Y 189 115.16 -55.96 62.32
CA VAL Y 189 114.53 -55.71 63.63
C VAL Y 189 115.56 -55.38 64.71
N HIS Y 190 116.73 -55.99 64.62
CA HIS Y 190 117.94 -55.70 65.40
C HIS Y 190 118.39 -54.23 65.34
N GLN Y 191 118.13 -53.50 64.24
CA GLN Y 191 118.40 -52.07 64.11
C GLN Y 191 117.24 -51.20 64.61
N LEU Y 192 116.00 -51.62 64.39
CA LEU Y 192 114.81 -50.88 64.79
C LEU Y 192 114.68 -50.81 66.32
N VAL Y 193 114.92 -51.90 67.07
CA VAL Y 193 114.81 -51.92 68.54
C VAL Y 193 115.78 -50.94 69.23
N GLU Y 194 116.93 -50.63 68.63
CA GLU Y 194 117.93 -49.73 69.22
C GLU Y 194 117.75 -48.27 68.80
N ASN Y 195 117.42 -48.01 67.53
CA ASN Y 195 117.48 -46.65 66.95
C ASN Y 195 116.15 -45.90 66.93
N THR Y 196 115.04 -46.52 66.52
CA THR Y 196 113.77 -45.79 66.36
C THR Y 196 113.17 -45.39 67.71
N ASP Y 197 112.40 -44.30 67.73
CA ASP Y 197 111.60 -43.86 68.89
C ASP Y 197 110.18 -44.46 68.86
N GLU Y 198 109.66 -44.75 67.67
CA GLU Y 198 108.43 -45.47 67.41
C GLU Y 198 108.58 -46.31 66.14
N THR Y 199 108.09 -47.55 66.13
CA THR Y 199 107.96 -48.33 64.89
C THR Y 199 106.56 -48.92 64.80
N TYR Y 200 105.84 -48.61 63.73
CA TYR Y 200 104.47 -49.05 63.50
C TYR Y 200 104.48 -50.31 62.65
N CYS Y 201 104.25 -51.43 63.30
CA CYS Y 201 104.37 -52.77 62.72
C CYS Y 201 103.12 -53.06 61.92
N ILE Y 202 103.29 -53.32 60.63
CA ILE Y 202 102.18 -53.51 59.69
C ILE Y 202 102.38 -54.82 58.93
N ASP Y 203 101.31 -55.53 58.59
CA ASP Y 203 101.39 -56.87 58.03
C ASP Y 203 100.45 -57.04 56.84
N ASN Y 204 100.90 -57.69 55.76
CA ASN Y 204 100.00 -57.89 54.62
C ASN Y 204 98.88 -58.88 54.91
N GLU Y 205 99.07 -59.82 55.83
CA GLU Y 205 98.00 -60.73 56.25
C GLU Y 205 96.86 -59.98 56.94
N ALA Y 206 97.18 -59.05 57.83
CA ALA Y 206 96.18 -58.22 58.50
C ALA Y 206 95.53 -57.19 57.58
N LEU Y 207 96.26 -56.64 56.64
CA LEU Y 207 95.72 -55.72 55.63
C LEU Y 207 94.82 -56.43 54.63
N TYR Y 208 95.05 -57.70 54.31
CA TYR Y 208 94.09 -58.51 53.55
C TYR Y 208 92.88 -58.92 54.39
N ASP Y 209 93.02 -59.19 55.69
CA ASP Y 209 91.89 -59.49 56.58
C ASP Y 209 90.93 -58.30 56.71
N ILE Y 210 91.43 -57.07 56.77
CA ILE Y 210 90.56 -55.88 56.73
C ILE Y 210 89.83 -55.79 55.39
N CYS Y 211 90.50 -56.07 54.28
CA CYS Y 211 89.88 -55.98 52.96
C CYS Y 211 88.77 -57.01 52.72
N PHE Y 212 88.91 -58.24 53.22
CA PHE Y 212 87.88 -59.27 53.05
C PHE Y 212 86.81 -59.27 54.14
N ARG Y 213 87.17 -59.17 55.42
CA ARG Y 213 86.22 -59.33 56.54
C ARG Y 213 85.58 -58.04 57.03
N THR Y 214 86.00 -56.88 56.53
CA THR Y 214 85.41 -55.57 56.87
C THR Y 214 84.90 -54.86 55.62
N LEU Y 215 85.79 -54.51 54.69
CA LEU Y 215 85.42 -53.77 53.47
C LEU Y 215 84.66 -54.62 52.43
N LYS Y 216 84.72 -55.94 52.53
CA LYS Y 216 84.12 -56.89 51.58
C LYS Y 216 84.55 -56.66 50.13
N LEU Y 217 85.78 -56.23 49.89
CA LEU Y 217 86.36 -56.12 48.55
C LEU Y 217 86.56 -57.53 47.95
N THR Y 218 86.18 -57.75 46.70
CA THR Y 218 86.32 -59.08 46.07
C THR Y 218 87.76 -59.39 45.65
N THR Y 219 88.52 -58.39 45.21
CA THR Y 219 89.89 -58.48 44.68
C THR Y 219 90.74 -57.30 45.17
N PRO Y 220 91.18 -57.30 46.44
CA PRO Y 220 92.03 -56.24 46.97
C PRO Y 220 93.44 -56.31 46.40
N THR Y 221 93.90 -55.20 45.84
CA THR Y 221 95.24 -55.03 45.27
C THR Y 221 96.22 -54.50 46.32
N TYR Y 222 97.50 -54.40 45.98
CA TYR Y 222 98.43 -53.61 46.80
C TYR Y 222 98.04 -52.14 46.87
N GLY Y 223 97.38 -51.56 45.87
CA GLY Y 223 96.88 -50.20 45.95
C GLY Y 223 95.82 -49.99 47.03
N ASP Y 224 95.01 -51.01 47.31
CA ASP Y 224 94.02 -51.01 48.40
C ASP Y 224 94.68 -51.20 49.76
N LEU Y 225 95.73 -52.02 49.85
CA LEU Y 225 96.50 -52.16 51.09
C LEU Y 225 97.25 -50.88 51.47
N ASN Y 226 97.81 -50.21 50.48
CA ASN Y 226 98.57 -48.97 50.64
C ASN Y 226 97.71 -47.80 51.12
N HIS Y 227 96.42 -47.84 50.79
CA HIS Y 227 95.40 -46.90 51.20
C HIS Y 227 95.05 -47.08 52.68
N LEU Y 228 94.95 -48.31 53.19
CA LEU Y 228 94.78 -48.56 54.63
C LEU Y 228 95.99 -48.10 55.46
N VAL Y 229 97.22 -48.38 55.01
CA VAL Y 229 98.43 -47.93 55.70
C VAL Y 229 98.47 -46.42 55.78
N SER Y 230 98.30 -45.74 54.65
CA SER Y 230 98.45 -44.29 54.56
C SER Y 230 97.37 -43.49 55.29
N ALA Y 231 96.18 -44.04 55.51
CA ALA Y 231 95.19 -43.46 56.41
C ALA Y 231 95.70 -43.33 57.85
N THR Y 232 96.38 -44.33 58.41
CA THR Y 232 96.99 -44.27 59.76
C THR Y 232 98.26 -43.43 59.80
N MET Y 233 99.00 -43.29 58.70
CA MET Y 233 100.11 -42.34 58.62
C MET Y 233 99.63 -40.88 58.69
N SER Y 234 98.61 -40.52 57.91
CA SER Y 234 97.93 -39.22 58.03
C SER Y 234 97.37 -39.05 59.44
N GLY Y 235 96.83 -40.11 60.03
CA GLY Y 235 96.21 -40.05 61.34
C GLY Y 235 97.12 -39.57 62.47
N VAL Y 236 98.29 -40.16 62.67
CA VAL Y 236 99.10 -39.91 63.87
C VAL Y 236 99.76 -38.53 63.90
N THR Y 237 99.97 -37.88 62.75
CA THR Y 237 100.53 -36.51 62.69
C THR Y 237 99.46 -35.42 62.70
N THR Y 238 98.18 -35.77 62.66
CA THR Y 238 97.05 -34.84 62.50
C THR Y 238 97.13 -33.65 63.46
N CYS Y 239 97.47 -33.90 64.72
CA CYS Y 239 97.53 -32.90 65.77
C CYS Y 239 98.67 -31.88 65.65
N LEU Y 240 99.63 -32.01 64.74
CA LEU Y 240 100.52 -30.91 64.37
C LEU Y 240 100.16 -30.22 63.05
N ARG Y 241 99.12 -30.71 62.34
CA ARG Y 241 98.64 -30.17 61.06
C ARG Y 241 97.32 -29.41 61.17
N PHE Y 242 96.51 -29.71 62.17
CA PHE Y 242 95.18 -29.15 62.40
C PHE Y 242 94.96 -28.80 63.88
N PRO Y 243 94.06 -27.85 64.19
CA PRO Y 243 93.69 -27.53 65.57
C PRO Y 243 92.83 -28.62 66.22
N GLY Y 244 92.69 -28.61 67.54
CA GLY Y 244 91.96 -29.65 68.27
C GLY Y 244 91.64 -29.29 69.72
N GLN Y 245 90.74 -30.06 70.34
CA GLN Y 245 90.40 -29.92 71.76
C GLN Y 245 91.49 -30.48 72.68
N LEU Y 246 92.23 -31.50 72.22
CA LEU Y 246 93.41 -32.08 72.85
C LEU Y 246 94.48 -32.27 71.78
N ASN Y 247 95.55 -31.49 71.79
CA ASN Y 247 96.63 -31.65 70.83
C ASN Y 247 97.67 -32.67 71.32
N ALA Y 248 98.14 -33.56 70.44
CA ALA Y 248 99.21 -34.53 70.71
C ALA Y 248 100.25 -34.59 69.57
N ASP Y 249 101.42 -34.00 69.79
CA ASP Y 249 102.60 -34.16 68.93
C ASP Y 249 103.10 -35.62 68.92
N LEU Y 250 103.87 -36.07 67.91
CA LEU Y 250 104.50 -37.39 67.90
C LEU Y 250 105.30 -37.68 69.18
N ARG Y 251 105.91 -36.66 69.80
CA ARG Y 251 106.59 -36.79 71.09
C ARG Y 251 105.63 -36.97 72.27
N LYS Y 252 104.46 -36.31 72.27
CA LYS Y 252 103.38 -36.45 73.26
C LYS Y 252 102.72 -37.83 73.18
N LEU Y 253 102.73 -38.44 72.01
CA LEU Y 253 102.44 -39.86 71.85
C LEU Y 253 103.54 -40.71 72.49
N ALA Y 254 104.81 -40.53 72.11
CA ALA Y 254 105.93 -41.35 72.60
C ALA Y 254 106.07 -41.37 74.13
N VAL Y 255 106.00 -40.22 74.80
CA VAL Y 255 106.08 -40.13 76.27
C VAL Y 255 104.98 -40.94 76.97
N ASN Y 256 103.78 -40.99 76.40
CA ASN Y 256 102.65 -41.74 76.93
C ASN Y 256 102.61 -43.20 76.48
N MET Y 257 103.15 -43.51 75.30
CA MET Y 257 103.05 -44.80 74.66
C MET Y 257 104.19 -45.78 74.98
N VAL Y 258 105.38 -45.30 75.33
CA VAL Y 258 106.57 -46.13 75.51
C VAL Y 258 107.00 -46.15 76.98
N PRO Y 259 106.54 -47.11 77.79
CA PRO Y 259 106.87 -47.16 79.22
C PRO Y 259 108.36 -47.41 79.45
N PHE Y 260 108.90 -48.46 78.86
CA PHE Y 260 110.31 -48.83 78.92
C PHE Y 260 110.94 -48.70 77.52
N PRO Y 261 112.18 -48.18 77.37
CA PRO Y 261 112.67 -47.57 76.13
C PRO Y 261 112.46 -48.34 74.81
N ARG Y 262 112.61 -49.65 74.87
CA ARG Y 262 112.61 -50.60 73.75
C ARG Y 262 111.23 -51.12 73.37
N LEU Y 263 110.20 -50.91 74.20
CA LEU Y 263 108.83 -51.39 73.93
C LEU Y 263 108.04 -50.42 73.07
N HIS Y 264 108.56 -50.04 71.91
CA HIS Y 264 107.98 -49.05 71.01
C HIS Y 264 107.48 -49.63 69.68
N PHE Y 265 107.33 -50.95 69.60
CA PHE Y 265 106.78 -51.64 68.45
C PHE Y 265 105.26 -51.62 68.49
N PHE Y 266 104.69 -50.56 67.93
CA PHE Y 266 103.26 -50.32 67.90
C PHE Y 266 102.56 -51.11 66.80
N MET Y 267 101.23 -51.06 66.79
CA MET Y 267 100.32 -51.82 65.96
C MET Y 267 99.12 -50.93 65.61
N PRO Y 268 99.01 -50.36 64.41
CA PRO Y 268 98.03 -49.33 64.11
C PRO Y 268 96.66 -49.88 63.71
N GLY Y 269 95.66 -49.02 63.69
CA GLY Y 269 94.31 -49.28 63.18
C GLY Y 269 93.58 -48.00 62.82
N PHE Y 270 92.43 -48.11 62.17
CA PHE Y 270 91.66 -46.98 61.67
C PHE Y 270 90.16 -47.26 61.74
N ALA Y 271 89.35 -46.23 61.96
CA ALA Y 271 87.90 -46.28 61.93
C ALA Y 271 87.35 -44.94 61.44
N PRO Y 272 86.14 -44.88 60.88
CA PRO Y 272 85.27 -45.98 60.52
C PRO Y 272 85.76 -46.66 59.24
N LEU Y 273 85.74 -47.99 59.19
CA LEU Y 273 85.82 -48.76 57.96
C LEU Y 273 84.49 -49.49 57.76
N THR Y 274 83.84 -49.34 56.61
CA THR Y 274 82.52 -49.94 56.34
C THR Y 274 82.54 -50.62 54.99
N SER Y 275 81.81 -51.73 54.85
CA SER Y 275 81.55 -52.34 53.56
C SER Y 275 80.95 -51.29 52.62
N ARG Y 276 81.50 -51.14 51.41
CA ARG Y 276 81.14 -50.05 50.50
C ARG Y 276 79.64 -49.94 50.22
N GLY Y 277 78.94 -51.06 50.14
CA GLY Y 277 77.49 -51.13 49.90
C GLY Y 277 76.62 -50.91 51.15
N SER Y 278 77.20 -50.70 52.32
CA SER Y 278 76.48 -50.66 53.60
C SER Y 278 76.49 -49.33 54.33
N GLN Y 279 77.16 -48.29 53.83
CA GLN Y 279 77.36 -47.07 54.62
C GLN Y 279 76.08 -46.40 55.11
N GLN Y 280 75.04 -46.30 54.28
CA GLN Y 280 73.78 -45.63 54.66
C GLN Y 280 73.06 -46.22 55.88
N TYR Y 281 73.36 -47.46 56.27
CA TYR Y 281 72.73 -48.13 57.39
C TYR Y 281 73.48 -47.92 58.71
N ARG Y 282 74.69 -47.37 58.68
CA ARG Y 282 75.58 -47.21 59.85
C ARG Y 282 75.45 -45.81 60.45
N ALA Y 283 75.38 -45.71 61.77
CA ALA Y 283 75.47 -44.43 62.47
C ALA Y 283 76.92 -44.10 62.82
N LEU Y 284 77.54 -43.10 62.19
CA LEU Y 284 78.87 -42.62 62.57
C LEU Y 284 78.78 -41.86 63.90
N THR Y 285 79.38 -42.41 64.95
CA THR Y 285 79.39 -41.79 66.27
C THR Y 285 80.44 -42.44 67.17
N VAL Y 286 80.91 -41.76 68.19
CA VAL Y 286 82.03 -42.18 69.05
C VAL Y 286 81.94 -43.62 69.60
N PRO Y 287 80.80 -44.12 70.09
CA PRO Y 287 80.72 -45.51 70.56
C PRO Y 287 80.75 -46.56 69.44
N GLU Y 288 80.41 -46.24 68.19
CA GLU Y 288 80.58 -47.18 67.09
C GLU Y 288 82.01 -47.14 66.57
N LEU Y 289 82.62 -45.95 66.47
CA LEU Y 289 84.05 -45.82 66.20
C LEU Y 289 84.85 -46.59 67.25
N THR Y 290 84.48 -46.55 68.53
CA THR Y 290 85.13 -47.32 69.58
C THR Y 290 84.96 -48.84 69.42
N GLN Y 291 83.74 -49.34 69.19
CA GLN Y 291 83.49 -50.79 69.04
C GLN Y 291 84.11 -51.40 67.78
N GLN Y 292 84.48 -50.59 66.79
CA GLN Y 292 85.34 -51.01 65.68
C GLN Y 292 86.82 -50.95 66.04
N MET Y 293 87.28 -49.80 66.51
CA MET Y 293 88.67 -49.48 66.80
C MET Y 293 89.33 -50.48 67.75
N PHE Y 294 88.65 -50.86 68.84
CA PHE Y 294 89.19 -51.78 69.84
C PHE Y 294 88.92 -53.26 69.57
N ASP Y 295 88.46 -53.65 68.38
CA ASP Y 295 88.20 -55.04 68.01
C ASP Y 295 89.31 -55.63 67.13
N ALA Y 296 89.69 -56.84 67.48
CA ALA Y 296 90.85 -57.62 67.01
C ALA Y 296 90.94 -57.74 65.49
N LYS Y 297 89.81 -57.66 64.77
CA LYS Y 297 89.76 -57.67 63.31
C LYS Y 297 90.22 -56.37 62.64
N ASN Y 298 90.26 -55.25 63.35
CA ASN Y 298 90.62 -53.94 62.80
C ASN Y 298 92.12 -53.65 62.77
N MET Y 299 92.93 -54.21 63.68
CA MET Y 299 94.36 -53.92 63.79
C MET Y 299 95.16 -54.46 62.60
N MET Y 300 96.16 -53.70 62.15
CA MET Y 300 96.94 -53.95 60.93
C MET Y 300 98.20 -54.83 61.13
N ALA Y 301 98.29 -55.59 62.21
CA ALA Y 301 99.26 -56.66 62.39
C ALA Y 301 98.52 -57.97 62.77
N ALA Y 302 99.07 -59.14 62.42
CA ALA Y 302 98.38 -60.42 62.61
C ALA Y 302 98.08 -60.78 64.06
N CYS Y 303 98.76 -60.17 65.03
CA CYS Y 303 98.56 -60.38 66.45
C CYS Y 303 97.11 -60.11 66.85
N ASP Y 304 96.43 -61.12 67.38
CA ASP Y 304 95.19 -60.88 68.10
C ASP Y 304 95.54 -60.32 69.49
N PRO Y 305 95.10 -59.11 69.86
CA PRO Y 305 95.40 -58.57 71.17
C PRO Y 305 94.87 -59.43 72.31
N ARG Y 306 93.90 -60.31 72.08
CA ARG Y 306 93.43 -61.29 73.07
C ARG Y 306 94.47 -62.34 73.45
N HIS Y 307 95.62 -62.39 72.77
CA HIS Y 307 96.80 -63.20 73.13
C HIS Y 307 97.83 -62.45 73.99
N GLY Y 308 97.55 -61.23 74.45
CA GLY Y 308 98.41 -60.45 75.32
C GLY Y 308 97.64 -59.50 76.21
N ARG Y 309 98.27 -58.39 76.60
CA ARG Y 309 97.66 -57.22 77.24
C ARG Y 309 98.24 -55.96 76.59
N TYR Y 310 97.48 -54.89 76.46
CA TYR Y 310 98.04 -53.60 76.07
C TYR Y 310 98.85 -52.99 77.21
N LEU Y 311 99.94 -52.31 76.87
CA LEU Y 311 100.67 -51.41 77.77
C LEU Y 311 99.97 -50.05 77.77
N THR Y 312 99.97 -49.42 76.60
CA THR Y 312 99.25 -48.19 76.29
C THR Y 312 98.52 -48.34 74.96
N VAL Y 313 97.36 -47.71 74.83
CA VAL Y 313 96.71 -47.44 73.56
C VAL Y 313 96.58 -45.94 73.40
N ALA Y 314 96.80 -45.39 72.21
CA ALA Y 314 96.43 -44.02 71.89
C ALA Y 314 95.29 -44.02 70.89
N ALA Y 315 94.22 -43.32 71.19
CA ALA Y 315 93.13 -43.08 70.25
C ALA Y 315 93.12 -41.61 69.82
N ILE Y 316 93.61 -41.33 68.61
CA ILE Y 316 93.65 -39.98 68.02
C ILE Y 316 92.38 -39.79 67.19
N PHE Y 317 91.36 -39.25 67.81
CA PHE Y 317 90.09 -38.91 67.18
C PHE Y 317 90.19 -37.62 66.35
N ARG Y 318 89.36 -37.53 65.34
CA ARG Y 318 89.18 -36.37 64.48
C ARG Y 318 87.71 -36.12 64.28
N GLY Y 319 87.27 -34.87 64.32
CA GLY Y 319 85.88 -34.47 64.11
C GLY Y 319 85.29 -33.66 65.26
N ARG Y 320 84.10 -33.10 65.07
CA ARG Y 320 83.35 -32.38 66.11
C ARG Y 320 82.66 -33.38 67.04
N MET Y 321 83.21 -33.59 68.23
CA MET Y 321 82.71 -34.57 69.20
C MET Y 321 82.90 -34.13 70.65
N SER Y 322 82.11 -34.69 71.54
CA SER Y 322 82.13 -34.39 72.98
C SER Y 322 83.34 -35.00 73.68
N MET Y 323 84.00 -34.20 74.53
CA MET Y 323 85.04 -34.75 75.39
C MET Y 323 84.48 -35.68 76.47
N LYS Y 324 83.27 -35.45 77.00
CA LYS Y 324 82.61 -36.41 77.91
C LYS Y 324 82.43 -37.74 77.22
N GLU Y 325 81.90 -37.77 76.00
CA GLU Y 325 81.66 -39.01 75.26
C GLU Y 325 82.97 -39.74 74.91
N VAL Y 326 84.01 -39.05 74.46
CA VAL Y 326 85.33 -39.66 74.27
C VAL Y 326 85.87 -40.21 75.58
N ASP Y 327 85.87 -39.42 76.65
CA ASP Y 327 86.44 -39.85 77.94
C ASP Y 327 85.65 -40.99 78.60
N GLU Y 328 84.33 -41.01 78.41
CA GLU Y 328 83.40 -42.11 78.77
C GLU Y 328 83.76 -43.39 78.04
N GLN Y 329 83.94 -43.36 76.71
CA GLN Y 329 84.17 -44.60 75.96
C GLN Y 329 85.58 -45.16 76.20
N MET Y 330 86.59 -44.29 76.30
CA MET Y 330 87.96 -44.74 76.61
C MET Y 330 88.12 -45.22 78.06
N LEU Y 331 87.17 -44.91 78.95
CA LEU Y 331 87.01 -45.52 80.27
C LEU Y 331 86.27 -46.85 80.19
N ASN Y 332 85.11 -46.88 79.54
CA ASN Y 332 84.27 -48.06 79.46
C ASN Y 332 85.02 -49.22 78.82
N VAL Y 333 85.79 -48.98 77.75
CA VAL Y 333 86.61 -50.02 77.13
C VAL Y 333 87.56 -50.67 78.12
N GLN Y 334 88.41 -49.91 78.82
CA GLN Y 334 89.45 -50.53 79.65
C GLN Y 334 88.98 -51.02 81.03
N ASN Y 335 87.73 -50.77 81.40
CA ASN Y 335 87.09 -51.34 82.58
C ASN Y 335 86.32 -52.61 82.24
N LYS Y 336 85.59 -52.64 81.12
CA LYS Y 336 84.87 -53.83 80.63
C LYS Y 336 85.79 -54.87 79.98
N ASN Y 337 86.99 -54.48 79.53
CA ASN Y 337 88.04 -55.35 79.00
C ASN Y 337 89.30 -55.38 79.89
N SER Y 338 89.17 -55.23 81.20
CA SER Y 338 90.30 -54.99 82.12
C SER Y 338 91.37 -56.09 82.13
N SER Y 339 91.01 -57.33 81.81
CA SER Y 339 91.92 -58.47 81.62
C SER Y 339 92.85 -58.33 80.41
N TYR Y 340 92.65 -57.36 79.53
CA TYR Y 340 93.46 -57.10 78.34
C TYR Y 340 94.33 -55.84 78.42
N PHE Y 341 94.48 -55.24 79.59
CA PHE Y 341 95.34 -54.07 79.84
C PHE Y 341 96.25 -54.35 81.04
N VAL Y 342 97.49 -53.86 81.07
CA VAL Y 342 98.35 -54.12 82.24
C VAL Y 342 97.86 -53.37 83.48
N GLU Y 343 97.81 -54.05 84.63
CA GLU Y 343 97.20 -53.49 85.84
C GLU Y 343 98.16 -52.75 86.79
N TRP Y 344 99.41 -52.56 86.37
CA TRP Y 344 100.39 -51.67 87.01
C TRP Y 344 100.44 -50.28 86.36
N ILE Y 345 99.66 -50.02 85.30
CA ILE Y 345 99.39 -48.69 84.78
C ILE Y 345 97.92 -48.34 85.11
N PRO Y 346 97.63 -47.21 85.78
CA PRO Y 346 96.30 -46.90 86.30
C PRO Y 346 95.29 -46.41 85.25
N ASN Y 347 95.78 -45.89 84.12
CA ASN Y 347 95.00 -45.61 82.91
C ASN Y 347 95.87 -45.94 81.71
N ASN Y 348 95.42 -46.84 80.85
CA ASN Y 348 96.18 -47.30 79.71
C ASN Y 348 95.87 -46.53 78.43
N VAL Y 349 94.86 -45.66 78.37
CA VAL Y 349 94.46 -44.97 77.14
C VAL Y 349 94.86 -43.50 77.17
N LYS Y 350 95.66 -43.06 76.19
CA LYS Y 350 95.87 -41.67 75.77
C LYS Y 350 94.75 -41.30 74.80
N THR Y 351 94.20 -40.09 74.88
CA THR Y 351 93.24 -39.58 73.89
C THR Y 351 93.78 -38.31 73.27
N ALA Y 352 93.44 -38.07 72.01
CA ALA Y 352 93.62 -36.78 71.36
C ALA Y 352 92.43 -36.51 70.47
N VAL Y 353 92.10 -35.25 70.22
CA VAL Y 353 90.88 -34.85 69.50
C VAL Y 353 91.20 -33.67 68.63
N CYS Y 354 91.22 -33.88 67.32
CA CYS Y 354 91.36 -32.85 66.30
C CYS Y 354 90.00 -32.33 65.82
N ASP Y 355 89.88 -31.05 65.53
CA ASP Y 355 88.63 -30.41 65.08
C ASP Y 355 88.29 -30.66 63.60
N ILE Y 356 89.19 -31.27 62.82
CA ILE Y 356 89.10 -31.41 61.36
C ILE Y 356 89.14 -32.89 60.96
N PRO Y 357 87.99 -33.53 60.68
CA PRO Y 357 87.91 -34.92 60.25
C PRO Y 357 88.33 -35.08 58.78
N PRO Y 358 88.74 -36.28 58.34
CA PRO Y 358 89.20 -36.50 56.97
C PRO Y 358 88.15 -36.08 55.94
N ARG Y 359 88.57 -35.63 54.76
CA ARG Y 359 87.63 -35.15 53.74
C ARG Y 359 86.62 -36.23 53.36
N GLY Y 360 85.32 -35.97 53.50
CA GLY Y 360 84.26 -36.96 53.27
C GLY Y 360 83.88 -37.85 54.47
N LEU Y 361 84.36 -37.66 55.69
CA LEU Y 361 83.65 -38.31 56.81
C LEU Y 361 83.55 -37.42 58.04
N LYS Y 362 82.43 -37.53 58.78
CA LYS Y 362 82.06 -36.64 59.88
C LYS Y 362 82.96 -36.77 61.10
N MET Y 363 83.56 -37.94 61.28
CA MET Y 363 84.49 -38.25 62.36
C MET Y 363 85.47 -39.32 61.86
N SER Y 364 86.61 -39.48 62.50
CA SER Y 364 87.50 -40.62 62.30
C SER Y 364 88.34 -40.86 63.53
N ALA Y 365 88.89 -42.07 63.70
CA ALA Y 365 89.81 -42.40 64.77
C ALA Y 365 90.98 -43.21 64.22
N THR Y 366 92.20 -42.77 64.50
CA THR Y 366 93.40 -43.59 64.29
C THR Y 366 93.81 -44.18 65.61
N PHE Y 367 93.99 -45.49 65.63
CA PHE Y 367 94.33 -46.29 66.79
C PHE Y 367 95.80 -46.66 66.77
N ILE Y 368 96.49 -46.53 67.88
CA ILE Y 368 97.84 -47.05 68.04
C ILE Y 368 97.86 -47.95 69.25
N GLY Y 369 98.09 -49.24 69.07
CA GLY Y 369 98.25 -50.17 70.16
C GLY Y 369 99.71 -50.42 70.47
N ASN Y 370 100.09 -50.41 71.73
CA ASN Y 370 101.28 -51.10 72.21
C ASN Y 370 100.81 -52.29 73.05
N SER Y 371 101.15 -53.51 72.68
CA SER Y 371 100.68 -54.71 73.37
C SER Y 371 101.70 -55.81 73.39
N THR Y 372 101.75 -56.54 74.50
CA THR Y 372 102.58 -57.73 74.66
C THR Y 372 102.25 -58.83 73.63
N ALA Y 373 101.08 -58.78 73.00
CA ALA Y 373 100.73 -59.64 71.88
C ALA Y 373 101.65 -59.47 70.66
N ILE Y 374 102.37 -58.35 70.51
CA ILE Y 374 103.37 -58.19 69.43
C ILE Y 374 104.53 -59.19 69.57
N GLN Y 375 104.65 -59.89 70.69
CA GLN Y 375 105.57 -61.02 70.81
C GLN Y 375 105.33 -62.07 69.73
N GLU Y 376 104.09 -62.27 69.28
CA GLU Y 376 103.75 -63.32 68.31
C GLU Y 376 104.28 -63.00 66.91
N LEU Y 377 104.38 -61.73 66.57
CA LEU Y 377 104.96 -61.31 65.30
C LEU Y 377 106.47 -61.55 65.29
N PHE Y 378 107.17 -61.19 66.36
CA PHE Y 378 108.60 -61.47 66.48
C PHE Y 378 108.91 -62.95 66.68
N LYS Y 379 108.04 -63.71 67.35
CA LYS Y 379 108.24 -65.15 67.58
C LYS Y 379 108.20 -65.95 66.29
N ARG Y 380 107.17 -65.74 65.45
CA ARG Y 380 107.01 -66.55 64.22
C ARG Y 380 108.09 -66.24 63.18
N ILE Y 381 108.56 -65.01 63.09
CA ILE Y 381 109.75 -64.69 62.28
C ILE Y 381 110.97 -65.41 62.86
N SER Y 382 111.19 -65.35 64.19
CA SER Y 382 112.34 -65.99 64.84
C SER Y 382 112.38 -67.52 64.67
N GLU Y 383 111.23 -68.20 64.69
CA GLU Y 383 111.13 -69.64 64.42
C GLU Y 383 111.25 -70.02 62.94
N GLN Y 384 110.79 -69.19 61.98
CA GLN Y 384 111.12 -69.40 60.56
C GLN Y 384 112.62 -69.19 60.29
N PHE Y 385 113.22 -68.17 60.87
CA PHE Y 385 114.66 -67.94 60.81
C PHE Y 385 115.43 -69.14 61.34
N THR Y 386 115.05 -69.63 62.51
CA THR Y 386 115.75 -70.74 63.17
C THR Y 386 115.74 -72.01 62.32
N ALA Y 387 114.60 -72.37 61.73
CA ALA Y 387 114.48 -73.60 60.95
C ALA Y 387 115.34 -73.60 59.67
N MET Y 388 115.58 -72.45 59.06
CA MET Y 388 116.55 -72.32 57.95
C MET Y 388 117.99 -72.28 58.46
N PHE Y 389 118.24 -71.49 59.50
CA PHE Y 389 119.58 -71.20 59.96
C PHE Y 389 120.26 -72.41 60.60
N ARG Y 390 119.53 -73.35 61.22
CA ARG Y 390 120.14 -74.58 61.77
C ARG Y 390 120.87 -75.40 60.71
N ARG Y 391 120.50 -75.26 59.43
CA ARG Y 391 121.14 -75.91 58.27
C ARG Y 391 121.87 -74.94 57.35
N LYS Y 392 122.16 -73.72 57.82
CA LYS Y 392 122.92 -72.66 57.13
C LYS Y 392 122.39 -72.32 55.73
N ALA Y 393 121.14 -72.63 55.43
CA ALA Y 393 120.59 -72.50 54.09
C ALA Y 393 120.65 -71.05 53.60
N PHE Y 394 120.90 -70.82 52.32
CA PHE Y 394 121.00 -69.49 51.68
C PHE Y 394 122.11 -68.55 52.20
N LEU Y 395 122.92 -68.90 53.19
CA LEU Y 395 123.87 -67.96 53.81
C LEU Y 395 125.01 -67.52 52.88
N HIS Y 396 125.29 -68.20 51.78
CA HIS Y 396 126.38 -67.80 50.89
C HIS Y 396 126.06 -66.51 50.13
N TRP Y 397 124.80 -66.15 49.94
CA TRP Y 397 124.37 -64.88 49.38
C TRP Y 397 124.61 -63.68 50.31
N TYR Y 398 124.64 -63.90 51.63
CA TYR Y 398 124.89 -62.86 52.63
C TYR Y 398 126.36 -62.80 53.02
N THR Y 399 126.98 -63.95 53.28
CA THR Y 399 128.42 -64.04 53.57
C THR Y 399 129.25 -63.69 52.34
N GLY Y 400 128.72 -63.80 51.12
CA GLY Y 400 129.34 -63.29 49.90
C GLY Y 400 129.49 -61.78 49.88
N GLU Y 401 128.60 -61.04 50.54
CA GLU Y 401 128.70 -59.59 50.78
C GLU Y 401 129.62 -59.23 51.97
N GLY Y 402 130.37 -60.19 52.50
CA GLY Y 402 131.29 -60.02 53.62
C GLY Y 402 130.65 -60.00 55.00
N MET Y 403 129.39 -60.37 55.12
CA MET Y 403 128.69 -60.50 56.39
C MET Y 403 129.14 -61.75 57.16
N ASP Y 404 129.23 -61.71 58.48
CA ASP Y 404 129.57 -62.90 59.29
C ASP Y 404 128.35 -63.77 59.59
N GLU Y 405 128.57 -65.07 59.77
CA GLU Y 405 127.60 -65.95 60.43
C GLU Y 405 127.30 -65.47 61.86
N MET Y 406 128.30 -64.90 62.55
CA MET Y 406 128.10 -64.30 63.87
C MET Y 406 127.06 -63.18 63.87
N GLU Y 407 126.83 -62.48 62.75
CA GLU Y 407 125.84 -61.41 62.74
C GLU Y 407 124.40 -61.94 62.71
N PHE Y 408 124.20 -63.12 62.13
CA PHE Y 408 122.92 -63.83 62.17
C PHE Y 408 122.64 -64.33 63.58
N THR Y 409 123.62 -64.99 64.20
CA THR Y 409 123.52 -65.43 65.60
C THR Y 409 123.20 -64.26 66.54
N GLU Y 410 123.84 -63.11 66.36
CA GLU Y 410 123.62 -61.92 67.17
C GLU Y 410 122.30 -61.21 66.87
N ALA Y 411 121.82 -61.22 65.63
CA ALA Y 411 120.50 -60.71 65.29
C ALA Y 411 119.36 -61.54 65.93
N GLU Y 412 119.38 -62.87 65.78
CA GLU Y 412 118.37 -63.73 66.38
C GLU Y 412 118.43 -63.74 67.91
N SER Y 413 119.61 -63.48 68.48
CA SER Y 413 119.81 -63.28 69.91
C SER Y 413 119.08 -62.03 70.40
N ASN Y 414 119.29 -60.90 69.71
CA ASN Y 414 118.59 -59.63 69.97
C ASN Y 414 117.08 -59.68 69.68
N MET Y 415 116.64 -60.51 68.73
CA MET Y 415 115.23 -60.79 68.48
C MET Y 415 114.59 -61.49 69.69
N ASN Y 416 115.16 -62.58 70.21
CA ASN Y 416 114.63 -63.24 71.40
C ASN Y 416 114.67 -62.35 72.65
N ASP Y 417 115.63 -61.43 72.75
CA ASP Y 417 115.66 -60.41 73.81
C ASP Y 417 114.48 -59.44 73.70
N LEU Y 418 114.06 -59.05 72.49
CA LEU Y 418 112.83 -58.27 72.28
C LEU Y 418 111.56 -59.08 72.59
N VAL Y 419 111.49 -60.35 72.22
CA VAL Y 419 110.37 -61.23 72.58
C VAL Y 419 110.27 -61.38 74.09
N SER Y 420 111.38 -61.52 74.78
CA SER Y 420 111.41 -61.72 76.23
C SER Y 420 110.94 -60.50 77.01
N GLU Y 421 111.26 -59.28 76.57
CA GLU Y 421 110.84 -58.04 77.22
C GLU Y 421 109.34 -57.78 77.08
N TYR Y 422 108.71 -58.11 75.94
CA TYR Y 422 107.24 -58.07 75.88
C TYR Y 422 106.58 -59.19 76.69
N GLN Y 423 107.10 -60.41 76.63
CA GLN Y 423 106.57 -61.54 77.42
C GLN Y 423 106.73 -61.34 78.93
N GLN Y 424 107.72 -60.55 79.38
CA GLN Y 424 107.94 -60.21 80.79
C GLN Y 424 106.76 -59.46 81.41
N TYR Y 425 106.14 -58.52 80.70
CA TYR Y 425 104.99 -57.76 81.20
C TYR Y 425 103.62 -58.40 80.92
N GLN Y 426 103.57 -59.62 80.40
CA GLN Y 426 102.34 -60.34 80.08
C GLN Y 426 101.45 -60.53 81.31
N MET Z 1 127.65 3.06 33.57
CA MET Z 1 127.33 2.64 34.95
C MET Z 1 127.71 1.20 35.18
N ARG Z 2 128.96 0.95 35.56
CA ARG Z 2 129.53 -0.36 35.89
C ARG Z 2 129.33 -1.39 34.80
N GLU Z 3 129.63 -1.00 33.57
CA GLU Z 3 129.62 -1.90 32.43
C GLU Z 3 130.56 -3.07 32.65
N ILE Z 4 130.19 -4.23 32.12
CA ILE Z 4 131.08 -5.40 31.99
C ILE Z 4 131.33 -5.68 30.52
N VAL Z 5 132.56 -6.07 30.21
CA VAL Z 5 132.98 -6.62 28.91
C VAL Z 5 133.17 -8.11 29.07
N HIS Z 6 132.50 -8.89 28.24
CA HIS Z 6 132.50 -10.34 28.34
C HIS Z 6 133.24 -10.97 27.17
N LEU Z 7 134.07 -11.98 27.40
CA LEU Z 7 134.91 -12.57 26.35
C LEU Z 7 134.81 -14.07 26.38
N GLN Z 8 134.61 -14.70 25.23
CA GLN Z 8 134.44 -16.15 25.10
C GLN Z 8 135.59 -16.79 24.34
N ALA Z 9 136.26 -17.82 24.88
CA ALA Z 9 137.40 -18.45 24.21
C ALA Z 9 137.30 -19.97 24.03
N GLY Z 10 137.55 -20.44 22.80
CA GLY Z 10 137.54 -21.86 22.45
C GLY Z 10 136.13 -22.46 22.37
N GLN Z 11 135.99 -23.78 22.24
CA GLN Z 11 134.66 -24.38 22.18
C GLN Z 11 133.93 -24.23 23.52
N CYS Z 12 134.51 -24.63 24.64
CA CYS Z 12 133.82 -24.58 25.92
C CYS Z 12 133.43 -23.15 26.31
N GLY Z 13 134.34 -22.18 26.22
CA GLY Z 13 134.07 -20.79 26.58
C GLY Z 13 132.97 -20.15 25.75
N ASN Z 14 132.89 -20.45 24.45
CA ASN Z 14 131.82 -20.01 23.58
C ASN Z 14 130.52 -20.76 23.82
N GLN Z 15 130.54 -21.97 24.38
CA GLN Z 15 129.34 -22.73 24.66
C GLN Z 15 128.71 -22.36 26.00
N ILE Z 16 129.49 -22.24 27.09
CA ILE Z 16 128.99 -21.69 28.36
C ILE Z 16 128.62 -20.22 28.20
N GLY Z 17 129.31 -19.46 27.36
CA GLY Z 17 128.98 -18.08 27.00
C GLY Z 17 127.70 -17.93 26.19
N ALA Z 18 127.54 -18.67 25.09
CA ALA Z 18 126.33 -18.62 24.28
C ALA Z 18 125.07 -19.10 25.01
N LYS Z 19 125.20 -19.92 26.07
CA LYS Z 19 124.10 -20.22 26.99
C LYS Z 19 123.89 -19.09 27.99
N PHE Z 20 124.95 -18.52 28.56
CA PHE Z 20 124.83 -17.37 29.43
C PHE Z 20 124.06 -16.22 28.80
N TRP Z 21 124.31 -15.90 27.53
CA TRP Z 21 123.57 -14.87 26.80
C TRP Z 21 122.10 -15.18 26.55
N GLU Z 22 121.70 -16.44 26.54
CA GLU Z 22 120.29 -16.83 26.54
C GLU Z 22 119.65 -16.64 27.92
N VAL Z 23 120.37 -16.92 29.01
CA VAL Z 23 119.91 -16.73 30.38
C VAL Z 23 119.74 -15.25 30.74
N ILE Z 24 120.75 -14.40 30.54
CA ILE Z 24 120.60 -13.00 30.91
C ILE Z 24 119.72 -12.21 29.93
N SER Z 25 119.53 -12.68 28.70
CA SER Z 25 118.51 -12.09 27.82
C SER Z 25 117.09 -12.43 28.28
N ASP Z 26 116.86 -13.60 28.89
CA ASP Z 26 115.56 -13.93 29.49
C ASP Z 26 115.25 -13.05 30.72
N GLU Z 27 116.26 -12.84 31.56
CA GLU Z 27 116.21 -11.94 32.72
C GLU Z 27 115.88 -10.51 32.34
N HIS Z 28 116.64 -9.94 31.41
CA HIS Z 28 116.47 -8.57 30.93
C HIS Z 28 115.33 -8.44 29.89
N GLY Z 29 114.65 -9.52 29.52
CA GLY Z 29 113.50 -9.50 28.64
C GLY Z 29 113.84 -9.06 27.23
N ILE Z 30 114.95 -9.54 26.69
CA ILE Z 30 115.43 -9.27 25.33
C ILE Z 30 115.14 -10.47 24.45
N ASP Z 31 114.53 -10.18 23.31
CA ASP Z 31 114.15 -11.12 22.25
C ASP Z 31 115.40 -11.64 21.50
N PRO Z 32 115.40 -12.86 20.93
CA PRO Z 32 116.50 -13.34 20.08
C PRO Z 32 116.89 -12.42 18.93
N THR Z 33 116.02 -11.49 18.53
CA THR Z 33 116.28 -10.45 17.52
C THR Z 33 117.15 -9.31 18.07
N GLY Z 34 117.23 -9.19 19.40
CA GLY Z 34 117.84 -8.08 20.12
C GLY Z 34 116.85 -7.00 20.58
N ALA Z 35 115.57 -7.09 20.20
CA ALA Z 35 114.52 -6.16 20.64
C ALA Z 35 114.10 -6.39 22.10
N TYR Z 36 113.79 -5.36 22.89
CA TYR Z 36 113.25 -5.53 24.23
C TYR Z 36 111.75 -5.88 24.24
N HIS Z 37 111.37 -6.91 24.99
CA HIS Z 37 110.01 -7.43 25.11
C HIS Z 37 109.61 -7.78 26.56
N GLY Z 38 110.37 -7.30 27.54
CA GLY Z 38 110.17 -7.62 28.95
C GLY Z 38 108.95 -6.98 29.61
N ASP Z 39 108.64 -7.41 30.84
CA ASP Z 39 107.56 -6.93 31.69
C ASP Z 39 107.86 -5.59 32.36
N SER Z 40 109.09 -5.42 32.84
CA SER Z 40 109.38 -4.55 33.97
C SER Z 40 110.45 -3.51 33.68
N ASP Z 41 110.32 -2.34 34.30
CA ASP Z 41 111.31 -1.28 34.19
C ASP Z 41 112.67 -1.67 34.76
N LEU Z 42 112.72 -2.54 35.77
CA LEU Z 42 113.96 -2.99 36.40
C LEU Z 42 114.82 -3.81 35.45
N GLN Z 43 114.20 -4.51 34.50
CA GLN Z 43 114.90 -5.21 33.43
C GLN Z 43 115.66 -4.26 32.50
N LEU Z 44 115.13 -3.06 32.30
CA LEU Z 44 115.66 -2.06 31.39
C LEU Z 44 116.63 -1.09 32.10
N GLU Z 45 116.43 -0.84 33.38
CA GLU Z 45 117.22 0.10 34.20
C GLU Z 45 118.73 -0.11 34.12
N ARG Z 46 119.20 -1.37 34.09
CA ARG Z 46 120.62 -1.73 34.03
C ARG Z 46 121.00 -2.58 32.81
N ILE Z 47 120.22 -2.53 31.75
CA ILE Z 47 120.51 -3.27 30.51
C ILE Z 47 121.88 -2.88 29.91
N ASN Z 48 122.36 -1.68 30.19
CA ASN Z 48 123.70 -1.24 29.81
C ASN Z 48 124.82 -2.08 30.43
N VAL Z 49 124.62 -2.81 31.53
CA VAL Z 49 125.69 -3.60 32.18
C VAL Z 49 126.25 -4.67 31.25
N TYR Z 50 125.42 -5.27 30.40
CA TYR Z 50 125.81 -6.33 29.48
C TYR Z 50 125.54 -6.01 28.01
N TYR Z 51 124.85 -4.90 27.68
CA TYR Z 51 124.44 -4.59 26.32
C TYR Z 51 124.75 -3.15 25.94
N ASN Z 52 124.87 -2.89 24.64
CA ASN Z 52 124.91 -1.57 24.05
C ASN Z 52 123.53 -1.24 23.46
N GLU Z 53 123.02 -0.04 23.67
CA GLU Z 53 121.86 0.45 22.93
C GLU Z 53 122.25 0.73 21.48
N ALA Z 54 121.42 0.32 20.53
CA ALA Z 54 121.55 0.65 19.10
C ALA Z 54 120.18 1.08 18.52
N THR Z 55 120.18 1.53 17.27
CA THR Z 55 119.00 2.15 16.64
C THR Z 55 117.74 1.28 16.65
N GLY Z 56 116.57 1.88 16.77
CA GLY Z 56 115.29 1.17 16.92
C GLY Z 56 115.08 0.50 18.29
N GLY Z 57 115.85 0.89 19.32
CA GLY Z 57 115.88 0.25 20.64
C GLY Z 57 116.27 -1.24 20.62
N LYS Z 58 117.03 -1.66 19.62
CA LYS Z 58 117.71 -2.96 19.60
C LYS Z 58 118.91 -2.93 20.54
N TYR Z 59 119.12 -3.99 21.29
CA TYR Z 59 120.22 -4.15 22.23
C TYR Z 59 121.22 -5.15 21.69
N VAL Z 60 122.50 -4.79 21.71
CA VAL Z 60 123.60 -5.61 21.19
C VAL Z 60 124.51 -5.99 22.34
N PRO Z 61 124.66 -7.27 22.68
CA PRO Z 61 125.45 -7.65 23.84
C PRO Z 61 126.92 -7.38 23.66
N ARG Z 62 127.57 -6.96 24.73
CA ARG Z 62 128.99 -6.61 24.79
C ARG Z 62 129.87 -7.84 25.00
N ALA Z 63 129.66 -8.85 24.18
CA ALA Z 63 130.53 -10.00 24.05
C ALA Z 63 131.60 -9.78 22.97
N VAL Z 64 132.80 -10.29 23.20
CA VAL Z 64 133.77 -10.61 22.16
C VAL Z 64 133.88 -12.13 22.06
N LEU Z 65 133.81 -12.67 20.86
CA LEU Z 65 133.79 -14.10 20.60
C LEU Z 65 135.09 -14.48 19.92
N VAL Z 66 135.91 -15.29 20.56
CA VAL Z 66 137.27 -15.64 20.11
C VAL Z 66 137.43 -17.15 19.94
N ASP Z 67 137.96 -17.56 18.80
CA ASP Z 67 138.27 -18.95 18.49
C ASP Z 67 139.38 -19.01 17.44
N LEU Z 68 140.08 -20.11 17.31
CA LEU Z 68 141.08 -20.32 16.27
C LEU Z 68 140.54 -21.14 15.08
N GLU Z 69 139.30 -21.60 15.18
CA GLU Z 69 138.53 -22.34 14.17
C GLU Z 69 137.22 -21.59 13.84
N PRO Z 70 136.70 -21.64 12.61
CA PRO Z 70 135.42 -21.02 12.28
C PRO Z 70 134.21 -21.79 12.82
N GLY Z 71 134.31 -23.12 12.96
CA GLY Z 71 133.19 -24.02 13.26
C GLY Z 71 132.43 -23.72 14.55
N THR Z 72 133.05 -23.19 15.62
CA THR Z 72 132.26 -22.76 16.80
C THR Z 72 131.56 -21.42 16.58
N MET Z 73 132.16 -20.48 15.85
CA MET Z 73 131.46 -19.27 15.43
C MET Z 73 130.24 -19.60 14.59
N ASP Z 74 130.38 -20.51 13.64
CA ASP Z 74 129.29 -21.01 12.81
C ASP Z 74 128.18 -21.66 13.64
N SER Z 75 128.55 -22.39 14.70
CA SER Z 75 127.61 -23.04 15.61
C SER Z 75 126.89 -22.05 16.54
N VAL Z 76 127.57 -21.00 16.99
CA VAL Z 76 126.98 -19.92 17.79
C VAL Z 76 126.10 -19.02 16.92
N ARG Z 77 126.59 -18.51 15.79
CA ARG Z 77 125.88 -17.61 14.87
C ARG Z 77 124.59 -18.20 14.32
N SER Z 78 124.56 -19.51 14.08
CA SER Z 78 123.37 -20.26 13.68
C SER Z 78 122.47 -20.71 14.85
N GLY Z 79 122.87 -20.51 16.10
CA GLY Z 79 122.23 -21.05 17.29
C GLY Z 79 120.96 -20.32 17.75
N PRO Z 80 120.40 -20.69 18.91
CA PRO Z 80 119.18 -20.11 19.47
C PRO Z 80 119.16 -18.58 19.59
N PHE Z 81 120.32 -17.99 19.93
CA PHE Z 81 120.50 -16.56 20.13
C PHE Z 81 121.63 -15.97 19.26
N GLY Z 82 122.13 -16.70 18.28
CA GLY Z 82 123.32 -16.32 17.52
C GLY Z 82 123.27 -14.99 16.80
N GLN Z 83 122.08 -14.57 16.38
CA GLN Z 83 121.88 -13.35 15.61
C GLN Z 83 121.98 -12.09 16.50
N ILE Z 84 122.07 -12.23 17.82
CA ILE Z 84 122.13 -11.11 18.75
C ILE Z 84 123.47 -10.39 18.70
N PHE Z 85 124.59 -11.12 18.57
CA PHE Z 85 125.95 -10.59 18.69
C PHE Z 85 126.37 -9.72 17.51
N ARG Z 86 127.29 -8.78 17.72
CA ARG Z 86 127.80 -7.89 16.66
C ARG Z 86 128.66 -8.71 15.68
N PRO Z 87 128.42 -8.73 14.36
CA PRO Z 87 129.26 -9.44 13.40
C PRO Z 87 130.75 -9.14 13.49
N ASP Z 88 131.14 -7.90 13.78
CA ASP Z 88 132.54 -7.49 14.00
C ASP Z 88 133.19 -8.10 15.25
N ASN Z 89 132.40 -8.55 16.22
CA ASN Z 89 132.92 -9.09 17.48
C ASN Z 89 133.23 -10.59 17.41
N PHE Z 90 132.83 -11.29 16.35
CA PHE Z 90 133.32 -12.63 16.05
C PHE Z 90 134.73 -12.51 15.46
N VAL Z 91 135.75 -12.79 16.26
CA VAL Z 91 137.16 -12.73 15.85
C VAL Z 91 137.72 -14.14 15.81
N PHE Z 92 138.19 -14.61 14.65
CA PHE Z 92 138.56 -16.00 14.49
C PHE Z 92 139.67 -16.24 13.47
N GLY Z 93 140.42 -17.32 13.69
CA GLY Z 93 141.39 -17.89 12.74
C GLY Z 93 140.77 -18.90 11.78
N GLN Z 94 141.59 -19.74 11.12
CA GLN Z 94 141.12 -20.84 10.27
C GLN Z 94 141.64 -22.21 10.74
N SER Z 95 142.94 -22.38 10.92
CA SER Z 95 143.55 -23.58 11.49
C SER Z 95 143.50 -23.56 13.02
N GLY Z 96 142.99 -24.61 13.65
CA GLY Z 96 142.75 -24.64 15.10
C GLY Z 96 143.99 -24.67 15.98
N ALA Z 97 143.77 -24.77 17.29
CA ALA Z 97 144.83 -24.91 18.29
C ALA Z 97 145.40 -26.32 18.42
N GLY Z 98 144.86 -27.35 17.78
CA GLY Z 98 145.38 -28.71 17.90
C GLY Z 98 145.38 -29.29 19.32
N ASN Z 99 144.57 -28.74 20.23
CA ASN Z 99 144.64 -28.98 21.68
C ASN Z 99 146.01 -28.70 22.29
N ASN Z 100 146.69 -27.69 21.77
CA ASN Z 100 148.04 -27.32 22.15
C ASN Z 100 148.06 -25.92 22.77
N TRP Z 101 148.47 -25.78 24.03
CA TRP Z 101 148.60 -24.47 24.68
C TRP Z 101 149.55 -23.55 23.94
N ALA Z 102 150.67 -24.07 23.43
CA ALA Z 102 151.69 -23.28 22.77
C ALA Z 102 151.22 -22.76 21.42
N LYS Z 103 150.33 -23.47 20.71
CA LYS Z 103 149.65 -22.89 19.52
C LYS Z 103 148.75 -21.73 19.90
N GLY Z 104 147.94 -21.87 20.96
CA GLY Z 104 147.17 -20.76 21.49
C GLY Z 104 147.99 -19.54 21.85
N HIS Z 105 149.01 -19.70 22.69
CA HIS Z 105 149.78 -18.61 23.26
C HIS Z 105 150.90 -18.03 22.39
N TYR Z 106 151.48 -18.77 21.43
CA TYR Z 106 152.72 -18.37 20.74
C TYR Z 106 152.63 -18.27 19.23
N THR Z 107 151.63 -18.88 18.59
CA THR Z 107 151.64 -19.04 17.12
C THR Z 107 150.32 -18.61 16.48
N GLU Z 108 149.28 -19.38 16.71
CA GLU Z 108 147.99 -19.27 16.03
C GLU Z 108 147.12 -18.18 16.64
N GLY Z 109 147.21 -18.01 17.97
CA GLY Z 109 146.53 -16.97 18.73
C GLY Z 109 147.38 -15.73 18.95
N ALA Z 110 148.71 -15.84 18.93
CA ALA Z 110 149.59 -14.68 18.92
C ALA Z 110 149.44 -13.85 17.64
N GLU Z 111 149.11 -14.49 16.52
CA GLU Z 111 148.72 -13.80 15.29
C GLU Z 111 147.37 -13.06 15.47
N LEU Z 112 146.39 -13.74 16.10
CA LEU Z 112 145.01 -13.28 16.20
C LEU Z 112 144.77 -12.25 17.31
N VAL Z 113 145.55 -12.23 18.39
CA VAL Z 113 145.31 -11.36 19.56
C VAL Z 113 145.33 -9.88 19.19
N ASP Z 114 146.12 -9.45 18.22
CA ASP Z 114 146.10 -8.06 17.72
C ASP Z 114 144.74 -7.67 17.11
N SER Z 115 144.01 -8.64 16.55
CA SER Z 115 142.67 -8.47 16.00
C SER Z 115 141.58 -8.63 17.07
N VAL Z 116 141.85 -9.33 18.18
CA VAL Z 116 140.95 -9.42 19.34
C VAL Z 116 141.02 -8.16 20.19
N LEU Z 117 142.22 -7.77 20.58
CA LEU Z 117 142.42 -6.75 21.58
C LEU Z 117 141.88 -5.40 21.13
N ASP Z 118 142.00 -5.07 19.84
CA ASP Z 118 141.46 -3.85 19.25
C ASP Z 118 139.93 -3.80 19.14
N VAL Z 119 139.24 -4.91 19.32
CA VAL Z 119 137.77 -4.99 19.51
C VAL Z 119 137.41 -4.83 20.98
N VAL Z 120 138.19 -5.40 21.90
CA VAL Z 120 138.04 -5.18 23.35
C VAL Z 120 138.17 -3.68 23.69
N ARG Z 121 139.03 -2.93 22.99
CA ARG Z 121 139.09 -1.47 23.04
C ARG Z 121 137.82 -0.75 22.56
N LYS Z 122 137.18 -1.17 21.49
CA LYS Z 122 135.97 -0.51 20.97
C LYS Z 122 134.81 -0.68 21.93
N GLU Z 123 134.69 -1.83 22.57
CA GLU Z 123 133.66 -2.06 23.58
C GLU Z 123 133.97 -1.32 24.90
N ALA Z 124 135.20 -1.38 25.41
CA ALA Z 124 135.61 -0.66 26.63
C ALA Z 124 135.60 0.87 26.51
N GLU Z 125 135.83 1.44 25.33
CA GLU Z 125 135.71 2.88 25.07
C GLU Z 125 134.23 3.32 24.92
N SER Z 126 133.34 2.42 24.49
CA SER Z 126 131.89 2.66 24.49
C SER Z 126 131.26 2.63 25.89
N CYS Z 127 131.94 2.08 26.89
CA CYS Z 127 131.48 2.06 28.27
C CYS Z 127 131.51 3.44 28.93
N ASP Z 128 130.55 3.72 29.80
CA ASP Z 128 130.48 4.94 30.59
C ASP Z 128 131.41 4.88 31.82
N CYS Z 129 131.35 3.77 32.55
CA CYS Z 129 132.31 3.39 33.57
C CYS Z 129 132.41 1.88 33.60
N LEU Z 130 133.44 1.32 32.99
CA LEU Z 130 133.76 -0.10 33.01
C LEU Z 130 134.14 -0.54 34.43
N GLN Z 131 133.51 -1.57 34.99
CA GLN Z 131 133.94 -2.22 36.24
C GLN Z 131 134.87 -3.40 35.97
N GLY Z 132 134.70 -4.13 34.87
CA GLY Z 132 135.56 -5.29 34.63
C GLY Z 132 135.32 -6.13 33.40
N PHE Z 133 136.09 -7.21 33.34
CA PHE Z 133 136.15 -8.20 32.27
C PHE Z 133 135.70 -9.56 32.81
N GLN Z 134 134.82 -10.22 32.07
CA GLN Z 134 134.19 -11.48 32.47
C GLN Z 134 134.50 -12.54 31.40
N LEU Z 135 135.55 -13.33 31.56
CA LEU Z 135 136.07 -14.22 30.51
C LEU Z 135 135.68 -15.68 30.72
N THR Z 136 135.01 -16.31 29.77
CA THR Z 136 134.64 -17.75 29.81
C THR Z 136 135.56 -18.59 28.95
N HIS Z 137 136.12 -19.64 29.54
CA HIS Z 137 137.08 -20.52 28.88
C HIS Z 137 137.23 -21.86 29.62
N SER Z 138 137.96 -22.78 29.03
CA SER Z 138 138.36 -24.06 29.61
C SER Z 138 139.89 -24.14 29.74
N LEU Z 139 140.42 -24.87 30.72
CA LEU Z 139 141.87 -25.01 30.95
C LEU Z 139 142.47 -26.25 30.28
N GLY Z 140 141.65 -27.24 29.93
CA GLY Z 140 142.01 -28.27 28.96
C GLY Z 140 142.03 -27.73 27.53
N GLY Z 141 142.52 -28.53 26.57
CA GLY Z 141 142.64 -28.06 25.18
C GLY Z 141 143.56 -26.85 25.03
N GLY Z 142 143.51 -26.11 23.94
CA GLY Z 142 144.57 -25.16 23.58
C GLY Z 142 144.12 -23.73 23.34
N THR Z 143 142.87 -23.52 22.94
CA THR Z 143 142.33 -22.22 22.60
C THR Z 143 141.99 -21.44 23.86
N GLY Z 144 141.13 -21.99 24.71
CA GLY Z 144 140.76 -21.37 25.97
C GLY Z 144 141.92 -21.29 26.95
N SER Z 145 142.70 -22.35 27.07
CA SER Z 145 143.81 -22.42 28.02
C SER Z 145 144.96 -21.49 27.64
N GLY Z 146 145.35 -21.47 26.37
CA GLY Z 146 146.55 -20.78 25.91
C GLY Z 146 146.31 -19.45 25.24
N MET Z 147 145.26 -19.31 24.45
CA MET Z 147 144.90 -18.01 23.90
C MET Z 147 144.16 -17.16 24.92
N GLY Z 148 143.26 -17.75 25.71
CA GLY Z 148 142.51 -17.03 26.73
C GLY Z 148 143.41 -16.45 27.81
N THR Z 149 144.44 -17.18 28.24
CA THR Z 149 145.45 -16.62 29.16
C THR Z 149 146.46 -15.67 28.53
N LEU Z 150 146.69 -15.74 27.22
CA LEU Z 150 147.38 -14.67 26.48
C LEU Z 150 146.55 -13.39 26.53
N LEU Z 151 145.26 -13.50 26.28
CA LEU Z 151 144.34 -12.39 26.24
C LEU Z 151 144.13 -11.77 27.64
N ILE Z 152 144.05 -12.57 28.70
CA ILE Z 152 144.07 -12.10 30.09
C ILE Z 152 145.32 -11.26 30.34
N SER Z 153 146.49 -11.73 29.92
CA SER Z 153 147.74 -11.01 30.10
C SER Z 153 147.72 -9.64 29.41
N LYS Z 154 147.24 -9.57 28.16
CA LYS Z 154 147.13 -8.33 27.37
C LYS Z 154 146.12 -7.32 27.91
N ILE Z 155 144.93 -7.76 28.30
CA ILE Z 155 143.91 -6.93 28.95
C ILE Z 155 144.34 -6.51 30.36
N ARG Z 156 145.00 -7.36 31.15
CA ARG Z 156 145.55 -6.99 32.47
C ARG Z 156 146.59 -5.87 32.39
N GLU Z 157 147.47 -5.91 31.41
CA GLU Z 157 148.50 -4.89 31.20
C GLU Z 157 147.91 -3.55 30.77
N GLU Z 158 146.79 -3.58 30.06
CA GLU Z 158 146.12 -2.39 29.51
C GLU Z 158 145.09 -1.75 30.47
N TYR Z 159 144.45 -2.57 31.31
CA TYR Z 159 143.43 -2.21 32.31
C TYR Z 159 143.80 -2.77 33.70
N PRO Z 160 144.78 -2.20 34.40
CA PRO Z 160 145.34 -2.81 35.61
C PRO Z 160 144.45 -2.73 36.85
N ASP Z 161 143.48 -1.80 36.90
CA ASP Z 161 142.65 -1.47 38.07
C ASP Z 161 141.20 -1.96 37.97
N ARG Z 162 140.76 -2.36 36.78
CA ARG Z 162 139.44 -2.97 36.53
C ARG Z 162 139.43 -4.42 37.01
N ILE Z 163 138.27 -4.95 37.42
CA ILE Z 163 138.14 -6.34 37.85
C ILE Z 163 138.34 -7.31 36.69
N MET Z 164 139.27 -8.27 36.81
CA MET Z 164 139.41 -9.38 35.88
C MET Z 164 138.84 -10.63 36.54
N ASN Z 165 137.74 -11.14 35.99
CA ASN Z 165 136.86 -12.13 36.59
C ASN Z 165 136.64 -13.28 35.60
N THR Z 166 137.16 -14.48 35.86
CA THR Z 166 137.17 -15.56 34.86
C THR Z 166 136.39 -16.79 35.32
N PHE Z 167 135.67 -17.41 34.41
CA PHE Z 167 134.93 -18.65 34.65
C PHE Z 167 135.59 -19.78 33.86
N SER Z 168 136.15 -20.75 34.59
CA SER Z 168 137.23 -21.59 34.10
C SER Z 168 136.90 -23.05 34.30
N VAL Z 169 136.41 -23.68 33.24
CA VAL Z 169 136.12 -25.12 33.24
C VAL Z 169 137.43 -25.89 33.16
N VAL Z 170 137.72 -26.81 34.06
CA VAL Z 170 139.07 -27.36 34.18
C VAL Z 170 139.13 -28.87 34.45
N PRO Z 171 140.26 -29.54 34.17
CA PRO Z 171 140.34 -30.99 34.09
C PRO Z 171 140.14 -31.73 35.41
N SER Z 172 139.69 -32.98 35.31
CA SER Z 172 139.61 -33.96 36.38
C SER Z 172 139.70 -35.37 35.79
N PRO Z 173 140.16 -36.38 36.55
CA PRO Z 173 140.60 -37.65 35.97
C PRO Z 173 139.47 -38.54 35.42
N LYS Z 174 138.32 -38.60 36.08
CA LYS Z 174 137.21 -39.50 35.74
C LYS Z 174 136.30 -39.00 34.62
N VAL Z 175 136.40 -37.74 34.22
CA VAL Z 175 135.66 -37.13 33.09
C VAL Z 175 136.66 -36.35 32.23
N SER Z 176 137.30 -37.05 31.30
CA SER Z 176 138.35 -36.49 30.44
C SER Z 176 138.24 -36.94 28.99
N ASP Z 177 138.56 -36.03 28.06
CA ASP Z 177 138.47 -36.22 26.62
C ASP Z 177 139.79 -35.92 25.88
N THR Z 178 140.88 -35.58 26.57
CA THR Z 178 142.17 -35.16 25.99
C THR Z 178 143.31 -35.89 26.69
N VAL Z 179 144.34 -36.31 25.95
CA VAL Z 179 145.53 -36.94 26.53
C VAL Z 179 146.43 -35.91 27.22
N VAL Z 180 146.70 -34.79 26.54
CA VAL Z 180 147.51 -33.67 27.04
C VAL Z 180 146.77 -32.64 27.91
N GLU Z 181 145.59 -32.96 28.42
CA GLU Z 181 144.86 -32.05 29.33
C GLU Z 181 145.71 -31.56 30.51
N PRO Z 182 146.44 -32.40 31.26
CA PRO Z 182 147.26 -31.96 32.38
C PRO Z 182 148.33 -30.90 32.04
N TYR Z 183 148.94 -30.99 30.86
CA TYR Z 183 149.94 -30.03 30.40
C TYR Z 183 149.32 -28.66 30.18
N ASN Z 184 148.26 -28.60 29.39
CA ASN Z 184 147.60 -27.38 29.03
C ASN Z 184 147.09 -26.62 30.25
N ALA Z 185 146.50 -27.33 31.20
CA ALA Z 185 146.02 -26.72 32.42
C ALA Z 185 147.17 -26.18 33.27
N THR Z 186 148.25 -26.94 33.46
CA THR Z 186 149.37 -26.49 34.29
C THR Z 186 150.06 -25.25 33.73
N LEU Z 187 150.21 -25.15 32.41
CA LEU Z 187 150.69 -23.94 31.72
C LEU Z 187 149.73 -22.75 31.85
N SER Z 188 148.43 -22.99 32.01
CA SER Z 188 147.39 -21.98 32.06
C SER Z 188 147.14 -21.45 33.47
N VAL Z 189 147.15 -22.30 34.49
CA VAL Z 189 146.97 -21.93 35.91
C VAL Z 189 148.06 -20.97 36.41
N HIS Z 190 149.27 -21.13 35.89
CA HIS Z 190 150.41 -20.24 36.04
C HIS Z 190 150.13 -18.78 35.61
N GLN Z 191 149.22 -18.54 34.67
CA GLN Z 191 148.79 -17.19 34.27
C GLN Z 191 147.61 -16.68 35.12
N LEU Z 192 146.69 -17.55 35.49
CA LEU Z 192 145.52 -17.19 36.27
C LEU Z 192 145.90 -16.74 37.70
N VAL Z 193 146.83 -17.42 38.39
CA VAL Z 193 147.26 -17.06 39.76
C VAL Z 193 147.88 -15.66 39.85
N GLU Z 194 148.50 -15.15 38.79
CA GLU Z 194 149.15 -13.83 38.78
C GLU Z 194 148.21 -12.70 38.31
N ASN Z 195 147.39 -12.94 37.28
CA ASN Z 195 146.66 -11.87 36.60
C ASN Z 195 145.21 -11.68 37.05
N THR Z 196 144.42 -12.71 37.24
CA THR Z 196 142.99 -12.55 37.55
C THR Z 196 142.78 -12.02 38.98
N ASP Z 197 141.67 -11.31 39.21
CA ASP Z 197 141.21 -10.88 40.53
C ASP Z 197 140.29 -11.90 41.19
N GLU Z 198 139.57 -12.68 40.37
CA GLU Z 198 138.75 -13.83 40.75
C GLU Z 198 138.81 -14.89 39.65
N THR Z 199 138.94 -16.17 39.99
CA THR Z 199 138.74 -17.26 39.03
C THR Z 199 137.80 -18.29 39.61
N TYR Z 200 136.69 -18.57 38.93
CA TYR Z 200 135.66 -19.51 39.37
C TYR Z 200 135.92 -20.87 38.74
N CYS Z 201 136.44 -21.77 39.54
CA CYS Z 201 136.92 -23.09 39.15
C CYS Z 201 135.73 -24.01 38.99
N ILE Z 202 135.53 -24.54 37.79
CA ILE Z 202 134.37 -25.37 37.45
C ILE Z 202 134.84 -26.68 36.82
N ASP Z 203 134.14 -27.78 37.06
CA ASP Z 203 134.59 -29.11 36.69
C ASP Z 203 133.48 -29.93 36.04
N ASN Z 204 133.76 -30.65 34.96
CA ASN Z 204 132.70 -31.46 34.34
C ASN Z 204 132.30 -32.66 35.21
N GLU Z 205 133.18 -33.18 36.06
CA GLU Z 205 132.81 -34.25 36.99
C GLU Z 205 131.79 -33.78 38.02
N ALA Z 206 131.94 -32.58 38.57
CA ALA Z 206 130.99 -32.00 39.51
C ALA Z 206 129.69 -31.57 38.85
N LEU Z 207 129.74 -31.07 37.61
CA LEU Z 207 128.54 -30.73 36.85
C LEU Z 207 127.75 -31.96 36.41
N TYR Z 208 128.38 -33.11 36.18
CA TYR Z 208 127.67 -34.38 36.00
C TYR Z 208 127.12 -34.92 37.32
N ASP Z 209 127.82 -34.75 38.45
CA ASP Z 209 127.31 -35.17 39.77
C ASP Z 209 126.04 -34.39 40.18
N ILE Z 210 125.94 -33.10 39.86
CA ILE Z 210 124.69 -32.35 40.06
C ILE Z 210 123.58 -32.90 39.17
N CYS Z 211 123.88 -33.25 37.92
CA CYS Z 211 122.86 -33.75 36.99
C CYS Z 211 122.30 -35.12 37.38
N PHE Z 212 123.12 -36.03 37.90
CA PHE Z 212 122.66 -37.35 38.31
C PHE Z 212 122.14 -37.42 39.75
N ARG Z 213 122.84 -36.85 40.73
CA ARG Z 213 122.50 -37.00 42.16
C ARG Z 213 121.58 -35.93 42.73
N THR Z 214 121.24 -34.90 41.96
CA THR Z 214 120.31 -33.83 42.36
C THR Z 214 119.15 -33.72 41.39
N LEU Z 215 119.42 -33.36 40.14
CA LEU Z 215 118.37 -33.18 39.12
C LEU Z 215 117.74 -34.49 38.61
N LYS Z 216 118.40 -35.63 38.82
CA LYS Z 216 117.99 -36.95 38.33
C LYS Z 216 117.74 -37.01 36.82
N LEU Z 217 118.49 -36.25 36.03
CA LEU Z 217 118.48 -36.34 34.57
C LEU Z 217 119.04 -37.69 34.11
N THR Z 218 118.39 -38.38 33.19
CA THR Z 218 118.87 -39.70 32.71
C THR Z 218 120.05 -39.59 31.75
N THR Z 219 120.09 -38.55 30.91
CA THR Z 219 121.10 -38.31 29.87
C THR Z 219 121.46 -36.82 29.80
N PRO Z 220 122.27 -36.31 30.74
CA PRO Z 220 122.71 -34.92 30.73
C PRO Z 220 123.72 -34.65 29.62
N THR Z 221 123.43 -33.66 28.81
CA THR Z 221 124.26 -33.19 27.70
C THR Z 221 125.21 -32.08 28.15
N TYR Z 222 126.13 -31.64 27.28
CA TYR Z 222 126.85 -30.39 27.52
C TYR Z 222 125.91 -29.18 27.59
N GLY Z 223 124.76 -29.18 26.92
CA GLY Z 223 123.78 -28.11 27.05
C GLY Z 223 123.18 -27.99 28.45
N ASP Z 224 123.04 -29.10 29.17
CA ASP Z 224 122.59 -29.14 30.55
C ASP Z 224 123.70 -28.70 31.51
N LEU Z 225 124.96 -29.04 31.24
CA LEU Z 225 126.09 -28.56 32.04
C LEU Z 225 126.28 -27.05 31.91
N ASN Z 226 126.12 -26.52 30.70
CA ASN Z 226 126.28 -25.10 30.38
C ASN Z 226 125.22 -24.23 31.05
N HIS Z 227 124.06 -24.80 31.29
CA HIS Z 227 122.93 -24.20 32.00
C HIS Z 227 123.22 -24.07 33.51
N LEU Z 228 123.86 -25.05 34.15
CA LEU Z 228 124.33 -24.93 35.53
C LEU Z 228 125.42 -23.87 35.70
N VAL Z 229 126.40 -23.81 34.80
CA VAL Z 229 127.46 -22.80 34.85
C VAL Z 229 126.86 -21.41 34.73
N SER Z 230 126.04 -21.18 33.72
CA SER Z 230 125.51 -19.85 33.40
C SER Z 230 124.51 -19.31 34.43
N ALA Z 231 123.84 -20.16 35.20
CA ALA Z 231 123.07 -19.73 36.37
C ALA Z 231 123.93 -19.03 37.42
N THR Z 232 125.12 -19.54 37.74
CA THR Z 232 126.06 -18.88 38.67
C THR Z 232 126.78 -17.67 38.08
N MET Z 233 126.96 -17.61 36.75
CA MET Z 233 127.44 -16.39 36.10
C MET Z 233 126.44 -15.24 36.20
N SER Z 234 125.16 -15.49 35.91
CA SER Z 234 124.09 -14.52 36.15
C SER Z 234 124.02 -14.18 37.64
N GLY Z 235 124.23 -15.15 38.51
CA GLY Z 235 124.14 -14.94 39.95
C GLY Z 235 125.08 -13.87 40.52
N VAL Z 236 126.39 -13.94 40.25
CA VAL Z 236 127.36 -13.10 40.95
C VAL Z 236 127.33 -11.62 40.55
N THR Z 237 126.83 -11.29 39.36
CA THR Z 237 126.68 -9.88 38.90
C THR Z 237 125.32 -9.29 39.24
N THR Z 238 124.39 -10.06 39.79
CA THR Z 238 122.99 -9.66 40.03
C THR Z 238 122.88 -8.30 40.72
N CYS Z 239 123.70 -8.06 41.74
CA CYS Z 239 123.69 -6.83 42.53
C CYS Z 239 124.15 -5.56 41.82
N LEU Z 240 124.69 -5.60 40.60
CA LEU Z 240 124.83 -4.40 39.76
C LEU Z 240 123.78 -4.30 38.65
N ARG Z 241 122.88 -5.28 38.51
CA ARG Z 241 121.80 -5.33 37.52
C ARG Z 241 120.41 -5.08 38.09
N PHE Z 242 120.21 -5.36 39.39
CA PHE Z 242 118.94 -5.24 40.09
C PHE Z 242 119.12 -4.59 41.47
N PRO Z 243 118.07 -3.97 42.04
CA PRO Z 243 118.09 -3.42 43.38
C PRO Z 243 118.07 -4.52 44.46
N GLY Z 244 118.40 -4.18 45.71
CA GLY Z 244 118.50 -5.16 46.79
C GLY Z 244 118.57 -4.55 48.19
N GLN Z 245 118.38 -5.37 49.22
CA GLN Z 245 118.52 -4.96 50.61
C GLN Z 245 119.99 -4.83 51.04
N LEU Z 246 120.88 -5.60 50.43
CA LEU Z 246 122.34 -5.54 50.54
C LEU Z 246 122.94 -5.65 49.15
N ASN Z 247 123.50 -4.57 48.61
CA ASN Z 247 124.14 -4.61 47.30
C ASN Z 247 125.61 -5.02 47.41
N ALA Z 248 126.08 -5.90 46.53
CA ALA Z 248 127.49 -6.31 46.42
C ALA Z 248 127.99 -6.33 44.95
N ASP Z 249 128.79 -5.34 44.58
CA ASP Z 249 129.54 -5.31 43.32
C ASP Z 249 130.59 -6.46 43.27
N LEU Z 250 131.07 -6.86 42.09
CA LEU Z 250 132.16 -7.83 41.95
C LEU Z 250 133.39 -7.44 42.78
N ARG Z 251 133.67 -6.16 42.96
CA ARG Z 251 134.73 -5.67 43.84
C ARG Z 251 134.43 -5.83 45.35
N LYS Z 252 133.17 -5.64 45.76
CA LYS Z 252 132.68 -5.87 47.14
C LYS Z 252 132.69 -7.34 47.50
N LEU Z 253 132.56 -8.23 46.52
CA LEU Z 253 132.88 -9.65 46.66
C LEU Z 253 134.39 -9.84 46.85
N ALA Z 254 135.23 -9.34 45.95
CA ALA Z 254 136.68 -9.55 46.00
C ALA Z 254 137.34 -9.08 47.31
N VAL Z 255 137.02 -7.89 47.82
CA VAL Z 255 137.55 -7.38 49.10
C VAL Z 255 137.22 -8.29 50.28
N ASN Z 256 136.06 -8.92 50.29
CA ASN Z 256 135.61 -9.82 51.34
C ASN Z 256 136.06 -11.27 51.11
N MET Z 257 136.23 -11.69 49.87
CA MET Z 257 136.49 -13.07 49.48
C MET Z 257 137.97 -13.45 49.40
N VAL Z 258 138.87 -12.51 49.14
CA VAL Z 258 140.29 -12.78 48.89
C VAL Z 258 141.16 -12.25 50.02
N PRO Z 259 141.48 -13.04 51.06
CA PRO Z 259 142.27 -12.56 52.19
C PRO Z 259 143.70 -12.20 51.79
N PHE Z 260 144.39 -13.13 51.15
CA PHE Z 260 145.74 -12.94 50.63
C PHE Z 260 145.74 -13.01 49.11
N PRO Z 261 146.49 -12.15 48.38
CA PRO Z 261 146.21 -11.78 46.98
C PRO Z 261 145.91 -12.91 45.98
N ARG Z 262 146.63 -14.02 46.11
CA ARG Z 262 146.65 -15.19 45.22
C ARG Z 262 145.59 -16.24 45.53
N LEU Z 263 144.93 -16.17 46.69
CA LEU Z 263 143.91 -17.15 47.10
C LEU Z 263 142.53 -16.81 46.56
N HIS Z 264 142.41 -16.60 45.25
CA HIS Z 264 141.17 -16.18 44.59
C HIS Z 264 140.54 -17.24 43.67
N PHE Z 265 140.97 -18.50 43.82
CA PHE Z 265 140.41 -19.63 43.10
C PHE Z 265 139.15 -20.13 43.79
N PHE Z 266 138.03 -19.54 43.41
CA PHE Z 266 136.71 -19.83 43.97
C PHE Z 266 136.09 -21.09 43.37
N MET Z 267 134.96 -21.50 43.94
CA MET Z 267 134.25 -22.75 43.67
C MET Z 267 132.75 -22.46 43.78
N PRO Z 268 131.99 -22.32 42.68
CA PRO Z 268 130.63 -21.83 42.71
C PRO Z 268 129.59 -22.91 43.00
N GLY Z 269 128.36 -22.49 43.32
CA GLY Z 269 127.19 -23.33 43.47
C GLY Z 269 125.90 -22.54 43.31
N PHE Z 270 124.77 -23.24 43.24
CA PHE Z 270 123.45 -22.63 42.99
C PHE Z 270 122.36 -23.38 43.73
N ALA Z 271 121.31 -22.68 44.16
CA ALA Z 271 120.11 -23.23 44.77
C ALA Z 271 118.91 -22.37 44.40
N PRO Z 272 117.68 -22.88 44.42
CA PRO Z 272 117.31 -24.28 44.60
C PRO Z 272 117.58 -25.08 43.32
N LEU Z 273 118.12 -26.28 43.44
CA LEU Z 273 118.08 -27.30 42.39
C LEU Z 273 117.22 -28.46 42.87
N THR Z 274 116.23 -28.87 42.10
CA THR Z 274 115.29 -29.95 42.49
C THR Z 274 115.13 -30.93 41.35
N SER Z 275 114.96 -32.21 41.67
CA SER Z 275 114.56 -33.20 40.68
C SER Z 275 113.28 -32.76 39.98
N ARG Z 276 113.25 -32.76 38.66
CA ARG Z 276 112.17 -32.17 37.86
C ARG Z 276 110.78 -32.67 38.25
N GLY Z 277 110.65 -33.94 38.60
CA GLY Z 277 109.39 -34.56 39.02
C GLY Z 277 108.99 -34.33 40.49
N SER Z 278 109.79 -33.60 41.27
CA SER Z 278 109.63 -33.47 42.71
C SER Z 278 109.30 -32.06 43.21
N GLN Z 279 109.24 -31.03 42.36
CA GLN Z 279 109.16 -29.66 42.83
C GLN Z 279 107.97 -29.36 43.75
N GLN Z 280 106.77 -29.88 43.45
CA GLN Z 280 105.56 -29.60 44.25
C GLN Z 280 105.64 -30.04 45.72
N TYR Z 281 106.56 -30.93 46.08
CA TYR Z 281 106.70 -31.44 47.43
C TYR Z 281 107.70 -30.63 48.27
N ARG Z 282 108.47 -29.71 47.65
CA ARG Z 282 109.53 -28.94 48.30
C ARG Z 282 109.02 -27.56 48.74
N ALA Z 283 109.38 -27.12 49.94
CA ALA Z 283 109.13 -25.75 50.37
C ALA Z 283 110.34 -24.85 50.03
N LEU Z 284 110.19 -23.91 49.09
CA LEU Z 284 111.23 -22.91 48.81
C LEU Z 284 111.28 -21.90 49.94
N THR Z 285 112.37 -21.88 50.70
CA THR Z 285 112.57 -20.95 51.80
C THR Z 285 114.04 -20.92 52.22
N VAL Z 286 114.50 -19.85 52.86
CA VAL Z 286 115.91 -19.59 53.19
C VAL Z 286 116.63 -20.76 53.89
N PRO Z 287 116.07 -21.48 54.88
CA PRO Z 287 116.78 -22.61 55.48
C PRO Z 287 116.87 -23.85 54.59
N GLU Z 288 116.01 -24.04 53.60
CA GLU Z 288 116.18 -25.12 52.64
C GLU Z 288 117.19 -24.74 51.56
N LEU Z 289 117.14 -23.49 51.06
CA LEU Z 289 118.19 -22.95 50.20
C LEU Z 289 119.55 -23.07 50.88
N THR Z 290 119.65 -22.81 52.17
CA THR Z 290 120.90 -22.97 52.93
C THR Z 290 121.36 -24.43 53.03
N GLN Z 291 120.48 -25.37 53.41
CA GLN Z 291 120.84 -26.80 53.55
C GLN Z 291 121.19 -27.48 52.22
N GLN Z 292 120.80 -26.91 51.08
CA GLN Z 292 121.32 -27.31 49.77
C GLN Z 292 122.66 -26.63 49.45
N MET Z 293 122.70 -25.30 49.54
CA MET Z 293 123.82 -24.46 49.17
C MET Z 293 125.12 -24.85 49.85
N PHE Z 294 125.10 -25.12 51.16
CA PHE Z 294 126.29 -25.47 51.92
C PHE Z 294 126.62 -26.97 51.96
N ASP Z 295 125.99 -27.80 51.14
CA ASP Z 295 126.24 -29.25 51.09
C ASP Z 295 127.13 -29.63 49.89
N ALA Z 296 128.08 -30.49 50.17
CA ALA Z 296 129.22 -30.92 49.35
C ALA Z 296 128.83 -31.42 47.96
N LYS Z 297 127.60 -31.94 47.79
CA LYS Z 297 127.06 -32.39 46.51
C LYS Z 297 126.65 -31.26 45.56
N ASN Z 298 126.46 -30.04 46.06
CA ASN Z 298 125.99 -28.91 45.25
C ASN Z 298 127.11 -28.12 44.55
N MET Z 299 128.33 -28.09 45.07
CA MET Z 299 129.43 -27.29 44.52
C MET Z 299 129.93 -27.83 43.18
N MET Z 300 130.27 -26.94 42.26
CA MET Z 300 130.62 -27.24 40.86
C MET Z 300 132.11 -27.52 40.59
N ALA Z 301 132.89 -27.88 41.62
CA ALA Z 301 134.22 -28.45 41.49
C ALA Z 301 134.31 -29.76 42.30
N ALA Z 302 135.15 -30.71 41.87
CA ALA Z 302 135.19 -32.04 42.49
C ALA Z 302 135.61 -32.07 43.96
N CYS Z 303 136.23 -31.01 44.46
CA CYS Z 303 136.65 -30.87 45.85
C CYS Z 303 135.46 -31.01 46.80
N ASP Z 304 135.52 -32.01 47.68
CA ASP Z 304 134.63 -32.01 48.84
C ASP Z 304 135.15 -31.01 49.85
N PRO Z 305 134.40 -29.98 50.24
CA PRO Z 305 134.87 -29.02 51.22
C PRO Z 305 135.19 -29.65 52.58
N ARG Z 306 134.68 -30.84 52.88
CA ARG Z 306 135.05 -31.60 54.09
C ARG Z 306 136.51 -32.07 54.10
N HIS Z 307 137.25 -31.91 53.00
CA HIS Z 307 138.71 -32.12 52.91
C HIS Z 307 139.55 -30.84 53.15
N GLY Z 308 138.94 -29.74 53.54
CA GLY Z 308 139.61 -28.48 53.86
C GLY Z 308 138.87 -27.65 54.89
N ARG Z 309 139.05 -26.33 54.84
CA ARG Z 309 138.26 -25.32 55.54
C ARG Z 309 137.97 -24.18 54.56
N TYR Z 310 136.83 -23.51 54.64
CA TYR Z 310 136.60 -22.27 53.91
C TYR Z 310 137.41 -21.12 54.51
N LEU Z 311 137.90 -20.23 53.66
CA LEU Z 311 138.43 -18.93 54.05
C LEU Z 311 137.26 -17.96 54.19
N THR Z 312 136.59 -17.72 53.07
CA THR Z 312 135.35 -16.95 52.96
C THR Z 312 134.35 -17.71 52.10
N VAL Z 313 133.07 -17.59 52.42
CA VAL Z 313 131.97 -17.94 51.52
C VAL Z 313 131.15 -16.68 51.26
N ALA Z 314 130.70 -16.45 50.04
CA ALA Z 314 129.68 -15.44 49.76
C ALA Z 314 128.39 -16.12 49.34
N ALA Z 315 127.29 -15.79 50.00
CA ALA Z 315 125.95 -16.21 49.60
C ALA Z 315 125.17 -15.02 49.05
N ILE Z 316 125.03 -14.93 47.73
CA ILE Z 316 124.28 -13.88 47.03
C ILE Z 316 122.86 -14.39 46.79
N PHE Z 317 121.98 -14.09 47.74
CA PHE Z 317 120.57 -14.40 47.68
C PHE Z 317 119.81 -13.44 46.74
N ARG Z 318 118.72 -13.94 46.18
CA ARG Z 318 117.78 -13.20 45.36
C ARG Z 318 116.36 -13.55 45.79
N GLY Z 319 115.49 -12.57 45.87
CA GLY Z 319 114.08 -12.75 46.24
C GLY Z 319 113.64 -11.91 47.43
N ARG Z 320 112.33 -11.88 47.70
CA ARG Z 320 111.77 -11.20 48.86
C ARG Z 320 111.93 -12.08 50.11
N MET Z 321 112.89 -11.74 50.97
CA MET Z 321 113.24 -12.52 52.16
C MET Z 321 113.70 -11.64 53.33
N SER Z 322 113.59 -12.17 54.54
CA SER Z 322 113.97 -11.49 55.77
C SER Z 322 115.49 -11.41 55.95
N MET Z 323 116.00 -10.24 56.34
CA MET Z 323 117.39 -10.12 56.73
C MET Z 323 117.70 -10.84 58.05
N LYS Z 324 116.77 -10.92 59.02
CA LYS Z 324 116.95 -11.74 60.21
C LYS Z 324 117.15 -13.20 59.83
N GLU Z 325 116.29 -13.75 58.97
CA GLU Z 325 116.37 -15.15 58.55
C GLU Z 325 117.65 -15.45 57.76
N VAL Z 326 118.07 -14.58 56.84
CA VAL Z 326 119.37 -14.74 56.16
C VAL Z 326 120.50 -14.67 57.17
N ASP Z 327 120.53 -13.67 58.03
CA ASP Z 327 121.64 -13.48 58.98
C ASP Z 327 121.69 -14.59 60.06
N GLU Z 328 120.55 -15.13 60.46
CA GLU Z 328 120.36 -16.32 61.30
C GLU Z 328 120.96 -17.55 60.64
N GLN Z 329 120.64 -17.84 59.36
CA GLN Z 329 121.12 -19.07 58.73
C GLN Z 329 122.62 -19.01 58.42
N MET Z 330 123.13 -17.87 57.96
CA MET Z 330 124.55 -17.71 57.71
C MET Z 330 125.40 -17.67 59.00
N LEU Z 331 124.78 -17.47 60.16
CA LEU Z 331 125.37 -17.70 61.48
C LEU Z 331 125.30 -19.17 61.88
N ASN Z 332 124.12 -19.78 61.80
CA ASN Z 332 123.90 -21.16 62.23
C ASN Z 332 124.80 -22.11 61.46
N VAL Z 333 124.98 -21.94 60.15
CA VAL Z 333 125.91 -22.75 59.36
C VAL Z 333 127.31 -22.73 59.91
N GLN Z 334 127.93 -21.55 60.09
CA GLN Z 334 129.35 -21.50 60.46
C GLN Z 334 129.65 -21.71 61.95
N ASN Z 335 128.62 -21.83 62.79
CA ASN Z 335 128.75 -22.23 64.18
C ASN Z 335 128.54 -23.73 64.35
N LYS Z 336 127.55 -24.32 63.67
CA LYS Z 336 127.30 -25.76 63.68
C LYS Z 336 128.30 -26.56 62.83
N ASN Z 337 128.96 -25.93 61.86
CA ASN Z 337 130.03 -26.50 61.03
C ASN Z 337 131.40 -25.83 61.29
N SER Z 338 131.69 -25.37 62.51
CA SER Z 338 132.84 -24.50 62.81
C SER Z 338 134.21 -25.12 62.48
N SER Z 339 134.34 -26.44 62.50
CA SER Z 339 135.52 -27.19 62.07
C SER Z 339 135.82 -27.08 60.56
N TYR Z 340 134.92 -26.54 59.76
CA TYR Z 340 135.09 -26.36 58.31
C TYR Z 340 135.29 -24.91 57.87
N PHE Z 341 135.56 -23.99 58.78
CA PHE Z 341 135.86 -22.57 58.50
C PHE Z 341 137.15 -22.17 59.22
N VAL Z 342 137.98 -21.29 58.66
CA VAL Z 342 139.21 -20.91 59.36
C VAL Z 342 138.91 -20.04 60.59
N GLU Z 343 139.56 -20.35 61.72
CA GLU Z 343 139.22 -19.73 63.01
C GLU Z 343 140.03 -18.46 63.35
N TRP Z 344 140.85 -17.97 62.43
CA TRP Z 344 141.49 -16.66 62.47
C TRP Z 344 140.73 -15.57 61.70
N ILE Z 345 139.60 -15.92 61.07
CA ILE Z 345 138.60 -14.96 60.56
C ILE Z 345 137.35 -15.07 61.45
N PRO Z 346 136.85 -13.97 62.04
CA PRO Z 346 135.78 -14.02 63.05
C PRO Z 346 134.37 -14.21 62.48
N ASN Z 347 134.15 -13.90 61.20
CA ASN Z 347 132.97 -14.25 60.43
C ASN Z 347 133.43 -14.60 59.01
N ASN Z 348 133.15 -15.79 58.54
CA ASN Z 348 133.58 -16.27 57.24
C ASN Z 348 132.55 -16.04 56.13
N VAL Z 349 131.32 -15.63 56.43
CA VAL Z 349 130.26 -15.50 55.41
C VAL Z 349 129.97 -14.03 55.10
N LYS Z 350 130.11 -13.65 53.83
CA LYS Z 350 129.54 -12.46 53.20
C LYS Z 350 128.10 -12.78 52.77
N THR Z 351 127.16 -11.86 52.95
CA THR Z 351 125.79 -12.01 52.42
C THR Z 351 125.48 -10.87 51.48
N ALA Z 352 124.66 -11.12 50.47
CA ALA Z 352 124.03 -10.08 49.66
C ALA Z 352 122.61 -10.52 49.34
N VAL Z 353 121.71 -9.58 49.12
CA VAL Z 353 120.28 -9.85 48.96
C VAL Z 353 119.73 -8.92 47.90
N CYS Z 354 119.37 -9.47 46.74
CA CYS Z 354 118.70 -8.78 45.66
C CYS Z 354 117.18 -8.94 45.74
N ASP Z 355 116.42 -7.91 45.39
CA ASP Z 355 114.96 -7.90 45.45
C ASP Z 355 114.26 -8.66 44.30
N ILE Z 356 115.01 -9.11 43.29
CA ILE Z 356 114.49 -9.67 42.04
C ILE Z 356 115.02 -11.10 41.83
N PRO Z 357 114.24 -12.15 42.14
CA PRO Z 357 114.64 -13.54 41.95
C PRO Z 357 114.55 -13.95 40.47
N PRO Z 358 115.25 -15.01 40.04
CA PRO Z 358 115.26 -15.43 38.64
C PRO Z 358 113.85 -15.70 38.13
N ARG Z 359 113.59 -15.49 36.84
CA ARG Z 359 112.25 -15.67 36.26
C ARG Z 359 111.76 -17.10 36.49
N GLY Z 360 110.62 -17.28 37.14
CA GLY Z 360 110.07 -18.59 37.51
C GLY Z 360 110.54 -19.19 38.84
N LEU Z 361 111.29 -18.51 39.71
CA LEU Z 361 111.37 -19.02 41.09
C LEU Z 361 111.32 -17.92 42.14
N LYS Z 362 110.69 -18.20 43.29
CA LYS Z 362 110.38 -17.22 44.34
C LYS Z 362 111.61 -16.68 45.05
N MET Z 363 112.67 -17.46 45.09
CA MET Z 363 113.96 -17.12 45.69
C MET Z 363 115.06 -17.86 44.95
N SER Z 364 116.30 -17.43 45.05
CA SER Z 364 117.46 -18.20 44.61
C SER Z 364 118.70 -17.78 45.38
N ALA Z 365 119.72 -18.62 45.45
CA ALA Z 365 121.01 -18.29 46.05
C ALA Z 365 122.15 -18.77 45.14
N THR Z 366 123.07 -17.87 44.82
CA THR Z 366 124.35 -18.25 44.20
C THR Z 366 125.41 -18.27 45.28
N PHE Z 367 126.12 -19.36 45.36
CA PHE Z 367 127.15 -19.63 46.36
C PHE Z 367 128.52 -19.47 45.75
N ILE Z 368 129.43 -18.80 46.43
CA ILE Z 368 130.84 -18.74 46.06
C ILE Z 368 131.66 -19.20 47.24
N GLY Z 369 132.35 -20.32 47.12
CA GLY Z 369 133.26 -20.80 48.12
C GLY Z 369 134.70 -20.43 47.80
N ASN Z 370 135.44 -19.94 48.77
CA ASN Z 370 136.89 -20.00 48.77
C ASN Z 370 137.31 -20.99 49.86
N SER Z 371 137.98 -22.07 49.53
CA SER Z 371 138.35 -23.11 50.49
C SER Z 371 139.69 -23.74 50.19
N THR Z 372 140.43 -24.07 51.24
CA THR Z 372 141.69 -24.80 51.17
C THR Z 372 141.53 -26.17 50.52
N ALA Z 373 140.31 -26.72 50.44
CA ALA Z 373 140.01 -27.93 49.69
C ALA Z 373 140.28 -27.80 48.18
N ILE Z 374 140.35 -26.58 47.61
CA ILE Z 374 140.74 -26.40 46.20
C ILE Z 374 142.18 -26.85 45.93
N GLN Z 375 142.98 -27.12 46.97
CA GLN Z 375 144.27 -27.77 46.81
C GLN Z 375 144.15 -29.10 46.06
N GLU Z 376 143.05 -29.84 46.23
CA GLU Z 376 142.89 -31.17 45.61
C GLU Z 376 142.72 -31.09 44.11
N LEU Z 377 142.13 -30.02 43.60
CA LEU Z 377 141.99 -29.79 42.17
C LEU Z 377 143.35 -29.50 41.54
N PHE Z 378 144.14 -28.61 42.15
CA PHE Z 378 145.50 -28.35 41.68
C PHE Z 378 146.47 -29.50 41.90
N LYS Z 379 146.30 -30.30 42.95
CA LYS Z 379 147.17 -31.45 43.25
C LYS Z 379 147.02 -32.54 42.19
N ARG Z 380 145.81 -32.95 41.86
CA ARG Z 380 145.59 -34.07 40.92
C ARG Z 380 145.99 -33.71 39.49
N ILE Z 381 145.83 -32.47 39.06
CA ILE Z 381 146.42 -32.01 37.80
C ILE Z 381 147.94 -32.06 37.88
N SER Z 382 148.55 -31.55 38.96
CA SER Z 382 150.00 -31.55 39.12
C SER Z 382 150.64 -32.95 39.13
N GLU Z 383 149.98 -33.96 39.72
CA GLU Z 383 150.43 -35.35 39.68
C GLU Z 383 150.18 -36.06 38.34
N GLN Z 384 149.11 -35.76 37.60
CA GLN Z 384 148.99 -36.23 36.20
C GLN Z 384 150.06 -35.60 35.30
N PHE Z 385 150.32 -34.30 35.44
CA PHE Z 385 151.39 -33.62 34.74
C PHE Z 385 152.73 -34.28 35.03
N THR Z 386 153.04 -34.53 36.29
CA THR Z 386 154.31 -35.08 36.71
C THR Z 386 154.56 -36.46 36.09
N ALA Z 387 153.58 -37.34 36.10
CA ALA Z 387 153.74 -38.70 35.59
C ALA Z 387 154.02 -38.77 34.08
N MET Z 388 153.50 -37.82 33.29
CA MET Z 388 153.88 -37.69 31.88
C MET Z 388 155.23 -37.00 31.70
N PHE Z 389 155.45 -35.91 32.43
CA PHE Z 389 156.61 -35.07 32.24
C PHE Z 389 157.92 -35.74 32.65
N ARG Z 390 157.93 -36.65 33.63
CA ARG Z 390 159.16 -37.39 34.00
C ARG Z 390 159.75 -38.16 32.83
N ARG Z 391 158.95 -38.53 31.83
CA ARG Z 391 159.35 -39.22 30.59
C ARG Z 391 159.24 -38.35 29.34
N LYS Z 392 159.11 -37.02 29.51
CA LYS Z 392 159.04 -36.01 28.44
C LYS Z 392 157.97 -36.28 27.37
N ALA Z 393 156.96 -37.08 27.68
CA ALA Z 393 155.99 -37.53 26.69
C ALA Z 393 155.25 -36.35 26.07
N PHE Z 394 154.91 -36.41 24.78
CA PHE Z 394 154.20 -35.38 24.02
C PHE Z 394 154.89 -34.00 23.90
N LEU Z 395 156.07 -33.75 24.48
CA LEU Z 395 156.65 -32.40 24.51
C LEU Z 395 157.10 -31.87 23.15
N HIS Z 396 157.25 -32.70 22.11
CA HIS Z 396 157.67 -32.22 20.79
C HIS Z 396 156.59 -31.37 20.11
N TRP Z 397 155.32 -31.56 20.45
CA TRP Z 397 154.22 -30.72 19.98
C TRP Z 397 154.23 -29.31 20.57
N TYR Z 398 154.79 -29.12 21.76
CA TYR Z 398 154.91 -27.82 22.44
C TYR Z 398 156.24 -27.15 22.15
N THR Z 399 157.33 -27.88 22.25
CA THR Z 399 158.67 -27.39 21.89
C THR Z 399 158.79 -27.13 20.39
N GLY Z 400 157.98 -27.77 19.54
CA GLY Z 400 157.85 -27.43 18.12
C GLY Z 400 157.32 -26.02 17.87
N GLU Z 401 156.48 -25.49 18.75
CA GLU Z 401 156.02 -24.09 18.76
C GLU Z 401 157.04 -23.12 19.39
N GLY Z 402 158.26 -23.56 19.66
CA GLY Z 402 159.35 -22.79 20.24
C GLY Z 402 159.30 -22.59 21.75
N MET Z 403 158.44 -23.33 22.45
CA MET Z 403 158.34 -23.32 23.90
C MET Z 403 159.53 -24.08 24.53
N ASP Z 404 160.03 -23.64 25.68
CA ASP Z 404 161.11 -24.35 26.40
C ASP Z 404 160.58 -25.48 27.29
N GLU Z 405 161.39 -26.52 27.50
CA GLU Z 405 161.18 -27.45 28.60
C GLU Z 405 161.21 -26.71 29.96
N MET Z 406 162.04 -25.68 30.09
CA MET Z 406 162.07 -24.83 31.28
C MET Z 406 160.72 -24.19 31.60
N GLU Z 407 159.84 -23.96 30.62
CA GLU Z 407 158.54 -23.35 30.91
C GLU Z 407 157.57 -24.34 31.57
N PHE Z 408 157.72 -25.62 31.27
CA PHE Z 408 156.97 -26.68 31.93
C PHE Z 408 157.44 -26.83 33.37
N THR Z 409 158.75 -26.90 33.59
CA THR Z 409 159.34 -26.95 34.93
C THR Z 409 158.89 -25.76 35.77
N GLU Z 410 158.87 -24.56 35.20
CA GLU Z 410 158.45 -23.34 35.89
C GLU Z 410 156.94 -23.24 36.11
N ALA Z 411 156.11 -23.76 35.21
CA ALA Z 411 154.68 -23.85 35.42
C ALA Z 411 154.30 -24.82 36.57
N GLU Z 412 154.84 -26.03 36.58
CA GLU Z 412 154.58 -27.01 37.66
C GLU Z 412 155.17 -26.55 39.00
N SER Z 413 156.24 -25.75 38.97
CA SER Z 413 156.81 -25.10 40.15
C SER Z 413 155.82 -24.09 40.75
N ASN Z 414 155.27 -23.21 39.92
CA ASN Z 414 154.24 -22.25 40.30
C ASN Z 414 152.89 -22.89 40.70
N MET Z 415 152.55 -24.06 40.13
CA MET Z 415 151.42 -24.86 40.56
C MET Z 415 151.61 -25.38 41.99
N ASN Z 416 152.73 -26.01 42.33
CA ASN Z 416 152.99 -26.45 43.70
C ASN Z 416 153.06 -25.28 44.70
N ASP Z 417 153.49 -24.09 44.27
CA ASP Z 417 153.45 -22.88 45.08
C ASP Z 417 152.01 -22.45 45.38
N LEU Z 418 151.07 -22.59 44.45
CA LEU Z 418 149.64 -22.38 44.70
C LEU Z 418 149.03 -23.46 45.61
N VAL Z 419 149.41 -24.73 45.45
CA VAL Z 419 148.99 -25.80 46.35
C VAL Z 419 149.46 -25.54 47.77
N SER Z 420 150.71 -25.09 47.93
CA SER Z 420 151.31 -24.85 49.24
C SER Z 420 150.67 -23.70 50.00
N GLU Z 421 150.25 -22.62 49.32
CA GLU Z 421 149.59 -21.48 49.95
C GLU Z 421 148.17 -21.81 50.43
N TYR Z 422 147.40 -22.63 49.73
CA TYR Z 422 146.14 -23.13 50.29
C TYR Z 422 146.35 -24.13 51.43
N GLN Z 423 147.28 -25.07 51.29
CA GLN Z 423 147.60 -26.03 52.36
C GLN Z 423 148.18 -25.37 53.62
N GLN Z 424 148.81 -24.21 53.51
CA GLN Z 424 149.33 -23.42 54.64
C GLN Z 424 148.24 -22.99 55.61
N TYR Z 425 147.07 -22.55 55.13
CA TYR Z 425 145.97 -22.13 55.99
C TYR Z 425 145.01 -23.26 56.40
N GLN Z 426 145.31 -24.51 56.09
CA GLN Z 426 144.49 -25.68 56.42
C GLN Z 426 144.24 -25.81 57.92
N MET AA 1 124.89 28.09 -11.21
CA MET AA 1 125.12 27.84 -9.77
C MET AA 1 126.06 26.67 -9.57
N ARG AA 2 127.37 26.93 -9.59
CA ARG AA 2 128.45 25.95 -9.36
C ARG AA 2 128.36 24.73 -10.25
N GLU AA 3 128.14 24.97 -11.53
CA GLU AA 3 128.15 23.93 -12.54
C GLU AA 3 129.49 23.19 -12.55
N ILE AA 4 129.46 21.89 -12.86
CA ILE AA 4 130.64 21.10 -13.18
C ILE AA 4 130.56 20.63 -14.63
N VAL AA 5 131.72 20.63 -15.27
CA VAL AA 5 131.94 20.03 -16.60
C VAL AA 5 132.70 18.73 -16.39
N HIS AA 6 132.18 17.64 -16.92
CA HIS AA 6 132.74 16.31 -16.72
C HIS AA 6 133.31 15.75 -18.01
N LEU AA 7 134.49 15.13 -17.98
CA LEU AA 7 135.17 14.68 -19.19
C LEU AA 7 135.65 13.25 -19.02
N GLN AA 8 135.38 12.39 -20.00
CA GLN AA 8 135.73 10.97 -19.96
C GLN AA 8 136.80 10.62 -21.00
N ALA AA 9 137.91 10.00 -20.63
CA ALA AA 9 138.98 9.66 -21.58
C ALA AA 9 139.41 8.18 -21.61
N GLY AA 10 139.47 7.61 -22.81
CA GLY AA 10 139.89 6.23 -23.03
C GLY AA 10 138.84 5.20 -22.62
N GLN AA 11 139.17 3.90 -22.60
CA GLN AA 11 138.19 2.89 -22.20
C GLN AA 11 137.85 3.04 -20.71
N CYS AA 12 138.81 3.06 -19.80
CA CYS AA 12 138.53 3.12 -18.37
C CYS AA 12 137.76 4.38 -17.98
N GLY AA 13 138.18 5.56 -18.43
CA GLY AA 13 137.53 6.83 -18.11
C GLY AA 13 136.08 6.91 -18.58
N ASN AA 14 135.79 6.37 -19.77
CA ASN AA 14 134.43 6.26 -20.29
C ASN AA 14 133.61 5.18 -19.59
N GLN AA 15 134.22 4.18 -18.99
CA GLN AA 15 133.51 3.12 -18.28
C GLN AA 15 133.19 3.50 -16.83
N ILE AA 16 134.13 4.07 -16.07
CA ILE AA 16 133.84 4.65 -14.75
C ILE AA 16 132.91 5.86 -14.88
N GLY AA 17 133.02 6.64 -15.95
CA GLY AA 17 132.12 7.74 -16.29
C GLY AA 17 130.70 7.30 -16.67
N ALA AA 18 130.53 6.36 -17.59
CA ALA AA 18 129.23 5.87 -17.98
C ALA AA 18 128.48 5.14 -16.85
N LYS AA 19 129.18 4.61 -15.83
CA LYS AA 19 128.57 4.14 -14.59
C LYS AA 19 128.24 5.31 -13.66
N PHE AA 20 129.12 6.28 -13.50
CA PHE AA 20 128.83 7.48 -12.72
C PHE AA 20 127.53 8.16 -13.17
N TRP AA 21 127.30 8.31 -14.47
CA TRP AA 21 126.07 8.89 -14.99
C TRP AA 21 124.81 8.07 -14.74
N GLU AA 22 124.90 6.77 -14.53
CA GLU AA 22 123.80 5.95 -14.06
C GLU AA 22 123.53 6.16 -12.56
N VAL AA 23 124.58 6.33 -11.74
CA VAL AA 23 124.46 6.62 -10.31
C VAL AA 23 123.86 8.00 -10.03
N ILE AA 24 124.39 9.08 -10.60
CA ILE AA 24 123.85 10.39 -10.30
C ILE AA 24 122.50 10.65 -11.01
N SER AA 25 122.17 9.93 -12.07
CA SER AA 25 120.82 9.98 -12.62
C SER AA 25 119.80 9.28 -11.71
N ASP AA 26 120.19 8.24 -10.97
CA ASP AA 26 119.32 7.61 -9.97
C ASP AA 26 119.06 8.54 -8.78
N GLU AA 27 120.11 9.23 -8.32
CA GLU AA 27 120.03 10.25 -7.27
C GLU AA 27 119.12 11.41 -7.63
N HIS AA 28 119.33 12.01 -8.80
CA HIS AA 28 118.54 13.13 -9.29
C HIS AA 28 117.21 12.68 -9.93
N GLY AA 29 116.90 11.39 -9.97
CA GLY AA 29 115.62 10.87 -10.45
C GLY AA 29 115.38 11.14 -11.92
N ILE AA 30 116.40 10.96 -12.75
CA ILE AA 30 116.36 11.12 -14.20
C ILE AA 30 116.30 9.75 -14.85
N ASP AA 31 115.35 9.60 -15.75
CA ASP AA 31 115.08 8.42 -16.57
C ASP AA 31 116.17 8.21 -17.64
N PRO AA 32 116.48 6.99 -18.09
CA PRO AA 32 117.40 6.75 -19.20
C PRO AA 32 117.09 7.51 -20.49
N THR AA 33 115.87 8.01 -20.66
CA THR AA 33 115.44 8.87 -21.77
C THR AA 33 115.94 10.33 -21.61
N GLY AA 34 116.33 10.70 -20.39
CA GLY AA 34 116.65 12.07 -19.98
C GLY AA 34 115.49 12.82 -19.32
N ALA AA 35 114.29 12.25 -19.25
CA ALA AA 35 113.13 12.85 -18.58
C ALA AA 35 113.23 12.76 -17.04
N TYR AA 36 112.79 13.76 -16.28
CA TYR AA 36 112.74 13.66 -14.82
C TYR AA 36 111.54 12.84 -14.32
N HIS AA 37 111.78 11.90 -13.40
CA HIS AA 37 110.80 10.99 -12.83
C HIS AA 37 110.97 10.81 -11.30
N GLY AA 38 111.73 11.67 -10.65
CA GLY AA 38 112.05 11.57 -9.23
C GLY AA 38 110.90 11.88 -8.26
N ASP AA 39 111.13 11.61 -6.98
CA ASP AA 39 110.22 11.84 -5.86
C ASP AA 39 110.17 13.32 -5.42
N SER AA 40 111.32 13.97 -5.36
CA SER AA 40 111.58 15.09 -4.46
C SER AA 40 112.06 16.34 -5.15
N ASP AA 41 111.68 17.49 -4.60
CA ASP AA 41 112.13 18.79 -5.10
C ASP AA 41 113.65 18.97 -4.98
N LEU AA 42 114.28 18.36 -3.96
CA LEU AA 42 115.72 18.48 -3.73
C LEU AA 42 116.53 17.82 -4.85
N GLN AA 43 115.98 16.80 -5.50
CA GLN AA 43 116.57 16.19 -6.68
C GLN AA 43 116.65 17.15 -7.86
N LEU AA 44 115.67 18.04 -7.97
CA LEU AA 44 115.54 18.98 -9.08
C LEU AA 44 116.22 20.33 -8.79
N GLU AA 45 116.31 20.73 -7.53
CA GLU AA 45 116.87 22.01 -7.08
C GLU AA 45 118.28 22.30 -7.62
N ARG AA 46 119.15 21.28 -7.71
CA ARG AA 46 120.53 21.41 -8.19
C ARG AA 46 120.86 20.53 -9.40
N ILE AA 47 119.86 20.12 -10.16
CA ILE AA 47 120.06 19.30 -11.37
C ILE AA 47 120.97 20.00 -12.39
N ASN AA 48 121.03 21.33 -12.37
CA ASN AA 48 121.95 22.11 -13.19
C ASN AA 48 123.42 21.82 -12.89
N VAL AA 49 123.81 21.27 -11.75
CA VAL AA 49 125.23 21.00 -11.42
C VAL AA 49 125.88 20.03 -12.40
N TYR AA 50 125.13 19.05 -12.89
CA TYR AA 50 125.62 18.03 -13.81
C TYR AA 50 124.86 17.96 -15.13
N TYR AA 51 123.75 18.70 -15.29
CA TYR AA 51 122.91 18.60 -16.48
C TYR AA 51 122.55 19.98 -17.05
N ASN AA 52 122.20 20.02 -18.32
CA ASN AA 52 121.59 21.15 -18.99
C ASN AA 52 120.08 20.88 -19.14
N GLU AA 53 119.24 21.87 -18.86
CA GLU AA 53 117.82 21.80 -19.23
C GLU AA 53 117.68 21.93 -20.75
N ALA AA 54 116.83 21.10 -21.36
CA ALA AA 54 116.44 21.18 -22.76
C ALA AA 54 114.91 21.02 -22.92
N THR AA 55 114.39 21.20 -24.13
CA THR AA 55 112.95 21.28 -24.39
C THR AA 55 112.17 20.07 -23.91
N GLY AA 56 110.92 20.26 -23.46
CA GLY AA 56 110.09 19.20 -22.87
C GLY AA 56 110.53 18.77 -21.46
N GLY AA 57 111.35 19.56 -20.77
CA GLY AA 57 111.96 19.23 -19.48
C GLY AA 57 112.84 17.98 -19.51
N LYS AA 58 113.43 17.66 -20.67
CA LYS AA 58 114.51 16.67 -20.82
C LYS AA 58 115.81 17.28 -20.31
N TYR AA 59 116.59 16.48 -19.58
CA TYR AA 59 117.87 16.87 -19.03
C TYR AA 59 118.99 16.17 -19.78
N VAL AA 60 120.00 16.94 -20.20
CA VAL AA 60 121.14 16.44 -20.98
C VAL AA 60 122.40 16.61 -20.15
N PRO AA 61 123.11 15.53 -19.78
CA PRO AA 61 124.26 15.64 -18.92
C PRO AA 61 125.43 16.35 -19.59
N ARG AA 62 126.13 17.16 -18.81
CA ARG AA 62 127.28 17.96 -19.21
C ARG AA 62 128.58 17.15 -19.22
N ALA AA 63 128.53 16.00 -19.85
CA ALA AA 63 129.70 15.19 -20.17
C ALA AA 63 130.27 15.55 -21.54
N VAL AA 64 131.60 15.51 -21.67
CA VAL AA 64 132.30 15.36 -22.95
C VAL AA 64 132.93 13.96 -22.95
N LEU AA 65 132.73 13.22 -24.03
CA LEU AA 65 133.18 11.84 -24.16
C LEU AA 65 134.30 11.80 -25.19
N VAL AA 66 135.50 11.43 -24.78
CA VAL AA 66 136.72 11.47 -25.62
C VAL AA 66 137.36 10.10 -25.72
N ASP AA 67 137.68 9.68 -26.93
CA ASP AA 67 138.38 8.43 -27.23
C ASP AA 67 139.11 8.57 -28.57
N LEU AA 68 140.11 7.75 -28.83
CA LEU AA 68 140.80 7.69 -30.13
C LEU AA 68 140.29 6.54 -31.01
N GLU AA 69 139.39 5.72 -30.49
CA GLU AA 69 138.71 4.60 -31.13
C GLU AA 69 137.18 4.80 -31.09
N PRO AA 70 136.40 4.36 -32.08
CA PRO AA 70 134.95 4.45 -32.04
C PRO AA 70 134.31 3.43 -31.08
N GLY AA 71 134.92 2.25 -30.89
CA GLY AA 71 134.34 1.11 -30.18
C GLY AA 71 133.90 1.38 -28.74
N THR AA 72 134.55 2.26 -27.97
CA THR AA 72 134.00 2.61 -26.64
C THR AA 72 132.83 3.58 -26.72
N MET AA 73 132.80 4.52 -27.66
CA MET AA 73 131.62 5.34 -27.93
C MET AA 73 130.43 4.48 -28.32
N ASP AA 74 130.64 3.50 -29.19
CA ASP AA 74 129.63 2.53 -29.59
C ASP AA 74 129.12 1.70 -28.40
N SER AA 75 130.00 1.36 -27.46
CA SER AA 75 129.64 0.61 -26.26
C SER AA 75 128.89 1.46 -25.23
N VAL AA 76 129.23 2.74 -25.09
CA VAL AA 76 128.53 3.69 -24.24
C VAL AA 76 127.17 4.08 -24.83
N ARG AA 77 127.12 4.50 -26.09
CA ARG AA 77 125.91 4.94 -26.81
C ARG AA 77 124.83 3.86 -26.87
N SER AA 78 125.21 2.60 -26.99
CA SER AA 78 124.33 1.42 -26.93
C SER AA 78 124.01 0.93 -25.50
N GLY AA 79 124.64 1.48 -24.48
CA GLY AA 79 124.59 0.98 -23.10
C GLY AA 79 123.31 1.33 -22.32
N PRO AA 80 123.27 1.01 -21.01
CA PRO AA 80 122.12 1.24 -20.14
C PRO AA 80 121.57 2.68 -20.13
N PHE AA 81 122.47 3.66 -20.22
CA PHE AA 81 122.15 5.10 -20.20
C PHE AA 81 122.70 5.85 -21.42
N GLY AA 82 123.16 5.16 -22.45
CA GLY AA 82 123.87 5.76 -23.57
C GLY AA 82 123.14 6.85 -24.34
N GLN AA 83 121.81 6.77 -24.40
CA GLN AA 83 120.97 7.70 -25.14
C GLN AA 83 120.83 9.06 -24.43
N ILE AA 84 121.32 9.19 -23.20
CA ILE AA 84 121.20 10.42 -22.42
C ILE AA 84 122.13 11.53 -22.95
N PHE AA 85 123.35 11.19 -23.36
CA PHE AA 85 124.41 12.16 -23.73
C PHE AA 85 124.13 12.88 -25.04
N ARG AA 86 124.65 14.10 -25.20
CA ARG AA 86 124.50 14.88 -26.44
C ARG AA 86 125.31 14.24 -27.58
N PRO AA 87 124.73 13.91 -28.75
CA PRO AA 87 125.48 13.34 -29.87
C PRO AA 87 126.73 14.13 -30.27
N ASP AA 88 126.68 15.47 -30.22
CA ASP AA 88 127.84 16.34 -30.49
C ASP AA 88 128.99 16.21 -29.47
N ASN AA 89 128.72 15.72 -28.26
CA ASN AA 89 129.71 15.61 -27.20
C ASN AA 89 130.52 14.32 -27.25
N PHE AA 90 130.14 13.35 -28.08
CA PHE AA 90 130.98 12.21 -28.42
C PHE AA 90 132.03 12.67 -29.44
N VAL AA 91 133.26 12.91 -28.99
CA VAL AA 91 134.38 13.36 -29.82
C VAL AA 91 135.39 12.22 -29.94
N PHE AA 92 135.66 11.73 -31.15
CA PHE AA 92 136.48 10.54 -31.32
C PHE AA 92 137.28 10.50 -32.61
N GLY AA 93 138.40 9.79 -32.57
CA GLY AA 93 139.22 9.40 -33.73
C GLY AA 93 138.77 8.08 -34.37
N GLN AA 94 139.63 7.46 -35.19
CA GLN AA 94 139.40 6.12 -35.76
C GLN AA 94 140.49 5.11 -35.38
N SER AA 95 141.76 5.42 -35.62
CA SER AA 95 142.91 4.61 -35.18
C SER AA 95 143.27 4.89 -33.73
N GLY AA 96 143.36 3.87 -32.88
CA GLY AA 96 143.56 4.03 -31.44
C GLY AA 96 144.91 4.57 -30.99
N ALA AA 97 145.11 4.65 -29.68
CA ALA AA 97 146.37 5.06 -29.07
C ALA AA 97 147.44 3.95 -29.02
N GLY AA 98 147.16 2.70 -29.38
CA GLY AA 98 148.16 1.63 -29.34
C GLY AA 98 148.76 1.37 -27.94
N ASN AA 99 148.08 1.77 -26.86
CA ASN AA 99 148.62 1.84 -25.51
C ASN AA 99 149.90 2.67 -25.39
N ASN AA 100 150.00 3.73 -26.17
CA ASN AA 100 151.16 4.59 -26.27
C ASN AA 100 150.83 6.01 -25.79
N TRP AA 101 151.48 6.50 -24.73
CA TRP AA 101 151.30 7.87 -24.26
C TRP AA 101 151.60 8.90 -25.34
N ALA AA 102 152.65 8.70 -26.13
CA ALA AA 102 153.08 9.64 -27.13
C ALA AA 102 152.10 9.72 -28.30
N LYS AA 103 151.37 8.64 -28.64
CA LYS AA 103 150.23 8.74 -29.58
C LYS AA 103 149.12 9.58 -29.02
N GLY AA 104 148.73 9.38 -27.76
CA GLY AA 104 147.78 10.25 -27.09
C GLY AA 104 148.16 11.73 -27.11
N HIS AA 105 149.35 12.06 -26.63
CA HIS AA 105 149.80 13.42 -26.40
C HIS AA 105 150.32 14.17 -27.63
N TYR AA 106 150.86 13.50 -28.66
CA TYR AA 106 151.62 14.16 -29.74
C TYR AA 106 151.09 13.95 -31.15
N THR AA 107 150.26 12.93 -31.38
CA THR AA 107 149.92 12.52 -32.76
C THR AA 107 148.43 12.37 -33.00
N GLU AA 108 147.84 11.35 -32.38
CA GLU AA 108 146.48 10.90 -32.62
C GLU AA 108 145.47 11.74 -31.84
N GLY AA 109 145.85 12.16 -30.64
CA GLY AA 109 145.06 13.04 -29.79
C GLY AA 109 145.42 14.50 -29.93
N ALA AA 110 146.63 14.85 -30.36
CA ALA AA 110 146.98 16.21 -30.74
C ALA AA 110 146.19 16.70 -31.96
N GLU AA 111 145.85 15.79 -32.87
CA GLU AA 111 144.89 16.07 -33.95
C GLU AA 111 143.48 16.35 -33.40
N LEU AA 112 143.03 15.52 -32.46
CA LEU AA 112 141.66 15.49 -31.95
C LEU AA 112 141.37 16.57 -30.89
N VAL AA 113 142.35 17.05 -30.13
CA VAL AA 113 142.12 17.98 -29.01
C VAL AA 113 141.51 19.30 -29.47
N ASP AA 114 141.77 19.79 -30.67
CA ASP AA 114 141.10 20.97 -31.24
C ASP AA 114 139.59 20.77 -31.41
N SER AA 115 139.15 19.54 -31.64
CA SER AA 115 137.74 19.14 -31.74
C SER AA 115 137.12 18.83 -30.38
N VAL AA 116 137.93 18.47 -29.37
CA VAL AA 116 137.48 18.32 -27.97
C VAL AA 116 137.30 19.66 -27.28
N LEU AA 117 138.33 20.49 -27.32
CA LEU AA 117 138.40 21.67 -26.52
C LEU AA 117 137.30 22.66 -26.87
N ASP AA 118 136.94 22.77 -28.16
CA ASP AA 118 135.84 23.63 -28.64
C ASP AA 118 134.44 23.14 -28.26
N VAL AA 119 134.28 21.90 -27.78
CA VAL AA 119 133.07 21.39 -27.12
C VAL AA 119 133.08 21.69 -25.63
N VAL AA 120 134.23 21.59 -24.97
CA VAL AA 120 134.40 22.01 -23.57
C VAL AA 120 134.05 23.50 -23.39
N ARG AA 121 134.35 24.35 -24.39
CA ARG AA 121 133.88 25.72 -24.47
C ARG AA 121 132.36 25.89 -24.56
N LYS AA 122 131.64 25.09 -25.35
CA LYS AA 122 130.19 25.21 -25.50
C LYS AA 122 129.47 24.85 -24.20
N GLU AA 123 129.98 23.86 -23.48
CA GLU AA 123 129.43 23.49 -22.19
C GLU AA 123 129.78 24.52 -21.09
N ALA AA 124 131.03 24.97 -21.00
CA ALA AA 124 131.46 25.99 -20.03
C ALA AA 124 130.86 27.38 -20.25
N GLU AA 125 130.52 27.77 -21.48
CA GLU AA 125 129.82 29.01 -21.79
C GLU AA 125 128.30 28.91 -21.49
N SER AA 126 127.73 27.70 -21.55
CA SER AA 126 126.34 27.45 -21.11
C SER AA 126 126.17 27.46 -19.59
N CYS AA 127 127.25 27.37 -18.82
CA CYS AA 127 127.22 27.44 -17.36
C CYS AA 127 126.92 28.85 -16.85
N ASP AA 128 126.19 28.95 -15.75
CA ASP AA 128 125.90 30.21 -15.06
C ASP AA 128 127.08 30.68 -14.19
N CYS AA 129 127.63 29.76 -13.40
CA CYS AA 129 128.90 29.92 -12.71
C CYS AA 129 129.56 28.56 -12.59
N LEU AA 130 130.51 28.28 -13.47
CA LEU AA 130 131.33 27.07 -13.44
C LEU AA 130 132.22 27.05 -12.19
N GLN AA 131 132.18 25.98 -11.39
CA GLN AA 131 133.15 25.76 -10.30
C GLN AA 131 134.33 24.91 -10.76
N GLY AA 132 134.16 23.98 -11.69
CA GLY AA 132 135.29 23.15 -12.10
C GLY AA 132 135.06 22.07 -13.14
N PHE AA 133 136.12 21.31 -13.35
CA PHE AA 133 136.26 20.22 -14.31
C PHE AA 133 136.50 18.91 -13.57
N GLN AA 134 135.76 17.86 -13.93
CA GLN AA 134 135.78 16.57 -13.27
C GLN AA 134 136.15 15.49 -14.30
N LEU AA 135 137.44 15.14 -14.41
CA LEU AA 135 137.94 14.30 -15.51
C LEU AA 135 138.19 12.85 -15.07
N THR AA 136 137.56 11.87 -15.72
CA THR AA 136 137.77 10.43 -15.46
C THR AA 136 138.68 9.79 -16.51
N HIS AA 137 139.73 9.12 -16.05
CA HIS AA 137 140.73 8.49 -16.91
C HIS AA 137 141.55 7.44 -16.16
N SER AA 138 142.38 6.71 -16.88
CA SER AA 138 143.37 5.78 -16.37
C SER AA 138 144.79 6.23 -16.72
N LEU AA 139 145.80 5.90 -15.92
CA LEU AA 139 147.20 6.30 -16.15
C LEU AA 139 148.01 5.23 -16.89
N GLY AA 140 147.55 3.98 -16.88
CA GLY AA 140 147.99 2.96 -17.84
C GLY AA 140 147.42 3.20 -19.24
N GLY AA 141 147.89 2.45 -20.24
CA GLY AA 141 147.46 2.67 -21.63
C GLY AA 141 147.78 4.07 -22.15
N GLY AA 142 147.17 4.54 -23.23
CA GLY AA 142 147.67 5.70 -23.97
C GLY AA 142 146.67 6.82 -24.15
N THR AA 143 145.37 6.54 -24.14
CA THR AA 143 144.32 7.51 -24.39
C THR AA 143 144.08 8.35 -23.15
N GLY AA 144 143.74 7.71 -22.04
CA GLY AA 144 143.52 8.38 -20.77
C GLY AA 144 144.79 9.03 -20.22
N SER AA 145 145.91 8.33 -20.28
CA SER AA 145 147.18 8.79 -19.73
C SER AA 145 147.75 9.97 -20.52
N GLY AA 146 147.75 9.89 -21.85
CA GLY AA 146 148.43 10.84 -22.71
C GLY AA 146 147.55 11.87 -23.37
N MET AA 147 146.34 11.51 -23.80
CA MET AA 147 145.40 12.49 -24.30
C MET AA 147 144.70 13.22 -23.15
N GLY AA 148 144.34 12.52 -22.08
CA GLY AA 148 143.68 13.12 -20.93
C GLY AA 148 144.56 14.15 -20.24
N THR AA 149 145.85 13.90 -20.10
CA THR AA 149 146.79 14.92 -19.59
C THR AA 149 147.16 16.02 -20.59
N LEU AA 150 147.03 15.79 -21.89
CA LEU AA 150 147.06 16.87 -22.88
C LEU AA 150 145.86 17.80 -22.68
N LEU AA 151 144.70 17.22 -22.49
CA LEU AA 151 143.44 17.94 -22.31
C LEU AA 151 143.41 18.69 -20.98
N ILE AA 152 143.93 18.12 -19.89
CA ILE AA 152 144.14 18.83 -18.62
C ILE AA 152 145.01 20.05 -18.83
N SER AA 153 146.11 19.93 -19.56
CA SER AA 153 147.00 21.05 -19.85
C SER AA 153 146.29 22.18 -20.60
N LYS AA 154 145.51 21.85 -21.62
CA LYS AA 154 144.74 22.82 -22.43
C LYS AA 154 143.60 23.52 -21.67
N ILE AA 155 142.82 22.79 -20.89
CA ILE AA 155 141.78 23.36 -20.02
C ILE AA 155 142.38 24.14 -18.85
N ARG AA 156 143.50 23.72 -18.25
CA ARG AA 156 144.20 24.47 -17.20
C ARG AA 156 144.70 25.84 -17.69
N GLU AA 157 145.24 25.92 -18.89
CA GLU AA 157 145.72 27.16 -19.50
C GLU AA 157 144.58 28.13 -19.82
N GLU AA 158 143.39 27.60 -20.12
CA GLU AA 158 142.21 28.38 -20.53
C GLU AA 158 141.33 28.80 -19.34
N TYR AA 159 141.28 28.00 -18.27
CA TYR AA 159 140.51 28.18 -17.04
C TYR AA 159 141.43 28.03 -15.79
N PRO AA 160 142.28 29.02 -15.49
CA PRO AA 160 143.33 28.86 -14.48
C PRO AA 160 142.84 28.87 -13.02
N ASP AA 161 141.66 29.41 -12.75
CA ASP AA 161 141.11 29.66 -11.41
C ASP AA 161 139.97 28.70 -10.99
N ARG AA 162 139.40 27.98 -11.96
CA ARG AA 162 138.40 26.93 -11.72
C ARG AA 162 139.05 25.67 -11.15
N ILE AA 163 138.33 24.87 -10.36
CA ILE AA 163 138.85 23.61 -9.81
C ILE AA 163 139.08 22.57 -10.90
N MET AA 164 140.28 22.02 -11.01
CA MET AA 164 140.57 20.86 -11.85
C MET AA 164 140.70 19.63 -10.96
N ASN AA 165 139.77 18.70 -11.10
CA ASN AA 165 139.50 17.60 -10.17
C ASN AA 165 139.46 16.28 -10.95
N THR AA 166 140.44 15.40 -10.79
CA THR AA 166 140.59 14.21 -11.66
C THR AA 166 140.48 12.90 -10.88
N PHE AA 167 139.81 11.91 -11.46
CA PHE AA 167 139.68 10.57 -10.91
C PHE AA 167 140.47 9.60 -11.78
N SER AA 168 141.52 9.03 -11.20
CA SER AA 168 142.66 8.51 -11.94
C SER AA 168 142.97 7.08 -11.54
N VAL AA 169 142.48 6.14 -12.35
CA VAL AA 169 142.75 4.72 -12.15
C VAL AA 169 144.17 4.42 -12.59
N VAL AA 170 145.02 3.83 -11.76
CA VAL AA 170 146.47 3.78 -12.04
C VAL AA 170 147.15 2.46 -11.68
N PRO AA 171 148.32 2.16 -12.27
CA PRO AA 171 148.90 0.82 -12.26
C PRO AA 171 149.37 0.32 -10.89
N SER AA 172 149.38 -1.00 -10.76
CA SER AA 172 149.97 -1.75 -9.64
C SER AA 172 150.42 -3.14 -10.13
N PRO AA 173 151.40 -3.78 -9.48
CA PRO AA 173 152.11 -4.90 -10.08
C PRO AA 173 151.28 -6.20 -10.18
N LYS AA 174 150.46 -6.52 -9.17
CA LYS AA 174 149.72 -7.79 -9.08
C LYS AA 174 148.43 -7.83 -9.89
N VAL AA 175 147.93 -6.70 -10.39
CA VAL AA 175 146.76 -6.59 -11.26
C VAL AA 175 147.11 -5.69 -12.45
N SER AA 176 147.69 -6.30 -13.48
CA SER AA 176 148.19 -5.59 -14.67
C SER AA 176 147.86 -6.31 -15.98
N ASP AA 177 147.57 -5.53 -17.02
CA ASP AA 177 147.16 -6.00 -18.35
C ASP AA 177 148.03 -5.42 -19.48
N THR AA 178 149.05 -4.62 -19.19
CA THR AA 178 149.88 -3.91 -20.19
C THR AA 178 151.36 -4.09 -19.85
N VAL AA 179 152.23 -4.27 -20.84
CA VAL AA 179 153.67 -4.35 -20.63
C VAL AA 179 154.28 -2.98 -20.33
N VAL AA 180 153.92 -1.97 -21.13
CA VAL AA 180 154.37 -0.58 -21.01
C VAL AA 180 153.57 0.29 -20.03
N GLU AA 181 152.77 -0.30 -19.14
CA GLU AA 181 152.03 0.46 -18.12
C GLU AA 181 152.91 1.43 -17.31
N PRO AA 182 154.08 1.02 -16.78
CA PRO AA 182 154.95 1.91 -16.01
C PRO AA 182 155.41 3.18 -16.75
N TYR AA 183 155.67 3.07 -18.05
CA TYR AA 183 156.08 4.21 -18.87
C TYR AA 183 154.97 5.24 -18.99
N ASN AA 184 153.79 4.79 -19.40
CA ASN AA 184 152.65 5.64 -19.62
C ASN AA 184 152.26 6.40 -18.35
N ALA AA 185 152.25 5.71 -17.22
CA ALA AA 185 151.92 6.35 -15.96
C ALA AA 185 152.97 7.38 -15.56
N THR AA 186 154.27 7.07 -15.67
CA THR AA 186 155.32 8.01 -15.27
C THR AA 186 155.32 9.29 -16.12
N LEU AA 187 155.07 9.18 -17.42
CA LEU AA 187 154.86 10.33 -18.30
C LEU AA 187 153.59 11.15 -17.98
N SER AA 188 152.57 10.52 -17.38
CA SER AA 188 151.28 11.13 -17.09
C SER AA 188 151.24 11.79 -15.71
N VAL AA 189 151.85 11.19 -14.68
CA VAL AA 189 151.93 11.74 -13.30
C VAL AA 189 152.68 13.07 -13.26
N HIS AA 190 153.67 13.23 -14.12
CA HIS AA 190 154.41 14.46 -14.41
C HIS AA 190 153.50 15.65 -14.83
N GLN AA 191 152.35 15.40 -15.45
CA GLN AA 191 151.36 16.42 -15.78
C GLN AA 191 150.35 16.67 -14.65
N LEU AA 192 149.95 15.63 -13.94
CA LEU AA 192 149.00 15.72 -12.85
C LEU AA 192 149.56 16.52 -11.66
N VAL AA 193 150.81 16.32 -11.26
CA VAL AA 193 151.43 17.05 -10.12
C VAL AA 193 151.49 18.57 -10.34
N GLU AA 194 151.56 19.05 -11.58
CA GLU AA 194 151.64 20.48 -11.88
C GLU AA 194 150.28 21.13 -12.12
N ASN AA 195 149.36 20.45 -12.81
CA ASN AA 195 148.12 21.08 -13.31
C ASN AA 195 146.89 20.87 -12.42
N THR AA 196 146.62 19.67 -11.92
CA THR AA 196 145.37 19.41 -11.18
C THR AA 196 145.37 20.09 -9.81
N ASP AA 197 144.19 20.43 -9.29
CA ASP AA 197 143.98 20.92 -7.93
C ASP AA 197 143.72 19.78 -6.93
N GLU AA 198 143.14 18.68 -7.42
CA GLU AA 198 142.95 17.41 -6.71
C GLU AA 198 143.09 16.26 -7.70
N THR AA 199 143.77 15.17 -7.32
CA THR AA 199 143.74 13.92 -8.09
C THR AA 199 143.43 12.76 -7.16
N TYR AA 200 142.38 12.00 -7.43
CA TYR AA 200 141.93 10.88 -6.63
C TYR AA 200 142.49 9.60 -7.20
N CYS AA 201 143.51 9.08 -6.54
CA CYS AA 201 144.30 7.94 -6.98
C CYS AA 201 143.56 6.66 -6.68
N ILE AA 202 143.24 5.89 -7.70
CA ILE AA 202 142.42 4.68 -7.60
C ILE AA 202 143.16 3.51 -8.24
N ASP AA 203 143.01 2.30 -7.71
CA ASP AA 203 143.81 1.15 -8.11
C ASP AA 203 142.93 -0.09 -8.31
N ASN AA 204 143.16 -0.87 -9.36
CA ASN AA 204 142.36 -2.08 -9.56
C ASN AA 204 142.67 -3.17 -8.52
N GLU AA 205 143.88 -3.21 -7.96
CA GLU AA 205 144.21 -4.15 -6.88
C GLU AA 205 143.40 -3.87 -5.62
N ALA AA 206 143.24 -2.59 -5.23
CA ALA AA 206 142.44 -2.20 -4.08
C ALA AA 206 140.94 -2.35 -4.33
N LEU AA 207 140.46 -2.10 -5.55
CA LEU AA 207 139.07 -2.32 -5.91
C LEU AA 207 138.70 -3.81 -5.98
N TYR AA 208 139.63 -4.70 -6.32
CA TYR AA 208 139.42 -6.14 -6.17
C TYR AA 208 139.49 -6.58 -4.71
N ASP AA 209 140.35 -6.00 -3.87
CA ASP AA 209 140.40 -6.30 -2.44
C ASP AA 209 139.10 -5.93 -1.71
N ILE AA 210 138.46 -4.83 -2.06
CA ILE AA 210 137.12 -4.51 -1.54
C ILE AA 210 136.09 -5.54 -1.99
N CYS AA 211 136.15 -5.99 -3.25
CA CYS AA 211 135.17 -6.96 -3.75
C CYS AA 211 135.29 -8.34 -3.11
N PHE AA 212 136.50 -8.82 -2.81
CA PHE AA 212 136.69 -10.13 -2.18
C PHE AA 212 136.64 -10.10 -0.65
N ARG AA 213 137.32 -9.15 0.01
CA ARG AA 213 137.46 -9.15 1.48
C ARG AA 213 136.40 -8.35 2.24
N THR AA 214 135.51 -7.65 1.55
CA THR AA 214 134.40 -6.90 2.15
C THR AA 214 133.06 -7.36 1.58
N LEU AA 215 132.82 -7.17 0.29
CA LEU AA 215 131.56 -7.53 -0.35
C LEU AA 215 131.35 -9.04 -0.53
N LYS AA 216 132.40 -9.84 -0.47
CA LYS AA 216 132.40 -11.29 -0.70
C LYS AA 216 131.78 -11.70 -2.04
N LEU AA 217 131.96 -10.90 -3.08
CA LEU AA 217 131.59 -11.25 -4.45
C LEU AA 217 132.47 -12.40 -4.97
N THR AA 218 131.89 -13.43 -5.59
CA THR AA 218 132.67 -14.58 -6.09
C THR AA 218 133.43 -14.26 -7.39
N THR AA 219 132.86 -13.44 -8.27
CA THR AA 219 133.38 -13.07 -9.59
C THR AA 219 133.13 -11.59 -9.88
N PRO AA 220 133.91 -10.67 -9.28
CA PRO AA 220 133.77 -9.25 -9.53
C PRO AA 220 134.28 -8.87 -10.92
N THR AA 221 133.43 -8.19 -11.68
CA THR AA 221 133.71 -7.68 -13.02
C THR AA 221 134.26 -6.26 -12.98
N TYR AA 222 134.68 -5.71 -14.12
CA TYR AA 222 134.91 -4.26 -14.22
C TYR AA 222 133.65 -3.45 -13.94
N GLY AA 223 132.46 -3.95 -14.21
CA GLY AA 223 131.22 -3.26 -13.86
C GLY AA 223 131.02 -3.09 -12.35
N ASP AA 224 131.50 -4.03 -11.54
CA ASP AA 224 131.49 -3.95 -10.09
C ASP AA 224 132.57 -3.01 -9.57
N LEU AA 225 133.74 -2.96 -10.20
CA LEU AA 225 134.79 -2.00 -9.84
C LEU AA 225 134.36 -0.56 -10.14
N ASN AA 226 133.69 -0.35 -11.27
CA ASN AA 226 133.22 0.96 -11.72
C ASN AA 226 132.15 1.55 -10.83
N HIS AA 227 131.39 0.67 -10.16
CA HIS AA 227 130.35 0.99 -9.19
C HIS AA 227 130.97 1.48 -7.88
N LEU AA 228 132.07 0.89 -7.40
CA LEU AA 228 132.82 1.41 -6.25
C LEU AA 228 133.44 2.80 -6.50
N VAL AA 229 134.05 3.01 -7.68
CA VAL AA 229 134.63 4.30 -8.04
C VAL AA 229 133.55 5.36 -8.07
N SER AA 230 132.46 5.12 -8.79
CA SER AA 230 131.42 6.12 -9.01
C SER AA 230 130.61 6.48 -7.75
N ALA AA 231 130.53 5.62 -6.75
CA ALA AA 231 130.00 5.98 -5.44
C ALA AA 231 130.80 7.10 -4.76
N THR AA 232 132.14 7.08 -4.81
CA THR AA 232 132.98 8.17 -4.26
C THR AA 232 133.01 9.42 -5.15
N MET AA 233 132.79 9.29 -6.46
CA MET AA 233 132.58 10.46 -7.32
C MET AA 233 131.30 11.21 -6.99
N SER AA 234 130.17 10.51 -6.85
CA SER AA 234 128.92 11.09 -6.34
C SER AA 234 129.13 11.66 -4.95
N GLY AA 235 129.93 10.99 -4.11
CA GLY AA 235 130.16 11.42 -2.75
C GLY AA 235 130.74 12.82 -2.58
N VAL AA 236 131.86 13.14 -3.25
CA VAL AA 236 132.61 14.38 -2.96
C VAL AA 236 131.92 15.65 -3.43
N THR AA 237 131.03 15.58 -4.43
CA THR AA 237 130.25 16.74 -4.91
C THR AA 237 128.92 16.91 -4.20
N THR AA 238 128.52 15.99 -3.33
CA THR AA 238 127.20 15.94 -2.69
C THR AA 238 126.79 17.29 -2.10
N CYS AA 239 127.70 17.98 -1.42
CA CYS AA 239 127.44 19.24 -0.75
C CYS AA 239 127.20 20.45 -1.66
N LEU AA 240 127.36 20.36 -2.98
CA LEU AA 240 126.82 21.37 -3.91
C LEU AA 240 125.54 20.91 -4.64
N ARG AA 241 125.07 19.68 -4.40
CA ARG AA 241 123.85 19.10 -5.00
C ARG AA 241 122.69 18.98 -4.03
N PHE AA 242 122.96 18.90 -2.73
CA PHE AA 242 121.98 18.71 -1.66
C PHE AA 242 122.27 19.62 -0.47
N PRO AA 243 121.26 19.96 0.36
CA PRO AA 243 121.44 20.72 1.59
C PRO AA 243 122.12 19.89 2.69
N GLY AA 244 122.63 20.53 3.74
CA GLY AA 244 123.38 19.87 4.80
C GLY AA 244 123.58 20.71 6.06
N GLN AA 245 123.99 20.08 7.15
CA GLN AA 245 124.34 20.75 8.40
C GLN AA 245 125.73 21.44 8.31
N LEU AA 246 126.64 20.90 7.52
CA LEU AA 246 127.94 21.47 7.16
C LEU AA 246 128.13 21.32 5.66
N ASN AA 247 128.09 22.39 4.88
CA ASN AA 247 128.32 22.33 3.45
C ASN AA 247 129.82 22.46 3.12
N ALA AA 248 130.31 21.64 2.20
CA ALA AA 248 131.68 21.70 1.68
C ALA AA 248 131.74 21.58 0.14
N ASP AA 249 131.98 22.69 -0.54
CA ASP AA 249 132.30 22.73 -1.97
C ASP AA 249 133.63 22.01 -2.28
N LEU AA 250 133.90 21.58 -3.52
CA LEU AA 250 135.18 21.01 -3.92
C LEU AA 250 136.37 21.93 -3.55
N ARG AA 251 136.19 23.25 -3.57
CA ARG AA 251 137.19 24.21 -3.12
C ARG AA 251 137.38 24.23 -1.59
N LYS AA 252 136.31 24.07 -0.80
CA LYS AA 252 136.32 23.95 0.67
C LYS AA 252 136.99 22.66 1.11
N LEU AA 253 136.93 21.61 0.30
CA LEU AA 253 137.78 20.43 0.43
C LEU AA 253 139.24 20.79 0.15
N ALA AA 254 139.56 21.35 -1.01
CA ALA AA 254 140.94 21.65 -1.40
C ALA AA 254 141.71 22.55 -0.41
N VAL AA 255 141.12 23.63 0.08
CA VAL AA 255 141.74 24.52 1.08
C VAL AA 255 142.12 23.79 2.37
N ASN AA 256 141.30 22.82 2.80
CA ASN AA 256 141.54 22.03 4.00
C ASN AA 256 142.41 20.79 3.75
N MET AA 257 142.38 20.23 2.55
CA MET AA 257 143.01 18.97 2.20
C MET AA 257 144.44 19.09 1.68
N VAL AA 258 144.83 20.21 1.08
CA VAL AA 258 146.12 20.38 0.41
C VAL AA 258 147.01 21.38 1.15
N PRO AA 259 147.86 20.94 2.10
CA PRO AA 259 148.69 21.84 2.89
C PRO AA 259 149.72 22.58 2.03
N PHE AA 260 150.50 21.83 1.26
CA PHE AA 260 151.51 22.35 0.33
C PHE AA 260 151.11 22.01 -1.10
N PRO AA 261 151.27 22.92 -2.09
CA PRO AA 261 150.50 22.92 -3.35
C PRO AA 261 150.38 21.59 -4.12
N ARG AA 262 151.46 20.81 -4.14
CA ARG AA 262 151.68 19.58 -4.91
C ARG AA 262 151.20 18.32 -4.19
N LEU AA 263 150.91 18.37 -2.89
CA LEU AA 263 150.48 17.20 -2.11
C LEU AA 263 148.96 16.96 -2.21
N HIS AA 264 148.44 16.87 -3.43
CA HIS AA 264 147.00 16.74 -3.69
C HIS AA 264 146.59 15.39 -4.28
N PHE AA 265 147.47 14.39 -4.19
CA PHE AA 265 147.20 13.01 -4.60
C PHE AA 265 146.45 12.26 -3.50
N PHE AA 266 145.13 12.37 -3.55
CA PHE AA 266 144.23 11.77 -2.57
C PHE AA 266 143.97 10.29 -2.86
N MET AA 267 143.28 9.65 -1.94
CA MET AA 267 143.03 8.22 -1.87
C MET AA 267 141.62 7.99 -1.31
N PRO AA 268 140.61 7.67 -2.13
CA PRO AA 268 139.21 7.68 -1.69
C PRO AA 268 138.77 6.39 -1.00
N GLY AA 269 137.61 6.43 -0.35
CA GLY AA 269 136.92 5.30 0.24
C GLY AA 269 135.44 5.58 0.44
N PHE AA 270 134.67 4.55 0.78
CA PHE AA 270 133.22 4.63 0.91
C PHE AA 270 132.72 3.71 2.01
N ALA AA 271 131.65 4.09 2.71
CA ALA AA 271 130.94 3.29 3.70
C ALA AA 271 129.46 3.63 3.68
N PRO AA 272 128.56 2.75 4.12
CA PRO AA 272 128.79 1.36 4.51
C PRO AA 272 128.98 0.48 3.27
N LEU AA 273 129.94 -0.44 3.30
CA LEU AA 273 130.00 -1.58 2.40
C LEU AA 273 129.80 -2.86 3.21
N THR AA 274 128.86 -3.70 2.84
CA THR AA 274 128.53 -4.93 3.57
C THR AA 274 128.44 -6.11 2.62
N SER AA 275 128.85 -7.29 3.07
CA SER AA 275 128.60 -8.53 2.34
C SER AA 275 127.10 -8.66 2.06
N ARG AA 276 126.72 -8.92 0.80
CA ARG AA 276 125.33 -8.87 0.36
C ARG AA 276 124.37 -9.72 1.21
N GLY AA 277 124.83 -10.89 1.67
CA GLY AA 277 124.06 -11.79 2.52
C GLY AA 277 124.01 -11.44 4.01
N SER AA 278 124.67 -10.36 4.44
CA SER AA 278 124.86 -10.03 5.86
C SER AA 278 124.19 -8.74 6.31
N GLN AA 279 123.52 -7.97 5.46
CA GLN AA 279 123.07 -6.63 5.83
C GLN AA 279 122.15 -6.59 7.06
N GLN AA 280 121.18 -7.50 7.19
CA GLN AA 280 120.23 -7.51 8.31
C GLN AA 280 120.86 -7.62 9.71
N TYR AA 281 122.10 -8.07 9.82
CA TYR AA 281 122.79 -8.24 11.09
C TYR AA 281 123.59 -7.00 11.51
N ARG AA 282 123.78 -6.03 10.61
CA ARG AA 282 124.60 -4.84 10.83
C ARG AA 282 123.77 -3.65 11.30
N ALA AA 283 124.24 -2.90 12.29
CA ALA AA 283 123.65 -1.63 12.69
C ALA AA 283 124.28 -0.46 11.91
N LEU AA 284 123.55 0.17 11.00
CA LEU AA 284 124.02 1.40 10.32
C LEU AA 284 124.01 2.57 11.30
N THR AA 285 125.17 3.07 11.66
CA THR AA 285 125.31 4.20 12.58
C THR AA 285 126.72 4.79 12.51
N VAL AA 286 126.90 6.05 12.89
CA VAL AA 286 128.15 6.81 12.74
C VAL AA 286 129.41 6.10 13.24
N PRO AA 287 129.44 5.42 14.41
CA PRO AA 287 130.65 4.73 14.85
C PRO AA 287 130.96 3.44 14.07
N GLU AA 288 129.98 2.81 13.41
CA GLU AA 288 130.27 1.67 12.52
C GLU AA 288 130.74 2.18 11.16
N LEU AA 289 130.10 3.21 10.62
CA LEU AA 289 130.60 3.91 9.43
C LEU AA 289 132.03 4.37 9.64
N THR AA 290 132.38 4.88 10.82
CA THR AA 290 133.76 5.28 11.15
C THR AA 290 134.73 4.10 11.20
N GLN AA 291 134.41 3.01 11.91
CA GLN AA 291 135.28 1.84 12.03
C GLN AA 291 135.50 1.07 10.71
N GLN AA 292 134.64 1.27 9.72
CA GLN AA 292 134.88 0.83 8.35
C GLN AA 292 135.73 1.84 7.57
N MET AA 293 135.30 3.10 7.53
CA MET AA 293 135.88 4.18 6.78
C MET AA 293 137.37 4.37 7.03
N PHE AA 294 137.81 4.35 8.29
CA PHE AA 294 139.21 4.56 8.66
C PHE AA 294 140.06 3.29 8.70
N ASP AA 295 139.58 2.15 8.19
CA ASP AA 295 140.33 0.90 8.17
C ASP AA 295 140.93 0.61 6.78
N ALA AA 296 142.18 0.18 6.80
CA ALA AA 296 143.13 0.01 5.69
C ALA AA 296 142.59 -0.83 4.54
N LYS AA 297 141.64 -1.75 4.81
CA LYS AA 297 140.98 -2.58 3.80
C LYS AA 297 139.95 -1.84 2.96
N ASN AA 298 139.45 -0.69 3.39
CA ASN AA 298 138.40 0.06 2.71
C ASN AA 298 138.91 1.04 1.63
N MET AA 299 140.13 1.57 1.74
CA MET AA 299 140.67 2.56 0.81
C MET AA 299 140.94 1.98 -0.58
N MET AA 300 140.68 2.75 -1.64
CA MET AA 300 140.71 2.34 -3.05
C MET AA 300 142.07 2.52 -3.75
N ALA AA 301 143.16 2.63 -3.00
CA ALA AA 301 144.53 2.51 -3.50
C ALA AA 301 145.30 1.48 -2.68
N ALA AA 302 146.30 0.80 -3.27
CA ALA AA 302 147.00 -0.31 -2.61
C ALA AA 302 147.76 0.07 -1.34
N CYS AA 303 148.06 1.35 -1.15
CA CYS AA 303 148.76 1.87 0.02
C CYS AA 303 148.02 1.52 1.32
N ASP AA 304 148.66 0.78 2.20
CA ASP AA 304 148.20 0.68 3.57
C ASP AA 304 148.57 1.98 4.30
N PRO AA 305 147.62 2.76 4.82
CA PRO AA 305 147.94 3.99 5.54
C PRO AA 305 148.83 3.75 6.75
N ARG AA 306 148.90 2.53 7.29
CA ARG AA 306 149.84 2.18 8.38
C ARG AA 306 151.32 2.22 7.95
N HIS AA 307 151.62 2.42 6.66
CA HIS AA 307 152.96 2.69 6.12
C HIS AA 307 153.30 4.18 6.00
N GLY AA 308 152.46 5.08 6.48
CA GLY AA 308 152.69 6.52 6.48
C GLY AA 308 151.99 7.24 7.63
N ARG AA 309 151.64 8.51 7.41
CA ARG AA 309 150.76 9.32 8.26
C ARG AA 309 149.81 10.10 7.35
N TYR AA 310 148.57 10.35 7.73
CA TYR AA 310 147.72 11.30 7.03
C TYR AA 310 148.17 12.74 7.25
N LEU AA 311 148.05 13.57 6.22
CA LEU AA 311 148.14 15.02 6.34
C LEU AA 311 146.78 15.55 6.76
N THR AA 312 145.79 15.35 5.90
CA THR AA 312 144.38 15.63 6.14
C THR AA 312 143.54 14.44 5.70
N VAL AA 313 142.44 14.19 6.39
CA VAL AA 313 141.35 13.34 5.92
C VAL AA 313 140.10 14.19 5.85
N ALA AA 314 139.27 14.03 4.82
CA ALA AA 314 137.92 14.58 4.81
C ALA AA 314 136.91 13.44 4.88
N ALA AA 315 135.98 13.52 5.82
CA ALA AA 315 134.85 12.61 5.90
C ALA AA 315 133.56 13.35 5.54
N ILE AA 316 133.05 13.15 4.32
CA ILE AA 316 131.80 13.74 3.83
C ILE AA 316 130.67 12.75 4.10
N PHE AA 317 130.03 12.92 5.24
CA PHE AA 317 128.86 12.15 5.66
C PHE AA 317 127.59 12.62 4.95
N ARG AA 318 126.65 11.70 4.80
CA ARG AA 318 125.32 11.92 4.28
C ARG AA 318 124.31 11.20 5.15
N GLY AA 319 123.19 11.84 5.44
CA GLY AA 319 122.11 11.27 6.24
C GLY AA 319 121.72 12.13 7.44
N ARG AA 320 120.63 11.77 8.11
CA ARG AA 320 120.18 12.42 9.35
C ARG AA 320 120.99 11.90 10.54
N MET AA 321 121.96 12.68 11.02
CA MET AA 321 122.87 12.30 12.09
C MET AA 321 123.28 13.48 12.98
N SER AA 322 123.70 13.17 14.20
CA SER AA 322 124.12 14.15 15.20
C SER AA 322 125.49 14.75 14.89
N MET AA 323 125.61 16.07 15.00
CA MET AA 323 126.91 16.72 14.91
C MET AA 323 127.81 16.39 16.12
N LYS AA 324 127.27 16.20 17.33
CA LYS AA 324 128.07 15.72 18.47
C LYS AA 324 128.67 14.36 18.15
N GLU AA 325 127.87 13.41 17.64
CA GLU AA 325 128.36 12.07 17.32
C GLU AA 325 129.40 12.06 16.19
N VAL AA 326 129.20 12.84 15.12
CA VAL AA 326 130.23 13.00 14.08
C VAL AA 326 131.48 13.61 14.67
N ASP AA 327 131.37 14.72 15.40
CA ASP AA 327 132.54 15.43 15.94
C ASP AA 327 133.29 14.61 17.02
N GLU AA 328 132.57 13.81 17.81
CA GLU AA 328 133.08 12.80 18.74
C GLU AA 328 133.89 11.74 18.01
N GLN AA 329 133.37 11.13 16.94
CA GLN AA 329 134.08 10.03 16.28
C GLN AA 329 135.30 10.51 15.50
N MET AA 330 135.21 11.66 14.83
CA MET AA 330 136.36 12.25 14.12
C MET AA 330 137.43 12.79 15.06
N LEU AA 331 137.13 12.99 16.35
CA LEU AA 331 138.09 13.21 17.43
C LEU AA 331 138.68 11.90 17.94
N ASN AA 332 137.84 10.93 18.27
CA ASN AA 332 138.26 9.65 18.85
C ASN AA 332 139.22 8.93 17.91
N VAL AA 333 138.95 8.92 16.60
CA VAL AA 333 139.86 8.32 15.62
C VAL AA 333 141.25 8.90 15.70
N GLN AA 334 141.41 10.22 15.58
CA GLN AA 334 142.76 10.82 15.46
C GLN AA 334 143.51 10.98 16.80
N ASN AA 335 142.86 10.70 17.93
CA ASN AA 335 143.50 10.62 19.23
C ASN AA 335 143.92 9.19 19.57
N LYS AA 336 143.08 8.20 19.28
CA LYS AA 336 143.39 6.78 19.47
C LYS AA 336 144.34 6.21 18.41
N ASN AA 337 144.44 6.84 17.24
CA ASN AA 337 145.37 6.52 16.15
C ASN AA 337 146.41 7.64 15.92
N SER AA 338 146.82 8.37 16.94
CA SER AA 338 147.61 9.61 16.80
C SER AA 338 148.97 9.45 16.10
N SER AA 339 149.57 8.26 16.17
CA SER AA 339 150.78 7.86 15.44
C SER AA 339 150.61 7.80 13.92
N TYR AA 340 149.38 7.86 13.40
CA TYR AA 340 149.08 7.81 11.97
C TYR AA 340 148.60 9.14 11.38
N PHE AA 341 148.74 10.26 12.09
CA PHE AA 341 148.41 11.60 11.62
C PHE AA 341 149.60 12.54 11.86
N VAL AA 342 149.87 13.52 11.00
CA VAL AA 342 151.01 14.42 11.25
C VAL AA 342 150.76 15.34 12.44
N GLU AA 343 151.74 15.47 13.32
CA GLU AA 343 151.56 16.19 14.61
C GLU AA 343 151.91 17.68 14.58
N TRP AA 344 152.21 18.24 13.41
CA TRP AA 344 152.30 19.68 13.15
C TRP AA 344 151.01 20.28 12.59
N ILE AA 345 149.96 19.48 12.38
CA ILE AA 345 148.59 19.94 12.14
C ILE AA 345 147.76 19.59 13.39
N PRO AA 346 147.07 20.55 14.02
CA PRO AA 346 146.40 20.34 15.32
C PRO AA 346 145.07 19.59 15.24
N ASN AA 347 144.42 19.58 14.08
CA ASN AA 347 143.29 18.71 13.75
C ASN AA 347 143.43 18.29 12.29
N ASN AA 348 143.50 17.00 12.03
CA ASN AA 348 143.72 16.47 10.70
C ASN AA 348 142.41 16.13 9.96
N VAL AA 349 141.24 16.15 10.60
CA VAL AA 349 139.99 15.74 9.97
C VAL AA 349 139.09 16.95 9.66
N LYS AA 350 138.74 17.12 8.38
CA LYS AA 350 137.61 17.93 7.88
C LYS AA 350 136.35 17.08 7.96
N THR AA 351 135.21 17.64 8.36
CA THR AA 351 133.91 16.95 8.30
C THR AA 351 132.96 17.73 7.44
N ALA AA 352 132.05 17.04 6.76
CA ALA AA 352 130.88 17.66 6.13
C ALA AA 352 129.70 16.72 6.30
N VAL AA 353 128.48 17.26 6.31
CA VAL AA 353 127.27 16.51 6.63
C VAL AA 353 126.16 16.99 5.73
N CYS AA 354 125.73 16.16 4.79
CA CYS AA 354 124.58 16.37 3.93
C CYS AA 354 123.31 15.73 4.51
N ASP AA 355 122.16 16.37 4.34
CA ASP AA 355 120.87 15.91 4.86
C ASP AA 355 120.23 14.77 4.05
N ILE AA 356 120.78 14.42 2.90
CA ILE AA 356 120.19 13.49 1.92
C ILE AA 356 121.14 12.31 1.66
N PRO AA 357 120.91 11.14 2.27
CA PRO AA 357 121.73 9.94 2.08
C PRO AA 357 121.41 9.27 0.74
N PRO AA 358 122.31 8.44 0.18
CA PRO AA 358 122.09 7.79 -1.11
C PRO AA 358 120.79 6.97 -1.14
N ARG AA 359 120.14 6.86 -2.28
CA ARG AA 359 118.87 6.14 -2.39
C ARG AA 359 119.01 4.70 -1.92
N GLY AA 360 118.23 4.27 -0.92
CA GLY AA 360 118.34 2.94 -0.30
C GLY AA 360 119.34 2.80 0.85
N LEU AA 361 119.99 3.82 1.40
CA LEU AA 361 120.62 3.64 2.71
C LEU AA 361 120.45 4.83 3.63
N LYS AA 362 120.31 4.58 4.93
CA LYS AA 362 119.95 5.57 5.96
C LYS AA 362 121.04 6.60 6.20
N MET AA 363 122.28 6.24 5.95
CA MET AA 363 123.46 7.09 6.09
C MET AA 363 124.51 6.62 5.08
N SER AA 364 125.48 7.46 4.76
CA SER AA 364 126.69 7.04 4.03
C SER AA 364 127.84 7.99 4.33
N ALA AA 365 129.08 7.56 4.14
CA ALA AA 365 130.26 8.39 4.26
C ALA AA 365 131.20 8.17 3.08
N THR AA 366 131.61 9.23 2.41
CA THR AA 366 132.71 9.19 1.45
C THR AA 366 133.95 9.73 2.14
N PHE AA 367 135.02 8.96 2.07
CA PHE AA 367 136.29 9.23 2.70
C PHE AA 367 137.30 9.73 1.67
N ILE AA 368 138.04 10.78 1.98
CA ILE AA 368 139.16 11.22 1.17
C ILE AA 368 140.38 11.28 2.07
N GLY AA 369 141.38 10.45 1.82
CA GLY AA 369 142.65 10.50 2.52
C GLY AA 369 143.69 11.25 1.73
N ASN AA 370 144.43 12.14 2.37
CA ASN AA 370 145.74 12.56 1.91
C ASN AA 370 146.77 11.97 2.88
N SER AA 371 147.68 11.13 2.42
CA SER AA 371 148.65 10.47 3.30
C SER AA 371 150.00 10.27 2.63
N THR AA 372 151.06 10.41 3.42
CA THR AA 372 152.43 10.13 3.00
C THR AA 372 152.62 8.68 2.54
N ALA AA 373 151.72 7.77 2.89
CA ALA AA 373 151.69 6.41 2.36
C ALA AA 373 151.48 6.35 0.85
N ILE AA 374 150.94 7.39 0.20
CA ILE AA 374 150.84 7.43 -1.27
C ILE AA 374 152.21 7.44 -1.96
N GLN AA 375 153.30 7.64 -1.21
CA GLN AA 375 154.65 7.44 -1.72
C GLN AA 375 154.83 6.02 -2.29
N GLU AA 376 154.17 5.01 -1.74
CA GLU AA 376 154.35 3.62 -2.16
C GLU AA 376 153.76 3.35 -3.54
N LEU AA 377 152.71 4.06 -3.91
CA LEU AA 377 152.11 3.95 -5.24
C LEU AA 377 153.04 4.58 -6.28
N PHE AA 378 153.59 5.76 -6.02
CA PHE AA 378 154.56 6.37 -6.92
C PHE AA 378 155.91 5.66 -6.93
N LYS AA 379 156.35 5.06 -5.82
CA LYS AA 379 157.62 4.33 -5.74
C LYS AA 379 157.62 3.08 -6.62
N ARG AA 380 156.59 2.24 -6.51
CA ARG AA 380 156.56 0.96 -7.25
C ARG AA 380 156.40 1.15 -8.75
N ILE AA 381 155.68 2.18 -9.20
CA ILE AA 381 155.68 2.56 -10.61
C ILE AA 381 157.08 3.04 -11.01
N SER AA 382 157.73 3.90 -10.23
CA SER AA 382 159.06 4.42 -10.53
C SER AA 382 160.15 3.33 -10.63
N GLU AA 383 160.09 2.29 -9.78
CA GLU AA 383 161.00 1.14 -9.87
C GLU AA 383 160.68 0.15 -10.99
N GLN AA 384 159.41 -0.05 -11.39
CA GLN AA 384 159.10 -0.79 -12.63
C GLN AA 384 159.57 -0.01 -13.87
N PHE AA 385 159.36 1.30 -13.91
CA PHE AA 385 159.88 2.16 -14.98
C PHE AA 385 161.39 2.04 -15.08
N THR AA 386 162.09 2.15 -13.96
CA THR AA 386 163.55 2.13 -13.93
C THR AA 386 164.11 0.83 -14.50
N ALA AA 387 163.56 -0.32 -14.10
CA ALA AA 387 164.08 -1.61 -14.54
C ALA AA 387 163.93 -1.86 -16.05
N MET AA 388 162.92 -1.30 -16.70
CA MET AA 388 162.82 -1.32 -18.17
C MET AA 388 163.71 -0.26 -18.81
N PHE AA 389 163.70 0.95 -18.27
CA PHE AA 389 164.37 2.08 -18.88
C PHE AA 389 165.90 1.97 -18.86
N ARG AA 390 166.52 1.30 -17.87
CA ARG AA 390 167.97 1.10 -17.87
C ARG AA 390 168.47 0.36 -19.10
N ARG AA 391 167.62 -0.42 -19.77
CA ARG AA 391 167.90 -1.15 -21.01
C ARG AA 391 167.14 -0.62 -22.22
N LYS AA 392 166.58 0.59 -22.13
CA LYS AA 392 165.85 1.32 -23.19
C LYS AA 392 164.72 0.52 -23.84
N ALA AA 393 164.19 -0.50 -23.17
CA ALA AA 393 163.24 -1.42 -23.75
C ALA AA 393 161.96 -0.68 -24.19
N PHE AA 394 161.34 -1.09 -25.29
CA PHE AA 394 160.13 -0.50 -25.87
C PHE AA 394 160.19 0.98 -26.30
N LEU AA 395 161.31 1.70 -26.15
CA LEU AA 395 161.33 3.15 -26.41
C LEU AA 395 161.17 3.54 -27.87
N HIS AA 396 161.32 2.63 -28.83
CA HIS AA 396 161.17 2.98 -30.25
C HIS AA 396 159.71 3.28 -30.61
N TRP AA 397 158.74 2.75 -29.87
CA TRP AA 397 157.33 3.08 -30.03
C TRP AA 397 156.96 4.50 -29.58
N TYR AA 398 157.72 5.08 -28.65
CA TYR AA 398 157.53 6.43 -28.14
C TYR AA 398 158.38 7.45 -28.89
N THR AA 399 159.66 7.15 -29.09
CA THR AA 399 160.56 7.98 -29.88
C THR AA 399 160.17 7.99 -31.36
N GLY AA 400 159.45 6.97 -31.85
CA GLY AA 400 158.84 6.98 -33.18
C GLY AA 400 157.77 8.06 -33.36
N GLU AA 401 157.06 8.44 -32.29
CA GLU AA 401 156.14 9.58 -32.24
C GLU AA 401 156.86 10.94 -32.04
N GLY AA 402 158.18 10.99 -32.15
CA GLY AA 402 159.02 12.16 -32.00
C GLY AA 402 159.31 12.60 -30.57
N MET AA 403 159.00 11.76 -29.58
CA MET AA 403 159.31 12.00 -28.17
C MET AA 403 160.81 11.81 -27.90
N ASP AA 404 161.42 12.60 -27.02
CA ASP AA 404 162.83 12.42 -26.63
C ASP AA 404 163.01 11.36 -25.53
N GLU AA 405 164.17 10.72 -25.51
CA GLU AA 405 164.63 9.98 -24.33
C GLU AA 405 164.76 10.92 -23.12
N MET AA 406 165.14 12.18 -23.33
CA MET AA 406 165.18 13.19 -22.28
C MET AA 406 163.83 13.39 -21.60
N GLU AA 407 162.70 13.13 -22.26
CA GLU AA 407 161.39 13.33 -21.61
C GLU AA 407 161.07 12.22 -20.62
N PHE AA 408 161.60 11.02 -20.85
CA PHE AA 408 161.50 9.91 -19.91
C PHE AA 408 162.37 10.18 -18.67
N THR AA 409 163.62 10.59 -18.89
CA THR AA 409 164.53 11.00 -17.82
C THR AA 409 163.91 12.11 -16.96
N GLU AA 410 163.29 13.11 -17.57
CA GLU AA 410 162.65 14.22 -16.88
C GLU AA 410 161.34 13.85 -16.19
N ALA AA 411 160.55 12.93 -16.75
CA ALA AA 411 159.37 12.41 -16.08
C ALA AA 411 159.70 11.60 -14.82
N GLU AA 412 160.63 10.65 -14.88
CA GLU AA 412 161.05 9.87 -13.71
C GLU AA 412 161.77 10.73 -12.66
N SER AA 413 162.41 11.82 -13.09
CA SER AA 413 162.99 12.82 -12.20
C SER AA 413 161.91 13.53 -11.39
N ASN AA 414 160.87 14.03 -12.07
CA ASN AA 414 159.70 14.64 -11.45
C ASN AA 414 158.85 13.67 -10.60
N MET AA 415 158.83 12.38 -10.94
CA MET AA 415 158.23 11.34 -10.12
C MET AA 415 158.97 11.19 -8.79
N ASN AA 416 160.30 11.04 -8.79
CA ASN AA 416 161.07 10.96 -7.53
C ASN AA 416 160.97 12.25 -6.70
N ASP AA 417 160.80 13.42 -7.32
CA ASP AA 417 160.53 14.68 -6.63
C ASP AA 417 159.17 14.66 -5.92
N LEU AA 418 158.13 14.04 -6.50
CA LEU AA 418 156.86 13.82 -5.82
C LEU AA 418 156.96 12.78 -4.69
N VAL AA 419 157.71 11.70 -4.87
CA VAL AA 419 157.98 10.73 -3.79
C VAL AA 419 158.70 11.38 -2.63
N SER AA 420 159.67 12.25 -2.91
CA SER AA 420 160.48 12.91 -1.88
C SER AA 420 159.68 13.90 -1.05
N GLU AA 421 158.74 14.63 -1.63
CA GLU AA 421 157.89 15.59 -0.91
C GLU AA 421 156.89 14.90 0.02
N TYR AA 422 156.32 13.75 -0.34
CA TYR AA 422 155.53 12.98 0.64
C TYR AA 422 156.40 12.33 1.71
N GLN AA 423 157.55 11.75 1.36
CA GLN AA 423 158.47 11.16 2.34
C GLN AA 423 159.07 12.19 3.30
N GLN AA 424 159.18 13.46 2.91
CA GLN AA 424 159.66 14.56 3.74
C GLN AA 424 158.78 14.78 4.99
N TYR AA 425 157.47 14.70 4.87
CA TYR AA 425 156.55 14.89 6.01
C TYR AA 425 156.22 13.61 6.78
N GLN AA 426 156.87 12.49 6.49
CA GLN AA 426 156.67 11.19 7.14
C GLN AA 426 156.90 11.27 8.65
N MET BA 1 98.08 48.43 -50.40
CA MET BA 1 98.77 48.57 -49.10
C MET BA 1 100.09 47.83 -49.11
N ARG BA 2 101.16 48.50 -49.58
CA ARG BA 2 102.54 47.99 -49.63
C ARG BA 2 102.66 46.63 -50.31
N GLU BA 3 102.03 46.52 -51.47
CA GLU BA 3 102.16 45.35 -52.31
C GLU BA 3 103.61 45.09 -52.69
N ILE BA 4 103.97 43.81 -52.84
CA ILE BA 4 105.24 43.38 -53.44
C ILE BA 4 104.95 42.64 -54.73
N VAL BA 5 105.79 42.85 -55.72
CA VAL BA 5 105.86 42.10 -56.98
C VAL BA 5 107.07 41.18 -56.91
N HIS BA 6 106.86 39.90 -57.12
CA HIS BA 6 107.91 38.90 -56.98
C HIS BA 6 108.27 38.29 -58.33
N LEU BA 7 109.55 38.09 -58.62
CA LEU BA 7 110.00 37.65 -59.94
C LEU BA 7 110.99 36.51 -59.80
N GLN BA 8 110.81 35.43 -60.54
CA GLN BA 8 111.65 34.24 -60.48
C GLN BA 8 112.45 34.03 -61.76
N ALA BA 9 113.77 33.88 -61.73
CA ALA BA 9 114.59 33.72 -62.92
C ALA BA 9 115.50 32.48 -62.95
N GLY BA 10 115.44 31.73 -64.04
CA GLY BA 10 116.27 30.53 -64.25
C GLY BA 10 115.83 29.33 -63.42
N GLN BA 11 116.60 28.24 -63.38
CA GLN BA 11 116.22 27.09 -62.57
C GLN BA 11 116.25 27.42 -61.08
N CYS BA 12 117.36 27.94 -60.54
CA CYS BA 12 117.48 28.20 -59.11
C CYS BA 12 116.42 29.21 -58.62
N GLY BA 13 116.24 30.34 -59.31
CA GLY BA 13 115.28 31.35 -58.91
C GLY BA 13 113.84 30.88 -58.90
N ASN BA 14 113.45 30.04 -59.85
CA ASN BA 14 112.14 29.39 -59.88
C ASN BA 14 112.00 28.28 -58.86
N GLN BA 15 113.09 27.68 -58.39
CA GLN BA 15 113.04 26.62 -57.38
C GLN BA 15 112.99 27.18 -55.95
N ILE BA 16 113.83 28.16 -55.60
CA ILE BA 16 113.72 28.87 -54.33
C ILE BA 16 112.42 29.68 -54.27
N GLY BA 17 111.93 30.20 -55.38
CA GLY BA 17 110.62 30.86 -55.52
C GLY BA 17 109.44 29.93 -55.36
N ALA BA 18 109.38 28.81 -56.07
CA ALA BA 18 108.29 27.85 -55.96
C ALA BA 18 108.20 27.18 -54.59
N LYS BA 19 109.29 27.14 -53.81
CA LYS BA 19 109.25 26.76 -52.39
C LYS BA 19 108.79 27.93 -51.53
N PHE BA 20 109.26 29.14 -51.77
CA PHE BA 20 108.77 30.32 -51.06
C PHE BA 20 107.25 30.45 -51.12
N TRP BA 21 106.63 30.24 -52.28
CA TRP BA 21 105.18 30.27 -52.43
C TRP BA 21 104.43 29.16 -51.69
N GLU BA 22 105.05 28.03 -51.40
CA GLU BA 22 104.51 27.02 -50.51
C GLU BA 22 104.60 27.45 -49.03
N VAL BA 23 105.68 28.11 -48.63
CA VAL BA 23 105.87 28.64 -47.27
C VAL BA 23 104.90 29.79 -46.95
N ILE BA 24 104.82 30.83 -47.77
CA ILE BA 24 103.92 31.93 -47.44
C ILE BA 24 102.45 31.60 -47.69
N SER BA 25 102.13 30.60 -48.51
CA SER BA 25 100.76 30.10 -48.58
C SER BA 25 100.35 29.32 -47.32
N ASP BA 26 101.28 28.63 -46.66
CA ASP BA 26 101.01 27.99 -45.38
C ASP BA 26 100.76 29.02 -44.26
N GLU BA 27 101.57 30.08 -44.23
CA GLU BA 27 101.41 31.22 -43.32
C GLU BA 27 100.07 31.92 -43.48
N HIS BA 28 99.72 32.30 -44.71
CA HIS BA 28 98.47 32.98 -45.03
C HIS BA 28 97.28 32.01 -45.13
N GLY BA 29 97.47 30.71 -44.95
CA GLY BA 29 96.40 29.73 -44.93
C GLY BA 29 95.68 29.58 -46.26
N ILE BA 30 96.43 29.57 -47.35
CA ILE BA 30 95.94 29.40 -48.72
C ILE BA 30 96.23 27.98 -49.18
N ASP BA 31 95.18 27.34 -49.70
CA ASP BA 31 95.15 26.00 -50.26
C ASP BA 31 95.91 25.93 -51.59
N PRO BA 32 96.51 24.80 -52.00
CA PRO BA 32 97.12 24.64 -53.32
C PRO BA 32 96.21 24.98 -54.50
N THR BA 33 94.90 25.01 -54.31
CA THR BA 33 93.90 25.44 -55.30
C THR BA 33 93.85 26.97 -55.45
N GLY BA 34 94.39 27.70 -54.48
CA GLY BA 34 94.28 29.15 -54.34
C GLY BA 34 93.15 29.62 -53.41
N ALA BA 35 92.31 28.72 -52.90
CA ALA BA 35 91.25 29.04 -51.94
C ALA BA 35 91.79 29.31 -50.53
N TYR BA 36 91.24 30.26 -49.77
CA TYR BA 36 91.62 30.46 -48.37
C TYR BA 36 90.99 29.42 -47.42
N HIS BA 37 91.80 28.83 -46.54
CA HIS BA 37 91.42 27.78 -45.59
C HIS BA 37 92.05 28.00 -44.20
N GLY BA 38 92.59 29.18 -43.92
CA GLY BA 38 93.30 29.47 -42.68
C GLY BA 38 92.43 29.61 -41.43
N ASP BA 39 93.07 29.70 -40.27
CA ASP BA 39 92.48 29.86 -38.94
C ASP BA 39 92.01 31.30 -38.65
N SER BA 40 92.81 32.27 -39.05
CA SER BA 40 92.87 33.58 -38.40
C SER BA 40 92.65 34.75 -39.33
N ASP BA 41 92.04 35.80 -38.81
CA ASP BA 41 91.82 37.04 -39.55
C ASP BA 41 93.14 37.72 -39.95
N LEU BA 42 94.20 37.57 -39.15
CA LEU BA 42 95.50 38.18 -39.41
C LEU BA 42 96.16 37.61 -40.66
N GLN BA 43 95.88 36.36 -40.99
CA GLN BA 43 96.31 35.73 -42.23
C GLN BA 43 95.69 36.39 -43.46
N LEU BA 44 94.46 36.89 -43.33
CA LEU BA 44 93.70 37.47 -44.42
C LEU BA 44 93.89 39.00 -44.52
N GLU BA 45 94.16 39.66 -43.40
CA GLU BA 45 94.32 41.12 -43.29
C GLU BA 45 95.32 41.72 -44.29
N ARG BA 46 96.43 41.04 -44.56
CA ARG BA 46 97.49 41.50 -45.47
C ARG BA 46 97.77 40.54 -46.62
N ILE BA 47 96.83 39.68 -46.97
CA ILE BA 47 96.98 38.74 -48.09
C ILE BA 47 97.26 39.45 -49.42
N ASN BA 48 96.83 40.70 -49.56
CA ASN BA 48 97.14 41.55 -50.70
C ASN BA 48 98.63 41.81 -50.88
N VAL BA 49 99.49 41.67 -49.87
CA VAL BA 49 100.94 41.94 -50.01
C VAL BA 49 101.61 41.05 -51.04
N TYR BA 50 101.17 39.80 -51.15
CA TYR BA 50 101.74 38.82 -52.08
C TYR BA 50 100.72 38.23 -53.07
N TYR BA 51 99.43 38.53 -52.94
CA TYR BA 51 98.39 37.93 -53.75
C TYR BA 51 97.40 38.96 -54.31
N ASN BA 52 96.74 38.63 -55.40
CA ASN BA 52 95.59 39.32 -55.95
C ASN BA 52 94.31 38.56 -55.55
N GLU BA 53 93.27 39.27 -55.11
CA GLU BA 53 91.94 38.68 -54.99
C GLU BA 53 91.35 38.43 -56.38
N ALA BA 54 90.74 37.27 -56.59
CA ALA BA 54 89.99 36.93 -57.79
C ALA BA 54 88.64 36.26 -57.42
N THR BA 55 87.78 36.01 -58.41
CA THR BA 55 86.40 35.57 -58.19
C THR BA 55 86.28 34.29 -57.36
N GLY BA 56 85.22 34.17 -56.56
CA GLY BA 56 85.04 33.05 -55.62
C GLY BA 56 85.97 33.08 -54.38
N GLY BA 57 86.59 34.22 -54.09
CA GLY BA 57 87.61 34.38 -53.04
C GLY BA 57 88.85 33.49 -53.24
N LYS BA 58 89.17 33.14 -54.49
CA LYS BA 58 90.46 32.54 -54.88
C LYS BA 58 91.52 33.63 -54.88
N TYR BA 59 92.70 33.30 -54.39
CA TYR BA 59 93.85 34.19 -54.33
C TYR BA 59 94.91 33.74 -55.33
N VAL BA 60 95.41 34.68 -56.13
CA VAL BA 60 96.38 34.42 -57.19
C VAL BA 60 97.67 35.14 -56.85
N PRO BA 61 98.80 34.46 -56.62
CA PRO BA 61 100.01 35.11 -56.20
C PRO BA 61 100.61 36.00 -57.27
N ARG BA 62 101.15 37.13 -56.85
CA ARG BA 62 101.76 38.14 -57.70
C ARG BA 62 103.22 37.81 -58.05
N ALA BA 63 103.44 36.60 -58.51
CA ALA BA 63 104.68 36.17 -59.11
C ALA BA 63 104.68 36.39 -60.62
N VAL BA 64 105.84 36.74 -61.17
CA VAL BA 64 106.18 36.57 -62.59
C VAL BA 64 107.24 35.48 -62.66
N LEU BA 65 107.06 34.50 -63.54
CA LEU BA 65 107.92 33.34 -63.67
C LEU BA 65 108.65 33.44 -65.00
N VAL BA 66 109.97 33.57 -64.97
CA VAL BA 66 110.81 33.82 -66.15
C VAL BA 66 111.87 32.73 -66.33
N ASP BA 67 111.97 32.20 -67.54
CA ASP BA 67 112.98 31.21 -67.92
C ASP BA 67 113.21 31.28 -69.43
N LEU BA 68 114.33 30.79 -69.92
CA LEU BA 68 114.61 30.69 -71.35
C LEU BA 68 114.34 29.27 -71.91
N GLU BA 69 113.98 28.34 -71.04
CA GLU BA 69 113.61 26.94 -71.31
C GLU BA 69 112.20 26.66 -70.79
N PRO BA 70 111.40 25.78 -71.42
CA PRO BA 70 110.08 25.42 -70.91
C PRO BA 70 110.15 24.47 -69.70
N GLY BA 71 111.17 23.63 -69.60
CA GLY BA 71 111.28 22.54 -68.63
C GLY BA 71 111.18 22.94 -67.16
N THR BA 72 111.64 24.13 -66.74
CA THR BA 72 111.38 24.55 -65.34
C THR BA 72 109.96 25.06 -65.12
N MET BA 73 109.34 25.71 -66.10
CA MET BA 73 107.91 26.04 -66.04
C MET BA 73 107.07 24.78 -65.93
N ASP BA 74 107.38 23.77 -66.73
CA ASP BA 74 106.73 22.46 -66.67
C ASP BA 74 106.90 21.78 -65.30
N SER BA 75 108.06 21.94 -64.68
CA SER BA 75 108.35 21.39 -63.35
C SER BA 75 107.66 22.15 -62.22
N VAL BA 76 107.52 23.47 -62.33
CA VAL BA 76 106.77 24.31 -61.40
C VAL BA 76 105.27 24.10 -61.54
N ARG BA 77 104.71 24.22 -62.76
CA ARG BA 77 103.29 24.08 -63.07
C ARG BA 77 102.71 22.72 -62.68
N SER BA 78 103.49 21.66 -62.79
CA SER BA 78 103.15 20.31 -62.33
C SER BA 78 103.43 20.04 -60.83
N GLY BA 79 104.07 20.98 -60.12
CA GLY BA 79 104.58 20.79 -58.76
C GLY BA 79 103.53 20.87 -57.66
N PRO BA 80 103.96 20.83 -56.37
CA PRO BA 80 103.09 20.86 -55.20
C PRO BA 80 102.07 22.02 -55.16
N PHE BA 81 102.49 23.19 -55.64
CA PHE BA 81 101.69 24.42 -55.66
C PHE BA 81 101.57 25.03 -57.05
N GLY BA 82 101.94 24.33 -58.11
CA GLY BA 82 102.05 24.87 -59.46
C GLY BA 82 100.79 25.49 -60.06
N GLN BA 83 99.62 24.97 -59.65
CA GLN BA 83 98.33 25.41 -60.16
C GLN BA 83 97.91 26.77 -59.59
N ILE BA 84 98.63 27.31 -58.61
CA ILE BA 84 98.28 28.57 -57.96
C ILE BA 84 98.54 29.77 -58.87
N PHE BA 85 99.64 29.77 -59.63
CA PHE BA 85 100.12 30.92 -60.41
C PHE BA 85 99.25 31.22 -61.62
N ARG BA 86 99.23 32.49 -62.07
CA ARG BA 86 98.47 32.91 -63.26
C ARG BA 86 99.12 32.33 -64.53
N PRO BA 87 98.42 31.59 -65.41
CA PRO BA 87 98.98 31.06 -66.65
C PRO BA 87 99.69 32.11 -67.52
N ASP BA 88 99.17 33.34 -67.58
CA ASP BA 88 99.80 34.46 -68.30
C ASP BA 88 101.14 34.93 -67.72
N ASN BA 89 101.42 34.63 -66.45
CA ASN BA 89 102.63 35.09 -65.76
C ASN BA 89 103.81 34.14 -65.94
N PHE BA 90 103.60 32.94 -66.51
CA PHE BA 90 104.68 32.10 -66.99
C PHE BA 90 105.17 32.64 -68.34
N VAL BA 91 106.30 33.34 -68.34
CA VAL BA 91 106.90 33.93 -69.53
C VAL BA 91 108.18 33.18 -69.86
N PHE BA 92 108.29 32.57 -71.03
CA PHE BA 92 109.39 31.68 -71.34
C PHE BA 92 109.77 31.63 -72.82
N GLY BA 93 111.04 31.35 -73.08
CA GLY BA 93 111.60 31.01 -74.39
C GLY BA 93 111.52 29.50 -74.71
N GLN BA 94 112.28 29.04 -75.71
CA GLN BA 94 112.41 27.60 -76.04
C GLN BA 94 113.85 27.10 -75.93
N SER BA 95 114.82 27.74 -76.60
CA SER BA 95 116.25 27.45 -76.50
C SER BA 95 116.86 28.13 -75.27
N GLY BA 96 117.55 27.40 -74.41
CA GLY BA 96 118.06 27.90 -73.14
C GLY BA 96 119.19 28.93 -73.22
N ALA BA 97 119.68 29.34 -72.05
CA ALA BA 97 120.82 30.25 -71.93
C ALA BA 97 122.19 29.58 -72.12
N GLY BA 98 122.31 28.26 -72.25
CA GLY BA 98 123.60 27.61 -72.43
C GLY BA 98 124.62 27.83 -71.29
N ASN BA 99 124.15 28.22 -70.08
CA ASN BA 99 124.98 28.74 -68.99
C ASN BA 99 125.84 29.94 -69.39
N ASN BA 100 125.32 30.80 -70.26
CA ASN BA 100 126.01 31.93 -70.82
C ASN BA 100 125.33 33.24 -70.41
N TRP BA 101 126.02 34.13 -69.68
CA TRP BA 101 125.47 35.43 -69.31
C TRP BA 101 125.06 36.26 -70.52
N ALA BA 102 125.85 36.24 -71.59
CA ALA BA 102 125.62 37.04 -72.78
C ALA BA 102 124.40 36.54 -73.55
N LYS BA 103 124.06 35.25 -73.53
CA LYS BA 103 122.77 34.78 -74.04
C LYS BA 103 121.60 35.32 -73.24
N GLY BA 104 121.68 35.27 -71.91
CA GLY BA 104 120.69 35.91 -71.05
C GLY BA 104 120.49 37.39 -71.34
N HIS BA 105 121.55 38.18 -71.31
CA HIS BA 105 121.50 39.64 -71.38
C HIS BA 105 121.37 40.24 -72.79
N TYR BA 106 121.81 39.57 -73.87
CA TYR BA 106 121.95 40.20 -75.19
C TYR BA 106 121.18 39.54 -76.32
N THR BA 107 120.75 38.28 -76.17
CA THR BA 107 120.23 37.51 -77.32
C THR BA 107 118.89 36.84 -77.03
N GLU BA 108 118.91 35.85 -76.15
CA GLU BA 108 117.81 34.94 -75.89
C GLU BA 108 116.80 35.56 -74.91
N GLY BA 109 117.31 36.32 -73.94
CA GLY BA 109 116.52 37.06 -72.97
C GLY BA 109 116.26 38.50 -73.37
N ALA BA 110 117.10 39.10 -74.21
CA ALA BA 110 116.81 40.40 -74.81
C ALA BA 110 115.58 40.34 -75.74
N GLU BA 111 115.37 39.21 -76.40
CA GLU BA 111 114.12 38.94 -77.14
C GLU BA 111 112.92 38.85 -76.18
N LEU BA 112 113.08 38.13 -75.07
CA LEU BA 112 112.01 37.79 -74.13
C LEU BA 112 111.63 38.92 -73.16
N VAL BA 113 112.54 39.82 -72.80
CA VAL BA 113 112.30 40.85 -71.78
C VAL BA 113 111.13 41.77 -72.13
N ASP BA 114 110.87 42.06 -73.41
CA ASP BA 114 109.69 42.82 -73.83
C ASP BA 114 108.36 42.12 -73.47
N SER BA 115 108.37 40.78 -73.43
CA SER BA 115 107.23 39.95 -73.02
C SER BA 115 107.17 39.75 -71.50
N VAL BA 116 108.29 39.90 -70.78
CA VAL BA 116 108.33 39.89 -69.31
C VAL BA 116 107.86 41.22 -68.74
N LEU BA 117 108.46 42.31 -69.20
CA LEU BA 117 108.31 43.60 -68.59
C LEU BA 117 106.87 44.09 -68.65
N ASP BA 118 106.15 43.80 -69.75
CA ASP BA 118 104.74 44.14 -69.93
C ASP BA 118 103.77 43.33 -69.05
N VAL BA 119 104.20 42.23 -68.43
CA VAL BA 119 103.50 41.50 -67.37
C VAL BA 119 103.80 42.10 -66.00
N VAL BA 120 105.05 42.51 -65.75
CA VAL BA 120 105.42 43.25 -64.53
C VAL BA 120 104.61 44.55 -64.40
N ARG BA 121 104.30 45.22 -65.52
CA ARG BA 121 103.35 46.34 -65.57
C ARG BA 121 101.91 45.99 -65.19
N LYS BA 122 101.35 44.85 -65.61
CA LYS BA 122 99.97 44.46 -65.28
C LYS BA 122 99.83 44.18 -63.80
N GLU BA 123 100.83 43.57 -63.19
CA GLU BA 123 100.83 43.32 -61.75
C GLU BA 123 101.06 44.61 -60.94
N ALA BA 124 102.03 45.45 -61.30
CA ALA BA 124 102.30 46.74 -60.64
C ALA BA 124 101.19 47.78 -60.78
N GLU BA 125 100.42 47.77 -61.88
CA GLU BA 125 99.25 48.63 -62.07
C GLU BA 125 98.03 48.11 -61.27
N SER BA 126 97.93 46.81 -61.01
CA SER BA 126 96.91 46.22 -60.12
C SER BA 126 97.18 46.51 -58.64
N CYS BA 127 98.38 46.92 -58.26
CA CYS BA 127 98.72 47.28 -56.88
C CYS BA 127 98.07 48.59 -56.45
N ASP BA 128 97.69 48.68 -55.18
CA ASP BA 128 97.15 49.90 -54.57
C ASP BA 128 98.27 50.90 -54.19
N CYS BA 129 99.30 50.39 -53.54
CA CYS BA 129 100.56 51.09 -53.32
C CYS BA 129 101.68 50.06 -53.29
N LEU BA 130 102.40 49.92 -54.40
CA LEU BA 130 103.58 49.07 -54.53
C LEU BA 130 104.72 49.59 -53.63
N GLN BA 131 105.30 48.77 -52.76
CA GLN BA 131 106.53 49.09 -52.03
C GLN BA 131 107.77 48.59 -52.77
N GLY BA 132 107.71 47.49 -53.50
CA GLY BA 132 108.90 47.00 -54.16
C GLY BA 132 108.81 45.71 -54.96
N PHE BA 133 109.98 45.29 -55.43
CA PHE BA 133 110.25 44.13 -56.26
C PHE BA 133 111.15 43.16 -55.52
N GLN BA 134 110.78 41.88 -55.51
CA GLN BA 134 111.46 40.83 -54.77
C GLN BA 134 111.90 39.73 -55.74
N LEU BA 135 113.14 39.78 -56.24
CA LEU BA 135 113.60 38.95 -57.35
C LEU BA 135 114.47 37.78 -56.89
N THR BA 136 114.11 36.53 -57.18
CA THR BA 136 114.89 35.33 -56.86
C THR BA 136 115.65 34.81 -58.08
N HIS BA 137 116.96 34.62 -57.93
CA HIS BA 137 117.84 34.18 -59.00
C HIS BA 137 119.17 33.63 -58.46
N SER BA 138 119.98 33.07 -59.34
CA SER BA 138 121.34 32.62 -59.09
C SER BA 138 122.34 33.42 -59.93
N LEU BA 139 123.57 33.62 -59.47
CA LEU BA 139 124.60 34.38 -60.20
C LEU BA 139 125.52 33.49 -61.05
N GLY BA 140 125.58 32.19 -60.76
CA GLY BA 140 126.09 31.19 -61.70
C GLY BA 140 125.12 30.93 -62.86
N GLY BA 141 125.53 30.19 -63.88
CA GLY BA 141 124.70 29.96 -65.06
C GLY BA 141 124.32 31.25 -65.80
N GLY BA 142 123.31 31.25 -66.65
CA GLY BA 142 123.12 32.33 -67.63
C GLY BA 142 121.77 33.01 -67.58
N THR BA 143 120.73 32.33 -67.12
CA THR BA 143 119.37 32.85 -67.12
C THR BA 143 119.17 33.80 -65.95
N GLY BA 144 119.41 33.34 -64.72
CA GLY BA 144 119.31 34.17 -63.54
C GLY BA 144 120.35 35.27 -63.50
N SER BA 145 121.59 34.97 -63.85
CA SER BA 145 122.69 35.92 -63.80
C SER BA 145 122.56 37.02 -64.85
N GLY BA 146 122.23 36.67 -66.08
CA GLY BA 146 122.25 37.58 -67.22
C GLY BA 146 120.91 38.12 -67.64
N MET BA 147 119.86 37.31 -67.62
CA MET BA 147 118.51 37.81 -67.87
C MET BA 147 117.94 38.50 -66.64
N GLY BA 148 118.16 37.97 -65.45
CA GLY BA 148 117.67 38.55 -64.21
C GLY BA 148 118.24 39.93 -63.95
N THR BA 149 119.54 40.14 -64.23
CA THR BA 149 120.13 41.48 -64.16
C THR BA 149 119.79 42.41 -65.32
N LEU BA 150 119.41 41.89 -66.48
CA LEU BA 150 118.76 42.69 -67.53
C LEU BA 150 117.41 43.21 -67.03
N LEU BA 151 116.63 42.34 -66.42
CA LEU BA 151 115.31 42.64 -65.91
C LEU BA 151 115.36 43.60 -64.71
N ILE BA 152 116.32 43.48 -63.81
CA ILE BA 152 116.60 44.45 -62.75
C ILE BA 152 116.87 45.83 -63.37
N SER BA 153 117.69 45.91 -64.41
CA SER BA 153 118.00 47.17 -65.07
C SER BA 153 116.74 47.83 -65.66
N LYS BA 154 115.88 47.06 -66.34
CA LYS BA 154 114.63 47.54 -66.94
C LYS BA 154 113.57 47.98 -65.92
N ILE BA 155 113.35 47.23 -64.85
CA ILE BA 155 112.46 47.60 -63.75
C ILE BA 155 113.02 48.75 -62.93
N ARG BA 156 114.33 48.85 -62.69
CA ARG BA 156 114.96 49.99 -62.02
C ARG BA 156 114.76 51.32 -62.77
N GLU BA 157 114.90 51.30 -64.09
CA GLU BA 157 114.69 52.47 -64.94
C GLU BA 157 113.24 52.94 -64.97
N GLU BA 158 112.30 52.02 -64.81
CA GLU BA 158 110.85 52.27 -64.87
C GLU BA 158 110.23 52.63 -63.51
N TYR BA 159 110.78 52.10 -62.42
CA TYR BA 159 110.36 52.28 -61.02
C TYR BA 159 111.56 52.69 -60.14
N PRO BA 160 112.04 53.94 -60.23
CA PRO BA 160 113.30 54.33 -59.61
C PRO BA 160 113.27 54.50 -58.08
N ASP BA 161 112.09 54.68 -57.49
CA ASP BA 161 111.87 55.02 -56.07
C ASP BA 161 111.32 53.86 -55.22
N ARG BA 162 110.83 52.80 -55.86
CA ARG BA 162 110.38 51.56 -55.21
C ARG BA 162 111.58 50.72 -54.75
N ILE BA 163 111.44 49.92 -53.71
CA ILE BA 163 112.52 49.04 -53.23
C ILE BA 163 112.81 47.92 -54.22
N MET BA 164 114.05 47.76 -54.66
CA MET BA 164 114.51 46.62 -55.42
C MET BA 164 115.32 45.72 -54.51
N ASN BA 165 114.80 44.52 -54.25
CA ASN BA 165 115.22 43.63 -53.18
C ASN BA 165 115.47 42.23 -53.76
N THR BA 166 116.71 41.76 -53.85
CA THR BA 166 117.04 40.52 -54.59
C THR BA 166 117.63 39.44 -53.69
N PHE BA 167 117.24 38.19 -53.93
CA PHE BA 167 117.77 37.02 -53.24
C PHE BA 167 118.59 36.20 -54.21
N SER BA 168 119.89 36.11 -53.96
CA SER BA 168 120.91 35.86 -54.97
C SER BA 168 121.81 34.71 -54.55
N VAL BA 169 121.51 33.52 -55.06
CA VAL BA 169 122.32 32.33 -54.81
C VAL BA 169 123.58 32.43 -55.66
N VAL BA 170 124.78 32.32 -55.11
CA VAL BA 170 126.00 32.68 -55.84
C VAL BA 170 127.19 31.75 -55.59
N PRO BA 171 128.19 31.72 -56.50
CA PRO BA 171 129.20 30.67 -56.55
C PRO BA 171 130.17 30.64 -55.36
N SER BA 172 130.70 29.46 -55.11
CA SER BA 172 131.81 29.19 -54.19
C SER BA 172 132.59 27.95 -54.65
N PRO BA 173 133.87 27.80 -54.30
CA PRO BA 173 134.75 26.86 -54.98
C PRO BA 173 134.47 25.38 -54.67
N LYS BA 174 134.13 25.03 -53.43
CA LYS BA 174 133.97 23.65 -52.97
C LYS BA 174 132.60 23.02 -53.31
N VAL BA 175 131.62 23.81 -53.73
CA VAL BA 175 130.30 23.35 -54.17
C VAL BA 175 129.96 24.04 -55.49
N SER BA 176 130.42 23.46 -56.59
CA SER BA 176 130.27 24.01 -57.93
C SER BA 176 129.89 22.98 -58.98
N ASP BA 177 129.05 23.38 -59.95
CA ASP BA 177 128.51 22.54 -61.01
C ASP BA 177 128.76 23.11 -62.42
N THR BA 178 129.45 24.24 -62.57
CA THR BA 178 129.66 24.95 -63.84
C THR BA 178 131.13 25.32 -63.98
N VAL BA 179 131.70 25.22 -65.19
CA VAL BA 179 133.08 25.66 -65.46
C VAL BA 179 133.19 27.18 -65.52
N VAL BA 180 132.28 27.83 -66.26
CA VAL BA 180 132.20 29.29 -66.42
C VAL BA 180 131.43 30.03 -65.32
N GLU BA 181 131.18 29.43 -64.17
CA GLU BA 181 130.52 30.11 -63.05
C GLU BA 181 131.17 31.45 -62.67
N PRO BA 182 132.51 31.56 -62.51
CA PRO BA 182 133.16 32.82 -62.17
C PRO BA 182 132.90 33.98 -63.14
N TYR BA 183 132.82 33.70 -64.44
CA TYR BA 183 132.54 34.71 -65.46
C TYR BA 183 131.14 35.28 -65.30
N ASN BA 184 130.15 34.40 -65.26
CA ASN BA 184 128.75 34.77 -65.17
C ASN BA 184 128.46 35.62 -63.94
N ALA BA 185 129.03 35.23 -62.79
CA ALA BA 185 128.84 35.97 -61.56
C ALA BA 185 129.51 37.34 -61.64
N THR BA 186 130.73 37.44 -62.13
CA THR BA 186 131.44 38.74 -62.21
C THR BA 186 130.74 39.73 -63.12
N LEU BA 187 130.19 39.28 -64.26
CA LEU BA 187 129.35 40.09 -65.13
C LEU BA 187 128.01 40.51 -64.49
N SER BA 188 127.50 39.73 -63.54
CA SER BA 188 126.21 39.95 -62.89
C SER BA 188 126.31 40.85 -61.65
N VAL BA 189 127.34 40.70 -60.83
CA VAL BA 189 127.59 41.51 -59.62
C VAL BA 189 127.77 43.00 -59.96
N HIS BA 190 128.36 43.27 -61.11
CA HIS BA 190 128.47 44.59 -61.74
C HIS BA 190 127.12 45.31 -61.96
N GLN BA 191 126.03 44.57 -62.14
CA GLN BA 191 124.67 45.13 -62.22
C GLN BA 191 124.00 45.28 -60.86
N LEU BA 192 124.22 44.34 -59.95
CA LEU BA 192 123.62 44.35 -58.62
C LEU BA 192 124.15 45.51 -57.77
N VAL BA 193 125.46 45.82 -57.77
CA VAL BA 193 126.04 46.92 -57.00
C VAL BA 193 125.48 48.30 -57.36
N GLU BA 194 125.03 48.52 -58.60
CA GLU BA 194 124.49 49.79 -59.07
C GLU BA 194 122.97 49.91 -58.90
N ASN BA 195 122.21 48.84 -59.18
CA ASN BA 195 120.75 48.93 -59.30
C ASN BA 195 119.97 48.52 -58.05
N THR BA 196 120.31 47.43 -57.36
CA THR BA 196 119.50 46.95 -56.23
C THR BA 196 119.62 47.87 -55.01
N ASP BA 197 118.58 47.91 -54.18
CA ASP BA 197 118.58 48.59 -52.88
C ASP BA 197 119.04 47.66 -51.74
N GLU BA 198 118.80 46.36 -51.90
CA GLU BA 198 119.29 45.27 -51.05
C GLU BA 198 119.58 44.04 -51.91
N THR BA 199 120.69 43.34 -51.66
CA THR BA 199 120.91 42.01 -52.24
C THR BA 199 121.33 41.03 -51.16
N TYR BA 200 120.58 39.94 -50.99
CA TYR BA 200 120.82 38.93 -49.98
C TYR BA 200 121.63 37.79 -50.57
N CYS BA 201 122.91 37.78 -50.22
CA CYS BA 201 123.92 36.89 -50.79
C CYS BA 201 123.80 35.53 -50.13
N ILE BA 202 123.53 34.51 -50.92
CA ILE BA 202 123.29 33.15 -50.43
C ILE BA 202 124.20 32.16 -51.15
N ASP BA 203 124.65 31.11 -50.49
CA ASP BA 203 125.67 30.22 -51.02
C ASP BA 203 125.30 28.75 -50.79
N ASN BA 204 125.51 27.89 -51.77
CA ASN BA 204 125.18 26.47 -51.57
C ASN BA 204 126.15 25.78 -50.59
N GLU BA 205 127.38 26.25 -50.46
CA GLU BA 205 128.32 25.71 -49.46
C GLU BA 205 127.83 25.98 -48.04
N ALA BA 206 127.33 27.19 -47.75
CA ALA BA 206 126.79 27.54 -46.44
C ALA BA 206 125.44 26.87 -46.17
N LEU BA 207 124.60 26.68 -47.18
CA LEU BA 207 123.34 25.97 -47.04
C LEU BA 207 123.54 24.46 -46.85
N TYR BA 208 124.59 23.86 -47.38
CA TYR BA 208 124.98 22.49 -47.02
C TYR BA 208 125.62 22.41 -45.63
N ASP BA 209 126.38 23.40 -45.19
CA ASP BA 209 126.94 23.44 -43.82
C ASP BA 209 125.84 23.51 -42.75
N ILE BA 210 124.76 24.27 -42.98
CA ILE BA 210 123.60 24.25 -42.08
C ILE BA 210 122.95 22.86 -42.06
N CYS BA 211 122.82 22.20 -43.21
CA CYS BA 211 122.17 20.89 -43.27
C CYS BA 211 122.96 19.78 -42.57
N PHE BA 212 124.29 19.79 -42.63
CA PHE BA 212 125.12 18.77 -41.97
C PHE BA 212 125.47 19.11 -40.52
N ARG BA 213 125.91 20.33 -40.22
CA ARG BA 213 126.44 20.69 -38.89
C ARG BA 213 125.40 21.24 -37.91
N THR BA 214 124.16 21.47 -38.34
CA THR BA 214 123.06 21.93 -37.48
C THR BA 214 121.89 20.96 -37.53
N LEU BA 215 121.25 20.79 -38.69
CA LEU BA 215 120.09 19.92 -38.83
C LEU BA 215 120.40 18.42 -38.79
N LYS BA 216 121.66 18.03 -38.99
CA LYS BA 216 122.13 16.64 -39.05
C LYS BA 216 121.37 15.78 -40.08
N LEU BA 217 120.94 16.36 -41.20
CA LEU BA 217 120.37 15.63 -42.33
C LEU BA 217 121.44 14.74 -42.99
N THR BA 218 121.13 13.48 -43.27
CA THR BA 218 122.12 12.56 -43.89
C THR BA 218 122.33 12.81 -45.39
N THR BA 219 121.27 13.22 -46.11
CA THR BA 219 121.24 13.44 -47.56
C THR BA 219 120.39 14.66 -47.90
N PRO BA 220 120.91 15.90 -47.68
CA PRO BA 220 120.21 17.12 -48.02
C PRO BA 220 120.13 17.34 -49.52
N THR BA 221 118.93 17.52 -50.02
CA THR BA 221 118.61 17.80 -51.43
C THR BA 221 118.60 19.30 -51.70
N TYR BA 222 118.46 19.70 -52.97
CA TYR BA 222 118.11 21.10 -53.29
C TYR BA 222 116.76 21.50 -52.69
N GLY BA 223 115.80 20.60 -52.51
CA GLY BA 223 114.55 20.92 -51.83
C GLY BA 223 114.71 21.33 -50.38
N ASP BA 224 115.71 20.78 -49.69
CA ASP BA 224 116.07 21.15 -48.32
C ASP BA 224 116.82 22.48 -48.28
N LEU BA 225 117.67 22.77 -49.26
CA LEU BA 225 118.34 24.06 -49.37
C LEU BA 225 117.35 25.20 -49.65
N ASN BA 226 116.38 24.94 -50.50
CA ASN BA 226 115.36 25.91 -50.91
C ASN BA 226 114.42 26.29 -49.77
N HIS BA 227 114.25 25.39 -48.82
CA HIS BA 227 113.48 25.55 -47.60
C HIS BA 227 114.20 26.48 -46.62
N LEU BA 228 115.53 26.39 -46.46
CA LEU BA 228 116.31 27.36 -45.68
C LEU BA 228 116.29 28.77 -46.26
N VAL BA 229 116.44 28.91 -47.59
CA VAL BA 229 116.37 30.22 -48.24
C VAL BA 229 115.02 30.85 -48.03
N SER BA 230 113.94 30.13 -48.31
CA SER BA 230 112.58 30.67 -48.28
C SER BA 230 112.08 31.01 -46.88
N ALA BA 231 112.59 30.40 -45.82
CA ALA BA 231 112.34 30.83 -44.45
C ALA BA 231 112.82 32.27 -44.19
N THR BA 232 114.00 32.67 -44.67
CA THR BA 232 114.50 34.06 -44.55
C THR BA 232 113.83 35.04 -45.51
N MET BA 233 113.31 34.57 -46.66
CA MET BA 233 112.48 35.41 -47.52
C MET BA 233 111.14 35.77 -46.86
N SER BA 234 110.44 34.78 -46.29
CA SER BA 234 109.26 35.02 -45.46
C SER BA 234 109.62 35.92 -44.28
N GLY BA 235 110.79 35.72 -43.69
CA GLY BA 235 111.21 36.48 -42.52
C GLY BA 235 111.26 38.00 -42.70
N VAL BA 236 111.95 38.51 -43.72
CA VAL BA 236 112.24 39.95 -43.82
C VAL BA 236 111.02 40.81 -44.17
N THR BA 237 110.00 40.25 -44.80
CA THR BA 237 108.75 40.97 -45.12
C THR BA 237 107.69 40.86 -44.03
N THR BA 238 107.91 40.06 -42.99
CA THR BA 238 106.93 39.73 -41.94
C THR BA 238 106.22 40.96 -41.39
N CYS BA 239 106.97 42.03 -41.11
CA CYS BA 239 106.45 43.27 -40.54
C CYS BA 239 105.54 44.11 -41.44
N LEU BA 240 105.36 43.81 -42.72
CA LEU BA 240 104.25 44.37 -43.51
C LEU BA 240 103.09 43.39 -43.74
N ARG BA 241 103.19 42.16 -43.23
CA ARG BA 241 102.16 41.10 -43.34
C ARG BA 241 101.43 40.82 -42.03
N PHE BA 242 102.06 41.09 -40.89
CA PHE BA 242 101.55 40.84 -39.55
C PHE BA 242 101.79 42.03 -38.60
N PRO BA 243 100.98 42.18 -37.54
CA PRO BA 243 101.21 43.21 -36.51
C PRO BA 243 102.42 42.89 -35.62
N GLY BA 244 102.91 43.87 -34.87
CA GLY BA 244 104.12 43.71 -34.05
C GLY BA 244 104.32 44.82 -33.03
N GLN BA 245 105.22 44.60 -32.06
CA GLN BA 245 105.63 45.59 -31.07
C GLN BA 245 106.58 46.65 -31.67
N LEU BA 246 107.37 46.28 -32.67
CA LEU BA 246 108.21 47.15 -33.49
C LEU BA 246 108.04 46.74 -34.95
N ASN BA 247 107.40 47.57 -35.77
CA ASN BA 247 107.23 47.28 -37.19
C ASN BA 247 108.43 47.80 -38.01
N ALA BA 248 108.93 47.01 -38.95
CA ALA BA 248 109.98 47.39 -39.90
C ALA BA 248 109.65 46.97 -41.35
N ASP BA 249 109.27 47.94 -42.18
CA ASP BA 249 109.15 47.78 -43.64
C ASP BA 249 110.52 47.47 -44.29
N LEU BA 250 110.58 46.90 -45.49
CA LEU BA 250 111.83 46.71 -46.23
C LEU BA 250 112.64 48.01 -46.37
N ARG BA 251 111.98 49.16 -46.45
CA ARG BA 251 112.65 50.46 -46.45
C ARG BA 251 113.22 50.87 -45.09
N LYS BA 252 112.54 50.54 -43.98
CA LYS BA 252 113.00 50.74 -42.59
C LYS BA 252 114.19 49.85 -42.25
N LEU BA 253 114.29 48.70 -42.90
CA LEU BA 253 115.52 47.91 -42.94
C LEU BA 253 116.62 48.64 -43.72
N ALA BA 254 116.38 49.03 -44.97
CA ALA BA 254 117.39 49.66 -45.83
C ALA BA 254 118.01 50.94 -45.24
N VAL BA 255 117.22 51.86 -44.69
CA VAL BA 255 117.71 53.09 -44.03
C VAL BA 255 118.66 52.80 -42.88
N ASN BA 256 118.42 51.74 -42.12
CA ASN BA 256 119.24 51.33 -40.97
C ASN BA 256 120.42 50.41 -41.38
N MET BA 257 120.26 49.63 -42.44
CA MET BA 257 121.20 48.60 -42.84
C MET BA 257 122.28 49.06 -43.82
N VAL BA 258 122.06 50.09 -44.62
CA VAL BA 258 122.96 50.53 -45.69
C VAL BA 258 123.58 51.88 -45.38
N PRO BA 259 124.75 51.95 -44.73
CA PRO BA 259 125.37 53.21 -44.35
C PRO BA 259 125.78 54.04 -45.57
N PHE BA 260 126.54 53.44 -46.47
CA PHE BA 260 126.99 54.04 -47.73
C PHE BA 260 126.37 53.30 -48.91
N PRO BA 261 125.91 53.98 -49.98
CA PRO BA 261 124.89 53.47 -50.91
C PRO BA 261 125.07 52.05 -51.46
N ARG BA 262 126.31 51.67 -51.76
CA ARG BA 262 126.74 50.44 -52.42
C ARG BA 262 126.99 49.27 -51.48
N LEU BA 263 127.05 49.49 -50.17
CA LEU BA 263 127.32 48.44 -49.17
C LEU BA 263 126.04 47.72 -48.75
N HIS BA 264 125.26 47.21 -49.70
CA HIS BA 264 123.96 46.58 -49.47
C HIS BA 264 123.94 45.07 -49.75
N PHE BA 265 125.11 44.45 -49.85
CA PHE BA 265 125.27 43.01 -50.01
C PHE BA 265 125.17 42.30 -48.67
N PHE BA 266 123.95 41.98 -48.28
CA PHE BA 266 123.64 41.33 -47.02
C PHE BA 266 123.87 39.83 -47.05
N MET BA 267 123.74 39.20 -45.89
CA MET BA 267 124.07 37.81 -45.61
C MET BA 267 123.05 37.28 -44.59
N PRO BA 268 122.05 36.48 -44.99
CA PRO BA 268 120.93 36.14 -44.14
C PRO BA 268 121.19 34.95 -43.21
N GLY BA 269 120.33 34.75 -42.22
CA GLY BA 269 120.29 33.61 -41.33
C GLY BA 269 118.92 33.44 -40.68
N PHE BA 270 118.71 32.31 -40.01
CA PHE BA 270 117.42 31.95 -39.41
C PHE BA 270 117.62 31.17 -38.12
N ALA BA 271 116.72 31.32 -37.16
CA ALA BA 271 116.66 30.58 -35.91
C ALA BA 271 115.20 30.41 -35.48
N PRO BA 272 114.85 29.40 -34.68
CA PRO BA 272 115.67 28.29 -34.25
C PRO BA 272 115.83 27.26 -35.39
N LEU BA 273 117.03 26.72 -35.57
CA LEU BA 273 117.25 25.50 -36.33
C LEU BA 273 117.77 24.43 -35.38
N THR BA 274 117.14 23.26 -35.34
CA THR BA 274 117.50 22.18 -34.42
C THR BA 274 117.61 20.86 -35.16
N SER BA 275 118.52 20.00 -34.75
CA SER BA 275 118.56 18.62 -35.23
C SER BA 275 117.20 17.97 -35.00
N ARG BA 276 116.62 17.34 -36.02
CA ARG BA 276 115.24 16.84 -35.99
C ARG BA 276 114.94 15.92 -34.80
N GLY BA 277 115.89 15.09 -34.39
CA GLY BA 277 115.78 14.19 -33.25
C GLY BA 277 116.01 14.82 -31.88
N SER BA 278 116.31 16.11 -31.78
CA SER BA 278 116.74 16.78 -30.56
C SER BA 278 115.79 17.85 -30.03
N GLN BA 279 114.67 18.16 -30.70
CA GLN BA 279 113.89 19.35 -30.33
C GLN BA 279 113.39 19.35 -28.88
N GLN BA 280 112.91 18.22 -28.34
CA GLN BA 280 112.36 18.15 -26.99
C GLN BA 280 113.34 18.54 -25.86
N TYR BA 281 114.64 18.53 -26.13
CA TYR BA 281 115.66 18.86 -25.14
C TYR BA 281 116.03 20.35 -25.13
N ARG BA 282 115.59 21.13 -26.13
CA ARG BA 282 115.95 22.54 -26.31
C ARG BA 282 114.89 23.47 -25.72
N ALA BA 283 115.31 24.51 -25.03
CA ALA BA 283 114.42 25.58 -24.59
C ALA BA 283 114.34 26.70 -25.64
N LEU BA 284 113.21 26.87 -26.32
CA LEU BA 284 113.00 28.00 -27.23
C LEU BA 284 112.82 29.28 -26.42
N THR BA 285 113.77 30.20 -26.51
CA THR BA 285 113.72 31.49 -25.81
C THR BA 285 114.73 32.46 -26.39
N VAL BA 286 114.53 33.76 -26.23
CA VAL BA 286 115.32 34.82 -26.86
C VAL BA 286 116.85 34.69 -26.72
N PRO BA 287 117.44 34.32 -25.56
CA PRO BA 287 118.89 34.15 -25.49
C PRO BA 287 119.42 32.89 -26.19
N GLU BA 288 118.62 31.86 -26.42
CA GLU BA 288 119.05 30.73 -27.24
C GLU BA 288 118.91 31.04 -28.72
N LEU BA 289 117.81 31.69 -29.13
CA LEU BA 289 117.67 32.24 -30.49
C LEU BA 289 118.84 33.17 -30.79
N THR BA 290 119.27 34.01 -29.85
CA THR BA 290 120.44 34.87 -30.04
C THR BA 290 121.76 34.10 -30.18
N GLN BA 291 122.06 33.15 -29.31
CA GLN BA 291 123.31 32.37 -29.37
C GLN BA 291 123.43 31.45 -30.60
N GLN BA 292 122.31 31.15 -31.26
CA GLN BA 292 122.32 30.53 -32.59
C GLN BA 292 122.49 31.57 -33.71
N MET BA 293 121.63 32.59 -33.72
CA MET BA 293 121.55 33.62 -34.73
C MET BA 293 122.87 34.32 -35.00
N PHE BA 294 123.61 34.71 -33.96
CA PHE BA 294 124.88 35.43 -34.09
C PHE BA 294 126.12 34.53 -34.20
N ASP BA 295 125.97 33.23 -34.41
CA ASP BA 295 127.10 32.29 -34.56
C ASP BA 295 127.36 31.93 -36.03
N ALA BA 296 128.63 31.94 -36.37
CA ALA BA 296 129.24 31.85 -37.71
C ALA BA 296 128.75 30.66 -38.53
N LYS BA 297 128.32 29.57 -37.87
CA LYS BA 297 127.76 28.37 -38.52
C LYS BA 297 126.34 28.55 -39.05
N ASN BA 298 125.60 29.55 -38.59
CA ASN BA 298 124.20 29.76 -38.97
C ASN BA 298 124.01 30.60 -40.25
N MET BA 299 124.92 31.51 -40.60
CA MET BA 299 124.78 32.40 -41.75
C MET BA 299 124.87 31.66 -43.08
N MET BA 300 124.05 32.06 -44.06
CA MET BA 300 123.86 31.39 -45.36
C MET BA 300 124.81 31.85 -46.48
N ALA BA 301 125.94 32.46 -46.16
CA ALA BA 301 127.06 32.68 -47.06
C ALA BA 301 128.37 32.15 -46.43
N ALA BA 302 129.33 31.71 -47.25
CA ALA BA 302 130.54 31.04 -46.74
C ALA BA 302 131.43 31.91 -45.85
N CYS BA 303 131.27 33.23 -45.89
CA CYS BA 303 132.01 34.18 -45.07
C CYS BA 303 131.83 33.89 -43.59
N ASP BA 304 132.93 33.60 -42.89
CA ASP BA 304 132.92 33.65 -41.44
C ASP BA 304 132.97 35.12 -41.00
N PRO BA 305 131.98 35.64 -40.28
CA PRO BA 305 132.01 37.03 -39.84
C PRO BA 305 133.22 37.35 -38.96
N ARG BA 306 133.88 36.36 -38.35
CA ARG BA 306 135.13 36.56 -37.62
C ARG BA 306 136.31 36.98 -38.51
N HIS BA 307 136.16 36.98 -39.82
CA HIS BA 307 137.12 37.55 -40.79
C HIS BA 307 136.83 39.02 -41.17
N GLY BA 308 135.88 39.69 -40.53
CA GLY BA 308 135.55 41.08 -40.76
C GLY BA 308 134.97 41.76 -39.53
N ARG BA 309 134.14 42.79 -39.73
CA ARG BA 309 133.28 43.42 -38.73
C ARG BA 309 131.91 43.65 -39.36
N TYR BA 310 130.82 43.57 -38.62
CA TYR BA 310 129.53 44.02 -39.10
C TYR BA 310 129.45 45.55 -39.17
N LEU BA 311 128.76 46.06 -40.18
CA LEU BA 311 128.34 47.45 -40.26
C LEU BA 311 127.04 47.61 -39.46
N THR BA 312 126.00 46.92 -39.92
CA THR BA 312 124.71 46.78 -39.27
C THR BA 312 124.29 45.32 -39.27
N VAL BA 313 123.58 44.88 -38.25
CA VAL BA 313 122.81 43.65 -38.24
C VAL BA 313 121.35 44.02 -37.99
N ALA BA 314 120.40 43.39 -38.66
CA ALA BA 314 118.99 43.46 -38.29
C ALA BA 314 118.54 42.11 -37.77
N ALA BA 315 117.94 42.08 -36.59
CA ALA BA 315 117.29 40.90 -36.06
C ALA BA 315 115.77 41.09 -36.05
N ILE BA 316 115.07 40.49 -37.00
CA ILE BA 316 113.60 40.53 -37.12
C ILE BA 316 113.03 39.32 -36.39
N PHE BA 317 112.71 39.51 -35.12
CA PHE BA 317 112.07 38.51 -34.28
C PHE BA 317 110.57 38.38 -34.57
N ARG BA 318 110.03 37.20 -34.30
CA ARG BA 318 108.63 36.88 -34.39
C ARG BA 318 108.23 36.08 -33.17
N GLY BA 319 107.07 36.36 -32.59
CA GLY BA 319 106.54 35.66 -31.42
C GLY BA 319 106.21 36.57 -30.25
N ARG BA 320 105.55 36.05 -29.22
CA ARG BA 320 105.26 36.77 -27.99
C ARG BA 320 106.49 36.79 -27.08
N MET BA 321 107.19 37.92 -27.02
CA MET BA 321 108.43 38.08 -26.28
C MET BA 321 108.60 39.48 -25.70
N SER BA 322 109.43 39.59 -24.66
CA SER BA 322 109.71 40.85 -23.96
C SER BA 322 110.61 41.78 -24.76
N MET BA 323 110.27 43.05 -24.83
CA MET BA 323 111.16 44.06 -25.39
C MET BA 323 112.40 44.29 -24.53
N LYS BA 324 112.33 44.19 -23.19
CA LYS BA 324 113.52 44.24 -22.34
C LYS BA 324 114.47 43.11 -22.70
N GLU BA 325 113.98 41.87 -22.82
CA GLU BA 325 114.81 40.72 -23.14
C GLU BA 325 115.44 40.81 -24.55
N VAL BA 326 114.68 41.23 -25.56
CA VAL BA 326 115.26 41.50 -26.89
C VAL BA 326 116.30 42.59 -26.82
N ASP BA 327 115.99 43.73 -26.20
CA ASP BA 327 116.92 44.87 -26.15
C ASP BA 327 118.18 44.59 -25.31
N GLU BA 328 118.06 43.78 -24.25
CA GLU BA 328 119.14 43.21 -23.44
C GLU BA 328 120.04 42.32 -24.28
N GLN BA 329 119.52 41.37 -25.06
CA GLN BA 329 120.37 40.44 -25.80
C GLN BA 329 121.06 41.12 -26.98
N MET BA 330 120.38 42.01 -27.70
CA MET BA 330 120.99 42.76 -28.80
C MET BA 330 122.01 43.81 -28.32
N LEU BA 331 122.01 44.16 -27.03
CA LEU BA 331 123.08 44.91 -26.36
C LEU BA 331 124.23 43.98 -25.94
N ASN BA 332 123.93 42.88 -25.26
CA ASN BA 332 124.93 41.97 -24.72
C ASN BA 332 125.80 41.40 -25.84
N VAL BA 333 125.20 41.03 -26.98
CA VAL BA 333 125.97 40.56 -28.14
C VAL BA 333 127.01 41.57 -28.58
N GLN BA 334 126.64 42.82 -28.89
CA GLN BA 334 127.58 43.77 -29.50
C GLN BA 334 128.54 44.44 -28.51
N ASN BA 335 128.38 44.21 -27.20
CA ASN BA 335 129.33 44.62 -26.17
C ASN BA 335 130.33 43.50 -25.86
N LYS BA 336 129.86 42.25 -25.74
CA LYS BA 336 130.72 41.07 -25.52
C LYS BA 336 131.48 40.64 -26.79
N ASN BA 337 131.01 41.00 -27.98
CA ASN BA 337 131.67 40.77 -29.27
C ASN BA 337 132.12 42.09 -29.94
N SER BA 338 132.50 43.12 -29.19
CA SER BA 338 132.69 44.48 -29.71
C SER BA 338 133.77 44.61 -30.80
N SER BA 339 134.77 43.73 -30.81
CA SER BA 339 135.79 43.60 -31.86
C SER BA 339 135.25 43.16 -33.22
N TYR BA 340 134.00 42.72 -33.31
CA TYR BA 340 133.35 42.28 -34.55
C TYR BA 340 132.27 43.23 -35.08
N PHE BA 341 132.18 44.45 -34.58
CA PHE BA 341 131.27 45.50 -35.04
C PHE BA 341 132.04 46.79 -35.29
N VAL BA 342 131.68 47.60 -36.29
CA VAL BA 342 132.43 48.84 -36.52
C VAL BA 342 132.20 49.87 -35.41
N GLU BA 343 133.26 50.50 -34.91
CA GLU BA 343 133.19 51.36 -33.72
C GLU BA 343 132.95 52.85 -34.01
N TRP BA 344 132.68 53.21 -35.27
CA TRP BA 344 132.17 54.52 -35.69
C TRP BA 344 130.64 54.55 -35.85
N ILE BA 345 129.95 53.42 -35.62
CA ILE BA 345 128.50 53.37 -35.44
C ILE BA 345 128.23 53.04 -33.96
N PRO BA 346 127.43 53.83 -33.23
CA PRO BA 346 127.27 53.70 -31.77
C PRO BA 346 126.33 52.57 -31.34
N ASN BA 347 125.45 52.10 -32.21
CA ASN BA 347 124.67 50.88 -32.06
C ASN BA 347 124.56 50.23 -33.43
N ASN BA 348 125.02 49.00 -33.58
CA ASN BA 348 125.05 48.29 -34.85
C ASN BA 348 123.82 47.42 -35.07
N VAL BA 349 122.94 47.20 -34.10
CA VAL BA 349 121.80 46.29 -34.24
C VAL BA 349 120.48 47.05 -34.36
N LYS BA 350 119.76 46.82 -35.45
CA LYS BA 350 118.32 47.11 -35.63
C LYS BA 350 117.52 45.93 -35.06
N THR BA 351 116.43 46.17 -34.37
CA THR BA 351 115.50 45.12 -33.93
C THR BA 351 114.13 45.35 -34.51
N ALA BA 352 113.39 44.29 -34.77
CA ALA BA 352 111.97 44.35 -35.05
C ALA BA 352 111.30 43.14 -34.40
N VAL BA 353 110.03 43.25 -34.06
CA VAL BA 353 109.31 42.24 -33.27
C VAL BA 353 107.90 42.14 -33.80
N CYS BA 354 107.57 41.03 -34.46
CA CYS BA 354 106.24 40.68 -34.92
C CYS BA 354 105.50 39.82 -33.89
N ASP BA 355 104.20 40.00 -33.73
CA ASP BA 355 103.35 39.27 -32.77
C ASP BA 355 102.99 37.84 -33.21
N ILE BA 356 103.30 37.45 -34.45
CA ILE BA 356 102.85 36.19 -35.08
C ILE BA 356 104.06 35.35 -35.51
N PRO BA 357 104.46 34.33 -34.74
CA PRO BA 357 105.57 33.45 -35.08
C PRO BA 357 105.16 32.43 -36.16
N PRO BA 358 106.12 31.84 -36.90
CA PRO BA 358 105.82 30.90 -37.97
C PRO BA 358 104.96 29.73 -37.49
N ARG BA 359 104.11 29.16 -38.35
CA ARG BA 359 103.21 28.07 -37.95
C ARG BA 359 104.00 26.89 -37.40
N GLY BA 360 103.74 26.46 -36.18
CA GLY BA 360 104.49 25.39 -35.49
C GLY BA 360 105.74 25.81 -34.72
N LEU BA 361 106.09 27.09 -34.53
CA LEU BA 361 107.08 27.38 -33.49
C LEU BA 361 106.73 28.63 -32.69
N LYS BA 362 107.06 28.63 -31.39
CA LYS BA 362 106.65 29.64 -30.41
C LYS BA 362 107.30 31.00 -30.64
N MET BA 363 108.48 31.01 -31.25
CA MET BA 363 109.25 32.20 -31.59
C MET BA 363 110.09 31.89 -32.83
N SER BA 364 110.55 32.91 -33.54
CA SER BA 364 111.58 32.76 -34.58
C SER BA 364 112.33 34.06 -34.77
N ALA BA 365 113.54 34.01 -35.32
CA ALA BA 365 114.32 35.19 -35.67
C ALA BA 365 114.91 35.04 -37.06
N THR BA 366 114.70 36.01 -37.93
CA THR BA 366 115.44 36.12 -39.19
C THR BA 366 116.53 37.16 -39.01
N PHE BA 367 117.74 36.77 -39.35
CA PHE BA 367 118.94 37.57 -39.20
C PHE BA 367 119.37 38.13 -40.54
N ILE BA 368 119.73 39.40 -40.60
CA ILE BA 368 120.35 39.99 -41.77
C ILE BA 368 121.66 40.63 -41.34
N GLY BA 369 122.78 40.13 -41.82
CA GLY BA 369 124.08 40.71 -41.58
C GLY BA 369 124.51 41.59 -42.75
N ASN BA 370 125.02 42.77 -42.48
CA ASN BA 370 125.91 43.48 -43.37
C ASN BA 370 127.30 43.48 -42.74
N SER BA 371 128.30 42.90 -43.38
CA SER BA 371 129.64 42.78 -42.83
C SER BA 371 130.73 42.88 -43.87
N THR BA 372 131.83 43.51 -43.49
CA THR BA 372 133.04 43.60 -44.30
C THR BA 372 133.63 42.23 -44.66
N ALA BA 373 133.25 41.17 -43.93
CA ALA BA 373 133.58 39.80 -44.29
C ALA BA 373 133.01 39.36 -45.64
N ILE BA 374 131.97 40.01 -46.17
CA ILE BA 374 131.46 39.70 -47.52
C ILE BA 374 132.50 40.01 -48.61
N GLN BA 375 133.60 40.70 -48.29
CA GLN BA 375 134.73 40.83 -49.20
C GLN BA 375 135.26 39.46 -49.65
N GLU BA 376 135.20 38.43 -48.81
CA GLU BA 376 135.76 37.12 -49.13
C GLU BA 376 134.96 36.39 -50.20
N LEU BA 377 133.65 36.63 -50.28
CA LEU BA 377 132.80 36.06 -51.32
C LEU BA 377 133.12 36.71 -52.67
N PHE BA 378 133.23 38.04 -52.72
CA PHE BA 378 133.63 38.73 -53.95
C PHE BA 378 135.09 38.50 -54.33
N LYS BA 379 136.00 38.31 -53.37
CA LYS BA 379 137.43 38.07 -53.64
C LYS BA 379 137.64 36.72 -54.34
N ARG BA 380 137.07 35.64 -53.82
CA ARG BA 380 137.31 34.30 -54.37
C ARG BA 380 136.69 34.11 -55.75
N ILE BA 381 135.55 34.73 -56.03
CA ILE BA 381 135.03 34.79 -57.40
C ILE BA 381 135.99 35.59 -58.28
N SER BA 382 136.45 36.76 -57.84
CA SER BA 382 137.37 37.61 -58.62
C SER BA 382 138.71 36.93 -58.95
N GLU BA 383 139.27 36.12 -58.04
CA GLU BA 383 140.49 35.34 -58.31
C GLU BA 383 140.26 34.08 -59.16
N GLN BA 384 139.10 33.41 -59.09
CA GLN BA 384 138.76 32.37 -60.08
C GLN BA 384 138.56 32.97 -61.48
N PHE BA 385 137.87 34.10 -61.59
CA PHE BA 385 137.72 34.84 -62.83
C PHE BA 385 139.08 35.19 -63.43
N THR BA 386 139.97 35.75 -62.61
CA THR BA 386 141.29 36.21 -63.06
C THR BA 386 142.12 35.07 -63.63
N ALA BA 387 142.15 33.91 -62.97
CA ALA BA 387 142.97 32.78 -63.43
C ALA BA 387 142.53 32.19 -64.77
N MET BA 388 141.24 32.25 -65.11
CA MET BA 388 140.76 31.90 -66.45
C MET BA 388 140.98 33.03 -67.46
N PHE BA 389 140.68 34.26 -67.07
CA PHE BA 389 140.69 35.39 -67.98
C PHE BA 389 142.09 35.77 -68.44
N ARG BA 390 143.15 35.56 -67.65
CA ARG BA 390 144.52 35.84 -68.10
C ARG BA 390 144.91 35.06 -69.36
N ARG BA 391 144.26 33.91 -69.62
CA ARG BA 391 144.44 33.08 -70.82
C ARG BA 391 143.23 33.07 -71.74
N LYS BA 392 142.33 34.03 -71.60
CA LYS BA 392 141.12 34.24 -72.43
C LYS BA 392 140.22 33.01 -72.58
N ALA BA 393 140.33 32.04 -71.68
CA ALA BA 393 139.65 30.76 -71.82
C ALA BA 393 138.13 30.95 -71.89
N PHE BA 394 137.43 30.14 -72.68
CA PHE BA 394 135.97 30.17 -72.88
C PHE BA 394 135.37 31.48 -73.46
N LEU BA 395 136.13 32.53 -73.75
CA LEU BA 395 135.56 33.82 -74.15
C LEU BA 395 134.86 33.82 -75.51
N HIS BA 396 135.07 32.83 -76.37
CA HIS BA 396 134.42 32.80 -77.69
C HIS BA 396 132.92 32.54 -77.59
N TRP BA 397 132.45 31.90 -76.52
CA TRP BA 397 131.03 31.72 -76.23
C TRP BA 397 130.31 33.00 -75.83
N TYR BA 398 131.02 33.98 -75.26
CA TYR BA 398 130.48 35.28 -74.86
C TYR BA 398 130.67 36.34 -75.94
N THR BA 399 131.86 36.41 -76.51
CA THR BA 399 132.14 37.31 -77.64
C THR BA 399 131.39 36.88 -78.91
N GLY BA 400 130.99 35.61 -79.03
CA GLY BA 400 130.08 35.14 -80.07
C GLY BA 400 128.68 35.76 -80.00
N GLU BA 401 128.21 36.12 -78.80
CA GLU BA 401 126.99 36.88 -78.57
C GLU BA 401 127.17 38.40 -78.75
N GLY BA 402 128.31 38.85 -79.30
CA GLY BA 402 128.65 40.24 -79.54
C GLY BA 402 129.13 41.03 -78.34
N MET BA 403 129.44 40.37 -77.22
CA MET BA 403 130.01 40.99 -76.03
C MET BA 403 131.49 41.35 -76.25
N ASP BA 404 131.98 42.45 -75.69
CA ASP BA 404 133.40 42.82 -75.78
C ASP BA 404 134.25 42.13 -74.70
N GLU BA 405 135.52 41.91 -75.00
CA GLU BA 405 136.53 41.62 -73.97
C GLU BA 405 136.62 42.78 -72.96
N MET BA 406 136.45 44.03 -73.41
CA MET BA 406 136.39 45.20 -72.54
C MET BA 406 135.30 45.10 -71.48
N GLU BA 407 134.20 44.36 -71.70
CA GLU BA 407 133.16 44.26 -70.69
C GLU BA 407 133.55 43.34 -69.54
N PHE BA 408 134.40 42.34 -69.81
CA PHE BA 408 134.98 41.49 -68.78
C PHE BA 408 135.98 42.27 -67.94
N THR BA 409 136.88 43.01 -68.59
CA THR BA 409 137.83 43.90 -67.91
C THR BA 409 137.11 44.91 -67.02
N GLU BA 410 136.02 45.50 -67.49
CA GLU BA 410 135.23 46.48 -66.75
C GLU BA 410 134.37 45.86 -65.63
N ALA BA 411 133.87 44.64 -65.80
CA ALA BA 411 133.19 43.91 -64.73
C ALA BA 411 134.13 43.55 -63.57
N GLU BA 412 135.29 42.96 -63.84
CA GLU BA 412 136.27 42.60 -62.81
C GLU BA 412 136.87 43.85 -62.14
N SER BA 413 136.93 44.97 -62.87
CA SER BA 413 137.31 46.28 -62.32
C SER BA 413 136.30 46.76 -61.27
N ASN BA 414 135.02 46.73 -61.62
CA ASN BA 414 133.91 47.06 -60.72
C ASN BA 414 133.75 46.08 -59.55
N MET BA 415 134.11 44.81 -59.73
CA MET BA 415 134.20 43.82 -58.66
C MET BA 415 135.28 44.20 -57.63
N ASN BA 416 136.51 44.49 -58.05
CA ASN BA 416 137.56 44.92 -57.12
C ASN BA 416 137.21 46.25 -56.43
N ASP BA 417 136.47 47.14 -57.08
CA ASP BA 417 135.95 48.37 -56.47
C ASP BA 417 134.95 48.06 -55.35
N LEU BA 418 134.10 47.05 -55.49
CA LEU BA 418 133.22 46.56 -54.42
C LEU BA 418 134.00 45.89 -53.27
N VAL BA 419 135.03 45.09 -53.59
CA VAL BA 419 135.91 44.50 -52.57
C VAL BA 419 136.64 45.58 -51.78
N SER BA 420 137.09 46.63 -52.44
CA SER BA 420 137.85 47.71 -51.81
C SER BA 420 137.00 48.55 -50.86
N GLU BA 421 135.74 48.81 -51.18
CA GLU BA 421 134.82 49.57 -50.32
C GLU BA 421 134.44 48.82 -49.04
N TYR BA 422 134.25 47.49 -49.07
CA TYR BA 422 134.12 46.73 -47.83
C TYR BA 422 135.41 46.63 -47.04
N GLN BA 423 136.55 46.39 -47.69
CA GLN BA 423 137.85 46.34 -47.01
C GLN BA 423 138.27 47.69 -46.42
N GLN BA 424 137.78 48.82 -46.95
CA GLN BA 424 138.04 50.16 -46.42
C GLN BA 424 137.52 50.35 -44.99
N TYR BA 425 136.34 49.84 -44.66
CA TYR BA 425 135.77 49.95 -43.31
C TYR BA 425 136.16 48.82 -42.34
N GLN BA 426 137.07 47.94 -42.73
CA GLN BA 426 137.54 46.82 -41.91
C GLN BA 426 138.14 47.27 -40.58
N MET CA 1 -24.94 77.70 -60.94
CA MET CA 1 -24.28 78.96 -60.61
C MET CA 1 -22.78 78.77 -60.71
N ARG CA 2 -22.09 79.69 -61.41
CA ARG CA 2 -20.62 79.76 -61.55
C ARG CA 2 -19.97 78.64 -62.35
N GLU CA 3 -20.67 78.06 -63.31
CA GLU CA 3 -20.12 77.04 -64.20
C GLU CA 3 -19.06 77.57 -65.18
N CYS CA 4 -18.14 76.73 -65.66
CA CYS CA 4 -17.30 77.01 -66.83
C CYS CA 4 -17.25 75.80 -67.77
N ILE CA 5 -17.47 76.00 -69.07
CA ILE CA 5 -17.30 74.97 -70.09
C ILE CA 5 -15.87 75.04 -70.62
N SER CA 6 -15.08 74.00 -70.42
CA SER CA 6 -13.68 73.93 -70.86
C SER CA 6 -13.56 73.18 -72.18
N VAL CA 7 -13.12 73.83 -73.26
CA VAL CA 7 -12.99 73.18 -74.57
C VAL CA 7 -11.52 73.02 -74.94
N HIS CA 8 -11.10 71.76 -75.08
CA HIS CA 8 -9.74 71.33 -75.32
C HIS CA 8 -9.54 70.86 -76.76
N VAL CA 9 -8.82 71.64 -77.58
CA VAL CA 9 -8.76 71.46 -79.04
C VAL CA 9 -7.38 71.08 -79.54
N GLY CA 10 -7.31 70.12 -80.47
CA GLY CA 10 -6.08 69.59 -81.03
C GLY CA 10 -5.22 68.83 -80.02
N GLN CA 11 -3.98 68.47 -80.33
CA GLN CA 11 -3.12 67.71 -79.43
C GLN CA 11 -2.69 68.52 -78.20
N ALA CA 12 -2.19 69.74 -78.39
CA ALA CA 12 -1.80 70.62 -77.28
C ALA CA 12 -2.94 70.91 -76.31
N GLY CA 13 -4.13 71.28 -76.79
CA GLY CA 13 -5.27 71.58 -75.94
C GLY CA 13 -5.76 70.36 -75.16
N VAL CA 14 -5.82 69.19 -75.81
CA VAL CA 14 -6.20 67.93 -75.19
C VAL CA 14 -5.17 67.48 -74.17
N GLN CA 15 -3.87 67.63 -74.42
CA GLN CA 15 -2.83 67.23 -73.49
C GLN CA 15 -2.68 68.18 -72.30
N ILE CA 16 -2.89 69.49 -72.50
CA ILE CA 16 -3.08 70.44 -71.40
C ILE CA 16 -4.35 70.08 -70.61
N GLY CA 17 -5.43 69.71 -71.28
CA GLY CA 17 -6.65 69.21 -70.67
C GLY CA 17 -6.43 67.98 -69.81
N ASN CA 18 -5.66 67.01 -70.28
CA ASN CA 18 -5.30 65.82 -69.52
C ASN CA 18 -4.45 66.14 -68.26
N SER CA 19 -3.84 67.34 -68.18
CA SER CA 19 -3.23 67.88 -66.97
C SER CA 19 -4.20 68.74 -66.12
N CYS CA 20 -5.06 69.54 -66.77
CA CYS CA 20 -6.09 70.32 -66.09
C CYS CA 20 -7.03 69.41 -65.29
N TRP CA 21 -7.57 68.39 -65.93
CA TRP CA 21 -8.50 67.45 -65.30
C TRP CA 21 -7.81 66.49 -64.33
N GLU CA 22 -6.51 66.24 -64.49
CA GLU CA 22 -5.70 65.57 -63.47
C GLU CA 22 -5.64 66.41 -62.18
N LEU CA 23 -5.42 67.71 -62.32
CA LEU CA 23 -5.38 68.65 -61.20
C LEU CA 23 -6.77 68.83 -60.57
N TYR CA 24 -7.79 69.22 -61.34
CA TYR CA 24 -9.11 69.52 -60.77
C TYR CA 24 -9.70 68.34 -60.01
N CYS CA 25 -9.46 67.11 -60.46
CA CYS CA 25 -9.87 65.92 -59.73
C CYS CA 25 -9.18 65.80 -58.38
N LEU CA 26 -7.88 66.05 -58.27
CA LEU CA 26 -7.17 66.05 -56.98
C LEU CA 26 -7.66 67.17 -56.07
N GLU CA 27 -7.85 68.36 -56.62
CA GLU CA 27 -8.15 69.57 -55.87
C GLU CA 27 -9.55 69.53 -55.25
N HIS CA 28 -10.52 68.89 -55.91
CA HIS CA 28 -11.89 68.64 -55.45
C HIS CA 28 -12.09 67.25 -54.82
N GLY CA 29 -11.08 66.41 -54.79
CA GLY CA 29 -11.14 65.09 -54.20
C GLY CA 29 -12.04 64.10 -54.95
N LEU CA 30 -12.07 64.19 -56.28
CA LEU CA 30 -12.78 63.30 -57.19
C LEU CA 30 -11.82 62.22 -57.66
N GLN CA 31 -12.20 60.96 -57.54
CA GLN CA 31 -11.46 59.80 -58.03
C GLN CA 31 -11.38 59.85 -59.58
N PRO CA 32 -10.41 59.17 -60.23
CA PRO CA 32 -10.34 59.15 -61.68
C PRO CA 32 -11.50 58.39 -62.34
N ASP CA 33 -12.35 57.68 -61.60
CA ASP CA 33 -13.63 57.12 -62.08
C ASP CA 33 -14.83 58.08 -61.90
N GLY CA 34 -14.58 59.33 -61.51
CA GLY CA 34 -15.56 60.36 -61.27
C GLY CA 34 -16.30 60.30 -59.93
N THR CA 35 -16.09 59.30 -59.08
CA THR CA 35 -16.75 59.22 -57.77
C THR CA 35 -16.05 60.09 -56.70
N MET CA 36 -16.70 60.40 -55.59
CA MET CA 36 -16.17 61.28 -54.54
C MET CA 36 -16.44 60.72 -53.13
N PRO CA 37 -15.43 60.14 -52.44
CA PRO CA 37 -15.59 59.63 -51.08
C PRO CA 37 -15.68 60.75 -50.04
N SER CA 38 -16.06 60.40 -48.81
CA SER CA 38 -16.13 61.32 -47.66
C SER CA 38 -15.78 60.62 -46.34
N ASP CA 46 -20.71 70.55 -50.42
CA ASP CA 46 -20.17 71.87 -50.30
C ASP CA 46 -20.21 72.68 -51.61
N SER CA 47 -20.52 72.04 -52.74
CA SER CA 47 -20.64 72.58 -54.09
C SER CA 47 -19.41 73.30 -54.65
N SER CA 48 -18.22 73.12 -54.08
CA SER CA 48 -16.99 73.72 -54.61
C SER CA 48 -16.62 73.19 -56.01
N PHE CA 49 -16.86 71.91 -56.27
CA PHE CA 49 -16.68 71.26 -57.56
C PHE CA 49 -17.60 71.77 -58.67
N GLY CA 50 -18.70 72.48 -58.36
CA GLY CA 50 -19.78 72.73 -59.31
C GLY CA 50 -19.32 73.54 -60.54
N THR CA 51 -18.27 74.34 -60.42
CA THR CA 51 -17.77 75.15 -61.54
C THR CA 51 -17.30 74.26 -62.69
N PHE CA 52 -16.68 73.13 -62.36
CA PHE CA 52 -16.04 72.22 -63.30
C PHE CA 52 -16.74 70.87 -63.44
N PHE CA 53 -17.61 70.45 -62.52
CA PHE CA 53 -18.25 69.15 -62.62
C PHE CA 53 -19.76 69.21 -62.42
N SER CA 54 -20.50 68.62 -63.36
CA SER CA 54 -21.90 68.24 -63.20
C SER CA 54 -22.00 67.00 -62.30
N GLU CA 55 -22.94 66.91 -61.36
CA GLU CA 55 -23.12 65.74 -60.48
C GLU CA 55 -24.37 64.96 -60.87
N THR CA 56 -24.24 63.66 -61.16
CA THR CA 56 -25.37 62.76 -61.42
C THR CA 56 -25.80 62.00 -60.16
N GLY CA 57 -27.04 61.52 -60.10
CA GLY CA 57 -27.66 60.94 -58.90
C GLY CA 57 -26.97 59.72 -58.31
N SER CA 58 -26.15 59.01 -59.09
CA SER CA 58 -25.29 57.94 -58.61
C SER CA 58 -24.15 58.41 -57.67
N GLY CA 59 -23.92 59.72 -57.57
CA GLY CA 59 -22.78 60.32 -56.88
C GLY CA 59 -21.51 60.35 -57.72
N LYS CA 60 -21.68 60.43 -59.04
CA LYS CA 60 -20.63 60.53 -60.05
C LYS CA 60 -20.55 61.98 -60.54
N HIS CA 61 -19.36 62.56 -60.48
CA HIS CA 61 -19.07 63.91 -60.95
C HIS CA 61 -18.43 63.83 -62.32
N VAL CA 62 -19.11 64.40 -63.32
CA VAL CA 62 -18.76 64.36 -64.73
C VAL CA 62 -18.27 65.74 -65.15
N PRO CA 63 -17.10 65.88 -65.78
CA PRO CA 63 -16.53 67.18 -66.06
C PRO CA 63 -17.31 67.97 -67.11
N ARG CA 64 -17.39 69.29 -66.93
CA ARG CA 64 -17.92 70.26 -67.89
C ARG CA 64 -16.86 70.60 -68.93
N ALA CA 65 -16.46 69.59 -69.70
CA ALA CA 65 -15.41 69.67 -70.69
C ALA CA 65 -15.81 69.06 -72.01
N VAL CA 66 -15.30 69.60 -73.11
CA VAL CA 66 -15.37 69.00 -74.44
C VAL CA 66 -13.94 68.82 -74.94
N PHE CA 67 -13.60 67.63 -75.41
CA PHE CA 67 -12.29 67.36 -76.02
C PHE CA 67 -12.51 67.14 -77.51
N VAL CA 68 -11.82 67.89 -78.36
CA VAL CA 68 -11.99 67.83 -79.83
C VAL CA 68 -10.66 67.72 -80.53
N ASP CA 69 -10.54 66.75 -81.42
CA ASP CA 69 -9.39 66.58 -82.28
C ASP CA 69 -9.88 66.04 -83.63
N LEU CA 70 -9.27 66.45 -84.73
CA LEU CA 70 -9.71 66.03 -86.06
C LEU CA 70 -9.22 64.62 -86.40
N GLU CA 71 -8.20 64.12 -85.71
CA GLU CA 71 -7.66 62.77 -85.76
C GLU CA 71 -7.87 61.98 -84.44
N GLN CA 72 -7.87 60.64 -84.46
CA GLN CA 72 -8.29 59.85 -83.31
C GLN CA 72 -7.23 59.68 -82.23
N THR CA 73 -5.93 59.85 -82.51
CA THR CA 73 -4.85 59.21 -81.72
C THR CA 73 -4.78 59.64 -80.25
N VAL CA 74 -4.84 60.94 -80.01
CA VAL CA 74 -4.68 61.55 -78.68
C VAL CA 74 -5.93 61.36 -77.82
N ILE CA 75 -7.13 61.51 -78.38
CA ILE CA 75 -8.36 61.27 -77.64
C ILE CA 75 -8.63 59.77 -77.44
N GLY CA 76 -8.26 58.88 -78.36
CA GLY CA 76 -8.30 57.44 -78.10
C GLY CA 76 -7.41 57.02 -76.93
N GLU CA 77 -6.37 57.79 -76.64
CA GLU CA 77 -5.53 57.57 -75.46
C GLU CA 77 -6.22 58.05 -74.18
N ILE CA 78 -6.95 59.17 -74.22
CA ILE CA 78 -7.84 59.64 -73.14
C ILE CA 78 -8.96 58.63 -72.87
N ARG CA 79 -9.57 58.07 -73.93
CA ARG CA 79 -10.57 56.98 -73.87
C ARG CA 79 -10.04 55.62 -73.38
N ASN CA 80 -8.75 55.48 -73.08
CA ASN CA 80 -8.11 54.21 -72.70
C ASN CA 80 -7.30 54.28 -71.40
N GLY CA 81 -6.75 55.45 -71.08
CA GLY CA 81 -5.99 55.70 -69.86
C GLY CA 81 -6.82 55.84 -68.59
N PRO CA 82 -6.22 56.28 -67.49
CA PRO CA 82 -6.88 56.32 -66.17
C PRO CA 82 -8.15 57.16 -66.10
N TYR CA 83 -8.34 58.12 -67.01
CA TYR CA 83 -9.53 58.97 -67.06
C TYR CA 83 -10.63 58.48 -68.01
N ARG CA 84 -10.56 57.25 -68.54
CA ARG CA 84 -11.60 56.68 -69.42
C ARG CA 84 -13.02 56.69 -68.83
N SER CA 85 -13.13 56.57 -67.51
CA SER CA 85 -14.38 56.58 -66.74
C SER CA 85 -14.79 57.98 -66.24
N LEU CA 86 -13.97 59.01 -66.38
CA LEU CA 86 -14.31 60.35 -65.93
C LEU CA 86 -15.28 61.05 -66.89
N PHE CA 87 -14.93 61.09 -68.16
CA PHE CA 87 -15.64 61.85 -69.18
C PHE CA 87 -16.86 61.11 -69.72
N HIS CA 88 -17.88 61.87 -70.10
CA HIS CA 88 -18.99 61.37 -70.90
C HIS CA 88 -18.48 60.94 -72.28
N PRO CA 89 -18.79 59.72 -72.77
CA PRO CA 89 -18.14 59.18 -73.96
C PRO CA 89 -18.40 59.96 -75.25
N GLU CA 90 -19.50 60.70 -75.37
CA GLU CA 90 -19.79 61.52 -76.56
C GLU CA 90 -19.30 62.97 -76.48
N GLN CA 91 -18.64 63.40 -75.40
CA GLN CA 91 -17.94 64.69 -75.33
C GLN CA 91 -16.42 64.60 -75.51
N LEU CA 92 -15.93 63.38 -75.73
CA LEU CA 92 -14.63 63.09 -76.34
C LEU CA 92 -14.87 62.90 -77.85
N ILE CA 93 -14.62 63.90 -78.67
CA ILE CA 93 -15.07 63.96 -80.08
C ILE CA 93 -13.90 63.83 -81.03
N THR CA 94 -13.99 62.93 -82.00
CA THR CA 94 -12.92 62.68 -82.97
C THR CA 94 -13.43 62.57 -84.40
N GLY CA 95 -12.64 63.04 -85.35
CA GLY CA 95 -12.76 62.74 -86.78
C GLY CA 95 -11.88 61.57 -87.24
N LYS CA 96 -11.90 61.31 -88.55
CA LYS CA 96 -11.05 60.34 -89.24
C LYS CA 96 -9.69 60.91 -89.68
N GLU CA 97 -9.65 62.19 -90.05
CA GLU CA 97 -8.57 62.81 -90.84
C GLU CA 97 -7.86 63.92 -90.08
N ASP CA 98 -6.55 63.80 -89.94
CA ASP CA 98 -5.65 64.82 -89.41
C ASP CA 98 -5.75 66.14 -90.20
N ALA CA 99 -5.61 67.29 -89.52
CA ALA CA 99 -5.55 68.63 -90.14
C ALA CA 99 -4.19 69.02 -90.75
N ALA CA 100 -3.16 68.21 -90.60
CA ALA CA 100 -1.88 68.27 -91.28
C ALA CA 100 -1.07 69.56 -91.07
N ASN CA 101 -1.22 70.24 -89.94
CA ASN CA 101 -0.66 71.55 -89.67
C ASN CA 101 -1.07 72.58 -90.72
N ASN CA 102 -2.24 72.40 -91.31
CA ASN CA 102 -2.78 73.28 -92.33
C ASN CA 102 -4.05 73.94 -91.77
N TYR CA 103 -4.02 75.26 -91.53
CA TYR CA 103 -5.19 76.03 -91.06
C TYR CA 103 -6.45 75.75 -91.87
N ALA CA 104 -6.31 75.64 -93.19
CA ALA CA 104 -7.44 75.53 -94.07
C ALA CA 104 -8.14 74.17 -93.99
N ARG CA 105 -7.44 73.09 -93.64
CA ARG CA 105 -8.08 71.81 -93.32
C ARG CA 105 -8.87 71.92 -92.03
N GLY CA 106 -8.32 72.57 -91.02
CA GLY CA 106 -9.03 72.76 -89.76
C GLY CA 106 -10.30 73.58 -89.90
N HIS CA 107 -10.20 74.70 -90.60
CA HIS CA 107 -11.28 75.67 -90.75
C HIS CA 107 -12.30 75.38 -91.86
N TYR CA 108 -11.86 75.02 -93.07
CA TYR CA 108 -12.71 74.99 -94.27
C TYR CA 108 -13.15 73.59 -94.71
N THR CA 109 -12.32 72.57 -94.53
CA THR CA 109 -12.46 71.28 -95.24
C THR CA 109 -12.77 70.10 -94.32
N ILE CA 110 -12.00 69.88 -93.26
CA ILE CA 110 -12.15 68.72 -92.36
C ILE CA 110 -12.98 69.07 -91.12
N GLY CA 111 -12.67 70.19 -90.46
CA GLY CA 111 -13.41 70.63 -89.28
C GLY CA 111 -14.83 71.08 -89.56
N LYS CA 112 -15.11 71.50 -90.79
CA LYS CA 112 -16.44 71.74 -91.38
C LYS CA 112 -17.42 70.58 -91.17
N GLU CA 113 -16.92 69.35 -91.03
CA GLU CA 113 -17.76 68.18 -90.78
C GLU CA 113 -18.06 67.90 -89.32
N LEU CA 114 -17.09 68.09 -88.40
CA LEU CA 114 -17.26 67.80 -86.98
C LEU CA 114 -17.91 68.94 -86.18
N ILE CA 115 -17.91 70.18 -86.70
CA ILE CA 115 -18.32 71.37 -85.96
C ILE CA 115 -19.75 71.30 -85.40
N ASP CA 116 -20.72 70.86 -86.17
CA ASP CA 116 -22.12 70.81 -85.73
C ASP CA 116 -22.41 69.71 -84.69
N SER CA 117 -21.49 68.75 -84.52
CA SER CA 117 -21.45 67.80 -83.43
C SER CA 117 -20.74 68.38 -82.19
N VAL CA 118 -19.68 69.17 -82.37
CA VAL CA 118 -19.00 69.88 -81.28
C VAL CA 118 -19.93 70.87 -80.61
N LEU CA 119 -20.68 71.65 -81.39
CA LEU CA 119 -21.68 72.57 -80.88
C LEU CA 119 -22.81 71.90 -80.11
N ASP CA 120 -23.23 70.71 -80.54
CA ASP CA 120 -24.33 69.98 -79.91
C ASP CA 120 -23.99 69.53 -78.50
N ARG CA 121 -22.74 69.10 -78.26
CA ARG CA 121 -22.21 68.86 -76.93
C ARG CA 121 -22.10 70.12 -76.09
N VAL CA 122 -21.62 71.23 -76.65
CA VAL CA 122 -21.52 72.49 -75.90
C VAL CA 122 -22.91 72.99 -75.51
N ARG CA 123 -23.91 72.88 -76.39
CA ARG CA 123 -25.33 73.13 -76.07
C ARG CA 123 -25.84 72.25 -74.92
N LYS CA 124 -25.63 70.93 -74.98
CA LYS CA 124 -26.00 70.00 -73.90
C LYS CA 124 -25.26 70.23 -72.58
N MET CA 125 -24.10 70.89 -72.58
CA MET CA 125 -23.41 71.32 -71.36
C MET CA 125 -23.95 72.65 -70.83
N ALA CA 126 -24.16 73.63 -71.68
CA ALA CA 126 -24.68 74.93 -71.31
C ALA CA 126 -26.11 74.84 -70.76
N ASP CA 127 -26.95 73.98 -71.30
CA ASP CA 127 -28.29 73.70 -70.78
C ASP CA 127 -28.31 73.02 -69.38
N GLN CA 128 -27.19 72.46 -68.92
CA GLN CA 128 -26.99 71.97 -67.55
C GLN CA 128 -26.41 73.03 -66.60
N CYS CA 129 -25.95 74.17 -67.10
CA CYS CA 129 -25.50 75.31 -66.30
C CYS CA 129 -26.67 76.19 -65.87
N SER CA 130 -26.46 76.99 -64.83
CA SER CA 130 -27.40 77.99 -64.32
C SER CA 130 -26.60 79.24 -63.98
N GLY CA 131 -26.52 80.21 -64.88
CA GLY CA 131 -25.52 81.26 -64.77
C GLY CA 131 -24.12 80.74 -65.08
N LEU CA 132 -23.93 80.25 -66.30
CA LEU CA 132 -22.63 79.90 -66.89
C LEU CA 132 -21.72 81.14 -66.88
N GLN CA 133 -20.52 81.02 -66.33
CA GLN CA 133 -19.60 82.14 -66.13
C GLN CA 133 -18.85 82.51 -67.41
N GLY CA 134 -18.49 81.50 -68.20
CA GLY CA 134 -17.75 81.66 -69.44
C GLY CA 134 -17.26 80.34 -70.02
N PHE CA 135 -16.38 80.44 -71.03
CA PHE CA 135 -15.69 79.33 -71.69
C PHE CA 135 -14.20 79.39 -71.41
N LEU CA 136 -13.55 78.26 -71.20
CA LEU CA 136 -12.09 78.16 -71.12
C LEU CA 136 -11.59 77.36 -72.32
N VAL CA 137 -11.03 78.00 -73.34
CA VAL CA 137 -10.66 77.35 -74.60
C VAL CA 137 -9.14 77.13 -74.72
N PHE CA 138 -8.70 75.87 -74.77
CA PHE CA 138 -7.29 75.47 -74.78
C PHE CA 138 -6.83 74.97 -76.14
N HIS CA 139 -5.75 75.52 -76.68
CA HIS CA 139 -5.28 75.18 -78.03
C HIS CA 139 -3.83 75.59 -78.32
N SER CA 140 -3.31 75.09 -79.43
CA SER CA 140 -2.04 75.50 -80.04
C SER CA 140 -2.29 76.51 -81.14
N PHE CA 141 -1.52 77.60 -81.18
CA PHE CA 141 -1.53 78.55 -82.29
C PHE CA 141 -0.89 77.99 -83.56
N GLY CA 142 0.02 77.02 -83.44
CA GLY CA 142 0.79 76.46 -84.54
C GLY CA 142 0.14 75.28 -85.26
N GLY CA 143 -0.79 74.60 -84.61
CA GLY CA 143 -1.52 73.46 -85.15
C GLY CA 143 -2.50 73.80 -86.27
N GLY CA 144 -2.86 72.83 -87.10
CA GLY CA 144 -3.95 72.92 -88.06
C GLY CA 144 -5.30 72.85 -87.37
N THR CA 145 -5.51 71.89 -86.45
CA THR CA 145 -6.71 71.83 -85.61
C THR CA 145 -6.71 72.97 -84.59
N GLY CA 146 -5.59 73.20 -83.91
CA GLY CA 146 -5.38 74.30 -83.00
C GLY CA 146 -5.79 75.67 -83.52
N SER CA 147 -5.34 76.08 -84.70
CA SER CA 147 -5.70 77.37 -85.32
C SER CA 147 -7.03 77.33 -86.09
N GLY CA 148 -7.19 76.42 -87.02
CA GLY CA 148 -8.31 76.36 -87.93
C GLY CA 148 -9.59 75.86 -87.30
N PHE CA 149 -9.54 74.84 -86.43
CA PHE CA 149 -10.76 74.38 -85.79
C PHE CA 149 -11.19 75.30 -84.65
N THR CA 150 -10.28 75.82 -83.85
CA THR CA 150 -10.63 76.81 -82.81
C THR CA 150 -11.24 78.04 -83.43
N SER CA 151 -10.73 78.53 -84.56
CA SER CA 151 -11.29 79.69 -85.24
C SER CA 151 -12.63 79.43 -85.90
N LEU CA 152 -12.91 78.20 -86.32
CA LEU CA 152 -14.25 77.78 -86.76
C LEU CA 152 -15.21 77.71 -85.58
N LEU CA 153 -14.81 77.10 -84.47
CA LEU CA 153 -15.64 76.99 -83.28
C LEU CA 153 -15.94 78.35 -82.64
N MET CA 154 -14.93 79.19 -82.41
CA MET CA 154 -15.14 80.50 -81.79
C MET CA 154 -16.10 81.40 -82.57
N GLU CA 155 -16.08 81.36 -83.90
CA GLU CA 155 -17.00 82.13 -84.72
C GLU CA 155 -18.45 81.74 -84.47
N ARG CA 156 -18.71 80.45 -84.23
CA ARG CA 156 -20.03 79.92 -83.85
C ARG CA 156 -20.42 80.28 -82.43
N LEU CA 157 -19.54 80.05 -81.45
CA LEU CA 157 -19.81 80.40 -80.06
C LEU CA 157 -20.02 81.91 -79.88
N SER CA 158 -19.44 82.77 -80.70
CA SER CA 158 -19.59 84.22 -80.59
C SER CA 158 -20.88 84.77 -81.21
N VAL CA 159 -21.64 83.98 -81.96
CA VAL CA 159 -23.04 84.26 -82.34
C VAL CA 159 -24.02 83.49 -81.45
N ASP CA 160 -23.70 82.27 -81.03
CA ASP CA 160 -24.59 81.46 -80.18
C ASP CA 160 -24.63 81.92 -78.71
N TYR CA 161 -23.51 82.38 -78.15
CA TYR CA 161 -23.34 82.76 -76.73
C TYR CA 161 -22.70 84.15 -76.62
N GLY CA 162 -23.21 85.14 -77.34
CA GLY CA 162 -22.53 86.43 -77.51
C GLY CA 162 -22.14 87.18 -76.23
N LYS CA 163 -22.94 87.09 -75.17
CA LYS CA 163 -22.67 87.76 -73.87
C LYS CA 163 -21.55 87.09 -73.06
N LYS CA 164 -21.40 85.77 -73.14
CA LYS CA 164 -20.55 84.95 -72.27
C LYS CA 164 -19.07 85.17 -72.51
N SER CA 165 -18.27 85.33 -71.45
CA SER CA 165 -16.83 85.59 -71.54
C SER CA 165 -16.06 84.38 -72.08
N LYS CA 166 -15.26 84.59 -73.12
CA LYS CA 166 -14.45 83.54 -73.75
C LYS CA 166 -12.98 83.77 -73.41
N LEU CA 167 -12.48 83.00 -72.45
CA LEU CA 167 -11.08 83.01 -72.01
C LEU CA 167 -10.34 81.96 -72.80
N GLU CA 168 -9.12 82.27 -73.24
CA GLU CA 168 -8.47 81.42 -74.22
C GLU CA 168 -6.99 81.25 -73.90
N PHE CA 169 -6.55 80.00 -73.78
CA PHE CA 169 -5.19 79.65 -73.38
C PHE CA 169 -4.46 79.06 -74.57
N SER CA 170 -3.46 79.77 -75.05
CA SER CA 170 -2.81 79.49 -76.32
C SER CA 170 -1.35 79.16 -76.16
N VAL CA 171 -0.92 77.99 -76.63
CA VAL CA 171 0.50 77.71 -76.83
C VAL CA 171 0.96 78.34 -78.14
N TYR CA 172 1.81 79.34 -78.05
CA TYR CA 172 2.21 80.28 -79.08
C TYR CA 172 3.64 80.02 -79.56
N PRO CA 173 3.99 80.20 -80.84
CA PRO CA 173 5.36 79.99 -81.32
C PRO CA 173 6.47 80.80 -80.63
N ALA CA 174 7.62 80.16 -80.43
CA ALA CA 174 8.77 80.70 -79.70
C ALA CA 174 9.73 81.52 -80.57
N PRO CA 175 10.72 82.23 -79.98
CA PRO CA 175 11.80 82.84 -80.73
C PRO CA 175 12.60 81.83 -81.56
N ARG CA 176 13.04 80.70 -80.98
CA ARG CA 176 13.93 79.73 -81.64
C ARG CA 176 13.32 78.32 -81.74
N ILE CA 177 12.73 77.81 -80.64
CA ILE CA 177 12.05 76.50 -80.60
C ILE CA 177 10.82 76.49 -81.49
N SER CA 178 10.76 75.51 -82.38
CA SER CA 178 9.62 75.30 -83.28
C SER CA 178 9.54 73.84 -83.66
N THR CA 179 8.34 73.33 -83.96
CA THR CA 179 8.09 71.92 -84.30
C THR CA 179 7.63 71.73 -85.74
N ALA CA 180 7.38 72.81 -86.46
CA ALA CA 180 6.77 72.85 -87.78
C ALA CA 180 7.40 73.99 -88.60
N VAL CA 181 7.36 73.83 -89.91
CA VAL CA 181 7.82 74.85 -90.84
C VAL CA 181 6.75 75.93 -91.02
N VAL CA 182 5.47 75.55 -90.97
CA VAL CA 182 4.30 76.40 -91.25
C VAL CA 182 3.63 77.01 -90.00
N GLU CA 183 4.23 76.86 -88.82
CA GLU CA 183 3.82 77.46 -87.55
C GLU CA 183 3.55 78.99 -87.63
N PRO CA 184 4.35 79.82 -88.34
CA PRO CA 184 4.06 81.24 -88.58
C PRO CA 184 2.78 81.52 -89.38
N TYR CA 185 2.47 80.70 -90.38
CA TYR CA 185 1.25 80.84 -91.17
C TYR CA 185 0.00 80.56 -90.35
N ASN CA 186 -0.01 79.48 -89.56
CA ASN CA 186 -1.17 79.12 -88.76
C ASN CA 186 -1.44 80.13 -87.65
N SER CA 187 -0.39 80.67 -87.05
CA SER CA 187 -0.48 81.66 -85.99
C SER CA 187 -1.03 82.99 -86.45
N ILE CA 188 -0.53 83.52 -87.57
CA ILE CA 188 -1.01 84.79 -88.14
C ILE CA 188 -2.46 84.68 -88.62
N LEU CA 189 -2.85 83.59 -89.27
CA LEU CA 189 -4.25 83.32 -89.64
C LEU CA 189 -5.19 83.22 -88.41
N THR CA 190 -4.68 82.86 -87.24
CA THR CA 190 -5.45 82.84 -85.99
C THR CA 190 -5.73 84.23 -85.40
N THR CA 191 -4.94 85.26 -85.72
CA THR CA 191 -5.07 86.59 -85.08
C THR CA 191 -6.43 87.27 -85.24
N HIS CA 192 -7.23 86.92 -86.24
CA HIS CA 192 -8.63 87.37 -86.34
C HIS CA 192 -9.51 86.75 -85.25
N THR CA 193 -9.23 85.51 -84.87
CA THR CA 193 -10.00 84.77 -83.87
C THR CA 193 -9.86 85.43 -82.53
N THR CA 194 -8.63 85.62 -82.08
CA THR CA 194 -8.34 86.26 -80.82
C THR CA 194 -8.81 87.71 -80.79
N LEU CA 195 -8.59 88.50 -81.84
CA LEU CA 195 -9.09 89.87 -81.87
C LEU CA 195 -10.62 90.00 -81.81
N GLU CA 196 -11.36 89.25 -82.63
CA GLU CA 196 -12.80 89.48 -82.81
C GLU CA 196 -13.68 88.58 -81.92
N HIS CA 197 -13.27 87.34 -81.63
CA HIS CA 197 -14.09 86.29 -81.01
C HIS CA 197 -13.51 85.72 -79.71
N SER CA 198 -12.77 86.53 -78.95
CA SER CA 198 -12.20 86.19 -77.66
C SER CA 198 -12.26 87.40 -76.75
N ASP CA 199 -12.28 87.21 -75.43
CA ASP CA 199 -12.40 88.30 -74.45
C ASP CA 199 -11.15 88.48 -73.60
N CYS CA 200 -10.36 87.44 -73.39
CA CYS CA 200 -9.05 87.51 -72.74
C CYS CA 200 -8.19 86.32 -73.16
N ALA CA 201 -7.07 86.60 -73.83
CA ALA CA 201 -6.26 85.57 -74.49
C ALA CA 201 -4.87 85.45 -73.87
N PHE CA 202 -4.63 84.35 -73.16
CA PHE CA 202 -3.39 84.05 -72.45
C PHE CA 202 -2.43 83.30 -73.37
N MET CA 203 -1.53 84.03 -73.99
CA MET CA 203 -0.41 83.47 -74.74
C MET CA 203 0.59 82.83 -73.78
N VAL CA 204 1.07 81.64 -74.14
CA VAL CA 204 2.11 80.88 -73.44
C VAL CA 204 3.12 80.37 -74.46
N ASP CA 205 4.37 80.18 -74.08
CA ASP CA 205 5.47 79.78 -74.95
C ASP CA 205 6.21 78.55 -74.39
N ASN CA 206 6.44 77.54 -75.25
CA ASN CA 206 7.16 76.34 -74.87
C ASN CA 206 8.60 76.66 -74.43
N GLU CA 207 9.30 77.59 -75.07
CA GLU CA 207 10.70 77.86 -74.79
C GLU CA 207 10.92 78.60 -73.47
N ALA CA 208 9.97 79.45 -73.08
CA ALA CA 208 9.98 80.14 -71.80
C ALA CA 208 9.73 79.18 -70.64
N ILE CA 209 8.77 78.28 -70.76
CA ILE CA 209 8.57 77.25 -69.73
C ILE CA 209 9.74 76.29 -69.69
N TYR CA 210 10.34 75.90 -70.83
CA TYR CA 210 11.55 75.08 -70.80
C TYR CA 210 12.67 75.74 -69.98
N ASP CA 211 12.82 77.07 -70.04
CA ASP CA 211 13.84 77.79 -69.29
C ASP CA 211 13.48 77.93 -67.80
N ILE CA 212 12.21 78.19 -67.49
CA ILE CA 212 11.68 78.12 -66.12
C ILE CA 212 11.95 76.76 -65.50
N CYS CA 213 11.70 75.66 -66.22
CA CYS CA 213 11.95 74.32 -65.74
C CYS CA 213 13.43 74.11 -65.39
N ASN CA 214 14.33 74.60 -66.25
CA ASN CA 214 15.78 74.46 -66.08
C ASN CA 214 16.29 75.24 -64.86
N ARG CA 215 15.80 76.45 -64.64
CA ARG CA 215 16.30 77.38 -63.61
C ARG CA 215 15.65 77.26 -62.23
N ASN CA 216 14.39 76.85 -62.17
CA ASN CA 216 13.60 76.83 -60.93
C ASN CA 216 13.26 75.43 -60.42
N LEU CA 217 12.93 74.50 -61.32
CA LEU CA 217 12.67 73.10 -60.95
C LEU CA 217 13.95 72.26 -60.98
N ASP CA 218 15.00 72.78 -61.59
CA ASP CA 218 16.29 72.13 -61.86
C ASP CA 218 16.20 70.82 -62.65
N ILE CA 219 15.09 70.56 -63.33
CA ILE CA 219 14.98 69.46 -64.28
C ILE CA 219 15.70 69.84 -65.57
N GLU CA 220 16.70 69.06 -65.95
CA GLU CA 220 17.63 69.42 -67.02
C GLU CA 220 17.03 69.28 -68.43
N ARG CA 221 16.12 68.30 -68.59
CA ARG CA 221 15.52 67.82 -69.84
C ARG CA 221 14.01 67.50 -69.70
N PRO CA 222 13.10 68.48 -69.65
CA PRO CA 222 11.67 68.23 -69.49
C PRO CA 222 10.94 67.77 -70.76
N SER CA 223 9.86 67.03 -70.56
CA SER CA 223 8.86 66.62 -71.55
C SER CA 223 7.73 67.66 -71.64
N TYR CA 224 6.69 67.37 -72.42
CA TYR CA 224 5.46 68.15 -72.34
C TYR CA 224 4.65 67.93 -71.06
N THR CA 225 4.77 66.78 -70.38
CA THR CA 225 4.02 66.59 -69.13
C THR CA 225 4.43 67.63 -68.09
N ASN CA 226 5.70 68.04 -68.08
CA ASN CA 226 6.20 69.08 -67.19
C ASN CA 226 5.66 70.48 -67.53
N LEU CA 227 5.45 70.77 -68.82
CA LEU CA 227 4.88 72.04 -69.25
C LEU CA 227 3.39 72.13 -68.90
N ASN CA 228 2.64 71.09 -69.24
CA ASN CA 228 1.20 71.06 -69.04
C ASN CA 228 0.85 71.14 -67.55
N ARG CA 229 1.66 70.56 -66.68
CA ARG CA 229 1.51 70.70 -65.24
C ARG CA 229 1.77 72.10 -64.70
N LEU CA 230 2.44 72.99 -65.44
CA LEU CA 230 2.50 74.42 -65.13
C LEU CA 230 1.33 75.22 -65.73
N ILE CA 231 0.92 74.89 -66.95
CA ILE CA 231 -0.15 75.59 -67.65
C ILE CA 231 -1.51 75.34 -66.99
N ALA CA 232 -1.75 74.13 -66.50
CA ALA CA 232 -2.96 73.82 -65.72
C ALA CA 232 -2.97 74.55 -64.38
N GLN CA 233 -1.83 74.67 -63.72
CA GLN CA 233 -1.73 75.31 -62.41
C GLN CA 233 -2.15 76.78 -62.46
N ILE CA 234 -1.85 77.49 -63.56
CA ILE CA 234 -2.33 78.86 -63.77
C ILE CA 234 -3.86 78.90 -63.88
N VAL CA 235 -4.50 77.99 -64.63
CA VAL CA 235 -5.96 78.01 -64.77
C VAL CA 235 -6.68 77.60 -63.48
N SER CA 236 -6.10 76.70 -62.69
CA SER CA 236 -6.62 76.44 -61.35
C SER CA 236 -6.64 77.73 -60.52
N SER CA 237 -5.61 78.56 -60.65
CA SER CA 237 -5.46 79.81 -59.90
C SER CA 237 -6.36 80.94 -60.44
N ILE CA 238 -6.61 81.01 -61.75
CA ILE CA 238 -7.61 81.90 -62.33
C ILE CA 238 -9.01 81.50 -61.86
N THR CA 239 -9.32 80.22 -61.82
CA THR CA 239 -10.63 79.73 -61.40
C THR CA 239 -10.79 79.60 -59.89
N ALA CA 240 -9.74 79.69 -59.08
CA ALA CA 240 -9.84 79.42 -57.65
C ALA CA 240 -10.89 80.28 -56.93
N SER CA 241 -11.01 81.56 -57.30
CA SER CA 241 -12.04 82.45 -56.75
C SER CA 241 -13.47 82.09 -57.14
N LEU CA 242 -13.66 81.31 -58.18
CA LEU CA 242 -14.94 80.79 -58.63
C LEU CA 242 -15.34 79.56 -57.82
N ARG CA 243 -14.34 78.83 -57.31
CA ARG CA 243 -14.43 77.51 -56.69
C ARG CA 243 -14.38 77.52 -55.16
N PHE CA 244 -13.79 78.54 -54.53
CA PHE CA 244 -13.39 78.50 -53.12
C PHE CA 244 -13.67 79.80 -52.33
N ASP CA 245 -13.59 79.73 -51.00
CA ASP CA 245 -13.64 80.93 -50.14
C ASP CA 245 -12.31 81.69 -50.16
N GLY CA 246 -12.37 83.00 -50.02
CA GLY CA 246 -11.22 83.91 -50.01
C GLY CA 246 -11.49 85.21 -49.27
N ALA CA 247 -10.45 85.98 -49.00
CA ALA CA 247 -10.58 87.31 -48.40
C ALA CA 247 -11.06 88.34 -49.42
N LEU CA 248 -10.65 88.19 -50.68
CA LEU CA 248 -10.92 89.07 -51.80
C LEU CA 248 -11.14 88.22 -53.06
N ASN CA 249 -12.24 87.47 -53.14
CA ASN CA 249 -12.55 86.65 -54.31
C ASN CA 249 -12.78 87.52 -55.56
N VAL CA 250 -12.32 87.05 -56.72
CA VAL CA 250 -12.41 87.75 -58.02
C VAL CA 250 -13.33 87.00 -58.98
N ASP CA 251 -14.39 87.66 -59.43
CA ASP CA 251 -15.28 87.13 -60.46
C ASP CA 251 -14.61 87.11 -61.85
N LEU CA 252 -15.02 86.21 -62.74
CA LEU CA 252 -14.39 86.09 -64.07
C LEU CA 252 -14.54 87.35 -64.96
N THR CA 253 -15.54 88.21 -64.72
CA THR CA 253 -15.70 89.54 -65.34
C THR CA 253 -15.09 90.68 -64.54
N GLU CA 254 -15.01 90.56 -63.23
CA GLU CA 254 -14.25 91.46 -62.37
C GLU CA 254 -12.77 91.45 -62.75
N PHE CA 255 -12.25 90.27 -63.06
CA PHE CA 255 -10.93 90.05 -63.62
C PHE CA 255 -10.70 90.86 -64.89
N GLN CA 256 -11.59 90.72 -65.87
CA GLN CA 256 -11.53 91.43 -67.15
C GLN CA 256 -11.70 92.95 -67.00
N THR CA 257 -12.55 93.44 -66.12
CA THR CA 257 -12.74 94.89 -65.89
C THR CA 257 -11.49 95.58 -65.36
N ASN CA 258 -10.55 94.85 -64.75
CA ASN CA 258 -9.26 95.35 -64.29
C ASN CA 258 -8.09 95.01 -65.22
N LEU CA 259 -8.13 93.90 -65.94
CA LEU CA 259 -7.09 93.52 -66.91
C LEU CA 259 -7.16 94.33 -68.20
N VAL CA 260 -8.34 94.57 -68.74
CA VAL CA 260 -8.53 95.02 -70.12
C VAL CA 260 -8.85 96.52 -70.15
N PRO CA 261 -7.88 97.40 -70.49
CA PRO CA 261 -8.11 98.84 -70.56
C PRO CA 261 -8.89 99.30 -71.79
N TYR CA 262 -8.79 98.59 -72.90
CA TYR CA 262 -9.38 98.96 -74.18
C TYR CA 262 -9.90 97.70 -74.87
N PRO CA 263 -10.93 97.76 -75.73
CA PRO CA 263 -11.60 96.57 -76.25
C PRO CA 263 -10.66 95.54 -76.89
N ARG CA 264 -9.59 95.97 -77.57
CA ARG CA 264 -8.70 95.05 -78.29
C ARG CA 264 -7.43 94.67 -77.53
N ILE CA 265 -7.25 95.23 -76.33
CA ILE CA 265 -6.02 95.13 -75.53
C ILE CA 265 -6.23 94.15 -74.39
N HIS CA 266 -6.40 92.90 -74.78
CA HIS CA 266 -6.84 91.80 -73.92
C HIS CA 266 -5.91 90.59 -74.01
N PHE CA 267 -4.63 90.83 -74.31
CA PHE CA 267 -3.56 89.86 -74.37
C PHE CA 267 -2.59 90.02 -73.19
N PRO CA 268 -2.97 89.62 -71.98
CA PRO CA 268 -2.07 89.66 -70.84
C PRO CA 268 -1.00 88.56 -70.94
N LEU CA 269 0.17 88.85 -70.40
CA LEU CA 269 1.10 87.82 -69.94
C LEU CA 269 0.51 87.12 -68.72
N VAL CA 270 1.03 85.94 -68.43
CA VAL CA 270 0.78 85.20 -67.20
C VAL CA 270 2.09 84.68 -66.63
N THR CA 271 2.17 84.56 -65.32
CA THR CA 271 3.28 83.97 -64.59
C THR CA 271 2.79 83.40 -63.26
N TYR CA 272 3.54 82.48 -62.67
CA TYR CA 272 3.18 81.80 -61.44
C TYR CA 272 4.39 81.79 -60.51
N SER CA 273 4.19 81.97 -59.20
CA SER CA 273 5.26 81.84 -58.23
C SER CA 273 4.73 81.24 -56.93
N PRO CA 274 5.57 80.51 -56.20
CA PRO CA 274 6.91 80.08 -56.58
C PRO CA 274 6.85 78.81 -57.46
N ILE CA 275 7.48 78.83 -58.64
CA ILE CA 275 7.88 77.56 -59.25
C ILE CA 275 9.10 77.06 -58.50
N ILE CA 276 9.04 75.90 -57.86
CA ILE CA 276 10.13 75.46 -56.97
C ILE CA 276 10.15 73.94 -56.82
N SER CA 277 11.31 73.34 -56.68
CA SER CA 277 11.46 71.90 -56.39
C SER CA 277 11.58 71.63 -54.89
N ALA CA 278 11.41 70.38 -54.48
CA ALA CA 278 11.60 69.96 -53.09
C ALA CA 278 13.06 70.09 -52.60
N GLU CA 279 14.03 70.29 -53.48
CA GLU CA 279 15.44 70.51 -53.08
C GLU CA 279 15.62 71.87 -52.42
N LYS CA 280 14.82 72.87 -52.82
CA LYS CA 280 14.99 74.28 -52.45
C LYS CA 280 13.84 74.83 -51.62
N ALA CA 281 12.64 74.30 -51.73
CA ALA CA 281 11.46 74.82 -51.04
C ALA CA 281 11.60 74.83 -49.50
N TYR CA 282 12.41 73.95 -48.93
CA TYR CA 282 12.71 73.91 -47.50
C TYR CA 282 13.83 74.86 -47.06
N HIS CA 283 14.46 75.63 -47.95
CA HIS CA 283 15.53 76.59 -47.61
C HIS CA 283 15.19 78.04 -47.97
N GLU CA 284 14.40 78.27 -49.00
CA GLU CA 284 13.80 79.57 -49.29
C GLU CA 284 12.77 79.95 -48.23
N GLN CA 285 12.56 81.24 -47.95
CA GLN CA 285 11.47 81.65 -47.05
C GLN CA 285 10.09 81.53 -47.72
N LEU CA 286 9.97 81.84 -49.03
CA LEU CA 286 8.68 81.89 -49.72
C LEU CA 286 7.66 82.77 -48.97
N SER CA 287 8.14 83.86 -48.38
CA SER CA 287 7.31 84.93 -47.84
C SER CA 287 6.53 85.62 -48.95
N VAL CA 288 5.43 86.30 -48.62
CA VAL CA 288 4.61 87.00 -49.60
C VAL CA 288 5.41 88.03 -50.39
N PRO CA 289 6.37 88.72 -49.77
CA PRO CA 289 7.23 89.67 -50.46
C PRO CA 289 8.04 89.02 -51.59
N GLU CA 290 8.60 87.83 -51.37
CA GLU CA 290 9.46 87.16 -52.35
C GLU CA 290 8.66 86.63 -53.55
N ILE CA 291 7.55 85.94 -53.30
CA ILE CA 291 6.72 85.40 -54.39
C ILE CA 291 5.99 86.48 -55.17
N THR CA 292 5.77 87.67 -54.59
CA THR CA 292 5.30 88.83 -55.35
C THR CA 292 6.40 89.33 -56.28
N ASN CA 293 7.61 89.57 -55.76
CA ASN CA 293 8.75 90.06 -56.55
C ASN CA 293 9.16 89.09 -57.65
N ALA CA 294 9.05 87.77 -57.44
CA ALA CA 294 9.34 86.78 -58.47
C ALA CA 294 8.49 86.97 -59.74
N CYS CA 295 7.27 87.47 -59.63
CA CYS CA 295 6.41 87.68 -60.80
C CYS CA 295 6.88 88.82 -61.70
N PHE CA 296 7.73 89.71 -61.23
CA PHE CA 296 8.26 90.82 -62.03
C PHE CA 296 9.63 90.52 -62.63
N GLU CA 297 10.24 89.38 -62.34
CA GLU CA 297 11.48 88.95 -62.99
C GLU CA 297 11.20 88.51 -64.44
N TYR CA 298 11.96 88.96 -65.45
CA TYR CA 298 11.94 88.40 -66.81
C TYR CA 298 12.12 86.88 -66.82
N SER CA 299 12.87 86.36 -65.86
CA SER CA 299 13.12 84.95 -65.64
C SER CA 299 11.86 84.09 -65.43
N ASN CA 300 10.72 84.64 -65.03
CA ASN CA 300 9.52 83.84 -64.75
C ASN CA 300 8.36 84.12 -65.72
N GLN CA 301 8.54 84.98 -66.73
CA GLN CA 301 7.51 85.23 -67.74
C GLN CA 301 7.41 84.02 -68.67
N MET CA 302 6.19 83.54 -68.95
CA MET CA 302 5.95 82.37 -69.80
C MET CA 302 5.74 82.70 -71.28
N VAL CA 303 6.26 83.84 -71.74
CA VAL CA 303 6.48 84.23 -73.15
C VAL CA 303 7.87 84.84 -73.21
N LYS CA 304 8.73 84.45 -74.17
CA LYS CA 304 10.08 85.02 -74.29
C LYS CA 304 10.06 86.44 -74.85
N CYS CA 305 9.69 87.38 -74.00
CA CYS CA 305 9.79 88.82 -74.17
C CYS CA 305 10.16 89.45 -72.82
N ASP CA 306 10.79 90.63 -72.83
CA ASP CA 306 11.28 91.27 -71.60
C ASP CA 306 10.29 92.37 -71.16
N PRO CA 307 9.62 92.26 -69.99
CA PRO CA 307 8.68 93.28 -69.53
C PRO CA 307 9.27 94.67 -69.35
N ARG CA 308 10.60 94.79 -69.20
CA ARG CA 308 11.31 96.06 -69.04
C ARG CA 308 11.40 96.83 -70.36
N ARG CA 309 11.25 96.14 -71.49
CA ARG CA 309 11.09 96.78 -72.80
C ARG CA 309 9.65 97.26 -73.04
N GLY CA 310 8.74 97.12 -72.08
CA GLY CA 310 7.37 97.61 -72.13
C GLY CA 310 7.01 98.60 -71.04
N LYS CA 311 5.72 98.90 -70.94
CA LYS CA 311 5.08 99.47 -69.75
C LYS CA 311 3.88 98.61 -69.37
N TYR CA 312 3.69 98.41 -68.08
CA TYR CA 312 2.52 97.76 -67.52
C TYR CA 312 1.30 98.66 -67.62
N MET CA 313 0.19 98.10 -68.08
CA MET CA 313 -1.12 98.73 -68.08
C MET CA 313 -1.88 98.34 -66.82
N ALA CA 314 -2.00 97.05 -66.52
CA ALA CA 314 -2.62 96.54 -65.31
C ALA CA 314 -2.09 95.16 -64.91
N CYS CA 315 -2.02 94.88 -63.61
CA CYS CA 315 -1.68 93.58 -63.08
C CYS CA 315 -2.80 93.04 -62.20
N CYS CA 316 -3.23 91.80 -62.41
CA CYS CA 316 -4.00 91.03 -61.44
C CYS CA 316 -3.06 90.11 -60.67
N LEU CA 317 -2.82 90.39 -59.41
CA LEU CA 317 -2.11 89.49 -58.50
C LEU CA 317 -3.15 88.61 -57.81
N LEU CA 318 -3.31 87.37 -58.28
CA LEU CA 318 -4.25 86.39 -57.74
C LEU CA 318 -3.55 85.46 -56.74
N TYR CA 319 -3.47 85.87 -55.47
CA TYR CA 319 -2.88 85.03 -54.42
C TYR CA 319 -3.82 83.92 -53.97
N ARG CA 320 -3.21 82.82 -53.54
CA ARG CA 320 -3.91 81.71 -52.95
C ARG CA 320 -3.11 81.03 -51.86
N GLY CA 321 -3.79 80.42 -50.91
CA GLY CA 321 -3.18 79.85 -49.72
C GLY CA 321 -3.07 80.86 -48.59
N ASP CA 322 -2.09 80.67 -47.70
CA ASP CA 322 -1.94 81.42 -46.45
C ASP CA 322 -1.36 82.83 -46.67
N VAL CA 323 -2.17 83.81 -47.06
CA VAL CA 323 -1.76 85.22 -47.19
C VAL CA 323 -2.77 86.18 -46.57
N VAL CA 324 -2.33 87.38 -46.22
CA VAL CA 324 -3.13 88.38 -45.51
C VAL CA 324 -3.02 89.71 -46.25
N PRO CA 325 -4.11 90.48 -46.46
CA PRO CA 325 -4.06 91.76 -47.17
C PRO CA 325 -3.03 92.78 -46.67
N LYS CA 326 -2.65 92.76 -45.39
CA LYS CA 326 -1.49 93.51 -44.86
C LYS CA 326 -0.26 93.26 -45.73
N ASP CA 327 0.11 91.99 -45.90
CA ASP CA 327 1.33 91.54 -46.56
C ASP CA 327 1.35 91.91 -48.03
N VAL CA 328 0.19 91.79 -48.68
CA VAL CA 328 0.05 92.09 -50.09
C VAL CA 328 0.19 93.58 -50.35
N ASN CA 329 -0.45 94.44 -49.55
CA ASN CA 329 -0.29 95.88 -49.72
C ASN CA 329 1.16 96.31 -49.48
N ALA CA 330 1.81 95.79 -48.44
CA ALA CA 330 3.22 96.01 -48.16
C ALA CA 330 4.16 95.52 -49.27
N ALA CA 331 3.80 94.43 -49.95
CA ALA CA 331 4.50 93.94 -51.12
C ALA CA 331 4.32 94.85 -52.32
N ILE CA 332 3.10 95.15 -52.77
CA ILE CA 332 2.90 96.00 -53.96
C ILE CA 332 3.45 97.41 -53.78
N ALA CA 333 3.53 97.90 -52.55
CA ALA CA 333 4.25 99.14 -52.24
C ALA CA 333 5.74 99.08 -52.61
N ALA CA 334 6.43 97.96 -52.43
CA ALA CA 334 7.80 97.83 -52.93
C ALA CA 334 7.84 97.75 -54.46
N ILE CA 335 6.89 97.07 -55.09
CA ILE CA 335 6.84 97.04 -56.56
C ILE CA 335 6.65 98.44 -57.12
N LYS CA 336 5.77 99.28 -56.56
CA LYS CA 336 5.61 100.70 -56.96
C LYS CA 336 6.86 101.54 -56.71
N THR CA 337 7.72 101.14 -55.80
CA THR CA 337 8.95 101.87 -55.46
C THR CA 337 10.06 101.62 -56.48
N ARG CA 338 10.11 100.42 -57.10
CA ARG CA 338 11.15 100.01 -58.07
C ARG CA 338 10.96 100.65 -59.45
N ARG CA 339 11.91 101.49 -59.88
CA ARG CA 339 11.86 102.28 -61.12
C ARG CA 339 12.02 101.45 -62.40
N SER CA 340 12.51 100.22 -62.31
CA SER CA 340 12.58 99.28 -63.44
C SER CA 340 11.23 98.67 -63.83
N ILE CA 341 10.25 98.60 -62.91
CA ILE CA 341 8.88 98.14 -63.17
C ILE CA 341 8.00 99.35 -63.50
N GLN CA 342 7.84 99.69 -64.77
CA GLN CA 342 7.19 100.95 -65.16
C GLN CA 342 5.76 100.76 -65.66
N PHE CA 343 4.82 101.37 -64.98
CA PHE CA 343 3.43 101.45 -65.42
C PHE CA 343 3.22 102.64 -66.35
N VAL CA 344 2.15 102.57 -67.13
CA VAL CA 344 1.63 103.69 -67.92
C VAL CA 344 1.16 104.84 -67.03
N ASP CA 345 1.22 106.06 -67.55
CA ASP CA 345 0.84 107.31 -66.87
C ASP CA 345 -0.65 107.38 -66.53
N TRP CA 346 -1.47 106.66 -67.29
CA TRP CA 346 -2.92 106.66 -67.19
C TRP CA 346 -3.50 105.54 -66.32
N CYS CA 347 -2.67 104.72 -65.67
CA CYS CA 347 -3.14 103.71 -64.73
C CYS CA 347 -2.46 103.90 -63.38
N PRO CA 348 -2.92 104.88 -62.57
CA PRO CA 348 -2.26 105.27 -61.32
C PRO CA 348 -2.46 104.25 -60.19
N THR CA 349 -3.51 103.45 -60.28
CA THR CA 349 -3.85 102.35 -59.40
C THR CA 349 -3.05 101.09 -59.72
N GLY CA 350 -3.01 100.66 -60.97
CA GLY CA 350 -2.16 99.58 -61.49
C GLY CA 350 -2.55 98.16 -61.11
N PHE CA 351 -2.79 97.87 -59.85
CA PHE CA 351 -2.94 96.52 -59.31
C PHE CA 351 -4.37 96.21 -58.94
N LYS CA 352 -4.86 95.09 -59.44
CA LYS CA 352 -6.04 94.37 -58.94
C LYS CA 352 -5.55 93.18 -58.13
N VAL CA 353 -5.98 93.09 -56.89
CA VAL CA 353 -5.57 92.05 -55.94
C VAL CA 353 -6.74 91.10 -55.74
N GLY CA 354 -6.47 89.81 -55.83
CA GLY CA 354 -7.35 88.73 -55.39
C GLY CA 354 -6.66 87.88 -54.34
N ILE CA 355 -7.39 87.40 -53.33
CA ILE CA 355 -6.82 86.57 -52.26
C ILE CA 355 -7.80 85.44 -51.94
N ASN CA 356 -7.35 84.19 -52.05
CA ASN CA 356 -8.15 82.99 -51.88
C ASN CA 356 -7.56 82.00 -50.84
N TYR CA 357 -8.37 81.38 -49.99
CA TYR CA 357 -7.85 80.62 -48.84
C TYR CA 357 -7.38 79.19 -49.17
N GLN CA 358 -7.52 78.73 -50.40
CA GLN CA 358 -7.16 77.36 -50.80
C GLN CA 358 -5.73 77.29 -51.36
N PRO CA 359 -4.78 76.61 -50.70
CA PRO CA 359 -3.42 76.42 -51.19
C PRO CA 359 -3.37 75.75 -52.57
N PRO CA 360 -2.23 75.83 -53.29
CA PRO CA 360 -2.03 75.10 -54.53
C PRO CA 360 -1.91 73.60 -54.30
N THR CA 361 -2.73 72.82 -55.00
CA THR CA 361 -2.69 71.36 -54.95
C THR CA 361 -1.49 70.80 -55.70
N ALA CA 362 -0.71 69.92 -55.08
CA ALA CA 362 0.35 69.18 -55.78
C ALA CA 362 -0.23 67.99 -56.54
N VAL CA 363 0.12 67.84 -57.81
CA VAL CA 363 -0.03 66.54 -58.47
C VAL CA 363 1.05 65.61 -57.93
N PRO CA 364 0.73 64.41 -57.39
CA PRO CA 364 1.68 63.59 -56.63
C PRO CA 364 2.89 63.11 -57.43
N GLY CA 365 2.75 62.93 -58.74
CA GLY CA 365 3.85 62.55 -59.63
C GLY CA 365 4.77 63.69 -60.06
N GLY CA 366 4.46 64.93 -59.69
CA GLY CA 366 5.05 66.14 -60.29
C GLY CA 366 6.35 66.62 -59.67
N ASP CA 367 6.99 67.55 -60.38
CA ASP CA 367 8.26 68.16 -59.98
C ASP CA 367 8.09 69.35 -59.03
N VAL CA 368 6.95 70.03 -59.15
CA VAL CA 368 6.61 71.28 -58.44
C VAL CA 368 6.17 71.01 -57.00
N ALA CA 369 6.86 71.60 -56.04
CA ALA CA 369 6.82 71.25 -54.62
C ALA CA 369 5.60 71.78 -53.85
N LYS CA 370 5.32 71.20 -52.67
CA LYS CA 370 4.30 71.68 -51.74
C LYS CA 370 4.74 72.99 -51.10
N VAL CA 371 3.88 73.99 -51.06
CA VAL CA 371 4.20 75.34 -50.57
C VAL CA 371 2.96 75.97 -49.91
N LEU CA 372 3.14 76.80 -48.90
CA LEU CA 372 2.00 77.39 -48.19
C LEU CA 372 1.22 78.42 -49.00
N ARG CA 373 1.84 78.97 -50.05
CA ARG CA 373 1.41 80.15 -50.78
C ARG CA 373 1.69 79.96 -52.25
N ALA CA 374 0.87 80.57 -53.08
CA ALA CA 374 1.22 80.87 -54.45
C ALA CA 374 0.54 82.15 -54.87
N VAL CA 375 1.04 82.73 -55.93
CA VAL CA 375 0.41 83.83 -56.66
C VAL CA 375 0.45 83.48 -58.13
N CYS CA 376 -0.64 83.71 -58.82
CA CYS CA 376 -0.60 83.82 -60.25
C CYS CA 376 -0.72 85.30 -60.57
N MET CA 377 0.24 85.85 -61.30
CA MET CA 377 0.14 87.22 -61.79
C MET CA 377 -0.21 87.20 -63.28
N LEU CA 378 -1.34 87.81 -63.60
CA LEU CA 378 -1.80 87.98 -64.96
C LEU CA 378 -1.71 89.46 -65.26
N SER CA 379 -1.05 89.82 -66.34
CA SER CA 379 -0.48 91.16 -66.50
C SER CA 379 -0.56 91.70 -67.92
N ASN CA 380 -1.34 92.75 -68.13
CA ASN CA 380 -1.42 93.43 -69.40
C ASN CA 380 -0.25 94.44 -69.51
N THR CA 381 0.63 94.24 -70.47
CA THR CA 381 1.86 95.01 -70.68
C THR CA 381 2.17 95.22 -72.15
N THR CA 382 2.75 96.35 -72.53
CA THR CA 382 3.10 96.65 -73.94
C THR CA 382 4.18 95.73 -74.49
N ALA CA 383 4.97 95.10 -73.63
CA ALA CA 383 6.08 94.24 -73.99
C ALA CA 383 5.70 93.06 -74.89
N ILE CA 384 4.48 92.53 -74.77
CA ILE CA 384 4.06 91.34 -75.51
C ILE CA 384 4.07 91.55 -77.02
N ALA CA 385 3.98 92.79 -77.49
CA ALA CA 385 4.11 93.11 -78.91
C ALA CA 385 5.41 92.64 -79.56
N GLU CA 386 6.47 92.38 -78.79
CA GLU CA 386 7.70 91.82 -79.31
C GLU CA 386 7.53 90.35 -79.71
N ALA CA 387 6.76 89.55 -78.98
CA ALA CA 387 6.43 88.18 -79.38
C ALA CA 387 5.62 88.12 -80.69
N TRP CA 388 4.88 89.17 -81.02
CA TRP CA 388 4.20 89.35 -82.29
C TRP CA 388 5.16 89.86 -83.39
N ALA CA 389 6.06 90.77 -83.06
CA ALA CA 389 7.10 91.27 -83.96
C ALA CA 389 8.10 90.18 -84.38
N ARG CA 390 8.37 89.19 -83.52
CA ARG CA 390 9.16 88.01 -83.87
C ARG CA 390 8.47 87.21 -84.96
N LEU CA 391 7.21 86.86 -84.75
CA LEU CA 391 6.51 85.90 -85.57
C LEU CA 391 6.05 86.48 -86.91
N ASP CA 392 5.67 87.75 -86.98
CA ASP CA 392 5.33 88.38 -88.26
C ASP CA 392 6.58 88.63 -89.15
N HIS CA 393 7.79 88.66 -88.58
CA HIS CA 393 9.06 88.60 -89.33
C HIS CA 393 9.39 87.19 -89.83
N LYS CA 394 8.94 86.11 -89.17
CA LYS CA 394 8.98 84.74 -89.73
C LYS CA 394 7.99 84.57 -90.88
N PHE CA 395 6.78 85.10 -90.73
CA PHE CA 395 5.77 85.11 -91.77
C PHE CA 395 6.23 85.83 -93.03
N ASP CA 396 6.85 87.01 -92.88
CA ASP CA 396 7.24 87.85 -94.01
C ASP CA 396 8.24 87.19 -94.96
N LEU CA 397 9.22 86.43 -94.44
CA LEU CA 397 10.20 85.69 -95.24
C LEU CA 397 9.56 84.60 -96.10
N MET CA 398 8.54 83.92 -95.58
CA MET CA 398 7.86 82.84 -96.29
C MET CA 398 6.79 83.37 -97.25
N TYR CA 399 6.00 84.37 -96.88
CA TYR CA 399 4.99 84.91 -97.77
C TYR CA 399 5.59 85.70 -98.93
N SER CA 400 6.77 86.31 -98.79
CA SER CA 400 7.50 86.91 -99.90
C SER CA 400 7.85 85.91 -101.02
N LYS CA 401 7.96 84.62 -100.70
CA LYS CA 401 8.16 83.54 -101.68
C LYS CA 401 6.88 82.77 -102.02
N ARG CA 402 5.77 83.01 -101.32
CA ARG CA 402 4.57 82.17 -101.26
C ARG CA 402 4.91 80.72 -100.84
N ALA CA 403 5.86 80.58 -99.92
CA ALA CA 403 6.66 79.39 -99.70
C ALA CA 403 5.91 78.09 -99.45
N PHE CA 404 4.71 78.07 -98.85
CA PHE CA 404 3.89 76.85 -98.66
C PHE CA 404 2.42 77.05 -99.05
N VAL CA 405 2.11 78.16 -99.74
CA VAL CA 405 0.74 78.68 -99.89
C VAL CA 405 -0.18 77.75 -100.68
N HIS CA 406 0.35 76.91 -101.57
CA HIS CA 406 -0.46 75.97 -102.37
C HIS CA 406 -1.20 74.92 -101.54
N TRP CA 407 -0.73 74.56 -100.35
CA TRP CA 407 -1.43 73.64 -99.45
C TRP CA 407 -2.68 74.26 -98.82
N TYR CA 408 -2.70 75.59 -98.63
CA TYR CA 408 -3.81 76.34 -98.05
C TYR CA 408 -4.82 76.73 -99.12
N VAL CA 409 -4.35 77.23 -100.26
CA VAL CA 409 -5.17 77.51 -101.45
C VAL CA 409 -5.79 76.22 -102.02
N GLY CA 410 -5.07 75.10 -101.94
CA GLY CA 410 -5.56 73.80 -102.39
C GLY CA 410 -6.68 73.20 -101.54
N GLU CA 411 -6.91 73.69 -100.33
CA GLU CA 411 -7.93 73.20 -99.38
C GLU CA 411 -9.04 74.22 -99.10
N GLY CA 412 -9.27 75.14 -100.04
CA GLY CA 412 -10.42 76.04 -100.07
C GLY CA 412 -10.20 77.43 -99.48
N MET CA 413 -8.99 77.82 -99.08
CA MET CA 413 -8.73 79.17 -98.60
C MET CA 413 -8.49 80.18 -99.74
N GLU CA 414 -8.99 81.41 -99.59
CA GLU CA 414 -8.64 82.55 -100.45
C GLU CA 414 -7.17 82.94 -100.24
N GLU CA 415 -6.38 83.14 -101.29
CA GLU CA 415 -4.97 83.55 -101.14
C GLU CA 415 -4.83 84.90 -100.41
N GLY CA 416 -5.78 85.82 -100.64
CA GLY CA 416 -5.83 87.13 -100.00
C GLY CA 416 -5.98 87.12 -98.48
N GLU CA 417 -6.44 86.01 -97.87
CA GLU CA 417 -6.53 85.90 -96.41
C GLU CA 417 -5.18 86.00 -95.71
N PHE CA 418 -4.08 85.60 -96.36
CA PHE CA 418 -2.74 85.75 -95.80
C PHE CA 418 -2.34 87.22 -95.67
N SER CA 419 -2.63 88.04 -96.68
CA SER CA 419 -2.41 89.48 -96.63
C SER CA 419 -3.35 90.16 -95.62
N GLU CA 420 -4.63 89.82 -95.64
CA GLU CA 420 -5.66 90.28 -94.70
C GLU CA 420 -5.38 89.85 -93.24
N ALA CA 421 -4.67 88.77 -92.97
CA ALA CA 421 -4.22 88.36 -91.64
C ALA CA 421 -2.93 89.06 -91.19
N ARG CA 422 -1.94 89.25 -92.06
CA ARG CA 422 -0.72 90.00 -91.75
C ARG CA 422 -1.01 91.48 -91.52
N GLU CA 423 -2.02 92.01 -92.22
CA GLU CA 423 -2.56 93.36 -92.08
C GLU CA 423 -3.22 93.57 -90.72
N ASP CA 424 -4.11 92.66 -90.32
CA ASP CA 424 -4.81 92.72 -89.04
C ASP CA 424 -3.87 92.51 -87.85
N MET CA 425 -2.83 91.68 -87.99
CA MET CA 425 -1.78 91.58 -86.97
C MET CA 425 -1.00 92.90 -86.84
N ALA CA 426 -0.63 93.57 -87.93
CA ALA CA 426 0.03 94.87 -87.88
C ALA CA 426 -0.81 95.96 -87.21
N ALA CA 427 -2.13 95.92 -87.34
CA ALA CA 427 -3.04 96.79 -86.60
C ALA CA 427 -3.14 96.47 -85.10
N LEU CA 428 -2.97 95.22 -84.66
CA LEU CA 428 -2.85 94.88 -83.23
C LEU CA 428 -1.48 95.28 -82.66
N GLU CA 429 -0.41 95.04 -83.42
CA GLU CA 429 0.93 95.43 -83.01
C GLU CA 429 1.09 96.95 -82.95
N LYS CA 430 0.34 97.70 -83.78
CA LYS CA 430 0.14 99.15 -83.71
C LYS CA 430 -0.58 99.56 -82.43
N ASP CA 431 -1.73 98.96 -82.11
CA ASP CA 431 -2.53 99.29 -80.92
C ASP CA 431 -1.74 99.15 -79.60
N TYR CA 432 -0.95 98.08 -79.42
CA TYR CA 432 -0.12 97.91 -78.21
C TYR CA 432 1.07 98.88 -78.10
N GLU CA 433 1.57 99.40 -79.20
CA GLU CA 433 2.57 100.46 -79.22
C GLU CA 433 1.94 101.83 -78.96
N GLU CA 434 0.75 102.07 -79.51
CA GLU CA 434 -0.01 103.32 -79.40
C GLU CA 434 -0.42 103.68 -77.96
N VAL CA 435 -0.82 102.71 -77.14
CA VAL CA 435 -1.31 102.95 -75.76
C VAL CA 435 -0.22 103.11 -74.69
N GLY CA 436 1.04 102.85 -75.01
CA GLY CA 436 2.14 102.98 -74.06
C GLY CA 436 2.55 104.41 -73.73
N THR CA 437 2.04 105.40 -74.47
CA THR CA 437 2.61 106.74 -74.55
C THR CA 437 2.04 107.67 -73.47
N MET DA 1 -65.24 41.44 -55.15
CA MET DA 1 -65.23 42.90 -55.23
C MET DA 1 -63.98 43.34 -55.97
N ARG DA 2 -64.13 44.22 -56.97
CA ARG DA 2 -63.06 44.86 -57.76
C ARG DA 2 -62.28 43.93 -58.67
N GLU DA 3 -62.89 42.87 -59.18
CA GLU DA 3 -62.26 41.98 -60.16
C GLU DA 3 -62.04 42.60 -61.54
N CYS DA 4 -61.06 42.13 -62.32
CA CYS DA 4 -60.95 42.39 -63.76
C CYS DA 4 -60.64 41.11 -64.53
N ILE DA 5 -61.38 40.83 -65.60
CA ILE DA 5 -61.08 39.73 -66.51
C ILE DA 5 -60.18 40.24 -67.64
N SER DA 6 -58.97 39.72 -67.73
CA SER DA 6 -57.99 40.13 -68.74
C SER DA 6 -57.99 39.16 -69.92
N VAL DA 7 -58.33 39.60 -71.12
CA VAL DA 7 -58.38 38.73 -72.31
C VAL DA 7 -57.27 39.10 -73.28
N HIS DA 8 -56.36 38.15 -73.50
CA HIS DA 8 -55.15 38.29 -74.29
C HIS DA 8 -55.28 37.56 -75.63
N VAL DA 9 -55.38 38.30 -76.74
CA VAL DA 9 -55.77 37.77 -78.06
C VAL DA 9 -54.66 37.88 -79.09
N GLY DA 10 -54.45 36.81 -79.87
CA GLY DA 10 -53.42 36.72 -80.89
C GLY DA 10 -52.01 36.70 -80.32
N GLN DA 11 -50.96 36.82 -81.13
CA GLN DA 11 -49.57 36.78 -80.65
C GLN DA 11 -49.20 38.00 -79.81
N ALA DA 12 -49.48 39.21 -80.28
CA ALA DA 12 -49.21 40.44 -79.54
C ALA DA 12 -49.92 40.47 -78.17
N GLY DA 13 -51.21 40.18 -78.10
CA GLY DA 13 -51.96 40.19 -76.85
C GLY DA 13 -51.47 39.15 -75.85
N VAL DA 14 -51.17 37.93 -76.32
CA VAL DA 14 -50.61 36.85 -75.50
C VAL DA 14 -49.22 37.19 -75.02
N GLN DA 15 -48.36 37.78 -75.84
CA GLN DA 15 -47.00 38.13 -75.44
C GLN DA 15 -46.93 39.35 -74.51
N ILE DA 16 -47.81 40.33 -74.70
CA ILE DA 16 -48.05 41.38 -73.69
C ILE DA 16 -48.59 40.76 -72.40
N GLY DA 17 -49.51 39.80 -72.50
CA GLY DA 17 -50.00 39.03 -71.36
C GLY DA 17 -48.91 38.30 -70.60
N ASN DA 18 -47.99 37.65 -71.31
CA ASN DA 18 -46.84 36.99 -70.69
C ASN DA 18 -45.88 37.97 -69.98
N SER DA 19 -45.97 39.28 -70.26
CA SER DA 19 -45.32 40.34 -69.49
C SER DA 19 -46.21 40.91 -68.37
N CYS DA 20 -47.51 41.07 -68.61
CA CYS DA 20 -48.48 41.49 -67.61
C CYS DA 20 -48.49 40.54 -66.42
N TRP DA 21 -48.65 39.25 -66.67
CA TRP DA 21 -48.68 38.23 -65.63
C TRP DA 21 -47.32 37.96 -64.99
N GLU DA 22 -46.22 38.24 -65.71
CA GLU DA 22 -44.88 38.28 -65.10
C GLU DA 22 -44.80 39.39 -64.05
N LEU DA 23 -45.32 40.57 -64.36
CA LEU DA 23 -45.35 41.71 -63.44
C LEU DA 23 -46.31 41.47 -62.27
N TYR DA 24 -47.59 41.15 -62.53
CA TYR DA 24 -48.59 41.02 -61.46
C TYR DA 24 -48.18 39.97 -60.43
N CYS DA 25 -47.55 38.88 -60.86
CA CYS DA 25 -47.03 37.88 -59.94
C CYS DA 25 -45.95 38.45 -59.02
N LEU DA 26 -45.01 39.24 -59.53
CA LEU DA 26 -43.99 39.89 -58.68
C LEU DA 26 -44.60 40.91 -57.73
N GLU DA 27 -45.53 41.71 -58.24
CA GLU DA 27 -46.11 42.83 -57.51
C GLU DA 27 -46.98 42.39 -56.33
N HIS DA 28 -47.67 41.25 -56.46
CA HIS DA 28 -48.45 40.59 -55.41
C HIS DA 28 -47.71 39.47 -54.65
N GLY DA 29 -46.47 39.18 -55.02
CA GLY DA 29 -45.66 38.16 -54.37
C GLY DA 29 -46.15 36.73 -54.58
N LEU DA 30 -46.69 36.43 -55.75
CA LEU DA 30 -47.13 35.11 -56.18
C LEU DA 30 -45.99 34.44 -56.96
N GLN DA 31 -45.63 33.23 -56.59
CA GLN DA 31 -44.65 32.40 -57.28
C GLN DA 31 -45.15 32.04 -58.69
N PRO DA 32 -44.27 31.68 -59.65
CA PRO DA 32 -44.73 31.29 -60.98
C PRO DA 32 -45.51 29.97 -61.00
N ASP DA 33 -45.57 29.20 -59.91
CA ASP DA 33 -46.48 28.04 -59.73
C ASP DA 33 -47.83 28.43 -59.10
N GLY DA 34 -48.10 29.72 -58.95
CA GLY DA 34 -49.33 30.27 -58.37
C GLY DA 34 -49.40 30.28 -56.84
N THR DA 35 -48.43 29.74 -56.12
CA THR DA 35 -48.45 29.76 -54.64
C THR DA 35 -47.95 31.10 -54.06
N MET DA 36 -48.23 31.41 -52.80
CA MET DA 36 -47.87 32.68 -52.16
C MET DA 36 -47.30 32.48 -50.74
N PRO DA 37 -45.97 32.59 -50.54
CA PRO DA 37 -45.36 32.45 -49.22
C PRO DA 37 -45.62 33.68 -48.32
N SER DA 38 -45.31 33.56 -47.03
CA SER DA 38 -45.41 34.65 -46.04
C SER DA 38 -44.32 34.56 -44.98
N ASP DA 46 -54.60 39.95 -47.14
CA ASP DA 46 -54.78 41.35 -47.35
C ASP DA 46 -55.69 41.67 -48.57
N SER DA 47 -56.01 40.67 -49.38
CA SER DA 47 -56.85 40.71 -50.58
C SER DA 47 -56.44 41.70 -51.68
N SER DA 48 -55.21 42.19 -51.68
CA SER DA 48 -54.72 43.08 -52.75
C SER DA 48 -54.66 42.39 -54.12
N PHE DA 49 -54.31 41.11 -54.16
CA PHE DA 49 -54.29 40.26 -55.35
C PHE DA 49 -55.68 40.00 -55.96
N GLY DA 50 -56.80 40.25 -55.25
CA GLY DA 50 -58.11 39.75 -55.64
C GLY DA 50 -58.59 40.29 -56.99
N THR DA 51 -58.11 41.48 -57.41
CA THR DA 51 -58.51 42.05 -58.70
C THR DA 51 -58.11 41.16 -59.87
N PHE DA 52 -56.93 40.54 -59.77
CA PHE DA 52 -56.32 39.76 -60.82
C PHE DA 52 -56.25 38.27 -60.54
N PHE DA 53 -56.41 37.79 -59.30
CA PHE DA 53 -56.29 36.37 -59.01
C PHE DA 53 -57.46 35.85 -58.17
N SER DA 54 -58.08 34.77 -58.63
CA SER DA 54 -58.94 33.91 -57.83
C SER DA 54 -58.08 33.04 -56.89
N GLU DA 55 -58.45 32.82 -55.64
CA GLU DA 55 -57.70 31.99 -54.69
C GLU DA 55 -58.43 30.67 -54.42
N THR DA 56 -57.79 29.53 -54.65
CA THR DA 56 -58.33 28.20 -54.31
C THR DA 56 -57.85 27.72 -52.94
N GLY DA 57 -58.57 26.80 -52.30
CA GLY DA 57 -58.36 26.38 -50.91
C GLY DA 57 -56.98 25.77 -50.60
N SER DA 58 -56.26 25.29 -51.61
CA SER DA 58 -54.87 24.85 -51.50
C SER DA 58 -53.89 25.99 -51.19
N GLY DA 59 -54.31 27.26 -51.30
CA GLY DA 59 -53.45 28.44 -51.24
C GLY DA 59 -52.77 28.76 -52.56
N LYS DA 60 -53.41 28.39 -53.66
CA LYS DA 60 -52.99 28.64 -55.03
C LYS DA 60 -53.81 29.79 -55.62
N HIS DA 61 -53.14 30.81 -56.14
CA HIS DA 61 -53.75 31.97 -56.78
C HIS DA 61 -53.70 31.78 -58.28
N VAL DA 62 -54.87 31.71 -58.91
CA VAL DA 62 -55.07 31.42 -60.32
C VAL DA 62 -55.52 32.71 -61.01
N PRO DA 63 -54.88 33.15 -62.10
CA PRO DA 63 -55.18 34.42 -62.71
C PRO DA 63 -56.57 34.49 -63.35
N ARG DA 64 -57.22 35.65 -63.26
CA ARG DA 64 -58.46 36.01 -63.94
C ARG DA 64 -58.17 36.45 -65.37
N ALA DA 65 -57.62 35.53 -66.16
CA ALA DA 65 -57.17 35.77 -67.51
C ALA DA 65 -57.66 34.70 -68.47
N VAL DA 66 -57.92 35.08 -69.72
CA VAL DA 66 -58.13 34.16 -70.83
C VAL DA 66 -57.11 34.46 -71.90
N PHE DA 67 -56.40 33.45 -72.40
CA PHE DA 67 -55.45 33.59 -73.49
C PHE DA 67 -56.04 32.89 -74.71
N VAL DA 68 -56.18 33.59 -75.84
CA VAL DA 68 -56.81 33.06 -77.05
C VAL DA 68 -55.94 33.32 -78.27
N ASP DA 69 -55.69 32.29 -79.05
CA ASP DA 69 -54.99 32.38 -80.32
C ASP DA 69 -55.59 31.34 -81.26
N LEU DA 70 -55.71 31.64 -82.55
CA LEU DA 70 -56.31 30.72 -83.50
C LEU DA 70 -55.35 29.61 -83.94
N GLU DA 71 -54.04 29.80 -83.73
CA GLU DA 71 -52.97 28.83 -83.92
C GLU DA 71 -52.28 28.44 -82.59
N GLN DA 72 -51.62 27.27 -82.52
CA GLN DA 72 -51.15 26.73 -81.24
C GLN DA 72 -49.84 27.33 -80.74
N THR DA 73 -48.99 27.94 -81.58
CA THR DA 73 -47.54 28.05 -81.31
C THR DA 73 -47.17 28.87 -80.08
N VAL DA 74 -47.79 30.04 -79.91
CA VAL DA 74 -47.48 31.00 -78.85
C VAL DA 74 -48.08 30.56 -77.51
N ILE DA 75 -49.30 30.03 -77.48
CA ILE DA 75 -49.90 29.52 -76.25
C ILE DA 75 -49.29 28.16 -75.86
N GLY DA 76 -48.88 27.29 -76.78
CA GLY DA 76 -48.11 26.09 -76.42
C GLY DA 76 -46.78 26.42 -75.75
N GLU DA 77 -46.23 27.61 -76.00
CA GLU DA 77 -45.04 28.10 -75.32
C GLU DA 77 -45.37 28.58 -73.90
N ILE DA 78 -46.52 29.22 -73.68
CA ILE DA 78 -47.07 29.57 -72.36
C ILE DA 78 -47.37 28.31 -71.55
N ARG DA 79 -47.94 27.27 -72.16
CA ARG DA 79 -48.17 25.93 -71.60
C ARG DA 79 -46.89 25.11 -71.30
N ASN DA 80 -45.70 25.62 -71.60
CA ASN DA 80 -44.43 24.88 -71.45
C ASN DA 80 -43.37 25.64 -70.66
N GLY DA 81 -43.39 26.98 -70.70
CA GLY DA 81 -42.48 27.85 -69.97
C GLY DA 81 -42.76 27.97 -68.47
N PRO DA 82 -42.12 28.91 -67.80
CA PRO DA 82 -42.18 29.05 -66.32
C PRO DA 82 -43.59 29.25 -65.76
N TYR DA 83 -44.54 29.75 -66.55
CA TYR DA 83 -45.91 29.98 -66.12
C TYR DA 83 -46.87 28.82 -66.45
N ARG DA 84 -46.40 27.64 -66.86
CA ARG DA 84 -47.25 26.48 -67.15
C ARG DA 84 -48.17 26.06 -65.99
N SER DA 85 -47.73 26.27 -64.75
CA SER DA 85 -48.47 25.97 -63.51
C SER DA 85 -49.30 27.14 -62.97
N LEU DA 86 -49.20 28.34 -63.55
CA LEU DA 86 -49.98 29.49 -63.10
C LEU DA 86 -51.43 29.42 -63.56
N PHE DA 87 -51.64 29.24 -64.86
CA PHE DA 87 -52.94 29.33 -65.50
C PHE DA 87 -53.72 28.03 -65.39
N HIS DA 88 -55.05 28.15 -65.33
CA HIS DA 88 -55.96 27.04 -65.51
C HIS DA 88 -55.83 26.48 -66.94
N PRO DA 89 -55.65 25.17 -67.15
CA PRO DA 89 -55.29 24.64 -68.46
C PRO DA 89 -56.33 24.86 -69.55
N GLU DA 90 -57.63 24.99 -69.23
CA GLU DA 90 -58.68 25.25 -70.21
C GLU DA 90 -58.99 26.74 -70.47
N GLN DA 91 -58.29 27.69 -69.83
CA GLN DA 91 -58.36 29.11 -70.17
C GLN DA 91 -57.17 29.61 -71.00
N LEU DA 92 -56.25 28.71 -71.33
CA LEU DA 92 -55.30 28.82 -72.43
C LEU DA 92 -55.93 28.14 -73.66
N ILE DA 93 -56.52 28.88 -74.58
CA ILE DA 93 -57.41 28.36 -75.63
C ILE DA 93 -56.75 28.48 -77.00
N THR DA 94 -56.72 27.39 -77.76
CA THR DA 94 -56.09 27.34 -79.09
C THR DA 94 -56.96 26.64 -80.12
N GLY DA 95 -56.89 27.11 -81.36
CA GLY DA 95 -57.36 26.41 -82.55
C GLY DA 95 -56.25 25.63 -83.27
N LYS DA 96 -56.60 25.03 -84.41
CA LYS DA 96 -55.68 24.35 -85.34
C LYS DA 96 -55.05 25.30 -86.38
N GLU DA 97 -55.78 26.31 -86.82
CA GLU DA 97 -55.52 27.08 -88.05
C GLU DA 97 -55.24 28.56 -87.77
N ASP DA 98 -54.09 29.03 -88.23
CA ASP DA 98 -53.69 30.44 -88.21
C ASP DA 98 -54.71 31.33 -88.97
N ALA DA 99 -54.93 32.57 -88.52
CA ALA DA 99 -55.76 33.57 -89.19
C ALA DA 99 -55.10 34.32 -90.37
N ALA DA 100 -53.82 34.08 -90.63
CA ALA DA 100 -53.09 34.48 -91.82
C ALA DA 100 -53.01 35.99 -92.09
N ASN DA 101 -53.06 36.83 -91.05
CA ASN DA 101 -53.17 38.28 -91.15
C ASN DA 101 -54.38 38.70 -91.99
N ASN DA 102 -55.43 37.90 -91.98
CA ASN DA 102 -56.66 38.14 -92.71
C ASN DA 102 -57.79 38.35 -91.70
N TYR DA 103 -58.34 39.57 -91.59
CA TYR DA 103 -59.47 39.88 -90.70
C TYR DA 103 -60.62 38.88 -90.85
N ALA DA 104 -60.94 38.48 -92.07
CA ALA DA 104 -62.09 37.66 -92.36
C ALA DA 104 -61.94 36.22 -91.87
N ARG DA 105 -60.72 35.67 -91.80
CA ARG DA 105 -60.47 34.38 -91.13
C ARG DA 105 -60.70 34.51 -89.64
N GLY DA 106 -60.23 35.59 -89.02
CA GLY DA 106 -60.43 35.79 -87.59
C GLY DA 106 -61.91 35.95 -87.22
N HIS DA 107 -62.63 36.75 -87.97
CA HIS DA 107 -64.02 37.11 -87.69
C HIS DA 107 -65.07 36.11 -88.21
N TYR DA 108 -64.98 35.65 -89.46
CA TYR DA 108 -66.06 34.93 -90.14
C TYR DA 108 -65.88 33.41 -90.24
N THR DA 109 -64.64 32.93 -90.37
CA THR DA 109 -64.37 31.57 -90.86
C THR DA 109 -63.70 30.66 -89.81
N ILE DA 110 -62.60 31.09 -89.19
CA ILE DA 110 -61.83 30.27 -88.23
C ILE DA 110 -62.21 30.58 -86.78
N GLY DA 111 -62.30 31.86 -86.41
CA GLY DA 111 -62.68 32.27 -85.06
C GLY DA 111 -64.12 31.97 -84.71
N LYS DA 112 -64.99 31.88 -85.72
CA LYS DA 112 -66.37 31.37 -85.67
C LYS DA 112 -66.50 30.02 -84.96
N GLU DA 113 -65.45 29.20 -84.97
CA GLU DA 113 -65.45 27.90 -84.29
C GLU DA 113 -65.01 27.95 -82.82
N LEU DA 114 -64.02 28.77 -82.46
CA LEU DA 114 -63.49 28.85 -81.09
C LEU DA 114 -64.30 29.79 -80.18
N ILE DA 115 -65.09 30.71 -80.72
CA ILE DA 115 -65.76 31.77 -79.97
C ILE DA 115 -66.65 31.28 -78.82
N ASP DA 116 -67.48 30.26 -79.04
CA ASP DA 116 -68.41 29.76 -78.03
C ASP DA 116 -67.71 28.99 -76.90
N SER DA 117 -66.45 28.59 -77.09
CA SER DA 117 -65.55 28.08 -76.05
C SER DA 117 -64.86 29.22 -75.31
N VAL DA 118 -64.46 30.30 -76.00
CA VAL DA 118 -63.89 31.50 -75.38
C VAL DA 118 -64.88 32.16 -74.44
N LEU DA 119 -66.14 32.29 -74.85
CA LEU DA 119 -67.20 32.83 -74.02
C LEU DA 119 -67.48 31.98 -72.78
N ASP DA 120 -67.39 30.66 -72.90
CA ASP DA 120 -67.67 29.74 -71.80
C ASP DA 120 -66.67 29.88 -70.65
N ARG DA 121 -65.39 30.10 -70.97
CA ARG DA 121 -64.37 30.49 -70.00
C ARG DA 121 -64.61 31.86 -69.38
N VAL DA 122 -64.98 32.86 -70.18
CA VAL DA 122 -65.27 34.20 -69.65
C VAL DA 122 -66.47 34.16 -68.71
N ARG DA 123 -67.53 33.40 -69.02
CA ARG DA 123 -68.66 33.12 -68.14
C ARG DA 123 -68.22 32.46 -66.82
N LYS DA 124 -67.41 31.40 -66.88
CA LYS DA 124 -66.87 30.73 -65.68
C LYS DA 124 -65.92 31.61 -64.86
N MET DA 125 -65.33 32.67 -65.42
CA MET DA 125 -64.57 33.66 -64.66
C MET DA 125 -65.46 34.74 -64.04
N ALA DA 126 -66.43 35.26 -64.78
CA ALA DA 126 -67.36 36.27 -64.31
C ALA DA 126 -68.24 35.75 -63.18
N ASP DA 127 -68.67 34.50 -63.23
CA ASP DA 127 -69.41 33.84 -62.14
C ASP DA 127 -68.59 33.63 -60.84
N GLN DA 128 -67.26 33.75 -60.89
CA GLN DA 128 -66.37 33.79 -59.72
C GLN DA 128 -66.10 35.21 -59.20
N CYS DA 129 -66.49 36.25 -59.93
CA CYS DA 129 -66.41 37.64 -59.51
C CYS DA 129 -67.62 38.05 -58.67
N SER DA 130 -67.48 39.12 -57.89
CA SER DA 130 -68.55 39.72 -57.09
C SER DA 130 -68.40 41.23 -57.23
N GLY DA 131 -69.13 41.85 -58.13
CA GLY DA 131 -68.84 43.21 -58.57
C GLY DA 131 -67.58 43.27 -59.42
N LEU DA 132 -67.60 42.57 -60.56
CA LEU DA 132 -66.63 42.66 -61.64
C LEU DA 132 -66.51 44.10 -62.12
N GLN DA 133 -65.31 44.66 -62.15
CA GLN DA 133 -65.07 46.06 -62.47
C GLN DA 133 -65.11 46.34 -63.97
N GLY DA 134 -64.60 45.41 -64.77
CA GLY DA 134 -64.54 45.50 -66.22
C GLY DA 134 -63.70 44.40 -66.86
N PHE DA 135 -63.42 44.58 -68.15
CA PHE DA 135 -62.55 43.73 -68.96
C PHE DA 135 -61.30 44.48 -69.39
N LEU DA 136 -60.14 43.83 -69.42
CA LEU DA 136 -58.91 44.37 -69.98
C LEU DA 136 -58.54 43.56 -71.22
N VAL DA 137 -58.79 44.06 -72.43
CA VAL DA 137 -58.62 43.30 -73.68
C VAL DA 137 -57.35 43.71 -74.44
N PHE DA 138 -56.40 42.80 -74.60
CA PHE DA 138 -55.08 43.03 -75.19
C PHE DA 138 -54.95 42.41 -76.58
N HIS DA 139 -54.56 43.19 -77.58
CA HIS DA 139 -54.52 42.72 -78.97
C HIS DA 139 -53.66 43.60 -79.91
N SER DA 140 -53.40 43.08 -81.10
CA SER DA 140 -52.81 43.79 -82.24
C SER DA 140 -53.91 44.26 -83.18
N PHE DA 141 -53.84 45.50 -83.64
CA PHE DA 141 -54.72 46.02 -84.69
C PHE DA 141 -54.39 45.44 -86.07
N GLY DA 142 -53.15 45.03 -86.29
CA GLY DA 142 -52.64 44.55 -87.58
C GLY DA 142 -52.84 43.07 -87.84
N GLY DA 143 -52.99 42.27 -86.80
CA GLY DA 143 -53.20 40.83 -86.88
C GLY DA 143 -54.55 40.40 -87.46
N GLY DA 144 -54.64 39.18 -87.97
CA GLY DA 144 -55.89 38.54 -88.35
C GLY DA 144 -56.68 38.09 -87.13
N THR DA 145 -56.05 37.44 -86.15
CA THR DA 145 -56.66 37.12 -84.86
C THR DA 145 -56.86 38.38 -84.03
N GLY DA 146 -55.85 39.24 -83.94
CA GLY DA 146 -55.91 40.54 -83.30
C GLY DA 146 -57.10 41.41 -83.69
N SER DA 147 -57.37 41.62 -84.97
CA SER DA 147 -58.52 42.41 -85.45
C SER DA 147 -59.83 41.62 -85.53
N GLY DA 148 -59.82 40.49 -86.24
CA GLY DA 148 -61.00 39.72 -86.55
C GLY DA 148 -61.55 38.92 -85.37
N PHE DA 149 -60.69 38.32 -84.55
CA PHE DA 149 -61.20 37.58 -83.40
C PHE DA 149 -61.60 38.51 -82.26
N THR DA 150 -60.84 39.58 -81.98
CA THR DA 150 -61.24 40.56 -80.97
C THR DA 150 -62.56 41.21 -81.34
N SER DA 151 -62.80 41.52 -82.61
CA SER DA 151 -64.06 42.11 -83.07
C SER DA 151 -65.24 41.14 -83.02
N LEU DA 152 -65.00 39.84 -83.19
CA LEU DA 152 -65.98 38.80 -82.95
C LEU DA 152 -66.30 38.66 -81.46
N LEU DA 153 -65.29 38.60 -80.61
CA LEU DA 153 -65.47 38.50 -79.17
C LEU DA 153 -66.15 39.73 -78.57
N MET DA 154 -65.70 40.94 -78.87
CA MET DA 154 -66.29 42.16 -78.32
C MET DA 154 -67.77 42.31 -78.65
N GLU DA 155 -68.20 41.93 -79.84
CA GLU DA 155 -69.62 41.97 -80.23
C GLU DA 155 -70.47 41.10 -79.32
N ARG DA 156 -69.96 39.94 -78.89
CA ARG DA 156 -70.59 39.04 -77.94
C ARG DA 156 -70.57 39.59 -76.52
N LEU DA 157 -69.42 40.03 -76.03
CA LEU DA 157 -69.32 40.60 -74.68
C LEU DA 157 -70.17 41.87 -74.53
N SER DA 158 -70.43 42.63 -75.60
CA SER DA 158 -71.23 43.85 -75.53
C SER DA 158 -72.74 43.62 -75.54
N VAL DA 159 -73.23 42.40 -75.82
CA VAL DA 159 -74.60 41.95 -75.55
C VAL DA 159 -74.68 41.13 -74.27
N ASP DA 160 -73.68 40.32 -73.95
CA ASP DA 160 -73.67 39.50 -72.74
C ASP DA 160 -73.41 40.28 -71.44
N TYR DA 161 -72.55 41.30 -71.47
CA TYR DA 161 -72.11 42.09 -70.31
C TYR DA 161 -72.25 43.59 -70.60
N GLY DA 162 -73.40 44.05 -71.08
CA GLY DA 162 -73.56 45.39 -71.63
C GLY DA 162 -73.17 46.56 -70.72
N LYS DA 163 -73.38 46.44 -69.40
CA LYS DA 163 -73.04 47.49 -68.42
C LYS DA 163 -71.53 47.61 -68.13
N LYS DA 164 -70.79 46.50 -68.19
CA LYS DA 164 -69.40 46.39 -67.72
C LYS DA 164 -68.41 47.13 -68.61
N SER DA 165 -67.49 47.91 -68.03
CA SER DA 165 -66.50 48.70 -68.78
C SER DA 165 -65.49 47.83 -69.51
N LYS DA 166 -65.32 48.05 -70.82
CA LYS DA 166 -64.39 47.31 -71.67
C LYS DA 166 -63.22 48.22 -72.04
N LEU DA 167 -62.10 48.04 -71.35
CA LEU DA 167 -60.85 48.74 -71.57
C LEU DA 167 -60.01 47.93 -72.54
N GLU DA 168 -59.36 48.58 -73.49
CA GLU DA 168 -58.77 47.85 -74.59
C GLU DA 168 -57.40 48.40 -74.96
N PHE DA 169 -56.39 47.55 -74.96
CA PHE DA 169 -55.00 47.92 -75.19
C PHE DA 169 -54.54 47.37 -76.53
N SER DA 170 -54.28 48.28 -77.45
CA SER DA 170 -54.07 47.95 -78.86
C SER DA 170 -52.70 48.32 -79.34
N VAL DA 171 -51.95 47.36 -79.87
CA VAL DA 171 -50.76 47.66 -80.65
C VAL DA 171 -51.17 48.03 -82.08
N TYR DA 172 -50.96 49.28 -82.45
CA TYR DA 172 -51.48 49.98 -83.61
C TYR DA 172 -50.38 50.21 -84.66
N PRO DA 173 -50.65 50.15 -85.97
CA PRO DA 173 -49.63 50.41 -87.00
C PRO DA 173 -48.91 51.76 -86.93
N ALA DA 174 -47.61 51.75 -87.22
CA ALA DA 174 -46.71 52.89 -87.12
C ALA DA 174 -46.67 53.77 -88.38
N PRO DA 175 -46.03 54.95 -88.35
CA PRO DA 175 -45.74 55.74 -89.54
C PRO DA 175 -44.90 54.97 -90.57
N ARG DA 176 -43.79 54.32 -90.16
CA ARG DA 176 -42.84 53.67 -91.08
C ARG DA 176 -42.65 52.17 -90.79
N ILE DA 177 -42.47 51.79 -89.52
CA ILE DA 177 -42.34 50.39 -89.09
C ILE DA 177 -43.63 49.61 -89.34
N SER DA 178 -43.51 48.49 -90.02
CA SER DA 178 -44.62 47.59 -90.31
C SER DA 178 -44.10 46.18 -90.51
N THR DA 179 -44.91 45.17 -90.20
CA THR DA 179 -44.52 43.75 -90.28
C THR DA 179 -45.30 42.98 -91.36
N ALA DA 180 -46.29 43.62 -91.97
CA ALA DA 180 -47.27 43.04 -92.88
C ALA DA 180 -47.62 44.05 -93.96
N VAL DA 181 -48.04 43.53 -95.10
CA VAL DA 181 -48.52 44.35 -96.22
C VAL DA 181 -49.96 44.78 -95.98
N VAL DA 182 -50.77 43.93 -95.34
CA VAL DA 182 -52.22 44.10 -95.13
C VAL DA 182 -52.61 44.69 -93.76
N GLU DA 183 -51.63 45.15 -92.97
CA GLU DA 183 -51.81 45.86 -91.68
C GLU DA 183 -52.81 47.04 -91.75
N PRO DA 184 -52.85 47.88 -92.81
CA PRO DA 184 -53.87 48.93 -92.98
C PRO DA 184 -55.31 48.42 -93.15
N TYR DA 185 -55.50 47.30 -93.84
CA TYR DA 185 -56.81 46.69 -94.01
C TYR DA 185 -57.37 46.15 -92.70
N ASN DA 186 -56.57 45.43 -91.92
CA ASN DA 186 -57.02 44.86 -90.65
C ASN DA 186 -57.34 45.93 -89.61
N SER DA 187 -56.56 47.01 -89.60
CA SER DA 187 -56.75 48.11 -88.67
C SER DA 187 -58.02 48.91 -88.95
N ILE DA 188 -58.27 49.27 -90.20
CA ILE DA 188 -59.48 50.01 -90.60
C ILE DA 188 -60.75 49.17 -90.36
N LEU DA 189 -60.75 47.88 -90.68
CA LEU DA 189 -61.85 46.96 -90.37
C LEU DA 189 -62.11 46.83 -88.86
N THR DA 190 -61.12 47.04 -88.01
CA THR DA 190 -61.27 47.06 -86.54
C THR DA 190 -61.96 48.31 -86.00
N THR DA 191 -61.98 49.44 -86.71
CA THR DA 191 -62.51 50.72 -86.19
C THR DA 191 -63.98 50.70 -85.76
N HIS DA 192 -64.79 49.77 -86.27
CA HIS DA 192 -66.16 49.56 -85.76
C HIS DA 192 -66.17 48.96 -84.36
N THR DA 193 -65.19 48.10 -84.05
CA THR DA 193 -65.07 47.41 -82.77
C THR DA 193 -64.82 48.42 -81.68
N THR DA 194 -63.78 49.22 -81.85
CA THR DA 194 -63.42 50.25 -80.89
C THR DA 194 -64.50 51.31 -80.77
N LEU DA 195 -65.10 51.80 -81.86
CA LEU DA 195 -66.18 52.78 -81.75
C LEU DA 195 -67.43 52.26 -81.04
N GLU DA 196 -67.94 51.07 -81.37
CA GLU DA 196 -69.25 50.62 -80.91
C GLU DA 196 -69.19 49.72 -79.67
N HIS DA 197 -68.15 48.90 -79.49
CA HIS DA 197 -68.06 47.82 -78.50
C HIS DA 197 -66.85 47.94 -77.57
N SER DA 198 -66.41 49.15 -77.28
CA SER DA 198 -65.31 49.46 -76.35
C SER DA 198 -65.64 50.73 -75.59
N ASP DA 199 -65.10 50.92 -74.39
CA ASP DA 199 -65.39 52.09 -73.55
C ASP DA 199 -64.17 53.01 -73.36
N CYS DA 200 -62.96 52.49 -73.45
CA CYS DA 200 -61.73 53.28 -73.45
C CYS DA 200 -60.61 52.50 -74.13
N ALA DA 201 -60.10 53.02 -75.25
CA ALA DA 201 -59.18 52.28 -76.12
C ALA DA 201 -57.80 52.92 -76.18
N PHE DA 202 -56.81 52.28 -75.57
CA PHE DA 202 -55.43 52.73 -75.47
C PHE DA 202 -54.62 52.23 -76.66
N MET DA 203 -54.49 53.07 -77.68
CA MET DA 203 -53.59 52.84 -78.81
C MET DA 203 -52.14 52.97 -78.35
N VAL DA 204 -51.29 52.05 -78.80
CA VAL DA 204 -49.85 52.02 -78.57
C VAL DA 204 -49.17 51.71 -79.90
N ASP DA 205 -47.94 52.17 -80.10
CA ASP DA 205 -47.17 52.05 -81.34
C ASP DA 205 -45.79 51.45 -81.09
N ASN DA 206 -45.41 50.43 -81.89
CA ASN DA 206 -44.09 49.81 -81.78
C ASN DA 206 -42.96 50.80 -82.06
N GLU DA 207 -43.10 51.71 -83.00
CA GLU DA 207 -42.03 52.62 -83.40
C GLU DA 207 -41.75 53.72 -82.37
N ALA DA 208 -42.77 54.16 -81.66
CA ALA DA 208 -42.67 55.12 -80.57
C ALA DA 208 -41.97 54.51 -79.34
N ILE DA 209 -42.33 53.29 -78.97
CA ILE DA 209 -41.61 52.60 -77.89
C ILE DA 209 -40.18 52.28 -78.31
N TYR DA 210 -39.93 51.87 -79.56
CA TYR DA 210 -38.55 51.68 -80.01
C TYR DA 210 -37.70 52.94 -79.84
N ASP DA 211 -38.26 54.14 -80.05
CA ASP DA 211 -37.55 55.40 -79.88
C ASP DA 211 -37.38 55.78 -78.40
N ILE DA 212 -38.40 55.56 -77.57
CA ILE DA 212 -38.30 55.67 -76.12
C ILE DA 212 -37.19 54.76 -75.58
N CYS DA 213 -37.10 53.52 -76.04
CA CYS DA 213 -36.06 52.60 -75.62
C CYS DA 213 -34.66 53.12 -75.95
N ASN DA 214 -34.49 53.68 -77.16
CA ASN DA 214 -33.22 54.22 -77.63
C ASN DA 214 -32.76 55.44 -76.83
N ARG DA 215 -33.68 56.35 -76.50
CA ARG DA 215 -33.38 57.65 -75.87
C ARG DA 215 -33.35 57.66 -74.36
N ASN DA 216 -34.11 56.79 -73.69
CA ASN DA 216 -34.29 56.80 -72.24
C ASN DA 216 -33.69 55.57 -71.54
N LEU DA 217 -33.81 54.38 -72.12
CA LEU DA 217 -33.18 53.17 -71.58
C LEU DA 217 -31.76 52.96 -72.11
N ASP DA 218 -31.41 53.68 -73.17
CA ASP DA 218 -30.16 53.59 -73.94
C ASP DA 218 -29.86 52.20 -74.50
N ILE DA 219 -30.85 51.32 -74.60
CA ILE DA 219 -30.74 50.06 -75.32
C ILE DA 219 -30.81 50.34 -76.82
N GLU DA 220 -29.76 49.97 -77.55
CA GLU DA 220 -29.58 50.37 -78.95
C GLU DA 220 -30.49 49.61 -79.92
N ARG DA 221 -30.78 48.33 -79.59
CA ARG DA 221 -31.48 47.32 -80.41
C ARG DA 221 -32.45 46.45 -79.58
N PRO DA 222 -33.64 46.94 -79.20
CA PRO DA 222 -34.59 46.16 -78.41
C PRO DA 222 -35.40 45.11 -79.18
N SER DA 223 -35.81 44.07 -78.47
CA SER DA 223 -36.75 43.03 -78.88
C SER DA 223 -38.19 43.42 -78.53
N TYR DA 224 -39.15 42.52 -78.74
CA TYR DA 224 -40.48 42.71 -78.18
C TYR DA 224 -40.55 42.53 -76.67
N THR DA 225 -39.65 41.77 -76.03
CA THR DA 225 -39.71 41.65 -74.56
C THR DA 225 -39.53 43.02 -73.89
N ASN DA 226 -38.72 43.90 -74.47
CA ASN DA 226 -38.52 45.26 -73.97
C ASN DA 226 -39.78 46.13 -74.14
N LEU DA 227 -40.54 45.95 -75.22
CA LEU DA 227 -41.78 46.70 -75.44
C LEU DA 227 -42.87 46.24 -74.48
N ASN DA 228 -43.07 44.93 -74.36
CA ASN DA 228 -44.13 44.37 -73.54
C ASN DA 228 -43.93 44.70 -72.06
N ARG DA 229 -42.67 44.78 -71.61
CA ARG DA 229 -42.35 45.24 -70.26
C ARG DA 229 -42.65 46.71 -70.00
N LEU DA 230 -42.83 47.55 -71.02
CA LEU DA 230 -43.37 48.91 -70.87
C LEU DA 230 -44.91 48.93 -70.94
N ILE DA 231 -45.50 48.14 -71.83
CA ILE DA 231 -46.96 48.11 -72.02
C ILE DA 231 -47.67 47.51 -70.81
N ALA DA 232 -47.08 46.50 -70.17
CA ALA DA 232 -47.61 45.95 -68.93
C ALA DA 232 -47.50 46.93 -67.78
N GLN DA 233 -46.42 47.70 -67.70
CA GLN DA 233 -46.19 48.67 -66.63
C GLN DA 233 -47.29 49.74 -66.59
N ILE DA 234 -47.79 50.18 -67.75
CA ILE DA 234 -48.93 51.10 -67.82
C ILE DA 234 -50.19 50.46 -67.24
N VAL DA 235 -50.51 49.20 -67.56
CA VAL DA 235 -51.73 48.57 -67.03
C VAL DA 235 -51.65 48.28 -65.54
N SER DA 236 -50.45 47.95 -65.03
CA SER DA 236 -50.26 47.89 -63.59
C SER DA 236 -50.61 49.23 -62.93
N SER DA 237 -50.25 50.35 -63.56
CA SER DA 237 -50.50 51.69 -63.04
C SER DA 237 -51.96 52.15 -63.21
N ILE DA 238 -52.65 51.73 -64.26
CA ILE DA 238 -54.10 51.92 -64.42
C ILE DA 238 -54.84 51.13 -63.34
N THR DA 239 -54.44 49.89 -63.07
CA THR DA 239 -55.09 49.05 -62.07
C THR DA 239 -54.61 49.28 -60.65
N ALA DA 240 -53.54 50.03 -60.40
CA ALA DA 240 -52.97 50.15 -59.06
C ALA DA 240 -53.98 50.66 -58.02
N SER DA 241 -54.84 51.62 -58.38
CA SER DA 241 -55.90 52.11 -57.48
C SER DA 241 -56.99 51.08 -57.17
N LEU DA 242 -57.12 50.05 -57.98
CA LEU DA 242 -58.05 48.94 -57.76
C LEU DA 242 -57.46 47.92 -56.77
N ARG DA 243 -56.13 47.86 -56.70
CA ARG DA 243 -55.31 46.84 -56.02
C ARG DA 243 -54.74 47.30 -54.68
N PHE DA 244 -54.55 48.60 -54.45
CA PHE DA 244 -53.71 49.14 -53.37
C PHE DA 244 -54.30 50.36 -52.64
N ASP DA 245 -53.73 50.70 -51.48
CA ASP DA 245 -54.06 51.95 -50.79
C ASP DA 245 -53.39 53.17 -51.44
N GLY DA 246 -54.04 54.31 -51.38
CA GLY DA 246 -53.58 55.58 -51.94
C GLY DA 246 -54.18 56.80 -51.27
N ALA DA 247 -53.64 57.98 -51.54
CA ALA DA 247 -54.19 59.24 -51.05
C ALA DA 247 -55.45 59.64 -51.81
N LEU DA 248 -55.48 59.33 -53.11
CA LEU DA 248 -56.54 59.67 -54.05
C LEU DA 248 -56.75 58.49 -55.01
N ASN DA 249 -57.27 57.37 -54.53
CA ASN DA 249 -57.52 56.21 -55.39
C ASN DA 249 -58.57 56.52 -56.46
N VAL DA 250 -58.40 55.97 -57.67
CA VAL DA 250 -59.27 56.18 -58.84
C VAL DA 250 -59.97 54.89 -59.24
N ASP DA 251 -61.30 54.88 -59.22
CA ASP DA 251 -62.11 53.77 -59.70
C ASP DA 251 -62.06 53.64 -61.23
N LEU DA 252 -62.25 52.44 -61.78
CA LEU DA 252 -62.18 52.23 -63.23
C LEU DA 252 -63.23 53.02 -64.05
N THR DA 253 -64.36 53.40 -63.46
CA THR DA 253 -65.38 54.32 -64.04
C THR DA 253 -65.17 55.78 -63.68
N GLU DA 254 -64.58 56.07 -62.53
CA GLU DA 254 -64.12 57.41 -62.18
C GLU DA 254 -63.08 57.92 -63.17
N PHE DA 255 -62.20 57.03 -63.59
CA PHE DA 255 -61.23 57.22 -64.66
C PHE DA 255 -61.91 57.67 -65.96
N GLN DA 256 -62.90 56.91 -66.43
CA GLN DA 256 -63.66 57.19 -67.65
C GLN DA 256 -64.48 58.47 -67.55
N THR DA 257 -65.10 58.80 -66.42
CA THR DA 257 -65.88 60.03 -66.23
C THR DA 257 -65.04 61.31 -66.37
N ASN DA 258 -63.73 61.23 -66.17
CA ASN DA 258 -62.78 62.33 -66.38
C ASN DA 258 -62.02 62.26 -67.71
N LEU DA 259 -61.74 61.08 -68.26
CA LEU DA 259 -61.09 60.92 -69.55
C LEU DA 259 -62.00 61.23 -70.74
N VAL DA 260 -63.25 60.80 -70.71
CA VAL DA 260 -64.12 60.72 -71.89
C VAL DA 260 -65.13 61.88 -71.88
N PRO DA 261 -64.92 62.95 -72.69
CA PRO DA 261 -65.83 64.08 -72.74
C PRO DA 261 -67.12 63.82 -73.53
N TYR DA 262 -67.08 62.93 -74.52
CA TYR DA 262 -68.19 62.64 -75.42
C TYR DA 262 -68.22 61.14 -75.71
N PRO DA 263 -69.37 60.53 -76.02
CA PRO DA 263 -69.50 59.09 -76.10
C PRO DA 263 -68.47 58.41 -77.01
N ARG DA 264 -68.08 59.03 -78.14
CA ARG DA 264 -67.17 58.40 -79.11
C ARG DA 264 -65.71 58.82 -78.96
N ILE DA 265 -65.41 59.70 -78.02
CA ILE DA 265 -64.10 60.37 -77.84
C ILE DA 265 -63.38 59.74 -76.65
N HIS DA 266 -63.03 58.48 -76.85
CA HIS DA 266 -62.53 57.59 -75.81
C HIS DA 266 -61.22 56.91 -76.21
N PHE DA 267 -60.44 57.57 -77.06
CA PHE DA 267 -59.13 57.14 -77.52
C PHE DA 267 -58.03 58.02 -76.92
N PRO DA 268 -57.69 57.86 -75.63
CA PRO DA 268 -56.59 58.58 -75.03
C PRO DA 268 -55.24 58.05 -75.52
N LEU DA 269 -54.26 58.94 -75.58
CA LEU DA 269 -52.85 58.57 -75.50
C LEU DA 269 -52.54 58.06 -74.09
N VAL DA 270 -51.43 57.33 -73.98
CA VAL DA 270 -50.84 56.94 -72.73
C VAL DA 270 -49.33 57.19 -72.77
N THR DA 271 -48.74 57.48 -71.62
CA THR DA 271 -47.30 57.63 -71.42
C THR DA 271 -46.94 57.31 -69.98
N TYR DA 272 -45.68 57.00 -69.71
CA TYR DA 272 -45.19 56.60 -68.41
C TYR DA 272 -43.90 57.36 -68.12
N SER DA 273 -43.68 57.78 -66.88
CA SER DA 273 -42.43 58.39 -66.48
C SER DA 273 -42.08 58.01 -65.04
N PRO DA 274 -40.79 57.93 -64.71
CA PRO DA 274 -39.66 58.01 -65.62
C PRO DA 274 -39.38 56.66 -66.28
N ILE DA 275 -39.31 56.60 -67.61
CA ILE DA 275 -38.59 55.50 -68.25
C ILE DA 275 -37.11 55.79 -68.09
N ILE DA 276 -36.35 54.94 -67.41
CA ILE DA 276 -34.95 55.26 -67.08
C ILE DA 276 -34.13 54.00 -66.83
N SER DA 277 -32.85 53.99 -67.18
CA SER DA 277 -31.93 52.90 -66.88
C SER DA 277 -31.16 53.13 -65.59
N ALA DA 278 -30.53 52.09 -65.05
CA ALA DA 278 -29.68 52.19 -63.88
C ALA DA 278 -28.41 53.05 -64.08
N GLU DA 279 -28.05 53.39 -65.32
CA GLU DA 279 -26.90 54.27 -65.60
C GLU DA 279 -27.20 55.72 -65.20
N LYS DA 280 -28.47 56.13 -65.26
CA LYS DA 280 -28.92 57.52 -65.12
C LYS DA 280 -29.80 57.76 -63.90
N ALA DA 281 -30.53 56.75 -63.42
CA ALA DA 281 -31.47 56.91 -62.32
C ALA DA 281 -30.82 57.40 -61.02
N TYR DA 282 -29.53 57.14 -60.80
CA TYR DA 282 -28.77 57.63 -59.66
C TYR DA 282 -28.20 59.05 -59.82
N HIS DA 283 -28.40 59.72 -60.96
CA HIS DA 283 -27.91 61.09 -61.20
C HIS DA 283 -29.02 62.11 -61.48
N GLU DA 284 -30.13 61.69 -62.06
CA GLU DA 284 -31.35 62.48 -62.15
C GLU DA 284 -31.98 62.67 -60.76
N GLN DA 285 -32.69 63.78 -60.51
CA GLN DA 285 -33.44 63.92 -59.27
C GLN DA 285 -34.71 63.06 -59.24
N LEU DA 286 -35.42 62.92 -60.36
CA LEU DA 286 -36.72 62.23 -60.40
C LEU DA 286 -37.69 62.77 -59.35
N SER DA 287 -37.65 64.08 -59.12
CA SER DA 287 -38.64 64.81 -58.34
C SER DA 287 -40.00 64.76 -59.04
N VAL DA 288 -41.09 65.01 -58.30
CA VAL DA 288 -42.44 64.99 -58.86
C VAL DA 288 -42.60 66.00 -59.99
N PRO DA 289 -41.96 67.15 -59.92
CA PRO DA 289 -41.99 68.15 -60.98
C PRO DA 289 -41.42 67.61 -62.31
N GLU DA 290 -40.31 66.88 -62.28
CA GLU DA 290 -39.65 66.37 -63.49
C GLU DA 290 -40.45 65.26 -64.16
N ILE DA 291 -40.90 64.26 -63.40
CA ILE DA 291 -41.66 63.14 -63.96
C ILE DA 291 -43.07 63.57 -64.40
N THR DA 292 -43.62 64.65 -63.87
CA THR DA 292 -44.84 65.25 -64.43
C THR DA 292 -44.55 65.89 -65.78
N ASN DA 293 -43.52 66.75 -65.87
CA ASN DA 293 -43.15 67.42 -67.11
C ASN DA 293 -42.73 66.45 -68.22
N ALA DA 294 -42.09 65.33 -67.89
CA ALA DA 294 -41.74 64.30 -68.86
C ALA DA 294 -42.94 63.75 -69.63
N CYS DA 295 -44.13 63.72 -69.03
CA CYS DA 295 -45.33 63.22 -69.70
C CYS DA 295 -45.84 64.14 -70.80
N PHE DA 296 -45.44 65.40 -70.82
CA PHE DA 296 -45.85 66.36 -71.85
C PHE DA 296 -44.84 66.51 -72.98
N GLU DA 297 -43.69 65.85 -72.91
CA GLU DA 297 -42.73 65.82 -74.00
C GLU DA 297 -43.24 64.91 -75.14
N TYR DA 298 -43.22 65.34 -76.42
CA TYR DA 298 -43.44 64.47 -77.58
C TYR DA 298 -42.55 63.23 -77.57
N SER DA 299 -41.35 63.36 -77.00
CA SER DA 299 -40.38 62.30 -76.83
C SER DA 299 -40.88 61.09 -76.00
N ASN DA 300 -41.91 61.21 -75.18
CA ASN DA 300 -42.37 60.08 -74.34
C ASN DA 300 -43.77 59.57 -74.71
N GLN DA 301 -44.42 60.11 -75.74
CA GLN DA 301 -45.70 59.61 -76.21
C GLN DA 301 -45.52 58.28 -76.91
N MET DA 302 -46.34 57.28 -76.58
CA MET DA 302 -46.25 55.92 -77.14
C MET DA 302 -47.12 55.71 -78.41
N VAL DA 303 -47.43 56.78 -79.13
CA VAL DA 303 -47.95 56.82 -80.50
C VAL DA 303 -47.18 57.92 -81.23
N LYS DA 304 -46.65 57.67 -82.42
CA LYS DA 304 -45.89 58.69 -83.17
C LYS DA 304 -46.81 59.75 -83.78
N CYS DA 305 -47.27 60.64 -82.92
CA CYS DA 305 -47.98 61.89 -83.22
C CYS DA 305 -47.51 62.97 -82.24
N ASP DA 306 -47.60 64.25 -82.60
CA ASP DA 306 -47.10 65.35 -81.77
C ASP DA 306 -48.27 66.00 -81.01
N PRO DA 307 -48.33 65.96 -79.67
CA PRO DA 307 -49.41 66.58 -78.90
C PRO DA 307 -49.58 68.08 -79.11
N ARG DA 308 -48.53 68.77 -79.57
CA ARG DA 308 -48.54 70.21 -79.85
C ARG DA 308 -49.31 70.55 -81.11
N ARG DA 309 -49.49 69.58 -82.01
CA ARG DA 309 -50.41 69.71 -83.15
C ARG DA 309 -51.87 69.44 -82.76
N GLY DA 310 -52.18 69.22 -81.48
CA GLY DA 310 -53.53 69.04 -80.96
C GLY DA 310 -53.92 70.06 -79.89
N LYS DA 311 -55.06 69.81 -79.25
CA LYS DA 311 -55.42 70.36 -77.94
C LYS DA 311 -55.81 69.23 -77.00
N TYR DA 312 -55.40 69.34 -75.75
CA TYR DA 312 -55.80 68.43 -74.69
C TYR DA 312 -57.25 68.67 -74.29
N MET DA 313 -58.01 67.59 -74.18
CA MET DA 313 -59.36 67.60 -73.64
C MET DA 313 -59.32 67.28 -72.15
N ALA DA 314 -58.67 66.20 -71.73
CA ALA DA 314 -58.49 65.84 -70.34
C ALA DA 314 -57.24 64.98 -70.12
N CYS DA 315 -56.58 65.14 -68.97
CA CYS DA 315 -55.46 64.29 -68.56
C CYS DA 315 -55.77 63.61 -67.23
N CYS DA 316 -55.58 62.31 -67.14
CA CYS DA 316 -55.46 61.58 -65.88
C CYS DA 316 -53.99 61.39 -65.55
N LEU DA 317 -53.49 62.08 -64.53
CA LEU DA 317 -52.16 61.86 -63.99
C LEU DA 317 -52.29 60.85 -62.85
N LEU DA 318 -51.97 59.57 -63.10
CA LEU DA 318 -52.04 58.49 -62.13
C LEU DA 318 -50.67 58.27 -61.48
N TYR DA 319 -50.36 58.99 -60.42
CA TYR DA 319 -49.10 58.81 -59.69
C TYR DA 319 -49.13 57.59 -58.78
N ARG DA 320 -47.96 57.01 -58.59
CA ARG DA 320 -47.75 55.91 -57.67
C ARG DA 320 -46.38 55.96 -57.01
N GLY DA 321 -46.29 55.41 -55.81
CA GLY DA 321 -45.10 55.51 -54.98
C GLY DA 321 -45.10 56.75 -54.08
N ASP DA 322 -43.93 57.24 -53.72
CA ASP DA 322 -43.73 58.30 -52.73
C ASP DA 322 -44.04 59.70 -53.28
N VAL DA 323 -45.31 60.10 -53.34
CA VAL DA 323 -45.74 61.45 -53.74
C VAL DA 323 -46.79 62.04 -52.81
N VAL DA 324 -46.92 63.35 -52.79
CA VAL DA 324 -47.80 64.08 -51.87
C VAL DA 324 -48.64 65.08 -52.66
N PRO DA 325 -49.94 65.22 -52.42
CA PRO DA 325 -50.80 66.16 -53.17
C PRO DA 325 -50.31 67.61 -53.25
N LYS DA 326 -49.55 68.11 -52.28
CA LYS DA 326 -48.80 69.38 -52.38
C LYS DA 326 -48.02 69.44 -53.68
N ASP DA 327 -47.16 68.44 -53.91
CA ASP DA 327 -46.20 68.39 -55.01
C ASP DA 327 -46.90 68.30 -56.36
N VAL DA 328 -47.99 67.53 -56.41
CA VAL DA 328 -48.75 67.34 -57.64
C VAL DA 328 -49.46 68.62 -58.02
N ASN DA 329 -50.12 69.32 -57.10
CA ASN DA 329 -50.76 70.59 -57.41
C ASN DA 329 -49.75 71.63 -57.89
N ALA DA 330 -48.60 71.73 -57.21
CA ALA DA 330 -47.49 72.61 -57.59
C ALA DA 330 -46.90 72.26 -58.97
N ALA DA 331 -46.88 70.98 -59.34
CA ALA DA 331 -46.50 70.51 -60.66
C ALA DA 331 -47.53 70.89 -61.73
N ILE DA 332 -48.81 70.53 -61.59
CA ILE DA 332 -49.81 70.84 -62.63
C ILE DA 332 -50.01 72.34 -62.81
N ALA DA 333 -49.75 73.15 -61.79
CA ALA DA 333 -49.68 74.59 -61.91
C ALA DA 333 -48.62 75.07 -62.91
N ALA DA 334 -47.45 74.43 -62.98
CA ALA DA 334 -46.48 74.76 -64.02
C ALA DA 334 -46.94 74.28 -65.39
N ILE DA 335 -47.58 73.12 -65.50
CA ILE DA 335 -48.12 72.66 -66.78
C ILE DA 335 -49.18 73.65 -67.30
N LYS DA 336 -50.09 74.15 -66.46
CA LYS DA 336 -51.06 75.19 -66.84
C LYS DA 336 -50.41 76.52 -67.25
N THR DA 337 -49.20 76.80 -66.78
CA THR DA 337 -48.47 78.03 -67.09
C THR DA 337 -47.83 77.99 -68.48
N ARG DA 338 -47.42 76.81 -68.97
CA ARG DA 338 -46.73 76.61 -70.26
C ARG DA 338 -47.69 76.72 -71.45
N ARG DA 339 -47.50 77.71 -72.32
CA ARG DA 339 -48.39 78.02 -73.46
C ARG DA 339 -48.30 77.01 -74.61
N SER DA 340 -47.26 76.19 -74.68
CA SER DA 340 -47.14 75.09 -75.64
C SER DA 340 -48.04 73.88 -75.34
N ILE DA 341 -48.46 73.68 -74.09
CA ILE DA 341 -49.41 72.63 -73.66
C ILE DA 341 -50.82 73.22 -73.65
N GLN DA 342 -51.57 73.10 -74.75
CA GLN DA 342 -52.85 73.80 -74.90
C GLN DA 342 -54.07 72.90 -74.69
N PHE DA 343 -54.87 73.22 -73.70
CA PHE DA 343 -56.17 72.59 -73.48
C PHE DA 343 -57.26 73.27 -74.32
N VAL DA 344 -58.35 72.55 -74.53
CA VAL DA 344 -59.59 73.08 -75.08
C VAL DA 344 -60.22 74.13 -74.15
N ASP DA 345 -60.96 75.07 -74.73
CA ASP DA 345 -61.64 76.18 -74.04
C ASP DA 345 -62.73 75.71 -73.08
N TRP DA 346 -63.30 74.53 -73.34
CA TRP DA 346 -64.42 73.95 -72.62
C TRP DA 346 -64.00 72.99 -71.49
N CYS DA 347 -62.71 72.79 -71.22
CA CYS DA 347 -62.25 71.98 -70.11
C CYS DA 347 -61.31 72.83 -69.21
N PRO DA 348 -61.88 73.69 -68.35
CA PRO DA 348 -61.11 74.66 -67.58
C PRO DA 348 -60.37 74.00 -66.40
N THR DA 349 -60.83 72.84 -65.96
CA THR DA 349 -60.24 72.00 -64.93
C THR DA 349 -59.10 71.16 -65.48
N GLY DA 350 -59.29 70.46 -66.59
CA GLY DA 350 -58.27 69.73 -67.36
C GLY DA 350 -57.74 68.44 -66.74
N PHE DA 351 -57.33 68.44 -65.48
CA PHE DA 351 -56.59 67.37 -64.84
C PHE DA 351 -57.44 66.61 -63.85
N LYS DA 352 -57.45 65.29 -63.99
CA LYS DA 352 -57.84 64.31 -62.98
C LYS DA 352 -56.58 63.71 -62.38
N VAL DA 353 -56.43 63.80 -61.07
CA VAL DA 353 -55.26 63.34 -60.34
C VAL DA 353 -55.63 62.08 -59.58
N GLY DA 354 -54.81 61.05 -59.68
CA GLY DA 354 -54.83 59.87 -58.81
C GLY DA 354 -53.48 59.71 -58.12
N ILE DA 355 -53.46 59.28 -56.87
CA ILE DA 355 -52.22 59.08 -56.10
C ILE DA 355 -52.32 57.80 -55.30
N ASN DA 356 -51.38 56.88 -55.51
CA ASN DA 356 -51.35 55.55 -54.92
C ASN DA 356 -50.03 55.23 -54.19
N TYR DA 357 -50.06 54.59 -53.02
CA TYR DA 357 -48.86 54.47 -52.16
C TYR DA 357 -47.90 53.34 -52.56
N GLN DA 358 -48.22 52.54 -53.58
CA GLN DA 358 -47.40 51.39 -53.98
C GLN DA 358 -46.43 51.78 -55.12
N PRO DA 359 -45.11 51.76 -54.91
CA PRO DA 359 -44.11 52.04 -55.95
C PRO DA 359 -44.23 51.09 -57.15
N PRO DA 360 -43.62 51.44 -58.29
CA PRO DA 360 -43.54 50.55 -59.44
C PRO DA 360 -42.60 49.36 -59.18
N THR DA 361 -43.12 48.16 -59.39
CA THR DA 361 -42.35 46.91 -59.26
C THR DA 361 -41.39 46.73 -60.42
N ALA DA 362 -40.11 46.47 -60.15
CA ALA DA 362 -39.16 46.07 -61.19
C ALA DA 362 -39.29 44.59 -61.53
N VAL DA 363 -39.39 44.25 -62.81
CA VAL DA 363 -39.10 42.88 -63.25
C VAL DA 363 -37.59 42.68 -63.16
N PRO DA 364 -37.06 41.66 -62.46
CA PRO DA 364 -35.64 41.56 -62.14
C PRO DA 364 -34.72 41.42 -63.37
N GLY DA 365 -35.21 40.84 -64.46
CA GLY DA 365 -34.45 40.72 -65.71
C GLY DA 365 -34.44 41.98 -66.59
N GLY DA 366 -35.18 43.03 -66.21
CA GLY DA 366 -35.53 44.15 -67.09
C GLY DA 366 -34.51 45.28 -67.17
N ASP DA 367 -34.71 46.15 -68.14
CA ASP DA 367 -33.87 47.33 -68.40
C ASP DA 367 -34.26 48.55 -67.56
N VAL DA 368 -35.55 48.63 -67.21
CA VAL DA 368 -36.18 49.76 -66.52
C VAL DA 368 -35.89 49.74 -65.01
N ALA DA 369 -35.29 50.82 -64.50
CA ALA DA 369 -34.64 50.89 -63.19
C ALA DA 369 -35.60 51.05 -62.00
N LYS DA 370 -35.12 50.75 -60.78
CA LYS DA 370 -35.84 51.01 -59.52
C LYS DA 370 -35.90 52.50 -59.25
N VAL DA 371 -37.07 53.02 -58.90
CA VAL DA 371 -37.32 54.46 -58.70
C VAL DA 371 -38.37 54.67 -57.62
N LEU DA 372 -38.29 55.75 -56.84
CA LEU DA 372 -39.23 55.97 -55.74
C LEU DA 372 -40.65 56.32 -56.21
N ARG DA 373 -40.79 56.76 -57.45
CA ARG DA 373 -41.99 57.38 -58.00
C ARG DA 373 -42.20 56.94 -59.42
N ALA DA 374 -43.44 56.89 -59.84
CA ALA DA 374 -43.79 56.91 -61.24
C ALA DA 374 -45.12 57.62 -61.40
N VAL DA 375 -45.39 58.04 -62.62
CA VAL DA 375 -46.69 58.52 -63.06
C VAL DA 375 -47.01 57.83 -64.36
N CYS DA 376 -48.24 57.39 -64.51
CA CYS DA 376 -48.77 57.10 -65.81
C CYS DA 376 -49.71 58.23 -66.16
N MET DA 377 -49.48 58.91 -67.28
CA MET DA 377 -50.42 59.91 -67.76
C MET DA 377 -51.22 59.34 -68.92
N LEU DA 378 -52.52 59.31 -68.76
CA LEU DA 378 -53.46 58.89 -69.78
C LEU DA 378 -54.22 60.12 -70.20
N SER DA 379 -54.26 60.41 -71.48
CA SER DA 379 -54.53 61.75 -71.97
C SER DA 379 -55.37 61.79 -73.24
N ASN DA 380 -56.59 62.31 -73.16
CA ASN DA 380 -57.43 62.53 -74.30
C ASN DA 380 -57.05 63.85 -74.99
N THR DA 381 -56.60 63.77 -76.23
CA THR DA 381 -56.09 64.91 -77.02
C THR DA 381 -56.47 64.79 -78.47
N THR DA 382 -56.70 65.92 -79.16
CA THR DA 382 -57.07 65.92 -80.59
C THR DA 382 -55.95 65.44 -81.50
N ALA DA 383 -54.71 65.46 -81.04
CA ALA DA 383 -53.53 65.08 -81.80
C ALA DA 383 -53.58 63.65 -82.35
N ILE DA 384 -54.22 62.71 -81.66
CA ILE DA 384 -54.23 61.30 -82.04
C ILE DA 384 -54.87 61.06 -83.41
N ALA DA 385 -55.72 61.97 -83.89
CA ALA DA 385 -56.29 61.92 -85.23
C ALA DA 385 -55.25 61.87 -86.36
N GLU DA 386 -54.00 62.29 -86.12
CA GLU DA 386 -52.95 62.18 -87.10
C GLU DA 386 -52.49 60.72 -87.27
N ALA DA 387 -52.44 59.91 -86.22
CA ALA DA 387 -52.17 58.48 -86.33
C ALA DA 387 -53.25 57.73 -87.14
N TRP DA 388 -54.47 58.24 -87.17
CA TRP DA 388 -55.54 57.76 -88.02
C TRP DA 388 -55.43 58.28 -89.45
N ALA DA 389 -55.04 59.55 -89.63
CA ALA DA 389 -54.80 60.15 -90.94
C ALA DA 389 -53.62 59.52 -91.68
N ARG DA 390 -52.60 59.02 -90.97
CA ARG DA 390 -51.52 58.23 -91.55
C ARG DA 390 -52.05 56.93 -92.15
N LEU DA 391 -52.80 56.18 -91.37
CA LEU DA 391 -53.17 54.82 -91.73
C LEU DA 391 -54.30 54.76 -92.75
N ASP DA 392 -55.26 55.68 -92.74
CA ASP DA 392 -56.28 55.71 -93.78
C ASP DA 392 -55.74 56.22 -95.15
N HIS DA 393 -54.61 56.91 -95.18
CA HIS DA 393 -53.83 57.18 -96.40
C HIS DA 393 -53.05 55.95 -96.90
N LYS DA 394 -52.63 55.02 -96.03
CA LYS DA 394 -52.11 53.70 -96.45
C LYS DA 394 -53.22 52.81 -97.03
N PHE DA 395 -54.39 52.81 -96.40
CA PHE DA 395 -55.57 52.10 -96.87
C PHE DA 395 -56.02 52.57 -98.26
N ASP DA 396 -56.06 53.89 -98.47
CA ASP DA 396 -56.56 54.47 -99.72
C ASP DA 396 -55.77 54.04 -100.96
N LEU DA 397 -54.45 53.95 -100.88
CA LEU DA 397 -53.58 53.48 -101.98
C LEU DA 397 -53.86 52.04 -102.39
N MET DA 398 -54.14 51.17 -101.43
CA MET DA 398 -54.40 49.76 -101.67
C MET DA 398 -55.84 49.50 -102.09
N TYR DA 399 -56.83 50.14 -101.47
CA TYR DA 399 -58.22 49.93 -101.86
C TYR DA 399 -58.56 50.55 -103.23
N SER DA 400 -57.87 51.61 -103.66
CA SER DA 400 -57.99 52.13 -105.03
C SER DA 400 -57.60 51.10 -106.11
N LYS DA 401 -56.77 50.11 -105.79
CA LYS DA 401 -56.41 48.99 -106.66
C LYS DA 401 -57.17 47.70 -106.35
N ARG DA 402 -57.92 47.64 -105.24
CA ARG DA 402 -58.43 46.41 -104.59
C ARG DA 402 -57.30 45.42 -104.27
N ALA DA 403 -56.15 45.96 -103.86
CA ALA DA 403 -54.84 45.32 -103.93
C ALA DA 403 -54.71 43.94 -103.28
N PHE DA 404 -55.42 43.61 -102.21
CA PHE DA 404 -55.40 42.26 -101.59
C PHE DA 404 -56.81 41.71 -101.29
N VAL DA 405 -57.84 42.34 -101.85
CA VAL DA 405 -59.24 42.18 -101.42
C VAL DA 405 -59.80 40.77 -101.65
N HIS DA 406 -59.27 40.02 -102.61
CA HIS DA 406 -59.73 38.65 -102.90
C HIS DA 406 -59.50 37.66 -101.75
N TRP DA 407 -58.52 37.88 -100.88
CA TRP DA 407 -58.29 37.04 -99.69
C TRP DA 407 -59.38 37.23 -98.63
N TYR DA 408 -59.98 38.41 -98.54
CA TYR DA 408 -61.03 38.77 -97.58
C TYR DA 408 -62.41 38.38 -98.11
N VAL DA 409 -62.69 38.70 -99.38
CA VAL DA 409 -63.89 38.27 -100.09
C VAL DA 409 -63.95 36.74 -100.24
N GLY DA 410 -62.81 36.09 -100.39
CA GLY DA 410 -62.69 34.63 -100.48
C GLY DA 410 -62.99 33.88 -99.19
N GLU DA 411 -62.98 34.56 -98.04
CA GLU DA 411 -63.20 33.96 -96.71
C GLU DA 411 -64.49 34.46 -96.03
N GLY DA 412 -65.46 34.90 -96.83
CA GLY DA 412 -66.82 35.20 -96.42
C GLY DA 412 -67.14 36.65 -96.09
N MET DA 413 -66.23 37.60 -96.31
CA MET DA 413 -66.52 39.01 -96.08
C MET DA 413 -67.24 39.66 -97.26
N GLU DA 414 -68.19 40.56 -97.01
CA GLU DA 414 -68.78 41.45 -98.01
C GLU DA 414 -67.74 42.46 -98.50
N GLU DA 415 -67.60 42.68 -99.81
CA GLU DA 415 -66.64 43.66 -100.33
C GLU DA 415 -66.93 45.09 -99.85
N GLY DA 416 -68.21 45.42 -99.70
CA GLY DA 416 -68.68 46.72 -99.19
C GLY DA 416 -68.26 47.06 -97.77
N GLU DA 417 -67.85 46.09 -96.94
CA GLU DA 417 -67.36 46.35 -95.58
C GLU DA 417 -66.08 47.20 -95.57
N PHE DA 418 -65.24 47.14 -96.61
CA PHE DA 418 -64.06 47.99 -96.72
C PHE DA 418 -64.43 49.46 -96.88
N SER DA 419 -65.42 49.76 -97.72
CA SER DA 419 -65.94 51.12 -97.88
C SER DA 419 -66.67 51.60 -96.61
N GLU DA 420 -67.53 50.76 -96.03
CA GLU DA 420 -68.22 50.99 -94.75
C GLU DA 420 -67.28 51.15 -93.55
N ALA DA 421 -66.08 50.57 -93.56
CA ALA DA 421 -65.04 50.78 -92.53
C ALA DA 421 -64.21 52.06 -92.76
N ARG DA 422 -63.83 52.38 -94.00
CA ARG DA 422 -63.13 53.64 -94.32
C ARG DA 422 -64.01 54.85 -94.08
N GLU DA 423 -65.32 54.69 -94.30
CA GLU DA 423 -66.37 55.68 -94.03
C GLU DA 423 -66.51 55.97 -92.53
N ASP DA 424 -66.62 54.91 -91.72
CA ASP DA 424 -66.75 55.02 -90.27
C ASP DA 424 -65.48 55.57 -89.61
N MET DA 425 -64.29 55.24 -90.13
CA MET DA 425 -63.06 55.88 -89.68
C MET DA 425 -63.04 57.39 -90.01
N ALA DA 426 -63.48 57.82 -91.20
CA ALA DA 426 -63.57 59.23 -91.54
C ALA DA 426 -64.55 60.01 -90.64
N ALA DA 427 -65.62 59.39 -90.17
CA ALA DA 427 -66.51 59.97 -89.17
C ALA DA 427 -65.89 60.06 -87.75
N LEU DA 428 -64.99 59.17 -87.35
CA LEU DA 428 -64.22 59.33 -86.11
C LEU DA 428 -63.13 60.41 -86.24
N GLU DA 429 -62.42 60.43 -87.37
CA GLU DA 429 -61.40 61.44 -87.63
C GLU DA 429 -62.03 62.85 -87.77
N LYS DA 430 -63.28 62.94 -88.22
CA LYS DA 430 -64.14 64.14 -88.17
C LYS DA 430 -64.45 64.55 -86.74
N ASP DA 431 -64.95 63.64 -85.91
CA ASP DA 431 -65.32 63.91 -84.51
C ASP DA 431 -64.16 64.48 -83.68
N TYR DA 432 -62.95 63.95 -83.78
CA TYR DA 432 -61.76 64.48 -83.06
C TYR DA 432 -61.27 65.85 -83.56
N GLU DA 433 -61.52 66.20 -84.82
CA GLU DA 433 -61.26 67.54 -85.35
C GLU DA 433 -62.36 68.54 -84.94
N GLU DA 434 -63.61 68.10 -84.91
CA GLU DA 434 -64.79 68.89 -84.55
C GLU DA 434 -64.78 69.42 -83.11
N VAL DA 435 -64.32 68.65 -82.13
CA VAL DA 435 -64.34 69.04 -80.71
C VAL DA 435 -63.17 69.91 -80.25
N GLY DA 436 -62.16 70.14 -81.08
CA GLY DA 436 -61.01 70.97 -80.72
C GLY DA 436 -61.29 72.48 -80.72
N THR DA 437 -62.45 72.90 -81.22
CA THR DA 437 -62.69 74.29 -81.65
C THR DA 437 -63.21 75.15 -80.50
N MET EA 1 -83.01 0.74 -36.69
CA MET EA 1 -83.50 2.09 -36.99
C MET EA 1 -82.67 2.68 -38.10
N ARG EA 2 -83.31 3.24 -39.14
CA ARG EA 2 -82.70 3.96 -40.27
C ARG EA 2 -81.87 3.12 -41.23
N GLU EA 3 -82.19 1.84 -41.38
CA GLU EA 3 -81.51 0.97 -42.35
C GLU EA 3 -81.82 1.31 -43.81
N CYS EA 4 -80.93 0.97 -44.75
CA CYS EA 4 -81.22 0.93 -46.19
C CYS EA 4 -80.68 -0.36 -46.82
N ILE EA 5 -81.49 -1.07 -47.59
CA ILE EA 5 -81.04 -2.22 -48.39
C ILE EA 5 -80.63 -1.74 -49.78
N SER EA 6 -79.35 -1.89 -50.12
CA SER EA 6 -78.80 -1.46 -51.42
C SER EA 6 -78.73 -2.63 -52.39
N VAL EA 7 -79.46 -2.58 -53.51
CA VAL EA 7 -79.46 -3.68 -54.50
C VAL EA 7 -78.76 -3.23 -55.77
N HIS EA 8 -77.67 -3.90 -56.10
CA HIS EA 8 -76.77 -3.61 -57.20
C HIS EA 8 -76.93 -4.63 -58.33
N VAL EA 9 -77.51 -4.22 -59.46
CA VAL EA 9 -77.97 -5.12 -60.54
C VAL EA 9 -77.20 -4.93 -61.85
N GLY EA 10 -76.83 -6.04 -62.48
CA GLY EA 10 -76.07 -6.06 -63.72
C GLY EA 10 -74.64 -5.54 -63.55
N GLN EA 11 -73.89 -5.31 -64.64
CA GLN EA 11 -72.50 -4.86 -64.54
C GLN EA 11 -72.38 -3.42 -64.02
N ALA EA 12 -73.14 -2.47 -64.57
CA ALA EA 12 -73.15 -1.09 -64.11
C ALA EA 12 -73.51 -0.95 -62.64
N GLY EA 13 -74.60 -1.58 -62.17
CA GLY EA 13 -75.01 -1.50 -60.78
C GLY EA 13 -74.01 -2.11 -59.82
N VAL EA 14 -73.43 -3.26 -60.16
CA VAL EA 14 -72.38 -3.93 -59.38
C VAL EA 14 -71.11 -3.11 -59.35
N GLN EA 15 -70.69 -2.49 -60.45
CA GLN EA 15 -69.46 -1.69 -60.50
C GLN EA 15 -69.61 -0.33 -59.81
N ILE EA 16 -70.80 0.29 -59.88
CA ILE EA 16 -71.14 1.43 -59.02
C ILE EA 16 -71.16 0.99 -57.56
N GLY EA 17 -71.70 -0.19 -57.25
CA GLY EA 17 -71.66 -0.80 -55.93
C GLY EA 17 -70.26 -1.00 -55.40
N ASN EA 18 -69.35 -1.50 -56.22
CA ASN EA 18 -67.94 -1.64 -55.86
C ASN EA 18 -67.22 -0.30 -55.57
N SER EA 19 -67.80 0.84 -56.01
CA SER EA 19 -67.39 2.19 -55.61
C SER EA 19 -68.17 2.72 -54.39
N CYS EA 20 -69.47 2.43 -54.28
CA CYS EA 20 -70.29 2.78 -53.12
C CYS EA 20 -69.72 2.16 -51.86
N TRP EA 21 -69.49 0.85 -51.87
CA TRP EA 21 -68.96 0.12 -50.72
C TRP EA 21 -67.48 0.40 -50.45
N GLU EA 22 -66.72 0.81 -51.46
CA GLU EA 22 -65.38 1.37 -51.26
C GLU EA 22 -65.44 2.66 -50.43
N LEU EA 23 -66.38 3.55 -50.77
CA LEU EA 23 -66.59 4.80 -50.05
C LEU EA 23 -67.15 4.56 -48.65
N TYR EA 24 -68.27 3.85 -48.49
CA TYR EA 24 -68.92 3.68 -47.19
C TYR EA 24 -67.98 3.06 -46.16
N CYS EA 25 -67.13 2.13 -46.58
CA CYS EA 25 -66.12 1.55 -45.70
C CYS EA 25 -65.11 2.58 -45.21
N LEU EA 26 -64.62 3.48 -46.07
CA LEU EA 26 -63.72 4.57 -45.64
C LEU EA 26 -64.42 5.55 -44.72
N GLU EA 27 -65.65 5.92 -45.05
CA GLU EA 27 -66.40 6.96 -44.37
C GLU EA 27 -66.80 6.56 -42.95
N HIS EA 28 -67.08 5.28 -42.70
CA HIS EA 28 -67.37 4.67 -41.40
C HIS EA 28 -66.15 4.02 -40.73
N GLY EA 29 -64.99 4.01 -41.37
CA GLY EA 29 -63.76 3.45 -40.82
C GLY EA 29 -63.78 1.93 -40.67
N LEU EA 30 -64.43 1.23 -41.59
CA LEU EA 30 -64.49 -0.22 -41.69
C LEU EA 30 -63.40 -0.70 -42.65
N GLN EA 31 -62.57 -1.64 -42.22
CA GLN EA 31 -61.54 -2.29 -43.03
C GLN EA 31 -62.18 -3.08 -44.19
N PRO EA 32 -61.46 -3.38 -45.28
CA PRO EA 32 -62.03 -4.18 -46.36
C PRO EA 32 -62.32 -5.64 -45.98
N ASP EA 33 -61.87 -6.13 -44.82
CA ASP EA 33 -62.30 -7.42 -44.23
C ASP EA 33 -63.53 -7.31 -43.32
N GLY EA 34 -64.18 -6.15 -43.28
CA GLY EA 34 -65.36 -5.85 -42.48
C GLY EA 34 -65.11 -5.52 -41.01
N THR EA 35 -63.88 -5.59 -40.51
CA THR EA 35 -63.59 -5.24 -39.10
C THR EA 35 -63.45 -3.72 -38.88
N MET EA 36 -63.54 -3.23 -37.65
CA MET EA 36 -63.50 -1.80 -37.32
C MET EA 36 -62.61 -1.50 -36.10
N PRO EA 37 -61.39 -0.98 -36.28
CA PRO EA 37 -60.50 -0.64 -35.18
C PRO EA 37 -60.95 0.64 -34.44
N SER EA 38 -60.36 0.91 -33.27
CA SER EA 38 -60.60 2.11 -32.46
C SER EA 38 -59.33 2.57 -31.73
N ASP EA 46 -71.04 4.18 -31.76
CA ASP EA 46 -71.72 5.39 -32.13
C ASP EA 46 -72.90 5.16 -33.08
N SER EA 47 -73.05 3.95 -33.62
CA SER EA 47 -74.10 3.47 -34.53
C SER EA 47 -74.28 4.27 -35.83
N SER EA 48 -73.31 5.08 -36.25
CA SER EA 48 -73.39 5.81 -37.53
C SER EA 48 -73.40 4.87 -38.75
N PHE EA 49 -72.65 3.77 -38.69
CA PHE EA 49 -72.60 2.72 -39.70
C PHE EA 49 -73.93 1.95 -39.87
N GLY EA 50 -74.88 2.02 -38.92
CA GLY EA 50 -76.00 1.09 -38.86
C GLY EA 50 -76.91 1.16 -40.10
N THR EA 51 -76.95 2.30 -40.80
CA THR EA 51 -77.79 2.44 -41.99
C THR EA 51 -77.37 1.46 -43.09
N PHE EA 52 -76.07 1.24 -43.23
CA PHE EA 52 -75.46 0.45 -44.28
C PHE EA 52 -74.84 -0.86 -43.81
N PHE EA 53 -74.57 -1.07 -42.53
CA PHE EA 53 -73.93 -2.30 -42.07
C PHE EA 53 -74.64 -2.92 -40.88
N SER EA 54 -74.95 -4.22 -40.99
CA SER EA 54 -75.30 -5.09 -39.87
C SER EA 54 -74.01 -5.44 -39.09
N GLU EA 55 -74.01 -5.47 -37.76
CA GLU EA 55 -72.85 -5.82 -36.95
C GLU EA 55 -73.03 -7.19 -36.30
N THR EA 56 -72.10 -8.12 -36.51
CA THR EA 56 -72.09 -9.44 -35.86
C THR EA 56 -71.18 -9.44 -34.62
N GLY EA 57 -71.41 -10.36 -33.68
CA GLY EA 57 -70.77 -10.38 -32.36
C GLY EA 57 -69.25 -10.48 -32.35
N SER EA 58 -68.64 -10.95 -33.44
CA SER EA 58 -67.19 -10.94 -33.64
C SER EA 58 -66.60 -9.53 -33.79
N GLY EA 59 -67.44 -8.49 -33.96
CA GLY EA 59 -67.03 -7.14 -34.30
C GLY EA 59 -66.79 -6.94 -35.79
N LYS EA 60 -67.49 -7.71 -36.62
CA LYS EA 60 -67.47 -7.67 -38.08
C LYS EA 60 -68.74 -6.96 -38.57
N HIS EA 61 -68.57 -5.94 -39.39
CA HIS EA 61 -69.65 -5.17 -40.01
C HIS EA 61 -69.86 -5.68 -41.42
N VAL EA 62 -71.04 -6.21 -41.69
CA VAL EA 62 -71.45 -6.86 -42.94
C VAL EA 62 -72.43 -5.93 -43.66
N PRO EA 63 -72.22 -5.59 -44.93
CA PRO EA 63 -73.05 -4.62 -45.61
C PRO EA 63 -74.48 -5.10 -45.86
N ARG EA 64 -75.44 -4.19 -45.75
CA ARG EA 64 -76.85 -4.35 -46.11
C ARG EA 64 -77.03 -4.19 -47.62
N ALA EA 65 -76.39 -5.05 -48.39
CA ALA EA 65 -76.35 -5.01 -49.83
C ALA EA 65 -76.64 -6.37 -50.46
N VAL EA 66 -77.28 -6.36 -51.63
CA VAL EA 66 -77.41 -7.53 -52.49
C VAL EA 66 -76.78 -7.20 -53.83
N PHE EA 67 -75.91 -8.05 -54.35
CA PHE EA 67 -75.32 -7.90 -55.67
C PHE EA 67 -75.89 -8.99 -56.57
N VAL EA 68 -76.49 -8.63 -57.71
CA VAL EA 68 -77.14 -9.58 -58.61
C VAL EA 68 -76.69 -9.35 -60.04
N ASP EA 69 -76.28 -10.42 -60.70
CA ASP EA 69 -75.94 -10.42 -62.11
C ASP EA 69 -76.35 -11.77 -62.70
N LEU EA 70 -76.83 -11.81 -63.93
CA LEU EA 70 -77.29 -13.06 -64.54
C LEU EA 70 -76.12 -13.92 -65.06
N GLU EA 71 -74.94 -13.32 -65.24
CA GLU EA 71 -73.67 -13.96 -65.58
C GLU EA 71 -72.63 -13.83 -64.44
N GLN EA 72 -71.61 -14.71 -64.38
CA GLN EA 72 -70.73 -14.79 -63.23
C GLN EA 72 -69.61 -13.75 -63.19
N THR EA 73 -69.23 -13.13 -64.30
CA THR EA 73 -67.87 -12.55 -64.47
C THR EA 73 -67.54 -11.41 -63.50
N VAL EA 74 -68.47 -10.46 -63.36
CA VAL EA 74 -68.28 -9.23 -62.56
C VAL EA 74 -68.38 -9.52 -61.07
N ILE EA 75 -69.33 -10.35 -60.62
CA ILE EA 75 -69.44 -10.73 -59.23
C ILE EA 75 -68.36 -11.73 -58.81
N GLY EA 76 -67.88 -12.63 -59.67
CA GLY EA 76 -66.70 -13.45 -59.37
C GLY EA 76 -65.44 -12.60 -59.15
N GLU EA 77 -65.38 -11.40 -59.70
CA GLU EA 77 -64.32 -10.45 -59.44
C GLU EA 77 -64.47 -9.78 -58.08
N ILE EA 78 -65.70 -9.45 -57.66
CA ILE EA 78 -66.03 -8.99 -56.30
C ILE EA 78 -65.71 -10.08 -55.27
N ARG EA 79 -66.03 -11.35 -55.54
CA ARG EA 79 -65.68 -12.54 -54.74
C ARG EA 79 -64.17 -12.87 -54.70
N ASN EA 80 -63.31 -12.12 -55.38
CA ASN EA 80 -61.86 -12.41 -55.47
C ASN EA 80 -60.98 -11.21 -55.12
N GLY EA 81 -61.45 -10.00 -55.35
CA GLY EA 81 -60.74 -8.75 -55.03
C GLY EA 81 -60.71 -8.39 -53.55
N PRO EA 82 -60.30 -7.18 -53.21
CA PRO EA 82 -60.08 -6.74 -51.82
C PRO EA 82 -61.32 -6.82 -50.93
N TYR EA 83 -62.53 -6.80 -51.49
CA TYR EA 83 -63.78 -6.89 -50.74
C TYR EA 83 -64.35 -8.31 -50.62
N ARG EA 84 -63.60 -9.37 -50.98
CA ARG EA 84 -64.07 -10.77 -50.84
C ARG EA 84 -64.53 -11.16 -49.43
N SER EA 85 -63.93 -10.55 -48.40
CA SER EA 85 -64.23 -10.76 -46.98
C SER EA 85 -65.27 -9.79 -46.42
N LEU EA 86 -65.72 -8.78 -47.16
CA LEU EA 86 -66.71 -7.82 -46.68
C LEU EA 86 -68.12 -8.42 -46.71
N PHE EA 87 -68.53 -8.92 -47.87
CA PHE EA 87 -69.89 -9.36 -48.14
C PHE EA 87 -70.15 -10.77 -47.62
N HIS EA 88 -71.40 -11.02 -47.22
CA HIS EA 88 -71.91 -12.36 -46.99
C HIS EA 88 -71.91 -13.15 -48.31
N PRO EA 89 -71.35 -14.37 -48.36
CA PRO EA 89 -71.12 -15.06 -49.63
C PRO EA 89 -72.39 -15.41 -50.42
N GLU EA 90 -73.55 -15.57 -49.77
CA GLU EA 90 -74.81 -15.85 -50.47
C GLU EA 90 -75.64 -14.61 -50.84
N GLN EA 91 -75.17 -13.38 -50.55
CA GLN EA 91 -75.79 -12.16 -51.07
C GLN EA 91 -75.04 -11.53 -52.26
N LEU EA 92 -73.97 -12.19 -52.69
CA LEU EA 92 -73.36 -12.05 -54.01
C LEU EA 92 -73.97 -13.14 -54.92
N ILE EA 93 -74.97 -12.83 -55.73
CA ILE EA 93 -75.84 -13.81 -56.41
C ILE EA 93 -75.56 -13.81 -57.91
N THR EA 94 -75.32 -15.00 -58.49
CA THR EA 94 -75.02 -15.16 -59.91
C THR EA 94 -75.80 -16.29 -60.56
N GLY EA 95 -76.16 -16.11 -61.82
CA GLY EA 95 -76.60 -17.16 -62.72
C GLY EA 95 -75.48 -17.73 -63.59
N LYS EA 96 -75.85 -18.64 -64.51
CA LYS EA 96 -74.97 -19.22 -65.53
C LYS EA 96 -74.93 -18.40 -66.83
N GLU EA 97 -76.04 -17.76 -67.20
CA GLU EA 97 -76.31 -17.25 -68.56
C GLU EA 97 -76.48 -15.72 -68.58
N ASP EA 98 -75.68 -15.06 -69.40
CA ASP EA 98 -75.78 -13.63 -69.69
C ASP EA 98 -77.18 -13.26 -70.27
N ALA EA 99 -77.69 -12.06 -69.96
CA ALA EA 99 -78.93 -11.52 -70.51
C ALA EA 99 -78.83 -10.91 -71.92
N ALA EA 100 -77.63 -10.82 -72.49
CA ALA EA 100 -77.34 -10.50 -73.87
C ALA EA 100 -77.83 -9.13 -74.37
N ASN EA 101 -77.94 -8.13 -73.49
CA ASN EA 101 -78.54 -6.83 -73.77
C ASN EA 101 -79.97 -6.97 -74.30
N ASN EA 102 -80.66 -8.02 -73.89
CA ASN EA 102 -82.03 -8.30 -74.28
C ASN EA 102 -82.93 -8.21 -73.04
N TYR EA 103 -83.81 -7.21 -72.96
CA TYR EA 103 -84.77 -7.05 -71.85
C TYR EA 103 -85.53 -8.33 -71.53
N ALA EA 104 -85.94 -9.07 -72.55
CA ALA EA 104 -86.79 -10.23 -72.39
C ALA EA 104 -86.06 -11.41 -71.76
N ARG EA 105 -84.74 -11.57 -71.95
CA ARG EA 105 -83.96 -12.54 -71.19
C ARG EA 105 -83.88 -12.16 -69.73
N GLY EA 106 -83.68 -10.88 -69.42
CA GLY EA 106 -83.63 -10.42 -68.04
C GLY EA 106 -84.94 -10.62 -67.30
N HIS EA 107 -86.04 -10.24 -67.94
CA HIS EA 107 -87.37 -10.25 -67.34
C HIS EA 107 -88.13 -11.59 -67.41
N TYR EA 108 -88.15 -12.26 -68.55
CA TYR EA 108 -89.05 -13.40 -68.81
C TYR EA 108 -88.40 -14.78 -68.74
N THR EA 109 -87.14 -14.92 -69.12
CA THR EA 109 -86.53 -16.22 -69.45
C THR EA 109 -85.40 -16.63 -68.51
N ILE EA 110 -84.39 -15.78 -68.28
CA ILE EA 110 -83.21 -16.10 -67.47
C ILE EA 110 -83.36 -15.61 -66.03
N GLY EA 111 -83.77 -14.35 -65.85
CA GLY EA 111 -83.98 -13.78 -64.51
C GLY EA 111 -85.14 -14.39 -63.74
N LYS EA 112 -86.12 -14.94 -64.45
CA LYS EA 112 -87.20 -15.80 -63.95
C LYS EA 112 -86.72 -16.94 -63.05
N GLU EA 113 -85.49 -17.41 -63.22
CA GLU EA 113 -84.91 -18.46 -62.39
C GLU EA 113 -84.21 -17.97 -61.12
N LEU EA 114 -83.50 -16.84 -61.16
CA LEU EA 114 -82.75 -16.32 -60.01
C LEU EA 114 -83.61 -15.46 -59.06
N ILE EA 115 -84.76 -14.95 -59.50
CA ILE EA 115 -85.56 -13.97 -58.75
C ILE EA 115 -85.97 -14.44 -57.34
N ASP EA 116 -86.44 -15.67 -57.19
CA ASP EA 116 -86.91 -16.17 -55.89
C ASP EA 116 -85.77 -16.44 -54.89
N SER EA 117 -84.52 -16.49 -55.36
CA SER EA 117 -83.32 -16.48 -54.55
C SER EA 117 -82.88 -15.04 -54.20
N VAL EA 118 -83.03 -14.09 -55.12
CA VAL EA 118 -82.77 -12.68 -54.86
C VAL EA 118 -83.71 -12.13 -53.79
N LEU EA 119 -84.99 -12.45 -53.86
CA LEU EA 119 -85.97 -12.08 -52.86
C LEU EA 119 -85.69 -12.67 -51.48
N ASP EA 120 -85.19 -13.89 -51.42
CA ASP EA 120 -84.89 -14.59 -50.16
C ASP EA 120 -83.78 -13.91 -49.37
N ARG EA 121 -82.75 -13.42 -50.05
CA ARG EA 121 -81.74 -12.54 -49.46
C ARG EA 121 -82.29 -11.19 -49.02
N VAL EA 122 -83.13 -10.55 -49.81
CA VAL EA 122 -83.72 -9.27 -49.43
C VAL EA 122 -84.62 -9.43 -48.20
N ARG EA 123 -85.40 -10.51 -48.11
CA ARG EA 123 -86.16 -10.89 -46.91
C ARG EA 123 -85.25 -11.10 -45.68
N LYS EA 124 -84.17 -11.87 -45.79
CA LYS EA 124 -83.19 -12.06 -44.71
C LYS EA 124 -82.44 -10.78 -44.31
N MET EA 125 -82.36 -9.76 -45.16
CA MET EA 125 -81.84 -8.45 -44.79
C MET EA 125 -82.88 -7.57 -44.12
N ALA EA 126 -84.10 -7.52 -44.65
CA ALA EA 126 -85.20 -6.73 -44.08
C ALA EA 126 -85.59 -7.21 -42.68
N ASP EA 127 -85.58 -8.52 -42.43
CA ASP EA 127 -85.80 -9.10 -41.10
C ASP EA 127 -84.71 -8.76 -40.06
N GLN EA 128 -83.53 -8.28 -40.49
CA GLN EA 128 -82.48 -7.73 -39.62
C GLN EA 128 -82.60 -6.21 -39.42
N CYS EA 129 -83.46 -5.52 -40.15
CA CYS EA 129 -83.75 -4.10 -39.97
C CYS EA 129 -84.82 -3.88 -38.90
N SER EA 130 -84.87 -2.68 -38.35
CA SER EA 130 -85.89 -2.23 -37.39
C SER EA 130 -86.29 -0.82 -37.78
N GLY EA 131 -87.37 -0.66 -38.53
CA GLY EA 131 -87.63 0.60 -39.22
C GLY EA 131 -86.67 0.82 -40.38
N LEU EA 132 -86.71 -0.09 -41.35
CA LEU EA 132 -86.07 0.02 -42.67
C LEU EA 132 -86.55 1.30 -43.36
N GLN EA 133 -85.64 2.15 -43.81
CA GLN EA 133 -85.95 3.46 -44.38
C GLN EA 133 -86.40 3.38 -45.83
N GLY EA 134 -85.79 2.46 -46.60
CA GLY EA 134 -86.08 2.25 -48.01
C GLY EA 134 -85.07 1.32 -48.69
N PHE EA 135 -85.15 1.27 -50.01
CA PHE EA 135 -84.24 0.54 -50.91
C PHE EA 135 -83.43 1.50 -51.77
N LEU EA 136 -82.16 1.22 -52.01
CA LEU EA 136 -81.34 1.96 -52.95
C LEU EA 136 -80.99 1.02 -54.12
N VAL EA 137 -81.64 1.16 -55.27
CA VAL EA 137 -81.49 0.21 -56.40
C VAL EA 137 -80.62 0.79 -57.52
N PHE EA 138 -79.48 0.17 -57.80
CA PHE EA 138 -78.47 0.63 -58.77
C PHE EA 138 -78.44 -0.23 -60.03
N HIS EA 139 -78.56 0.39 -61.20
CA HIS EA 139 -78.65 -0.34 -62.47
C HIS EA 139 -78.36 0.50 -63.72
N SER EA 140 -78.20 -0.17 -64.85
CA SER EA 140 -78.13 0.40 -66.19
C SER EA 140 -79.51 0.32 -66.86
N PHE EA 141 -79.96 1.39 -67.49
CA PHE EA 141 -81.16 1.39 -68.32
C PHE EA 141 -80.96 0.63 -69.64
N GLY EA 142 -79.72 0.55 -70.13
CA GLY EA 142 -79.38 -0.03 -71.43
C GLY EA 142 -79.12 -1.53 -71.42
N GLY EA 143 -78.77 -2.08 -70.27
CA GLY EA 143 -78.51 -3.51 -70.08
C GLY EA 143 -79.73 -4.42 -70.19
N GLY EA 144 -79.51 -5.70 -70.48
CA GLY EA 144 -80.53 -6.74 -70.39
C GLY EA 144 -80.84 -7.11 -68.96
N THR EA 145 -79.84 -7.31 -68.10
CA THR EA 145 -80.01 -7.49 -66.66
C THR EA 145 -80.45 -6.19 -66.00
N GLY EA 146 -79.79 -5.08 -66.32
CA GLY EA 146 -80.13 -3.75 -65.89
C GLY EA 146 -81.60 -3.36 -66.05
N SER EA 147 -82.19 -3.53 -67.23
CA SER EA 147 -83.60 -3.23 -67.49
C SER EA 147 -84.56 -4.36 -67.10
N GLY EA 148 -84.34 -5.57 -67.61
CA GLY EA 148 -85.23 -6.69 -67.46
C GLY EA 148 -85.22 -7.33 -66.08
N PHE EA 149 -84.06 -7.46 -65.44
CA PHE EA 149 -84.04 -8.04 -64.10
C PHE EA 149 -84.47 -7.02 -63.05
N THR EA 150 -84.06 -5.76 -63.15
CA THR EA 150 -84.54 -4.72 -62.22
C THR EA 150 -86.05 -4.58 -62.30
N SER EA 151 -86.64 -4.64 -63.49
CA SER EA 151 -88.09 -4.56 -63.66
C SER EA 151 -88.84 -5.79 -63.16
N LEU EA 152 -88.22 -6.97 -63.20
CA LEU EA 152 -88.74 -8.17 -62.55
C LEU EA 152 -88.67 -8.05 -61.02
N LEU EA 153 -87.54 -7.62 -60.48
CA LEU EA 153 -87.36 -7.44 -59.05
C LEU EA 153 -88.26 -6.36 -58.47
N MET EA 154 -88.31 -5.17 -59.06
CA MET EA 154 -89.15 -4.08 -58.54
C MET EA 154 -90.63 -4.43 -58.48
N GLU EA 155 -91.15 -5.19 -59.44
CA GLU EA 155 -92.54 -5.63 -59.42
C GLU EA 155 -92.85 -6.49 -58.21
N ARG EA 156 -91.90 -7.32 -57.78
CA ARG EA 156 -91.99 -8.13 -56.56
C ARG EA 156 -91.85 -7.29 -55.29
N LEU EA 157 -90.83 -6.44 -55.21
CA LEU EA 157 -90.64 -5.58 -54.03
C LEU EA 157 -91.81 -4.60 -53.84
N SER EA 158 -92.52 -4.21 -54.89
CA SER EA 158 -93.65 -3.29 -54.79
C SER EA 158 -94.97 -3.94 -54.35
N VAL EA 159 -95.06 -5.27 -54.31
CA VAL EA 159 -96.12 -6.03 -53.62
C VAL EA 159 -95.65 -6.53 -52.26
N ASP EA 160 -94.40 -6.92 -52.11
CA ASP EA 160 -93.86 -7.41 -50.84
C ASP EA 160 -93.59 -6.32 -49.79
N TYR EA 161 -93.16 -5.13 -50.20
CA TYR EA 161 -92.77 -4.01 -49.33
C TYR EA 161 -93.45 -2.71 -49.79
N GLY EA 162 -94.77 -2.73 -50.00
CA GLY EA 162 -95.48 -1.64 -50.67
C GLY EA 162 -95.31 -0.23 -50.08
N LYS EA 163 -95.18 -0.11 -48.76
CA LYS EA 163 -95.01 1.19 -48.07
C LYS EA 163 -93.60 1.78 -48.22
N LYS EA 164 -92.57 0.96 -48.32
CA LYS EA 164 -91.16 1.35 -48.24
C LYS EA 164 -90.69 2.13 -49.47
N SER EA 165 -89.97 3.24 -49.27
CA SER EA 165 -89.49 4.10 -50.38
C SER EA 165 -88.43 3.41 -51.23
N LYS EA 166 -88.62 3.36 -52.54
CA LYS EA 166 -87.70 2.75 -53.49
C LYS EA 166 -87.01 3.85 -54.30
N LEU EA 167 -85.77 4.15 -53.91
CA LEU EA 167 -84.91 5.12 -54.58
C LEU EA 167 -84.07 4.38 -55.61
N GLU EA 168 -83.89 4.95 -56.77
CA GLU EA 168 -83.34 4.20 -57.89
C GLU EA 168 -82.34 5.02 -58.69
N PHE EA 169 -81.12 4.51 -58.84
CA PHE EA 169 -80.02 5.21 -59.49
C PHE EA 169 -79.71 4.53 -60.81
N SER EA 170 -79.96 5.24 -61.90
CA SER EA 170 -79.97 4.68 -63.24
C SER EA 170 -78.92 5.31 -64.12
N VAL EA 171 -78.03 4.51 -64.69
CA VAL EA 171 -77.21 4.95 -65.81
C VAL EA 171 -78.01 4.86 -67.10
N TYR EA 172 -78.31 6.00 -67.70
CA TYR EA 172 -79.27 6.24 -68.76
C TYR EA 172 -78.55 6.54 -70.09
N PRO EA 173 -79.07 6.11 -71.26
CA PRO EA 173 -78.44 6.41 -72.55
C PRO EA 173 -78.21 7.89 -72.87
N ALA EA 174 -77.07 8.19 -73.51
CA ALA EA 174 -76.60 9.53 -73.82
C ALA EA 174 -77.12 10.08 -75.17
N PRO EA 175 -76.92 11.38 -75.47
CA PRO EA 175 -77.17 11.91 -76.80
C PRO EA 175 -76.36 11.21 -77.90
N ARG EA 176 -75.04 11.02 -77.73
CA ARG EA 176 -74.14 10.47 -78.75
C ARG EA 176 -73.41 9.20 -78.32
N ILE EA 177 -72.86 9.17 -77.10
CA ILE EA 177 -72.18 8.01 -76.52
C ILE EA 177 -73.15 6.86 -76.30
N SER EA 178 -72.82 5.69 -76.81
CA SER EA 178 -73.60 4.47 -76.65
C SER EA 178 -72.69 3.26 -76.77
N THR EA 179 -73.03 2.15 -76.12
CA THR EA 179 -72.23 0.92 -76.10
C THR EA 179 -72.92 -0.25 -76.80
N ALA EA 180 -74.16 -0.07 -77.20
CA ALA EA 180 -75.06 -1.10 -77.71
C ALA EA 180 -75.97 -0.51 -78.80
N VAL EA 181 -76.41 -1.36 -79.69
CA VAL EA 181 -77.35 -0.99 -80.73
C VAL EA 181 -78.78 -0.94 -80.18
N VAL EA 182 -79.10 -1.82 -79.23
CA VAL EA 182 -80.45 -2.02 -78.66
C VAL EA 182 -80.70 -1.29 -77.33
N GLU EA 183 -79.79 -0.40 -76.92
CA GLU EA 183 -79.92 0.50 -75.74
C GLU EA 183 -81.24 1.30 -75.70
N PRO EA 184 -81.78 1.85 -76.82
CA PRO EA 184 -83.11 2.49 -76.87
C PRO EA 184 -84.29 1.56 -76.56
N TYR EA 185 -84.24 0.31 -77.00
CA TYR EA 185 -85.29 -0.68 -76.72
C TYR EA 185 -85.34 -1.04 -75.25
N ASN EA 186 -84.20 -1.31 -74.61
CA ASN EA 186 -84.15 -1.69 -73.21
C ASN EA 186 -84.59 -0.55 -72.28
N SER EA 187 -84.21 0.68 -72.63
CA SER EA 187 -84.57 1.87 -71.86
C SER EA 187 -86.05 2.19 -71.90
N ILE EA 188 -86.68 2.17 -73.07
CA ILE EA 188 -88.11 2.42 -73.22
C ILE EA 188 -88.96 1.34 -72.53
N LEU EA 189 -88.58 0.06 -72.65
CA LEU EA 189 -89.23 -1.04 -71.92
C LEU EA 189 -89.10 -0.90 -70.39
N THR EA 190 -88.08 -0.22 -69.89
CA THR EA 190 -87.91 0.07 -68.46
C THR EA 190 -88.86 1.16 -67.93
N THR EA 191 -89.40 2.05 -68.77
CA THR EA 191 -90.19 3.21 -68.31
C THR EA 191 -91.45 2.87 -67.50
N HIS EA 192 -92.00 1.66 -67.63
CA HIS EA 192 -93.06 1.18 -66.74
C HIS EA 192 -92.58 0.94 -65.32
N THR EA 193 -91.33 0.49 -65.17
CA THR EA 193 -90.73 0.17 -63.87
C THR EA 193 -90.60 1.42 -63.05
N THR EA 194 -89.94 2.43 -63.62
CA THR EA 194 -89.75 3.70 -62.95
C THR EA 194 -91.07 4.41 -62.70
N LEU EA 195 -92.01 4.46 -63.64
CA LEU EA 195 -93.31 5.07 -63.39
C LEU EA 195 -94.13 4.39 -62.28
N GLU EA 196 -94.28 3.07 -62.30
CA GLU EA 196 -95.24 2.38 -61.43
C GLU EA 196 -94.61 1.83 -60.14
N HIS EA 197 -93.35 1.42 -60.15
CA HIS EA 197 -92.69 0.65 -59.07
C HIS EA 197 -91.42 1.31 -58.51
N SER EA 198 -91.35 2.64 -58.54
CA SER EA 198 -90.25 3.44 -58.01
C SER EA 198 -90.81 4.70 -57.38
N ASP EA 199 -90.12 5.31 -56.42
CA ASP EA 199 -90.60 6.50 -55.71
C ASP EA 199 -89.76 7.74 -55.98
N CYS EA 200 -88.48 7.59 -56.33
CA CYS EA 200 -87.62 8.68 -56.79
C CYS EA 200 -86.46 8.11 -57.62
N ALA EA 201 -86.41 8.49 -58.90
CA ALA EA 201 -85.52 7.86 -59.87
C ALA EA 201 -84.47 8.85 -60.40
N PHE EA 202 -83.22 8.67 -59.99
CA PHE EA 202 -82.07 9.50 -60.34
C PHE EA 202 -81.41 9.00 -61.62
N MET EA 203 -81.80 9.59 -62.74
CA MET EA 203 -81.13 9.38 -64.04
C MET EA 203 -79.75 10.02 -64.01
N VAL EA 204 -78.76 9.30 -64.53
CA VAL EA 204 -77.38 9.75 -64.71
C VAL EA 204 -76.92 9.35 -66.11
N ASP EA 205 -75.99 10.09 -66.71
CA ASP EA 205 -75.52 9.91 -68.08
C ASP EA 205 -73.99 9.80 -68.13
N ASN EA 206 -73.47 8.79 -68.84
CA ASN EA 206 -72.04 8.59 -69.02
C ASN EA 206 -71.38 9.79 -69.72
N GLU EA 207 -72.02 10.39 -70.72
CA GLU EA 207 -71.41 11.45 -71.53
C GLU EA 207 -71.30 12.77 -70.78
N ALA EA 208 -72.24 13.05 -69.89
CA ALA EA 208 -72.23 14.22 -69.02
C ALA EA 208 -71.13 14.13 -67.96
N ILE EA 209 -70.97 12.97 -67.32
CA ILE EA 209 -69.85 12.78 -66.40
C ILE EA 209 -68.52 12.79 -67.14
N TYR EA 210 -68.42 12.21 -68.34
CA TYR EA 210 -67.19 12.33 -69.11
C TYR EA 210 -66.79 13.78 -69.36
N ASP EA 211 -67.75 14.68 -69.58
CA ASP EA 211 -67.47 16.10 -69.80
C ASP EA 211 -67.12 16.85 -68.50
N ILE EA 212 -67.81 16.52 -67.40
CA ILE EA 212 -67.45 16.98 -66.06
C ILE EA 212 -66.02 16.58 -65.72
N CYS EA 213 -65.61 15.33 -66.00
CA CYS EA 213 -64.26 14.86 -65.76
C CYS EA 213 -63.23 15.69 -66.53
N ASN EA 214 -63.51 15.98 -67.79
CA ASN EA 214 -62.62 16.74 -68.68
C ASN EA 214 -62.44 18.18 -68.22
N ARG EA 215 -63.51 18.85 -67.78
CA ARG EA 215 -63.54 20.29 -67.46
C ARG EA 215 -63.19 20.65 -66.02
N ASN EA 216 -63.46 19.77 -65.07
CA ASN EA 216 -63.31 20.05 -63.63
C ASN EA 216 -62.21 19.24 -62.95
N LEU EA 217 -62.05 17.96 -63.30
CA LEU EA 217 -60.95 17.13 -62.78
C LEU EA 217 -59.69 17.22 -63.65
N ASP EA 218 -59.83 17.77 -64.85
CA ASP EA 218 -58.82 17.86 -65.91
C ASP EA 218 -58.19 16.52 -66.32
N ILE EA 219 -58.84 15.39 -66.02
CA ILE EA 219 -58.47 14.08 -66.56
C ILE EA 219 -58.94 13.99 -68.00
N GLU EA 220 -58.01 13.78 -68.92
CA GLU EA 220 -58.28 13.90 -70.36
C GLU EA 220 -59.07 12.71 -70.93
N ARG EA 221 -58.85 11.51 -70.35
CA ARG EA 221 -59.32 10.20 -70.78
C ARG EA 221 -59.75 9.29 -69.61
N PRO EA 222 -60.92 9.48 -68.99
CA PRO EA 222 -61.37 8.67 -67.86
C PRO EA 222 -61.93 7.28 -68.23
N SER EA 223 -61.82 6.36 -67.29
CA SER EA 223 -62.42 5.02 -67.28
C SER EA 223 -63.80 5.06 -66.61
N TYR EA 224 -64.42 3.90 -66.41
CA TYR EA 224 -65.59 3.82 -65.53
C TYR EA 224 -65.27 3.98 -64.06
N THR EA 225 -64.05 3.67 -63.58
CA THR EA 225 -63.76 3.87 -62.16
C THR EA 225 -63.90 5.34 -61.77
N ASN EA 226 -63.58 6.26 -62.66
CA ASN EA 226 -63.75 7.69 -62.44
C ASN EA 226 -65.22 8.12 -62.39
N LEU EA 227 -66.09 7.49 -63.17
CA LEU EA 227 -67.53 7.78 -63.16
C LEU EA 227 -68.18 7.26 -61.88
N ASN EA 228 -67.90 6.01 -61.53
CA ASN EA 228 -68.51 5.37 -60.38
C ASN EA 228 -68.11 6.06 -59.07
N ARG EA 229 -66.90 6.60 -58.99
CA ARG EA 229 -66.46 7.42 -57.87
C ARG EA 229 -67.17 8.77 -57.75
N LEU EA 230 -67.83 9.27 -58.80
CA LEU EA 230 -68.75 10.41 -58.71
C LEU EA 230 -70.18 9.98 -58.35
N ILE EA 231 -70.66 8.87 -58.93
CA ILE EA 231 -72.02 8.39 -58.70
C ILE EA 231 -72.22 7.90 -57.27
N ALA EA 232 -71.21 7.26 -56.68
CA ALA EA 232 -71.25 6.88 -55.27
C ALA EA 232 -71.23 8.09 -54.34
N GLN EA 233 -70.47 9.13 -54.68
CA GLN EA 233 -70.35 10.33 -53.87
C GLN EA 233 -71.71 11.03 -53.69
N ILE EA 234 -72.56 11.03 -54.71
CA ILE EA 234 -73.94 11.55 -54.60
C ILE EA 234 -74.75 10.73 -53.62
N VAL EA 235 -74.70 9.39 -53.65
CA VAL EA 235 -75.50 8.57 -52.73
C VAL EA 235 -75.00 8.66 -51.28
N SER EA 236 -73.70 8.81 -51.07
CA SER EA 236 -73.19 9.13 -49.75
C SER EA 236 -73.82 10.43 -49.22
N SER EA 237 -73.99 11.42 -50.08
CA SER EA 237 -74.56 12.73 -49.72
C SER EA 237 -76.08 12.70 -49.54
N ILE EA 238 -76.80 11.88 -50.30
CA ILE EA 238 -78.23 11.60 -50.06
C ILE EA 238 -78.42 10.90 -48.73
N THR EA 239 -77.59 9.93 -48.42
CA THR EA 239 -77.69 9.17 -47.16
C THR EA 239 -77.01 9.85 -45.97
N ALA EA 240 -76.23 10.91 -46.13
CA ALA EA 240 -75.46 11.47 -45.02
C ALA EA 240 -76.34 11.90 -43.84
N SER EA 241 -77.53 12.47 -44.09
CA SER EA 241 -78.47 12.82 -43.02
C SER EA 241 -79.07 11.63 -42.27
N LEU EA 242 -79.01 10.45 -42.84
CA LEU EA 242 -79.45 9.20 -42.23
C LEU EA 242 -78.36 8.65 -41.30
N ARG EA 243 -77.10 8.97 -41.59
CA ARG EA 243 -75.87 8.41 -41.01
C ARG EA 243 -75.20 9.31 -39.97
N PHE EA 244 -75.42 10.62 -39.99
CA PHE EA 244 -74.60 11.60 -39.27
C PHE EA 244 -75.39 12.74 -38.58
N ASP EA 245 -74.73 13.48 -37.69
CA ASP EA 245 -75.31 14.71 -37.12
C ASP EA 245 -75.23 15.89 -38.10
N GLY EA 246 -76.20 16.78 -38.04
CA GLY EA 246 -76.32 17.97 -38.89
C GLY EA 246 -77.13 19.08 -38.25
N ALA EA 247 -77.08 20.28 -38.83
CA ALA EA 247 -77.90 21.40 -38.39
C ALA EA 247 -79.35 21.25 -38.84
N LEU EA 248 -79.56 20.66 -40.01
CA LEU EA 248 -80.85 20.45 -40.67
C LEU EA 248 -80.84 19.08 -41.36
N ASN EA 249 -80.85 17.99 -40.61
CA ASN EA 249 -80.88 16.65 -41.18
C ASN EA 249 -82.18 16.39 -41.96
N VAL EA 250 -82.09 15.67 -43.08
CA VAL EA 250 -83.21 15.36 -43.97
C VAL EA 250 -83.50 13.86 -43.98
N ASP EA 251 -84.72 13.48 -43.59
CA ASP EA 251 -85.20 12.10 -43.67
C ASP EA 251 -85.45 11.66 -45.13
N LEU EA 252 -85.34 10.37 -45.42
CA LEU EA 252 -85.51 9.86 -46.79
C LEU EA 252 -86.90 10.12 -47.39
N THR EA 253 -87.95 10.28 -46.58
CA THR EA 253 -89.31 10.71 -46.98
C THR EA 253 -89.53 12.21 -46.91
N GLU EA 254 -88.84 12.91 -46.03
CA GLU EA 254 -88.79 14.37 -46.01
C GLU EA 254 -88.22 14.92 -47.31
N PHE EA 255 -87.19 14.25 -47.82
CA PHE EA 255 -86.60 14.46 -49.13
C PHE EA 255 -87.65 14.40 -50.24
N GLN EA 256 -88.41 13.30 -50.31
CA GLN EA 256 -89.45 13.07 -51.30
C GLN EA 256 -90.62 14.06 -51.17
N THR EA 257 -91.04 14.42 -49.97
CA THR EA 257 -92.13 15.40 -49.76
C THR EA 257 -91.81 16.79 -50.30
N ASN EA 258 -90.55 17.14 -50.48
CA ASN EA 258 -90.09 18.39 -51.09
C ASN EA 258 -89.65 18.25 -52.55
N LEU EA 259 -89.12 17.09 -52.97
CA LEU EA 259 -88.74 16.85 -54.36
C LEU EA 259 -89.93 16.62 -55.28
N VAL EA 260 -90.94 15.86 -54.85
CA VAL EA 260 -91.95 15.28 -55.73
C VAL EA 260 -93.26 16.07 -55.61
N PRO EA 261 -93.59 16.95 -56.59
CA PRO EA 261 -94.83 17.73 -56.56
C PRO EA 261 -96.08 16.94 -56.92
N TYR EA 262 -95.97 15.90 -57.73
CA TYR EA 262 -97.09 15.11 -58.25
C TYR EA 262 -96.67 13.64 -58.30
N PRO EA 263 -97.60 12.68 -58.19
CA PRO EA 263 -97.24 11.27 -58.03
C PRO EA 263 -96.27 10.73 -59.08
N ARG EA 264 -96.35 11.18 -60.33
CA ARG EA 264 -95.52 10.63 -61.42
C ARG EA 264 -94.29 11.47 -61.75
N ILE EA 265 -94.11 12.59 -61.06
CA ILE EA 265 -93.09 13.62 -61.34
C ILE EA 265 -91.96 13.50 -60.31
N HIS EA 266 -91.26 12.39 -60.41
CA HIS EA 266 -90.28 11.93 -59.42
C HIS EA 266 -88.94 11.58 -60.07
N PHE EA 267 -88.64 12.23 -61.19
CA PHE EA 267 -87.38 12.11 -61.93
C PHE EA 267 -86.53 13.37 -61.77
N PRO EA 268 -85.90 13.61 -60.62
CA PRO EA 268 -84.99 14.73 -60.45
C PRO EA 268 -83.69 14.52 -61.21
N LEU EA 269 -83.09 15.61 -61.66
CA LEU EA 269 -81.66 15.67 -61.91
C LEU EA 269 -80.90 15.60 -60.59
N VAL EA 270 -79.61 15.27 -60.69
CA VAL EA 270 -78.67 15.35 -59.60
C VAL EA 270 -77.38 16.00 -60.09
N THR EA 271 -76.70 16.71 -59.20
CA THR EA 271 -75.38 17.31 -59.43
C THR EA 271 -74.63 17.43 -58.10
N TYR EA 272 -73.32 17.55 -58.15
CA TYR EA 272 -72.45 17.61 -56.98
C TYR EA 272 -71.45 18.75 -57.16
N SER EA 273 -71.13 19.49 -56.11
CA SER EA 273 -70.10 20.50 -56.15
C SER EA 273 -69.34 20.58 -54.83
N PRO EA 274 -68.06 20.94 -54.86
CA PRO EA 274 -67.24 21.13 -56.04
C PRO EA 274 -66.68 19.80 -56.55
N ILE EA 275 -66.88 19.47 -57.83
CA ILE EA 275 -65.99 18.51 -58.48
C ILE EA 275 -64.69 19.24 -58.77
N ILE EA 276 -63.56 18.81 -58.20
CA ILE EA 276 -62.32 19.58 -58.31
C ILE EA 276 -61.08 18.69 -58.11
N SER EA 277 -59.98 18.98 -58.81
CA SER EA 277 -58.71 18.29 -58.61
C SER EA 277 -57.80 19.02 -57.62
N ALA EA 278 -56.77 18.34 -57.13
CA ALA EA 278 -55.77 18.95 -56.26
C ALA EA 278 -54.93 20.06 -56.94
N GLU EA 279 -54.97 20.20 -58.26
CA GLU EA 279 -54.28 21.29 -58.96
C GLU EA 279 -54.95 22.64 -58.71
N LYS EA 280 -56.27 22.65 -58.48
CA LYS EA 280 -57.11 23.86 -58.43
C LYS EA 280 -57.73 24.09 -57.06
N ALA EA 281 -57.97 23.05 -56.27
CA ALA EA 281 -58.65 23.19 -54.99
C ALA EA 281 -57.94 24.11 -53.98
N TYR EA 282 -56.63 24.28 -54.10
CA TYR EA 282 -55.84 25.22 -53.29
C TYR EA 282 -55.82 26.66 -53.81
N HIS EA 283 -56.47 26.98 -54.93
CA HIS EA 283 -56.53 28.34 -55.50
C HIS EA 283 -57.94 28.91 -55.60
N GLU EA 284 -58.95 28.07 -55.79
CA GLU EA 284 -60.36 28.45 -55.66
C GLU EA 284 -60.70 28.75 -54.19
N GLN EA 285 -61.67 29.64 -53.93
CA GLN EA 285 -62.15 29.84 -52.55
C GLN EA 285 -63.01 28.68 -52.06
N LEU EA 286 -63.87 28.09 -52.92
CA LEU EA 286 -64.83 27.07 -52.50
C LEU EA 286 -65.68 27.53 -51.30
N SER EA 287 -66.03 28.81 -51.29
CA SER EA 287 -67.02 29.38 -50.39
C SER EA 287 -68.41 28.80 -50.67
N VAL EA 288 -69.31 28.88 -49.71
CA VAL EA 288 -70.67 28.35 -49.87
C VAL EA 288 -71.40 28.99 -51.05
N PRO EA 289 -71.17 30.28 -51.32
CA PRO EA 289 -71.76 30.95 -52.47
C PRO EA 289 -71.34 30.32 -53.81
N GLU EA 290 -70.08 29.95 -53.97
CA GLU EA 290 -69.56 29.41 -55.23
C GLU EA 290 -70.07 27.99 -55.49
N ILE EA 291 -69.99 27.10 -54.50
CA ILE EA 291 -70.44 25.71 -54.66
C ILE EA 291 -71.95 25.61 -54.76
N THR EA 292 -72.72 26.58 -54.26
CA THR EA 292 -74.16 26.67 -54.54
C THR EA 292 -74.39 27.04 -56.01
N ASN EA 293 -73.76 28.11 -56.50
CA ASN EA 293 -73.89 28.57 -57.87
C ASN EA 293 -73.42 27.53 -58.90
N ALA EA 294 -72.39 26.75 -58.60
CA ALA EA 294 -71.93 25.67 -59.47
C ALA EA 294 -73.02 24.65 -59.79
N CYS EA 295 -73.97 24.40 -58.89
CA CYS EA 295 -75.05 23.45 -59.14
C CYS EA 295 -76.06 23.92 -60.17
N PHE EA 296 -76.12 25.21 -60.49
CA PHE EA 296 -77.04 25.75 -61.49
C PHE EA 296 -76.40 25.93 -62.87
N GLU EA 297 -75.11 25.66 -63.01
CA GLU EA 297 -74.44 25.65 -64.31
C GLU EA 297 -74.85 24.40 -65.13
N TYR EA 298 -75.24 24.53 -66.41
CA TYR EA 298 -75.41 23.39 -67.32
C TYR EA 298 -74.18 22.49 -67.38
N SER EA 299 -73.00 23.09 -67.19
CA SER EA 299 -71.72 22.41 -67.13
C SER EA 299 -71.59 21.33 -66.04
N ASN EA 300 -72.41 21.32 -64.98
CA ASN EA 300 -72.28 20.34 -63.89
C ASN EA 300 -73.47 19.38 -63.79
N GLN EA 301 -74.47 19.46 -64.68
CA GLN EA 301 -75.58 18.53 -64.70
C GLN EA 301 -75.12 17.17 -65.22
N MET EA 302 -75.47 16.08 -64.55
CA MET EA 302 -75.06 14.72 -64.90
C MET EA 302 -76.05 13.99 -65.83
N VAL EA 303 -76.85 14.74 -66.59
CA VAL EA 303 -77.63 14.32 -67.75
C VAL EA 303 -77.44 15.40 -68.81
N LYS EA 304 -77.13 15.06 -70.07
CA LYS EA 304 -76.94 16.05 -71.14
C LYS EA 304 -78.27 16.64 -71.62
N CYS EA 305 -78.81 17.54 -70.80
CA CYS EA 305 -79.92 18.42 -71.07
C CYS EA 305 -79.64 19.79 -70.42
N ASP EA 306 -80.23 20.87 -70.92
CA ASP EA 306 -79.96 22.23 -70.44
C ASP EA 306 -81.09 22.68 -69.49
N PRO EA 307 -80.84 22.92 -68.19
CA PRO EA 307 -81.88 23.35 -67.26
C PRO EA 307 -82.58 24.67 -67.63
N ARG EA 308 -81.94 25.51 -68.45
CA ARG EA 308 -82.48 26.78 -68.92
C ARG EA 308 -83.58 26.59 -69.96
N ARG EA 309 -83.61 25.43 -70.62
CA ARG EA 309 -84.74 25.03 -71.48
C ARG EA 309 -85.92 24.45 -70.67
N GLY EA 310 -85.84 24.44 -69.34
CA GLY EA 310 -86.92 24.02 -68.46
C GLY EA 310 -87.39 25.09 -67.48
N LYS EA 311 -88.21 24.68 -66.53
CA LYS EA 311 -88.45 25.38 -65.26
C LYS EA 311 -88.23 24.43 -64.09
N TYR EA 312 -87.63 24.93 -63.03
CA TYR EA 312 -87.46 24.21 -61.78
C TYR EA 312 -88.80 24.11 -61.04
N MET EA 313 -89.11 22.92 -60.57
CA MET EA 313 -90.24 22.65 -59.68
C MET EA 313 -89.79 22.70 -58.23
N ALA EA 314 -88.74 21.97 -57.85
CA ALA EA 314 -88.15 22.01 -56.53
C ALA EA 314 -86.67 21.62 -56.54
N CYS EA 315 -85.87 22.19 -55.64
CA CYS EA 315 -84.48 21.82 -55.43
C CYS EA 315 -84.26 21.39 -53.99
N CYS EA 316 -83.61 20.25 -53.77
CA CYS EA 316 -83.01 19.89 -52.50
C CYS EA 316 -81.51 20.21 -52.55
N LEU EA 317 -81.07 21.23 -51.83
CA LEU EA 317 -79.66 21.51 -51.63
C LEU EA 317 -79.20 20.80 -50.37
N LEU EA 318 -78.54 19.65 -50.51
CA LEU EA 318 -78.04 18.83 -49.41
C LEU EA 318 -76.56 19.16 -49.14
N TYR EA 319 -76.29 20.16 -48.32
CA TYR EA 319 -74.92 20.52 -47.94
C TYR EA 319 -74.36 19.57 -46.90
N ARG EA 320 -73.03 19.41 -46.96
CA ARG EA 320 -72.28 18.65 -45.97
C ARG EA 320 -70.91 19.23 -45.72
N GLY EA 321 -70.38 19.02 -44.52
CA GLY EA 321 -69.15 19.64 -44.08
C GLY EA 321 -69.37 20.98 -43.40
N ASP EA 322 -68.37 21.86 -43.46
CA ASP EA 322 -68.33 23.12 -42.72
C ASP EA 322 -69.20 24.23 -43.36
N VAL EA 323 -70.51 24.22 -43.12
CA VAL EA 323 -71.44 25.27 -43.59
C VAL EA 323 -72.40 25.71 -42.50
N VAL EA 324 -72.96 26.92 -42.63
CA VAL EA 324 -73.81 27.55 -41.62
C VAL EA 324 -75.08 28.06 -42.29
N PRO EA 325 -76.28 27.88 -41.73
CA PRO EA 325 -77.53 28.34 -42.34
C PRO EA 325 -77.59 29.81 -42.78
N LYS EA 326 -76.84 30.72 -42.12
CA LYS EA 326 -76.61 32.09 -42.61
C LYS EA 326 -76.17 32.07 -44.08
N ASP EA 327 -75.11 31.35 -44.37
CA ASP EA 327 -74.44 31.32 -45.67
C ASP EA 327 -75.34 30.74 -46.75
N VAL EA 328 -76.10 29.70 -46.40
CA VAL EA 328 -77.00 29.03 -47.32
C VAL EA 328 -78.16 29.93 -47.69
N ASN EA 329 -78.79 30.60 -46.72
CA ASN EA 329 -79.88 31.53 -47.04
C ASN EA 329 -79.39 32.68 -47.92
N ALA EA 330 -78.23 33.26 -47.60
CA ALA EA 330 -77.58 34.29 -48.39
C ALA EA 330 -77.22 33.84 -49.82
N ALA EA 331 -76.86 32.56 -49.98
CA ALA EA 331 -76.63 31.95 -51.28
C ALA EA 331 -77.93 31.76 -52.07
N ILE EA 332 -78.95 31.09 -51.53
CA ILE EA 332 -80.19 30.86 -52.29
C ILE EA 332 -80.92 32.17 -52.63
N ALA EA 333 -80.73 33.21 -51.84
CA ALA EA 333 -81.18 34.56 -52.19
C ALA EA 333 -80.56 35.08 -53.50
N ALA EA 334 -79.30 34.80 -53.79
CA ALA EA 334 -78.74 35.15 -55.10
C ALA EA 334 -79.29 34.27 -56.21
N ILE EA 335 -79.52 32.98 -55.96
CA ILE EA 335 -80.14 32.11 -56.96
C ILE EA 335 -81.55 32.61 -57.31
N LYS EA 336 -82.37 33.01 -56.34
CA LYS EA 336 -83.69 33.62 -56.60
C LYS EA 336 -83.62 34.94 -57.35
N THR EA 337 -82.49 35.66 -57.28
CA THR EA 337 -82.30 36.95 -57.95
C THR EA 337 -82.00 36.78 -59.43
N ARG EA 338 -81.33 35.69 -59.83
CA ARG EA 338 -80.91 35.41 -61.22
C ARG EA 338 -82.08 34.97 -62.12
N ARG EA 339 -82.42 35.76 -63.14
CA ARG EA 339 -83.58 35.53 -64.03
C ARG EA 339 -83.42 34.36 -65.00
N SER EA 340 -82.20 33.87 -65.22
CA SER EA 340 -81.93 32.67 -66.02
C SER EA 340 -82.29 31.36 -65.31
N ILE EA 341 -82.34 31.32 -63.97
CA ILE EA 341 -82.77 30.17 -63.16
C ILE EA 341 -84.27 30.32 -62.85
N GLN EA 342 -85.14 29.74 -63.67
CA GLN EA 342 -86.58 30.00 -63.56
C GLN EA 342 -87.36 28.87 -62.91
N PHE EA 343 -87.99 29.16 -61.78
CA PHE EA 343 -88.92 28.25 -61.14
C PHE EA 343 -90.33 28.38 -61.73
N VAL EA 344 -91.14 27.35 -61.53
CA VAL EA 344 -92.58 27.37 -61.79
C VAL EA 344 -93.31 28.37 -60.89
N ASP EA 345 -94.42 28.91 -61.38
CA ASP EA 345 -95.27 29.90 -60.70
C ASP EA 345 -95.91 29.36 -59.42
N TRP EA 346 -96.10 28.06 -59.34
CA TRP EA 346 -96.77 27.36 -58.25
C TRP EA 346 -95.84 26.83 -57.16
N CYS EA 347 -94.53 27.08 -57.23
CA CYS EA 347 -93.59 26.71 -56.17
C CYS EA 347 -92.83 27.95 -55.70
N PRO EA 348 -93.46 28.80 -54.86
CA PRO EA 348 -92.90 30.09 -54.46
C PRO EA 348 -91.75 29.96 -53.45
N THR EA 349 -91.70 28.84 -52.74
CA THR EA 349 -90.66 28.46 -51.80
C THR EA 349 -89.45 27.87 -52.52
N GLY EA 350 -89.62 26.91 -53.42
CA GLY EA 350 -88.61 26.36 -54.31
C GLY EA 350 -87.56 25.44 -53.69
N PHE EA 351 -86.92 25.85 -52.61
CA PHE EA 351 -85.74 25.20 -52.04
C PHE EA 351 -86.05 24.47 -50.76
N LYS EA 352 -85.66 23.21 -50.70
CA LYS EA 352 -85.48 22.42 -49.48
C LYS EA 352 -84.00 22.35 -49.18
N VAL EA 353 -83.61 22.76 -47.98
CA VAL EA 353 -82.23 22.83 -47.54
C VAL EA 353 -81.99 21.72 -46.53
N GLY EA 354 -80.91 20.97 -46.70
CA GLY EA 354 -80.35 20.07 -45.71
C GLY EA 354 -78.91 20.47 -45.39
N ILE EA 355 -78.48 20.34 -44.14
CA ILE EA 355 -77.12 20.69 -43.72
C ILE EA 355 -76.61 19.64 -42.74
N ASN EA 356 -75.48 19.00 -43.07
CA ASN EA 356 -74.89 17.90 -42.32
C ASN EA 356 -73.41 18.15 -41.93
N TYR EA 357 -72.98 17.81 -40.73
CA TYR EA 357 -71.66 18.22 -40.22
C TYR EA 357 -70.47 17.36 -40.70
N GLN EA 358 -70.73 16.29 -41.46
CA GLN EA 358 -69.68 15.37 -41.91
C GLN EA 358 -69.15 15.75 -43.31
N PRO EA 359 -67.88 16.16 -43.47
CA PRO EA 359 -67.29 16.46 -44.77
C PRO EA 359 -67.33 15.28 -45.74
N PRO EA 360 -67.14 15.51 -47.05
CA PRO EA 360 -67.01 14.46 -48.03
C PRO EA 360 -65.71 13.67 -47.87
N THR EA 361 -65.82 12.36 -47.74
CA THR EA 361 -64.67 11.45 -47.65
C THR EA 361 -63.98 11.29 -48.99
N ALA EA 362 -62.65 11.47 -49.04
CA ALA EA 362 -61.87 11.15 -50.24
C ALA EA 362 -61.58 9.65 -50.30
N VAL EA 363 -61.82 9.01 -51.45
CA VAL EA 363 -61.20 7.72 -51.74
C VAL EA 363 -59.72 7.98 -52.04
N PRO EA 364 -58.75 7.35 -51.37
CA PRO EA 364 -57.33 7.72 -51.45
C PRO EA 364 -56.71 7.59 -52.84
N GLY EA 365 -57.20 6.66 -53.67
CA GLY EA 365 -56.74 6.48 -55.04
C GLY EA 365 -57.33 7.46 -56.06
N GLY EA 366 -58.27 8.32 -55.66
CA GLY EA 366 -59.15 9.06 -56.55
C GLY EA 366 -58.62 10.39 -57.06
N ASP EA 367 -59.30 10.92 -58.07
CA ASP EA 367 -58.96 12.20 -58.72
C ASP EA 367 -59.56 13.41 -57.99
N VAL EA 368 -60.68 13.20 -57.31
CA VAL EA 368 -61.50 14.23 -56.65
C VAL EA 368 -60.91 14.64 -55.29
N ALA EA 369 -60.60 15.92 -55.12
CA ALA EA 369 -59.75 16.46 -54.07
C ALA EA 369 -60.43 16.61 -52.69
N LYS EA 370 -59.64 16.75 -51.63
CA LYS EA 370 -60.10 17.06 -50.27
C LYS EA 370 -60.60 18.50 -50.21
N VAL EA 371 -61.78 18.72 -49.65
CA VAL EA 371 -62.44 20.03 -49.59
C VAL EA 371 -63.25 20.17 -48.30
N LEU EA 372 -63.36 21.38 -47.74
CA LEU EA 372 -64.07 21.57 -46.47
C LEU EA 372 -65.58 21.38 -46.58
N ARG EA 373 -66.13 21.47 -47.79
CA ARG EA 373 -67.54 21.60 -48.08
C ARG EA 373 -67.89 20.79 -49.30
N ALA EA 374 -69.11 20.31 -49.35
CA ALA EA 374 -69.75 19.92 -50.58
C ALA EA 374 -71.24 20.15 -50.48
N VAL EA 375 -71.88 20.20 -51.63
CA VAL EA 375 -73.33 20.17 -51.77
C VAL EA 375 -73.67 19.15 -52.82
N CYS EA 376 -74.69 18.35 -52.56
CA CYS EA 376 -75.35 17.64 -53.61
C CYS EA 376 -76.67 18.35 -53.84
N MET EA 377 -76.92 18.80 -55.07
CA MET EA 377 -78.21 19.36 -55.42
C MET EA 377 -79.01 18.33 -56.23
N LEU EA 378 -80.16 17.97 -55.71
CA LEU EA 378 -81.09 17.08 -56.36
C LEU EA 378 -82.30 17.91 -56.72
N SER EA 379 -82.71 17.88 -57.99
CA SER EA 379 -83.51 18.95 -58.57
C SER EA 379 -84.56 18.47 -59.55
N ASN EA 380 -85.82 18.62 -59.21
CA ASN EA 380 -86.93 18.32 -60.11
C ASN EA 380 -87.16 19.51 -61.06
N THR EA 381 -86.98 19.28 -62.35
CA THR EA 381 -87.06 20.32 -63.40
C THR EA 381 -87.67 19.78 -64.67
N THR EA 382 -88.41 20.60 -65.42
CA THR EA 382 -89.07 20.19 -66.68
C THR EA 382 -88.07 19.85 -67.77
N ALA EA 383 -86.83 20.33 -67.68
CA ALA EA 383 -85.79 20.13 -68.67
C ALA EA 383 -85.46 18.66 -68.98
N ILE EA 384 -85.61 17.76 -68.00
CA ILE EA 384 -85.22 16.35 -68.16
C ILE EA 384 -86.02 15.65 -69.26
N ALA EA 385 -87.20 16.15 -69.61
CA ALA EA 385 -88.00 15.63 -70.72
C ALA EA 385 -87.27 15.64 -72.07
N GLU EA 386 -86.21 16.44 -72.24
CA GLU EA 386 -85.41 16.41 -73.46
C GLU EA 386 -84.54 15.15 -73.53
N ALA EA 387 -84.01 14.63 -72.42
CA ALA EA 387 -83.31 13.36 -72.39
C ALA EA 387 -84.21 12.17 -72.76
N TRP EA 388 -85.52 12.29 -72.53
CA TRP EA 388 -86.53 11.34 -72.97
C TRP EA 388 -86.90 11.54 -74.44
N ALA EA 389 -87.00 12.80 -74.90
CA ALA EA 389 -87.26 13.14 -76.29
C ALA EA 389 -86.12 12.72 -77.23
N ARG EA 390 -84.87 12.70 -76.75
CA ARG EA 390 -83.73 12.13 -77.50
C ARG EA 390 -83.93 10.65 -77.74
N LEU EA 391 -84.19 9.90 -76.67
CA LEU EA 391 -84.16 8.46 -76.73
C LEU EA 391 -85.39 7.85 -77.38
N ASP EA 392 -86.57 8.43 -77.23
CA ASP EA 392 -87.75 7.94 -77.96
C ASP EA 392 -87.71 8.26 -79.48
N HIS EA 393 -86.90 9.23 -79.91
CA HIS EA 393 -86.54 9.41 -81.33
C HIS EA 393 -85.52 8.38 -81.83
N LYS EA 394 -84.64 7.83 -80.98
CA LYS EA 394 -83.82 6.65 -81.34
C LYS EA 394 -84.66 5.38 -81.46
N PHE EA 395 -85.61 5.19 -80.54
CA PHE EA 395 -86.55 4.08 -80.56
C PHE EA 395 -87.42 4.08 -81.82
N ASP EA 396 -87.94 5.25 -82.22
CA ASP EA 396 -88.85 5.37 -83.34
C ASP EA 396 -88.25 4.92 -84.68
N LEU EA 397 -86.98 5.22 -84.95
CA LEU EA 397 -86.28 4.79 -86.16
C LEU EA 397 -86.13 3.28 -86.27
N MET EA 398 -85.90 2.60 -85.15
CA MET EA 398 -85.72 1.16 -85.10
C MET EA 398 -87.05 0.41 -85.07
N TYR EA 399 -88.05 0.87 -84.31
CA TYR EA 399 -89.33 0.19 -84.27
C TYR EA 399 -90.13 0.36 -85.56
N SER EA 400 -89.95 1.45 -86.33
CA SER EA 400 -90.51 1.59 -87.67
C SER EA 400 -90.06 0.49 -88.65
N LYS EA 401 -88.89 -0.11 -88.43
CA LYS EA 401 -88.37 -1.25 -89.19
C LYS EA 401 -88.58 -2.61 -88.49
N ARG EA 402 -89.02 -2.62 -87.23
CA ARG EA 402 -88.94 -3.77 -86.30
C ARG EA 402 -87.50 -4.29 -86.15
N ALA EA 403 -86.53 -3.37 -86.16
CA ALA EA 403 -85.14 -3.62 -86.49
C ALA EA 403 -84.41 -4.71 -85.71
N PHE EA 404 -84.73 -4.99 -84.45
CA PHE EA 404 -84.14 -6.09 -83.67
C PHE EA 404 -85.18 -6.95 -82.92
N VAL EA 405 -86.46 -6.78 -83.27
CA VAL EA 405 -87.59 -7.23 -82.45
C VAL EA 405 -87.69 -8.75 -82.31
N HIS EA 406 -87.17 -9.52 -83.25
CA HIS EA 406 -87.19 -10.98 -83.21
C HIS EA 406 -86.41 -11.59 -82.04
N TRP EA 407 -85.39 -10.91 -81.50
CA TRP EA 407 -84.65 -11.36 -80.32
C TRP EA 407 -85.49 -11.26 -79.03
N TYR EA 408 -86.41 -10.31 -78.96
CA TYR EA 408 -87.29 -10.06 -77.82
C TYR EA 408 -88.54 -10.93 -77.89
N VAL EA 409 -89.17 -11.00 -79.06
CA VAL EA 409 -90.29 -11.91 -79.34
C VAL EA 409 -89.86 -13.37 -79.25
N GLY EA 410 -88.63 -13.69 -79.62
CA GLY EA 410 -88.06 -15.04 -79.52
C GLY EA 410 -87.82 -15.53 -78.10
N GLU EA 411 -87.78 -14.65 -77.10
CA GLU EA 411 -87.51 -14.96 -75.68
C GLU EA 411 -88.71 -14.72 -74.77
N GLY EA 412 -89.91 -14.75 -75.33
CA GLY EA 412 -91.18 -14.78 -74.60
C GLY EA 412 -91.88 -13.44 -74.42
N MET EA 413 -91.40 -12.35 -75.01
CA MET EA 413 -92.10 -11.06 -74.91
C MET EA 413 -93.22 -10.92 -75.94
N GLU EA 414 -94.35 -10.30 -75.57
CA GLU EA 414 -95.41 -9.87 -76.49
C GLU EA 414 -94.89 -8.74 -77.39
N GLU EA 415 -95.10 -8.79 -78.71
CA GLU EA 415 -94.65 -7.71 -79.61
C GLU EA 415 -95.30 -6.36 -79.28
N GLY EA 416 -96.55 -6.37 -78.83
CA GLY EA 416 -97.30 -5.19 -78.42
C GLY EA 416 -96.72 -4.42 -77.22
N GLU EA 417 -95.85 -5.03 -76.40
CA GLU EA 417 -95.20 -4.35 -75.29
C GLU EA 417 -94.30 -3.19 -75.74
N PHE EA 418 -93.74 -3.25 -76.95
CA PHE EA 418 -92.95 -2.14 -77.51
C PHE EA 418 -93.81 -0.91 -77.77
N SER EA 419 -95.01 -1.10 -78.34
CA SER EA 419 -95.98 -0.02 -78.54
C SER EA 419 -96.52 0.51 -77.21
N GLU EA 420 -96.91 -0.39 -76.31
CA GLU EA 420 -97.35 -0.09 -74.94
C GLU EA 420 -96.29 0.60 -74.07
N ALA EA 421 -94.99 0.41 -74.32
CA ALA EA 421 -93.90 1.13 -73.66
C ALA EA 421 -93.59 2.50 -74.29
N ARG EA 422 -93.62 2.63 -75.61
CA ARG EA 422 -93.47 3.93 -76.29
C ARG EA 422 -94.63 4.87 -76.00
N GLU EA 423 -95.82 4.30 -75.83
CA GLU EA 423 -97.06 4.96 -75.43
C GLU EA 423 -96.97 5.53 -74.01
N ASP EA 424 -96.54 4.71 -73.05
CA ASP EA 424 -96.39 5.09 -71.66
C ASP EA 424 -95.26 6.12 -71.46
N MET EA 425 -94.18 6.04 -72.23
CA MET EA 425 -93.16 7.08 -72.24
C MET EA 425 -93.72 8.41 -72.77
N ALA EA 426 -94.51 8.42 -73.84
CA ALA EA 426 -95.14 9.63 -74.35
C ALA EA 426 -96.11 10.29 -73.34
N ALA EA 427 -96.78 9.51 -72.51
CA ALA EA 427 -97.58 10.01 -71.40
C ALA EA 427 -96.75 10.60 -70.23
N LEU EA 428 -95.53 10.12 -69.96
CA LEU EA 428 -94.60 10.76 -69.02
C LEU EA 428 -93.99 12.05 -69.60
N GLU EA 429 -93.59 12.02 -70.86
CA GLU EA 429 -93.05 13.20 -71.54
C GLU EA 429 -94.11 14.30 -71.70
N LYS EA 430 -95.40 13.93 -71.80
CA LYS EA 430 -96.57 14.81 -71.70
C LYS EA 430 -96.69 15.42 -70.31
N ASP EA 431 -96.67 14.61 -69.25
CA ASP EA 431 -96.80 15.08 -67.86
C ASP EA 431 -95.76 16.13 -67.47
N TYR EA 432 -94.48 15.96 -67.83
CA TYR EA 432 -93.42 16.95 -67.54
C TYR EA 432 -93.53 18.26 -68.35
N GLU EA 433 -94.14 18.23 -69.52
CA GLU EA 433 -94.46 19.43 -70.30
C GLU EA 433 -95.71 20.14 -69.75
N GLU EA 434 -96.71 19.38 -69.32
CA GLU EA 434 -97.99 19.86 -68.78
C GLU EA 434 -97.84 20.68 -67.48
N VAL EA 435 -96.95 20.31 -66.56
CA VAL EA 435 -96.80 20.99 -65.25
C VAL EA 435 -95.92 22.24 -65.26
N GLY EA 436 -95.25 22.55 -66.37
CA GLY EA 436 -94.39 23.73 -66.46
C GLY EA 436 -95.14 25.06 -66.61
N THR EA 437 -96.46 25.01 -66.82
CA THR EA 437 -97.23 26.14 -67.37
C THR EA 437 -97.75 27.06 -66.26
N MET FA 1 -83.30 -39.55 -11.98
CA MET FA 1 -84.15 -38.39 -12.29
C MET FA 1 -83.71 -37.83 -13.63
N ARG FA 2 -84.68 -37.59 -14.54
CA ARG FA 2 -84.51 -36.95 -15.86
C ARG FA 2 -83.72 -37.76 -16.89
N GLU FA 3 -83.76 -39.08 -16.82
CA GLU FA 3 -83.12 -39.95 -17.82
C GLU FA 3 -83.80 -39.92 -19.19
N CYS FA 4 -83.08 -40.22 -20.27
CA CYS FA 4 -83.65 -40.55 -21.60
C CYS FA 4 -82.97 -41.79 -22.18
N ILE FA 5 -83.74 -42.77 -22.65
CA ILE FA 5 -83.22 -43.92 -23.39
C ILE FA 5 -83.23 -43.60 -24.88
N SER FA 6 -82.05 -43.55 -25.51
CA SER FA 6 -81.91 -43.24 -26.93
C SER FA 6 -81.77 -44.50 -27.77
N VAL FA 7 -82.71 -44.79 -28.67
CA VAL FA 7 -82.68 -46.01 -29.49
C VAL FA 7 -82.38 -45.64 -30.94
N HIS FA 8 -81.26 -46.14 -31.45
CA HIS FA 8 -80.70 -45.85 -32.77
C HIS FA 8 -80.86 -47.04 -33.70
N VAL FA 9 -81.74 -46.95 -34.69
CA VAL FA 9 -82.20 -48.09 -35.51
C VAL FA 9 -81.79 -47.97 -36.97
N GLY FA 10 -81.31 -49.07 -37.56
CA GLY FA 10 -80.85 -49.14 -38.94
C GLY FA 10 -79.58 -48.33 -39.19
N GLN FA 11 -79.13 -48.13 -40.43
CA GLN FA 11 -77.91 -47.39 -40.73
C GLN FA 11 -78.02 -45.91 -40.42
N ALA FA 12 -79.08 -45.22 -40.87
CA ALA FA 12 -79.31 -43.82 -40.58
C ALA FA 12 -79.38 -43.51 -39.08
N GLY FA 13 -80.15 -44.27 -38.31
CA GLY FA 13 -80.27 -44.04 -36.87
C GLY FA 13 -78.98 -44.27 -36.13
N VAL FA 14 -78.23 -45.32 -36.47
CA VAL FA 14 -76.92 -45.64 -35.89
C VAL FA 14 -75.89 -44.59 -36.26
N GLN FA 15 -75.88 -44.09 -37.49
CA GLN FA 15 -74.90 -43.07 -37.92
C GLN FA 15 -75.22 -41.68 -37.38
N ILE FA 16 -76.50 -41.32 -37.23
CA ILE FA 16 -76.91 -40.15 -36.44
C ILE FA 16 -76.51 -40.35 -34.98
N GLY FA 17 -76.69 -41.54 -34.42
CA GLY FA 17 -76.23 -41.91 -33.08
C GLY FA 17 -74.74 -41.74 -32.89
N ASN FA 18 -73.93 -42.16 -33.85
CA ASN FA 18 -72.49 -41.97 -33.82
C ASN FA 18 -72.06 -40.49 -33.88
N SER FA 19 -72.95 -39.57 -34.29
CA SER FA 19 -72.80 -38.12 -34.15
C SER FA 19 -73.40 -37.57 -32.85
N CYS FA 20 -74.55 -38.08 -32.40
CA CYS FA 20 -75.16 -37.72 -31.12
C CYS FA 20 -74.22 -38.00 -29.97
N TRP FA 21 -73.70 -39.22 -29.88
CA TRP FA 21 -72.78 -39.63 -28.82
C TRP FA 21 -71.38 -39.03 -28.95
N GLU FA 22 -70.97 -38.63 -30.17
CA GLU FA 22 -69.77 -37.80 -30.35
C GLU FA 22 -69.97 -36.43 -29.69
N LEU FA 23 -71.13 -35.81 -29.88
CA LEU FA 23 -71.47 -34.52 -29.28
C LEU FA 23 -71.65 -34.64 -27.77
N TYR FA 24 -72.52 -35.52 -27.26
CA TYR FA 24 -72.82 -35.61 -25.83
C TYR FA 24 -71.56 -35.86 -25.00
N CYS FA 25 -70.62 -36.66 -25.50
CA CYS FA 25 -69.34 -36.87 -24.84
C CYS FA 25 -68.53 -35.59 -24.72
N LEU FA 26 -68.45 -34.76 -25.78
CA LEU FA 26 -67.76 -33.47 -25.70
C LEU FA 26 -68.46 -32.50 -24.75
N GLU FA 27 -69.78 -32.45 -24.83
CA GLU FA 27 -70.59 -31.48 -24.10
C GLU FA 27 -70.57 -31.71 -22.58
N HIS FA 28 -70.48 -32.96 -22.14
CA HIS FA 28 -70.34 -33.40 -20.75
C HIS FA 28 -68.90 -33.67 -20.31
N GLY FA 29 -67.92 -33.55 -21.22
CA GLY FA 29 -66.52 -33.77 -20.93
C GLY FA 29 -66.16 -35.22 -20.61
N LEU FA 30 -66.80 -36.17 -21.26
CA LEU FA 30 -66.55 -37.61 -21.17
C LEU FA 30 -65.60 -37.99 -22.31
N GLN FA 31 -64.50 -38.67 -21.99
CA GLN FA 31 -63.55 -39.23 -22.94
C GLN FA 31 -64.22 -40.31 -23.81
N PRO FA 32 -63.70 -40.63 -25.01
CA PRO FA 32 -64.28 -41.69 -25.83
C PRO FA 32 -64.14 -43.10 -25.22
N ASP FA 33 -63.36 -43.30 -24.15
CA ASP FA 33 -63.33 -44.53 -23.34
C ASP FA 33 -64.34 -44.52 -22.17
N GLY FA 34 -65.21 -43.52 -22.11
CA GLY FA 34 -66.24 -43.34 -21.08
C GLY FA 34 -65.76 -42.74 -19.77
N THR FA 35 -64.47 -42.47 -19.57
CA THR FA 35 -63.99 -41.85 -18.33
C THR FA 35 -64.15 -40.32 -18.31
N MET FA 36 -64.09 -39.66 -17.16
CA MET FA 36 -64.32 -38.22 -17.02
C MET FA 36 -63.29 -37.56 -16.10
N PRO FA 37 -62.29 -36.83 -16.62
CA PRO FA 37 -61.28 -36.14 -15.82
C PRO FA 37 -61.84 -34.89 -15.13
N SER FA 38 -61.09 -34.31 -14.19
CA SER FA 38 -61.43 -33.06 -13.48
C SER FA 38 -60.18 -32.24 -13.13
N ASP FA 46 -71.68 -33.03 -10.51
CA ASP FA 46 -72.68 -32.06 -10.83
C ASP FA 46 -73.96 -32.68 -11.43
N SER FA 47 -73.92 -33.96 -11.79
CA SER FA 47 -75.01 -34.78 -12.36
C SER FA 47 -75.64 -34.25 -13.66
N SER FA 48 -74.99 -33.35 -14.38
CA SER FA 48 -75.51 -32.88 -15.68
C SER FA 48 -75.55 -33.97 -16.75
N PHE FA 49 -74.58 -34.88 -16.75
CA PHE FA 49 -74.51 -36.05 -17.62
C PHE FA 49 -75.62 -37.08 -17.37
N GLY FA 50 -76.34 -37.05 -16.24
CA GLY FA 50 -77.18 -38.16 -15.81
C GLY FA 50 -78.33 -38.48 -16.78
N THR FA 51 -78.77 -37.50 -17.58
CA THR FA 51 -79.85 -37.73 -18.55
C THR FA 51 -79.47 -38.77 -19.59
N PHE FA 52 -78.20 -38.75 -20.01
CA PHE FA 52 -77.66 -39.56 -21.09
C PHE FA 52 -76.68 -40.63 -20.63
N PHE FA 53 -76.09 -40.56 -19.44
CA PHE FA 53 -75.11 -41.55 -19.02
C PHE FA 53 -75.39 -42.10 -17.62
N SER FA 54 -75.40 -43.43 -17.51
CA SER FA 54 -75.29 -44.16 -16.26
C SER FA 54 -73.83 -44.11 -15.77
N GLU FA 55 -73.54 -43.92 -14.48
CA GLU FA 55 -72.18 -43.89 -13.94
C GLU FA 55 -71.90 -45.15 -13.12
N THR FA 56 -70.84 -45.91 -13.45
CA THR FA 56 -70.39 -47.07 -12.67
C THR FA 56 -69.26 -46.68 -11.69
N GLY FA 57 -69.07 -47.46 -10.63
CA GLY FA 57 -68.18 -47.15 -9.51
C GLY FA 57 -66.70 -46.95 -9.86
N SER FA 58 -66.25 -47.45 -11.00
CA SER FA 58 -64.92 -47.18 -11.55
C SER FA 58 -64.72 -45.73 -12.00
N GLY FA 59 -65.79 -44.92 -12.08
CA GLY FA 59 -65.79 -43.58 -12.66
C GLY FA 59 -65.92 -43.59 -14.17
N LYS FA 60 -66.59 -44.61 -14.71
CA LYS FA 60 -66.89 -44.80 -16.13
C LYS FA 60 -68.36 -44.46 -16.38
N HIS FA 61 -68.61 -43.57 -17.32
CA HIS FA 61 -69.94 -43.14 -17.73
C HIS FA 61 -70.33 -43.89 -19.00
N VAL FA 62 -71.38 -44.69 -18.90
CA VAL FA 62 -71.87 -45.60 -19.94
C VAL FA 62 -73.17 -45.02 -20.50
N PRO FA 63 -73.33 -44.85 -21.81
CA PRO FA 63 -74.48 -44.19 -22.38
C PRO FA 63 -75.79 -44.98 -22.22
N ARG FA 64 -76.89 -44.26 -21.99
CA ARG FA 64 -78.26 -44.78 -21.98
C ARG FA 64 -78.79 -44.90 -23.40
N ALA FA 65 -78.14 -45.74 -24.19
CA ALA FA 65 -78.42 -45.92 -25.61
C ALA FA 65 -78.52 -47.38 -25.99
N VAL FA 66 -79.36 -47.70 -26.95
CA VAL FA 66 -79.40 -49.00 -27.63
C VAL FA 66 -79.17 -48.77 -29.11
N PHE FA 67 -78.25 -49.50 -29.72
CA PHE FA 67 -78.00 -49.46 -31.16
C PHE FA 67 -78.49 -50.77 -31.76
N VAL FA 68 -79.38 -50.72 -32.75
CA VAL FA 68 -79.98 -51.92 -33.36
C VAL FA 68 -79.90 -51.85 -34.87
N ASP FA 69 -79.40 -52.90 -35.48
CA ASP FA 69 -79.38 -53.06 -36.93
C ASP FA 69 -79.58 -54.54 -37.24
N LEU FA 70 -80.28 -54.89 -38.31
CA LEU FA 70 -80.55 -56.28 -38.64
C LEU FA 70 -79.36 -56.96 -39.33
N GLU FA 71 -78.42 -56.18 -39.86
CA GLU FA 71 -77.14 -56.59 -40.42
C GLU FA 71 -75.94 -56.08 -39.59
N GLN FA 72 -74.75 -56.71 -39.68
CA GLN FA 72 -73.65 -56.44 -38.77
C GLN FA 72 -72.83 -55.19 -39.12
N THR FA 73 -72.84 -54.70 -40.36
CA THR FA 73 -71.72 -53.90 -40.91
C THR FA 73 -71.47 -52.57 -40.19
N VAL FA 74 -72.53 -51.82 -39.93
CA VAL FA 74 -72.46 -50.47 -39.35
C VAL FA 74 -72.19 -50.51 -37.85
N ILE FA 75 -72.81 -51.44 -37.11
CA ILE FA 75 -72.53 -51.60 -35.68
C ILE FA 75 -71.17 -52.27 -35.43
N GLY FA 76 -70.69 -53.20 -36.29
CA GLY FA 76 -69.32 -53.70 -36.19
C GLY FA 76 -68.27 -52.60 -36.37
N GLU FA 77 -68.61 -51.51 -37.05
CA GLU FA 77 -67.77 -50.34 -37.17
C GLU FA 77 -67.78 -49.50 -35.89
N ILE FA 78 -68.93 -49.36 -35.22
CA ILE FA 78 -69.07 -48.77 -33.88
C ILE FA 78 -68.29 -49.58 -32.85
N ARG FA 79 -68.36 -50.92 -32.90
CA ARG FA 79 -67.58 -51.86 -32.08
C ARG FA 79 -66.07 -51.87 -32.35
N ASN FA 80 -65.56 -51.09 -33.30
CA ASN FA 80 -64.14 -51.10 -33.72
C ASN FA 80 -63.50 -49.71 -33.73
N GLY FA 81 -64.28 -48.66 -33.97
CA GLY FA 81 -63.83 -47.28 -33.98
C GLY FA 81 -63.57 -46.67 -32.59
N PRO FA 82 -63.39 -45.36 -32.51
CA PRO FA 82 -63.00 -44.67 -31.26
C PRO FA 82 -63.96 -44.85 -30.09
N TYR FA 83 -65.23 -45.16 -30.35
CA TYR FA 83 -66.24 -45.38 -29.31
C TYR FA 83 -66.43 -46.85 -28.90
N ARG FA 84 -65.55 -47.77 -29.30
CA ARG FA 84 -65.64 -49.20 -28.91
C ARG FA 84 -65.68 -49.43 -27.39
N SER FA 85 -65.04 -48.56 -26.61
CA SER FA 85 -64.98 -48.60 -25.14
C SER FA 85 -66.08 -47.77 -24.45
N LEU FA 86 -66.89 -47.00 -25.19
CA LEU FA 86 -67.95 -46.20 -24.58
C LEU FA 86 -69.16 -47.06 -24.21
N PHE FA 87 -69.67 -47.81 -25.16
CA PHE FA 87 -70.91 -48.56 -25.06
C PHE FA 87 -70.74 -49.88 -24.33
N HIS FA 88 -71.78 -50.32 -23.62
CA HIS FA 88 -71.89 -51.67 -23.11
C HIS FA 88 -71.99 -52.65 -24.29
N PRO FA 89 -71.19 -53.73 -24.35
CA PRO FA 89 -71.08 -54.55 -25.54
C PRO FA 89 -72.38 -55.27 -25.96
N GLU FA 90 -73.30 -55.56 -25.03
CA GLU FA 90 -74.59 -56.19 -25.36
C GLU FA 90 -75.74 -55.22 -25.66
N GLN FA 91 -75.51 -53.89 -25.64
CA GLN FA 91 -76.50 -52.91 -26.12
C GLN FA 91 -76.18 -52.36 -27.53
N LEU FA 92 -75.09 -52.84 -28.13
CA LEU FA 92 -74.84 -52.82 -29.56
C LEU FA 92 -75.36 -54.13 -30.16
N ILE FA 93 -76.54 -54.16 -30.74
CA ILE FA 93 -77.29 -55.39 -31.08
C ILE FA 93 -77.34 -55.59 -32.58
N THR FA 94 -76.97 -56.77 -33.07
CA THR FA 94 -76.93 -57.10 -34.50
C THR FA 94 -77.55 -58.45 -34.80
N GLY FA 95 -78.21 -58.56 -35.95
CA GLY FA 95 -78.57 -59.82 -36.60
C GLY FA 95 -77.55 -60.28 -37.65
N LYS FA 96 -77.89 -61.38 -38.33
CA LYS FA 96 -77.14 -61.94 -39.47
C LYS FA 96 -77.57 -61.34 -40.82
N GLU FA 97 -78.85 -61.00 -40.99
CA GLU FA 97 -79.51 -60.78 -42.28
C GLU FA 97 -80.03 -59.35 -42.44
N ASP FA 98 -79.61 -58.68 -43.48
CA ASP FA 98 -80.09 -57.37 -43.91
C ASP FA 98 -81.62 -57.39 -44.17
N ALA FA 99 -82.32 -56.28 -43.89
CA ALA FA 99 -83.74 -56.10 -44.17
C ALA FA 99 -84.09 -55.71 -45.63
N ALA FA 100 -83.08 -55.47 -46.47
CA ALA FA 100 -83.17 -55.34 -47.91
C ALA FA 100 -84.06 -54.18 -48.42
N ASN FA 101 -84.21 -53.11 -47.67
CA ASN FA 101 -85.15 -52.02 -47.94
C ASN FA 101 -86.58 -52.52 -48.09
N ASN FA 102 -86.92 -53.61 -47.40
CA ASN FA 102 -88.23 -54.22 -47.42
C ASN FA 102 -88.83 -54.10 -46.02
N TYR FA 103 -89.89 -53.30 -45.84
CA TYR FA 103 -90.59 -53.15 -44.56
C TYR FA 103 -90.95 -54.49 -43.92
N ALA FA 104 -91.39 -55.45 -44.72
CA ALA FA 104 -91.89 -56.71 -44.22
C ALA FA 104 -90.80 -57.62 -43.66
N ARG FA 105 -89.55 -57.52 -44.15
CA ARG FA 105 -88.41 -58.19 -43.50
C ARG FA 105 -88.12 -57.57 -42.15
N GLY FA 106 -88.16 -56.24 -42.05
CA GLY FA 106 -87.93 -55.56 -40.78
C GLY FA 106 -88.97 -55.90 -39.73
N HIS FA 107 -90.25 -55.85 -40.12
CA HIS FA 107 -91.38 -56.03 -39.22
C HIS FA 107 -91.80 -57.48 -38.95
N TYR FA 108 -91.90 -58.34 -39.97
CA TYR FA 108 -92.56 -59.65 -39.86
C TYR FA 108 -91.60 -60.84 -39.80
N THR FA 109 -90.44 -60.78 -40.47
CA THR FA 109 -89.64 -61.97 -40.79
C THR FA 109 -88.27 -61.99 -40.11
N ILE FA 110 -87.46 -60.94 -40.22
CA ILE FA 110 -86.09 -60.88 -39.69
C ILE FA 110 -86.05 -60.19 -38.33
N GLY FA 111 -86.69 -59.03 -38.18
CA GLY FA 111 -86.73 -58.29 -36.92
C GLY FA 111 -87.53 -59.00 -35.82
N LYS FA 112 -88.49 -59.84 -36.21
CA LYS FA 112 -89.21 -60.81 -35.37
C LYS FA 112 -88.30 -61.67 -34.48
N GLU FA 113 -87.06 -61.90 -34.90
CA GLU FA 113 -86.08 -62.67 -34.12
C GLU FA 113 -85.28 -61.84 -33.11
N LEU FA 114 -84.86 -60.62 -33.46
CA LEU FA 114 -84.03 -59.77 -32.59
C LEU FA 114 -84.84 -58.97 -31.57
N ILE FA 115 -86.15 -58.78 -31.77
CA ILE FA 115 -86.97 -57.87 -30.96
C ILE FA 115 -86.96 -58.17 -29.45
N ASP FA 116 -87.09 -59.42 -29.05
CA ASP FA 116 -87.15 -59.80 -27.63
C ASP FA 116 -85.79 -59.67 -26.92
N SER FA 117 -84.69 -59.55 -27.66
CA SER FA 117 -83.37 -59.16 -27.18
C SER FA 117 -83.23 -57.63 -27.11
N VAL FA 118 -83.78 -56.89 -28.06
CA VAL FA 118 -83.80 -55.43 -28.03
C VAL FA 118 -84.59 -54.91 -26.84
N LEU FA 119 -85.75 -55.49 -26.56
CA LEU FA 119 -86.56 -55.16 -25.39
C LEU FA 119 -85.86 -55.44 -24.07
N ASP FA 120 -85.08 -56.52 -23.99
CA ASP FA 120 -84.38 -56.93 -22.78
C ASP FA 120 -83.31 -55.92 -22.35
N ARG FA 121 -82.60 -55.35 -23.32
CA ARG FA 121 -81.71 -54.21 -23.09
C ARG FA 121 -82.45 -52.95 -22.68
N VAL FA 122 -83.57 -52.62 -23.32
CA VAL FA 122 -84.34 -51.43 -22.95
C VAL FA 122 -84.90 -51.58 -21.53
N ARG FA 123 -85.37 -52.76 -21.13
CA ARG FA 123 -85.75 -53.08 -19.75
C ARG FA 123 -84.58 -52.89 -18.77
N LYS FA 124 -83.40 -53.44 -19.04
CA LYS FA 124 -82.20 -53.26 -18.22
C LYS FA 124 -81.69 -51.82 -18.16
N MET FA 125 -82.04 -50.95 -19.12
CA MET FA 125 -81.76 -49.51 -19.04
C MET FA 125 -82.82 -48.76 -18.23
N ALA FA 126 -84.10 -49.04 -18.44
CA ALA FA 126 -85.20 -48.41 -17.73
C ALA FA 126 -85.16 -48.72 -16.24
N ASP FA 127 -84.80 -49.94 -15.84
CA ASP FA 127 -84.60 -50.33 -14.44
C ASP FA 127 -83.42 -49.62 -13.74
N GLN FA 128 -82.51 -48.99 -14.49
CA GLN FA 128 -81.45 -48.11 -13.97
C GLN FA 128 -81.86 -46.63 -13.92
N CYS FA 129 -83.00 -46.25 -14.50
CA CYS FA 129 -83.57 -44.90 -14.41
C CYS FA 129 -84.40 -44.74 -13.14
N SER FA 130 -84.62 -43.50 -12.73
CA SER FA 130 -85.49 -43.10 -11.61
C SER FA 130 -86.28 -41.88 -12.05
N GLY FA 131 -87.50 -42.06 -12.53
CA GLY FA 131 -88.19 -41.01 -13.27
C GLY FA 131 -87.57 -40.80 -14.66
N LEU FA 132 -87.61 -41.84 -15.48
CA LEU FA 132 -87.30 -41.82 -16.91
C LEU FA 132 -88.20 -40.80 -17.61
N GLN FA 133 -87.62 -39.87 -18.36
CA GLN FA 133 -88.34 -38.76 -18.98
C GLN FA 133 -89.05 -39.17 -20.26
N GLY FA 134 -88.43 -40.05 -21.03
CA GLY FA 134 -88.94 -40.55 -22.31
C GLY FA 134 -87.93 -41.36 -23.10
N PHE FA 135 -88.26 -41.63 -24.35
CA PHE FA 135 -87.43 -42.30 -25.35
C PHE FA 135 -87.06 -41.35 -26.48
N LEU FA 136 -85.85 -41.41 -26.99
CA LEU FA 136 -85.42 -40.69 -28.20
C LEU FA 136 -85.12 -41.71 -29.29
N VAL FA 137 -86.01 -41.90 -30.26
CA VAL FA 137 -85.89 -42.96 -31.27
C VAL FA 137 -85.45 -42.42 -32.63
N PHE FA 138 -84.27 -42.84 -33.11
CA PHE FA 138 -83.63 -42.34 -34.34
C PHE FA 138 -83.67 -43.37 -35.46
N HIS FA 139 -84.17 -42.99 -36.64
CA HIS FA 139 -84.36 -43.93 -37.75
C HIS FA 139 -84.55 -43.25 -39.12
N SER FA 140 -84.47 -44.06 -40.17
CA SER FA 140 -84.83 -43.71 -41.54
C SER FA 140 -86.25 -44.17 -41.84
N PHE FA 141 -87.07 -43.33 -42.46
CA PHE FA 141 -88.38 -43.71 -42.98
C PHE FA 141 -88.29 -44.61 -44.22
N GLY FA 142 -87.20 -44.52 -44.97
CA GLY FA 142 -87.02 -45.24 -46.24
C GLY FA 142 -86.42 -46.63 -46.13
N GLY FA 143 -85.72 -46.91 -45.04
CA GLY FA 143 -85.10 -48.19 -44.75
C GLY FA 143 -86.06 -49.34 -44.47
N GLY FA 144 -85.62 -50.58 -44.66
CA GLY FA 144 -86.33 -51.77 -44.22
C GLY FA 144 -86.24 -51.95 -42.71
N THR FA 145 -85.06 -51.82 -42.11
CA THR FA 145 -84.89 -51.79 -40.65
C THR FA 145 -85.45 -50.51 -40.07
N GLY FA 146 -85.15 -49.36 -40.65
CA GLY FA 146 -85.70 -48.06 -40.30
C GLY FA 146 -87.22 -48.01 -40.14
N SER FA 147 -87.99 -48.48 -41.12
CA SER FA 147 -89.45 -48.52 -41.06
C SER FA 147 -90.02 -49.75 -40.32
N GLY FA 148 -89.63 -50.94 -40.73
CA GLY FA 148 -90.19 -52.19 -40.25
C GLY FA 148 -89.74 -52.57 -38.85
N PHE FA 149 -88.47 -52.37 -38.50
CA PHE FA 149 -88.04 -52.70 -37.15
C PHE FA 149 -88.45 -51.63 -36.14
N THR FA 150 -88.39 -50.34 -36.48
CA THR FA 150 -88.89 -49.29 -35.59
C THR FA 150 -90.37 -49.47 -35.32
N SER FA 151 -91.17 -49.84 -36.31
CA SER FA 151 -92.60 -50.06 -36.13
C SER FA 151 -92.92 -51.33 -35.34
N LEU FA 152 -92.07 -52.35 -35.39
CA LEU FA 152 -92.14 -53.52 -34.50
C LEU FA 152 -91.78 -53.13 -33.06
N LEU FA 153 -90.69 -52.42 -32.86
CA LEU FA 153 -90.26 -51.97 -31.55
C LEU FA 153 -91.24 -51.00 -30.89
N MET FA 154 -91.70 -49.96 -31.58
CA MET FA 154 -92.63 -48.98 -31.01
C MET FA 154 -93.95 -49.61 -30.55
N GLU FA 155 -94.47 -50.61 -31.25
CA GLU FA 155 -95.69 -51.31 -30.86
C GLU FA 155 -95.52 -51.99 -29.51
N ARG FA 156 -94.34 -52.55 -29.23
CA ARG FA 156 -93.97 -53.15 -27.94
C ARG FA 156 -93.76 -52.11 -26.85
N LEU FA 157 -92.97 -51.06 -27.11
CA LEU FA 157 -92.74 -50.00 -26.13
C LEU FA 157 -94.03 -49.27 -25.77
N SER FA 158 -95.04 -49.20 -26.65
CA SER FA 158 -96.31 -48.51 -26.39
C SER FA 158 -97.31 -49.33 -25.57
N VAL FA 159 -97.07 -50.63 -25.37
CA VAL FA 159 -97.77 -51.45 -24.36
C VAL FA 159 -96.91 -51.62 -23.10
N ASP FA 160 -95.60 -51.74 -23.22
CA ASP FA 160 -94.70 -51.90 -22.07
C ASP FA 160 -94.48 -50.62 -21.24
N TYR FA 161 -94.43 -49.44 -21.87
CA TYR FA 161 -94.14 -48.14 -21.26
C TYR FA 161 -95.19 -47.10 -21.68
N GLY FA 162 -96.47 -47.41 -21.55
CA GLY FA 162 -97.54 -46.62 -22.16
C GLY FA 162 -97.58 -45.12 -21.78
N LYS FA 163 -97.22 -44.76 -20.55
CA LYS FA 163 -97.20 -43.36 -20.08
C LYS FA 163 -96.04 -42.53 -20.64
N LYS FA 164 -94.88 -43.14 -20.88
CA LYS FA 164 -93.61 -42.46 -21.20
C LYS FA 164 -93.61 -41.82 -22.58
N SER FA 165 -93.15 -40.57 -22.70
CA SER FA 165 -93.12 -39.83 -23.96
C SER FA 165 -92.13 -40.41 -24.97
N LYS FA 166 -92.58 -40.72 -26.18
CA LYS FA 166 -91.77 -41.28 -27.26
C LYS FA 166 -91.53 -40.21 -28.32
N LEU FA 167 -90.35 -39.61 -28.29
CA LEU FA 167 -89.88 -38.61 -29.24
C LEU FA 167 -89.14 -39.33 -30.35
N GLU FA 168 -89.36 -38.92 -31.59
CA GLU FA 168 -88.90 -39.73 -32.71
C GLU FA 168 -88.31 -38.85 -33.82
N PHE FA 169 -87.06 -39.13 -34.20
CA PHE FA 169 -86.31 -38.35 -35.17
C PHE FA 169 -86.14 -39.16 -36.45
N SER FA 170 -86.77 -38.69 -37.51
CA SER FA 170 -86.93 -39.46 -38.74
C SER FA 170 -86.28 -38.78 -39.91
N VAL FA 171 -85.37 -39.47 -40.59
CA VAL FA 171 -84.92 -39.07 -41.92
C VAL FA 171 -85.93 -39.53 -42.96
N TYR FA 172 -86.61 -38.58 -43.59
CA TYR FA 172 -87.81 -38.72 -44.41
C TYR FA 172 -87.47 -38.50 -45.89
N PRO FA 173 -88.11 -39.21 -46.84
CA PRO FA 173 -87.85 -39.00 -48.27
C PRO FA 173 -88.04 -37.57 -48.82
N ALA FA 174 -87.17 -37.17 -49.73
CA ALA FA 174 -87.10 -35.82 -50.29
C ALA FA 174 -88.00 -35.62 -51.53
N PRO FA 175 -88.18 -34.37 -52.01
CA PRO FA 175 -88.82 -34.13 -53.30
C PRO FA 175 -88.12 -34.82 -54.47
N ARG FA 176 -86.79 -34.71 -54.61
CA ARG FA 176 -86.03 -35.23 -55.76
C ARG FA 176 -84.95 -36.25 -55.37
N ILE FA 177 -84.15 -35.96 -54.33
CA ILE FA 177 -83.11 -36.86 -53.80
C ILE FA 177 -83.73 -38.12 -53.21
N SER FA 178 -83.26 -39.28 -53.67
CA SER FA 178 -83.67 -40.57 -53.18
C SER FA 178 -82.56 -41.59 -53.38
N THR FA 179 -82.49 -42.62 -52.54
CA THR FA 179 -81.43 -43.64 -52.59
C THR FA 179 -81.97 -45.02 -52.97
N ALA FA 180 -83.28 -45.17 -53.06
CA ALA FA 180 -84.00 -46.43 -53.23
C ALA FA 180 -85.22 -46.21 -54.12
N VAL FA 181 -85.65 -47.27 -54.77
CA VAL FA 181 -86.84 -47.27 -55.59
C VAL FA 181 -88.09 -47.41 -54.72
N VAL FA 182 -87.98 -48.17 -53.63
CA VAL FA 182 -89.10 -48.55 -52.73
C VAL FA 182 -89.24 -47.66 -51.47
N GLU FA 183 -88.48 -46.56 -51.39
CA GLU FA 183 -88.56 -45.53 -50.33
C GLU FA 183 -90.00 -45.01 -50.06
N PRO FA 184 -90.88 -44.77 -51.08
CA PRO FA 184 -92.29 -44.43 -50.86
C PRO FA 184 -93.14 -45.51 -50.18
N TYR FA 185 -92.90 -46.78 -50.47
CA TYR FA 185 -93.60 -47.89 -49.84
C TYR FA 185 -93.26 -48.01 -48.36
N ASN FA 186 -91.97 -47.95 -48.00
CA ASN FA 186 -91.55 -48.07 -46.62
C ASN FA 186 -92.03 -46.90 -45.75
N SER FA 187 -92.03 -45.69 -46.31
CA SER FA 187 -92.47 -44.49 -45.62
C SER FA 187 -93.97 -44.49 -45.33
N ILE FA 188 -94.80 -44.83 -46.30
CA ILE FA 188 -96.26 -44.89 -46.13
C ILE FA 188 -96.65 -45.99 -45.14
N LEU FA 189 -96.05 -47.17 -45.21
CA LEU FA 189 -96.25 -48.25 -44.22
C LEU FA 189 -95.83 -47.84 -42.79
N THR FA 190 -94.91 -46.90 -42.62
CA THR FA 190 -94.51 -46.34 -41.32
C THR FA 190 -95.55 -45.39 -40.71
N THR FA 191 -96.45 -44.78 -41.48
CA THR FA 191 -97.38 -43.74 -40.99
C THR FA 191 -98.32 -44.19 -39.86
N HIS FA 192 -98.59 -45.49 -39.71
CA HIS FA 192 -99.31 -46.03 -38.55
C HIS FA 192 -98.48 -45.93 -37.26
N THR FA 193 -97.17 -46.10 -37.37
CA THR FA 193 -96.24 -46.07 -36.24
C THR FA 193 -96.23 -44.70 -35.62
N THR FA 194 -95.97 -43.69 -36.43
CA THR FA 194 -95.93 -42.30 -35.98
C THR FA 194 -97.30 -41.84 -35.50
N LEU FA 195 -98.40 -42.14 -36.19
CA LEU FA 195 -99.73 -41.76 -35.70
C LEU FA 195 -100.11 -42.41 -34.36
N GLU FA 196 -99.95 -43.72 -34.18
CA GLU FA 196 -100.51 -44.44 -33.04
C GLU FA 196 -99.53 -44.63 -31.88
N HIS FA 197 -98.22 -44.78 -32.15
CA HIS FA 197 -97.20 -45.21 -31.19
C HIS FA 197 -96.04 -44.22 -31.03
N SER FA 198 -96.28 -42.94 -31.22
CA SER FA 198 -95.31 -41.86 -31.06
C SER FA 198 -96.00 -40.64 -30.46
N ASP FA 199 -95.28 -39.77 -29.78
CA ASP FA 199 -95.87 -38.59 -29.11
C ASP FA 199 -95.40 -37.27 -29.72
N CYS FA 200 -94.22 -37.22 -30.35
CA CYS FA 200 -93.76 -36.08 -31.12
C CYS FA 200 -92.71 -36.52 -32.14
N ALA FA 201 -93.01 -36.35 -33.42
CA ALA FA 201 -92.22 -36.93 -34.50
C ALA FA 201 -91.57 -35.86 -35.38
N PHE FA 202 -90.26 -35.72 -35.27
CA PHE FA 202 -89.44 -34.75 -35.98
C PHE FA 202 -88.97 -35.31 -37.32
N MET FA 203 -89.71 -35.00 -38.37
CA MET FA 203 -89.30 -35.28 -39.74
C MET FA 203 -88.13 -34.39 -40.14
N VAL FA 204 -87.14 -34.96 -40.79
CA VAL FA 204 -85.95 -34.29 -41.35
C VAL FA 204 -85.74 -34.81 -42.77
N ASP FA 205 -85.15 -34.01 -43.65
CA ASP FA 205 -84.95 -34.31 -45.06
C ASP FA 205 -83.48 -34.12 -45.48
N ASN FA 206 -82.90 -35.11 -46.18
CA ASN FA 206 -81.53 -35.04 -46.66
C ASN FA 206 -81.34 -33.87 -47.64
N GLU FA 207 -82.29 -33.59 -48.52
CA GLU FA 207 -82.14 -32.57 -49.55
C GLU FA 207 -82.18 -31.14 -49.02
N ALA FA 208 -82.95 -30.91 -47.96
CA ALA FA 208 -83.02 -29.63 -47.26
C ALA FA 208 -81.73 -29.34 -46.49
N ILE FA 209 -81.17 -30.32 -45.78
CA ILE FA 209 -79.88 -30.13 -45.14
C ILE FA 209 -78.78 -29.98 -46.18
N TYR FA 210 -78.80 -30.71 -47.29
CA TYR FA 210 -77.82 -30.48 -48.35
C TYR FA 210 -77.82 -29.03 -48.85
N ASP FA 211 -78.99 -28.39 -48.93
CA ASP FA 211 -79.10 -27.00 -49.37
C ASP FA 211 -78.67 -26.01 -48.29
N ILE FA 212 -79.02 -26.27 -47.03
CA ILE FA 212 -78.49 -25.54 -45.87
C ILE FA 212 -76.97 -25.59 -45.85
N CYS FA 213 -76.36 -26.75 -46.07
CA CYS FA 213 -74.91 -26.90 -46.11
C CYS FA 213 -74.28 -26.02 -47.20
N ASN FA 214 -74.89 -26.00 -48.39
CA ASN FA 214 -74.41 -25.23 -49.54
C ASN FA 214 -74.48 -23.73 -49.31
N ARG FA 215 -75.56 -23.23 -48.70
CA ARG FA 215 -75.85 -21.79 -48.55
C ARG FA 215 -75.29 -21.14 -47.28
N ASN FA 216 -75.15 -21.89 -46.19
CA ASN FA 216 -74.76 -21.35 -44.88
C ASN FA 216 -73.38 -21.80 -44.40
N LEU FA 217 -73.00 -23.06 -44.63
CA LEU FA 217 -71.67 -23.57 -44.30
C LEU FA 217 -70.68 -23.36 -45.46
N ASP FA 218 -71.19 -23.06 -46.64
CA ASP FA 218 -70.47 -22.94 -47.91
C ASP FA 218 -69.66 -24.19 -48.31
N ILE FA 219 -69.95 -25.35 -47.74
CA ILE FA 219 -69.41 -26.63 -48.20
C ILE FA 219 -70.14 -27.05 -49.46
N GLU FA 220 -69.40 -27.21 -50.55
CA GLU FA 220 -69.99 -27.39 -51.89
C GLU FA 220 -70.58 -28.79 -52.12
N ARG FA 221 -69.96 -29.80 -51.47
CA ARG FA 221 -70.20 -31.25 -51.63
C ARG FA 221 -70.16 -32.01 -50.30
N PRO FA 222 -71.19 -31.97 -49.43
CA PRO FA 222 -71.18 -32.65 -48.15
C PRO FA 222 -71.46 -34.16 -48.21
N SER FA 223 -70.95 -34.87 -47.23
CA SER FA 223 -71.21 -36.29 -46.92
C SER FA 223 -72.38 -36.42 -45.95
N TYR FA 224 -72.67 -37.62 -45.47
CA TYR FA 224 -73.57 -37.79 -44.34
C TYR FA 224 -72.99 -37.34 -43.01
N THR FA 225 -71.67 -37.32 -42.81
CA THR FA 225 -71.12 -36.83 -41.53
C THR FA 225 -71.52 -35.38 -41.29
N ASN FA 226 -71.62 -34.57 -42.34
CA ASN FA 226 -72.06 -33.19 -42.24
C ASN FA 226 -73.55 -33.05 -41.88
N LEU FA 227 -74.39 -33.97 -42.35
CA LEU FA 227 -75.82 -33.98 -42.02
C LEU FA 227 -76.04 -34.39 -40.58
N ASN FA 228 -75.42 -35.48 -40.17
CA ASN FA 228 -75.60 -36.05 -38.84
C ASN FA 228 -75.12 -35.08 -37.75
N ARG FA 229 -74.06 -34.32 -38.03
CA ARG FA 229 -73.61 -33.24 -37.14
C ARG FA 229 -74.57 -32.07 -37.01
N LEU FA 230 -75.53 -31.88 -37.91
CA LEU FA 230 -76.65 -30.95 -37.73
C LEU FA 230 -77.84 -31.59 -37.00
N ILE FA 231 -78.14 -32.85 -37.31
CA ILE FA 231 -79.29 -33.55 -36.71
C ILE FA 231 -79.06 -33.83 -35.22
N ALA FA 232 -77.83 -34.15 -34.83
CA ALA FA 232 -77.48 -34.30 -33.41
C ALA FA 232 -77.54 -32.97 -32.67
N GLN FA 233 -77.15 -31.87 -33.29
CA GLN FA 233 -77.14 -30.56 -32.67
C GLN FA 233 -78.55 -30.12 -32.25
N ILE FA 234 -79.57 -30.45 -33.03
CA ILE FA 234 -80.97 -30.21 -32.65
C ILE FA 234 -81.36 -31.01 -31.41
N VAL FA 235 -81.00 -32.29 -31.30
CA VAL FA 235 -81.37 -33.10 -30.13
C VAL FA 235 -80.61 -32.68 -28.87
N SER FA 236 -79.36 -32.24 -29.00
CA SER FA 236 -78.67 -31.60 -27.88
C SER FA 236 -79.46 -30.40 -27.37
N SER FA 237 -80.04 -29.60 -28.26
CA SER FA 237 -80.80 -28.41 -27.91
C SER FA 237 -82.20 -28.70 -27.38
N ILE FA 238 -82.87 -29.76 -27.84
CA ILE FA 238 -84.10 -30.27 -27.25
C ILE FA 238 -83.84 -30.78 -25.83
N THR FA 239 -82.75 -31.50 -25.61
CA THR FA 239 -82.41 -32.04 -24.30
C THR FA 239 -81.68 -31.07 -23.39
N ALA FA 240 -81.21 -29.91 -23.86
CA ALA FA 240 -80.39 -29.03 -23.04
C ALA FA 240 -81.06 -28.60 -21.73
N SER FA 241 -82.37 -28.32 -21.75
CA SER FA 241 -83.12 -28.01 -20.53
C SER FA 241 -83.25 -29.15 -19.53
N LEU FA 242 -83.05 -30.38 -19.97
CA LEU FA 242 -83.05 -31.57 -19.13
C LEU FA 242 -81.69 -31.74 -18.43
N ARG FA 243 -80.63 -31.21 -19.06
CA ARG FA 243 -79.21 -31.41 -18.73
C ARG FA 243 -78.56 -30.24 -17.99
N PHE FA 244 -79.08 -29.02 -18.10
CA PHE FA 244 -78.37 -27.79 -17.71
C PHE FA 244 -79.24 -26.74 -17.00
N ASP FA 245 -78.60 -25.75 -16.37
CA ASP FA 245 -79.31 -24.58 -15.83
C ASP FA 245 -79.71 -23.60 -16.93
N GLY FA 246 -80.83 -22.91 -16.73
CA GLY FA 246 -81.39 -21.92 -17.65
C GLY FA 246 -82.29 -20.91 -16.96
N ALA FA 247 -82.64 -19.84 -17.67
CA ALA FA 247 -83.59 -18.84 -17.18
C ALA FA 247 -85.03 -19.35 -17.24
N LEU FA 248 -85.34 -20.15 -18.26
CA LEU FA 248 -86.65 -20.72 -18.56
C LEU FA 248 -86.48 -22.15 -19.06
N ASN FA 249 -86.06 -23.08 -18.21
CA ASN FA 249 -85.90 -24.48 -18.60
C ASN FA 249 -87.25 -25.11 -19.01
N VAL FA 250 -87.23 -25.97 -20.03
CA VAL FA 250 -88.41 -26.66 -20.59
C VAL FA 250 -88.35 -28.16 -20.35
N ASP FA 251 -89.33 -28.70 -19.64
CA ASP FA 251 -89.48 -30.15 -19.44
C ASP FA 251 -89.92 -30.86 -20.74
N LEU FA 252 -89.58 -32.14 -20.91
CA LEU FA 252 -89.91 -32.88 -22.13
C LEU FA 252 -91.43 -33.02 -22.40
N THR FA 253 -92.28 -32.92 -21.38
CA THR FA 253 -93.76 -32.84 -21.49
C THR FA 253 -94.30 -31.43 -21.53
N GLU FA 254 -93.63 -30.47 -20.92
CA GLU FA 254 -93.91 -29.04 -21.08
C GLU FA 254 -93.76 -28.61 -22.54
N PHE FA 255 -92.75 -29.14 -23.20
CA PHE FA 255 -92.52 -29.03 -24.63
C PHE FA 255 -93.73 -29.49 -25.45
N GLN FA 256 -94.21 -30.70 -25.21
CA GLN FA 256 -95.36 -31.30 -25.89
C GLN FA 256 -96.67 -30.56 -25.58
N THR FA 257 -96.90 -30.09 -24.37
CA THR FA 257 -98.12 -29.33 -24.00
C THR FA 257 -98.25 -28.01 -24.76
N ASN FA 258 -97.17 -27.44 -25.28
CA ASN FA 258 -97.15 -26.25 -26.12
C ASN FA 258 -97.01 -26.54 -27.62
N LEU FA 259 -96.34 -27.61 -28.02
CA LEU FA 259 -96.20 -28.00 -29.42
C LEU FA 259 -97.47 -28.61 -30.00
N VAL FA 260 -98.16 -29.48 -29.26
CA VAL FA 260 -99.18 -30.38 -29.79
C VAL FA 260 -100.58 -29.85 -29.45
N PRO FA 261 -101.31 -29.24 -30.40
CA PRO FA 261 -102.66 -28.72 -30.16
C PRO FA 261 -103.74 -29.80 -30.12
N TYR FA 262 -103.56 -30.91 -30.82
CA TYR FA 262 -104.55 -31.98 -30.95
C TYR FA 262 -103.83 -33.32 -30.95
N PRO FA 263 -104.46 -34.42 -30.50
CA PRO FA 263 -103.77 -35.68 -30.27
C PRO FA 263 -102.93 -36.18 -31.45
N ARG FA 264 -103.39 -35.98 -32.71
CA ARG FA 264 -102.69 -36.51 -33.89
C ARG FA 264 -101.78 -35.51 -34.60
N ILE FA 265 -101.73 -34.28 -34.10
CA ILE FA 265 -101.06 -33.13 -34.73
C ILE FA 265 -99.75 -32.84 -34.01
N HIS FA 266 -98.84 -33.80 -34.14
CA HIS FA 266 -97.60 -33.90 -33.38
C HIS FA 266 -96.39 -34.06 -34.28
N PHE FA 267 -96.48 -33.56 -35.52
CA PHE FA 267 -95.41 -33.55 -36.52
C PHE FA 267 -94.86 -32.12 -36.72
N PRO FA 268 -94.07 -31.59 -35.79
CA PRO FA 268 -93.44 -30.30 -35.97
C PRO FA 268 -92.31 -30.37 -36.99
N LEU FA 269 -92.10 -29.27 -37.69
CA LEU FA 269 -90.81 -28.96 -38.29
C LEU FA 269 -89.78 -28.66 -37.20
N VAL FA 270 -88.51 -28.74 -37.56
CA VAL FA 270 -87.40 -28.30 -36.74
C VAL FA 270 -86.43 -27.49 -37.60
N THR FA 271 -85.75 -26.52 -36.99
CA THR FA 271 -84.70 -25.72 -37.59
C THR FA 271 -83.73 -25.25 -36.51
N TYR FA 272 -82.52 -24.87 -36.89
CA TYR FA 272 -81.47 -24.44 -35.99
C TYR FA 272 -80.82 -23.18 -36.53
N SER FA 273 -80.47 -22.22 -35.68
CA SER FA 273 -79.73 -21.05 -36.08
C SER FA 273 -78.75 -20.61 -35.00
N PRO FA 274 -77.62 -20.01 -35.38
CA PRO FA 274 -77.14 -19.85 -36.73
C PRO FA 274 -76.40 -21.11 -37.22
N ILE FA 275 -76.78 -21.68 -38.36
CA ILE FA 275 -75.86 -22.53 -39.09
C ILE FA 275 -74.86 -21.62 -39.77
N ILE FA 276 -73.57 -21.72 -39.45
CA ILE FA 276 -72.58 -20.74 -39.94
C ILE FA 276 -71.16 -21.33 -39.96
N SER FA 277 -70.33 -20.94 -40.91
CA SER FA 277 -68.92 -21.32 -40.96
C SER FA 277 -68.02 -20.27 -40.30
N ALA FA 278 -66.78 -20.63 -40.01
CA ALA FA 278 -65.78 -19.72 -39.48
C ALA FA 278 -65.39 -18.59 -40.45
N GLU FA 279 -65.74 -18.67 -41.74
CA GLU FA 279 -65.49 -17.59 -42.70
C GLU FA 279 -66.39 -16.38 -42.46
N LYS FA 280 -67.59 -16.60 -41.92
CA LYS FA 280 -68.64 -15.58 -41.79
C LYS FA 280 -69.01 -15.26 -40.35
N ALA FA 281 -68.83 -16.19 -39.41
CA ALA FA 281 -69.24 -15.98 -38.03
C ALA FA 281 -68.56 -14.78 -37.34
N TYR FA 282 -67.38 -14.38 -37.80
CA TYR FA 282 -66.68 -13.19 -37.30
C TYR FA 282 -67.10 -11.87 -37.97
N HIS FA 283 -68.03 -11.87 -38.94
CA HIS FA 283 -68.52 -10.66 -39.61
C HIS FA 283 -70.02 -10.41 -39.44
N GLU FA 284 -70.82 -11.45 -39.29
CA GLU FA 284 -72.22 -11.35 -38.86
C GLU FA 284 -72.31 -10.88 -37.40
N GLN FA 285 -73.37 -10.17 -37.00
CA GLN FA 285 -73.57 -9.86 -35.59
C GLN FA 285 -74.03 -11.06 -34.77
N LEU FA 286 -74.88 -11.95 -35.32
CA LEU FA 286 -75.48 -13.06 -34.58
C LEU FA 286 -76.13 -12.59 -33.27
N SER FA 287 -76.75 -11.41 -33.32
CA SER FA 287 -77.64 -10.91 -32.26
C SER FA 287 -78.88 -11.79 -32.14
N VAL FA 288 -79.56 -11.75 -31.00
CA VAL FA 288 -80.77 -12.55 -30.77
C VAL FA 288 -81.85 -12.27 -31.80
N PRO FA 289 -82.00 -11.03 -32.26
CA PRO FA 289 -82.95 -10.68 -33.31
C PRO FA 289 -82.69 -11.43 -34.63
N GLU FA 290 -81.43 -11.55 -35.05
CA GLU FA 290 -81.08 -12.19 -36.32
C GLU FA 290 -81.29 -13.70 -36.29
N ILE FA 291 -80.80 -14.38 -35.25
CA ILE FA 291 -80.94 -15.83 -35.15
C ILE FA 291 -82.39 -16.26 -34.87
N THR FA 292 -83.23 -15.39 -34.31
CA THR FA 292 -84.67 -15.63 -34.25
C THR FA 292 -85.29 -15.56 -35.64
N ASN FA 293 -85.03 -14.48 -36.39
CA ASN FA 293 -85.56 -14.29 -37.73
C ASN FA 293 -85.10 -15.36 -38.72
N ALA FA 294 -83.87 -15.87 -38.58
CA ALA FA 294 -83.37 -16.96 -39.41
C ALA FA 294 -84.23 -18.22 -39.35
N CYS FA 295 -84.90 -18.50 -38.22
CA CYS FA 295 -85.75 -19.67 -38.08
C CYS FA 295 -87.03 -19.59 -38.89
N PHE FA 296 -87.45 -18.41 -39.33
CA PHE FA 296 -88.66 -18.24 -40.14
C PHE FA 296 -88.38 -18.16 -41.64
N GLU FA 297 -87.12 -18.19 -42.06
CA GLU FA 297 -86.77 -18.27 -43.47
C GLU FA 297 -87.05 -19.68 -44.02
N TYR FA 298 -87.72 -19.85 -45.17
CA TYR FA 298 -87.81 -21.13 -45.88
C TYR FA 298 -86.43 -21.77 -46.13
N SER FA 299 -85.42 -20.93 -46.30
CA SER FA 299 -84.03 -21.31 -46.48
C SER FA 299 -83.43 -22.16 -45.34
N ASN FA 300 -83.98 -22.15 -44.12
CA ASN FA 300 -83.41 -22.91 -43.00
C ASN FA 300 -84.29 -24.05 -42.50
N GLN FA 301 -85.44 -24.31 -43.13
CA GLN FA 301 -86.29 -25.44 -42.76
C GLN FA 301 -85.65 -26.75 -43.23
N MET FA 302 -85.59 -27.76 -42.37
CA MET FA 302 -84.95 -29.05 -42.66
C MET FA 302 -85.93 -30.10 -43.23
N VAL FA 303 -87.01 -29.67 -43.85
CA VAL FA 303 -87.90 -30.42 -44.75
C VAL FA 303 -88.20 -29.51 -45.93
N LYS FA 304 -88.09 -29.99 -47.18
CA LYS FA 304 -88.36 -29.16 -48.36
C LYS FA 304 -89.86 -28.93 -48.57
N CYS FA 305 -90.41 -28.04 -47.75
CA CYS FA 305 -91.73 -27.44 -47.84
C CYS FA 305 -91.65 -25.97 -47.44
N ASP FA 306 -92.56 -25.12 -47.91
CA ASP FA 306 -92.52 -23.68 -47.65
C ASP FA 306 -93.49 -23.32 -46.52
N PRO FA 307 -93.04 -22.82 -45.35
CA PRO FA 307 -93.93 -22.45 -44.25
C PRO FA 307 -94.97 -21.39 -44.58
N ARG FA 308 -94.73 -20.58 -45.62
CA ARG FA 308 -95.64 -19.54 -46.08
C ARG FA 308 -96.86 -20.11 -46.81
N ARG FA 309 -96.77 -21.34 -47.30
CA ARG FA 309 -97.93 -22.09 -47.81
C ARG FA 309 -98.74 -22.75 -46.68
N GLY FA 310 -98.38 -22.53 -45.42
CA GLY FA 310 -99.12 -23.01 -44.26
C GLY FA 310 -99.60 -21.91 -43.32
N LYS FA 311 -100.10 -22.32 -42.15
CA LYS FA 311 -100.20 -21.48 -40.96
C LYS FA 311 -99.53 -22.16 -39.78
N TYR FA 312 -98.85 -21.39 -38.96
CA TYR FA 312 -98.26 -21.85 -37.71
C TYR FA 312 -99.35 -22.09 -36.67
N MET FA 313 -99.28 -23.23 -35.99
CA MET FA 313 -100.09 -23.56 -34.84
C MET FA 313 -99.38 -23.19 -33.56
N ALA FA 314 -98.13 -23.62 -33.37
CA ALA FA 314 -97.29 -23.26 -32.24
C ALA FA 314 -95.80 -23.34 -32.56
N CYS FA 315 -94.99 -22.48 -31.97
CA CYS FA 315 -93.54 -22.52 -32.05
C CYS FA 315 -92.92 -22.67 -30.67
N CYS FA 316 -92.00 -23.60 -30.48
CA CYS FA 316 -91.07 -23.62 -29.36
C CYS FA 316 -89.74 -23.02 -29.82
N LEU FA 317 -89.40 -21.83 -29.34
CA LEU FA 317 -88.09 -21.24 -29.53
C LEU FA 317 -87.22 -21.64 -28.33
N LEU FA 318 -86.35 -22.64 -28.50
CA LEU FA 318 -85.45 -23.15 -27.48
C LEU FA 318 -84.07 -22.50 -27.60
N TYR FA 319 -83.87 -21.33 -26.99
CA TYR FA 319 -82.58 -20.65 -27.00
C TYR FA 319 -81.60 -21.29 -26.02
N ARG FA 320 -80.32 -21.19 -26.38
CA ARG FA 320 -79.22 -21.62 -25.53
C ARG FA 320 -78.00 -20.73 -25.69
N GLY FA 321 -77.19 -20.64 -24.64
CA GLY FA 321 -76.07 -19.73 -24.58
C GLY FA 321 -76.45 -18.36 -24.02
N ASP FA 322 -75.72 -17.32 -24.41
CA ASP FA 322 -75.82 -15.97 -23.85
C ASP FA 322 -77.03 -15.19 -24.38
N VAL FA 323 -78.23 -15.42 -23.84
CA VAL FA 323 -79.45 -14.67 -24.18
C VAL FA 323 -80.24 -14.25 -22.95
N VAL FA 324 -81.07 -13.22 -23.08
CA VAL FA 324 -81.82 -12.62 -21.97
C VAL FA 324 -83.28 -12.47 -22.37
N PRO FA 325 -84.26 -12.81 -21.52
CA PRO FA 325 -85.68 -12.70 -21.85
C PRO FA 325 -86.16 -11.37 -22.42
N LYS FA 326 -85.53 -10.24 -22.07
CA LYS FA 326 -85.72 -8.95 -22.75
C LYS FA 326 -85.63 -9.11 -24.27
N ASP FA 327 -84.50 -9.65 -24.73
CA ASP FA 327 -84.14 -9.76 -26.15
C ASP FA 327 -85.09 -10.68 -26.90
N VAL FA 328 -85.48 -11.78 -26.27
CA VAL FA 328 -86.39 -12.75 -26.86
C VAL FA 328 -87.78 -12.17 -27.03
N ASN FA 329 -88.33 -11.49 -26.02
CA ASN FA 329 -89.64 -10.86 -26.16
C ASN FA 329 -89.63 -9.79 -27.26
N ALA FA 330 -88.59 -8.95 -27.30
CA ALA FA 330 -88.39 -7.95 -28.34
C ALA FA 330 -88.24 -8.55 -29.75
N ALA FA 331 -87.63 -9.74 -29.85
CA ALA FA 331 -87.55 -10.50 -31.09
C ALA FA 331 -88.90 -11.06 -31.51
N ILE FA 332 -89.61 -11.83 -30.68
CA ILE FA 332 -90.90 -12.42 -31.08
C ILE FA 332 -91.96 -11.37 -31.38
N ALA FA 333 -91.86 -10.18 -30.79
CA ALA FA 333 -92.66 -9.03 -31.17
C ALA FA 333 -92.48 -8.62 -32.63
N ALA FA 334 -91.27 -8.68 -33.19
CA ALA FA 334 -91.10 -8.44 -34.62
C ALA FA 334 -91.66 -9.59 -35.46
N ILE FA 335 -91.52 -10.84 -35.01
CA ILE FA 335 -92.12 -11.97 -35.74
C ILE FA 335 -93.65 -11.82 -35.78
N LYS FA 336 -94.32 -11.44 -34.69
CA LYS FA 336 -95.77 -11.16 -34.69
C LYS FA 336 -96.17 -9.98 -35.60
N THR FA 337 -95.25 -9.06 -35.86
CA THR FA 337 -95.50 -7.88 -36.70
C THR FA 337 -95.49 -8.23 -38.19
N ARG FA 338 -94.68 -9.22 -38.62
CA ARG FA 338 -94.52 -9.62 -40.03
C ARG FA 338 -95.72 -10.44 -40.55
N ARG FA 339 -96.44 -9.90 -41.54
CA ARG FA 339 -97.68 -10.50 -42.09
C ARG FA 339 -97.45 -11.76 -42.93
N SER FA 340 -96.23 -12.02 -43.40
CA SER FA 340 -95.87 -13.26 -44.09
C SER FA 340 -95.76 -14.48 -43.17
N ILE FA 341 -95.52 -14.31 -41.87
CA ILE FA 341 -95.48 -15.38 -40.85
C ILE FA 341 -96.87 -15.48 -40.21
N GLN FA 342 -97.74 -16.34 -40.71
CA GLN FA 342 -99.15 -16.36 -40.29
C GLN FA 342 -99.48 -17.51 -39.35
N PHE FA 343 -99.92 -17.17 -38.14
CA PHE FA 343 -100.46 -18.13 -37.19
C PHE FA 343 -101.96 -18.38 -37.43
N VAL FA 344 -102.44 -19.50 -36.94
CA VAL FA 344 -103.87 -19.82 -36.83
C VAL FA 344 -104.59 -18.84 -35.91
N ASP FA 345 -105.88 -18.63 -36.17
CA ASP FA 345 -106.77 -17.72 -35.42
C ASP FA 345 -106.99 -18.16 -33.97
N TRP FA 346 -106.84 -19.45 -33.70
CA TRP FA 346 -107.09 -20.09 -32.42
C TRP FA 346 -105.85 -20.24 -31.53
N CYS FA 347 -104.68 -19.74 -31.94
CA CYS FA 347 -103.48 -19.74 -31.11
C CYS FA 347 -102.95 -18.31 -30.98
N PRO FA 348 -103.55 -17.48 -30.10
CA PRO FA 348 -103.24 -16.05 -30.01
C PRO FA 348 -101.91 -15.79 -29.30
N THR FA 349 -101.45 -16.74 -28.50
CA THR FA 349 -100.17 -16.75 -27.81
C THR FA 349 -99.03 -17.20 -28.72
N GLY FA 350 -99.18 -18.30 -29.44
CA GLY FA 350 -98.27 -18.77 -30.48
C GLY FA 350 -96.93 -19.35 -30.04
N PHE FA 351 -96.18 -18.66 -29.19
CA PHE FA 351 -94.80 -18.96 -28.86
C PHE FA 351 -94.66 -19.52 -27.46
N LYS FA 352 -93.97 -20.65 -27.36
CA LYS FA 352 -93.37 -21.18 -26.14
C LYS FA 352 -91.88 -20.90 -26.20
N VAL FA 353 -91.36 -20.23 -25.19
CA VAL FA 353 -89.96 -19.82 -25.10
C VAL FA 353 -89.27 -20.68 -24.06
N GLY FA 354 -88.11 -21.22 -24.41
CA GLY FA 354 -87.15 -21.81 -23.48
C GLY FA 354 -85.82 -21.09 -23.57
N ILE FA 355 -85.11 -20.91 -22.46
CA ILE FA 355 -83.80 -20.24 -22.43
C ILE FA 355 -82.88 -20.99 -21.49
N ASN FA 356 -81.72 -21.44 -22.00
CA ASN FA 356 -80.74 -22.27 -21.29
C ASN FA 356 -79.32 -21.67 -21.30
N TYR FA 357 -78.58 -21.71 -20.21
CA TYR FA 357 -77.30 -20.97 -20.09
C TYR FA 357 -76.09 -21.65 -20.74
N GLN FA 358 -76.25 -22.84 -21.30
CA GLN FA 358 -75.13 -23.61 -21.88
C GLN FA 358 -75.02 -23.37 -23.40
N PRO FA 359 -73.93 -22.73 -23.89
CA PRO FA 359 -73.71 -22.53 -25.33
C PRO FA 359 -73.69 -23.85 -26.12
N PRO FA 360 -73.83 -23.79 -27.46
CA PRO FA 360 -73.68 -24.95 -28.32
C PRO FA 360 -72.23 -25.42 -28.39
N THR FA 361 -72.00 -26.69 -28.09
CA THR FA 361 -70.68 -27.33 -28.18
C THR FA 361 -70.27 -27.56 -29.62
N ALA FA 362 -69.07 -27.13 -30.01
CA ALA FA 362 -68.50 -27.49 -31.32
C ALA FA 362 -67.89 -28.88 -31.29
N VAL FA 363 -68.22 -29.73 -32.26
CA VAL FA 363 -67.39 -30.91 -32.55
C VAL FA 363 -66.10 -30.40 -33.23
N PRO FA 364 -64.89 -30.72 -32.74
CA PRO FA 364 -63.66 -30.08 -33.20
C PRO FA 364 -63.32 -30.32 -34.68
N GLY FA 365 -63.75 -31.45 -35.25
CA GLY FA 365 -63.56 -31.75 -36.67
C GLY FA 365 -64.57 -31.09 -37.62
N GLY FA 366 -65.58 -30.39 -37.10
CA GLY FA 366 -66.77 -29.99 -37.83
C GLY FA 366 -66.68 -28.68 -38.60
N ASP FA 367 -67.66 -28.47 -39.47
CA ASP FA 367 -67.77 -27.27 -40.32
C ASP FA 367 -68.46 -26.10 -39.59
N VAL FA 368 -69.34 -26.41 -38.65
CA VAL FA 368 -70.22 -25.48 -37.93
C VAL FA 368 -69.46 -24.74 -36.82
N ALA FA 369 -69.43 -23.41 -36.88
CA ALA FA 369 -68.53 -22.54 -36.12
C ALA FA 369 -68.92 -22.32 -34.65
N LYS FA 370 -67.97 -21.85 -33.84
CA LYS FA 370 -68.19 -21.42 -32.45
C LYS FA 370 -68.99 -20.12 -32.43
N VAL FA 371 -70.04 -20.04 -31.62
CA VAL FA 371 -70.96 -18.91 -31.55
C VAL FA 371 -71.48 -18.73 -30.14
N LEU FA 372 -71.75 -17.50 -29.70
CA LEU FA 372 -72.21 -17.24 -28.33
C LEU FA 372 -73.62 -17.74 -28.04
N ARG FA 373 -74.41 -17.95 -29.09
CA ARG FA 373 -75.86 -18.17 -29.03
C ARG FA 373 -76.25 -19.20 -30.04
N ALA FA 374 -77.30 -19.93 -29.74
CA ALA FA 374 -78.08 -20.64 -30.73
C ALA FA 374 -79.53 -20.69 -30.30
N VAL FA 375 -80.40 -20.96 -31.25
CA VAL FA 375 -81.79 -21.29 -31.04
C VAL FA 375 -82.10 -22.53 -31.85
N CYS FA 376 -82.82 -23.46 -31.26
CA CYS FA 376 -83.51 -24.44 -32.04
C CYS FA 376 -84.98 -24.07 -32.02
N MET FA 377 -85.59 -23.88 -33.19
CA MET FA 377 -87.02 -23.65 -33.28
C MET FA 377 -87.71 -24.93 -33.74
N LEU FA 378 -88.61 -25.42 -32.92
CA LEU FA 378 -89.42 -26.58 -33.23
C LEU FA 378 -90.83 -26.07 -33.38
N SER FA 379 -91.48 -26.40 -34.49
CA SER FA 379 -92.61 -25.61 -34.99
C SER FA 379 -93.71 -26.45 -35.62
N ASN FA 380 -94.87 -26.50 -35.01
CA ASN FA 380 -96.04 -27.16 -35.57
C ASN FA 380 -96.74 -26.21 -36.56
N THR FA 381 -96.79 -26.59 -37.82
CA THR FA 381 -97.32 -25.79 -38.93
C THR FA 381 -98.05 -26.64 -39.96
N THR FA 382 -99.11 -26.11 -40.59
CA THR FA 382 -99.89 -26.84 -41.59
C THR FA 382 -99.09 -27.15 -42.85
N ALA FA 383 -98.02 -26.43 -43.11
CA ALA FA 383 -97.19 -26.57 -44.31
C ALA FA 383 -96.61 -27.98 -44.50
N ILE FA 384 -96.32 -28.72 -43.44
CA ILE FA 384 -95.67 -30.03 -43.52
C ILE FA 384 -96.50 -31.04 -44.31
N ALA FA 385 -97.81 -30.86 -44.41
CA ALA FA 385 -98.68 -31.70 -45.23
C ALA FA 385 -98.28 -31.77 -46.71
N GLU FA 386 -97.50 -30.81 -47.22
CA GLU FA 386 -96.98 -30.88 -48.59
C GLU FA 386 -95.88 -31.93 -48.73
N ALA FA 387 -95.02 -32.13 -47.73
CA ALA FA 387 -94.05 -33.23 -47.73
C ALA FA 387 -94.72 -34.62 -47.72
N TRP FA 388 -95.93 -34.73 -47.20
CA TRP FA 388 -96.77 -35.92 -47.27
C TRP FA 388 -97.48 -36.03 -48.63
N ALA FA 389 -97.96 -34.93 -49.19
CA ALA FA 389 -98.58 -34.87 -50.51
C ALA FA 389 -97.60 -35.20 -51.64
N ARG FA 390 -96.31 -34.89 -51.48
CA ARG FA 390 -95.24 -35.33 -52.41
C ARG FA 390 -95.15 -36.85 -52.42
N LEU FA 391 -95.01 -37.45 -51.25
CA LEU FA 391 -94.64 -38.85 -51.14
C LEU FA 391 -95.81 -39.78 -51.41
N ASP FA 392 -97.04 -39.43 -51.05
CA ASP FA 392 -98.20 -40.25 -51.40
C ASP FA 392 -98.55 -40.19 -52.90
N HIS FA 393 -98.10 -39.17 -53.64
CA HIS FA 393 -98.10 -39.15 -55.10
C HIS FA 393 -97.00 -40.02 -55.73
N LYS FA 394 -95.87 -40.24 -55.06
CA LYS FA 394 -94.88 -41.28 -55.47
C LYS FA 394 -95.41 -42.70 -55.23
N PHE FA 395 -96.06 -42.91 -54.10
CA PHE FA 395 -96.72 -44.17 -53.77
C PHE FA 395 -97.80 -44.55 -54.77
N ASP FA 396 -98.65 -43.59 -55.16
CA ASP FA 396 -99.79 -43.85 -56.04
C ASP FA 396 -99.40 -44.38 -57.42
N LEU FA 397 -98.32 -43.87 -58.02
CA LEU FA 397 -97.81 -44.34 -59.31
C LEU FA 397 -97.34 -45.80 -59.28
N MET FA 398 -96.72 -46.22 -58.18
CA MET FA 398 -96.21 -47.57 -58.02
C MET FA 398 -97.29 -48.55 -57.58
N TYR FA 399 -98.18 -48.19 -56.66
CA TYR FA 399 -99.23 -49.09 -56.23
C TYR FA 399 -100.31 -49.29 -57.30
N SER FA 400 -100.54 -48.33 -58.20
CA SER FA 400 -101.40 -48.53 -59.38
C SER FA 400 -100.93 -49.65 -60.31
N LYS FA 401 -99.63 -49.97 -60.31
CA LYS FA 401 -99.04 -51.10 -61.04
C LYS FA 401 -98.77 -52.33 -60.18
N ARG FA 402 -98.91 -52.23 -58.85
CA ARG FA 402 -98.37 -53.17 -57.83
C ARG FA 402 -96.86 -53.36 -57.99
N ALA FA 403 -96.15 -52.29 -58.33
CA ALA FA 403 -94.84 -52.29 -58.96
C ALA FA 403 -93.74 -53.08 -58.26
N PHE FA 404 -93.71 -53.21 -56.93
CA PHE FA 404 -92.72 -54.03 -56.20
C PHE FA 404 -93.36 -54.94 -55.14
N VAL FA 405 -94.68 -55.09 -55.17
CA VAL FA 405 -95.49 -55.62 -54.05
C VAL FA 405 -95.19 -57.08 -53.73
N HIS FA 406 -94.71 -57.87 -54.69
CA HIS FA 406 -94.39 -59.29 -54.46
C HIS FA 406 -93.26 -59.53 -53.45
N TRP FA 407 -92.35 -58.58 -53.27
CA TRP FA 407 -91.29 -58.68 -52.25
C TRP FA 407 -91.82 -58.53 -50.83
N TYR FA 408 -92.91 -57.79 -50.64
CA TYR FA 408 -93.56 -57.54 -49.35
C TYR FA 408 -94.57 -58.64 -49.01
N VAL FA 409 -95.39 -59.02 -49.98
CA VAL FA 409 -96.31 -60.17 -49.89
C VAL FA 409 -95.54 -61.49 -49.73
N GLY FA 410 -94.36 -61.60 -50.35
CA GLY FA 410 -93.50 -62.78 -50.24
C GLY FA 410 -92.85 -62.97 -48.88
N GLU FA 411 -92.81 -61.95 -48.03
CA GLU FA 411 -92.18 -61.97 -46.69
C GLU FA 411 -93.19 -61.83 -45.55
N GLY FA 412 -94.43 -62.19 -45.79
CA GLY FA 412 -95.47 -62.35 -44.78
C GLY FA 412 -96.42 -61.17 -44.58
N MET FA 413 -96.35 -60.10 -45.39
CA MET FA 413 -97.29 -58.99 -45.28
C MET FA 413 -98.60 -59.25 -46.02
N GLU FA 414 -99.73 -58.81 -45.45
CA GLU FA 414 -101.02 -58.75 -46.13
C GLU FA 414 -100.99 -57.70 -47.26
N GLU FA 415 -101.46 -58.01 -48.46
CA GLU FA 415 -101.47 -57.03 -49.57
C GLU FA 415 -102.33 -55.80 -49.24
N GLY FA 416 -103.42 -55.98 -48.50
CA GLY FA 416 -104.32 -54.92 -48.05
C GLY FA 416 -103.69 -53.88 -47.13
N GLU FA 417 -102.55 -54.16 -46.49
CA GLU FA 417 -101.86 -53.18 -45.64
C GLU FA 417 -101.37 -51.96 -46.44
N PHE FA 418 -101.08 -52.10 -47.73
CA PHE FA 418 -100.70 -50.96 -48.57
C PHE FA 418 -101.87 -49.99 -48.76
N SER FA 419 -103.07 -50.50 -48.99
CA SER FA 419 -104.29 -49.69 -49.08
C SER FA 419 -104.65 -49.07 -47.72
N GLU FA 420 -104.62 -49.86 -46.66
CA GLU FA 420 -104.82 -49.44 -45.26
C GLU FA 420 -103.77 -48.43 -44.76
N ALA FA 421 -102.56 -48.39 -45.30
CA ALA FA 421 -101.55 -47.37 -45.00
C ALA FA 421 -101.70 -46.08 -45.84
N ARG FA 422 -102.04 -46.18 -47.12
CA ARG FA 422 -102.34 -45.01 -47.96
C ARG FA 422 -103.60 -44.29 -47.51
N GLU FA 423 -104.57 -45.04 -46.98
CA GLU FA 423 -105.81 -44.58 -46.38
C GLU FA 423 -105.55 -43.78 -45.09
N ASP FA 424 -104.76 -44.33 -44.18
CA ASP FA 424 -104.40 -43.70 -42.92
C ASP FA 424 -103.53 -42.46 -43.12
N MET FA 425 -102.65 -42.45 -44.11
CA MET FA 425 -101.93 -41.23 -44.48
C MET FA 425 -102.87 -40.14 -45.01
N ALA FA 426 -103.85 -40.47 -45.85
CA ALA FA 426 -104.84 -39.51 -46.32
C ALA FA 426 -105.70 -38.91 -45.20
N ALA FA 427 -105.98 -39.65 -44.14
CA ALA FA 427 -106.63 -39.14 -42.93
C ALA FA 427 -105.71 -38.23 -42.08
N LEU FA 428 -104.39 -38.40 -42.07
CA LEU FA 428 -103.47 -37.43 -41.45
C LEU FA 428 -103.31 -36.17 -42.30
N GLU FA 429 -103.19 -36.32 -43.61
CA GLU FA 429 -103.08 -35.19 -44.53
C GLU FA 429 -104.39 -34.37 -44.55
N LYS FA 430 -105.54 -35.00 -44.30
CA LYS FA 430 -106.84 -34.36 -44.01
C LYS FA 430 -106.80 -33.57 -42.71
N ASP FA 431 -106.37 -34.17 -41.61
CA ASP FA 431 -106.31 -33.52 -40.28
C ASP FA 431 -105.48 -32.23 -40.28
N TYR FA 432 -104.30 -32.20 -40.91
CA TYR FA 432 -103.46 -30.99 -41.00
C TYR FA 432 -104.04 -29.88 -41.90
N GLU FA 433 -104.86 -30.22 -42.88
CA GLU FA 433 -105.61 -29.24 -43.69
C GLU FA 433 -106.84 -28.72 -42.94
N GLU FA 434 -107.52 -29.59 -42.19
CA GLU FA 434 -108.73 -29.28 -41.42
C GLU FA 434 -108.51 -28.25 -40.30
N VAL FA 435 -107.39 -28.28 -39.58
CA VAL FA 435 -107.12 -27.38 -38.44
C VAL FA 435 -106.58 -26.00 -38.81
N GLY FA 436 -106.24 -25.75 -40.06
CA GLY FA 436 -105.72 -24.45 -40.50
C GLY FA 436 -106.78 -23.35 -40.60
N THR FA 437 -108.06 -23.68 -40.48
CA THR FA 437 -109.16 -22.84 -40.95
C THR FA 437 -109.64 -21.88 -39.86
N MET GA 1 -59.69 -74.40 16.47
CA MET GA 1 -61.02 -73.78 16.41
C MET GA 1 -61.33 -73.44 14.98
N ARG GA 2 -62.52 -73.82 14.50
CA ARG GA 2 -63.08 -73.50 13.16
C ARG GA 2 -62.36 -74.17 11.98
N GLU GA 3 -61.78 -75.33 12.16
CA GLU GA 3 -61.17 -76.09 11.07
C GLU GA 3 -62.18 -76.67 10.07
N CYS GA 4 -61.77 -76.92 8.82
CA CYS GA 4 -62.50 -77.75 7.85
C CYS GA 4 -61.56 -78.73 7.14
N ILE GA 5 -61.91 -80.01 7.10
CA ILE GA 5 -61.17 -81.01 6.30
C ILE GA 5 -61.79 -81.09 4.91
N SER GA 6 -61.02 -80.73 3.88
CA SER GA 6 -61.49 -80.75 2.48
C SER GA 6 -61.06 -82.02 1.78
N VAL GA 7 -61.99 -82.85 1.32
CA VAL GA 7 -61.66 -84.12 0.65
C VAL GA 7 -62.03 -84.03 -0.82
N HIS GA 8 -61.03 -84.14 -1.68
CA HIS GA 8 -61.10 -84.00 -3.13
C HIS GA 8 -60.98 -85.35 -3.83
N VAL GA 9 -62.07 -85.85 -4.42
CA VAL GA 9 -62.19 -87.23 -4.90
C VAL GA 9 -62.35 -87.32 -6.42
N GLY GA 10 -61.64 -88.26 -7.04
CA GLY GA 10 -61.65 -88.47 -8.49
C GLY GA 10 -61.02 -87.32 -9.26
N GLN GA 11 -61.13 -87.27 -10.59
CA GLN GA 11 -60.53 -86.21 -11.40
C GLN GA 11 -61.21 -84.85 -11.19
N ALA GA 12 -62.54 -84.78 -11.26
CA ALA GA 12 -63.27 -83.54 -11.02
C ALA GA 12 -63.00 -82.94 -9.64
N GLY GA 13 -63.08 -83.71 -8.56
CA GLY GA 13 -62.83 -83.22 -7.21
C GLY GA 13 -61.42 -82.74 -7.01
N VAL GA 14 -60.42 -83.46 -7.51
CA VAL GA 14 -59.01 -83.09 -7.48
C VAL GA 14 -58.74 -81.84 -8.29
N GLN GA 15 -59.33 -81.68 -9.48
CA GLN GA 15 -59.11 -80.51 -10.32
C GLN GA 15 -59.84 -79.26 -9.81
N ILE GA 16 -61.02 -79.41 -9.21
CA ILE GA 16 -61.66 -78.35 -8.43
C ILE GA 16 -60.77 -78.01 -7.22
N GLY GA 17 -60.21 -79.00 -6.54
CA GLY GA 17 -59.25 -78.83 -5.46
C GLY GA 17 -58.02 -78.04 -5.87
N ASN GA 18 -57.44 -78.33 -7.03
CA ASN GA 18 -56.32 -77.59 -7.58
C ASN GA 18 -56.65 -76.12 -7.91
N SER GA 19 -57.94 -75.76 -8.02
CA SER GA 19 -58.43 -74.38 -8.07
C SER GA 19 -58.78 -73.81 -6.68
N CYS GA 20 -59.36 -74.61 -5.79
CA CYS GA 20 -59.65 -74.22 -4.41
C CYS GA 20 -58.37 -73.82 -3.69
N TRP GA 21 -57.35 -74.67 -3.71
CA TRP GA 21 -56.07 -74.42 -3.05
C TRP GA 21 -55.22 -73.37 -3.76
N GLU GA 22 -55.43 -73.15 -5.06
CA GLU GA 22 -54.86 -71.99 -5.76
C GLU GA 22 -55.44 -70.69 -5.19
N LEU GA 23 -56.75 -70.64 -4.97
CA LEU GA 23 -57.44 -69.49 -4.38
C LEU GA 23 -57.06 -69.29 -2.92
N TYR GA 24 -57.23 -70.29 -2.06
CA TYR GA 24 -57.00 -70.14 -0.62
C TYR GA 24 -55.59 -69.68 -0.31
N CYS GA 25 -54.60 -70.13 -1.06
CA CYS GA 25 -53.23 -69.67 -0.93
C CYS GA 25 -53.09 -68.17 -1.25
N LEU GA 26 -53.72 -67.67 -2.30
CA LEU GA 26 -53.70 -66.24 -2.61
C LEU GA 26 -54.43 -65.42 -1.55
N GLU GA 27 -55.57 -65.90 -1.10
CA GLU GA 27 -56.47 -65.18 -0.21
C GLU GA 27 -55.89 -65.02 1.20
N HIS GA 28 -55.10 -65.99 1.68
CA HIS GA 28 -54.36 -65.98 2.94
C HIS GA 28 -52.90 -65.56 2.80
N GLY GA 29 -52.42 -65.29 1.59
CA GLY GA 29 -51.05 -64.87 1.33
C GLY GA 29 -49.99 -65.92 1.60
N LEU GA 30 -50.30 -67.18 1.33
CA LEU GA 30 -49.41 -68.33 1.42
C LEU GA 30 -48.79 -68.58 0.04
N GLN GA 31 -47.47 -68.68 -0.02
CA GLN GA 31 -46.72 -69.03 -1.22
C GLN GA 31 -47.06 -70.46 -1.68
N PRO GA 32 -46.85 -70.84 -2.96
CA PRO GA 32 -47.11 -72.20 -3.40
C PRO GA 32 -46.16 -73.24 -2.78
N ASP GA 33 -45.08 -72.85 -2.08
CA ASP GA 33 -44.25 -73.75 -1.25
C ASP GA 33 -44.74 -73.85 0.22
N GLY GA 34 -45.91 -73.30 0.53
CA GLY GA 34 -46.53 -73.29 1.85
C GLY GA 34 -45.99 -72.25 2.83
N THR GA 35 -44.97 -71.45 2.50
CA THR GA 35 -44.47 -70.41 3.40
C THR GA 35 -45.30 -69.12 3.35
N MET GA 36 -45.19 -68.22 4.34
CA MET GA 36 -45.99 -67.00 4.44
C MET GA 36 -45.13 -65.78 4.84
N PRO GA 37 -44.79 -64.87 3.90
CA PRO GA 37 -44.00 -63.67 4.20
C PRO GA 37 -44.84 -62.62 4.95
N SER GA 38 -44.18 -61.59 5.48
CA SER GA 38 -44.81 -60.44 6.17
C SER GA 38 -44.04 -59.14 5.93
N ASP GA 46 -52.47 -63.70 12.83
CA ASP GA 46 -53.85 -63.32 12.84
C ASP GA 46 -54.83 -64.51 12.83
N SER GA 47 -54.33 -65.73 12.60
CA SER GA 47 -55.04 -67.00 12.55
C SER GA 47 -56.20 -67.10 11.55
N SER GA 48 -56.30 -66.22 10.57
CA SER GA 48 -57.34 -66.31 9.54
C SER GA 48 -57.22 -67.56 8.66
N PHE GA 49 -55.99 -67.99 8.36
CA PHE GA 49 -55.67 -69.21 7.62
C PHE GA 49 -56.06 -70.50 8.36
N GLY GA 50 -56.32 -70.48 9.68
CA GLY GA 50 -56.39 -71.70 10.49
C GLY GA 50 -57.50 -72.67 10.06
N THR GA 51 -58.57 -72.16 9.42
CA THR GA 51 -59.67 -73.02 8.97
C THR GA 51 -59.19 -74.03 7.94
N PHE GA 52 -58.28 -73.63 7.07
CA PHE GA 52 -57.80 -74.40 5.94
C PHE GA 52 -56.35 -74.86 6.06
N PHE GA 53 -55.51 -74.28 6.93
CA PHE GA 53 -54.11 -74.67 7.01
C PHE GA 53 -53.67 -74.93 8.45
N SER GA 54 -53.04 -76.09 8.66
CA SER GA 54 -52.23 -76.39 9.84
C SER GA 54 -50.88 -75.66 9.71
N GLU GA 55 -50.32 -75.07 10.77
CA GLU GA 55 -49.03 -74.38 10.75
C GLU GA 55 -47.97 -75.18 11.49
N THR GA 56 -46.86 -75.52 10.85
CA THR GA 56 -45.71 -76.19 11.48
C THR GA 56 -44.63 -75.17 11.92
N GLY GA 57 -43.80 -75.53 12.88
CA GLY GA 57 -42.85 -74.63 13.55
C GLY GA 57 -41.82 -73.95 12.64
N SER GA 58 -41.55 -74.50 11.46
CA SER GA 58 -40.73 -73.88 10.42
C SER GA 58 -41.37 -72.62 9.81
N GLY GA 59 -42.64 -72.34 10.09
CA GLY GA 59 -43.43 -71.28 9.45
C GLY GA 59 -44.01 -71.71 8.10
N LYS GA 60 -44.26 -73.00 7.95
CA LYS GA 60 -44.88 -73.64 6.78
C LYS GA 60 -46.34 -73.97 7.08
N HIS GA 61 -47.24 -73.51 6.24
CA HIS GA 61 -48.68 -73.74 6.33
C HIS GA 61 -49.05 -74.87 5.39
N VAL GA 62 -49.54 -75.97 5.94
CA VAL GA 62 -49.87 -77.22 5.25
C VAL GA 62 -51.38 -77.35 5.20
N PRO GA 63 -51.99 -77.58 4.03
CA PRO GA 63 -53.44 -77.58 3.89
C PRO GA 63 -54.12 -78.75 4.61
N ARG GA 64 -55.28 -78.49 5.19
CA ARG GA 64 -56.20 -79.48 5.77
C ARG GA 64 -57.03 -80.14 4.67
N ALA GA 65 -56.35 -80.83 3.75
CA ALA GA 65 -56.94 -81.44 2.58
C ALA GA 65 -56.47 -82.87 2.38
N VAL GA 66 -57.35 -83.71 1.85
CA VAL GA 66 -56.99 -85.05 1.35
C VAL GA 66 -57.36 -85.10 -0.12
N PHE GA 67 -56.45 -85.55 -0.98
CA PHE GA 67 -56.71 -85.75 -2.40
C PHE GA 67 -56.71 -87.25 -2.66
N VAL GA 68 -57.78 -87.80 -3.24
CA VAL GA 68 -57.93 -89.24 -3.47
C VAL GA 68 -58.36 -89.52 -4.89
N ASP GA 69 -57.66 -90.41 -5.56
CA ASP GA 69 -58.01 -90.89 -6.88
C ASP GA 69 -57.61 -92.36 -6.97
N LEU GA 70 -58.37 -93.20 -7.66
CA LEU GA 70 -58.07 -94.62 -7.75
C LEU GA 70 -56.98 -94.93 -8.78
N GLU GA 71 -56.71 -93.99 -9.69
CA GLU GA 71 -55.62 -93.99 -10.67
C GLU GA 71 -54.59 -92.86 -10.41
N GLN GA 72 -53.34 -92.99 -10.90
CA GLN GA 72 -52.27 -92.09 -10.51
C GLN GA 72 -52.25 -90.75 -11.25
N THR GA 73 -52.87 -90.62 -12.42
CA THR GA 73 -52.46 -89.59 -13.41
C THR GA 73 -52.63 -88.14 -12.97
N VAL GA 74 -53.79 -87.82 -12.38
CA VAL GA 74 -54.16 -86.47 -11.98
C VAL GA 74 -53.44 -86.04 -10.70
N ILE GA 75 -53.31 -86.91 -9.71
CA ILE GA 75 -52.56 -86.61 -8.49
C ILE GA 75 -51.04 -86.62 -8.73
N GLY GA 76 -50.50 -87.45 -9.62
CA GLY GA 76 -49.09 -87.34 -10.02
C GLY GA 76 -48.77 -85.99 -10.67
N GLU GA 77 -49.76 -85.33 -11.26
CA GLU GA 77 -49.61 -83.99 -11.80
C GLU GA 77 -49.61 -82.93 -10.67
N ILE GA 78 -50.43 -83.11 -9.63
CA ILE GA 78 -50.40 -82.30 -8.39
C ILE GA 78 -49.06 -82.47 -7.66
N ARG GA 79 -48.53 -83.70 -7.58
CA ARG GA 79 -47.19 -84.03 -7.05
C ARG GA 79 -46.01 -83.52 -7.89
N ASN GA 80 -46.23 -82.85 -9.02
CA ASN GA 80 -45.17 -82.41 -9.94
C ASN GA 80 -45.26 -80.92 -10.31
N GLY GA 81 -46.47 -80.35 -10.32
CA GLY GA 81 -46.72 -78.95 -10.61
C GLY GA 81 -46.36 -77.98 -9.48
N PRO GA 82 -46.77 -76.72 -9.59
CA PRO GA 82 -46.36 -75.65 -8.65
C PRO GA 82 -46.73 -75.91 -7.19
N TYR GA 83 -47.73 -76.75 -6.91
CA TYR GA 83 -48.15 -77.09 -5.55
C TYR GA 83 -47.52 -78.37 -4.98
N ARG GA 84 -46.50 -78.94 -5.61
CA ARG GA 84 -45.79 -80.13 -5.09
C ARG GA 84 -45.26 -80.00 -3.67
N SER GA 85 -44.87 -78.78 -3.26
CA SER GA 85 -44.35 -78.44 -1.94
C SER GA 85 -45.43 -77.97 -0.96
N LEU GA 86 -46.68 -77.78 -1.38
CA LEU GA 86 -47.74 -77.34 -0.48
C LEU GA 86 -48.25 -78.49 0.40
N PHE GA 87 -48.63 -79.59 -0.22
CA PHE GA 87 -49.30 -80.71 0.42
C PHE GA 87 -48.32 -81.64 1.12
N HIS GA 88 -48.78 -82.25 2.21
CA HIS GA 88 -48.11 -83.39 2.83
C HIS GA 88 -48.11 -84.58 1.86
N PRO GA 89 -46.97 -85.24 1.60
CA PRO GA 89 -46.87 -86.22 0.52
C PRO GA 89 -47.76 -87.45 0.69
N GLU GA 90 -48.12 -87.84 1.91
CA GLU GA 90 -49.01 -88.99 2.16
C GLU GA 90 -50.51 -88.66 2.25
N GLN GA 91 -50.91 -87.39 2.08
CA GLN GA 91 -52.33 -87.02 1.93
C GLN GA 91 -52.75 -86.74 0.48
N LEU GA 92 -51.81 -86.89 -0.45
CA LEU GA 92 -52.05 -87.11 -1.87
C LEU GA 92 -52.07 -88.63 -2.12
N ILE GA 93 -53.24 -89.26 -2.19
CA ILE GA 93 -53.40 -90.72 -2.12
C ILE GA 93 -53.82 -91.28 -3.47
N THR GA 94 -53.12 -92.30 -3.96
CA THR GA 94 -53.39 -92.93 -5.26
C THR GA 94 -53.38 -94.46 -5.19
N GLY GA 95 -54.24 -95.08 -5.99
CA GLY GA 95 -54.19 -96.49 -6.35
C GLY GA 95 -53.45 -96.75 -7.66
N LYS GA 96 -53.44 -98.03 -8.08
CA LYS GA 96 -52.91 -98.51 -9.36
C LYS GA 96 -53.95 -98.47 -10.49
N GLU GA 97 -55.23 -98.71 -10.18
CA GLU GA 97 -56.28 -99.10 -11.13
C GLU GA 97 -57.41 -98.07 -11.19
N ASP GA 98 -57.69 -97.55 -12.37
CA ASP GA 98 -58.82 -96.68 -12.68
C ASP GA 98 -60.17 -97.36 -12.33
N ALA GA 99 -61.17 -96.58 -11.89
CA ALA GA 99 -62.53 -97.05 -11.62
C ALA GA 99 -63.44 -97.18 -12.86
N ALA GA 100 -62.98 -96.79 -14.04
CA ALA GA 100 -63.56 -97.05 -15.35
C ALA GA 100 -64.98 -96.50 -15.57
N ASN GA 101 -65.36 -95.42 -14.90
CA ASN GA 101 -66.71 -94.88 -14.88
C ASN GA 101 -67.73 -95.92 -14.42
N ASN GA 102 -67.31 -96.86 -13.57
CA ASN GA 102 -68.14 -97.91 -13.03
C ASN GA 102 -68.26 -97.71 -11.52
N TYR GA 103 -69.45 -97.37 -11.02
CA TYR GA 103 -69.71 -97.21 -9.59
C TYR GA 103 -69.21 -98.37 -8.75
N ALA GA 104 -69.39 -99.60 -9.24
CA ALA GA 104 -69.08 -100.80 -8.49
C ALA GA 104 -67.58 -101.03 -8.32
N ARG GA 105 -66.73 -100.58 -9.24
CA ARG GA 105 -65.28 -100.57 -9.03
C ARG GA 105 -64.90 -99.57 -7.96
N GLY GA 106 -65.50 -98.39 -7.96
CA GLY GA 106 -65.22 -97.39 -6.94
C GLY GA 106 -65.62 -97.85 -5.54
N HIS GA 107 -66.82 -98.40 -5.41
CA HIS GA 107 -67.41 -98.78 -4.14
C HIS GA 107 -67.02 -100.16 -3.61
N TYR GA 108 -67.04 -101.21 -4.44
CA TYR GA 108 -66.96 -102.61 -3.99
C TYR GA 108 -65.59 -103.28 -4.20
N THR GA 109 -64.87 -102.94 -5.26
CA THR GA 109 -63.75 -103.76 -5.77
C THR GA 109 -62.38 -103.07 -5.67
N ILE GA 110 -62.24 -101.85 -6.17
CA ILE GA 110 -60.94 -101.13 -6.20
C ILE GA 110 -60.79 -100.16 -5.03
N GLY GA 111 -61.81 -99.36 -4.74
CA GLY GA 111 -61.79 -98.42 -3.63
C GLY GA 111 -61.80 -99.09 -2.25
N LYS GA 112 -62.33 -100.30 -2.17
CA LYS GA 112 -62.24 -101.24 -1.04
C LYS GA 112 -60.82 -101.43 -0.51
N GLU GA 113 -59.80 -101.25 -1.35
CA GLU GA 113 -58.39 -101.37 -0.95
C GLU GA 113 -57.79 -100.08 -0.40
N LEU GA 114 -58.09 -98.91 -0.97
CA LEU GA 114 -57.52 -97.63 -0.57
C LEU GA 114 -58.25 -96.98 0.62
N ILE GA 115 -59.49 -97.37 0.93
CA ILE GA 115 -60.34 -96.69 1.92
C ILE GA 115 -59.73 -96.59 3.32
N ASP GA 116 -59.14 -97.66 3.84
CA ASP GA 116 -58.58 -97.67 5.20
C ASP GA 116 -57.28 -96.85 5.33
N SER GA 117 -56.64 -96.49 4.20
CA SER GA 117 -55.56 -95.51 4.11
C SER GA 117 -56.12 -94.08 4.00
N VAL GA 118 -57.21 -93.87 3.27
CA VAL GA 118 -57.89 -92.57 3.19
C VAL GA 118 -58.41 -92.13 4.56
N LEU GA 119 -59.03 -93.03 5.30
CA LEU GA 119 -59.50 -92.78 6.65
C LEU GA 119 -58.38 -92.44 7.63
N ASP GA 120 -57.21 -93.07 7.48
CA ASP GA 120 -56.07 -92.87 8.37
C ASP GA 120 -55.50 -91.45 8.26
N ARG GA 121 -55.46 -90.89 7.05
CA ARG GA 121 -55.17 -89.48 6.83
C ARG GA 121 -56.22 -88.55 7.38
N VAL GA 122 -57.50 -88.85 7.20
CA VAL GA 122 -58.58 -88.01 7.75
C VAL GA 122 -58.54 -88.01 9.28
N ARG GA 123 -58.27 -89.15 9.92
CA ARG GA 123 -58.01 -89.25 11.36
C ARG GA 123 -56.81 -88.39 11.81
N LYS GA 124 -55.67 -88.48 11.14
CA LYS GA 124 -54.49 -87.65 11.43
C LYS GA 124 -54.71 -86.16 11.16
N MET GA 125 -55.68 -85.75 10.35
CA MET GA 125 -56.08 -84.35 10.20
C MET GA 125 -57.05 -83.90 11.29
N ALA GA 126 -58.06 -84.70 11.61
CA ALA GA 126 -59.04 -84.39 12.64
C ALA GA 126 -58.41 -84.30 14.02
N ASP GA 127 -57.43 -85.14 14.34
CA ASP GA 127 -56.66 -85.07 15.58
C ASP GA 127 -55.78 -83.81 15.71
N GLN GA 128 -55.52 -83.08 14.62
CA GLN GA 128 -54.89 -81.75 14.63
C GLN GA 128 -55.88 -80.59 14.72
N CYS GA 129 -57.18 -80.83 14.58
CA CYS GA 129 -58.24 -79.85 14.78
C CYS GA 129 -58.62 -79.72 16.25
N SER GA 130 -59.24 -78.60 16.61
CA SER GA 130 -59.79 -78.32 17.94
C SER GA 130 -61.14 -77.65 17.74
N GLY GA 131 -62.23 -78.41 17.78
CA GLY GA 131 -63.51 -77.93 17.28
C GLY GA 131 -63.52 -77.83 15.76
N LEU GA 132 -63.33 -78.98 15.10
CA LEU GA 132 -63.53 -79.17 13.65
C LEU GA 132 -64.96 -78.79 13.28
N GLN GA 133 -65.13 -77.91 12.30
CA GLN GA 133 -66.42 -77.37 11.92
C GLN GA 133 -67.24 -78.32 11.04
N GLY GA 134 -66.55 -79.04 10.15
CA GLY GA 134 -67.16 -79.99 9.23
C GLY GA 134 -66.18 -80.50 8.17
N PHE GA 135 -66.72 -81.18 7.17
CA PHE GA 135 -66.04 -81.69 5.99
C PHE GA 135 -66.51 -80.98 4.73
N LEU GA 136 -65.62 -80.67 3.80
CA LEU GA 136 -65.97 -80.16 2.47
C LEU GA 136 -65.59 -81.22 1.43
N VAL GA 137 -66.56 -81.96 0.90
CA VAL GA 137 -66.29 -83.11 0.00
C VAL GA 137 -66.58 -82.78 -1.47
N PHE GA 138 -65.56 -82.81 -2.32
CA PHE GA 138 -65.62 -82.42 -3.73
C PHE GA 138 -65.54 -83.61 -4.67
N HIS GA 139 -66.49 -83.76 -5.58
CA HIS GA 139 -66.57 -84.93 -6.46
C HIS GA 139 -67.45 -84.74 -7.71
N SER GA 140 -67.36 -85.68 -8.64
CA SER GA 140 -68.23 -85.84 -9.78
C SER GA 140 -69.30 -86.88 -9.49
N PHE GA 141 -70.57 -86.59 -9.81
CA PHE GA 141 -71.64 -87.57 -9.75
C PHE GA 141 -71.55 -88.64 -10.84
N GLY GA 142 -70.92 -88.31 -11.97
CA GLY GA 142 -70.83 -89.18 -13.14
C GLY GA 142 -69.66 -90.16 -13.16
N GLY GA 143 -68.62 -89.86 -12.40
CA GLY GA 143 -67.43 -90.70 -12.28
C GLY GA 143 -67.62 -92.02 -11.55
N GLY GA 144 -66.75 -93.01 -11.79
CA GLY GA 144 -66.67 -94.23 -11.01
C GLY GA 144 -66.05 -94.00 -9.65
N THR GA 145 -64.93 -93.26 -9.57
CA THR GA 145 -64.35 -92.83 -8.30
C THR GA 145 -65.23 -91.76 -7.64
N GLY GA 146 -65.67 -90.77 -8.39
CA GLY GA 146 -66.61 -89.75 -7.96
C GLY GA 146 -67.86 -90.26 -7.24
N SER GA 147 -68.58 -91.21 -7.80
CA SER GA 147 -69.77 -91.80 -7.17
C SER GA 147 -69.47 -92.94 -6.19
N GLY GA 148 -68.72 -93.94 -6.61
CA GLY GA 148 -68.48 -95.15 -5.85
C GLY GA 148 -67.50 -94.98 -4.71
N PHE GA 149 -66.42 -94.22 -4.89
CA PHE GA 149 -65.48 -94.02 -3.79
C PHE GA 149 -66.01 -92.99 -2.79
N THR GA 150 -66.64 -91.90 -3.23
CA THR GA 150 -67.26 -90.94 -2.30
C THR GA 150 -68.33 -91.62 -1.46
N SER GA 151 -69.14 -92.50 -2.05
CA SER GA 151 -70.17 -93.22 -1.31
C SER GA 151 -69.63 -94.27 -0.35
N LEU GA 152 -68.47 -94.85 -0.65
CA LEU GA 152 -67.73 -95.71 0.29
C LEU GA 152 -67.16 -94.88 1.44
N LEU GA 153 -66.51 -93.76 1.15
CA LEU GA 153 -65.94 -92.87 2.16
C LEU GA 153 -66.99 -92.25 3.06
N MET GA 154 -68.06 -91.67 2.52
CA MET GA 154 -69.10 -91.03 3.33
C MET GA 154 -69.78 -91.99 4.30
N GLU GA 155 -69.98 -93.25 3.93
CA GLU GA 155 -70.56 -94.25 4.82
C GLU GA 155 -69.70 -94.47 6.06
N ARG GA 156 -68.37 -94.43 5.90
CA ARG GA 156 -67.39 -94.51 6.99
C ARG GA 156 -67.35 -93.24 7.83
N LEU GA 157 -67.25 -92.07 7.21
CA LEU GA 157 -67.24 -90.80 7.94
C LEU GA 157 -68.54 -90.56 8.71
N SER GA 158 -69.67 -91.11 8.27
CA SER GA 158 -70.96 -90.93 8.94
C SER GA 158 -71.17 -91.86 10.15
N VAL GA 159 -70.33 -92.87 10.36
CA VAL GA 159 -70.22 -93.63 11.62
C VAL GA 159 -69.04 -93.14 12.46
N ASP GA 160 -67.92 -92.75 11.85
CA ASP GA 160 -66.75 -92.26 12.58
C ASP GA 160 -66.89 -90.84 13.15
N TYR GA 161 -67.58 -89.94 12.46
CA TYR GA 161 -67.73 -88.51 12.80
C TYR GA 161 -69.21 -88.10 12.74
N GLY GA 162 -70.11 -88.85 13.37
CA GLY GA 162 -71.55 -88.71 13.16
C GLY GA 162 -72.14 -87.31 13.40
N LYS GA 163 -71.62 -86.55 14.36
CA LYS GA 163 -72.09 -85.18 14.68
C LYS GA 163 -71.68 -84.13 13.65
N LYS GA 164 -70.50 -84.28 13.02
CA LYS GA 164 -69.85 -83.25 12.20
C LYS GA 164 -70.56 -83.01 10.87
N SER GA 165 -70.78 -81.75 10.49
CA SER GA 165 -71.49 -81.39 9.25
C SER GA 165 -70.70 -81.77 7.99
N LYS GA 166 -71.32 -82.50 7.08
CA LYS GA 166 -70.72 -82.95 5.82
C LYS GA 166 -71.33 -82.16 4.67
N LEU GA 167 -70.60 -81.15 4.19
CA LEU GA 167 -70.97 -80.32 3.06
C LEU GA 167 -70.36 -80.94 1.81
N GLU GA 168 -71.11 -80.95 0.72
CA GLU GA 168 -70.70 -81.76 -0.43
C GLU GA 168 -70.95 -81.02 -1.73
N PHE GA 169 -69.90 -80.88 -2.54
CA PHE GA 169 -69.93 -80.12 -3.79
C PHE GA 169 -69.82 -81.07 -4.96
N SER GA 170 -70.89 -81.17 -5.74
CA SER GA 170 -71.05 -82.21 -6.74
C SER GA 170 -71.17 -81.64 -8.13
N VAL GA 171 -70.31 -82.05 -9.05
CA VAL GA 171 -70.53 -81.84 -10.48
C VAL GA 171 -71.49 -82.90 -11.00
N TYR GA 172 -72.69 -82.48 -11.40
CA TYR GA 172 -73.87 -83.25 -11.68
C TYR GA 172 -74.15 -83.30 -13.19
N PRO GA 173 -74.66 -84.40 -13.76
CA PRO GA 173 -74.98 -84.46 -15.20
C PRO GA 173 -75.96 -83.41 -15.73
N ALA GA 174 -75.69 -82.92 -16.94
CA ALA GA 174 -76.42 -81.84 -17.61
C ALA GA 174 -77.65 -82.31 -18.41
N PRO GA 175 -78.51 -81.39 -18.89
CA PRO GA 175 -79.56 -81.74 -19.84
C PRO GA 175 -79.02 -82.36 -21.13
N ARG GA 176 -77.99 -81.78 -21.77
CA ARG GA 176 -77.49 -82.21 -23.08
C ARG GA 176 -75.99 -82.61 -23.06
N ILE GA 177 -75.14 -81.78 -22.43
CA ILE GA 177 -73.71 -82.05 -22.28
C ILE GA 177 -73.46 -83.27 -21.39
N SER GA 178 -72.69 -84.22 -21.90
CA SER GA 178 -72.29 -85.42 -21.19
C SER GA 178 -70.97 -85.92 -21.72
N THR GA 179 -70.19 -86.61 -20.89
CA THR GA 179 -68.85 -87.12 -21.26
C THR GA 179 -68.78 -88.65 -21.28
N ALA GA 180 -69.84 -89.31 -20.86
CA ALA GA 180 -69.93 -90.75 -20.63
C ALA GA 180 -71.33 -91.25 -20.99
N VAL GA 181 -71.40 -92.53 -21.36
CA VAL GA 181 -72.66 -93.18 -21.64
C VAL GA 181 -73.37 -93.59 -20.35
N VAL GA 182 -72.60 -93.97 -19.33
CA VAL GA 182 -73.07 -94.51 -18.04
C VAL GA 182 -73.21 -93.47 -16.90
N GLU GA 183 -73.05 -92.18 -17.20
CA GLU GA 183 -73.25 -91.05 -16.29
C GLU GA 183 -74.62 -91.08 -15.52
N PRO GA 184 -75.77 -91.45 -16.14
CA PRO GA 184 -77.04 -91.65 -15.43
C PRO GA 184 -77.03 -92.77 -14.39
N TYR GA 185 -76.35 -93.89 -14.65
CA TYR GA 185 -76.24 -94.99 -13.71
C TYR GA 185 -75.44 -94.61 -12.48
N ASN GA 186 -74.29 -93.96 -12.64
CA ASN GA 186 -73.45 -93.57 -11.52
C ASN GA 186 -74.11 -92.51 -10.64
N SER GA 187 -74.83 -91.58 -11.25
CA SER GA 187 -75.54 -90.52 -10.53
C SER GA 187 -76.69 -91.02 -9.70
N ILE GA 188 -77.54 -91.89 -10.25
CA ILE GA 188 -78.68 -92.47 -9.52
C ILE GA 188 -78.20 -93.36 -8.36
N LEU GA 189 -77.17 -94.19 -8.57
CA LEU GA 189 -76.55 -94.98 -7.49
C LEU GA 189 -75.96 -94.12 -6.37
N THR GA 190 -75.55 -92.88 -6.66
CA THR GA 190 -75.08 -91.92 -5.65
C THR GA 190 -76.18 -91.33 -4.77
N THR GA 191 -77.44 -91.32 -5.18
CA THR GA 191 -78.54 -90.64 -4.45
C THR GA 191 -78.77 -91.15 -3.01
N HIS GA 192 -78.36 -92.36 -2.67
CA HIS GA 192 -78.36 -92.83 -1.28
C HIS GA 192 -77.31 -92.12 -0.42
N THR GA 193 -76.18 -91.77 -1.02
CA THR GA 193 -75.06 -91.12 -0.33
C THR GA 193 -75.49 -89.75 0.13
N THR GA 194 -75.98 -88.94 -0.81
CA THR GA 194 -76.43 -87.60 -0.51
C THR GA 194 -77.63 -87.60 0.42
N LEU GA 195 -78.63 -88.47 0.23
CA LEU GA 195 -79.77 -88.53 1.16
C LEU GA 195 -79.38 -88.93 2.59
N GLU GA 196 -78.60 -89.98 2.79
CA GLU GA 196 -78.39 -90.57 4.11
C GLU GA 196 -77.12 -90.07 4.82
N HIS GA 197 -76.04 -89.77 4.09
CA HIS GA 197 -74.69 -89.51 4.62
C HIS GA 197 -74.12 -88.15 4.23
N SER GA 198 -74.96 -87.15 4.04
CA SER GA 198 -74.60 -85.76 3.73
C SER GA 198 -75.53 -84.81 4.45
N ASP GA 199 -75.12 -83.58 4.73
CA ASP GA 199 -75.92 -82.61 5.47
C ASP GA 199 -76.33 -81.40 4.63
N CYS GA 200 -75.57 -81.04 3.60
CA CYS GA 200 -75.94 -80.03 2.62
C CYS GA 200 -75.17 -80.27 1.31
N ALA GA 201 -75.90 -80.55 0.23
CA ALA GA 201 -75.31 -81.01 -1.02
C ALA GA 201 -75.52 -80.02 -2.17
N PHE GA 202 -74.45 -79.36 -2.58
CA PHE GA 202 -74.43 -78.34 -3.62
C PHE GA 202 -74.20 -78.98 -4.99
N MET GA 203 -75.27 -79.25 -5.70
CA MET GA 203 -75.23 -79.67 -7.10
C MET GA 203 -74.78 -78.50 -7.98
N VAL GA 204 -73.89 -78.79 -8.92
CA VAL GA 204 -73.39 -77.88 -9.95
C VAL GA 204 -73.40 -78.58 -11.29
N ASP GA 205 -73.55 -77.87 -12.39
CA ASP GA 205 -73.68 -78.39 -13.74
C ASP GA 205 -72.67 -77.75 -14.70
N ASN GA 206 -71.96 -78.58 -15.48
CA ASN GA 206 -70.99 -78.08 -16.47
C ASN GA 206 -71.67 -77.21 -17.53
N GLU GA 207 -72.86 -77.54 -17.99
CA GLU GA 207 -73.51 -76.83 -19.09
C GLU GA 207 -74.03 -75.45 -18.69
N ALA GA 208 -74.45 -75.28 -17.44
CA ALA GA 208 -74.88 -74.02 -16.88
C ALA GA 208 -73.69 -73.06 -16.69
N ILE GA 209 -72.56 -73.55 -16.17
CA ILE GA 209 -71.37 -72.71 -16.10
C ILE GA 209 -70.83 -72.40 -17.48
N TYR GA 210 -70.86 -73.32 -18.45
CA TYR GA 210 -70.47 -72.99 -19.82
C TYR GA 210 -71.29 -71.84 -20.39
N ASP GA 211 -72.58 -71.74 -20.07
CA ASP GA 211 -73.44 -70.65 -20.54
C ASP GA 211 -73.20 -69.34 -19.79
N ILE GA 212 -72.98 -69.41 -18.48
CA ILE GA 212 -72.51 -68.27 -17.67
C ILE GA 212 -71.21 -67.72 -18.24
N CYS GA 213 -70.24 -68.56 -18.58
CA CYS GA 213 -68.98 -68.13 -19.16
C CYS GA 213 -69.19 -67.38 -20.47
N ASN GA 214 -70.07 -67.88 -21.34
CA ASN GA 214 -70.37 -67.29 -22.64
C ASN GA 214 -71.03 -65.92 -22.52
N ARG GA 215 -71.99 -65.75 -21.59
CA ARG GA 215 -72.82 -64.54 -21.45
C ARG GA 215 -72.26 -63.45 -20.55
N ASN GA 216 -71.47 -63.79 -19.55
CA ASN GA 216 -70.98 -62.87 -18.53
C ASN GA 216 -69.47 -62.59 -18.59
N LEU GA 217 -68.67 -63.62 -18.84
CA LEU GA 217 -67.21 -63.47 -19.01
C LEU GA 217 -66.83 -63.18 -20.47
N ASP GA 218 -67.77 -63.41 -21.39
CA ASP GA 218 -67.62 -63.32 -22.84
C ASP GA 218 -66.50 -64.20 -23.43
N ILE GA 219 -66.04 -65.20 -22.69
CA ILE GA 219 -65.14 -66.23 -23.22
C ILE GA 219 -65.96 -67.21 -24.07
N GLU GA 220 -65.60 -67.32 -25.34
CA GLU GA 220 -66.42 -68.04 -26.33
C GLU GA 220 -66.35 -69.57 -26.19
N ARG GA 221 -65.19 -70.07 -25.75
CA ARG GA 221 -64.78 -71.49 -25.70
C ARG GA 221 -63.97 -71.83 -24.42
N PRO GA 222 -64.60 -71.97 -23.24
CA PRO GA 222 -63.88 -72.28 -22.00
C PRO GA 222 -63.46 -73.74 -21.83
N SER GA 223 -62.39 -73.93 -21.07
CA SER GA 223 -61.87 -75.21 -20.57
C SER GA 223 -62.50 -75.55 -19.21
N TYR GA 224 -62.04 -76.63 -18.56
CA TYR GA 224 -62.37 -76.85 -17.17
C TYR GA 224 -61.68 -75.90 -16.19
N THR GA 225 -60.52 -75.31 -16.54
CA THR GA 225 -59.89 -74.37 -15.60
C THR GA 225 -60.81 -73.17 -15.34
N ASN GA 226 -61.58 -72.74 -16.33
CA ASN GA 226 -62.55 -71.67 -16.19
C ASN GA 226 -63.73 -72.04 -15.30
N LEU GA 227 -64.18 -73.30 -15.33
CA LEU GA 227 -65.26 -73.78 -14.48
C LEU GA 227 -64.82 -73.90 -13.03
N ASN GA 228 -63.67 -74.52 -12.81
CA ASN GA 228 -63.16 -74.77 -11.47
C ASN GA 228 -62.85 -73.45 -10.73
N ARG GA 229 -62.41 -72.43 -11.46
CA ARG GA 229 -62.23 -71.08 -10.89
C ARG GA 229 -63.53 -70.39 -10.50
N LEU GA 230 -64.70 -70.82 -10.98
CA LEU GA 230 -66.00 -70.38 -10.46
C LEU GA 230 -66.48 -71.24 -9.27
N ILE GA 231 -66.27 -72.55 -9.34
CA ILE GA 231 -66.71 -73.49 -8.30
C ILE GA 231 -65.93 -73.28 -6.99
N ALA GA 232 -64.64 -72.98 -7.07
CA ALA GA 232 -63.83 -72.64 -5.89
C ALA GA 232 -64.26 -71.31 -5.29
N GLN GA 233 -64.62 -70.32 -6.11
CA GLN GA 233 -65.02 -69.01 -5.65
C GLN GA 233 -66.27 -69.07 -4.76
N ILE GA 234 -67.21 -69.95 -5.06
CA ILE GA 234 -68.37 -70.18 -4.19
C ILE GA 234 -67.94 -70.76 -2.83
N VAL GA 235 -67.04 -71.73 -2.77
CA VAL GA 235 -66.62 -72.30 -1.48
C VAL GA 235 -65.78 -71.33 -0.64
N SER GA 236 -64.98 -70.47 -1.28
CA SER GA 236 -64.35 -69.37 -0.57
C SER GA 236 -65.40 -68.49 0.11
N SER GA 237 -66.51 -68.23 -0.55
CA SER GA 237 -67.59 -67.38 -0.04
C SER GA 237 -68.45 -68.06 1.02
N ILE GA 238 -68.67 -69.38 0.93
CA ILE GA 238 -69.29 -70.17 2.00
C ILE GA 238 -68.40 -70.16 3.24
N THR GA 239 -67.10 -70.34 3.08
CA THR GA 239 -66.15 -70.36 4.19
C THR GA 239 -65.71 -68.99 4.67
N ALA GA 240 -65.98 -67.89 3.97
CA ALA GA 240 -65.44 -66.59 4.33
C ALA GA 240 -65.79 -66.16 5.77
N SER GA 241 -67.02 -66.43 6.22
CA SER GA 241 -67.42 -66.15 7.61
C SER GA 241 -66.71 -66.97 8.67
N LEU GA 242 -66.11 -68.08 8.29
CA LEU GA 242 -65.30 -68.94 9.16
C LEU GA 242 -63.88 -68.39 9.29
N ARG GA 243 -63.42 -67.67 8.26
CA ARG GA 243 -62.05 -67.20 8.04
C ARG GA 243 -61.81 -65.73 8.37
N PHE GA 244 -62.82 -64.88 8.37
CA PHE GA 244 -62.66 -63.41 8.36
C PHE GA 244 -63.65 -62.66 9.26
N ASP GA 245 -63.37 -61.37 9.51
CA ASP GA 245 -64.32 -60.48 10.19
C ASP GA 245 -65.45 -60.03 9.26
N GLY GA 246 -66.63 -59.81 9.82
CA GLY GA 246 -67.83 -59.37 9.10
C GLY GA 246 -68.84 -58.66 9.99
N ALA GA 247 -69.83 -58.01 9.39
CA ALA GA 247 -70.92 -57.38 10.12
C ALA GA 247 -71.91 -58.42 10.67
N LEU GA 248 -72.12 -59.50 9.92
CA LEU GA 248 -73.06 -60.58 10.20
C LEU GA 248 -72.42 -61.91 9.77
N ASN GA 249 -71.39 -62.37 10.47
CA ASN GA 249 -70.74 -63.65 10.16
C ASN GA 249 -71.71 -64.83 10.35
N VAL GA 250 -71.61 -65.83 9.49
CA VAL GA 250 -72.47 -67.03 9.48
C VAL GA 250 -71.67 -68.28 9.80
N ASP GA 251 -72.01 -68.98 10.87
CA ASP GA 251 -71.43 -70.28 11.23
C ASP GA 251 -71.87 -71.40 10.26
N LEU GA 252 -71.06 -72.43 10.08
CA LEU GA 252 -71.38 -73.52 9.14
C LEU GA 252 -72.67 -74.30 9.49
N THR GA 253 -73.11 -74.31 10.75
CA THR GA 253 -74.42 -74.84 11.20
C THR GA 253 -75.53 -73.81 11.26
N GLU GA 254 -75.21 -72.54 11.48
CA GLU GA 254 -76.13 -71.43 11.34
C GLU GA 254 -76.66 -71.33 9.90
N PHE GA 255 -75.78 -71.57 8.94
CA PHE GA 255 -76.07 -71.72 7.53
C PHE GA 255 -77.13 -72.80 7.29
N GLN GA 256 -76.91 -74.02 7.79
CA GLN GA 256 -77.81 -75.15 7.66
C GLN GA 256 -79.15 -74.95 8.38
N THR GA 257 -79.19 -74.31 9.55
CA THR GA 257 -80.43 -74.04 10.28
C THR GA 257 -81.38 -73.10 9.53
N ASN GA 258 -80.89 -72.29 8.59
CA ASN GA 258 -81.68 -71.44 7.72
C ASN GA 258 -81.89 -72.00 6.31
N LEU GA 259 -80.96 -72.78 5.76
CA LEU GA 259 -81.11 -73.42 4.46
C LEU GA 259 -82.07 -74.60 4.48
N VAL GA 260 -82.02 -75.45 5.49
CA VAL GA 260 -82.63 -76.78 5.46
C VAL GA 260 -83.95 -76.79 6.26
N PRO GA 261 -85.12 -76.75 5.62
CA PRO GA 261 -86.41 -76.77 6.32
C PRO GA 261 -86.81 -78.12 6.86
N TYR GA 262 -86.37 -79.21 6.24
CA TYR GA 262 -86.76 -80.58 6.58
C TYR GA 262 -85.54 -81.50 6.43
N PRO GA 263 -85.43 -82.62 7.16
CA PRO GA 263 -84.21 -83.40 7.20
C PRO GA 263 -83.65 -83.81 5.84
N ARG GA 264 -84.52 -84.10 4.85
CA ARG GA 264 -84.06 -84.59 3.54
C ARG GA 264 -83.98 -83.52 2.46
N ILE GA 265 -84.33 -82.29 2.79
CA ILE GA 265 -84.49 -81.16 1.86
C ILE GA 265 -83.30 -80.22 2.00
N HIS GA 266 -82.15 -80.74 1.60
CA HIS GA 266 -80.83 -80.16 1.83
C HIS GA 266 -80.02 -80.04 0.54
N PHE GA 267 -80.71 -79.93 -0.59
CA PHE GA 267 -80.13 -79.74 -1.92
C PHE GA 267 -80.38 -78.33 -2.42
N PRO GA 268 -79.68 -77.30 -1.92
CA PRO GA 268 -79.79 -75.96 -2.43
C PRO GA 268 -79.12 -75.82 -3.80
N LEU GA 269 -79.66 -74.92 -4.62
CA LEU GA 269 -78.91 -74.30 -5.69
C LEU GA 269 -77.86 -73.37 -5.10
N VAL GA 270 -76.87 -73.03 -5.92
CA VAL GA 270 -75.88 -72.01 -5.63
C VAL GA 270 -75.70 -71.10 -6.86
N THR GA 271 -75.39 -69.85 -6.64
CA THR GA 271 -75.04 -68.86 -7.66
C THR GA 271 -74.13 -67.80 -7.07
N TYR GA 272 -73.40 -67.09 -7.92
CA TYR GA 272 -72.43 -66.08 -7.52
C TYR GA 272 -72.64 -64.83 -8.38
N SER GA 273 -72.51 -63.64 -7.80
CA SER GA 273 -72.55 -62.40 -8.56
C SER GA 273 -71.60 -61.37 -7.98
N PRO GA 274 -71.04 -60.48 -8.80
CA PRO GA 274 -71.13 -60.48 -10.25
C PRO GA 274 -70.09 -61.43 -10.88
N ILE GA 275 -70.51 -62.37 -11.73
CA ILE GA 275 -69.56 -62.93 -12.70
C ILE GA 275 -69.36 -61.89 -13.78
N ILE GA 276 -68.14 -61.40 -13.96
CA ILE GA 276 -67.91 -60.26 -14.88
C ILE GA 276 -66.46 -60.23 -15.39
N SER GA 277 -66.24 -59.79 -16.63
CA SER GA 277 -64.90 -59.59 -17.18
C SER GA 277 -64.42 -58.15 -17.01
N ALA GA 278 -63.12 -57.92 -17.18
CA ALA GA 278 -62.54 -56.58 -17.15
C ALA GA 278 -63.03 -55.65 -18.29
N GLU GA 279 -63.68 -56.18 -19.33
CA GLU GA 279 -64.26 -55.36 -20.41
C GLU GA 279 -65.48 -54.57 -19.93
N LYS GA 280 -66.22 -55.11 -18.96
CA LYS GA 280 -67.53 -54.60 -18.52
C LYS GA 280 -67.53 -54.10 -17.08
N ALA GA 281 -66.68 -54.62 -16.21
CA ALA GA 281 -66.68 -54.27 -14.79
C ALA GA 281 -66.44 -52.77 -14.52
N TYR GA 282 -65.78 -52.06 -15.42
CA TYR GA 282 -65.58 -50.60 -15.34
C TYR GA 282 -66.73 -49.77 -15.89
N HIS GA 283 -67.82 -50.37 -16.42
CA HIS GA 283 -68.97 -49.65 -16.96
C HIS GA 283 -70.29 -49.97 -16.24
N GLU GA 284 -70.44 -51.17 -15.70
CA GLU GA 284 -71.52 -51.53 -14.78
C GLU GA 284 -71.36 -50.79 -13.44
N GLN GA 285 -72.44 -50.48 -12.73
CA GLN GA 285 -72.32 -49.94 -11.38
C GLN GA 285 -71.90 -50.99 -10.35
N LEU GA 286 -72.39 -52.24 -10.45
CA LEU GA 286 -72.14 -53.27 -9.45
C LEU GA 286 -72.51 -52.80 -8.04
N SER GA 287 -73.57 -52.01 -7.93
CA SER GA 287 -74.21 -51.66 -6.67
C SER GA 287 -74.81 -52.90 -6.01
N VAL GA 288 -75.05 -52.85 -4.70
CA VAL GA 288 -75.62 -53.98 -3.97
C VAL GA 288 -76.97 -54.40 -4.52
N PRO GA 289 -77.80 -53.47 -4.99
CA PRO GA 289 -79.08 -53.79 -5.61
C PRO GA 289 -78.92 -54.68 -6.86
N GLU GA 290 -77.96 -54.38 -7.72
CA GLU GA 290 -77.77 -55.13 -8.97
C GLU GA 290 -77.25 -56.54 -8.74
N ILE GA 291 -76.21 -56.70 -7.92
CA ILE GA 291 -75.63 -58.02 -7.65
C ILE GA 291 -76.56 -58.89 -6.80
N THR GA 292 -77.49 -58.32 -6.04
CA THR GA 292 -78.56 -59.08 -5.41
C THR GA 292 -79.55 -59.60 -6.45
N ASN GA 293 -80.05 -58.72 -7.33
CA ASN GA 293 -81.00 -59.08 -8.38
C ASN GA 293 -80.43 -60.10 -9.38
N ALA GA 294 -79.13 -60.03 -9.68
CA ALA GA 294 -78.48 -61.00 -10.55
C ALA GA 294 -78.60 -62.45 -10.05
N CYS GA 295 -78.68 -62.68 -8.75
CA CYS GA 295 -78.82 -64.02 -8.20
C CYS GA 295 -80.18 -64.65 -8.45
N PHE GA 296 -81.20 -63.87 -8.78
CA PHE GA 296 -82.55 -64.38 -9.08
C PHE GA 296 -82.81 -64.56 -10.57
N GLU GA 297 -81.88 -64.20 -11.44
CA GLU GA 297 -81.98 -64.48 -12.88
C GLU GA 297 -81.74 -65.98 -13.15
N TYR GA 298 -82.58 -66.67 -13.94
CA TYR GA 298 -82.30 -68.01 -14.46
C TYR GA 298 -80.94 -68.10 -15.16
N SER GA 299 -80.52 -66.99 -15.78
CA SER GA 299 -79.25 -66.83 -16.44
C SER GA 299 -78.01 -67.08 -15.56
N ASN GA 300 -78.09 -67.00 -14.23
CA ASN GA 300 -76.93 -67.16 -13.35
C ASN GA 300 -76.98 -68.41 -12.46
N GLN GA 301 -78.02 -69.23 -12.57
CA GLN GA 301 -78.11 -70.48 -11.82
C GLN GA 301 -77.13 -71.50 -12.40
N MET GA 302 -76.35 -72.17 -11.55
CA MET GA 302 -75.33 -73.14 -11.95
C MET GA 302 -75.84 -74.60 -12.03
N VAL GA 303 -77.14 -74.78 -12.21
CA VAL GA 303 -77.82 -76.01 -12.62
C VAL GA 303 -78.84 -75.61 -13.68
N LYS GA 304 -78.92 -76.29 -14.82
CA LYS GA 304 -79.90 -75.95 -15.88
C LYS GA 304 -81.32 -76.37 -15.51
N CYS GA 305 -81.93 -75.61 -14.62
CA CYS GA 305 -83.33 -75.62 -14.25
C CYS GA 305 -83.80 -74.17 -14.02
N ASP GA 306 -85.09 -73.90 -14.17
CA ASP GA 306 -85.62 -72.54 -14.07
C ASP GA 306 -86.26 -72.33 -12.68
N PRO GA 307 -85.74 -71.42 -11.82
CA PRO GA 307 -86.31 -71.19 -10.50
C PRO GA 307 -87.76 -70.72 -10.49
N ARG GA 308 -88.25 -70.17 -11.60
CA ARG GA 308 -89.64 -69.71 -11.76
C ARG GA 308 -90.62 -70.86 -11.92
N ARG GA 309 -90.13 -72.04 -12.31
CA ARG GA 309 -90.92 -73.28 -12.27
C ARG GA 309 -90.96 -73.92 -10.86
N GLY GA 310 -90.36 -73.28 -9.86
CA GLY GA 310 -90.40 -73.71 -8.46
C GLY GA 310 -91.01 -72.70 -7.51
N LYS GA 311 -90.88 -72.97 -6.21
CA LYS GA 311 -90.98 -71.98 -5.14
C LYS GA 311 -89.75 -72.04 -4.25
N TYR GA 312 -89.28 -70.89 -3.83
CA TYR GA 312 -88.19 -70.76 -2.87
C TYR GA 312 -88.66 -71.15 -1.47
N MET GA 313 -87.88 -71.97 -0.79
CA MET GA 313 -88.05 -72.31 0.61
C MET GA 313 -87.23 -71.37 1.49
N ALA GA 314 -85.93 -71.23 1.21
CA ALA GA 314 -85.05 -70.32 1.90
C ALA GA 314 -83.86 -69.88 1.04
N CYS GA 315 -83.39 -68.65 1.21
CA CYS GA 315 -82.18 -68.14 0.58
C CYS GA 315 -81.17 -67.69 1.62
N CYS GA 316 -79.92 -68.11 1.52
CA CYS GA 316 -78.78 -67.50 2.19
C CYS GA 316 -78.09 -66.57 1.21
N LEU GA 317 -78.19 -65.25 1.43
CA LEU GA 317 -77.42 -64.26 0.70
C LEU GA 317 -76.15 -63.99 1.49
N LEU GA 318 -75.02 -64.58 1.08
CA LEU GA 318 -73.72 -64.43 1.73
C LEU GA 318 -72.90 -63.34 1.02
N TYR GA 319 -73.07 -62.08 1.42
CA TYR GA 319 -72.29 -60.97 0.86
C TYR GA 319 -70.88 -60.91 1.42
N ARG GA 320 -69.97 -60.41 0.60
CA ARG GA 320 -68.60 -60.16 1.00
C ARG GA 320 -68.03 -58.93 0.31
N GLY GA 321 -67.07 -58.29 0.95
CA GLY GA 321 -66.53 -57.01 0.51
C GLY GA 321 -67.29 -55.81 1.05
N ASP GA 322 -67.27 -54.70 0.32
CA ASP GA 322 -67.79 -53.40 0.77
C ASP GA 322 -69.33 -53.31 0.69
N VAL GA 323 -70.05 -53.86 1.66
CA VAL GA 323 -71.53 -53.75 1.76
C VAL GA 323 -71.99 -53.39 3.16
N VAL GA 324 -73.19 -52.83 3.28
CA VAL GA 324 -73.74 -52.32 4.54
C VAL GA 324 -75.15 -52.87 4.72
N PRO GA 325 -75.56 -53.34 5.91
CA PRO GA 325 -76.90 -53.90 6.15
C PRO GA 325 -78.08 -53.02 5.70
N LYS GA 326 -77.96 -51.69 5.69
CA LYS GA 326 -78.92 -50.78 5.02
C LYS GA 326 -79.23 -51.26 3.60
N ASP GA 327 -78.19 -51.41 2.79
CA ASP GA 327 -78.27 -51.70 1.36
C ASP GA 327 -78.89 -53.07 1.10
N VAL GA 328 -78.52 -54.05 1.93
CA VAL GA 328 -79.02 -55.41 1.81
C VAL GA 328 -80.50 -55.48 2.14
N ASN GA 329 -80.95 -54.86 3.23
CA ASN GA 329 -82.38 -54.84 3.55
C ASN GA 329 -83.19 -54.15 2.44
N ALA GA 330 -82.72 -53.01 1.95
CA ALA GA 330 -83.32 -52.29 0.83
C ALA GA 330 -83.36 -53.11 -0.47
N ALA GA 331 -82.35 -53.95 -0.71
CA ALA GA 331 -82.32 -54.89 -1.82
C ALA GA 331 -83.33 -56.03 -1.64
N ILE GA 332 -83.31 -56.78 -0.54
CA ILE GA 332 -84.25 -57.91 -0.36
C ILE GA 332 -85.71 -57.46 -0.31
N ALA GA 333 -85.97 -56.23 0.09
CA ALA GA 333 -87.28 -55.61 -0.04
C ALA GA 333 -87.76 -55.52 -1.49
N ALA GA 334 -86.91 -55.23 -2.46
CA ALA GA 334 -87.31 -55.30 -3.87
C ALA GA 334 -87.52 -56.75 -4.32
N ILE GA 335 -86.70 -57.70 -3.87
CA ILE GA 335 -86.91 -59.11 -4.21
C ILE GA 335 -88.27 -59.58 -3.69
N LYS GA 336 -88.67 -59.24 -2.45
CA LYS GA 336 -90.01 -59.56 -1.91
C LYS GA 336 -91.15 -58.89 -2.68
N THR GA 337 -90.88 -57.79 -3.36
CA THR GA 337 -91.89 -57.04 -4.13
C THR GA 337 -92.19 -57.70 -5.48
N ARG GA 338 -91.19 -58.36 -6.10
CA ARG GA 338 -91.31 -59.01 -7.42
C ARG GA 338 -92.11 -60.33 -7.39
N ARG GA 339 -93.25 -60.38 -8.06
CA ARG GA 339 -94.20 -61.51 -8.05
C ARG GA 339 -93.70 -62.75 -8.80
N SER GA 340 -92.69 -62.62 -9.66
CA SER GA 340 -92.04 -63.74 -10.35
C SER GA 340 -91.11 -64.57 -9.45
N ILE GA 341 -90.59 -64.00 -8.35
CA ILE GA 341 -89.76 -64.69 -7.35
C ILE GA 341 -90.67 -65.16 -6.21
N GLN GA 342 -91.18 -66.40 -6.27
CA GLN GA 342 -92.21 -66.86 -5.34
C GLN GA 342 -91.68 -67.78 -4.25
N PHE GA 343 -91.83 -67.37 -3.01
CA PHE GA 343 -91.55 -68.19 -1.85
C PHE GA 343 -92.75 -69.05 -1.48
N VAL GA 344 -92.50 -70.13 -0.74
CA VAL GA 344 -93.51 -70.94 -0.08
C VAL GA 344 -94.28 -70.14 0.98
N ASP GA 345 -95.54 -70.51 1.22
CA ASP GA 345 -96.45 -69.88 2.18
C ASP GA 345 -95.99 -70.00 3.63
N TRP GA 346 -95.20 -71.02 3.93
CA TRP GA 346 -94.73 -71.38 5.26
C TRP GA 346 -93.35 -70.80 5.60
N CYS GA 347 -92.72 -70.01 4.74
CA CYS GA 347 -91.46 -69.34 5.04
C CYS GA 347 -91.62 -67.82 4.84
N PRO GA 348 -92.23 -67.12 5.80
CA PRO GA 348 -92.59 -65.71 5.66
C PRO GA 348 -91.38 -64.78 5.78
N THR GA 349 -90.32 -65.25 6.42
CA THR GA 349 -89.02 -64.60 6.56
C THR GA 349 -88.15 -64.76 5.32
N GLY GA 350 -88.00 -65.98 4.80
CA GLY GA 350 -87.35 -66.29 3.53
C GLY GA 350 -85.82 -66.18 3.48
N PHE GA 351 -85.25 -65.06 3.92
CA PHE GA 351 -83.86 -64.70 3.71
C PHE GA 351 -83.05 -64.81 4.99
N LYS GA 352 -81.94 -65.52 4.91
CA LYS GA 352 -80.81 -65.46 5.83
C LYS GA 352 -79.72 -64.64 5.18
N VAL GA 353 -79.26 -63.60 5.86
CA VAL GA 353 -78.26 -62.67 5.37
C VAL GA 353 -76.97 -62.90 6.13
N GLY GA 354 -75.86 -63.01 5.41
CA GLY GA 354 -74.50 -62.93 5.95
C GLY GA 354 -73.75 -61.79 5.29
N ILE GA 355 -72.88 -61.10 6.03
CA ILE GA 355 -72.09 -59.98 5.50
C ILE GA 355 -70.68 -60.06 6.08
N ASN GA 356 -69.68 -60.13 5.19
CA ASN GA 356 -68.27 -60.30 5.53
C ASN GA 356 -67.35 -59.22 4.92
N TYR GA 357 -66.37 -58.70 5.64
CA TYR GA 357 -65.61 -57.52 5.21
C TYR GA 357 -64.49 -57.80 4.20
N GLN GA 358 -64.24 -59.06 3.84
CA GLN GA 358 -63.14 -59.44 2.94
C GLN GA 358 -63.64 -59.55 1.48
N PRO GA 359 -63.17 -58.69 0.55
CA PRO GA 359 -63.51 -58.77 -0.86
C PRO GA 359 -63.15 -60.11 -1.49
N PRO GA 360 -63.71 -60.44 -2.68
CA PRO GA 360 -63.32 -61.62 -3.43
C PRO GA 360 -61.91 -61.49 -4.01
N THR GA 361 -61.05 -62.45 -3.72
CA THR GA 361 -59.69 -62.53 -4.26
C THR GA 361 -59.69 -62.92 -5.74
N ALA GA 362 -59.00 -62.17 -6.58
CA ALA GA 362 -58.76 -62.57 -7.97
C ALA GA 362 -57.61 -63.56 -8.07
N VAL GA 363 -57.81 -64.68 -8.76
CA VAL GA 363 -56.66 -65.46 -9.26
C VAL GA 363 -56.04 -64.69 -10.42
N PRO GA 364 -54.73 -64.37 -10.41
CA PRO GA 364 -54.12 -63.43 -11.36
C PRO GA 364 -54.20 -63.87 -12.83
N GLY GA 365 -54.22 -65.18 -13.09
CA GLY GA 365 -54.36 -65.72 -14.44
C GLY GA 365 -55.80 -65.76 -14.99
N GLY GA 366 -56.79 -65.40 -14.17
CA GLY GA 366 -58.21 -65.69 -14.43
C GLY GA 366 -58.97 -64.68 -15.28
N ASP GA 367 -60.15 -65.08 -15.71
CA ASP GA 367 -61.05 -64.27 -16.54
C ASP GA 367 -61.93 -63.32 -15.71
N VAL GA 368 -62.24 -63.72 -14.48
CA VAL GA 368 -63.16 -63.05 -13.56
C VAL GA 368 -62.52 -61.84 -12.89
N ALA GA 369 -63.11 -60.66 -13.06
CA ALA GA 369 -62.51 -59.36 -12.78
C ALA GA 369 -62.49 -58.95 -11.30
N LYS GA 370 -61.65 -57.96 -10.94
CA LYS GA 370 -61.62 -57.35 -9.62
C LYS GA 370 -62.86 -56.49 -9.40
N VAL GA 371 -63.52 -56.64 -8.26
CA VAL GA 371 -64.78 -55.98 -7.94
C VAL GA 371 -64.87 -55.66 -6.45
N LEU GA 372 -65.52 -54.59 -6.05
CA LEU GA 372 -65.59 -54.20 -4.63
C LEU GA 372 -66.45 -55.13 -3.79
N ARG GA 373 -67.33 -55.88 -4.42
CA ARG GA 373 -68.43 -56.62 -3.80
C ARG GA 373 -68.61 -57.94 -4.49
N ALA GA 374 -69.06 -58.93 -3.75
CA ALA GA 374 -69.69 -60.10 -4.31
C ALA GA 374 -70.76 -60.61 -3.35
N VAL GA 375 -71.65 -61.41 -3.87
CA VAL GA 375 -72.60 -62.21 -3.10
C VAL GA 375 -72.55 -63.62 -3.63
N CYS GA 376 -72.55 -64.59 -2.74
CA CYS GA 376 -72.92 -65.92 -3.11
C CYS GA 376 -74.32 -66.15 -2.56
N MET GA 377 -75.27 -66.51 -3.41
CA MET GA 377 -76.60 -66.89 -2.97
C MET GA 377 -76.73 -68.40 -3.03
N LEU GA 378 -77.01 -69.00 -1.89
CA LEU GA 378 -77.26 -70.42 -1.76
C LEU GA 378 -78.73 -70.56 -1.40
N SER GA 379 -79.46 -71.36 -2.15
CA SER GA 379 -80.91 -71.23 -2.23
C SER GA 379 -81.64 -72.56 -2.33
N ASN GA 380 -82.41 -72.91 -1.31
CA ASN GA 380 -83.26 -74.09 -1.32
C ASN GA 380 -84.58 -73.76 -2.05
N THR GA 381 -84.83 -74.43 -3.16
CA THR GA 381 -85.99 -74.19 -4.03
C THR GA 381 -86.54 -75.48 -4.62
N THR GA 382 -87.85 -75.57 -4.84
CA THR GA 382 -88.48 -76.77 -5.41
C THR GA 382 -88.07 -77.05 -6.85
N ALA GA 383 -87.57 -76.04 -7.57
CA ALA GA 383 -87.19 -76.13 -8.96
C ALA GA 383 -86.13 -77.20 -9.26
N ILE GA 384 -85.23 -77.48 -8.32
CA ILE GA 384 -84.11 -78.42 -8.54
C ILE GA 384 -84.59 -79.83 -8.87
N ALA GA 385 -85.81 -80.21 -8.47
CA ALA GA 385 -86.39 -81.49 -8.83
C ALA GA 385 -86.48 -81.75 -10.34
N GLU GA 386 -86.43 -80.72 -11.19
CA GLU GA 386 -86.39 -80.91 -12.63
C GLU GA 386 -85.03 -81.45 -13.09
N ALA GA 387 -83.91 -81.06 -12.49
CA ALA GA 387 -82.60 -81.64 -12.78
C ALA GA 387 -82.53 -83.13 -12.40
N TRP GA 388 -83.34 -83.58 -11.45
CA TRP GA 388 -83.52 -84.99 -11.10
C TRP GA 388 -84.48 -85.69 -12.06
N ALA GA 389 -85.56 -85.03 -12.48
CA ALA GA 389 -86.51 -85.54 -13.46
C ALA GA 389 -85.89 -85.72 -14.85
N ARG GA 390 -84.90 -84.90 -15.23
CA ARG GA 390 -84.11 -85.10 -16.45
C ARG GA 390 -83.34 -86.41 -16.38
N LEU GA 391 -82.58 -86.61 -15.31
CA LEU GA 391 -81.62 -87.68 -15.23
C LEU GA 391 -82.25 -89.04 -14.96
N ASP GA 392 -83.32 -89.12 -14.18
CA ASP GA 392 -84.02 -90.40 -13.99
C ASP GA 392 -84.82 -90.83 -15.25
N HIS GA 393 -85.13 -89.92 -16.18
CA HIS GA 393 -85.60 -90.26 -17.53
C HIS GA 393 -84.48 -90.76 -18.45
N LYS GA 394 -83.22 -90.35 -18.26
CA LYS GA 394 -82.05 -90.98 -18.93
C LYS GA 394 -81.78 -92.39 -18.39
N PHE GA 395 -81.88 -92.56 -17.08
CA PHE GA 395 -81.75 -93.86 -16.42
C PHE GA 395 -82.80 -94.87 -16.90
N ASP GA 396 -84.06 -94.44 -17.01
CA ASP GA 396 -85.17 -95.32 -17.36
C ASP GA 396 -85.02 -95.97 -18.74
N LEU GA 397 -84.55 -95.25 -19.75
CA LEU GA 397 -84.30 -95.78 -21.09
C LEU GA 397 -83.24 -96.88 -21.12
N MET GA 398 -82.19 -96.75 -20.31
CA MET GA 398 -81.10 -97.70 -20.25
C MET GA 398 -81.43 -98.89 -19.35
N TYR GA 399 -82.05 -98.70 -18.20
CA TYR GA 399 -82.40 -99.81 -17.32
C TYR GA 399 -83.53 -100.67 -17.88
N SER GA 400 -84.44 -100.13 -18.69
CA SER GA 400 -85.43 -100.91 -19.43
C SER GA 400 -84.80 -101.95 -20.38
N LYS GA 401 -83.58 -101.73 -20.85
CA LYS GA 401 -82.80 -102.68 -21.66
C LYS GA 401 -81.75 -103.45 -20.86
N ARG GA 402 -81.50 -103.09 -19.60
CA ARG GA 402 -80.32 -103.47 -18.80
C ARG GA 402 -79.01 -103.09 -19.51
N ALA GA 403 -79.01 -101.94 -20.18
CA ALA GA 403 -78.12 -101.59 -21.26
C ALA GA 403 -76.61 -101.69 -20.98
N PHE GA 404 -76.12 -101.46 -19.76
CA PHE GA 404 -74.70 -101.63 -19.40
C PHE GA 404 -74.49 -102.43 -18.10
N VAL GA 405 -75.55 -103.10 -17.61
CA VAL GA 405 -75.63 -103.61 -16.23
C VAL GA 405 -74.61 -104.71 -15.93
N HIS GA 406 -74.15 -105.46 -16.93
CA HIS GA 406 -73.17 -106.54 -16.74
C HIS GA 406 -71.81 -106.06 -16.23
N TRP GA 407 -71.41 -104.82 -16.48
CA TRP GA 407 -70.17 -104.24 -15.94
C TRP GA 407 -70.25 -103.98 -14.43
N TYR GA 408 -71.44 -103.70 -13.91
CA TYR GA 408 -71.68 -103.43 -12.49
C TYR GA 408 -71.92 -104.71 -11.71
N VAL GA 409 -72.75 -105.61 -12.26
CA VAL GA 409 -72.96 -106.96 -11.72
C VAL GA 409 -71.67 -107.80 -11.76
N GLY GA 410 -70.84 -107.59 -12.78
CA GLY GA 410 -69.54 -108.26 -12.92
C GLY GA 410 -68.49 -107.85 -11.90
N GLU GA 411 -68.66 -106.72 -11.21
CA GLU GA 411 -67.70 -106.17 -10.22
C GLU GA 411 -68.25 -106.16 -8.80
N GLY GA 412 -69.21 -107.04 -8.50
CA GLY GA 412 -69.70 -107.34 -7.17
C GLY GA 412 -70.95 -106.61 -6.72
N MET GA 413 -71.62 -105.84 -7.58
CA MET GA 413 -72.89 -105.19 -7.20
C MET GA 413 -74.09 -106.11 -7.35
N GLU GA 414 -75.06 -106.02 -6.44
CA GLU GA 414 -76.39 -106.64 -6.56
C GLU GA 414 -77.18 -105.97 -7.70
N GLU GA 415 -77.81 -106.72 -8.60
CA GLU GA 415 -78.60 -106.12 -9.69
C GLU GA 415 -79.77 -105.28 -9.16
N GLY GA 416 -80.37 -105.70 -8.04
CA GLY GA 416 -81.46 -105.00 -7.37
C GLY GA 416 -81.13 -103.60 -6.85
N GLU GA 417 -79.84 -103.25 -6.68
CA GLU GA 417 -79.45 -101.90 -6.24
C GLU GA 417 -79.84 -100.82 -7.26
N PHE GA 418 -79.94 -101.14 -8.55
CA PHE GA 418 -80.40 -100.19 -9.57
C PHE GA 418 -81.87 -99.83 -9.37
N SER GA 419 -82.72 -100.81 -9.08
CA SER GA 419 -84.14 -100.58 -8.75
C SER GA 419 -84.29 -99.85 -7.42
N GLU GA 420 -83.57 -100.29 -6.38
CA GLU GA 420 -83.51 -99.65 -5.06
C GLU GA 420 -82.93 -98.22 -5.09
N ALA GA 421 -82.10 -97.84 -6.05
CA ALA GA 421 -81.63 -96.47 -6.25
C ALA GA 421 -82.59 -95.60 -7.06
N ARG GA 422 -83.24 -96.13 -8.10
CA ARG GA 422 -84.27 -95.40 -8.86
C ARG GA 422 -85.52 -95.15 -8.01
N GLU GA 423 -85.82 -96.07 -7.10
CA GLU GA 423 -86.88 -95.99 -6.10
C GLU GA 423 -86.63 -94.88 -5.08
N ASP GA 424 -85.43 -94.84 -4.51
CA ASP GA 424 -85.03 -93.83 -3.52
C ASP GA 424 -84.92 -92.43 -4.15
N MET GA 425 -84.50 -92.32 -5.41
CA MET GA 425 -84.56 -91.04 -6.12
C MET GA 425 -86.01 -90.57 -6.33
N ALA GA 426 -86.94 -91.45 -6.70
CA ALA GA 426 -88.36 -91.10 -6.83
C ALA GA 426 -88.99 -90.62 -5.52
N ALA GA 427 -88.56 -91.15 -4.37
CA ALA GA 427 -88.95 -90.65 -3.06
C ALA GA 427 -88.35 -89.27 -2.70
N LEU GA 428 -87.15 -88.92 -3.18
CA LEU GA 428 -86.63 -87.54 -3.04
C LEU GA 428 -87.34 -86.57 -3.99
N GLU GA 429 -87.58 -86.97 -5.23
CA GLU GA 429 -88.29 -86.15 -6.20
C GLU GA 429 -89.75 -85.93 -5.80
N LYS GA 430 -90.35 -86.88 -5.06
CA LYS GA 430 -91.64 -86.75 -4.36
C LYS GA 430 -91.56 -85.72 -3.24
N ASP GA 431 -90.58 -85.82 -2.33
CA ASP GA 431 -90.42 -84.90 -1.20
C ASP GA 431 -90.30 -83.42 -1.62
N TYR GA 432 -89.53 -83.10 -2.66
CA TYR GA 432 -89.41 -81.71 -3.16
C TYR GA 432 -90.67 -81.17 -3.85
N GLU GA 433 -91.52 -82.03 -4.41
CA GLU GA 433 -92.82 -81.65 -4.94
C GLU GA 433 -93.86 -81.49 -3.83
N GLU GA 434 -93.81 -82.34 -2.80
CA GLU GA 434 -94.71 -82.36 -1.66
C GLU GA 434 -94.66 -81.09 -0.79
N VAL GA 435 -93.47 -80.50 -0.56
CA VAL GA 435 -93.31 -79.32 0.31
C VAL GA 435 -93.59 -77.97 -0.34
N GLY GA 436 -93.82 -77.92 -1.65
CA GLY GA 436 -94.10 -76.67 -2.36
C GLY GA 436 -95.52 -76.13 -2.13
N THR GA 437 -96.40 -76.90 -1.50
CA THR GA 437 -97.85 -76.69 -1.57
C THR GA 437 -98.36 -75.77 -0.46
N MET HA 1 -18.36 -97.28 40.10
CA MET HA 1 -19.78 -97.05 40.35
C MET HA 1 -20.50 -97.05 39.01
N ARG HA 2 -21.60 -97.81 38.91
CA ARG HA 2 -22.51 -97.89 37.75
C ARG HA 2 -21.92 -98.52 36.48
N GLU HA 3 -20.99 -99.44 36.62
CA GLU HA 3 -20.44 -100.18 35.47
C GLU HA 3 -21.42 -101.16 34.82
N CYS HA 4 -21.25 -101.49 33.54
CA CYS HA 4 -21.90 -102.64 32.88
C CYS HA 4 -20.89 -103.42 32.04
N ILE HA 5 -20.84 -104.74 32.20
CA ILE HA 5 -20.04 -105.62 31.34
C ILE HA 5 -20.90 -106.09 30.17
N SER HA 6 -20.53 -105.73 28.95
CA SER HA 6 -21.28 -106.09 27.74
C SER HA 6 -20.66 -107.30 27.06
N VAL HA 7 -21.37 -108.42 26.95
CA VAL HA 7 -20.84 -109.64 26.33
C VAL HA 7 -21.55 -109.91 25.01
N HIS HA 8 -20.78 -109.88 23.93
CA HIS HA 8 -21.22 -110.00 22.55
C HIS HA 8 -20.86 -111.36 21.97
N VAL HA 9 -21.85 -112.23 21.74
CA VAL HA 9 -21.64 -113.66 21.43
C VAL HA 9 -22.12 -114.03 20.03
N GLY HA 10 -21.31 -114.83 19.32
CA GLY HA 10 -21.59 -115.27 17.96
C GLY HA 10 -21.54 -114.14 16.93
N GLN HA 11 -21.96 -114.34 15.69
CA GLN HA 11 -21.91 -113.31 14.65
C GLN HA 11 -22.90 -112.17 14.91
N ALA HA 12 -24.16 -112.47 15.20
CA ALA HA 12 -25.16 -111.45 15.51
C ALA HA 12 -24.79 -110.58 16.70
N GLY HA 13 -24.37 -111.16 17.83
CA GLY HA 13 -23.99 -110.40 19.02
C GLY HA 13 -22.77 -109.53 18.79
N VAL HA 14 -21.75 -110.04 18.10
CA VAL HA 14 -20.55 -109.28 17.73
C VAL HA 14 -20.86 -108.17 16.76
N GLN HA 15 -21.72 -108.37 15.77
CA GLN HA 15 -22.07 -107.35 14.79
C GLN HA 15 -23.00 -106.27 15.36
N ILE HA 16 -23.92 -106.63 16.27
CA ILE HA 16 -24.65 -105.66 17.09
C ILE HA 16 -23.66 -104.91 17.99
N GLY HA 17 -22.68 -105.59 18.58
CA GLY HA 17 -21.61 -104.98 19.35
C GLY HA 17 -20.80 -103.97 18.55
N ASN HA 18 -20.43 -104.29 17.32
CA ASN HA 18 -19.75 -103.36 16.42
C ASN HA 18 -20.58 -102.11 16.05
N SER HA 19 -21.90 -102.14 16.27
CA SER HA 19 -22.78 -100.97 16.22
C SER HA 19 -22.96 -100.30 17.59
N CYS HA 20 -23.06 -101.06 18.68
CA CYS HA 20 -23.12 -100.54 20.05
C CYS HA 20 -21.90 -99.69 20.36
N TRP HA 21 -20.71 -100.23 20.14
CA TRP HA 21 -19.45 -99.55 20.41
C TRP HA 21 -19.14 -98.44 19.41
N GLU HA 22 -19.69 -98.49 18.19
CA GLU HA 22 -19.69 -97.36 17.27
C GLU HA 22 -20.48 -96.19 17.85
N LEU HA 23 -21.66 -96.47 18.40
CA LEU HA 23 -22.51 -95.45 19.04
C LEU HA 23 -21.89 -94.92 20.33
N TYR HA 24 -21.55 -95.77 21.30
CA TYR HA 24 -21.05 -95.34 22.60
C TYR HA 24 -19.80 -94.46 22.48
N CYS HA 25 -18.92 -94.75 21.53
CA CYS HA 25 -17.76 -93.91 21.25
C CYS HA 25 -18.17 -92.52 20.77
N LEU HA 26 -19.14 -92.38 19.89
CA LEU HA 26 -19.64 -91.07 19.45
C LEU HA 26 -20.32 -90.31 20.60
N GLU HA 27 -21.13 -91.01 21.37
CA GLU HA 27 -21.97 -90.42 22.40
C GLU HA 27 -21.16 -89.88 23.57
N HIS HA 28 -20.03 -90.51 23.92
CA HIS HA 28 -19.05 -90.09 24.93
C HIS HA 28 -17.86 -89.32 24.36
N GLY HA 29 -17.77 -89.13 23.06
CA GLY HA 29 -16.69 -88.39 22.41
C GLY HA 29 -15.34 -89.07 22.47
N LEU HA 30 -15.30 -90.40 22.41
CA LEU HA 30 -14.10 -91.24 22.37
C LEU HA 30 -13.77 -91.54 20.91
N GLN HA 31 -12.53 -91.28 20.50
CA GLN HA 31 -12.01 -91.60 19.18
C GLN HA 31 -11.99 -93.13 18.96
N PRO HA 32 -11.97 -93.64 17.72
CA PRO HA 32 -11.90 -95.08 17.49
C PRO HA 32 -10.57 -95.70 17.92
N ASP HA 33 -9.54 -94.93 18.27
CA ASP HA 33 -8.31 -95.42 18.93
C ASP HA 33 -8.39 -95.41 20.48
N GLY HA 34 -9.57 -95.15 21.03
CA GLY HA 34 -9.84 -95.08 22.46
C GLY HA 34 -9.45 -93.79 23.17
N THR HA 35 -8.82 -92.82 22.51
CA THR HA 35 -8.45 -91.54 23.14
C THR HA 35 -9.63 -90.55 23.20
N MET HA 36 -9.57 -89.51 24.04
CA MET HA 36 -10.66 -88.54 24.23
C MET HA 36 -10.15 -87.10 24.28
N PRO HA 37 -10.31 -86.30 23.21
CA PRO HA 37 -9.88 -84.90 23.18
C PRO HA 37 -10.81 -84.00 24.02
N SER HA 38 -10.38 -82.75 24.26
CA SER HA 38 -11.16 -81.72 24.98
C SER HA 38 -10.89 -80.32 24.44
N ASP HA 46 -15.74 -85.79 33.71
CA ASP HA 46 -17.13 -85.79 34.05
C ASP HA 46 -17.68 -87.18 34.41
N SER HA 47 -16.91 -88.24 34.17
CA SER HA 47 -17.18 -89.65 34.42
C SER HA 47 -18.46 -90.23 33.79
N SER HA 48 -19.04 -89.58 32.79
CA SER HA 48 -20.21 -90.12 32.08
C SER HA 48 -19.92 -91.42 31.32
N PHE HA 49 -18.72 -91.54 30.75
CA PHE HA 49 -18.22 -92.74 30.08
C PHE HA 49 -18.02 -93.95 31.00
N GLY HA 50 -17.96 -93.77 32.33
CA GLY HA 50 -17.48 -94.81 33.24
C GLY HA 50 -18.31 -96.10 33.21
N THR HA 51 -19.60 -96.02 32.84
CA THR HA 51 -20.46 -97.20 32.78
C THR HA 51 -19.95 -98.21 31.75
N PHE HA 52 -19.42 -97.72 30.63
CA PHE HA 52 -19.00 -98.51 29.48
C PHE HA 52 -17.49 -98.53 29.26
N PHE HA 53 -16.70 -97.61 29.82
CA PHE HA 53 -15.27 -97.59 29.56
C PHE HA 53 -14.44 -97.49 30.84
N SER HA 54 -13.47 -98.38 30.99
CA SER HA 54 -12.36 -98.24 31.93
C SER HA 54 -11.36 -97.21 31.39
N GLU HA 55 -10.78 -96.33 32.20
CA GLU HA 55 -9.80 -95.32 31.77
C GLU HA 55 -8.40 -95.68 32.27
N THR HA 56 -7.42 -95.80 31.38
CA THR HA 56 -6.01 -96.03 31.75
C THR HA 56 -5.22 -94.70 31.80
N GLY HA 57 -4.11 -94.66 32.53
CA GLY HA 57 -3.37 -93.43 32.83
C GLY HA 57 -2.82 -92.66 31.63
N SER HA 58 -2.68 -93.31 30.47
CA SER HA 58 -2.35 -92.67 29.21
C SER HA 58 -3.46 -91.74 28.67
N GLY HA 59 -4.66 -91.77 29.26
CA GLY HA 59 -5.86 -91.09 28.76
C GLY HA 59 -6.57 -91.87 27.65
N LYS HA 60 -6.45 -93.20 27.69
CA LYS HA 60 -7.08 -94.15 26.79
C LYS HA 60 -8.27 -94.81 27.50
N HIS HA 61 -9.44 -94.76 26.89
CA HIS HA 61 -10.67 -95.36 27.38
C HIS HA 61 -10.89 -96.68 26.68
N VAL HA 62 -10.88 -97.77 27.44
CA VAL HA 62 -10.96 -99.15 26.98
C VAL HA 62 -12.34 -99.70 27.34
N PRO HA 63 -13.10 -100.27 26.39
CA PRO HA 63 -14.47 -100.69 26.66
C PRO HA 63 -14.58 -101.87 27.63
N ARG HA 64 -15.60 -101.83 28.48
CA ARG HA 64 -16.03 -102.93 29.37
C ARG HA 64 -16.84 -103.96 28.59
N ALA HA 65 -16.22 -104.58 27.60
CA ALA HA 65 -16.84 -105.51 26.68
C ALA HA 65 -16.03 -106.77 26.51
N VAL HA 66 -16.69 -107.89 26.30
CA VAL HA 66 -16.07 -109.14 25.85
C VAL HA 66 -16.74 -109.54 24.54
N PHE HA 67 -15.96 -109.86 23.52
CA PHE HA 67 -16.46 -110.36 22.24
C PHE HA 67 -16.06 -111.83 22.13
N VAL HA 68 -17.01 -112.73 21.91
CA VAL HA 68 -16.77 -114.18 21.86
C VAL HA 68 -17.41 -114.79 20.63
N ASP HA 69 -16.64 -115.56 19.88
CA ASP HA 69 -17.13 -116.33 18.75
C ASP HA 69 -16.32 -117.62 18.69
N LEU HA 70 -16.94 -118.73 18.31
CA LEU HA 70 -16.25 -120.03 18.28
C LEU HA 70 -15.38 -120.19 17.02
N GLU HA 71 -15.62 -119.38 15.99
CA GLU HA 71 -14.84 -119.24 14.76
C GLU HA 71 -14.17 -117.86 14.64
N GLN HA 72 -13.09 -117.72 13.85
CA GLN HA 72 -12.27 -116.51 13.85
C GLN HA 72 -12.84 -115.36 13.02
N THR HA 73 -13.71 -115.59 12.04
CA THR HA 73 -13.88 -114.68 10.88
C THR HA 73 -14.36 -113.27 11.23
N VAL HA 74 -15.39 -113.19 12.07
CA VAL HA 74 -16.06 -111.93 12.43
C VAL HA 74 -15.24 -111.12 13.43
N ILE HA 75 -14.62 -111.76 14.43
CA ILE HA 75 -13.75 -111.05 15.36
C ILE HA 75 -12.40 -110.70 14.74
N GLY HA 76 -11.83 -111.48 13.81
CA GLY HA 76 -10.67 -111.07 13.04
C GLY HA 76 -10.92 -109.81 12.21
N GLU HA 77 -12.17 -109.54 11.85
CA GLU HA 77 -12.57 -108.32 11.17
C GLU HA 77 -12.62 -107.14 12.15
N ILE HA 78 -13.09 -107.35 13.38
CA ILE HA 78 -13.03 -106.37 14.49
C ILE HA 78 -11.58 -106.05 14.84
N ARG HA 79 -10.69 -107.06 14.90
CA ARG HA 79 -9.23 -106.93 15.08
C ARG HA 79 -8.48 -106.25 13.91
N ASN HA 80 -9.14 -105.87 12.82
CA ASN HA 80 -8.51 -105.32 11.62
C ASN HA 80 -9.13 -104.00 11.15
N GLY HA 81 -10.42 -103.78 11.42
CA GLY HA 81 -11.15 -102.56 11.08
C GLY HA 81 -10.84 -101.36 11.97
N PRO HA 82 -11.63 -100.30 11.87
CA PRO HA 82 -11.36 -99.02 12.56
C PRO HA 82 -11.29 -99.12 14.09
N TYR HA 83 -11.90 -100.14 14.69
CA TYR HA 83 -11.88 -100.34 16.14
C TYR HA 83 -10.78 -101.29 16.64
N ARG HA 84 -9.80 -101.67 15.82
CA ARG HA 84 -8.68 -102.53 16.23
C ARG HA 84 -7.89 -102.02 17.45
N SER HA 85 -7.81 -100.70 17.62
CA SER HA 85 -7.13 -100.01 18.72
C SER HA 85 -8.04 -99.69 19.91
N LEU HA 86 -9.36 -99.91 19.83
CA LEU HA 86 -10.27 -99.64 20.92
C LEU HA 86 -10.19 -100.72 22.01
N PHE HA 87 -10.35 -101.98 21.61
CA PHE HA 87 -10.49 -103.12 22.51
C PHE HA 87 -9.14 -103.62 23.01
N HIS HA 88 -9.12 -104.13 24.23
CA HIS HA 88 -8.02 -104.93 24.75
C HIS HA 88 -7.88 -106.22 23.93
N PRO HA 89 -6.69 -106.59 23.43
CA PRO HA 89 -6.55 -107.67 22.46
C PRO HA 89 -6.96 -109.05 22.98
N GLU HA 90 -6.89 -109.31 24.28
CA GLU HA 90 -7.31 -110.60 24.86
C GLU HA 90 -8.77 -110.67 25.31
N GLN HA 91 -9.58 -109.61 25.14
CA GLN HA 91 -11.03 -109.66 25.34
C GLN HA 91 -11.84 -109.74 24.03
N LEU HA 92 -11.13 -109.79 22.90
CA LEU HA 92 -11.62 -110.31 21.62
C LEU HA 92 -11.23 -111.80 21.53
N ILE HA 93 -12.13 -112.71 21.82
CA ILE HA 93 -11.82 -114.13 22.08
C ILE HA 93 -12.35 -115.00 20.94
N THR HA 94 -11.51 -115.86 20.38
CA THR HA 94 -11.86 -116.74 19.26
C THR HA 94 -11.38 -118.18 19.47
N GLY HA 95 -12.17 -119.13 18.99
CA GLY HA 95 -11.77 -120.51 18.76
C GLY HA 95 -11.30 -120.79 17.32
N LYS HA 96 -11.00 -122.06 17.04
CA LYS HA 96 -10.67 -122.58 15.71
C LYS HA 96 -11.90 -123.02 14.90
N GLU HA 97 -12.94 -123.54 15.56
CA GLU HA 97 -14.01 -124.34 14.96
C GLU HA 97 -15.38 -123.67 15.11
N ASP HA 98 -16.06 -123.47 14.00
CA ASP HA 98 -17.45 -122.99 13.93
C ASP HA 98 -18.41 -123.94 14.68
N ALA HA 99 -19.46 -123.40 15.30
CA ALA HA 99 -20.53 -124.17 15.97
C ALA HA 99 -21.61 -124.75 15.03
N ALA HA 100 -21.56 -124.44 13.74
CA ALA HA 100 -22.33 -125.06 12.67
C ALA HA 100 -23.85 -124.96 12.78
N ASN HA 101 -24.38 -123.93 13.43
CA ASN HA 101 -25.80 -123.78 13.76
C ASN HA 101 -26.31 -124.97 14.56
N ASN HA 102 -25.45 -125.60 15.34
CA ASN HA 102 -25.77 -126.73 16.18
C ASN HA 102 -25.60 -126.33 17.65
N TYR HA 103 -26.70 -126.24 18.42
CA TYR HA 103 -26.65 -125.92 19.85
C TYR HA 103 -25.64 -126.76 20.62
N ALA HA 104 -25.54 -128.05 20.31
CA ALA HA 104 -24.74 -128.98 21.06
C ALA HA 104 -23.24 -128.77 20.84
N ARG HA 105 -22.80 -128.27 19.69
CA ARG HA 105 -21.40 -127.83 19.50
C ARG HA 105 -21.12 -126.60 20.34
N GLY HA 106 -22.03 -125.64 20.39
CA GLY HA 106 -21.85 -124.45 21.21
C GLY HA 106 -21.76 -124.76 22.70
N HIS HA 107 -22.67 -125.58 23.19
CA HIS HA 107 -22.81 -125.90 24.61
C HIS HA 107 -21.91 -127.01 25.13
N TYR HA 108 -21.80 -128.15 24.44
CA TYR HA 108 -21.19 -129.37 24.98
C TYR HA 108 -19.78 -129.68 24.48
N THR HA 109 -19.45 -129.33 23.23
CA THR HA 109 -18.29 -129.90 22.52
C THR HA 109 -17.21 -128.86 22.19
N ILE HA 110 -17.55 -127.74 21.55
CA ILE HA 110 -16.58 -126.72 21.11
C ILE HA 110 -16.47 -125.57 22.12
N GLY HA 111 -17.59 -125.04 22.59
CA GLY HA 111 -17.60 -123.95 23.57
C GLY HA 111 -17.09 -124.36 24.95
N LYS HA 112 -17.19 -125.65 25.28
CA LYS HA 112 -16.57 -126.32 26.43
C LYS HA 112 -15.08 -126.03 26.57
N GLU HA 113 -14.38 -125.73 25.48
CA GLU HA 113 -12.95 -125.39 25.50
C GLU HA 113 -12.65 -123.91 25.74
N LEU HA 114 -13.43 -122.98 25.18
CA LEU HA 114 -13.19 -121.53 25.29
C LEU HA 114 -13.79 -120.92 26.57
N ILE HA 115 -14.76 -121.58 27.23
CA ILE HA 115 -15.52 -121.00 28.34
C ILE HA 115 -14.66 -120.51 29.51
N ASP HA 116 -13.67 -121.28 29.95
CA ASP HA 116 -12.85 -120.91 31.11
C ASP HA 116 -11.87 -119.76 30.82
N SER HA 117 -11.64 -119.44 29.54
CA SER HA 117 -10.96 -118.24 29.07
C SER HA 117 -11.93 -117.04 28.98
N VAL HA 118 -13.17 -117.26 28.55
CA VAL HA 118 -14.21 -116.22 28.54
C VAL HA 118 -14.51 -115.72 29.94
N LEU HA 119 -14.65 -116.62 30.90
CA LEU HA 119 -14.85 -116.27 32.31
C LEU HA 119 -13.69 -115.50 32.92
N ASP HA 120 -12.45 -115.80 32.52
CA ASP HA 120 -11.25 -115.15 33.04
C ASP HA 120 -11.18 -113.68 32.67
N ARG HA 121 -11.58 -113.33 31.44
CA ARG HA 121 -11.80 -111.95 31.02
C ARG HA 121 -12.93 -111.26 31.75
N VAL HA 122 -14.07 -111.92 31.95
CA VAL HA 122 -15.19 -111.33 32.67
C VAL HA 122 -14.80 -111.07 34.13
N ARG HA 123 -14.06 -111.97 34.78
CA ARG HA 123 -13.46 -111.75 36.11
C ARG HA 123 -12.52 -110.54 36.14
N LYS HA 124 -11.58 -110.44 35.20
CA LYS HA 124 -10.68 -109.28 35.09
C LYS HA 124 -11.38 -107.96 34.76
N MET HA 125 -12.60 -107.97 34.21
CA MET HA 125 -13.43 -106.77 34.03
C MET HA 125 -14.21 -106.43 35.30
N ALA HA 126 -14.83 -107.41 35.94
CA ALA HA 126 -15.60 -107.22 37.16
C ALA HA 126 -14.72 -106.73 38.31
N ASP HA 127 -13.49 -107.22 38.44
CA ASP HA 127 -12.52 -106.73 39.42
C ASP HA 127 -12.05 -105.28 39.19
N GLN HA 128 -12.29 -104.69 38.01
CA GLN HA 128 -12.10 -103.26 37.72
C GLN HA 128 -13.36 -102.41 37.97
N CYS HA 129 -14.51 -103.02 38.21
CA CYS HA 129 -15.74 -102.34 38.59
C CYS HA 129 -15.80 -102.08 40.10
N SER HA 130 -16.63 -101.13 40.50
CA SER HA 130 -16.92 -100.79 41.89
C SER HA 130 -18.43 -100.55 42.01
N GLY HA 131 -19.19 -101.55 42.40
CA GLY HA 131 -20.63 -101.52 42.22
C GLY HA 131 -21.02 -101.69 40.75
N LEU HA 132 -20.65 -102.83 40.17
CA LEU HA 132 -21.10 -103.31 38.86
C LEU HA 132 -22.63 -103.40 38.84
N GLN HA 133 -23.28 -102.78 37.86
CA GLN HA 133 -24.72 -102.66 37.79
C GLN HA 133 -25.39 -103.93 37.26
N GLY HA 134 -24.74 -104.58 36.29
CA GLY HA 134 -25.22 -105.79 35.66
C GLY HA 134 -24.40 -106.19 34.43
N PHE HA 135 -24.93 -107.15 33.67
CA PHE HA 135 -24.40 -107.64 32.40
C PHE HA 135 -25.35 -107.30 31.26
N LEU HA 136 -24.82 -106.93 30.09
CA LEU HA 136 -25.61 -106.75 28.87
C LEU HA 136 -25.17 -107.83 27.87
N VAL HA 137 -25.97 -108.88 27.68
CA VAL HA 137 -25.57 -110.04 26.86
C VAL HA 137 -26.28 -110.05 25.49
N PHE HA 138 -25.52 -109.93 24.40
CA PHE HA 138 -26.02 -109.82 23.02
C PHE HA 138 -25.80 -111.09 22.22
N HIS HA 139 -26.84 -111.63 21.60
CA HIS HA 139 -26.75 -112.90 20.89
C HIS HA 139 -27.92 -113.17 19.92
N SER HA 140 -27.76 -114.20 19.08
CA SER HA 140 -28.79 -114.77 18.23
C SER HA 140 -29.39 -116.00 18.90
N PHE HA 141 -30.72 -116.12 18.89
CA PHE HA 141 -31.40 -117.33 19.34
C PHE HA 141 -31.23 -118.50 18.34
N GLY HA 142 -31.01 -118.21 17.07
CA GLY HA 142 -30.93 -119.19 16.00
C GLY HA 142 -29.56 -119.81 15.77
N GLY HA 143 -28.51 -119.13 16.18
CA GLY HA 143 -27.12 -119.58 16.06
C GLY HA 143 -26.75 -120.78 16.93
N GLY HA 144 -25.69 -121.49 16.56
CA GLY HA 144 -25.07 -122.51 17.38
C GLY HA 144 -24.25 -121.90 18.52
N THR HA 145 -23.42 -120.89 18.23
CA THR HA 145 -22.72 -120.10 19.26
C THR HA 145 -23.70 -119.22 20.02
N GLY HA 146 -24.60 -118.52 19.34
CA GLY HA 146 -25.68 -117.73 19.90
C GLY HA 146 -26.51 -118.44 20.97
N SER HA 147 -27.02 -119.64 20.71
CA SER HA 147 -27.81 -120.41 21.67
C SER HA 147 -26.95 -121.24 22.66
N GLY HA 148 -26.06 -122.07 22.14
CA GLY HA 148 -25.29 -123.02 22.92
C GLY HA 148 -24.18 -122.41 23.73
N PHE HA 149 -23.45 -121.42 23.20
CA PHE HA 149 -22.40 -120.80 23.98
C PHE HA 149 -22.96 -119.80 25.00
N THR HA 150 -23.97 -119.01 24.64
CA THR HA 150 -24.62 -118.12 25.61
C THR HA 150 -25.22 -118.90 26.76
N SER HA 151 -25.83 -120.05 26.50
CA SER HA 151 -26.41 -120.90 27.55
C SER HA 151 -25.37 -121.59 28.42
N LEU HA 152 -24.17 -121.88 27.88
CA LEU HA 152 -23.02 -122.33 28.66
C LEU HA 152 -22.49 -121.20 29.54
N LEU HA 153 -22.29 -120.01 28.98
CA LEU HA 153 -21.81 -118.86 29.72
C LEU HA 153 -22.76 -118.40 30.82
N MET HA 154 -24.05 -118.22 30.52
CA MET HA 154 -25.02 -117.77 31.51
C MET HA 154 -25.13 -118.69 32.72
N GLU HA 155 -25.03 -120.01 32.53
CA GLU HA 155 -25.05 -120.97 33.63
C GLU HA 155 -23.90 -120.74 34.60
N ARG HA 156 -22.72 -120.36 34.10
CA ARG HA 156 -21.55 -120.00 34.89
C ARG HA 156 -21.71 -118.65 35.58
N LEU HA 157 -22.10 -117.61 34.84
CA LEU HA 157 -22.31 -116.28 35.42
C LEU HA 157 -23.41 -116.28 36.49
N SER HA 158 -24.40 -117.17 36.42
CA SER HA 158 -25.48 -117.24 37.40
C SER HA 158 -25.14 -117.98 38.69
N VAL HA 159 -24.00 -118.68 38.75
CA VAL HA 159 -23.38 -119.15 40.00
C VAL HA 159 -22.24 -118.24 40.45
N ASP HA 160 -21.46 -117.67 39.54
CA ASP HA 160 -20.36 -116.77 39.87
C ASP HA 160 -20.80 -115.37 40.33
N TYR HA 161 -21.85 -114.81 39.76
CA TYR HA 161 -22.35 -113.45 40.01
C TYR HA 161 -23.86 -113.46 40.30
N GLY HA 162 -24.32 -114.31 41.21
CA GLY HA 162 -25.75 -114.60 41.39
C GLY HA 162 -26.67 -113.40 41.65
N LYS HA 163 -26.19 -112.37 42.36
CA LYS HA 163 -26.97 -111.16 42.67
C LYS HA 163 -27.14 -110.21 41.47
N LYS HA 164 -26.15 -110.14 40.58
CA LYS HA 164 -26.05 -109.12 39.51
C LYS HA 164 -27.08 -109.31 38.41
N SER HA 165 -27.75 -108.24 37.98
CA SER HA 165 -28.80 -108.29 36.95
C SER HA 165 -28.24 -108.63 35.57
N LYS HA 166 -28.80 -109.65 34.92
CA LYS HA 166 -28.39 -110.12 33.59
C LYS HA 166 -29.47 -109.73 32.58
N LEU HA 167 -29.21 -108.66 31.84
CA LEU HA 167 -30.06 -108.15 30.77
C LEU HA 167 -29.60 -108.78 29.47
N GLU HA 168 -30.52 -109.18 28.62
CA GLU HA 168 -30.17 -110.03 27.49
C GLU HA 168 -30.92 -109.61 26.22
N PHE HA 169 -30.17 -109.32 25.16
CA PHE HA 169 -30.72 -108.81 23.90
C PHE HA 169 -30.59 -109.88 22.84
N SER HA 170 -31.72 -110.39 22.39
CA SER HA 170 -31.79 -111.59 21.57
C SER HA 170 -32.39 -111.31 20.21
N VAL HA 171 -31.68 -111.62 19.14
CA VAL HA 171 -32.27 -111.72 17.81
C VAL HA 171 -32.96 -113.06 17.66
N TYR HA 172 -34.28 -113.05 17.56
CA TYR HA 172 -35.21 -114.15 17.67
C TYR HA 172 -35.80 -114.52 16.30
N PRO HA 173 -36.07 -115.81 15.99
CA PRO HA 173 -36.67 -116.18 14.70
C PRO HA 173 -38.02 -115.52 14.35
N ALA HA 174 -38.20 -115.20 13.07
CA ALA HA 174 -39.34 -114.48 12.54
C ALA HA 174 -40.52 -115.39 12.14
N PRO HA 175 -41.72 -114.83 11.82
CA PRO HA 175 -42.80 -115.59 11.22
C PRO HA 175 -42.40 -116.26 9.89
N ARG HA 176 -41.77 -115.53 8.95
CA ARG HA 176 -41.47 -116.02 7.60
C ARG HA 176 -39.96 -115.99 7.26
N ILE HA 177 -39.28 -114.88 7.55
CA ILE HA 177 -37.84 -114.71 7.35
C ILE HA 177 -37.04 -115.66 8.24
N SER HA 178 -36.15 -116.43 7.63
CA SER HA 178 -35.26 -117.35 8.33
C SER HA 178 -34.00 -117.56 7.50
N THR HA 179 -32.88 -117.86 8.16
CA THR HA 179 -31.57 -118.04 7.50
C THR HA 179 -31.05 -119.48 7.60
N ALA HA 180 -31.74 -120.34 8.35
CA ALA HA 180 -31.33 -121.67 8.72
C ALA HA 180 -32.56 -122.58 8.78
N VAL HA 181 -32.32 -123.87 8.57
CA VAL HA 181 -33.35 -124.89 8.69
C VAL HA 181 -33.59 -125.24 10.16
N VAL HA 182 -32.53 -125.23 10.98
CA VAL HA 182 -32.51 -125.66 12.39
C VAL HA 182 -32.69 -124.53 13.42
N GLU HA 183 -33.00 -123.31 12.97
CA GLU HA 183 -33.33 -122.13 13.80
C GLU HA 183 -34.41 -122.41 14.90
N PRO HA 184 -35.49 -123.18 14.65
CA PRO HA 184 -36.45 -123.59 15.68
C PRO HA 184 -35.87 -124.48 16.79
N TYR HA 185 -34.96 -125.39 16.45
CA TYR HA 185 -34.31 -126.26 17.42
C TYR HA 185 -33.40 -125.48 18.36
N ASN HA 186 -32.57 -124.57 17.84
CA ASN HA 186 -31.65 -123.79 18.65
C ASN HA 186 -32.39 -122.82 19.59
N SER HA 187 -33.48 -122.24 19.11
CA SER HA 187 -34.29 -121.31 19.87
C SER HA 187 -35.01 -121.95 21.04
N ILE HA 188 -35.66 -123.10 20.82
CA ILE HA 188 -36.37 -123.84 21.87
C ILE HA 188 -35.40 -124.37 22.93
N LEU HA 189 -34.25 -124.91 22.54
CA LEU HA 189 -33.18 -125.31 23.48
C LEU HA 189 -32.64 -124.14 24.31
N THR HA 190 -32.71 -122.91 23.82
CA THR HA 190 -32.32 -121.70 24.57
C THR HA 190 -33.32 -121.30 25.66
N THR HA 191 -34.60 -121.70 25.60
CA THR HA 191 -35.64 -121.23 26.53
C THR HA 191 -35.39 -121.53 28.02
N HIS HA 192 -34.55 -122.52 28.34
CA HIS HA 192 -34.09 -122.73 29.73
C HIS HA 192 -33.14 -121.64 30.20
N THR HA 193 -32.34 -121.11 29.29
CA THR HA 193 -31.34 -120.07 29.60
C THR HA 193 -32.05 -118.80 30.02
N THR HA 194 -32.96 -118.32 29.18
CA THR HA 194 -33.72 -117.12 29.46
C THR HA 194 -34.62 -117.30 30.68
N LEU HA 195 -35.32 -118.42 30.84
CA LEU HA 195 -36.14 -118.63 32.04
C LEU HA 195 -35.33 -118.66 33.35
N GLU HA 196 -34.25 -119.42 33.43
CA GLU HA 196 -33.58 -119.70 34.70
C GLU HA 196 -32.39 -118.78 34.99
N HIS HA 197 -31.66 -118.31 33.98
CA HIS HA 197 -30.36 -117.62 34.10
C HIS HA 197 -30.33 -116.23 33.45
N SER HA 198 -31.46 -115.54 33.40
CA SER HA 198 -31.60 -114.19 32.88
C SER HA 198 -32.60 -113.41 33.73
N ASP HA 199 -32.53 -112.10 33.79
CA ASP HA 199 -33.40 -111.26 34.62
C ASP HA 199 -34.33 -110.36 33.81
N CYS HA 200 -33.96 -109.99 32.59
CA CYS HA 200 -34.83 -109.30 31.65
C CYS HA 200 -34.35 -109.53 30.21
N ALA HA 201 -35.19 -110.17 29.39
CA ALA HA 201 -34.79 -110.66 28.08
C ALA HA 201 -35.54 -109.96 26.95
N PHE HA 202 -34.86 -109.11 26.21
CA PHE HA 202 -35.38 -108.31 25.10
C PHE HA 202 -35.28 -109.09 23.79
N MET HA 203 -36.36 -109.75 23.42
CA MET HA 203 -36.52 -110.37 22.10
C MET HA 203 -36.65 -109.29 21.03
N VAL HA 204 -35.96 -109.47 19.91
CA VAL HA 204 -35.99 -108.64 18.72
C VAL HA 204 -36.11 -109.54 17.50
N ASP HA 205 -36.70 -109.07 16.41
CA ASP HA 205 -36.98 -109.83 15.20
C ASP HA 205 -36.46 -109.10 13.95
N ASN HA 206 -35.72 -109.83 13.09
CA ASN HA 206 -35.20 -109.26 11.84
C ASN HA 206 -36.33 -108.79 10.92
N GLU HA 207 -37.44 -109.50 10.82
CA GLU HA 207 -38.51 -109.19 9.88
C GLU HA 207 -39.32 -107.95 10.27
N ALA HA 208 -39.47 -107.69 11.57
CA ALA HA 208 -40.11 -106.51 12.10
C ALA HA 208 -39.28 -105.26 11.88
N ILE HA 209 -37.97 -105.32 12.13
CA ILE HA 209 -37.09 -104.20 11.80
C ILE HA 209 -37.00 -103.99 10.30
N TYR HA 210 -36.98 -105.04 9.48
CA TYR HA 210 -37.03 -104.84 8.03
C TYR HA 210 -38.27 -104.06 7.59
N ASP HA 211 -39.42 -104.27 8.23
CA ASP HA 211 -40.65 -103.55 7.90
C ASP HA 211 -40.65 -102.11 8.44
N ILE HA 212 -40.13 -101.90 9.66
CA ILE HA 212 -39.86 -100.55 10.20
C ILE HA 212 -38.95 -99.77 9.25
N CYS HA 213 -37.87 -100.38 8.75
CA CYS HA 213 -36.97 -99.72 7.81
C CYS HA 213 -37.69 -99.28 6.54
N ASN HA 214 -38.56 -100.14 6.00
CA ASN HA 214 -39.31 -99.88 4.77
C ASN HA 214 -40.31 -98.73 4.94
N ARG HA 215 -41.02 -98.68 6.07
CA ARG HA 215 -42.13 -97.74 6.32
C ARG HA 215 -41.75 -96.40 6.92
N ASN HA 216 -40.67 -96.35 7.70
CA ASN HA 216 -40.27 -95.15 8.47
C ASN HA 216 -38.97 -94.51 7.99
N LEU HA 217 -37.97 -95.31 7.62
CA LEU HA 217 -36.71 -94.79 7.06
C LEU HA 217 -36.78 -94.66 5.54
N ASP HA 218 -37.79 -95.28 4.92
CA ASP HA 218 -38.00 -95.40 3.47
C ASP HA 218 -36.84 -96.02 2.70
N ILE HA 219 -35.94 -96.73 3.37
CA ILE HA 219 -34.92 -97.56 2.72
C ILE HA 219 -35.58 -98.84 2.22
N GLU HA 220 -35.49 -99.07 0.91
CA GLU HA 220 -36.27 -100.13 0.25
C GLU HA 220 -35.70 -101.53 0.50
N ARG HA 221 -34.37 -101.63 0.66
CA ARG HA 221 -33.56 -102.85 0.73
C ARG HA 221 -32.42 -102.75 1.77
N PRO HA 222 -32.68 -102.86 3.09
CA PRO HA 222 -31.64 -102.74 4.11
C PRO HA 222 -30.77 -103.99 4.29
N SER HA 223 -29.55 -103.76 4.75
CA SER HA 223 -28.57 -104.75 5.22
C SER HA 223 -28.73 -105.02 6.72
N TYR HA 224 -27.84 -105.81 7.31
CA TYR HA 224 -27.76 -105.88 8.76
C TYR HA 224 -27.18 -104.64 9.42
N THR HA 225 -26.37 -103.82 8.74
CA THR HA 225 -25.86 -102.59 9.38
C THR HA 225 -27.01 -101.66 9.77
N ASN HA 226 -28.09 -101.63 8.97
CA ASN HA 226 -29.27 -100.85 9.27
C ASN HA 226 -30.05 -101.38 10.48
N LEU HA 227 -30.09 -102.69 10.69
CA LEU HA 227 -30.76 -103.31 11.83
C LEU HA 227 -29.97 -103.05 13.12
N ASN HA 228 -28.67 -103.30 13.08
CA ASN HA 228 -27.83 -103.17 14.26
C ASN HA 228 -27.77 -101.73 14.75
N ARG HA 229 -27.83 -100.75 13.85
CA ARG HA 229 -27.95 -99.34 14.21
C ARG HA 229 -29.27 -98.97 14.87
N LEU HA 230 -30.33 -99.77 14.77
CA LEU HA 230 -31.55 -99.61 15.57
C LEU HA 230 -31.45 -100.37 16.92
N ILE HA 231 -30.88 -101.56 16.92
CA ILE HA 231 -30.78 -102.39 18.13
C ILE HA 231 -29.81 -101.78 19.15
N ALA HA 232 -28.72 -101.16 18.70
CA ALA HA 232 -27.82 -100.41 19.58
C ALA HA 232 -28.48 -99.17 20.15
N GLN HA 233 -29.29 -98.47 19.37
CA GLN HA 233 -29.95 -97.25 19.81
C GLN HA 233 -30.89 -97.50 21.00
N ILE HA 234 -31.57 -98.65 21.04
CA ILE HA 234 -32.37 -99.04 22.21
C ILE HA 234 -31.50 -99.24 23.45
N VAL HA 235 -30.34 -99.90 23.35
CA VAL HA 235 -29.49 -100.12 24.53
C VAL HA 235 -28.82 -98.84 25.02
N SER HA 236 -28.48 -97.91 24.12
CA SER HA 236 -28.07 -96.58 24.53
C SER HA 236 -29.15 -95.91 25.38
N SER HA 237 -30.41 -96.07 25.01
CA SER HA 237 -31.55 -95.47 25.72
C SER HA 237 -31.91 -96.19 27.02
N ILE HA 238 -31.73 -97.50 27.12
CA ILE HA 238 -31.82 -98.25 28.39
C ILE HA 238 -30.72 -97.80 29.34
N THR HA 239 -29.50 -97.63 28.85
CA THR HA 239 -28.35 -97.22 29.68
C THR HA 239 -28.26 -95.72 29.89
N ALA HA 240 -29.00 -94.86 29.19
CA ALA HA 240 -28.81 -93.43 29.27
C ALA HA 240 -28.94 -92.87 30.70
N SER HA 241 -29.88 -93.38 31.49
CA SER HA 241 -30.03 -93.00 32.91
C SER HA 241 -28.87 -93.41 33.81
N LEU HA 242 -28.07 -94.37 33.38
CA LEU HA 242 -26.87 -94.82 34.08
C LEU HA 242 -25.68 -93.89 33.77
N ARG HA 243 -25.72 -93.25 32.61
CA ARG HA 243 -24.64 -92.48 31.98
C ARG HA 243 -24.78 -90.97 32.11
N PHE HA 244 -25.99 -90.43 32.29
CA PHE HA 244 -26.28 -89.00 32.11
C PHE HA 244 -27.22 -88.39 33.17
N ASP HA 245 -27.30 -87.06 33.22
CA ASP HA 245 -28.28 -86.35 34.04
C ASP HA 245 -29.68 -86.39 33.40
N GLY HA 246 -30.72 -86.41 34.23
CA GLY HA 246 -32.11 -86.44 33.83
C GLY HA 246 -33.05 -85.88 34.88
N ALA HA 247 -34.31 -85.63 34.52
CA ALA HA 247 -35.34 -85.21 35.45
C ALA HA 247 -35.82 -86.37 36.33
N LEU HA 248 -35.86 -87.57 35.77
CA LEU HA 248 -36.34 -88.81 36.37
C LEU HA 248 -35.44 -89.97 35.92
N ASN HA 249 -34.19 -90.01 36.36
CA ASN HA 249 -33.28 -91.10 36.01
C ASN HA 249 -33.76 -92.45 36.56
N VAL HA 250 -33.58 -93.53 35.79
CA VAL HA 250 -34.01 -94.90 36.12
C VAL HA 250 -32.80 -95.81 36.33
N ASP HA 251 -32.68 -96.39 37.51
CA ASP HA 251 -31.66 -97.40 37.81
C ASP HA 251 -31.95 -98.74 37.11
N LEU HA 252 -30.92 -99.54 36.81
CA LEU HA 252 -31.11 -100.80 36.10
C LEU HA 252 -31.99 -101.84 36.85
N THR HA 253 -32.10 -101.76 38.18
CA THR HA 253 -33.04 -102.55 39.02
C THR HA 253 -34.37 -101.85 39.26
N GLU HA 254 -34.41 -100.53 39.28
CA GLU HA 254 -35.64 -99.74 39.27
C GLU HA 254 -36.48 -100.04 38.03
N PHE HA 255 -35.81 -100.18 36.90
CA PHE HA 255 -36.36 -100.64 35.64
C PHE HA 255 -37.07 -101.99 35.79
N GLN HA 256 -36.38 -103.00 36.32
CA GLN HA 256 -36.90 -104.34 36.55
C GLN HA 256 -38.04 -104.39 37.56
N THR HA 257 -37.99 -103.61 38.64
CA THR HA 257 -39.06 -103.55 39.66
C THR HA 257 -40.40 -103.04 39.10
N ASN HA 258 -40.40 -102.31 37.99
CA ASN HA 258 -41.59 -101.84 37.29
C ASN HA 258 -41.94 -102.67 36.05
N LEU HA 259 -40.97 -103.25 35.34
CA LEU HA 259 -41.21 -104.11 34.19
C LEU HA 259 -41.74 -105.49 34.56
N VAL HA 260 -41.21 -106.12 35.60
CA VAL HA 260 -41.37 -107.55 35.86
C VAL HA 260 -42.40 -107.77 36.98
N PRO HA 261 -43.65 -108.16 36.67
CA PRO HA 261 -44.68 -108.41 37.68
C PRO HA 261 -44.51 -109.72 38.44
N TYR HA 262 -43.92 -110.74 37.83
CA TYR HA 262 -43.78 -112.08 38.38
C TYR HA 262 -42.41 -112.65 37.99
N PRO HA 263 -41.81 -113.55 38.77
CA PRO HA 263 -40.43 -113.97 38.56
C PRO HA 263 -40.10 -114.43 37.14
N ARG HA 264 -41.03 -115.10 36.45
CA ARG HA 264 -40.76 -115.67 35.10
C ARG HA 264 -41.25 -114.80 33.95
N ILE HA 265 -41.89 -113.67 34.26
CA ILE HA 265 -42.59 -112.80 33.30
C ILE HA 265 -41.73 -111.56 33.04
N HIS HA 266 -40.60 -111.81 32.40
CA HIS HA 266 -39.51 -110.86 32.21
C HIS HA 266 -39.09 -110.75 30.75
N PHE HA 267 -40.01 -111.02 29.83
CA PHE HA 267 -39.84 -110.90 28.39
C PHE HA 267 -40.62 -109.70 27.84
N PRO HA 268 -40.16 -108.47 28.04
CA PRO HA 268 -40.79 -107.30 27.46
C PRO HA 268 -40.53 -107.22 25.95
N LEU HA 269 -41.48 -106.66 25.23
CA LEU HA 269 -41.22 -106.03 23.94
C LEU HA 269 -40.39 -104.76 24.15
N VAL HA 270 -39.77 -104.30 23.07
CA VAL HA 270 -39.10 -103.03 22.99
C VAL HA 270 -39.49 -102.33 21.68
N THR HA 271 -39.52 -101.01 21.69
CA THR HA 271 -39.74 -100.15 20.53
C THR HA 271 -39.08 -98.80 20.76
N TYR HA 272 -38.81 -98.07 19.68
CA TYR HA 272 -38.14 -96.78 19.71
C TYR HA 272 -38.90 -95.80 18.84
N SER HA 273 -39.01 -94.54 19.24
CA SER HA 273 -39.59 -93.51 18.41
C SER HA 273 -38.88 -92.16 18.62
N PRO HA 274 -38.83 -91.31 17.60
CA PRO HA 274 -39.25 -91.58 16.23
C PRO HA 274 -38.14 -92.30 15.45
N ILE HA 275 -38.44 -93.43 14.82
CA ILE HA 275 -37.61 -93.88 13.70
C ILE HA 275 -37.98 -93.01 12.51
N ILE HA 276 -37.04 -92.24 11.96
CA ILE HA 276 -37.38 -91.26 10.92
C ILE HA 276 -36.18 -90.93 10.04
N SER HA 277 -36.38 -90.65 8.76
CA SER HA 277 -35.33 -90.19 7.86
C SER HA 277 -35.28 -88.67 7.76
N ALA HA 278 -34.20 -88.13 7.22
CA ALA HA 278 -34.06 -86.70 6.98
C ALA HA 278 -35.05 -86.13 5.93
N GLU HA 279 -35.73 -86.98 5.15
CA GLU HA 279 -36.75 -86.54 4.20
C GLU HA 279 -38.01 -86.04 4.90
N LYS HA 280 -38.32 -86.59 6.09
CA LYS HA 280 -39.58 -86.38 6.81
C LYS HA 280 -39.40 -85.68 8.15
N ALA HA 281 -38.25 -85.79 8.80
CA ALA HA 281 -38.04 -85.22 10.12
C ALA HA 281 -38.22 -83.70 10.19
N TYR HA 282 -38.03 -82.99 9.09
CA TYR HA 282 -38.26 -81.54 8.98
C TYR HA 282 -39.71 -81.16 8.68
N HIS HA 283 -40.65 -82.11 8.51
CA HIS HA 283 -42.06 -81.82 8.24
C HIS HA 283 -43.02 -82.36 9.31
N GLU HA 284 -42.68 -83.45 9.97
CA GLU HA 284 -43.35 -83.93 11.17
C GLU HA 284 -43.12 -82.97 12.35
N GLN HA 285 -44.06 -82.85 13.30
CA GLN HA 285 -43.80 -82.08 14.51
C GLN HA 285 -42.86 -82.80 15.48
N LEU HA 286 -42.95 -84.13 15.62
CA LEU HA 286 -42.19 -84.88 16.61
C LEU HA 286 -42.35 -84.30 18.02
N SER HA 287 -43.54 -83.83 18.34
CA SER HA 287 -43.96 -83.45 19.69
C SER HA 287 -43.98 -84.67 20.60
N VAL HA 288 -43.92 -84.48 21.91
CA VAL HA 288 -43.93 -85.58 22.87
C VAL HA 288 -45.18 -86.44 22.74
N PRO HA 289 -46.34 -85.86 22.43
CA PRO HA 289 -47.57 -86.61 22.21
C PRO HA 289 -47.45 -87.61 21.04
N GLU HA 290 -46.83 -87.22 19.92
CA GLU HA 290 -46.73 -88.08 18.74
C GLU HA 290 -45.76 -89.24 18.95
N ILE HA 291 -44.56 -88.97 19.48
CA ILE HA 291 -43.57 -90.02 19.70
C ILE HA 291 -43.96 -90.97 20.84
N THR HA 292 -44.83 -90.54 21.77
CA THR HA 292 -45.45 -91.46 22.73
C THR HA 292 -46.44 -92.38 22.04
N ASN HA 293 -47.37 -91.83 21.25
CA ASN HA 293 -48.38 -92.61 20.53
C ASN HA 293 -47.77 -93.58 19.51
N ALA HA 294 -46.66 -93.21 18.87
CA ALA HA 294 -45.96 -94.11 17.95
C ALA HA 294 -45.53 -95.43 18.60
N CYS HA 295 -45.23 -95.44 19.89
CA CYS HA 295 -44.82 -96.67 20.58
C CYS HA 295 -45.95 -97.68 20.75
N PHE HA 296 -47.21 -97.27 20.64
CA PHE HA 296 -48.36 -98.17 20.76
C PHE HA 296 -48.89 -98.65 19.41
N GLU HA 297 -48.33 -98.20 18.29
CA GLU HA 297 -48.68 -98.73 16.97
C GLU HA 297 -48.06 -100.12 16.78
N TYR HA 298 -48.81 -101.14 16.31
CA TYR HA 298 -48.26 -102.43 15.86
C TYR HA 298 -47.14 -102.26 14.83
N SER HA 299 -47.22 -101.20 14.03
CA SER HA 299 -46.24 -100.81 13.04
C SER HA 299 -44.82 -100.56 13.58
N ASN HA 300 -44.62 -100.29 14.87
CA ASN HA 300 -43.29 -99.98 15.40
C ASN HA 300 -42.77 -101.04 16.40
N GLN HA 301 -43.50 -102.12 16.64
CA GLN HA 301 -43.03 -103.20 17.50
C GLN HA 301 -41.94 -104.00 16.78
N MET HA 302 -40.83 -104.28 17.45
CA MET HA 302 -39.68 -105.00 16.88
C MET HA 302 -39.73 -106.52 17.08
N VAL HA 303 -40.93 -107.08 17.27
CA VAL HA 303 -41.28 -108.51 17.16
C VAL HA 303 -42.59 -108.57 16.38
N LYS HA 304 -42.71 -109.43 15.36
CA LYS HA 304 -43.96 -109.54 14.58
C LYS HA 304 -45.05 -110.27 15.35
N CYS HA 305 -45.64 -109.57 16.30
CA CYS HA 305 -46.85 -109.90 17.03
C CYS HA 305 -47.68 -108.61 17.24
N ASP HA 306 -48.99 -108.72 17.42
CA ASP HA 306 -49.87 -107.56 17.53
C ASP HA 306 -50.20 -107.29 19.01
N PRO HA 307 -49.80 -106.16 19.61
CA PRO HA 307 -50.10 -105.87 21.02
C PRO HA 307 -51.59 -105.83 21.37
N ARG HA 308 -52.47 -105.61 20.38
CA ARG HA 308 -53.92 -105.58 20.55
C ARG HA 308 -54.52 -106.96 20.78
N ARG HA 309 -53.80 -108.01 20.38
CA ARG HA 309 -54.14 -109.39 20.74
C ARG HA 309 -53.66 -109.77 22.15
N GLY HA 310 -53.08 -108.84 22.90
CA GLY HA 310 -52.67 -109.03 24.30
C GLY HA 310 -53.32 -108.07 25.27
N LYS HA 311 -52.81 -108.08 26.51
CA LYS HA 311 -52.97 -107.00 27.48
C LYS HA 311 -51.61 -106.57 28.00
N TYR HA 312 -51.42 -105.29 28.18
CA TYR HA 312 -50.23 -104.71 28.80
C TYR HA 312 -50.24 -104.99 30.30
N MET HA 313 -49.11 -105.43 30.82
CA MET HA 313 -48.85 -105.56 32.25
C MET HA 313 -48.16 -104.33 32.78
N ALA HA 314 -47.07 -103.88 32.16
CA ALA HA 314 -46.38 -102.65 32.50
C ALA HA 314 -45.60 -102.06 31.32
N CYS HA 315 -45.50 -100.74 31.24
CA CYS HA 315 -44.68 -100.04 30.26
C CYS HA 315 -43.65 -99.17 30.96
N CYS HA 316 -42.38 -99.24 30.56
CA CYS HA 316 -41.37 -98.24 30.85
C CYS HA 316 -41.23 -97.32 29.65
N LEU HA 317 -41.68 -96.09 29.75
CA LEU HA 317 -41.43 -95.05 28.76
C LEU HA 317 -40.15 -94.31 29.16
N LEU HA 318 -39.02 -94.64 28.52
CA LEU HA 318 -37.71 -94.04 28.78
C LEU HA 318 -37.45 -92.90 27.79
N TYR HA 319 -37.90 -91.69 28.10
CA TYR HA 319 -37.64 -90.52 27.25
C TYR HA 319 -36.23 -89.99 27.41
N ARG HA 320 -35.72 -89.41 26.33
CA ARG HA 320 -34.44 -88.73 26.33
C ARG HA 320 -34.44 -87.53 25.40
N GLY HA 321 -33.60 -86.55 25.71
CA GLY HA 321 -33.59 -85.27 25.01
C GLY HA 321 -34.52 -84.25 25.63
N ASP HA 322 -35.02 -83.31 24.83
CA ASP HA 322 -35.79 -82.14 25.28
C ASP HA 322 -37.25 -82.49 25.60
N VAL HA 323 -37.54 -83.03 26.78
CA VAL HA 323 -38.91 -83.31 27.25
C VAL HA 323 -39.13 -82.86 28.69
N VAL HA 324 -40.39 -82.64 29.07
CA VAL HA 324 -40.77 -82.10 30.37
C VAL HA 324 -41.86 -82.97 30.98
N PRO HA 325 -41.83 -83.33 32.27
CA PRO HA 325 -42.84 -84.17 32.91
C PRO HA 325 -44.31 -83.74 32.71
N LYS HA 326 -44.60 -82.45 32.54
CA LYS HA 326 -45.91 -81.95 32.08
C LYS HA 326 -46.38 -82.72 30.85
N ASP HA 327 -45.55 -82.72 29.81
CA ASP HA 327 -45.87 -83.26 28.48
C ASP HA 327 -46.08 -84.76 28.53
N VAL HA 328 -45.26 -85.46 29.32
CA VAL HA 328 -45.33 -86.90 29.45
C VAL HA 328 -46.61 -87.32 30.17
N ASN HA 329 -46.97 -86.66 31.26
CA ASN HA 329 -48.21 -86.98 31.96
C ASN HA 329 -49.43 -86.73 31.05
N ALA HA 330 -49.45 -85.60 30.35
CA ALA HA 330 -50.48 -85.26 29.37
C ALA HA 330 -50.57 -86.27 28.20
N ALA HA 331 -49.43 -86.84 27.79
CA ALA HA 331 -49.36 -87.90 26.80
C ALA HA 331 -49.92 -89.22 27.35
N ILE HA 332 -49.42 -89.75 28.46
CA ILE HA 332 -49.91 -91.04 28.98
C ILE HA 332 -51.38 -91.00 29.37
N ALA HA 333 -51.90 -89.83 29.72
CA ALA HA 333 -53.34 -89.62 29.89
C ALA HA 333 -54.15 -89.92 28.62
N ALA HA 334 -53.65 -89.57 27.44
CA ALA HA 334 -54.33 -89.98 26.20
C ALA HA 334 -54.19 -91.48 25.94
N ILE HA 335 -53.05 -92.08 26.25
CA ILE HA 335 -52.89 -93.53 26.10
C ILE HA 335 -53.88 -94.27 27.03
N LYS HA 336 -54.07 -93.84 28.28
CA LYS HA 336 -55.09 -94.42 29.18
C LYS HA 336 -56.53 -94.22 28.69
N THR HA 337 -56.78 -93.21 27.86
CA THR HA 337 -58.10 -92.90 27.33
C THR HA 337 -58.48 -93.84 26.17
N ARG HA 338 -57.51 -94.30 25.37
CA ARG HA 338 -57.72 -95.15 24.19
C ARG HA 338 -58.05 -96.61 24.56
N ARG HA 339 -59.25 -97.08 24.23
CA ARG HA 339 -59.77 -98.42 24.60
C ARG HA 339 -59.12 -99.58 23.85
N SER HA 340 -58.42 -99.33 22.74
CA SER HA 340 -57.63 -100.33 22.01
C SER HA 340 -56.32 -100.71 22.71
N ILE HA 341 -55.76 -99.84 23.56
CA ILE HA 341 -54.55 -100.11 24.37
C ILE HA 341 -54.99 -100.63 25.74
N GLN HA 342 -55.10 -101.94 25.93
CA GLN HA 342 -55.70 -102.51 27.14
C GLN HA 342 -54.68 -103.06 28.13
N PHE HA 343 -54.65 -102.50 29.32
CA PHE HA 343 -53.89 -103.01 30.44
C PHE HA 343 -54.66 -104.10 31.19
N VAL HA 344 -53.93 -104.92 31.93
CA VAL HA 344 -54.48 -105.86 32.91
C VAL HA 344 -55.18 -105.13 34.07
N ASP HA 345 -56.18 -105.78 34.66
CA ASP HA 345 -57.00 -105.27 35.76
C ASP HA 345 -56.20 -105.03 37.05
N TRP HA 346 -55.09 -105.73 37.21
CA TRP HA 346 -54.24 -105.72 38.39
C TRP HA 346 -53.06 -104.75 38.30
N CYS HA 347 -52.92 -103.96 37.23
CA CYS HA 347 -51.89 -102.94 37.13
C CYS HA 347 -52.54 -101.58 36.84
N PRO HA 348 -53.10 -100.92 37.87
CA PRO HA 348 -53.89 -99.70 37.70
C PRO HA 348 -53.03 -98.46 37.40
N THR HA 349 -51.75 -98.52 37.77
CA THR HA 349 -50.72 -97.53 37.51
C THR HA 349 -50.16 -97.66 36.10
N GLY HA 350 -49.76 -98.85 35.67
CA GLY HA 350 -49.35 -99.19 34.31
C GLY HA 350 -47.99 -98.67 33.84
N PHE HA 351 -47.70 -97.39 34.00
CA PHE HA 351 -46.56 -96.71 33.40
C PHE HA 351 -45.49 -96.38 34.43
N LYS HA 352 -44.27 -96.76 34.12
CA LYS HA 352 -43.03 -96.26 34.70
C LYS HA 352 -42.41 -95.28 33.71
N VAL HA 353 -42.16 -94.07 34.14
CA VAL HA 353 -41.62 -92.98 33.32
C VAL HA 353 -40.19 -92.74 33.73
N GLY HA 354 -39.29 -92.66 32.75
CA GLY HA 354 -37.93 -92.14 32.90
C GLY HA 354 -37.72 -90.96 31.96
N ILE HA 355 -36.98 -89.95 32.38
CA ILE HA 355 -36.70 -88.75 31.56
C ILE HA 355 -35.25 -88.36 31.74
N ASN HA 356 -34.49 -88.30 30.64
CA ASN HA 356 -33.05 -88.03 30.61
C ASN HA 356 -32.67 -86.86 29.68
N TYR HA 357 -31.76 -85.97 30.05
CA TYR HA 357 -31.51 -84.72 29.33
C TYR HA 357 -30.62 -84.85 28.09
N GLN HA 358 -30.09 -86.05 27.80
CA GLN HA 358 -29.16 -86.25 26.67
C GLN HA 358 -29.92 -86.73 25.41
N PRO HA 359 -29.96 -85.94 24.32
CA PRO HA 359 -30.58 -86.34 23.07
C PRO HA 359 -29.98 -87.63 22.48
N PRO HA 360 -30.66 -88.28 21.52
CA PRO HA 360 -30.12 -89.42 20.81
C PRO HA 360 -28.99 -89.01 19.86
N THR HA 361 -27.84 -89.66 20.00
CA THR HA 361 -26.67 -89.44 19.13
C THR HA 361 -26.89 -90.05 17.75
N ALA HA 362 -26.68 -89.29 16.68
CA ALA HA 362 -26.66 -89.84 15.32
C ALA HA 362 -25.31 -90.49 15.02
N VAL HA 363 -25.31 -91.72 14.50
CA VAL HA 363 -24.13 -92.23 13.80
C VAL HA 363 -24.04 -91.52 12.44
N PRO HA 364 -22.93 -90.87 12.07
CA PRO HA 364 -22.87 -89.97 10.92
C PRO HA 364 -23.14 -90.65 9.56
N GLY HA 365 -22.82 -91.93 9.43
CA GLY HA 365 -23.10 -92.71 8.23
C GLY HA 365 -24.54 -93.22 8.09
N GLY HA 366 -25.39 -93.02 9.10
CA GLY HA 366 -26.67 -93.71 9.26
C GLY HA 366 -27.86 -93.10 8.56
N ASP HA 367 -28.93 -93.87 8.49
CA ASP HA 367 -30.20 -93.49 7.86
C ASP HA 367 -31.12 -92.69 8.80
N VAL HA 368 -31.00 -92.95 10.10
CA VAL HA 368 -31.85 -92.41 11.18
C VAL HA 368 -31.47 -90.97 11.54
N ALA HA 369 -32.41 -90.04 11.43
CA ALA HA 369 -32.20 -88.60 11.41
C ALA HA 369 -31.96 -87.96 12.79
N LYS HA 370 -31.40 -86.75 12.81
CA LYS HA 370 -31.25 -85.92 14.02
C LYS HA 370 -32.61 -85.42 14.48
N VAL HA 371 -32.92 -85.55 15.77
CA VAL HA 371 -34.21 -85.21 16.36
C VAL HA 371 -34.04 -84.69 17.78
N LEU HA 372 -34.88 -83.77 18.23
CA LEU HA 372 -34.73 -83.20 19.58
C LEU HA 372 -35.07 -84.16 20.71
N ARG HA 373 -35.80 -85.22 20.40
CA ARG HA 373 -36.45 -86.12 21.35
C ARG HA 373 -36.36 -87.54 20.87
N ALA HA 374 -36.33 -88.48 21.78
CA ALA HA 374 -36.68 -89.84 21.53
C ALA HA 374 -37.28 -90.45 22.77
N VAL HA 375 -37.99 -91.54 22.59
CA VAL HA 375 -38.45 -92.42 23.64
C VAL HA 375 -38.11 -93.84 23.25
N CYS HA 376 -37.61 -94.62 24.20
CA CYS HA 376 -37.63 -96.04 24.06
C CYS HA 376 -38.73 -96.54 24.98
N MET HA 377 -39.69 -97.27 24.44
CA MET HA 377 -40.70 -97.92 25.26
C MET HA 377 -40.38 -99.41 25.38
N LEU HA 378 -40.20 -99.86 26.60
CA LEU HA 378 -39.97 -101.26 26.92
C LEU HA 378 -41.20 -101.73 27.67
N SER HA 379 -41.81 -102.81 27.23
CA SER HA 379 -43.21 -103.09 27.52
C SER HA 379 -43.51 -104.57 27.74
N ASN HA 380 -43.87 -104.93 28.95
CA ASN HA 380 -44.31 -106.28 29.27
C ASN HA 380 -45.80 -106.44 28.90
N THR HA 381 -46.08 -107.34 27.96
CA THR HA 381 -47.43 -107.56 27.41
C THR HA 381 -47.67 -109.03 27.11
N THR HA 382 -48.92 -109.51 27.26
CA THR HA 382 -49.26 -110.92 26.99
C THR HA 382 -49.13 -111.30 25.53
N ALA HA 383 -49.13 -110.33 24.62
CA ALA HA 383 -49.07 -110.54 23.18
C ALA HA 383 -47.83 -111.32 22.71
N ILE HA 384 -46.70 -111.20 23.40
CA ILE HA 384 -45.44 -111.81 22.97
C ILE HA 384 -45.51 -113.33 22.91
N ALA HA 385 -46.44 -113.95 23.64
CA ALA HA 385 -46.68 -115.39 23.58
C ALA HA 385 -47.03 -115.91 22.19
N GLU HA 386 -47.48 -115.06 21.26
CA GLU HA 386 -47.72 -115.46 19.88
C GLU HA 386 -46.41 -115.68 19.12
N ALA HA 387 -45.36 -114.91 19.37
CA ALA HA 387 -44.03 -115.16 18.80
C ALA HA 387 -43.43 -116.50 19.27
N TRP HA 388 -43.82 -116.98 20.44
CA TRP HA 388 -43.48 -118.30 20.95
C TRP HA 388 -44.37 -119.39 20.35
N ALA HA 389 -45.67 -119.13 20.18
CA ALA HA 389 -46.61 -120.03 19.54
C ALA HA 389 -46.31 -120.26 18.06
N ARG HA 390 -45.72 -119.28 17.35
CA ARG HA 390 -45.21 -119.46 15.99
C ARG HA 390 -44.09 -120.48 15.97
N LEU HA 391 -43.09 -120.29 16.81
CA LEU HA 391 -41.84 -121.03 16.72
C LEU HA 391 -41.96 -122.44 17.28
N ASP HA 392 -42.75 -122.68 18.33
CA ASP HA 392 -42.97 -124.05 18.81
C ASP HA 392 -43.86 -124.89 17.86
N HIS HA 393 -44.64 -124.26 16.97
CA HIS HA 393 -45.27 -124.93 15.82
C HIS HA 393 -44.29 -125.25 14.68
N LYS HA 394 -43.21 -124.49 14.50
CA LYS HA 394 -42.09 -124.89 13.60
C LYS HA 394 -41.30 -126.06 14.17
N PHE HA 395 -41.02 -126.04 15.47
CA PHE HA 395 -40.37 -127.12 16.18
C PHE HA 395 -41.15 -128.44 16.10
N ASP HA 396 -42.46 -128.39 16.29
CA ASP HA 396 -43.30 -129.59 16.33
C ASP HA 396 -43.29 -130.39 15.03
N LEU HA 397 -43.29 -129.74 13.87
CA LEU HA 397 -43.21 -130.40 12.56
C LEU HA 397 -41.91 -131.16 12.35
N MET HA 398 -40.79 -130.62 12.83
CA MET HA 398 -39.48 -131.23 12.69
C MET HA 398 -39.21 -132.30 13.75
N TYR HA 399 -39.59 -132.08 15.01
CA TYR HA 399 -39.37 -133.09 16.04
C TYR HA 399 -40.29 -134.31 15.88
N SER HA 400 -41.48 -134.17 15.29
CA SER HA 400 -42.32 -135.31 14.93
C SER HA 400 -41.65 -136.28 13.94
N LYS HA 401 -40.69 -135.82 13.15
CA LYS HA 401 -39.87 -136.64 12.25
C LYS HA 401 -38.48 -136.96 12.81
N ARG HA 402 -38.07 -136.34 13.92
CA ARG HA 402 -36.67 -136.25 14.40
C ARG HA 402 -35.74 -135.65 13.34
N ALA HA 403 -36.24 -134.68 12.59
CA ALA HA 403 -35.77 -134.27 11.28
C ALA HA 403 -34.28 -133.91 11.16
N PHE HA 404 -33.62 -133.38 12.17
CA PHE HA 404 -32.16 -133.09 12.16
C PHE HA 404 -31.44 -133.58 13.43
N VAL HA 405 -32.10 -134.41 14.23
CA VAL HA 405 -31.71 -134.69 15.63
C VAL HA 405 -30.37 -135.42 15.75
N HIS HA 406 -29.94 -136.16 14.74
CA HIS HA 406 -28.66 -136.89 14.76
C HIS HA 406 -27.42 -135.99 14.84
N TRP HA 407 -27.50 -134.73 14.38
CA TRP HA 407 -26.40 -133.77 14.50
C TRP HA 407 -26.20 -133.29 15.95
N TYR HA 408 -27.26 -133.25 16.75
CA TYR HA 408 -27.26 -132.83 18.15
C TYR HA 408 -26.92 -133.98 19.08
N VAL HA 409 -27.52 -135.15 18.86
CA VAL HA 409 -27.19 -136.41 19.55
C VAL HA 409 -25.76 -136.85 19.25
N GLY HA 410 -25.27 -136.60 18.03
CA GLY HA 410 -23.91 -136.92 17.61
C GLY HA 410 -22.83 -136.07 18.27
N GLU HA 411 -23.17 -134.94 18.88
CA GLU HA 411 -22.23 -133.99 19.51
C GLU HA 411 -22.42 -133.88 21.04
N GLY HA 412 -22.97 -134.93 21.64
CA GLY HA 412 -23.02 -135.14 23.09
C GLY HA 412 -24.30 -134.70 23.79
N MET HA 413 -25.36 -134.29 23.08
CA MET HA 413 -26.63 -133.95 23.71
C MET HA 413 -27.50 -135.18 23.96
N GLU HA 414 -28.22 -135.21 25.10
CA GLU HA 414 -29.29 -136.17 25.38
C GLU HA 414 -30.48 -135.93 24.44
N GLU HA 415 -31.04 -136.96 23.81
CA GLU HA 415 -32.20 -136.79 22.92
C GLU HA 415 -33.42 -136.22 23.67
N GLY HA 416 -33.60 -136.61 24.94
CA GLY HA 416 -34.67 -136.12 25.81
C GLY HA 416 -34.66 -134.62 26.10
N GLU HA 417 -33.54 -133.92 25.89
CA GLU HA 417 -33.48 -132.46 26.07
C GLU HA 417 -34.40 -131.70 25.11
N PHE HA 418 -34.69 -132.25 23.92
CA PHE HA 418 -35.64 -131.64 22.98
C PHE HA 418 -37.07 -131.66 23.53
N SER HA 419 -37.48 -132.77 24.12
CA SER HA 419 -38.79 -132.88 24.79
C SER HA 419 -38.85 -132.01 26.05
N GLU HA 420 -37.82 -132.05 26.89
CA GLU HA 420 -37.64 -131.22 28.08
C GLU HA 420 -37.56 -129.71 27.78
N ALA HA 421 -37.12 -129.28 26.59
CA ALA HA 421 -37.15 -127.89 26.15
C ALA HA 421 -38.50 -127.45 25.55
N ARG HA 422 -39.16 -128.30 24.77
CA ARG HA 422 -40.51 -128.02 24.25
C ARG HA 422 -41.55 -127.97 25.37
N GLU HA 423 -41.34 -128.78 26.41
CA GLU HA 423 -42.11 -128.83 27.65
C GLU HA 423 -41.99 -127.53 28.45
N ASP HA 424 -40.76 -127.08 28.69
CA ASP HA 424 -40.47 -125.85 29.43
C ASP HA 424 -40.94 -124.60 28.69
N MET HA 425 -40.87 -124.58 27.35
CA MET HA 425 -41.47 -123.51 26.56
C MET HA 425 -43.00 -123.49 26.70
N ALA HA 426 -43.69 -124.64 26.68
CA ALA HA 426 -45.13 -124.70 26.90
C ALA HA 426 -45.56 -124.21 28.28
N ALA HA 427 -44.75 -124.40 29.31
CA ALA HA 427 -44.95 -123.82 30.63
C ALA HA 427 -44.74 -122.30 30.69
N LEU HA 428 -43.85 -121.70 29.88
CA LEU HA 428 -43.75 -120.24 29.75
C LEU HA 428 -44.91 -119.66 28.93
N GLU HA 429 -45.30 -120.31 27.85
CA GLU HA 429 -46.42 -119.89 27.03
C GLU HA 429 -47.76 -120.00 27.79
N LYS HA 430 -47.85 -120.95 28.74
CA LYS HA 430 -48.92 -121.06 29.75
C LYS HA 430 -48.90 -119.88 30.71
N ASP HA 431 -47.77 -119.55 31.33
CA ASP HA 431 -47.64 -118.45 32.29
C ASP HA 431 -48.07 -117.09 31.72
N TYR HA 432 -47.69 -116.74 30.49
CA TYR HA 432 -48.11 -115.47 29.84
C TYR HA 432 -49.60 -115.42 29.46
N GLU HA 433 -50.25 -116.55 29.23
CA GLU HA 433 -51.70 -116.64 29.03
C GLU HA 433 -52.45 -116.57 30.38
N GLU HA 434 -51.91 -117.20 31.41
CA GLU HA 434 -52.48 -117.28 32.76
C GLU HA 434 -52.62 -115.91 33.46
N VAL HA 435 -51.65 -115.00 33.31
CA VAL HA 435 -51.65 -113.69 34.00
C VAL HA 435 -52.48 -112.60 33.33
N GLY HA 436 -53.00 -112.82 32.13
CA GLY HA 436 -53.80 -111.83 31.40
C GLY HA 436 -55.22 -111.66 31.95
N THR HA 437 -55.67 -112.52 32.85
CA THR HA 437 -57.09 -112.73 33.16
C THR HA 437 -57.57 -111.80 34.27
N MET IA 1 32.99 -99.09 51.44
CA MET IA 1 31.73 -99.31 52.15
C MET IA 1 30.72 -99.91 51.19
N ARG IA 2 30.06 -101.00 51.58
CA ARG IA 2 28.96 -101.68 50.86
C ARG IA 2 29.36 -102.38 49.56
N GLU IA 3 30.59 -102.86 49.45
CA GLU IA 3 31.04 -103.63 48.29
C GLU IA 3 30.40 -105.02 48.17
N CYS IA 4 30.32 -105.60 46.98
CA CYS IA 4 30.05 -107.02 46.75
C CYS IA 4 30.99 -107.61 45.70
N ILE IA 5 31.63 -108.73 46.00
CA ILE IA 5 32.43 -109.48 45.02
C ILE IA 5 31.55 -110.51 44.31
N SER IA 6 31.36 -110.37 43.01
CA SER IA 6 30.51 -111.25 42.21
C SER IA 6 31.35 -112.32 41.51
N VAL IA 7 31.16 -113.59 41.81
CA VAL IA 7 31.95 -114.67 41.20
C VAL IA 7 31.07 -115.50 40.27
N HIS IA 8 31.41 -115.50 38.98
CA HIS IA 8 30.68 -116.11 37.89
C HIS IA 8 31.39 -117.37 37.39
N VAL IA 9 30.81 -118.55 37.65
CA VAL IA 9 31.49 -119.85 37.48
C VAL IA 9 30.83 -120.72 36.40
N GLY IA 10 31.65 -121.34 35.56
CA GLY IA 10 31.20 -122.19 34.46
C GLY IA 10 30.48 -121.41 33.35
N GLN IA 11 29.84 -122.07 32.38
CA GLN IA 11 29.16 -121.38 31.29
C GLN IA 11 27.91 -120.62 31.73
N ALA IA 12 27.02 -121.25 32.50
CA ALA IA 12 25.83 -120.60 33.04
C ALA IA 12 26.14 -119.37 33.90
N GLY IA 13 27.07 -119.46 34.84
CA GLY IA 13 27.43 -118.35 35.70
C GLY IA 13 28.05 -117.19 34.94
N VAL IA 14 28.95 -117.48 33.99
CA VAL IA 14 29.57 -116.48 33.12
C VAL IA 14 28.56 -115.83 32.20
N GLN IA 15 27.62 -116.57 31.62
CA GLN IA 15 26.61 -116.02 30.72
C GLN IA 15 25.52 -115.22 31.46
N ILE IA 16 25.14 -115.62 32.67
CA ILE IA 16 24.35 -114.78 33.58
C ILE IA 16 25.15 -113.54 33.94
N GLY IA 17 26.44 -113.66 34.23
CA GLY IA 17 27.35 -112.54 34.45
C GLY IA 17 27.41 -111.56 33.30
N ASN IA 18 27.49 -112.04 32.06
CA ASN IA 18 27.45 -111.21 30.88
C ASN IA 18 26.12 -110.46 30.68
N SER IA 19 25.04 -110.87 31.37
CA SER IA 19 23.78 -110.13 31.50
C SER IA 19 23.75 -109.23 32.75
N CYS IA 20 24.29 -109.67 33.88
CA CYS IA 20 24.41 -108.87 35.10
C CYS IA 20 25.22 -107.60 34.83
N TRP IA 21 26.41 -107.74 34.26
CA TRP IA 21 27.29 -106.62 33.97
C TRP IA 21 26.81 -105.77 32.79
N GLU IA 22 26.01 -106.34 31.87
CA GLU IA 22 25.27 -105.55 30.88
C GLU IA 22 24.28 -104.61 31.56
N LEU IA 23 23.53 -105.12 32.54
CA LEU IA 23 22.57 -104.33 33.32
C LEU IA 23 23.25 -103.31 34.21
N TYR IA 24 24.19 -103.71 35.08
CA TYR IA 24 24.81 -102.79 36.04
C TYR IA 24 25.48 -101.61 35.36
N CYS IA 25 26.09 -101.82 34.21
CA CYS IA 25 26.67 -100.74 33.41
C CYS IA 25 25.61 -99.74 32.95
N LEU IA 26 24.46 -100.18 32.47
CA LEU IA 26 23.37 -99.28 32.09
C LEU IA 26 22.80 -98.53 33.30
N GLU IA 27 22.60 -99.24 34.39
CA GLU IA 27 21.93 -98.73 35.58
C GLU IA 27 22.75 -97.64 36.30
N HIS IA 28 24.09 -97.76 36.27
CA HIS IA 28 25.05 -96.77 36.80
C HIS IA 28 25.60 -95.81 35.75
N GLY IA 29 25.22 -95.96 34.49
CA GLY IA 29 25.66 -95.09 33.40
C GLY IA 29 27.14 -95.21 33.05
N LEU IA 30 27.70 -96.42 33.14
CA LEU IA 30 29.06 -96.78 32.76
C LEU IA 30 29.05 -97.31 31.33
N GLN IA 31 29.89 -96.76 30.48
CA GLN IA 31 30.10 -97.22 29.11
C GLN IA 31 30.69 -98.64 29.10
N PRO IA 32 30.56 -99.42 28.00
CA PRO IA 32 31.14 -100.75 27.93
C PRO IA 32 32.68 -100.76 27.93
N ASP IA 33 33.35 -99.61 27.77
CA ASP IA 33 34.80 -99.45 28.00
C ASP IA 33 35.17 -99.08 29.45
N GLY IA 34 34.21 -99.10 30.36
CA GLY IA 34 34.36 -98.77 31.77
C GLY IA 34 34.38 -97.28 32.12
N THR IA 35 34.33 -96.36 31.16
CA THR IA 35 34.29 -94.91 31.44
C THR IA 35 32.89 -94.41 31.80
N MET IA 36 32.75 -93.23 32.43
CA MET IA 36 31.47 -92.69 32.88
C MET IA 36 31.33 -91.19 32.56
N PRO IA 37 30.55 -90.80 31.53
CA PRO IA 37 30.33 -89.40 31.18
C PRO IA 37 29.41 -88.68 32.17
N SER IA 38 29.34 -87.35 32.09
CA SER IA 38 28.45 -86.50 32.90
C SER IA 38 27.95 -85.27 32.12
N ASP IA 46 28.68 -89.48 43.15
CA ASP IA 46 27.57 -89.87 43.97
C ASP IA 46 27.78 -91.23 44.67
N SER IA 47 28.81 -91.97 44.29
CA SER IA 47 29.23 -93.28 44.81
C SER IA 47 28.18 -94.40 44.76
N SER IA 48 27.11 -94.28 43.98
CA SER IA 48 26.13 -95.35 43.82
C SER IA 48 26.70 -96.62 43.17
N PHE IA 49 27.62 -96.46 42.22
CA PHE IA 49 28.34 -97.54 41.57
C PHE IA 49 29.28 -98.33 42.50
N GLY IA 50 29.64 -97.82 43.69
CA GLY IA 50 30.75 -98.34 44.47
C GLY IA 50 30.55 -99.80 44.91
N THR IA 51 29.30 -100.26 45.02
CA THR IA 51 29.03 -101.64 45.44
C THR IA 51 29.58 -102.65 44.43
N PHE IA 52 29.51 -102.31 43.15
CA PHE IA 52 29.87 -103.17 42.04
C PHE IA 52 31.12 -102.74 41.27
N PHE IA 53 31.59 -101.50 41.38
CA PHE IA 53 32.74 -101.04 40.63
C PHE IA 53 33.78 -100.34 41.49
N SER IA 54 35.03 -100.77 41.38
CA SER IA 54 36.21 -100.03 41.81
C SER IA 54 36.50 -98.89 40.83
N GLU IA 55 36.86 -97.68 41.25
CA GLU IA 55 37.18 -96.56 40.36
C GLU IA 55 38.68 -96.26 40.37
N THR IA 56 39.32 -96.28 39.20
CA THR IA 56 40.74 -95.89 39.04
C THR IA 56 40.89 -94.42 38.64
N GLY IA 57 42.04 -93.81 38.90
CA GLY IA 57 42.27 -92.36 38.75
C GLY IA 57 42.07 -91.80 37.34
N SER IA 58 42.13 -92.63 36.31
CA SER IA 58 41.79 -92.27 34.93
C SER IA 58 40.30 -91.95 34.73
N GLY IA 59 39.44 -92.24 35.71
CA GLY IA 59 37.98 -92.17 35.61
C GLY IA 59 37.36 -93.40 34.96
N LYS IA 60 38.03 -94.55 35.11
CA LYS IA 60 37.60 -95.86 34.63
C LYS IA 60 37.06 -96.68 35.80
N HIS IA 61 35.85 -97.19 35.66
CA HIS IA 61 35.18 -98.02 36.65
C HIS IA 61 35.33 -99.47 36.24
N VAL IA 62 35.99 -100.25 37.08
CA VAL IA 62 36.37 -101.66 36.86
C VAL IA 62 35.50 -102.52 37.76
N PRO IA 63 34.81 -103.54 37.25
CA PRO IA 63 33.87 -104.33 38.04
C PRO IA 63 34.54 -105.18 39.12
N ARG IA 64 33.89 -105.28 40.27
CA ARG IA 64 34.22 -106.18 41.39
C ARG IA 64 33.72 -107.59 41.11
N ALA IA 65 34.22 -108.19 40.03
CA ALA IA 65 33.81 -109.49 39.54
C ALA IA 65 34.98 -110.39 39.23
N VAL IA 66 34.80 -111.69 39.42
CA VAL IA 66 35.73 -112.73 38.94
C VAL IA 66 34.94 -113.65 38.03
N PHE IA 67 35.45 -113.94 36.83
CA PHE IA 67 34.85 -114.89 35.90
C PHE IA 67 35.76 -116.10 35.83
N VAL IA 68 35.25 -117.30 36.10
CA VAL IA 68 36.04 -118.54 36.14
C VAL IA 68 35.39 -119.63 35.33
N ASP IA 69 36.15 -120.24 34.45
CA ASP IA 69 35.72 -121.41 33.68
C ASP IA 69 36.93 -122.32 33.49
N LEU IA 70 36.75 -123.63 33.51
CA LEU IA 70 37.86 -124.57 33.38
C LEU IA 70 38.31 -124.74 31.93
N GLU IA 71 37.48 -124.36 30.96
CA GLU IA 71 37.74 -124.29 29.53
C GLU IA 71 37.71 -122.84 28.99
N GLN IA 72 38.37 -122.55 27.85
CA GLN IA 72 38.58 -121.18 27.41
C GLN IA 72 37.38 -120.55 26.70
N THR IA 73 36.43 -121.30 26.14
CA THR IA 73 35.58 -120.84 25.03
C THR IA 73 34.68 -119.65 25.36
N VAL IA 74 34.00 -119.70 26.50
CA VAL IA 74 33.01 -118.71 26.92
C VAL IA 74 33.67 -117.43 27.43
N ILE IA 75 34.76 -117.54 28.20
CA ILE IA 75 35.50 -116.37 28.66
C ILE IA 75 36.33 -115.74 27.54
N GLY IA 76 36.88 -116.50 26.58
CA GLY IA 76 37.50 -115.91 25.39
C GLY IA 76 36.52 -115.09 24.56
N GLU IA 77 35.22 -115.38 24.65
CA GLU IA 77 34.19 -114.57 24.02
C GLU IA 77 33.93 -113.28 24.80
N ILE IA 78 33.97 -113.30 26.13
CA ILE IA 78 33.93 -112.12 27.01
C ILE IA 78 35.17 -111.24 26.76
N ARG IA 79 36.36 -111.83 26.61
CA ARG IA 79 37.62 -111.16 26.22
C ARG IA 79 37.66 -110.60 24.79
N ASN IA 80 36.61 -110.77 23.98
CA ASN IA 80 36.58 -110.36 22.56
C ASN IA 80 35.37 -109.50 22.20
N GLY IA 81 34.25 -109.68 22.90
CA GLY IA 81 33.02 -108.92 22.69
C GLY IA 81 33.04 -107.50 23.26
N PRO IA 82 31.89 -106.83 23.32
CA PRO IA 82 31.80 -105.41 23.70
C PRO IA 82 32.34 -105.08 25.09
N TYR IA 83 32.41 -106.05 26.00
CA TYR IA 83 32.93 -105.86 27.36
C TYR IA 83 34.42 -106.20 27.52
N ARG IA 84 35.18 -106.42 26.45
CA ARG IA 84 36.63 -106.71 26.53
C ARG IA 84 37.45 -105.66 27.30
N SER IA 85 37.03 -104.39 27.26
CA SER IA 85 37.65 -103.25 27.95
C SER IA 85 37.07 -102.97 29.34
N LEU IA 86 36.00 -103.64 29.76
CA LEU IA 86 35.42 -103.43 31.08
C LEU IA 86 36.24 -104.09 32.19
N PHE IA 87 36.50 -105.39 32.04
CA PHE IA 87 37.11 -106.22 33.06
C PHE IA 87 38.63 -106.08 33.09
N HIS IA 88 39.21 -106.23 34.27
CA HIS IA 88 40.64 -106.44 34.44
C HIS IA 88 41.05 -107.77 33.80
N PRO IA 89 42.09 -107.82 32.94
CA PRO IA 89 42.37 -109.00 32.14
C PRO IA 89 42.74 -110.26 32.93
N GLU IA 90 43.28 -110.13 34.15
CA GLU IA 90 43.62 -111.29 34.99
C GLU IA 90 42.50 -111.74 35.96
N GLN IA 91 41.32 -111.09 35.96
CA GLN IA 91 40.15 -111.60 36.69
C GLN IA 91 39.11 -112.28 35.78
N LEU IA 92 39.41 -112.38 34.49
CA LEU IA 92 38.83 -113.33 33.56
C LEU IA 92 39.76 -114.57 33.51
N ILE IA 93 39.45 -115.64 34.23
CA ILE IA 93 40.36 -116.74 34.53
C ILE IA 93 39.93 -118.01 33.78
N THR IA 94 40.85 -118.64 33.07
CA THR IA 94 40.59 -119.85 32.27
C THR IA 94 41.65 -120.92 32.47
N GLY IA 95 41.23 -122.18 32.42
CA GLY IA 95 42.08 -123.35 32.24
C GLY IA 95 42.18 -123.81 30.78
N LYS IA 96 42.88 -124.92 30.57
CA LYS IA 96 43.00 -125.63 29.29
C LYS IA 96 41.88 -126.65 29.04
N GLU IA 97 41.39 -127.31 30.11
CA GLU IA 97 40.62 -128.55 30.05
C GLU IA 97 39.20 -128.39 30.61
N ASP IA 98 38.20 -128.72 29.80
CA ASP IA 98 36.80 -128.79 30.18
C ASP IA 98 36.57 -129.78 31.36
N ALA IA 99 35.62 -129.48 32.24
CA ALA IA 99 35.20 -130.37 33.34
C ALA IA 99 34.23 -131.51 32.95
N ALA IA 100 33.77 -131.56 31.71
CA ALA IA 100 33.07 -132.65 31.07
C ALA IA 100 31.73 -133.05 31.73
N ASN IA 101 31.03 -132.14 32.39
CA ASN IA 101 29.85 -132.40 33.19
C ASN IA 101 30.12 -133.45 34.28
N ASN IA 102 31.36 -133.52 34.76
CA ASN IA 102 31.79 -134.43 35.79
C ASN IA 102 32.19 -133.62 37.03
N TYR IA 103 31.42 -133.73 38.13
CA TYR IA 103 31.74 -133.05 39.40
C TYR IA 103 33.19 -133.26 39.84
N ALA IA 104 33.71 -134.47 39.67
CA ALA IA 104 35.00 -134.83 40.18
C ALA IA 104 36.16 -134.19 39.41
N ARG IA 105 35.99 -133.89 38.11
CA ARG IA 105 36.96 -133.06 37.38
C ARG IA 105 36.95 -131.64 37.90
N GLY IA 106 35.78 -131.07 38.15
CA GLY IA 106 35.69 -129.72 38.69
C GLY IA 106 36.32 -129.58 40.07
N HIS IA 107 36.01 -130.51 40.97
CA HIS IA 107 36.43 -130.48 42.37
C HIS IA 107 37.82 -131.04 42.66
N TYR IA 108 38.19 -132.21 42.12
CA TYR IA 108 39.37 -132.97 42.55
C TYR IA 108 40.57 -132.89 41.60
N THR IA 109 40.35 -132.79 40.29
CA THR IA 109 41.38 -133.07 39.28
C THR IA 109 41.79 -131.86 38.45
N ILE IA 110 40.85 -131.13 37.85
CA ILE IA 110 41.14 -129.99 36.96
C ILE IA 110 41.06 -128.66 37.70
N GLY IA 111 40.01 -128.43 38.48
CA GLY IA 111 39.84 -127.20 39.25
C GLY IA 111 40.84 -127.04 40.38
N LYS IA 112 41.37 -128.15 40.89
CA LYS IA 112 42.52 -128.25 41.81
C LYS IA 112 43.74 -127.44 41.35
N GLU IA 113 43.90 -127.21 40.05
CA GLU IA 113 45.00 -126.40 39.51
C GLU IA 113 44.71 -124.91 39.44
N LEU IA 114 43.50 -124.48 39.08
CA LEU IA 114 43.15 -123.07 38.92
C LEU IA 114 42.75 -122.39 40.25
N ILE IA 115 42.38 -123.14 41.28
CA ILE IA 115 41.80 -122.59 42.51
C ILE IA 115 42.67 -121.55 43.23
N ASP IA 116 43.97 -121.79 43.36
CA ASP IA 116 44.87 -120.88 44.08
C ASP IA 116 45.17 -119.58 43.30
N SER IA 117 44.85 -119.54 42.00
CA SER IA 117 44.81 -118.34 41.17
C SER IA 117 43.47 -117.63 41.29
N VAL IA 118 42.35 -118.36 41.38
CA VAL IA 118 41.02 -117.77 41.62
C VAL IA 118 40.95 -117.06 42.96
N LEU IA 119 41.50 -117.67 44.01
CA LEU IA 119 41.58 -117.07 45.33
C LEU IA 119 42.44 -115.81 45.37
N ASP IA 120 43.51 -115.77 44.60
CA ASP IA 120 44.44 -114.63 44.56
C ASP IA 120 43.79 -113.37 43.99
N ARG IA 121 42.94 -113.52 42.97
CA ARG IA 121 42.08 -112.45 42.48
C ARG IA 121 41.02 -112.02 43.49
N VAL IA 122 40.37 -112.96 44.17
CA VAL IA 122 39.36 -112.62 45.18
C VAL IA 122 40.01 -111.87 46.35
N ARG IA 123 41.20 -112.27 46.79
CA ARG IA 123 42.01 -111.52 47.76
C ARG IA 123 42.34 -110.10 47.30
N LYS IA 124 42.84 -109.92 46.07
CA LYS IA 124 43.11 -108.60 45.49
C LYS IA 124 41.86 -107.74 45.28
N MET IA 125 40.66 -108.31 45.21
CA MET IA 125 39.40 -107.56 45.21
C MET IA 125 38.94 -107.19 46.63
N ALA IA 126 39.00 -108.12 47.58
CA ALA IA 126 38.61 -107.89 48.95
C ALA IA 126 39.49 -106.86 49.63
N ASP IA 127 40.79 -106.83 49.35
CA ASP IA 127 41.72 -105.81 49.84
C ASP IA 127 41.46 -104.39 49.27
N GLN IA 128 40.68 -104.25 48.20
CA GLN IA 128 40.17 -102.97 47.69
C GLN IA 128 38.80 -102.57 48.27
N CYS IA 129 38.12 -103.45 49.00
CA CYS IA 129 36.88 -103.16 49.72
C CYS IA 129 37.16 -102.56 51.08
N SER IA 130 36.17 -101.87 51.64
CA SER IA 130 36.18 -101.31 53.00
C SER IA 130 34.83 -101.58 53.62
N GLY IA 131 34.68 -102.64 54.39
CA GLY IA 131 33.37 -103.16 54.75
C GLY IA 131 32.68 -103.82 53.56
N LEU IA 132 33.30 -104.88 53.03
CA LEU IA 132 32.74 -105.80 52.05
C LEU IA 132 31.44 -106.41 52.60
N GLN IA 133 30.34 -106.33 51.86
CA GLN IA 133 29.02 -106.73 52.32
C GLN IA 133 28.82 -108.25 52.22
N GLY IA 134 29.37 -108.86 51.18
CA GLY IA 134 29.27 -110.30 50.91
C GLY IA 134 29.78 -110.69 49.53
N PHE IA 135 29.50 -111.92 49.15
CA PHE IA 135 29.79 -112.53 47.84
C PHE IA 135 28.51 -112.83 47.09
N LEU IA 136 28.47 -112.63 45.78
CA LEU IA 136 27.37 -113.04 44.92
C LEU IA 136 27.89 -114.13 43.97
N VAL IA 137 27.59 -115.39 44.22
CA VAL IA 137 28.17 -116.52 43.47
C VAL IA 137 27.17 -117.13 42.46
N PHE IA 138 27.46 -117.05 41.17
CA PHE IA 138 26.59 -117.47 40.08
C PHE IA 138 27.07 -118.75 39.40
N HIS IA 139 26.21 -119.76 39.29
CA HIS IA 139 26.61 -121.07 38.76
C HIS IA 139 25.43 -121.95 38.32
N SER IA 140 25.74 -123.04 37.62
CA SER IA 140 24.85 -124.13 37.28
C SER IA 140 25.02 -125.28 38.28
N PHE IA 141 23.93 -125.84 38.77
CA PHE IA 141 23.96 -127.06 39.58
C PHE IA 141 24.29 -128.31 38.76
N GLY IA 142 24.01 -128.29 37.46
CA GLY IA 142 24.17 -129.44 36.58
C GLY IA 142 25.54 -129.58 35.92
N GLY IA 143 26.29 -128.50 35.84
CA GLY IA 143 27.64 -128.46 35.27
C GLY IA 143 28.70 -129.19 36.09
N GLY IA 144 29.80 -129.58 35.45
CA GLY IA 144 31.00 -130.07 36.11
C GLY IA 144 31.78 -128.94 36.77
N THR IA 145 31.99 -127.82 36.08
CA THR IA 145 32.57 -126.60 36.68
C THR IA 145 31.59 -125.95 37.63
N GLY IA 146 30.33 -125.80 37.24
CA GLY IA 146 29.24 -125.31 38.06
C GLY IA 146 29.12 -125.95 39.43
N SER IA 147 29.09 -127.28 39.53
CA SER IA 147 29.01 -128.00 40.81
C SER IA 147 30.37 -128.20 41.50
N GLY IA 148 31.34 -128.78 40.80
CA GLY IA 148 32.62 -129.17 41.35
C GLY IA 148 33.56 -128.02 41.63
N PHE IA 149 33.64 -127.02 40.74
CA PHE IA 149 34.51 -125.90 41.00
C PHE IA 149 33.90 -124.92 42.01
N THR IA 150 32.60 -124.64 41.96
CA THR IA 150 31.95 -123.81 42.98
C THR IA 150 32.09 -124.44 44.36
N SER IA 151 31.96 -125.75 44.48
CA SER IA 151 32.11 -126.44 45.77
C SER IA 151 33.55 -126.48 46.27
N LEU IA 152 34.54 -126.47 45.38
CA LEU IA 152 35.94 -126.29 45.74
C LEU IA 152 36.20 -124.85 46.20
N LEU IA 153 35.72 -123.85 45.46
CA LEU IA 153 35.88 -122.45 45.82
C LEU IA 153 35.18 -122.08 47.13
N MET IA 154 33.91 -122.44 47.30
CA MET IA 154 33.17 -122.11 48.52
C MET IA 154 33.80 -122.67 49.79
N GLU IA 155 34.38 -123.86 49.74
CA GLU IA 155 35.07 -124.46 50.89
C GLU IA 155 36.25 -123.61 51.34
N ARG IA 156 36.97 -123.00 50.39
CA ARG IA 156 38.06 -122.06 50.64
C ARG IA 156 37.57 -120.71 51.16
N LEU IA 157 36.58 -120.10 50.49
CA LEU IA 157 36.03 -118.83 50.94
C LEU IA 157 35.38 -118.92 52.33
N SER IA 158 34.88 -120.09 52.74
CA SER IA 158 34.25 -120.28 54.04
C SER IA 158 35.23 -120.48 55.21
N VAL IA 159 36.51 -120.70 54.94
CA VAL IA 159 37.61 -120.61 55.92
C VAL IA 159 38.34 -119.26 55.80
N ASP IA 160 38.51 -118.72 54.60
CA ASP IA 160 39.20 -117.45 54.39
C ASP IA 160 38.38 -116.21 54.79
N TYR IA 161 37.07 -116.21 54.60
CA TYR IA 161 36.15 -115.09 54.83
C TYR IA 161 34.93 -115.54 55.66
N GLY IA 162 35.15 -116.24 56.78
CA GLY IA 162 34.09 -116.94 57.49
C GLY IA 162 32.88 -116.10 57.91
N LYS IA 163 33.08 -114.82 58.27
CA LYS IA 163 31.98 -113.92 58.68
C LYS IA 163 31.10 -113.43 57.53
N LYS IA 164 31.67 -113.25 56.33
CA LYS IA 164 31.03 -112.59 55.19
C LYS IA 164 29.90 -113.39 54.57
N SER IA 165 28.76 -112.76 54.29
CA SER IA 165 27.58 -113.43 53.74
C SER IA 165 27.81 -113.91 52.30
N LYS IA 166 27.54 -115.20 52.04
CA LYS IA 166 27.70 -115.82 50.72
C LYS IA 166 26.33 -116.10 50.14
N LEU IA 167 25.90 -115.23 49.21
CA LEU IA 167 24.64 -115.34 48.48
C LEU IA 167 24.92 -116.08 47.19
N GLU IA 168 24.04 -116.99 46.81
CA GLU IA 168 24.37 -117.92 45.74
C GLU IA 168 23.19 -118.13 44.80
N PHE IA 169 23.40 -117.89 43.51
CA PHE IA 169 22.36 -117.94 42.48
C PHE IA 169 22.61 -119.14 41.59
N SER IA 170 21.71 -120.10 41.65
CA SER IA 170 21.91 -121.43 41.06
C SER IA 170 20.88 -121.73 40.01
N VAL IA 171 21.31 -122.05 38.80
CA VAL IA 171 20.45 -122.68 37.80
C VAL IA 171 20.37 -124.18 38.08
N TYR IA 172 19.19 -124.64 38.47
CA TYR IA 172 18.88 -125.93 39.04
C TYR IA 172 18.12 -126.82 38.05
N PRO IA 173 18.33 -128.14 38.01
CA PRO IA 173 17.59 -129.02 37.11
C PRO IA 173 16.06 -128.98 37.20
N ALA IA 174 15.40 -129.08 36.04
CA ALA IA 174 13.96 -128.96 35.88
C ALA IA 174 13.19 -130.30 36.05
N PRO IA 175 11.85 -130.28 36.13
CA PRO IA 175 11.06 -131.49 36.07
C PRO IA 175 11.28 -132.30 34.79
N ARG IA 176 11.25 -131.68 33.59
CA ARG IA 176 11.33 -132.36 32.29
C ARG IA 176 12.52 -131.90 31.43
N ILE IA 177 12.74 -130.59 31.31
CA ILE IA 177 13.86 -130.00 30.57
C ILE IA 177 15.20 -130.35 31.23
N SER IA 178 16.11 -130.90 30.43
CA SER IA 178 17.45 -131.25 30.86
C SER IA 178 18.38 -131.22 29.66
N THR IA 179 19.67 -130.94 29.89
CA THR IA 179 20.68 -130.82 28.83
C THR IA 179 21.75 -131.91 28.91
N ALA IA 180 21.73 -132.73 29.95
CA ALA IA 180 22.74 -133.71 30.32
C ALA IA 180 22.07 -134.93 30.94
N VAL IA 181 22.75 -136.07 30.82
CA VAL IA 181 22.31 -137.31 31.44
C VAL IA 181 22.67 -137.34 32.92
N VAL IA 182 23.81 -136.74 33.28
CA VAL IA 182 24.42 -136.76 34.62
C VAL IA 182 24.09 -135.52 35.50
N GLU IA 183 23.20 -134.66 35.05
CA GLU IA 183 22.67 -133.49 35.79
C GLU IA 183 22.17 -133.82 37.23
N PRO IA 184 21.47 -134.95 37.50
CA PRO IA 184 21.11 -135.38 38.85
C PRO IA 184 22.30 -135.71 39.77
N TYR IA 185 23.36 -136.31 39.25
CA TYR IA 185 24.57 -136.60 40.01
C TYR IA 185 25.30 -135.35 40.44
N ASN IA 186 25.49 -134.39 39.55
CA ASN IA 186 26.20 -133.16 39.86
C ASN IA 186 25.43 -132.28 40.86
N SER IA 187 24.11 -132.26 40.75
CA SER IA 187 23.25 -131.49 41.63
C SER IA 187 23.23 -132.03 43.06
N ILE IA 188 23.07 -133.34 43.24
CA ILE IA 188 23.07 -133.98 44.56
C ILE IA 188 24.44 -133.85 45.25
N LEU IA 189 25.54 -134.05 44.53
CA LEU IA 189 26.89 -133.80 45.06
C LEU IA 189 27.13 -132.34 45.48
N THR IA 190 26.41 -131.38 44.90
CA THR IA 190 26.46 -129.96 45.30
C THR IA 190 25.75 -129.65 46.61
N THR IA 191 24.80 -130.47 47.07
CA THR IA 191 23.98 -130.16 48.26
C THR IA 191 24.74 -129.96 49.57
N HIS IA 192 25.96 -130.48 49.70
CA HIS IA 192 26.85 -130.18 50.83
C HIS IA 192 27.35 -128.72 50.78
N THR IA 193 27.57 -128.20 49.58
CA THR IA 193 28.09 -126.85 49.36
C THR IA 193 27.09 -125.84 49.86
N THR IA 194 25.86 -125.94 49.35
CA THR IA 194 24.79 -125.04 49.75
C THR IA 194 24.44 -125.19 51.21
N LEU IA 195 24.34 -126.40 51.77
CA LEU IA 195 24.06 -126.56 53.20
C LEU IA 195 25.14 -125.99 54.11
N GLU IA 196 26.42 -126.27 53.88
CA GLU IA 196 27.49 -125.96 54.84
C GLU IA 196 28.22 -124.63 54.56
N HIS IA 197 28.37 -124.23 53.29
CA HIS IA 197 29.23 -123.13 52.85
C HIS IA 197 28.51 -122.03 52.06
N SER IA 198 27.23 -121.82 52.35
CA SER IA 198 26.40 -120.77 51.75
C SER IA 198 25.47 -120.21 52.81
N ASP IA 199 25.01 -118.97 52.66
CA ASP IA 199 24.14 -118.30 53.65
C ASP IA 199 22.73 -118.03 53.13
N CYS IA 200 22.55 -117.88 51.82
CA CYS IA 200 21.24 -117.78 51.19
C CYS IA 200 21.33 -118.21 49.71
N ALA IA 201 20.64 -119.28 49.35
CA ALA IA 201 20.80 -119.93 48.06
C ALA IA 201 19.54 -119.85 47.20
N PHE IA 202 19.57 -119.04 46.16
CA PHE IA 202 18.47 -118.78 45.24
C PHE IA 202 18.50 -119.79 44.08
N MET IA 203 17.73 -120.85 44.22
CA MET IA 203 17.46 -121.80 43.14
C MET IA 203 16.60 -121.15 42.07
N VAL IA 204 16.96 -121.36 40.81
CA VAL IA 204 16.23 -120.93 39.61
C VAL IA 204 16.15 -122.10 38.64
N ASP IA 205 15.13 -122.17 37.81
CA ASP IA 205 14.86 -123.27 36.89
C ASP IA 205 14.65 -122.75 35.45
N ASN IA 206 15.33 -123.37 34.48
CA ASN IA 206 15.19 -123.02 33.06
C ASN IA 206 13.75 -123.21 32.56
N GLU IA 207 13.06 -124.26 32.98
CA GLU IA 207 11.73 -124.59 32.46
C GLU IA 207 10.63 -123.64 32.96
N ALA IA 208 10.78 -123.14 34.18
CA ALA IA 208 9.89 -122.15 34.78
C ALA IA 208 10.04 -120.79 34.09
N ILE IA 209 11.26 -120.33 33.84
CA ILE IA 209 11.46 -119.10 33.09
C ILE IA 209 11.02 -119.27 31.64
N TYR IA 210 11.24 -120.42 31.00
CA TYR IA 210 10.70 -120.63 29.66
C TYR IA 210 9.17 -120.48 29.61
N ASP IA 211 8.44 -120.89 30.65
CA ASP IA 211 6.99 -120.74 30.72
C ASP IA 211 6.56 -119.30 31.04
N ILE IA 212 7.27 -118.62 31.94
CA ILE IA 212 7.12 -117.18 32.17
C ILE IA 212 7.30 -116.39 30.86
N CYS IA 213 8.33 -116.71 30.08
CA CYS IA 213 8.58 -116.04 28.80
C CYS IA 213 7.41 -116.22 27.84
N ASN IA 214 6.86 -117.43 27.77
CA ASN IA 214 5.74 -117.77 26.88
C ASN IA 214 4.45 -117.05 27.26
N ARG IA 215 4.14 -116.95 28.55
CA ARG IA 215 2.87 -116.41 29.07
C ARG IA 215 2.83 -114.91 29.32
N ASN IA 216 3.95 -114.30 29.64
CA ASN IA 216 4.03 -112.89 30.05
C ASN IA 216 4.75 -111.98 29.05
N LEU IA 217 5.84 -112.46 28.44
CA LEU IA 217 6.56 -111.70 27.40
C LEU IA 217 6.00 -112.00 26.00
N ASP IA 218 5.21 -113.06 25.88
CA ASP IA 218 4.66 -113.62 24.64
C ASP IA 218 5.70 -113.99 23.58
N ILE IA 219 6.97 -114.15 23.96
CA ILE IA 219 8.00 -114.70 23.09
C ILE IA 219 7.81 -116.22 23.03
N GLU IA 220 7.59 -116.74 21.82
CA GLU IA 220 7.17 -118.14 21.62
C GLU IA 220 8.31 -119.15 21.82
N ARG IA 221 9.54 -118.73 21.49
CA ARG IA 221 10.77 -119.54 21.41
C ARG IA 221 12.01 -118.78 21.94
N PRO IA 222 12.21 -118.64 23.26
CA PRO IA 222 13.35 -117.91 23.81
C PRO IA 222 14.68 -118.69 23.81
N SER IA 223 15.77 -117.94 23.77
CA SER IA 223 17.16 -118.38 23.96
C SER IA 223 17.57 -118.29 25.44
N TYR IA 224 18.83 -118.55 25.75
CA TYR IA 224 19.35 -118.21 27.07
C TYR IA 224 19.52 -116.72 27.31
N THR IA 225 19.70 -115.87 26.28
CA THR IA 225 19.82 -114.43 26.53
C THR IA 225 18.55 -113.88 27.19
N ASN IA 226 17.38 -114.42 26.85
CA ASN IA 226 16.11 -114.04 27.47
C ASN IA 226 16.01 -114.48 28.94
N LEU IA 227 16.58 -115.63 29.29
CA LEU IA 227 16.58 -116.11 30.68
C LEU IA 227 17.52 -115.29 31.54
N ASN IA 228 18.74 -115.07 31.06
CA ASN IA 228 19.76 -114.36 31.82
C ASN IA 228 19.36 -112.91 32.07
N ARG IA 229 18.65 -112.29 31.14
CA ARG IA 229 18.08 -110.95 31.35
C ARG IA 229 16.96 -110.90 32.40
N LEU IA 230 16.34 -112.01 32.79
CA LEU IA 230 15.47 -112.08 33.97
C LEU IA 230 16.24 -112.38 35.25
N ILE IA 231 17.23 -113.26 35.19
CA ILE IA 231 18.01 -113.66 36.36
C ILE IA 231 18.88 -112.52 36.88
N ALA IA 232 19.43 -111.70 36.00
CA ALA IA 232 20.17 -110.49 36.38
C ALA IA 232 19.25 -109.44 37.00
N GLN IA 233 18.04 -109.29 36.49
CA GLN IA 233 17.09 -108.31 36.97
C GLN IA 233 16.72 -108.54 38.45
N ILE IA 234 16.63 -109.80 38.88
CA ILE IA 234 16.43 -110.12 40.30
C ILE IA 234 17.62 -109.68 41.15
N VAL IA 235 18.86 -109.91 40.72
CA VAL IA 235 20.03 -109.52 41.52
C VAL IA 235 20.22 -108.01 41.56
N SER IA 236 19.88 -107.29 40.49
CA SER IA 236 19.81 -105.83 40.56
C SER IA 236 18.85 -105.38 41.65
N SER IA 237 17.71 -106.06 41.80
CA SER IA 237 16.69 -105.72 42.79
C SER IA 237 17.05 -106.14 44.21
N ILE IA 238 17.78 -107.25 44.40
CA ILE IA 238 18.36 -107.62 45.69
C ILE IA 238 19.40 -106.60 46.11
N THR IA 239 20.25 -106.16 45.19
CA THR IA 239 21.30 -105.17 45.48
C THR IA 239 20.84 -103.73 45.45
N ALA IA 240 19.65 -103.39 44.97
CA ALA IA 240 19.24 -102.00 44.80
C ALA IA 240 19.30 -101.18 46.10
N SER IA 241 18.94 -101.76 47.24
CA SER IA 241 19.06 -101.10 48.55
C SER IA 241 20.48 -100.84 49.01
N LEU IA 242 21.46 -101.55 48.44
CA LEU IA 242 22.87 -101.36 48.70
C LEU IA 242 23.44 -100.19 47.86
N ARG IA 243 22.80 -99.92 46.72
CA ARG IA 243 23.24 -99.02 45.64
C ARG IA 243 22.53 -97.66 45.63
N PHE IA 244 21.32 -97.55 46.18
CA PHE IA 244 20.42 -96.41 45.94
C PHE IA 244 19.67 -95.91 47.18
N ASP IA 245 19.07 -94.72 47.09
CA ASP IA 245 18.16 -94.21 48.12
C ASP IA 245 16.78 -94.89 48.05
N GLY IA 246 16.14 -95.03 49.20
CA GLY IA 246 14.82 -95.65 49.34
C GLY IA 246 14.08 -95.20 50.58
N ALA IA 247 12.79 -95.50 50.68
CA ALA IA 247 11.99 -95.23 51.86
C ALA IA 247 12.30 -96.21 53.00
N LEU IA 248 12.61 -97.46 52.64
CA LEU IA 248 12.88 -98.58 53.54
C LEU IA 248 14.00 -99.44 52.93
N ASN IA 249 15.22 -98.93 52.89
CA ASN IA 249 16.36 -99.69 52.36
C ASN IA 249 16.66 -100.94 53.22
N VAL IA 250 17.04 -102.04 52.57
CA VAL IA 250 17.32 -103.34 53.21
C VAL IA 250 18.80 -103.70 53.07
N ASP IA 251 19.49 -103.88 54.19
CA ASP IA 251 20.87 -104.36 54.23
C ASP IA 251 20.97 -105.85 53.85
N LEU IA 252 22.10 -106.29 53.30
CA LEU IA 252 22.26 -107.69 52.87
C LEU IA 252 22.13 -108.73 54.01
N THR IA 253 22.39 -108.35 55.27
CA THR IA 253 22.14 -109.17 56.47
C THR IA 253 20.77 -108.94 57.11
N GLU IA 254 20.21 -107.75 56.97
CA GLU IA 254 18.81 -107.46 57.32
C GLU IA 254 17.85 -108.34 56.53
N PHE IA 255 18.16 -108.53 55.25
CA PHE IA 255 17.51 -109.46 54.35
C PHE IA 255 17.50 -110.88 54.91
N GLN IA 256 18.66 -111.42 55.27
CA GLN IA 256 18.82 -112.75 55.84
C GLN IA 256 18.15 -112.91 57.20
N THR IA 257 18.19 -111.92 58.09
CA THR IA 257 17.53 -111.98 59.41
C THR IA 257 16.01 -112.12 59.32
N ASN IA 258 15.39 -111.74 58.21
CA ASN IA 258 13.96 -111.91 57.94
C ASN IA 258 13.64 -113.09 57.02
N LEU IA 259 14.52 -113.48 56.09
CA LEU IA 259 14.33 -114.64 55.22
C LEU IA 259 14.54 -115.96 55.94
N VAL IA 260 15.56 -116.07 56.78
CA VAL IA 260 16.09 -117.36 57.26
C VAL IA 260 15.61 -117.63 58.69
N PRO IA 261 14.60 -118.49 58.91
CA PRO IA 261 14.10 -118.80 60.25
C PRO IA 261 15.00 -119.72 61.06
N TYR IA 262 15.76 -120.61 60.40
CA TYR IA 262 16.59 -121.63 61.02
C TYR IA 262 17.89 -121.76 60.24
N PRO IA 263 19.01 -122.18 60.85
CA PRO IA 263 20.31 -122.14 60.20
C PRO IA 263 20.38 -122.81 58.84
N ARG IA 264 19.64 -123.91 58.61
CA ARG IA 264 19.73 -124.68 57.36
C ARG IA 264 18.61 -124.36 56.36
N ILE IA 265 17.69 -123.47 56.73
CA ILE IA 265 16.45 -123.18 55.99
C ILE IA 265 16.60 -121.84 55.28
N HIS IA 266 17.50 -121.84 54.31
CA HIS IA 266 18.00 -120.66 53.62
C HIS IA 266 17.90 -120.79 52.10
N PHE IA 267 16.94 -121.59 51.63
CA PHE IA 267 16.63 -121.80 50.23
C PHE IA 267 15.30 -121.13 49.85
N PRO IA 268 15.25 -119.80 49.72
CA PRO IA 268 14.06 -119.12 49.26
C PRO IA 268 13.82 -119.35 47.77
N LEU IA 269 12.56 -119.35 47.38
CA LEU IA 269 12.15 -119.02 46.02
C LEU IA 269 12.41 -117.55 45.75
N VAL IA 270 12.45 -117.19 44.46
CA VAL IA 270 12.48 -115.83 43.98
C VAL IA 270 11.47 -115.67 42.83
N THR IA 271 10.91 -114.49 42.70
CA THR IA 271 10.02 -114.09 41.60
C THR IA 271 10.10 -112.59 41.39
N TYR IA 272 9.72 -112.11 40.21
CA TYR IA 272 9.80 -110.71 39.83
C TYR IA 272 8.48 -110.32 39.18
N SER IA 273 7.98 -109.11 39.43
CA SER IA 273 6.81 -108.58 38.76
C SER IA 273 6.93 -107.08 38.53
N PRO IA 274 6.34 -106.55 37.46
CA PRO IA 274 5.70 -107.29 36.39
C PRO IA 274 6.72 -107.77 35.34
N ILE IA 275 6.75 -109.06 35.01
CA ILE IA 275 7.32 -109.47 33.73
C ILE IA 275 6.30 -109.13 32.67
N ILE IA 276 6.63 -108.26 31.72
CA ILE IA 276 5.63 -107.75 30.77
C ILE IA 276 6.29 -107.26 29.47
N SER IA 277 5.63 -107.42 28.32
CA SER IA 277 6.09 -106.87 27.04
C SER IA 277 5.48 -105.50 26.75
N ALA IA 278 6.04 -104.78 25.79
CA ALA IA 278 5.50 -103.50 25.33
C ALA IA 278 4.11 -103.61 24.66
N GLU IA 279 3.64 -104.81 24.31
CA GLU IA 279 2.30 -105.00 23.74
C GLU IA 279 1.22 -104.80 24.80
N LYS IA 280 1.52 -105.10 26.07
CA LYS IA 280 0.55 -105.16 27.17
C LYS IA 280 0.80 -104.11 28.25
N ALA IA 281 2.02 -103.66 28.44
CA ALA IA 281 2.36 -102.73 29.51
C ALA IA 281 1.60 -101.39 29.45
N TYR IA 282 1.15 -100.97 28.27
CA TYR IA 282 0.33 -99.77 28.08
C TYR IA 282 -1.18 -100.00 28.28
N HIS IA 283 -1.64 -101.21 28.59
CA HIS IA 283 -3.07 -101.52 28.83
C HIS IA 283 -3.36 -102.06 30.23
N GLU IA 284 -2.42 -102.76 30.85
CA GLU IA 284 -2.47 -103.11 32.27
C GLU IA 284 -2.32 -101.85 33.16
N GLN IA 285 -2.91 -101.83 34.35
CA GLN IA 285 -2.65 -100.72 35.28
C GLN IA 285 -1.26 -100.80 35.92
N LEU IA 286 -0.75 -101.99 36.25
CA LEU IA 286 0.51 -102.15 36.98
C LEU IA 286 0.54 -101.32 38.26
N SER IA 287 -0.61 -101.22 38.93
CA SER IA 287 -0.73 -100.68 40.28
C SER IA 287 0.02 -101.56 41.28
N VAL IA 288 0.37 -101.01 42.44
CA VAL IA 288 1.08 -101.76 43.47
C VAL IA 288 0.31 -103.01 43.92
N PRO IA 289 -1.01 -102.96 43.97
CA PRO IA 289 -1.83 -104.12 44.32
C PRO IA 289 -1.65 -105.28 43.33
N GLU IA 290 -1.59 -105.00 42.02
CA GLU IA 290 -1.49 -106.05 41.00
C GLU IA 290 -0.12 -106.71 40.99
N ILE IA 291 0.97 -105.93 41.00
CA ILE IA 291 2.32 -106.47 40.97
C ILE IA 291 2.69 -107.17 42.30
N THR IA 292 2.04 -106.83 43.40
CA THR IA 292 2.16 -107.63 44.64
C THR IA 292 1.48 -108.98 44.48
N ASN IA 293 0.22 -109.00 44.02
CA ASN IA 293 -0.54 -110.24 43.83
C ASN IA 293 0.09 -111.17 42.79
N ALA IA 294 0.71 -110.63 41.73
CA ALA IA 294 1.42 -111.43 40.75
C ALA IA 294 2.52 -112.31 41.34
N CYS IA 295 3.16 -111.89 42.43
CA CYS IA 295 4.22 -112.68 43.06
C CYS IA 295 3.70 -113.93 43.77
N PHE IA 296 2.41 -114.02 44.07
CA PHE IA 296 1.82 -115.19 44.72
C PHE IA 296 1.17 -116.16 43.74
N GLU IA 297 1.15 -115.86 42.45
CA GLU IA 297 0.70 -116.79 41.42
C GLU IA 297 1.75 -117.90 41.19
N TYR IA 298 1.37 -119.19 41.17
CA TYR IA 298 2.25 -120.27 40.70
C TYR IA 298 2.85 -120.00 39.32
N SER IA 299 2.11 -119.29 38.48
CA SER IA 299 2.52 -118.86 37.15
C SER IA 299 3.80 -118.01 37.11
N ASN IA 300 4.23 -117.36 38.19
CA ASN IA 300 5.41 -116.48 38.16
C ASN IA 300 6.58 -117.00 39.01
N GLN IA 301 6.46 -118.17 39.63
CA GLN IA 301 7.57 -118.77 40.39
C GLN IA 301 8.63 -119.29 39.43
N MET IA 302 9.90 -119.00 39.68
CA MET IA 302 11.02 -119.39 38.82
C MET IA 302 11.66 -120.74 39.21
N VAL IA 303 10.92 -121.61 39.89
CA VAL IA 303 11.17 -123.04 40.10
C VAL IA 303 9.83 -123.75 39.88
N LYS IA 304 9.78 -124.83 39.08
CA LYS IA 304 8.53 -125.55 38.84
C LYS IA 304 8.10 -126.39 40.04
N CYS IA 305 7.57 -125.71 41.04
CA CYS IA 305 6.88 -126.23 42.20
C CYS IA 305 5.69 -125.31 42.53
N ASP IA 306 4.65 -125.80 43.19
CA ASP IA 306 3.44 -125.03 43.48
C ASP IA 306 3.48 -124.53 44.93
N PRO IA 307 3.52 -123.21 45.20
CA PRO IA 307 3.55 -122.68 46.56
C PRO IA 307 2.35 -123.06 47.43
N ARG IA 308 1.23 -123.42 46.82
CA ARG IA 308 0.00 -123.84 47.50
C ARG IA 308 0.12 -125.24 48.10
N ARG IA 309 1.06 -126.05 47.60
CA ARG IA 309 1.44 -127.32 48.23
C ARG IA 309 2.41 -127.13 49.40
N GLY IA 310 2.76 -125.89 49.77
CA GLY IA 310 3.58 -125.57 50.92
C GLY IA 310 2.91 -124.67 51.94
N LYS IA 311 3.70 -124.19 52.90
CA LYS IA 311 3.41 -123.01 53.71
C LYS IA 311 4.56 -122.02 53.64
N TYR IA 312 4.24 -120.75 53.58
CA TYR IA 312 5.22 -119.67 53.64
C TYR IA 312 5.76 -119.53 55.07
N MET IA 313 7.07 -119.41 55.18
CA MET IA 313 7.76 -119.07 56.42
C MET IA 313 8.00 -117.57 56.50
N ALA IA 314 8.58 -116.95 55.47
CA ALA IA 314 8.77 -115.52 55.38
C ALA IA 314 8.86 -115.04 53.94
N CYS IA 315 8.38 -113.82 53.66
CA CYS IA 315 8.52 -113.16 52.37
C CYS IA 315 9.25 -111.83 52.52
N CYS IA 316 10.27 -111.58 51.70
CA CYS IA 316 10.81 -110.26 51.47
C CYS IA 316 10.21 -109.69 50.19
N LEU IA 317 9.34 -108.69 50.30
CA LEU IA 317 8.84 -107.93 49.17
C LEU IA 317 9.77 -106.73 48.97
N LEU IA 318 10.69 -106.80 48.01
CA LEU IA 318 11.65 -105.74 47.70
C LEU IA 318 11.12 -104.88 46.54
N TYR IA 319 10.33 -103.85 46.84
CA TYR IA 319 9.82 -102.93 45.82
C TYR IA 319 10.88 -101.92 45.39
N ARG IA 320 10.76 -101.51 44.12
CA ARG IA 320 11.58 -100.46 43.57
C ARG IA 320 10.84 -99.61 42.56
N GLY IA 321 11.24 -98.36 42.42
CA GLY IA 321 10.53 -97.38 41.61
C GLY IA 321 9.46 -96.62 42.40
N ASP IA 322 8.43 -96.14 41.72
CA ASP IA 322 7.41 -95.24 42.28
C ASP IA 322 6.38 -95.98 43.15
N VAL IA 323 6.70 -96.26 44.41
CA VAL IA 323 5.76 -96.86 45.38
C VAL IA 323 5.80 -96.16 46.73
N VAL IA 324 4.74 -96.29 47.52
CA VAL IA 324 4.56 -95.59 48.79
C VAL IA 324 4.14 -96.60 49.85
N PRO IA 325 4.70 -96.57 51.08
CA PRO IA 325 4.35 -97.52 52.14
C PRO IA 325 2.85 -97.69 52.45
N LYS IA 326 2.02 -96.66 52.23
CA LYS IA 326 0.55 -96.78 52.24
C LYS IA 326 0.10 -97.96 51.37
N ASP IA 327 0.51 -97.95 50.10
CA ASP IA 327 0.07 -98.88 49.06
C ASP IA 327 0.53 -100.30 49.37
N VAL IA 328 1.75 -100.44 49.88
CA VAL IA 328 2.32 -101.73 50.21
C VAL IA 328 1.59 -102.36 51.39
N ASN IA 329 1.33 -101.60 52.46
CA ASN IA 329 0.58 -102.14 53.60
C ASN IA 329 -0.83 -102.57 53.18
N ALA IA 330 -1.52 -101.74 52.39
CA ALA IA 330 -2.83 -102.05 51.83
C ALA IA 330 -2.82 -103.28 50.91
N ALA IA 331 -1.74 -103.51 50.18
CA ALA IA 331 -1.52 -104.70 49.38
C ALA IA 331 -1.30 -105.95 50.24
N ILE IA 332 -0.33 -105.97 51.16
CA ILE IA 332 -0.07 -107.16 51.98
C ILE IA 332 -1.25 -107.53 52.88
N ALA IA 333 -2.08 -106.56 53.25
CA ALA IA 333 -3.36 -106.83 53.90
C ALA IA 333 -4.30 -107.69 53.06
N ALA IA 334 -4.36 -107.52 51.75
CA ALA IA 334 -5.14 -108.45 50.91
C ALA IA 334 -4.48 -109.81 50.81
N ILE IA 335 -3.14 -109.89 50.74
CA ILE IA 335 -2.46 -111.18 50.73
C ILE IA 335 -2.75 -111.94 52.04
N LYS IA 336 -2.72 -111.30 53.21
CA LYS IA 336 -3.11 -111.94 54.49
C LYS IA 336 -4.57 -112.38 54.53
N THR IA 337 -5.44 -111.77 53.73
CA THR IA 337 -6.87 -112.09 53.69
C THR IA 337 -7.15 -113.35 52.89
N ARG IA 338 -6.35 -113.64 51.85
CA ARG IA 338 -6.52 -114.80 50.95
C ARG IA 338 -6.09 -116.13 51.59
N ARG IA 339 -7.04 -117.05 51.79
CA ARG IA 339 -6.84 -118.34 52.48
C ARG IA 339 -6.00 -119.36 51.69
N SER IA 340 -5.83 -119.18 50.38
CA SER IA 340 -4.95 -120.00 49.55
C SER IA 340 -3.46 -119.72 49.76
N ILE IA 341 -3.07 -118.53 50.23
CA ILE IA 341 -1.68 -118.14 50.57
C ILE IA 341 -1.46 -118.40 52.07
N GLN IA 342 -0.96 -119.57 52.43
CA GLN IA 342 -0.90 -119.98 53.84
C GLN IA 342 0.50 -119.87 54.45
N PHE IA 343 0.63 -119.05 55.47
CA PHE IA 343 1.84 -118.96 56.28
C PHE IA 343 1.83 -120.01 57.40
N VAL IA 344 3.01 -120.31 57.92
CA VAL IA 344 3.21 -121.09 59.14
C VAL IA 344 2.63 -120.37 60.36
N ASP IA 345 2.20 -121.15 61.36
CA ASP IA 345 1.61 -120.69 62.61
C ASP IA 345 2.56 -119.85 63.47
N TRP IA 346 3.86 -120.07 63.30
CA TRP IA 346 4.93 -119.47 64.08
C TRP IA 346 5.53 -118.20 63.44
N CYS IA 347 5.01 -117.73 62.31
CA CYS IA 347 5.45 -116.47 61.71
C CYS IA 347 4.25 -115.54 61.51
N PRO IA 348 3.79 -114.87 62.58
CA PRO IA 348 2.56 -114.09 62.56
C PRO IA 348 2.72 -112.76 61.81
N THR IA 349 3.95 -112.27 61.69
CA THR IA 349 4.35 -111.09 60.95
C THR IA 349 4.49 -111.38 59.46
N GLY IA 350 5.21 -112.43 59.07
CA GLY IA 350 5.31 -112.95 57.71
C GLY IA 350 6.13 -112.14 56.71
N PHE IA 351 5.90 -110.84 56.60
CA PHE IA 351 6.43 -109.99 55.54
C PHE IA 351 7.51 -109.05 56.05
N LYS IA 352 8.65 -109.06 55.36
CA LYS IA 352 9.68 -108.03 55.38
C LYS IA 352 9.52 -107.20 54.12
N VAL IA 353 9.36 -105.90 54.27
CA VAL IA 353 9.15 -104.95 53.18
C VAL IA 353 10.41 -104.13 53.00
N GLY IA 354 10.87 -104.01 51.76
CA GLY IA 354 11.87 -103.04 51.33
C GLY IA 354 11.30 -102.14 50.24
N ILE IA 355 11.64 -100.86 50.22
CA ILE IA 355 11.16 -99.90 49.22
C ILE IA 355 12.30 -99.00 48.81
N ASN IA 356 12.60 -98.97 47.50
CA ASN IA 356 13.73 -98.25 46.91
C ASN IA 356 13.32 -97.31 45.77
N TYR IA 357 13.85 -96.09 45.68
CA TYR IA 357 13.34 -95.05 44.77
C TYR IA 357 13.80 -95.19 43.31
N GLN IA 358 14.67 -96.16 42.99
CA GLN IA 358 15.23 -96.32 41.64
C GLN IA 358 14.41 -97.33 40.81
N PRO IA 359 13.73 -96.93 39.72
CA PRO IA 359 13.00 -97.82 38.84
C PRO IA 359 13.89 -98.93 38.25
N PRO IA 360 13.28 -100.00 37.70
CA PRO IA 360 14.01 -101.04 36.98
C PRO IA 360 14.55 -100.51 35.64
N THR IA 361 15.85 -100.67 35.42
CA THR IA 361 16.51 -100.30 34.17
C THR IA 361 16.18 -101.29 33.05
N ALA IA 362 15.74 -100.80 31.89
CA ALA IA 362 15.61 -101.65 30.70
C ALA IA 362 16.95 -101.85 30.01
N VAL IA 363 17.30 -103.09 29.68
CA VAL IA 363 18.33 -103.33 28.67
C VAL IA 363 17.72 -103.01 27.30
N PRO IA 364 18.31 -102.14 26.48
CA PRO IA 364 17.66 -101.60 25.27
C PRO IA 364 17.31 -102.66 24.21
N GLY IA 365 18.08 -103.74 24.14
CA GLY IA 365 17.80 -104.85 23.21
C GLY IA 365 16.73 -105.84 23.69
N GLY IA 366 16.21 -105.69 24.90
CA GLY IA 366 15.44 -106.72 25.61
C GLY IA 366 13.95 -106.75 25.31
N ASP IA 367 13.31 -107.84 25.75
CA ASP IA 367 11.88 -108.08 25.59
C ASP IA 367 11.04 -107.43 26.69
N VAL IA 368 11.62 -107.28 27.87
CA VAL IA 368 10.98 -106.83 29.11
C VAL IA 368 10.81 -105.29 29.12
N ALA IA 369 9.58 -104.81 29.25
CA ALA IA 369 9.17 -103.43 28.98
C ALA IA 369 9.52 -102.42 30.08
N LYS IA 370 9.51 -101.12 29.74
CA LYS IA 370 9.64 -100.02 30.70
C LYS IA 370 8.39 -99.91 31.56
N VAL IA 371 8.56 -99.80 32.87
CA VAL IA 371 7.46 -99.78 33.85
C VAL IA 371 7.80 -98.90 35.04
N LEU IA 372 6.83 -98.23 35.65
CA LEU IA 372 7.11 -97.31 36.76
C LEU IA 372 7.55 -98.01 38.04
N ARG IA 373 7.26 -99.29 38.17
CA ARG IA 373 7.34 -100.08 39.39
C ARG IA 373 7.86 -101.46 39.09
N ALA IA 374 8.55 -102.05 40.04
CA ALA IA 374 8.72 -103.47 40.10
C ALA IA 374 8.81 -103.91 41.55
N VAL IA 375 8.60 -105.20 41.77
CA VAL IA 375 8.86 -105.87 43.03
C VAL IA 375 9.64 -107.13 42.72
N CYS IA 376 10.66 -107.41 43.50
CA CYS IA 376 11.18 -108.73 43.56
C CYS IA 376 10.71 -109.33 44.88
N MET IA 377 10.02 -110.47 44.82
CA MET IA 377 9.65 -111.19 46.04
C MET IA 377 10.56 -112.39 46.21
N LEU IA 378 11.27 -112.41 47.33
CA LEU IA 378 12.13 -113.52 47.71
C LEU IA 378 11.47 -114.17 48.92
N SER IA 379 11.26 -115.47 48.86
CA SER IA 379 10.25 -116.13 49.68
C SER IA 379 10.66 -117.49 50.18
N ASN IA 380 10.85 -117.65 51.48
CA ASN IA 380 11.12 -118.93 52.10
C ASN IA 380 9.79 -119.67 52.33
N THR IA 381 9.64 -120.83 51.68
CA THR IA 381 8.41 -121.64 51.68
C THR IA 381 8.71 -123.12 51.68
N THR IA 382 7.88 -123.95 52.33
CA THR IA 382 8.08 -125.40 52.40
C THR IA 382 7.94 -126.09 51.04
N ALA IA 383 7.26 -125.44 50.08
CA ALA IA 383 7.00 -125.99 48.76
C ALA IA 383 8.25 -126.39 47.98
N ILE IA 384 9.38 -125.70 48.17
CA ILE IA 384 10.60 -125.94 47.39
C ILE IA 384 11.14 -127.36 47.56
N ALA IA 385 10.81 -128.05 48.65
CA ALA IA 385 11.16 -129.43 48.87
C ALA IA 385 10.68 -130.39 47.77
N GLU IA 386 9.67 -130.02 46.97
CA GLU IA 386 9.23 -130.82 45.84
C GLU IA 386 10.24 -130.77 44.69
N ALA IA 387 10.90 -129.64 44.42
CA ALA IA 387 11.99 -129.57 43.45
C ALA IA 387 13.19 -130.44 43.83
N TRP IA 388 13.39 -130.71 45.12
CA TRP IA 388 14.38 -131.66 45.63
C TRP IA 388 13.88 -133.11 45.55
N ALA IA 389 12.59 -133.35 45.83
CA ALA IA 389 11.97 -134.66 45.70
C ALA IA 389 11.90 -135.14 44.24
N ARG IA 390 11.80 -134.24 43.26
CA ARG IA 390 11.92 -134.58 41.84
C ARG IA 390 13.32 -135.12 41.53
N LEU IA 391 14.35 -134.38 41.92
CA LEU IA 391 15.69 -134.65 41.48
C LEU IA 391 16.34 -135.82 42.21
N ASP IA 392 16.06 -136.04 43.49
CA ASP IA 392 16.57 -137.22 44.19
C ASP IA 392 15.87 -138.53 43.74
N HIS IA 393 14.68 -138.47 43.13
CA HIS IA 393 14.07 -139.59 42.39
C HIS IA 393 14.72 -139.84 41.02
N LYS IA 394 15.29 -138.82 40.35
CA LYS IA 394 16.17 -139.03 39.17
C LYS IA 394 17.51 -139.67 39.55
N PHE IA 395 18.10 -139.22 40.65
CA PHE IA 395 19.32 -139.79 41.20
C PHE IA 395 19.17 -141.26 41.57
N ASP IA 396 18.06 -141.63 42.23
CA ASP IA 396 17.83 -142.98 42.72
C ASP IA 396 17.80 -144.05 41.62
N LEU IA 397 17.20 -143.76 40.46
CA LEU IA 397 17.16 -144.66 39.31
C LEU IA 397 18.54 -144.95 38.74
N MET IA 398 19.43 -143.97 38.70
CA MET IA 398 20.77 -144.09 38.16
C MET IA 398 21.74 -144.69 39.17
N TYR IA 399 21.70 -144.30 40.44
CA TYR IA 399 22.59 -144.87 41.44
C TYR IA 399 22.26 -146.32 41.79
N SER IA 400 21.00 -146.76 41.66
CA SER IA 400 20.64 -148.18 41.78
C SER IA 400 21.32 -149.08 40.74
N LYS IA 401 21.74 -148.54 39.60
CA LYS IA 401 22.52 -149.23 38.57
C LYS IA 401 24.02 -148.89 38.62
N ARG IA 402 24.45 -147.91 39.42
CA ARG IA 402 25.75 -147.22 39.34
C ARG IA 402 26.01 -146.63 37.95
N ALA IA 403 24.95 -146.12 37.31
CA ALA IA 403 24.82 -145.94 35.88
C ALA IA 403 25.92 -145.13 35.19
N PHE IA 404 26.57 -144.16 35.80
CA PHE IA 404 27.71 -143.41 35.23
C PHE IA 404 28.90 -143.27 36.19
N VAL IA 405 28.90 -144.03 37.27
CA VAL IA 405 29.76 -143.79 38.44
C VAL IA 405 31.24 -143.96 38.16
N HIS IA 406 31.64 -144.75 37.16
CA HIS IA 406 33.05 -144.96 36.80
C HIS IA 406 33.77 -143.70 36.32
N TRP IA 407 33.06 -142.71 35.76
CA TRP IA 407 33.65 -141.44 35.36
C TRP IA 407 34.04 -140.56 36.55
N TYR IA 408 33.33 -140.69 37.68
CA TYR IA 408 33.56 -139.93 38.91
C TYR IA 408 34.61 -140.62 39.79
N VAL IA 409 34.50 -141.94 39.95
CA VAL IA 409 35.50 -142.78 40.63
C VAL IA 409 36.83 -142.77 39.87
N GLY IA 410 36.80 -142.69 38.54
CA GLY IA 410 37.99 -142.62 37.70
C GLY IA 410 38.77 -141.31 37.80
N GLU IA 411 38.18 -140.25 38.35
CA GLU IA 411 38.79 -138.91 38.47
C GLU IA 411 39.03 -138.49 39.93
N GLY IA 412 39.15 -139.46 40.82
CA GLY IA 412 39.61 -139.28 42.20
C GLY IA 412 38.52 -139.15 43.26
N MET IA 413 37.24 -139.33 42.93
CA MET IA 413 36.18 -139.30 43.94
C MET IA 413 36.00 -140.64 44.66
N GLU IA 414 35.72 -140.61 45.96
CA GLU IA 414 35.28 -141.78 46.73
C GLU IA 414 33.88 -142.22 46.29
N GLU IA 415 33.64 -143.50 46.04
CA GLU IA 415 32.30 -143.97 45.62
C GLU IA 415 31.23 -143.68 46.69
N GLY IA 416 31.59 -143.76 47.97
CA GLY IA 416 30.72 -143.46 49.10
C GLY IA 416 30.19 -142.03 49.18
N GLU IA 417 30.81 -141.06 48.49
CA GLU IA 417 30.31 -139.68 48.45
C GLU IA 417 28.93 -139.57 47.81
N PHE IA 418 28.57 -140.46 46.88
CA PHE IA 418 27.23 -140.48 46.28
C PHE IA 418 26.15 -140.84 47.32
N SER IA 419 26.43 -141.84 48.16
CA SER IA 419 25.54 -142.21 49.27
C SER IA 419 25.48 -141.12 50.34
N GLU IA 420 26.64 -140.59 50.75
CA GLU IA 420 26.79 -139.47 51.68
C GLU IA 420 26.15 -138.16 51.18
N ALA IA 421 26.02 -137.93 49.88
CA ALA IA 421 25.30 -136.79 49.30
C ALA IA 421 23.78 -137.01 49.19
N ARG IA 422 23.33 -138.21 48.82
CA ARG IA 422 21.89 -138.55 48.81
C ARG IA 422 21.30 -138.58 50.21
N GLU IA 423 22.11 -138.96 51.19
CA GLU IA 423 21.82 -138.95 52.63
C GLU IA 423 21.62 -137.53 53.16
N ASP IA 424 22.56 -136.64 52.86
CA ASP IA 424 22.53 -135.25 53.29
C ASP IA 424 21.40 -134.47 52.62
N MET IA 425 21.07 -134.77 51.36
CA MET IA 425 19.87 -134.21 50.71
C MET IA 425 18.58 -134.69 51.41
N ALA IA 426 18.46 -135.96 51.78
CA ALA IA 426 17.29 -136.46 52.51
C ALA IA 426 17.13 -135.81 53.90
N ALA IA 427 18.20 -135.43 54.57
CA ALA IA 427 18.16 -134.63 55.79
C ALA IA 427 17.74 -133.16 55.57
N LEU IA 428 18.03 -132.54 54.43
CA LEU IA 428 17.48 -131.21 54.07
C LEU IA 428 16.00 -131.30 53.68
N GLU IA 429 15.62 -132.31 52.90
CA GLU IA 429 14.23 -132.52 52.51
C GLU IA 429 13.35 -132.88 53.72
N LYS IA 430 13.94 -133.53 54.75
CA LYS IA 430 13.34 -133.72 56.08
C LYS IA 430 13.15 -132.40 56.82
N ASP IA 431 14.18 -131.57 56.92
CA ASP IA 431 14.11 -130.28 57.62
C ASP IA 431 13.01 -129.34 57.09
N TYR IA 432 12.85 -129.21 55.77
CA TYR IA 432 11.77 -128.38 55.17
C TYR IA 432 10.35 -128.94 55.37
N GLU IA 433 10.19 -130.25 55.53
CA GLU IA 433 8.92 -130.87 55.89
C GLU IA 433 8.63 -130.73 57.39
N GLU IA 434 9.66 -130.83 58.23
CA GLU IA 434 9.58 -130.76 59.69
C GLU IA 434 9.11 -129.38 60.21
N VAL IA 435 9.52 -128.28 59.61
CA VAL IA 435 9.18 -126.91 60.08
C VAL IA 435 7.83 -126.38 59.62
N GLY IA 436 7.12 -127.07 58.73
CA GLY IA 436 5.80 -126.64 58.24
C GLY IA 436 4.66 -126.83 59.24
N THR IA 437 4.90 -127.54 60.35
CA THR IA 437 3.84 -128.13 61.18
C THR IA 437 3.36 -127.17 62.26
N MET JA 1 81.54 -73.24 45.09
CA MET JA 1 80.74 -73.76 46.21
C MET JA 1 79.84 -74.85 45.68
N ARG JA 2 79.82 -76.01 46.36
CA ARG JA 2 78.94 -77.17 46.10
C ARG JA 2 79.21 -77.92 44.79
N GLU JA 3 80.44 -77.93 44.31
CA GLU JA 3 80.81 -78.69 43.12
C GLU JA 3 80.79 -80.23 43.34
N CYS JA 4 80.62 -81.02 42.27
CA CYS JA 4 80.89 -82.46 42.27
C CYS JA 4 81.66 -82.85 41.00
N ILE JA 5 82.76 -83.59 41.14
CA ILE JA 5 83.48 -84.17 40.00
C ILE JA 5 82.93 -85.58 39.72
N SER JA 6 82.33 -85.78 38.55
CA SER JA 6 81.75 -87.06 38.15
C SER JA 6 82.70 -87.85 37.28
N VAL JA 7 83.14 -89.03 37.71
CA VAL JA 7 84.09 -89.85 36.95
C VAL JA 7 83.41 -91.11 36.44
N HIS JA 8 83.33 -91.23 35.13
CA HIS JA 8 82.64 -92.27 34.39
C HIS JA 8 83.63 -93.26 33.77
N VAL JA 9 83.69 -94.49 34.29
CA VAL JA 9 84.75 -95.47 33.99
C VAL JA 9 84.23 -96.72 33.27
N GLY JA 10 84.95 -97.16 32.24
CA GLY JA 10 84.60 -98.31 31.42
C GLY JA 10 83.35 -98.08 30.57
N GLN JA 11 82.79 -99.10 29.92
CA GLN JA 11 81.61 -98.94 29.07
C GLN JA 11 80.34 -98.61 29.87
N ALA JA 12 80.04 -99.35 30.94
CA ALA JA 12 78.89 -99.09 31.79
C ALA JA 12 78.90 -97.69 32.40
N GLY JA 13 80.01 -97.24 32.99
CA GLY JA 13 80.11 -95.92 33.60
C GLY JA 13 79.97 -94.80 32.58
N VAL JA 14 80.60 -94.93 31.42
CA VAL JA 14 80.49 -93.97 30.30
C VAL JA 14 79.09 -93.93 29.74
N GLN JA 15 78.40 -95.06 29.57
CA GLN JA 15 77.05 -95.09 29.03
C GLN JA 15 75.99 -94.62 30.03
N ILE JA 16 76.16 -94.88 31.33
CA ILE JA 16 75.39 -94.22 32.38
C ILE JA 16 75.68 -92.72 32.37
N GLY JA 17 76.93 -92.31 32.20
CA GLY JA 17 77.32 -90.92 32.04
C GLY JA 17 76.65 -90.24 30.86
N ASN JA 18 76.58 -90.89 29.71
CA ASN JA 18 75.86 -90.37 28.55
C ASN JA 18 74.34 -90.21 28.76
N SER JA 19 73.77 -90.86 29.80
CA SER JA 19 72.42 -90.61 30.30
C SER JA 19 72.37 -89.55 31.41
N CYS JA 20 73.35 -89.53 32.32
CA CYS JA 20 73.47 -88.51 33.37
C CYS JA 20 73.57 -87.12 32.75
N TRP JA 21 74.51 -86.93 31.83
CA TRP JA 21 74.73 -85.64 31.17
C TRP JA 21 73.63 -85.28 30.17
N GLU JA 22 72.91 -86.27 29.62
CA GLU JA 22 71.67 -86.01 28.88
C GLU JA 22 70.61 -85.38 29.79
N LEU JA 23 70.44 -85.92 31.00
CA LEU JA 23 69.51 -85.40 31.99
C LEU JA 23 69.94 -84.03 32.53
N TYR JA 24 71.16 -83.89 33.06
CA TYR JA 24 71.60 -82.64 33.69
C TYR JA 24 71.51 -81.46 32.74
N CYS JA 25 71.81 -81.66 31.45
CA CYS JA 25 71.64 -80.63 30.44
C CYS JA 25 70.18 -80.18 30.29
N LEU JA 26 69.22 -81.11 30.26
CA LEU JA 26 67.79 -80.75 30.21
C LEU JA 26 67.34 -80.04 31.49
N GLU JA 27 67.77 -80.54 32.63
CA GLU JA 27 67.32 -80.07 33.93
C GLU JA 27 67.80 -78.65 34.26
N HIS JA 28 68.99 -78.27 33.79
CA HIS JA 28 69.57 -76.93 33.89
C HIS JA 28 69.36 -76.06 32.64
N GLY JA 29 68.73 -76.58 31.59
CA GLY JA 29 68.46 -75.85 30.36
C GLY JA 29 69.69 -75.50 29.55
N LEU JA 30 70.69 -76.38 29.54
CA LEU JA 30 71.91 -76.28 28.74
C LEU JA 30 71.72 -77.06 27.44
N GLN JA 31 71.99 -76.42 26.31
CA GLN JA 31 71.98 -77.04 24.98
C GLN JA 31 73.06 -78.13 24.87
N PRO JA 32 72.94 -79.10 23.95
CA PRO JA 32 73.98 -80.12 23.79
C PRO JA 32 75.32 -79.56 23.27
N ASP JA 33 75.39 -78.31 22.81
CA ASP JA 33 76.65 -77.59 22.52
C ASP JA 33 77.22 -76.83 23.72
N GLY JA 34 76.66 -77.01 24.91
CA GLY JA 34 77.05 -76.38 26.16
C GLY JA 34 76.56 -74.95 26.37
N THR JA 35 75.86 -74.32 25.42
CA THR JA 35 75.34 -72.95 25.60
C THR JA 35 74.01 -72.93 26.38
N MET JA 36 73.59 -71.79 26.92
CA MET JA 36 72.38 -71.66 27.75
C MET JA 36 71.56 -70.41 27.38
N PRO JA 37 70.42 -70.55 26.65
CA PRO JA 37 69.57 -69.42 26.28
C PRO JA 37 68.76 -68.90 27.49
N SER JA 38 68.13 -67.74 27.34
CA SER JA 38 67.24 -67.12 28.35
C SER JA 38 66.10 -66.34 27.70
N ASP JA 46 71.55 -67.69 38.09
CA ASP JA 46 70.98 -68.29 39.26
C ASP JA 46 71.91 -69.31 39.95
N SER JA 47 73.00 -69.69 39.29
CA SER JA 47 74.04 -70.63 39.74
C SER JA 47 73.58 -72.03 40.13
N SER JA 48 72.38 -72.47 39.74
CA SER JA 48 71.91 -73.83 40.01
C SER JA 48 72.74 -74.91 39.30
N PHE JA 49 73.21 -74.63 38.09
CA PHE JA 49 74.10 -75.49 37.30
C PHE JA 49 75.49 -75.67 37.92
N GLY JA 50 75.93 -74.84 38.86
CA GLY JA 50 77.33 -74.76 39.27
C GLY JA 50 77.87 -76.07 39.85
N THR JA 51 77.01 -76.91 40.42
CA THR JA 51 77.44 -78.19 40.99
C THR JA 51 78.06 -79.11 39.93
N PHE JA 52 77.50 -79.08 38.72
CA PHE JA 52 77.85 -79.96 37.62
C PHE JA 52 78.53 -79.26 36.46
N PHE JA 53 78.47 -77.94 36.32
CA PHE JA 53 79.08 -77.27 35.18
C PHE JA 53 79.93 -76.07 35.58
N SER JA 54 81.17 -76.04 35.08
CA SER JA 54 82.02 -74.85 35.05
C SER JA 54 81.51 -73.90 33.93
N GLU JA 55 81.46 -72.58 34.13
CA GLU JA 55 81.02 -71.63 33.11
C GLU JA 55 82.21 -70.82 32.58
N THR JA 56 82.45 -70.82 31.27
CA THR JA 56 83.48 -69.99 30.62
C THR JA 56 82.89 -68.69 30.07
N GLY JA 57 83.71 -67.66 29.89
CA GLY JA 57 83.29 -66.29 29.56
C GLY JA 57 82.49 -66.12 28.27
N SER JA 58 82.58 -67.07 27.34
CA SER JA 58 81.75 -67.14 26.14
C SER JA 58 80.27 -67.42 26.44
N GLY JA 59 79.91 -67.81 27.68
CA GLY JA 59 78.59 -68.29 28.06
C GLY JA 59 78.38 -69.77 27.74
N LYS JA 60 79.46 -70.54 27.74
CA LYS JA 60 79.49 -71.98 27.54
C LYS JA 60 79.68 -72.68 28.87
N HIS JA 61 78.80 -73.62 29.20
CA HIS JA 61 78.82 -74.43 30.40
C HIS JA 61 79.44 -75.78 30.07
N VAL JA 62 80.57 -76.08 30.69
CA VAL JA 62 81.40 -77.26 30.45
C VAL JA 62 81.26 -78.19 31.66
N PRO JA 63 80.94 -79.47 31.48
CA PRO JA 63 80.66 -80.36 32.61
C PRO JA 63 81.89 -80.68 33.45
N ARG JA 64 81.69 -80.78 34.76
CA ARG JA 64 82.67 -81.25 35.75
C ARG JA 64 82.72 -82.78 35.76
N ALA JA 65 83.10 -83.35 34.63
CA ALA JA 65 83.12 -84.78 34.39
C ALA JA 65 84.43 -85.24 33.78
N VAL JA 66 84.86 -86.45 34.11
CA VAL JA 66 85.94 -87.16 33.41
C VAL JA 66 85.38 -88.46 32.90
N PHE JA 67 85.60 -88.78 31.62
CA PHE JA 67 85.21 -90.05 31.03
C PHE JA 67 86.48 -90.84 30.74
N VAL JA 68 86.59 -92.07 31.24
CA VAL JA 68 87.79 -92.90 31.11
C VAL JA 68 87.44 -94.29 30.63
N ASP JA 69 88.10 -94.76 29.60
CA ASP JA 69 87.99 -96.12 29.10
C ASP JA 69 89.36 -96.56 28.59
N LEU JA 70 89.73 -97.81 28.76
CA LEU JA 70 91.06 -98.27 28.33
C LEU JA 70 91.11 -98.56 26.83
N GLU JA 71 89.95 -98.72 26.18
CA GLU JA 71 89.75 -98.84 24.73
C GLU JA 71 88.98 -97.64 24.14
N GLN JA 72 89.10 -97.36 22.82
CA GLN JA 72 88.61 -96.13 22.24
C GLN JA 72 87.11 -96.13 21.94
N THR JA 73 86.43 -97.28 21.79
CA THR JA 73 85.19 -97.38 20.99
C THR JA 73 84.02 -96.56 21.52
N VAL JA 74 83.77 -96.63 22.83
CA VAL JA 74 82.62 -96.00 23.49
C VAL JA 74 82.83 -94.49 23.65
N ILE JA 75 84.03 -94.04 24.01
CA ILE JA 75 84.32 -92.61 24.11
C ILE JA 75 84.48 -91.96 22.73
N GLY JA 76 85.00 -92.65 21.70
CA GLY JA 76 84.95 -92.13 20.33
C GLY JA 76 83.54 -91.90 19.83
N GLU JA 77 82.55 -92.61 20.37
CA GLU JA 77 81.14 -92.39 20.07
C GLU JA 77 80.61 -91.14 20.79
N ILE JA 78 81.03 -90.88 22.04
CA ILE JA 78 80.77 -89.63 22.78
C ILE JA 78 81.41 -88.44 22.07
N ARG JA 79 82.64 -88.57 21.57
CA ARG JA 79 83.36 -87.59 20.73
C ARG JA 79 82.76 -87.36 19.34
N ASN JA 80 81.69 -88.05 18.95
CA ASN JA 80 81.11 -87.97 17.59
C ASN JA 80 79.59 -87.70 17.60
N GLY JA 81 78.88 -88.14 18.64
CA GLY JA 81 77.44 -87.92 18.82
C GLY JA 81 77.06 -86.50 19.24
N PRO JA 82 75.80 -86.30 19.63
CA PRO JA 82 75.25 -84.96 19.92
C PRO JA 82 75.98 -84.19 21.02
N TYR JA 83 76.69 -84.86 21.93
CA TYR JA 83 77.44 -84.23 23.01
C TYR JA 83 78.93 -83.98 22.69
N ARG JA 84 79.37 -84.11 21.43
CA ARG JA 84 80.77 -83.83 21.03
C ARG JA 84 81.27 -82.43 21.42
N SER JA 85 80.38 -81.44 21.42
CA SER JA 85 80.65 -80.04 21.78
C SER JA 85 80.42 -79.72 23.26
N LEU JA 86 79.90 -80.62 24.07
CA LEU JA 86 79.67 -80.38 25.49
C LEU JA 86 80.97 -80.46 26.29
N PHE JA 87 81.68 -81.57 26.15
CA PHE JA 87 82.84 -81.91 26.96
C PHE JA 87 84.10 -81.23 26.47
N HIS JA 88 85.01 -80.93 27.40
CA HIS JA 88 86.38 -80.55 27.10
C HIS JA 88 87.10 -81.75 26.44
N PRO JA 89 87.78 -81.59 25.29
CA PRO JA 89 88.28 -82.72 24.52
C PRO JA 89 89.33 -83.58 25.23
N GLU JA 90 90.10 -83.02 26.18
CA GLU JA 90 91.10 -83.78 26.94
C GLU JA 90 90.58 -84.40 28.25
N GLN JA 91 89.31 -84.24 28.61
CA GLN JA 91 88.69 -84.98 29.73
C GLN JA 91 87.82 -86.16 29.28
N LEU JA 92 87.75 -86.40 27.97
CA LEU JA 92 87.37 -87.66 27.36
C LEU JA 92 88.66 -88.46 27.09
N ILE JA 93 89.02 -89.40 27.95
CA ILE JA 93 90.37 -90.02 28.00
C ILE JA 93 90.29 -91.47 27.53
N THR JA 94 91.15 -91.86 26.59
CA THR JA 94 91.19 -93.22 26.02
C THR JA 94 92.60 -93.77 25.92
N GLY JA 95 92.73 -95.07 26.13
CA GLY JA 95 93.90 -95.87 25.74
C GLY JA 95 93.76 -96.54 24.37
N LYS JA 96 94.76 -97.35 24.02
CA LYS JA 96 94.79 -98.21 22.82
C LYS JA 96 94.17 -99.60 23.05
N GLU JA 97 94.30 -100.15 24.26
CA GLU JA 97 94.12 -101.58 24.55
C GLU JA 97 92.99 -101.83 25.54
N ASP JA 98 92.03 -102.64 25.15
CA ASP JA 98 90.94 -103.15 25.99
C ASP JA 98 91.48 -103.90 27.24
N ALA JA 99 90.78 -103.81 28.38
CA ALA JA 99 91.09 -104.53 29.60
C ALA JA 99 90.61 -106.00 29.65
N ALA JA 100 89.87 -106.46 28.64
CA ALA JA 100 89.53 -107.84 28.37
C ALA JA 100 88.71 -108.56 29.46
N ASN JA 101 87.92 -107.84 30.25
CA ASN JA 101 87.23 -108.34 31.42
C ASN JA 101 88.19 -108.98 32.42
N ASN JA 102 89.42 -108.51 32.46
CA ASN JA 102 90.46 -108.98 33.35
C ASN JA 102 90.84 -107.86 34.32
N TYR JA 103 90.53 -108.00 35.62
CA TYR JA 103 90.89 -107.01 36.65
C TYR JA 103 92.35 -106.60 36.59
N ALA JA 104 93.25 -107.54 36.35
CA ALA JA 104 94.67 -107.30 36.41
C ALA JA 104 95.19 -106.46 35.25
N ARG JA 105 94.56 -106.49 34.07
CA ARG JA 105 94.86 -105.54 32.99
C ARG JA 105 94.41 -104.14 33.37
N GLY JA 106 93.24 -104.00 33.98
CA GLY JA 106 92.76 -102.69 34.41
C GLY JA 106 93.64 -102.06 35.49
N HIS JA 107 94.01 -102.84 36.49
CA HIS JA 107 94.74 -102.39 37.66
C HIS JA 107 96.27 -102.34 37.50
N TYR JA 108 96.91 -103.37 36.97
CA TYR JA 108 98.37 -103.55 37.03
C TYR JA 108 99.11 -103.24 35.72
N THR JA 109 98.52 -103.48 34.55
CA THR JA 109 99.24 -103.57 33.28
C THR JA 109 98.87 -102.48 32.27
N ILE JA 110 97.59 -102.28 31.98
CA ILE JA 110 97.12 -101.31 30.96
C ILE JA 110 96.71 -99.98 31.58
N GLY JA 111 95.92 -100.00 32.66
CA GLY JA 111 95.50 -98.79 33.35
C GLY JA 111 96.62 -98.06 34.07
N LYS JA 112 97.69 -98.77 34.44
CA LYS JA 112 98.98 -98.27 34.92
C LYS JA 112 99.58 -97.18 34.02
N GLU JA 113 99.25 -97.17 32.73
CA GLU JA 113 99.73 -96.15 31.79
C GLU JA 113 98.86 -94.90 31.71
N LEU JA 114 97.52 -95.02 31.75
CA LEU JA 114 96.60 -93.89 31.62
C LEU JA 114 96.34 -93.16 32.95
N ILE JA 115 96.62 -93.76 34.10
CA ILE JA 115 96.25 -93.22 35.43
C ILE JA 115 96.78 -91.82 35.71
N ASP JA 116 98.05 -91.55 35.42
CA ASP JA 116 98.66 -90.24 35.72
C ASP JA 116 98.16 -89.11 34.81
N SER JA 117 97.51 -89.46 33.68
CA SER JA 117 96.75 -88.53 32.84
C SER JA 117 95.32 -88.35 33.35
N VAL JA 118 94.68 -89.40 33.87
CA VAL JA 118 93.35 -89.31 34.50
C VAL JA 118 93.39 -88.41 35.74
N LEU JA 119 94.40 -88.56 36.58
CA LEU JA 119 94.60 -87.72 37.74
C LEU JA 119 94.84 -86.25 37.39
N ASP JA 120 95.55 -85.98 36.30
CA ASP JA 120 95.87 -84.62 35.88
C ASP JA 120 94.63 -83.82 35.47
N ARG JA 121 93.68 -84.46 34.81
CA ARG JA 121 92.34 -83.90 34.58
C ARG JA 121 91.55 -83.69 35.85
N VAL JA 122 91.55 -84.65 36.77
CA VAL JA 122 90.82 -84.50 38.03
C VAL JA 122 91.41 -83.35 38.86
N ARG JA 123 92.74 -83.19 38.90
CA ARG JA 123 93.41 -82.03 39.48
C ARG JA 123 92.98 -80.71 38.83
N LYS JA 124 92.99 -80.60 37.50
CA LYS JA 124 92.52 -79.42 36.77
C LYS JA 124 91.04 -79.13 36.93
N MET JA 125 90.20 -80.09 37.32
CA MET JA 125 88.81 -79.87 37.69
C MET JA 125 88.65 -79.41 39.14
N ALA JA 126 89.35 -80.05 40.08
CA ALA JA 126 89.31 -79.71 41.49
C ALA JA 126 89.85 -78.30 41.75
N ASP JA 127 90.89 -77.88 41.05
CA ASP JA 127 91.41 -76.51 41.12
C ASP JA 127 90.45 -75.43 40.58
N GLN JA 128 89.41 -75.80 39.83
CA GLN JA 128 88.30 -74.92 39.42
C GLN JA 128 87.12 -74.93 40.40
N CYS JA 129 87.09 -75.84 41.37
CA CYS JA 129 86.10 -75.88 42.44
C CYS JA 129 86.48 -74.95 43.60
N SER JA 130 85.50 -74.58 44.41
CA SER JA 130 85.67 -73.78 45.63
C SER JA 130 84.77 -74.40 46.70
N GLY JA 131 85.30 -75.27 47.54
CA GLY JA 131 84.46 -76.14 48.37
C GLY JA 131 83.80 -77.23 47.53
N LEU JA 132 84.62 -78.08 46.90
CA LEU JA 132 84.23 -79.32 46.23
C LEU JA 132 83.51 -80.23 47.24
N GLN JA 133 82.31 -80.69 46.90
CA GLN JA 133 81.46 -81.45 47.81
C GLN JA 133 81.88 -82.93 47.90
N GLY JA 134 82.31 -83.50 46.77
CA GLY JA 134 82.72 -84.88 46.66
C GLY JA 134 82.94 -85.33 45.22
N PHE JA 135 83.10 -86.65 45.05
CA PHE JA 135 83.23 -87.34 43.77
C PHE JA 135 82.02 -88.24 43.52
N LEU JA 136 81.53 -88.32 42.29
CA LEU JA 136 80.51 -89.28 41.89
C LEU JA 136 81.13 -90.26 40.90
N VAL JA 137 81.46 -91.48 41.31
CA VAL JA 137 82.21 -92.45 40.49
C VAL JA 137 81.30 -93.55 39.94
N PHE JA 138 81.16 -93.63 38.61
CA PHE JA 138 80.27 -94.56 37.91
C PHE JA 138 81.01 -95.69 37.21
N HIS JA 139 80.64 -96.93 37.47
CA HIS JA 139 81.36 -98.09 36.93
C HIS JA 139 80.58 -99.41 36.98
N SER JA 140 81.10 -100.42 36.29
CA SER JA 140 80.67 -101.81 36.36
C SER JA 140 81.57 -102.59 37.31
N PHE JA 141 80.99 -103.40 38.19
CA PHE JA 141 81.74 -104.34 39.03
C PHE JA 141 82.30 -105.52 38.24
N GLY JA 142 81.68 -105.87 37.11
CA GLY JA 142 82.04 -107.03 36.31
C GLY JA 142 83.11 -106.80 35.24
N GLY JA 143 83.30 -105.55 34.83
CA GLY JA 143 84.29 -105.15 33.85
C GLY JA 143 85.74 -105.26 34.31
N GLY JA 144 86.67 -105.35 33.36
CA GLY JA 144 88.10 -105.23 33.61
C GLY JA 144 88.51 -103.79 33.88
N THR JA 145 88.04 -102.82 33.08
CA THR JA 145 88.23 -101.39 33.35
C THR JA 145 87.37 -100.95 34.54
N GLY JA 146 86.10 -101.35 34.58
CA GLY JA 146 85.18 -101.14 35.68
C GLY JA 146 85.73 -101.49 37.06
N SER JA 147 86.27 -102.69 37.27
CA SER JA 147 86.86 -103.13 38.54
C SER JA 147 88.32 -102.67 38.74
N GLY JA 148 89.19 -102.99 37.79
CA GLY JA 148 90.62 -102.78 37.91
C GLY JA 148 91.05 -101.33 37.76
N PHE JA 149 90.46 -100.57 36.84
CA PHE JA 149 90.83 -99.18 36.71
C PHE JA 149 90.20 -98.31 37.79
N THR JA 150 88.94 -98.54 38.16
CA THR JA 150 88.32 -97.81 39.28
C THR JA 150 89.08 -98.05 40.56
N SER JA 151 89.54 -99.28 40.83
CA SER JA 151 90.32 -99.59 42.03
C SER JA 151 91.72 -99.00 42.02
N LEU JA 152 92.33 -98.82 40.84
CA LEU JA 152 93.58 -98.07 40.69
C LEU JA 152 93.35 -96.58 40.94
N LEU JA 153 92.31 -95.99 40.34
CA LEU JA 153 91.99 -94.59 40.52
C LEU JA 153 91.59 -94.24 41.95
N MET JA 154 90.69 -94.99 42.58
CA MET JA 154 90.25 -94.71 43.95
C MET JA 154 91.38 -94.74 44.96
N GLU JA 155 92.36 -95.63 44.81
CA GLU JA 155 93.52 -95.69 45.69
C GLU JA 155 94.33 -94.40 45.64
N ARG JA 156 94.45 -93.77 44.47
CA ARG JA 156 95.08 -92.47 44.28
C ARG JA 156 94.24 -91.32 44.83
N LEU JA 157 92.96 -91.26 44.50
CA LEU JA 157 92.08 -90.20 45.01
C LEU JA 157 91.95 -90.25 46.54
N SER JA 158 92.11 -91.41 47.18
CA SER JA 158 92.00 -91.54 48.63
C SER JA 158 93.27 -91.15 49.40
N VAL JA 159 94.40 -90.94 48.73
CA VAL JA 159 95.58 -90.26 49.27
C VAL JA 159 95.64 -88.79 48.81
N ASP JA 160 95.23 -88.48 47.59
CA ASP JA 160 95.25 -87.11 47.08
C ASP JA 160 94.15 -86.20 47.64
N TYR JA 161 92.95 -86.72 47.90
CA TYR JA 161 91.76 -85.98 48.36
C TYR JA 161 91.12 -86.67 49.57
N GLY JA 162 91.91 -86.99 50.59
CA GLY JA 162 91.48 -87.88 51.68
C GLY JA 162 90.20 -87.47 52.43
N LYS JA 163 89.95 -86.16 52.61
CA LYS JA 163 88.75 -85.65 53.31
C LYS JA 163 87.46 -85.75 52.48
N LYS JA 164 87.54 -85.63 51.15
CA LYS JA 164 86.40 -85.48 50.24
C LYS JA 164 85.57 -86.75 50.11
N SER JA 165 84.24 -86.64 50.19
CA SER JA 165 83.33 -87.79 50.11
C SER JA 165 83.33 -88.44 48.73
N LYS JA 166 83.55 -89.74 48.65
CA LYS JA 166 83.56 -90.52 47.41
C LYS JA 166 82.32 -91.39 47.34
N LEU JA 167 81.34 -90.94 46.57
CA LEU JA 167 80.08 -91.64 46.31
C LEU JA 167 80.26 -92.48 45.06
N GLU JA 168 79.76 -93.70 45.05
CA GLU JA 168 80.12 -94.64 44.02
C GLU JA 168 78.91 -95.44 43.54
N PHE JA 169 78.64 -95.41 42.25
CA PHE JA 169 77.47 -96.03 41.64
C PHE JA 169 77.91 -97.21 40.80
N SER JA 170 77.54 -98.41 41.23
CA SER JA 170 78.08 -99.65 40.72
C SER JA 170 77.02 -100.52 40.09
N VAL JA 171 77.18 -100.88 38.83
CA VAL JA 171 76.41 -101.97 38.22
C VAL JA 171 77.02 -103.31 38.63
N TYR JA 172 76.30 -104.08 39.42
CA TYR JA 172 76.72 -105.25 40.17
C TYR JA 172 76.14 -106.54 39.55
N PRO JA 173 76.85 -107.67 39.55
CA PRO JA 173 76.31 -108.93 39.01
C PRO JA 173 74.99 -109.43 39.61
N ALA JA 174 74.13 -109.99 38.75
CA ALA JA 174 72.78 -110.43 39.08
C ALA JA 174 72.71 -111.88 39.59
N PRO JA 175 71.56 -112.34 40.12
CA PRO JA 175 71.34 -113.76 40.42
C PRO JA 175 71.50 -114.65 39.19
N ARG JA 176 70.89 -114.33 38.04
CA ARG JA 176 70.87 -115.20 36.85
C ARG JA 176 71.47 -114.52 35.59
N ILE JA 177 71.09 -113.27 35.32
CA ILE JA 177 71.62 -112.47 34.20
C ILE JA 177 73.10 -112.18 34.38
N SER JA 178 73.90 -112.51 33.38
CA SER JA 178 75.33 -112.26 33.35
C SER JA 178 75.79 -112.12 31.91
N THR JA 179 76.86 -111.36 31.66
CA THR JA 179 77.39 -111.10 30.32
C THR JA 179 78.78 -111.69 30.10
N ALA JA 180 79.39 -112.23 31.16
CA ALA JA 180 80.77 -112.68 31.23
C ALA JA 180 80.87 -113.92 32.12
N VAL JA 181 81.88 -114.73 31.87
CA VAL JA 181 82.18 -115.89 32.68
C VAL JA 181 82.93 -115.49 33.95
N VAL JA 182 83.78 -114.46 33.86
CA VAL JA 182 84.68 -114.00 34.93
C VAL JA 182 84.15 -112.82 35.76
N GLU JA 183 82.89 -112.44 35.58
CA GLU JA 183 82.16 -111.42 36.37
C GLU JA 183 82.27 -111.61 37.91
N PRO JA 184 82.20 -112.85 38.47
CA PRO JA 184 82.45 -113.10 39.91
C PRO JA 184 83.87 -112.78 40.39
N TYR JA 185 84.89 -113.05 39.58
CA TYR JA 185 86.28 -112.73 39.91
C TYR JA 185 86.52 -111.23 39.98
N ASN JA 186 86.04 -110.46 39.00
CA ASN JA 186 86.25 -109.02 38.97
C ASN JA 186 85.51 -108.30 40.10
N SER JA 187 84.32 -108.79 40.45
CA SER JA 187 83.51 -108.22 41.52
C SER JA 187 84.11 -108.43 42.89
N ILE JA 188 84.56 -109.65 43.20
CA ILE JA 188 85.19 -109.97 44.49
C ILE JA 188 86.52 -109.22 44.67
N LEU JA 189 87.35 -109.13 43.63
CA LEU JA 189 88.58 -108.32 43.65
C LEU JA 189 88.31 -106.82 43.87
N THR JA 190 87.13 -106.32 43.49
CA THR JA 190 86.71 -104.93 43.75
C THR JA 190 86.34 -104.65 45.22
N THR JA 191 85.98 -105.64 46.01
CA THR JA 191 85.47 -105.43 47.39
C THR JA 191 86.43 -104.70 48.34
N HIS JA 192 87.74 -104.71 48.09
CA HIS JA 192 88.69 -103.88 48.82
C HIS JA 192 88.54 -102.39 48.50
N THR JA 193 88.18 -102.07 47.27
CA THR JA 193 88.00 -100.69 46.79
C THR JA 193 86.87 -100.04 47.53
N THR JA 194 85.70 -100.67 47.47
CA THR JA 194 84.51 -100.17 48.14
C THR JA 194 84.68 -100.14 49.65
N LEU JA 195 85.24 -101.16 50.28
CA LEU JA 195 85.47 -101.12 51.73
C LEU JA 195 86.44 -100.02 52.18
N GLU JA 196 87.60 -99.86 51.55
CA GLU JA 196 88.67 -99.01 52.07
C GLU JA 196 88.68 -97.60 51.47
N HIS JA 197 88.29 -97.43 50.20
CA HIS JA 197 88.47 -96.20 49.41
C HIS JA 197 87.17 -95.62 48.84
N SER JA 198 86.05 -95.83 49.53
CA SER JA 198 84.73 -95.30 49.17
C SER JA 198 83.99 -94.91 50.44
N ASP JA 199 83.05 -93.98 50.37
CA ASP JA 199 82.31 -93.49 51.54
C ASP JA 199 80.82 -93.84 51.50
N CYS JA 200 80.23 -94.04 50.33
CA CYS JA 200 78.88 -94.56 50.18
C CYS JA 200 78.71 -95.20 48.80
N ALA JA 201 78.45 -96.50 48.76
CA ALA JA 201 78.50 -97.29 47.54
C ALA JA 201 77.12 -97.85 47.16
N PHE JA 202 76.52 -97.31 46.11
CA PHE JA 202 75.20 -97.65 45.60
C PHE JA 202 75.31 -98.79 44.58
N MET JA 203 75.11 -100.01 45.05
CA MET JA 203 74.97 -101.19 44.19
C MET JA 203 73.65 -101.12 43.43
N VAL JA 204 73.69 -101.44 42.15
CA VAL JA 204 72.54 -101.55 41.23
C VAL JA 204 72.68 -102.84 40.43
N ASP JA 205 71.58 -103.43 40.01
CA ASP JA 205 71.52 -104.72 39.31
C ASP JA 205 70.73 -104.61 38.00
N ASN JA 206 71.30 -105.12 36.89
CA ASN JA 206 70.64 -105.14 35.60
C ASN JA 206 69.33 -105.93 35.62
N GLU JA 207 69.26 -107.05 36.32
CA GLU JA 207 68.10 -107.93 36.31
C GLU JA 207 66.91 -107.37 37.09
N ALA JA 208 67.17 -106.62 38.14
CA ALA JA 208 66.16 -105.92 38.92
C ALA JA 208 65.55 -104.76 38.15
N ILE JA 209 66.36 -103.96 37.46
CA ILE JA 209 65.82 -102.91 36.60
C ILE JA 209 65.09 -103.52 35.41
N TYR JA 210 65.56 -104.61 34.81
CA TYR JA 210 64.80 -105.27 33.75
C TYR JA 210 63.41 -105.68 34.22
N ASP JA 211 63.23 -106.11 35.46
CA ASP JA 211 61.93 -106.50 36.01
C ASP JA 211 61.06 -105.28 36.35
N ILE JA 212 61.65 -104.22 36.89
CA ILE JA 212 61.00 -102.92 37.07
C ILE JA 212 60.48 -102.40 35.73
N CYS JA 213 61.27 -102.47 34.67
CA CYS JA 213 60.86 -102.03 33.33
C CYS JA 213 59.64 -102.80 32.85
N ASN JA 214 59.63 -104.13 33.05
CA ASN JA 214 58.55 -105.02 32.61
C ASN JA 214 57.24 -104.74 33.35
N ARG JA 215 57.30 -104.51 34.67
CA ARG JA 215 56.12 -104.38 35.55
C ARG JA 215 55.55 -102.98 35.69
N ASN JA 216 56.36 -101.95 35.56
CA ASN JA 216 55.97 -100.55 35.82
C ASN JA 216 55.95 -99.67 34.57
N LEU JA 217 56.91 -99.82 33.67
CA LEU JA 217 56.94 -99.09 32.39
C LEU JA 217 56.17 -99.84 31.29
N ASP JA 218 55.89 -101.12 31.53
CA ASP JA 218 55.28 -102.07 30.59
C ASP JA 218 56.04 -102.24 29.26
N ILE JA 219 57.31 -101.85 29.21
CA ILE JA 219 58.19 -102.17 28.08
C ILE JA 219 58.61 -103.62 28.19
N GLU JA 220 58.31 -104.42 27.16
CA GLU JA 220 58.45 -105.88 27.22
C GLU JA 220 59.91 -106.35 27.11
N ARG JA 221 60.71 -105.59 26.34
CA ARG JA 221 62.09 -105.90 25.91
C ARG JA 221 63.01 -104.66 25.93
N PRO JA 222 63.50 -104.18 27.09
CA PRO JA 222 64.36 -103.00 27.17
C PRO JA 222 65.82 -103.23 26.78
N SER JA 223 66.45 -102.16 26.32
CA SER JA 223 67.89 -102.03 26.05
C SER JA 223 68.62 -101.50 27.30
N TYR JA 224 69.91 -101.21 27.18
CA TYR JA 224 70.60 -100.45 28.21
C TYR JA 224 70.21 -98.97 28.28
N THR JA 225 69.73 -98.35 27.19
CA THR JA 225 69.32 -96.94 27.28
C THR JA 225 68.18 -96.77 28.29
N ASN JA 226 67.29 -97.76 28.41
CA ASN JA 226 66.21 -97.74 29.38
C ASN JA 226 66.71 -97.89 30.83
N LEU JA 227 67.77 -98.66 31.06
CA LEU JA 227 68.36 -98.82 32.39
C LEU JA 227 69.09 -97.55 32.82
N ASN JA 228 69.93 -97.01 31.94
CA ASN JA 228 70.74 -95.84 32.25
C ASN JA 228 69.87 -94.62 32.53
N ARG JA 229 68.73 -94.49 31.86
CA ARG JA 229 67.75 -93.45 32.14
C ARG JA 229 67.06 -93.59 33.49
N LEU JA 230 67.08 -94.75 34.15
CA LEU JA 230 66.68 -94.89 35.56
C LEU JA 230 67.83 -94.63 36.53
N ILE JA 231 69.04 -95.09 36.20
CA ILE JA 231 70.21 -94.94 37.08
C ILE JA 231 70.65 -93.47 37.18
N ALA JA 232 70.54 -92.71 36.09
CA ALA JA 232 70.80 -91.26 36.13
C ALA JA 232 69.75 -90.52 36.94
N GLN JA 233 68.49 -90.92 36.86
CA GLN JA 233 67.40 -90.27 37.57
C GLN JA 233 67.60 -90.32 39.09
N ILE JA 234 68.15 -91.41 39.62
CA ILE JA 234 68.50 -91.50 41.04
C ILE JA 234 69.60 -90.50 41.40
N VAL JA 235 70.66 -90.35 40.60
CA VAL JA 235 71.73 -89.39 40.93
C VAL JA 235 71.30 -87.94 40.79
N SER JA 236 70.40 -87.63 39.85
CA SER JA 236 69.77 -86.31 39.83
C SER JA 236 69.05 -86.03 41.15
N SER JA 237 68.38 -87.03 41.72
CA SER JA 237 67.64 -86.90 42.97
C SER JA 237 68.53 -86.87 44.22
N ILE JA 238 69.66 -87.57 44.23
CA ILE JA 238 70.69 -87.44 45.27
C ILE JA 238 71.30 -86.04 45.23
N THR JA 239 71.59 -85.52 44.04
CA THR JA 239 72.19 -84.19 43.90
C THR JA 239 71.19 -83.05 43.92
N ALA JA 240 69.88 -83.27 43.86
CA ALA JA 240 68.92 -82.19 43.73
C ALA JA 240 69.01 -81.16 44.87
N SER JA 241 69.24 -81.60 46.11
CA SER JA 241 69.45 -80.68 47.25
C SER JA 241 70.72 -79.83 47.17
N LEU JA 242 71.68 -80.24 46.36
CA LEU JA 242 72.91 -79.51 46.11
C LEU JA 242 72.69 -78.41 45.06
N ARG JA 243 71.70 -78.62 44.17
CA ARG JA 243 71.42 -77.86 42.96
C ARG JA 243 70.24 -76.89 43.08
N PHE JA 244 69.30 -77.11 44.00
CA PHE JA 244 67.98 -76.45 43.99
C PHE JA 244 67.47 -76.01 45.38
N ASP JA 245 66.45 -75.16 45.42
CA ASP JA 245 65.74 -74.82 46.65
C ASP JA 245 64.79 -75.95 47.10
N GLY JA 246 64.62 -76.09 48.40
CA GLY JA 246 63.77 -77.10 49.04
C GLY JA 246 63.30 -76.70 50.42
N ALA JA 247 62.33 -77.43 50.97
CA ALA JA 247 61.86 -77.23 52.33
C ALA JA 247 62.85 -77.78 53.36
N LEU JA 248 63.52 -78.89 53.01
CA LEU JA 248 64.47 -79.62 53.83
C LEU JA 248 65.62 -80.12 52.95
N ASN JA 249 66.46 -79.23 52.46
CA ASN JA 249 67.61 -79.61 51.64
C ASN JA 249 68.62 -80.47 52.42
N VAL JA 250 69.22 -81.46 51.77
CA VAL JA 250 70.16 -82.41 52.36
C VAL JA 250 71.55 -82.24 51.76
N ASP JA 251 72.54 -81.92 52.59
CA ASP JA 251 73.95 -81.85 52.19
C ASP JA 251 74.54 -83.25 51.91
N LEU JA 252 75.55 -83.37 51.05
CA LEU JA 252 76.13 -84.66 50.69
C LEU JA 252 76.76 -85.42 51.87
N THR JA 253 77.19 -84.73 52.94
CA THR JA 253 77.65 -85.33 54.22
C THR JA 253 76.54 -85.48 55.26
N GLU JA 254 75.53 -84.64 55.23
CA GLU JA 254 74.31 -84.81 56.02
C GLU JA 254 73.61 -86.11 55.66
N PHE JA 255 73.58 -86.43 54.37
CA PHE JA 255 73.15 -87.69 53.81
C PHE JA 255 73.87 -88.88 54.45
N GLN JA 256 75.20 -88.88 54.43
CA GLN JA 256 76.05 -89.92 55.00
C GLN JA 256 75.92 -90.04 56.52
N THR JA 257 75.79 -88.94 57.26
CA THR JA 257 75.62 -88.97 58.72
C THR JA 257 74.32 -89.67 59.17
N ASN JA 258 73.32 -89.77 58.32
CA ASN JA 258 72.08 -90.49 58.55
C ASN JA 258 72.02 -91.87 57.88
N LEU JA 259 72.67 -92.09 56.74
CA LEU JA 259 72.74 -93.38 56.07
C LEU JA 259 73.67 -94.38 56.77
N VAL JA 260 74.84 -93.94 57.22
CA VAL JA 260 75.94 -94.82 57.58
C VAL JA 260 76.05 -94.94 59.11
N PRO JA 261 75.58 -96.06 59.72
CA PRO JA 261 75.66 -96.24 61.17
C PRO JA 261 77.05 -96.61 61.69
N TYR JA 262 77.87 -97.27 60.87
CA TYR JA 262 79.18 -97.77 61.25
C TYR JA 262 80.14 -97.59 60.09
N PRO JA 263 81.46 -97.44 60.31
CA PRO JA 263 82.40 -97.05 59.26
C PRO JA 263 82.33 -97.91 58.00
N ARG JA 264 82.09 -99.23 58.11
CA ARG JA 264 82.11 -100.15 56.97
C ARG JA 264 80.74 -100.46 56.39
N ILE JA 265 79.68 -99.92 56.99
CA ILE JA 265 78.27 -100.23 56.70
C ILE JA 265 77.65 -99.10 55.87
N HIS JA 266 78.16 -98.98 54.67
CA HIS JA 266 77.93 -97.86 53.76
C HIS JA 266 77.47 -98.32 52.38
N PHE JA 267 76.82 -99.48 52.32
CA PHE JA 267 76.24 -100.07 51.12
C PHE JA 267 74.71 -100.02 51.17
N PRO JA 268 74.08 -98.85 50.96
CA PRO JA 268 72.64 -98.75 50.90
C PRO JA 268 72.11 -99.35 49.59
N LEU JA 269 70.89 -99.88 49.66
CA LEU JA 269 70.04 -100.00 48.49
C LEU JA 269 69.57 -98.62 48.04
N VAL JA 270 69.11 -98.55 46.80
CA VAL JA 270 68.44 -97.39 46.24
C VAL JA 270 67.18 -97.84 45.50
N THR JA 271 66.16 -97.00 45.47
CA THR JA 271 64.93 -97.17 44.71
C THR JA 271 64.33 -95.81 44.39
N TYR JA 272 63.47 -95.76 43.38
CA TYR JA 272 62.86 -94.53 42.89
C TYR JA 272 61.36 -94.78 42.69
N SER JA 273 60.51 -93.80 43.02
CA SER JA 273 59.09 -93.88 42.74
C SER JA 273 58.53 -92.51 42.38
N PRO JA 274 57.48 -92.47 41.53
CA PRO JA 274 56.93 -93.59 40.80
C PRO JA 274 57.71 -93.86 39.52
N ILE JA 275 58.18 -95.08 39.29
CA ILE JA 275 58.47 -95.51 37.92
C ILE JA 275 57.15 -95.78 37.24
N ILE JA 276 56.82 -95.06 36.18
CA ILE JA 276 55.47 -95.15 35.57
C ILE JA 276 55.48 -94.72 34.10
N SER JA 277 54.64 -95.34 33.27
CA SER JA 277 54.46 -94.92 31.87
C SER JA 277 53.29 -93.96 31.71
N ALA JA 278 53.21 -93.30 30.56
CA ALA JA 278 52.09 -92.41 30.22
C ALA JA 278 50.75 -93.15 30.07
N GLU JA 279 50.72 -94.48 29.98
CA GLU JA 279 49.48 -95.26 29.92
C GLU JA 279 48.75 -95.26 31.26
N LYS JA 280 49.49 -95.17 32.38
CA LYS JA 280 48.98 -95.35 33.75
C LYS JA 280 49.08 -94.09 34.60
N ALA JA 281 50.02 -93.19 34.33
CA ALA JA 281 50.23 -92.01 35.16
C ALA JA 281 49.01 -91.08 35.26
N TYR JA 282 48.11 -91.10 34.27
CA TYR JA 282 46.86 -90.35 34.29
C TYR JA 282 45.70 -91.06 35.00
N HIS JA 283 45.88 -92.26 35.54
CA HIS JA 283 44.83 -93.01 36.27
C HIS JA 283 45.20 -93.33 37.72
N GLU JA 284 46.47 -93.50 38.03
CA GLU JA 284 46.97 -93.55 39.40
C GLU JA 284 46.83 -92.18 40.09
N GLN JA 285 46.65 -92.13 41.41
CA GLN JA 285 46.69 -90.85 42.11
C GLN JA 285 48.11 -90.29 42.25
N LEU JA 286 49.13 -91.13 42.48
CA LEU JA 286 50.50 -90.67 42.75
C LEU JA 286 50.54 -89.64 43.88
N SER JA 287 49.69 -89.83 44.89
CA SER JA 287 49.75 -89.10 46.16
C SER JA 287 51.04 -89.44 46.90
N VAL JA 288 51.45 -88.59 47.83
CA VAL JA 288 52.67 -88.80 48.62
C VAL JA 288 52.64 -90.12 49.38
N PRO JA 289 51.48 -90.55 49.88
CA PRO JA 289 51.34 -91.83 50.56
C PRO JA 289 51.68 -93.02 49.66
N GLU JA 290 51.26 -93.02 48.40
CA GLU JA 290 51.48 -94.13 47.47
C GLU JA 290 52.94 -94.24 47.05
N ILE JA 291 53.56 -93.13 46.63
CA ILE JA 291 54.96 -93.14 46.19
C ILE JA 291 55.93 -93.38 47.35
N THR JA 292 55.55 -93.09 48.60
CA THR JA 292 56.32 -93.51 49.76
C THR JA 292 56.24 -95.03 49.94
N ASN JA 293 55.02 -95.59 49.94
CA ASN JA 293 54.81 -97.04 50.11
C ASN JA 293 55.44 -97.86 48.98
N ALA JA 294 55.47 -97.36 47.75
CA ALA JA 294 56.13 -98.03 46.63
C ALA JA 294 57.61 -98.31 46.89
N CYS JA 295 58.31 -97.48 47.66
CA CYS JA 295 59.73 -97.69 47.96
C CYS JA 295 59.99 -98.87 48.88
N PHE JA 296 58.99 -99.37 49.61
CA PHE JA 296 59.13 -100.51 50.50
C PHE JA 296 58.69 -101.83 49.87
N GLU JA 297 58.18 -101.82 48.64
CA GLU JA 297 57.86 -103.04 47.90
C GLU JA 297 59.17 -103.71 47.40
N TYR JA 298 59.36 -105.03 47.60
CA TYR JA 298 60.44 -105.79 46.95
C TYR JA 298 60.47 -105.61 45.42
N SER JA 299 59.29 -105.38 44.83
CA SER JA 299 59.09 -105.11 43.42
C SER JA 299 59.85 -103.89 42.88
N ASN JA 300 60.26 -102.92 43.71
CA ASN JA 300 60.93 -101.70 43.22
C ASN JA 300 62.39 -101.58 43.66
N GLN JA 301 62.94 -102.56 44.37
CA GLN JA 301 64.35 -102.56 44.75
C GLN JA 301 65.22 -102.85 43.53
N MET JA 302 66.28 -102.07 43.30
CA MET JA 302 67.16 -102.19 42.14
C MET JA 302 68.38 -103.11 42.40
N VAL JA 303 68.27 -104.03 43.35
CA VAL JA 303 69.14 -105.20 43.56
C VAL JA 303 68.21 -106.37 43.85
N LYS JA 304 68.38 -107.53 43.21
CA LYS JA 304 67.52 -108.71 43.44
C LYS JA 304 67.82 -109.38 44.78
N CYS JA 305 67.36 -108.75 45.84
CA CYS JA 305 67.30 -109.25 47.22
C CYS JA 305 65.99 -108.76 47.86
N ASP JA 306 65.48 -109.46 48.87
CA ASP JA 306 64.19 -109.13 49.49
C ASP JA 306 64.42 -108.37 50.80
N PRO JA 307 64.02 -107.10 50.94
CA PRO JA 307 64.20 -106.34 52.18
C PRO JA 307 63.57 -106.95 53.42
N ARG JA 308 62.56 -107.81 53.25
CA ARG JA 308 61.86 -108.49 54.34
C ARG JA 308 62.70 -109.60 54.96
N ARG JA 309 63.71 -110.10 54.23
CA ARG JA 309 64.72 -110.99 54.79
C ARG JA 309 65.83 -110.24 55.54
N GLY JA 310 65.72 -108.91 55.68
CA GLY JA 310 66.64 -108.08 56.45
C GLY JA 310 65.97 -107.31 57.59
N LYS JA 311 66.74 -106.39 58.18
CA LYS JA 311 66.24 -105.26 58.96
C LYS JA 311 66.82 -103.96 58.43
N TYR JA 312 66.01 -102.92 58.39
CA TYR JA 312 66.42 -101.57 58.04
C TYR JA 312 67.24 -100.97 59.18
N MET JA 313 68.36 -100.36 58.84
CA MET JA 313 69.17 -99.56 59.74
C MET JA 313 68.79 -98.09 59.63
N ALA JA 314 68.75 -97.52 58.42
CA ALA JA 314 68.31 -96.16 58.17
C ALA JA 314 67.79 -95.98 56.74
N CYS JA 315 66.80 -95.11 56.56
CA CYS JA 315 66.28 -94.71 55.26
C CYS JA 315 66.43 -93.21 55.06
N CYS JA 316 66.96 -92.77 53.94
CA CYS JA 316 66.84 -91.42 53.44
C CYS JA 316 65.73 -91.37 52.40
N LEU JA 317 64.59 -90.76 52.73
CA LEU JA 317 63.53 -90.47 51.77
C LEU JA 317 63.78 -89.08 51.18
N LEU JA 318 64.35 -89.00 49.99
CA LEU JA 318 64.66 -87.76 49.28
C LEU JA 318 63.53 -87.40 48.32
N TYR JA 319 62.51 -86.70 48.79
CA TYR JA 319 61.40 -86.24 47.94
C TYR JA 319 61.78 -85.03 47.11
N ARG JA 320 61.15 -84.94 45.94
CA ARG JA 320 61.28 -83.80 45.06
C ARG JA 320 60.01 -83.50 44.31
N GLY JA 321 59.80 -82.24 43.95
CA GLY JA 321 58.57 -81.77 43.36
C GLY JA 321 57.56 -81.30 44.40
N ASP JA 322 56.27 -81.38 44.09
CA ASP JA 322 55.17 -80.82 44.88
C ASP JA 322 54.82 -81.68 46.11
N VAL JA 323 55.57 -81.58 47.20
CA VAL JA 323 55.27 -82.26 48.47
C VAL JA 323 55.40 -81.33 49.67
N VAL JA 324 54.76 -81.69 50.78
CA VAL JA 324 54.67 -80.86 51.99
C VAL JA 324 55.03 -81.71 53.21
N PRO JA 325 55.84 -81.25 54.16
CA PRO JA 325 56.23 -82.03 55.34
C PRO JA 325 55.08 -82.65 56.14
N LYS JA 326 53.88 -82.07 56.16
CA LYS JA 326 52.65 -82.72 56.66
C LYS JA 326 52.50 -84.11 56.08
N ASP JA 327 52.50 -84.21 54.75
CA ASP JA 327 52.21 -85.42 54.00
C ASP JA 327 53.25 -86.49 54.23
N VAL JA 328 54.52 -86.07 54.31
CA VAL JA 328 55.63 -86.98 54.52
C VAL JA 328 55.59 -87.57 55.91
N ASN JA 329 55.36 -86.78 56.95
CA ASN JA 329 55.25 -87.30 58.31
C ASN JA 329 54.08 -88.29 58.43
N ALA JA 330 52.92 -87.95 57.86
CA ALA JA 330 51.75 -88.81 57.81
C ALA JA 330 51.99 -90.11 57.02
N ALA JA 331 52.83 -90.08 55.99
CA ALA JA 331 53.27 -91.24 55.25
C ALA JA 331 54.21 -92.11 56.08
N ILE JA 332 55.32 -91.60 56.61
CA ILE JA 332 56.27 -92.43 57.37
C ILE JA 332 55.64 -93.02 58.64
N ALA JA 333 54.63 -92.36 59.20
CA ALA JA 333 53.82 -92.94 60.28
C ALA JA 333 53.11 -94.24 59.86
N ALA JA 334 52.63 -94.37 58.64
CA ALA JA 334 52.08 -95.64 58.17
C ALA JA 334 53.19 -96.68 57.96
N ILE JA 335 54.36 -96.27 57.45
CA ILE JA 335 55.49 -97.20 57.30
C ILE JA 335 55.91 -97.75 58.67
N LYS JA 336 56.00 -96.93 59.72
CA LYS JA 336 56.29 -97.39 61.09
C LYS JA 336 55.20 -98.31 61.66
N THR JA 337 53.98 -98.22 61.17
CA THR JA 337 52.85 -99.04 61.64
C THR JA 337 52.89 -100.45 61.07
N ARG JA 338 53.42 -100.64 59.84
CA ARG JA 338 53.49 -101.93 59.13
C ARG JA 338 54.57 -102.85 59.69
N ARG JA 339 54.18 -104.01 60.26
CA ARG JA 339 55.08 -104.96 60.93
C ARG JA 339 56.00 -105.75 59.99
N SER JA 340 55.71 -105.78 58.69
CA SER JA 340 56.58 -106.37 57.67
C SER JA 340 57.82 -105.54 57.34
N ILE JA 341 57.80 -104.22 57.56
CA ILE JA 341 58.94 -103.30 57.39
C ILE JA 341 59.66 -103.16 58.72
N GLN JA 342 60.69 -103.97 58.99
CA GLN JA 342 61.29 -104.03 60.32
C GLN JA 342 62.63 -103.31 60.40
N PHE JA 343 62.70 -102.31 61.26
CA PHE JA 343 63.95 -101.62 61.61
C PHE JA 343 64.67 -102.36 62.74
N VAL JA 344 65.97 -102.10 62.83
CA VAL JA 344 66.81 -102.50 63.98
C VAL JA 344 66.36 -101.82 65.27
N ASP JA 345 66.59 -102.48 66.40
CA ASP JA 345 66.23 -102.02 67.76
C ASP JA 345 66.97 -100.74 68.17
N TRP JA 346 68.13 -100.50 67.59
CA TRP JA 346 69.04 -99.41 67.91
C TRP JA 346 68.87 -98.17 67.02
N CYS JA 347 67.90 -98.15 66.10
CA CYS JA 347 67.61 -96.97 65.30
C CYS JA 347 66.13 -96.60 65.45
N PRO JA 348 65.75 -95.94 66.57
CA PRO JA 348 64.36 -95.67 66.91
C PRO JA 348 63.74 -94.56 66.06
N THR JA 349 64.59 -93.69 65.49
CA THR JA 349 64.24 -92.61 64.58
C THR JA 349 64.06 -93.14 63.15
N GLY JA 350 65.00 -93.90 62.62
CA GLY JA 350 64.91 -94.61 61.34
C GLY JA 350 65.01 -93.78 60.07
N PHE JA 351 64.25 -92.70 59.95
CA PHE JA 351 64.07 -91.94 58.72
C PHE JA 351 64.78 -90.61 58.76
N LYS JA 352 65.57 -90.34 57.73
CA LYS JA 352 66.05 -89.02 57.33
C LYS JA 352 65.22 -88.57 56.13
N VAL JA 353 64.60 -87.41 56.24
CA VAL JA 353 63.72 -86.85 55.22
C VAL JA 353 64.42 -85.68 54.57
N GLY JA 354 64.42 -85.65 53.24
CA GLY JA 354 64.78 -84.49 52.44
C GLY JA 354 63.61 -84.09 51.54
N ILE JA 355 63.39 -82.81 51.31
CA ILE JA 355 62.29 -82.31 50.46
C ILE JA 355 62.79 -81.16 49.62
N ASN JA 356 62.69 -81.28 48.29
CA ASN JA 356 63.20 -80.33 47.31
C ASN JA 356 62.13 -79.86 46.31
N TYR JA 357 62.08 -78.57 45.95
CA TYR JA 357 60.96 -78.00 45.20
C TYR JA 357 61.00 -78.25 43.68
N GLN JA 358 62.05 -78.88 43.16
CA GLN JA 358 62.23 -79.10 41.72
C GLN JA 358 61.69 -80.47 41.29
N PRO JA 359 60.64 -80.56 40.47
CA PRO JA 359 60.11 -81.83 39.95
C PRO JA 359 61.16 -82.63 39.18
N PRO JA 360 60.93 -83.94 38.94
CA PRO JA 360 61.77 -84.76 38.09
C PRO JA 360 61.65 -84.36 36.62
N THR JA 361 62.78 -84.07 35.98
CA THR JA 361 62.85 -83.75 34.56
C THR JA 361 62.66 -84.99 33.69
N ALA JA 362 61.75 -84.94 32.72
CA ALA JA 362 61.63 -86.00 31.71
C ALA JA 362 62.68 -85.83 30.62
N VAL JA 363 63.41 -86.90 30.28
CA VAL JA 363 64.11 -86.95 29.00
C VAL JA 363 63.06 -87.16 27.90
N PRO JA 364 62.98 -86.31 26.86
CA PRO JA 364 61.86 -86.30 25.92
C PRO JA 364 61.69 -87.60 25.11
N GLY JA 365 62.78 -88.33 24.86
CA GLY JA 365 62.73 -89.61 24.17
C GLY JA 365 62.34 -90.81 25.04
N GLY JA 366 62.16 -90.61 26.36
CA GLY JA 366 62.11 -91.69 27.35
C GLY JA 366 60.75 -92.32 27.58
N ASP JA 367 60.76 -93.45 28.28
CA ASP JA 367 59.57 -94.24 28.63
C ASP JA 367 58.88 -93.72 29.90
N VAL JA 368 59.67 -93.14 30.81
CA VAL JA 368 59.27 -92.71 32.15
C VAL JA 368 58.51 -91.37 32.11
N ALA JA 369 57.28 -91.34 32.61
CA ALA JA 369 56.29 -90.29 32.40
C ALA JA 369 56.49 -89.03 33.25
N LYS JA 370 55.85 -87.92 32.84
CA LYS JA 370 55.79 -86.67 33.61
C LYS JA 370 54.90 -86.85 34.83
N VAL JA 371 55.37 -86.43 36.00
CA VAL JA 371 54.68 -86.62 37.29
C VAL JA 371 54.96 -85.45 38.22
N LEU JA 372 54.02 -85.07 39.08
CA LEU JA 372 54.20 -83.91 39.96
C LEU JA 372 55.23 -84.12 41.07
N ARG JA 373 55.54 -85.38 41.37
CA ARG JA 373 56.27 -85.82 42.55
C ARG JA 373 57.19 -86.95 42.19
N ALA JA 374 58.30 -87.06 42.89
CA ALA JA 374 59.06 -88.28 42.99
C ALA JA 374 59.71 -88.35 44.35
N VAL JA 375 60.12 -89.55 44.72
CA VAL JA 375 60.98 -89.82 45.86
C VAL JA 375 62.07 -90.74 45.39
N CYS JA 376 63.29 -90.47 45.80
CA CYS JA 376 64.31 -91.48 45.77
C CYS JA 376 64.51 -91.93 47.21
N MET JA 377 64.36 -93.22 47.48
CA MET JA 377 64.67 -93.77 48.79
C MET JA 377 66.01 -94.50 48.73
N LEU JA 378 66.94 -94.05 49.55
CA LEU JA 378 68.25 -94.66 49.69
C LEU JA 378 68.28 -95.25 51.09
N SER JA 379 68.61 -96.52 51.20
CA SER JA 379 68.24 -97.32 52.36
C SER JA 379 69.30 -98.32 52.79
N ASN JA 380 69.88 -98.13 53.96
CA ASN JA 380 70.81 -99.08 54.54
C ASN JA 380 70.03 -100.20 55.26
N THR JA 381 70.18 -101.42 54.79
CA THR JA 381 69.44 -102.61 55.27
C THR JA 381 70.31 -103.85 55.26
N THR JA 382 70.11 -104.77 56.21
CA THR JA 382 70.89 -106.01 56.31
C THR JA 382 70.67 -106.96 55.13
N ALA JA 383 69.55 -106.80 54.42
CA ALA JA 383 69.16 -107.66 53.31
C ALA JA 383 70.18 -107.73 52.18
N ILE JA 384 70.95 -106.66 51.93
CA ILE JA 384 71.88 -106.59 50.81
C ILE JA 384 72.98 -107.66 50.88
N ALA JA 385 73.28 -108.18 52.06
CA ALA JA 385 74.22 -109.27 52.24
C ALA JA 385 73.87 -110.54 51.45
N GLU JA 386 72.62 -110.73 51.01
CA GLU JA 386 72.25 -111.84 50.16
C GLU JA 386 72.78 -111.66 48.73
N ALA JA 387 72.83 -110.44 48.18
CA ALA JA 387 73.46 -110.18 46.89
C ALA JA 387 74.97 -110.46 46.91
N TRP JA 388 75.62 -110.38 48.07
CA TRP JA 388 76.99 -110.78 48.28
C TRP JA 388 77.13 -112.30 48.47
N ALA JA 389 76.20 -112.94 49.19
CA ALA JA 389 76.14 -114.37 49.37
C ALA JA 389 75.88 -115.14 48.06
N ARG JA 390 75.14 -114.54 47.12
CA ARG JA 390 74.98 -115.09 45.76
C ARG JA 390 76.32 -115.14 45.03
N LEU JA 391 77.03 -114.02 45.00
CA LEU JA 391 78.19 -113.86 44.15
C LEU JA 391 79.43 -114.55 44.70
N ASP JA 392 79.64 -114.59 46.01
CA ASP JA 392 80.76 -115.35 46.58
C ASP JA 392 80.56 -116.88 46.50
N HIS JA 393 79.32 -117.37 46.31
CA HIS JA 393 79.05 -118.75 45.91
C HIS JA 393 79.33 -119.03 44.42
N LYS JA 394 79.22 -118.04 43.52
CA LYS JA 394 79.73 -118.14 42.14
C LYS JA 394 81.26 -118.17 42.09
N PHE JA 395 81.90 -117.32 42.89
CA PHE JA 395 83.35 -117.29 43.03
C PHE JA 395 83.92 -118.61 43.53
N ASP JA 396 83.29 -119.21 44.55
CA ASP JA 396 83.79 -120.42 45.18
C ASP JA 396 83.88 -121.62 44.24
N LEU JA 397 82.92 -121.81 43.34
CA LEU JA 397 82.92 -122.88 42.33
C LEU JA 397 84.09 -122.76 41.35
N MET JA 398 84.43 -121.55 40.95
CA MET JA 398 85.51 -121.29 39.99
C MET JA 398 86.88 -121.28 40.66
N TYR JA 399 87.04 -120.69 41.83
CA TYR JA 399 88.33 -120.68 42.51
C TYR JA 399 88.73 -122.05 43.05
N SER JA 400 87.78 -122.93 43.39
CA SER JA 400 88.07 -124.33 43.73
C SER JA 400 88.75 -125.11 42.59
N LYS JA 401 88.56 -124.69 41.33
CA LYS JA 401 89.24 -125.24 40.15
C LYS JA 401 90.42 -124.39 39.66
N ARG JA 402 90.60 -123.18 40.20
CA ARG JA 402 91.44 -122.10 39.64
C ARG JA 402 91.03 -121.75 38.20
N ALA JA 403 89.72 -121.79 37.93
CA ALA JA 403 89.13 -121.95 36.61
C ALA JA 403 89.56 -120.97 35.53
N PHE JA 404 89.91 -119.71 35.82
CA PHE JA 404 90.42 -118.74 34.84
C PHE JA 404 91.67 -117.99 35.33
N VAL JA 405 92.29 -118.47 36.40
CA VAL JA 405 93.27 -117.70 37.19
C VAL JA 405 94.55 -117.38 36.44
N HIS JA 406 94.93 -118.15 35.42
CA HIS JA 406 96.13 -117.90 34.63
C HIS JA 406 96.11 -116.59 33.83
N TRP JA 407 94.94 -116.07 33.49
CA TRP JA 407 94.82 -114.77 32.81
C TRP JA 407 95.13 -113.59 33.74
N TYR JA 408 94.89 -113.74 35.04
CA TYR JA 408 95.13 -112.72 36.07
C TYR JA 408 96.57 -112.79 36.58
N VAL JA 409 97.06 -114.00 36.87
CA VAL JA 409 98.46 -114.27 37.22
C VAL JA 409 99.41 -113.93 36.06
N GLY JA 410 98.97 -114.13 34.82
CA GLY JA 410 99.73 -113.81 33.62
C GLY JA 410 99.91 -112.31 33.37
N GLU JA 411 99.11 -111.45 34.00
CA GLU JA 411 99.13 -109.98 33.81
C GLU JA 411 99.57 -109.22 35.07
N GLY JA 412 100.34 -109.88 35.93
CA GLY JA 412 101.05 -109.29 37.06
C GLY JA 412 100.35 -109.35 38.41
N MET JA 413 99.21 -110.03 38.55
CA MET JA 413 98.57 -110.19 39.86
C MET JA 413 99.16 -111.33 40.68
N GLU JA 414 99.28 -111.14 42.00
CA GLU JA 414 99.58 -112.21 42.96
C GLU JA 414 98.42 -113.21 43.04
N GLU JA 415 98.66 -114.52 42.98
CA GLU JA 415 97.58 -115.51 43.08
C GLU JA 415 96.82 -115.42 44.42
N GLY JA 416 97.54 -115.10 45.51
CA GLY JA 416 96.98 -114.92 46.84
C GLY JA 416 95.96 -113.79 46.99
N GLU JA 417 95.91 -112.83 46.06
CA GLU JA 417 94.91 -111.76 46.10
C GLU JA 417 93.47 -112.28 45.95
N PHE JA 418 93.27 -113.41 45.28
CA PHE JA 418 91.94 -114.03 45.18
C PHE JA 418 91.45 -114.55 46.53
N SER JA 419 92.32 -115.19 47.30
CA SER JA 419 92.01 -115.63 48.67
C SER JA 419 91.83 -114.44 49.62
N GLU JA 420 92.73 -113.46 49.57
CA GLU JA 420 92.67 -112.19 50.31
C GLU JA 420 91.44 -111.34 49.96
N ALA JA 421 90.86 -111.43 48.76
CA ALA JA 421 89.61 -110.78 48.39
C ALA JA 421 88.35 -111.55 48.81
N ARG JA 422 88.33 -112.88 48.71
CA ARG JA 422 87.23 -113.71 49.20
C ARG JA 422 87.12 -113.66 50.72
N GLU JA 423 88.27 -113.52 51.40
CA GLU JA 423 88.40 -113.34 52.84
C GLU JA 423 87.81 -112.00 53.31
N ASP JA 424 88.18 -110.91 52.65
CA ASP JA 424 87.71 -109.57 52.96
C ASP JA 424 86.21 -109.41 52.65
N MET JA 425 85.69 -110.06 51.61
CA MET JA 425 84.25 -110.11 51.37
C MET JA 425 83.52 -110.86 52.49
N ALA JA 426 84.03 -112.00 52.97
CA ALA JA 426 83.43 -112.73 54.09
C ALA JA 426 83.41 -111.91 55.40
N ALA JA 427 84.38 -111.05 55.64
CA ALA JA 427 84.37 -110.10 56.74
C ALA JA 427 83.34 -108.95 56.57
N LEU JA 428 83.01 -108.51 55.35
CA LEU JA 428 81.91 -107.57 55.12
C LEU JA 428 80.54 -108.26 55.26
N GLU JA 429 80.40 -109.46 54.73
CA GLU JA 429 79.17 -110.25 54.84
C GLU JA 429 78.90 -110.66 56.30
N LYS JA 430 79.95 -110.82 57.12
CA LYS JA 430 79.89 -110.95 58.58
C LYS JA 430 79.39 -109.67 59.24
N ASP JA 431 79.98 -108.52 58.93
CA ASP JA 431 79.59 -107.22 59.52
C ASP JA 431 78.10 -106.88 59.32
N TYR JA 432 77.53 -107.08 58.13
CA TYR JA 432 76.10 -106.84 57.87
C TYR JA 432 75.15 -107.82 58.58
N GLU JA 433 75.58 -109.04 58.88
CA GLU JA 433 74.84 -109.99 59.69
C GLU JA 433 74.95 -109.67 61.19
N GLU JA 434 76.12 -109.22 61.64
CA GLU JA 434 76.43 -108.88 63.03
C GLU JA 434 75.61 -107.71 63.58
N VAL JA 435 75.35 -106.66 62.80
CA VAL JA 435 74.63 -105.45 63.25
C VAL JA 435 73.11 -105.55 63.25
N GLY JA 436 72.53 -106.62 62.70
CA GLY JA 436 71.07 -106.79 62.65
C GLY JA 436 70.44 -107.17 64.00
N THR JA 437 71.24 -107.51 65.01
CA THR JA 437 70.80 -108.27 66.18
C THR JA 437 70.30 -107.36 67.30
N MET KA 1 120.63 -49.81 31.40
CA MET KA 1 120.02 -50.31 32.63
C MET KA 1 119.19 -51.54 32.29
N ARG KA 2 119.37 -52.63 33.04
CA ARG KA 2 118.61 -53.89 32.96
C ARG KA 2 118.83 -54.72 31.69
N GLU KA 3 120.00 -54.64 31.08
CA GLU KA 3 120.33 -55.45 29.91
C GLU KA 3 120.51 -56.95 30.23
N CYS KA 4 120.31 -57.85 29.26
CA CYS KA 4 120.76 -59.25 29.31
C CYS KA 4 121.43 -59.66 28.00
N ILE KA 5 122.60 -60.26 28.07
CA ILE KA 5 123.27 -60.85 26.90
C ILE KA 5 122.86 -62.32 26.78
N SER KA 6 122.18 -62.68 25.70
CA SER KA 6 121.70 -64.05 25.47
C SER KA 6 122.64 -64.81 24.55
N VAL KA 7 123.27 -65.89 25.01
CA VAL KA 7 124.22 -66.66 24.20
C VAL KA 7 123.62 -68.03 23.87
N HIS KA 8 123.43 -68.27 22.57
CA HIS KA 8 122.80 -69.44 21.99
C HIS KA 8 123.82 -70.36 21.35
N VAL KA 9 124.08 -71.53 21.94
CA VAL KA 9 125.21 -72.41 21.59
C VAL KA 9 124.75 -73.76 21.02
N GLY KA 10 125.42 -74.20 19.96
CA GLY KA 10 125.12 -75.45 19.26
C GLY KA 10 123.76 -75.43 18.55
N GLN KA 11 123.26 -76.55 18.04
CA GLN KA 11 121.99 -76.59 17.32
C GLN KA 11 120.78 -76.34 18.23
N ALA KA 12 120.67 -77.01 19.37
CA ALA KA 12 119.60 -76.80 20.33
C ALA KA 12 119.51 -75.36 20.83
N GLY KA 13 120.62 -74.76 21.27
CA GLY KA 13 120.64 -73.39 21.75
C GLY KA 13 120.26 -72.36 20.69
N VAL KA 14 120.77 -72.53 19.47
CA VAL KA 14 120.43 -71.68 18.31
C VAL KA 14 118.99 -71.84 17.91
N GLN KA 15 118.42 -73.04 17.91
CA GLN KA 15 117.03 -73.27 17.52
C GLN KA 15 116.03 -72.83 18.60
N ILE KA 16 116.37 -72.96 19.88
CA ILE KA 16 115.64 -72.30 20.97
C ILE KA 16 115.76 -70.78 20.82
N GLY KA 17 116.92 -70.26 20.48
CA GLY KA 17 117.14 -68.85 20.17
C GLY KA 17 116.27 -68.34 19.03
N ASN KA 18 116.15 -69.10 17.95
CA ASN KA 18 115.27 -68.77 16.84
C ASN KA 18 113.77 -68.75 17.22
N SER KA 19 113.38 -69.36 18.36
CA SER KA 19 112.07 -69.21 18.98
C SER KA 19 112.02 -68.08 20.02
N CYS KA 20 113.07 -67.88 20.81
CA CYS KA 20 113.19 -66.77 21.76
C CYS KA 20 113.07 -65.42 21.04
N TRP KA 21 113.87 -65.22 20.01
CA TRP KA 21 113.88 -63.98 19.24
C TRP KA 21 112.65 -63.81 18.34
N GLU KA 22 111.99 -64.91 17.95
CA GLU KA 22 110.66 -64.86 17.35
C GLU KA 22 109.63 -64.27 18.31
N LEU KA 23 109.66 -64.73 19.57
CA LEU KA 23 108.78 -64.22 20.63
C LEU KA 23 109.10 -62.79 21.01
N TYR KA 24 110.34 -62.47 21.39
CA TYR KA 24 110.70 -61.13 21.87
C TYR KA 24 110.38 -60.05 20.86
N CYS KA 25 110.55 -60.32 19.57
CA CYS KA 25 110.18 -59.40 18.51
C CYS KA 25 108.67 -59.13 18.50
N LEU KA 26 107.81 -60.15 18.65
CA LEU KA 26 106.36 -59.94 18.73
C LEU KA 26 105.97 -59.19 20.00
N GLU KA 27 106.57 -59.54 21.11
CA GLU KA 27 106.20 -59.03 22.42
C GLU KA 27 106.54 -57.53 22.59
N HIS KA 28 107.63 -57.06 21.97
CA HIS KA 28 108.06 -55.66 21.90
C HIS KA 28 107.62 -54.93 20.62
N GLY KA 29 106.95 -55.60 19.70
CA GLY KA 29 106.46 -55.01 18.46
C GLY KA 29 107.56 -54.60 17.49
N LEU KA 30 108.65 -55.36 17.43
CA LEU KA 30 109.77 -55.20 16.50
C LEU KA 30 109.52 -56.10 15.28
N GLN KA 31 109.60 -55.53 14.08
CA GLN KA 31 109.51 -56.25 12.81
C GLN KA 31 110.70 -57.23 12.66
N PRO KA 32 110.60 -58.28 11.83
CA PRO KA 32 111.73 -59.18 11.63
C PRO KA 32 112.93 -58.53 10.92
N ASP KA 33 112.81 -57.32 10.37
CA ASP KA 33 113.94 -56.51 9.87
C ASP KA 33 114.55 -55.59 10.96
N GLY KA 34 114.13 -55.73 12.21
CA GLY KA 34 114.58 -54.96 13.36
C GLY KA 34 113.95 -53.57 13.52
N THR KA 35 113.09 -53.10 12.62
CA THR KA 35 112.43 -51.80 12.76
C THR KA 35 111.19 -51.86 13.67
N MET KA 36 110.72 -50.72 14.18
CA MET KA 36 109.59 -50.65 15.12
C MET KA 36 108.58 -49.53 14.77
N PRO KA 37 107.42 -49.85 14.18
CA PRO KA 37 106.40 -48.85 13.85
C PRO KA 37 105.66 -48.34 15.09
N SER KA 38 104.89 -47.25 14.93
CA SER KA 38 104.05 -46.65 15.98
C SER KA 38 102.76 -46.06 15.41
N ASP KA 46 109.39 -45.97 25.20
CA ASP KA 46 109.01 -46.51 26.46
C ASP KA 46 110.12 -47.37 27.11
N SER KA 47 111.18 -47.69 26.36
CA SER KA 47 112.36 -48.46 26.75
C SER KA 47 112.10 -49.88 27.30
N SER KA 48 110.93 -50.46 27.07
CA SER KA 48 110.65 -51.85 27.49
C SER KA 48 111.52 -52.89 26.77
N PHE KA 49 111.82 -52.66 25.49
CA PHE KA 49 112.72 -53.47 24.66
C PHE KA 49 114.18 -53.45 25.13
N GLY KA 50 114.61 -52.50 25.97
CA GLY KA 50 116.04 -52.24 26.21
C GLY KA 50 116.78 -53.43 26.81
N THR KA 51 116.09 -54.32 27.54
CA THR KA 51 116.73 -55.49 28.14
C THR KA 51 117.33 -56.42 27.09
N PHE KA 52 116.64 -56.56 25.95
CA PHE KA 52 116.98 -57.48 24.88
C PHE KA 52 117.45 -56.81 23.61
N PHE KA 53 117.22 -55.52 23.37
CA PHE KA 53 117.62 -54.88 22.13
C PHE KA 53 118.37 -53.57 22.35
N SER KA 54 119.53 -53.44 21.72
CA SER KA 54 120.23 -52.18 21.50
C SER KA 54 119.51 -51.39 20.38
N GLU KA 55 119.33 -50.08 20.50
CA GLU KA 55 118.68 -49.25 19.46
C GLU KA 55 119.71 -48.37 18.75
N THR KA 56 119.80 -48.46 17.43
CA THR KA 56 120.66 -47.58 16.61
C THR KA 56 119.87 -46.39 16.05
N GLY KA 57 120.54 -45.30 15.69
CA GLY KA 57 119.93 -44.01 15.32
C GLY KA 57 118.99 -44.04 14.11
N SER KA 58 119.09 -45.05 13.25
CA SER KA 58 118.15 -45.30 12.16
C SER KA 58 116.75 -45.72 12.65
N GLY KA 59 116.58 -46.04 13.93
CA GLY KA 59 115.36 -46.63 14.51
C GLY KA 59 115.29 -48.13 14.32
N LYS KA 60 116.45 -48.78 14.25
CA LYS KA 60 116.63 -50.23 14.13
C LYS KA 60 117.04 -50.80 15.49
N HIS KA 61 116.31 -51.79 15.98
CA HIS KA 61 116.55 -52.49 17.22
C HIS KA 61 117.28 -53.79 16.92
N VAL KA 62 118.50 -53.92 17.43
CA VAL KA 62 119.43 -55.01 17.19
C VAL KA 62 119.52 -55.85 18.46
N PRO KA 63 119.33 -57.18 18.42
CA PRO KA 63 119.27 -57.99 19.62
C PRO KA 63 120.61 -58.10 20.34
N ARG KA 64 120.57 -58.11 21.67
CA ARG KA 64 121.69 -58.39 22.57
C ARG KA 64 121.92 -59.90 22.69
N ALA KA 65 122.24 -60.53 21.56
CA ALA KA 65 122.41 -61.96 21.43
C ALA KA 65 123.68 -62.33 20.69
N VAL KA 66 124.28 -63.45 21.06
CA VAL KA 66 125.36 -64.09 20.30
C VAL KA 66 124.90 -65.49 19.94
N PHE KA 67 125.03 -65.88 18.68
CA PHE KA 67 124.72 -67.22 18.22
C PHE KA 67 126.03 -67.90 17.84
N VAL KA 68 126.34 -69.07 18.42
CA VAL KA 68 127.61 -69.77 18.20
C VAL KA 68 127.37 -71.23 17.89
N ASP KA 69 127.98 -71.70 16.81
CA ASP KA 69 127.97 -73.11 16.43
C ASP KA 69 129.32 -73.43 15.78
N LEU KA 70 129.85 -74.62 16.01
CA LEU KA 70 131.16 -74.98 15.47
C LEU KA 70 131.10 -75.38 13.99
N GLU KA 71 129.90 -75.71 13.49
CA GLU KA 71 129.57 -75.98 12.09
C GLU KA 71 128.61 -74.91 11.50
N GLN KA 72 128.56 -74.74 10.16
CA GLN KA 72 127.86 -73.62 9.55
C GLN KA 72 126.35 -73.80 9.42
N THR KA 73 125.81 -75.02 9.44
CA THR KA 73 124.51 -75.32 8.79
C THR KA 73 123.31 -74.59 9.39
N VAL KA 74 123.20 -74.58 10.72
CA VAL KA 74 122.06 -74.02 11.46
C VAL KA 74 122.12 -72.50 11.50
N ILE KA 75 123.29 -71.88 11.69
CA ILE KA 75 123.42 -70.43 11.65
C ILE KA 75 123.36 -69.89 10.22
N GLY KA 76 123.83 -70.60 9.19
CA GLY KA 76 123.60 -70.20 7.80
C GLY KA 76 122.11 -70.17 7.44
N GLU KA 77 121.28 -70.93 8.13
CA GLU KA 77 119.84 -70.89 7.99
C GLU KA 77 119.25 -69.65 8.67
N ILE KA 78 119.76 -69.24 9.84
CA ILE KA 78 119.43 -67.98 10.52
C ILE KA 78 119.85 -66.78 9.66
N ARG KA 79 121.04 -66.83 9.04
CA ARG KA 79 121.54 -65.84 8.06
C ARG KA 79 120.78 -65.78 6.72
N ASN KA 80 119.76 -66.61 6.51
CA ASN KA 80 119.03 -66.71 5.23
C ASN KA 80 117.50 -66.60 5.39
N GLY KA 81 116.96 -67.03 6.54
CA GLY KA 81 115.53 -66.96 6.85
C GLY KA 81 115.03 -65.57 7.21
N PRO KA 82 113.81 -65.46 7.73
CA PRO KA 82 113.14 -64.16 7.99
C PRO KA 82 113.88 -63.24 8.94
N TYR KA 83 114.76 -63.75 9.80
CA TYR KA 83 115.55 -62.96 10.74
C TYR KA 83 116.95 -62.57 10.24
N ARG KA 84 117.28 -62.77 8.95
CA ARG KA 84 118.58 -62.36 8.39
C ARG KA 84 118.95 -60.89 8.60
N SER KA 85 117.96 -60.01 8.65
CA SER KA 85 118.10 -58.56 8.87
C SER KA 85 117.99 -58.14 10.33
N LEU KA 86 117.66 -59.03 11.26
CA LEU KA 86 117.55 -58.70 12.68
C LEU KA 86 118.94 -58.58 13.34
N PHE KA 87 119.75 -59.61 13.19
CA PHE KA 87 121.02 -59.75 13.90
C PHE KA 87 122.14 -58.98 13.21
N HIS KA 88 123.09 -58.51 14.01
CA HIS KA 88 124.37 -58.02 13.52
C HIS KA 88 125.16 -59.18 12.88
N PRO KA 89 125.68 -59.04 11.66
CA PRO KA 89 126.23 -60.17 10.91
C PRO KA 89 127.44 -60.86 11.56
N GLU KA 90 128.24 -60.14 12.37
CA GLU KA 90 129.40 -60.73 13.07
C GLU KA 90 129.09 -61.29 14.47
N GLN KA 91 127.85 -61.24 14.96
CA GLN KA 91 127.44 -61.94 16.18
C GLN KA 91 126.66 -63.24 15.92
N LEU KA 92 126.49 -63.60 14.65
CA LEU KA 92 126.20 -64.94 14.18
C LEU KA 92 127.54 -65.61 13.82
N ILE KA 93 128.10 -66.44 14.70
CA ILE KA 93 129.49 -66.90 14.63
C ILE KA 93 129.55 -68.38 14.29
N THR KA 94 130.33 -68.76 13.28
CA THR KA 94 130.47 -70.14 12.81
C THR KA 94 131.91 -70.55 12.59
N GLY KA 95 132.22 -71.81 12.86
CA GLY KA 95 133.42 -72.50 12.41
C GLY KA 95 133.22 -73.30 11.12
N LYS KA 96 134.27 -74.02 10.72
CA LYS KA 96 134.27 -74.97 9.58
C LYS KA 96 133.84 -76.39 9.97
N GLU KA 97 134.17 -76.83 11.20
CA GLU KA 97 134.19 -78.23 11.61
C GLU KA 97 133.19 -78.53 12.74
N ASP KA 98 132.30 -79.47 12.52
CA ASP KA 98 131.37 -80.01 13.50
C ASP KA 98 132.12 -80.60 14.73
N ALA KA 99 131.53 -80.48 15.93
CA ALA KA 99 132.06 -81.07 17.17
C ALA KA 99 131.74 -82.57 17.37
N ALA KA 100 130.97 -83.19 16.48
CA ALA KA 100 130.76 -84.62 16.35
C ALA KA 100 130.16 -85.32 17.58
N ASN KA 101 129.37 -84.63 18.39
CA ASN KA 101 128.88 -85.11 19.68
C ASN KA 101 130.00 -85.56 20.60
N ASN KA 102 131.17 -84.95 20.46
CA ASN KA 102 132.35 -85.23 21.26
C ASN KA 102 132.69 -83.99 22.10
N TYR KA 103 132.53 -84.07 23.43
CA TYR KA 103 132.88 -82.97 24.35
C TYR KA 103 134.26 -82.41 24.10
N ALA KA 104 135.24 -83.27 23.82
CA ALA KA 104 136.63 -82.87 23.71
C ALA KA 104 136.91 -82.07 22.44
N ARG KA 105 136.17 -82.27 21.34
CA ARG KA 105 136.25 -81.39 20.18
C ARG KA 105 135.69 -80.02 20.51
N GLY KA 106 134.57 -79.95 21.22
CA GLY KA 106 134.00 -78.67 21.62
C GLY KA 106 134.90 -77.87 22.53
N HIS KA 107 135.46 -78.52 23.55
CA HIS KA 107 136.26 -77.89 24.59
C HIS KA 107 137.74 -77.69 24.26
N TYR KA 108 138.44 -78.69 23.72
CA TYR KA 108 139.90 -78.71 23.62
C TYR KA 108 140.46 -78.42 22.23
N THR KA 109 139.78 -78.83 21.17
CA THR KA 109 140.38 -78.95 19.82
C THR KA 109 139.77 -77.99 18.79
N ILE KA 110 138.46 -77.94 18.62
CA ILE KA 110 137.78 -77.13 17.61
C ILE KA 110 137.28 -75.79 18.18
N GLY KA 111 136.63 -75.81 19.33
CA GLY KA 111 136.13 -74.60 19.98
C GLY KA 111 137.24 -73.69 20.51
N LYS KA 112 138.40 -74.26 20.81
CA LYS KA 112 139.68 -73.58 21.09
C LYS KA 112 140.05 -72.51 20.07
N GLU KA 113 139.59 -72.64 18.83
CA GLU KA 113 139.85 -71.66 17.77
C GLU KA 113 138.83 -70.52 17.70
N LEU KA 114 137.54 -70.78 17.91
CA LEU KA 114 136.48 -69.77 17.80
C LEU KA 114 136.29 -68.95 19.09
N ILE KA 115 136.74 -69.44 20.25
CA ILE KA 115 136.45 -68.84 21.55
C ILE KA 115 136.85 -67.37 21.69
N ASP KA 116 138.03 -66.98 21.24
CA ASP KA 116 138.51 -65.60 21.37
C ASP KA 116 137.80 -64.61 20.44
N SER KA 117 137.08 -65.10 19.43
CA SER KA 117 136.14 -64.34 18.61
C SER KA 117 134.76 -64.27 19.27
N VAL KA 118 134.30 -65.34 19.92
CA VAL KA 118 133.04 -65.34 20.69
C VAL KA 118 133.10 -64.34 21.84
N LEU KA 119 134.21 -64.32 22.59
CA LEU KA 119 134.43 -63.36 23.65
C LEU KA 119 134.46 -61.92 23.18
N ASP KA 120 135.01 -61.66 22.00
CA ASP KA 120 135.14 -60.31 21.45
C ASP KA 120 133.78 -59.68 21.12
N ARG KA 121 132.83 -60.48 20.63
CA ARG KA 121 131.43 -60.08 20.50
C ARG KA 121 130.75 -59.86 21.84
N VAL KA 122 130.96 -60.73 22.82
CA VAL KA 122 130.36 -60.56 24.15
C VAL KA 122 130.90 -59.28 24.82
N ARG KA 123 132.19 -58.98 24.70
CA ARG KA 123 132.78 -57.71 25.12
C ARG KA 123 132.14 -56.50 24.42
N LYS KA 124 132.00 -56.51 23.10
CA LYS KA 124 131.33 -55.44 22.34
C LYS KA 124 129.83 -55.30 22.66
N MET KA 125 129.17 -56.32 23.19
CA MET KA 125 127.80 -56.21 23.70
C MET KA 125 127.75 -55.66 25.13
N ALA KA 126 128.60 -56.13 26.03
CA ALA KA 126 128.67 -55.69 27.41
C ALA KA 126 129.07 -54.21 27.51
N ASP KA 127 129.98 -53.74 26.67
CA ASP KA 127 130.34 -52.32 26.57
C ASP KA 127 129.21 -51.40 26.07
N GLN KA 128 128.14 -51.94 25.47
CA GLN KA 128 126.91 -51.22 25.14
C GLN KA 128 125.84 -51.28 26.23
N CYS KA 129 126.02 -52.10 27.27
CA CYS KA 129 125.16 -52.15 28.45
C CYS KA 129 125.55 -51.10 29.49
N SER KA 130 124.62 -50.77 30.37
CA SER KA 130 124.82 -49.86 31.51
C SER KA 130 124.12 -50.48 32.71
N GLY KA 131 124.83 -51.21 33.55
CA GLY KA 131 124.19 -52.10 34.52
C GLY KA 131 123.57 -53.32 33.83
N LEU KA 132 124.42 -54.12 33.17
CA LEU KA 132 124.10 -55.44 32.65
C LEU KA 132 123.60 -56.35 33.79
N GLN KA 133 122.45 -56.96 33.63
CA GLN KA 133 121.78 -57.74 34.67
C GLN KA 133 122.37 -59.14 34.82
N GLY KA 134 122.74 -59.75 33.69
CA GLY KA 134 123.30 -61.09 33.63
C GLY KA 134 123.42 -61.64 32.22
N PHE KA 135 123.71 -62.93 32.12
CA PHE KA 135 123.78 -63.71 30.88
C PHE KA 135 122.67 -64.74 30.83
N LEU KA 136 122.07 -64.98 29.68
CA LEU KA 136 121.12 -66.08 29.46
C LEU KA 136 121.75 -67.06 28.48
N VAL KA 137 122.26 -68.20 28.95
CA VAL KA 137 123.02 -69.15 28.11
C VAL KA 137 122.20 -70.39 27.75
N PHE KA 138 121.93 -70.60 26.45
CA PHE KA 138 121.07 -71.66 25.93
C PHE KA 138 121.87 -72.75 25.23
N HIS KA 139 121.68 -74.01 25.61
CA HIS KA 139 122.47 -75.12 25.07
C HIS KA 139 121.85 -76.51 25.31
N SER KA 140 122.41 -77.51 24.64
CA SER KA 140 122.15 -78.93 24.84
C SER KA 140 123.23 -79.53 25.75
N PHE KA 141 122.84 -80.32 26.74
CA PHE KA 141 123.78 -81.10 27.55
C PHE KA 141 124.39 -82.28 26.78
N GLY KA 142 123.71 -82.78 25.76
CA GLY KA 142 124.10 -83.96 25.01
C GLY KA 142 125.02 -83.70 23.82
N GLY KA 143 125.01 -82.49 23.30
CA GLY KA 143 125.86 -82.06 22.18
C GLY KA 143 127.35 -81.97 22.47
N GLY KA 144 128.18 -82.04 21.45
CA GLY KA 144 129.60 -81.74 21.53
C GLY KA 144 129.87 -80.26 21.65
N THR KA 145 129.21 -79.41 20.83
CA THR KA 145 129.25 -77.95 20.99
C THR KA 145 128.48 -77.52 22.23
N GLY KA 146 127.27 -78.04 22.44
CA GLY KA 146 126.46 -77.84 23.62
C GLY KA 146 127.19 -78.02 24.96
N SER KA 147 127.89 -79.13 25.17
CA SER KA 147 128.64 -79.39 26.41
C SER KA 147 130.05 -78.77 26.40
N GLY KA 148 130.86 -79.07 25.39
CA GLY KA 148 132.26 -78.70 25.32
C GLY KA 148 132.50 -77.23 25.03
N PHE KA 149 131.72 -76.62 24.12
CA PHE KA 149 131.92 -75.20 23.86
C PHE KA 149 131.31 -74.32 24.95
N THR KA 150 130.14 -74.65 25.46
CA THR KA 150 129.55 -73.91 26.60
C THR KA 150 130.46 -73.96 27.80
N SER KA 151 131.08 -75.09 28.09
CA SER KA 151 132.01 -75.23 29.22
C SER KA 151 133.34 -74.50 29.01
N LEU KA 152 133.79 -74.35 27.77
CA LEU KA 152 134.91 -73.49 27.42
C LEU KA 152 134.54 -72.01 27.59
N LEU KA 153 133.40 -71.58 27.07
CA LEU KA 153 132.93 -70.22 27.18
C LEU KA 153 132.66 -69.81 28.63
N MET KA 154 131.91 -70.59 29.40
CA MET KA 154 131.58 -70.25 30.79
C MET KA 154 132.83 -70.07 31.67
N GLU KA 155 133.87 -70.87 31.47
CA GLU KA 155 135.11 -70.72 32.21
C GLU KA 155 135.76 -69.36 31.99
N ARG KA 156 135.68 -68.83 30.77
CA ARG KA 156 136.14 -67.48 30.41
C ARG KA 156 135.24 -66.39 30.98
N LEU KA 157 133.92 -66.48 30.78
CA LEU KA 157 132.99 -65.50 31.32
C LEU KA 157 133.03 -65.43 32.85
N SER KA 158 133.37 -66.52 33.55
CA SER KA 158 133.44 -66.53 35.01
C SER KA 158 134.72 -65.95 35.60
N VAL KA 159 135.75 -65.67 34.79
CA VAL KA 159 136.90 -64.82 35.15
C VAL KA 159 136.74 -63.41 34.59
N ASP KA 160 136.17 -63.23 33.41
CA ASP KA 160 135.98 -61.92 32.80
C ASP KA 160 134.84 -61.08 33.42
N TYR KA 161 133.74 -61.71 33.84
CA TYR KA 161 132.53 -61.07 34.37
C TYR KA 161 132.12 -61.72 35.70
N GLY KA 162 133.04 -61.88 36.65
CA GLY KA 162 132.82 -62.71 37.84
C GLY KA 162 131.59 -62.37 38.69
N LYS KA 163 131.21 -61.10 38.80
CA LYS KA 163 130.04 -60.65 39.59
C LYS KA 163 128.70 -60.96 38.92
N LYS KA 164 128.62 -60.95 37.59
CA LYS KA 164 127.38 -60.99 36.81
C LYS KA 164 126.69 -62.35 36.86
N SER KA 165 125.38 -62.38 37.08
CA SER KA 165 124.60 -63.62 37.19
C SER KA 165 124.52 -64.37 35.87
N LYS KA 166 124.88 -65.66 35.86
CA LYS KA 166 124.86 -66.52 34.68
C LYS KA 166 123.72 -67.53 34.82
N LEU KA 167 122.62 -67.25 34.13
CA LEU KA 167 121.44 -68.10 34.06
C LEU KA 167 121.58 -69.01 32.86
N GLU KA 168 121.22 -70.27 33.00
CA GLU KA 168 121.58 -71.26 31.99
C GLU KA 168 120.42 -72.22 31.71
N PHE KA 169 120.01 -72.32 30.45
CA PHE KA 169 118.87 -73.11 30.03
C PHE KA 169 119.36 -74.31 29.24
N SER KA 170 119.18 -75.49 29.80
CA SER KA 170 119.80 -76.72 29.31
C SER KA 170 118.78 -77.73 28.87
N VAL KA 171 118.86 -78.19 27.62
CA VAL KA 171 118.16 -79.39 27.19
C VAL KA 171 118.96 -80.62 27.61
N TYR KA 172 118.42 -81.39 28.53
CA TYR KA 172 119.04 -82.45 29.31
C TYR KA 172 118.55 -83.83 28.85
N PRO KA 173 119.38 -84.89 28.85
CA PRO KA 173 118.94 -86.23 28.45
C PRO KA 173 117.75 -86.82 29.23
N ALA KA 174 116.88 -87.54 28.52
CA ALA KA 174 115.63 -88.09 29.04
C ALA KA 174 115.79 -89.49 29.67
N PRO KA 175 114.76 -90.03 30.35
CA PRO KA 175 114.74 -91.43 30.76
C PRO KA 175 114.88 -92.41 29.59
N ARG KA 176 114.11 -92.25 28.49
CA ARG KA 176 114.07 -93.21 27.38
C ARG KA 176 114.45 -92.57 26.03
N ILE KA 177 113.91 -91.40 25.71
CA ILE KA 177 114.22 -90.65 24.48
C ILE KA 177 115.67 -90.18 24.48
N SER KA 178 116.38 -90.51 23.41
CA SER KA 178 117.76 -90.09 23.20
C SER KA 178 118.06 -90.04 21.71
N THR KA 179 119.00 -89.19 21.29
CA THR KA 179 119.36 -88.99 19.89
C THR KA 179 120.77 -89.44 19.56
N ALA KA 180 121.55 -89.82 20.57
CA ALA KA 180 122.97 -90.12 20.51
C ALA KA 180 123.30 -91.25 21.47
N VAL KA 181 124.37 -91.97 21.16
CA VAL KA 181 124.88 -93.03 22.02
C VAL KA 181 125.71 -92.44 23.16
N VAL KA 182 126.42 -91.34 22.91
CA VAL KA 182 127.37 -90.70 23.82
C VAL KA 182 126.80 -89.52 24.63
N GLU KA 183 125.48 -89.29 24.57
CA GLU KA 183 124.74 -88.29 25.36
C GLU KA 183 125.03 -88.34 26.89
N PRO KA 184 125.16 -89.52 27.55
CA PRO KA 184 125.58 -89.63 28.95
C PRO KA 184 127.00 -89.12 29.25
N TYR KA 185 127.95 -89.34 28.35
CA TYR KA 185 129.32 -88.86 28.50
C TYR KA 185 129.40 -87.34 28.43
N ASN KA 186 128.73 -86.71 27.46
CA ASN KA 186 128.76 -85.26 27.31
C ASN KA 186 128.07 -84.54 28.46
N SER KA 187 126.99 -85.11 28.97
CA SER KA 187 126.24 -84.55 30.08
C SER KA 187 127.00 -84.58 31.40
N ILE KA 188 127.61 -85.72 31.74
CA ILE KA 188 128.40 -85.86 32.98
C ILE KA 188 129.64 -84.96 32.94
N LEU KA 189 130.36 -84.88 31.82
CA LEU KA 189 131.48 -83.94 31.64
C LEU KA 189 131.06 -82.47 31.78
N THR KA 190 129.80 -82.12 31.51
CA THR KA 190 129.25 -80.77 31.71
C THR KA 190 129.00 -80.41 33.17
N THR KA 191 128.84 -81.37 34.09
CA THR KA 191 128.46 -81.09 35.50
C THR KA 191 129.42 -80.19 36.28
N HIS KA 192 130.69 -80.08 35.88
CA HIS KA 192 131.62 -79.09 36.44
C HIS KA 192 131.26 -77.66 36.04
N THR KA 193 130.72 -77.48 34.83
CA THR KA 193 130.36 -76.18 34.28
C THR KA 193 129.23 -75.60 35.10
N THR KA 194 128.14 -76.34 35.22
CA THR KA 194 126.99 -75.92 35.97
C THR KA 194 127.31 -75.75 37.45
N LEU KA 195 128.04 -76.66 38.09
CA LEU KA 195 128.41 -76.47 39.50
C LEU KA 195 129.29 -75.24 39.75
N GLU KA 196 130.36 -75.02 38.98
CA GLU KA 196 131.37 -74.01 39.32
C GLU KA 196 131.16 -72.66 38.63
N HIS KA 197 130.62 -72.63 37.39
CA HIS KA 197 130.57 -71.46 36.51
C HIS KA 197 129.16 -71.08 36.05
N SER KA 198 128.16 -71.34 36.87
CA SER KA 198 126.76 -70.99 36.63
C SER KA 198 126.10 -70.58 37.94
N ASP KA 199 125.05 -69.76 37.91
CA ASP KA 199 124.39 -69.25 39.12
C ASP KA 199 122.97 -69.77 39.28
N CYS KA 200 122.29 -70.12 38.20
CA CYS KA 200 120.99 -70.80 38.23
C CYS KA 200 120.76 -71.56 36.93
N ALA KA 201 120.64 -72.89 37.02
CA ALA KA 201 120.65 -73.76 35.85
C ALA KA 201 119.31 -74.49 35.67
N PHE KA 202 118.56 -74.10 34.66
CA PHE KA 202 117.24 -74.64 34.33
C PHE KA 202 117.36 -75.83 33.39
N MET KA 203 117.35 -77.02 33.96
CA MET KA 203 117.26 -78.28 33.20
C MET KA 203 115.87 -78.42 32.60
N VAL KA 204 115.82 -78.84 31.34
CA VAL KA 204 114.61 -79.15 30.58
C VAL KA 204 114.80 -80.47 29.86
N ASP KA 205 113.74 -81.21 29.60
CA ASP KA 205 113.76 -82.55 29.00
C ASP KA 205 112.83 -82.64 27.78
N ASN KA 206 113.34 -83.18 26.67
CA ASN KA 206 112.55 -83.36 25.45
C ASN KA 206 111.35 -84.28 25.69
N GLU KA 207 111.49 -85.35 26.47
CA GLU KA 207 110.44 -86.35 26.65
C GLU KA 207 109.27 -85.86 27.51
N ALA KA 208 109.55 -84.99 28.47
CA ALA KA 208 108.56 -84.35 29.32
C ALA KA 208 107.74 -83.33 28.53
N ILE KA 209 108.37 -82.50 27.71
CA ILE KA 209 107.63 -81.59 26.83
C ILE KA 209 106.85 -82.37 25.78
N TYR KA 210 107.39 -83.45 25.22
CA TYR KA 210 106.60 -84.28 24.29
C TYR KA 210 105.31 -84.79 24.94
N ASP KA 211 105.33 -85.13 26.23
CA ASP KA 211 104.15 -85.61 26.94
C ASP KA 211 103.18 -84.47 27.29
N ILE KA 212 103.70 -83.31 27.69
CA ILE KA 212 102.91 -82.08 27.84
C ILE KA 212 102.21 -81.72 26.54
N CYS KA 213 102.89 -81.80 25.41
CA CYS KA 213 102.29 -81.52 24.10
C CYS KA 213 101.12 -82.46 23.81
N ASN KA 214 101.29 -83.75 24.09
CA ASN KA 214 100.28 -84.78 23.85
C ASN KA 214 99.03 -84.59 24.71
N ARG KA 215 99.19 -84.24 26.00
CA ARG KA 215 98.11 -84.17 26.99
C ARG KA 215 97.39 -82.83 27.10
N ASN KA 216 98.07 -81.73 26.81
CA ASN KA 216 97.55 -80.37 27.01
C ASN KA 216 97.30 -79.60 25.72
N LEU KA 217 98.18 -79.73 24.72
CA LEU KA 217 97.98 -79.10 23.40
C LEU KA 217 97.20 -80.02 22.45
N ASP KA 218 97.08 -81.30 22.80
CA ASP KA 218 96.50 -82.38 22.01
C ASP KA 218 97.13 -82.58 20.62
N ILE KA 219 98.33 -82.06 20.39
CA ILE KA 219 99.12 -82.37 19.20
C ILE KA 219 99.73 -83.76 19.35
N GLU KA 220 99.40 -84.66 18.45
CA GLU KA 220 99.72 -86.09 18.59
C GLU KA 220 101.21 -86.42 18.33
N ARG KA 221 101.83 -85.64 17.43
CA ARG KA 221 103.18 -85.83 16.87
C ARG KA 221 103.95 -84.50 16.70
N PRO KA 222 104.50 -83.89 17.77
CA PRO KA 222 105.21 -82.61 17.66
C PRO KA 222 106.65 -82.72 17.13
N SER KA 223 107.10 -81.63 16.52
CA SER KA 223 108.48 -81.36 16.09
C SER KA 223 109.27 -80.66 17.20
N TYR KA 224 110.50 -80.25 16.92
CA TYR KA 224 111.20 -79.33 17.82
C TYR KA 224 110.65 -77.90 17.81
N THR KA 225 109.99 -77.43 16.75
CA THR KA 225 109.43 -76.07 16.79
C THR KA 225 108.40 -75.94 17.90
N ASN KA 226 107.64 -77.00 18.19
CA ASN KA 226 106.67 -77.02 19.29
C ASN KA 226 107.33 -76.99 20.67
N LEU KA 227 108.50 -77.63 20.83
CA LEU KA 227 109.24 -77.61 22.08
C LEU KA 227 109.85 -76.24 22.34
N ASN KA 228 110.52 -75.69 21.35
CA ASN KA 228 111.22 -74.43 21.48
C ASN KA 228 110.25 -73.28 21.76
N ARG KA 229 109.04 -73.33 21.22
CA ARG KA 229 107.97 -72.38 21.54
C ARG KA 229 107.45 -72.48 22.97
N LEU KA 230 107.68 -73.57 23.70
CA LEU KA 230 107.45 -73.64 25.15
C LEU KA 230 108.66 -73.18 25.96
N ILE KA 231 109.87 -73.53 25.53
CA ILE KA 231 111.10 -73.18 26.25
C ILE KA 231 111.37 -71.68 26.20
N ALA KA 232 111.07 -71.02 25.09
CA ALA KA 232 111.17 -69.56 24.98
C ALA KA 232 110.13 -68.86 25.86
N GLN KA 233 108.92 -69.41 25.95
CA GLN KA 233 107.84 -68.81 26.73
C GLN KA 233 108.20 -68.72 28.23
N ILE KA 234 108.92 -69.70 28.77
CA ILE KA 234 109.43 -69.63 30.14
C ILE KA 234 110.44 -68.49 30.30
N VAL KA 235 111.38 -68.29 29.37
CA VAL KA 235 112.37 -67.21 29.50
C VAL KA 235 111.75 -65.83 29.32
N SER KA 236 110.74 -65.69 28.47
CA SER KA 236 109.95 -64.46 28.43
C SER KA 236 109.36 -64.14 29.80
N SER KA 237 108.87 -65.16 30.51
CA SER KA 237 108.24 -65.01 31.82
C SER KA 237 109.26 -64.77 32.96
N ILE KA 238 110.45 -65.35 32.88
CA ILE KA 238 111.57 -65.02 33.79
C ILE KA 238 112.00 -63.59 33.59
N THR KA 239 112.11 -63.12 32.35
CA THR KA 239 112.54 -61.76 32.04
C THR KA 239 111.41 -60.73 32.09
N ALA KA 240 110.14 -61.10 32.19
CA ALA KA 240 109.04 -60.14 32.10
C ALA KA 240 109.13 -59.02 33.14
N SER KA 241 109.55 -59.32 34.38
CA SER KA 241 109.76 -58.30 35.42
C SER KA 241 110.90 -57.33 35.14
N LEU KA 242 111.83 -57.70 34.26
CA LEU KA 242 112.93 -56.86 33.82
C LEU KA 242 112.47 -55.88 32.73
N ARG KA 243 111.44 -56.27 31.98
CA ARG KA 243 110.93 -55.65 30.75
C ARG KA 243 109.68 -54.80 30.93
N PHE KA 244 108.86 -55.04 31.96
CA PHE KA 244 107.49 -54.52 32.07
C PHE KA 244 107.09 -54.03 33.46
N ASP KA 245 105.97 -53.30 33.55
CA ASP KA 245 105.37 -52.94 34.84
C ASP KA 245 104.61 -54.11 35.47
N GLY KA 246 104.59 -54.17 36.78
CA GLY KA 246 103.94 -55.21 37.58
C GLY KA 246 103.56 -54.75 38.98
N ALA KA 247 102.75 -55.53 39.68
CA ALA KA 247 102.40 -55.27 41.08
C ALA KA 247 103.55 -55.63 42.02
N LEU KA 248 104.30 -56.68 41.68
CA LEU KA 248 105.40 -57.25 42.44
C LEU KA 248 106.51 -57.69 41.47
N ASN KA 249 107.19 -56.75 40.83
CA ASN KA 249 108.28 -57.07 39.90
C ASN KA 249 109.46 -57.75 40.63
N VAL KA 250 110.09 -58.73 39.99
CA VAL KA 250 111.21 -59.52 40.54
C VAL KA 250 112.51 -59.25 39.77
N ASP KA 251 113.53 -58.76 40.45
CA ASP KA 251 114.87 -58.57 39.90
C ASP KA 251 115.58 -59.92 39.65
N LEU KA 252 116.50 -59.99 38.68
CA LEU KA 252 117.18 -61.24 38.35
C LEU KA 252 118.02 -61.84 39.51
N THR KA 253 118.47 -61.02 40.47
CA THR KA 253 119.13 -61.46 41.73
C THR KA 253 118.16 -61.64 42.89
N GLU KA 254 117.06 -60.91 42.94
CA GLU KA 254 115.95 -61.14 43.85
C GLU KA 254 115.37 -62.54 43.66
N PHE KA 255 115.25 -62.97 42.42
CA PHE KA 255 114.91 -64.31 42.00
C PHE KA 255 115.83 -65.36 42.63
N GLN KA 256 117.14 -65.22 42.46
CA GLN KA 256 118.16 -66.10 43.01
C GLN KA 256 118.20 -66.11 44.54
N THR KA 257 118.02 -64.98 45.21
CA THR KA 257 118.01 -64.91 46.69
C THR KA 257 116.86 -65.70 47.32
N ASN KA 258 115.78 -65.98 46.59
CA ASN KA 258 114.67 -66.81 47.01
C ASN KA 258 114.70 -68.23 46.46
N LEU KA 259 115.25 -68.47 45.27
CA LEU KA 259 115.40 -69.80 44.69
C LEU KA 259 116.50 -70.63 45.34
N VAL KA 260 117.66 -70.03 45.62
CA VAL KA 260 118.88 -70.76 45.92
C VAL KA 260 119.16 -70.75 47.43
N PRO KA 261 118.90 -71.84 48.17
CA PRO KA 261 119.14 -71.91 49.61
C PRO KA 261 120.62 -72.08 49.99
N TYR KA 262 121.42 -72.71 49.14
CA TYR KA 262 122.82 -73.03 49.41
C TYR KA 262 123.62 -72.85 48.12
N PRO KA 263 124.92 -72.54 48.19
CA PRO KA 263 125.69 -72.14 47.01
C PRO KA 263 125.60 -73.11 45.83
N ARG KA 264 125.53 -74.43 46.07
CA ARG KA 264 125.54 -75.43 44.99
C ARG KA 264 124.15 -75.94 44.60
N ILE KA 265 123.11 -75.45 45.27
CA ILE KA 265 121.72 -75.95 45.16
C ILE KA 265 120.90 -74.96 44.34
N HIS KA 266 121.26 -74.89 43.07
CA HIS KA 266 120.80 -73.88 42.13
C HIS KA 266 120.25 -74.49 40.84
N PHE KA 267 119.75 -75.72 40.93
CA PHE KA 267 119.12 -76.47 39.86
C PHE KA 267 117.60 -76.57 40.07
N PRO KA 268 116.83 -75.49 39.85
CA PRO KA 268 115.39 -75.56 39.94
C PRO KA 268 114.78 -76.32 38.76
N LEU KA 269 113.66 -76.97 38.99
CA LEU KA 269 112.70 -77.28 37.95
C LEU KA 269 112.04 -75.99 37.45
N VAL KA 270 111.44 -76.08 36.27
CA VAL KA 270 110.59 -75.04 35.72
C VAL KA 270 109.32 -75.69 35.15
N THR KA 271 108.22 -74.96 35.18
CA THR KA 271 106.94 -75.33 34.57
C THR KA 271 106.15 -74.07 34.21
N TYR KA 272 105.19 -74.20 33.32
CA TYR KA 272 104.39 -73.08 32.82
C TYR KA 272 102.93 -73.50 32.81
N SER KA 273 102.01 -72.60 33.16
CA SER KA 273 100.59 -72.86 33.05
C SER KA 273 99.83 -71.60 32.66
N PRO KA 274 98.71 -71.73 31.94
CA PRO KA 274 98.21 -72.96 31.35
C PRO KA 274 98.88 -73.24 30.00
N ILE KA 275 99.46 -74.43 29.81
CA ILE KA 275 99.66 -74.94 28.45
C ILE KA 275 98.31 -75.40 27.95
N ILE KA 276 97.79 -74.81 26.88
CA ILE KA 276 96.41 -75.10 26.45
C ILE KA 276 96.21 -74.79 24.96
N SER KA 277 95.37 -75.56 24.27
CA SER KA 277 95.00 -75.28 22.88
C SER KA 277 93.71 -74.47 22.78
N ALA KA 278 93.44 -73.91 21.60
CA ALA KA 278 92.20 -73.18 21.33
C ALA KA 278 90.93 -74.07 21.39
N GLU KA 279 91.05 -75.41 21.39
CA GLU KA 279 89.91 -76.30 21.53
C GLU KA 279 89.33 -76.27 22.94
N LYS KA 280 90.16 -76.01 23.95
CA LYS KA 280 89.84 -76.13 25.38
C LYS KA 280 89.88 -74.81 26.13
N ALA KA 281 90.66 -73.84 25.69
CA ALA KA 281 90.83 -72.57 26.40
C ALA KA 281 89.52 -71.78 26.57
N TYR KA 282 88.54 -71.97 25.70
CA TYR KA 282 87.22 -71.36 25.80
C TYR KA 282 86.23 -72.12 26.70
N HIS KA 283 86.59 -73.27 27.29
CA HIS KA 283 85.72 -74.05 28.19
C HIS KA 283 86.27 -74.21 29.60
N GLU KA 284 87.58 -74.22 29.78
CA GLU KA 284 88.23 -74.10 31.09
C GLU KA 284 88.01 -72.70 31.68
N GLN KA 285 87.96 -72.56 33.02
CA GLN KA 285 87.92 -71.23 33.62
C GLN KA 285 89.28 -70.51 33.55
N LEU KA 286 90.40 -71.21 33.72
CA LEU KA 286 91.72 -70.59 33.80
C LEU KA 286 91.76 -69.47 34.85
N SER KA 287 91.06 -69.67 35.95
CA SER KA 287 91.17 -68.85 37.15
C SER KA 287 92.55 -68.98 37.78
N VAL KA 288 92.96 -68.01 38.59
CA VAL KA 288 94.28 -68.03 39.24
C VAL KA 288 94.46 -69.28 40.10
N PRO KA 289 93.43 -69.78 40.75
CA PRO KA 289 93.51 -71.01 41.54
C PRO KA 289 93.90 -72.23 40.67
N GLU KA 290 93.34 -72.38 39.48
CA GLU KA 290 93.59 -73.53 38.62
C GLU KA 290 95.00 -73.52 38.03
N ILE KA 291 95.44 -72.39 37.48
CA ILE KA 291 96.78 -72.29 36.88
C ILE KA 291 97.89 -72.32 37.93
N THR KA 292 97.61 -71.97 39.20
CA THR KA 292 98.54 -72.22 40.30
C THR KA 292 98.65 -73.71 40.58
N ASN KA 293 97.51 -74.40 40.77
CA ASN KA 293 97.49 -75.84 41.05
C ASN KA 293 98.09 -76.68 39.92
N ALA KA 294 97.93 -76.27 38.67
CA ALA KA 294 98.54 -76.97 37.53
C ALA KA 294 100.07 -77.06 37.64
N CYS KA 295 100.75 -76.10 38.26
CA CYS KA 295 102.20 -76.13 38.41
C CYS KA 295 102.69 -77.20 39.39
N PHE KA 296 101.83 -77.74 40.25
CA PHE KA 296 102.21 -78.79 41.20
C PHE KA 296 101.85 -80.19 40.71
N GLU KA 297 101.22 -80.34 39.56
CA GLU KA 297 100.97 -81.64 38.94
C GLU KA 297 102.28 -82.20 38.36
N TYR KA 298 102.65 -83.47 38.61
CA TYR KA 298 103.72 -84.17 37.91
C TYR KA 298 103.58 -84.11 36.38
N SER KA 299 102.33 -84.06 35.91
CA SER KA 299 101.95 -83.93 34.52
C SER KA 299 102.51 -82.68 33.81
N ASN KA 300 102.89 -81.61 34.51
CA ASN KA 300 103.36 -80.38 33.86
C ASN KA 300 104.83 -80.06 34.13
N GLN KA 301 105.56 -80.92 34.84
CA GLN KA 301 106.99 -80.72 35.06
C GLN KA 301 107.75 -81.02 33.77
N MET KA 302 108.69 -80.15 33.37
CA MET KA 302 109.45 -80.28 32.13
C MET KA 302 110.79 -81.04 32.30
N VAL KA 303 110.89 -81.89 33.33
CA VAL KA 303 111.90 -82.93 33.52
C VAL KA 303 111.15 -84.17 34.00
N LYS KA 304 111.38 -85.36 33.42
CA LYS KA 304 110.70 -86.59 33.84
C LYS KA 304 111.22 -87.11 35.17
N CYS KA 305 110.80 -86.45 36.25
CA CYS KA 305 110.94 -86.83 37.63
C CYS KA 305 109.66 -86.44 38.40
N ASP KA 306 109.33 -87.10 39.49
CA ASP KA 306 108.09 -86.87 40.24
C ASP KA 306 108.37 -85.98 41.46
N PRO KA 307 107.82 -84.75 41.56
CA PRO KA 307 108.06 -83.87 42.70
C PRO KA 307 107.63 -84.44 44.05
N ARG KA 308 106.71 -85.41 44.05
CA ARG KA 308 106.22 -86.09 45.26
C ARG KA 308 107.24 -87.04 45.86
N ARG KA 309 108.22 -87.49 45.06
CA ARG KA 309 109.39 -88.22 45.56
C ARG KA 309 110.46 -87.29 46.13
N GLY KA 310 110.22 -85.97 46.18
CA GLY KA 310 111.11 -84.99 46.79
C GLY KA 310 110.48 -84.20 47.93
N LYS KA 311 111.20 -83.16 48.36
CA LYS KA 311 110.65 -82.03 49.11
C LYS KA 311 111.02 -80.72 48.43
N TYR KA 312 110.09 -79.79 48.41
CA TYR KA 312 110.31 -78.44 47.93
C TYR KA 312 111.17 -77.66 48.92
N MET KA 313 112.17 -76.96 48.41
CA MET KA 313 112.97 -76.01 49.16
C MET KA 313 112.41 -74.59 48.99
N ALA KA 314 112.19 -74.14 47.76
CA ALA KA 314 111.57 -72.86 47.46
C ALA KA 314 110.87 -72.85 46.10
N CYS KA 315 109.79 -72.11 45.97
CA CYS KA 315 109.09 -71.89 44.70
C CYS KA 315 109.04 -70.39 44.38
N CYS KA 316 109.41 -69.99 43.18
CA CYS KA 316 109.07 -68.70 42.60
C CYS KA 316 107.86 -68.87 41.69
N LEU KA 317 106.71 -68.35 42.10
CA LEU KA 317 105.52 -68.26 41.26
C LEU KA 317 105.55 -66.90 40.55
N LEU KA 318 105.97 -66.86 39.30
CA LEU KA 318 106.06 -65.66 38.48
C LEU KA 318 104.80 -65.50 37.62
N TYR KA 319 103.76 -64.87 38.16
CA TYR KA 319 102.53 -64.60 37.40
C TYR KA 319 102.68 -63.43 36.45
N ARG KA 320 101.93 -63.51 35.36
CA ARG KA 320 101.83 -62.43 34.39
C ARG KA 320 100.45 -62.35 33.77
N GLY KA 321 100.08 -61.16 33.34
CA GLY KA 321 98.73 -60.86 32.87
C GLY KA 321 97.79 -60.42 33.99
N ASP KA 322 96.50 -60.66 33.82
CA ASP KA 322 95.44 -60.16 34.70
C ASP KA 322 95.31 -60.95 36.02
N VAL KA 323 96.16 -60.68 37.01
CA VAL KA 323 96.08 -61.28 38.34
C VAL KA 323 96.22 -60.26 39.46
N VAL KA 324 95.73 -60.58 40.65
CA VAL KA 324 95.69 -59.67 41.80
C VAL KA 324 96.26 -60.38 43.02
N PRO KA 325 97.11 -59.74 43.85
CA PRO KA 325 97.70 -60.38 45.03
C PRO KA 325 96.73 -61.06 46.01
N LYS KA 326 95.47 -60.61 46.10
CA LYS KA 326 94.38 -61.33 46.79
C LYS KA 326 94.34 -62.79 46.33
N ASP KA 327 94.21 -62.99 45.02
CA ASP KA 327 93.98 -64.29 44.39
C ASP KA 327 95.17 -65.22 44.57
N VAL KA 328 96.38 -64.66 44.48
CA VAL KA 328 97.60 -65.43 44.63
C VAL KA 328 97.78 -65.90 46.06
N ASN KA 329 97.56 -65.04 47.06
CA ASN KA 329 97.66 -65.48 48.45
C ASN KA 329 96.62 -66.56 48.77
N ALA KA 330 95.39 -66.40 48.32
CA ALA KA 330 94.31 -67.37 48.45
C ALA KA 330 94.62 -68.71 47.75
N ALA KA 331 95.34 -68.66 46.63
CA ALA KA 331 95.84 -69.83 45.92
C ALA KA 331 96.96 -70.54 46.70
N ILE KA 332 98.05 -69.86 47.07
CA ILE KA 332 99.16 -70.52 47.77
C ILE KA 332 98.74 -71.06 49.14
N ALA KA 333 97.73 -70.48 49.76
CA ALA KA 333 97.10 -71.04 50.95
C ALA KA 333 96.51 -72.44 50.72
N ALA KA 334 95.91 -72.72 49.57
CA ALA KA 334 95.48 -74.09 49.26
C ALA KA 334 96.67 -75.00 48.99
N ILE KA 335 97.73 -74.52 48.33
CA ILE KA 335 98.93 -75.34 48.13
C ILE KA 335 99.55 -75.72 49.47
N LYS KA 336 99.65 -74.81 50.44
CA LYS KA 336 100.14 -75.12 51.81
C LYS KA 336 99.23 -76.11 52.56
N THR KA 337 97.96 -76.19 52.20
CA THR KA 337 96.99 -77.08 52.84
C THR KA 337 97.13 -78.52 52.38
N ARG KA 338 97.54 -78.75 51.12
CA ARG KA 338 97.69 -80.08 50.49
C ARG KA 338 98.93 -80.84 50.99
N ARG KA 339 98.74 -81.97 51.68
CA ARG KA 339 99.81 -82.76 52.31
C ARG KA 339 100.70 -83.52 51.33
N SER KA 340 100.28 -83.70 50.08
CA SER KA 340 101.10 -84.28 49.00
C SER KA 340 102.19 -83.34 48.48
N ILE KA 341 102.04 -82.02 48.61
CA ILE KA 341 103.05 -81.01 48.24
C ILE KA 341 103.88 -80.67 49.48
N GLN KA 342 105.02 -81.34 49.69
CA GLN KA 342 105.77 -81.23 50.94
C GLN KA 342 107.01 -80.37 50.82
N PHE KA 343 107.06 -79.29 51.59
CA PHE KA 343 108.24 -78.46 51.75
C PHE KA 343 109.17 -79.02 52.82
N VAL KA 344 110.43 -78.61 52.77
CA VAL KA 344 111.42 -78.82 53.83
C VAL KA 344 111.03 -78.09 55.11
N ASP KA 345 111.45 -78.62 56.26
CA ASP KA 345 111.19 -78.10 57.60
C ASP KA 345 111.81 -76.72 57.85
N TRP KA 346 112.87 -76.41 57.13
CA TRP KA 346 113.68 -75.20 57.27
C TRP KA 346 113.27 -74.07 56.31
N CYS KA 347 112.22 -74.21 55.50
CA CYS KA 347 111.70 -73.15 54.66
C CYS KA 347 110.22 -72.92 54.95
N PRO KA 348 109.89 -72.22 56.06
CA PRO KA 348 108.52 -72.08 56.54
C PRO KA 348 107.69 -71.11 55.68
N THR KA 349 108.36 -70.21 54.96
CA THR KA 349 107.81 -69.25 54.02
C THR KA 349 107.54 -69.91 52.66
N GLY KA 350 108.49 -70.61 52.09
CA GLY KA 350 108.37 -71.43 50.88
C GLY KA 350 108.24 -70.69 49.55
N PHE KA 351 107.34 -69.72 49.44
CA PHE KA 351 106.95 -69.08 48.19
C PHE KA 351 107.50 -67.68 48.06
N LYS KA 352 108.14 -67.42 46.92
CA LYS KA 352 108.41 -66.10 46.39
C LYS KA 352 107.42 -65.83 45.27
N VAL KA 353 106.69 -64.74 45.36
CA VAL KA 353 105.65 -64.37 44.40
C VAL KA 353 106.14 -63.19 43.60
N GLY KA 354 105.99 -63.26 42.28
CA GLY KA 354 106.13 -62.14 41.35
C GLY KA 354 104.83 -61.96 40.57
N ILE KA 355 104.45 -60.71 40.29
CA ILE KA 355 103.22 -60.42 39.53
C ILE KA 355 103.50 -59.29 38.56
N ASN KA 356 103.26 -59.53 37.27
CA ASN KA 356 103.56 -58.62 36.16
C ASN KA 356 102.34 -58.34 35.27
N TYR KA 357 102.11 -57.10 34.82
CA TYR KA 357 100.85 -56.72 34.15
C TYR KA 357 100.77 -57.09 32.67
N GLN KA 358 101.82 -57.64 32.08
CA GLN KA 358 101.87 -57.96 30.64
C GLN KA 358 101.46 -59.42 30.37
N PRO KA 359 100.33 -59.69 29.69
CA PRO KA 359 99.91 -61.04 29.32
C PRO KA 359 100.96 -61.79 28.49
N PRO KA 360 100.86 -63.13 28.38
CA PRO KA 360 101.70 -63.91 27.50
C PRO KA 360 101.38 -63.66 26.03
N THR KA 361 102.39 -63.31 25.25
CA THR KA 361 102.28 -63.09 23.80
C THR KA 361 102.13 -64.41 23.06
N ALA KA 362 101.13 -64.53 22.19
CA ALA KA 362 101.03 -65.68 21.28
C ALA KA 362 101.94 -65.50 20.06
N VAL KA 363 102.74 -66.51 19.73
CA VAL KA 363 103.31 -66.59 18.37
C VAL KA 363 102.18 -66.99 17.42
N PRO KA 364 101.90 -66.24 16.34
CA PRO KA 364 100.69 -66.44 15.52
C PRO KA 364 100.59 -67.81 14.84
N GLY KA 365 101.72 -68.43 14.52
CA GLY KA 365 101.75 -69.77 13.93
C GLY KA 365 101.59 -70.93 14.93
N GLY KA 366 101.53 -70.65 16.23
CA GLY KA 366 101.71 -71.63 17.30
C GLY KA 366 100.46 -72.39 17.72
N ASP KA 367 100.68 -73.45 18.49
CA ASP KA 367 99.63 -74.32 19.04
C ASP KA 367 99.02 -73.78 20.34
N VAL KA 368 99.82 -73.04 21.11
CA VAL KA 368 99.52 -72.55 22.46
C VAL KA 368 98.61 -71.30 22.40
N ALA KA 369 97.45 -71.38 23.04
CA ALA KA 369 96.32 -70.46 22.86
C ALA KA 369 96.46 -69.11 23.59
N LYS KA 370 95.66 -68.11 23.19
CA LYS KA 370 95.54 -66.82 23.87
C LYS KA 370 94.81 -66.99 25.19
N VAL KA 371 95.35 -66.42 26.27
CA VAL KA 371 94.82 -66.58 27.63
C VAL KA 371 95.06 -65.31 28.45
N LEU KA 372 94.18 -64.97 29.37
CA LEU KA 372 94.31 -63.73 30.15
C LEU KA 372 95.47 -63.74 31.15
N ARG KA 373 95.95 -64.93 31.50
CA ARG KA 373 96.85 -65.19 32.61
C ARG KA 373 97.86 -66.24 32.23
N ALA KA 374 99.03 -66.16 32.81
CA ALA KA 374 99.93 -67.29 32.90
C ALA KA 374 100.73 -67.18 34.19
N VAL KA 375 101.31 -68.30 34.60
CA VAL KA 375 102.30 -68.37 35.63
C VAL KA 375 103.44 -69.21 35.12
N CYS KA 376 104.66 -68.79 35.37
CA CYS KA 376 105.78 -69.67 35.30
C CYS KA 376 106.18 -69.98 36.74
N MET KA 377 106.21 -71.25 37.11
CA MET KA 377 106.72 -71.66 38.41
C MET KA 377 108.11 -72.24 38.25
N LEU KA 378 109.06 -71.62 38.93
CA LEU KA 378 110.45 -72.08 38.96
C LEU KA 378 110.69 -72.54 40.39
N SER KA 379 111.17 -73.75 40.55
CA SER KA 379 111.01 -74.50 41.79
C SER KA 379 112.22 -75.34 42.16
N ASN KA 380 112.90 -74.99 43.25
CA ASN KA 380 114.00 -75.78 43.79
C ASN KA 380 113.43 -76.91 44.66
N THR KA 381 113.67 -78.15 44.27
CA THR KA 381 113.13 -79.37 44.91
C THR KA 381 114.13 -80.51 44.89
N THR KA 382 114.14 -81.36 45.93
CA THR KA 382 115.06 -82.50 46.02
C THR KA 382 114.82 -83.55 44.94
N ALA KA 383 113.63 -83.59 44.35
CA ALA KA 383 113.23 -84.56 43.36
C ALA KA 383 114.14 -84.62 42.12
N ILE KA 384 114.73 -83.50 41.72
CA ILE KA 384 115.53 -83.42 40.48
C ILE KA 384 116.75 -84.35 40.52
N ALA KA 385 117.22 -84.74 41.69
CA ALA KA 385 118.30 -85.71 41.84
C ALA KA 385 118.02 -87.07 41.18
N GLU KA 386 116.76 -87.42 40.91
CA GLU KA 386 116.43 -88.63 40.18
C GLU KA 386 116.79 -88.52 38.69
N ALA KA 387 116.63 -87.35 38.06
CA ALA KA 387 117.09 -87.12 36.68
C ALA KA 387 118.62 -87.24 36.55
N TRP KA 388 119.37 -87.00 37.62
CA TRP KA 388 120.80 -87.23 37.70
C TRP KA 388 121.13 -88.70 37.99
N ALA KA 389 120.35 -89.37 38.85
CA ALA KA 389 120.49 -90.79 39.13
C ALA KA 389 120.18 -91.68 37.92
N ARG KA 390 119.28 -91.25 37.02
CA ARG KA 390 119.05 -91.92 35.73
C ARG KA 390 120.30 -91.89 34.87
N LEU KA 391 120.87 -90.71 34.68
CA LEU KA 391 121.90 -90.49 33.69
C LEU KA 391 123.27 -91.00 34.15
N ASP KA 392 123.61 -90.91 35.43
CA ASP KA 392 124.86 -91.49 35.92
C ASP KA 392 124.84 -93.04 35.96
N HIS KA 393 123.66 -93.67 35.95
CA HIS KA 393 123.50 -95.12 35.68
C HIS KA 393 123.65 -95.47 34.20
N LYS KA 394 123.34 -94.57 33.25
CA LYS KA 394 123.71 -94.74 31.83
C LYS KA 394 125.21 -94.60 31.61
N PHE KA 395 125.84 -93.63 32.26
CA PHE KA 395 127.27 -93.43 32.24
C PHE KA 395 128.05 -94.64 32.76
N ASP KA 396 127.60 -95.21 33.89
CA ASP KA 396 128.30 -96.31 34.54
C ASP KA 396 128.44 -97.57 33.68
N LEU KA 397 127.40 -97.93 32.91
CA LEU KA 397 127.43 -99.07 31.99
C LEU KA 397 128.46 -98.92 30.88
N MET KA 398 128.63 -97.70 30.35
CA MET KA 398 129.56 -97.42 29.27
C MET KA 398 130.99 -97.20 29.77
N TYR KA 399 131.19 -96.50 30.88
CA TYR KA 399 132.54 -96.30 31.40
C TYR KA 399 133.14 -97.58 31.99
N SER KA 400 132.34 -98.52 32.50
CA SER KA 400 132.83 -99.84 32.90
C SER KA 400 133.47 -100.64 31.74
N LYS KA 401 133.11 -100.35 30.50
CA LYS KA 401 133.70 -100.92 29.29
C LYS KA 401 134.73 -99.99 28.61
N ARG KA 402 134.83 -98.73 29.03
CA ARG KA 402 135.47 -97.61 28.30
C ARG KA 402 134.88 -97.43 26.90
N ALA KA 403 133.57 -97.63 26.78
CA ALA KA 403 132.86 -97.97 25.56
C ALA KA 403 133.06 -97.03 24.37
N PHE KA 404 133.28 -95.72 24.53
CA PHE KA 404 133.58 -94.78 23.43
C PHE KA 404 134.78 -93.87 23.72
N VAL KA 405 135.56 -94.18 24.75
CA VAL KA 405 136.52 -93.26 25.37
C VAL KA 405 137.67 -92.86 24.45
N HIS KA 406 138.03 -93.67 23.46
CA HIS KA 406 139.11 -93.37 22.51
C HIS KA 406 138.85 -92.14 21.64
N TRP KA 407 137.59 -91.77 21.38
CA TRP KA 407 137.25 -90.54 20.65
C TRP KA 407 137.52 -89.27 21.45
N TYR KA 408 137.44 -89.33 22.77
CA TYR KA 408 137.67 -88.22 23.69
C TYR KA 408 139.15 -88.09 24.04
N VAL KA 409 139.80 -89.22 24.37
CA VAL KA 409 141.25 -89.30 24.57
C VAL KA 409 142.03 -88.96 23.28
N GLY KA 410 141.48 -89.31 22.13
CA GLY KA 410 142.08 -89.00 20.82
C GLY KA 410 142.05 -87.53 20.44
N GLU KA 411 141.24 -86.70 21.10
CA GLU KA 411 141.06 -85.27 20.81
C GLU KA 411 141.55 -84.35 21.96
N GLY KA 412 142.47 -84.86 22.77
CA GLY KA 412 143.22 -84.10 23.76
C GLY KA 412 142.68 -84.13 25.19
N MET KA 413 141.65 -84.91 25.50
CA MET KA 413 141.16 -85.02 26.88
C MET KA 413 141.97 -86.03 27.72
N GLU KA 414 142.21 -85.73 28.99
CA GLU KA 414 142.73 -86.67 29.98
C GLU KA 414 141.70 -87.78 30.26
N GLU KA 415 142.08 -89.05 30.28
CA GLU KA 415 141.13 -90.14 30.55
C GLU KA 415 140.53 -90.03 31.97
N GLY KA 416 141.31 -89.54 32.94
CA GLY KA 416 140.87 -89.32 34.32
C GLY KA 416 139.75 -88.30 34.50
N GLU KA 417 139.49 -87.42 33.52
CA GLU KA 417 138.38 -86.46 33.59
C GLU KA 417 137.01 -87.15 33.65
N PHE KA 418 136.86 -88.35 33.08
CA PHE KA 418 135.61 -89.11 33.17
C PHE KA 418 135.33 -89.56 34.61
N SER KA 419 136.35 -90.04 35.32
CA SER KA 419 136.24 -90.39 36.73
C SER KA 419 136.02 -89.16 37.61
N GLU KA 420 136.78 -88.09 37.39
CA GLU KA 420 136.66 -86.79 38.04
C GLU KA 420 135.31 -86.09 37.78
N ALA KA 421 134.62 -86.35 36.67
CA ALA KA 421 133.27 -85.86 36.39
C ALA KA 421 132.16 -86.73 37.01
N ARG KA 422 132.29 -88.06 37.00
CA ARG KA 422 131.35 -88.95 37.67
C ARG KA 422 131.40 -88.81 39.19
N GLU KA 423 132.58 -88.48 39.72
CA GLU KA 423 132.84 -88.17 41.12
C GLU KA 423 132.15 -86.87 41.55
N ASP KA 424 132.32 -85.80 40.78
CA ASP KA 424 131.73 -84.50 41.05
C ASP KA 424 130.20 -84.52 40.90
N MET KA 425 129.66 -85.30 39.97
CA MET KA 425 128.21 -85.53 39.91
C MET KA 425 127.69 -86.27 41.15
N ALA KA 426 128.38 -87.30 41.65
CA ALA KA 426 127.99 -87.99 42.87
C ALA KA 426 128.01 -87.08 44.12
N ALA KA 427 128.90 -86.10 44.18
CA ALA KA 427 128.88 -85.06 45.21
C ALA KA 427 127.72 -84.06 45.08
N LEU KA 428 127.22 -83.75 43.88
CA LEU KA 428 125.99 -82.96 43.71
C LEU KA 428 124.74 -83.78 44.05
N GLU KA 429 124.68 -85.03 43.62
CA GLU KA 429 123.57 -85.93 43.93
C GLU KA 429 123.50 -86.24 45.43
N LYS KA 430 124.64 -86.23 46.13
CA LYS KA 430 124.76 -86.24 47.59
C LYS KA 430 124.18 -84.97 48.22
N ASP KA 431 124.60 -83.79 47.77
CA ASP KA 431 124.13 -82.50 48.31
C ASP KA 431 122.60 -82.33 48.25
N TYR KA 432 121.94 -82.70 47.15
CA TYR KA 432 120.47 -82.63 47.04
C TYR KA 432 119.71 -83.65 47.91
N GLU KA 433 120.31 -84.78 48.25
CA GLU KA 433 119.77 -85.73 49.21
C GLU KA 433 120.00 -85.29 50.65
N GLU KA 434 121.15 -84.68 50.93
CA GLU KA 434 121.56 -84.19 52.25
C GLU KA 434 120.67 -83.07 52.81
N VAL KA 435 120.21 -82.13 51.98
CA VAL KA 435 119.41 -80.97 52.43
C VAL KA 435 117.92 -81.23 52.61
N GLY KA 436 117.41 -82.40 52.21
CA GLY KA 436 115.99 -82.73 52.34
C GLY KA 436 115.55 -83.07 53.77
N THR KA 437 116.49 -83.23 54.70
CA THR KA 437 116.26 -83.93 55.96
C THR KA 437 115.77 -82.98 57.07
N MET LA 1 -9.72 53.85 -90.16
CA MET LA 1 -8.89 54.86 -89.44
C MET LA 1 -7.53 54.99 -90.11
N ARG LA 2 -7.43 55.84 -91.14
CA ARG LA 2 -6.20 56.16 -91.88
C ARG LA 2 -5.49 54.94 -92.41
N GLU LA 3 -6.24 54.05 -93.03
CA GLU LA 3 -5.70 52.89 -93.71
C GLU LA 3 -4.70 53.30 -94.78
N ILE LA 4 -3.68 52.48 -95.00
CA ILE LA 4 -2.77 52.57 -96.16
C ILE LA 4 -2.95 51.32 -97.01
N VAL LA 5 -2.89 51.54 -98.33
CA VAL LA 5 -2.80 50.48 -99.35
C VAL LA 5 -1.38 50.46 -99.87
N HIS LA 6 -0.74 49.30 -99.83
CA HIS LA 6 0.65 49.16 -100.19
C HIS LA 6 0.80 48.33 -101.47
N LEU LA 7 1.67 48.74 -102.39
CA LEU LA 7 1.79 48.10 -103.70
C LEU LA 7 3.24 47.83 -104.03
N GLN LA 8 3.57 46.62 -104.47
CA GLN LA 8 4.93 46.18 -104.77
C GLN LA 8 5.12 45.93 -106.26
N ALA LA 9 6.10 46.52 -106.93
CA ALA LA 9 6.31 46.33 -108.37
C ALA LA 9 7.72 45.87 -108.78
N GLY LA 10 7.79 44.82 -109.60
CA GLY LA 10 9.04 44.28 -110.13
C GLY LA 10 9.85 43.49 -109.10
N GLN LA 11 11.08 43.09 -109.39
CA GLN LA 11 11.89 42.36 -108.42
C GLN LA 11 12.24 43.24 -107.21
N CYS LA 12 12.81 44.43 -107.40
CA CYS LA 12 13.23 45.26 -106.29
C CYS LA 12 12.06 45.68 -105.39
N GLY LA 13 10.95 46.14 -105.96
CA GLY LA 13 9.79 46.57 -105.18
C GLY LA 13 9.16 45.47 -104.36
N ASN LA 14 9.10 44.25 -104.88
CA ASN LA 14 8.65 43.07 -104.15
C ASN LA 14 9.66 42.58 -103.13
N GLN LA 15 10.95 42.88 -103.26
CA GLN LA 15 11.98 42.48 -102.31
C GLN LA 15 12.10 43.46 -101.14
N ILE LA 16 12.13 44.78 -101.37
CA ILE LA 16 12.05 45.77 -100.30
C ILE LA 16 10.67 45.72 -99.61
N GLY LA 17 9.60 45.40 -100.33
CA GLY LA 17 8.27 45.16 -99.80
C GLY LA 17 8.15 43.90 -98.94
N ALA LA 18 8.60 42.74 -99.42
CA ALA LA 18 8.55 41.50 -98.65
C ALA LA 18 9.43 41.52 -97.41
N LYS LA 19 10.46 42.38 -97.34
CA LYS LA 19 11.20 42.66 -96.11
C LYS LA 19 10.44 43.64 -95.22
N PHE LA 20 9.85 44.70 -95.77
CA PHE LA 20 9.03 45.61 -95.01
C PHE LA 20 7.90 44.89 -94.25
N TRP LA 21 7.22 43.94 -94.87
CA TRP LA 21 6.18 43.13 -94.21
C TRP LA 21 6.69 42.22 -93.10
N GLU LA 22 7.95 41.82 -93.10
CA GLU LA 22 8.58 41.14 -91.98
C GLU LA 22 8.89 42.11 -90.82
N VAL LA 23 9.32 43.34 -91.13
CA VAL LA 23 9.57 44.39 -90.14
C VAL LA 23 8.31 44.87 -89.43
N ILE LA 24 7.26 45.28 -90.16
CA ILE LA 24 6.06 45.77 -89.49
C ILE LA 24 5.23 44.65 -88.87
N SER LA 25 5.37 43.40 -89.31
CA SER LA 25 4.78 42.28 -88.59
C SER LA 25 5.48 42.00 -87.25
N ASP LA 26 6.78 42.24 -87.14
CA ASP LA 26 7.50 42.15 -85.86
C ASP LA 26 7.05 43.25 -84.89
N GLU LA 27 6.89 44.47 -85.39
CA GLU LA 27 6.37 45.61 -84.63
C GLU LA 27 4.96 45.37 -84.09
N HIS LA 28 4.04 44.96 -84.96
CA HIS LA 28 2.65 44.70 -84.61
C HIS LA 28 2.47 43.31 -83.97
N GLY LA 29 3.52 42.51 -83.82
CA GLY LA 29 3.46 41.22 -83.14
C GLY LA 29 2.61 40.19 -83.85
N ILE LA 30 2.71 40.12 -85.18
CA ILE LA 30 2.00 39.19 -86.04
C ILE LA 30 2.95 38.08 -86.46
N ASP LA 31 2.50 36.85 -86.28
CA ASP LA 31 3.17 35.60 -86.62
C ASP LA 31 3.23 35.40 -88.15
N PRO LA 32 4.23 34.69 -88.72
CA PRO LA 32 4.25 34.35 -90.14
C PRO LA 32 2.99 33.65 -90.67
N THR LA 33 2.18 33.07 -89.80
CA THR LA 33 0.87 32.46 -90.13
C THR LA 33 -0.22 33.52 -90.35
N GLY LA 34 0.01 34.74 -89.89
CA GLY LA 34 -0.96 35.84 -89.83
C GLY LA 34 -1.68 35.98 -88.47
N ALA LA 35 -1.46 35.08 -87.52
CA ALA LA 35 -2.02 35.16 -86.16
C ALA LA 35 -1.33 36.22 -85.30
N TYR LA 36 -2.04 36.94 -84.44
CA TYR LA 36 -1.41 37.87 -83.49
C TYR LA 36 -0.81 37.15 -82.28
N HIS LA 37 0.44 37.48 -81.93
CA HIS LA 37 1.22 36.90 -80.85
C HIS LA 37 2.01 37.96 -80.04
N GLY LA 38 1.68 39.24 -80.19
CA GLY LA 38 2.40 40.34 -79.56
C GLY LA 38 2.19 40.50 -78.05
N ASP LA 39 2.98 41.37 -77.44
CA ASP LA 39 2.96 41.72 -76.02
C ASP LA 39 1.81 42.68 -75.64
N SER LA 40 1.55 43.67 -76.49
CA SER LA 40 0.97 44.94 -76.08
C SER LA 40 -0.29 45.32 -76.83
N ASP LA 41 -1.19 46.00 -76.15
CA ASP LA 41 -2.42 46.51 -76.76
C ASP LA 41 -2.14 47.54 -77.86
N LEU LA 42 -1.05 48.31 -77.74
CA LEU LA 42 -0.70 49.34 -78.72
C LEU LA 42 -0.33 48.75 -80.08
N GLN LA 43 0.19 47.52 -80.10
CA GLN LA 43 0.43 46.77 -81.33
C GLN LA 43 -0.85 46.44 -82.07
N LEU LA 44 -1.95 46.23 -81.35
CA LEU LA 44 -3.23 45.83 -81.89
C LEU LA 44 -4.15 47.02 -82.20
N GLU LA 45 -3.99 48.12 -81.46
CA GLU LA 45 -4.80 49.33 -81.57
C GLU LA 45 -4.91 49.90 -82.99
N ARG LA 46 -3.83 49.87 -83.76
CA ARG LA 46 -3.75 50.38 -85.14
C ARG LA 46 -3.35 49.34 -86.19
N ILE LA 47 -3.53 48.06 -85.89
CA ILE LA 47 -3.22 46.98 -86.84
C ILE LA 47 -4.00 47.11 -88.16
N ASN LA 48 -5.16 47.76 -88.13
CA ASN LA 48 -5.92 48.09 -89.33
C ASN LA 48 -5.17 48.99 -90.31
N VAL LA 49 -4.14 49.75 -89.92
CA VAL LA 49 -3.43 50.66 -90.84
C VAL LA 49 -2.77 49.92 -92.00
N TYR LA 50 -2.27 48.70 -91.75
CA TYR LA 50 -1.59 47.88 -92.75
C TYR LA 50 -2.23 46.52 -92.98
N TYR LA 51 -3.23 46.11 -92.20
CA TYR LA 51 -3.82 44.78 -92.26
C TYR LA 51 -5.35 44.82 -92.29
N ASN LA 52 -5.97 43.77 -92.81
CA ASN LA 52 -7.38 43.47 -92.70
C ASN LA 52 -7.57 42.40 -91.63
N GLU LA 53 -8.57 42.57 -90.76
CA GLU LA 53 -9.01 41.47 -89.88
C GLU LA 53 -9.74 40.42 -90.71
N ALA LA 54 -9.46 39.14 -90.46
CA ALA LA 54 -10.17 37.99 -91.02
C ALA LA 54 -10.48 36.95 -89.93
N THR LA 55 -11.24 35.91 -90.28
CA THR LA 55 -11.78 34.95 -89.32
C THR LA 55 -10.72 34.26 -88.44
N GLY LA 56 -11.04 33.96 -87.19
CA GLY LA 56 -10.09 33.41 -86.21
C GLY LA 56 -9.05 34.41 -85.69
N GLY LA 57 -9.29 35.72 -85.87
CA GLY LA 57 -8.33 36.80 -85.55
C GLY LA 57 -7.00 36.70 -86.33
N LYS LA 58 -7.01 36.09 -87.51
CA LYS LA 58 -5.92 36.15 -88.48
C LYS LA 58 -5.92 37.52 -89.16
N TYR LA 59 -4.75 38.10 -89.35
CA TYR LA 59 -4.55 39.38 -90.00
C TYR LA 59 -3.93 39.19 -91.37
N VAL LA 60 -4.52 39.82 -92.38
CA VAL LA 60 -4.08 39.71 -93.78
C VAL LA 60 -3.58 41.06 -94.24
N PRO LA 61 -2.30 41.23 -94.61
CA PRO LA 61 -1.78 42.53 -94.97
C PRO LA 61 -2.36 43.05 -96.26
N ARG LA 62 -2.60 44.36 -96.30
CA ARG LA 62 -3.17 45.09 -97.42
C ARG LA 62 -2.11 45.47 -98.46
N ALA LA 63 -1.34 44.48 -98.88
CA ALA LA 63 -0.45 44.55 -100.02
C ALA LA 63 -1.13 44.11 -101.31
N VAL LA 64 -0.82 44.75 -102.42
CA VAL LA 64 -0.99 44.21 -103.77
C VAL LA 64 0.41 43.92 -104.32
N LEU LA 65 0.61 42.74 -104.87
CA LEU LA 65 1.90 42.26 -105.36
C LEU LA 65 1.83 42.17 -106.87
N VAL LA 66 2.62 42.97 -107.58
CA VAL LA 66 2.58 43.11 -109.04
C VAL LA 66 3.94 42.78 -109.67
N ASP LA 67 3.92 41.94 -110.69
CA ASP LA 67 5.10 41.57 -111.48
C ASP LA 67 4.65 41.12 -112.87
N LEU LA 68 5.54 41.14 -113.85
CA LEU LA 68 5.27 40.62 -115.19
C LEU LA 68 5.83 39.20 -115.39
N GLU LA 69 6.51 38.67 -114.40
CA GLU LA 69 7.10 37.33 -114.32
C GLU LA 69 6.54 36.58 -113.09
N PRO LA 70 6.35 35.25 -113.11
CA PRO LA 70 5.91 34.50 -111.94
C PRO LA 70 7.02 34.33 -110.89
N GLY LA 71 8.29 34.27 -111.30
CA GLY LA 71 9.43 33.90 -110.45
C GLY LA 71 9.63 34.75 -109.20
N THR LA 72 9.31 36.05 -109.18
CA THR LA 72 9.36 36.82 -107.92
C THR LA 72 8.17 36.54 -107.01
N MET LA 73 6.97 36.31 -107.54
CA MET LA 73 5.83 35.83 -106.75
C MET LA 73 6.15 34.50 -106.09
N ASP LA 74 6.73 33.56 -106.85
CA ASP LA 74 7.18 32.27 -106.35
C ASP LA 74 8.24 32.42 -105.23
N SER LA 75 9.13 33.39 -105.36
CA SER LA 75 10.17 33.67 -104.35
C SER LA 75 9.62 34.34 -103.09
N VAL LA 76 8.61 35.21 -103.23
CA VAL LA 76 7.91 35.84 -102.09
C VAL LA 76 6.99 34.84 -101.40
N ARG LA 77 6.12 34.14 -102.11
CA ARG LA 77 5.15 33.16 -101.61
C ARG LA 77 5.81 32.01 -100.84
N SER LA 78 6.98 31.57 -101.27
CA SER LA 78 7.82 30.57 -100.60
C SER LA 78 8.72 31.13 -99.47
N GLY LA 79 8.78 32.45 -99.30
CA GLY LA 79 9.73 33.13 -98.43
C GLY LA 79 9.39 33.10 -96.93
N PRO LA 80 10.16 33.82 -96.09
CA PRO LA 80 9.99 33.87 -94.63
C PRO LA 80 8.59 34.22 -94.15
N PHE LA 81 7.90 35.12 -94.87
CA PHE LA 81 6.56 35.62 -94.55
C PHE LA 81 5.57 35.43 -95.71
N GLY LA 82 5.91 34.68 -96.74
CA GLY LA 82 5.13 34.59 -97.97
C GLY LA 82 3.67 34.15 -97.83
N GLN LA 83 3.38 33.32 -96.83
CA GLN LA 83 2.06 32.76 -96.60
C GLN LA 83 1.09 33.79 -95.99
N ILE LA 84 1.57 34.97 -95.60
CA ILE LA 84 0.74 36.00 -94.98
C ILE LA 84 -0.21 36.67 -95.98
N PHE LA 85 0.25 36.92 -97.21
CA PHE LA 85 -0.47 37.72 -98.21
C PHE LA 85 -1.69 37.00 -98.79
N ARG LA 86 -2.70 37.74 -99.25
CA ARG LA 86 -3.90 37.18 -99.87
C ARG LA 86 -3.55 36.56 -101.24
N PRO LA 87 -3.85 35.28 -101.53
CA PRO LA 87 -3.58 34.67 -102.83
C PRO LA 87 -4.13 35.47 -104.03
N ASP LA 88 -5.30 36.11 -103.91
CA ASP LA 88 -5.87 36.96 -104.94
C ASP LA 88 -5.08 38.26 -105.21
N ASN LA 89 -4.25 38.70 -104.27
CA ASN LA 89 -3.50 39.95 -104.38
C ASN LA 89 -2.16 39.78 -105.10
N PHE LA 90 -1.72 38.55 -105.36
CA PHE LA 90 -0.62 38.28 -106.27
C PHE LA 90 -1.14 38.39 -107.71
N VAL LA 91 -0.87 39.50 -108.38
CA VAL LA 91 -1.29 39.78 -109.76
C VAL LA 91 -0.07 39.75 -110.67
N PHE LA 92 -0.02 38.86 -111.65
CA PHE LA 92 1.18 38.65 -112.44
C PHE LA 92 0.92 38.21 -113.88
N GLY LA 93 1.87 38.55 -114.76
CA GLY LA 93 1.98 38.05 -116.13
C GLY LA 93 2.79 36.75 -116.24
N GLN LA 94 3.24 36.39 -117.44
CA GLN LA 94 4.16 35.25 -117.67
C GLN LA 94 5.48 35.67 -118.33
N SER LA 95 5.44 36.37 -119.45
CA SER LA 95 6.63 36.95 -120.12
C SER LA 95 7.03 38.28 -119.48
N GLY LA 96 8.28 38.44 -119.08
CA GLY LA 96 8.74 39.61 -118.32
C GLY LA 96 8.77 40.93 -119.08
N ALA LA 97 9.25 41.97 -118.41
CA ALA LA 97 9.46 43.30 -118.99
C ALA LA 97 10.73 43.43 -119.85
N GLY LA 98 11.63 42.45 -119.91
CA GLY LA 98 12.85 42.57 -120.70
C GLY LA 98 13.77 43.73 -120.32
N ASN LA 99 13.65 44.27 -119.10
CA ASN LA 99 14.26 45.54 -118.67
C ASN LA 99 13.89 46.73 -119.56
N ASN LA 100 12.67 46.74 -120.08
CA ASN LA 100 12.17 47.72 -121.02
C ASN LA 100 11.00 48.51 -120.40
N TRP LA 101 11.14 49.82 -120.23
CA TRP LA 101 10.06 50.67 -119.74
C TRP LA 101 8.81 50.58 -120.60
N ALA LA 102 8.95 50.54 -121.92
CA ALA LA 102 7.84 50.54 -122.85
C ALA LA 102 7.08 49.21 -122.80
N LYS LA 103 7.73 48.08 -122.50
CA LYS LA 103 6.99 46.84 -122.18
C LYS LA 103 6.15 46.97 -120.93
N GLY LA 104 6.71 47.51 -119.86
CA GLY LA 104 5.97 47.83 -118.65
C GLY LA 104 4.74 48.71 -118.91
N HIS LA 105 4.93 49.87 -119.52
CA HIS LA 105 3.93 50.90 -119.66
C HIS LA 105 2.93 50.70 -120.82
N TYR LA 106 3.27 50.01 -121.91
CA TYR LA 106 2.47 50.00 -123.14
C TYR LA 106 1.99 48.64 -123.62
N THR LA 107 2.58 47.53 -123.16
CA THR LA 107 2.33 46.22 -123.77
C THR LA 107 1.99 45.14 -122.75
N GLU LA 108 2.97 44.77 -121.96
CA GLU LA 108 2.94 43.62 -121.06
C GLU LA 108 2.23 43.95 -119.75
N GLY LA 109 2.42 45.19 -119.27
CA GLY LA 109 1.75 45.73 -118.10
C GLY LA 109 0.49 46.50 -118.41
N ALA LA 110 0.34 47.05 -119.61
CA ALA LA 110 -0.93 47.62 -120.06
C ALA LA 110 -2.03 46.56 -120.18
N GLU LA 111 -1.67 45.32 -120.52
CA GLU LA 111 -2.57 44.18 -120.44
C GLU LA 111 -2.97 43.87 -118.99
N LEU LA 112 -1.98 43.87 -118.07
CA LEU LA 112 -2.13 43.44 -116.69
C LEU LA 112 -2.76 44.49 -115.76
N VAL LA 113 -2.63 45.79 -116.02
CA VAL LA 113 -3.10 46.85 -115.12
C VAL LA 113 -4.60 46.79 -114.86
N ASP LA 114 -5.43 46.34 -115.81
CA ASP LA 114 -6.86 46.12 -115.60
C ASP LA 114 -7.14 45.05 -114.52
N SER LA 115 -6.24 44.08 -114.37
CA SER LA 115 -6.29 43.03 -113.35
C SER LA 115 -5.66 43.46 -112.03
N VAL LA 116 -4.75 44.45 -112.04
CA VAL LA 116 -4.19 45.07 -110.82
C VAL LA 116 -5.17 46.06 -110.20
N LEU LA 117 -5.65 47.00 -111.00
CA LEU LA 117 -6.38 48.13 -110.51
C LEU LA 117 -7.68 47.72 -109.82
N ASP LA 118 -8.36 46.68 -110.34
CA ASP LA 118 -9.58 46.13 -109.74
C ASP LA 118 -9.37 45.37 -108.43
N VAL LA 119 -8.14 45.04 -108.06
CA VAL LA 119 -7.73 44.55 -106.72
C VAL LA 119 -7.43 45.72 -105.79
N VAL LA 120 -6.79 46.77 -106.28
CA VAL LA 120 -6.59 48.02 -105.53
C VAL LA 120 -7.93 48.63 -105.09
N ARG LA 121 -8.99 48.51 -105.91
CA ARG LA 121 -10.37 48.82 -105.53
C ARG LA 121 -10.94 47.97 -104.40
N LYS LA 122 -10.72 46.65 -104.36
CA LYS LA 122 -11.25 45.78 -103.31
C LYS LA 122 -10.62 46.10 -101.96
N GLU LA 123 -9.34 46.42 -101.94
CA GLU LA 123 -8.66 46.83 -100.72
C GLU LA 123 -9.06 48.24 -100.27
N ALA LA 124 -9.10 49.22 -101.17
CA ALA LA 124 -9.53 50.60 -100.86
C ALA LA 124 -11.01 50.74 -100.48
N GLU LA 125 -11.90 49.89 -100.97
CA GLU LA 125 -13.31 49.84 -100.57
C GLU LA 125 -13.49 49.14 -99.20
N SER LA 126 -12.59 48.22 -98.82
CA SER LA 126 -12.56 47.62 -97.48
C SER LA 126 -12.03 48.57 -96.39
N CYS LA 127 -11.37 49.66 -96.77
CA CYS LA 127 -10.89 50.68 -95.83
C CYS LA 127 -12.03 51.50 -95.22
N ASP LA 128 -11.88 51.89 -93.97
CA ASP LA 128 -12.82 52.76 -93.25
C ASP LA 128 -12.60 54.25 -93.62
N CYS LA 129 -11.34 54.68 -93.60
CA CYS LA 129 -10.89 55.95 -94.15
C CYS LA 129 -9.47 55.77 -94.65
N LEU LA 130 -9.30 55.59 -95.95
CA LEU LA 130 -8.01 55.52 -96.62
C LEU LA 130 -7.28 56.86 -96.54
N GLN LA 131 -6.04 56.91 -96.05
CA GLN LA 131 -5.18 58.10 -96.14
C GLN LA 131 -4.30 58.06 -97.39
N GLY LA 132 -3.88 56.91 -97.87
CA GLY LA 132 -3.00 56.89 -99.04
C GLY LA 132 -2.50 55.56 -99.55
N PHE LA 133 -1.63 55.66 -100.54
CA PHE LA 133 -0.99 54.59 -101.29
C PHE LA 133 0.52 54.63 -101.07
N GLN LA 134 1.12 53.49 -100.76
CA GLN LA 134 2.54 53.36 -100.42
C GLN LA 134 3.18 52.37 -101.39
N LEU LA 135 3.79 52.85 -102.48
CA LEU LA 135 4.24 52.00 -103.59
C LEU LA 135 5.76 51.78 -103.58
N THR LA 136 6.22 50.53 -103.52
CA THR LA 136 7.66 50.18 -103.59
C THR LA 136 8.06 49.68 -104.97
N HIS LA 137 9.10 50.28 -105.53
CA HIS LA 137 9.58 49.98 -106.88
C HIS LA 137 11.02 50.48 -107.09
N SER LA 138 11.59 50.12 -108.23
CA SER LA 138 12.88 50.60 -108.72
C SER LA 138 12.71 51.38 -110.03
N LEU LA 139 13.56 52.36 -110.33
CA LEU LA 139 13.48 53.17 -111.55
C LEU LA 139 14.37 52.63 -112.68
N GLY LA 140 15.36 51.81 -112.37
CA GLY LA 140 16.01 50.93 -113.35
C GLY LA 140 15.12 49.76 -113.77
N GLY LA 141 15.52 49.00 -114.80
CA GLY LA 141 14.69 47.91 -115.32
C GLY LA 141 13.33 48.38 -115.83
N GLY LA 142 12.35 47.51 -116.01
CA GLY LA 142 11.16 47.82 -116.81
C GLY LA 142 9.83 47.64 -116.10
N THR LA 143 9.76 46.77 -115.09
CA THR LA 143 8.52 46.46 -114.38
C THR LA 143 8.20 47.54 -113.38
N GLY LA 144 9.10 47.83 -112.46
CA GLY LA 144 8.92 48.88 -111.46
C GLY LA 144 8.89 50.26 -112.09
N SER LA 145 9.78 50.54 -113.03
CA SER LA 145 9.90 51.85 -113.66
C SER LA 145 8.71 52.17 -114.55
N GLY LA 146 8.27 51.23 -115.39
CA GLY LA 146 7.28 51.46 -116.42
C GLY LA 146 5.88 50.99 -116.09
N MET LA 147 5.73 49.84 -115.43
CA MET LA 147 4.42 49.42 -114.97
C MET LA 147 4.03 50.13 -113.68
N GLY LA 148 4.97 50.34 -112.75
CA GLY LA 148 4.70 51.03 -111.49
C GLY LA 148 4.27 52.48 -111.71
N THR LA 149 4.89 53.18 -112.66
CA THR LA 149 4.42 54.54 -113.03
C THR LA 149 3.16 54.57 -113.89
N LEU LA 150 2.83 53.51 -114.62
CA LEU LA 150 1.50 53.33 -115.20
C LEU LA 150 0.45 53.23 -114.10
N LEU LA 151 0.73 52.42 -113.10
CA LEU LA 151 -0.16 52.16 -111.99
C LEU LA 151 -0.33 53.40 -111.09
N ILE LA 152 0.73 54.18 -110.84
CA ILE LA 152 0.64 55.48 -110.19
C ILE LA 152 -0.30 56.40 -110.95
N SER LA 153 -0.20 56.47 -112.27
CA SER LA 153 -1.06 57.29 -113.10
C SER LA 153 -2.54 56.90 -112.97
N LYS LA 154 -2.85 55.59 -113.01
CA LYS LA 154 -4.21 55.05 -112.87
C LYS LA 154 -4.83 55.25 -111.48
N ILE LA 155 -4.09 55.00 -110.41
CA ILE LA 155 -4.52 55.26 -109.04
C ILE LA 155 -4.61 56.77 -108.75
N ARG LA 156 -3.73 57.61 -109.26
CA ARG LA 156 -3.82 59.08 -109.14
C ARG LA 156 -5.09 59.65 -109.76
N GLU LA 157 -5.47 59.17 -110.93
CA GLU LA 157 -6.69 59.59 -111.63
C GLU LA 157 -7.97 59.18 -110.90
N GLU LA 158 -7.92 58.05 -110.19
CA GLU LA 158 -9.06 57.46 -109.48
C GLU LA 158 -9.22 57.97 -108.03
N TYR LA 159 -8.11 58.31 -107.37
CA TYR LA 159 -8.00 58.79 -105.99
C TYR LA 159 -7.16 60.08 -105.94
N PRO LA 160 -7.69 61.23 -106.37
CA PRO LA 160 -6.90 62.45 -106.58
C PRO LA 160 -6.48 63.18 -105.29
N ASP LA 161 -7.16 62.94 -104.17
CA ASP LA 161 -7.01 63.65 -102.89
C ASP LA 161 -6.29 62.86 -101.78
N ARG LA 162 -6.16 61.54 -101.96
CA ARG LA 162 -5.40 60.65 -101.08
C ARG LA 162 -3.90 60.83 -101.28
N ILE LA 163 -3.08 60.59 -100.27
CA ILE LA 163 -1.62 60.69 -100.37
C ILE LA 163 -1.05 59.59 -101.28
N MET LA 164 -0.29 59.95 -102.30
CA MET LA 164 0.50 59.01 -103.09
C MET LA 164 1.96 59.14 -102.69
N ASN LA 165 2.49 58.09 -102.09
CA ASN LA 165 3.75 58.06 -101.35
C ASN LA 165 4.62 56.90 -101.86
N THR LA 166 5.71 57.17 -102.57
CA THR LA 166 6.48 56.11 -103.26
C THR LA 166 7.90 55.98 -102.75
N PHE LA 167 8.38 54.74 -102.64
CA PHE LA 167 9.76 54.43 -102.24
C PHE LA 167 10.49 53.83 -103.44
N SER LA 168 11.49 54.57 -103.92
CA SER LA 168 11.95 54.48 -105.30
C SER LA 168 13.46 54.26 -105.34
N VAL LA 169 13.87 53.01 -105.51
CA VAL LA 169 15.27 52.65 -105.65
C VAL LA 169 15.73 53.02 -107.04
N VAL LA 170 16.80 53.79 -107.22
CA VAL LA 170 17.10 54.41 -108.53
C VAL LA 170 18.59 54.43 -108.89
N PRO LA 171 18.93 54.56 -110.18
CA PRO LA 171 20.27 54.28 -110.68
C PRO LA 171 21.36 55.25 -110.21
N SER LA 172 22.59 54.75 -110.19
CA SER LA 172 23.83 55.50 -110.00
C SER LA 172 24.98 54.78 -110.71
N PRO LA 173 26.06 55.50 -111.10
CA PRO LA 173 27.02 54.97 -112.07
C PRO LA 173 27.92 53.84 -111.54
N LYS LA 174 28.37 53.92 -110.28
CA LYS LA 174 29.34 52.98 -109.70
C LYS LA 174 28.73 51.67 -109.18
N VAL LA 175 27.42 51.57 -109.07
CA VAL LA 175 26.69 50.35 -108.69
C VAL LA 175 25.52 50.15 -109.67
N SER LA 176 25.82 49.50 -110.80
CA SER LA 176 24.86 49.29 -111.88
C SER LA 176 24.92 47.88 -112.47
N ASP LA 177 23.75 47.36 -112.85
CA ASP LA 177 23.56 46.01 -113.39
C ASP LA 177 22.84 45.99 -114.75
N THR LA 178 22.49 47.13 -115.34
CA THR LA 178 21.70 47.26 -116.58
C THR LA 178 22.37 48.25 -117.52
N VAL LA 179 22.38 47.97 -118.83
CA VAL LA 179 22.91 48.91 -119.84
C VAL LA 179 21.95 50.08 -120.06
N VAL LA 180 20.66 49.79 -120.24
CA VAL LA 180 19.59 50.76 -120.46
C VAL LA 180 18.98 51.38 -119.18
N GLU LA 181 19.64 51.26 -118.03
CA GLU LA 181 19.16 51.89 -116.79
C GLU LA 181 18.85 53.39 -116.94
N PRO LA 182 19.71 54.23 -117.53
CA PRO LA 182 19.44 55.66 -117.70
C PRO LA 182 18.16 56.00 -118.47
N TYR LA 183 17.82 55.21 -119.49
CA TYR LA 183 16.60 55.40 -120.28
C TYR LA 183 15.36 55.16 -119.43
N ASN LA 184 15.28 54.00 -118.79
CA ASN LA 184 14.15 53.59 -117.99
C ASN LA 184 13.86 54.58 -116.87
N ALA LA 185 14.90 55.04 -116.19
CA ALA LA 185 14.73 56.00 -115.12
C ALA LA 185 14.24 57.35 -115.66
N THR LA 186 14.81 57.86 -116.74
CA THR LA 186 14.40 59.18 -117.29
C THR LA 186 12.94 59.18 -117.76
N LEU LA 187 12.48 58.09 -118.37
CA LEU LA 187 11.06 57.89 -118.71
C LEU LA 187 10.13 57.77 -117.49
N SER LA 188 10.65 57.32 -116.35
CA SER LA 188 9.90 57.07 -115.12
C SER LA 188 9.82 58.30 -114.21
N VAL LA 189 10.90 59.07 -114.07
CA VAL LA 189 10.97 60.30 -113.27
C VAL LA 189 9.99 61.37 -113.77
N HIS LA 190 9.78 61.41 -115.07
CA HIS LA 190 8.76 62.20 -115.77
C HIS LA 190 7.32 61.94 -115.27
N GLN LA 191 7.00 60.74 -114.77
CA GLN LA 191 5.71 60.42 -114.16
C GLN LA 191 5.67 60.73 -112.66
N LEU LA 192 6.76 60.51 -111.95
CA LEU LA 192 6.85 60.77 -110.51
C LEU LA 192 6.72 62.26 -110.18
N VAL LA 193 7.39 63.17 -110.92
CA VAL LA 193 7.33 64.62 -110.67
C VAL LA 193 5.91 65.20 -110.78
N GLU LA 194 5.04 64.62 -111.60
CA GLU LA 194 3.67 65.10 -111.80
C GLU LA 194 2.66 64.47 -110.85
N ASN LA 195 2.75 63.16 -110.58
CA ASN LA 195 1.69 62.42 -109.90
C ASN LA 195 1.89 62.22 -108.40
N THR LA 196 3.08 61.86 -107.92
CA THR LA 196 3.27 61.53 -106.50
C THR LA 196 3.19 62.78 -105.61
N ASP LA 197 2.78 62.62 -104.36
CA ASP LA 197 2.81 63.66 -103.31
C ASP LA 197 4.14 63.67 -102.54
N GLU LA 198 4.77 62.51 -102.44
CA GLU LA 198 6.13 62.29 -101.90
C GLU LA 198 6.81 61.18 -102.68
N THR LA 199 8.09 61.32 -103.02
CA THR LA 199 8.90 60.20 -103.52
C THR LA 199 10.21 60.13 -102.75
N TYR LA 200 10.51 59.00 -102.12
CA TYR LA 200 11.70 58.79 -101.32
C TYR LA 200 12.76 58.12 -102.17
N CYS LA 201 13.73 58.92 -102.57
CA CYS LA 201 14.79 58.55 -103.51
C CYS LA 201 15.83 57.74 -102.79
N ILE LA 202 16.05 56.51 -103.22
CA ILE LA 202 16.96 55.55 -102.56
C ILE LA 202 17.94 55.01 -103.59
N ASP LA 203 19.18 54.72 -103.19
CA ASP LA 203 20.25 54.37 -104.11
C ASP LA 203 21.06 53.18 -103.59
N ASN LA 204 21.41 52.23 -104.46
CA ASN LA 204 22.19 51.08 -104.00
C ASN LA 204 23.63 51.47 -103.65
N GLU LA 205 24.19 52.53 -104.24
CA GLU LA 205 25.52 53.01 -103.87
C GLU LA 205 25.54 53.55 -102.43
N ALA LA 206 24.52 54.30 -102.02
CA ALA LA 206 24.41 54.81 -100.66
C ALA LA 206 24.06 53.72 -99.65
N LEU LA 207 23.26 52.74 -100.03
CA LEU LA 207 22.94 51.59 -99.18
C LEU LA 207 24.15 50.65 -98.99
N TYR LA 208 25.05 50.54 -99.97
CA TYR LA 208 26.32 49.87 -99.77
C TYR LA 208 27.31 50.70 -98.93
N ASP LA 209 27.32 52.03 -99.06
CA ASP LA 209 28.15 52.90 -98.22
C ASP LA 209 27.77 52.83 -96.73
N ILE LA 210 26.49 52.73 -96.40
CA ILE LA 210 26.06 52.47 -95.01
C ILE LA 210 26.54 51.10 -94.54
N CYS LA 211 26.48 50.07 -95.38
CA CYS LA 211 26.89 48.74 -94.97
C CYS LA 211 28.39 48.60 -94.73
N PHE LA 212 29.24 49.27 -95.49
CA PHE LA 212 30.70 49.22 -95.30
C PHE LA 212 31.23 50.25 -94.31
N ARG LA 213 30.83 51.52 -94.39
CA ARG LA 213 31.43 52.60 -93.59
C ARG LA 213 30.73 52.88 -92.26
N THR LA 214 29.61 52.23 -91.96
CA THR LA 214 28.88 52.34 -90.69
C THR LA 214 28.74 50.99 -90.02
N LEU LA 215 28.01 50.06 -90.63
CA LEU LA 215 27.76 48.74 -90.05
C LEU LA 215 28.97 47.79 -90.06
N LYS LA 216 29.98 48.08 -90.88
CA LYS LA 216 31.18 47.26 -91.09
C LYS LA 216 30.88 45.80 -91.45
N LEU LA 217 29.81 45.56 -92.21
CA LEU LA 217 29.51 44.25 -92.78
C LEU LA 217 30.56 43.87 -93.84
N THR LA 218 31.09 42.64 -93.81
CA THR LA 218 32.11 42.22 -94.79
C THR LA 218 31.53 41.90 -96.17
N THR LA 219 30.32 41.35 -96.23
CA THR LA 219 29.63 40.92 -97.45
C THR LA 219 28.13 41.26 -97.37
N PRO LA 220 27.74 42.53 -97.58
CA PRO LA 220 26.35 42.94 -97.57
C PRO LA 220 25.61 42.45 -98.82
N THR LA 221 24.51 41.76 -98.59
CA THR LA 221 23.62 41.23 -99.63
C THR LA 221 22.51 42.23 -99.97
N TYR LA 222 21.70 41.94 -100.99
CA TYR LA 222 20.44 42.66 -101.18
C TYR LA 222 19.50 42.51 -99.98
N GLY LA 223 19.52 41.41 -99.24
CA GLY LA 223 18.73 41.28 -98.03
C GLY LA 223 19.10 42.27 -96.93
N ASP LA 224 20.37 42.65 -96.84
CA ASP LA 224 20.85 43.68 -95.92
C ASP LA 224 20.50 45.09 -96.39
N LEU LA 225 20.52 45.34 -97.71
CA LEU LA 225 20.07 46.62 -98.26
C LEU LA 225 18.56 46.84 -98.06
N ASN LA 226 17.77 45.79 -98.22
CA ASN LA 226 16.31 45.81 -98.09
C ASN LA 226 15.86 46.07 -96.65
N HIS LA 227 16.69 45.69 -95.70
CA HIS LA 227 16.52 45.92 -94.28
C HIS LA 227 16.73 47.39 -93.91
N LEU LA 228 17.72 48.07 -94.50
CA LEU LA 228 17.90 49.53 -94.34
C LEU LA 228 16.74 50.33 -94.94
N VAL LA 229 16.25 49.98 -96.14
CA VAL LA 229 15.12 50.65 -96.76
C VAL LA 229 13.88 50.51 -95.89
N SER LA 230 13.54 49.29 -95.49
CA SER LA 230 12.31 49.00 -94.78
C SER LA 230 12.26 49.57 -93.35
N ALA LA 231 13.39 49.81 -92.70
CA ALA LA 231 13.43 50.57 -91.45
C ALA LA 231 12.90 52.00 -91.61
N THR LA 232 13.24 52.72 -92.68
CA THR LA 232 12.70 54.07 -92.96
C THR LA 232 11.26 54.05 -93.49
N MET LA 233 10.81 52.97 -94.13
CA MET LA 233 9.39 52.80 -94.46
C MET LA 233 8.52 52.64 -93.22
N SER LA 234 8.91 51.78 -92.28
CA SER LA 234 8.27 51.68 -90.97
C SER LA 234 8.35 53.02 -90.24
N GLY LA 235 9.47 53.73 -90.37
CA GLY LA 235 9.66 54.99 -89.68
C GLY LA 235 8.64 56.08 -89.98
N VAL LA 236 8.39 56.41 -91.26
CA VAL LA 236 7.59 57.60 -91.61
C VAL LA 236 6.10 57.46 -91.32
N THR LA 237 5.56 56.25 -91.24
CA THR LA 237 4.14 56.01 -90.89
C THR LA 237 3.91 55.81 -89.40
N THR LA 238 4.97 55.76 -88.58
CA THR LA 238 4.91 55.43 -87.15
C THR LA 238 3.83 56.20 -86.40
N CYS LA 239 3.72 57.51 -86.66
CA CYS LA 239 2.77 58.40 -86.00
C CYS LA 239 1.30 58.19 -86.33
N LEU LA 240 0.91 57.34 -87.28
CA LEU LA 240 -0.48 56.86 -87.40
C LEU LA 240 -0.68 55.42 -86.86
N ARG LA 241 0.38 54.76 -86.40
CA ARG LA 241 0.36 53.40 -85.85
C ARG LA 241 0.54 53.34 -84.34
N PHE LA 242 1.18 54.34 -83.75
CA PHE LA 242 1.49 54.42 -82.32
C PHE LA 242 1.22 55.82 -81.77
N PRO LA 243 0.97 55.96 -80.45
CA PRO LA 243 0.81 57.26 -79.79
C PRO LA 243 2.15 58.03 -79.67
N GLY LA 244 2.11 59.32 -79.39
CA GLY LA 244 3.29 60.17 -79.34
C GLY LA 244 3.08 61.53 -78.68
N GLN LA 245 4.16 62.22 -78.35
CA GLN LA 245 4.13 63.58 -77.83
C GLN LA 245 3.84 64.62 -78.92
N LEU LA 246 4.25 64.34 -80.16
CA LEU LA 246 3.95 65.10 -81.37
C LEU LA 246 3.56 64.11 -82.46
N ASN LA 247 2.29 64.06 -82.87
CA ASN LA 247 1.87 63.18 -83.94
C ASN LA 247 2.01 63.86 -85.31
N ALA LA 248 2.52 63.14 -86.31
CA ALA LA 248 2.63 63.59 -87.71
C ALA LA 248 2.15 62.52 -88.71
N ASP LA 249 0.97 62.70 -89.28
CA ASP LA 249 0.47 61.92 -90.42
C ASP LA 249 1.33 62.14 -91.68
N LEU LA 250 1.31 61.25 -92.67
CA LEU LA 250 2.00 61.45 -93.96
C LEU LA 250 1.63 62.79 -94.61
N ARG LA 251 0.40 63.28 -94.42
CA ARG LA 251 -0.02 64.61 -94.89
C ARG LA 251 0.59 65.76 -94.08
N LYS LA 252 0.76 65.61 -92.76
CA LYS LA 252 1.43 66.57 -91.86
C LYS LA 252 2.92 66.66 -92.16
N LEU LA 253 3.52 65.59 -92.66
CA LEU LA 253 4.84 65.63 -93.29
C LEU LA 253 4.79 66.42 -94.59
N ALA LA 254 3.93 66.08 -95.55
CA ALA LA 254 3.87 66.73 -96.86
C ALA LA 254 3.66 68.25 -96.80
N VAL LA 255 2.72 68.75 -95.99
CA VAL LA 255 2.48 70.19 -95.82
C VAL LA 255 3.71 70.95 -95.33
N ASN LA 256 4.53 70.33 -94.48
CA ASN LA 256 5.75 70.93 -93.94
C ASN LA 256 6.98 70.69 -94.83
N MET LA 257 7.00 69.59 -95.58
CA MET LA 257 8.16 69.14 -96.34
C MET LA 257 8.22 69.65 -97.78
N VAL LA 258 7.10 69.98 -98.41
CA VAL LA 258 7.02 70.33 -99.84
C VAL LA 258 6.65 71.80 -100.02
N PRO LA 259 7.62 72.72 -100.12
CA PRO LA 259 7.33 74.15 -100.24
C PRO LA 259 6.61 74.48 -101.54
N PHE LA 260 7.18 74.07 -102.66
CA PHE LA 260 6.63 74.24 -104.00
C PHE LA 260 6.28 72.87 -104.60
N PRO LA 261 5.14 72.70 -105.30
CA PRO LA 261 4.47 71.41 -105.49
C PRO LA 261 5.32 70.21 -105.92
N ARG LA 262 6.28 70.45 -106.81
CA ARG LA 262 7.14 69.48 -107.51
C ARG LA 262 8.41 69.13 -106.74
N LEU LA 263 8.79 69.87 -105.70
CA LEU LA 263 10.01 69.62 -104.93
C LEU LA 263 9.79 68.58 -103.82
N HIS LA 264 9.27 67.41 -104.16
CA HIS LA 264 8.91 66.36 -103.22
C HIS LA 264 9.79 65.10 -103.32
N PHE LA 265 10.94 65.20 -103.98
CA PHE LA 265 11.93 64.15 -104.09
C PHE LA 265 12.82 64.12 -102.85
N PHE LA 266 12.36 63.39 -101.84
CA PHE LA 266 13.04 63.26 -100.56
C PHE LA 266 14.18 62.25 -100.60
N MET LA 267 14.92 62.19 -99.50
CA MET LA 267 16.16 61.43 -99.33
C MET LA 267 16.20 60.91 -97.88
N PRO LA 268 15.92 59.63 -97.61
CA PRO LA 268 15.72 59.15 -96.25
C PRO LA 268 17.01 58.77 -95.53
N GLY LA 269 16.93 58.59 -94.22
CA GLY LA 269 17.98 58.06 -93.36
C GLY LA 269 17.42 57.49 -92.06
N PHE LA 270 18.27 56.82 -91.29
CA PHE LA 270 17.87 56.12 -90.07
C PHE LA 270 18.99 56.16 -89.03
N ALA LA 271 18.63 56.20 -87.75
CA ALA LA 271 19.54 56.12 -86.61
C ALA LA 271 18.85 55.41 -85.45
N PRO LA 272 19.58 54.80 -84.51
CA PRO LA 272 21.00 54.57 -84.50
C PRO LA 272 21.37 53.42 -85.46
N LEU LA 273 22.45 53.57 -86.22
CA LEU LA 273 23.12 52.46 -86.88
C LEU LA 273 24.51 52.32 -86.27
N THR LA 274 24.88 51.14 -85.81
CA THR LA 274 26.17 50.89 -85.14
C THR LA 274 26.83 49.65 -85.71
N SER LA 275 28.16 49.65 -85.80
CA SER LA 275 28.92 48.44 -86.10
C SER LA 275 28.53 47.34 -85.13
N ARG LA 276 28.18 46.15 -85.61
CA ARG LA 276 27.61 45.07 -84.79
C ARG LA 276 28.45 44.72 -83.56
N GLY LA 277 29.78 44.76 -83.67
CA GLY LA 277 30.71 44.48 -82.58
C GLY LA 277 30.95 45.64 -81.60
N SER LA 278 30.32 46.80 -81.80
CA SER LA 278 30.62 48.03 -81.06
C SER LA 278 29.47 48.55 -80.19
N GLN LA 279 28.29 47.94 -80.17
CA GLN LA 279 27.13 48.55 -79.53
C GLN LA 279 27.32 48.88 -78.05
N GLN LA 280 27.95 48.01 -77.26
CA GLN LA 280 28.13 48.23 -75.81
C GLN LA 280 28.92 49.49 -75.44
N TYR LA 281 29.68 50.06 -76.36
CA TYR LA 281 30.50 51.25 -76.11
C TYR LA 281 29.77 52.56 -76.42
N ARG LA 282 28.61 52.50 -77.08
CA ARG LA 282 27.84 53.67 -77.55
C ARG LA 282 26.75 54.05 -76.55
N ALA LA 283 26.59 55.34 -76.28
CA ALA LA 283 25.45 55.84 -75.52
C ALA LA 283 24.29 56.22 -76.45
N LEU LA 284 23.19 55.48 -76.42
CA LEU LA 284 21.97 55.84 -77.16
C LEU LA 284 21.30 57.04 -76.48
N THR LA 285 21.29 58.18 -77.15
CA THR LA 285 20.67 59.40 -76.64
C THR LA 285 20.48 60.42 -77.76
N VAL LA 286 19.55 61.36 -77.61
CA VAL LA 286 19.14 62.31 -78.66
C VAL LA 286 20.30 63.06 -79.35
N PRO LA 287 21.35 63.57 -78.69
CA PRO LA 287 22.45 64.23 -79.38
C PRO LA 287 23.37 63.28 -80.16
N GLU LA 288 23.43 61.99 -79.84
CA GLU LA 288 24.17 61.03 -80.66
C GLU LA 288 23.33 60.58 -81.85
N LEU LA 289 22.03 60.33 -81.65
CA LEU LA 289 21.09 60.12 -82.75
C LEU LA 289 21.13 61.29 -83.72
N THR LA 290 21.21 62.53 -83.24
CA THR LA 290 21.33 63.72 -84.10
C THR LA 290 22.65 63.77 -84.87
N GLN LA 291 23.81 63.56 -84.22
CA GLN LA 291 25.12 63.61 -84.88
C GLN LA 291 25.35 62.49 -85.89
N GLN LA 292 24.58 61.40 -85.83
CA GLN LA 292 24.51 60.40 -86.90
C GLN LA 292 23.53 60.81 -88.00
N MET LA 293 22.30 61.13 -87.63
CA MET LA 293 21.19 61.43 -88.52
C MET LA 293 21.51 62.54 -89.52
N PHE LA 294 22.12 63.64 -89.08
CA PHE LA 294 22.43 64.79 -89.93
C PHE LA 294 23.80 64.71 -90.62
N ASP LA 295 24.48 63.58 -90.62
CA ASP LA 295 25.79 63.40 -91.27
C ASP LA 295 25.67 62.67 -92.60
N ALA LA 296 26.38 63.20 -93.59
CA ALA LA 296 26.35 62.90 -95.02
C ALA LA 296 26.52 61.42 -95.35
N LYS LA 297 27.19 60.65 -94.48
CA LYS LA 297 27.38 59.20 -94.63
C LYS LA 297 26.13 58.37 -94.32
N ASN LA 298 25.15 58.92 -93.62
CA ASN LA 298 23.95 58.20 -93.20
C ASN LA 298 22.81 58.19 -94.23
N MET LA 299 22.69 59.21 -95.09
CA MET LA 299 21.59 59.34 -96.05
C MET LA 299 21.65 58.27 -97.14
N MET LA 300 20.49 57.76 -97.56
CA MET LA 300 20.33 56.62 -98.48
C MET LA 300 20.25 56.99 -99.97
N ALA LA 301 20.71 58.18 -100.36
CA ALA LA 301 20.98 58.56 -101.75
C ALA LA 301 22.42 59.09 -101.88
N ALA LA 302 23.04 58.94 -103.05
CA ALA LA 302 24.47 59.27 -103.23
C ALA LA 302 24.81 60.75 -103.03
N CYS LA 303 23.83 61.65 -103.08
CA CYS LA 303 23.98 63.07 -102.88
C CYS LA 303 24.59 63.37 -101.51
N ASP LA 304 25.76 64.02 -101.50
CA ASP LA 304 26.25 64.64 -100.28
C ASP LA 304 25.47 65.94 -100.07
N PRO LA 305 24.73 66.12 -98.96
CA PRO LA 305 24.00 67.35 -98.72
C PRO LA 305 24.91 68.58 -98.67
N ARG LA 306 26.22 68.43 -98.44
CA ARG LA 306 27.18 69.54 -98.52
C ARG LA 306 27.36 70.10 -99.93
N HIS LA 307 26.77 69.49 -100.96
CA HIS LA 307 26.67 70.01 -102.33
C HIS LA 307 25.39 70.80 -102.62
N GLY LA 308 24.56 71.06 -101.62
CA GLY LA 308 23.33 71.85 -101.74
C GLY LA 308 22.95 72.56 -100.45
N ARG LA 309 21.65 72.81 -100.26
CA ARG LA 309 21.03 73.25 -99.01
C ARG LA 309 19.75 72.45 -98.81
N TYR LA 310 19.36 72.13 -97.60
CA TYR LA 310 18.03 71.59 -97.32
C TYR LA 310 16.95 72.67 -97.48
N LEU LA 311 15.79 72.28 -98.00
CA LEU LA 311 14.56 73.07 -97.94
C LEU LA 311 13.90 72.83 -96.58
N THR LA 312 13.50 71.59 -96.35
CA THR LA 312 12.97 71.07 -95.10
C THR LA 312 13.64 69.75 -94.76
N VAL LA 313 13.85 69.48 -93.48
CA VAL LA 313 14.15 68.16 -92.95
C VAL LA 313 13.04 67.78 -91.98
N ALA LA 314 12.58 66.54 -91.98
CA ALA LA 314 11.74 66.01 -90.91
C ALA LA 314 12.51 64.96 -90.13
N ALA LA 315 12.57 65.12 -88.81
CA ALA LA 315 13.11 64.12 -87.92
C ALA LA 315 11.99 63.47 -87.10
N ILE LA 316 11.57 62.26 -87.47
CA ILE LA 316 10.54 61.48 -86.78
C ILE LA 316 11.22 60.58 -85.76
N PHE LA 317 11.34 61.07 -84.54
CA PHE LA 317 11.88 60.33 -83.41
C PHE LA 317 10.87 59.35 -82.83
N ARG LA 318 11.39 58.29 -82.23
CA ARG LA 318 10.65 57.26 -81.51
C ARG LA 318 11.35 56.97 -80.20
N GLY LA 319 10.61 56.81 -79.12
CA GLY LA 319 11.14 56.49 -77.80
C GLY LA 319 10.75 57.48 -76.72
N ARG LA 320 11.04 57.16 -75.46
CA ARG LA 320 10.82 58.05 -74.31
C ARG LA 320 11.94 59.09 -74.23
N MET LA 321 11.67 60.32 -74.65
CA MET LA 321 12.66 61.39 -74.71
C MET LA 321 12.06 62.77 -74.43
N SER LA 322 12.91 63.71 -74.01
CA SER LA 322 12.53 65.08 -73.69
C SER LA 322 12.22 65.91 -74.92
N MET LA 323 11.12 66.66 -74.89
CA MET LA 323 10.85 67.65 -75.93
C MET LA 323 11.83 68.82 -75.89
N LYS LA 324 12.34 69.26 -74.73
CA LYS LA 324 13.40 70.26 -74.66
C LYS LA 324 14.63 69.77 -75.39
N GLU LA 325 15.08 68.53 -75.12
CA GLU LA 325 16.28 67.98 -75.75
C GLU LA 325 16.12 67.79 -77.27
N VAL LA 326 14.97 67.31 -77.75
CA VAL LA 326 14.70 67.25 -79.19
C VAL LA 326 14.69 68.65 -79.78
N ASP LA 327 13.97 69.59 -79.19
CA ASP LA 327 13.84 70.95 -79.74
C ASP LA 327 15.17 71.74 -79.69
N GLU LA 328 15.99 71.51 -78.68
CA GLU LA 328 17.39 71.98 -78.53
C GLU LA 328 18.26 71.44 -79.66
N GLN LA 329 18.25 70.13 -79.95
CA GLN LA 329 19.16 69.59 -80.96
C GLN LA 329 18.75 69.97 -82.38
N MET LA 330 17.45 69.98 -82.68
CA MET LA 330 16.96 70.41 -83.99
C MET LA 330 17.12 71.93 -84.22
N LEU LA 331 17.35 72.72 -83.18
CA LEU LA 331 17.81 74.11 -83.25
C LEU LA 331 19.32 74.18 -83.45
N ASN LA 332 20.09 73.49 -82.62
CA ASN LA 332 21.55 73.55 -82.65
C ASN LA 332 22.09 73.11 -84.01
N VAL LA 333 21.53 72.06 -84.61
CA VAL LA 333 21.92 71.63 -85.96
C VAL LA 333 21.78 72.75 -86.97
N GLN LA 334 20.61 73.37 -87.12
CA GLN LA 334 20.40 74.32 -88.22
C GLN LA 334 20.94 75.73 -87.97
N ASN LA 335 21.46 76.01 -86.77
CA ASN LA 335 22.20 77.23 -86.46
C ASN LA 335 23.70 77.04 -86.63
N LYS LA 336 24.25 75.91 -86.19
CA LYS LA 336 25.67 75.57 -86.38
C LYS LA 336 26.01 75.11 -87.80
N ASN LA 337 25.03 74.67 -88.58
CA ASN LA 337 25.14 74.31 -90.00
C ASN LA 337 24.33 75.24 -90.91
N SER LA 338 24.17 76.52 -90.56
CA SER LA 338 23.22 77.44 -91.23
C SER LA 338 23.45 77.64 -92.73
N SER LA 339 24.68 77.51 -93.20
CA SER LA 339 25.06 77.52 -94.62
C SER LA 339 24.49 76.34 -95.43
N TYR LA 340 23.94 75.31 -94.80
CA TYR LA 340 23.35 74.14 -95.45
C TYR LA 340 21.82 74.08 -95.40
N PHE LA 341 21.14 75.15 -95.02
CA PHE LA 341 19.68 75.27 -94.99
C PHE LA 341 19.25 76.53 -95.74
N VAL LA 342 18.11 76.55 -96.43
CA VAL LA 342 17.71 77.78 -97.15
C VAL LA 342 17.28 78.87 -96.16
N GLU LA 343 17.74 80.10 -96.37
CA GLU LA 343 17.56 81.19 -95.41
C GLU LA 343 16.31 82.07 -95.64
N TRP LA 344 15.45 81.69 -96.58
CA TRP LA 344 14.10 82.22 -96.76
C TRP LA 344 13.01 81.38 -96.07
N ILE LA 345 13.38 80.27 -95.42
CA ILE LA 345 12.52 79.54 -94.47
C ILE LA 345 13.10 79.77 -93.06
N PRO LA 346 12.30 80.25 -92.08
CA PRO LA 346 12.82 80.66 -90.76
C PRO LA 346 13.12 79.50 -89.80
N ASN LA 347 12.52 78.33 -90.02
CA ASN LA 347 12.87 77.07 -89.38
C ASN LA 347 12.71 75.96 -90.41
N ASN LA 348 13.78 75.23 -90.69
CA ASN LA 348 13.80 74.20 -91.71
C ASN LA 348 13.49 72.80 -91.16
N VAL LA 349 13.40 72.58 -89.84
CA VAL LA 349 13.20 71.25 -89.26
C VAL LA 349 11.79 71.08 -88.72
N LYS LA 350 11.06 70.09 -89.22
CA LYS LA 350 9.87 69.48 -88.62
C LYS LA 350 10.31 68.42 -87.62
N THR LA 351 9.68 68.30 -86.46
CA THR LA 351 9.93 67.21 -85.51
C THR LA 351 8.65 66.44 -85.27
N ALA LA 352 8.77 65.14 -85.01
CA ALA LA 352 7.69 64.33 -84.47
C ALA LA 352 8.29 63.34 -83.47
N VAL LA 353 7.50 62.90 -82.50
CA VAL LA 353 7.97 62.09 -81.38
C VAL LA 353 6.92 61.07 -81.05
N CYS LA 354 7.19 59.80 -81.34
CA CYS LA 354 6.38 58.65 -80.97
C CYS LA 354 6.84 58.04 -79.63
N ASP LA 355 5.90 57.56 -78.81
CA ASP LA 355 6.18 56.97 -77.50
C ASP LA 355 6.72 55.53 -77.55
N ILE LA 356 6.74 54.89 -78.72
CA ILE LA 356 7.04 53.46 -78.90
C ILE LA 356 8.23 53.29 -79.86
N PRO LA 357 9.45 53.05 -79.34
CA PRO LA 357 10.64 52.82 -80.16
C PRO LA 357 10.65 51.41 -80.77
N PRO LA 358 11.40 51.16 -81.85
CA PRO LA 358 11.43 49.86 -82.50
C PRO LA 358 11.81 48.73 -81.54
N ARG LA 359 11.31 47.52 -81.75
CA ARG LA 359 11.57 46.40 -80.85
C ARG LA 359 13.08 46.14 -80.72
N GLY LA 360 13.63 46.19 -79.52
CA GLY LA 360 15.08 46.06 -79.27
C GLY LA 360 15.91 47.36 -79.34
N LEU LA 361 15.37 48.56 -79.46
CA LEU LA 361 16.19 49.73 -79.15
C LEU LA 361 15.44 50.81 -78.39
N LYS LA 362 16.13 51.50 -77.48
CA LYS LA 362 15.55 52.45 -76.53
C LYS LA 362 15.00 53.71 -77.18
N MET LA 363 15.55 54.09 -78.32
CA MET LA 363 15.15 55.24 -79.13
C MET LA 363 15.45 54.93 -80.59
N SER LA 364 14.84 55.65 -81.52
CA SER LA 364 15.24 55.65 -82.92
C SER LA 364 14.82 56.94 -83.60
N ALA LA 365 15.44 57.31 -84.71
CA ALA LA 365 15.05 58.45 -85.53
C ALA LA 365 15.04 58.08 -87.00
N THR LA 366 13.95 58.34 -87.69
CA THR LA 366 13.90 58.30 -89.15
C THR LA 366 14.00 59.71 -89.67
N PHE LA 367 14.93 59.92 -90.58
CA PHE LA 367 15.26 61.20 -91.17
C PHE LA 367 14.68 61.29 -92.57
N ILE LA 368 14.07 62.41 -92.92
CA ILE LA 368 13.65 62.70 -94.28
C ILE LA 368 14.25 64.03 -94.68
N GLY LA 369 15.15 64.04 -95.65
CA GLY LA 369 15.70 65.26 -96.20
C GLY LA 369 15.00 65.66 -97.48
N ASN LA 370 14.66 66.92 -97.62
CA ASN LA 370 14.44 67.55 -98.91
C ASN LA 370 15.60 68.53 -99.13
N SER LA 371 16.41 68.35 -100.17
CA SER LA 371 17.57 69.20 -100.41
C SER LA 371 17.85 69.42 -101.88
N THR LA 372 18.29 70.62 -102.22
CA THR LA 372 18.73 70.99 -103.56
C THR LA 372 19.89 70.12 -104.06
N ALA LA 373 20.60 69.43 -103.17
CA ALA LA 373 21.61 68.42 -103.53
C ALA LA 373 21.03 67.24 -104.32
N ILE LA 374 19.72 66.96 -104.25
CA ILE LA 374 19.09 65.92 -105.09
C ILE LA 374 19.18 66.23 -106.59
N GLN LA 375 19.57 67.46 -106.97
CA GLN LA 375 19.91 67.79 -108.34
C GLN LA 375 20.98 66.85 -108.90
N GLU LA 376 21.93 66.39 -108.08
CA GLU LA 376 23.04 65.56 -108.54
C GLU LA 376 22.61 64.16 -108.94
N LEU LA 377 21.56 63.64 -108.33
CA LEU LA 377 20.99 62.34 -108.70
C LEU LA 377 20.29 62.44 -110.04
N PHE LA 378 19.48 63.47 -110.26
CA PHE LA 378 18.84 63.69 -111.56
C PHE LA 378 19.82 64.13 -112.65
N LYS LA 379 20.89 64.85 -112.33
CA LYS LA 379 21.89 65.30 -113.30
C LYS LA 379 22.66 64.13 -113.88
N ARG LA 380 23.19 63.23 -113.05
CA ARG LA 380 24.03 62.12 -113.54
C ARG LA 380 23.25 61.10 -114.34
N ILE LA 381 21.98 60.85 -114.01
CA ILE LA 381 21.10 60.06 -114.88
C ILE LA 381 20.88 60.80 -116.20
N SER LA 382 20.59 62.10 -116.19
CA SER LA 382 20.36 62.89 -117.40
C SER LA 382 21.56 62.94 -118.35
N GLU LA 383 22.79 63.01 -117.83
CA GLU LA 383 24.01 62.94 -118.64
C GLU LA 383 24.38 61.54 -119.12
N GLN LA 384 24.09 60.46 -118.38
CA GLN LA 384 24.18 59.09 -118.94
C GLN LA 384 23.15 58.86 -120.06
N PHE LA 385 21.91 59.31 -119.87
CA PHE LA 385 20.88 59.28 -120.89
C PHE LA 385 21.33 60.01 -122.14
N THR LA 386 21.85 61.22 -122.00
CA THR LA 386 22.25 62.06 -123.12
C THR LA 386 23.33 61.41 -123.96
N ALA LA 387 24.36 60.83 -123.33
CA ALA LA 387 25.48 60.23 -124.06
C ALA LA 387 25.09 59.00 -124.90
N MET LA 388 24.07 58.24 -124.49
CA MET LA 388 23.50 57.18 -125.32
C MET LA 388 22.55 57.73 -126.38
N PHE LA 389 21.68 58.64 -125.99
CA PHE LA 389 20.61 59.13 -126.85
C PHE LA 389 21.11 59.96 -128.03
N ARG LA 390 22.24 60.68 -127.93
CA ARG LA 390 22.80 61.42 -129.06
C ARG LA 390 23.11 60.52 -130.26
N ARG LA 391 23.34 59.22 -130.03
CA ARG LA 391 23.58 58.19 -131.07
C ARG LA 391 22.45 57.17 -131.20
N LYS LA 392 21.27 57.49 -130.66
CA LYS LA 392 20.03 56.68 -130.72
C LYS LA 392 20.20 55.22 -130.26
N ALA LA 393 21.23 54.92 -129.48
CA ALA LA 393 21.57 53.55 -129.13
C ALA LA 393 20.42 52.86 -128.39
N PHE LA 394 20.20 51.57 -128.60
CA PHE LA 394 19.15 50.76 -127.98
C PHE LA 394 17.69 51.18 -128.25
N LEU LA 395 17.39 52.24 -128.99
CA LEU LA 395 16.02 52.75 -129.11
C LEU LA 395 15.07 51.83 -129.88
N HIS LA 396 15.54 50.85 -130.63
CA HIS LA 396 14.65 49.95 -131.38
C HIS LA 396 13.87 49.01 -130.46
N TRP LA 397 14.38 48.72 -129.26
CA TRP LA 397 13.66 47.96 -128.24
C TRP LA 397 12.48 48.71 -127.62
N TYR LA 398 12.52 50.05 -127.60
CA TYR LA 398 11.46 50.90 -127.09
C TYR LA 398 10.49 51.35 -128.17
N THR LA 399 11.02 51.80 -129.31
CA THR LA 399 10.20 52.15 -130.47
C THR LA 399 9.53 50.92 -131.09
N GLY LA 400 10.06 49.71 -130.87
CA GLY LA 400 9.38 48.46 -131.21
C GLY LA 400 8.09 48.22 -130.45
N GLU LA 401 7.98 48.73 -129.22
CA GLU LA 401 6.74 48.76 -128.43
C GLU LA 401 5.79 49.92 -128.80
N GLY LA 402 6.06 50.62 -129.91
CA GLY LA 402 5.28 51.74 -130.42
C GLY LA 402 5.52 53.08 -129.74
N MET LA 403 6.55 53.20 -128.91
CA MET LA 403 6.96 54.45 -128.27
C MET LA 403 7.63 55.40 -129.28
N ASP LA 404 7.41 56.70 -129.17
CA ASP LA 404 8.09 57.69 -130.04
C ASP LA 404 9.48 58.06 -129.54
N GLU LA 405 10.36 58.44 -130.47
CA GLU LA 405 11.59 59.17 -130.12
C GLU LA 405 11.26 60.50 -129.42
N MET LA 406 10.16 61.15 -129.81
CA MET LA 406 9.66 62.35 -129.14
C MET LA 406 9.40 62.15 -127.65
N GLU LA 407 9.08 60.94 -127.19
CA GLU LA 407 8.82 60.72 -125.76
C GLU LA 407 10.10 60.71 -124.93
N PHE LA 408 11.22 60.30 -125.53
CA PHE LA 408 12.53 60.39 -124.93
C PHE LA 408 12.98 61.84 -124.83
N THR LA 409 12.86 62.59 -125.91
CA THR LA 409 13.15 64.04 -125.94
C THR LA 409 12.32 64.77 -124.88
N GLU LA 410 11.04 64.46 -124.73
CA GLU LA 410 10.15 65.08 -123.76
C GLU LA 410 10.41 64.64 -122.32
N ALA LA 411 10.81 63.39 -122.09
CA ALA LA 411 11.22 62.93 -120.77
C ALA LA 411 12.50 63.62 -120.28
N GLU LA 412 13.56 63.67 -121.08
CA GLU LA 412 14.81 64.34 -120.72
C GLU LA 412 14.64 65.86 -120.58
N SER LA 413 13.68 66.44 -121.31
CA SER LA 413 13.27 67.83 -121.18
C SER LA 413 12.66 68.09 -119.79
N ASN LA 414 11.70 67.27 -119.38
CA ASN LA 414 11.09 67.31 -118.05
C ASN LA 414 12.05 66.97 -116.90
N MET LA 415 13.06 66.13 -117.16
CA MET LA 415 14.16 65.86 -116.21
C MET LA 415 14.99 67.14 -115.98
N ASN LA 416 15.46 67.82 -117.02
CA ASN LA 416 16.20 69.08 -116.84
C ASN LA 416 15.35 70.18 -116.19
N ASP LA 417 14.04 70.19 -116.40
CA ASP LA 417 13.12 71.08 -115.70
C ASP LA 417 13.05 70.79 -114.20
N LEU LA 418 13.11 69.53 -113.78
CA LEU LA 418 13.24 69.15 -112.36
C LEU LA 418 14.61 69.52 -111.78
N VAL LA 419 15.70 69.33 -112.52
CA VAL LA 419 17.04 69.76 -112.11
C VAL LA 419 17.09 71.27 -111.92
N SER LA 420 16.47 72.03 -112.81
CA SER LA 420 16.49 73.49 -112.78
C SER LA 420 15.71 74.07 -111.59
N GLU LA 421 14.60 73.47 -111.19
CA GLU LA 421 13.80 73.91 -110.04
C GLU LA 421 14.51 73.67 -108.70
N TYR LA 422 15.25 72.57 -108.53
CA TYR LA 422 16.10 72.43 -107.34
C TYR LA 422 17.31 73.37 -107.37
N GLN LA 423 17.99 73.51 -108.51
CA GLN LA 423 19.12 74.43 -108.65
C GLN LA 423 18.73 75.90 -108.49
N GLN LA 424 17.48 76.27 -108.76
CA GLN LA 424 16.95 77.64 -108.56
C GLN LA 424 17.01 78.09 -107.11
N TYR LA 425 16.69 77.22 -106.15
CA TYR LA 425 16.72 77.56 -104.72
C TYR LA 425 18.07 77.32 -104.02
N GLN LA 426 19.11 76.98 -104.77
CA GLN LA 426 20.46 76.70 -104.25
C GLN LA 426 21.04 77.91 -103.50
N MET MA 1 -51.73 19.05 -86.29
CA MET MA 1 -51.32 20.46 -86.10
C MET MA 1 -50.55 20.96 -87.31
N ARG MA 2 -51.26 21.45 -88.32
CA ARG MA 2 -50.71 22.04 -89.56
C ARG MA 2 -49.71 21.13 -90.26
N GLU MA 3 -50.10 19.88 -90.41
CA GLU MA 3 -49.34 18.91 -91.18
C GLU MA 3 -49.13 19.38 -92.62
N ILE MA 4 -47.98 19.04 -93.21
CA ILE MA 4 -47.73 19.18 -94.64
C ILE MA 4 -47.55 17.78 -95.25
N VAL MA 5 -48.07 17.62 -96.45
CA VAL MA 5 -47.85 16.47 -97.33
C VAL MA 5 -46.89 16.90 -98.43
N HIS MA 6 -45.81 16.17 -98.60
CA HIS MA 6 -44.75 16.53 -99.54
C HIS MA 6 -44.68 15.53 -100.68
N LEU MA 7 -44.53 15.97 -101.92
CA LEU MA 7 -44.58 15.10 -103.09
C LEU MA 7 -43.40 15.40 -104.01
N GLN MA 8 -42.71 14.36 -104.46
CA GLN MA 8 -41.52 14.47 -105.31
C GLN MA 8 -41.77 13.91 -106.70
N ALA MA 9 -41.52 14.65 -107.78
CA ALA MA 9 -41.78 14.18 -109.15
C ALA MA 9 -40.58 14.26 -110.11
N GLY MA 10 -40.29 13.14 -110.80
CA GLY MA 10 -39.22 13.05 -111.78
C GLY MA 10 -37.82 12.99 -111.16
N GLN MA 11 -36.75 13.08 -111.94
CA GLN MA 11 -35.40 13.06 -111.39
C GLN MA 11 -35.14 14.29 -110.53
N CYS MA 12 -35.34 15.51 -111.04
CA CYS MA 12 -35.03 16.72 -110.29
C CYS MA 12 -35.84 16.83 -109.00
N GLY MA 13 -37.16 16.62 -109.04
CA GLY MA 13 -38.01 16.72 -107.87
C GLY MA 13 -37.68 15.73 -106.77
N ASN MA 14 -37.29 14.50 -107.13
CA ASN MA 14 -36.80 13.50 -106.19
C ASN MA 14 -35.39 13.79 -105.68
N GLN MA 15 -34.58 14.55 -106.41
CA GLN MA 15 -33.23 14.90 -105.99
C GLN MA 15 -33.20 16.11 -105.07
N ILE MA 16 -33.91 17.21 -105.38
CA ILE MA 16 -34.09 18.33 -104.46
C ILE MA 16 -34.90 17.90 -103.23
N GLY MA 17 -35.85 16.98 -103.37
CA GLY MA 17 -36.59 16.36 -102.28
C GLY MA 17 -35.76 15.47 -101.38
N ALA MA 18 -35.01 14.51 -101.92
CA ALA MA 18 -34.16 13.63 -101.13
C ALA MA 18 -33.02 14.36 -100.40
N LYS MA 19 -32.61 15.55 -100.86
CA LYS MA 19 -31.72 16.45 -100.11
C LYS MA 19 -32.50 17.23 -99.05
N PHE MA 20 -33.68 17.74 -99.37
CA PHE MA 20 -34.53 18.40 -98.38
C PHE MA 20 -34.78 17.52 -97.15
N TRP MA 21 -35.07 16.24 -97.33
CA TRP MA 21 -35.26 15.29 -96.22
C TRP MA 21 -34.01 15.02 -95.38
N GLU MA 22 -32.81 15.19 -95.93
CA GLU MA 22 -31.58 15.19 -95.15
C GLU MA 22 -31.41 16.48 -94.34
N VAL MA 23 -31.78 17.64 -94.88
CA VAL MA 23 -31.74 18.93 -94.19
C VAL MA 23 -32.74 19.01 -93.03
N ILE MA 24 -34.02 18.72 -93.24
CA ILE MA 24 -34.98 18.83 -92.15
C ILE MA 24 -34.87 17.69 -91.14
N SER MA 25 -34.29 16.54 -91.51
CA SER MA 25 -33.95 15.53 -90.52
C SER MA 25 -32.78 15.95 -89.62
N ASP MA 26 -31.83 16.73 -90.12
CA ASP MA 26 -30.76 17.31 -89.29
C ASP MA 26 -31.31 18.35 -88.30
N GLU MA 27 -32.22 19.21 -88.77
CA GLU MA 27 -32.93 20.18 -87.93
C GLU MA 27 -33.74 19.54 -86.81
N HIS MA 28 -34.58 18.55 -87.14
CA HIS MA 28 -35.41 17.84 -86.19
C HIS MA 28 -34.65 16.73 -85.45
N GLY MA 29 -33.36 16.52 -85.71
CA GLY MA 29 -32.52 15.58 -84.99
C GLY MA 29 -32.94 14.14 -85.18
N ILE MA 30 -33.30 13.75 -86.40
CA ILE MA 30 -33.70 12.41 -86.78
C ILE MA 30 -32.55 11.73 -87.51
N ASP MA 31 -32.23 10.53 -87.06
CA ASP MA 31 -31.21 9.63 -87.57
C ASP MA 31 -31.61 9.05 -88.95
N PRO MA 32 -30.67 8.71 -89.85
CA PRO MA 32 -30.99 8.02 -91.11
C PRO MA 32 -31.81 6.74 -90.97
N THR MA 33 -31.86 6.14 -89.79
CA THR MA 33 -32.71 4.98 -89.45
C THR MA 33 -34.18 5.37 -89.24
N GLY MA 34 -34.45 6.66 -89.01
CA GLY MA 34 -35.74 7.22 -88.61
C GLY MA 34 -35.89 7.41 -87.09
N ALA MA 35 -34.93 6.99 -86.27
CA ALA MA 35 -34.93 7.20 -84.81
C ALA MA 35 -34.60 8.64 -84.43
N TYR MA 36 -35.22 9.22 -83.40
CA TYR MA 36 -34.85 10.54 -82.90
C TYR MA 36 -33.58 10.52 -82.03
N HIS MA 37 -32.64 11.42 -82.30
CA HIS MA 37 -31.34 11.55 -81.64
C HIS MA 37 -30.96 13.01 -81.34
N GLY MA 38 -31.90 13.94 -81.42
CA GLY MA 38 -31.66 15.37 -81.26
C GLY MA 38 -31.36 15.83 -79.83
N ASP MA 39 -30.96 17.10 -79.70
CA ASP MA 39 -30.65 17.79 -78.45
C ASP MA 39 -31.89 18.23 -77.67
N SER MA 40 -32.90 18.74 -78.39
CA SER MA 40 -33.84 19.72 -77.85
C SER MA 40 -35.29 19.31 -77.99
N ASP MA 41 -36.11 19.71 -77.03
CA ASP MA 41 -37.55 19.48 -77.06
C ASP MA 41 -38.23 20.18 -78.23
N LEU MA 42 -37.71 21.33 -78.68
CA LEU MA 42 -38.28 22.09 -79.78
C LEU MA 42 -38.19 21.35 -81.11
N GLN MA 43 -37.17 20.51 -81.27
CA GLN MA 43 -37.04 19.61 -82.42
C GLN MA 43 -38.16 18.58 -82.49
N LEU MA 44 -38.66 18.15 -81.34
CA LEU MA 44 -39.67 17.11 -81.22
C LEU MA 44 -41.10 17.68 -81.18
N GLU MA 45 -41.26 18.89 -80.67
CA GLU MA 45 -42.55 19.57 -80.49
C GLU MA 45 -43.42 19.63 -81.74
N ARG MA 46 -42.81 19.84 -82.92
CA ARG MA 46 -43.51 19.94 -84.22
C ARG MA 46 -43.04 18.90 -85.25
N ILE MA 47 -42.44 17.80 -84.82
CA ILE MA 47 -41.99 16.73 -85.72
C ILE MA 47 -43.14 16.16 -86.57
N ASN MA 48 -44.38 16.25 -86.09
CA ASN MA 48 -45.57 15.87 -86.83
C ASN MA 48 -45.77 16.70 -88.11
N VAL MA 49 -45.20 17.90 -88.27
CA VAL MA 49 -45.41 18.72 -89.47
C VAL MA 49 -44.93 18.03 -90.74
N TYR MA 50 -43.84 17.26 -90.66
CA TYR MA 50 -43.25 16.56 -91.80
C TYR MA 50 -43.17 15.04 -91.61
N TYR MA 51 -43.47 14.50 -90.44
CA TYR MA 51 -43.30 13.08 -90.15
C TYR MA 51 -44.54 12.47 -89.49
N ASN MA 52 -44.70 11.16 -89.61
CA ASN MA 52 -45.64 10.34 -88.85
C ASN MA 52 -44.87 9.62 -87.73
N GLU MA 53 -45.43 9.60 -86.53
CA GLU MA 53 -44.93 8.71 -85.47
C GLU MA 53 -45.27 7.26 -85.80
N ALA MA 54 -44.33 6.34 -85.61
CA ALA MA 54 -44.52 4.90 -85.73
C ALA MA 54 -43.86 4.17 -84.54
N THR MA 55 -44.07 2.86 -84.43
CA THR MA 55 -43.67 2.06 -83.26
C THR MA 55 -42.18 2.16 -82.91
N GLY MA 56 -41.85 2.11 -81.62
CA GLY MA 56 -40.47 2.31 -81.14
C GLY MA 56 -39.96 3.76 -81.21
N GLY MA 57 -40.85 4.74 -81.36
CA GLY MA 57 -40.53 6.15 -81.58
C GLY MA 57 -39.71 6.41 -82.85
N LYS MA 58 -39.82 5.54 -83.86
CA LYS MA 58 -39.33 5.79 -85.22
C LYS MA 58 -40.26 6.78 -85.91
N TYR MA 59 -39.68 7.72 -86.65
CA TYR MA 59 -40.40 8.74 -87.41
C TYR MA 59 -40.29 8.44 -88.90
N VAL MA 60 -41.43 8.47 -89.59
CA VAL MA 60 -41.53 8.16 -91.02
C VAL MA 60 -41.97 9.41 -91.75
N PRO MA 61 -41.18 9.98 -92.66
CA PRO MA 61 -41.53 11.23 -93.30
C PRO MA 61 -42.72 11.09 -94.24
N ARG MA 62 -43.56 12.11 -94.26
CA ARG MA 62 -44.78 12.19 -95.07
C ARG MA 62 -44.50 12.66 -96.49
N ALA MA 63 -43.54 12.01 -97.13
CA ALA MA 63 -43.28 12.14 -98.55
C ALA MA 63 -44.07 11.10 -99.36
N VAL MA 64 -44.52 11.48 -100.55
CA VAL MA 64 -44.86 10.57 -101.64
C VAL MA 64 -43.81 10.75 -102.73
N LEU MA 65 -43.26 9.66 -103.22
CA LEU MA 65 -42.19 9.65 -104.20
C LEU MA 65 -42.73 9.12 -105.51
N VAL MA 66 -42.74 9.94 -106.55
CA VAL MA 66 -43.36 9.64 -107.84
C VAL MA 66 -42.36 9.74 -108.99
N ASP MA 67 -42.32 8.73 -109.84
CA ASP MA 67 -41.48 8.69 -111.03
C ASP MA 67 -42.10 7.73 -112.04
N LEU MA 68 -41.76 7.84 -113.32
CA LEU MA 68 -42.20 6.90 -114.36
C LEU MA 68 -41.12 5.85 -114.69
N GLU MA 69 -39.95 5.95 -114.06
CA GLU MA 69 -38.79 5.05 -114.15
C GLU MA 69 -38.44 4.52 -112.76
N PRO MA 70 -37.93 3.29 -112.61
CA PRO MA 70 -37.48 2.77 -111.31
C PRO MA 70 -36.15 3.38 -110.85
N GLY MA 71 -35.26 3.75 -111.77
CA GLY MA 71 -33.87 4.14 -111.49
C GLY MA 71 -33.69 5.31 -110.53
N THR MA 72 -34.59 6.31 -110.46
CA THR MA 72 -34.48 7.35 -109.41
C THR MA 72 -34.96 6.85 -108.05
N MET MA 73 -35.98 6.00 -107.98
CA MET MA 73 -36.36 5.34 -106.74
C MET MA 73 -35.22 4.49 -106.19
N ASP MA 74 -34.57 3.73 -107.06
CA ASP MA 74 -33.38 2.94 -106.72
C ASP MA 74 -32.22 3.81 -106.21
N SER MA 75 -32.05 5.01 -106.78
CA SER MA 75 -31.01 5.95 -106.37
C SER MA 75 -31.33 6.66 -105.05
N VAL MA 76 -32.61 6.95 -104.77
CA VAL MA 76 -33.07 7.51 -103.50
C VAL MA 76 -33.04 6.46 -102.40
N ARG MA 77 -33.65 5.28 -102.61
CA ARG MA 77 -33.75 4.17 -101.64
C ARG MA 77 -32.38 3.67 -101.17
N SER MA 78 -31.39 3.66 -102.05
CA SER MA 78 -29.99 3.33 -101.75
C SER MA 78 -29.16 4.51 -101.19
N GLY MA 79 -29.71 5.72 -101.16
CA GLY MA 79 -28.98 6.96 -100.85
C GLY MA 79 -28.70 7.20 -99.36
N PRO MA 80 -28.15 8.38 -99.01
CA PRO MA 80 -27.79 8.75 -97.64
C PRO MA 80 -28.91 8.60 -96.60
N PHE MA 81 -30.15 8.90 -97.00
CA PHE MA 81 -31.35 8.85 -96.16
C PHE MA 81 -32.46 7.97 -96.73
N GLY MA 82 -32.17 7.16 -97.75
CA GLY MA 82 -33.19 6.41 -98.48
C GLY MA 82 -34.07 5.47 -97.68
N GLN MA 83 -33.53 4.90 -96.61
CA GLN MA 83 -34.22 3.93 -95.77
C GLN MA 83 -35.28 4.58 -94.87
N ILE MA 84 -35.35 5.92 -94.82
CA ILE MA 84 -36.29 6.64 -93.97
C ILE MA 84 -37.73 6.55 -94.49
N PHE MA 85 -37.94 6.61 -95.81
CA PHE MA 85 -39.26 6.72 -96.44
C PHE MA 85 -40.07 5.43 -96.36
N ARG MA 86 -41.40 5.52 -96.38
CA ARG MA 86 -42.30 4.35 -96.35
C ARG MA 86 -42.20 3.59 -97.67
N PRO MA 87 -41.91 2.27 -97.72
CA PRO MA 87 -41.85 1.50 -98.96
C PRO MA 87 -43.10 1.63 -99.84
N ASP MA 88 -44.30 1.72 -99.26
CA ASP MA 88 -45.56 1.94 -99.98
C ASP MA 88 -45.67 3.31 -100.67
N ASN MA 89 -44.89 4.30 -100.23
CA ASN MA 89 -44.96 5.66 -100.75
C ASN MA 89 -44.07 5.87 -101.98
N PHE MA 90 -43.21 4.93 -102.32
CA PHE MA 90 -42.52 4.89 -103.61
C PHE MA 90 -43.51 4.37 -104.67
N VAL MA 91 -44.08 5.26 -105.47
CA VAL MA 91 -45.03 4.94 -106.53
C VAL MA 91 -44.37 5.18 -107.88
N PHE MA 92 -44.24 4.15 -108.71
CA PHE MA 92 -43.47 4.26 -109.95
C PHE MA 92 -43.97 3.37 -111.08
N GLY MA 93 -43.70 3.80 -112.31
CA GLY MA 93 -43.85 3.04 -113.55
C GLY MA 93 -42.60 2.23 -113.91
N GLN MA 94 -42.49 1.76 -115.17
CA GLN MA 94 -41.28 1.10 -115.69
C GLN MA 94 -40.68 1.83 -116.90
N SER MA 95 -41.47 2.12 -117.94
CA SER MA 95 -41.04 2.92 -119.09
C SER MA 95 -41.17 4.42 -118.80
N GLY MA 96 -40.10 5.19 -119.01
CA GLY MA 96 -40.05 6.60 -118.62
C GLY MA 96 -40.95 7.55 -119.41
N ALA MA 97 -40.85 8.85 -119.10
CA ALA MA 97 -41.56 9.90 -119.81
C ALA MA 97 -40.92 10.31 -121.14
N GLY MA 98 -39.75 9.83 -121.53
CA GLY MA 98 -39.12 10.22 -122.79
C GLY MA 98 -38.83 11.72 -122.94
N ASN MA 99 -38.75 12.47 -121.84
CA ASN MA 99 -38.75 13.94 -121.82
C ASN MA 99 -39.95 14.57 -122.54
N ASN MA 100 -41.11 13.92 -122.46
CA ASN MA 100 -42.32 14.31 -123.14
C ASN MA 100 -43.42 14.67 -122.12
N TRP MA 101 -43.91 15.91 -122.13
CA TRP MA 101 -45.01 16.33 -121.27
C TRP MA 101 -46.26 15.49 -121.48
N ALA MA 102 -46.60 15.15 -122.71
CA ALA MA 102 -47.80 14.43 -123.05
C ALA MA 102 -47.73 12.97 -122.58
N LYS MA 103 -46.55 12.35 -122.50
CA LYS MA 103 -46.40 11.05 -121.81
C LYS MA 103 -46.68 11.16 -120.33
N GLY MA 104 -46.13 12.17 -119.66
CA GLY MA 104 -46.45 12.47 -118.27
C GLY MA 104 -47.95 12.64 -118.02
N HIS MA 105 -48.59 13.56 -118.74
CA HIS MA 105 -49.96 13.99 -118.49
C HIS MA 105 -51.06 13.08 -119.06
N TYR MA 106 -50.82 12.31 -120.14
CA TYR MA 106 -51.89 11.63 -120.87
C TYR MA 106 -51.77 10.12 -120.99
N THR MA 107 -50.59 9.54 -120.76
CA THR MA 107 -50.35 8.12 -121.11
C THR MA 107 -49.72 7.34 -119.97
N GLU MA 108 -48.46 7.65 -119.67
CA GLU MA 108 -47.61 6.89 -118.78
C GLU MA 108 -47.87 7.25 -117.30
N GLY MA 109 -48.17 8.52 -117.05
CA GLY MA 109 -48.55 9.04 -115.75
C GLY MA 109 -50.05 9.10 -115.52
N ALA MA 110 -50.86 9.17 -116.57
CA ALA MA 110 -52.30 9.02 -116.44
C ALA MA 110 -52.69 7.61 -115.98
N GLU MA 111 -51.91 6.59 -116.36
CA GLU MA 111 -52.03 5.25 -115.80
C GLU MA 111 -51.67 5.22 -114.30
N LEU MA 112 -50.58 5.88 -113.93
CA LEU MA 112 -49.98 5.83 -112.60
C LEU MA 112 -50.67 6.74 -111.56
N VAL MA 113 -51.31 7.83 -111.95
CA VAL MA 113 -51.88 8.81 -111.01
C VAL MA 113 -52.95 8.21 -110.10
N ASP MA 114 -53.72 7.22 -110.55
CA ASP MA 114 -54.66 6.48 -109.70
C ASP MA 114 -53.98 5.73 -108.54
N SER MA 115 -52.73 5.31 -108.74
CA SER MA 115 -51.89 4.66 -107.73
C SER MA 115 -51.13 5.67 -106.87
N VAL MA 116 -50.91 6.90 -107.35
CA VAL MA 116 -50.34 8.01 -106.56
C VAL MA 116 -51.38 8.63 -105.64
N LEU MA 117 -52.51 9.01 -106.21
CA LEU MA 117 -53.48 9.83 -105.53
C LEU MA 117 -54.06 9.13 -104.31
N ASP MA 118 -54.27 7.80 -104.39
CA ASP MA 118 -54.75 6.97 -103.28
C ASP MA 118 -53.74 6.77 -102.13
N VAL MA 119 -52.46 7.10 -102.34
CA VAL MA 119 -51.43 7.22 -101.29
C VAL MA 119 -51.44 8.62 -100.67
N VAL MA 120 -51.63 9.66 -101.48
CA VAL MA 120 -51.82 11.04 -100.98
C VAL MA 120 -53.03 11.13 -100.03
N ARG MA 121 -54.10 10.36 -100.29
CA ARG MA 121 -55.21 10.15 -99.37
C ARG MA 121 -54.84 9.49 -98.03
N LYS MA 122 -54.00 8.46 -98.01
CA LYS MA 122 -53.61 7.77 -96.77
C LYS MA 122 -52.79 8.68 -95.86
N GLU MA 123 -51.93 9.50 -96.45
CA GLU MA 123 -51.15 10.47 -95.68
C GLU MA 123 -52.01 11.66 -95.20
N ALA MA 124 -52.86 12.24 -96.06
CA ALA MA 124 -53.77 13.34 -95.70
C ALA MA 124 -54.87 12.94 -94.70
N GLU MA 125 -55.34 11.70 -94.68
CA GLU MA 125 -56.29 11.19 -93.68
C GLU MA 125 -55.59 10.88 -92.33
N SER MA 126 -54.29 10.57 -92.33
CA SER MA 126 -53.49 10.44 -91.11
C SER MA 126 -53.16 11.78 -90.44
N CYS MA 127 -53.31 12.89 -91.16
CA CYS MA 127 -53.09 14.24 -90.60
C CYS MA 127 -54.20 14.64 -89.61
N ASP MA 128 -53.82 15.39 -88.58
CA ASP MA 128 -54.74 15.94 -87.59
C ASP MA 128 -55.44 17.22 -88.13
N CYS MA 129 -54.65 18.13 -88.69
CA CYS MA 129 -55.12 19.26 -89.48
C CYS MA 129 -54.08 19.57 -90.55
N LEU MA 130 -54.32 19.12 -91.77
CA LEU MA 130 -53.50 19.40 -92.93
C LEU MA 130 -53.56 20.90 -93.28
N GLN MA 131 -52.43 21.59 -93.42
CA GLN MA 131 -52.37 22.95 -93.95
C GLN MA 131 -52.10 22.94 -95.46
N GLY MA 132 -51.36 21.99 -96.00
CA GLY MA 132 -51.08 22.01 -97.42
C GLY MA 132 -50.19 20.93 -98.01
N PHE MA 133 -49.91 21.10 -99.29
CA PHE MA 133 -49.14 20.23 -100.17
C PHE MA 133 -47.90 20.96 -100.65
N GLN MA 134 -46.74 20.31 -100.56
CA GLN MA 134 -45.44 20.88 -100.87
C GLN MA 134 -44.77 20.03 -101.96
N LEU MA 135 -44.92 20.40 -103.24
CA LEU MA 135 -44.53 19.54 -104.36
C LEU MA 135 -43.22 19.98 -105.01
N THR MA 136 -42.21 19.12 -105.08
CA THR MA 136 -40.92 19.39 -105.75
C THR MA 136 -40.86 18.75 -107.13
N HIS MA 137 -40.53 19.54 -108.14
CA HIS MA 137 -40.47 19.11 -109.53
C HIS MA 137 -39.66 20.08 -110.41
N SER MA 138 -39.42 19.70 -111.64
CA SER MA 138 -38.82 20.51 -112.68
C SER MA 138 -39.81 20.74 -113.84
N LEU MA 139 -39.72 21.87 -114.56
CA LEU MA 139 -40.63 22.20 -115.67
C LEU MA 139 -40.06 21.79 -117.04
N GLY MA 140 -38.75 21.57 -117.14
CA GLY MA 140 -38.16 20.82 -118.25
C GLY MA 140 -38.43 19.32 -118.14
N GLY MA 141 -38.09 18.55 -119.17
CA GLY MA 141 -38.40 17.11 -119.19
C GLY MA 141 -39.90 16.80 -119.08
N GLY MA 142 -40.30 15.59 -118.73
CA GLY MA 142 -41.68 15.14 -118.94
C GLY MA 142 -42.39 14.62 -117.70
N THR MA 143 -41.66 14.13 -116.71
CA THR MA 143 -42.23 13.53 -115.50
C THR MA 143 -42.67 14.62 -114.55
N GLY MA 144 -41.76 15.49 -114.14
CA GLY MA 144 -42.08 16.60 -113.25
C GLY MA 144 -43.01 17.62 -113.89
N SER MA 145 -42.78 17.97 -115.15
CA SER MA 145 -43.56 18.98 -115.87
C SER MA 145 -44.98 18.50 -116.15
N GLY MA 146 -45.15 17.28 -116.63
CA GLY MA 146 -46.42 16.77 -117.12
C GLY MA 146 -47.18 15.88 -116.18
N MET MA 147 -46.49 15.00 -115.44
CA MET MA 147 -47.16 14.21 -114.40
C MET MA 147 -47.35 15.04 -113.14
N GLY MA 148 -46.39 15.86 -112.74
CA GLY MA 148 -46.50 16.70 -111.55
C GLY MA 148 -47.63 17.71 -111.66
N THR MA 149 -47.84 18.31 -112.82
CA THR MA 149 -49.01 19.18 -113.05
C THR MA 149 -50.33 18.45 -113.25
N LEU MA 150 -50.32 17.18 -113.69
CA LEU MA 150 -51.49 16.33 -113.60
C LEU MA 150 -51.88 16.09 -112.14
N LEU MA 151 -50.90 15.79 -111.31
CA LEU MA 151 -51.08 15.50 -109.90
C LEU MA 151 -51.51 16.75 -109.11
N ILE MA 152 -50.97 17.94 -109.42
CA ILE MA 152 -51.46 19.22 -108.90
C ILE MA 152 -52.94 19.40 -109.23
N SER MA 153 -53.35 19.14 -110.46
CA SER MA 153 -54.74 19.26 -110.86
C SER MA 153 -55.67 18.33 -110.06
N LYS MA 154 -55.28 17.07 -109.87
CA LYS MA 154 -56.04 16.06 -109.09
C LYS MA 154 -56.15 16.37 -107.59
N ILE MA 155 -55.05 16.76 -106.95
CA ILE MA 155 -55.03 17.19 -105.55
C ILE MA 155 -55.74 18.53 -105.36
N ARG MA 156 -55.65 19.49 -106.28
CA ARG MA 156 -56.40 20.76 -106.23
C ARG MA 156 -57.92 20.54 -106.26
N GLU MA 157 -58.40 19.64 -107.11
CA GLU MA 157 -59.82 19.31 -107.21
C GLU MA 157 -60.36 18.62 -105.97
N GLU MA 158 -59.52 17.86 -105.27
CA GLU MA 158 -59.88 17.07 -104.09
C GLU MA 158 -59.73 17.85 -102.76
N TYR MA 159 -58.79 18.78 -102.68
CA TYR MA 159 -58.45 19.64 -101.54
C TYR MA 159 -58.41 21.13 -101.96
N PRO MA 160 -59.56 21.77 -102.18
CA PRO MA 160 -59.60 23.09 -102.81
C PRO MA 160 -59.17 24.25 -101.89
N ASP MA 161 -59.21 24.07 -100.58
CA ASP MA 161 -58.98 25.13 -99.56
C ASP MA 161 -57.63 25.02 -98.83
N ARG MA 162 -56.93 23.90 -98.96
CA ARG MA 162 -55.57 23.69 -98.45
C ARG MA 162 -54.55 24.42 -99.30
N ILE MA 163 -53.41 24.84 -98.75
CA ILE MA 163 -52.35 25.50 -99.51
C ILE MA 163 -51.67 24.55 -100.48
N MET MA 164 -51.61 24.88 -101.76
CA MET MA 164 -50.81 24.17 -102.75
C MET MA 164 -49.57 25.01 -103.06
N ASN MA 165 -48.41 24.49 -102.67
CA ASN MA 165 -47.14 25.20 -102.57
C ASN MA 165 -46.06 24.42 -103.34
N THR MA 166 -45.58 24.91 -104.48
CA THR MA 166 -44.68 24.12 -105.37
C THR MA 166 -43.31 24.74 -105.52
N PHE MA 167 -42.28 23.91 -105.56
CA PHE MA 167 -40.89 24.31 -105.80
C PHE MA 167 -40.45 23.79 -107.14
N SER MA 168 -40.19 24.70 -108.08
CA SER MA 168 -40.26 24.43 -109.51
C SER MA 168 -38.98 24.86 -110.20
N VAL MA 169 -38.10 23.90 -110.43
CA VAL MA 169 -36.85 24.14 -111.16
C VAL MA 169 -37.17 24.26 -112.64
N VAL MA 170 -36.78 25.33 -113.32
CA VAL MA 170 -37.30 25.63 -114.66
C VAL MA 170 -36.26 26.16 -115.65
N PRO MA 171 -36.52 26.07 -116.98
CA PRO MA 171 -35.49 26.24 -118.00
C PRO MA 171 -34.94 27.67 -118.13
N SER MA 172 -33.72 27.75 -118.63
CA SER MA 172 -33.04 28.97 -119.06
C SER MA 172 -32.02 28.64 -120.16
N PRO MA 173 -31.67 29.59 -121.04
CA PRO MA 173 -30.98 29.26 -122.29
C PRO MA 173 -29.53 28.81 -122.13
N LYS MA 174 -28.75 29.42 -121.22
CA LYS MA 174 -27.32 29.17 -121.06
C LYS MA 174 -26.96 27.93 -120.25
N VAL MA 175 -27.92 27.32 -119.55
CA VAL MA 175 -27.75 26.07 -118.79
C VAL MA 175 -28.92 25.14 -119.14
N SER MA 176 -28.77 24.38 -120.22
CA SER MA 176 -29.81 23.51 -120.76
C SER MA 176 -29.28 22.15 -121.20
N ASP MA 177 -30.08 21.10 -120.99
CA ASP MA 177 -29.75 19.71 -121.28
C ASP MA 177 -30.80 19.01 -122.18
N THR MA 178 -31.84 19.69 -122.63
CA THR MA 178 -32.97 19.12 -123.39
C THR MA 178 -33.26 20.00 -124.61
N VAL MA 179 -33.59 19.40 -125.75
CA VAL MA 179 -33.99 20.15 -126.95
C VAL MA 179 -35.41 20.69 -126.82
N VAL MA 180 -36.35 19.85 -126.38
CA VAL MA 180 -37.77 20.19 -126.17
C VAL MA 180 -38.10 20.83 -124.81
N GLU MA 181 -37.11 21.32 -124.06
CA GLU MA 181 -37.35 22.01 -122.78
C GLU MA 181 -38.40 23.13 -122.88
N PRO MA 182 -38.35 24.06 -123.85
CA PRO MA 182 -39.33 25.13 -124.00
C PRO MA 182 -40.79 24.67 -124.13
N TYR MA 183 -41.03 23.56 -124.83
CA TYR MA 183 -42.37 23.00 -125.01
C TYR MA 183 -42.94 22.51 -123.68
N ASN MA 184 -42.19 21.66 -122.99
CA ASN MA 184 -42.60 21.06 -121.74
C ASN MA 184 -42.92 22.09 -120.68
N ALA MA 185 -42.08 23.13 -120.57
CA ALA MA 185 -42.31 24.18 -119.61
C ALA MA 185 -43.55 24.99 -119.97
N THR MA 186 -43.76 25.37 -121.23
CA THR MA 186 -44.93 26.17 -121.63
C THR MA 186 -46.25 25.44 -121.40
N LEU MA 187 -46.30 24.14 -121.65
CA LEU MA 187 -47.44 23.28 -121.32
C LEU MA 187 -47.67 23.14 -119.81
N SER MA 188 -46.63 23.26 -118.98
CA SER MA 188 -46.67 23.07 -117.55
C SER MA 188 -47.01 24.36 -116.78
N VAL MA 189 -46.50 25.51 -117.19
CA VAL MA 189 -46.77 26.83 -116.58
C VAL MA 189 -48.25 27.21 -116.67
N HIS MA 190 -48.91 26.80 -117.75
CA HIS MA 190 -50.35 26.86 -117.98
C HIS MA 190 -51.19 26.17 -116.88
N GLN MA 191 -50.67 25.14 -116.20
CA GLN MA 191 -51.31 24.49 -115.05
C GLN MA 191 -50.96 25.17 -113.72
N LEU MA 192 -49.73 25.64 -113.56
CA LEU MA 192 -49.28 26.28 -112.34
C LEU MA 192 -50.00 27.62 -112.09
N VAL MA 193 -50.19 28.47 -113.10
CA VAL MA 193 -50.87 29.77 -112.97
C VAL MA 193 -52.32 29.66 -112.48
N GLU MA 194 -53.02 28.56 -112.76
CA GLU MA 194 -54.41 28.36 -112.37
C GLU MA 194 -54.57 27.64 -111.02
N ASN MA 195 -53.75 26.63 -110.74
CA ASN MA 195 -53.97 25.72 -109.61
C ASN MA 195 -53.17 26.06 -108.34
N THR MA 196 -51.88 26.38 -108.42
CA THR MA 196 -51.06 26.58 -107.21
C THR MA 196 -51.44 27.86 -106.47
N ASP MA 197 -51.23 27.91 -105.15
CA ASP MA 197 -51.36 29.10 -104.31
C ASP MA 197 -50.04 29.88 -104.22
N GLU MA 198 -48.91 29.17 -104.33
CA GLU MA 198 -47.56 29.70 -104.44
C GLU MA 198 -46.73 28.81 -105.35
N THR MA 199 -45.91 29.37 -106.24
CA THR MA 199 -44.88 28.61 -106.97
C THR MA 199 -43.55 29.30 -106.86
N TYR MA 200 -42.53 28.62 -106.34
CA TYR MA 200 -41.19 29.16 -106.14
C TYR MA 200 -40.31 28.79 -107.32
N CYS MA 201 -40.08 29.77 -108.18
CA CYS MA 201 -39.42 29.63 -109.45
C CYS MA 201 -37.92 29.57 -109.23
N ILE MA 202 -37.28 28.48 -109.62
CA ILE MA 202 -35.86 28.21 -109.37
C ILE MA 202 -35.17 27.87 -110.68
N ASP MA 203 -33.91 28.25 -110.86
CA ASP MA 203 -33.21 28.13 -112.13
C ASP MA 203 -31.81 27.58 -111.95
N ASN MA 204 -31.37 26.66 -112.81
CA ASN MA 204 -30.01 26.13 -112.67
C ASN MA 204 -28.94 27.17 -113.02
N GLU MA 205 -29.22 28.14 -113.87
CA GLU MA 205 -28.29 29.23 -114.16
C GLU MA 205 -28.03 30.10 -112.94
N ALA MA 206 -29.06 30.45 -112.17
CA ALA MA 206 -28.92 31.21 -110.94
C ALA MA 206 -28.30 30.40 -109.80
N LEU MA 207 -28.58 29.11 -109.72
CA LEU MA 207 -27.95 28.24 -108.73
C LEU MA 207 -26.47 27.97 -109.04
N TYR MA 208 -26.05 27.98 -110.29
CA TYR MA 208 -24.63 27.98 -110.64
C TYR MA 208 -23.97 29.34 -110.38
N ASP MA 209 -24.66 30.47 -110.60
CA ASP MA 209 -24.14 31.80 -110.29
C ASP MA 209 -23.88 31.99 -108.78
N ILE MA 210 -24.73 31.46 -107.90
CA ILE MA 210 -24.45 31.45 -106.47
C ILE MA 210 -23.21 30.60 -106.16
N CYS MA 211 -23.05 29.45 -106.81
CA CYS MA 211 -21.92 28.58 -106.53
C CYS MA 211 -20.57 29.15 -106.97
N PHE MA 212 -20.50 29.88 -108.09
CA PHE MA 212 -19.26 30.49 -108.56
C PHE MA 212 -18.99 31.88 -107.98
N ARG MA 213 -19.97 32.79 -107.97
CA ARG MA 213 -19.75 34.19 -107.60
C ARG MA 213 -19.96 34.52 -106.12
N THR MA 214 -20.43 33.56 -105.31
CA THR MA 214 -20.61 33.72 -103.86
C THR MA 214 -19.81 32.67 -103.09
N LEU MA 215 -20.14 31.39 -103.25
CA LEU MA 215 -19.48 30.31 -102.53
C LEU MA 215 -18.05 30.00 -103.01
N LYS MA 216 -17.68 30.44 -104.21
CA LYS MA 216 -16.39 30.18 -104.86
C LYS MA 216 -16.05 28.69 -104.95
N LEU MA 217 -17.04 27.81 -105.13
CA LEU MA 217 -16.83 26.39 -105.41
C LEU MA 217 -16.19 26.21 -106.80
N THR MA 218 -15.15 25.37 -106.92
CA THR MA 218 -14.47 25.17 -108.22
C THR MA 218 -15.28 24.27 -109.18
N THR MA 219 -15.98 23.27 -108.66
CA THR MA 219 -16.75 22.26 -109.40
C THR MA 219 -18.07 21.96 -108.70
N PRO MA 220 -19.08 22.84 -108.79
CA PRO MA 220 -20.39 22.61 -108.20
C PRO MA 220 -21.17 21.53 -108.94
N THR MA 221 -21.62 20.54 -108.20
CA THR MA 221 -22.43 19.42 -108.69
C THR MA 221 -23.92 19.72 -108.57
N TYR MA 222 -24.79 18.85 -109.10
CA TYR MA 222 -26.21 18.91 -108.76
C TYR MA 222 -26.46 18.71 -107.26
N GLY MA 223 -25.62 17.98 -106.53
CA GLY MA 223 -25.75 17.87 -105.08
C GLY MA 223 -25.56 19.18 -104.34
N ASP MA 224 -24.72 20.08 -104.85
CA ASP MA 224 -24.52 21.42 -104.33
C ASP MA 224 -25.68 22.35 -104.69
N LEU MA 225 -26.25 22.21 -105.88
CA LEU MA 225 -27.44 22.97 -106.27
C LEU MA 225 -28.66 22.60 -105.43
N ASN MA 226 -28.83 21.31 -105.16
CA ASN MA 226 -29.95 20.76 -104.39
C ASN MA 226 -29.92 21.20 -102.93
N HIS MA 227 -28.73 21.47 -102.42
CA HIS MA 227 -28.47 22.00 -101.09
C HIS MA 227 -28.91 23.47 -100.96
N LEU MA 228 -28.68 24.31 -101.98
CA LEU MA 228 -29.21 25.67 -102.02
C LEU MA 228 -30.73 25.72 -102.09
N VAL MA 229 -31.37 24.88 -102.92
CA VAL MA 229 -32.83 24.82 -103.01
C VAL MA 229 -33.42 24.42 -101.68
N SER MA 230 -32.94 23.34 -101.09
CA SER MA 230 -33.53 22.77 -99.88
C SER MA 230 -33.34 23.63 -98.63
N ALA MA 231 -32.33 24.49 -98.56
CA ALA MA 231 -32.23 25.52 -97.52
C ALA MA 231 -33.43 26.48 -97.52
N THR MA 232 -33.89 26.95 -98.69
CA THR MA 232 -35.09 27.81 -98.80
C THR MA 232 -36.40 27.05 -98.62
N MET MA 233 -36.45 25.75 -98.91
CA MET MA 233 -37.61 24.92 -98.58
C MET MA 233 -37.79 24.77 -97.06
N SER MA 234 -36.70 24.44 -96.34
CA SER MA 234 -36.70 24.46 -94.88
C SER MA 234 -37.04 25.85 -94.35
N GLY MA 235 -36.56 26.89 -95.02
CA GLY MA 235 -36.78 28.26 -94.58
C GLY MA 235 -38.25 28.69 -94.47
N VAL MA 236 -39.05 28.52 -95.52
CA VAL MA 236 -40.40 29.12 -95.57
C VAL MA 236 -41.41 28.45 -94.63
N THR MA 237 -41.21 27.19 -94.23
CA THR MA 237 -42.09 26.50 -93.27
C THR MA 237 -41.65 26.65 -91.82
N THR MA 238 -40.49 27.27 -91.56
CA THR MA 238 -39.87 27.36 -90.23
C THR MA 238 -40.84 27.78 -89.14
N CYS MA 239 -41.66 28.79 -89.42
CA CYS MA 239 -42.61 29.35 -88.47
C CYS MA 239 -43.80 28.46 -88.09
N LEU MA 240 -44.02 27.30 -88.70
CA LEU MA 240 -44.93 26.28 -88.15
C LEU MA 240 -44.19 25.10 -87.49
N ARG MA 241 -42.85 25.10 -87.50
CA ARG MA 241 -41.99 24.06 -86.90
C ARG MA 241 -41.29 24.51 -85.63
N PHE MA 242 -41.07 25.80 -85.46
CA PHE MA 242 -40.35 26.40 -84.33
C PHE MA 242 -41.07 27.66 -83.82
N PRO MA 243 -40.86 28.04 -82.53
CA PRO MA 243 -41.40 29.28 -81.97
C PRO MA 243 -40.68 30.53 -82.51
N GLY MA 244 -41.26 31.72 -82.34
CA GLY MA 244 -40.71 32.96 -82.88
C GLY MA 244 -41.34 34.22 -82.30
N GLN MA 245 -40.70 35.36 -82.53
CA GLN MA 245 -41.22 36.68 -82.15
C GLN MA 245 -42.35 37.15 -83.08
N LEU MA 246 -42.33 36.74 -84.34
CA LEU MA 246 -43.38 36.93 -85.34
C LEU MA 246 -43.58 35.61 -86.07
N ASN MA 247 -44.70 34.93 -85.87
CA ASN MA 247 -44.98 33.68 -86.58
C ASN MA 247 -45.69 33.96 -87.91
N ALA MA 248 -45.28 33.26 -88.98
CA ALA MA 248 -45.93 33.30 -90.30
C ALA MA 248 -46.12 31.90 -90.90
N ASP MA 249 -47.36 31.41 -90.90
CA ASP MA 249 -47.77 30.21 -91.64
C ASP MA 249 -47.64 30.41 -93.17
N LEU MA 250 -47.56 29.35 -93.97
CA LEU MA 250 -47.58 29.45 -95.44
C LEU MA 250 -48.77 30.27 -95.96
N ARG MA 251 -49.92 30.24 -95.29
CA ARG MA 251 -51.07 31.08 -95.61
C ARG MA 251 -50.88 32.57 -95.24
N LYS MA 252 -50.21 32.87 -94.13
CA LYS MA 252 -49.83 34.23 -93.69
C LYS MA 252 -48.79 34.85 -94.62
N LEU MA 253 -47.97 34.03 -95.27
CA LEU MA 253 -47.16 34.44 -96.42
C LEU MA 253 -48.06 34.75 -97.62
N ALA MA 254 -48.92 33.82 -98.05
CA ALA MA 254 -49.75 33.99 -99.24
C ALA MA 254 -50.66 35.24 -99.20
N VAL MA 255 -51.36 35.50 -98.10
CA VAL MA 255 -52.20 36.70 -97.95
C VAL MA 255 -51.43 38.00 -98.12
N ASN MA 256 -50.17 38.05 -97.67
CA ASN MA 256 -49.31 39.22 -97.78
C ASN MA 256 -48.53 39.28 -99.10
N MET MA 257 -48.23 38.15 -99.71
CA MET MA 257 -47.37 38.02 -100.87
C MET MA 257 -48.08 38.09 -102.22
N VAL MA 258 -49.36 37.72 -102.30
CA VAL MA 258 -50.10 37.59 -103.56
C VAL MA 258 -51.18 38.67 -103.66
N PRO MA 259 -50.92 39.84 -104.25
CA PRO MA 259 -51.89 40.93 -104.33
C PRO MA 259 -53.09 40.55 -105.20
N PHE MA 260 -52.83 40.12 -106.43
CA PHE MA 260 -53.83 39.66 -107.39
C PHE MA 260 -53.64 38.16 -107.67
N PRO MA 261 -54.71 37.35 -107.78
CA PRO MA 261 -54.66 35.90 -107.55
C PRO MA 261 -53.55 35.09 -108.23
N ARG MA 262 -53.23 35.45 -109.47
CA ARG MA 262 -52.32 34.78 -110.40
C ARG MA 262 -50.86 35.22 -110.26
N LEU MA 263 -50.56 36.30 -109.56
CA LEU MA 263 -49.20 36.82 -109.39
C LEU MA 263 -48.46 36.14 -108.24
N HIS MA 264 -48.41 34.81 -108.22
CA HIS MA 264 -47.83 34.01 -107.14
C HIS MA 264 -46.56 33.27 -107.53
N PHE MA 265 -45.94 33.65 -108.64
CA PHE MA 265 -44.65 33.12 -109.10
C PHE MA 265 -43.50 33.81 -108.39
N PHE MA 266 -43.13 33.27 -107.24
CA PHE MA 266 -42.08 33.80 -106.38
C PHE MA 266 -40.69 33.39 -106.85
N MET MA 267 -39.67 33.96 -106.20
CA MET MA 267 -38.26 33.86 -106.55
C MET MA 267 -37.46 33.84 -105.24
N PRO MA 268 -36.95 32.68 -104.78
CA PRO MA 268 -36.39 32.56 -103.45
C PRO MA 268 -34.92 32.97 -103.34
N GLY MA 269 -34.43 33.14 -102.12
CA GLY MA 269 -33.03 33.37 -101.79
C GLY MA 269 -32.72 33.01 -100.34
N PHE MA 270 -31.44 32.98 -99.98
CA PHE MA 270 -30.97 32.56 -98.67
C PHE MA 270 -29.75 33.35 -98.24
N ALA MA 271 -29.59 33.59 -96.95
CA ALA MA 271 -28.43 34.21 -96.33
C ALA MA 271 -28.21 33.63 -94.92
N PRO MA 272 -27.00 33.68 -94.37
CA PRO MA 272 -25.76 34.07 -94.99
C PRO MA 272 -25.24 32.97 -95.92
N LEU MA 273 -24.73 33.33 -97.09
CA LEU MA 273 -23.87 32.48 -97.90
C LEU MA 273 -22.48 33.09 -97.97
N THR MA 274 -21.44 32.35 -97.63
CA THR MA 274 -20.06 32.87 -97.59
C THR MA 274 -19.13 31.92 -98.30
N SER MA 275 -18.11 32.45 -98.97
CA SER MA 275 -17.02 31.63 -99.49
C SER MA 275 -16.42 30.79 -98.38
N ARG MA 276 -16.28 29.48 -98.58
CA ARG MA 276 -15.91 28.53 -97.51
C ARG MA 276 -14.62 28.92 -96.76
N GLY MA 277 -13.64 29.48 -97.45
CA GLY MA 277 -12.38 29.94 -96.87
C GLY MA 277 -12.41 31.31 -96.19
N SER MA 278 -13.55 32.00 -96.17
CA SER MA 278 -13.67 33.39 -95.73
C SER MA 278 -14.52 33.60 -94.48
N GLN MA 279 -15.15 32.59 -93.89
CA GLN MA 279 -16.15 32.81 -92.84
C GLN MA 279 -15.63 33.59 -91.63
N GLN MA 280 -14.42 33.31 -91.14
CA GLN MA 280 -13.88 33.98 -89.95
C GLN MA 280 -13.74 35.51 -90.05
N TYR MA 281 -13.75 36.07 -91.26
CA TYR MA 281 -13.61 37.50 -91.49
C TYR MA 281 -14.94 38.24 -91.54
N ARG MA 282 -16.07 37.52 -91.60
CA ARG MA 282 -17.42 38.08 -91.77
C ARG MA 282 -18.12 38.24 -90.41
N ALA MA 283 -18.79 39.36 -90.18
CA ALA MA 283 -19.67 39.55 -89.04
C ALA MA 283 -21.11 39.11 -89.38
N LEU MA 284 -21.61 38.01 -88.80
CA LEU MA 284 -23.01 37.62 -88.95
C LEU MA 284 -23.89 38.55 -88.13
N THR MA 285 -24.71 39.36 -88.81
CA THR MA 285 -25.62 40.30 -88.16
C THR MA 285 -26.68 40.79 -89.15
N VAL MA 286 -27.83 41.26 -88.68
CA VAL MA 286 -28.99 41.62 -89.50
C VAL MA 286 -28.70 42.55 -90.68
N PRO MA 287 -27.88 43.62 -90.58
CA PRO MA 287 -27.59 44.45 -91.75
C PRO MA 287 -26.66 43.80 -92.78
N GLU MA 288 -25.85 42.80 -92.43
CA GLU MA 288 -25.09 42.05 -93.43
C GLU MA 288 -25.96 40.98 -94.08
N LEU MA 289 -26.79 40.28 -93.31
CA LEU MA 289 -27.82 39.40 -93.86
C LEU MA 289 -28.72 40.16 -94.82
N THR MA 290 -29.10 41.40 -94.52
CA THR MA 290 -29.89 42.24 -95.42
C THR MA 290 -29.14 42.62 -96.70
N GLN MA 291 -27.90 43.11 -96.62
CA GLN MA 291 -27.11 43.51 -97.81
C GLN MA 291 -26.73 42.35 -98.73
N GLN MA 292 -26.79 41.11 -98.25
CA GLN MA 292 -26.72 39.92 -99.10
C GLN MA 292 -28.09 39.56 -99.68
N MET MA 293 -29.09 39.42 -98.83
CA MET MA 293 -30.44 38.98 -99.14
C MET MA 293 -31.10 39.78 -100.25
N PHE MA 294 -31.01 41.11 -100.21
CA PHE MA 294 -31.62 42.00 -101.19
C PHE MA 294 -30.75 42.31 -102.42
N ASP MA 295 -29.64 41.62 -102.63
CA ASP MA 295 -28.75 41.83 -103.79
C ASP MA 295 -28.97 40.78 -104.87
N ALA MA 296 -29.01 41.25 -106.10
CA ALA MA 296 -29.40 40.58 -107.36
C ALA MA 296 -28.65 39.28 -107.61
N LYS MA 297 -27.42 39.14 -107.09
CA LYS MA 297 -26.61 37.92 -107.19
C LYS MA 297 -27.07 36.78 -106.30
N ASN MA 298 -27.88 37.04 -105.27
CA ASN MA 298 -28.31 36.02 -104.31
C ASN MA 298 -29.58 35.26 -104.72
N MET MA 299 -30.49 35.84 -105.51
CA MET MA 299 -31.76 35.23 -105.88
C MET MA 299 -31.58 34.03 -106.81
N MET MA 300 -32.38 32.99 -106.63
CA MET MA 300 -32.27 31.68 -107.31
C MET MA 300 -33.05 31.55 -108.63
N ALA MA 301 -33.42 32.67 -109.27
CA ALA MA 301 -33.88 32.72 -110.65
C ALA MA 301 -33.05 33.75 -111.45
N ALA MA 302 -32.90 33.55 -112.76
CA ALA MA 302 -32.00 34.38 -113.57
C ALA MA 302 -32.39 35.86 -113.66
N CYS MA 303 -33.64 36.20 -113.34
CA CYS MA 303 -34.16 37.56 -113.32
C CYS MA 303 -33.32 38.46 -112.40
N ASP MA 304 -32.72 39.50 -112.95
CA ASP MA 304 -32.22 40.59 -112.13
C ASP MA 304 -33.40 41.44 -111.68
N PRO MA 305 -33.67 41.60 -110.38
CA PRO MA 305 -34.78 42.42 -109.93
C PRO MA 305 -34.66 43.88 -110.36
N ARG MA 306 -33.47 44.37 -110.73
CA ARG MA 306 -33.28 45.70 -111.31
C ARG MA 306 -33.92 45.87 -112.70
N HIS MA 307 -34.44 44.81 -113.31
CA HIS MA 307 -35.27 44.85 -114.52
C HIS MA 307 -36.79 44.91 -114.26
N GLY MA 308 -37.22 45.06 -113.02
CA GLY MA 308 -38.63 45.20 -112.64
C GLY MA 308 -38.82 46.02 -111.37
N ARG MA 309 -39.90 45.74 -110.64
CA ARG MA 309 -40.17 46.21 -109.28
C ARG MA 309 -40.71 45.04 -108.48
N TYR MA 310 -40.44 44.93 -107.19
CA TYR MA 310 -41.12 43.98 -106.32
C TYR MA 310 -42.57 44.42 -106.05
N LEU MA 311 -43.47 43.46 -105.96
CA LEU MA 311 -44.81 43.65 -105.43
C LEU MA 311 -44.74 43.54 -103.91
N THR MA 312 -44.36 42.36 -103.43
CA THR MA 312 -44.07 42.05 -102.04
C THR MA 312 -42.76 41.28 -101.94
N VAL MA 313 -42.01 41.49 -100.88
CA VAL MA 313 -40.93 40.61 -100.44
C VAL MA 313 -41.27 40.09 -99.06
N ALA MA 314 -41.03 38.82 -98.76
CA ALA MA 314 -41.05 38.32 -97.40
C ALA MA 314 -39.64 37.95 -96.96
N ALA MA 315 -39.21 38.47 -95.83
CA ALA MA 315 -37.95 38.09 -95.19
C ALA MA 315 -38.23 37.28 -93.91
N ILE MA 316 -38.10 35.96 -93.98
CA ILE MA 316 -38.29 35.05 -92.85
C ILE MA 316 -36.93 34.83 -92.18
N PHE MA 317 -36.64 35.65 -91.18
CA PHE MA 317 -35.44 35.55 -90.36
C PHE MA 317 -35.56 34.43 -89.32
N ARG MA 318 -34.40 33.90 -88.94
CA ARG MA 318 -34.23 32.91 -87.89
C ARG MA 318 -33.05 33.31 -87.02
N GLY MA 319 -33.18 33.17 -85.72
CA GLY MA 319 -32.13 33.48 -84.74
C GLY MA 319 -32.56 34.47 -83.67
N ARG MA 320 -31.72 34.66 -82.66
CA ARG MA 320 -31.93 35.66 -81.60
C ARG MA 320 -31.52 37.05 -82.10
N MET MA 321 -32.49 37.89 -82.45
CA MET MA 321 -32.26 39.21 -83.02
C MET MA 321 -33.32 40.23 -82.61
N SER MA 322 -32.97 41.50 -82.67
CA SER MA 322 -33.84 42.63 -82.31
C SER MA 322 -34.93 42.88 -83.33
N MET MA 323 -36.17 43.09 -82.87
CA MET MA 323 -37.24 43.53 -83.74
C MET MA 323 -37.03 44.97 -84.23
N LYS MA 324 -36.44 45.87 -83.45
CA LYS MA 324 -36.07 47.21 -83.94
C LYS MA 324 -35.11 47.10 -85.11
N GLU MA 325 -34.05 46.29 -84.97
CA GLU MA 325 -33.04 46.13 -86.03
C GLU MA 325 -33.62 45.49 -87.30
N VAL MA 326 -34.46 44.45 -87.18
CA VAL MA 326 -35.16 43.89 -88.34
C VAL MA 326 -36.07 44.94 -88.97
N ASP MA 327 -36.89 45.61 -88.18
CA ASP MA 327 -37.87 46.57 -88.72
C ASP MA 327 -37.19 47.83 -89.33
N GLU MA 328 -36.05 48.25 -88.77
CA GLU MA 328 -35.14 49.27 -89.29
C GLU MA 328 -34.58 48.87 -90.65
N GLN MA 329 -34.05 47.66 -90.82
CA GLN MA 329 -33.41 47.28 -92.08
C GLN MA 329 -34.43 47.04 -93.18
N MET MA 330 -35.57 46.43 -92.88
CA MET MA 330 -36.64 46.23 -93.86
C MET MA 330 -37.35 47.54 -94.24
N LEU MA 331 -37.19 48.61 -93.47
CA LEU MA 331 -37.54 49.98 -93.85
C LEU MA 331 -36.45 50.64 -94.70
N ASN MA 332 -35.20 50.59 -94.26
CA ASN MA 332 -34.09 51.23 -94.94
C ASN MA 332 -33.93 50.71 -96.36
N VAL MA 333 -34.07 49.39 -96.57
CA VAL MA 333 -34.01 48.81 -97.91
C VAL MA 333 -35.04 49.44 -98.84
N GLN MA 334 -36.33 49.44 -98.49
CA GLN MA 334 -37.36 49.86 -99.45
C GLN MA 334 -37.55 51.39 -99.56
N ASN MA 335 -36.85 52.17 -98.75
CA ASN MA 335 -36.76 53.62 -98.88
C ASN MA 335 -35.53 54.04 -99.70
N LYS MA 336 -34.38 53.42 -99.47
CA LYS MA 336 -33.16 53.66 -100.23
C LYS MA 336 -33.17 53.01 -101.63
N ASN MA 337 -34.00 52.00 -101.86
CA ASN MA 337 -34.24 51.34 -103.15
C ASN MA 337 -35.67 51.56 -103.67
N SER MA 338 -36.31 52.70 -103.38
CA SER MA 338 -37.75 52.90 -103.61
C SER MA 338 -38.21 52.77 -105.07
N SER MA 339 -37.32 53.03 -106.03
CA SER MA 339 -37.53 52.80 -107.46
C SER MA 339 -37.69 51.32 -107.86
N TYR MA 340 -37.40 50.38 -106.97
CA TYR MA 340 -37.51 48.94 -107.20
C TYR MA 340 -38.66 48.25 -106.46
N PHE MA 341 -39.60 49.02 -105.90
CA PHE MA 341 -40.81 48.51 -105.24
C PHE MA 341 -42.04 49.21 -105.80
N VAL MA 342 -43.20 48.56 -105.92
CA VAL MA 342 -44.38 49.25 -106.45
C VAL MA 342 -44.91 50.29 -105.47
N GLU MA 343 -45.24 51.49 -105.96
CA GLU MA 343 -45.58 52.64 -105.10
C GLU MA 343 -47.08 52.80 -104.80
N TRP MA 344 -47.91 51.85 -105.23
CA TRP MA 344 -49.31 51.70 -104.83
C TRP MA 344 -49.51 50.71 -103.67
N ILE MA 345 -48.44 50.08 -103.16
CA ILE MA 345 -48.41 49.36 -101.89
C ILE MA 345 -47.58 50.19 -100.91
N PRO MA 346 -48.08 50.55 -99.71
CA PRO MA 346 -47.42 51.47 -98.79
C PRO MA 346 -46.27 50.86 -97.98
N ASN MA 347 -46.24 49.54 -97.83
CA ASN MA 347 -45.11 48.78 -97.32
C ASN MA 347 -45.04 47.48 -98.10
N ASN MA 348 -43.93 47.20 -98.76
CA ASN MA 348 -43.77 46.04 -99.61
C ASN MA 348 -43.12 44.85 -98.88
N VAL MA 349 -42.62 44.99 -97.65
CA VAL MA 349 -41.91 43.91 -96.96
C VAL MA 349 -42.75 43.33 -95.82
N LYS MA 350 -43.02 42.02 -95.87
CA LYS MA 350 -43.44 41.16 -94.76
C LYS MA 350 -42.20 40.71 -94.00
N THR MA 351 -42.24 40.68 -92.67
CA THR MA 351 -41.16 40.10 -91.85
C THR MA 351 -41.70 38.96 -91.02
N ALA MA 352 -40.86 37.97 -90.75
CA ALA MA 352 -41.13 36.96 -89.73
C ALA MA 352 -39.81 36.63 -89.03
N VAL MA 353 -39.88 36.20 -87.77
CA VAL MA 353 -38.69 36.00 -86.93
C VAL MA 353 -38.90 34.76 -86.09
N CYS MA 354 -38.17 33.71 -86.38
CA CYS MA 354 -38.10 32.48 -85.60
C CYS MA 354 -36.97 32.51 -84.58
N ASP MA 355 -37.17 31.94 -83.40
CA ASP MA 355 -36.19 31.90 -82.30
C ASP MA 355 -35.07 30.87 -82.48
N ILE MA 356 -35.15 30.00 -83.49
CA ILE MA 356 -34.28 28.84 -83.68
C ILE MA 356 -33.58 28.92 -85.06
N PRO MA 357 -32.32 29.36 -85.12
CA PRO MA 357 -31.55 29.44 -86.36
C PRO MA 357 -31.05 28.05 -86.80
N PRO MA 358 -30.72 27.86 -88.09
CA PRO MA 358 -30.29 26.56 -88.59
C PRO MA 358 -29.08 26.01 -87.82
N ARG MA 359 -28.95 24.69 -87.70
CA ARG MA 359 -27.86 24.09 -86.93
C ARG MA 359 -26.50 24.53 -87.47
N GLY MA 360 -25.66 25.13 -86.65
CA GLY MA 360 -24.36 25.69 -87.06
C GLY MA 360 -24.37 27.14 -87.58
N LEU MA 361 -25.44 27.92 -87.55
CA LEU MA 361 -25.24 29.37 -87.72
C LEU MA 361 -26.12 30.20 -86.79
N LYS MA 362 -25.60 31.35 -86.33
CA LYS MA 362 -26.19 32.18 -85.28
C LYS MA 362 -27.48 32.86 -85.71
N MET MA 363 -27.63 33.10 -87.00
CA MET MA 363 -28.81 33.70 -87.62
C MET MA 363 -28.95 33.16 -89.04
N SER MA 364 -30.11 33.26 -89.66
CA SER MA 364 -30.29 33.03 -91.09
C SER MA 364 -31.51 33.79 -91.59
N ALA MA 365 -31.59 34.06 -92.88
CA ALA MA 365 -32.76 34.66 -93.51
C ALA MA 365 -33.11 33.93 -94.81
N THR MA 366 -34.34 33.50 -94.95
CA THR MA 366 -34.89 33.03 -96.23
C THR MA 366 -35.69 34.16 -96.84
N PHE MA 367 -35.38 34.47 -98.09
CA PHE MA 367 -35.97 35.55 -98.86
C PHE MA 367 -36.97 35.00 -99.85
N ILE MA 368 -38.13 35.62 -99.96
CA ILE MA 368 -39.08 35.32 -101.02
C ILE MA 368 -39.42 36.61 -101.74
N GLY MA 369 -39.06 36.71 -103.00
CA GLY MA 369 -39.41 37.86 -103.83
C GLY MA 369 -40.63 37.55 -104.68
N ASN MA 370 -41.58 38.47 -104.74
CA ASN MA 370 -42.51 38.56 -105.85
C ASN MA 370 -42.17 39.82 -106.64
N SER MA 371 -41.81 39.72 -107.91
CA SER MA 371 -41.39 40.87 -108.70
C SER MA 371 -41.80 40.76 -110.15
N THR MA 372 -42.17 41.90 -110.74
CA THR MA 372 -42.48 42.03 -112.15
C THR MA 372 -41.31 41.62 -113.05
N ALA MA 373 -40.08 41.57 -112.53
CA ALA MA 373 -38.92 41.02 -113.23
C ALA MA 373 -39.06 39.53 -113.58
N ILE MA 374 -39.95 38.76 -112.92
CA ILE MA 374 -40.22 37.37 -113.31
C ILE MA 374 -40.85 37.26 -114.71
N GLN MA 375 -41.28 38.38 -115.31
CA GLN MA 375 -41.66 38.41 -116.72
C GLN MA 375 -40.54 37.90 -117.62
N GLU MA 376 -39.27 38.13 -117.28
CA GLU MA 376 -38.14 37.75 -118.14
C GLU MA 376 -37.93 36.25 -118.20
N LEU MA 377 -38.28 35.52 -117.14
CA LEU MA 377 -38.22 34.07 -117.13
C LEU MA 377 -39.30 33.48 -118.03
N PHE MA 378 -40.54 33.97 -117.94
CA PHE MA 378 -41.61 33.54 -118.81
C PHE MA 378 -41.44 34.02 -120.25
N LYS MA 379 -40.84 35.18 -120.50
CA LYS MA 379 -40.62 35.72 -121.85
C LYS MA 379 -39.63 34.86 -122.63
N ARG MA 380 -38.47 34.54 -122.05
CA ARG MA 380 -37.43 33.79 -122.79
C ARG MA 380 -37.83 32.36 -123.08
N ILE MA 381 -38.58 31.70 -122.21
CA ILE MA 381 -39.20 30.42 -122.53
C ILE MA 381 -40.21 30.59 -123.67
N SER MA 382 -41.09 31.60 -123.61
CA SER MA 382 -42.09 31.85 -124.64
C SER MA 382 -41.50 32.13 -126.04
N GLU MA 383 -40.37 32.84 -126.12
CA GLU MA 383 -39.66 33.09 -127.39
C GLU MA 383 -38.84 31.88 -127.89
N GLN MA 384 -38.28 31.03 -127.01
CA GLN MA 384 -37.72 29.74 -127.47
C GLN MA 384 -38.83 28.80 -127.97
N PHE MA 385 -39.96 28.73 -127.29
CA PHE MA 385 -41.13 27.97 -127.73
C PHE MA 385 -41.58 28.44 -129.12
N THR MA 386 -41.72 29.75 -129.29
CA THR MA 386 -42.22 30.33 -130.54
C THR MA 386 -41.32 29.99 -131.73
N ALA MA 387 -40.01 30.09 -131.58
CA ALA MA 387 -39.08 29.84 -132.68
C ALA MA 387 -39.08 28.38 -133.16
N MET MA 388 -39.36 27.41 -132.29
CA MET MA 388 -39.58 26.02 -132.71
C MET MA 388 -40.98 25.81 -133.28
N PHE MA 389 -41.99 26.34 -132.60
CA PHE MA 389 -43.38 26.08 -132.92
C PHE MA 389 -43.82 26.68 -134.26
N ARG MA 390 -43.24 27.80 -134.72
CA ARG MA 390 -43.57 28.36 -136.04
C ARG MA 390 -43.31 27.37 -137.19
N ARG MA 391 -42.40 26.40 -136.98
CA ARG MA 391 -42.06 25.34 -137.94
C ARG MA 391 -42.50 23.95 -137.48
N LYS MA 392 -43.39 23.87 -136.49
CA LYS MA 392 -44.00 22.63 -135.94
C LYS MA 392 -42.97 21.58 -135.50
N ALA MA 393 -41.73 21.96 -135.24
CA ALA MA 393 -40.66 21.02 -134.98
C ALA MA 393 -40.96 20.15 -133.75
N PHE MA 394 -40.57 18.88 -133.76
CA PHE MA 394 -40.78 17.91 -132.68
C PHE MA 394 -42.24 17.59 -132.29
N LEU MA 395 -43.27 18.18 -132.90
CA LEU MA 395 -44.65 18.01 -132.44
C LEU MA 395 -45.22 16.61 -132.63
N HIS MA 396 -44.63 15.75 -133.44
CA HIS MA 396 -45.15 14.39 -133.65
C HIS MA 396 -44.97 13.50 -132.41
N TRP MA 397 -44.00 13.80 -131.55
CA TRP MA 397 -43.83 13.13 -130.27
C TRP MA 397 -44.91 13.46 -129.24
N TYR MA 398 -45.54 14.63 -129.33
CA TYR MA 398 -46.63 15.07 -128.46
C TYR MA 398 -48.00 14.75 -129.04
N THR MA 399 -48.21 15.04 -130.31
CA THR MA 399 -49.44 14.68 -131.02
C THR MA 399 -49.58 13.17 -131.18
N GLY MA 400 -48.50 12.40 -131.14
CA GLY MA 400 -48.52 10.94 -131.06
C GLY MA 400 -49.16 10.41 -129.77
N GLU MA 401 -49.07 11.14 -128.67
CA GLU MA 401 -49.77 10.88 -127.41
C GLU MA 401 -51.23 11.38 -127.41
N GLY MA 402 -51.76 11.79 -128.56
CA GLY MA 402 -53.12 12.29 -128.74
C GLY MA 402 -53.36 13.75 -128.33
N MET MA 403 -52.30 14.50 -128.08
CA MET MA 403 -52.37 15.93 -127.78
C MET MA 403 -52.68 16.75 -129.05
N ASP MA 404 -53.45 17.83 -128.93
CA ASP MA 404 -53.72 18.71 -130.09
C ASP MA 404 -52.62 19.76 -130.30
N GLU MA 405 -52.43 20.19 -131.54
CA GLU MA 405 -51.71 21.43 -131.83
C GLU MA 405 -52.38 22.64 -131.15
N MET MA 406 -53.72 22.63 -131.04
CA MET MA 406 -54.47 23.66 -130.33
C MET MA 406 -54.04 23.78 -128.86
N GLU MA 407 -53.53 22.73 -128.22
CA GLU MA 407 -53.12 22.84 -126.81
C GLU MA 407 -51.81 23.58 -126.64
N PHE MA 408 -50.93 23.53 -127.65
CA PHE MA 408 -49.71 24.32 -127.70
C PHE MA 408 -50.05 25.80 -127.91
N THR MA 409 -50.90 26.10 -128.89
CA THR MA 409 -51.40 27.46 -129.13
C THR MA 409 -52.04 28.05 -127.88
N GLU MA 410 -52.85 27.28 -127.16
CA GLU MA 410 -53.52 27.71 -125.94
C GLU MA 410 -52.59 27.83 -124.73
N ALA MA 411 -51.56 26.99 -124.62
CA ALA MA 411 -50.54 27.13 -123.59
C ALA MA 411 -49.69 28.41 -123.77
N GLU MA 412 -49.17 28.66 -124.96
CA GLU MA 412 -48.38 29.87 -125.24
C GLU MA 412 -49.23 31.14 -125.16
N SER MA 413 -50.53 31.03 -125.41
CA SER MA 413 -51.50 32.11 -125.21
C SER MA 413 -51.62 32.48 -123.72
N ASN MA 414 -51.82 31.48 -122.87
CA ASN MA 414 -51.85 31.62 -121.42
C ASN MA 414 -50.51 32.05 -120.80
N MET MA 415 -49.38 31.67 -121.42
CA MET MA 415 -48.06 32.17 -121.04
C MET MA 415 -47.94 33.68 -121.28
N ASN MA 416 -48.28 34.18 -122.48
CA ASN MA 416 -48.25 35.62 -122.74
C ASN MA 416 -49.24 36.40 -121.86
N ASP MA 417 -50.37 35.80 -121.46
CA ASP MA 417 -51.29 36.39 -120.49
C ASP MA 417 -50.66 36.53 -119.11
N LEU MA 418 -49.84 35.57 -118.66
CA LEU MA 418 -49.04 35.70 -117.43
C LEU MA 418 -47.93 36.75 -117.55
N VAL MA 419 -47.25 36.83 -118.68
CA VAL MA 419 -46.25 37.89 -118.94
C VAL MA 419 -46.89 39.27 -118.90
N SER MA 420 -48.08 39.41 -119.47
CA SER MA 420 -48.78 40.68 -119.56
C SER MA 420 -49.25 41.20 -118.20
N GLU MA 421 -49.69 40.32 -117.30
CA GLU MA 421 -50.14 40.70 -115.95
C GLU MA 421 -48.99 41.14 -115.06
N TYR MA 422 -47.79 40.56 -115.14
CA TYR MA 422 -46.62 41.13 -114.46
C TYR MA 422 -46.14 42.44 -115.09
N GLN MA 423 -46.08 42.52 -116.42
CA GLN MA 423 -45.69 43.75 -117.12
C GLN MA 423 -46.68 44.91 -116.90
N GLN MA 424 -47.95 44.63 -116.62
CA GLN MA 424 -48.96 45.64 -116.30
C GLN MA 424 -48.64 46.45 -115.06
N TYR MA 425 -48.12 45.84 -113.99
CA TYR MA 425 -47.76 46.55 -112.76
C TYR MA 425 -46.32 47.09 -112.73
N GLN MA 426 -45.58 47.03 -113.84
CA GLN MA 426 -44.19 47.50 -113.95
C GLN MA 426 -44.07 48.99 -113.62
N MET NA 1 -69.78 -23.25 -66.75
CA MET NA 1 -69.84 -21.78 -66.88
C MET NA 1 -69.55 -21.36 -68.31
N ARG NA 2 -70.59 -21.34 -69.16
CA ARG NA 2 -70.53 -20.91 -70.57
C ARG NA 2 -69.47 -21.63 -71.37
N GLU NA 3 -69.44 -22.94 -71.24
CA GLU NA 3 -68.58 -23.79 -72.03
C GLU NA 3 -68.86 -23.62 -73.52
N ILE NA 4 -67.82 -23.74 -74.35
CA ILE NA 4 -67.94 -23.88 -75.80
C ILE NA 4 -67.44 -25.25 -76.22
N VAL NA 5 -68.12 -25.82 -77.21
CA VAL NA 5 -67.72 -27.02 -77.93
C VAL NA 5 -67.21 -26.60 -79.30
N HIS NA 6 -66.01 -27.00 -79.65
CA HIS NA 6 -65.37 -26.58 -80.88
C HIS NA 6 -65.20 -27.75 -81.85
N LEU NA 7 -65.47 -27.57 -83.13
CA LEU NA 7 -65.49 -28.66 -84.10
C LEU NA 7 -64.70 -28.26 -85.34
N GLN NA 8 -63.81 -29.13 -85.80
CA GLN NA 8 -62.94 -28.87 -86.96
C GLN NA 8 -63.27 -29.78 -88.14
N ALA NA 9 -63.52 -29.26 -89.33
CA ALA NA 9 -63.89 -30.08 -90.49
C ALA NA 9 -63.02 -29.88 -91.74
N GLY NA 10 -62.55 -30.99 -92.31
CA GLY NA 10 -61.73 -30.99 -93.53
C GLY NA 10 -60.30 -30.51 -93.32
N GLN NA 11 -59.51 -30.29 -94.36
CA GLN NA 11 -58.14 -29.81 -94.20
C GLN NA 11 -58.12 -28.39 -93.64
N CYS NA 12 -58.82 -27.42 -94.25
CA CYS NA 12 -58.78 -26.04 -93.80
C CYS NA 12 -59.29 -25.88 -92.36
N GLY NA 13 -60.44 -26.46 -92.01
CA GLY NA 13 -61.01 -26.35 -90.68
C GLY NA 13 -60.13 -26.93 -89.57
N ASN NA 14 -59.44 -28.04 -89.85
CA ASN NA 14 -58.46 -28.64 -88.94
C ASN NA 14 -57.16 -27.84 -88.89
N GLN NA 15 -56.81 -27.07 -89.91
CA GLN NA 15 -55.60 -26.26 -89.93
C GLN NA 15 -55.79 -24.91 -89.23
N ILE NA 16 -56.87 -24.17 -89.49
CA ILE NA 16 -57.20 -22.97 -88.74
C ILE NA 16 -57.55 -23.32 -87.28
N GLY NA 17 -58.15 -24.48 -87.03
CA GLY NA 17 -58.40 -25.03 -85.70
C GLY NA 17 -57.14 -25.43 -84.93
N ALA NA 18 -56.25 -26.22 -85.52
CA ALA NA 18 -55.00 -26.62 -84.87
C ALA NA 18 -54.05 -25.46 -84.59
N LYS NA 19 -54.16 -24.33 -85.32
CA LYS NA 19 -53.49 -23.07 -84.98
C LYS NA 19 -54.23 -22.33 -83.87
N PHE NA 20 -55.55 -22.26 -83.92
CA PHE NA 20 -56.34 -21.67 -82.85
C PHE NA 20 -56.02 -22.28 -81.48
N TRP NA 21 -55.90 -23.61 -81.38
CA TRP NA 21 -55.52 -24.28 -80.15
C TRP NA 21 -54.11 -24.00 -79.65
N GLU NA 22 -53.18 -23.61 -80.51
CA GLU NA 22 -51.88 -23.09 -80.11
C GLU NA 22 -51.97 -21.66 -79.57
N VAL NA 23 -52.82 -20.80 -80.16
CA VAL NA 23 -53.07 -19.43 -79.69
C VAL NA 23 -53.77 -19.39 -78.33
N ILE NA 24 -54.89 -20.07 -78.14
CA ILE NA 24 -55.58 -19.99 -76.86
C ILE NA 24 -54.88 -20.81 -75.77
N SER NA 25 -54.04 -21.78 -76.10
CA SER NA 25 -53.18 -22.41 -75.10
C SER NA 25 -52.06 -21.49 -74.63
N ASP NA 26 -51.54 -20.59 -75.48
CA ASP NA 26 -50.58 -19.58 -75.07
C ASP NA 26 -51.22 -18.54 -74.13
N GLU NA 27 -52.44 -18.10 -74.44
CA GLU NA 27 -53.24 -17.21 -73.60
C GLU NA 27 -53.52 -17.78 -72.23
N HIS NA 28 -54.05 -19.02 -72.17
CA HIS NA 28 -54.38 -19.70 -70.93
C HIS NA 28 -53.14 -20.35 -70.27
N GLY NA 29 -51.95 -20.24 -70.84
CA GLY NA 29 -50.71 -20.71 -70.26
C GLY NA 29 -50.66 -22.23 -70.10
N ILE NA 30 -51.12 -22.96 -71.11
CA ILE NA 30 -51.12 -24.42 -71.18
C ILE NA 30 -49.98 -24.88 -72.08
N ASP NA 31 -49.21 -25.80 -71.55
CA ASP NA 31 -48.07 -26.47 -72.19
C ASP NA 31 -48.53 -27.43 -73.31
N PRO NA 32 -47.75 -27.68 -74.38
CA PRO NA 32 -48.08 -28.69 -75.38
C PRO NA 32 -48.40 -30.10 -74.84
N THR NA 33 -47.99 -30.40 -73.62
CA THR NA 33 -48.30 -31.65 -72.90
C THR NA 33 -49.75 -31.66 -72.36
N GLY NA 34 -50.37 -30.49 -72.25
CA GLY NA 34 -51.65 -30.25 -71.59
C GLY NA 34 -51.54 -29.76 -70.14
N ALA NA 35 -50.34 -29.69 -69.57
CA ALA NA 35 -50.11 -29.18 -68.20
C ALA NA 35 -50.20 -27.65 -68.14
N TYR NA 36 -50.74 -27.06 -67.07
CA TYR NA 36 -50.73 -25.60 -66.89
C TYR NA 36 -49.37 -25.08 -66.41
N HIS NA 37 -48.87 -24.03 -67.05
CA HIS NA 37 -47.57 -23.39 -66.80
C HIS NA 37 -47.64 -21.85 -66.83
N GLY NA 38 -48.84 -21.27 -66.78
CA GLY NA 38 -49.06 -19.84 -66.90
C GLY NA 38 -48.64 -18.99 -65.70
N ASP NA 39 -48.65 -17.67 -65.87
CA ASP NA 39 -48.33 -16.66 -64.87
C ASP NA 39 -49.45 -16.43 -63.85
N SER NA 40 -50.69 -16.40 -64.33
CA SER NA 40 -51.77 -15.63 -63.69
C SER NA 40 -53.01 -16.47 -63.38
N ASP NA 41 -53.68 -16.10 -62.30
CA ASP NA 41 -54.93 -16.74 -61.91
C ASP NA 41 -56.04 -16.55 -62.93
N LEU NA 42 -56.05 -15.43 -63.66
CA LEU NA 42 -57.06 -15.12 -64.68
C LEU NA 42 -57.00 -16.08 -65.85
N GLN NA 43 -55.82 -16.62 -66.16
CA GLN NA 43 -55.65 -17.67 -67.16
C GLN NA 43 -56.36 -18.96 -66.78
N LEU NA 44 -56.42 -19.25 -65.48
CA LEU NA 44 -56.98 -20.49 -64.94
C LEU NA 44 -58.48 -20.35 -64.59
N GLU NA 45 -58.92 -19.16 -64.24
CA GLU NA 45 -60.29 -18.84 -63.81
C GLU NA 45 -61.37 -19.32 -64.78
N ARG NA 46 -61.14 -19.22 -66.09
CA ARG NA 46 -62.09 -19.62 -67.15
C ARG NA 46 -61.53 -20.67 -68.11
N ILE NA 47 -60.53 -21.44 -67.71
CA ILE NA 47 -59.95 -22.50 -68.53
C ILE NA 47 -61.00 -23.55 -68.93
N ASN NA 48 -62.05 -23.71 -68.15
CA ASN NA 48 -63.19 -24.58 -68.48
C ASN NA 48 -63.93 -24.15 -69.76
N VAL NA 49 -63.82 -22.91 -70.24
CA VAL NA 49 -64.54 -22.46 -71.46
C VAL NA 49 -64.15 -23.26 -72.69
N TYR NA 50 -62.88 -23.66 -72.79
CA TYR NA 50 -62.35 -24.39 -73.93
C TYR NA 50 -61.72 -25.74 -73.57
N TYR NA 51 -61.57 -26.08 -72.28
CA TYR NA 51 -60.88 -27.28 -71.85
C TYR NA 51 -61.68 -28.06 -70.79
N ASN NA 52 -61.40 -29.34 -70.68
CA ASN NA 52 -61.83 -30.20 -69.59
C ASN NA 52 -60.66 -30.40 -68.62
N GLU NA 53 -60.91 -30.32 -67.32
CA GLU NA 53 -59.93 -30.76 -66.31
C GLU NA 53 -59.83 -32.29 -66.34
N ALA NA 54 -58.63 -32.84 -66.28
CA ALA NA 54 -58.34 -34.25 -66.12
C ALA NA 54 -57.24 -34.49 -65.07
N THR NA 55 -56.97 -35.74 -64.72
CA THR NA 55 -56.10 -36.11 -63.60
C THR NA 55 -54.68 -35.51 -63.68
N GLY NA 56 -54.08 -35.17 -62.54
CA GLY NA 56 -52.78 -34.49 -62.50
C GLY NA 56 -52.81 -33.01 -62.90
N GLY NA 57 -54.00 -32.39 -62.95
CA GLY NA 57 -54.21 -31.02 -63.44
C GLY NA 57 -53.80 -30.83 -64.92
N LYS NA 58 -53.85 -31.90 -65.72
CA LYS NA 58 -53.77 -31.83 -67.19
C LYS NA 58 -55.10 -31.33 -67.74
N TYR NA 59 -55.03 -30.46 -68.73
CA TYR NA 59 -56.19 -29.89 -69.40
C TYR NA 59 -56.31 -30.47 -70.81
N VAL NA 60 -57.51 -30.92 -71.17
CA VAL NA 60 -57.81 -31.55 -72.45
C VAL NA 60 -58.78 -30.68 -73.21
N PRO NA 61 -58.43 -30.12 -74.37
CA PRO NA 61 -59.31 -29.21 -75.07
C PRO NA 61 -60.55 -29.89 -75.61
N ARG NA 62 -61.67 -29.18 -75.55
CA ARG NA 62 -62.98 -29.63 -75.99
C ARG NA 62 -63.20 -29.43 -77.49
N ALA NA 63 -62.24 -29.91 -78.27
CA ALA NA 63 -62.34 -30.04 -79.71
C ALA NA 63 -62.89 -31.39 -80.12
N VAL NA 64 -63.69 -31.44 -81.17
CA VAL NA 64 -63.93 -32.63 -81.99
C VAL NA 64 -63.26 -32.41 -83.34
N LEU NA 65 -62.49 -33.39 -83.80
CA LEU NA 65 -61.71 -33.30 -85.01
C LEU NA 65 -62.31 -34.25 -86.04
N VAL NA 66 -62.82 -33.72 -87.14
CA VAL NA 66 -63.57 -34.47 -88.17
C VAL NA 66 -62.92 -34.34 -89.54
N ASP NA 67 -62.72 -35.47 -90.21
CA ASP NA 67 -62.19 -35.54 -91.58
C ASP NA 67 -62.66 -36.83 -92.22
N LEU NA 68 -62.66 -36.91 -93.54
CA LEU NA 68 -62.96 -38.14 -94.28
C LEU NA 68 -61.70 -38.90 -94.73
N GLU NA 69 -60.53 -38.33 -94.47
CA GLU NA 69 -59.18 -38.85 -94.74
C GLU NA 69 -58.38 -38.93 -93.44
N PRO NA 70 -57.47 -39.90 -93.24
CA PRO NA 70 -56.62 -39.97 -92.06
C PRO NA 70 -55.49 -38.91 -92.08
N GLY NA 71 -55.00 -38.52 -93.26
CA GLY NA 71 -53.79 -37.71 -93.42
C GLY NA 71 -53.81 -36.35 -92.73
N THR NA 72 -54.95 -35.66 -92.57
CA THR NA 72 -54.96 -34.42 -91.75
C THR NA 72 -54.96 -34.72 -90.25
N MET NA 73 -55.60 -35.78 -89.77
CA MET NA 73 -55.47 -36.23 -88.39
C MET NA 73 -54.01 -36.56 -88.06
N ASP NA 74 -53.35 -37.29 -88.96
CA ASP NA 74 -51.93 -37.61 -88.84
C ASP NA 74 -51.05 -36.36 -88.80
N SER NA 75 -51.41 -35.33 -89.57
CA SER NA 75 -50.67 -34.05 -89.59
C SER NA 75 -50.92 -33.19 -88.35
N VAL NA 76 -52.13 -33.22 -87.79
CA VAL NA 76 -52.48 -32.55 -86.53
C VAL NA 76 -51.87 -33.28 -85.34
N ARG NA 77 -52.08 -34.59 -85.20
CA ARG NA 77 -51.60 -35.43 -84.10
C ARG NA 77 -50.07 -35.41 -83.95
N SER NA 78 -49.35 -35.33 -85.05
CA SER NA 78 -47.88 -35.17 -85.09
C SER NA 78 -47.39 -33.71 -84.96
N GLY NA 79 -48.29 -32.73 -84.96
CA GLY NA 79 -47.96 -31.30 -85.05
C GLY NA 79 -47.47 -30.66 -83.74
N PRO NA 80 -47.28 -29.33 -83.72
CA PRO NA 80 -46.79 -28.57 -82.57
C PRO NA 80 -47.54 -28.79 -81.26
N PHE NA 81 -48.87 -28.96 -81.35
CA PHE NA 81 -49.77 -29.16 -80.21
C PHE NA 81 -50.62 -30.43 -80.32
N GLY NA 82 -50.30 -31.33 -81.25
CA GLY NA 82 -51.16 -32.48 -81.57
C GLY NA 82 -51.47 -33.44 -80.43
N GLN NA 83 -50.56 -33.56 -79.47
CA GLN NA 83 -50.69 -34.47 -78.34
C GLN NA 83 -51.69 -33.97 -77.29
N ILE NA 84 -52.19 -32.74 -77.42
CA ILE NA 84 -53.12 -32.14 -76.46
C ILE NA 84 -54.52 -32.76 -76.54
N PHE NA 85 -55.02 -33.05 -77.75
CA PHE NA 85 -56.39 -33.47 -78.02
C PHE NA 85 -56.69 -34.89 -77.53
N ARG NA 86 -57.95 -35.18 -77.19
CA ARG NA 86 -58.37 -36.51 -76.75
C ARG NA 86 -58.31 -37.50 -77.93
N PRO NA 87 -57.62 -38.65 -77.86
CA PRO NA 87 -57.58 -39.63 -78.94
C PRO NA 87 -58.96 -40.06 -79.46
N ASP NA 88 -59.96 -40.19 -78.59
CA ASP NA 88 -61.35 -40.51 -78.96
C ASP NA 88 -62.05 -39.42 -79.79
N ASN NA 89 -61.57 -38.17 -79.72
CA ASN NA 89 -62.20 -37.05 -80.40
C ASN NA 89 -61.71 -36.87 -81.84
N PHE NA 90 -60.67 -37.58 -82.27
CA PHE NA 90 -60.32 -37.70 -83.68
C PHE NA 90 -61.27 -38.70 -84.34
N VAL NA 91 -62.26 -38.22 -85.07
CA VAL NA 91 -63.26 -39.02 -85.77
C VAL NA 91 -63.02 -38.92 -87.27
N PHE NA 92 -62.74 -40.03 -87.94
CA PHE NA 92 -62.32 -39.98 -89.35
C PHE NA 92 -62.72 -41.21 -90.16
N GLY NA 93 -62.88 -41.01 -91.47
CA GLY NA 93 -63.04 -42.05 -92.49
C GLY NA 93 -61.69 -42.52 -93.06
N GLN NA 94 -61.70 -43.20 -94.22
CA GLN NA 94 -60.49 -43.60 -94.95
C GLN NA 94 -60.44 -43.00 -96.37
N SER NA 95 -61.47 -43.20 -97.18
CA SER NA 95 -61.60 -42.60 -98.52
C SER NA 95 -62.15 -41.17 -98.42
N GLY NA 96 -61.47 -40.18 -99.02
CA GLY NA 96 -61.81 -38.77 -98.87
C GLY NA 96 -63.11 -38.32 -99.51
N ALA NA 97 -63.39 -37.02 -99.44
CA ALA NA 97 -64.55 -36.39 -100.08
C ALA NA 97 -64.38 -36.13 -101.57
N GLY NA 98 -63.22 -36.32 -102.19
CA GLY NA 98 -63.04 -36.07 -103.62
C GLY NA 98 -63.30 -34.62 -104.06
N ASN NA 99 -63.25 -33.65 -103.14
CA ASN NA 99 -63.73 -32.28 -103.33
C ASN NA 99 -65.20 -32.19 -103.78
N ASN NA 100 -66.03 -33.11 -103.30
CA ASN NA 100 -67.42 -33.25 -103.67
C ASN NA 100 -68.33 -32.99 -102.46
N TRP NA 101 -69.19 -31.98 -102.51
CA TRP NA 101 -70.15 -31.71 -101.45
C TRP NA 101 -71.07 -32.90 -101.18
N ALA NA 102 -71.53 -33.59 -102.22
CA ALA NA 102 -72.46 -34.68 -102.11
C ALA NA 102 -71.82 -35.91 -101.46
N LYS NA 103 -70.52 -36.14 -101.63
CA LYS NA 103 -69.80 -37.15 -100.82
C LYS NA 103 -69.78 -36.79 -99.35
N GLY NA 104 -69.46 -35.55 -99.01
CA GLY NA 104 -69.56 -35.06 -97.64
C GLY NA 104 -70.94 -35.25 -97.02
N HIS NA 105 -71.98 -34.75 -97.66
CA HIS NA 105 -73.33 -34.68 -97.12
C HIS NA 105 -74.17 -35.97 -97.23
N TYR NA 106 -73.92 -36.86 -98.20
CA TYR NA 106 -74.84 -37.96 -98.52
C TYR NA 106 -74.25 -39.37 -98.43
N THR NA 107 -72.93 -39.52 -98.46
CA THR NA 107 -72.30 -40.85 -98.65
C THR NA 107 -71.22 -41.14 -97.63
N GLU NA 108 -70.11 -40.43 -97.72
CA GLU NA 108 -68.88 -40.69 -96.99
C GLU NA 108 -68.93 -40.11 -95.58
N GLY NA 109 -69.58 -38.95 -95.44
CA GLY NA 109 -69.81 -38.28 -94.18
C GLY NA 109 -71.15 -38.60 -93.56
N ALA NA 110 -72.16 -38.99 -94.34
CA ALA NA 110 -73.40 -39.52 -93.80
C ALA NA 110 -73.20 -40.85 -93.06
N GLU NA 111 -72.22 -41.65 -93.48
CA GLU NA 111 -71.76 -42.82 -92.72
C GLU NA 111 -71.10 -42.40 -91.39
N LEU NA 112 -70.25 -41.39 -91.44
CA LEU NA 112 -69.38 -40.97 -90.33
C LEU NA 112 -70.10 -40.09 -89.28
N VAL NA 113 -71.14 -39.34 -89.64
CA VAL NA 113 -71.79 -38.38 -88.73
C VAL NA 113 -72.38 -39.05 -87.49
N ASP NA 114 -72.84 -40.29 -87.56
CA ASP NA 114 -73.29 -41.06 -86.38
C ASP NA 114 -72.16 -41.30 -85.36
N SER NA 115 -70.92 -41.38 -85.83
CA SER NA 115 -69.72 -41.51 -85.01
C SER NA 115 -69.18 -40.16 -84.54
N VAL NA 116 -69.49 -39.06 -85.24
CA VAL NA 116 -69.16 -37.69 -84.80
C VAL NA 116 -70.13 -37.21 -83.73
N LEU NA 117 -71.42 -37.29 -84.02
CA LEU NA 117 -72.44 -36.66 -83.22
C LEU NA 117 -72.47 -37.20 -81.81
N ASP NA 118 -72.24 -38.51 -81.63
CA ASP NA 118 -72.17 -39.18 -80.32
C ASP NA 118 -70.92 -38.82 -79.49
N VAL NA 119 -69.91 -38.19 -80.07
CA VAL NA 119 -68.78 -37.55 -79.38
C VAL NA 119 -69.11 -36.11 -79.00
N VAL NA 120 -69.81 -35.37 -79.86
CA VAL NA 120 -70.34 -34.04 -79.53
C VAL NA 120 -71.27 -34.09 -78.31
N ARG NA 121 -72.05 -35.17 -78.15
CA ARG NA 121 -72.81 -35.46 -76.93
C ARG NA 121 -71.97 -35.68 -75.68
N LYS NA 122 -70.85 -36.39 -75.73
CA LYS NA 122 -70.00 -36.65 -74.56
C LYS NA 122 -69.36 -35.37 -74.05
N GLU NA 123 -68.96 -34.48 -74.97
CA GLU NA 123 -68.41 -33.19 -74.59
C GLU NA 123 -69.49 -32.23 -74.07
N ALA NA 124 -70.64 -32.11 -74.75
CA ALA NA 124 -71.76 -31.27 -74.30
C ALA NA 124 -72.43 -31.72 -73.00
N GLU NA 125 -72.45 -33.01 -72.68
CA GLU NA 125 -72.93 -33.54 -71.40
C GLU NA 125 -71.90 -33.32 -70.25
N SER NA 126 -70.61 -33.23 -70.57
CA SER NA 126 -69.56 -32.86 -69.60
C SER NA 126 -69.57 -31.37 -69.25
N CYS NA 127 -70.23 -30.53 -70.04
CA CYS NA 127 -70.36 -29.10 -69.77
C CYS NA 127 -71.29 -28.81 -68.59
N ASP NA 128 -70.98 -27.77 -67.82
CA ASP NA 128 -71.81 -27.29 -66.72
C ASP NA 128 -72.98 -26.42 -67.21
N CYS NA 129 -72.68 -25.48 -68.10
CA CYS NA 129 -73.65 -24.75 -68.89
C CYS NA 129 -73.02 -24.39 -70.23
N LEU NA 130 -73.35 -25.16 -71.26
CA LEU NA 130 -72.96 -24.92 -72.63
C LEU NA 130 -73.58 -23.62 -73.16
N GLN NA 131 -72.80 -22.69 -73.70
CA GLN NA 131 -73.30 -21.51 -74.43
C GLN NA 131 -73.38 -21.78 -75.92
N GLY NA 132 -72.50 -22.58 -76.51
CA GLY NA 132 -72.55 -22.81 -77.95
C GLY NA 132 -71.50 -23.70 -78.58
N PHE NA 133 -71.57 -23.74 -79.90
CA PHE NA 133 -70.76 -24.52 -80.82
C PHE NA 133 -69.95 -23.59 -81.72
N GLN NA 134 -68.66 -23.85 -81.86
CA GLN NA 134 -67.72 -23.02 -82.60
C GLN NA 134 -67.06 -23.87 -83.69
N LEU NA 135 -67.59 -23.85 -84.92
CA LEU NA 135 -67.19 -24.79 -85.98
C LEU NA 135 -66.27 -24.15 -87.01
N THR NA 136 -65.07 -24.68 -87.23
CA THR NA 136 -64.11 -24.22 -88.25
C THR NA 136 -64.13 -25.10 -89.50
N HIS NA 137 -64.31 -24.50 -90.66
CA HIS NA 137 -64.41 -25.20 -91.94
C HIS NA 137 -64.17 -24.26 -93.12
N SER NA 138 -64.10 -24.82 -94.31
CA SER NA 138 -64.03 -24.12 -95.59
C SER NA 138 -65.27 -24.45 -96.45
N LEU NA 139 -65.71 -23.53 -97.31
CA LEU NA 139 -66.89 -23.74 -98.18
C LEU NA 139 -66.53 -24.27 -99.57
N GLY NA 140 -65.27 -24.12 -100.00
CA GLY NA 140 -64.71 -24.89 -101.10
C GLY NA 140 -64.44 -26.35 -100.71
N GLY NA 141 -64.09 -27.21 -101.67
CA GLY NA 141 -63.90 -28.63 -101.39
C GLY NA 141 -65.15 -29.32 -100.83
N GLY NA 142 -65.05 -30.50 -100.22
CA GLY NA 142 -66.20 -31.36 -99.97
C GLY NA 142 -66.43 -31.76 -98.52
N THR NA 143 -65.38 -31.79 -97.72
CA THR NA 143 -65.45 -32.24 -96.32
C THR NA 143 -66.00 -31.14 -95.45
N GLY NA 144 -65.38 -29.97 -95.44
CA GLY NA 144 -65.85 -28.82 -94.67
C GLY NA 144 -67.18 -28.29 -95.17
N SER NA 145 -67.35 -28.18 -96.49
CA SER NA 145 -68.55 -27.62 -97.09
C SER NA 145 -69.76 -28.52 -96.90
N GLY NA 146 -69.62 -29.82 -97.14
CA GLY NA 146 -70.72 -30.77 -97.18
C GLY NA 146 -70.92 -31.62 -95.96
N MET NA 147 -69.84 -32.07 -95.31
CA MET NA 147 -69.96 -32.76 -94.03
C MET NA 147 -70.16 -31.77 -92.89
N GLY NA 148 -69.46 -30.64 -92.90
CA GLY NA 148 -69.58 -29.62 -91.86
C GLY NA 148 -70.97 -29.03 -91.80
N THR NA 149 -71.61 -28.78 -92.94
CA THR NA 149 -73.03 -28.36 -92.95
C THR NA 149 -74.04 -29.46 -92.69
N LEU NA 150 -73.70 -30.73 -92.91
CA LEU NA 150 -74.48 -31.85 -92.39
C LEU NA 150 -74.45 -31.85 -90.86
N LEU NA 151 -73.28 -31.67 -90.29
CA LEU NA 151 -73.04 -31.66 -88.87
C LEU NA 151 -73.69 -30.44 -88.18
N ILE NA 152 -73.65 -29.26 -88.78
CA ILE NA 152 -74.41 -28.08 -88.35
C ILE NA 152 -75.89 -28.41 -88.28
N SER NA 153 -76.45 -29.05 -89.30
CA SER NA 153 -77.86 -29.43 -89.33
C SER NA 153 -78.23 -30.37 -88.17
N LYS NA 154 -77.41 -31.40 -87.92
CA LYS NA 154 -77.61 -32.37 -86.83
C LYS NA 154 -77.48 -31.79 -85.41
N ILE NA 155 -76.48 -30.96 -85.16
CA ILE NA 155 -76.30 -30.24 -83.89
C ILE NA 155 -77.37 -29.16 -83.70
N ARG NA 156 -77.79 -28.44 -84.75
CA ARG NA 156 -78.89 -27.47 -84.68
C ARG NA 156 -80.22 -28.10 -84.27
N GLU NA 157 -80.55 -29.27 -84.80
CA GLU NA 157 -81.77 -30.02 -84.47
C GLU NA 157 -81.77 -30.53 -83.04
N GLU NA 158 -80.60 -30.84 -82.50
CA GLU NA 158 -80.41 -31.41 -81.16
C GLU NA 158 -80.26 -30.35 -80.05
N TYR NA 159 -79.67 -29.18 -80.37
CA TYR NA 159 -79.41 -28.04 -79.50
C TYR NA 159 -79.95 -26.74 -80.12
N PRO NA 160 -81.28 -26.52 -80.12
CA PRO NA 160 -81.88 -25.43 -80.89
C PRO NA 160 -81.68 -24.02 -80.32
N ASP NA 161 -81.37 -23.91 -79.03
CA ASP NA 161 -81.30 -22.64 -78.26
C ASP NA 161 -79.86 -22.18 -77.93
N ARG NA 162 -78.87 -23.06 -78.08
CA ARG NA 162 -77.45 -22.74 -77.93
C ARG NA 162 -76.93 -21.97 -79.14
N ILE NA 163 -75.91 -21.13 -78.97
CA ILE NA 163 -75.32 -20.37 -80.08
C ILE NA 163 -74.58 -21.30 -81.06
N MET NA 164 -74.91 -21.25 -82.34
CA MET NA 164 -74.15 -21.91 -83.39
C MET NA 164 -73.35 -20.84 -84.15
N ASN NA 165 -72.04 -20.92 -84.03
CA ASN NA 165 -71.09 -19.86 -84.38
C ASN NA 165 -69.99 -20.45 -85.28
N THR NA 166 -69.95 -20.12 -86.57
CA THR NA 166 -69.06 -20.80 -87.55
C THR NA 166 -68.04 -19.86 -88.17
N PHE NA 167 -66.82 -20.35 -88.36
CA PHE NA 167 -65.73 -19.63 -89.02
C PHE NA 167 -65.43 -20.30 -90.35
N SER NA 168 -65.70 -19.58 -91.44
CA SER NA 168 -65.99 -20.17 -92.74
C SER NA 168 -65.10 -19.56 -93.80
N VAL NA 169 -64.02 -20.26 -94.13
CA VAL NA 169 -63.11 -19.84 -95.20
C VAL NA 169 -63.76 -20.15 -96.53
N VAL NA 170 -63.89 -19.19 -97.45
CA VAL NA 170 -64.76 -19.37 -98.62
C VAL NA 170 -64.19 -18.80 -99.93
N PRO NA 171 -64.67 -19.26 -101.10
CA PRO NA 171 -64.01 -19.03 -102.37
C PRO NA 171 -64.01 -17.58 -102.86
N SER NA 172 -63.02 -17.26 -103.68
CA SER NA 172 -62.89 -16.02 -104.45
C SER NA 172 -62.08 -16.29 -105.73
N PRO NA 173 -62.25 -15.49 -106.80
CA PRO NA 173 -61.79 -15.88 -108.12
C PRO NA 173 -60.27 -15.86 -108.31
N LYS NA 174 -59.57 -14.88 -107.74
CA LYS NA 174 -58.13 -14.66 -107.95
C LYS NA 174 -57.22 -15.53 -107.09
N VAL NA 175 -57.74 -16.21 -106.07
CA VAL NA 175 -57.02 -17.16 -105.22
C VAL NA 175 -57.85 -18.44 -105.10
N SER NA 176 -57.69 -19.34 -106.06
CA SER NA 176 -58.46 -20.58 -106.16
C SER NA 176 -57.63 -21.79 -106.53
N ASP NA 177 -57.97 -22.95 -105.96
CA ASP NA 177 -57.26 -24.22 -106.12
C ASP NA 177 -58.17 -25.37 -106.59
N THR NA 178 -59.46 -25.14 -106.84
CA THR NA 178 -60.47 -26.15 -107.17
C THR NA 178 -61.29 -25.70 -108.36
N VAL NA 179 -61.63 -26.60 -109.28
CA VAL NA 179 -62.51 -26.30 -110.42
C VAL NA 179 -63.97 -26.15 -109.98
N VAL NA 180 -64.46 -27.10 -109.19
CA VAL NA 180 -65.83 -27.15 -108.65
C VAL NA 180 -66.06 -26.34 -107.36
N GLU NA 181 -65.15 -25.44 -106.99
CA GLU NA 181 -65.33 -24.58 -105.81
C GLU NA 181 -66.69 -23.85 -105.77
N PRO NA 182 -67.16 -23.19 -106.85
CA PRO NA 182 -68.45 -22.51 -106.87
C PRO NA 182 -69.66 -23.38 -106.53
N TYR NA 183 -69.66 -24.63 -106.97
CA TYR NA 183 -70.74 -25.59 -106.69
C TYR NA 183 -70.82 -25.90 -105.20
N ASN NA 184 -69.70 -26.33 -104.63
CA ASN NA 184 -69.61 -26.73 -103.25
C ASN NA 184 -70.03 -25.61 -102.30
N ALA NA 185 -69.58 -24.39 -102.57
CA ALA NA 185 -69.94 -23.25 -101.75
C ALA NA 185 -71.42 -22.94 -101.86
N THR NA 186 -72.00 -22.92 -103.07
CA THR NA 186 -73.43 -22.59 -103.24
C THR NA 186 -74.36 -23.60 -102.56
N LEU NA 187 -74.02 -24.89 -102.60
CA LEU NA 187 -74.71 -25.94 -101.85
C LEU NA 187 -74.56 -25.81 -100.32
N SER NA 188 -73.47 -25.20 -99.85
CA SER NA 188 -73.13 -25.06 -98.44
C SER NA 188 -73.71 -23.79 -97.80
N VAL NA 189 -73.71 -22.66 -98.50
CA VAL NA 189 -74.27 -21.37 -98.04
C VAL NA 189 -75.77 -21.46 -97.77
N HIS NA 190 -76.47 -22.28 -98.56
CA HIS NA 190 -77.86 -22.68 -98.39
C HIS NA 190 -78.17 -23.31 -97.02
N GLN NA 191 -77.20 -23.97 -96.37
CA GLN NA 191 -77.33 -24.51 -95.00
C GLN NA 191 -76.96 -23.48 -93.93
N LEU NA 192 -75.96 -22.65 -94.17
CA LEU NA 192 -75.49 -21.65 -93.23
C LEU NA 192 -76.54 -20.55 -93.00
N VAL NA 193 -77.22 -20.04 -94.04
CA VAL NA 193 -78.25 -18.99 -93.91
C VAL NA 193 -79.43 -19.40 -93.03
N GLU NA 194 -79.77 -20.69 -92.96
CA GLU NA 194 -80.90 -21.19 -92.17
C GLU NA 194 -80.52 -21.60 -90.74
N ASN NA 195 -79.36 -22.24 -90.55
CA ASN NA 195 -79.03 -22.90 -89.27
C ASN NA 195 -78.14 -22.08 -88.34
N THR NA 196 -77.08 -21.43 -88.82
CA THR NA 196 -76.13 -20.74 -87.91
C THR NA 196 -76.75 -19.48 -87.30
N ASP NA 197 -76.29 -19.09 -86.12
CA ASP NA 197 -76.64 -17.82 -85.45
C ASP NA 197 -75.66 -16.70 -85.83
N GLU NA 198 -74.41 -17.06 -86.14
CA GLU NA 198 -73.36 -16.20 -86.68
C GLU NA 198 -72.49 -17.01 -87.66
N THR NA 199 -72.11 -16.44 -88.80
CA THR NA 199 -71.08 -17.03 -89.66
C THR NA 199 -70.06 -15.97 -90.03
N TYR NA 200 -68.79 -16.21 -89.72
CA TYR NA 200 -67.69 -15.28 -89.97
C TYR NA 200 -67.01 -15.63 -91.28
N CYS NA 201 -67.32 -14.85 -92.30
CA CYS NA 201 -66.92 -15.07 -93.68
C CYS NA 201 -65.48 -14.65 -93.86
N ILE NA 202 -64.62 -15.58 -94.25
CA ILE NA 202 -63.17 -15.36 -94.36
C ILE NA 202 -62.70 -15.79 -95.75
N ASP NA 203 -61.71 -15.11 -96.30
CA ASP NA 203 -61.31 -15.30 -97.69
C ASP NA 203 -59.78 -15.37 -97.82
N ASN NA 204 -59.26 -16.30 -98.63
CA ASN NA 204 -57.80 -16.37 -98.78
C ASN NA 204 -57.24 -15.18 -99.57
N GLU NA 205 -58.01 -14.55 -100.45
CA GLU NA 205 -57.57 -13.34 -101.13
C GLU NA 205 -57.36 -12.17 -100.16
N ALA NA 206 -58.26 -11.98 -99.21
CA ALA NA 206 -58.12 -10.95 -98.18
C ALA NA 206 -57.04 -11.26 -97.15
N LEU NA 207 -56.85 -12.53 -96.81
CA LEU NA 207 -55.77 -12.95 -95.92
C LEU NA 207 -54.39 -12.84 -96.56
N TYR NA 208 -54.26 -12.99 -97.88
CA TYR NA 208 -53.04 -12.66 -98.60
C TYR NA 208 -52.84 -11.15 -98.73
N ASP NA 209 -53.88 -10.34 -98.91
CA ASP NA 209 -53.78 -8.88 -98.95
C ASP NA 209 -53.28 -8.30 -97.62
N ILE NA 210 -53.71 -8.83 -96.48
CA ILE NA 210 -53.14 -8.45 -95.18
C ILE NA 210 -51.66 -8.81 -95.10
N CYS NA 211 -51.26 -9.99 -95.60
CA CYS NA 211 -49.87 -10.42 -95.52
C CYS NA 211 -48.92 -9.59 -96.39
N PHE NA 212 -49.34 -9.14 -97.57
CA PHE NA 212 -48.50 -8.33 -98.46
C PHE NA 212 -48.59 -6.82 -98.18
N ARG NA 213 -49.79 -6.25 -98.03
CA ARG NA 213 -49.98 -4.80 -97.94
C ARG NA 213 -49.97 -4.23 -96.52
N THR NA 214 -49.90 -5.06 -95.49
CA THR NA 214 -49.81 -4.65 -94.08
C THR NA 214 -48.56 -5.22 -93.41
N LEU NA 215 -48.48 -6.55 -93.29
CA LEU NA 215 -47.35 -7.21 -92.62
C LEU NA 215 -46.05 -7.20 -93.44
N LYS NA 216 -46.11 -6.95 -94.74
CA LYS NA 216 -44.97 -6.98 -95.67
C LYS NA 216 -44.18 -8.29 -95.63
N LEU NA 217 -44.84 -9.42 -95.41
CA LEU NA 217 -44.24 -10.75 -95.52
C LEU NA 217 -43.88 -11.05 -96.99
N THR NA 218 -42.67 -11.56 -97.27
CA THR NA 218 -42.26 -11.84 -98.67
C THR NA 218 -42.90 -13.12 -99.23
N THR NA 219 -43.11 -14.14 -98.39
CA THR NA 219 -43.63 -15.46 -98.74
C THR NA 219 -44.60 -15.97 -97.66
N PRO NA 220 -45.84 -15.46 -97.61
CA PRO NA 220 -46.83 -15.91 -96.65
C PRO NA 220 -47.36 -17.30 -96.99
N THR NA 221 -47.29 -18.20 -96.02
CA THR NA 221 -47.76 -19.58 -96.10
C THR NA 221 -49.21 -19.69 -95.63
N TYR NA 222 -49.82 -20.87 -95.76
CA TYR NA 222 -51.08 -21.15 -95.06
C TYR NA 222 -50.92 -21.06 -93.54
N GLY NA 223 -49.75 -21.34 -92.97
CA GLY NA 223 -49.52 -21.16 -91.54
C GLY NA 223 -49.63 -19.72 -91.07
N ASP NA 224 -49.27 -18.76 -91.92
CA ASP NA 224 -49.41 -17.32 -91.67
C ASP NA 224 -50.87 -16.87 -91.84
N LEU NA 225 -51.60 -17.43 -92.79
CA LEU NA 225 -53.04 -17.15 -92.95
C LEU NA 225 -53.85 -17.67 -91.77
N ASN NA 226 -53.51 -18.85 -91.27
CA ASN NA 226 -54.19 -19.51 -90.16
C ASN NA 226 -54.01 -18.76 -88.84
N HIS NA 227 -52.90 -18.05 -88.72
CA HIS NA 227 -52.56 -17.19 -87.60
C HIS NA 227 -53.42 -15.91 -87.58
N LEU NA 228 -53.69 -15.30 -88.72
CA LEU NA 228 -54.64 -14.18 -88.81
C LEU NA 228 -56.08 -14.60 -88.47
N VAL NA 229 -56.55 -15.74 -88.97
CA VAL NA 229 -57.90 -16.23 -88.66
C VAL NA 229 -58.03 -16.48 -87.16
N SER NA 230 -57.10 -17.22 -86.57
CA SER NA 230 -57.19 -17.64 -85.17
C SER NA 230 -57.04 -16.51 -84.17
N ALA NA 231 -56.39 -15.40 -84.50
CA ALA NA 231 -56.42 -14.19 -83.69
C ALA NA 231 -57.84 -13.62 -83.51
N THR NA 232 -58.66 -13.58 -84.55
CA THR NA 232 -60.07 -13.14 -84.46
C THR NA 232 -60.99 -14.19 -83.82
N MET NA 233 -60.67 -15.48 -83.90
CA MET NA 233 -61.38 -16.51 -83.13
C MET NA 233 -61.17 -16.37 -81.62
N SER NA 234 -59.92 -16.19 -81.18
CA SER NA 234 -59.60 -15.85 -79.80
C SER NA 234 -60.27 -14.54 -79.41
N GLY NA 235 -60.31 -13.57 -80.33
CA GLY NA 235 -60.88 -12.27 -80.05
C GLY NA 235 -62.34 -12.26 -79.61
N VAL NA 236 -63.26 -12.89 -80.36
CA VAL NA 236 -64.70 -12.73 -80.12
C VAL NA 236 -65.21 -13.42 -78.86
N THR NA 237 -64.52 -14.45 -78.35
CA THR NA 237 -64.89 -15.13 -77.10
C THR NA 237 -64.23 -14.54 -75.87
N THR NA 238 -63.32 -13.57 -76.02
CA THR NA 238 -62.48 -13.02 -74.94
C THR NA 238 -63.30 -12.65 -73.70
N CYS NA 239 -64.45 -12.01 -73.88
CA CYS NA 239 -65.31 -11.54 -72.80
C CYS NA 239 -66.01 -12.62 -71.98
N LEU NA 240 -65.96 -13.91 -72.35
CA LEU NA 240 -66.34 -14.99 -71.43
C LEU NA 240 -65.12 -15.73 -70.83
N ARG NA 241 -63.89 -15.35 -71.20
CA ARG NA 241 -62.64 -15.95 -70.71
C ARG NA 241 -61.87 -15.04 -69.76
N PHE NA 242 -62.06 -13.73 -69.85
CA PHE NA 242 -61.35 -12.72 -69.06
C PHE NA 242 -62.33 -11.63 -68.55
N PRO NA 243 -61.99 -10.94 -67.45
CA PRO NA 243 -62.78 -9.81 -66.94
C PRO NA 243 -62.65 -8.56 -67.83
N GLY NA 244 -63.53 -7.58 -67.69
CA GLY NA 244 -63.56 -6.40 -68.53
C GLY NA 244 -64.43 -5.25 -67.99
N GLN NA 245 -64.27 -4.06 -68.56
CA GLN NA 245 -65.11 -2.91 -68.24
C GLN NA 245 -66.50 -2.98 -68.88
N LEU NA 246 -66.62 -3.64 -70.04
CA LEU NA 246 -67.86 -4.00 -70.72
C LEU NA 246 -67.76 -5.45 -71.17
N ASN NA 247 -68.52 -6.36 -70.58
CA ASN NA 247 -68.51 -7.75 -70.99
C ASN NA 247 -69.54 -8.00 -72.10
N ALA NA 248 -69.16 -8.77 -73.13
CA ALA NA 248 -70.04 -9.21 -74.21
C ALA NA 248 -69.88 -10.70 -74.53
N ASP NA 249 -70.85 -11.52 -74.12
CA ASP NA 249 -71.00 -12.92 -74.53
C ASP NA 249 -71.27 -13.04 -76.05
N LEU NA 250 -71.02 -14.19 -76.69
CA LEU NA 250 -71.38 -14.43 -78.08
C LEU NA 250 -72.85 -14.12 -78.38
N ARG NA 251 -73.75 -14.33 -77.42
CA ARG NA 251 -75.16 -13.94 -77.54
C ARG NA 251 -75.41 -12.42 -77.46
N LYS NA 252 -74.64 -11.69 -76.62
CA LYS NA 252 -74.66 -10.23 -76.51
C LYS NA 252 -74.12 -9.56 -77.77
N LEU NA 253 -73.23 -10.23 -78.49
CA LEU NA 253 -72.87 -9.88 -79.85
C LEU NA 253 -74.04 -10.12 -80.80
N ALA NA 254 -74.62 -11.33 -80.85
CA ALA NA 254 -75.70 -11.67 -81.77
C ALA NA 254 -76.94 -10.75 -81.67
N VAL NA 255 -77.44 -10.46 -80.48
CA VAL NA 255 -78.57 -9.55 -80.27
C VAL NA 255 -78.33 -8.15 -80.83
N ASN NA 256 -77.09 -7.65 -80.76
CA ASN NA 256 -76.71 -6.33 -81.27
C ASN NA 256 -76.31 -6.36 -82.75
N MET NA 257 -75.77 -7.47 -83.23
CA MET NA 257 -75.19 -7.61 -84.56
C MET NA 257 -76.16 -8.04 -85.66
N VAL NA 258 -77.23 -8.76 -85.33
CA VAL NA 258 -78.13 -9.37 -86.31
C VAL NA 258 -79.51 -8.71 -86.27
N PRO NA 259 -79.77 -7.67 -87.07
CA PRO NA 259 -81.05 -6.96 -87.03
C PRO NA 259 -82.21 -7.85 -87.48
N PHE NA 260 -82.09 -8.45 -88.66
CA PHE NA 260 -83.07 -9.38 -89.23
C PHE NA 260 -82.45 -10.78 -89.33
N PRO NA 261 -83.18 -11.87 -89.03
CA PRO NA 261 -82.62 -13.16 -88.61
C PRO NA 261 -81.46 -13.74 -89.45
N ARG NA 262 -81.56 -13.59 -90.76
CA ARG NA 262 -80.69 -14.17 -91.81
C ARG NA 262 -79.47 -13.31 -92.13
N LEU NA 263 -79.40 -12.05 -91.70
CA LEU NA 263 -78.28 -11.15 -91.99
C LEU NA 263 -77.14 -11.31 -90.99
N HIS NA 264 -76.65 -12.53 -90.80
CA HIS NA 264 -75.62 -12.86 -89.81
C HIS NA 264 -74.28 -13.29 -90.43
N PHE NA 265 -74.07 -13.00 -91.71
CA PHE NA 265 -72.82 -13.24 -92.42
C PHE NA 265 -71.84 -12.10 -92.16
N PHE NA 266 -71.08 -12.24 -91.08
CA PHE NA 266 -70.11 -11.26 -90.64
C PHE NA 266 -68.79 -11.35 -91.39
N MET NA 267 -67.91 -10.39 -91.14
CA MET NA 267 -66.65 -10.15 -91.84
C MET NA 267 -65.63 -9.66 -90.81
N PRO NA 268 -64.68 -10.47 -90.35
CA PRO NA 268 -63.84 -10.14 -89.21
C PRO NA 268 -62.61 -9.31 -89.58
N GLY NA 269 -61.95 -8.74 -88.57
CA GLY NA 269 -60.67 -8.05 -88.67
C GLY NA 269 -59.95 -7.98 -87.33
N PHE NA 270 -58.70 -7.56 -87.33
CA PHE NA 270 -57.85 -7.52 -86.15
C PHE NA 270 -56.89 -6.34 -86.19
N ALA NA 271 -56.55 -5.78 -85.03
CA ALA NA 271 -55.56 -4.73 -84.86
C ALA NA 271 -54.87 -4.89 -83.50
N PRO NA 272 -53.65 -4.38 -83.31
CA PRO NA 272 -52.77 -3.80 -84.29
C PRO NA 272 -52.12 -4.88 -85.16
N LEU NA 273 -52.02 -4.66 -86.46
CA LEU NA 273 -51.12 -5.41 -87.34
C LEU NA 273 -50.07 -4.45 -87.87
N THR NA 274 -48.79 -4.76 -87.73
CA THR NA 274 -47.69 -3.88 -88.15
C THR NA 274 -46.67 -4.65 -88.94
N SER NA 275 -46.05 -4.03 -89.93
CA SER NA 275 -44.89 -4.58 -90.61
C SER NA 275 -43.82 -4.96 -89.58
N ARG NA 276 -43.30 -6.17 -89.62
CA ARG NA 276 -42.41 -6.72 -88.57
C ARG NA 276 -41.21 -5.82 -88.27
N GLY NA 277 -40.63 -5.17 -89.27
CA GLY NA 277 -39.49 -4.25 -89.13
C GLY NA 277 -39.84 -2.84 -88.67
N SER NA 278 -41.12 -2.51 -88.45
CA SER NA 278 -41.59 -1.15 -88.19
C SER NA 278 -42.18 -0.91 -86.80
N GLN NA 279 -42.29 -1.91 -85.92
CA GLN NA 279 -43.06 -1.75 -84.70
C GLN NA 279 -42.59 -0.61 -83.80
N GLN NA 280 -41.28 -0.41 -83.61
CA GLN NA 280 -40.74 0.64 -82.72
C GLN NA 280 -41.15 2.08 -83.08
N TYR NA 281 -41.60 2.32 -84.31
CA TYR NA 281 -41.99 3.65 -84.78
C TYR NA 281 -43.48 3.94 -84.56
N ARG NA 282 -44.30 2.94 -84.22
CA ARG NA 282 -45.75 3.04 -84.08
C ARG NA 282 -46.16 3.29 -82.63
N ALA NA 283 -47.10 4.19 -82.40
CA ALA NA 283 -47.73 4.37 -81.09
C ALA NA 283 -48.97 3.48 -80.96
N LEU NA 284 -48.94 2.45 -80.12
CA LEU NA 284 -50.14 1.64 -79.81
C LEU NA 284 -51.09 2.45 -78.94
N THR NA 285 -52.24 2.81 -79.47
CA THR NA 285 -53.26 3.57 -78.74
C THR NA 285 -54.61 3.51 -79.46
N VAL NA 286 -55.71 3.72 -78.76
CA VAL NA 286 -57.08 3.54 -79.27
C VAL NA 286 -57.38 4.23 -80.63
N PRO NA 287 -56.96 5.48 -80.92
CA PRO NA 287 -57.21 6.08 -82.22
C PRO NA 287 -56.36 5.50 -83.35
N GLU NA 288 -55.22 4.88 -83.10
CA GLU NA 288 -54.47 4.18 -84.14
C GLU NA 288 -55.06 2.79 -84.38
N LEU NA 289 -55.42 2.07 -83.32
CA LEU NA 289 -56.19 0.82 -83.42
C LEU NA 289 -57.48 1.06 -84.21
N THR NA 290 -58.18 2.18 -84.00
CA THR NA 290 -59.36 2.54 -84.77
C THR NA 290 -59.09 2.82 -86.24
N GLN NA 291 -58.09 3.64 -86.57
CA GLN NA 291 -57.75 3.98 -87.96
C GLN NA 291 -57.21 2.80 -88.78
N GLN NA 292 -56.75 1.73 -88.14
CA GLN NA 292 -56.47 0.45 -88.79
C GLN NA 292 -57.74 -0.41 -88.91
N MET NA 293 -58.44 -0.63 -87.80
CA MET NA 293 -59.59 -1.50 -87.68
C MET NA 293 -60.69 -1.17 -88.67
N PHE NA 294 -61.04 0.09 -88.85
CA PHE NA 294 -62.11 0.52 -89.74
C PHE NA 294 -61.68 0.79 -91.18
N ASP NA 295 -60.48 0.41 -91.60
CA ASP NA 295 -59.98 0.61 -92.96
C ASP NA 295 -60.05 -0.68 -93.79
N ALA NA 296 -60.51 -0.52 -95.02
CA ALA NA 296 -60.92 -1.54 -96.00
C ALA NA 296 -59.84 -2.60 -96.26
N LYS NA 297 -58.55 -2.26 -96.08
CA LYS NA 297 -57.43 -3.19 -96.22
C LYS NA 297 -57.28 -4.19 -95.08
N ASN NA 298 -57.89 -3.95 -93.92
CA ASN NA 298 -57.75 -4.79 -92.74
C ASN NA 298 -58.75 -5.96 -92.67
N MET NA 299 -59.94 -5.85 -93.27
CA MET NA 299 -60.99 -6.87 -93.18
C MET NA 299 -60.62 -8.15 -93.94
N MET NA 300 -60.97 -9.31 -93.40
CA MET NA 300 -60.58 -10.65 -93.88
C MET NA 300 -61.54 -11.28 -94.91
N ALA NA 301 -62.37 -10.49 -95.57
CA ALA NA 301 -63.12 -10.89 -96.77
C ALA NA 301 -62.87 -9.88 -97.90
N ALA NA 302 -62.93 -10.30 -99.16
CA ALA NA 302 -62.57 -9.45 -100.31
C ALA NA 302 -63.43 -8.21 -100.49
N CYS NA 303 -64.63 -8.18 -99.89
CA CYS NA 303 -65.55 -7.05 -99.94
C CYS NA 303 -64.89 -5.77 -99.42
N ASP NA 304 -64.79 -4.75 -100.26
CA ASP NA 304 -64.52 -3.41 -99.77
C ASP NA 304 -65.80 -2.85 -99.14
N PRO NA 305 -65.82 -2.49 -97.86
CA PRO NA 305 -67.01 -1.94 -97.24
C PRO NA 305 -67.48 -0.64 -97.91
N ARG NA 306 -66.62 0.07 -98.66
CA ARG NA 306 -67.03 1.24 -99.45
C ARG NA 306 -67.96 0.90 -100.62
N HIS NA 307 -68.22 -0.37 -100.91
CA HIS NA 307 -69.25 -0.85 -101.84
C HIS NA 307 -70.60 -1.16 -101.18
N GLY NA 308 -70.79 -0.86 -99.90
CA GLY NA 308 -72.05 -1.06 -99.18
C GLY NA 308 -72.23 -0.07 -98.04
N ARG NA 309 -72.97 -0.46 -97.01
CA ARG NA 309 -73.09 0.20 -95.72
C ARG NA 309 -73.03 -0.87 -94.62
N TYR NA 310 -72.46 -0.60 -93.46
CA TYR NA 310 -72.60 -1.48 -92.31
C TYR NA 310 -74.00 -1.42 -91.73
N LEU NA 311 -74.50 -2.56 -91.25
CA LEU NA 311 -75.68 -2.65 -90.41
C LEU NA 311 -75.25 -2.38 -88.96
N THR NA 312 -74.41 -3.27 -88.45
CA THR NA 312 -73.74 -3.17 -87.16
C THR NA 312 -72.27 -3.49 -87.31
N VAL NA 313 -71.42 -2.84 -86.53
CA VAL NA 313 -70.05 -3.25 -86.29
C VAL NA 313 -69.89 -3.52 -84.80
N ALA NA 314 -69.18 -4.57 -84.40
CA ALA NA 314 -68.74 -4.75 -83.03
C ALA NA 314 -67.23 -4.58 -82.95
N ALA NA 315 -66.76 -3.71 -82.05
CA ALA NA 315 -65.36 -3.59 -81.74
C ALA NA 315 -65.07 -4.13 -80.34
N ILE NA 316 -64.51 -5.32 -80.24
CA ILE NA 316 -64.15 -5.98 -78.98
C ILE NA 316 -62.68 -5.66 -78.68
N PHE NA 317 -62.48 -4.58 -77.93
CA PHE NA 317 -61.18 -4.15 -77.46
C PHE NA 317 -60.68 -4.98 -76.28
N ARG NA 318 -59.37 -5.06 -76.15
CA ARG NA 318 -58.65 -5.70 -75.06
C ARG NA 318 -57.52 -4.80 -74.61
N GLY NA 319 -57.31 -4.68 -73.31
CA GLY NA 319 -56.24 -3.87 -72.72
C GLY NA 319 -56.73 -2.82 -71.74
N ARG NA 320 -55.82 -2.18 -71.02
CA ARG NA 320 -56.12 -1.07 -70.11
C ARG NA 320 -56.30 0.22 -70.90
N MET NA 321 -57.55 0.65 -71.07
CA MET NA 321 -57.90 1.82 -71.88
C MET NA 321 -59.13 2.56 -71.33
N SER NA 322 -59.24 3.84 -71.69
CA SER NA 322 -60.33 4.71 -71.27
C SER NA 322 -61.64 4.41 -71.98
N MET NA 323 -62.75 4.35 -71.23
CA MET NA 323 -64.07 4.26 -71.84
C MET NA 323 -64.46 5.55 -72.57
N LYS NA 324 -64.05 6.75 -72.12
CA LYS NA 324 -64.26 7.98 -72.88
C LYS NA 324 -63.58 7.89 -74.23
N GLU NA 325 -62.31 7.47 -74.28
CA GLU NA 325 -61.56 7.37 -75.54
C GLU NA 325 -62.15 6.32 -76.49
N VAL NA 326 -62.55 5.14 -76.00
CA VAL NA 326 -63.25 4.16 -76.83
C VAL NA 326 -64.57 4.74 -77.33
N ASP NA 327 -65.38 5.30 -76.45
CA ASP NA 327 -66.71 5.81 -76.84
C ASP NA 327 -66.64 7.03 -77.78
N GLU NA 328 -65.62 7.87 -77.62
CA GLU NA 328 -65.22 8.98 -78.52
C GLU NA 328 -64.87 8.44 -79.90
N GLN NA 329 -64.01 7.43 -80.03
CA GLN NA 329 -63.57 6.98 -81.35
C GLN NA 329 -64.67 6.22 -82.09
N MET NA 330 -65.44 5.39 -81.40
CA MET NA 330 -66.57 4.68 -82.01
C MET NA 330 -67.74 5.61 -82.37
N LEU NA 331 -67.78 6.83 -81.84
CA LEU NA 331 -68.64 7.93 -82.30
C LEU NA 331 -68.04 8.65 -83.50
N ASN NA 332 -66.78 9.06 -83.42
CA ASN NA 332 -66.11 9.84 -84.46
C ASN NA 332 -66.09 9.07 -85.77
N VAL NA 333 -65.83 7.76 -85.75
CA VAL NA 333 -65.88 6.93 -86.96
C VAL NA 333 -67.22 7.01 -87.65
N GLN NA 334 -68.33 6.72 -86.97
CA GLN NA 334 -69.63 6.61 -87.65
C GLN NA 334 -70.33 7.95 -87.94
N ASN NA 335 -69.78 9.07 -87.47
CA ASN NA 335 -70.21 10.41 -87.83
C ASN NA 335 -69.40 10.97 -89.00
N LYS NA 336 -68.08 10.77 -89.01
CA LYS NA 336 -67.19 11.18 -90.11
C LYS NA 336 -67.30 10.26 -91.33
N ASN NA 337 -67.76 9.02 -91.18
CA ASN NA 337 -68.03 8.05 -92.25
C ASN NA 337 -69.54 7.73 -92.38
N SER NA 338 -70.44 8.67 -92.10
CA SER NA 338 -71.88 8.40 -91.95
C SER NA 338 -72.56 7.81 -93.20
N SER NA 339 -72.04 8.10 -94.39
CA SER NA 339 -72.46 7.50 -95.66
C SER NA 339 -72.21 5.99 -95.78
N TYR NA 340 -71.43 5.39 -94.87
CA TYR NA 340 -71.11 3.96 -94.85
C TYR NA 340 -71.79 3.17 -93.74
N PHE NA 341 -72.77 3.73 -93.06
CA PHE NA 341 -73.58 3.06 -92.03
C PHE NA 341 -75.07 3.24 -92.32
N VAL NA 342 -75.94 2.28 -92.03
CA VAL NA 342 -77.37 2.47 -92.32
C VAL NA 342 -77.99 3.51 -91.39
N GLU NA 343 -78.79 4.42 -91.94
CA GLU NA 343 -79.31 5.59 -91.19
C GLU NA 343 -80.68 5.37 -90.53
N TRP NA 344 -81.21 4.16 -90.57
CA TRP NA 344 -82.36 3.70 -89.77
C TRP NA 344 -81.97 2.99 -88.48
N ILE NA 345 -80.67 2.82 -88.21
CA ILE NA 345 -80.14 2.44 -86.90
C ILE NA 345 -79.43 3.67 -86.31
N PRO NA 346 -79.77 4.13 -85.08
CA PRO NA 346 -79.27 5.40 -84.53
C PRO NA 346 -77.83 5.34 -83.98
N ASN NA 347 -77.33 4.15 -83.65
CA ASN NA 347 -75.93 3.87 -83.37
C ASN NA 347 -75.60 2.50 -83.93
N ASN NA 348 -74.63 2.41 -84.82
CA ASN NA 348 -74.27 1.18 -85.50
C ASN NA 348 -73.14 0.43 -84.81
N VAL NA 349 -72.45 0.97 -83.81
CA VAL NA 349 -71.30 0.32 -83.18
C VAL NA 349 -71.63 -0.20 -81.79
N LYS NA 350 -71.46 -1.50 -81.58
CA LYS NA 350 -71.32 -2.18 -80.28
C LYS NA 350 -69.87 -2.07 -79.83
N THR NA 351 -69.61 -1.82 -78.55
CA THR NA 351 -68.26 -1.86 -77.98
C THR NA 351 -68.19 -2.89 -76.88
N ALA NA 352 -67.04 -3.52 -76.70
CA ALA NA 352 -66.73 -4.31 -75.51
C ALA NA 352 -65.27 -4.08 -75.16
N VAL NA 353 -64.91 -4.23 -73.89
CA VAL NA 353 -63.58 -3.88 -73.37
C VAL NA 353 -63.19 -4.91 -72.34
N CYS NA 354 -62.21 -5.74 -72.66
CA CYS NA 354 -61.59 -6.70 -71.76
C CYS NA 354 -60.34 -6.12 -71.10
N ASP NA 355 -60.08 -6.44 -69.84
CA ASP NA 355 -58.93 -5.95 -69.06
C ASP NA 355 -57.60 -6.64 -69.39
N ILE NA 356 -57.60 -7.70 -70.20
CA ILE NA 356 -56.45 -8.57 -70.45
C ILE NA 356 -56.13 -8.60 -71.96
N PRO NA 357 -55.12 -7.84 -72.44
CA PRO NA 357 -54.71 -7.83 -73.83
C PRO NA 357 -53.89 -9.08 -74.18
N PRO NA 358 -53.79 -9.46 -75.47
CA PRO NA 358 -53.07 -10.66 -75.89
C PRO NA 358 -51.62 -10.65 -75.39
N ARG NA 359 -51.03 -11.81 -75.13
CA ARG NA 359 -49.66 -11.90 -74.60
C ARG NA 359 -48.68 -11.22 -75.55
N GLY NA 360 -47.93 -10.22 -75.09
CA GLY NA 360 -47.01 -9.43 -75.91
C GLY NA 360 -47.62 -8.20 -76.62
N LEU NA 361 -48.85 -7.77 -76.41
CA LEU NA 361 -49.19 -6.41 -76.83
C LEU NA 361 -50.07 -5.67 -75.82
N LYS NA 362 -49.87 -4.36 -75.71
CA LYS NA 362 -50.47 -3.51 -74.66
C LYS NA 362 -51.97 -3.34 -74.82
N MET NA 363 -52.47 -3.45 -76.04
CA MET NA 363 -53.88 -3.36 -76.40
C MET NA 363 -54.12 -4.22 -77.63
N SER NA 364 -55.36 -4.60 -77.91
CA SER NA 364 -55.75 -5.18 -79.19
C SER NA 364 -57.24 -4.94 -79.44
N ALA NA 365 -57.68 -5.00 -80.69
CA ALA NA 365 -59.09 -4.92 -81.06
C ALA NA 365 -59.42 -5.99 -82.09
N THR NA 366 -60.46 -6.78 -81.83
CA THR NA 366 -61.08 -7.65 -82.84
C THR NA 366 -62.32 -6.97 -83.35
N PHE NA 367 -62.40 -6.86 -84.67
CA PHE NA 367 -63.46 -6.19 -85.40
C PHE NA 367 -64.41 -7.21 -85.99
N ILE NA 368 -65.71 -7.01 -85.88
CA ILE NA 368 -66.71 -7.79 -86.57
C ILE NA 368 -67.60 -6.85 -87.35
N GLY NA 369 -67.58 -6.92 -88.67
CA GLY NA 369 -68.46 -6.15 -89.52
C GLY NA 369 -69.65 -6.96 -89.95
N ASN NA 370 -70.84 -6.40 -89.89
CA ASN NA 370 -71.97 -6.84 -90.69
C ASN NA 370 -72.24 -5.73 -91.72
N SER NA 371 -72.15 -6.01 -93.01
CA SER NA 371 -72.31 -5.00 -94.05
C SER NA 371 -72.96 -5.54 -95.30
N THR NA 372 -73.81 -4.71 -95.92
CA THR NA 372 -74.43 -5.00 -97.21
C THR NA 372 -73.42 -5.25 -98.32
N ALA NA 373 -72.16 -4.82 -98.15
CA ALA NA 373 -71.05 -5.17 -99.05
C ALA NA 373 -70.77 -6.67 -99.13
N ILE NA 374 -71.18 -7.49 -98.15
CA ILE NA 374 -71.05 -8.95 -98.25
C ILE NA 374 -71.88 -9.54 -99.40
N GLN NA 375 -72.79 -8.76 -100.00
CA GLN NA 375 -73.45 -9.15 -101.24
C GLN NA 375 -72.45 -9.52 -102.33
N GLU NA 376 -71.28 -8.87 -102.39
CA GLU NA 376 -70.30 -9.09 -103.45
C GLU NA 376 -69.63 -10.44 -103.36
N LEU NA 377 -69.47 -10.98 -102.15
CA LEU NA 377 -68.93 -12.32 -101.94
C LEU NA 377 -69.93 -13.38 -102.41
N PHE NA 378 -71.20 -13.25 -102.05
CA PHE NA 378 -72.23 -14.16 -102.55
C PHE NA 378 -72.54 -13.99 -104.03
N LYS NA 379 -72.43 -12.78 -104.59
CA LYS NA 379 -72.69 -12.52 -106.02
C LYS NA 379 -71.66 -13.22 -106.91
N ARG NA 380 -70.37 -13.06 -106.63
CA ARG NA 380 -69.32 -13.61 -107.50
C ARG NA 380 -69.26 -15.14 -107.46
N ILE NA 381 -69.57 -15.77 -106.33
CA ILE NA 381 -69.77 -17.22 -106.28
C ILE NA 381 -70.99 -17.59 -107.12
N SER NA 382 -72.12 -16.90 -106.97
CA SER NA 382 -73.35 -17.17 -107.71
C SER NA 382 -73.20 -17.05 -109.24
N GLU NA 383 -72.42 -16.08 -109.73
CA GLU NA 383 -72.11 -15.94 -111.16
C GLU NA 383 -71.07 -16.95 -111.68
N GLN NA 384 -70.08 -17.39 -110.89
CA GLN NA 384 -69.24 -18.53 -111.27
C GLN NA 384 -70.04 -19.84 -111.32
N PHE NA 385 -70.92 -20.07 -110.35
CA PHE NA 385 -71.84 -21.20 -110.35
C PHE NA 385 -72.71 -21.20 -111.61
N THR NA 386 -73.30 -20.07 -111.93
CA THR NA 386 -74.22 -19.95 -113.06
C THR NA 386 -73.54 -20.28 -114.38
N ALA NA 387 -72.33 -19.77 -114.62
CA ALA NA 387 -71.63 -19.99 -115.88
C ALA NA 387 -71.25 -21.45 -116.13
N MET NA 388 -70.99 -22.25 -115.09
CA MET NA 388 -70.83 -23.70 -115.22
C MET NA 388 -72.16 -24.43 -115.34
N PHE NA 389 -73.12 -24.05 -114.51
CA PHE NA 389 -74.38 -24.78 -114.39
C PHE NA 389 -75.27 -24.64 -115.63
N ARG NA 390 -75.20 -23.53 -116.39
CA ARG NA 390 -75.98 -23.40 -117.64
C ARG NA 390 -75.65 -24.50 -118.66
N ARG NA 391 -74.46 -25.09 -118.58
CA ARG NA 391 -73.99 -26.21 -119.42
C ARG NA 391 -73.84 -27.53 -118.66
N LYS NA 392 -74.42 -27.64 -117.46
CA LYS NA 392 -74.45 -28.84 -116.59
C LYS NA 392 -73.06 -29.44 -116.31
N ALA NA 393 -71.99 -28.66 -116.45
CA ALA NA 393 -70.65 -29.18 -116.36
C ALA NA 393 -70.37 -29.80 -114.99
N PHE NA 394 -69.59 -30.87 -114.92
CA PHE NA 394 -69.22 -31.59 -113.69
C PHE NA 394 -70.38 -32.22 -112.87
N LEU NA 395 -71.65 -32.10 -113.26
CA LEU NA 395 -72.77 -32.55 -112.41
C LEU NA 395 -72.86 -34.06 -112.24
N HIS NA 396 -72.20 -34.88 -113.06
CA HIS NA 396 -72.27 -36.34 -112.91
C HIS NA 396 -71.56 -36.83 -111.65
N TRP NA 397 -70.58 -36.09 -111.13
CA TRP NA 397 -69.92 -36.38 -109.87
C TRP NA 397 -70.82 -36.15 -108.65
N TYR NA 398 -71.80 -35.26 -108.73
CA TYR NA 398 -72.75 -34.96 -107.67
C TYR NA 398 -74.03 -35.78 -107.79
N THR NA 399 -74.59 -35.85 -109.00
CA THR NA 399 -75.76 -36.70 -109.27
C THR NA 399 -75.42 -38.19 -109.17
N GLY NA 400 -74.16 -38.58 -109.32
CA GLY NA 400 -73.67 -39.93 -109.01
C GLY NA 400 -73.81 -40.32 -107.55
N GLU NA 401 -73.74 -39.37 -106.63
CA GLU NA 401 -74.04 -39.53 -105.19
C GLU NA 401 -75.54 -39.48 -104.87
N GLY NA 402 -76.40 -39.50 -105.88
CA GLY NA 402 -77.86 -39.47 -105.77
C GLY NA 402 -78.47 -38.09 -105.52
N MET NA 403 -77.69 -37.02 -105.67
CA MET NA 403 -78.17 -35.65 -105.57
C MET NA 403 -79.00 -35.25 -106.80
N ASP NA 404 -80.04 -34.44 -106.66
CA ASP NA 404 -80.83 -33.96 -107.80
C ASP NA 404 -80.21 -32.71 -108.45
N GLU NA 405 -80.45 -32.53 -109.75
CA GLU NA 405 -80.25 -31.23 -110.41
C GLU NA 405 -81.14 -30.15 -109.75
N MET NA 406 -82.34 -30.52 -109.29
CA MET NA 406 -83.21 -29.61 -108.54
C MET NA 406 -82.55 -29.05 -107.29
N GLU NA 407 -81.59 -29.74 -106.66
CA GLU NA 407 -80.95 -29.20 -105.45
C GLU NA 407 -79.96 -28.09 -105.76
N PHE NA 408 -79.35 -28.12 -106.95
CA PHE NA 408 -78.51 -27.05 -107.44
C PHE NA 408 -79.35 -25.82 -107.77
N THR NA 409 -80.44 -26.00 -108.50
CA THR NA 409 -81.40 -24.93 -108.81
C THR NA 409 -81.92 -24.27 -107.52
N GLU NA 410 -82.26 -25.07 -106.50
CA GLU NA 410 -82.76 -24.58 -105.22
C GLU NA 410 -81.67 -23.93 -104.35
N ALA NA 411 -80.43 -24.40 -104.39
CA ALA NA 411 -79.32 -23.74 -103.72
C ALA NA 411 -79.00 -22.36 -104.30
N GLU NA 412 -78.87 -22.23 -105.63
CA GLU NA 412 -78.60 -20.94 -106.28
C GLU NA 412 -79.78 -19.98 -106.14
N SER NA 413 -81.00 -20.51 -106.02
CA SER NA 413 -82.21 -19.73 -105.72
C SER NA 413 -82.12 -19.11 -104.32
N ASN NA 414 -81.79 -19.90 -103.32
CA ASN NA 414 -81.56 -19.45 -101.95
C ASN NA 414 -80.33 -18.53 -101.78
N MET NA 415 -79.31 -18.70 -102.62
CA MET NA 415 -78.17 -17.78 -102.70
C MET NA 415 -78.62 -16.39 -103.19
N ASN NA 416 -79.35 -16.28 -104.30
CA ASN NA 416 -79.86 -14.98 -104.77
C ASN NA 416 -80.84 -14.34 -103.77
N ASP NA 417 -81.59 -15.14 -103.00
CA ASP NA 417 -82.44 -14.64 -101.91
C ASP NA 417 -81.61 -14.02 -100.78
N LEU NA 418 -80.43 -14.58 -100.45
CA LEU NA 418 -79.49 -13.95 -99.52
C LEU NA 418 -78.84 -12.69 -100.08
N VAL NA 419 -78.48 -12.66 -101.36
CA VAL NA 419 -77.97 -11.45 -102.04
C VAL NA 419 -79.00 -10.34 -102.02
N SER NA 420 -80.27 -10.68 -102.25
CA SER NA 420 -81.35 -9.70 -102.34
C SER NA 420 -81.67 -9.06 -100.98
N GLU NA 421 -81.59 -9.81 -99.88
CA GLU NA 421 -81.84 -9.28 -98.54
C GLU NA 421 -80.74 -8.32 -98.06
N TYR NA 422 -79.46 -8.56 -98.39
CA TYR NA 422 -78.44 -7.54 -98.14
C TYR NA 422 -78.56 -6.33 -99.06
N GLN NA 423 -78.81 -6.52 -100.35
CA GLN NA 423 -79.01 -5.42 -101.31
C GLN NA 423 -80.25 -4.58 -100.99
N GLN NA 424 -81.27 -5.13 -100.33
CA GLN NA 424 -82.48 -4.42 -99.91
C GLN NA 424 -82.18 -3.28 -98.94
N TYR NA 425 -81.27 -3.47 -97.97
CA TYR NA 425 -80.91 -2.43 -96.99
C TYR NA 425 -79.77 -1.50 -97.45
N GLN NA 426 -79.30 -1.60 -98.69
CA GLN NA 426 -78.22 -0.79 -99.24
C GLN NA 426 -78.52 0.71 -99.18
N MET OA 1 -71.54 -64.99 -41.44
CA MET OA 1 -71.96 -63.60 -41.72
C MET OA 1 -72.09 -63.37 -43.22
N ARG OA 2 -73.25 -63.69 -43.78
CA ARG OA 2 -73.61 -63.50 -45.21
C ARG OA 2 -72.60 -64.11 -46.16
N GLU OA 3 -72.24 -65.36 -45.88
CA GLU OA 3 -71.38 -66.13 -46.77
C GLU OA 3 -72.01 -66.26 -48.15
N ILE OA 4 -71.17 -66.31 -49.18
CA ILE OA 4 -71.55 -66.70 -50.54
C ILE OA 4 -70.86 -67.99 -50.92
N VAL OA 5 -71.58 -68.84 -51.64
CA VAL OA 5 -71.07 -70.05 -52.29
C VAL OA 5 -70.98 -69.76 -53.78
N HIS OA 6 -69.81 -69.97 -54.37
CA HIS OA 6 -69.56 -69.63 -55.75
C HIS OA 6 -69.35 -70.88 -56.59
N LEU OA 7 -69.92 -70.97 -57.78
CA LEU OA 7 -69.88 -72.18 -58.60
C LEU OA 7 -69.49 -71.85 -60.03
N GLN OA 8 -68.54 -72.58 -60.60
CA GLN OA 8 -68.02 -72.35 -61.94
C GLN OA 8 -68.37 -73.49 -62.89
N ALA OA 9 -68.98 -73.23 -64.05
CA ALA OA 9 -69.38 -74.29 -64.98
C ALA OA 9 -68.87 -74.12 -66.42
N GLY OA 10 -68.28 -75.19 -66.96
CA GLY OA 10 -67.77 -75.23 -68.34
C GLY OA 10 -66.47 -74.44 -68.52
N GLN OA 11 -65.99 -74.25 -69.76
CA GLN OA 11 -64.77 -73.48 -69.98
C GLN OA 11 -64.97 -72.01 -69.60
N CYS OA 12 -65.98 -71.32 -70.11
CA CYS OA 12 -66.17 -69.90 -69.85
C CYS OA 12 -66.39 -69.62 -68.37
N GLY OA 13 -67.27 -70.34 -67.69
CA GLY OA 13 -67.55 -70.14 -66.27
C GLY OA 13 -66.35 -70.34 -65.36
N ASN OA 14 -65.50 -71.32 -65.66
CA ASN OA 14 -64.23 -71.54 -64.96
C ASN OA 14 -63.18 -70.52 -65.32
N GLN OA 15 -63.24 -69.86 -66.47
CA GLN OA 15 -62.28 -68.86 -66.87
C GLN OA 15 -62.62 -67.47 -66.31
N ILE OA 16 -63.87 -67.01 -66.39
CA ILE OA 16 -64.32 -65.79 -65.71
C ILE OA 16 -64.25 -65.96 -64.18
N GLY OA 17 -64.50 -67.17 -63.67
CA GLY OA 17 -64.33 -67.53 -62.26
C GLY OA 17 -62.88 -67.53 -61.78
N ALA OA 18 -61.97 -68.21 -62.48
CA ALA OA 18 -60.56 -68.25 -62.10
C ALA OA 18 -59.87 -66.89 -62.20
N LYS OA 19 -60.39 -65.94 -63.00
CA LYS OA 19 -59.97 -64.54 -62.97
C LYS OA 19 -60.61 -63.80 -61.81
N PHE OA 20 -61.89 -63.99 -61.55
CA PHE OA 20 -62.55 -63.40 -60.39
C PHE OA 20 -61.81 -63.71 -59.09
N TRP OA 21 -61.37 -64.95 -58.87
CA TRP OA 21 -60.59 -65.33 -57.69
C TRP OA 21 -59.21 -64.69 -57.59
N GLU OA 22 -58.61 -64.27 -58.69
CA GLU OA 22 -57.41 -63.45 -58.67
C GLU OA 22 -57.71 -61.99 -58.29
N VAL OA 23 -58.83 -61.44 -58.74
CA VAL OA 23 -59.29 -60.08 -58.40
C VAL OA 23 -59.68 -59.94 -56.92
N ILE OA 24 -60.55 -60.81 -56.40
CA ILE OA 24 -60.95 -60.66 -54.99
C ILE OA 24 -59.87 -61.12 -54.01
N SER OA 25 -58.92 -61.96 -54.44
CA SER OA 25 -57.74 -62.23 -53.61
C SER OA 25 -56.79 -61.04 -53.54
N ASP OA 26 -56.68 -60.20 -54.58
CA ASP OA 26 -55.92 -58.97 -54.53
C ASP OA 26 -56.56 -57.94 -53.58
N GLU OA 27 -57.89 -57.81 -53.64
CA GLU OA 27 -58.69 -56.97 -52.74
C GLU OA 27 -58.52 -57.36 -51.28
N HIS OA 28 -58.72 -58.64 -50.96
CA HIS OA 28 -58.61 -59.17 -49.60
C HIS OA 28 -57.15 -59.45 -49.19
N GLY OA 29 -56.17 -59.19 -50.05
CA GLY OA 29 -54.76 -59.31 -49.73
C GLY OA 29 -54.32 -60.73 -49.42
N ILE OA 30 -54.81 -61.69 -50.20
CA ILE OA 30 -54.49 -63.12 -50.10
C ILE OA 30 -53.49 -63.49 -51.19
N ASP OA 31 -52.43 -64.15 -50.78
CA ASP OA 31 -51.33 -64.66 -51.58
C ASP OA 31 -51.78 -65.85 -52.45
N PRO OA 32 -51.21 -66.13 -53.63
CA PRO OA 32 -51.50 -67.33 -54.41
C PRO OA 32 -51.36 -68.66 -53.65
N THR OA 33 -50.64 -68.67 -52.54
CA THR OA 33 -50.50 -69.83 -51.62
C THR OA 33 -51.75 -70.03 -50.75
N GLY OA 34 -52.59 -69.00 -50.64
CA GLY OA 34 -53.73 -68.93 -49.72
C GLY OA 34 -53.42 -68.20 -48.40
N ALA OA 35 -52.18 -67.81 -48.14
CA ALA OA 35 -51.79 -67.03 -46.95
C ALA OA 35 -52.22 -65.56 -47.03
N TYR OA 36 -52.64 -64.93 -45.94
CA TYR OA 36 -52.93 -63.49 -45.92
C TYR OA 36 -51.67 -62.63 -45.85
N HIS OA 37 -51.56 -61.62 -46.71
CA HIS OA 37 -50.43 -60.70 -46.85
C HIS OA 37 -50.86 -59.24 -47.04
N GLY OA 38 -52.12 -58.91 -46.77
CA GLY OA 38 -52.68 -57.58 -47.01
C GLY OA 38 -52.23 -56.49 -46.03
N ASP OA 39 -52.58 -55.25 -46.34
CA ASP OA 39 -52.29 -54.04 -45.57
C ASP OA 39 -53.20 -53.87 -44.34
N SER OA 40 -54.49 -54.17 -44.50
CA SER OA 40 -55.56 -53.54 -43.73
C SER OA 40 -56.47 -54.54 -43.03
N ASP OA 41 -56.96 -54.15 -41.86
CA ASP OA 41 -57.92 -54.95 -41.10
C ASP OA 41 -59.24 -55.16 -41.85
N LEU OA 42 -59.65 -54.19 -42.68
CA LEU OA 42 -60.90 -54.25 -43.43
C LEU OA 42 -60.88 -55.36 -44.48
N GLN OA 43 -59.70 -55.70 -45.00
CA GLN OA 43 -59.50 -56.84 -45.89
C GLN OA 43 -59.79 -58.18 -45.20
N LEU OA 44 -59.51 -58.26 -43.90
CA LEU OA 44 -59.65 -59.47 -43.11
C LEU OA 44 -61.01 -59.58 -42.43
N GLU OA 45 -61.64 -58.45 -42.11
CA GLU OA 45 -62.92 -58.35 -41.40
C GLU OA 45 -64.05 -59.20 -42.02
N ARG OA 46 -64.13 -59.27 -43.36
CA ARG OA 46 -65.16 -60.01 -44.11
C ARG OA 46 -64.59 -61.08 -45.04
N ILE OA 47 -63.37 -61.55 -44.81
CA ILE OA 47 -62.76 -62.60 -45.62
C ILE OA 47 -63.59 -63.89 -45.65
N ASN OA 48 -64.39 -64.13 -44.61
CA ASN OA 48 -65.34 -65.23 -44.56
C ASN OA 48 -66.40 -65.19 -45.66
N VAL OA 49 -66.70 -64.04 -46.29
CA VAL OA 49 -67.74 -63.96 -47.33
C VAL OA 49 -67.44 -64.84 -48.54
N TYR OA 50 -66.17 -64.98 -48.89
CA TYR OA 50 -65.74 -65.78 -50.04
C TYR OA 50 -64.75 -66.90 -49.69
N TYR OA 51 -64.26 -66.99 -48.45
CA TYR OA 51 -63.23 -67.94 -48.05
C TYR OA 51 -63.58 -68.67 -46.77
N ASN OA 52 -63.00 -69.85 -46.57
CA ASN OA 52 -62.99 -70.59 -45.33
C ASN OA 52 -61.62 -70.39 -44.65
N GLU OA 53 -61.60 -70.15 -43.34
CA GLU OA 53 -60.36 -70.22 -42.57
C GLU OA 53 -59.91 -71.68 -42.44
N ALA OA 54 -58.62 -71.95 -42.62
CA ALA OA 54 -57.99 -73.24 -42.38
C ALA OA 54 -56.67 -73.07 -41.60
N THR OA 55 -56.05 -74.17 -41.19
CA THR OA 55 -54.91 -74.17 -40.27
C THR OA 55 -53.71 -73.33 -40.77
N GLY OA 56 -52.98 -72.70 -39.86
CA GLY OA 56 -51.89 -71.77 -40.19
C GLY OA 56 -52.35 -70.42 -40.75
N GLY OA 57 -53.62 -70.04 -40.57
CA GLY OA 57 -54.26 -68.86 -41.16
C GLY OA 57 -54.22 -68.83 -42.70
N LYS OA 58 -54.19 -70.00 -43.33
CA LYS OA 58 -54.44 -70.17 -44.77
C LYS OA 58 -55.94 -70.03 -45.05
N TYR OA 59 -56.28 -69.34 -46.12
CA TYR OA 59 -57.66 -69.13 -46.55
C TYR OA 59 -57.94 -69.93 -47.80
N VAL OA 60 -59.05 -70.68 -47.81
CA VAL OA 60 -59.44 -71.55 -48.91
C VAL OA 60 -60.74 -71.03 -49.50
N PRO OA 61 -60.78 -70.60 -50.76
CA PRO OA 61 -61.98 -70.01 -51.33
C PRO OA 61 -63.12 -71.01 -51.48
N ARG OA 62 -64.33 -70.53 -51.22
CA ARG OA 62 -65.56 -71.31 -51.28
C ARG OA 62 -66.13 -71.39 -52.70
N ALA OA 63 -65.27 -71.79 -53.63
CA ALA OA 63 -65.64 -72.17 -54.97
C ALA OA 63 -65.93 -73.67 -55.07
N VAL OA 64 -66.90 -74.04 -55.89
CA VAL OA 64 -67.03 -75.38 -56.49
C VAL OA 64 -66.73 -75.25 -57.98
N LEU OA 65 -65.88 -76.11 -58.50
CA LEU OA 65 -65.41 -76.07 -59.88
C LEU OA 65 -65.98 -77.28 -60.61
N VAL OA 66 -66.82 -77.04 -61.61
CA VAL OA 66 -67.58 -78.08 -62.33
C VAL OA 66 -67.27 -78.05 -63.83
N ASP OA 67 -66.97 -79.21 -64.38
CA ASP OA 67 -66.75 -79.39 -65.82
C ASP OA 67 -67.03 -80.85 -66.19
N LEU OA 68 -67.28 -81.14 -67.45
CA LEU OA 68 -67.44 -82.51 -67.95
C LEU OA 68 -66.17 -83.06 -68.61
N GLU OA 69 -65.13 -82.24 -68.71
CA GLU OA 69 -63.78 -82.52 -69.24
C GLU OA 69 -62.72 -82.22 -68.15
N PRO OA 70 -61.59 -82.95 -68.08
CA PRO OA 70 -60.53 -82.64 -67.14
C PRO OA 70 -59.71 -81.41 -67.55
N GLY OA 71 -59.57 -81.12 -68.85
CA GLY OA 71 -58.66 -80.12 -69.39
C GLY OA 71 -58.84 -78.69 -68.87
N THR OA 72 -60.04 -78.23 -68.52
CA THR OA 72 -60.17 -76.91 -67.87
C THR OA 72 -59.78 -76.94 -66.39
N MET OA 73 -60.05 -78.03 -65.66
CA MET OA 73 -59.52 -78.21 -64.31
C MET OA 73 -58.00 -78.19 -64.31
N ASP OA 74 -57.38 -78.89 -65.24
CA ASP OA 74 -55.93 -78.91 -65.44
C ASP OA 74 -55.39 -77.51 -65.75
N SER OA 75 -56.12 -76.71 -66.52
CA SER OA 75 -55.73 -75.34 -66.87
C SER OA 75 -55.90 -74.36 -65.71
N VAL OA 76 -56.92 -74.54 -64.87
CA VAL OA 76 -57.14 -73.74 -63.65
C VAL OA 76 -56.15 -74.14 -62.57
N ARG OA 77 -56.01 -75.42 -62.23
CA ARG OA 77 -55.13 -75.96 -61.19
C ARG OA 77 -53.65 -75.61 -61.42
N SER OA 78 -53.21 -75.57 -62.67
CA SER OA 78 -51.87 -75.14 -63.08
C SER OA 78 -51.71 -73.60 -63.24
N GLY OA 79 -52.79 -72.83 -63.13
CA GLY OA 79 -52.83 -71.40 -63.45
C GLY OA 79 -52.24 -70.47 -62.39
N PRO OA 80 -52.36 -69.15 -62.57
CA PRO OA 80 -51.82 -68.12 -61.67
C PRO OA 80 -52.21 -68.27 -60.19
N PHE OA 81 -53.45 -68.72 -59.93
CA PHE OA 81 -54.02 -68.90 -58.60
C PHE OA 81 -54.55 -70.32 -58.36
N GLY OA 82 -54.24 -71.28 -59.22
CA GLY OA 82 -54.85 -72.61 -59.20
C GLY OA 82 -54.69 -73.41 -57.92
N GLN OA 83 -53.59 -73.19 -57.20
CA GLN OA 83 -53.27 -73.92 -55.97
C GLN OA 83 -54.11 -73.46 -54.78
N ILE OA 84 -54.90 -72.38 -54.92
CA ILE OA 84 -55.72 -71.84 -53.84
C ILE OA 84 -56.91 -72.73 -53.52
N PHE OA 85 -57.58 -73.31 -54.52
CA PHE OA 85 -58.84 -74.03 -54.39
C PHE OA 85 -58.69 -75.38 -53.69
N ARG OA 86 -59.75 -75.86 -53.03
CA ARG OA 86 -59.75 -77.16 -52.35
C ARG OA 86 -59.72 -78.29 -53.39
N PRO OA 87 -58.77 -79.25 -53.36
CA PRO OA 87 -58.74 -80.38 -54.30
C PRO OA 87 -60.05 -81.15 -54.42
N ASP OA 88 -60.79 -81.33 -53.33
CA ASP OA 88 -62.12 -81.97 -53.32
C ASP OA 88 -63.21 -81.19 -54.07
N ASN OA 89 -63.03 -79.89 -54.26
CA ASN OA 89 -64.04 -79.03 -54.89
C ASN OA 89 -63.92 -79.00 -56.41
N PHE OA 90 -62.85 -79.54 -56.99
CA PHE OA 90 -62.78 -79.83 -58.42
C PHE OA 90 -63.60 -81.09 -58.71
N VAL OA 91 -64.81 -80.93 -59.23
CA VAL OA 91 -65.72 -82.04 -59.58
C VAL OA 91 -65.82 -82.13 -61.09
N PHE OA 92 -65.46 -83.25 -61.69
CA PHE OA 92 -65.36 -83.35 -63.14
C PHE OA 92 -65.63 -84.75 -63.70
N GLY OA 93 -66.11 -84.80 -64.94
CA GLY OA 93 -66.22 -86.00 -65.77
C GLY OA 93 -64.96 -86.28 -66.60
N GLN OA 94 -65.06 -87.13 -67.63
CA GLN OA 94 -63.97 -87.39 -68.58
C GLN OA 94 -64.35 -87.05 -70.03
N SER OA 95 -65.46 -87.57 -70.54
CA SER OA 95 -66.00 -87.23 -71.86
C SER OA 95 -66.83 -85.94 -71.80
N GLY OA 96 -66.56 -84.96 -72.66
CA GLY OA 96 -67.17 -83.63 -72.59
C GLY OA 96 -68.65 -83.56 -72.93
N ALA OA 97 -69.20 -82.35 -72.94
CA ALA OA 97 -70.57 -82.07 -73.34
C ALA OA 97 -70.80 -82.03 -74.87
N GLY OA 98 -69.77 -82.09 -75.72
CA GLY OA 98 -69.96 -82.03 -77.17
C GLY OA 98 -70.64 -80.76 -77.68
N ASN OA 99 -70.63 -79.67 -76.93
CA ASN OA 99 -71.45 -78.47 -77.14
C ASN OA 99 -72.95 -78.75 -77.24
N ASN OA 100 -73.42 -79.72 -76.47
CA ASN OA 100 -74.78 -80.20 -76.47
C ASN OA 100 -75.46 -79.93 -75.11
N TRP OA 101 -76.53 -79.14 -75.07
CA TRP OA 101 -77.29 -78.89 -73.84
C TRP OA 101 -77.82 -80.18 -73.23
N ALA OA 102 -78.31 -81.11 -74.05
CA ALA OA 102 -78.91 -82.33 -73.58
C ALA OA 102 -77.89 -83.28 -72.98
N LYS OA 103 -76.62 -83.28 -73.42
CA LYS OA 103 -75.55 -83.98 -72.71
C LYS OA 103 -75.29 -83.39 -71.34
N GLY OA 104 -75.22 -82.06 -71.23
CA GLY OA 104 -75.13 -81.38 -69.94
C GLY OA 104 -76.27 -81.75 -68.98
N HIS OA 105 -77.50 -81.57 -69.41
CA HIS OA 105 -78.69 -81.69 -68.56
C HIS OA 105 -79.21 -83.12 -68.33
N TYR OA 106 -78.98 -84.09 -69.22
CA TYR OA 106 -79.65 -85.40 -69.18
C TYR OA 106 -78.75 -86.62 -69.08
N THR OA 107 -77.47 -86.50 -69.41
CA THR OA 107 -76.60 -87.69 -69.60
C THR OA 107 -75.30 -87.60 -68.84
N GLU OA 108 -74.42 -86.71 -69.28
CA GLU OA 108 -73.04 -86.60 -68.85
C GLU OA 108 -72.92 -85.81 -67.54
N GLY OA 109 -73.78 -84.79 -67.38
CA GLY OA 109 -73.89 -83.98 -66.18
C GLY OA 109 -74.96 -84.47 -65.22
N ALA OA 110 -75.99 -85.17 -65.69
CA ALA OA 110 -76.93 -85.85 -64.81
C ALA OA 110 -76.27 -86.96 -63.99
N GLU OA 111 -75.24 -87.62 -64.55
CA GLU OA 111 -74.38 -88.52 -63.79
C GLU OA 111 -73.57 -87.78 -62.72
N LEU OA 112 -73.00 -86.63 -63.08
CA LEU OA 112 -72.05 -85.87 -62.26
C LEU OA 112 -72.71 -84.99 -61.19
N VAL OA 113 -73.94 -84.54 -61.36
CA VAL OA 113 -74.59 -83.58 -60.44
C VAL OA 113 -74.73 -84.15 -59.02
N ASP OA 114 -74.91 -85.46 -58.84
CA ASP OA 114 -74.91 -86.10 -57.51
C ASP OA 114 -73.56 -85.93 -56.77
N SER OA 115 -72.46 -85.84 -57.52
CA SER OA 115 -71.11 -85.60 -57.00
C SER OA 115 -70.81 -84.11 -56.83
N VAL OA 116 -71.50 -83.22 -57.55
CA VAL OA 116 -71.43 -81.76 -57.37
C VAL OA 116 -72.22 -81.31 -56.16
N LEU OA 117 -73.50 -81.70 -56.11
CA LEU OA 117 -74.44 -81.16 -55.17
C LEU OA 117 -74.04 -81.47 -53.73
N ASP OA 118 -73.48 -82.65 -53.47
CA ASP OA 118 -72.98 -83.07 -52.16
C ASP OA 118 -71.71 -82.34 -51.69
N VAL OA 119 -71.01 -81.63 -52.57
CA VAL OA 119 -69.94 -80.67 -52.24
C VAL OA 119 -70.51 -79.28 -51.96
N VAL OA 120 -71.53 -78.85 -52.71
CA VAL OA 120 -72.28 -77.61 -52.41
C VAL OA 120 -72.89 -77.65 -51.00
N ARG OA 121 -73.35 -78.82 -50.54
CA ARG OA 121 -73.74 -79.06 -49.15
C ARG OA 121 -72.62 -78.90 -48.11
N LYS OA 122 -71.40 -79.37 -48.36
CA LYS OA 122 -70.29 -79.26 -47.41
C LYS OA 122 -69.88 -77.80 -47.23
N GLU OA 123 -69.89 -77.02 -48.29
CA GLU OA 123 -69.59 -75.60 -48.22
C GLU OA 123 -70.74 -74.80 -47.56
N ALA OA 124 -71.99 -75.02 -47.94
CA ALA OA 124 -73.16 -74.37 -47.35
C ALA OA 124 -73.42 -74.72 -45.87
N GLU OA 125 -73.06 -75.91 -45.42
CA GLU OA 125 -73.13 -76.31 -44.00
C GLU OA 125 -71.96 -75.71 -43.17
N SER OA 126 -70.82 -75.43 -43.80
CA SER OA 126 -69.71 -74.70 -43.17
C SER OA 126 -69.99 -73.20 -42.99
N CYS OA 127 -70.97 -72.65 -43.70
CA CYS OA 127 -71.38 -71.24 -43.56
C CYS OA 127 -72.08 -70.97 -42.22
N ASP OA 128 -71.86 -69.78 -41.69
CA ASP OA 128 -72.52 -69.30 -40.46
C ASP OA 128 -73.94 -68.77 -40.76
N CYS OA 129 -74.06 -67.94 -41.80
CA CYS OA 129 -75.32 -67.55 -42.40
C CYS OA 129 -75.09 -67.31 -43.89
N LEU OA 130 -75.45 -68.28 -44.71
CA LEU OA 130 -75.40 -68.20 -46.16
C LEU OA 130 -76.42 -67.16 -46.67
N GLN OA 131 -76.00 -66.17 -47.48
CA GLN OA 131 -76.91 -65.27 -48.18
C GLN OA 131 -77.24 -65.78 -49.59
N GLY OA 132 -76.34 -66.48 -50.27
CA GLY OA 132 -76.63 -66.94 -51.61
C GLY OA 132 -75.57 -67.69 -52.38
N PHE OA 133 -75.91 -67.96 -53.64
CA PHE OA 133 -75.15 -68.71 -54.63
C PHE OA 133 -74.80 -67.80 -55.79
N GLN OA 134 -73.53 -67.81 -56.20
CA GLN OA 134 -72.98 -66.94 -57.24
C GLN OA 134 -72.40 -67.80 -58.36
N LEU OA 135 -73.16 -68.09 -59.41
CA LEU OA 135 -72.79 -69.09 -60.42
C LEU OA 135 -72.29 -68.46 -61.72
N THR OA 136 -71.07 -68.78 -62.16
CA THR OA 136 -70.49 -68.31 -63.43
C THR OA 136 -70.56 -69.36 -64.52
N HIS OA 137 -71.11 -69.00 -65.66
CA HIS OA 137 -71.32 -69.90 -66.80
C HIS OA 137 -71.56 -69.15 -68.11
N SER OA 138 -71.61 -69.87 -69.21
CA SER OA 138 -71.98 -69.39 -70.53
C SER OA 138 -73.26 -70.08 -71.03
N LEU OA 139 -74.07 -69.44 -71.85
CA LEU OA 139 -75.33 -70.01 -72.38
C LEU OA 139 -75.15 -70.67 -73.75
N GLY OA 140 -74.09 -70.34 -74.48
CA GLY OA 140 -73.61 -71.16 -75.59
C GLY OA 140 -72.93 -72.45 -75.12
N GLY OA 141 -72.62 -73.37 -76.03
CA GLY OA 141 -72.03 -74.67 -75.65
C GLY OA 141 -72.95 -75.48 -74.73
N GLY OA 142 -72.45 -76.49 -74.03
CA GLY OA 142 -73.30 -77.52 -73.42
C GLY OA 142 -73.11 -77.72 -71.92
N THR OA 143 -71.93 -77.41 -71.38
CA THR OA 143 -71.60 -77.63 -69.99
C THR OA 143 -72.20 -76.53 -69.13
N GLY OA 144 -71.87 -75.28 -69.40
CA GLY OA 144 -72.42 -74.14 -68.68
C GLY OA 144 -73.92 -73.97 -68.90
N SER OA 145 -74.38 -74.11 -70.12
CA SER OA 145 -75.78 -73.91 -70.49
C SER OA 145 -76.68 -75.01 -69.91
N GLY OA 146 -76.29 -76.27 -70.03
CA GLY OA 146 -77.13 -77.41 -69.70
C GLY OA 146 -76.85 -78.06 -68.37
N MET OA 147 -75.59 -78.17 -67.96
CA MET OA 147 -75.28 -78.66 -66.62
C MET OA 147 -75.45 -77.56 -65.58
N GLY OA 148 -75.05 -76.32 -65.89
CA GLY OA 148 -75.19 -75.19 -64.98
C GLY OA 148 -76.63 -74.89 -64.64
N THR OA 149 -77.54 -74.97 -65.61
CA THR OA 149 -78.98 -74.84 -65.34
C THR OA 149 -79.64 -76.06 -64.71
N LEU OA 150 -79.06 -77.26 -64.86
CA LEU OA 150 -79.44 -78.42 -64.05
C LEU OA 150 -79.08 -78.17 -62.58
N LEU OA 151 -77.88 -77.65 -62.34
CA LEU OA 151 -77.37 -77.37 -61.02
C LEU OA 151 -78.11 -76.21 -60.34
N ILE OA 152 -78.48 -75.16 -61.07
CA ILE OA 152 -79.38 -74.10 -60.58
C ILE OA 152 -80.71 -74.70 -60.12
N SER OA 153 -81.29 -75.60 -60.91
CA SER OA 153 -82.55 -76.25 -60.55
C SER OA 153 -82.45 -77.04 -59.24
N LYS OA 154 -81.37 -77.83 -59.07
CA LYS OA 154 -81.11 -78.63 -57.87
C LYS OA 154 -80.83 -77.81 -56.60
N ILE OA 155 -80.01 -76.77 -56.69
CA ILE OA 155 -79.74 -75.84 -55.60
C ILE OA 155 -80.96 -74.97 -55.28
N ARG OA 156 -81.75 -74.53 -56.27
CA ARG OA 156 -83.01 -73.81 -56.04
C ARG OA 156 -84.04 -74.61 -55.26
N GLU OA 157 -84.18 -75.90 -55.55
CA GLU OA 157 -85.10 -76.80 -54.86
C GLU OA 157 -84.68 -77.07 -53.42
N GLU OA 158 -83.38 -77.04 -53.14
CA GLU OA 158 -82.79 -77.34 -51.84
C GLU OA 158 -82.66 -76.10 -50.93
N TYR OA 159 -82.44 -74.92 -51.51
CA TYR OA 159 -82.26 -73.61 -50.86
C TYR OA 159 -83.22 -72.56 -51.47
N PRO OA 160 -84.52 -72.62 -51.18
CA PRO OA 160 -85.51 -71.81 -51.90
C PRO OA 160 -85.53 -70.33 -51.55
N ASP OA 161 -84.99 -69.92 -50.40
CA ASP OA 161 -85.05 -68.57 -49.82
C ASP OA 161 -83.73 -67.78 -49.90
N ARG OA 162 -82.62 -68.46 -50.19
CA ARG OA 162 -81.30 -67.85 -50.42
C ARG OA 162 -81.24 -67.19 -51.79
N ILE OA 163 -80.44 -66.15 -51.98
CA ILE OA 163 -80.28 -65.48 -53.28
C ILE OA 163 -79.57 -66.39 -54.29
N MET OA 164 -80.17 -66.62 -55.45
CA MET OA 164 -79.52 -67.27 -56.58
C MET OA 164 -79.17 -66.21 -57.62
N ASN OA 165 -77.87 -66.00 -57.81
CA ASN OA 165 -77.29 -64.85 -58.50
C ASN OA 165 -76.31 -65.35 -59.57
N THR OA 166 -76.62 -65.22 -60.86
CA THR OA 166 -75.82 -65.86 -61.94
C THR OA 166 -75.20 -64.85 -62.89
N PHE OA 167 -73.97 -65.11 -63.32
CA PHE OA 167 -73.25 -64.31 -64.30
C PHE OA 167 -73.09 -65.12 -65.57
N SER OA 168 -73.73 -64.66 -66.64
CA SER OA 168 -74.15 -65.49 -67.75
C SER OA 168 -73.67 -64.90 -69.07
N VAL OA 169 -72.55 -65.41 -69.57
CA VAL OA 169 -72.01 -65.01 -70.87
C VAL OA 169 -72.84 -65.65 -71.95
N VAL OA 170 -73.38 -64.90 -72.91
CA VAL OA 170 -74.41 -65.43 -73.82
C VAL OA 170 -74.28 -64.98 -75.27
N PRO OA 171 -74.88 -65.71 -76.24
CA PRO OA 171 -74.58 -65.57 -77.65
C PRO OA 171 -75.02 -64.24 -78.28
N SER OA 172 -74.32 -63.87 -79.35
CA SER OA 172 -74.65 -62.78 -80.25
C SER OA 172 -74.08 -63.08 -81.65
N PRO OA 173 -74.66 -62.52 -82.73
CA PRO OA 173 -74.40 -63.02 -84.08
C PRO OA 173 -73.01 -62.72 -84.63
N LYS OA 174 -72.45 -61.54 -84.37
CA LYS OA 174 -71.18 -61.08 -84.94
C LYS OA 174 -69.93 -61.60 -84.23
N VAL OA 175 -70.05 -62.19 -83.05
CA VAL OA 175 -68.97 -62.83 -82.29
C VAL OA 175 -69.45 -64.20 -81.83
N SER OA 176 -69.28 -65.20 -82.70
CA SER OA 176 -69.76 -66.57 -82.47
C SER OA 176 -68.75 -67.64 -82.89
N ASP OA 177 -68.68 -68.73 -82.12
CA ASP OA 177 -67.76 -69.85 -82.30
C ASP OA 177 -68.46 -71.21 -82.41
N THR OA 178 -69.79 -71.28 -82.36
CA THR OA 178 -70.58 -72.52 -82.32
C THR OA 178 -71.71 -72.44 -83.33
N VAL OA 179 -72.02 -73.54 -84.03
CA VAL OA 179 -73.18 -73.60 -84.94
C VAL OA 179 -74.50 -73.68 -84.18
N VAL OA 180 -74.58 -74.56 -83.20
CA VAL OA 180 -75.75 -74.79 -82.33
C VAL OA 180 -75.88 -73.85 -81.13
N GLU OA 181 -75.15 -72.74 -81.10
CA GLU OA 181 -75.27 -71.75 -80.01
C GLU OA 181 -76.73 -71.32 -79.73
N PRO OA 182 -77.55 -70.95 -80.73
CA PRO OA 182 -78.94 -70.54 -80.51
C PRO OA 182 -79.81 -71.57 -79.79
N TYR OA 183 -79.62 -72.86 -80.08
CA TYR OA 183 -80.37 -73.95 -79.44
C TYR OA 183 -80.05 -74.02 -77.95
N ASN OA 184 -78.77 -74.12 -77.63
CA ASN OA 184 -78.30 -74.27 -76.27
C ASN OA 184 -78.75 -73.12 -75.38
N ALA OA 185 -78.66 -71.89 -75.89
CA ALA OA 185 -79.09 -70.73 -75.14
C ALA OA 185 -80.60 -70.74 -74.92
N THR OA 186 -81.41 -71.03 -75.94
CA THR OA 186 -82.87 -71.03 -75.81
C THR OA 186 -83.37 -72.08 -74.81
N LEU OA 187 -82.77 -73.26 -74.78
CA LEU OA 187 -83.02 -74.29 -73.77
C LEU OA 187 -82.59 -73.88 -72.35
N SER OA 188 -81.59 -73.00 -72.22
CA SER OA 188 -81.00 -72.58 -70.96
C SER OA 188 -81.72 -71.36 -70.35
N VAL OA 189 -82.13 -70.38 -71.16
CA VAL OA 189 -82.86 -69.17 -70.73
C VAL OA 189 -84.20 -69.52 -70.09
N HIS OA 190 -84.85 -70.56 -70.59
CA HIS OA 190 -86.03 -71.21 -70.04
C HIS OA 190 -85.89 -71.66 -68.57
N GLN OA 191 -84.69 -72.00 -68.11
CA GLN OA 191 -84.40 -72.31 -66.70
C GLN OA 191 -84.06 -71.07 -65.87
N LEU OA 192 -83.34 -70.12 -66.45
CA LEU OA 192 -82.93 -68.90 -65.76
C LEU OA 192 -84.14 -68.01 -65.40
N VAL OA 193 -85.11 -67.83 -66.30
CA VAL OA 193 -86.31 -66.98 -66.05
C VAL OA 193 -87.16 -67.48 -64.86
N GLU OA 194 -87.16 -68.78 -64.57
CA GLU OA 194 -87.95 -69.36 -63.48
C GLU OA 194 -87.19 -69.44 -62.15
N ASN OA 195 -85.90 -69.81 -62.17
CA ASN OA 195 -85.17 -70.16 -60.95
C ASN OA 195 -84.32 -69.04 -60.36
N THR OA 196 -83.56 -68.28 -61.14
CA THR OA 196 -82.63 -67.29 -60.58
C THR OA 196 -83.39 -66.08 -59.98
N ASP OA 197 -82.78 -65.42 -59.00
CA ASP OA 197 -83.26 -64.15 -58.42
C ASP OA 197 -82.66 -62.94 -59.14
N GLU OA 198 -81.47 -63.09 -59.71
CA GLU OA 198 -80.79 -62.14 -60.59
C GLU OA 198 -79.98 -62.91 -61.63
N THR OA 199 -79.99 -62.47 -62.89
CA THR OA 199 -79.05 -62.97 -63.92
C THR OA 199 -78.41 -61.81 -64.63
N TYR OA 200 -77.08 -61.73 -64.61
CA TYR OA 200 -76.31 -60.66 -65.22
C TYR OA 200 -75.87 -61.08 -66.62
N CYS OA 201 -76.55 -60.54 -67.61
CA CYS OA 201 -76.41 -60.91 -69.01
C CYS OA 201 -75.18 -60.24 -69.58
N ILE OA 202 -74.23 -61.02 -70.06
CA ILE OA 202 -72.93 -60.55 -70.55
C ILE OA 202 -72.68 -61.09 -71.94
N ASP OA 203 -72.01 -60.33 -72.80
CA ASP OA 203 -71.87 -60.65 -74.21
C ASP OA 203 -70.44 -60.45 -74.70
N ASN OA 204 -69.90 -61.36 -75.50
CA ASN OA 204 -68.53 -61.18 -75.99
C ASN OA 204 -68.44 -60.04 -77.02
N GLU OA 205 -69.51 -59.72 -77.75
CA GLU OA 205 -69.51 -58.57 -78.65
C GLU OA 205 -69.37 -57.25 -77.90
N ALA OA 206 -70.07 -57.09 -76.77
CA ALA OA 206 -69.97 -55.90 -75.94
C ALA OA 206 -68.65 -55.82 -75.18
N LEU OA 207 -68.09 -56.94 -74.74
CA LEU OA 207 -66.79 -57.00 -74.10
C LEU OA 207 -65.64 -56.72 -75.08
N TYR OA 208 -65.77 -57.06 -76.36
CA TYR OA 208 -64.83 -56.61 -77.39
C TYR OA 208 -65.03 -55.13 -77.73
N ASP OA 209 -66.24 -54.59 -77.74
CA ASP OA 209 -66.50 -53.16 -77.97
C ASP OA 209 -65.87 -52.28 -76.88
N ILE OA 210 -65.90 -52.70 -75.60
CA ILE OA 210 -65.19 -52.00 -74.54
C ILE OA 210 -63.67 -52.04 -74.78
N CYS OA 211 -63.13 -53.18 -75.22
CA CYS OA 211 -61.69 -53.31 -75.43
C CYS OA 211 -61.16 -52.46 -76.60
N PHE OA 212 -61.92 -52.30 -77.69
CA PHE OA 212 -61.49 -51.49 -78.83
C PHE OA 212 -61.87 -50.01 -78.72
N ARG OA 213 -63.11 -49.68 -78.34
CA ARG OA 213 -63.61 -48.29 -78.37
C ARG OA 213 -63.43 -47.51 -77.07
N THR OA 214 -62.95 -48.14 -76.00
CA THR OA 214 -62.67 -47.49 -74.71
C THR OA 214 -61.21 -47.69 -74.31
N LEU OA 215 -60.80 -48.93 -74.07
CA LEU OA 215 -59.43 -49.23 -73.61
C LEU OA 215 -58.37 -49.09 -74.71
N LYS OA 216 -58.76 -49.08 -75.99
CA LYS OA 216 -57.87 -49.03 -77.16
C LYS OA 216 -56.81 -50.13 -77.17
N LEU OA 217 -57.12 -51.33 -76.66
CA LEU OA 217 -56.27 -52.51 -76.77
C LEU OA 217 -56.17 -52.96 -78.24
N THR OA 218 -54.97 -53.26 -78.73
CA THR OA 218 -54.81 -53.68 -80.14
C THR OA 218 -55.23 -55.14 -80.39
N THR OA 219 -55.02 -56.02 -79.42
CA THR OA 219 -55.28 -57.47 -79.49
C THR OA 219 -55.86 -57.97 -78.15
N PRO OA 220 -57.14 -57.71 -77.86
CA PRO OA 220 -57.78 -58.19 -76.65
C PRO OA 220 -58.03 -59.69 -76.69
N THR OA 221 -57.54 -60.38 -75.68
CA THR OA 221 -57.69 -61.83 -75.48
C THR OA 221 -58.94 -62.16 -74.65
N TYR OA 222 -59.28 -63.43 -74.51
CA TYR OA 222 -60.25 -63.84 -73.49
C TYR OA 222 -59.81 -63.48 -72.08
N GLY OA 223 -58.52 -63.43 -71.77
CA GLY OA 223 -58.03 -62.98 -70.47
C GLY OA 223 -58.37 -61.52 -70.16
N ASP OA 224 -58.42 -60.66 -71.18
CA ASP OA 224 -58.84 -59.27 -71.06
C ASP OA 224 -60.36 -59.14 -70.93
N LEU OA 225 -61.14 -59.99 -71.61
CA LEU OA 225 -62.59 -60.02 -71.43
C LEU OA 225 -63.00 -60.50 -70.04
N ASN OA 226 -62.31 -61.49 -69.51
CA ASN OA 226 -62.56 -62.09 -68.20
C ASN OA 226 -62.27 -61.11 -67.06
N HIS OA 227 -61.36 -60.18 -67.28
CA HIS OA 227 -61.00 -59.10 -66.39
C HIS OA 227 -62.11 -58.04 -66.30
N LEU OA 228 -62.75 -57.68 -67.41
CA LEU OA 228 -63.94 -56.81 -67.40
C LEU OA 228 -65.13 -57.44 -66.67
N VAL OA 229 -65.42 -58.72 -66.90
CA VAL OA 229 -66.52 -59.41 -66.22
C VAL OA 229 -66.27 -59.43 -64.72
N SER OA 230 -65.09 -59.86 -64.29
CA SER OA 230 -64.78 -60.07 -62.88
C SER OA 230 -64.68 -58.77 -62.07
N ALA OA 231 -64.39 -57.63 -62.68
CA ALA OA 231 -64.53 -56.33 -62.03
C ALA OA 231 -65.97 -56.03 -61.57
N THR OA 232 -66.98 -56.33 -62.39
CA THR OA 232 -68.40 -56.17 -62.00
C THR OA 232 -68.91 -57.26 -61.04
N MET OA 233 -68.31 -58.45 -61.06
CA MET OA 233 -68.58 -59.47 -60.03
C MET OA 233 -68.10 -59.04 -58.64
N SER OA 234 -66.86 -58.56 -58.55
CA SER OA 234 -66.35 -57.94 -57.32
C SER OA 234 -67.21 -56.74 -56.94
N GLY OA 235 -67.66 -55.97 -57.91
CA GLY OA 235 -68.45 -54.77 -57.65
C GLY OA 235 -69.74 -54.99 -56.88
N VAL OA 236 -70.62 -55.89 -57.31
CA VAL OA 236 -71.98 -55.98 -56.75
C VAL OA 236 -72.03 -56.54 -55.32
N THR OA 237 -71.04 -57.32 -54.89
CA THR OA 237 -70.97 -57.86 -53.52
C THR OA 237 -70.21 -56.95 -52.55
N THR OA 238 -69.61 -55.86 -53.03
CA THR OA 238 -68.71 -54.98 -52.26
C THR OA 238 -69.30 -54.58 -50.92
N CYS OA 239 -70.59 -54.23 -50.88
CA CYS OA 239 -71.29 -53.77 -49.68
C CYS OA 239 -71.53 -54.83 -48.60
N LEU OA 240 -71.26 -56.11 -48.82
CA LEU OA 240 -71.17 -57.09 -47.72
C LEU OA 240 -69.72 -57.46 -47.35
N ARG OA 241 -68.72 -56.91 -48.06
CA ARG OA 241 -67.28 -57.16 -47.82
C ARG OA 241 -66.56 -55.97 -47.18
N PHE OA 242 -67.06 -54.75 -47.38
CA PHE OA 242 -66.47 -53.51 -46.90
C PHE OA 242 -67.52 -52.57 -46.30
N PRO OA 243 -67.14 -51.65 -45.40
CA PRO OA 243 -68.05 -50.64 -44.84
C PRO OA 243 -68.40 -49.55 -45.88
N GLY OA 244 -69.43 -48.75 -45.62
CA GLY OA 244 -69.92 -47.75 -46.57
C GLY OA 244 -70.89 -46.73 -45.96
N GLN OA 245 -71.14 -45.64 -46.68
CA GLN OA 245 -72.12 -44.63 -46.30
C GLN OA 245 -73.57 -45.10 -46.58
N LEU OA 246 -73.76 -45.95 -47.58
CA LEU OA 246 -75.01 -46.64 -47.91
C LEU OA 246 -74.67 -48.10 -48.20
N ASN OA 247 -75.05 -49.04 -47.34
CA ASN OA 247 -74.82 -50.46 -47.58
C ASN OA 247 -75.97 -51.08 -48.38
N ALA OA 248 -75.66 -51.91 -49.37
CA ALA OA 248 -76.62 -52.69 -50.15
C ALA OA 248 -76.19 -54.16 -50.33
N ASP OA 249 -76.83 -55.07 -49.60
CA ASP OA 249 -76.73 -56.52 -49.81
C ASP OA 249 -77.28 -56.93 -51.20
N LEU OA 250 -76.91 -58.09 -51.74
CA LEU OA 250 -77.50 -58.63 -52.98
C LEU OA 250 -79.04 -58.67 -52.94
N ARG OA 251 -79.64 -58.90 -51.77
CA ARG OA 251 -81.09 -58.83 -51.58
C ARG OA 251 -81.65 -57.39 -51.61
N LYS OA 252 -80.92 -56.40 -51.08
CA LYS OA 252 -81.25 -54.97 -51.13
C LYS OA 252 -81.16 -54.42 -52.55
N LEU OA 253 -80.30 -55.01 -53.39
CA LEU OA 253 -80.34 -54.82 -54.83
C LEU OA 253 -81.60 -55.44 -55.43
N ALA OA 254 -81.87 -56.73 -55.20
CA ALA OA 254 -83.02 -57.42 -55.79
C ALA OA 254 -84.38 -56.78 -55.50
N VAL OA 255 -84.67 -56.39 -54.26
CA VAL OA 255 -85.92 -55.70 -53.88
C VAL OA 255 -86.14 -54.40 -54.64
N ASN OA 256 -85.07 -53.66 -54.92
CA ASN OA 256 -85.11 -52.39 -55.66
C ASN OA 256 -85.03 -52.57 -57.18
N MET OA 257 -84.38 -53.62 -57.65
CA MET OA 257 -84.07 -53.85 -59.05
C MET OA 257 -85.12 -54.65 -59.83
N VAL OA 258 -85.89 -55.51 -59.17
CA VAL OA 258 -86.82 -56.43 -59.84
C VAL OA 258 -88.27 -56.06 -59.54
N PRO OA 259 -88.93 -55.24 -60.36
CA PRO OA 259 -90.30 -54.80 -60.09
C PRO OA 259 -91.30 -55.96 -60.16
N PHE OA 260 -91.29 -56.71 -61.25
CA PHE OA 260 -92.12 -57.89 -61.45
C PHE OA 260 -91.24 -59.14 -61.54
N PRO OA 261 -91.61 -60.29 -60.94
CA PRO OA 261 -90.68 -61.35 -60.54
C PRO OA 261 -89.64 -61.83 -61.55
N ARG OA 262 -90.04 -61.91 -62.82
CA ARG OA 262 -89.31 -62.47 -63.97
C ARG OA 262 -88.41 -61.45 -64.67
N LEU OA 263 -88.54 -60.15 -64.42
CA LEU OA 263 -87.76 -59.10 -65.07
C LEU OA 263 -86.42 -58.87 -64.36
N HIS OA 264 -85.63 -59.92 -64.17
CA HIS OA 264 -84.36 -59.88 -63.42
C HIS OA 264 -83.13 -60.13 -64.30
N PHE OA 265 -83.26 -60.01 -65.61
CA PHE OA 265 -82.17 -60.10 -66.57
C PHE OA 265 -81.44 -58.77 -66.68
N PHE OA 266 -80.47 -58.59 -65.82
CA PHE OA 266 -79.68 -57.36 -65.73
C PHE OA 266 -78.56 -57.31 -66.77
N MET OA 267 -77.89 -56.17 -66.85
CA MET OA 267 -76.90 -55.80 -67.86
C MET OA 267 -75.83 -54.94 -67.17
N PRO OA 268 -74.65 -55.48 -66.85
CA PRO OA 268 -73.69 -54.79 -66.00
C PRO OA 268 -72.79 -53.81 -66.75
N GLY OA 269 -72.07 -52.96 -66.01
CA GLY OA 269 -71.04 -52.06 -66.49
C GLY OA 269 -70.10 -51.63 -65.37
N PHE OA 270 -69.00 -50.97 -65.73
CA PHE OA 270 -67.95 -50.57 -64.80
C PHE OA 270 -67.33 -49.24 -65.20
N ALA OA 271 -66.89 -48.44 -64.24
CA ALA OA 271 -66.15 -47.20 -64.42
C ALA OA 271 -65.18 -47.00 -63.26
N PRO OA 272 -64.09 -46.24 -63.43
CA PRO OA 272 -63.60 -45.67 -64.66
C PRO OA 272 -62.92 -46.72 -65.53
N LEU OA 273 -63.15 -46.70 -66.83
CA LEU OA 273 -62.31 -47.38 -67.82
C LEU OA 273 -61.65 -46.33 -68.69
N THR OA 274 -60.33 -46.35 -68.83
CA THR OA 274 -59.57 -45.35 -69.60
C THR OA 274 -58.59 -46.04 -70.52
N SER OA 275 -58.36 -45.46 -71.69
CA SER OA 275 -57.27 -45.88 -72.57
C SER OA 275 -55.96 -45.86 -71.79
N ARG OA 276 -55.18 -46.94 -71.82
CA ARG OA 276 -54.00 -47.11 -70.97
C ARG OA 276 -52.99 -45.96 -71.06
N GLY OA 277 -52.82 -45.38 -72.24
CA GLY OA 277 -51.92 -44.25 -72.48
C GLY OA 277 -52.48 -42.87 -72.12
N SER OA 278 -53.71 -42.78 -71.63
CA SER OA 278 -54.42 -41.51 -71.43
C SER OA 278 -54.75 -41.18 -69.97
N GLN OA 279 -54.43 -42.01 -68.98
CA GLN OA 279 -54.94 -41.81 -67.63
C GLN OA 279 -54.57 -40.47 -67.00
N GLN OA 280 -53.34 -39.99 -67.17
CA GLN OA 280 -52.88 -38.73 -66.56
C GLN OA 280 -53.68 -37.47 -66.97
N TYR OA 281 -54.42 -37.53 -68.08
CA TYR OA 281 -55.19 -36.39 -68.58
C TYR OA 281 -56.63 -36.37 -68.04
N ARG OA 282 -57.10 -37.45 -67.39
CA ARG OA 282 -58.48 -37.62 -66.92
C ARG OA 282 -58.61 -37.22 -65.46
N ALA OA 283 -59.67 -36.51 -65.10
CA ALA OA 283 -60.03 -36.24 -63.71
C ALA OA 283 -60.98 -37.33 -63.18
N LEU OA 284 -60.53 -38.18 -62.26
CA LEU OA 284 -61.42 -39.15 -61.60
C LEU OA 284 -62.32 -38.41 -60.61
N THR OA 285 -63.62 -38.38 -60.88
CA THR OA 285 -64.60 -37.74 -60.02
C THR OA 285 -66.02 -38.18 -60.39
N VAL OA 286 -66.97 -38.08 -59.47
CA VAL OA 286 -68.34 -38.61 -59.61
C VAL OA 286 -69.06 -38.22 -60.91
N PRO OA 287 -69.01 -36.98 -61.43
CA PRO OA 287 -69.67 -36.66 -62.69
C PRO OA 287 -68.97 -37.24 -63.93
N GLU OA 288 -67.68 -37.56 -63.89
CA GLU OA 288 -67.03 -38.27 -65.01
C GLU OA 288 -67.32 -39.76 -64.93
N LEU OA 289 -67.27 -40.36 -63.74
CA LEU OA 289 -67.74 -41.73 -63.52
C LEU OA 289 -69.18 -41.88 -63.99
N THR OA 290 -70.05 -40.91 -63.74
CA THR OA 290 -71.43 -40.93 -64.23
C THR OA 290 -71.54 -40.84 -65.75
N GLN OA 291 -70.85 -39.90 -66.41
CA GLN OA 291 -70.91 -39.74 -67.87
C GLN OA 291 -70.30 -40.90 -68.66
N GLN OA 292 -69.47 -41.73 -68.03
CA GLN OA 292 -69.05 -43.03 -68.57
C GLN OA 292 -70.08 -44.13 -68.29
N MET OA 293 -70.46 -44.30 -67.03
CA MET OA 293 -71.32 -45.35 -66.53
C MET OA 293 -72.66 -45.43 -67.25
N PHE OA 294 -73.32 -44.29 -67.49
CA PHE OA 294 -74.63 -44.24 -68.14
C PHE OA 294 -74.58 -44.12 -69.66
N ASP OA 295 -73.44 -44.32 -70.31
CA ASP OA 295 -73.29 -44.25 -71.77
C ASP OA 295 -73.25 -45.65 -72.40
N ALA OA 296 -73.98 -45.79 -73.49
CA ALA OA 296 -74.34 -47.01 -74.23
C ALA OA 296 -73.13 -47.86 -74.62
N LYS OA 297 -71.95 -47.25 -74.79
CA LYS OA 297 -70.69 -47.94 -75.11
C LYS OA 297 -70.08 -48.70 -73.92
N ASN OA 298 -70.47 -48.39 -72.68
CA ASN OA 298 -69.88 -48.99 -71.49
C ASN OA 298 -70.55 -50.32 -71.05
N MET OA 299 -71.84 -50.54 -71.33
CA MET OA 299 -72.57 -51.72 -70.88
C MET OA 299 -72.10 -53.01 -71.57
N MET OA 300 -72.04 -54.11 -70.82
CA MET OA 300 -71.46 -55.39 -71.23
C MET OA 300 -72.44 -56.37 -71.93
N ALA OA 301 -73.56 -55.88 -72.45
CA ALA OA 301 -74.43 -56.61 -73.38
C ALA OA 301 -74.67 -55.76 -74.64
N ALA OA 302 -74.89 -56.40 -75.80
CA ALA OA 302 -74.98 -55.69 -77.09
C ALA OA 302 -76.14 -54.69 -77.19
N CYS OA 303 -77.15 -54.79 -76.33
CA CYS OA 303 -78.29 -53.90 -76.28
C CYS OA 303 -77.86 -52.45 -76.08
N ASP OA 304 -78.18 -51.58 -77.03
CA ASP OA 304 -78.12 -50.15 -76.78
C ASP OA 304 -79.33 -49.76 -75.93
N PRO OA 305 -79.17 -49.21 -74.72
CA PRO OA 305 -80.30 -48.81 -73.90
C PRO OA 305 -81.19 -47.76 -74.58
N ARG OA 306 -80.69 -47.03 -75.58
CA ARG OA 306 -81.51 -46.11 -76.39
C ARG OA 306 -82.57 -46.81 -77.25
N HIS OA 307 -82.58 -48.13 -77.31
CA HIS OA 307 -83.64 -48.96 -77.91
C HIS OA 307 -84.72 -49.42 -76.92
N GLY OA 308 -84.70 -48.97 -75.67
CA GLY OA 308 -85.69 -49.28 -74.65
C GLY OA 308 -85.85 -48.18 -73.62
N ARG OA 309 -86.25 -48.54 -72.40
CA ARG OA 309 -86.24 -47.70 -71.20
C ARG OA 309 -85.70 -48.55 -70.04
N TYR OA 310 -84.98 -47.99 -69.08
CA TYR OA 310 -84.65 -48.68 -67.84
C TYR OA 310 -85.89 -48.82 -66.95
N LEU OA 311 -86.00 -49.94 -66.25
CA LEU OA 311 -86.91 -50.11 -65.13
C LEU OA 311 -86.27 -49.54 -63.88
N THR OA 312 -85.16 -50.14 -63.48
CA THR OA 312 -84.27 -49.70 -62.41
C THR OA 312 -82.83 -49.74 -62.87
N VAL OA 313 -82.02 -48.82 -62.41
CA VAL OA 313 -80.55 -48.90 -62.46
C VAL OA 313 -80.03 -48.89 -61.02
N ALA OA 314 -79.02 -49.69 -60.71
CA ALA OA 314 -78.28 -49.55 -59.46
C ALA OA 314 -76.87 -49.08 -59.77
N ALA OA 315 -76.43 -48.01 -59.12
CA ALA OA 315 -75.06 -47.55 -59.18
C ALA OA 315 -74.37 -47.78 -57.82
N ILE OA 316 -73.54 -48.83 -57.73
CA ILE OA 316 -72.77 -49.18 -56.53
C ILE OA 316 -71.41 -48.51 -56.64
N PHE OA 317 -71.30 -47.31 -56.08
CA PHE OA 317 -70.06 -46.55 -56.00
C PHE OA 317 -69.15 -47.08 -54.89
N ARG OA 318 -67.85 -46.87 -55.08
CA ARG OA 318 -66.80 -47.17 -54.12
C ARG OA 318 -65.84 -46.00 -54.06
N GLY OA 319 -65.39 -45.62 -52.87
CA GLY OA 319 -64.43 -44.54 -52.66
C GLY OA 319 -64.93 -43.46 -51.71
N ARG OA 320 -64.07 -42.54 -51.31
CA ARG OA 320 -64.41 -41.38 -50.49
C ARG OA 320 -65.06 -40.30 -51.35
N MET OA 321 -66.38 -40.17 -51.27
CA MET OA 321 -67.15 -39.23 -52.09
C MET OA 321 -68.37 -38.67 -51.35
N SER OA 322 -68.85 -37.52 -51.80
CA SER OA 322 -70.00 -36.82 -51.23
C SER OA 322 -71.32 -37.50 -51.57
N MET OA 323 -72.20 -37.65 -50.58
CA MET OA 323 -73.56 -38.09 -50.83
C MET OA 323 -74.39 -37.05 -51.58
N LYS OA 324 -74.18 -35.74 -51.38
CA LYS OA 324 -74.83 -34.71 -52.20
C LYS OA 324 -74.44 -34.88 -53.66
N GLU OA 325 -73.15 -35.04 -53.96
CA GLU OA 325 -72.69 -35.20 -55.35
C GLU OA 325 -73.20 -36.48 -56.01
N VAL OA 326 -73.19 -37.62 -55.30
CA VAL OA 326 -73.82 -38.85 -55.82
C VAL OA 326 -75.31 -38.63 -56.05
N ASP OA 327 -76.03 -38.10 -55.07
CA ASP OA 327 -77.49 -37.94 -55.19
C ASP OA 327 -77.90 -36.90 -56.24
N GLU OA 328 -77.09 -35.86 -56.44
CA GLU OA 328 -77.17 -34.87 -57.52
C GLU OA 328 -76.99 -35.53 -58.88
N GLN OA 329 -75.97 -36.35 -59.10
CA GLN OA 329 -75.73 -36.92 -60.43
C GLN OA 329 -76.76 -38.00 -60.78
N MET OA 330 -77.15 -38.83 -59.83
CA MET OA 330 -78.19 -39.84 -60.07
C MET OA 330 -79.58 -39.24 -60.25
N LEU OA 331 -79.80 -37.98 -59.85
CA LEU OA 331 -80.97 -37.17 -60.22
C LEU OA 331 -80.82 -36.54 -61.60
N ASN OA 332 -79.69 -35.89 -61.87
CA ASN OA 332 -79.46 -35.18 -63.12
C ASN OA 332 -79.54 -36.12 -64.31
N VAL OA 333 -78.99 -37.33 -64.20
CA VAL OA 333 -79.10 -38.35 -65.25
C VAL OA 333 -80.54 -38.65 -65.61
N GLN OA 334 -81.39 -39.04 -64.66
CA GLN OA 334 -82.74 -39.51 -64.98
C GLN OA 334 -83.77 -38.40 -65.25
N ASN OA 335 -83.40 -37.13 -65.05
CA ASN OA 335 -84.20 -35.98 -65.45
C ASN OA 335 -83.81 -35.47 -66.83
N LYS OA 336 -82.51 -35.41 -67.14
CA LYS OA 336 -82.00 -35.02 -68.46
C LYS OA 336 -82.13 -36.12 -69.52
N ASN OA 337 -82.26 -37.38 -69.11
CA ASN OA 337 -82.52 -38.55 -69.96
C ASN OA 337 -83.91 -39.18 -69.69
N SER OA 338 -84.92 -38.40 -69.31
CA SER OA 338 -86.19 -38.94 -68.79
C SER OA 338 -86.97 -39.84 -69.75
N SER OA 339 -86.80 -39.65 -71.06
CA SER OA 339 -87.33 -40.52 -72.12
C SER OA 339 -86.76 -41.95 -72.12
N TYR OA 340 -85.69 -42.22 -71.37
CA TYR OA 340 -85.05 -43.54 -71.27
C TYR OA 340 -85.27 -44.26 -69.94
N PHE OA 341 -86.20 -43.81 -69.11
CA PHE OA 341 -86.59 -44.44 -67.84
C PHE OA 341 -88.11 -44.61 -67.79
N VAL OA 342 -88.64 -45.67 -67.19
CA VAL OA 342 -90.11 -45.81 -67.14
C VAL OA 342 -90.74 -44.78 -66.21
N GLU OA 343 -91.83 -44.15 -66.66
CA GLU OA 343 -92.42 -43.00 -65.93
C GLU OA 343 -93.54 -43.37 -64.94
N TRP OA 344 -93.78 -44.66 -64.71
CA TRP OA 344 -94.60 -45.20 -63.62
C TRP OA 344 -93.79 -45.60 -62.39
N ILE OA 345 -92.46 -45.46 -62.42
CA ILE OA 345 -91.59 -45.51 -61.24
C ILE OA 345 -91.07 -44.08 -60.98
N PRO OA 346 -91.24 -43.51 -59.77
CA PRO OA 346 -90.94 -42.10 -59.50
C PRO OA 346 -89.45 -41.78 -59.31
N ASN OA 347 -88.63 -42.78 -58.98
CA ASN OA 347 -87.17 -42.72 -59.02
C ASN OA 347 -86.66 -44.07 -59.49
N ASN OA 348 -85.91 -44.11 -60.58
CA ASN OA 348 -85.43 -45.33 -61.18
C ASN OA 348 -84.04 -45.73 -60.71
N VAL OA 349 -83.29 -44.90 -59.96
CA VAL OA 349 -81.92 -45.19 -59.57
C VAL OA 349 -81.82 -45.54 -58.08
N LYS OA 350 -81.30 -46.73 -57.78
CA LYS OA 350 -80.75 -47.14 -56.48
C LYS OA 350 -79.30 -46.68 -56.41
N THR OA 351 -78.84 -46.17 -55.27
CA THR OA 351 -77.42 -45.85 -55.04
C THR OA 351 -76.89 -46.66 -53.88
N ALA OA 352 -75.62 -47.00 -53.91
CA ALA OA 352 -74.88 -47.51 -52.76
C ALA OA 352 -73.47 -46.94 -52.80
N VAL OA 353 -72.83 -46.80 -51.64
CA VAL OA 353 -71.54 -46.12 -51.52
C VAL OA 353 -70.70 -46.87 -50.50
N CYS OA 354 -69.66 -47.53 -50.95
CA CYS OA 354 -68.65 -48.18 -50.12
C CYS OA 354 -67.45 -47.25 -49.85
N ASP OA 355 -66.88 -47.32 -48.66
CA ASP OA 355 -65.74 -46.49 -48.24
C ASP OA 355 -64.37 -46.93 -48.81
N ILE OA 356 -64.30 -48.10 -49.47
CA ILE OA 356 -63.06 -48.75 -49.90
C ILE OA 356 -63.06 -48.96 -51.43
N PRO OA 357 -62.39 -48.11 -52.20
CA PRO OA 357 -62.30 -48.24 -53.65
C PRO OA 357 -61.31 -49.34 -54.05
N PRO OA 358 -61.39 -49.90 -55.27
CA PRO OA 358 -60.52 -50.98 -55.71
C PRO OA 358 -59.04 -50.60 -55.59
N ARG OA 359 -58.16 -51.57 -55.35
CA ARG OA 359 -56.73 -51.29 -55.16
C ARG OA 359 -56.14 -50.59 -56.40
N GLY OA 360 -55.57 -49.41 -56.24
CA GLY OA 360 -55.06 -48.59 -57.34
C GLY OA 360 -56.06 -47.64 -58.02
N LEU OA 361 -57.28 -47.43 -57.57
CA LEU OA 361 -58.02 -46.25 -58.04
C LEU OA 361 -58.81 -45.55 -56.94
N LYS OA 362 -58.89 -44.22 -57.02
CA LYS OA 362 -59.44 -43.35 -55.97
C LYS OA 362 -60.95 -43.51 -55.78
N MET OA 363 -61.65 -43.92 -56.82
CA MET OA 363 -63.08 -44.17 -56.83
C MET OA 363 -63.38 -45.25 -57.87
N SER OA 364 -64.53 -45.91 -57.79
CA SER OA 364 -65.04 -46.76 -58.86
C SER OA 364 -66.55 -46.87 -58.77
N ALA OA 365 -67.23 -47.22 -59.87
CA ALA OA 365 -68.65 -47.47 -59.89
C ALA OA 365 -68.95 -48.75 -60.68
N THR OA 366 -69.70 -49.67 -60.09
CA THR OA 366 -70.29 -50.79 -60.81
C THR OA 366 -71.74 -50.48 -61.09
N PHE OA 367 -72.11 -50.61 -62.34
CA PHE OA 367 -73.43 -50.29 -62.86
C PHE OA 367 -74.22 -51.56 -63.09
N ILE OA 368 -75.48 -51.60 -62.69
CA ILE OA 368 -76.40 -52.67 -63.03
C ILE OA 368 -77.62 -52.06 -63.68
N GLY OA 369 -77.86 -52.34 -64.93
CA GLY OA 369 -79.06 -51.91 -65.63
C GLY OA 369 -80.10 -53.01 -65.67
N ASN OA 370 -81.34 -52.69 -65.38
CA ASN OA 370 -82.49 -53.46 -65.83
C ASN OA 370 -83.22 -52.62 -66.88
N SER OA 371 -83.34 -53.08 -68.12
CA SER OA 371 -83.94 -52.31 -69.20
C SER OA 371 -84.70 -53.16 -70.18
N THR OA 372 -85.82 -52.64 -70.67
CA THR OA 372 -86.63 -53.25 -71.73
C THR OA 372 -85.84 -53.46 -73.02
N ALA OA 373 -84.70 -52.78 -73.20
CA ALA OA 373 -83.77 -53.04 -74.30
C ALA OA 373 -83.16 -54.45 -74.28
N ILE OA 374 -83.16 -55.16 -73.15
CA ILE OA 374 -82.72 -56.56 -73.11
C ILE OA 374 -83.61 -57.49 -73.94
N GLN OA 375 -84.79 -57.01 -74.40
CA GLN OA 375 -85.59 -57.72 -75.38
C GLN OA 375 -84.78 -58.05 -76.64
N GLU OA 376 -83.83 -57.20 -77.05
CA GLU OA 376 -83.08 -57.39 -78.28
C GLU OA 376 -82.10 -58.55 -78.20
N LEU OA 377 -81.58 -58.85 -77.01
CA LEU OA 377 -80.71 -59.99 -76.79
C LEU OA 377 -81.51 -61.29 -76.89
N PHE OA 378 -82.68 -61.36 -76.25
CA PHE OA 378 -83.55 -62.52 -76.37
C PHE OA 378 -84.19 -62.67 -77.75
N LYS OA 379 -84.49 -61.57 -78.44
CA LYS OA 379 -85.09 -61.60 -79.78
C LYS OA 379 -84.15 -62.21 -80.81
N ARG OA 380 -82.89 -61.75 -80.88
CA ARG OA 380 -81.95 -62.23 -81.91
C ARG OA 380 -81.55 -63.68 -81.72
N ILE OA 381 -81.44 -64.16 -80.49
CA ILE OA 381 -81.29 -65.59 -80.22
C ILE OA 381 -82.54 -66.34 -80.69
N SER OA 382 -83.74 -65.86 -80.35
CA SER OA 382 -85.01 -66.50 -80.74
C SER OA 382 -85.21 -66.61 -82.26
N GLU OA 383 -84.80 -65.59 -83.03
CA GLU OA 383 -84.84 -65.63 -84.50
C GLU OA 383 -83.73 -66.48 -85.14
N GLN OA 384 -82.53 -66.58 -84.57
CA GLN OA 384 -81.53 -67.57 -85.02
C GLN OA 384 -82.01 -69.00 -84.72
N PHE OA 385 -82.58 -69.25 -83.55
CA PHE OA 385 -83.20 -70.53 -83.20
C PHE OA 385 -84.27 -70.90 -84.20
N THR OA 386 -85.18 -69.97 -84.49
CA THR OA 386 -86.32 -70.22 -85.37
C THR OA 386 -85.87 -70.63 -86.77
N ALA OA 387 -84.90 -69.94 -87.36
CA ALA OA 387 -84.45 -70.22 -88.72
C ALA OA 387 -83.79 -71.59 -88.88
N MET OA 388 -83.15 -72.14 -87.84
CA MET OA 388 -82.69 -73.54 -87.85
C MET OA 388 -83.81 -74.52 -87.57
N PHE OA 389 -84.63 -74.22 -86.56
CA PHE OA 389 -85.63 -75.14 -86.07
C PHE OA 389 -86.77 -75.39 -87.06
N ARG OA 390 -87.13 -74.44 -87.94
CA ARG OA 390 -88.16 -74.67 -88.96
C ARG OA 390 -87.80 -75.82 -89.90
N ARG OA 391 -86.52 -76.15 -90.04
CA ARG OA 391 -86.00 -77.28 -90.85
C ARG OA 391 -85.39 -78.39 -90.01
N LYS OA 392 -85.66 -78.41 -88.70
CA LYS OA 392 -85.23 -79.44 -87.73
C LYS OA 392 -83.71 -79.70 -87.70
N ALA OA 393 -82.91 -78.76 -88.20
CA ALA OA 393 -81.47 -78.97 -88.38
C ALA OA 393 -80.79 -79.29 -87.05
N PHE OA 394 -79.79 -80.16 -87.05
CA PHE OA 394 -79.01 -80.59 -85.87
C PHE OA 394 -79.79 -81.30 -84.74
N LEU OA 395 -81.10 -81.49 -84.82
CA LEU OA 395 -81.88 -82.01 -83.68
C LEU OA 395 -81.58 -83.47 -83.31
N HIS OA 396 -80.95 -84.26 -84.18
CA HIS OA 396 -80.65 -85.66 -83.85
C HIS OA 396 -79.58 -85.79 -82.76
N TRP OA 397 -78.72 -84.79 -82.59
CA TRP OA 397 -77.76 -84.73 -81.49
C TRP OA 397 -78.40 -84.48 -80.12
N TYR OA 398 -79.56 -83.83 -80.06
CA TYR OA 398 -80.31 -83.57 -78.84
C TYR OA 398 -81.36 -84.63 -78.56
N THR OA 399 -82.14 -85.02 -79.57
CA THR OA 399 -83.10 -86.11 -79.46
C THR OA 399 -82.41 -87.45 -79.28
N GLY OA 400 -81.15 -87.61 -79.68
CA GLY OA 400 -80.32 -88.77 -79.35
C GLY OA 400 -80.05 -88.94 -77.86
N GLU OA 401 -80.00 -87.85 -77.10
CA GLU OA 401 -79.94 -87.83 -75.63
C GLU OA 401 -81.32 -88.03 -74.96
N GLY OA 402 -82.35 -88.39 -75.72
CA GLY OA 402 -83.71 -88.63 -75.26
C GLY OA 402 -84.56 -87.38 -75.03
N MET OA 403 -84.11 -86.21 -75.48
CA MET OA 403 -84.85 -84.97 -75.43
C MET OA 403 -85.98 -84.96 -76.47
N ASP OA 404 -87.14 -84.36 -76.16
CA ASP OA 404 -88.24 -84.22 -77.13
C ASP OA 404 -88.07 -83.01 -78.04
N GLU OA 405 -88.62 -83.08 -79.25
CA GLU OA 405 -88.87 -81.90 -80.08
C GLU OA 405 -89.82 -80.92 -79.36
N MET OA 406 -90.78 -81.45 -78.58
CA MET OA 406 -91.66 -80.63 -77.75
C MET OA 406 -90.90 -79.74 -76.76
N GLU OA 407 -89.69 -80.11 -76.32
CA GLU OA 407 -88.96 -79.28 -75.36
C GLU OA 407 -88.34 -78.06 -76.03
N PHE OA 408 -88.01 -78.16 -77.32
CA PHE OA 408 -87.56 -77.03 -78.12
C PHE OA 408 -88.71 -76.06 -78.36
N THR OA 409 -89.87 -76.58 -78.79
CA THR OA 409 -91.09 -75.79 -78.97
C THR OA 409 -91.46 -75.05 -77.68
N GLU OA 410 -91.37 -75.71 -76.52
CA GLU OA 410 -91.70 -75.13 -75.22
C GLU OA 410 -90.63 -74.15 -74.71
N ALA OA 411 -89.35 -74.36 -75.01
CA ALA OA 411 -88.30 -73.39 -74.70
C ALA OA 411 -88.45 -72.09 -75.50
N GLU OA 412 -88.63 -72.15 -76.82
CA GLU OA 412 -88.81 -70.96 -77.66
C GLU OA 412 -90.13 -70.24 -77.36
N SER OA 413 -91.13 -70.98 -76.87
CA SER OA 413 -92.40 -70.42 -76.39
C SER OA 413 -92.17 -69.57 -75.13
N ASN OA 414 -91.45 -70.11 -74.15
CA ASN OA 414 -91.05 -69.40 -72.93
C ASN OA 414 -90.07 -68.24 -73.18
N MET OA 415 -89.23 -68.33 -74.22
CA MET OA 415 -88.39 -67.23 -74.68
C MET OA 415 -89.23 -66.06 -75.19
N ASN OA 416 -90.18 -66.28 -76.10
CA ASN OA 416 -91.07 -65.21 -76.57
C ASN OA 416 -91.95 -64.62 -75.44
N ASP OA 417 -92.30 -65.41 -74.43
CA ASP OA 417 -92.98 -64.92 -73.23
C ASP OA 417 -92.11 -63.98 -72.42
N LEU OA 418 -90.79 -64.23 -72.31
CA LEU OA 418 -89.84 -63.28 -71.72
C LEU OA 418 -89.64 -62.01 -72.56
N VAL OA 419 -89.57 -62.13 -73.88
CA VAL OA 419 -89.51 -60.97 -74.79
C VAL OA 419 -90.75 -60.11 -74.65
N SER OA 420 -91.92 -60.72 -74.54
CA SER OA 420 -93.19 -60.01 -74.46
C SER OA 420 -93.35 -59.23 -73.16
N GLU OA 421 -92.88 -59.75 -72.02
CA GLU OA 421 -92.95 -59.07 -70.73
C GLU OA 421 -92.02 -57.85 -70.65
N TYR OA 422 -90.83 -57.87 -71.24
CA TYR OA 422 -90.04 -56.65 -71.37
C TYR OA 422 -90.63 -55.65 -72.36
N GLN OA 423 -91.10 -56.10 -73.53
CA GLN OA 423 -91.74 -55.23 -74.51
C GLN OA 423 -93.06 -54.61 -74.01
N GLN OA 424 -93.75 -55.24 -73.06
CA GLN OA 424 -94.97 -54.73 -72.43
C GLN OA 424 -94.75 -53.41 -71.70
N TYR OA 425 -93.64 -53.25 -70.98
CA TYR OA 425 -93.32 -52.02 -70.24
C TYR OA 425 -92.55 -50.97 -71.05
N GLN OA 426 -92.34 -51.17 -72.35
CA GLN OA 426 -91.62 -50.26 -73.24
C GLN OA 426 -92.25 -48.87 -73.28
N MET PA 1 -47.45 -99.50 -13.08
CA MET PA 1 -48.52 -98.50 -13.29
C MET PA 1 -49.19 -98.71 -14.64
N ARG PA 2 -50.21 -99.59 -14.69
CA ARG PA 2 -51.03 -99.90 -15.87
C ARG PA 2 -50.19 -100.28 -17.09
N GLU PA 3 -49.24 -101.17 -16.87
CA GLU PA 3 -48.46 -101.75 -17.94
C GLU PA 3 -49.35 -102.44 -18.97
N ILE PA 4 -48.94 -102.40 -20.24
CA ILE PA 4 -49.51 -103.23 -21.31
C ILE PA 4 -48.45 -104.19 -21.82
N VAL PA 5 -48.89 -105.40 -22.13
CA VAL PA 5 -48.12 -106.43 -22.84
C VAL PA 5 -48.65 -106.50 -24.26
N HIS PA 6 -47.77 -106.37 -25.23
CA HIS PA 6 -48.13 -106.31 -26.63
C HIS PA 6 -47.64 -107.54 -27.39
N LEU PA 7 -48.45 -108.13 -28.25
CA LEU PA 7 -48.11 -109.39 -28.92
C LEU PA 7 -48.39 -109.28 -30.41
N GLN PA 8 -47.44 -109.70 -31.24
CA GLN PA 8 -47.52 -109.61 -32.70
C GLN PA 8 -47.59 -110.99 -33.34
N ALA PA 9 -48.58 -111.29 -34.19
CA ALA PA 9 -48.73 -112.60 -34.81
C ALA PA 9 -48.82 -112.60 -36.35
N GLY PA 10 -48.01 -113.45 -36.99
CA GLY PA 10 -47.99 -113.62 -38.44
C GLY PA 10 -47.32 -112.46 -39.18
N GLN PA 11 -47.39 -112.40 -40.51
CA GLN PA 11 -46.79 -111.29 -41.24
C GLN PA 11 -47.50 -109.97 -40.93
N CYS PA 12 -48.82 -109.88 -41.08
CA CYS PA 12 -49.54 -108.63 -40.88
C CYS PA 12 -49.39 -108.10 -39.46
N GLY PA 13 -49.59 -108.93 -38.43
CA GLY PA 13 -49.48 -108.52 -37.04
C GLY PA 13 -48.10 -108.00 -36.64
N ASN PA 14 -47.03 -108.62 -37.17
CA ASN PA 14 -45.66 -108.16 -36.99
C ASN PA 14 -45.34 -106.91 -37.81
N GLN PA 15 -46.06 -106.64 -38.89
CA GLN PA 15 -45.84 -105.45 -39.72
C GLN PA 15 -46.58 -104.23 -39.19
N ILE PA 16 -47.86 -104.33 -38.81
CA ILE PA 16 -48.57 -103.25 -38.11
C ILE PA 16 -47.96 -103.01 -36.72
N GLY PA 17 -47.46 -104.06 -36.05
CA GLY PA 17 -46.72 -103.96 -34.80
C GLY PA 17 -45.36 -103.28 -34.92
N ALA PA 18 -44.50 -103.70 -35.84
CA ALA PA 18 -43.20 -103.09 -36.04
C ALA PA 18 -43.26 -101.63 -36.51
N LYS PA 19 -44.37 -101.20 -37.12
CA LYS PA 19 -44.65 -99.78 -37.37
C LYS PA 19 -45.17 -99.08 -36.11
N PHE PA 20 -46.06 -99.70 -35.36
CA PHE PA 20 -46.52 -99.16 -34.10
C PHE PA 20 -45.36 -98.82 -33.15
N TRP PA 21 -44.36 -99.70 -33.02
CA TRP PA 21 -43.18 -99.44 -32.21
C TRP PA 21 -42.29 -98.31 -32.70
N GLU PA 22 -42.31 -97.96 -33.97
CA GLU PA 22 -41.68 -96.77 -34.49
C GLU PA 22 -42.47 -95.50 -34.14
N VAL PA 23 -43.80 -95.55 -34.16
CA VAL PA 23 -44.69 -94.44 -33.78
C VAL PA 23 -44.62 -94.13 -32.28
N ILE PA 24 -44.80 -95.10 -31.39
CA ILE PA 24 -44.76 -94.79 -29.96
C ILE PA 24 -43.33 -94.53 -29.45
N SER PA 25 -42.29 -95.01 -30.13
CA SER PA 25 -40.93 -94.59 -29.80
C SER PA 25 -40.66 -93.14 -30.20
N ASP PA 26 -41.27 -92.62 -31.26
CA ASP PA 26 -41.18 -91.20 -31.61
C ASP PA 26 -41.88 -90.31 -30.58
N GLU PA 27 -43.07 -90.74 -30.13
CA GLU PA 27 -43.83 -90.08 -29.06
C GLU PA 27 -43.07 -90.01 -27.74
N HIS PA 28 -42.56 -91.15 -27.27
CA HIS PA 28 -41.81 -91.24 -26.02
C HIS PA 28 -40.34 -90.83 -26.18
N GLY PA 29 -39.89 -90.42 -27.38
CA GLY PA 29 -38.57 -89.89 -27.61
C GLY PA 29 -37.46 -90.91 -27.38
N ILE PA 30 -37.67 -92.14 -27.84
CA ILE PA 30 -36.72 -93.25 -27.75
C ILE PA 30 -36.07 -93.46 -29.11
N ASP PA 31 -34.75 -93.52 -29.08
CA ASP PA 31 -33.85 -93.75 -30.20
C ASP PA 31 -33.96 -95.20 -30.73
N PRO PA 32 -33.72 -95.49 -32.02
CA PRO PA 32 -33.66 -96.87 -32.51
C PRO PA 32 -32.70 -97.81 -31.78
N THR PA 33 -31.75 -97.28 -31.02
CA THR PA 33 -30.84 -98.02 -30.14
C THR PA 33 -31.51 -98.48 -28.85
N GLY PA 34 -32.65 -97.87 -28.49
CA GLY PA 34 -33.34 -98.02 -27.22
C GLY PA 34 -33.01 -96.94 -26.19
N ALA PA 35 -32.07 -96.04 -26.45
CA ALA PA 35 -31.72 -94.91 -25.57
C ALA PA 35 -32.78 -93.79 -25.60
N TYR PA 36 -33.08 -93.14 -24.49
CA TYR PA 36 -33.97 -91.97 -24.49
C TYR PA 36 -33.28 -90.69 -24.98
N HIS PA 37 -33.91 -89.96 -25.88
CA HIS PA 37 -33.42 -88.73 -26.52
C HIS PA 37 -34.50 -87.66 -26.64
N GLY PA 38 -35.62 -87.79 -25.95
CA GLY PA 38 -36.77 -86.88 -26.04
C GLY PA 38 -36.58 -85.50 -25.42
N ASP PA 39 -37.53 -84.61 -25.66
CA ASP PA 39 -37.60 -83.24 -25.16
C ASP PA 39 -38.06 -83.15 -23.70
N SER PA 40 -39.06 -83.95 -23.33
CA SER PA 40 -39.98 -83.64 -22.25
C SER PA 40 -40.08 -84.70 -21.18
N ASP PA 41 -40.31 -84.26 -19.95
CA ASP PA 41 -40.51 -85.17 -18.82
C ASP PA 41 -41.76 -86.05 -18.98
N LEU PA 42 -42.79 -85.56 -19.67
CA LEU PA 42 -44.04 -86.29 -19.88
C LEU PA 42 -43.84 -87.52 -20.76
N GLN PA 43 -42.87 -87.48 -21.66
CA GLN PA 43 -42.46 -88.64 -22.46
C GLN PA 43 -41.89 -89.76 -21.61
N LEU PA 44 -41.21 -89.40 -20.51
CA LEU PA 44 -40.53 -90.35 -19.64
C LEU PA 44 -41.41 -90.82 -18.47
N GLU PA 45 -42.35 -89.98 -18.03
CA GLU PA 45 -43.25 -90.23 -16.90
C GLU PA 45 -43.99 -91.57 -16.97
N ARG PA 46 -44.44 -91.98 -18.16
CA ARG PA 46 -45.19 -93.22 -18.39
C ARG PA 46 -44.54 -94.19 -19.38
N ILE PA 47 -43.23 -94.06 -19.60
CA ILE PA 47 -42.49 -94.95 -20.50
C ILE PA 47 -42.61 -96.43 -20.09
N ASN PA 48 -42.85 -96.71 -18.81
CA ASN PA 48 -43.12 -98.05 -18.32
C ASN PA 48 -44.38 -98.69 -18.92
N VAL PA 49 -45.34 -97.94 -19.48
CA VAL PA 49 -46.57 -98.52 -20.05
C VAL PA 49 -46.30 -99.48 -21.19
N TYR PA 50 -45.27 -99.20 -22.00
CA TYR PA 50 -44.90 -100.01 -23.16
C TYR PA 50 -43.47 -100.53 -23.12
N TYR PA 51 -42.64 -100.12 -22.17
CA TYR PA 51 -41.22 -100.47 -22.13
C TYR PA 51 -40.78 -100.94 -20.73
N ASN PA 52 -39.71 -101.72 -20.68
CA ASN PA 52 -38.97 -102.06 -19.49
C ASN PA 52 -37.72 -101.18 -19.41
N GLU PA 53 -37.40 -100.64 -18.23
CA GLU PA 53 -36.09 -100.03 -18.00
C GLU PA 53 -35.02 -101.12 -17.93
N ALA PA 54 -33.87 -100.90 -18.56
CA ALA PA 54 -32.68 -101.75 -18.48
C ALA PA 54 -31.42 -100.89 -18.28
N THR PA 55 -30.27 -101.53 -18.06
CA THR PA 55 -29.02 -100.85 -17.67
C THR PA 55 -28.56 -99.76 -18.64
N GLY PA 56 -27.95 -98.70 -18.14
CA GLY PA 56 -27.57 -97.53 -18.94
C GLY PA 56 -28.74 -96.64 -19.38
N GLY PA 57 -29.92 -96.77 -18.76
CA GLY PA 57 -31.17 -96.09 -19.15
C GLY PA 57 -31.63 -96.44 -20.58
N LYS PA 58 -31.27 -97.61 -21.09
CA LYS PA 58 -31.85 -98.20 -22.30
C LYS PA 58 -33.24 -98.74 -21.99
N TYR PA 59 -34.17 -98.52 -22.90
CA TYR PA 59 -35.55 -98.97 -22.78
C TYR PA 59 -35.82 -100.10 -23.77
N VAL PA 60 -36.41 -101.19 -23.28
CA VAL PA 60 -36.69 -102.40 -24.06
C VAL PA 60 -38.19 -102.58 -24.16
N PRO PA 61 -38.80 -102.53 -25.33
CA PRO PA 61 -40.25 -102.61 -25.45
C PRO PA 61 -40.78 -103.97 -25.07
N ARG PA 62 -41.94 -103.97 -24.40
CA ARG PA 62 -42.65 -105.15 -23.91
C ARG PA 62 -43.51 -105.79 -25.00
N ALA PA 63 -42.90 -106.04 -26.15
CA ALA PA 63 -43.46 -106.84 -27.21
C ALA PA 63 -43.05 -108.30 -27.08
N VAL PA 64 -43.95 -109.22 -27.43
CA VAL PA 64 -43.64 -110.59 -27.81
C VAL PA 64 -43.91 -110.72 -29.31
N LEU PA 65 -42.96 -111.28 -30.05
CA LEU PA 65 -43.02 -111.40 -31.49
C LEU PA 65 -43.18 -112.86 -31.85
N VAL PA 66 -44.30 -113.23 -32.47
CA VAL PA 66 -44.68 -114.61 -32.76
C VAL PA 66 -44.90 -114.84 -34.25
N ASP PA 67 -44.29 -115.88 -34.79
CA ASP PA 67 -44.46 -116.31 -36.18
C ASP PA 67 -44.16 -117.79 -36.29
N LEU PA 68 -44.63 -118.46 -37.34
CA LEU PA 68 -44.30 -119.86 -37.62
C LEU PA 68 -43.18 -120.00 -38.67
N GLU PA 69 -42.72 -118.89 -39.23
CA GLU PA 69 -41.63 -118.74 -40.20
C GLU PA 69 -40.55 -117.80 -39.64
N PRO PA 70 -39.26 -117.99 -39.95
CA PRO PA 70 -38.21 -117.07 -39.53
C PRO PA 70 -38.21 -115.76 -40.32
N GLY PA 71 -38.62 -115.76 -41.58
CA GLY PA 71 -38.48 -114.65 -42.51
C GLY PA 71 -39.12 -113.32 -42.09
N THR PA 72 -40.22 -113.31 -41.33
CA THR PA 72 -40.73 -112.02 -40.78
C THR PA 72 -39.93 -111.54 -39.58
N MET PA 73 -39.43 -112.43 -38.72
CA MET PA 73 -38.50 -112.05 -37.66
C MET PA 73 -37.23 -111.44 -38.26
N ASP PA 74 -36.68 -112.06 -39.29
CA ASP PA 74 -35.53 -111.55 -40.03
C ASP PA 74 -35.80 -110.17 -40.64
N SER PA 75 -37.02 -109.93 -41.13
CA SER PA 75 -37.42 -108.64 -41.71
C SER PA 75 -37.65 -107.56 -40.66
N VAL PA 76 -38.16 -107.91 -39.48
CA VAL PA 76 -38.32 -107.00 -38.35
C VAL PA 76 -36.99 -106.70 -37.70
N ARG PA 77 -36.18 -107.71 -37.33
CA ARG PA 77 -34.88 -107.59 -36.68
C ARG PA 77 -33.87 -106.76 -37.48
N SER PA 78 -33.91 -106.84 -38.80
CA SER PA 78 -33.12 -106.03 -39.73
C SER PA 78 -33.72 -104.66 -40.05
N GLY PA 79 -34.95 -104.36 -39.61
CA GLY PA 79 -35.72 -103.18 -40.00
C GLY PA 79 -35.32 -101.87 -39.32
N PRO PA 80 -36.08 -100.79 -39.55
CA PRO PA 80 -35.81 -99.45 -39.01
C PRO PA 80 -35.61 -99.38 -37.49
N PHE PA 81 -36.37 -100.20 -36.74
CA PHE PA 81 -36.35 -100.26 -35.28
C PHE PA 81 -36.08 -101.67 -34.74
N GLY PA 82 -35.66 -102.61 -35.58
CA GLY PA 82 -35.55 -104.02 -35.21
C GLY PA 82 -34.65 -104.36 -34.03
N GLN PA 83 -33.61 -103.57 -33.81
CA GLN PA 83 -32.64 -103.79 -32.75
C GLN PA 83 -33.18 -103.43 -31.36
N ILE PA 84 -34.37 -102.82 -31.28
CA ILE PA 84 -34.96 -102.39 -30.02
C ILE PA 84 -35.46 -103.57 -29.17
N PHE PA 85 -36.07 -104.58 -29.81
CA PHE PA 85 -36.76 -105.69 -29.14
C PHE PA 85 -35.80 -106.66 -28.45
N ARG PA 86 -36.26 -107.34 -27.39
CA ARG PA 86 -35.46 -108.33 -26.66
C ARG PA 86 -35.24 -109.58 -27.54
N PRO PA 87 -34.01 -110.05 -27.80
CA PRO PA 87 -33.77 -111.25 -28.59
C PRO PA 87 -34.55 -112.49 -28.12
N ASP PA 88 -34.75 -112.67 -26.82
CA ASP PA 88 -35.57 -113.76 -26.25
C ASP PA 88 -37.06 -113.67 -26.58
N ASN PA 89 -37.57 -112.50 -26.93
CA ASN PA 89 -38.98 -112.28 -27.20
C ASN PA 89 -39.38 -112.57 -28.65
N PHE PA 90 -38.41 -112.78 -29.55
CA PHE PA 90 -38.68 -113.35 -30.86
C PHE PA 90 -38.87 -114.86 -30.71
N VAL PA 91 -40.11 -115.32 -30.74
CA VAL PA 91 -40.48 -116.73 -30.62
C VAL PA 91 -41.00 -117.23 -31.97
N PHE PA 92 -40.36 -118.22 -32.57
CA PHE PA 92 -40.69 -118.63 -33.93
C PHE PA 92 -40.44 -120.11 -34.22
N GLY PA 93 -41.21 -120.64 -35.17
CA GLY PA 93 -41.03 -121.95 -35.80
C GLY PA 93 -40.10 -121.91 -37.02
N GLN PA 94 -40.12 -122.95 -37.87
CA GLN PA 94 -39.39 -122.99 -39.14
C GLN PA 94 -40.31 -123.18 -40.35
N SER PA 95 -41.16 -124.20 -40.36
CA SER PA 95 -42.18 -124.43 -41.39
C SER PA 95 -43.44 -123.60 -41.11
N GLY PA 96 -43.91 -122.82 -42.09
CA GLY PA 96 -45.00 -121.88 -41.90
C GLY PA 96 -46.38 -122.48 -41.65
N ALA PA 97 -47.39 -121.61 -41.55
CA ALA PA 97 -48.78 -122.00 -41.41
C ALA PA 97 -49.46 -122.42 -42.73
N GLY PA 98 -48.84 -122.28 -43.90
CA GLY PA 98 -49.48 -122.66 -45.17
C GLY PA 98 -50.78 -121.92 -45.48
N ASN PA 99 -51.04 -120.75 -44.88
CA ASN PA 99 -52.32 -120.06 -44.86
C ASN PA 99 -53.48 -120.93 -44.34
N ASN PA 100 -53.20 -121.79 -43.38
CA ASN PA 100 -54.13 -122.75 -42.82
C ASN PA 100 -54.39 -122.45 -41.34
N TRP PA 101 -55.63 -122.14 -40.95
CA TRP PA 101 -55.99 -121.93 -39.55
C TRP PA 101 -55.66 -123.13 -38.67
N ALA PA 102 -55.91 -124.35 -39.15
CA ALA PA 102 -55.71 -125.56 -38.40
C ALA PA 102 -54.24 -125.85 -38.16
N LYS PA 103 -53.32 -125.46 -39.06
CA LYS PA 103 -51.88 -125.49 -38.76
C LYS PA 103 -51.52 -124.54 -37.64
N GLY PA 104 -52.01 -123.30 -37.68
CA GLY PA 104 -51.85 -122.35 -36.59
C GLY PA 104 -52.34 -122.90 -35.24
N HIS PA 105 -53.59 -123.32 -35.17
CA HIS PA 105 -54.26 -123.69 -33.92
C HIS PA 105 -53.98 -125.10 -33.40
N TYR PA 106 -53.62 -126.09 -34.23
CA TYR PA 106 -53.58 -127.50 -33.82
C TYR PA 106 -52.25 -128.21 -33.98
N THR PA 107 -51.32 -127.68 -34.79
CA THR PA 107 -50.12 -128.45 -35.19
C THR PA 107 -48.83 -127.67 -35.00
N GLU PA 108 -48.64 -126.64 -35.82
CA GLU PA 108 -47.41 -125.89 -35.97
C GLU PA 108 -47.26 -124.84 -34.86
N GLY PA 109 -48.38 -124.23 -34.48
CA GLY PA 109 -48.47 -123.26 -33.40
C GLY PA 109 -48.85 -123.88 -32.06
N ALA PA 110 -49.53 -125.02 -32.04
CA ALA PA 110 -49.75 -125.79 -30.81
C ALA PA 110 -48.43 -126.31 -30.23
N GLU PA 111 -47.45 -126.62 -31.07
CA GLU PA 111 -46.09 -126.92 -30.64
C GLU PA 111 -45.42 -125.67 -30.03
N LEU PA 112 -45.57 -124.52 -30.67
CA LEU PA 112 -44.87 -123.27 -30.35
C LEU PA 112 -45.49 -122.50 -29.17
N VAL PA 113 -46.79 -122.61 -28.90
CA VAL PA 113 -47.46 -121.80 -27.87
C VAL PA 113 -46.89 -122.02 -26.47
N ASP PA 114 -46.38 -123.20 -26.12
CA ASP PA 114 -45.68 -123.45 -24.86
C ASP PA 114 -44.41 -122.59 -24.71
N SER PA 115 -43.76 -122.26 -25.83
CA SER PA 115 -42.58 -121.39 -25.88
C SER PA 115 -42.95 -119.91 -25.97
N VAL PA 116 -44.15 -119.57 -26.44
CA VAL PA 116 -44.69 -118.19 -26.42
C VAL PA 116 -45.19 -117.82 -25.03
N LEU PA 117 -46.06 -118.65 -24.47
CA LEU PA 117 -46.81 -118.31 -23.29
C LEU PA 117 -45.89 -118.08 -22.09
N ASP PA 118 -44.79 -118.86 -21.97
CA ASP PA 118 -43.80 -118.70 -20.92
C ASP PA 118 -42.91 -117.45 -21.04
N VAL PA 119 -42.93 -116.75 -22.18
CA VAL PA 119 -42.36 -115.41 -22.37
C VAL PA 119 -43.38 -114.33 -21.99
N VAL PA 120 -44.66 -114.53 -22.32
CA VAL PA 120 -45.75 -113.65 -21.87
C VAL PA 120 -45.81 -113.58 -20.33
N ARG PA 121 -45.53 -114.69 -19.64
CA ARG PA 121 -45.31 -114.72 -18.19
C ARG PA 121 -44.13 -113.88 -17.68
N LYS PA 122 -42.97 -113.89 -18.34
CA LYS PA 122 -41.80 -113.12 -17.90
C LYS PA 122 -42.05 -111.63 -18.01
N GLU PA 123 -42.74 -111.20 -19.04
CA GLU PA 123 -43.12 -109.79 -19.20
C GLU PA 123 -44.24 -109.38 -18.22
N ALA PA 124 -45.30 -110.16 -18.08
CA ALA PA 124 -46.39 -109.89 -17.13
C ALA PA 124 -45.99 -109.95 -15.65
N GLU PA 125 -45.01 -110.76 -15.26
CA GLU PA 125 -44.44 -110.80 -13.91
C GLU PA 125 -43.48 -109.61 -13.64
N SER PA 126 -42.85 -109.06 -14.69
CA SER PA 126 -42.06 -107.82 -14.59
C SER PA 126 -42.92 -106.56 -14.45
N CYS PA 127 -44.21 -106.62 -14.75
CA CYS PA 127 -45.14 -105.51 -14.59
C CYS PA 127 -45.44 -105.21 -13.12
N ASP PA 128 -45.62 -103.93 -12.80
CA ASP PA 128 -46.01 -103.47 -11.47
C ASP PA 128 -47.54 -103.63 -11.23
N CYS PA 129 -48.33 -103.19 -12.20
CA CYS PA 129 -49.75 -103.49 -12.30
C CYS PA 129 -50.12 -103.54 -13.78
N LEU PA 130 -50.24 -104.75 -14.32
CA LEU PA 130 -50.70 -105.00 -15.68
C LEU PA 130 -52.17 -104.59 -15.84
N GLN PA 131 -52.52 -103.76 -16.82
CA GLN PA 131 -53.90 -103.48 -17.20
C GLN PA 131 -54.37 -104.41 -18.32
N GLY PA 132 -53.52 -104.84 -19.24
CA GLY PA 132 -53.99 -105.68 -20.32
C GLY PA 132 -52.99 -106.13 -21.38
N PHE PA 133 -53.54 -106.80 -22.38
CA PHE PA 133 -52.87 -107.41 -23.52
C PHE PA 133 -53.35 -106.74 -24.80
N GLN PA 134 -52.41 -106.36 -25.67
CA GLN PA 134 -52.68 -105.62 -26.90
C GLN PA 134 -52.14 -106.43 -28.09
N LEU PA 135 -52.97 -107.23 -28.74
CA LEU PA 135 -52.51 -108.22 -29.72
C LEU PA 135 -52.79 -107.77 -31.17
N THR PA 136 -51.76 -107.68 -32.01
CA THR PA 136 -51.88 -107.34 -33.44
C THR PA 136 -51.80 -108.58 -34.34
N HIS PA 137 -52.78 -108.75 -35.20
CA HIS PA 137 -52.89 -109.90 -36.09
C HIS PA 137 -53.85 -109.65 -37.26
N SER PA 138 -53.90 -110.57 -38.19
CA SER PA 138 -54.84 -110.61 -39.30
C SER PA 138 -55.74 -111.85 -39.22
N LEU PA 139 -56.98 -111.79 -39.72
CA LEU PA 139 -57.93 -112.92 -39.67
C LEU PA 139 -57.91 -113.77 -40.94
N GLY PA 140 -57.39 -113.24 -42.05
CA GLY PA 140 -56.96 -114.05 -43.19
C GLY PA 140 -55.67 -114.81 -42.91
N GLY PA 141 -55.26 -115.72 -43.79
CA GLY PA 141 -54.08 -116.56 -43.57
C GLY PA 141 -54.18 -117.42 -42.31
N GLY PA 142 -53.09 -117.95 -41.77
CA GLY PA 142 -53.15 -119.04 -40.80
C GLY PA 142 -52.44 -118.79 -39.48
N THR PA 143 -51.43 -117.92 -39.46
CA THR PA 143 -50.61 -117.65 -38.28
C THR PA 143 -51.35 -116.70 -37.35
N GLY PA 144 -51.72 -115.52 -37.83
CA GLY PA 144 -52.48 -114.56 -37.04
C GLY PA 144 -53.88 -115.04 -36.70
N SER PA 145 -54.58 -115.65 -37.63
CA SER PA 145 -55.95 -116.11 -37.44
C SER PA 145 -56.03 -117.28 -36.48
N GLY PA 146 -55.17 -118.28 -36.63
CA GLY PA 146 -55.26 -119.55 -35.92
C GLY PA 146 -54.32 -119.69 -34.74
N MET PA 147 -53.08 -119.20 -34.85
CA MET PA 147 -52.19 -119.19 -33.70
C MET PA 147 -52.51 -118.02 -32.77
N GLY PA 148 -52.83 -116.85 -33.30
CA GLY PA 148 -53.16 -115.68 -32.50
C GLY PA 148 -54.41 -115.89 -31.66
N THR PA 149 -55.43 -116.55 -32.20
CA THR PA 149 -56.61 -116.94 -31.40
C THR PA 149 -56.41 -118.13 -30.47
N LEU PA 150 -55.44 -119.01 -30.74
CA LEU PA 150 -54.97 -119.98 -29.74
C LEU PA 150 -54.34 -119.25 -28.56
N LEU PA 151 -53.49 -118.28 -28.84
CA LEU PA 151 -52.78 -117.51 -27.84
C LEU PA 151 -53.72 -116.61 -27.03
N ILE PA 152 -54.73 -115.99 -27.64
CA ILE PA 152 -55.80 -115.29 -26.94
C ILE PA 152 -56.50 -116.23 -25.96
N SER PA 153 -56.83 -117.45 -26.37
CA SER PA 153 -57.47 -118.43 -25.51
C SER PA 153 -56.62 -118.78 -24.28
N LYS PA 154 -55.31 -119.02 -24.48
CA LYS PA 154 -54.36 -119.33 -23.41
C LYS PA 154 -54.11 -118.19 -22.42
N ILE PA 155 -53.91 -116.97 -22.90
CA ILE PA 155 -53.78 -115.77 -22.08
C ILE PA 155 -55.09 -115.40 -21.38
N ARG PA 156 -56.25 -115.55 -22.03
CA ARG PA 156 -57.57 -115.34 -21.39
C ARG PA 156 -57.82 -116.28 -20.21
N GLU PA 157 -57.47 -117.55 -20.32
CA GLU PA 157 -57.60 -118.54 -19.25
C GLU PA 157 -56.68 -118.26 -18.07
N GLU PA 158 -55.51 -117.67 -18.32
CA GLU PA 158 -54.48 -117.39 -17.32
C GLU PA 158 -54.65 -116.01 -16.63
N TYR PA 159 -55.19 -115.02 -17.35
CA TYR PA 159 -55.43 -113.64 -16.92
C TYR PA 159 -56.89 -113.23 -17.21
N PRO PA 160 -57.87 -113.71 -16.43
CA PRO PA 160 -59.29 -113.57 -16.77
C PRO PA 160 -59.86 -112.16 -16.57
N ASP PA 161 -59.23 -111.32 -15.74
CA ASP PA 161 -59.72 -110.00 -15.31
C ASP PA 161 -59.00 -108.80 -15.96
N ARG PA 162 -57.85 -109.03 -16.58
CA ARG PA 162 -57.09 -108.04 -17.36
C ARG PA 162 -57.78 -107.76 -18.69
N ILE PA 163 -57.63 -106.57 -19.26
CA ILE PA 163 -58.20 -106.22 -20.57
C ILE PA 163 -57.52 -107.00 -21.70
N MET PA 164 -58.27 -107.72 -22.52
CA MET PA 164 -57.79 -108.32 -23.75
C MET PA 164 -58.29 -107.48 -24.92
N ASN PA 165 -57.37 -106.83 -25.62
CA ASN PA 165 -57.61 -105.76 -26.57
C ASN PA 165 -56.89 -106.07 -27.90
N THR PA 166 -57.61 -106.39 -28.97
CA THR PA 166 -56.99 -106.92 -30.21
C THR PA 166 -57.22 -106.00 -31.41
N PHE PA 167 -56.20 -105.85 -32.25
CA PHE PA 167 -56.27 -105.09 -33.50
C PHE PA 167 -56.16 -106.06 -34.67
N SER PA 168 -57.24 -106.15 -35.44
CA SER PA 168 -57.55 -107.33 -36.24
C SER PA 168 -57.83 -106.93 -37.67
N VAL PA 169 -56.82 -107.07 -38.53
CA VAL PA 169 -56.94 -106.81 -39.96
C VAL PA 169 -57.69 -107.97 -40.60
N VAL PA 170 -58.78 -107.76 -41.32
CA VAL PA 170 -59.67 -108.85 -41.72
C VAL PA 170 -60.23 -108.75 -43.14
N PRO PA 171 -60.69 -109.87 -43.74
CA PRO PA 171 -60.94 -109.96 -45.17
C PRO PA 171 -62.11 -109.10 -45.69
N SER PA 172 -62.02 -108.77 -46.97
CA SER PA 172 -63.07 -108.14 -47.77
C SER PA 172 -62.89 -108.52 -49.24
N PRO PA 173 -63.96 -108.51 -50.06
CA PRO PA 173 -63.95 -109.19 -51.36
C PRO PA 173 -63.08 -108.51 -52.43
N LYS PA 174 -63.07 -107.17 -52.49
CA LYS PA 174 -62.40 -106.40 -53.54
C LYS PA 174 -60.89 -106.20 -53.32
N VAL PA 175 -60.36 -106.49 -52.14
CA VAL PA 175 -58.93 -106.45 -51.82
C VAL PA 175 -58.56 -107.74 -51.09
N SER PA 176 -58.24 -108.79 -51.87
CA SER PA 176 -57.94 -110.12 -51.37
C SER PA 176 -56.76 -110.78 -52.06
N ASP PA 177 -55.97 -111.54 -51.29
CA ASP PA 177 -54.75 -112.22 -51.73
C ASP PA 177 -54.74 -113.72 -51.43
N THR PA 178 -55.80 -114.29 -50.88
CA THR PA 178 -55.89 -115.71 -50.44
C THR PA 178 -57.20 -116.31 -50.93
N VAL PA 179 -57.18 -117.57 -51.37
CA VAL PA 179 -58.40 -118.30 -51.76
C VAL PA 179 -59.23 -118.71 -50.55
N VAL PA 180 -58.59 -119.29 -49.54
CA VAL PA 180 -59.19 -119.75 -48.28
C VAL PA 180 -59.35 -118.66 -47.19
N GLU PA 181 -59.24 -117.37 -47.53
CA GLU PA 181 -59.45 -116.29 -46.57
C GLU PA 181 -60.78 -116.41 -45.79
N PRO PA 182 -61.95 -116.64 -46.42
CA PRO PA 182 -63.22 -116.78 -45.73
C PRO PA 182 -63.27 -117.86 -44.64
N TYR PA 183 -62.61 -119.00 -44.87
CA TYR PA 183 -62.54 -120.09 -43.91
C TYR PA 183 -61.78 -119.69 -42.65
N ASN PA 184 -60.57 -119.19 -42.85
CA ASN PA 184 -59.68 -118.81 -41.76
C ASN PA 184 -60.31 -117.74 -40.87
N ALA PA 185 -60.95 -116.74 -41.46
CA ALA PA 185 -61.61 -115.70 -40.71
C ALA PA 185 -62.79 -116.25 -39.92
N THR PA 186 -63.65 -117.07 -40.53
CA THR PA 186 -64.83 -117.60 -39.84
C THR PA 186 -64.47 -118.50 -38.65
N LEU PA 187 -63.42 -119.30 -38.76
CA LEU PA 187 -62.85 -120.07 -37.64
C LEU PA 187 -62.23 -119.19 -36.54
N SER PA 188 -61.76 -117.99 -36.88
CA SER PA 188 -61.07 -117.08 -35.98
C SER PA 188 -62.02 -116.14 -35.25
N VAL PA 189 -63.06 -115.61 -35.91
CA VAL PA 189 -64.09 -114.72 -35.32
C VAL PA 189 -64.87 -115.40 -34.19
N HIS PA 190 -65.07 -116.71 -34.33
CA HIS PA 190 -65.61 -117.61 -33.31
C HIS PA 190 -64.83 -117.60 -31.98
N GLN PA 191 -63.53 -117.32 -31.98
CA GLN PA 191 -62.71 -117.15 -30.78
C GLN PA 191 -62.73 -115.71 -30.25
N LEU PA 192 -62.74 -114.72 -31.12
CA LEU PA 192 -62.74 -113.31 -30.75
C LEU PA 192 -64.04 -112.91 -30.04
N VAL PA 193 -65.22 -113.34 -30.49
CA VAL PA 193 -66.51 -113.01 -29.87
C VAL PA 193 -66.63 -113.49 -28.43
N GLU PA 194 -65.95 -114.58 -28.03
CA GLU PA 194 -66.02 -115.13 -26.68
C GLU PA 194 -64.94 -114.59 -25.75
N ASN PA 195 -63.70 -114.41 -26.23
CA ASN PA 195 -62.55 -114.15 -25.37
C ASN PA 195 -62.16 -112.67 -25.24
N THR PA 196 -62.11 -111.89 -26.31
CA THR PA 196 -61.62 -110.51 -26.24
C THR PA 196 -62.60 -109.59 -25.49
N ASP PA 197 -62.09 -108.53 -24.87
CA ASP PA 197 -62.88 -107.46 -24.26
C ASP PA 197 -63.17 -106.32 -25.26
N GLU PA 198 -62.27 -106.12 -26.22
CA GLU PA 198 -62.40 -105.22 -27.36
C GLU PA 198 -61.71 -105.84 -28.58
N THR PA 199 -62.31 -105.76 -29.77
CA THR PA 199 -61.61 -106.09 -31.02
C THR PA 199 -61.83 -104.97 -32.03
N TYR PA 200 -60.75 -104.38 -32.53
CA TYR PA 200 -60.77 -103.27 -33.47
C TYR PA 200 -60.64 -103.81 -34.88
N CYS PA 201 -61.76 -103.84 -35.58
CA CYS PA 201 -61.91 -104.45 -36.89
C CYS PA 201 -61.36 -103.51 -37.95
N ILE PA 202 -60.35 -103.96 -38.69
CA ILE PA 202 -59.64 -103.14 -39.67
C ILE PA 202 -59.61 -103.86 -41.01
N ASP PA 203 -59.66 -103.13 -42.11
CA ASP PA 203 -59.85 -103.71 -43.44
C ASP PA 203 -58.89 -103.08 -44.46
N ASN PA 204 -58.27 -103.88 -45.33
CA ASN PA 204 -57.37 -103.29 -46.32
C ASN PA 204 -58.12 -102.49 -47.39
N GLU PA 205 -59.38 -102.80 -47.68
CA GLU PA 205 -60.19 -102.01 -48.61
C GLU PA 205 -60.43 -100.59 -48.07
N ALA PA 206 -60.75 -100.46 -46.78
CA ALA PA 206 -60.94 -99.15 -46.15
C ALA PA 206 -59.64 -98.39 -45.96
N LEU PA 207 -58.54 -99.06 -45.68
CA LEU PA 207 -57.22 -98.44 -45.59
C LEU PA 207 -56.69 -97.98 -46.95
N TYR PA 208 -57.04 -98.65 -48.05
CA TYR PA 208 -56.78 -98.12 -49.39
C TYR PA 208 -57.71 -96.96 -49.76
N ASP PA 209 -58.98 -96.98 -49.35
CA ASP PA 209 -59.90 -95.86 -49.57
C ASP PA 209 -59.45 -94.56 -48.87
N ILE PA 210 -58.90 -94.64 -47.66
CA ILE PA 210 -58.27 -93.48 -47.02
C ILE PA 210 -57.07 -92.98 -47.81
N CYS PA 211 -56.24 -93.89 -48.33
CA CYS PA 211 -55.04 -93.49 -49.08
C CYS PA 211 -55.34 -92.81 -50.42
N PHE PA 212 -56.38 -93.24 -51.14
CA PHE PA 212 -56.74 -92.63 -52.42
C PHE PA 212 -57.70 -91.43 -52.29
N ARG PA 213 -58.78 -91.53 -51.49
CA ARG PA 213 -59.82 -90.50 -51.44
C ARG PA 213 -59.63 -89.42 -50.39
N THR PA 214 -58.62 -89.53 -49.53
CA THR PA 214 -58.27 -88.53 -48.51
C THR PA 214 -56.84 -88.04 -48.69
N LEU PA 215 -55.85 -88.92 -48.51
CA LEU PA 215 -54.43 -88.55 -48.61
C LEU PA 215 -53.95 -88.27 -50.02
N LYS PA 216 -54.67 -88.72 -51.05
CA LYS PA 216 -54.32 -88.61 -52.47
C LYS PA 216 -52.92 -89.19 -52.80
N LEU PA 217 -52.50 -90.24 -52.12
CA LEU PA 217 -51.28 -90.98 -52.45
C LEU PA 217 -51.45 -91.70 -53.80
N THR PA 218 -50.47 -91.62 -54.70
CA THR PA 218 -50.58 -92.27 -56.02
C THR PA 218 -50.34 -93.79 -55.97
N THR PA 219 -49.47 -94.26 -55.08
CA THR PA 219 -49.05 -95.65 -54.93
C THR PA 219 -48.88 -96.01 -53.44
N PRO PA 220 -49.99 -96.20 -52.69
CA PRO PA 220 -49.93 -96.59 -51.30
C PRO PA 220 -49.47 -98.04 -51.12
N THR PA 221 -48.44 -98.22 -50.32
CA THR PA 221 -47.85 -99.50 -49.96
C THR PA 221 -48.50 -100.08 -48.70
N TYR PA 222 -48.15 -101.32 -48.33
CA TYR PA 222 -48.47 -101.81 -46.99
C TYR PA 222 -47.81 -100.98 -45.89
N GLY PA 223 -46.67 -100.35 -46.11
CA GLY PA 223 -46.07 -99.44 -45.13
C GLY PA 223 -46.91 -98.21 -44.84
N ASP PA 224 -47.66 -97.71 -45.82
CA ASP PA 224 -48.60 -96.61 -45.67
C ASP PA 224 -49.89 -97.06 -44.97
N LEU PA 225 -50.36 -98.28 -45.23
CA LEU PA 225 -51.51 -98.83 -44.51
C LEU PA 225 -51.21 -99.08 -43.03
N ASN PA 226 -50.00 -99.56 -42.73
CA ASN PA 226 -49.54 -99.87 -41.38
C ASN PA 226 -49.39 -98.62 -40.51
N HIS PA 227 -49.13 -97.49 -41.15
CA HIS PA 227 -49.03 -96.18 -40.55
C HIS PA 227 -50.41 -95.64 -40.13
N LEU PA 228 -51.46 -95.85 -40.93
CA LEU PA 228 -52.84 -95.54 -40.54
C LEU PA 228 -53.33 -96.38 -39.36
N VAL PA 229 -53.07 -97.69 -39.36
CA VAL PA 229 -53.45 -98.57 -38.25
C VAL PA 229 -52.77 -98.13 -36.97
N SER PA 230 -51.46 -97.95 -36.99
CA SER PA 230 -50.67 -97.67 -35.79
C SER PA 230 -50.92 -96.29 -35.20
N ALA PA 231 -51.39 -95.30 -35.95
CA ALA PA 231 -51.89 -94.05 -35.41
C ALA PA 231 -53.09 -94.24 -34.46
N THR PA 232 -54.06 -95.10 -34.79
CA THR PA 232 -55.19 -95.42 -33.90
C THR PA 232 -54.82 -96.35 -32.75
N MET PA 233 -53.79 -97.19 -32.89
CA MET PA 233 -53.24 -97.94 -31.76
C MET PA 233 -52.60 -97.03 -30.71
N SER PA 234 -51.75 -96.10 -31.13
CA SER PA 234 -51.23 -95.05 -30.25
C SER PA 234 -52.36 -94.22 -29.66
N GLY PA 235 -53.40 -93.95 -30.45
CA GLY PA 235 -54.52 -93.13 -30.01
C GLY PA 235 -55.26 -93.64 -28.77
N VAL PA 236 -55.72 -94.90 -28.76
CA VAL PA 236 -56.64 -95.38 -27.72
C VAL PA 236 -55.99 -95.56 -26.34
N THR PA 237 -54.68 -95.75 -26.27
CA THR PA 237 -53.95 -95.86 -24.98
C THR PA 237 -53.42 -94.53 -24.46
N THR PA 238 -53.56 -93.44 -25.23
CA THR PA 238 -52.97 -92.12 -24.92
C THR PA 238 -53.23 -91.68 -23.49
N CYS PA 239 -54.45 -91.85 -23.00
CA CYS PA 239 -54.87 -91.43 -21.67
C CYS PA 239 -54.28 -92.21 -20.49
N LEU PA 240 -53.52 -93.30 -20.69
CA LEU PA 240 -52.67 -93.86 -19.64
C LEU PA 240 -51.18 -93.53 -19.83
N ARG PA 241 -50.80 -92.82 -20.89
CA ARG PA 241 -49.42 -92.42 -21.22
C ARG PA 241 -49.16 -90.93 -21.01
N PHE PA 242 -50.18 -90.10 -21.09
CA PHE PA 242 -50.11 -88.64 -20.98
C PHE PA 242 -51.24 -88.08 -20.09
N PRO PA 243 -51.04 -86.89 -19.48
CA PRO PA 243 -52.09 -86.21 -18.71
C PRO PA 243 -53.20 -85.64 -19.61
N GLY PA 244 -54.35 -85.27 -19.06
CA GLY PA 244 -55.50 -84.80 -19.82
C GLY PA 244 -56.58 -84.13 -18.97
N GLN PA 245 -57.51 -83.43 -19.62
CA GLN PA 245 -58.67 -82.84 -18.97
C GLN PA 245 -59.75 -83.88 -18.62
N LEU PA 246 -59.85 -84.95 -19.41
CA LEU PA 246 -60.67 -86.14 -19.18
C LEU PA 246 -59.81 -87.37 -19.46
N ASN PA 247 -59.45 -88.15 -18.45
CA ASN PA 247 -58.68 -89.37 -18.64
C ASN PA 247 -59.61 -90.56 -18.88
N ALA PA 248 -59.28 -91.42 -19.85
CA ALA PA 248 -59.97 -92.67 -20.14
C ALA PA 248 -59.00 -93.86 -20.34
N ASP PA 249 -58.90 -94.75 -19.36
CA ASP PA 249 -58.22 -96.04 -19.47
C ASP PA 249 -58.92 -96.96 -20.50
N LEU PA 250 -58.26 -97.98 -21.05
CA LEU PA 250 -58.90 -98.98 -21.92
C LEU PA 250 -60.14 -99.61 -21.29
N ARG PA 251 -60.19 -99.76 -19.96
CA ARG PA 251 -61.36 -100.22 -19.24
C ARG PA 251 -62.50 -99.17 -19.17
N LYS PA 252 -62.18 -97.88 -19.03
CA LYS PA 252 -63.12 -96.75 -19.08
C LYS PA 252 -63.72 -96.57 -20.46
N LEU PA 253 -63.01 -96.96 -21.50
CA LEU PA 253 -63.56 -97.15 -22.84
C LEU PA 253 -64.52 -98.34 -22.85
N ALA PA 254 -64.10 -99.54 -22.43
CA ALA PA 254 -64.92 -100.75 -22.48
C ALA PA 254 -66.27 -100.64 -21.74
N VAL PA 255 -66.29 -100.11 -20.52
CA VAL PA 255 -67.53 -99.90 -19.74
C VAL PA 255 -68.54 -99.01 -20.47
N ASN PA 256 -68.07 -98.00 -21.20
CA ASN PA 256 -68.91 -97.07 -21.96
C ASN PA 256 -69.23 -97.57 -23.37
N MET PA 257 -68.36 -98.35 -23.98
CA MET PA 257 -68.43 -98.77 -25.36
C MET PA 257 -69.18 -100.07 -25.61
N VAL PA 258 -69.24 -101.00 -24.64
CA VAL PA 258 -69.80 -102.33 -24.82
C VAL PA 258 -71.09 -102.50 -24.01
N PRO PA 259 -72.27 -102.23 -24.58
CA PRO PA 259 -73.53 -102.31 -23.86
C PRO PA 259 -73.85 -103.75 -23.43
N PHE PA 260 -73.84 -104.67 -24.37
CA PHE PA 260 -74.07 -106.10 -24.15
C PHE PA 260 -72.79 -106.89 -24.47
N PRO PA 261 -72.40 -107.90 -23.68
CA PRO PA 261 -71.02 -108.40 -23.58
C PRO PA 261 -70.24 -108.64 -24.88
N ARG PA 262 -70.94 -109.19 -25.88
CA ARG PA 262 -70.43 -109.67 -27.18
C ARG PA 262 -70.35 -108.58 -28.25
N LEU PA 263 -70.97 -107.42 -28.06
CA LEU PA 263 -70.99 -106.34 -29.05
C LEU PA 263 -69.77 -105.43 -28.94
N HIS PA 264 -68.57 -106.01 -28.97
CA HIS PA 264 -67.30 -105.30 -28.78
C HIS PA 264 -66.42 -105.24 -30.04
N PHE PA 265 -67.00 -105.52 -31.21
CA PHE PA 265 -66.34 -105.40 -32.50
C PHE PA 265 -66.36 -103.97 -32.99
N PHE PA 266 -65.37 -103.20 -32.59
CA PHE PA 266 -65.24 -101.79 -32.92
C PHE PA 266 -64.66 -101.56 -34.30
N MET PA 267 -64.64 -100.31 -34.72
CA MET PA 267 -64.28 -99.83 -36.05
C MET PA 267 -63.56 -98.49 -35.90
N PRO PA 268 -62.23 -98.41 -36.03
CA PRO PA 268 -61.47 -97.23 -35.67
C PRO PA 268 -61.40 -96.18 -36.79
N GLY PA 269 -60.96 -94.98 -36.44
CA GLY PA 269 -60.65 -93.88 -37.35
C GLY PA 269 -59.71 -92.86 -36.72
N PHE PA 270 -59.21 -91.93 -37.52
CA PHE PA 270 -58.22 -90.94 -37.11
C PHE PA 270 -58.43 -89.62 -37.83
N ALA PA 271 -58.12 -88.51 -37.17
CA ALA PA 271 -58.12 -87.16 -37.72
C ALA PA 271 -57.04 -86.32 -37.05
N PRO PA 272 -56.53 -85.25 -37.68
CA PRO PA 272 -56.76 -84.85 -39.05
C PRO PA 272 -55.98 -85.73 -40.02
N LEU PA 273 -56.59 -86.12 -41.13
CA LEU PA 273 -55.89 -86.63 -42.31
C LEU PA 273 -56.08 -85.64 -43.45
N THR PA 274 -55.01 -85.19 -44.08
CA THR PA 274 -55.06 -84.19 -45.16
C THR PA 274 -54.23 -84.63 -46.34
N SER PA 275 -54.65 -84.31 -47.55
CA SER PA 275 -53.82 -84.48 -48.73
C SER PA 275 -52.49 -83.75 -48.53
N ARG PA 276 -51.36 -84.41 -48.76
CA ARG PA 276 -50.03 -83.90 -48.43
C ARG PA 276 -49.74 -82.50 -48.99
N GLY PA 277 -50.22 -82.20 -50.19
CA GLY PA 277 -50.06 -80.91 -50.86
C GLY PA 277 -51.04 -79.82 -50.41
N SER PA 278 -51.97 -80.09 -49.49
CA SER PA 278 -53.07 -79.20 -49.13
C SER PA 278 -53.03 -78.68 -47.70
N GLN PA 279 -52.10 -79.06 -46.84
CA GLN PA 279 -52.18 -78.76 -45.42
C GLN PA 279 -52.29 -77.26 -45.10
N GLN PA 280 -51.53 -76.40 -45.77
CA GLN PA 280 -51.53 -74.95 -45.47
C GLN PA 280 -52.89 -74.25 -45.65
N TYR PA 281 -53.82 -74.85 -46.38
CA TYR PA 281 -55.15 -74.28 -46.64
C TYR PA 281 -56.20 -74.69 -45.59
N ARG PA 282 -55.89 -75.67 -44.73
CA ARG PA 282 -56.82 -76.25 -43.76
C ARG PA 282 -56.66 -75.60 -42.38
N ALA PA 283 -57.76 -75.28 -41.71
CA ALA PA 283 -57.75 -74.85 -40.32
C ALA PA 283 -57.89 -76.06 -39.37
N LEU PA 284 -56.84 -76.43 -38.62
CA LEU PA 284 -56.94 -77.46 -37.59
C LEU PA 284 -57.72 -76.93 -36.40
N THR PA 285 -58.90 -77.48 -36.16
CA THR PA 285 -59.75 -77.08 -35.03
C THR PA 285 -60.85 -78.11 -34.79
N VAL PA 286 -61.41 -78.18 -33.59
CA VAL PA 286 -62.35 -79.22 -33.16
C VAL PA 286 -63.54 -79.47 -34.10
N PRO PA 287 -64.22 -78.47 -34.70
CA PRO PA 287 -65.30 -78.75 -35.64
C PRO PA 287 -64.84 -79.29 -37.00
N GLU PA 288 -63.60 -79.07 -37.43
CA GLU PA 288 -63.09 -79.71 -38.65
C GLU PA 288 -62.63 -81.14 -38.34
N LEU PA 289 -61.95 -81.36 -37.22
CA LEU PA 289 -61.65 -82.69 -36.72
C LEU PA 289 -62.93 -83.51 -36.59
N THR PA 290 -64.03 -82.93 -36.11
CA THR PA 290 -65.32 -83.61 -36.02
C THR PA 290 -65.93 -83.94 -37.39
N GLN PA 291 -65.98 -83.00 -38.33
CA GLN PA 291 -66.55 -83.22 -39.67
C GLN PA 291 -65.75 -84.21 -40.54
N GLN PA 292 -64.49 -84.47 -40.20
CA GLN PA 292 -63.73 -85.59 -40.76
C GLN PA 292 -64.01 -86.90 -40.02
N MET PA 293 -63.84 -86.89 -38.70
CA MET PA 293 -63.93 -88.04 -37.82
C MET PA 293 -65.25 -88.81 -37.97
N PHE PA 294 -66.38 -88.12 -38.02
CA PHE PA 294 -67.70 -88.74 -38.12
C PHE PA 294 -68.19 -88.98 -39.55
N ASP PA 295 -67.35 -88.87 -40.56
CA ASP PA 295 -67.71 -89.12 -41.97
C ASP PA 295 -67.23 -90.49 -42.46
N ALA PA 296 -68.12 -91.16 -43.17
CA ALA PA 296 -68.09 -92.56 -43.61
C ALA PA 296 -66.82 -92.94 -44.37
N LYS PA 297 -66.16 -91.97 -45.03
CA LYS PA 297 -64.89 -92.18 -45.74
C LYS PA 297 -63.67 -92.32 -44.83
N ASN PA 298 -63.75 -91.90 -43.57
CA ASN PA 298 -62.62 -91.91 -42.64
C ASN PA 298 -62.44 -93.25 -41.87
N MET PA 299 -63.51 -94.02 -41.63
CA MET PA 299 -63.44 -95.24 -40.83
C MET PA 299 -62.68 -96.36 -41.55
N MET PA 300 -61.91 -97.14 -40.79
CA MET PA 300 -60.96 -98.15 -41.28
C MET PA 300 -61.55 -99.58 -41.46
N ALA PA 301 -62.87 -99.71 -41.56
CA ALA PA 301 -63.56 -100.91 -42.02
C ALA PA 301 -64.53 -100.57 -43.16
N ALA PA 302 -64.79 -101.50 -44.08
CA ALA PA 302 -65.58 -101.22 -45.29
C ALA PA 302 -67.03 -100.80 -45.02
N CYS PA 303 -67.57 -101.08 -43.83
CA CYS PA 303 -68.92 -100.72 -43.42
C CYS PA 303 -69.14 -99.22 -43.52
N ASP PA 304 -70.10 -98.79 -44.34
CA ASP PA 304 -70.63 -97.44 -44.25
C ASP PA 304 -71.54 -97.37 -43.03
N PRO PA 305 -71.28 -96.53 -42.02
CA PRO PA 305 -72.16 -96.42 -40.88
C PRO PA 305 -73.58 -95.99 -41.24
N ARG PA 306 -73.81 -95.39 -42.41
CA ARG PA 306 -75.16 -95.09 -42.91
C ARG PA 306 -76.00 -96.33 -43.24
N HIS PA 307 -75.43 -97.53 -43.19
CA HIS PA 307 -76.12 -98.82 -43.27
C HIS PA 307 -76.51 -99.43 -41.90
N GLY PA 308 -76.31 -98.70 -40.80
CA GLY PA 308 -76.69 -99.12 -39.45
C GLY PA 308 -77.00 -97.96 -38.53
N ARG PA 309 -76.79 -98.15 -37.23
CA ARG PA 309 -76.79 -97.11 -36.19
C ARG PA 309 -75.60 -97.37 -35.27
N TYR PA 310 -74.96 -96.36 -34.72
CA TYR PA 310 -73.98 -96.54 -33.64
C TYR PA 310 -74.68 -96.93 -32.32
N LEU PA 311 -74.04 -97.79 -31.55
CA LEU PA 311 -74.38 -98.05 -30.16
C LEU PA 311 -73.72 -96.97 -29.30
N THR PA 312 -72.39 -96.98 -29.32
CA THR PA 312 -71.52 -95.99 -28.70
C THR PA 312 -70.44 -95.57 -29.69
N VAL PA 313 -70.02 -94.31 -29.64
CA VAL PA 313 -68.79 -93.83 -30.24
C VAL PA 313 -67.92 -93.27 -29.13
N ALA PA 314 -66.60 -93.51 -29.15
CA ALA PA 314 -65.67 -92.79 -28.31
C ALA PA 314 -64.79 -91.89 -29.17
N ALA PA 315 -64.72 -90.62 -28.84
CA ALA PA 315 -63.78 -89.68 -29.45
C ALA PA 315 -62.69 -89.29 -28.46
N ILE PA 316 -61.50 -89.86 -28.61
CA ILE PA 316 -60.33 -89.59 -27.77
C ILE PA 316 -59.50 -88.50 -28.45
N PHE PA 317 -59.80 -87.26 -28.07
CA PHE PA 317 -59.08 -86.08 -28.53
C PHE PA 317 -57.73 -85.91 -27.82
N ARG PA 318 -56.80 -85.27 -28.50
CA ARG PA 318 -55.49 -84.89 -28.02
C ARG PA 318 -55.19 -83.46 -28.42
N GLY PA 319 -54.62 -82.66 -27.53
CA GLY PA 319 -54.25 -81.27 -27.79
C GLY PA 319 -54.87 -80.29 -26.80
N ARG PA 320 -54.43 -79.03 -26.85
CA ARG PA 320 -54.99 -77.94 -26.05
C ARG PA 320 -56.28 -77.43 -26.68
N MET PA 321 -57.43 -77.81 -26.11
CA MET PA 321 -58.75 -77.49 -26.64
C MET PA 321 -59.80 -77.29 -25.55
N SER PA 322 -60.86 -76.57 -25.86
CA SER PA 322 -61.96 -76.26 -24.96
C SER PA 322 -62.87 -77.45 -24.70
N MET PA 323 -63.23 -77.70 -23.44
CA MET PA 323 -64.24 -78.69 -23.12
C MET PA 323 -65.63 -78.27 -23.57
N LYS PA 324 -65.99 -76.97 -23.57
CA LYS PA 324 -67.25 -76.51 -24.16
C LYS PA 324 -67.30 -76.86 -25.64
N GLU PA 325 -66.26 -76.57 -26.40
CA GLU PA 325 -66.22 -76.86 -27.84
C GLU PA 325 -66.27 -78.36 -28.15
N VAL PA 326 -65.53 -79.21 -27.41
CA VAL PA 326 -65.66 -80.66 -27.54
C VAL PA 326 -67.07 -81.11 -27.20
N ASP PA 327 -67.61 -80.68 -26.06
CA ASP PA 327 -68.93 -81.14 -25.62
C ASP PA 327 -70.09 -80.63 -26.53
N GLU PA 328 -69.94 -79.43 -27.09
CA GLU PA 328 -70.78 -78.85 -28.14
C GLU PA 328 -70.76 -79.70 -29.41
N GLN PA 329 -69.60 -80.09 -29.93
CA GLN PA 329 -69.55 -80.81 -31.20
C GLN PA 329 -70.02 -82.25 -31.05
N MET PA 330 -69.70 -82.93 -29.95
CA MET PA 330 -70.17 -84.29 -29.70
C MET PA 330 -71.67 -84.33 -29.37
N LEU PA 331 -72.29 -83.21 -29.03
CA LEU PA 331 -73.75 -83.03 -28.97
C LEU PA 331 -74.33 -82.76 -30.36
N ASN PA 332 -73.78 -81.80 -31.09
CA ASN PA 332 -74.30 -81.37 -32.39
C ASN PA 332 -74.30 -82.54 -33.37
N VAL PA 333 -73.26 -83.37 -33.39
CA VAL PA 333 -73.21 -84.56 -34.24
C VAL PA 333 -74.40 -85.48 -33.98
N GLN PA 334 -74.63 -85.92 -32.75
CA GLN PA 334 -75.64 -86.95 -32.49
C GLN PA 334 -77.10 -86.43 -32.42
N ASN PA 335 -77.30 -85.12 -32.48
CA ASN PA 335 -78.61 -84.51 -32.63
C ASN PA 335 -78.94 -84.23 -34.10
N LYS PA 336 -77.98 -83.75 -34.89
CA LYS PA 336 -78.14 -83.52 -36.33
C LYS PA 336 -78.08 -84.81 -37.15
N ASN PA 337 -77.49 -85.88 -36.63
CA ASN PA 337 -77.44 -87.22 -37.22
C ASN PA 337 -78.23 -88.26 -36.40
N SER PA 338 -79.31 -87.88 -35.71
CA SER PA 338 -79.98 -88.71 -34.70
C SER PA 338 -80.52 -90.05 -35.22
N SER PA 339 -80.85 -90.15 -36.50
CA SER PA 339 -81.24 -91.38 -37.20
C SER PA 339 -80.11 -92.42 -37.32
N TYR PA 340 -78.87 -92.06 -37.00
CA TYR PA 340 -77.70 -92.95 -37.06
C TYR PA 340 -77.15 -93.37 -35.69
N PHE PA 341 -77.87 -93.12 -34.61
CA PHE PA 341 -77.53 -93.53 -33.24
C PHE PA 341 -78.69 -94.27 -32.59
N VAL PA 342 -78.48 -95.27 -31.75
CA VAL PA 342 -79.63 -95.96 -31.13
C VAL PA 342 -80.33 -95.07 -30.12
N GLU PA 343 -81.67 -95.04 -30.15
CA GLU PA 343 -82.46 -94.08 -29.36
C GLU PA 343 -82.92 -94.61 -27.98
N TRP PA 344 -82.46 -95.79 -27.58
CA TRP PA 344 -82.56 -96.32 -26.22
C TRP PA 344 -81.32 -96.07 -25.36
N ILE PA 345 -80.28 -95.43 -25.92
CA ILE PA 345 -79.17 -94.84 -25.17
C ILE PA 345 -79.31 -93.31 -25.24
N PRO PA 346 -79.33 -92.57 -24.11
CA PRO PA 346 -79.64 -91.14 -24.09
C PRO PA 346 -78.48 -90.23 -24.52
N ASN PA 347 -77.24 -90.71 -24.44
CA ASN PA 347 -76.06 -90.10 -25.03
C ASN PA 347 -75.16 -91.21 -25.56
N ASN PA 348 -74.86 -91.21 -26.85
CA ASN PA 348 -74.09 -92.25 -27.48
C ASN PA 348 -72.59 -91.95 -27.56
N VAL PA 349 -72.11 -90.74 -27.22
CA VAL PA 349 -70.71 -90.36 -27.37
C VAL PA 349 -70.02 -90.28 -26.00
N LYS PA 350 -68.94 -91.06 -25.83
CA LYS PA 350 -67.90 -90.89 -24.81
C LYS PA 350 -66.87 -89.89 -25.34
N THR PA 351 -66.37 -88.99 -24.51
CA THR PA 351 -65.25 -88.10 -24.88
C THR PA 351 -64.08 -88.32 -23.95
N ALA PA 352 -62.87 -88.14 -24.44
CA ALA PA 352 -61.68 -88.03 -23.62
C ALA PA 352 -60.76 -86.97 -24.24
N VAL PA 353 -59.93 -86.32 -23.44
CA VAL PA 353 -59.13 -85.18 -23.87
C VAL PA 353 -57.77 -85.27 -23.20
N CYS PA 354 -56.74 -85.56 -23.96
CA CYS PA 354 -55.34 -85.55 -23.54
C CYS PA 354 -54.68 -84.20 -23.83
N ASP PA 355 -53.79 -83.73 -22.95
CA ASP PA 355 -53.09 -82.45 -23.07
C ASP PA 355 -51.93 -82.45 -24.08
N ILE PA 356 -51.54 -83.61 -24.62
CA ILE PA 356 -50.34 -83.81 -25.44
C ILE PA 356 -50.72 -84.37 -26.81
N PRO PA 357 -50.79 -83.53 -27.87
CA PRO PA 357 -51.10 -83.96 -29.22
C PRO PA 357 -49.90 -84.66 -29.88
N PRO PA 358 -50.09 -85.48 -30.92
CA PRO PA 358 -49.01 -86.20 -31.57
C PRO PA 358 -47.90 -85.26 -32.07
N ARG PA 359 -46.65 -85.71 -32.10
CA ARG PA 359 -45.53 -84.86 -32.50
C ARG PA 359 -45.74 -84.31 -33.91
N GLY PA 360 -45.74 -82.99 -34.09
CA GLY PA 360 -46.03 -82.33 -35.37
C GLY PA 360 -47.51 -82.04 -35.68
N LEU PA 361 -48.49 -82.23 -34.81
CA LEU PA 361 -49.78 -81.59 -35.06
C LEU PA 361 -50.42 -81.01 -33.80
N LYS PA 362 -51.12 -79.88 -33.95
CA LYS PA 362 -51.64 -79.07 -32.85
C LYS PA 362 -52.77 -79.75 -32.08
N MET PA 363 -53.50 -80.65 -32.73
CA MET PA 363 -54.58 -81.43 -32.17
C MET PA 363 -54.66 -82.76 -32.91
N SER PA 364 -55.30 -83.77 -32.35
CA SER PA 364 -55.68 -84.98 -33.08
C SER PA 364 -56.86 -85.64 -32.41
N ALA PA 365 -57.60 -86.49 -33.12
CA ALA PA 365 -58.69 -87.28 -32.58
C ALA PA 365 -58.61 -88.72 -33.08
N THR PA 366 -58.63 -89.68 -32.18
CA THR PA 366 -58.83 -91.09 -32.52
C THR PA 366 -60.28 -91.44 -32.25
N PHE PA 367 -60.93 -92.01 -33.25
CA PHE PA 367 -62.33 -92.36 -33.25
C PHE PA 367 -62.49 -93.86 -33.05
N ILE PA 368 -63.39 -94.29 -32.19
CA ILE PA 368 -63.78 -95.69 -32.06
C ILE PA 368 -65.28 -95.78 -32.24
N GLY PA 369 -65.74 -96.43 -33.29
CA GLY PA 369 -67.15 -96.68 -33.49
C GLY PA 369 -67.54 -98.08 -33.04
N ASN PA 370 -68.63 -98.22 -32.32
CA ASN PA 370 -69.38 -99.46 -32.24
C ASN PA 370 -70.70 -99.24 -33.00
N SER PA 371 -70.97 -99.99 -34.04
CA SER PA 371 -72.16 -99.81 -34.86
C SER PA 371 -72.72 -101.10 -35.41
N THR PA 372 -74.04 -101.19 -35.47
CA THR PA 372 -74.76 -102.30 -36.09
C THR PA 372 -74.40 -102.50 -37.56
N ALA PA 373 -73.83 -101.49 -38.22
CA ALA PA 373 -73.27 -101.62 -39.57
C ALA PA 373 -72.12 -102.63 -39.66
N ILE PA 374 -71.44 -102.99 -38.57
CA ILE PA 374 -70.42 -104.06 -38.58
C ILE PA 374 -71.01 -105.43 -38.93
N GLN PA 375 -72.35 -105.57 -38.94
CA GLN PA 375 -73.00 -106.75 -39.49
C GLN PA 375 -72.56 -107.03 -40.93
N GLU PA 376 -72.29 -106.01 -41.73
CA GLU PA 376 -71.95 -106.18 -43.14
C GLU PA 376 -70.58 -106.81 -43.34
N LEU PA 377 -69.64 -106.58 -42.44
CA LEU PA 377 -68.33 -107.20 -42.47
C LEU PA 377 -68.44 -108.69 -42.14
N PHE PA 378 -69.18 -109.06 -41.11
CA PHE PA 378 -69.42 -110.46 -40.78
C PHE PA 378 -70.32 -111.17 -41.79
N LYS PA 379 -71.29 -110.48 -42.42
CA LYS PA 379 -72.19 -111.07 -43.41
C LYS PA 379 -71.44 -111.49 -44.66
N ARG PA 380 -70.62 -110.61 -45.25
CA ARG PA 380 -69.95 -110.91 -46.52
C ARG PA 380 -68.88 -111.99 -46.38
N ILE PA 381 -68.20 -112.08 -45.24
CA ILE PA 381 -67.34 -113.24 -44.95
C ILE PA 381 -68.20 -114.49 -44.84
N SER PA 382 -69.31 -114.46 -44.10
CA SER PA 382 -70.20 -115.62 -43.92
C SER PA 382 -70.79 -116.16 -45.24
N GLU PA 383 -71.15 -115.28 -46.19
CA GLU PA 383 -71.62 -115.69 -47.52
C GLU PA 383 -70.51 -116.16 -48.47
N GLN PA 384 -69.28 -115.63 -48.39
CA GLN PA 384 -68.13 -116.25 -49.10
C GLN PA 384 -67.79 -117.63 -48.53
N PHE PA 385 -67.79 -117.78 -47.21
CA PHE PA 385 -67.62 -119.08 -46.56
C PHE PA 385 -68.66 -120.08 -47.02
N THR PA 386 -69.93 -119.68 -47.02
CA THR PA 386 -71.04 -120.56 -47.37
C THR PA 386 -70.92 -121.08 -48.80
N ALA PA 387 -70.59 -120.22 -49.77
CA ALA PA 387 -70.52 -120.62 -51.18
C ALA PA 387 -69.40 -121.63 -51.47
N MET PA 388 -68.29 -121.62 -50.72
CA MET PA 388 -67.27 -122.66 -50.79
C MET PA 388 -67.67 -123.92 -50.01
N PHE PA 389 -68.19 -123.73 -48.80
CA PHE PA 389 -68.46 -124.83 -47.88
C PHE PA 389 -69.59 -125.73 -48.35
N ARG PA 390 -70.60 -125.23 -49.09
CA ARG PA 390 -71.68 -126.09 -49.62
C ARG PA 390 -71.15 -127.21 -50.52
N ARG PA 391 -69.97 -127.03 -51.12
CA ARG PA 391 -69.28 -128.01 -51.97
C ARG PA 391 -67.99 -128.56 -51.34
N LYS PA 392 -67.80 -128.38 -50.03
CA LYS PA 392 -66.68 -128.88 -49.22
C LYS PA 392 -65.29 -128.51 -49.76
N ALA PA 393 -65.19 -127.48 -50.60
CA ALA PA 393 -63.96 -127.15 -51.30
C ALA PA 393 -62.82 -126.84 -50.31
N PHE PA 394 -61.60 -127.22 -50.63
CA PHE PA 394 -60.38 -127.01 -49.81
C PHE PA 394 -60.37 -127.67 -48.41
N LEU PA 395 -61.41 -128.39 -47.96
CA LEU PA 395 -61.46 -128.88 -46.58
C LEU PA 395 -60.45 -129.96 -46.24
N HIS PA 396 -59.82 -130.62 -47.20
CA HIS PA 396 -58.84 -131.66 -46.91
C HIS PA 396 -57.55 -131.10 -46.30
N TRP PA 397 -57.22 -129.83 -46.56
CA TRP PA 397 -56.11 -129.14 -45.92
C TRP PA 397 -56.33 -128.85 -44.44
N TYR PA 398 -57.58 -128.71 -43.99
CA TYR PA 398 -57.96 -128.47 -42.60
C TYR PA 398 -58.25 -129.76 -41.86
N THR PA 399 -59.05 -130.64 -42.46
CA THR PA 399 -59.33 -131.97 -41.89
C THR PA 399 -58.08 -132.85 -41.88
N GLY PA 400 -57.08 -132.59 -42.73
CA GLY PA 400 -55.76 -133.22 -42.66
C GLY PA 400 -55.00 -132.90 -41.37
N GLU PA 401 -55.21 -131.73 -40.78
CA GLU PA 401 -54.71 -131.34 -39.45
C GLU PA 401 -55.56 -131.89 -38.29
N GLY PA 402 -56.50 -132.80 -38.55
CA GLY PA 402 -57.39 -133.42 -37.59
C GLY PA 402 -58.59 -132.60 -37.17
N MET PA 403 -58.88 -131.50 -37.85
CA MET PA 403 -60.05 -130.67 -37.61
C MET PA 403 -61.34 -131.35 -38.13
N ASP PA 404 -62.47 -131.19 -37.45
CA ASP PA 404 -63.75 -131.75 -37.93
C ASP PA 404 -64.45 -130.82 -38.93
N GLU PA 405 -65.24 -131.40 -39.83
CA GLU PA 405 -66.24 -130.64 -40.58
C GLU PA 405 -67.26 -129.98 -39.64
N MET PA 406 -67.58 -130.62 -38.52
CA MET PA 406 -68.44 -130.04 -37.48
C MET PA 406 -67.90 -128.72 -36.93
N GLU PA 407 -66.58 -128.47 -36.95
CA GLU PA 407 -66.05 -127.21 -36.43
C GLU PA 407 -66.29 -126.04 -37.37
N PHE PA 408 -66.36 -126.31 -38.68
CA PHE PA 408 -66.74 -125.33 -39.68
C PHE PA 408 -68.22 -124.98 -39.54
N THR PA 409 -69.09 -126.00 -39.45
CA THR PA 409 -70.52 -125.81 -39.21
C THR PA 409 -70.77 -124.99 -37.93
N GLU PA 410 -70.04 -125.26 -36.85
CA GLU PA 410 -70.17 -124.56 -35.58
C GLU PA 410 -69.58 -123.15 -35.60
N ALA PA 411 -68.50 -122.91 -36.34
CA ALA PA 411 -67.96 -121.56 -36.54
C ALA PA 411 -68.92 -120.66 -37.33
N GLU PA 412 -69.45 -121.11 -38.47
CA GLU PA 412 -70.40 -120.32 -39.26
C GLU PA 412 -71.74 -120.12 -38.54
N SER PA 413 -72.10 -121.06 -37.66
CA SER PA 413 -73.25 -120.93 -36.76
C SER PA 413 -73.06 -119.78 -35.77
N ASN PA 414 -71.91 -119.75 -35.10
CA ASN PA 414 -71.52 -118.67 -34.20
C ASN PA 414 -71.29 -117.31 -34.89
N MET PA 415 -70.88 -117.32 -36.15
CA MET PA 415 -70.81 -116.12 -36.99
C MET PA 415 -72.21 -115.54 -37.23
N ASN PA 416 -73.19 -116.33 -37.68
CA ASN PA 416 -74.56 -115.84 -37.86
C ASN PA 416 -75.21 -115.38 -36.54
N ASP PA 417 -74.83 -115.98 -35.40
CA ASP PA 417 -75.26 -115.53 -34.09
C ASP PA 417 -74.70 -114.14 -33.74
N LEU PA 418 -73.46 -113.82 -34.13
CA LEU PA 418 -72.90 -112.48 -34.03
C LEU PA 418 -73.57 -111.48 -34.99
N VAL PA 419 -73.87 -111.86 -36.22
CA VAL PA 419 -74.62 -111.04 -37.16
C VAL PA 419 -76.01 -110.72 -36.63
N SER PA 420 -76.68 -111.69 -36.03
CA SER PA 420 -78.04 -111.54 -35.53
C SER PA 420 -78.12 -110.60 -34.33
N GLU PA 421 -77.14 -110.60 -33.43
CA GLU PA 421 -77.11 -109.71 -32.26
C GLU PA 421 -76.86 -108.25 -32.65
N TYR PA 422 -76.03 -107.94 -33.65
CA TYR PA 422 -75.96 -106.57 -34.17
C TYR PA 422 -77.22 -106.17 -34.94
N GLN PA 423 -77.77 -107.03 -35.78
CA GLN PA 423 -79.01 -106.74 -36.52
C GLN PA 423 -80.23 -106.59 -35.60
N GLN PA 424 -80.23 -107.19 -34.41
CA GLN PA 424 -81.29 -107.06 -33.42
C GLN PA 424 -81.47 -105.63 -32.93
N TYR PA 425 -80.39 -104.88 -32.69
CA TYR PA 425 -80.47 -103.49 -32.25
C TYR PA 425 -80.54 -102.44 -33.37
N GLN PA 426 -80.68 -102.85 -34.63
CA GLN PA 426 -80.76 -101.98 -35.80
C GLN PA 426 -81.93 -101.00 -35.70
#